data_8ZDL
#
_entry.id   8ZDL
#
loop_
_entity.id
_entity.type
_entity.pdbx_description
1 polymer 'Protal Protein (gp5)'
2 polymer 'Stopper Protein (gp10)'
3 polymer 'Tail Tube Protein (gp13)'
4 polymer 'Adaptor Protein (gp9)'
5 polymer 'Terminator Protein (gp12)'
#
loop_
_entity_poly.entity_id
_entity_poly.type
_entity_poly.pdbx_seq_one_letter_code
_entity_poly.pdbx_strand_id
1 'polypeptide(L)'
;MIELPDAISDGEVRKLVENEFWPEFVRRREKLDRIAQWARGEQPDYLIQNANREKRALLKLAKTPWLGLVVTHFTQALFV
DGYRAEGSKENAKGPWQTWNANKMQSKQIAIHRAALTYGYSYARVLPGVALDGANQAEIHGVSPRRLLALYEDQINDEYP
KYALELANNGKTVRLYTDTDYYELRMPSPGNFPNEQVIKKVHHGVGVCPFVRYVNMMDLDGFTMGEVEYLVPVASKIDKT
DYDRLLAQHYNSWKVKVATGIDDLSEDATPEEQQRAKLILAQDDILMHGNHEAKFYTLPETSLDGFIAAHTQDVEILANN
AQVPVWILNGQLANLSADALTAATKGTIQKLYERQVTFGAAHNQVLRLAAHVEGDTEGARDFTASVSWQDTSVRSLAQAV
DAYGKAATMLGMPKEFLWGLIPGITKTDVEAMRQHFNDDDEMTQMLLWWTPNGPGGEFAAEIEVDSQTQIIEAQGDVQKD
LQDAQAKAQADLAKQNAAAQQRQAVAVAKATPAASKAPSTSKAASKRTPKKQGGVSGNDPASRAA
;
A,B,C,D,E,F,G,H,I,J,K,L
2 'polypeptide(L)'
;MNDETLTVYRGATDNKGNPNKQVHGTVKGVFAWGPGTSTNKFGRDRNFKGESSSLTAELYVKRGADLKARDRIRRANGEE
YSVVGHAAWDQGHPFDGFDFGYMVFQVEAVNA
;
M,N,O,P,Q,R
3 'polypeptide(L)'
;MTDFYTIKDAQADLAIAPLNLTVLLAPYSTTPATTLESPTDGSLAIPPGYKSVGHFEKQAGLTLGNEFDSKDIEAYGEPE
PIRTIINKRTTTFDFAMYQNQRNVLELIWTQDFSNIQPSEFGGIVLEAPKVPKNIYYRAILVGMDDRNDRPIWLYWLMPK
VKLDKLDNQTLNDDNVIEYKPTLKAFRDDVVGYSVAQGFAGPGWRDLVATAGFGEALTALTITPGSPTVTVATGASHTAQ
LLVEGDNGINYTPDVVFTSSAPDKASVSAAGLVTGVAAGSATITATKGALTATATVTVTA
;
S,T,U,V,W,X
4 'polypeptide(L)'
;MAGLATIDELQTLMSTVFEDDALEQAQLVLDIVSSWARVVSGQMWPDAPANVPDDVRAVVLQASRRELKNPDRVISRQMG
PFNVQYSQPPDGFFYPAELAILKRFKRSGGLMTVSTSRGEEGRPWAGKTAYIRYGDGLFPFCSEDEGYGDVVPW
;
a,b,c,d,e,f,g,h,i,j,k,l
5 'polypeptide(L)'
;MAVVLPDWYEEAFVNVENLFIDMFTDLLPDYESGCWAPDDWLADEIEVKPTIWFFRLPGGRVDWDGRKDECQLQVMVVTG
SRDDSWRLMDFVRAMLLPMQGDKYKMADGYTAQIRCAGEVAGPQLLTPGQRIDTRVVTATFKVSVSMKSAKNYKQKLYEL
WQALRGS
;
m,n,o,p,q,r
#
# COMPACT_ATOMS: atom_id res chain seq x y z
N ILE A 2 -8.04 61.52 -51.97
CA ILE A 2 -7.75 62.94 -51.95
C ILE A 2 -6.98 63.35 -53.20
N GLU A 3 -7.14 64.62 -53.59
CA GLU A 3 -6.48 65.15 -54.77
C GLU A 3 -5.86 66.50 -54.43
N LEU A 4 -4.80 66.84 -55.17
CA LEU A 4 -4.10 68.11 -54.97
C LEU A 4 -4.65 69.14 -55.94
N PRO A 5 -5.31 70.20 -55.47
CA PRO A 5 -5.84 71.21 -56.40
C PRO A 5 -4.83 72.28 -56.74
N ASP A 6 -4.66 72.55 -58.03
CA ASP A 6 -3.75 73.61 -58.46
C ASP A 6 -4.25 74.98 -58.00
N ALA A 7 -5.55 75.23 -58.12
CA ALA A 7 -6.13 76.49 -57.71
C ALA A 7 -6.29 76.54 -56.19
N ILE A 8 -6.52 77.75 -55.68
CA ILE A 8 -6.70 77.95 -54.24
C ILE A 8 -8.16 78.02 -53.83
N SER A 9 -9.09 78.02 -54.80
CA SER A 9 -10.53 78.09 -54.53
C SER A 9 -10.87 79.32 -53.68
N ASP A 10 -10.63 80.49 -54.27
CA ASP A 10 -10.85 81.75 -53.55
C ASP A 10 -12.32 81.91 -53.14
N GLY A 11 -13.23 81.57 -54.05
CA GLY A 11 -14.65 81.72 -53.76
C GLY A 11 -15.35 80.44 -53.36
N GLU A 12 -14.63 79.31 -53.45
CA GLU A 12 -15.22 78.00 -53.16
C GLU A 12 -14.25 77.16 -52.33
N VAL A 13 -13.63 77.78 -51.33
CA VAL A 13 -12.71 77.02 -50.47
C VAL A 13 -13.47 76.04 -49.59
N ARG A 14 -14.63 76.45 -49.07
CA ARG A 14 -15.38 75.57 -48.17
C ARG A 14 -15.90 74.35 -48.90
N LYS A 15 -16.28 74.50 -50.17
CA LYS A 15 -16.76 73.36 -50.95
C LYS A 15 -15.69 72.29 -51.07
N LEU A 16 -14.45 72.69 -51.34
CA LEU A 16 -13.36 71.72 -51.42
C LEU A 16 -13.02 71.16 -50.05
N VAL A 17 -13.04 71.99 -49.01
CA VAL A 17 -12.67 71.54 -47.68
C VAL A 17 -13.63 70.45 -47.20
N GLU A 18 -14.95 70.73 -47.29
CA GLU A 18 -15.93 69.84 -46.69
C GLU A 18 -15.96 68.46 -47.33
N ASN A 19 -15.51 68.32 -48.57
CA ASN A 19 -15.54 67.03 -49.26
C ASN A 19 -14.17 66.43 -49.53
N GLU A 20 -13.08 67.15 -49.24
CA GLU A 20 -11.78 66.52 -49.43
C GLU A 20 -10.89 66.58 -48.20
N PHE A 21 -10.94 67.68 -47.44
CA PHE A 21 -10.03 67.85 -46.32
C PHE A 21 -10.63 67.36 -45.01
N TRP A 22 -11.88 67.70 -44.74
CA TRP A 22 -12.51 67.29 -43.48
C TRP A 22 -12.59 65.78 -43.30
N PRO A 23 -13.01 64.98 -44.31
CA PRO A 23 -13.00 63.52 -44.09
C PRO A 23 -11.61 62.96 -43.82
N GLU A 24 -10.60 63.40 -44.59
CA GLU A 24 -9.23 62.96 -44.34
C GLU A 24 -8.73 63.44 -42.99
N PHE A 25 -9.08 64.68 -42.62
CA PHE A 25 -8.68 65.21 -41.33
C PHE A 25 -9.25 64.37 -40.19
N VAL A 26 -10.53 63.99 -40.28
CA VAL A 26 -11.14 63.17 -39.25
C VAL A 26 -10.54 61.77 -39.24
N ARG A 27 -10.26 61.22 -40.43
CA ARG A 27 -9.66 59.88 -40.51
C ARG A 27 -8.28 59.86 -39.86
N ARG A 28 -7.51 60.93 -40.02
CA ARG A 28 -6.22 61.00 -39.33
C ARG A 28 -6.41 61.30 -37.84
N ARG A 29 -7.39 62.14 -37.51
CA ARG A 29 -7.58 62.58 -36.13
C ARG A 29 -7.99 61.42 -35.22
N GLU A 30 -8.83 60.51 -35.72
CA GLU A 30 -9.23 59.38 -34.89
C GLU A 30 -8.03 58.51 -34.53
N LYS A 31 -7.17 58.23 -35.49
CA LYS A 31 -5.97 57.42 -35.22
C LYS A 31 -5.01 58.15 -34.31
N LEU A 32 -4.82 59.46 -34.52
CA LEU A 32 -3.92 60.23 -33.65
C LEU A 32 -4.45 60.29 -32.22
N ASP A 33 -5.77 60.45 -32.06
CA ASP A 33 -6.34 60.45 -30.72
C ASP A 33 -6.19 59.07 -30.06
N ARG A 34 -6.38 58.00 -30.84
CA ARG A 34 -6.21 56.66 -30.28
C ARG A 34 -4.78 56.43 -29.84
N ILE A 35 -3.81 56.85 -30.64
CA ILE A 35 -2.41 56.63 -30.27
C ILE A 35 -2.01 57.52 -29.10
N ALA A 36 -2.58 58.74 -29.01
CA ALA A 36 -2.33 59.59 -27.86
C ALA A 36 -2.90 58.97 -26.58
N GLN A 37 -4.10 58.40 -26.67
CA GLN A 37 -4.66 57.69 -25.53
C GLN A 37 -3.80 56.49 -25.14
N TRP A 38 -3.28 55.79 -26.14
CA TRP A 38 -2.39 54.66 -25.86
C TRP A 38 -1.12 55.12 -25.15
N ALA A 39 -0.60 56.29 -25.53
CA ALA A 39 0.67 56.76 -24.96
C ALA A 39 0.55 56.99 -23.46
N ARG A 40 -0.52 57.67 -23.03
CA ARG A 40 -0.71 57.99 -21.62
C ARG A 40 -1.47 56.85 -20.93
N GLY A 41 -0.78 55.73 -20.78
CA GLY A 41 -1.40 54.57 -20.17
C GLY A 41 -2.46 53.96 -21.08
N GLU A 42 -3.26 53.08 -20.47
CA GLU A 42 -4.35 52.40 -21.15
C GLU A 42 -3.87 51.73 -22.44
N GLN A 43 -2.95 50.77 -22.26
CA GLN A 43 -2.39 50.07 -23.39
C GLN A 43 -3.45 49.25 -24.11
N PRO A 44 -3.28 48.99 -25.42
CA PRO A 44 -4.30 48.23 -26.15
C PRO A 44 -4.50 46.85 -25.55
N ASP A 45 -5.74 46.59 -25.13
CA ASP A 45 -6.11 45.32 -24.52
C ASP A 45 -6.55 44.34 -25.61
N TYR A 46 -5.64 43.45 -25.99
CA TYR A 46 -5.98 42.42 -26.97
C TYR A 46 -7.05 41.48 -26.44
N LEU A 47 -6.99 41.17 -25.15
CA LEU A 47 -7.96 40.30 -24.50
C LEU A 47 -8.59 41.03 -23.32
N ILE A 48 -9.91 41.19 -23.35
CA ILE A 48 -10.65 41.83 -22.26
C ILE A 48 -11.93 41.03 -22.03
N GLN A 49 -12.25 40.81 -20.75
CA GLN A 49 -13.45 40.09 -20.36
C GLN A 49 -14.53 41.11 -20.03
N ASN A 50 -15.58 41.14 -20.84
CA ASN A 50 -16.69 42.07 -20.66
C ASN A 50 -17.84 41.47 -19.87
N ALA A 51 -17.72 40.24 -19.39
CA ALA A 51 -18.77 39.57 -18.64
C ALA A 51 -18.53 39.56 -17.14
N ASN A 52 -17.27 39.56 -16.70
CA ASN A 52 -16.92 39.52 -15.29
C ASN A 52 -16.42 40.90 -14.86
N ARG A 53 -17.10 41.48 -13.88
CA ARG A 53 -16.69 42.80 -13.39
C ARG A 53 -15.35 42.72 -12.66
N GLU A 54 -15.14 41.67 -11.87
CA GLU A 54 -13.89 41.52 -11.14
C GLU A 54 -12.71 41.36 -12.09
N LYS A 55 -12.87 40.56 -13.13
CA LYS A 55 -11.79 40.36 -14.10
C LYS A 55 -11.49 41.65 -14.85
N ARG A 56 -12.53 42.41 -15.22
CA ARG A 56 -12.30 43.68 -15.89
C ARG A 56 -11.60 44.68 -14.97
N ALA A 57 -11.99 44.70 -13.70
CA ALA A 57 -11.31 45.58 -12.74
C ALA A 57 -9.86 45.20 -12.57
N LEU A 58 -9.57 43.90 -12.50
CA LEU A 58 -8.18 43.46 -12.40
C LEU A 58 -7.38 43.83 -13.64
N LEU A 59 -7.98 43.68 -14.82
CA LEU A 59 -7.29 44.03 -16.05
C LEU A 59 -7.00 45.53 -16.11
N LYS A 60 -7.98 46.35 -15.73
CA LYS A 60 -7.76 47.80 -15.70
C LYS A 60 -6.73 48.18 -14.65
N LEU A 61 -6.67 47.44 -13.54
CA LEU A 61 -5.70 47.71 -12.50
C LEU A 61 -4.27 47.33 -12.91
N ALA A 62 -4.12 46.47 -13.91
CA ALA A 62 -2.83 46.02 -14.37
C ALA A 62 -2.28 46.85 -15.52
N LYS A 63 -3.00 47.89 -15.95
CA LYS A 63 -2.57 48.72 -17.09
C LYS A 63 -1.45 49.65 -16.63
N THR A 64 -0.24 49.09 -16.57
CA THR A 64 0.92 49.86 -16.18
C THR A 64 1.43 50.67 -17.37
N PRO A 65 1.54 51.99 -17.27
CA PRO A 65 2.05 52.79 -18.39
C PRO A 65 3.54 52.59 -18.57
N TRP A 66 3.93 52.10 -19.74
CA TRP A 66 5.35 51.86 -20.05
C TRP A 66 5.84 52.69 -21.22
N LEU A 67 5.07 52.78 -22.31
CA LEU A 67 5.49 53.57 -23.46
C LEU A 67 5.56 55.05 -23.12
N GLY A 68 4.63 55.53 -22.29
CA GLY A 68 4.68 56.92 -21.86
C GLY A 68 5.95 57.23 -21.09
N LEU A 69 6.40 56.29 -20.26
CA LEU A 69 7.66 56.48 -19.55
C LEU A 69 8.83 56.59 -20.51
N VAL A 70 8.85 55.75 -21.55
CA VAL A 70 9.92 55.81 -22.53
C VAL A 70 9.90 57.14 -23.27
N VAL A 71 8.70 57.61 -23.65
CA VAL A 71 8.58 58.89 -24.34
C VAL A 71 9.07 60.03 -23.45
N THR A 72 8.67 60.02 -22.18
CA THR A 72 9.11 61.08 -21.27
C THR A 72 10.62 61.05 -21.08
N HIS A 73 11.20 59.86 -20.96
CA HIS A 73 12.64 59.75 -20.80
C HIS A 73 13.38 60.26 -22.04
N PHE A 74 12.87 59.94 -23.23
CA PHE A 74 13.51 60.41 -24.45
C PHE A 74 13.39 61.92 -24.60
N THR A 75 12.23 62.49 -24.28
CA THR A 75 11.99 63.91 -24.50
C THR A 75 12.62 64.79 -23.42
N GLN A 76 12.97 64.24 -22.27
CA GLN A 76 13.57 65.03 -21.20
C GLN A 76 15.07 65.18 -21.34
N ALA A 77 15.70 64.44 -22.25
CA ALA A 77 17.14 64.53 -22.48
C ALA A 77 17.49 65.36 -23.71
N LEU A 78 16.50 65.95 -24.37
CA LEU A 78 16.71 66.76 -25.56
C LEU A 78 16.50 68.23 -25.21
N PHE A 79 17.52 69.05 -25.45
CA PHE A 79 17.46 70.47 -25.15
C PHE A 79 18.34 71.23 -26.12
N VAL A 80 17.86 72.39 -26.56
CA VAL A 80 18.57 73.24 -27.50
C VAL A 80 19.01 74.50 -26.77
N ASP A 81 20.30 74.79 -26.81
CA ASP A 81 20.86 75.98 -26.20
C ASP A 81 21.84 76.65 -27.16
N GLY A 82 21.60 77.92 -27.46
CA GLY A 82 22.46 78.67 -28.35
C GLY A 82 22.27 78.30 -29.81
N TYR A 83 22.65 79.24 -30.68
CA TYR A 83 22.59 79.07 -32.13
C TYR A 83 23.97 79.39 -32.67
N ARG A 84 24.84 78.38 -32.71
CA ARG A 84 26.23 78.58 -33.11
C ARG A 84 26.32 78.63 -34.63
N ALA A 85 26.59 79.81 -35.17
CA ALA A 85 26.83 79.95 -36.59
C ALA A 85 28.23 79.47 -36.94
N GLU A 86 28.46 79.25 -38.23
CA GLU A 86 29.75 78.75 -38.70
C GLU A 86 30.83 79.81 -38.49
N GLY A 87 31.87 79.44 -37.76
CA GLY A 87 32.99 80.33 -37.52
C GLY A 87 32.78 81.32 -36.38
N SER A 88 31.68 81.24 -35.65
CA SER A 88 31.41 82.16 -34.55
C SER A 88 31.09 81.35 -33.30
N LYS A 89 31.74 81.70 -32.19
CA LYS A 89 31.52 81.04 -30.91
C LYS A 89 30.38 81.66 -30.12
N GLU A 90 29.83 82.78 -30.57
CA GLU A 90 28.76 83.47 -29.87
C GLU A 90 27.47 83.38 -30.68
N ASN A 91 26.36 83.18 -29.98
CA ASN A 91 25.06 83.08 -30.65
C ASN A 91 24.71 84.40 -31.33
N ALA A 92 24.20 84.31 -32.55
CA ALA A 92 23.82 85.49 -33.30
C ALA A 92 22.62 86.17 -32.65
N LYS A 93 22.56 87.49 -32.80
CA LYS A 93 21.47 88.30 -32.25
C LYS A 93 20.25 88.31 -33.15
N GLY A 94 20.12 87.35 -34.07
CA GLY A 94 19.02 87.27 -34.97
C GLY A 94 18.00 86.24 -34.54
N PRO A 95 18.06 85.04 -35.14
CA PRO A 95 17.10 83.99 -34.78
C PRO A 95 17.10 83.62 -33.32
N TRP A 96 18.24 83.73 -32.63
CA TRP A 96 18.27 83.43 -31.20
C TRP A 96 17.44 84.41 -30.39
N GLN A 97 17.39 85.67 -30.81
CA GLN A 97 16.50 86.63 -30.14
C GLN A 97 15.05 86.21 -30.28
N THR A 98 14.65 85.74 -31.46
CA THR A 98 13.29 85.24 -31.65
C THR A 98 13.04 84.00 -30.81
N TRP A 99 14.04 83.12 -30.72
CA TRP A 99 13.91 81.92 -29.91
C TRP A 99 13.69 82.27 -28.44
N ASN A 100 14.45 83.24 -27.93
CA ASN A 100 14.30 83.64 -26.53
C ASN A 100 12.99 84.38 -26.29
N ALA A 101 12.58 85.22 -27.23
CA ALA A 101 11.35 86.00 -27.05
C ALA A 101 10.12 85.11 -27.04
N ASN A 102 10.09 84.09 -27.89
CA ASN A 102 8.92 83.24 -28.02
C ASN A 102 8.81 82.19 -26.92
N LYS A 103 9.70 82.23 -25.91
CA LYS A 103 9.70 81.26 -24.81
C LYS A 103 9.79 79.83 -25.34
N MET A 104 10.67 79.62 -26.31
CA MET A 104 10.82 78.29 -26.90
C MET A 104 11.51 77.32 -25.96
N GLN A 105 12.19 77.81 -24.91
CA GLN A 105 12.86 76.94 -23.97
C GLN A 105 11.89 76.00 -23.26
N SER A 106 10.63 76.42 -23.10
CA SER A 106 9.62 75.59 -22.47
C SER A 106 8.73 74.85 -23.45
N LYS A 107 8.68 75.29 -24.71
CA LYS A 107 7.85 74.64 -25.71
C LYS A 107 8.61 73.59 -26.52
N GLN A 108 9.94 73.63 -26.50
CA GLN A 108 10.72 72.62 -27.21
C GLN A 108 10.52 71.23 -26.61
N ILE A 109 10.32 71.15 -25.29
CA ILE A 109 10.06 69.86 -24.65
C ILE A 109 8.76 69.28 -25.18
N ALA A 110 7.71 70.10 -25.25
CA ALA A 110 6.43 69.63 -25.76
C ALA A 110 6.53 69.24 -27.22
N ILE A 111 7.25 70.04 -28.02
CA ILE A 111 7.40 69.72 -29.43
C ILE A 111 8.11 68.39 -29.62
N HIS A 112 9.20 68.18 -28.87
CA HIS A 112 9.93 66.92 -28.98
C HIS A 112 9.09 65.74 -28.50
N ARG A 113 8.32 65.93 -27.43
CA ARG A 113 7.47 64.85 -26.94
C ARG A 113 6.41 64.48 -27.98
N ALA A 114 5.78 65.49 -28.60
CA ALA A 114 4.79 65.21 -29.63
C ALA A 114 5.41 64.54 -30.84
N ALA A 115 6.62 64.97 -31.23
CA ALA A 115 7.30 64.35 -32.36
C ALA A 115 7.66 62.90 -32.08
N LEU A 116 8.11 62.61 -30.85
CA LEU A 116 8.47 61.24 -30.50
C LEU A 116 7.24 60.35 -30.34
N THR A 117 6.11 60.92 -29.90
CA THR A 117 4.91 60.13 -29.70
C THR A 117 4.16 59.92 -31.02
N TYR A 118 3.70 61.02 -31.62
CA TYR A 118 2.88 60.90 -32.83
C TYR A 118 3.72 60.51 -34.04
N GLY A 119 4.89 61.12 -34.19
CA GLY A 119 5.75 60.79 -35.30
C GLY A 119 6.25 61.99 -36.07
N TYR A 120 5.45 63.06 -36.11
CA TYR A 120 5.80 64.26 -36.86
C TYR A 120 5.11 65.45 -36.23
N SER A 121 5.87 66.28 -35.53
CA SER A 121 5.33 67.50 -34.96
C SER A 121 5.28 68.61 -36.02
N TYR A 122 4.56 69.67 -35.70
CA TYR A 122 4.41 70.81 -36.60
C TYR A 122 4.67 72.10 -35.82
N ALA A 123 5.45 72.99 -36.43
CA ALA A 123 5.77 74.29 -35.85
C ALA A 123 5.24 75.38 -36.78
N ARG A 124 4.45 76.30 -36.21
CA ARG A 124 3.85 77.40 -36.96
C ARG A 124 4.60 78.68 -36.63
N VAL A 125 5.09 79.36 -37.65
CA VAL A 125 5.78 80.65 -37.50
C VAL A 125 4.99 81.68 -38.30
N LEU A 126 4.57 82.75 -37.64
CA LEU A 126 3.78 83.79 -38.27
C LEU A 126 4.34 85.16 -37.92
N PRO A 127 4.19 86.14 -38.81
CA PRO A 127 4.67 87.49 -38.49
C PRO A 127 3.89 88.10 -37.34
N GLY A 128 4.57 88.95 -36.58
CA GLY A 128 3.95 89.61 -35.45
C GLY A 128 4.72 90.85 -35.05
N VAL A 129 4.11 91.64 -34.18
CA VAL A 129 4.69 92.88 -33.69
C VAL A 129 5.34 92.61 -32.33
N ALA A 130 6.50 93.23 -32.12
CA ALA A 130 7.23 93.06 -30.87
C ALA A 130 6.64 93.96 -29.78
N LEU A 131 7.18 93.85 -28.57
CA LEU A 131 6.73 94.69 -27.47
C LEU A 131 7.02 96.16 -27.74
N ASP A 132 8.20 96.45 -28.29
CA ASP A 132 8.58 97.82 -28.60
C ASP A 132 8.05 98.31 -29.94
N GLY A 133 7.36 97.45 -30.69
CA GLY A 133 6.84 97.81 -31.99
C GLY A 133 7.64 97.31 -33.16
N ALA A 134 8.72 96.58 -32.92
CA ALA A 134 9.54 96.04 -34.00
C ALA A 134 8.89 94.76 -34.54
N ASN A 135 9.62 94.04 -35.39
CA ASN A 135 9.12 92.81 -35.99
C ASN A 135 9.59 91.62 -35.16
N GLN A 136 8.64 90.86 -34.61
CA GLN A 136 8.92 89.67 -33.83
C GLN A 136 8.16 88.50 -34.42
N ALA A 137 8.87 87.44 -34.78
CA ALA A 137 8.24 86.26 -35.37
C ALA A 137 7.61 85.42 -34.26
N GLU A 138 6.31 85.17 -34.38
CA GLU A 138 5.58 84.36 -33.41
C GLU A 138 5.65 82.90 -33.85
N ILE A 139 6.32 82.07 -33.04
CA ILE A 139 6.52 80.66 -33.33
C ILE A 139 5.69 79.85 -32.35
N HIS A 140 4.85 78.96 -32.88
CA HIS A 140 4.00 78.10 -32.06
C HIS A 140 4.04 76.69 -32.60
N GLY A 141 3.78 75.73 -31.72
CA GLY A 141 3.73 74.32 -32.09
C GLY A 141 2.30 73.82 -32.15
N VAL A 142 1.99 73.06 -33.19
CA VAL A 142 0.66 72.52 -33.42
C VAL A 142 0.75 71.00 -33.44
N SER A 143 -0.10 70.36 -32.64
CA SER A 143 -0.12 68.91 -32.59
C SER A 143 -0.72 68.33 -33.87
N PRO A 144 -0.31 67.13 -34.27
CA PRO A 144 -0.94 66.49 -35.44
C PRO A 144 -2.43 66.27 -35.25
N ARG A 145 -2.90 66.14 -34.01
CA ARG A 145 -4.33 65.98 -33.76
C ARG A 145 -5.12 67.20 -34.22
N ARG A 146 -4.50 68.36 -34.31
CA ARG A 146 -5.17 69.60 -34.71
C ARG A 146 -4.56 70.19 -35.98
N LEU A 147 -4.02 69.34 -36.85
CA LEU A 147 -3.41 69.82 -38.07
C LEU A 147 -3.46 68.71 -39.13
N LEU A 148 -3.54 69.13 -40.39
CA LEU A 148 -3.52 68.21 -41.52
C LEU A 148 -2.72 68.86 -42.64
N ALA A 149 -1.45 68.46 -42.78
CA ALA A 149 -0.56 69.02 -43.78
C ALA A 149 -0.49 68.09 -44.98
N LEU A 150 -0.61 68.66 -46.18
CA LEU A 150 -0.58 67.91 -47.42
C LEU A 150 0.72 68.21 -48.15
N TYR A 151 1.44 67.15 -48.53
CA TYR A 151 2.70 67.26 -49.24
C TYR A 151 2.59 66.57 -50.58
N GLU A 152 3.01 67.27 -51.65
CA GLU A 152 3.10 66.64 -52.96
C GLU A 152 4.30 65.73 -53.09
N ASP A 153 5.28 65.86 -52.18
CA ASP A 153 6.48 65.01 -52.15
C ASP A 153 6.78 64.75 -50.68
N GLN A 154 6.24 63.65 -50.15
CA GLN A 154 6.33 63.40 -48.71
C GLN A 154 7.77 63.23 -48.26
N ILE A 155 8.61 62.59 -49.08
CA ILE A 155 10.00 62.35 -48.69
C ILE A 155 10.75 63.66 -48.50
N ASN A 156 10.58 64.60 -49.42
CA ASN A 156 11.32 65.87 -49.35
C ASN A 156 10.46 66.97 -49.96
N ASP A 157 9.81 67.75 -49.11
CA ASP A 157 9.05 68.91 -49.56
C ASP A 157 9.27 70.15 -48.70
N GLU A 158 10.10 70.06 -47.65
CA GLU A 158 10.33 71.16 -46.73
C GLU A 158 9.02 71.64 -46.13
N TYR A 159 8.41 72.66 -46.71
CA TYR A 159 7.15 73.21 -46.27
C TYR A 159 6.00 72.68 -47.11
N PRO A 160 4.82 72.50 -46.52
CA PRO A 160 3.70 71.90 -47.27
C PRO A 160 3.09 72.86 -48.28
N LYS A 161 2.09 72.39 -49.02
CA LYS A 161 1.37 73.21 -49.99
C LYS A 161 0.05 73.74 -49.43
N TYR A 162 -0.81 72.83 -48.97
CA TYR A 162 -2.07 73.20 -48.35
C TYR A 162 -2.19 72.48 -47.02
N ALA A 163 -2.48 73.24 -45.95
CA ALA A 163 -2.60 72.68 -44.62
C ALA A 163 -3.87 73.22 -43.95
N LEU A 164 -4.58 72.33 -43.28
CA LEU A 164 -5.78 72.67 -42.53
C LEU A 164 -5.46 72.60 -41.04
N GLU A 165 -5.66 73.71 -40.34
CA GLU A 165 -5.35 73.81 -38.92
C GLU A 165 -6.63 74.03 -38.13
N LEU A 166 -6.81 73.27 -37.05
CA LEU A 166 -7.95 73.40 -36.16
C LEU A 166 -7.48 73.98 -34.84
N ALA A 167 -8.11 75.06 -34.40
CA ALA A 167 -7.72 75.69 -33.15
C ALA A 167 -8.09 74.81 -31.96
N ASN A 168 -7.34 74.98 -30.87
CA ASN A 168 -7.53 74.16 -29.68
C ASN A 168 -8.81 74.48 -28.93
N ASN A 169 -9.49 75.59 -29.26
CA ASN A 169 -10.75 75.93 -28.62
C ASN A 169 -11.95 75.34 -29.36
N GLY A 170 -11.75 74.73 -30.51
CA GLY A 170 -12.85 74.16 -31.27
C GLY A 170 -13.87 75.17 -31.74
N LYS A 171 -13.41 76.35 -32.18
CA LYS A 171 -14.32 77.40 -32.63
C LYS A 171 -13.94 77.92 -34.00
N THR A 172 -12.65 77.88 -34.33
CA THR A 172 -12.15 78.39 -35.60
C THR A 172 -11.32 77.33 -36.30
N VAL A 173 -11.59 77.14 -37.59
CA VAL A 173 -10.82 76.24 -38.44
C VAL A 173 -10.20 77.08 -39.56
N ARG A 174 -8.87 76.98 -39.70
CA ARG A 174 -8.14 77.82 -40.64
C ARG A 174 -7.39 76.95 -41.64
N LEU A 175 -7.31 77.43 -42.88
CA LEU A 175 -6.57 76.79 -43.95
C LEU A 175 -5.41 77.69 -44.35
N TYR A 176 -4.21 77.12 -44.43
CA TYR A 176 -2.99 77.87 -44.70
C TYR A 176 -2.56 77.59 -46.15
N THR A 177 -2.79 78.56 -47.02
CA THR A 177 -2.30 78.49 -48.39
C THR A 177 -0.94 79.17 -48.47
N ASP A 178 -0.47 79.44 -49.70
CA ASP A 178 0.88 79.96 -49.88
C ASP A 178 1.07 81.32 -49.23
N THR A 179 0.19 82.28 -49.56
CA THR A 179 0.39 83.66 -49.13
C THR A 179 -0.89 84.30 -48.58
N ASP A 180 -1.88 83.49 -48.19
CA ASP A 180 -3.11 84.02 -47.62
C ASP A 180 -3.47 83.24 -46.37
N TYR A 181 -4.20 83.89 -45.47
CA TYR A 181 -4.59 83.31 -44.19
C TYR A 181 -6.11 83.14 -44.20
N TYR A 182 -6.57 81.95 -44.56
CA TYR A 182 -8.00 81.66 -44.59
C TYR A 182 -8.49 81.30 -43.20
N GLU A 183 -9.61 81.91 -42.78
CA GLU A 183 -10.17 81.68 -41.46
C GLU A 183 -11.65 81.34 -41.60
N LEU A 184 -12.08 80.30 -40.89
CA LEU A 184 -13.49 79.91 -40.88
C LEU A 184 -14.00 79.79 -39.45
N ARG A 185 -15.21 79.30 -39.27
CA ARG A 185 -15.82 79.14 -37.97
C ARG A 185 -16.22 77.69 -37.74
N MET A 186 -16.14 77.26 -36.49
CA MET A 186 -16.47 75.88 -36.10
C MET A 186 -17.41 75.92 -34.90
N PRO A 187 -18.68 76.29 -35.12
CA PRO A 187 -19.63 76.33 -33.99
C PRO A 187 -19.97 74.95 -33.46
N SER A 188 -20.12 73.97 -34.34
CA SER A 188 -20.45 72.60 -33.96
C SER A 188 -19.50 71.64 -34.65
N PRO A 189 -19.23 70.48 -34.05
CA PRO A 189 -18.31 69.53 -34.67
C PRO A 189 -18.92 68.78 -35.84
N GLY A 190 -18.89 69.38 -37.03
CA GLY A 190 -19.35 68.69 -38.22
C GLY A 190 -20.23 69.49 -39.15
N ASN A 191 -20.33 70.81 -38.94
CA ASN A 191 -21.11 71.67 -39.82
C ASN A 191 -20.25 72.86 -40.24
N PHE A 192 -20.40 73.27 -41.50
CA PHE A 192 -19.70 74.42 -42.07
C PHE A 192 -20.72 75.30 -42.77
N PRO A 193 -21.48 76.09 -42.02
CA PRO A 193 -22.49 76.97 -42.66
C PRO A 193 -21.84 77.99 -43.58
N ASN A 194 -22.49 78.24 -44.71
CA ASN A 194 -21.99 79.18 -45.70
C ASN A 194 -22.39 80.62 -45.42
N GLU A 195 -23.25 80.86 -44.43
CA GLU A 195 -23.65 82.22 -44.10
C GLU A 195 -22.49 83.03 -43.52
N GLN A 196 -21.53 82.36 -42.89
CA GLN A 196 -20.38 83.05 -42.31
C GLN A 196 -19.49 83.61 -43.42
N VAL A 197 -18.83 84.71 -43.10
CA VAL A 197 -17.94 85.39 -44.04
C VAL A 197 -16.53 84.86 -43.84
N ILE A 198 -15.95 84.29 -44.90
CA ILE A 198 -14.59 83.76 -44.81
C ILE A 198 -13.59 84.91 -44.76
N LYS A 199 -12.68 84.85 -43.80
CA LYS A 199 -11.68 85.88 -43.60
C LYS A 199 -10.39 85.49 -44.32
N LYS A 200 -9.88 86.38 -45.17
CA LYS A 200 -8.64 86.17 -45.88
C LYS A 200 -7.67 87.28 -45.48
N VAL A 201 -6.52 86.88 -44.93
CA VAL A 201 -5.50 87.82 -44.47
C VAL A 201 -4.23 87.58 -45.28
N HIS A 202 -3.71 88.63 -45.89
CA HIS A 202 -2.48 88.56 -46.70
C HIS A 202 -1.33 89.05 -45.83
N HIS A 203 -0.74 88.14 -45.06
CA HIS A 203 0.42 88.49 -44.24
C HIS A 203 1.69 88.54 -45.09
N GLY A 204 2.01 87.46 -45.78
CA GLY A 204 3.17 87.39 -46.63
C GLY A 204 4.31 86.65 -45.97
N VAL A 205 4.45 85.37 -46.31
CA VAL A 205 5.50 84.53 -45.76
C VAL A 205 6.15 83.72 -46.88
N GLY A 206 5.54 83.76 -48.07
CA GLY A 206 6.05 82.99 -49.19
C GLY A 206 5.38 81.65 -49.33
N VAL A 207 6.00 80.61 -48.79
CA VAL A 207 5.46 79.27 -48.80
C VAL A 207 4.74 79.02 -47.48
N CYS A 208 3.96 77.96 -47.42
CA CYS A 208 3.14 77.67 -46.25
C CYS A 208 4.02 77.56 -45.01
N PRO A 209 3.74 78.33 -43.95
CA PRO A 209 4.62 78.37 -42.76
C PRO A 209 4.38 77.20 -41.81
N PHE A 210 4.86 76.02 -42.20
CA PHE A 210 4.77 74.83 -41.36
C PHE A 210 6.01 74.00 -41.55
N VAL A 211 6.62 73.59 -40.43
CA VAL A 211 7.83 72.78 -40.45
C VAL A 211 7.52 71.47 -39.74
N ARG A 212 7.87 70.35 -40.38
CA ARG A 212 7.56 69.03 -39.85
C ARG A 212 8.74 68.49 -39.06
N TYR A 213 8.47 68.06 -37.82
CA TYR A 213 9.50 67.48 -36.96
C TYR A 213 9.37 65.97 -37.03
N VAL A 214 9.95 65.39 -38.08
CA VAL A 214 9.83 63.95 -38.31
C VAL A 214 10.65 63.20 -37.27
N ASN A 215 10.06 62.15 -36.70
CA ASN A 215 10.74 61.35 -35.69
C ASN A 215 11.97 60.68 -36.27
N MET A 216 11.79 59.79 -37.24
CA MET A 216 12.88 59.08 -37.89
C MET A 216 12.81 59.31 -39.39
N MET A 217 13.97 59.53 -40.01
CA MET A 217 14.05 59.80 -41.43
C MET A 217 14.05 58.48 -42.20
N ASP A 218 13.06 58.29 -43.05
CA ASP A 218 12.94 57.10 -43.88
C ASP A 218 12.86 57.50 -45.35
N LEU A 219 13.38 56.63 -46.21
CA LEU A 219 13.47 56.93 -47.64
C LEU A 219 12.16 56.70 -48.38
N ASP A 220 11.15 56.11 -47.73
CA ASP A 220 9.88 55.82 -48.37
C ASP A 220 8.72 56.25 -47.48
N GLY A 221 8.82 57.44 -46.90
CA GLY A 221 7.77 57.91 -46.00
C GLY A 221 7.66 57.02 -44.78
N PHE A 222 6.45 56.51 -44.54
CA PHE A 222 6.19 55.57 -43.45
C PHE A 222 6.63 56.13 -42.11
N THR A 223 6.36 57.41 -41.88
CA THR A 223 6.75 58.05 -40.63
C THR A 223 5.94 57.49 -39.47
N MET A 224 6.64 57.04 -38.43
CA MET A 224 6.00 56.44 -37.26
C MET A 224 6.67 56.96 -36.00
N GLY A 225 5.91 56.98 -34.90
CA GLY A 225 6.41 57.42 -33.62
C GLY A 225 7.08 56.30 -32.84
N GLU A 226 7.51 56.65 -31.63
CA GLU A 226 8.17 55.72 -30.74
C GLU A 226 7.20 54.96 -29.84
N VAL A 227 5.90 55.26 -29.92
CA VAL A 227 4.90 54.60 -29.08
C VAL A 227 4.19 53.53 -29.89
N GLU A 228 4.06 53.73 -31.20
CA GLU A 228 3.41 52.74 -32.05
C GLU A 228 4.31 51.54 -32.32
N TYR A 229 5.63 51.76 -32.40
CA TYR A 229 6.54 50.68 -32.76
C TYR A 229 6.67 49.63 -31.66
N LEU A 230 6.26 49.96 -30.42
CA LEU A 230 6.40 49.02 -29.30
C LEU A 230 5.06 48.76 -28.63
N VAL A 231 3.96 48.85 -29.38
CA VAL A 231 2.65 48.50 -28.83
C VAL A 231 2.57 47.02 -28.44
N PRO A 232 2.96 46.05 -29.29
CA PRO A 232 2.81 44.64 -28.89
C PRO A 232 3.59 44.26 -27.65
N VAL A 233 4.79 44.79 -27.46
CA VAL A 233 5.59 44.40 -26.30
C VAL A 233 4.98 44.97 -25.01
N ALA A 234 4.49 46.21 -25.06
CA ALA A 234 3.80 46.78 -23.90
C ALA A 234 2.53 46.00 -23.59
N SER A 235 1.78 45.61 -24.64
CA SER A 235 0.59 44.80 -24.42
C SER A 235 0.95 43.46 -23.80
N LYS A 236 2.07 42.87 -24.23
CA LYS A 236 2.51 41.60 -23.64
C LYS A 236 2.89 41.76 -22.17
N ILE A 237 3.56 42.87 -21.85
CA ILE A 237 3.91 43.14 -20.44
C ILE A 237 2.65 43.28 -19.61
N ASP A 238 1.67 44.02 -20.11
CA ASP A 238 0.41 44.20 -19.37
C ASP A 238 -0.34 42.88 -19.25
N LYS A 239 -0.30 42.04 -20.28
CA LYS A 239 -0.93 40.73 -20.21
C LYS A 239 -0.27 39.85 -19.17
N THR A 240 1.07 39.89 -19.10
CA THR A 240 1.78 39.12 -18.06
C THR A 240 1.40 39.61 -16.67
N ASP A 241 1.33 40.94 -16.49
CA ASP A 241 0.93 41.49 -15.20
C ASP A 241 -0.50 41.07 -14.85
N TYR A 242 -1.40 41.07 -15.83
CA TYR A 242 -2.77 40.65 -15.59
C TYR A 242 -2.84 39.18 -15.21
N ASP A 243 -2.04 38.33 -15.87
CA ASP A 243 -2.00 36.92 -15.51
C ASP A 243 -1.48 36.73 -14.08
N ARG A 244 -0.43 37.47 -13.72
CA ARG A 244 0.09 37.39 -12.37
C ARG A 244 -0.96 37.83 -11.34
N LEU A 245 -1.69 38.90 -11.65
CA LEU A 245 -2.73 39.37 -10.75
C LEU A 245 -3.86 38.35 -10.62
N LEU A 246 -4.23 37.72 -11.73
CA LEU A 246 -5.25 36.68 -11.68
C LEU A 246 -4.80 35.51 -10.83
N ALA A 247 -3.53 35.10 -10.97
CA ALA A 247 -3.02 34.01 -10.15
C ALA A 247 -2.99 34.39 -8.67
N GLN A 248 -2.60 35.62 -8.36
CA GLN A 248 -2.47 36.04 -6.97
C GLN A 248 -3.82 36.28 -6.31
N HIS A 249 -4.83 36.69 -7.09
CA HIS A 249 -6.12 37.07 -6.52
C HIS A 249 -7.09 35.91 -6.37
N TYR A 250 -6.97 34.88 -7.22
CA TYR A 250 -7.91 33.78 -7.22
C TYR A 250 -7.40 32.53 -6.52
N ASN A 251 -6.14 32.15 -6.78
CA ASN A 251 -5.54 30.96 -6.14
C ASN A 251 -4.11 31.28 -5.71
N SER A 252 -3.97 31.78 -4.48
CA SER A 252 -2.65 32.07 -3.93
C SER A 252 -2.53 31.61 -2.48
N TRP A 253 -3.53 30.93 -1.93
CA TRP A 253 -3.50 30.43 -0.56
C TRP A 253 -3.93 28.97 -0.55
N LYS A 254 -3.43 28.24 0.44
CA LYS A 254 -3.79 26.82 0.59
C LYS A 254 -5.25 26.73 1.03
N VAL A 255 -6.12 26.32 0.11
CA VAL A 255 -7.55 26.25 0.39
C VAL A 255 -7.82 25.05 1.28
N LYS A 256 -8.47 25.29 2.42
CA LYS A 256 -8.82 24.23 3.36
C LYS A 256 -10.21 23.69 3.00
N VAL A 257 -10.28 22.39 2.75
CA VAL A 257 -11.53 21.73 2.38
C VAL A 257 -11.75 20.54 3.30
N ALA A 258 -13.01 20.14 3.43
CA ALA A 258 -13.39 19.00 4.25
C ALA A 258 -14.35 18.11 3.48
N THR A 259 -14.26 16.81 3.74
CA THR A 259 -15.12 15.83 3.10
C THR A 259 -15.56 14.79 4.12
N GLY A 260 -16.71 14.17 3.86
CA GLY A 260 -17.24 13.13 4.71
C GLY A 260 -18.25 13.60 5.75
N ILE A 261 -18.29 14.91 6.02
CA ILE A 261 -19.23 15.45 6.99
C ILE A 261 -20.59 15.64 6.31
N ASP A 262 -21.63 15.87 7.11
CA ASP A 262 -22.97 16.07 6.57
C ASP A 262 -23.07 17.42 5.87
N ASP A 263 -24.23 17.66 5.27
CA ASP A 263 -24.47 18.90 4.53
C ASP A 263 -25.84 19.46 4.90
N LEU A 264 -26.29 20.47 4.14
CA LEU A 264 -27.60 21.10 4.31
C LEU A 264 -27.89 21.43 5.77
N SER A 265 -26.86 21.76 6.53
CA SER A 265 -26.99 22.03 7.96
C SER A 265 -27.50 23.46 8.19
N GLU A 266 -27.52 23.86 9.46
CA GLU A 266 -28.03 25.16 9.89
C GLU A 266 -29.46 25.37 9.40
N ASP A 267 -30.31 24.37 9.64
CA ASP A 267 -31.72 24.41 9.27
C ASP A 267 -31.91 24.65 7.77
N ALA A 268 -31.11 23.94 6.96
CA ALA A 268 -31.18 24.01 5.50
C ALA A 268 -31.06 25.46 5.02
N THR A 269 -29.87 26.01 5.27
CA THR A 269 -29.54 27.43 5.08
C THR A 269 -29.98 27.95 3.71
N PRO A 270 -31.00 28.81 3.66
CA PRO A 270 -31.39 29.47 2.42
C PRO A 270 -30.62 30.78 2.19
N GLU A 271 -29.30 30.73 2.33
CA GLU A 271 -28.44 31.90 2.27
C GLU A 271 -28.90 32.96 3.27
N GLU A 272 -29.26 32.52 4.47
CA GLU A 272 -29.72 33.39 5.54
C GLU A 272 -28.72 33.38 6.68
N GLN A 273 -28.48 34.56 7.26
CA GLN A 273 -27.53 34.74 8.36
C GLN A 273 -26.13 34.28 7.93
N GLN A 274 -25.58 34.98 6.94
CA GLN A 274 -24.27 34.65 6.41
C GLN A 274 -23.15 34.84 7.43
N ARG A 275 -23.42 35.58 8.50
CA ARG A 275 -22.42 35.84 9.54
C ARG A 275 -22.36 34.65 10.50
N ALA A 276 -21.85 33.53 9.98
CA ALA A 276 -21.67 32.34 10.80
C ALA A 276 -20.68 32.58 11.93
N LYS A 277 -19.59 33.29 11.63
CA LYS A 277 -18.58 33.66 12.62
C LYS A 277 -18.00 32.42 13.30
N LEU A 278 -17.63 31.43 12.49
CA LEU A 278 -16.98 30.22 13.01
C LEU A 278 -15.58 30.60 13.50
N ILE A 279 -15.37 30.52 14.81
CA ILE A 279 -14.09 30.93 15.39
C ILE A 279 -13.01 29.94 14.96
N LEU A 280 -11.93 30.48 14.39
CA LEU A 280 -10.80 29.66 13.92
C LEU A 280 -9.52 30.46 14.20
N ALA A 281 -8.80 30.06 15.23
CA ALA A 281 -7.53 30.71 15.57
C ALA A 281 -6.46 29.66 15.85
N GLN A 282 -5.30 30.10 16.34
CA GLN A 282 -4.22 29.16 16.63
C GLN A 282 -4.61 28.18 17.73
N ASP A 283 -5.29 28.67 18.77
CA ASP A 283 -5.67 27.81 19.88
C ASP A 283 -6.79 26.85 19.48
N ASP A 284 -7.70 27.28 18.60
CA ASP A 284 -8.85 26.46 18.25
C ASP A 284 -8.40 25.20 17.51
N ILE A 285 -9.05 24.08 17.85
CA ILE A 285 -8.78 22.79 17.23
C ILE A 285 -10.10 22.27 16.66
N LEU A 286 -10.13 22.07 15.35
CA LEU A 286 -11.34 21.57 14.70
C LEU A 286 -11.52 20.08 14.99
N MET A 287 -12.78 19.70 15.21
CA MET A 287 -13.10 18.29 15.42
C MET A 287 -14.56 18.07 15.05
N HIS A 288 -14.83 16.88 14.51
CA HIS A 288 -16.17 16.52 14.06
C HIS A 288 -16.51 15.12 14.56
N GLY A 289 -17.80 14.89 14.79
CA GLY A 289 -18.27 13.63 15.31
C GLY A 289 -18.48 12.57 14.24
N ASN A 290 -17.46 12.32 13.43
CA ASN A 290 -17.54 11.31 12.38
C ASN A 290 -16.12 10.87 12.02
N HIS A 291 -15.85 9.57 12.11
CA HIS A 291 -14.53 9.05 11.79
C HIS A 291 -14.25 9.05 10.29
N GLU A 292 -15.26 9.27 9.45
CA GLU A 292 -15.09 9.30 8.01
C GLU A 292 -14.75 10.70 7.48
N ALA A 293 -14.66 11.69 8.37
CA ALA A 293 -14.35 13.04 7.94
C ALA A 293 -12.88 13.16 7.54
N LYS A 294 -12.63 13.74 6.38
CA LYS A 294 -11.27 13.95 5.88
C LYS A 294 -11.05 15.43 5.59
N PHE A 295 -9.88 15.93 5.98
CA PHE A 295 -9.51 17.31 5.78
C PHE A 295 -8.35 17.36 4.79
N TYR A 296 -8.58 17.99 3.64
CA TYR A 296 -7.58 18.13 2.60
C TYR A 296 -7.17 19.59 2.43
N THR A 297 -6.03 19.79 1.79
CA THR A 297 -5.53 21.12 1.47
C THR A 297 -5.18 21.18 0.00
N LEU A 298 -5.44 22.32 -0.63
CA LEU A 298 -5.18 22.51 -2.05
C LEU A 298 -3.96 23.39 -2.24
N PRO A 299 -2.87 22.89 -2.83
CA PRO A 299 -1.69 23.73 -3.05
C PRO A 299 -2.00 24.89 -3.97
N GLU A 300 -1.31 26.00 -3.73
CA GLU A 300 -1.50 27.23 -4.49
C GLU A 300 -0.37 27.41 -5.51
N THR A 301 -0.55 28.41 -6.38
CA THR A 301 0.47 28.72 -7.36
C THR A 301 1.74 29.21 -6.68
N SER A 302 2.89 28.72 -7.16
CA SER A 302 4.16 29.10 -6.56
C SER A 302 4.44 30.59 -6.70
N LEU A 303 3.88 31.22 -7.73
CA LEU A 303 4.06 32.65 -7.99
C LEU A 303 5.53 33.02 -8.11
N ASP A 304 6.23 32.30 -8.97
CA ASP A 304 7.64 32.58 -9.26
C ASP A 304 7.91 32.76 -10.74
N GLY A 305 7.24 31.99 -11.61
CA GLY A 305 7.44 32.14 -13.04
C GLY A 305 6.93 33.46 -13.57
N PHE A 306 5.87 34.00 -12.98
CA PHE A 306 5.28 35.25 -13.47
C PHE A 306 6.26 36.41 -13.33
N ILE A 307 6.97 36.48 -12.21
CA ILE A 307 7.92 37.57 -11.99
C ILE A 307 9.06 37.49 -13.00
N ALA A 308 9.59 36.29 -13.24
CA ALA A 308 10.65 36.12 -14.22
C ALA A 308 10.17 36.47 -15.62
N ALA A 309 8.95 36.05 -15.96
CA ALA A 309 8.40 36.37 -17.27
C ALA A 309 8.22 37.88 -17.45
N HIS A 310 7.74 38.57 -16.41
CA HIS A 310 7.58 40.01 -16.48
C HIS A 310 8.93 40.71 -16.60
N THR A 311 9.93 40.22 -15.88
CA THR A 311 11.27 40.80 -15.99
C THR A 311 11.82 40.62 -17.40
N GLN A 312 11.63 39.43 -17.98
CA GLN A 312 12.09 39.21 -19.35
C GLN A 312 11.36 40.11 -20.33
N ASP A 313 10.05 40.27 -20.16
CA ASP A 313 9.29 41.14 -21.05
C ASP A 313 9.72 42.60 -20.93
N VAL A 314 9.95 43.07 -19.70
CA VAL A 314 10.34 44.47 -19.53
C VAL A 314 11.76 44.71 -20.03
N GLU A 315 12.66 43.75 -19.88
CA GLU A 315 13.99 43.93 -20.45
C GLU A 315 13.97 43.86 -21.97
N ILE A 316 13.06 43.06 -22.54
CA ILE A 316 12.84 43.09 -23.99
C ILE A 316 12.36 44.47 -24.41
N LEU A 317 11.43 45.05 -23.65
CA LEU A 317 10.95 46.40 -23.91
C LEU A 317 12.09 47.41 -23.88
N ALA A 318 12.96 47.31 -22.86
CA ALA A 318 14.07 48.25 -22.73
C ALA A 318 15.06 48.11 -23.87
N ASN A 319 15.39 46.87 -24.26
CA ASN A 319 16.36 46.66 -25.32
C ASN A 319 15.81 47.07 -26.67
N ASN A 320 14.52 46.81 -26.93
CA ASN A 320 13.94 47.14 -28.23
C ASN A 320 13.83 48.64 -28.43
N ALA A 321 13.65 49.41 -27.36
CA ALA A 321 13.53 50.86 -27.45
C ALA A 321 14.85 51.59 -27.27
N GLN A 322 15.96 50.85 -27.17
CA GLN A 322 17.29 51.43 -26.96
C GLN A 322 17.31 52.29 -25.69
N VAL A 323 16.68 51.80 -24.63
CA VAL A 323 16.65 52.49 -23.34
C VAL A 323 17.44 51.64 -22.35
N PRO A 324 18.21 52.25 -21.44
CA PRO A 324 18.95 51.47 -20.46
C PRO A 324 18.03 50.59 -19.62
N VAL A 325 18.52 49.38 -19.31
CA VAL A 325 17.72 48.42 -18.58
C VAL A 325 17.54 48.85 -17.13
N TRP A 326 18.57 49.44 -16.52
CA TRP A 326 18.53 49.72 -15.08
C TRP A 326 17.48 50.77 -14.74
N ILE A 327 17.16 51.67 -15.66
CA ILE A 327 16.09 52.63 -15.43
C ILE A 327 14.72 52.07 -15.76
N LEU A 328 14.65 50.79 -16.13
CA LEU A 328 13.38 50.10 -16.37
C LEU A 328 13.14 48.97 -15.38
N ASN A 329 14.14 48.16 -15.09
CA ASN A 329 14.02 47.08 -14.12
C ASN A 329 15.40 46.76 -13.56
N GLY A 330 15.42 46.24 -12.35
CA GLY A 330 16.67 45.84 -11.73
C GLY A 330 17.48 47.03 -11.24
N GLN A 331 18.70 46.73 -10.81
CA GLN A 331 19.64 47.73 -10.32
C GLN A 331 20.95 47.60 -11.06
N LEU A 332 21.54 48.74 -11.42
CA LEU A 332 22.80 48.73 -12.15
C LEU A 332 23.93 48.25 -11.24
N ALA A 333 24.84 47.45 -11.81
CA ALA A 333 25.97 46.95 -11.08
C ALA A 333 27.07 48.02 -10.99
N ASN A 334 28.22 47.64 -10.43
CA ASN A 334 29.34 48.56 -10.26
C ASN A 334 30.18 48.58 -11.55
N LEU A 335 29.58 49.13 -12.59
CA LEU A 335 30.23 49.22 -13.89
C LEU A 335 31.30 50.30 -13.89
N SER A 336 32.30 50.11 -14.74
CA SER A 336 33.36 51.09 -14.90
C SER A 336 32.97 52.11 -15.97
N ALA A 337 33.91 52.95 -16.38
CA ALA A 337 33.63 53.95 -17.39
C ALA A 337 33.39 53.31 -18.75
N ASP A 338 34.26 52.37 -19.14
CA ASP A 338 34.12 51.72 -20.45
C ASP A 338 32.85 50.89 -20.52
N ALA A 339 32.55 50.13 -19.47
CA ALA A 339 31.35 49.31 -19.48
C ALA A 339 30.09 50.17 -19.53
N LEU A 340 30.07 51.27 -18.78
CA LEU A 340 28.92 52.17 -18.83
C LEU A 340 28.77 52.82 -20.20
N THR A 341 29.88 53.21 -20.81
CA THR A 341 29.82 53.78 -22.16
C THR A 341 29.28 52.76 -23.15
N ALA A 342 29.70 51.50 -23.02
CA ALA A 342 29.16 50.45 -23.89
C ALA A 342 27.67 50.26 -23.66
N ALA A 343 27.24 50.27 -22.40
CA ALA A 343 25.82 50.08 -22.10
C ALA A 343 24.97 51.22 -22.65
N THR A 344 25.45 52.45 -22.55
CA THR A 344 24.69 53.61 -22.99
C THR A 344 24.99 54.02 -24.44
N LYS A 345 25.82 53.28 -25.16
CA LYS A 345 26.21 53.68 -26.51
C LYS A 345 25.00 53.70 -27.44
N GLY A 346 24.15 52.67 -27.37
CA GLY A 346 23.00 52.63 -28.25
C GLY A 346 22.02 53.76 -27.99
N THR A 347 21.72 54.01 -26.71
CA THR A 347 20.85 55.13 -26.36
C THR A 347 21.47 56.45 -26.77
N ILE A 348 22.78 56.61 -26.57
CA ILE A 348 23.45 57.85 -26.94
C ILE A 348 23.39 58.05 -28.45
N GLN A 349 23.61 56.99 -29.23
CA GLN A 349 23.55 57.12 -30.68
C GLN A 349 22.15 57.45 -31.16
N LYS A 350 21.14 56.79 -30.59
CA LYS A 350 19.76 57.09 -30.97
C LYS A 350 19.40 58.54 -30.63
N LEU A 351 19.81 59.00 -29.44
CA LEU A 351 19.55 60.38 -29.06
C LEU A 351 20.32 61.36 -29.95
N TYR A 352 21.51 60.97 -30.42
CA TYR A 352 22.25 61.83 -31.34
C TYR A 352 21.55 61.93 -32.69
N GLU A 353 20.99 60.81 -33.17
CA GLU A 353 20.21 60.87 -34.42
C GLU A 353 18.98 61.75 -34.25
N ARG A 354 18.28 61.61 -33.11
CA ARG A 354 17.14 62.47 -32.84
C ARG A 354 17.57 63.93 -32.75
N GLN A 355 18.73 64.19 -32.13
CA GLN A 355 19.26 65.55 -32.05
C GLN A 355 19.55 66.09 -33.44
N VAL A 356 20.10 65.27 -34.33
CA VAL A 356 20.41 65.73 -35.68
C VAL A 356 19.13 66.12 -36.42
N THR A 357 18.13 65.23 -36.39
CA THR A 357 16.91 65.53 -37.14
C THR A 357 16.16 66.73 -36.54
N PHE A 358 16.10 66.82 -35.21
CA PHE A 358 15.42 67.94 -34.58
C PHE A 358 16.19 69.23 -34.77
N GLY A 359 17.52 69.16 -34.83
CA GLY A 359 18.31 70.34 -35.14
C GLY A 359 18.11 70.83 -36.56
N ALA A 360 17.97 69.89 -37.50
CA ALA A 360 17.62 70.29 -38.86
C ALA A 360 16.26 70.98 -38.89
N ALA A 361 15.28 70.42 -38.17
CA ALA A 361 13.96 71.05 -38.12
C ALA A 361 14.03 72.44 -37.48
N HIS A 362 14.80 72.57 -36.40
CA HIS A 362 14.94 73.86 -35.73
C HIS A 362 15.67 74.87 -36.61
N ASN A 363 16.66 74.41 -37.37
CA ASN A 363 17.34 75.30 -38.31
C ASN A 363 16.39 75.79 -39.38
N GLN A 364 15.52 74.91 -39.89
CA GLN A 364 14.50 75.34 -40.84
C GLN A 364 13.56 76.36 -40.21
N VAL A 365 13.14 76.12 -38.97
CA VAL A 365 12.25 77.04 -38.27
C VAL A 365 12.90 78.41 -38.11
N LEU A 366 14.18 78.42 -37.70
CA LEU A 366 14.88 79.68 -37.52
C LEU A 366 15.10 80.40 -38.85
N ARG A 367 15.37 79.65 -39.92
CA ARG A 367 15.52 80.26 -41.24
C ARG A 367 14.22 80.92 -41.68
N LEU A 368 13.09 80.25 -41.45
CA LEU A 368 11.81 80.86 -41.79
C LEU A 368 11.54 82.09 -40.93
N ALA A 369 11.87 82.01 -39.64
CA ALA A 369 11.63 83.12 -38.73
C ALA A 369 12.46 84.34 -39.11
N ALA A 370 13.70 84.13 -39.52
CA ALA A 370 14.52 85.24 -39.98
C ALA A 370 13.98 85.82 -41.28
N HIS A 371 13.46 84.95 -42.16
CA HIS A 371 12.99 85.41 -43.47
C HIS A 371 11.76 86.29 -43.36
N VAL A 372 10.86 86.00 -42.41
CA VAL A 372 9.62 86.76 -42.32
C VAL A 372 9.86 88.19 -41.89
N GLU A 373 11.01 88.49 -41.28
CA GLU A 373 11.38 89.84 -40.88
C GLU A 373 12.52 90.36 -41.75
N GLY A 374 12.48 90.06 -43.03
CA GLY A 374 13.60 90.40 -43.91
C GLY A 374 14.81 89.56 -43.59
N ASP A 375 15.86 90.20 -43.10
CA ASP A 375 17.05 89.52 -42.59
C ASP A 375 17.58 88.49 -43.59
N THR A 376 18.02 88.98 -44.74
CA THR A 376 18.52 88.10 -45.79
C THR A 376 19.73 87.29 -45.34
N GLU A 377 20.48 87.79 -44.37
CA GLU A 377 21.64 87.05 -43.88
C GLU A 377 21.24 85.72 -43.26
N GLY A 378 20.16 85.72 -42.46
CA GLY A 378 19.70 84.47 -41.87
C GLY A 378 19.18 83.48 -42.89
N ALA A 379 18.40 83.97 -43.87
CA ALA A 379 17.86 83.08 -44.89
C ALA A 379 18.96 82.51 -45.78
N ARG A 380 19.95 83.32 -46.15
CA ARG A 380 21.02 82.84 -47.01
C ARG A 380 21.88 81.80 -46.30
N ASP A 381 22.13 81.99 -45.01
CA ASP A 381 23.00 81.09 -44.26
C ASP A 381 22.35 79.72 -44.14
N PHE A 382 22.87 78.74 -44.88
CA PHE A 382 22.39 77.37 -44.81
C PHE A 382 23.33 76.46 -44.03
N THR A 383 24.38 76.99 -43.43
CA THR A 383 25.35 76.18 -42.70
C THR A 383 25.23 76.31 -41.19
N ALA A 384 24.59 77.35 -40.67
CA ALA A 384 24.44 77.52 -39.25
C ALA A 384 23.53 76.44 -38.67
N SER A 385 23.94 75.88 -37.52
CA SER A 385 23.19 74.81 -36.88
C SER A 385 23.09 75.10 -35.39
N VAL A 386 22.04 74.55 -34.76
CA VAL A 386 21.84 74.74 -33.34
C VAL A 386 22.80 73.84 -32.56
N SER A 387 22.99 74.18 -31.29
CA SER A 387 23.85 73.42 -30.38
C SER A 387 22.99 72.76 -29.30
N TRP A 388 23.34 71.53 -28.94
CA TRP A 388 22.58 70.75 -27.98
C TRP A 388 23.43 70.49 -26.74
N GLN A 389 22.76 70.42 -25.59
CA GLN A 389 23.45 70.10 -24.35
C GLN A 389 23.96 68.66 -24.39
N ASP A 390 25.12 68.44 -23.76
CA ASP A 390 25.72 67.12 -23.74
C ASP A 390 24.84 66.16 -22.96
N THR A 391 24.58 64.98 -23.54
CA THR A 391 23.77 63.95 -22.91
C THR A 391 24.62 62.77 -22.44
N SER A 392 25.91 63.00 -22.19
CA SER A 392 26.79 61.92 -21.76
C SER A 392 26.42 61.45 -20.36
N VAL A 393 26.89 60.26 -20.02
CA VAL A 393 26.55 59.64 -18.75
C VAL A 393 27.86 59.54 -17.96
N ARG A 394 28.76 60.49 -18.21
CA ARG A 394 30.05 60.52 -17.54
C ARG A 394 29.97 61.35 -16.26
N SER A 395 30.66 60.87 -15.23
CA SER A 395 30.67 61.59 -13.95
C SER A 395 31.44 62.90 -14.08
N LEU A 396 31.16 63.81 -13.15
CA LEU A 396 31.77 65.14 -13.22
C LEU A 396 33.27 65.07 -13.05
N ALA A 397 33.76 64.27 -12.09
CA ALA A 397 35.19 64.23 -11.83
C ALA A 397 35.97 63.72 -13.03
N GLN A 398 35.50 62.62 -13.64
CA GLN A 398 36.19 62.05 -14.79
C GLN A 398 36.20 63.02 -15.96
N ALA A 399 35.05 63.61 -16.28
CA ALA A 399 34.98 64.54 -17.40
C ALA A 399 35.88 65.75 -17.15
N VAL A 400 35.84 66.29 -15.93
CA VAL A 400 36.64 67.48 -15.62
C VAL A 400 38.13 67.19 -15.72
N ASP A 401 38.57 66.07 -15.13
CA ASP A 401 40.01 65.78 -15.16
C ASP A 401 40.48 65.49 -16.58
N ALA A 402 39.67 64.76 -17.37
CA ALA A 402 40.04 64.50 -18.75
C ALA A 402 40.09 65.79 -19.56
N TYR A 403 39.11 66.67 -19.38
CA TYR A 403 39.11 67.94 -20.12
C TYR A 403 40.29 68.81 -19.72
N GLY A 404 40.63 68.83 -18.43
CA GLY A 404 41.80 69.58 -17.99
C GLY A 404 43.08 69.04 -18.58
N LYS A 405 43.23 67.71 -18.61
CA LYS A 405 44.40 67.11 -19.23
C LYS A 405 44.47 67.46 -20.72
N ALA A 406 43.32 67.42 -21.40
CA ALA A 406 43.29 67.79 -22.81
C ALA A 406 43.70 69.23 -23.02
N ALA A 407 43.18 70.14 -22.19
CA ALA A 407 43.53 71.55 -22.33
C ALA A 407 45.01 71.78 -22.04
N THR A 408 45.57 71.09 -21.05
CA THR A 408 46.96 71.31 -20.66
C THR A 408 47.94 70.69 -21.64
N MET A 409 47.57 69.58 -22.29
CA MET A 409 48.51 68.85 -23.13
C MET A 409 48.21 68.95 -24.62
N LEU A 410 46.98 68.64 -25.04
CA LEU A 410 46.59 68.80 -26.43
C LEU A 410 46.41 70.27 -26.82
N GLY A 411 46.34 71.17 -25.84
CA GLY A 411 46.20 72.59 -26.12
C GLY A 411 44.88 73.01 -26.72
N MET A 412 43.79 72.37 -26.31
CA MET A 412 42.48 72.78 -26.79
C MET A 412 42.09 74.10 -26.15
N PRO A 413 41.30 74.92 -26.86
CA PRO A 413 40.84 76.20 -26.28
C PRO A 413 39.97 75.96 -25.06
N LYS A 414 40.40 76.52 -23.93
CA LYS A 414 39.67 76.33 -22.68
C LYS A 414 38.33 77.05 -22.67
N GLU A 415 38.14 78.06 -23.52
CA GLU A 415 36.88 78.79 -23.54
C GLU A 415 35.72 77.88 -23.94
N PHE A 416 35.93 77.04 -24.96
CA PHE A 416 34.89 76.10 -25.38
C PHE A 416 34.68 75.02 -24.33
N LEU A 417 35.77 74.59 -23.68
CA LEU A 417 35.69 73.48 -22.74
C LEU A 417 34.85 73.81 -21.51
N TRP A 418 34.62 75.10 -21.22
CA TRP A 418 33.85 75.46 -20.04
C TRP A 418 32.42 74.95 -20.12
N GLY A 419 31.83 74.92 -21.31
CA GLY A 419 30.47 74.48 -21.48
C GLY A 419 30.27 72.98 -21.54
N LEU A 420 31.33 72.19 -21.41
CA LEU A 420 31.23 70.74 -21.49
C LEU A 420 31.12 70.06 -20.14
N ILE A 421 31.56 70.70 -19.07
CA ILE A 421 31.41 70.12 -17.73
C ILE A 421 29.93 70.06 -17.37
N PRO A 422 29.43 68.94 -16.84
CA PRO A 422 28.02 68.88 -16.43
C PRO A 422 27.73 69.89 -15.33
N GLY A 423 26.50 70.42 -15.37
CA GLY A 423 26.08 71.42 -14.41
C GLY A 423 26.33 72.85 -14.82
N ILE A 424 26.96 73.08 -15.97
CA ILE A 424 27.25 74.42 -16.47
C ILE A 424 26.59 74.56 -17.85
N THR A 425 25.79 75.61 -18.00
CA THR A 425 25.08 75.89 -19.23
C THR A 425 25.71 77.08 -19.95
N LYS A 426 25.10 77.48 -21.06
CA LYS A 426 25.61 78.61 -21.82
C LYS A 426 25.49 79.92 -21.05
N THR A 427 24.46 80.04 -20.20
CA THR A 427 24.32 81.24 -19.39
C THR A 427 25.49 81.39 -18.42
N ASP A 428 25.92 80.28 -17.82
CA ASP A 428 27.06 80.33 -16.92
C ASP A 428 28.33 80.71 -17.66
N VAL A 429 28.51 80.20 -18.88
CA VAL A 429 29.67 80.56 -19.69
C VAL A 429 29.65 82.05 -20.02
N GLU A 430 28.49 82.58 -20.38
CA GLU A 430 28.37 84.01 -20.66
C GLU A 430 28.67 84.83 -19.42
N ALA A 431 28.20 84.38 -18.25
CA ALA A 431 28.49 85.09 -17.00
C ALA A 431 29.98 85.08 -16.70
N MET A 432 30.65 83.95 -16.93
CA MET A 432 32.09 83.89 -16.73
C MET A 432 32.81 84.83 -17.68
N ARG A 433 32.40 84.87 -18.95
CA ARG A 433 33.05 85.73 -19.92
C ARG A 433 32.85 87.21 -19.59
N GLN A 434 31.64 87.57 -19.14
CA GLN A 434 31.37 88.97 -18.84
C GLN A 434 32.21 89.46 -17.67
N HIS A 435 32.34 88.65 -16.62
CA HIS A 435 33.08 89.01 -15.42
C HIS A 435 34.22 88.02 -15.24
N PHE A 436 35.37 88.31 -15.85
CA PHE A 436 36.55 87.47 -15.72
C PHE A 436 37.77 88.32 -15.39
N ASN A 437 37.74 89.59 -15.76
CA ASN A 437 38.84 90.52 -15.51
C ASN A 437 38.30 91.83 -14.94
N ASP A 438 37.40 91.72 -13.97
CA ASP A 438 36.81 92.89 -13.35
C ASP A 438 37.84 93.60 -12.47
N ASP A 439 37.61 94.89 -12.25
CA ASP A 439 38.52 95.72 -11.46
C ASP A 439 38.37 95.52 -9.96
N ASP A 440 37.35 94.79 -9.52
CA ASP A 440 37.15 94.58 -8.09
C ASP A 440 38.24 93.67 -7.53
N GLU A 441 38.43 93.76 -6.21
CA GLU A 441 39.48 92.98 -5.55
C GLU A 441 39.20 91.48 -5.61
N MET A 442 37.92 91.09 -5.67
CA MET A 442 37.58 89.66 -5.66
C MET A 442 38.13 88.96 -6.89
N THR A 443 37.84 89.49 -8.08
CA THR A 443 38.27 88.83 -9.31
C THR A 443 39.79 88.87 -9.44
N GLN A 444 40.42 89.98 -9.06
CA GLN A 444 41.87 90.07 -9.13
C GLN A 444 42.53 89.08 -8.18
N MET A 445 41.99 88.93 -6.97
CA MET A 445 42.53 87.97 -6.02
C MET A 445 42.34 86.54 -6.52
N LEU A 446 41.16 86.22 -7.07
CA LEU A 446 40.87 84.86 -7.49
C LEU A 446 41.48 84.50 -8.84
N LEU A 447 41.97 85.48 -9.61
CA LEU A 447 42.59 85.18 -10.89
C LEU A 447 44.06 84.81 -10.71
N TRP A 448 44.82 85.65 -10.01
CA TRP A 448 46.23 85.38 -9.73
C TRP A 448 46.38 84.66 -8.40
N TRP A 449 45.81 83.46 -8.34
CA TRP A 449 45.81 82.65 -7.13
C TRP A 449 46.86 81.56 -7.23
N THR A 450 47.65 81.39 -6.19
CA THR A 450 48.68 80.37 -6.07
C THR A 450 48.40 79.51 -4.85
N PRO A 451 48.89 78.27 -4.82
CA PRO A 451 48.66 77.40 -3.66
C PRO A 451 49.21 77.96 -2.35
N ASN A 452 50.18 78.87 -2.40
CA ASN A 452 50.78 79.46 -1.22
C ASN A 452 50.35 80.91 -1.04
N GLY A 453 49.08 81.20 -1.33
CA GLY A 453 48.55 82.53 -1.19
C GLY A 453 48.33 83.22 -2.52
N PRO A 454 47.71 84.39 -2.49
CA PRO A 454 47.50 85.15 -3.73
C PRO A 454 48.82 85.51 -4.40
N GLY A 455 48.82 85.48 -5.73
CA GLY A 455 50.00 85.83 -6.49
C GLY A 455 49.82 87.10 -7.30
N GLY A 456 50.56 87.21 -8.40
CA GLY A 456 50.43 88.37 -9.26
C GLY A 456 50.96 89.64 -8.62
N GLU A 457 50.30 90.75 -8.93
CA GLU A 457 50.72 92.05 -8.39
C GLU A 457 50.57 92.10 -6.87
N PHE A 458 49.60 91.38 -6.32
CA PHE A 458 49.42 91.37 -4.88
C PHE A 458 50.64 90.78 -4.17
N ALA A 459 51.18 89.68 -4.71
CA ALA A 459 52.40 89.10 -4.17
C ALA A 459 53.64 89.84 -4.63
N ALA A 460 53.55 90.65 -5.67
CA ALA A 460 54.70 91.45 -6.09
C ALA A 460 54.87 92.71 -5.25
N GLU A 461 53.78 93.25 -4.71
CA GLU A 461 53.88 94.45 -3.89
C GLU A 461 54.71 94.20 -2.63
N ILE A 462 54.47 93.08 -1.95
CA ILE A 462 55.25 92.76 -0.76
C ILE A 462 56.71 92.53 -1.11
N GLU A 463 56.97 91.89 -2.25
CA GLU A 463 58.35 91.63 -2.66
C GLU A 463 59.08 92.93 -2.95
N VAL A 464 58.44 93.85 -3.67
CA VAL A 464 59.10 95.12 -3.98
C VAL A 464 59.25 95.97 -2.73
N ASP A 465 58.29 95.89 -1.80
CA ASP A 465 58.46 96.60 -0.53
C ASP A 465 59.65 96.07 0.26
N SER A 466 59.80 94.74 0.32
CA SER A 466 60.95 94.16 1.01
C SER A 466 62.25 94.54 0.34
N GLN A 467 62.29 94.49 -0.99
CA GLN A 467 63.50 94.87 -1.71
C GLN A 467 63.84 96.34 -1.50
N THR A 468 62.82 97.21 -1.49
CA THR A 468 63.05 98.63 -1.25
C THR A 468 63.57 98.87 0.15
N GLN A 469 63.02 98.16 1.14
CA GLN A 469 63.51 98.30 2.52
C GLN A 469 64.96 97.86 2.64
N ILE A 470 65.30 96.73 2.02
CA ILE A 470 66.67 96.23 2.09
C ILE A 470 67.62 97.21 1.40
N ILE A 471 67.22 97.72 0.23
CA ILE A 471 68.05 98.67 -0.51
C ILE A 471 68.22 99.96 0.28
N GLU A 472 67.16 100.42 0.95
CA GLU A 472 67.26 101.62 1.76
C GLU A 472 68.19 101.42 2.95
N ALA A 473 68.13 100.26 3.59
CA ALA A 473 69.04 99.99 4.70
C ALA A 473 70.49 99.94 4.23
N GLN A 474 70.74 99.29 3.09
CA GLN A 474 72.08 99.25 2.54
C GLN A 474 72.56 100.64 2.17
N GLY A 475 71.67 101.46 1.58
CA GLY A 475 72.05 102.82 1.23
C GLY A 475 72.37 103.66 2.45
N ASP A 476 71.61 103.48 3.53
CA ASP A 476 71.87 104.25 4.74
C ASP A 476 73.20 103.85 5.37
N VAL A 477 73.47 102.54 5.48
CA VAL A 477 74.73 102.13 6.09
C VAL A 477 75.90 102.58 5.22
N GLN A 478 75.77 102.47 3.89
CA GLN A 478 76.80 102.99 3.01
C GLN A 478 76.99 104.48 3.23
N LYS A 479 75.89 105.25 3.21
CA LYS A 479 75.97 106.69 3.30
C LYS A 479 76.72 107.12 4.55
N ASP A 480 76.42 106.49 5.70
CA ASP A 480 77.21 106.84 6.88
C ASP A 480 78.66 106.39 6.74
N LEU A 481 78.92 105.28 6.03
CA LEU A 481 80.30 104.83 5.84
C LEU A 481 81.11 105.86 5.04
N GLN A 482 80.61 106.27 3.88
CA GLN A 482 81.34 107.30 3.13
C GLN A 482 81.30 108.67 3.81
N ASP A 483 80.30 108.96 4.64
CA ASP A 483 80.36 110.22 5.39
C ASP A 483 81.51 110.21 6.39
N ALA A 484 81.69 109.09 7.10
CA ALA A 484 82.83 108.95 8.00
C ALA A 484 84.14 108.99 7.22
N GLN A 485 84.18 108.34 6.05
CA GLN A 485 85.40 108.35 5.24
C GLN A 485 85.76 109.75 4.78
N ALA A 486 84.76 110.53 4.34
CA ALA A 486 85.01 111.90 3.91
C ALA A 486 85.45 112.77 5.07
N LYS A 487 84.85 112.59 6.26
CA LYS A 487 85.30 113.35 7.42
C LYS A 487 86.75 113.02 7.77
N ALA A 488 87.11 111.73 7.73
CA ALA A 488 88.48 111.33 8.01
C ALA A 488 89.45 111.90 6.98
N GLN A 489 89.05 111.89 5.71
CA GLN A 489 89.90 112.44 4.65
C GLN A 489 90.09 113.94 4.83
N ALA A 490 89.03 114.66 5.20
CA ALA A 490 89.14 116.09 5.44
C ALA A 490 90.06 116.37 6.62
N ASP A 491 89.93 115.58 7.69
CA ASP A 491 90.82 115.75 8.85
C ASP A 491 92.28 115.48 8.47
N LEU A 492 92.51 114.43 7.68
CA LEU A 492 93.86 114.12 7.23
C LEU A 492 94.43 115.25 6.37
N ALA A 493 93.60 115.81 5.47
CA ALA A 493 94.05 116.92 4.64
C ALA A 493 94.39 118.13 5.49
N LYS A 494 93.56 118.43 6.50
CA LYS A 494 93.85 119.55 7.39
C LYS A 494 95.15 119.33 8.15
N GLN A 495 95.36 118.11 8.66
CA GLN A 495 96.59 117.82 9.36
C GLN A 495 97.81 117.95 8.44
N ASN A 496 97.69 117.47 7.21
CA ASN A 496 98.78 117.58 6.25
C ASN A 496 99.09 119.04 5.93
N ALA A 497 98.05 119.86 5.76
CA ALA A 497 98.26 121.29 5.51
C ALA A 497 98.93 121.96 6.70
N ALA A 498 98.50 121.61 7.92
CA ALA A 498 99.13 122.17 9.10
C ALA A 498 100.60 121.78 9.20
N ALA A 499 100.91 120.51 8.91
CA ALA A 499 102.30 120.07 8.93
C ALA A 499 103.12 120.80 7.85
N GLN A 500 102.54 120.97 6.67
CA GLN A 500 103.26 121.64 5.59
C GLN A 500 103.55 123.10 5.94
N GLN A 501 102.55 123.81 6.49
CA GLN A 501 102.80 125.20 6.86
C GLN A 501 103.77 125.32 8.02
N ARG A 502 103.72 124.36 8.97
CA ARG A 502 104.68 124.38 10.08
C ARG A 502 106.11 124.16 9.58
N GLN A 503 106.29 123.22 8.65
CA GLN A 503 107.63 122.94 8.14
C GLN A 503 108.11 124.00 7.16
N ALA A 504 107.20 124.75 6.54
CA ALA A 504 107.59 125.80 5.62
C ALA A 504 107.85 127.13 6.32
N VAL A 505 107.15 127.42 7.42
CA VAL A 505 107.35 128.67 8.13
C VAL A 505 108.71 128.74 8.80
N ALA A 506 109.33 127.60 9.07
CA ALA A 506 110.64 127.58 9.72
C ALA A 506 111.71 128.01 8.72
N VAL A 507 112.50 129.01 9.09
CA VAL A 507 113.56 129.52 8.24
C VAL A 507 114.62 130.23 9.06
N ILE B 2 -19.63 75.49 -21.53
CA ILE B 2 -19.19 76.84 -21.15
C ILE B 2 -18.89 77.67 -22.39
N GLU B 3 -19.04 78.99 -22.26
CA GLU B 3 -18.79 79.92 -23.34
C GLU B 3 -17.96 81.08 -22.84
N LEU B 4 -17.20 81.69 -23.76
CA LEU B 4 -16.35 82.82 -23.42
C LEU B 4 -17.10 84.11 -23.72
N PRO B 5 -17.42 84.92 -22.72
CA PRO B 5 -18.16 86.17 -22.99
C PRO B 5 -17.22 87.33 -23.31
N ASP B 6 -17.49 88.04 -24.41
CA ASP B 6 -16.69 89.20 -24.75
C ASP B 6 -16.85 90.31 -23.71
N ALA B 7 -18.07 90.55 -23.26
CA ALA B 7 -18.33 91.58 -22.27
C ALA B 7 -17.93 91.08 -20.87
N ILE B 8 -17.83 92.03 -19.94
CA ILE B 8 -17.47 91.71 -18.56
C ILE B 8 -18.68 91.60 -17.64
N SER B 9 -19.88 91.91 -18.13
CA SER B 9 -21.10 91.84 -17.34
C SER B 9 -20.99 92.69 -16.07
N ASP B 10 -20.86 94.00 -16.27
CA ASP B 10 -20.67 94.92 -15.15
C ASP B 10 -21.87 94.89 -14.21
N GLY B 11 -23.08 94.86 -14.75
CA GLY B 11 -24.27 94.86 -13.93
C GLY B 11 -24.91 93.50 -13.74
N GLU B 12 -24.42 92.50 -14.46
CA GLU B 12 -24.99 91.15 -14.42
C GLU B 12 -23.88 90.10 -14.36
N VAL B 13 -22.88 90.34 -13.51
CA VAL B 13 -21.80 89.38 -13.36
C VAL B 13 -22.29 88.13 -12.64
N ARG B 14 -23.13 88.29 -11.62
CA ARG B 14 -23.61 87.14 -10.85
C ARG B 14 -24.48 86.22 -11.71
N LYS B 15 -25.27 86.80 -12.61
CA LYS B 15 -26.11 85.99 -13.49
C LYS B 15 -25.28 85.06 -14.35
N LEU B 16 -24.17 85.58 -14.91
CA LEU B 16 -23.29 84.72 -15.71
C LEU B 16 -22.55 83.72 -14.84
N VAL B 17 -22.11 84.15 -13.65
CA VAL B 17 -21.35 83.27 -12.78
C VAL B 17 -22.18 82.06 -12.36
N GLU B 18 -23.39 82.30 -11.87
CA GLU B 18 -24.20 81.24 -11.28
C GLU B 18 -24.58 80.17 -12.28
N ASN B 19 -24.63 80.48 -13.57
CA ASN B 19 -25.04 79.51 -14.57
C ASN B 19 -23.93 79.08 -15.53
N GLU B 20 -22.74 79.68 -15.44
CA GLU B 20 -21.67 79.19 -16.30
C GLU B 20 -20.39 78.86 -15.54
N PHE B 21 -20.06 79.61 -14.50
CA PHE B 21 -18.79 79.41 -13.81
C PHE B 21 -18.92 78.49 -12.61
N TRP B 22 -19.96 78.66 -11.80
CA TRP B 22 -20.13 77.82 -10.61
C TRP B 22 -20.29 76.35 -10.95
N PRO B 23 -21.13 75.93 -11.91
CA PRO B 23 -21.19 74.50 -12.23
C PRO B 23 -19.86 73.92 -12.69
N GLU B 24 -19.16 74.63 -13.59
CA GLU B 24 -17.85 74.16 -14.03
C GLU B 24 -16.85 74.16 -12.87
N PHE B 25 -16.91 75.18 -12.01
CA PHE B 25 -16.01 75.24 -10.86
C PHE B 25 -16.24 74.04 -9.94
N VAL B 26 -17.49 73.68 -9.69
CA VAL B 26 -17.78 72.52 -8.83
C VAL B 26 -17.35 71.23 -9.52
N ARG B 27 -17.58 71.14 -10.84
CA ARG B 27 -17.20 69.94 -11.57
C ARG B 27 -15.69 69.72 -11.52
N ARG B 28 -14.91 70.80 -11.59
CA ARG B 28 -13.47 70.67 -11.45
C ARG B 28 -13.07 70.43 -9.99
N ARG B 29 -13.78 71.07 -9.06
CA ARG B 29 -13.41 70.99 -7.65
C ARG B 29 -13.59 69.59 -7.09
N GLU B 30 -14.65 68.88 -7.51
CA GLU B 30 -14.84 67.53 -7.02
C GLU B 30 -13.69 66.62 -7.44
N LYS B 31 -13.27 66.70 -8.70
CA LYS B 31 -12.14 65.89 -9.17
C LYS B 31 -10.85 66.29 -8.49
N LEU B 32 -10.61 67.59 -8.31
CA LEU B 32 -9.39 68.04 -7.64
C LEU B 32 -9.35 67.58 -6.18
N ASP B 33 -10.50 67.65 -5.48
CA ASP B 33 -10.56 67.15 -4.12
C ASP B 33 -10.33 65.64 -4.06
N ARG B 34 -10.90 64.91 -5.02
CA ARG B 34 -10.69 63.46 -5.05
C ARG B 34 -9.22 63.12 -5.27
N ILE B 35 -8.55 63.83 -6.20
CA ILE B 35 -7.15 63.52 -6.46
C ILE B 35 -6.26 63.97 -5.29
N ALA B 36 -6.64 65.06 -4.61
CA ALA B 36 -5.90 65.47 -3.42
C ALA B 36 -6.04 64.44 -2.31
N GLN B 37 -7.24 63.89 -2.12
CA GLN B 37 -7.43 62.81 -1.16
C GLN B 37 -6.63 61.58 -1.55
N TRP B 38 -6.57 61.28 -2.84
CA TRP B 38 -5.76 60.15 -3.31
C TRP B 38 -4.28 60.36 -3.02
N ALA B 39 -3.80 61.60 -3.16
CA ALA B 39 -2.38 61.86 -2.98
C ALA B 39 -1.93 61.57 -1.55
N ARG B 40 -2.70 62.03 -0.56
CA ARG B 40 -2.34 61.84 0.84
C ARG B 40 -2.92 60.53 1.35
N GLY B 41 -2.35 59.43 0.85
CA GLY B 41 -2.81 58.12 1.23
C GLY B 41 -4.19 57.83 0.64
N GLU B 42 -4.80 56.78 1.17
CA GLU B 42 -6.13 56.33 0.76
C GLU B 42 -6.21 56.17 -0.75
N GLN B 43 -5.40 55.23 -1.26
CA GLN B 43 -5.35 54.99 -2.69
C GLN B 43 -6.69 54.44 -3.18
N PRO B 44 -7.02 54.67 -4.45
CA PRO B 44 -8.31 54.19 -4.99
C PRO B 44 -8.43 52.67 -4.85
N ASP B 45 -9.44 52.25 -4.11
CA ASP B 45 -9.71 50.83 -3.86
C ASP B 45 -10.60 50.28 -4.97
N TYR B 46 -9.99 49.60 -5.95
CA TYR B 46 -10.76 48.98 -7.01
C TYR B 46 -11.65 47.87 -6.46
N LEU B 47 -11.18 47.14 -5.46
CA LEU B 47 -11.95 46.06 -4.83
C LEU B 47 -12.03 46.33 -3.34
N ILE B 48 -13.25 46.45 -2.82
CA ILE B 48 -13.48 46.64 -1.40
C ILE B 48 -14.66 45.79 -0.98
N GLN B 49 -14.53 45.12 0.17
CA GLN B 49 -15.58 44.28 0.73
C GLN B 49 -16.36 45.09 1.75
N ASN B 50 -17.62 45.37 1.46
CA ASN B 50 -18.48 46.15 2.33
C ASN B 50 -19.33 45.28 3.26
N ALA B 51 -19.17 43.95 3.21
CA ALA B 51 -19.96 43.04 4.04
C ALA B 51 -19.19 42.51 5.24
N ASN B 52 -17.88 42.40 5.15
CA ASN B 52 -17.04 41.88 6.22
C ASN B 52 -16.28 43.03 6.87
N ARG B 53 -16.50 43.23 8.17
CA ARG B 53 -15.80 44.30 8.88
C ARG B 53 -14.31 44.01 8.99
N GLU B 54 -13.94 42.75 9.23
CA GLU B 54 -12.53 42.40 9.36
C GLU B 54 -11.79 42.61 8.04
N LYS B 55 -12.40 42.20 6.92
CA LYS B 55 -11.77 42.40 5.63
C LYS B 55 -11.62 43.88 5.29
N ARG B 56 -12.63 44.68 5.60
CA ARG B 56 -12.53 46.13 5.37
C ARG B 56 -11.44 46.75 6.24
N ALA B 57 -11.34 46.31 7.50
CA ALA B 57 -10.29 46.81 8.37
C ALA B 57 -8.91 46.44 7.85
N LEU B 58 -8.76 45.20 7.36
CA LEU B 58 -7.48 44.79 6.79
C LEU B 58 -7.14 45.60 5.54
N LEU B 59 -8.14 45.85 4.69
CA LEU B 59 -7.91 46.64 3.48
C LEU B 59 -7.50 48.07 3.82
N LYS B 60 -8.18 48.68 4.79
CA LYS B 60 -7.82 50.03 5.21
C LYS B 60 -6.43 50.06 5.85
N LEU B 61 -6.07 49.00 6.58
CA LEU B 61 -4.77 48.91 7.21
C LEU B 61 -3.64 48.74 6.19
N ALA B 62 -3.96 48.28 4.98
CA ALA B 62 -2.97 48.05 3.94
C ALA B 62 -2.78 49.25 3.02
N LYS B 63 -3.50 50.35 3.26
CA LYS B 63 -3.41 51.53 2.40
C LYS B 63 -2.12 52.27 2.69
N THR B 64 -1.04 51.76 2.11
CA THR B 64 0.28 52.39 2.27
C THR B 64 0.40 53.56 1.31
N PRO B 65 0.68 54.78 1.80
CA PRO B 65 0.84 55.93 0.90
C PRO B 65 2.14 55.84 0.13
N TRP B 66 2.03 55.80 -1.20
CA TRP B 66 3.20 55.73 -2.07
C TRP B 66 3.33 56.93 -3.00
N LEU B 67 2.23 57.36 -3.62
CA LEU B 67 2.30 58.52 -4.52
C LEU B 67 2.64 59.79 -3.75
N GLY B 68 2.12 59.93 -2.53
CA GLY B 68 2.48 61.08 -1.72
C GLY B 68 3.96 61.14 -1.42
N LEU B 69 4.58 59.98 -1.18
CA LEU B 69 6.02 59.95 -0.96
C LEU B 69 6.77 60.42 -2.20
N VAL B 70 6.34 59.99 -3.38
CA VAL B 70 6.98 60.41 -4.62
C VAL B 70 6.83 61.92 -4.80
N VAL B 71 5.64 62.46 -4.53
CA VAL B 71 5.42 63.89 -4.68
C VAL B 71 6.30 64.67 -3.70
N THR B 72 6.38 64.22 -2.45
CA THR B 72 7.22 64.90 -1.47
C THR B 72 8.69 64.86 -1.88
N HIS B 73 9.15 63.70 -2.39
CA HIS B 73 10.53 63.60 -2.83
C HIS B 73 10.83 64.53 -4.00
N PHE B 74 9.89 64.62 -4.94
CA PHE B 74 10.10 65.50 -6.09
C PHE B 74 10.10 66.97 -5.68
N THR B 75 9.20 67.36 -4.77
CA THR B 75 9.06 68.77 -4.40
C THR B 75 10.10 69.23 -3.40
N GLN B 76 10.79 68.31 -2.72
CA GLN B 76 11.80 68.70 -1.75
C GLN B 76 13.17 68.94 -2.38
N ALA B 77 13.35 68.57 -3.65
CA ALA B 77 14.60 68.79 -4.34
C ALA B 77 14.58 70.01 -5.27
N LEU B 78 13.48 70.76 -5.28
CA LEU B 78 13.33 71.93 -6.12
C LEU B 78 13.43 73.18 -5.24
N PHE B 79 14.37 74.07 -5.56
CA PHE B 79 14.58 75.29 -4.80
C PHE B 79 15.12 76.36 -5.72
N VAL B 80 14.65 77.59 -5.54
CA VAL B 80 15.06 78.74 -6.34
C VAL B 80 15.86 79.68 -5.44
N ASP B 81 17.08 79.99 -5.87
CA ASP B 81 17.95 80.91 -5.13
C ASP B 81 18.56 81.89 -6.12
N GLY B 82 18.39 83.18 -5.87
CA GLY B 82 18.94 84.20 -6.72
C GLY B 82 18.19 84.37 -8.03
N TYR B 83 18.32 85.56 -8.60
CA TYR B 83 17.73 85.90 -9.90
C TYR B 83 18.85 86.43 -10.79
N ARG B 84 19.54 85.53 -11.47
CA ARG B 84 20.71 85.89 -12.27
C ARG B 84 20.25 86.47 -13.60
N ALA B 85 20.43 87.77 -13.77
CA ALA B 85 20.16 88.41 -15.05
C ALA B 85 21.28 88.12 -16.04
N GLU B 86 21.01 88.37 -17.31
CA GLU B 86 21.98 88.11 -18.36
C GLU B 86 23.16 89.06 -18.22
N GLY B 87 24.36 88.50 -18.11
CA GLY B 87 25.58 89.28 -18.01
C GLY B 87 25.90 89.81 -16.63
N SER B 88 25.13 89.44 -15.61
CA SER B 88 25.37 89.91 -14.25
C SER B 88 25.44 88.71 -13.32
N LYS B 89 26.49 88.67 -12.49
CA LYS B 89 26.67 87.60 -11.52
C LYS B 89 25.96 87.86 -10.20
N GLU B 90 25.40 89.05 -10.01
CA GLU B 90 24.72 89.42 -8.77
C GLU B 90 23.23 89.57 -9.03
N ASN B 91 22.42 89.13 -8.06
CA ASN B 91 20.98 89.22 -8.19
C ASN B 91 20.55 90.69 -8.22
N ALA B 92 19.63 91.01 -9.12
CA ALA B 92 19.13 92.38 -9.23
C ALA B 92 18.32 92.75 -7.99
N LYS B 93 18.34 94.04 -7.66
CA LYS B 93 17.61 94.57 -6.51
C LYS B 93 16.16 94.86 -6.83
N GLY B 94 15.62 94.28 -7.90
CA GLY B 94 14.25 94.49 -8.30
C GLY B 94 13.35 93.34 -7.90
N PRO B 95 13.09 92.43 -8.84
CA PRO B 95 12.20 91.30 -8.53
C PRO B 95 12.69 90.44 -7.38
N TRP B 96 14.01 90.35 -7.17
CA TRP B 96 14.51 89.56 -6.04
C TRP B 96 14.12 90.16 -4.71
N GLN B 97 14.05 91.50 -4.63
CA GLN B 97 13.58 92.14 -3.41
C GLN B 97 12.13 91.75 -3.12
N THR B 98 11.29 91.73 -4.16
CA THR B 98 9.92 91.28 -3.99
C THR B 98 9.86 89.82 -3.57
N TRP B 99 10.72 88.98 -4.16
CA TRP B 99 10.76 87.57 -3.79
C TRP B 99 11.12 87.39 -2.31
N ASN B 100 12.12 88.15 -1.84
CA ASN B 100 12.53 88.03 -0.44
C ASN B 100 11.46 88.59 0.50
N ALA B 101 10.84 89.70 0.11
CA ALA B 101 9.85 90.34 0.99
C ALA B 101 8.61 89.48 1.15
N ASN B 102 8.18 88.79 0.10
CA ASN B 102 6.96 88.00 0.13
C ASN B 102 7.14 86.63 0.78
N LYS B 103 8.32 86.35 1.33
CA LYS B 103 8.61 85.05 1.97
C LYS B 103 8.36 83.90 1.00
N MET B 104 8.80 84.07 -0.25
CA MET B 104 8.60 83.04 -1.26
C MET B 104 9.48 81.81 -1.01
N GLN B 105 10.52 81.94 -0.20
CA GLN B 105 11.40 80.81 0.07
C GLN B 105 10.65 79.66 0.75
N SER B 106 9.59 79.97 1.50
CA SER B 106 8.78 78.96 2.16
C SER B 106 7.53 78.58 1.38
N LYS B 107 7.09 79.41 0.44
CA LYS B 107 5.90 79.12 -0.35
C LYS B 107 6.20 78.43 -1.66
N GLN B 108 7.44 78.50 -2.14
CA GLN B 108 7.80 77.83 -3.37
C GLN B 108 7.68 76.31 -3.24
N ILE B 109 7.97 75.78 -2.05
CA ILE B 109 7.82 74.33 -1.83
C ILE B 109 6.37 73.93 -1.99
N ALA B 110 5.45 74.69 -1.38
CA ALA B 110 4.04 74.39 -1.51
C ALA B 110 3.56 74.54 -2.95
N ILE B 111 4.03 75.58 -3.64
CA ILE B 111 3.63 75.79 -5.03
C ILE B 111 4.08 74.64 -5.90
N HIS B 112 5.33 74.20 -5.73
CA HIS B 112 5.85 73.08 -6.51
C HIS B 112 5.12 71.78 -6.18
N ARG B 113 4.80 71.56 -4.90
CA ARG B 113 4.07 70.37 -4.52
C ARG B 113 2.69 70.35 -5.14
N ALA B 114 1.99 71.49 -5.12
CA ALA B 114 0.66 71.56 -5.73
C ALA B 114 0.74 71.37 -7.24
N ALA B 115 1.76 71.94 -7.88
CA ALA B 115 1.92 71.77 -9.33
C ALA B 115 2.20 70.32 -9.68
N LEU B 116 3.03 69.64 -8.89
CA LEU B 116 3.34 68.25 -9.18
C LEU B 116 2.17 67.33 -8.88
N THR B 117 1.35 67.68 -7.88
CA THR B 117 0.21 66.82 -7.53
C THR B 117 -0.98 67.07 -8.46
N TYR B 118 -1.51 68.28 -8.44
CA TYR B 118 -2.71 68.57 -9.22
C TYR B 118 -2.41 68.66 -10.72
N GLY B 119 -1.31 69.31 -11.08
CA GLY B 119 -0.94 69.41 -12.48
C GLY B 119 -0.62 70.82 -12.92
N TYR B 120 -1.28 71.81 -12.31
CA TYR B 120 -1.09 73.20 -12.69
C TYR B 120 -1.38 74.09 -11.49
N SER B 121 -0.33 74.64 -10.89
CA SER B 121 -0.50 75.58 -9.78
C SER B 121 -0.80 76.97 -10.32
N TYR B 122 -1.25 77.84 -9.43
CA TYR B 122 -1.58 79.22 -9.76
C TYR B 122 -0.94 80.16 -8.76
N ALA B 123 -0.34 81.23 -9.28
CA ALA B 123 0.29 82.26 -8.46
C ALA B 123 -0.41 83.58 -8.70
N ARG B 124 -0.85 84.23 -7.63
CA ARG B 124 -1.56 85.50 -7.69
C ARG B 124 -0.62 86.62 -7.24
N VAL B 125 -0.45 87.62 -8.09
CA VAL B 125 0.37 88.79 -7.79
C VAL B 125 -0.53 90.01 -7.85
N LEU B 126 -0.58 90.77 -6.75
CA LEU B 126 -1.43 91.94 -6.67
C LEU B 126 -0.63 93.12 -6.11
N PRO B 127 -0.99 94.34 -6.50
CA PRO B 127 -0.29 95.51 -5.95
C PRO B 127 -0.54 95.66 -4.47
N GLY B 128 0.45 96.22 -3.78
CA GLY B 128 0.36 96.43 -2.35
C GLY B 128 1.34 97.47 -1.89
N VAL B 129 1.17 97.89 -0.63
CA VAL B 129 2.02 98.89 -0.01
C VAL B 129 3.08 98.20 0.82
N ALA B 130 4.29 98.73 0.80
CA ALA B 130 5.40 98.16 1.55
C ALA B 130 5.33 98.61 3.01
N LEU B 131 6.26 98.10 3.81
CA LEU B 131 6.32 98.49 5.22
C LEU B 131 6.65 99.97 5.37
N ASP B 132 7.58 100.47 4.56
CA ASP B 132 7.97 101.86 4.60
C ASP B 132 7.04 102.77 3.80
N GLY B 133 6.05 102.22 3.13
CA GLY B 133 5.13 103.00 2.31
C GLY B 133 5.41 102.96 0.83
N ALA B 134 6.42 102.22 0.38
CA ALA B 134 6.74 102.10 -1.03
C ALA B 134 5.81 101.08 -1.68
N ASN B 135 6.10 100.72 -2.93
CA ASN B 135 5.30 99.76 -3.67
C ASN B 135 5.91 98.36 -3.52
N GLN B 136 5.14 97.44 -2.95
CA GLN B 136 5.56 96.06 -2.78
C GLN B 136 4.52 95.15 -3.39
N ALA B 137 4.94 94.29 -4.32
CA ALA B 137 4.02 93.38 -4.98
C ALA B 137 3.75 92.19 -4.07
N GLU B 138 2.47 91.95 -3.78
CA GLU B 138 2.05 90.84 -2.93
C GLU B 138 1.81 89.63 -3.83
N ILE B 139 2.63 88.58 -3.64
CA ILE B 139 2.55 87.38 -4.44
C ILE B 139 2.06 86.24 -3.55
N HIS B 140 0.99 85.57 -3.99
CA HIS B 140 0.42 84.46 -3.25
C HIS B 140 0.10 83.32 -4.21
N GLY B 141 0.08 82.11 -3.67
CA GLY B 141 -0.25 80.92 -4.44
C GLY B 141 -1.65 80.43 -4.13
N VAL B 142 -2.39 80.07 -5.17
CA VAL B 142 -3.76 79.61 -5.05
C VAL B 142 -3.85 78.19 -5.60
N SER B 143 -4.41 77.29 -4.82
CA SER B 143 -4.57 75.91 -5.25
C SER B 143 -5.65 75.80 -6.33
N PRO B 144 -5.52 74.82 -7.23
CA PRO B 144 -6.60 74.60 -8.22
C PRO B 144 -7.94 74.29 -7.58
N ARG B 145 -7.95 73.72 -6.37
CA ARG B 145 -9.20 73.46 -5.68
C ARG B 145 -9.97 74.73 -5.37
N ARG B 146 -9.29 75.88 -5.30
CA ARG B 146 -9.93 77.15 -4.98
C ARG B 146 -9.75 78.17 -6.10
N LEU B 147 -9.67 77.69 -7.35
CA LEU B 147 -9.48 78.59 -8.48
C LEU B 147 -10.01 77.91 -9.74
N LEU B 148 -10.53 78.73 -10.66
CA LEU B 148 -11.01 78.26 -11.96
C LEU B 148 -10.58 79.29 -12.99
N ALA B 149 -9.53 78.96 -13.74
CA ALA B 149 -8.98 79.86 -14.76
C ALA B 149 -9.45 79.41 -16.13
N LEU B 150 -9.92 80.38 -16.93
CA LEU B 150 -10.41 80.12 -18.27
C LEU B 150 -9.43 80.69 -19.30
N TYR B 151 -9.01 79.84 -20.23
CA TYR B 151 -8.07 80.23 -21.28
C TYR B 151 -8.74 80.05 -22.64
N GLU B 152 -8.66 81.08 -23.48
CA GLU B 152 -9.10 80.96 -24.85
C GLU B 152 -8.13 80.18 -25.72
N ASP B 153 -6.89 80.01 -25.26
CA ASP B 153 -5.86 79.24 -25.95
C ASP B 153 -5.07 78.49 -24.88
N GLN B 154 -5.50 77.27 -24.57
CA GLN B 154 -4.93 76.54 -23.44
C GLN B 154 -3.44 76.26 -23.64
N ILE B 155 -3.03 75.98 -24.88
CA ILE B 155 -1.63 75.64 -25.13
C ILE B 155 -0.72 76.82 -24.80
N ASN B 156 -1.10 78.03 -25.23
CA ASN B 156 -0.26 79.21 -25.02
C ASN B 156 -1.16 80.44 -24.88
N ASP B 157 -1.38 80.86 -23.64
CA ASP B 157 -2.14 82.07 -23.36
C ASP B 157 -1.48 82.94 -22.29
N GLU B 158 -0.36 82.53 -21.72
CA GLU B 158 0.31 83.25 -20.64
C GLU B 158 -0.65 83.44 -19.46
N TYR B 159 -1.31 84.58 -19.41
CA TYR B 159 -2.27 84.92 -18.37
C TYR B 159 -3.69 84.68 -18.86
N PRO B 160 -4.59 84.25 -17.96
CA PRO B 160 -5.97 83.93 -18.39
C PRO B 160 -6.79 85.17 -18.71
N LYS B 161 -8.04 84.95 -19.13
CA LYS B 161 -8.96 86.04 -19.44
C LYS B 161 -9.92 86.30 -18.29
N TYR B 162 -10.65 85.27 -17.86
CA TYR B 162 -11.57 85.36 -16.73
C TYR B 162 -11.28 84.22 -15.77
N ALA B 163 -11.10 84.56 -14.49
CA ALA B 163 -10.78 83.58 -13.46
C ALA B 163 -11.66 83.81 -12.24
N LEU B 164 -12.18 82.71 -11.69
CA LEU B 164 -13.00 82.74 -10.48
C LEU B 164 -12.19 82.14 -9.34
N GLU B 165 -12.03 82.92 -8.26
CA GLU B 165 -11.21 82.52 -7.13
C GLU B 165 -12.08 82.37 -5.89
N LEU B 166 -11.86 81.29 -5.16
CA LEU B 166 -12.55 81.02 -3.90
C LEU B 166 -11.57 81.20 -2.75
N ALA B 167 -11.92 82.04 -1.80
CA ALA B 167 -11.07 82.25 -0.63
C ALA B 167 -11.08 81.02 0.25
N ASN B 168 -9.97 80.81 0.98
CA ASN B 168 -9.83 79.61 1.81
C ASN B 168 -10.72 79.63 3.04
N ASN B 169 -11.35 80.75 3.37
CA ASN B 169 -12.27 80.81 4.50
C ASN B 169 -13.71 80.48 4.11
N GLY B 170 -13.99 80.33 2.82
CA GLY B 170 -15.35 80.01 2.39
C GLY B 170 -16.36 81.10 2.68
N LYS B 171 -15.97 82.36 2.50
CA LYS B 171 -16.87 83.46 2.80
C LYS B 171 -16.98 84.45 1.65
N THR B 172 -15.91 84.56 0.85
CA THR B 172 -15.86 85.53 -0.24
C THR B 172 -15.53 84.82 -1.55
N VAL B 173 -16.24 85.17 -2.62
CA VAL B 173 -15.96 84.68 -3.96
C VAL B 173 -15.58 85.86 -4.83
N ARG B 174 -14.42 85.78 -5.47
CA ARG B 174 -13.91 86.87 -6.28
C ARG B 174 -13.69 86.42 -7.71
N LEU B 175 -14.01 87.29 -8.65
CA LEU B 175 -13.78 87.07 -10.08
C LEU B 175 -12.75 88.09 -10.56
N TYR B 176 -11.74 87.60 -11.26
CA TYR B 176 -10.62 88.43 -11.70
C TYR B 176 -10.75 88.69 -13.20
N THR B 177 -11.18 89.90 -13.55
CA THR B 177 -11.24 90.33 -14.94
C THR B 177 -9.93 91.03 -15.29
N ASP B 178 -9.90 91.72 -16.44
CA ASP B 178 -8.66 92.30 -16.94
C ASP B 178 -8.12 93.37 -15.99
N THR B 179 -8.95 94.35 -15.62
CA THR B 179 -8.47 95.50 -14.86
C THR B 179 -9.39 95.88 -13.70
N ASP B 180 -10.25 94.96 -13.27
CA ASP B 180 -11.14 95.22 -12.13
C ASP B 180 -11.10 94.03 -11.19
N TYR B 181 -11.42 94.30 -9.92
CA TYR B 181 -11.39 93.31 -8.85
C TYR B 181 -12.81 93.11 -8.34
N TYR B 182 -13.50 92.10 -8.87
CA TYR B 182 -14.86 91.81 -8.47
C TYR B 182 -14.85 90.97 -7.19
N GLU B 183 -15.64 91.39 -6.20
CA GLU B 183 -15.71 90.70 -4.92
C GLU B 183 -17.16 90.39 -4.59
N LEU B 184 -17.44 89.15 -4.21
CA LEU B 184 -18.77 88.73 -3.81
C LEU B 184 -18.75 88.11 -2.43
N ARG B 185 -19.86 87.54 -1.99
CA ARG B 185 -19.98 86.92 -0.68
C ARG B 185 -20.43 85.47 -0.82
N MET B 186 -19.96 84.63 0.09
CA MET B 186 -20.27 83.21 0.10
C MET B 186 -20.71 82.80 1.51
N PRO B 187 -21.93 83.18 1.91
CA PRO B 187 -22.40 82.81 3.25
C PRO B 187 -22.67 81.32 3.39
N SER B 188 -23.23 80.69 2.36
CA SER B 188 -23.54 79.28 2.35
C SER B 188 -23.01 78.63 1.08
N PRO B 189 -22.65 77.36 1.12
CA PRO B 189 -22.12 76.70 -0.08
C PRO B 189 -23.19 76.38 -1.12
N GLY B 190 -23.52 77.36 -1.97
CA GLY B 190 -24.46 77.11 -3.04
C GLY B 190 -25.52 78.16 -3.26
N ASN B 191 -25.39 79.32 -2.60
CA ASN B 191 -26.33 80.41 -2.79
C ASN B 191 -25.58 81.70 -3.08
N PHE B 192 -26.13 82.51 -3.98
CA PHE B 192 -25.56 83.81 -4.34
C PHE B 192 -26.66 84.85 -4.29
N PRO B 193 -27.02 85.31 -3.09
CA PRO B 193 -28.08 86.32 -2.98
C PRO B 193 -27.70 87.62 -3.68
N ASN B 194 -28.69 88.23 -4.32
CA ASN B 194 -28.48 89.47 -5.07
C ASN B 194 -28.58 90.72 -4.18
N GLU B 195 -29.01 90.57 -2.93
CA GLU B 195 -29.13 91.73 -2.05
C GLU B 195 -27.75 92.31 -1.70
N GLN B 196 -26.71 91.48 -1.74
CA GLN B 196 -25.37 91.96 -1.44
C GLN B 196 -24.87 92.89 -2.54
N VAL B 197 -24.04 93.84 -2.15
CA VAL B 197 -23.48 94.83 -3.07
C VAL B 197 -22.15 94.30 -3.59
N ILE B 198 -22.05 94.16 -4.91
CA ILE B 198 -20.82 93.67 -5.52
C ILE B 198 -19.76 94.75 -5.46
N LYS B 199 -18.57 94.39 -4.98
CA LYS B 199 -17.47 95.33 -4.85
C LYS B 199 -16.56 95.23 -6.06
N LYS B 200 -16.30 96.38 -6.70
CA LYS B 200 -15.41 96.47 -7.85
C LYS B 200 -14.25 97.39 -7.49
N VAL B 201 -13.03 96.87 -7.60
CA VAL B 201 -11.83 97.61 -7.27
C VAL B 201 -10.96 97.71 -8.53
N HIS B 202 -10.57 98.93 -8.89
CA HIS B 202 -9.74 99.16 -10.06
C HIS B 202 -8.30 99.36 -9.59
N HIS B 203 -7.59 98.25 -9.42
CA HIS B 203 -6.19 98.33 -9.02
C HIS B 203 -5.30 98.70 -10.20
N GLY B 204 -5.39 97.95 -11.28
CA GLY B 204 -4.60 98.21 -12.47
C GLY B 204 -3.39 97.30 -12.59
N VAL B 205 -3.52 96.24 -13.36
CA VAL B 205 -2.42 95.28 -13.55
C VAL B 205 -2.31 94.94 -15.03
N GLY B 206 -3.29 95.38 -15.82
CA GLY B 206 -3.30 95.06 -17.24
C GLY B 206 -4.11 93.83 -17.56
N VAL B 207 -3.44 92.68 -17.66
CA VAL B 207 -4.09 91.42 -17.92
C VAL B 207 -4.32 90.70 -16.59
N CYS B 208 -5.14 89.65 -16.61
CA CYS B 208 -5.50 88.97 -15.39
C CYS B 208 -4.25 88.45 -14.67
N PRO B 209 -4.06 88.80 -13.40
CA PRO B 209 -2.81 88.45 -12.68
C PRO B 209 -2.82 87.01 -12.15
N PHE B 210 -2.64 86.06 -13.05
CA PHE B 210 -2.55 84.65 -12.70
C PHE B 210 -1.54 83.97 -13.61
N VAL B 211 -0.62 83.21 -13.00
CA VAL B 211 0.41 82.49 -13.72
C VAL B 211 0.23 81.01 -13.43
N ARG B 212 0.21 80.20 -14.48
CA ARG B 212 -0.03 78.77 -14.36
C ARG B 212 1.30 78.02 -14.29
N TYR B 213 1.46 77.19 -13.25
CA TYR B 213 2.65 76.38 -13.07
C TYR B 213 2.35 74.97 -13.58
N VAL B 214 2.44 74.81 -14.90
CA VAL B 214 2.10 73.54 -15.53
C VAL B 214 3.16 72.50 -15.19
N ASN B 215 2.70 71.30 -14.82
CA ASN B 215 3.62 70.21 -14.46
C ASN B 215 4.49 69.83 -15.65
N MET B 216 3.87 69.33 -16.72
CA MET B 216 4.58 68.93 -17.92
C MET B 216 4.00 69.66 -19.13
N MET B 217 4.88 70.11 -20.01
CA MET B 217 4.46 70.86 -21.19
C MET B 217 4.06 69.88 -22.29
N ASP B 218 2.81 70.00 -22.75
CA ASP B 218 2.28 69.16 -23.82
C ASP B 218 1.73 70.05 -24.93
N LEU B 219 1.80 69.54 -26.15
CA LEU B 219 1.40 70.31 -27.33
C LEU B 219 -0.11 70.30 -27.57
N ASP B 220 -0.87 69.50 -26.83
CA ASP B 220 -2.30 69.41 -26.99
C ASP B 220 -3.01 69.47 -25.64
N GLY B 221 -2.59 70.39 -24.79
CA GLY B 221 -3.19 70.50 -23.46
C GLY B 221 -2.96 69.24 -22.67
N PHE B 222 -4.04 68.64 -22.17
CA PHE B 222 -4.00 67.37 -21.44
C PHE B 222 -3.04 67.44 -20.26
N THR B 223 -3.08 68.55 -19.52
CA THR B 223 -2.21 68.73 -18.38
C THR B 223 -2.60 67.78 -17.26
N MET B 224 -1.64 67.01 -16.76
CA MET B 224 -1.87 66.03 -15.71
C MET B 224 -0.75 66.11 -14.68
N GLY B 225 -1.07 65.70 -13.45
CA GLY B 225 -0.10 65.69 -12.39
C GLY B 225 0.68 64.39 -12.32
N GLU B 226 1.57 64.32 -11.34
CA GLU B 226 2.40 63.14 -11.12
C GLU B 226 1.75 62.10 -10.22
N VAL B 227 0.55 62.37 -9.73
CA VAL B 227 -0.14 61.43 -8.83
C VAL B 227 -1.20 60.68 -9.62
N GLU B 228 -1.77 61.33 -10.64
CA GLU B 228 -2.78 60.68 -11.46
C GLU B 228 -2.18 59.67 -12.43
N TYR B 229 -0.96 59.94 -12.92
CA TYR B 229 -0.35 59.07 -13.92
C TYR B 229 0.05 57.72 -13.37
N LEU B 230 0.16 57.58 -12.04
CA LEU B 230 0.58 56.33 -11.42
C LEU B 230 -0.45 55.79 -10.44
N VAL B 231 -1.73 56.11 -10.65
CA VAL B 231 -2.78 55.55 -9.81
C VAL B 231 -2.87 54.03 -9.93
N PRO B 232 -2.92 53.44 -11.13
CA PRO B 232 -3.06 51.97 -11.20
C PRO B 232 -1.93 51.20 -10.54
N VAL B 233 -0.69 51.67 -10.64
CA VAL B 233 0.42 50.92 -10.05
C VAL B 233 0.38 50.99 -8.53
N ALA B 234 0.03 52.15 -7.97
CA ALA B 234 -0.13 52.26 -6.52
C ALA B 234 -1.29 51.40 -6.05
N SER B 235 -2.39 51.37 -6.81
CA SER B 235 -3.51 50.50 -6.45
C SER B 235 -3.09 49.03 -6.50
N LYS B 236 -2.27 48.66 -7.47
CA LYS B 236 -1.78 47.28 -7.55
C LYS B 236 -0.89 46.94 -6.37
N ILE B 237 -0.04 47.88 -5.96
CA ILE B 237 0.81 47.66 -4.79
C ILE B 237 -0.04 47.46 -3.54
N ASP B 238 -1.06 48.31 -3.37
CA ASP B 238 -1.93 48.17 -2.21
C ASP B 238 -2.73 46.86 -2.26
N LYS B 239 -3.15 46.45 -3.45
CA LYS B 239 -3.84 45.18 -3.60
C LYS B 239 -2.94 44.00 -3.22
N THR B 240 -1.68 44.05 -3.66
CA THR B 240 -0.73 43.00 -3.28
C THR B 240 -0.52 42.96 -1.77
N ASP B 241 -0.40 44.14 -1.15
CA ASP B 241 -0.25 44.20 0.31
C ASP B 241 -1.49 43.64 1.00
N TYR B 242 -2.67 43.95 0.48
CA TYR B 242 -3.91 43.44 1.07
C TYR B 242 -3.99 41.92 0.93
N ASP B 243 -3.57 41.38 -0.22
CA ASP B 243 -3.55 39.94 -0.39
C ASP B 243 -2.58 39.28 0.58
N ARG B 244 -1.41 39.88 0.76
CA ARG B 244 -0.43 39.34 1.71
C ARG B 244 -1.00 39.37 3.13
N LEU B 245 -1.68 40.47 3.50
CA LEU B 245 -2.27 40.56 4.83
C LEU B 245 -3.38 39.53 5.01
N LEU B 246 -4.19 39.31 3.97
CA LEU B 246 -5.23 38.28 4.04
C LEU B 246 -4.63 36.90 4.23
N ALA B 247 -3.54 36.61 3.51
CA ALA B 247 -2.88 35.32 3.66
C ALA B 247 -2.29 35.16 5.06
N GLN B 248 -1.69 36.22 5.59
CA GLN B 248 -1.04 36.14 6.89
C GLN B 248 -2.03 36.10 8.06
N HIS B 249 -3.19 36.72 7.90
CA HIS B 249 -4.14 36.85 9.00
C HIS B 249 -5.11 35.67 9.09
N TYR B 250 -5.40 35.01 7.98
CA TYR B 250 -6.40 33.95 7.95
C TYR B 250 -5.80 32.55 7.96
N ASN B 251 -4.76 32.31 7.14
CA ASN B 251 -4.11 31.00 7.07
C ASN B 251 -2.59 31.19 7.02
N SER B 252 -1.98 31.23 8.20
CA SER B 252 -0.53 31.35 8.30
C SER B 252 0.07 30.42 9.35
N TRP B 253 -0.74 29.55 9.96
CA TRP B 253 -0.28 28.62 10.97
C TRP B 253 -0.82 27.24 10.67
N LYS B 254 -0.07 26.22 11.09
CA LYS B 254 -0.50 24.84 10.88
C LYS B 254 -1.71 24.55 11.77
N VAL B 255 -2.89 24.45 11.16
CA VAL B 255 -4.12 24.25 11.92
C VAL B 255 -4.18 22.80 12.40
N LYS B 256 -4.35 22.62 13.70
CA LYS B 256 -4.46 21.30 14.30
C LYS B 256 -5.93 20.88 14.31
N VAL B 257 -6.23 19.73 13.68
CA VAL B 257 -7.58 19.22 13.62
C VAL B 257 -7.58 17.77 14.09
N ALA B 258 -8.74 17.31 14.54
CA ALA B 258 -8.92 15.95 15.01
C ALA B 258 -10.19 15.36 14.40
N THR B 259 -10.15 14.05 14.15
CA THR B 259 -11.29 13.33 13.60
C THR B 259 -11.43 11.99 14.30
N GLY B 260 -12.66 11.48 14.31
CA GLY B 260 -12.96 10.19 14.90
C GLY B 260 -13.48 10.24 16.32
N ILE B 261 -13.28 11.37 17.02
CA ILE B 261 -13.76 11.51 18.38
C ILE B 261 -15.24 11.90 18.36
N ASP B 262 -15.89 11.81 19.52
CA ASP B 262 -17.31 12.16 19.61
C ASP B 262 -17.49 13.67 19.48
N ASP B 263 -18.75 14.09 19.45
CA ASP B 263 -19.10 15.50 19.30
C ASP B 263 -20.19 15.83 20.32
N LEU B 264 -20.76 17.03 20.19
CA LEU B 264 -21.87 17.49 21.03
C LEU B 264 -21.60 17.26 22.52
N SER B 265 -20.33 17.36 22.91
CA SER B 265 -19.92 17.11 24.28
C SER B 265 -20.15 18.34 25.16
N GLU B 266 -19.67 18.27 26.40
CA GLU B 266 -19.85 19.34 27.39
C GLU B 266 -21.33 19.68 27.56
N ASP B 267 -22.14 18.63 27.76
CA ASP B 267 -23.58 18.77 27.98
C ASP B 267 -24.26 19.51 26.82
N ALA B 268 -23.89 19.15 25.59
CA ALA B 268 -24.46 19.72 24.38
C ALA B 268 -24.37 21.25 24.41
N THR B 269 -23.11 21.72 24.37
CA THR B 269 -22.74 23.12 24.55
C THR B 269 -23.58 24.06 23.70
N PRO B 270 -24.46 24.87 24.32
CA PRO B 270 -25.19 25.90 23.61
C PRO B 270 -24.43 27.23 23.56
N GLU B 271 -23.16 27.17 23.17
CA GLU B 271 -22.26 28.32 23.19
C GLU B 271 -22.21 28.96 24.58
N GLU B 272 -22.16 28.10 25.61
CA GLU B 272 -22.13 28.54 27.00
C GLU B 272 -20.78 28.17 27.61
N GLN B 273 -20.23 29.08 28.41
CA GLN B 273 -18.94 28.90 29.07
C GLN B 273 -17.84 28.64 28.03
N GLN B 274 -17.61 29.66 27.19
CA GLN B 274 -16.61 29.56 26.13
C GLN B 274 -15.20 29.42 26.68
N ARG B 275 -14.97 29.74 27.95
CA ARG B 275 -13.65 29.66 28.56
C ARG B 275 -13.39 28.21 28.97
N ALA B 276 -13.21 27.36 27.95
CA ALA B 276 -12.88 25.96 28.20
C ALA B 276 -11.53 25.83 28.89
N LYS B 277 -10.55 26.63 28.47
CA LYS B 277 -9.21 26.66 29.06
C LYS B 277 -8.57 25.27 29.04
N LEU B 278 -8.62 24.63 27.86
CA LEU B 278 -7.96 23.35 27.67
C LEU B 278 -6.44 23.56 27.71
N ILE B 279 -5.78 23.02 28.73
CA ILE B 279 -4.35 23.23 28.89
C ILE B 279 -3.60 22.49 27.79
N LEU B 280 -2.74 23.22 27.09
CA LEU B 280 -1.94 22.65 25.99
C LEU B 280 -0.58 23.34 26.00
N ALA B 281 0.43 22.63 26.50
CA ALA B 281 1.79 23.15 26.53
C ALA B 281 2.76 22.11 26.03
N GLN B 282 4.07 22.38 26.18
CA GLN B 282 5.08 21.43 25.71
C GLN B 282 5.01 20.13 26.50
N ASP B 283 4.80 20.21 27.82
CA ASP B 283 4.74 19.00 28.62
C ASP B 283 3.47 18.21 28.37
N ASP B 284 2.35 18.89 28.10
CA ASP B 284 1.07 18.22 27.94
C ASP B 284 1.09 17.31 26.71
N ILE B 285 0.50 16.12 26.87
CA ILE B 285 0.39 15.13 25.80
C ILE B 285 -1.08 14.80 25.62
N LEU B 286 -1.61 15.07 24.43
CA LEU B 286 -3.01 14.79 24.15
C LEU B 286 -3.24 13.30 23.98
N MET B 287 -4.36 12.81 24.51
CA MET B 287 -4.74 11.42 24.33
C MET B 287 -6.25 11.29 24.48
N HIS B 288 -6.82 10.36 23.73
CA HIS B 288 -8.26 10.13 23.71
C HIS B 288 -8.53 8.64 23.82
N GLY B 289 -9.67 8.30 24.43
CA GLY B 289 -10.05 6.92 24.62
C GLY B 289 -10.75 6.32 23.42
N ASN B 290 -10.12 6.38 22.25
CA ASN B 290 -10.68 5.81 21.04
C ASN B 290 -9.54 5.56 20.05
N HIS B 291 -9.39 4.32 19.60
CA HIS B 291 -8.34 3.98 18.65
C HIS B 291 -8.61 4.50 17.25
N GLU B 292 -9.83 4.96 16.98
CA GLU B 292 -10.18 5.51 15.67
C GLU B 292 -9.92 7.00 15.56
N ALA B 293 -9.40 7.63 16.62
CA ALA B 293 -9.13 9.06 16.57
C ALA B 293 -7.90 9.34 15.74
N LYS B 294 -8.01 10.32 14.84
CA LYS B 294 -6.92 10.72 13.96
C LYS B 294 -6.66 12.20 14.13
N PHE B 295 -5.37 12.56 14.20
CA PHE B 295 -4.95 13.95 14.35
C PHE B 295 -4.22 14.38 13.08
N TYR B 296 -4.78 15.35 12.38
CA TYR B 296 -4.21 15.86 11.15
C TYR B 296 -3.74 17.30 11.34
N THR B 297 -2.89 17.76 10.42
CA THR B 297 -2.40 19.13 10.40
C THR B 297 -2.61 19.71 9.01
N LEU B 298 -2.95 21.00 8.95
CA LEU B 298 -3.20 21.68 7.69
C LEU B 298 -2.04 22.60 7.36
N PRO B 299 -1.31 22.37 6.28
CA PRO B 299 -0.20 23.26 5.93
C PRO B 299 -0.69 24.66 5.63
N GLU B 300 0.16 25.64 5.94
CA GLU B 300 -0.16 27.05 5.76
C GLU B 300 0.54 27.60 4.52
N THR B 301 0.17 28.83 4.16
CA THR B 301 0.80 29.49 3.03
C THR B 301 2.27 29.75 3.31
N SER B 302 3.12 29.49 2.31
CA SER B 302 4.55 29.67 2.48
C SER B 302 4.91 31.13 2.74
N LEU B 303 4.09 32.06 2.27
CA LEU B 303 4.32 33.50 2.47
C LEU B 303 5.68 33.92 1.94
N ASP B 304 5.95 33.57 0.69
CA ASP B 304 7.18 33.97 0.02
C ASP B 304 6.93 34.66 -1.31
N GLY B 305 5.92 34.21 -2.06
CA GLY B 305 5.61 34.87 -3.32
C GLY B 305 5.08 36.27 -3.18
N PHE B 306 4.36 36.54 -2.08
CA PHE B 306 3.77 37.86 -1.89
C PHE B 306 4.85 38.93 -1.73
N ILE B 307 5.91 38.63 -0.99
CA ILE B 307 6.98 39.60 -0.80
C ILE B 307 7.68 39.91 -2.13
N ALA B 308 7.96 38.88 -2.92
CA ALA B 308 8.58 39.10 -4.23
C ALA B 308 7.66 39.90 -5.15
N ALA B 309 6.36 39.59 -5.12
CA ALA B 309 5.42 40.34 -5.96
C ALA B 309 5.35 41.80 -5.53
N HIS B 310 5.33 42.07 -4.23
CA HIS B 310 5.32 43.44 -3.76
C HIS B 310 6.60 44.17 -4.13
N THR B 311 7.75 43.49 -4.03
CA THR B 311 9.01 44.11 -4.43
C THR B 311 9.00 44.45 -5.92
N GLN B 312 8.48 43.54 -6.74
CA GLN B 312 8.39 43.82 -8.18
C GLN B 312 7.46 44.99 -8.45
N ASP B 313 6.32 45.04 -7.76
CA ASP B 313 5.39 46.14 -7.98
C ASP B 313 5.99 47.48 -7.54
N VAL B 314 6.69 47.50 -6.40
CA VAL B 314 7.26 48.76 -5.93
C VAL B 314 8.42 49.21 -6.81
N GLU B 315 9.21 48.27 -7.34
CA GLU B 315 10.26 48.68 -8.27
C GLU B 315 9.68 49.14 -9.59
N ILE B 316 8.55 48.57 -10.02
CA ILE B 316 7.83 49.10 -11.17
C ILE B 316 7.38 50.53 -10.91
N LEU B 317 6.85 50.77 -9.71
CA LEU B 317 6.46 52.12 -9.31
C LEU B 317 7.64 53.07 -9.37
N ALA B 318 8.79 52.66 -8.84
CA ALA B 318 9.97 53.52 -8.82
C ALA B 318 10.47 53.82 -10.24
N ASN B 319 10.50 52.80 -11.10
CA ASN B 319 11.00 53.00 -12.46
C ASN B 319 10.05 53.85 -13.28
N ASN B 320 8.74 53.65 -13.12
CA ASN B 320 7.77 54.39 -13.92
C ASN B 320 7.74 55.87 -13.56
N ALA B 321 8.06 56.21 -12.32
CA ALA B 321 8.06 57.59 -11.86
C ALA B 321 9.42 58.25 -11.97
N GLN B 322 10.41 57.57 -12.54
CA GLN B 322 11.78 58.08 -12.65
C GLN B 322 12.34 58.46 -11.29
N VAL B 323 12.09 57.60 -10.30
CA VAL B 323 12.59 57.78 -8.93
C VAL B 323 13.59 56.68 -8.64
N PRO B 324 14.69 56.96 -7.94
CA PRO B 324 15.65 55.89 -7.62
C PRO B 324 15.00 54.75 -6.85
N VAL B 325 15.43 53.53 -7.15
CA VAL B 325 14.84 52.35 -6.53
C VAL B 325 15.24 52.25 -5.06
N TRP B 326 16.49 52.62 -4.73
CA TRP B 326 16.98 52.37 -3.38
C TRP B 326 16.25 53.21 -2.33
N ILE B 327 15.71 54.37 -2.72
CA ILE B 327 14.91 55.17 -1.80
C ILE B 327 13.45 54.70 -1.77
N LEU B 328 13.12 53.64 -2.47
CA LEU B 328 11.80 53.02 -2.44
C LEU B 328 11.80 51.61 -1.87
N ASN B 329 12.76 50.78 -2.26
CA ASN B 329 12.88 49.43 -1.74
C ASN B 329 14.32 48.98 -1.88
N GLY B 330 14.73 48.07 -0.99
CA GLY B 330 16.07 47.53 -1.04
C GLY B 330 17.12 48.50 -0.55
N GLN B 331 18.37 48.10 -0.71
CA GLN B 331 19.52 48.89 -0.30
C GLN B 331 20.46 49.06 -1.49
N LEU B 332 20.99 50.28 -1.64
CA LEU B 332 21.91 50.55 -2.74
C LEU B 332 23.23 49.82 -2.55
N ALA B 333 23.77 49.30 -3.64
CA ALA B 333 25.05 48.60 -3.60
C ALA B 333 26.19 49.61 -3.58
N ASN B 334 27.42 49.09 -3.62
CA ASN B 334 28.63 49.93 -3.58
C ASN B 334 28.95 50.41 -5.00
N LEU B 335 28.07 51.28 -5.50
CA LEU B 335 28.22 51.82 -6.84
C LEU B 335 29.33 52.87 -6.88
N SER B 336 29.93 53.02 -8.06
CA SER B 336 30.97 54.02 -8.27
C SER B 336 30.33 55.32 -8.71
N ALA B 337 31.15 56.28 -9.14
CA ALA B 337 30.62 57.57 -9.58
C ALA B 337 29.84 57.42 -10.89
N ASP B 338 30.41 56.72 -11.86
CA ASP B 338 29.75 56.56 -13.15
C ASP B 338 28.45 55.77 -13.02
N ALA B 339 28.47 54.67 -12.26
CA ALA B 339 27.27 53.87 -12.08
C ALA B 339 26.18 54.66 -11.38
N LEU B 340 26.55 55.44 -10.36
CA LEU B 340 25.56 56.26 -9.66
C LEU B 340 25.00 57.34 -10.58
N THR B 341 25.85 57.96 -11.39
CA THR B 341 25.36 58.96 -12.35
C THR B 341 24.40 58.34 -13.34
N ALA B 342 24.71 57.13 -13.81
CA ALA B 342 23.78 56.43 -14.71
C ALA B 342 22.46 56.13 -14.03
N ALA B 343 22.51 55.69 -12.77
CA ALA B 343 21.29 55.36 -12.04
C ALA B 343 20.42 56.59 -11.82
N THR B 344 21.03 57.73 -11.52
CA THR B 344 20.30 58.95 -11.23
C THR B 344 20.09 59.84 -12.44
N LYS B 345 20.53 59.42 -13.62
CA LYS B 345 20.44 60.28 -14.81
C LYS B 345 19.00 60.58 -15.17
N GLY B 346 18.11 59.57 -15.13
CA GLY B 346 16.73 59.80 -15.47
C GLY B 346 16.04 60.75 -14.52
N THR B 347 16.24 60.53 -13.21
CA THR B 347 15.67 61.43 -12.21
C THR B 347 16.24 62.83 -12.36
N ILE B 348 17.54 62.95 -12.62
CA ILE B 348 18.17 64.25 -12.78
C ILE B 348 17.59 64.97 -14.00
N GLN B 349 17.40 64.25 -15.10
CA GLN B 349 16.85 64.86 -16.31
C GLN B 349 15.40 65.30 -16.09
N LYS B 350 14.59 64.47 -15.43
CA LYS B 350 13.22 64.85 -15.15
C LYS B 350 13.16 66.07 -14.24
N LEU B 351 14.00 66.10 -13.21
CA LEU B 351 14.06 67.25 -12.33
C LEU B 351 14.55 68.50 -13.05
N TYR B 352 15.44 68.32 -14.04
CA TYR B 352 15.89 69.47 -14.82
C TYR B 352 14.76 70.02 -15.70
N GLU B 353 13.96 69.13 -16.29
CA GLU B 353 12.80 69.59 -17.05
C GLU B 353 11.81 70.33 -16.16
N ARG B 354 11.56 69.78 -14.97
CA ARG B 354 10.69 70.46 -14.01
C ARG B 354 11.27 71.82 -13.61
N GLN B 355 12.59 71.87 -13.42
CA GLN B 355 13.26 73.12 -13.10
C GLN B 355 13.08 74.13 -14.22
N VAL B 356 13.19 73.68 -15.48
CA VAL B 356 13.04 74.59 -16.62
C VAL B 356 11.64 75.17 -16.65
N THR B 357 10.62 74.31 -16.55
CA THR B 357 9.25 74.82 -16.64
C THR B 357 8.90 75.70 -15.44
N PHE B 358 9.32 75.32 -14.24
CA PHE B 358 9.03 76.14 -13.06
C PHE B 358 9.83 77.44 -13.08
N GLY B 359 11.03 77.43 -13.66
CA GLY B 359 11.77 78.67 -13.81
C GLY B 359 11.13 79.60 -14.81
N ALA B 360 10.56 79.06 -15.89
CA ALA B 360 9.79 79.89 -16.81
C ALA B 360 8.59 80.51 -16.11
N ALA B 361 7.88 79.71 -15.30
CA ALA B 361 6.74 80.24 -14.55
C ALA B 361 7.18 81.32 -13.57
N HIS B 362 8.30 81.09 -12.87
CA HIS B 362 8.79 82.07 -11.91
C HIS B 362 9.26 83.35 -12.60
N ASN B 363 9.86 83.21 -13.78
CA ASN B 363 10.25 84.39 -14.56
C ASN B 363 9.04 85.19 -14.97
N GLN B 364 7.96 84.52 -15.39
CA GLN B 364 6.72 85.23 -15.69
C GLN B 364 6.18 85.94 -14.46
N VAL B 365 6.21 85.26 -13.30
CA VAL B 365 5.72 85.86 -12.06
C VAL B 365 6.53 87.10 -11.72
N LEU B 366 7.86 87.01 -11.83
CA LEU B 366 8.72 88.16 -11.51
C LEU B 366 8.52 89.30 -12.50
N ARG B 367 8.31 88.96 -13.78
CA ARG B 367 8.03 89.99 -14.77
C ARG B 367 6.75 90.73 -14.46
N LEU B 368 5.70 90.00 -14.06
CA LEU B 368 4.46 90.66 -13.68
C LEU B 368 4.64 91.50 -12.42
N ALA B 369 5.41 90.98 -11.45
CA ALA B 369 5.63 91.70 -10.20
C ALA B 369 6.39 93.00 -10.43
N ALA B 370 7.38 92.98 -11.32
CA ALA B 370 8.09 94.21 -11.66
C ALA B 370 7.17 95.18 -12.40
N HIS B 371 6.28 94.67 -13.25
CA HIS B 371 5.44 95.53 -14.06
C HIS B 371 4.41 96.29 -13.21
N VAL B 372 3.90 95.65 -12.16
CA VAL B 372 2.85 96.29 -11.36
C VAL B 372 3.38 97.51 -10.60
N GLU B 373 4.70 97.59 -10.40
CA GLU B 373 5.33 98.73 -9.75
C GLU B 373 6.13 99.57 -10.74
N GLY B 374 5.60 99.73 -11.95
CA GLY B 374 6.35 100.38 -13.01
C GLY B 374 7.51 99.52 -13.46
N ASP B 375 8.73 99.98 -13.22
CA ASP B 375 9.95 99.20 -13.44
C ASP B 375 9.97 98.58 -14.84
N THR B 376 10.01 99.46 -15.84
CA THR B 376 10.01 99.02 -17.23
C THR B 376 11.21 98.14 -17.56
N GLU B 377 12.31 98.29 -16.83
CA GLU B 377 13.49 97.46 -17.08
C GLU B 377 13.19 95.99 -16.83
N GLY B 378 12.48 95.68 -15.75
CA GLY B 378 12.14 94.30 -15.47
C GLY B 378 11.18 93.71 -16.49
N ALA B 379 10.17 94.48 -16.89
CA ALA B 379 9.19 93.99 -17.86
C ALA B 379 9.84 93.78 -19.23
N ARG B 380 10.71 94.70 -19.65
CA ARG B 380 11.35 94.59 -20.96
C ARG B 380 12.29 93.39 -21.01
N ASP B 381 13.01 93.12 -19.93
CA ASP B 381 13.99 92.04 -19.89
C ASP B 381 13.28 90.69 -19.99
N PHE B 382 13.40 90.04 -21.16
CA PHE B 382 12.83 88.72 -21.38
C PHE B 382 13.88 87.62 -21.36
N THR B 383 15.14 87.95 -21.05
CA THR B 383 16.21 86.96 -21.04
C THR B 383 16.66 86.55 -19.64
N ALA B 384 16.35 87.34 -18.62
CA ALA B 384 16.75 86.99 -17.26
C ALA B 384 15.99 85.75 -16.80
N SER B 385 16.72 84.85 -16.14
CA SER B 385 16.14 83.60 -15.64
C SER B 385 16.61 83.35 -14.23
N VAL B 386 15.80 82.59 -13.48
CA VAL B 386 16.14 82.27 -12.10
C VAL B 386 17.22 81.18 -12.08
N SER B 387 17.87 81.04 -10.93
CA SER B 387 18.92 80.05 -10.73
C SER B 387 18.45 79.04 -9.68
N TRP B 388 18.77 77.77 -9.91
CA TRP B 388 18.34 76.68 -9.06
C TRP B 388 19.54 76.02 -8.39
N GLN B 389 19.33 75.55 -7.17
CA GLN B 389 20.38 74.83 -6.45
C GLN B 389 20.69 73.51 -7.16
N ASP B 390 21.96 73.13 -7.12
CA ASP B 390 22.39 71.89 -7.76
C ASP B 390 21.76 70.69 -7.08
N THR B 391 21.18 69.79 -7.88
CA THR B 391 20.54 68.58 -7.38
C THR B 391 21.37 67.33 -7.68
N SER B 392 22.68 67.49 -7.87
CA SER B 392 23.54 66.37 -8.17
C SER B 392 23.65 65.43 -6.98
N VAL B 393 24.09 64.20 -7.26
CA VAL B 393 24.18 63.16 -6.24
C VAL B 393 25.66 62.84 -6.08
N ARG B 394 26.50 63.85 -6.29
CA ARG B 394 27.94 63.70 -6.19
C ARG B 394 28.40 64.02 -4.78
N SER B 395 29.35 63.23 -4.29
CA SER B 395 29.90 63.45 -2.95
C SER B 395 30.71 64.75 -2.91
N LEU B 396 30.88 65.27 -1.69
CA LEU B 396 31.56 66.55 -1.54
C LEU B 396 33.01 66.47 -1.98
N ALA B 397 33.72 65.40 -1.59
CA ALA B 397 35.14 65.31 -1.92
C ALA B 397 35.37 65.27 -3.42
N GLN B 398 34.61 64.44 -4.13
CA GLN B 398 34.76 64.33 -5.57
C GLN B 398 34.47 65.64 -6.28
N ALA B 399 33.35 66.27 -5.93
CA ALA B 399 32.98 67.54 -6.56
C ALA B 399 34.02 68.61 -6.27
N VAL B 400 34.48 68.70 -5.03
CA VAL B 400 35.45 69.72 -4.66
C VAL B 400 36.77 69.52 -5.39
N ASP B 401 37.28 68.28 -5.42
CA ASP B 401 38.57 68.07 -6.07
C ASP B 401 38.48 68.30 -7.57
N ALA B 402 37.37 67.87 -8.19
CA ALA B 402 37.18 68.11 -9.62
C ALA B 402 37.08 69.61 -9.92
N TYR B 403 36.33 70.35 -9.10
CA TYR B 403 36.20 71.78 -9.33
C TYR B 403 37.52 72.50 -9.12
N GLY B 404 38.29 72.08 -8.12
CA GLY B 404 39.61 72.66 -7.93
C GLY B 404 40.55 72.39 -9.10
N LYS B 405 40.53 71.16 -9.62
CA LYS B 405 41.33 70.85 -10.79
C LYS B 405 40.90 71.69 -11.99
N ALA B 406 39.59 71.86 -12.17
CA ALA B 406 39.10 72.70 -13.27
C ALA B 406 39.56 74.13 -13.12
N ALA B 407 39.46 74.68 -11.90
CA ALA B 407 39.88 76.07 -11.68
C ALA B 407 41.38 76.22 -11.90
N THR B 408 42.18 75.25 -11.48
CA THR B 408 43.63 75.37 -11.59
C THR B 408 44.13 75.13 -13.01
N MET B 409 43.46 74.31 -13.80
CA MET B 409 43.95 73.94 -15.12
C MET B 409 43.13 74.55 -16.27
N LEU B 410 41.82 74.34 -16.28
CA LEU B 410 40.97 74.98 -17.28
C LEU B 410 40.83 76.48 -17.07
N GLY B 411 41.21 76.99 -15.91
CA GLY B 411 41.12 78.41 -15.63
C GLY B 411 39.73 78.97 -15.54
N MET B 412 38.79 78.22 -14.96
CA MET B 412 37.45 78.74 -14.75
C MET B 412 37.46 79.74 -13.61
N PRO B 413 36.57 80.74 -13.66
CA PRO B 413 36.49 81.72 -12.56
C PRO B 413 36.09 81.04 -11.25
N LYS B 414 36.92 81.21 -10.23
CA LYS B 414 36.68 80.57 -8.95
C LYS B 414 35.52 81.21 -8.20
N GLU B 415 35.13 82.44 -8.55
CA GLU B 415 34.02 83.10 -7.86
C GLU B 415 32.72 82.34 -8.08
N PHE B 416 32.46 81.91 -9.31
CA PHE B 416 31.25 81.15 -9.59
C PHE B 416 31.32 79.75 -8.98
N LEU B 417 32.51 79.16 -8.95
CA LEU B 417 32.67 77.79 -8.47
C LEU B 417 32.35 77.65 -6.99
N TRP B 418 32.39 78.74 -6.23
CA TRP B 418 32.13 78.66 -4.79
C TRP B 418 30.72 78.17 -4.50
N GLY B 419 29.75 78.54 -5.33
CA GLY B 419 28.38 78.14 -5.12
C GLY B 419 28.01 76.76 -5.60
N LEU B 420 28.97 76.00 -6.14
CA LEU B 420 28.69 74.67 -6.66
C LEU B 420 29.00 73.56 -5.68
N ILE B 421 29.85 73.80 -4.69
CA ILE B 421 30.14 72.78 -3.67
C ILE B 421 28.88 72.56 -2.84
N PRO B 422 28.50 71.31 -2.57
CA PRO B 422 27.33 71.07 -1.71
C PRO B 422 27.55 71.63 -0.30
N GLY B 423 26.46 72.09 0.30
CA GLY B 423 26.51 72.69 1.62
C GLY B 423 26.75 74.19 1.65
N ILE B 424 26.97 74.81 0.49
CA ILE B 424 27.18 76.25 0.40
C ILE B 424 26.10 76.84 -0.50
N THR B 425 25.41 77.85 0.00
CA THR B 425 24.32 78.52 -0.71
C THR B 425 24.79 79.90 -1.18
N LYS B 426 23.85 80.64 -1.77
CA LYS B 426 24.17 81.99 -2.25
C LYS B 426 24.47 82.94 -1.09
N THR B 427 23.82 82.74 0.05
CA THR B 427 24.11 83.59 1.22
C THR B 427 25.55 83.41 1.67
N ASP B 428 26.05 82.17 1.67
CA ASP B 428 27.45 81.94 2.04
C ASP B 428 28.39 82.59 1.05
N VAL B 429 28.07 82.55 -0.24
CA VAL B 429 28.91 83.20 -1.25
C VAL B 429 28.93 84.70 -1.03
N GLU B 430 27.77 85.29 -0.74
CA GLU B 430 27.71 86.72 -0.47
C GLU B 430 28.51 87.07 0.78
N ALA B 431 28.44 86.23 1.81
CA ALA B 431 29.22 86.47 3.02
C ALA B 431 30.72 86.40 2.73
N MET B 432 31.14 85.43 1.91
CA MET B 432 32.55 85.35 1.53
C MET B 432 32.98 86.58 0.75
N ARG B 433 32.15 87.04 -0.18
CA ARG B 433 32.50 88.21 -0.99
C ARG B 433 32.58 89.47 -0.13
N GLN B 434 31.67 89.63 0.83
CA GLN B 434 31.66 90.83 1.67
C GLN B 434 32.92 90.90 2.53
N HIS B 435 33.33 89.78 3.11
CA HIS B 435 34.48 89.73 4.00
C HIS B 435 35.50 88.77 3.41
N PHE B 436 36.38 89.29 2.55
CA PHE B 436 37.44 88.48 1.94
C PHE B 436 38.78 89.19 2.07
N ASN B 437 38.75 90.52 2.17
CA ASN B 437 39.96 91.33 2.29
C ASN B 437 39.81 92.35 3.41
N ASP B 438 39.30 91.89 4.55
CA ASP B 438 39.11 92.76 5.69
C ASP B 438 40.46 93.14 6.31
N ASP B 439 40.46 94.27 7.02
CA ASP B 439 41.67 94.79 7.63
C ASP B 439 42.04 94.08 8.92
N ASP B 440 41.17 93.21 9.44
CA ASP B 440 41.47 92.51 10.68
C ASP B 440 42.60 91.49 10.47
N GLU B 441 43.25 91.12 11.58
CA GLU B 441 44.37 90.20 11.49
C GLU B 441 43.93 88.81 11.06
N MET B 442 42.69 88.42 11.35
CA MET B 442 42.23 87.07 11.02
C MET B 442 42.23 86.85 9.51
N THR B 443 41.58 87.75 8.76
CA THR B 443 41.48 87.59 7.32
C THR B 443 42.84 87.70 6.65
N GLN B 444 43.68 88.64 7.11
CA GLN B 444 45.01 88.78 6.54
C GLN B 444 45.85 87.53 6.79
N MET B 445 45.76 86.96 8.00
CA MET B 445 46.51 85.74 8.30
C MET B 445 46.00 84.57 7.47
N LEU B 446 44.68 84.45 7.30
CA LEU B 446 44.12 83.31 6.59
C LEU B 446 44.17 83.45 5.08
N LEU B 447 44.45 84.65 4.56
CA LEU B 447 44.53 84.83 3.12
C LEU B 447 45.92 84.48 2.59
N TRP B 448 46.96 85.01 3.21
CA TRP B 448 48.34 84.71 2.83
C TRP B 448 48.89 83.58 3.69
N TRP B 449 48.24 82.41 3.57
CA TRP B 449 48.59 81.24 4.35
C TRP B 449 49.40 80.28 3.49
N THR B 450 50.52 79.80 4.05
CA THR B 450 51.40 78.84 3.43
C THR B 450 51.49 77.59 4.29
N PRO B 451 51.83 76.44 3.72
CA PRO B 451 51.93 75.21 4.52
C PRO B 451 52.96 75.28 5.62
N ASN B 452 53.94 76.18 5.54
CA ASN B 452 54.99 76.33 6.54
C ASN B 452 54.80 77.60 7.36
N GLY B 453 53.56 77.95 7.66
CA GLY B 453 53.26 79.13 8.44
C GLY B 453 52.66 80.24 7.60
N PRO B 454 52.22 81.31 8.26
CA PRO B 454 51.65 82.44 7.51
C PRO B 454 52.68 83.06 6.58
N GLY B 455 52.21 83.51 5.41
CA GLY B 455 53.08 84.13 4.44
C GLY B 455 52.72 85.59 4.19
N GLY B 456 53.04 86.09 3.01
CA GLY B 456 52.72 87.47 2.68
C GLY B 456 53.57 88.44 3.46
N GLU B 457 52.96 89.58 3.81
CA GLU B 457 53.68 90.62 4.54
C GLU B 457 54.09 90.14 5.92
N PHE B 458 53.32 89.25 6.53
CA PHE B 458 53.67 88.73 7.85
C PHE B 458 55.00 87.97 7.81
N ALA B 459 55.19 87.14 6.78
CA ALA B 459 56.46 86.45 6.62
C ALA B 459 57.53 87.35 6.01
N ALA B 460 57.14 88.46 5.37
CA ALA B 460 58.12 89.40 4.85
C ALA B 460 58.73 90.27 5.94
N GLU B 461 57.97 90.55 7.01
CA GLU B 461 58.49 91.40 8.08
C GLU B 461 59.67 90.74 8.78
N ILE B 462 59.58 89.45 9.08
CA ILE B 462 60.70 88.77 9.74
C ILE B 462 61.90 88.72 8.81
N GLU B 463 61.67 88.51 7.51
CA GLU B 463 62.78 88.45 6.55
C GLU B 463 63.49 89.79 6.45
N VAL B 464 62.73 90.89 6.38
CA VAL B 464 63.35 92.20 6.28
C VAL B 464 64.04 92.57 7.60
N ASP B 465 63.49 92.14 8.73
CA ASP B 465 64.15 92.38 10.01
C ASP B 465 65.49 91.64 10.07
N SER B 466 65.51 90.38 9.62
CA SER B 466 66.76 89.62 9.60
C SER B 466 67.78 90.25 8.67
N GLN B 467 67.33 90.67 7.47
CA GLN B 467 68.23 91.30 6.53
C GLN B 467 68.78 92.61 7.08
N THR B 468 67.92 93.41 7.74
CA THR B 468 68.36 94.67 8.33
C THR B 468 69.38 94.41 9.44
N GLN B 469 69.15 93.39 10.27
CA GLN B 469 70.11 93.07 11.32
C GLN B 469 71.45 92.65 10.75
N ILE B 470 71.43 91.81 9.71
CA ILE B 470 72.68 91.37 9.09
C ILE B 470 73.41 92.54 8.46
N ILE B 471 72.67 93.42 7.77
CA ILE B 471 73.29 94.58 7.14
C ILE B 471 73.86 95.53 8.20
N GLU B 472 73.16 95.69 9.32
CA GLU B 472 73.66 96.54 10.39
C GLU B 472 74.93 95.97 11.00
N ALA B 473 74.98 94.65 11.20
CA ALA B 473 76.20 94.03 11.73
C ALA B 473 77.37 94.20 10.77
N GLN B 474 77.12 93.99 9.47
CA GLN B 474 78.18 94.18 8.48
C GLN B 474 78.63 95.64 8.44
N GLY B 475 77.68 96.57 8.53
CA GLY B 475 78.04 97.98 8.54
C GLY B 475 78.86 98.36 9.76
N ASP B 476 78.53 97.80 10.92
CA ASP B 476 79.29 98.09 12.13
C ASP B 476 80.71 97.55 12.05
N VAL B 477 80.86 96.28 11.61
CA VAL B 477 82.20 95.72 11.52
C VAL B 477 83.02 96.48 10.48
N GLN B 478 82.41 96.83 9.35
CA GLN B 478 83.11 97.67 8.38
C GLN B 478 83.52 98.99 8.99
N LYS B 479 82.57 99.67 9.64
CA LYS B 479 82.84 101.00 10.18
C LYS B 479 84.03 100.99 11.12
N ASP B 480 84.09 99.99 12.01
CA ASP B 480 85.28 99.93 12.86
C ASP B 480 86.53 99.59 12.05
N LEU B 481 86.40 98.81 10.97
CA LEU B 481 87.57 98.50 10.14
C LEU B 481 88.14 99.76 9.48
N GLN B 482 87.30 100.54 8.79
CA GLN B 482 87.81 101.79 8.21
C GLN B 482 88.17 102.82 9.28
N ASP B 483 87.57 102.80 10.46
CA ASP B 483 88.02 103.71 11.50
C ASP B 483 89.45 103.38 11.94
N ALA B 484 89.74 102.09 12.13
CA ALA B 484 91.11 101.69 12.43
C ALA B 484 92.05 102.03 11.28
N GLN B 485 91.61 101.83 10.04
CA GLN B 485 92.45 102.15 8.90
C GLN B 485 92.76 103.64 8.83
N ALA B 486 91.76 104.49 9.08
CA ALA B 486 91.98 105.92 9.07
C ALA B 486 92.91 106.36 10.19
N LYS B 487 92.75 105.76 11.38
CA LYS B 487 93.66 106.07 12.48
C LYS B 487 95.09 105.68 12.14
N ALA B 488 95.28 104.50 11.54
CA ALA B 488 96.61 104.07 11.14
C ALA B 488 97.20 104.99 10.07
N GLN B 489 96.37 105.41 9.11
CA GLN B 489 96.84 106.32 8.07
C GLN B 489 97.24 107.67 8.65
N ALA B 490 96.46 108.18 9.61
CA ALA B 490 96.80 109.44 10.26
C ALA B 490 98.10 109.32 11.04
N ASP B 491 98.29 108.20 11.75
CA ASP B 491 99.55 107.99 12.47
C ASP B 491 100.72 107.91 11.52
N LEU B 492 100.55 107.21 10.39
CA LEU B 492 101.62 107.11 9.40
C LEU B 492 101.95 108.48 8.81
N ALA B 493 100.92 109.29 8.53
CA ALA B 493 101.16 110.64 8.01
C ALA B 493 101.90 111.49 9.03
N LYS B 494 101.53 111.40 10.30
CA LYS B 494 102.22 112.14 11.34
C LYS B 494 103.68 111.71 11.46
N GLN B 495 103.93 110.40 11.40
CA GLN B 495 105.30 109.91 11.46
C GLN B 495 106.11 110.38 10.25
N ASN B 496 105.50 110.37 9.06
CA ASN B 496 106.19 110.84 7.87
C ASN B 496 106.52 112.33 7.97
N ALA B 497 105.57 113.12 8.48
CA ALA B 497 105.83 114.55 8.65
C ALA B 497 106.95 114.79 9.66
N ALA B 498 106.96 114.03 10.75
CA ALA B 498 108.03 114.16 11.74
C ALA B 498 109.37 113.80 11.13
N ALA B 499 109.43 112.71 10.35
CA ALA B 499 110.68 112.33 9.70
C ALA B 499 111.13 113.40 8.71
N GLN B 500 110.19 113.97 7.95
CA GLN B 500 110.54 115.00 6.98
C GLN B 500 111.09 116.24 7.67
N GLN B 501 110.44 116.69 8.75
CA GLN B 501 110.94 117.88 9.43
C GLN B 501 112.27 117.60 10.12
N ARG B 502 112.47 116.39 10.64
CA ARG B 502 113.75 116.03 11.25
C ARG B 502 114.87 116.04 10.21
N GLN B 503 114.62 115.47 9.03
CA GLN B 503 115.64 115.44 8.00
C GLN B 503 115.85 116.79 7.32
N ALA B 504 114.86 117.68 7.37
CA ALA B 504 115.01 119.00 6.78
C ALA B 504 115.64 120.01 7.74
N VAL B 505 115.42 119.87 9.04
CA VAL B 505 115.99 120.81 10.00
C VAL B 505 117.50 120.67 10.10
N ALA B 506 118.05 119.53 9.71
CA ALA B 506 119.49 119.32 9.79
C ALA B 506 120.18 120.09 8.66
N VAL B 507 121.13 120.95 9.03
CA VAL B 507 121.85 121.75 8.05
C VAL B 507 123.19 122.19 8.62
N ILE C 2 -18.03 77.70 13.75
CA ILE C 2 -17.35 78.82 14.38
C ILE C 2 -17.43 80.04 13.48
N GLU C 3 -17.38 81.23 14.09
CA GLU C 3 -17.44 82.49 13.36
C GLU C 3 -16.36 83.43 13.88
N LEU C 4 -15.92 84.34 13.00
CA LEU C 4 -14.90 85.30 13.37
C LEU C 4 -15.56 86.60 13.81
N PRO C 5 -15.43 86.99 15.08
CA PRO C 5 -16.07 88.24 15.53
C PRO C 5 -15.20 89.46 15.29
N ASP C 6 -15.77 90.50 14.67
CA ASP C 6 -15.02 91.74 14.46
C ASP C 6 -14.68 92.41 15.79
N ALA C 7 -15.63 92.44 16.71
CA ALA C 7 -15.41 93.05 18.01
C ALA C 7 -14.59 92.12 18.91
N ILE C 8 -14.07 92.68 20.00
CA ILE C 8 -13.27 91.91 20.95
C ILE C 8 -14.07 91.45 22.16
N SER C 9 -15.33 91.87 22.29
CA SER C 9 -16.19 91.49 23.41
C SER C 9 -15.54 91.86 24.75
N ASP C 10 -15.36 93.17 24.95
CA ASP C 10 -14.70 93.65 26.16
C ASP C 10 -15.48 93.26 27.41
N GLY C 11 -16.81 93.38 27.37
CA GLY C 11 -17.61 93.07 28.53
C GLY C 11 -18.27 91.70 28.49
N GLU C 12 -18.19 91.03 27.34
CA GLU C 12 -18.84 89.74 27.14
C GLU C 12 -17.89 88.77 26.44
N VAL C 13 -16.64 88.72 26.89
CA VAL C 13 -15.68 87.80 26.29
C VAL C 13 -16.02 86.35 26.68
N ARG C 14 -16.42 86.13 27.93
CA ARG C 14 -16.71 84.78 28.38
C ARG C 14 -17.91 84.19 27.66
N LYS C 15 -18.92 85.02 27.36
CA LYS C 15 -20.10 84.53 26.65
C LYS C 15 -19.72 83.99 25.28
N LEU C 16 -18.84 84.70 24.56
CA LEU C 16 -18.40 84.21 23.26
C LEU C 16 -17.50 82.99 23.41
N VAL C 17 -16.62 82.99 24.42
CA VAL C 17 -15.69 81.87 24.58
C VAL C 17 -16.44 80.58 24.85
N GLU C 18 -17.37 80.61 25.82
CA GLU C 18 -18.01 79.37 26.28
C GLU C 18 -18.85 78.70 25.20
N ASN C 19 -19.30 79.44 24.19
CA ASN C 19 -20.15 78.87 23.15
C ASN C 19 -19.50 78.84 21.77
N GLU C 20 -18.31 79.40 21.60
CA GLU C 20 -17.68 79.28 20.29
C GLU C 20 -16.26 78.73 20.37
N PHE C 21 -15.49 79.10 21.40
CA PHE C 21 -14.08 78.69 21.46
C PHE C 21 -13.88 77.40 22.24
N TRP C 22 -14.54 77.26 23.39
CA TRP C 22 -14.37 76.06 24.20
C TRP C 22 -14.79 74.78 23.47
N PRO C 23 -15.96 74.71 22.81
CA PRO C 23 -16.27 73.47 22.08
C PRO C 23 -15.26 73.13 21.00
N GLU C 24 -14.85 74.12 20.20
CA GLU C 24 -13.84 73.87 19.18
C GLU C 24 -12.50 73.50 19.80
N PHE C 25 -12.14 74.16 20.91
CA PHE C 25 -10.89 73.83 21.60
C PHE C 25 -10.89 72.38 22.08
N VAL C 26 -12.01 71.92 22.65
CA VAL C 26 -12.08 70.54 23.11
C VAL C 26 -12.08 69.58 21.93
N ARG C 27 -12.76 69.94 20.84
CA ARG C 27 -12.80 69.08 19.66
C ARG C 27 -11.40 68.91 19.07
N ARG C 28 -10.59 69.97 19.08
CA ARG C 28 -9.22 69.82 18.62
C ARG C 28 -8.35 69.11 19.65
N ARG C 29 -8.62 69.35 20.94
CA ARG C 29 -7.78 68.82 22.01
C ARG C 29 -7.89 67.30 22.09
N GLU C 30 -9.09 66.75 21.88
CA GLU C 30 -9.24 65.30 21.93
C GLU C 30 -8.40 64.63 20.83
N LYS C 31 -8.46 65.17 19.61
CA LYS C 31 -7.68 64.60 18.52
C LYS C 31 -6.18 64.77 18.76
N LEU C 32 -5.76 65.94 19.27
CA LEU C 32 -4.34 66.15 19.54
C LEU C 32 -3.84 65.22 20.64
N ASP C 33 -4.64 65.00 21.68
CA ASP C 33 -4.26 64.07 22.74
C ASP C 33 -4.19 62.64 22.19
N ARG C 34 -5.13 62.27 21.33
CA ARG C 34 -5.11 60.93 20.73
C ARG C 34 -3.85 60.74 19.89
N ILE C 35 -3.49 61.73 19.07
CA ILE C 35 -2.32 61.58 18.23
C ILE C 35 -1.03 61.62 19.05
N ALA C 36 -1.02 62.39 20.15
CA ALA C 36 0.13 62.38 21.04
C ALA C 36 0.30 61.02 21.71
N GLN C 37 -0.81 60.41 22.13
CA GLN C 37 -0.76 59.06 22.69
C GLN C 37 -0.28 58.06 21.65
N TRP C 38 -0.72 58.24 20.40
CA TRP C 38 -0.25 57.36 19.32
C TRP C 38 1.24 57.50 19.10
N ALA C 39 1.77 58.72 19.21
CA ALA C 39 3.18 58.95 18.93
C ALA C 39 4.08 58.20 19.90
N ARG C 40 3.77 58.25 21.20
CA ARG C 40 4.58 57.60 22.22
C ARG C 40 4.09 56.18 22.44
N GLY C 41 4.33 55.34 21.43
CA GLY C 41 3.89 53.96 21.48
C GLY C 41 2.37 53.86 21.39
N GLU C 42 1.89 52.67 21.73
CA GLU C 42 0.45 52.36 21.71
C GLU C 42 -0.17 52.74 20.37
N GLN C 43 0.29 52.06 19.32
CA GLN C 43 -0.18 52.34 17.98
C GLN C 43 -1.65 51.96 17.86
N PRO C 44 -2.40 52.61 16.96
CA PRO C 44 -3.83 52.31 16.81
C PRO C 44 -4.07 50.84 16.48
N ASP C 45 -4.79 50.17 17.37
CA ASP C 45 -5.11 48.75 17.21
C ASP C 45 -6.39 48.57 16.39
N TYR C 46 -6.22 48.29 15.10
CA TYR C 46 -7.38 48.03 14.24
C TYR C 46 -8.12 46.78 14.66
N LEU C 47 -7.40 45.76 15.14
CA LEU C 47 -8.00 44.52 15.61
C LEU C 47 -7.51 44.25 17.02
N ILE C 48 -8.46 44.14 17.96
CA ILE C 48 -8.15 43.82 19.35
C ILE C 48 -9.17 42.83 19.85
N GLN C 49 -8.72 41.82 20.59
CA GLN C 49 -9.58 40.80 21.17
C GLN C 49 -9.86 41.18 22.63
N ASN C 50 -11.11 41.52 22.92
CA ASN C 50 -11.52 41.92 24.26
C ASN C 50 -12.07 40.76 25.08
N ALA C 51 -12.06 39.55 24.54
CA ALA C 51 -12.59 38.39 25.25
C ALA C 51 -11.52 37.48 25.82
N ASN C 52 -10.33 37.45 25.22
CA ASN C 52 -9.23 36.61 25.67
C ASN C 52 -8.18 37.49 26.34
N ARG C 53 -7.89 37.21 27.61
CA ARG C 53 -6.88 37.99 28.32
C ARG C 53 -5.49 37.72 27.77
N GLU C 54 -5.19 36.46 27.43
CA GLU C 54 -3.87 36.13 26.90
C GLU C 54 -3.63 36.81 25.55
N LYS C 55 -4.65 36.80 24.67
CA LYS C 55 -4.49 37.44 23.38
C LYS C 55 -4.31 38.95 23.53
N ARG C 56 -5.07 39.57 24.44
CA ARG C 56 -4.90 41.01 24.67
C ARG C 56 -3.53 41.32 25.22
N ALA C 57 -3.02 40.47 26.14
CA ALA C 57 -1.68 40.68 26.68
C ALA C 57 -0.63 40.55 25.59
N LEU C 58 -0.78 39.56 24.70
CA LEU C 58 0.16 39.41 23.60
C LEU C 58 0.11 40.60 22.66
N LEU C 59 -1.09 41.11 22.37
CA LEU C 59 -1.22 42.28 21.50
C LEU C 59 -0.58 43.51 22.12
N LYS C 60 -0.80 43.73 23.42
CA LYS C 60 -0.17 44.86 24.10
C LYS C 60 1.34 44.70 24.15
N LEU C 61 1.83 43.46 24.29
CA LEU C 61 3.26 43.20 24.32
C LEU C 61 3.92 43.42 22.96
N ALA C 62 3.14 43.40 21.89
CA ALA C 62 3.67 43.58 20.54
C ALA C 62 3.64 45.03 20.07
N LYS C 63 3.18 45.96 20.91
CA LYS C 63 3.06 47.37 20.52
C LYS C 63 4.45 48.00 20.53
N THR C 64 5.19 47.75 19.46
CA THR C 64 6.53 48.32 19.32
C THR C 64 6.43 49.76 18.83
N PRO C 65 6.99 50.73 19.56
CA PRO C 65 6.93 52.13 19.11
C PRO C 65 7.86 52.35 17.93
N TRP C 66 7.28 52.77 16.81
CA TRP C 66 8.04 53.05 15.59
C TRP C 66 7.96 54.50 15.15
N LEU C 67 6.77 55.09 15.15
CA LEU C 67 6.63 56.48 14.74
C LEU C 67 7.35 57.42 15.69
N GLY C 68 7.32 57.11 16.99
CA GLY C 68 8.05 57.91 17.95
C GLY C 68 9.55 57.91 17.68
N LEU C 69 10.09 56.76 17.28
CA LEU C 69 11.50 56.69 16.92
C LEU C 69 11.81 57.58 15.73
N VAL C 70 10.94 57.58 14.72
CA VAL C 70 11.13 58.43 13.55
C VAL C 70 11.10 59.91 13.95
N VAL C 71 10.13 60.28 14.81
CA VAL C 71 10.03 61.66 15.25
C VAL C 71 11.28 62.08 16.02
N THR C 72 11.76 61.21 16.92
CA THR C 72 12.96 61.53 17.68
C THR C 72 14.17 61.67 16.77
N HIS C 73 14.29 60.79 15.77
CA HIS C 73 15.41 60.88 14.84
C HIS C 73 15.35 62.17 14.04
N PHE C 74 14.16 62.57 13.59
CA PHE C 74 14.05 63.80 12.82
C PHE C 74 14.34 65.03 13.67
N THR C 75 13.86 65.05 14.91
CA THR C 75 14.01 66.23 15.75
C THR C 75 15.39 66.36 16.38
N GLN C 76 16.17 65.27 16.41
CA GLN C 76 17.52 65.33 17.00
C GLN C 76 18.57 65.81 16.03
N ALA C 77 18.25 65.92 14.75
CA ALA C 77 19.19 66.40 13.73
C ALA C 77 18.96 67.85 13.36
N LEU C 78 18.01 68.53 14.01
CA LEU C 78 17.71 69.93 13.72
C LEU C 78 18.23 70.80 14.87
N PHE C 79 19.08 71.76 14.53
CA PHE C 79 19.67 72.65 15.53
C PHE C 79 19.97 73.99 14.88
N VAL C 80 19.71 75.06 15.63
CA VAL C 80 19.93 76.43 15.16
C VAL C 80 21.09 77.02 15.94
N ASP C 81 22.10 77.50 15.23
CA ASP C 81 23.27 78.13 15.85
C ASP C 81 23.58 79.41 15.08
N GLY C 82 23.64 80.53 15.79
CA GLY C 82 23.97 81.80 15.20
C GLY C 82 22.81 82.39 14.39
N TYR C 83 22.85 83.71 14.25
CA TYR C 83 21.87 84.46 13.46
C TYR C 83 22.67 85.30 12.46
N ARG C 84 22.95 84.71 11.30
CA ARG C 84 23.79 85.36 10.30
C ARG C 84 22.95 86.36 9.51
N ALA C 85 23.19 87.65 9.73
CA ALA C 85 22.56 88.68 8.94
C ALA C 85 23.22 88.77 7.56
N GLU C 86 22.54 89.45 6.64
CA GLU C 86 23.04 89.58 5.28
C GLU C 86 24.28 90.46 5.28
N GLY C 87 25.38 89.93 4.74
CA GLY C 87 26.62 90.65 4.64
C GLY C 87 27.47 90.68 5.89
N SER C 88 27.08 89.97 6.94
CA SER C 88 27.84 89.94 8.19
C SER C 88 28.12 88.49 8.57
N LYS C 89 29.37 88.20 8.90
CA LYS C 89 29.78 86.85 9.31
C LYS C 89 29.62 86.63 10.80
N GLU C 90 29.30 87.66 11.58
CA GLU C 90 29.14 87.56 13.01
C GLU C 90 27.68 87.74 13.40
N ASN C 91 27.23 86.97 14.38
CA ASN C 91 25.85 87.07 14.84
C ASN C 91 25.60 88.44 15.47
N ALA C 92 24.46 89.03 15.13
CA ALA C 92 24.09 90.33 15.67
C ALA C 92 23.82 90.23 17.17
N LYS C 93 24.10 91.33 17.88
CA LYS C 93 23.88 91.40 19.32
C LYS C 93 22.45 91.75 19.68
N GLY C 94 21.51 91.55 18.75
CA GLY C 94 20.12 91.85 18.98
C GLY C 94 19.31 90.60 19.29
N PRO C 95 18.63 90.07 18.27
CA PRO C 95 17.79 88.88 18.49
C PRO C 95 18.57 87.68 19.02
N TRP C 96 19.87 87.56 18.68
CA TRP C 96 20.65 86.45 19.21
C TRP C 96 20.84 86.55 20.71
N GLN C 97 20.93 87.76 21.25
CA GLN C 97 21.00 87.93 22.69
C GLN C 97 19.72 87.42 23.35
N THR C 98 18.57 87.72 22.76
CA THR C 98 17.30 87.21 23.28
C THR C 98 17.24 85.69 23.16
N TRP C 99 17.75 85.15 22.05
CA TRP C 99 17.77 83.69 21.88
C TRP C 99 18.61 83.03 22.97
N ASN C 100 19.78 83.59 23.26
CA ASN C 100 20.65 83.00 24.29
C ASN C 100 20.06 83.18 25.68
N ALA C 101 19.45 84.34 25.95
CA ALA C 101 18.92 84.59 27.29
C ALA C 101 17.74 83.68 27.61
N ASN C 102 16.89 83.42 26.62
CA ASN C 102 15.68 82.63 26.84
C ASN C 102 15.94 81.13 26.88
N LYS C 103 17.21 80.70 26.83
CA LYS C 103 17.57 79.29 26.84
C LYS C 103 16.87 78.53 25.71
N MET C 104 16.86 79.13 24.51
CA MET C 104 16.20 78.51 23.37
C MET C 104 16.97 77.30 22.85
N GLN C 105 18.26 77.17 23.21
CA GLN C 105 19.04 76.03 22.74
C GLN C 105 18.47 74.71 23.23
N SER C 106 17.78 74.72 24.37
CA SER C 106 17.17 73.50 24.91
C SER C 106 15.68 73.37 24.58
N LYS C 107 15.02 74.47 24.20
CA LYS C 107 13.60 74.43 23.88
C LYS C 107 13.35 74.26 22.38
N GLN C 108 14.34 74.52 21.54
CA GLN C 108 14.15 74.32 20.10
C GLN C 108 13.93 72.86 19.76
N ILE C 109 14.57 71.96 20.50
CA ILE C 109 14.36 70.52 20.28
C ILE C 109 12.90 70.16 20.54
N ALA C 110 12.36 70.64 21.65
CA ALA C 110 10.97 70.36 21.97
C ALA C 110 10.02 70.99 20.95
N ILE C 111 10.33 72.22 20.52
CA ILE C 111 9.48 72.88 19.54
C ILE C 111 9.47 72.11 18.23
N HIS C 112 10.65 71.68 17.77
CA HIS C 112 10.73 70.92 16.53
C HIS C 112 10.03 69.57 16.65
N ARG C 113 10.18 68.91 17.81
CA ARG C 113 9.51 67.63 18.01
C ARG C 113 8.00 67.79 17.98
N ALA C 114 7.48 68.83 18.63
CA ALA C 114 6.04 69.08 18.62
C ALA C 114 5.55 69.43 17.23
N ALA C 115 6.33 70.21 16.48
CA ALA C 115 5.94 70.56 15.12
C ALA C 115 5.92 69.33 14.21
N LEU C 116 6.90 68.44 14.36
CA LEU C 116 6.95 67.24 13.54
C LEU C 116 5.87 66.25 13.93
N THR C 117 5.49 66.19 15.21
CA THR C 117 4.48 65.25 15.65
C THR C 117 3.07 65.77 15.37
N TYR C 118 2.71 66.90 15.99
CA TYR C 118 1.35 67.39 15.86
C TYR C 118 1.10 68.01 14.49
N GLY C 119 2.05 68.77 13.97
CA GLY C 119 1.90 69.37 12.66
C GLY C 119 2.19 70.85 12.64
N TYR C 120 1.91 71.55 13.74
CA TYR C 120 2.10 73.00 13.80
C TYR C 120 2.35 73.40 15.24
N SER C 121 3.60 73.73 15.55
CA SER C 121 3.93 74.21 16.88
C SER C 121 3.60 75.70 17.01
N TYR C 122 3.60 76.19 18.25
CA TYR C 122 3.31 77.59 18.53
C TYR C 122 4.37 78.14 19.47
N ALA C 123 4.85 79.34 19.16
CA ALA C 123 5.84 80.04 19.98
C ALA C 123 5.24 81.35 20.48
N ARG C 124 5.28 81.56 21.79
CA ARG C 124 4.73 82.75 22.41
C ARG C 124 5.87 83.67 22.83
N VAL C 125 5.85 84.90 22.35
CA VAL C 125 6.84 85.92 22.70
C VAL C 125 6.11 87.06 23.38
N LEU C 126 6.53 87.40 24.60
CA LEU C 126 5.89 88.45 25.38
C LEU C 126 6.95 89.38 25.95
N PRO C 127 6.61 90.65 26.16
CA PRO C 127 7.57 91.57 26.77
C PRO C 127 7.89 91.20 28.20
N GLY C 128 9.11 91.49 28.62
CA GLY C 128 9.55 91.19 29.96
C GLY C 128 10.74 92.04 30.35
N VAL C 129 11.06 92.00 31.63
CA VAL C 129 12.18 92.75 32.20
C VAL C 129 13.39 91.83 32.30
N ALA C 130 14.57 92.38 32.00
CA ALA C 130 15.80 91.61 32.05
C ALA C 130 16.31 91.53 33.49
N LEU C 131 17.40 90.79 33.68
CA LEU C 131 18.00 90.67 35.01
C LEU C 131 18.52 92.02 35.50
N ASP C 132 19.13 92.80 34.61
CA ASP C 132 19.67 94.10 34.97
C ASP C 132 18.62 95.20 34.93
N GLY C 133 17.38 94.89 34.53
CA GLY C 133 16.34 95.87 34.42
C GLY C 133 16.05 96.36 33.01
N ALA C 134 16.75 95.84 32.01
CA ALA C 134 16.53 96.23 30.62
C ALA C 134 15.33 95.47 30.07
N ASN C 135 15.12 95.57 28.76
CA ASN C 135 14.00 94.90 28.10
C ASN C 135 14.48 93.56 27.54
N GLN C 136 13.88 92.48 28.02
CA GLN C 136 14.20 91.13 27.56
C GLN C 136 12.91 90.46 27.13
N ALA C 137 12.86 89.98 25.88
CA ALA C 137 11.68 89.32 25.35
C ALA C 137 11.64 87.88 25.83
N GLU C 138 10.55 87.50 26.49
CA GLU C 138 10.36 86.15 26.99
C GLU C 138 9.67 85.32 25.91
N ILE C 139 10.38 84.30 25.43
CA ILE C 139 9.88 83.43 24.36
C ILE C 139 9.63 82.04 24.94
N HIS C 140 8.41 81.55 24.75
CA HIS C 140 8.04 80.22 25.22
C HIS C 140 7.27 79.49 24.14
N GLY C 141 7.33 78.17 24.16
CA GLY C 141 6.63 77.33 23.21
C GLY C 141 5.40 76.71 23.86
N VAL C 142 4.29 76.72 23.12
CA VAL C 142 3.02 76.19 23.60
C VAL C 142 2.58 75.08 22.66
N SER C 143 2.27 73.92 23.23
CA SER C 143 1.83 72.79 22.44
C SER C 143 0.42 73.04 21.88
N PRO C 144 0.11 72.46 20.72
CA PRO C 144 -1.27 72.60 20.20
C PRO C 144 -2.33 72.03 21.14
N ARG C 145 -1.96 71.08 22.00
CA ARG C 145 -2.90 70.55 22.98
C ARG C 145 -3.38 71.62 23.96
N ARG C 146 -2.60 72.69 24.15
CA ARG C 146 -2.94 73.76 25.08
C ARG C 146 -3.06 75.10 24.37
N LEU C 147 -3.50 75.09 23.11
CA LEU C 147 -3.63 76.33 22.35
C LEU C 147 -4.65 76.12 21.24
N LEU C 148 -5.37 77.19 20.92
CA LEU C 148 -6.33 77.19 19.82
C LEU C 148 -6.20 78.53 19.09
N ALA C 149 -5.52 78.52 17.95
CA ALA C 149 -5.29 79.73 17.16
C ALA C 149 -6.27 79.77 16.00
N LEU C 150 -6.87 80.95 15.78
CA LEU C 150 -7.84 81.16 14.71
C LEU C 150 -7.24 82.07 13.66
N TYR C 151 -7.26 81.62 12.40
CA TYR C 151 -6.73 82.38 11.28
C TYR C 151 -7.84 82.66 10.28
N GLU C 152 -7.96 83.93 9.87
CA GLU C 152 -8.88 84.27 8.81
C GLU C 152 -8.36 83.86 7.43
N ASP C 153 -7.06 83.59 7.32
CA ASP C 153 -6.43 83.12 6.08
C ASP C 153 -5.40 82.09 6.47
N GLN C 154 -5.81 80.81 6.49
CA GLN C 154 -4.95 79.75 7.01
C GLN C 154 -3.67 79.60 6.20
N ILE C 155 -3.75 79.78 4.89
CA ILE C 155 -2.58 79.60 4.03
C ILE C 155 -1.50 80.62 4.37
N ASN C 156 -1.89 81.88 4.55
CA ASN C 156 -0.91 82.94 4.81
C ASN C 156 -1.58 84.02 5.67
N ASP C 157 -1.30 83.97 6.97
CA ASP C 157 -1.77 85.00 7.89
C ASP C 157 -0.70 85.45 8.88
N GLU C 158 0.51 84.89 8.82
CA GLU C 158 1.59 85.22 9.74
C GLU C 158 1.14 84.96 11.18
N TYR C 159 0.67 86.01 11.85
CA TYR C 159 0.19 85.91 13.21
C TYR C 159 -1.33 85.81 13.24
N PRO C 160 -1.89 85.08 14.21
CA PRO C 160 -3.35 84.88 14.25
C PRO C 160 -4.10 86.13 14.68
N LYS C 161 -5.43 86.05 14.70
CA LYS C 161 -6.28 87.15 15.14
C LYS C 161 -6.74 86.95 16.58
N TYR C 162 -7.38 85.83 16.88
CA TYR C 162 -7.81 85.50 18.23
C TYR C 162 -7.32 84.11 18.58
N ALA C 163 -6.66 83.98 19.73
CA ALA C 163 -6.10 82.72 20.17
C ALA C 163 -6.45 82.47 21.62
N LEU C 164 -6.85 81.23 21.93
CA LEU C 164 -7.16 80.81 23.29
C LEU C 164 -6.05 79.89 23.77
N GLU C 165 -5.44 80.25 24.90
CA GLU C 165 -4.31 79.51 25.45
C GLU C 165 -4.68 78.93 26.79
N LEU C 166 -4.36 77.65 27.01
CA LEU C 166 -4.60 76.96 28.27
C LEU C 166 -3.27 76.73 28.95
N ALA C 167 -3.16 77.18 30.20
CA ALA C 167 -1.94 76.97 30.96
C ALA C 167 -1.76 75.50 31.32
N ASN C 168 -0.51 75.09 31.46
CA ASN C 168 -0.20 73.69 31.72
C ASN C 168 -0.56 73.25 33.13
N ASN C 169 -0.89 74.18 34.03
CA ASN C 169 -1.33 73.83 35.37
C ASN C 169 -2.84 73.61 35.46
N GLY C 170 -3.58 73.91 34.41
CA GLY C 170 -5.02 73.74 34.42
C GLY C 170 -5.73 74.61 35.43
N LYS C 171 -5.32 75.87 35.55
CA LYS C 171 -5.92 76.77 36.52
C LYS C 171 -6.34 78.09 35.87
N THR C 172 -5.63 78.50 34.82
CA THR C 172 -5.88 79.78 34.17
C THR C 172 -6.09 79.56 32.68
N VAL C 173 -7.08 80.26 32.12
CA VAL C 173 -7.35 80.27 30.69
C VAL C 173 -7.21 81.70 30.20
N ARG C 174 -6.38 81.90 29.18
CA ARG C 174 -6.09 83.22 28.66
C ARG C 174 -6.42 83.31 27.18
N LEU C 175 -7.01 84.44 26.78
CA LEU C 175 -7.32 84.72 25.39
C LEU C 175 -6.44 85.88 24.93
N TYR C 176 -5.78 85.69 23.78
CA TYR C 176 -4.81 86.66 23.27
C TYR C 176 -5.45 87.42 22.10
N THR C 177 -5.86 88.65 22.36
CA THR C 177 -6.34 89.53 21.31
C THR C 177 -5.18 90.36 20.77
N ASP C 178 -5.49 91.40 19.99
CA ASP C 178 -4.45 92.16 19.30
C ASP C 178 -3.50 92.84 20.27
N THR C 179 -4.04 93.62 21.22
CA THR C 179 -3.20 94.44 22.09
C THR C 179 -3.60 94.36 23.55
N ASP C 180 -4.34 93.33 23.96
CA ASP C 180 -4.73 93.15 25.34
C ASP C 180 -4.48 91.70 25.77
N TYR C 181 -4.27 91.51 27.06
CA TYR C 181 -3.96 90.20 27.64
C TYR C 181 -5.13 89.81 28.54
N TYR C 182 -6.06 89.04 28.00
CA TYR C 182 -7.22 88.58 28.76
C TYR C 182 -6.83 87.36 29.58
N GLU C 183 -7.24 87.35 30.85
CA GLU C 183 -6.92 86.26 31.76
C GLU C 183 -8.19 85.82 32.48
N LEU C 184 -8.41 84.50 32.54
CA LEU C 184 -9.55 83.94 33.25
C LEU C 184 -9.09 82.88 34.24
N ARG C 185 -10.03 82.17 34.84
CA ARG C 185 -9.73 81.13 35.82
C ARG C 185 -10.34 79.81 35.37
N MET C 186 -9.66 78.71 35.70
CA MET C 186 -10.09 77.36 35.35
C MET C 186 -10.04 76.48 36.59
N PRO C 187 -10.99 76.66 37.52
CA PRO C 187 -10.97 75.82 38.72
C PRO C 187 -11.34 74.37 38.44
N SER C 188 -12.31 74.13 37.56
CA SER C 188 -12.75 72.80 37.20
C SER C 188 -12.76 72.66 35.69
N PRO C 189 -12.56 71.45 35.16
CA PRO C 189 -12.57 71.27 33.71
C PRO C 189 -13.96 71.31 33.10
N GLY C 190 -14.46 72.51 32.81
CA GLY C 190 -15.75 72.62 32.14
C GLY C 190 -16.71 73.66 32.71
N ASN C 191 -16.23 74.52 33.61
CA ASN C 191 -17.05 75.59 34.15
C ASN C 191 -16.32 76.91 34.05
N PHE C 192 -17.06 77.97 33.74
CA PHE C 192 -16.53 79.33 33.64
C PHE C 192 -17.43 80.26 34.45
N PRO C 193 -17.28 80.26 35.77
CA PRO C 193 -18.12 81.14 36.60
C PRO C 193 -17.89 82.60 36.28
N ASN C 194 -18.96 83.38 36.29
CA ASN C 194 -18.91 84.80 35.98
C ASN C 194 -18.57 85.66 37.19
N GLU C 195 -18.53 85.08 38.40
CA GLU C 195 -18.20 85.85 39.59
C GLU C 195 -16.75 86.31 39.58
N GLN C 196 -15.88 85.59 38.87
CA GLN C 196 -14.48 85.98 38.79
C GLN C 196 -14.31 87.25 37.98
N VAL C 197 -13.27 88.02 38.32
CA VAL C 197 -12.99 89.28 37.64
C VAL C 197 -12.00 89.01 36.52
N ILE C 198 -12.39 89.33 35.29
CA ILE C 198 -11.52 89.11 34.14
C ILE C 198 -10.40 90.14 34.16
N LYS C 199 -9.17 89.67 34.01
CA LYS C 199 -7.99 90.54 34.03
C LYS C 199 -7.59 90.90 32.61
N LYS C 200 -7.46 92.19 32.35
CA LYS C 200 -7.05 92.71 31.04
C LYS C 200 -5.75 93.48 31.23
N VAL C 201 -4.71 93.05 30.54
CA VAL C 201 -3.38 93.68 30.62
C VAL C 201 -3.02 94.21 29.24
N HIS C 202 -2.67 95.50 29.18
CA HIS C 202 -2.29 96.15 27.94
C HIS C 202 -0.77 96.21 27.89
N HIS C 203 -0.16 95.14 27.39
CA HIS C 203 1.28 95.10 27.23
C HIS C 203 1.72 95.90 26.01
N GLY C 204 1.19 95.54 24.84
CA GLY C 204 1.50 96.24 23.62
C GLY C 204 2.50 95.46 22.77
N VAL C 205 2.00 94.73 21.78
CA VAL C 205 2.85 93.94 20.90
C VAL C 205 2.40 94.13 19.46
N GLY C 206 1.25 94.78 19.27
CA GLY C 206 0.72 94.97 17.94
C GLY C 206 -0.29 93.90 17.54
N VAL C 207 0.18 92.90 16.82
CA VAL C 207 -0.66 91.77 16.43
C VAL C 207 -0.46 90.64 17.43
N CYS C 208 -1.34 89.64 17.37
CA CYS C 208 -1.32 88.56 18.34
C CYS C 208 0.04 87.87 18.33
N PRO C 209 0.72 87.76 19.47
CA PRO C 209 2.09 87.22 19.52
C PRO C 209 2.13 85.69 19.51
N PHE C 210 1.87 85.12 18.34
CA PHE C 210 1.93 83.67 18.15
C PHE C 210 2.47 83.37 16.76
N VAL C 211 3.46 82.49 16.69
CA VAL C 211 4.09 82.08 15.44
C VAL C 211 3.87 80.59 15.27
N ARG C 212 3.38 80.20 14.09
CA ARG C 212 3.06 78.81 13.81
C ARG C 212 4.24 78.12 13.14
N TYR C 213 4.67 77.00 13.69
CA TYR C 213 5.76 76.20 13.13
C TYR C 213 5.15 75.06 12.34
N VAL C 214 4.75 75.37 11.11
CA VAL C 214 4.08 74.39 10.26
C VAL C 214 5.07 73.32 9.82
N ASN C 215 4.64 72.06 9.91
CA ASN C 215 5.51 70.94 9.53
C ASN C 215 5.85 71.00 8.04
N MET C 216 4.85 70.89 7.19
CA MET C 216 5.03 70.96 5.74
C MET C 216 4.15 72.04 5.15
N MET C 217 4.70 72.80 4.21
CA MET C 217 3.97 73.89 3.59
C MET C 217 3.09 73.36 2.47
N ASP C 218 1.79 73.59 2.56
CA ASP C 218 0.83 73.16 1.56
C ASP C 218 0.02 74.37 1.09
N LEU C 219 -0.41 74.32 -0.17
CA LEU C 219 -1.12 75.44 -0.78
C LEU C 219 -2.60 75.48 -0.43
N ASP C 220 -3.13 74.45 0.24
CA ASP C 220 -4.54 74.38 0.59
C ASP C 220 -4.71 73.94 2.04
N GLY C 221 -3.92 74.52 2.93
CA GLY C 221 -3.99 74.14 4.34
C GLY C 221 -3.62 72.69 4.52
N PHE C 222 -4.51 71.93 5.16
CA PHE C 222 -4.34 70.48 5.34
C PHE C 222 -3.02 70.15 6.03
N THR C 223 -2.68 70.94 7.06
CA THR C 223 -1.43 70.74 7.78
C THR C 223 -1.51 69.44 8.58
N MET C 224 -0.50 68.59 8.39
CA MET C 224 -0.45 67.30 9.07
C MET C 224 0.96 67.04 9.57
N GLY C 225 1.07 66.23 10.62
CA GLY C 225 2.36 65.88 11.19
C GLY C 225 2.98 64.67 10.51
N GLU C 226 4.12 64.26 11.04
CA GLU C 226 4.86 63.11 10.52
C GLU C 226 4.47 61.81 11.21
N VAL C 227 3.53 61.84 12.16
CA VAL C 227 3.12 60.64 12.87
C VAL C 227 1.77 60.17 12.34
N GLU C 228 0.95 61.12 11.87
CA GLU C 228 -0.36 60.76 11.32
C GLU C 228 -0.24 60.18 9.92
N TYR C 229 0.73 60.64 9.13
CA TYR C 229 0.85 60.19 7.75
C TYR C 229 1.29 58.74 7.63
N LEU C 230 1.85 58.15 8.69
CA LEU C 230 2.33 56.78 8.66
C LEU C 230 1.67 55.91 9.72
N VAL C 231 0.45 56.24 10.10
CA VAL C 231 -0.29 55.39 11.05
C VAL C 231 -0.57 54.01 10.46
N PRO C 232 -1.11 53.86 9.24
CA PRO C 232 -1.42 52.51 8.75
C PRO C 232 -0.21 51.59 8.64
N VAL C 233 0.95 52.10 8.25
CA VAL C 233 2.12 51.23 8.10
C VAL C 233 2.63 50.76 9.46
N ALA C 234 2.62 51.65 10.46
CA ALA C 234 3.00 51.24 11.81
C ALA C 234 2.01 50.23 12.37
N SER C 235 0.71 50.44 12.10
CA SER C 235 -0.29 49.47 12.54
C SER C 235 -0.07 48.12 11.86
N LYS C 236 0.30 48.14 10.58
CA LYS C 236 0.59 46.89 9.87
C LYS C 236 1.80 46.19 10.47
N ILE C 237 2.84 46.94 10.82
CA ILE C 237 4.02 46.35 11.43
C ILE C 237 3.65 45.71 12.76
N ASP C 238 2.86 46.41 13.58
CA ASP C 238 2.45 45.86 14.87
C ASP C 238 1.56 44.64 14.68
N LYS C 239 0.70 44.64 13.66
CA LYS C 239 -0.13 43.47 13.38
C LYS C 239 0.71 42.27 12.97
N THR C 240 1.74 42.50 12.15
CA THR C 240 2.64 41.42 11.77
C THR C 240 3.38 40.87 13.00
N ASP C 241 3.83 41.76 13.88
CA ASP C 241 4.50 41.30 15.10
C ASP C 241 3.54 40.51 15.97
N TYR C 242 2.29 40.95 16.07
CA TYR C 242 1.29 40.23 16.87
C TYR C 242 1.01 38.85 16.27
N ASP C 243 0.93 38.76 14.94
CA ASP C 243 0.74 37.46 14.30
C ASP C 243 1.92 36.53 14.56
N ARG C 244 3.14 37.07 14.48
CA ARG C 244 4.32 36.26 14.77
C ARG C 244 4.31 35.77 16.21
N LEU C 245 3.93 36.65 17.15
CA LEU C 245 3.87 36.26 18.55
C LEU C 245 2.80 35.21 18.78
N LEU C 246 1.65 35.33 18.11
CA LEU C 246 0.60 34.32 18.22
C LEU C 246 1.08 32.97 17.69
N ALA C 247 1.80 32.98 16.57
CA ALA C 247 2.33 31.75 16.02
C ALA C 247 3.36 31.13 16.95
N GLN C 248 4.22 31.95 17.55
CA GLN C 248 5.29 31.44 18.40
C GLN C 248 4.77 30.97 19.76
N HIS C 249 3.69 31.57 20.26
CA HIS C 249 3.22 31.27 21.61
C HIS C 249 2.23 30.12 21.66
N TYR C 250 1.49 29.88 20.58
CA TYR C 250 0.44 28.87 20.59
C TYR C 250 0.85 27.57 19.89
N ASN C 251 1.49 27.66 18.72
CA ASN C 251 1.94 26.47 17.98
C ASN C 251 3.36 26.71 17.43
N SER C 252 4.35 26.37 18.25
CA SER C 252 5.74 26.49 17.83
C SER C 252 6.58 25.27 18.22
N TRP C 253 5.95 24.22 18.76
CA TRP C 253 6.65 23.01 19.16
C TRP C 253 5.89 21.80 18.63
N LYS C 254 6.62 20.72 18.38
CA LYS C 254 6.01 19.48 17.91
C LYS C 254 5.18 18.88 19.03
N VAL C 255 3.85 18.97 18.90
CA VAL C 255 2.97 18.47 19.95
C VAL C 255 2.93 16.95 19.90
N LYS C 256 3.21 16.32 21.03
CA LYS C 256 3.18 14.87 21.15
C LYS C 256 1.78 14.44 21.56
N VAL C 257 1.16 13.58 20.76
CA VAL C 257 -0.18 13.07 21.03
C VAL C 257 -0.16 11.55 20.95
N ALA C 258 -1.13 10.94 21.62
CA ALA C 258 -1.27 9.49 21.65
C ALA C 258 -2.72 9.11 21.39
N THR C 259 -2.91 7.97 20.72
CA THR C 259 -4.24 7.46 20.43
C THR C 259 -4.25 5.95 20.65
N GLY C 260 -5.44 5.42 20.94
CA GLY C 260 -5.64 4.00 21.13
C GLY C 260 -5.61 3.55 22.57
N ILE C 261 -5.07 4.36 23.48
CA ILE C 261 -5.01 4.01 24.89
C ILE C 261 -6.34 4.33 25.54
N ASP C 262 -6.56 3.84 26.77
CA ASP C 262 -7.79 4.09 27.48
C ASP C 262 -7.85 5.54 27.94
N ASP C 263 -8.98 5.90 28.55
CA ASP C 263 -9.22 7.26 29.01
C ASP C 263 -9.82 7.19 30.41
N LEU C 264 -10.29 8.34 30.90
CA LEU C 264 -10.96 8.45 32.21
C LEU C 264 -10.19 7.75 33.32
N SER C 265 -8.86 7.74 33.21
CA SER C 265 -8.00 7.04 34.15
C SER C 265 -7.80 7.88 35.41
N GLU C 266 -6.91 7.40 36.30
CA GLU C 266 -6.63 8.05 37.58
C GLU C 266 -7.90 8.27 38.39
N ASP C 267 -8.69 7.19 38.51
CA ASP C 267 -9.93 7.19 39.27
C ASP C 267 -10.91 8.27 38.77
N ALA C 268 -11.04 8.38 37.45
CA ALA C 268 -11.95 9.32 36.80
C ALA C 268 -11.69 10.75 37.29
N THR C 269 -10.49 11.22 36.95
CA THR C 269 -9.92 12.48 37.43
C THR C 269 -10.90 13.64 37.32
N PRO C 270 -11.41 14.15 38.45
CA PRO C 270 -12.24 15.36 38.45
C PRO C 270 -11.42 16.64 38.57
N GLU C 271 -10.37 16.74 37.73
CA GLU C 271 -9.41 17.85 37.81
C GLU C 271 -8.81 17.96 39.21
N GLU C 272 -8.48 16.81 39.80
CA GLU C 272 -7.91 16.72 41.13
C GLU C 272 -6.48 16.20 41.04
N GLN C 273 -5.59 16.80 41.84
CA GLN C 273 -4.17 16.44 41.85
C GLN C 273 -3.55 16.59 40.47
N GLN C 274 -3.53 17.84 40.00
CA GLN C 274 -3.00 18.14 38.68
C GLN C 274 -1.51 17.86 38.57
N ARG C 275 -0.82 17.73 39.70
CA ARG C 275 0.63 17.47 39.72
C ARG C 275 0.88 15.97 39.48
N ALA C 276 0.59 15.54 38.25
CA ALA C 276 0.83 14.15 37.89
C ALA C 276 2.32 13.82 37.94
N LYS C 277 3.16 14.74 37.48
CA LYS C 277 4.62 14.59 37.50
C LYS C 277 5.07 13.33 36.78
N LEU C 278 4.53 13.14 35.57
CA LEU C 278 4.95 12.02 34.73
C LEU C 278 6.37 12.26 34.26
N ILE C 279 7.30 11.42 34.75
CA ILE C 279 8.71 11.61 34.42
C ILE C 279 8.94 11.33 32.95
N LEU C 280 9.55 12.27 32.24
CA LEU C 280 9.84 12.15 30.82
C LEU C 280 11.18 12.81 30.56
N ALA C 281 12.22 12.00 30.38
CA ALA C 281 13.55 12.52 30.08
C ALA C 281 14.17 11.75 28.92
N GLN C 282 15.46 12.00 28.66
CA GLN C 282 16.13 11.30 27.56
C GLN C 282 16.21 9.79 27.83
N ASP C 283 16.50 9.40 29.08
CA ASP C 283 16.61 7.99 29.41
C ASP C 283 15.25 7.30 29.40
N ASP C 284 14.20 8.01 29.79
CA ASP C 284 12.88 7.39 29.90
C ASP C 284 12.36 6.95 28.53
N ILE C 285 11.76 5.78 28.50
CA ILE C 285 11.16 5.22 27.29
C ILE C 285 9.69 4.93 27.57
N LEU C 286 8.81 5.58 26.82
CA LEU C 286 7.39 5.38 27.00
C LEU C 286 6.96 4.03 26.44
N MET C 287 6.05 3.36 27.15
CA MET C 287 5.49 2.11 26.67
C MET C 287 4.13 1.90 27.32
N HIS C 288 3.23 1.27 26.56
CA HIS C 288 1.87 1.02 27.00
C HIS C 288 1.49 -0.42 26.71
N GLY C 289 0.62 -0.98 27.54
CA GLY C 289 0.19 -2.35 27.40
C GLY C 289 -0.95 -2.54 26.41
N ASN C 290 -0.76 -2.04 25.19
CA ASN C 290 -1.78 -2.19 24.14
C ASN C 290 -1.10 -2.03 22.80
N HIS C 291 -1.27 -3.03 21.93
CA HIS C 291 -0.67 -2.99 20.61
C HIS C 291 -1.36 -2.01 19.67
N GLU C 292 -2.53 -1.51 20.04
CA GLU C 292 -3.27 -0.56 19.22
C GLU C 292 -2.91 0.88 19.52
N ALA C 293 -1.99 1.13 20.46
CA ALA C 293 -1.60 2.49 20.80
C ALA C 293 -0.73 3.08 19.70
N LYS C 294 -1.05 4.30 19.28
CA LYS C 294 -0.31 5.01 18.27
C LYS C 294 0.16 6.36 18.81
N PHE C 295 1.40 6.70 18.51
CA PHE C 295 2.00 7.96 18.95
C PHE C 295 2.28 8.82 17.73
N TYR C 296 1.57 9.95 17.62
CA TYR C 296 1.71 10.88 16.51
C TYR C 296 2.37 12.16 16.99
N THR C 297 2.87 12.93 16.03
CA THR C 297 3.45 14.23 16.29
C THR C 297 2.84 15.26 15.35
N LEU C 298 2.66 16.48 15.86
CA LEU C 298 2.05 17.55 15.09
C LEU C 298 3.11 18.56 14.68
N PRO C 299 3.36 18.74 13.39
CA PRO C 299 4.36 19.73 12.97
C PRO C 299 3.95 21.15 13.36
N GLU C 300 4.95 21.97 13.64
CA GLU C 300 4.73 23.34 14.07
C GLU C 300 5.00 24.31 12.92
N THR C 301 4.66 25.58 13.15
CA THR C 301 4.89 26.62 12.17
C THR C 301 6.39 26.80 11.96
N SER C 302 6.79 26.94 10.68
CA SER C 302 8.21 27.08 10.36
C SER C 302 8.79 28.36 10.94
N LEU C 303 7.96 29.38 11.14
CA LEU C 303 8.38 30.67 11.70
C LEU C 303 9.51 31.28 10.88
N ASP C 304 9.27 31.40 9.58
CA ASP C 304 10.22 32.04 8.68
C ASP C 304 9.58 33.14 7.85
N GLY C 305 8.32 32.97 7.42
CA GLY C 305 7.65 34.00 6.65
C GLY C 305 7.37 35.25 7.45
N PHE C 306 7.11 35.10 8.75
CA PHE C 306 6.77 36.26 9.59
C PHE C 306 7.93 37.23 9.68
N ILE C 307 9.16 36.73 9.82
CA ILE C 307 10.33 37.60 9.92
C ILE C 307 10.52 38.37 8.62
N ALA C 308 10.40 37.69 7.47
CA ALA C 308 10.53 38.36 6.19
C ALA C 308 9.44 39.41 6.00
N ALA C 309 8.20 39.08 6.39
CA ALA C 309 7.11 40.04 6.27
C ALA C 309 7.35 41.26 7.15
N HIS C 310 7.82 41.05 8.37
CA HIS C 310 8.13 42.18 9.26
C HIS C 310 9.25 43.03 8.70
N THR C 311 10.28 42.40 8.13
CA THR C 311 11.37 43.15 7.52
C THR C 311 10.87 43.98 6.34
N GLN C 312 10.01 43.40 5.52
CA GLN C 312 9.44 44.15 4.40
C GLN C 312 8.60 45.32 4.90
N ASP C 313 7.79 45.10 5.93
CA ASP C 313 6.96 46.18 6.47
C ASP C 313 7.81 47.30 7.06
N VAL C 314 8.87 46.95 7.79
CA VAL C 314 9.69 47.98 8.42
C VAL C 314 10.51 48.74 7.38
N GLU C 315 10.95 48.06 6.31
CA GLU C 315 11.64 48.80 5.25
C GLU C 315 10.68 49.68 4.47
N ILE C 316 9.41 49.25 4.33
CA ILE C 316 8.40 50.13 3.77
C ILE C 316 8.22 51.36 4.65
N LEU C 317 8.18 51.16 5.96
CA LEU C 317 8.10 52.27 6.89
C LEU C 317 9.27 53.23 6.73
N ALA C 318 10.49 52.69 6.62
CA ALA C 318 11.68 53.53 6.49
C ALA C 318 11.66 54.30 5.18
N ASN C 319 11.28 53.65 4.08
CA ASN C 319 11.29 54.33 2.78
C ASN C 319 10.19 55.38 2.69
N ASN C 320 9.02 55.10 3.26
CA ASN C 320 7.91 56.05 3.17
C ASN C 320 8.17 57.30 3.99
N ALA C 321 8.94 57.20 5.06
CA ALA C 321 9.25 58.33 5.92
C ALA C 321 10.55 59.02 5.54
N GLN C 322 11.19 58.60 4.46
CA GLN C 322 12.47 59.16 4.01
C GLN C 322 13.53 59.05 5.12
N VAL C 323 13.55 57.91 5.80
CA VAL C 323 14.51 57.62 6.85
C VAL C 323 15.43 56.51 6.36
N PRO C 324 16.73 56.56 6.65
CA PRO C 324 17.62 55.48 6.22
C PRO C 324 17.18 54.13 6.74
N VAL C 325 17.35 53.10 5.91
CA VAL C 325 16.91 51.76 6.27
C VAL C 325 17.78 51.16 7.36
N TRP C 326 19.10 51.42 7.31
CA TRP C 326 20.02 50.74 8.22
C TRP C 326 19.80 51.15 9.67
N ILE C 327 19.29 52.35 9.92
CA ILE C 327 18.94 52.75 11.29
C ILE C 327 17.56 52.27 11.71
N LEU C 328 16.89 51.50 10.86
CA LEU C 328 15.60 50.88 11.18
C LEU C 328 15.67 49.36 11.21
N ASN C 329 16.33 48.75 10.23
CA ASN C 329 16.48 47.30 10.20
C ASN C 329 17.73 46.96 9.39
N GLY C 330 18.32 45.82 9.69
CA GLY C 330 19.48 45.36 8.97
C GLY C 330 20.74 46.13 9.34
N GLN C 331 21.81 45.85 8.58
CA GLN C 331 23.10 46.49 8.77
C GLN C 331 23.56 47.08 7.45
N LEU C 332 24.13 48.29 7.53
CA LEU C 332 24.62 48.96 6.34
C LEU C 332 25.84 48.24 5.78
N ALA C 333 25.91 48.15 4.45
CA ALA C 333 27.03 47.53 3.78
C ALA C 333 28.20 48.49 3.70
N ASN C 334 29.28 48.06 3.04
CA ASN C 334 30.49 48.87 2.90
C ASN C 334 30.33 49.83 1.72
N LEU C 335 29.44 50.78 1.89
CA LEU C 335 29.15 51.76 0.85
C LEU C 335 30.27 52.79 0.76
N SER C 336 30.43 53.34 -0.44
CA SER C 336 31.43 54.38 -0.69
C SER C 336 30.81 55.74 -0.38
N ALA C 337 31.52 56.82 -0.73
CA ALA C 337 31.01 58.15 -0.48
C ALA C 337 29.81 58.45 -1.37
N ASP C 338 29.91 58.15 -2.67
CA ASP C 338 28.82 58.44 -3.59
C ASP C 338 27.58 57.61 -3.26
N ALA C 339 27.76 56.32 -2.97
CA ALA C 339 26.61 55.48 -2.65
C ALA C 339 25.93 55.94 -1.36
N LEU C 340 26.72 56.32 -0.36
CA LEU C 340 26.14 56.82 0.89
C LEU C 340 25.40 58.13 0.66
N THR C 341 25.97 59.03 -0.15
CA THR C 341 25.29 60.28 -0.47
C THR C 341 23.97 60.02 -1.18
N ALA C 342 23.95 59.06 -2.10
CA ALA C 342 22.71 58.69 -2.77
C ALA C 342 21.69 58.13 -1.78
N ALA C 343 22.15 57.28 -0.86
CA ALA C 343 21.24 56.68 0.11
C ALA C 343 20.64 57.73 1.02
N THR C 344 21.43 58.71 1.45
CA THR C 344 20.98 59.73 2.39
C THR C 344 20.44 60.98 1.71
N LYS C 345 20.39 61.01 0.37
CA LYS C 345 19.97 62.23 -0.33
C LYS C 345 18.53 62.59 0.00
N GLY C 346 17.63 61.61 0.01
CA GLY C 346 16.23 61.90 0.31
C GLY C 346 16.04 62.43 1.72
N THR C 347 16.67 61.79 2.69
CA THR C 347 16.60 62.27 4.07
C THR C 347 17.22 63.64 4.21
N ILE C 348 18.35 63.88 3.53
CA ILE C 348 19.01 65.18 3.59
C ILE C 348 18.11 66.26 2.98
N GLN C 349 17.47 65.96 1.86
CA GLN C 349 16.59 66.94 1.23
C GLN C 349 15.37 67.23 2.10
N LYS C 350 14.77 66.20 2.70
CA LYS C 350 13.63 66.41 3.58
C LYS C 350 14.03 67.24 4.79
N LEU C 351 15.18 66.94 5.38
CA LEU C 351 15.66 67.72 6.51
C LEU C 351 15.99 69.15 6.10
N TYR C 352 16.44 69.36 4.87
CA TYR C 352 16.70 70.72 4.40
C TYR C 352 15.40 71.50 4.24
N GLU C 353 14.35 70.85 3.74
CA GLU C 353 13.05 71.51 3.65
C GLU C 353 12.52 71.86 5.04
N ARG C 354 12.66 70.93 5.99
CA ARG C 354 12.27 71.21 7.37
C ARG C 354 13.10 72.35 7.94
N GLN C 355 14.39 72.37 7.64
CA GLN C 355 15.26 73.46 8.09
C GLN C 355 14.80 74.79 7.52
N VAL C 356 14.40 74.81 6.24
CA VAL C 356 13.96 76.06 5.62
C VAL C 356 12.70 76.58 6.30
N THR C 357 11.71 75.70 6.48
CA THR C 357 10.45 76.17 7.08
C THR C 357 10.64 76.58 8.54
N PHE C 358 11.43 75.81 9.30
CA PHE C 358 11.66 76.16 10.70
C PHE C 358 12.53 77.41 10.81
N GLY C 359 13.43 77.63 9.87
CA GLY C 359 14.20 78.86 9.85
C GLY C 359 13.34 80.07 9.55
N ALA C 360 12.37 79.91 8.65
CA ALA C 360 11.41 80.99 8.41
C ALA C 360 10.62 81.30 9.67
N ALA C 361 10.16 80.25 10.37
CA ALA C 361 9.44 80.45 11.62
C ALA C 361 10.31 81.13 12.67
N HIS C 362 11.57 80.71 12.78
CA HIS C 362 12.47 81.31 13.75
C HIS C 362 12.79 82.75 13.40
N ASN C 363 12.91 83.06 12.10
CA ASN C 363 13.12 84.44 11.69
C ASN C 363 11.93 85.30 12.06
N GLN C 364 10.71 84.78 11.87
CA GLN C 364 9.52 85.52 12.30
C GLN C 364 9.53 85.73 13.81
N VAL C 365 9.91 84.70 14.57
CA VAL C 365 9.96 84.82 16.02
C VAL C 365 10.96 85.89 16.44
N LEU C 366 12.15 85.88 15.82
CA LEU C 366 13.18 86.87 16.15
C LEU C 366 12.75 88.27 15.75
N ARG C 367 12.07 88.40 14.61
CA ARG C 367 11.57 89.71 14.20
C ARG C 367 10.56 90.25 15.19
N LEU C 368 9.65 89.40 15.68
CA LEU C 368 8.70 89.84 16.70
C LEU C 368 9.42 90.19 18.00
N ALA C 369 10.43 89.40 18.37
CA ALA C 369 11.15 89.65 19.62
C ALA C 369 11.90 90.97 19.57
N ALA C 370 12.50 91.29 18.42
CA ALA C 370 13.17 92.58 18.28
C ALA C 370 12.16 93.71 18.30
N HIS C 371 10.98 93.51 17.73
CA HIS C 371 9.99 94.57 17.62
C HIS C 371 9.43 94.96 18.99
N VAL C 372 9.24 93.98 19.88
CA VAL C 372 8.63 94.28 21.17
C VAL C 372 9.53 95.16 22.04
N GLU C 373 10.83 95.21 21.75
CA GLU C 373 11.77 96.06 22.47
C GLU C 373 12.25 97.21 21.58
N GLY C 374 11.34 97.77 20.79
CA GLY C 374 11.73 98.77 19.82
C GLY C 374 12.55 98.16 18.70
N ASP C 375 13.82 98.53 18.61
CA ASP C 375 14.79 97.92 17.70
C ASP C 375 14.25 97.84 16.28
N THR C 376 14.01 99.01 15.69
CA THR C 376 13.47 99.07 14.34
C THR C 376 14.37 98.40 13.31
N GLU C 377 15.68 98.32 13.59
CA GLU C 377 16.59 97.66 12.66
C GLU C 377 16.25 96.18 12.49
N GLY C 378 15.94 95.50 13.59
CA GLY C 378 15.58 94.09 13.50
C GLY C 378 14.27 93.87 12.77
N ALA C 379 13.26 94.70 13.07
CA ALA C 379 11.97 94.56 12.41
C ALA C 379 12.05 94.85 10.92
N ARG C 380 12.81 95.88 10.55
CA ARG C 380 12.92 96.25 9.13
C ARG C 380 13.65 95.17 8.34
N ASP C 381 14.67 94.56 8.93
CA ASP C 381 15.48 93.57 8.23
C ASP C 381 14.65 92.33 7.95
N PHE C 382 14.27 92.13 6.69
CA PHE C 382 13.53 90.95 6.27
C PHE C 382 14.39 89.94 5.53
N THR C 383 15.70 90.18 5.44
CA THR C 383 16.61 89.29 4.72
C THR C 383 17.48 88.43 5.63
N ALA C 384 17.64 88.81 6.89
CA ALA C 384 18.45 88.02 7.81
C ALA C 384 17.80 86.67 8.08
N SER C 385 18.60 85.61 8.08
CA SER C 385 18.12 84.26 8.30
C SER C 385 19.03 83.55 9.28
N VAL C 386 18.48 82.55 9.96
CA VAL C 386 19.25 81.77 10.93
C VAL C 386 20.14 80.77 10.18
N SER C 387 21.14 80.28 10.89
CA SER C 387 22.08 79.29 10.34
C SER C 387 21.91 77.97 11.09
N TRP C 388 21.99 76.87 10.34
CA TRP C 388 21.79 75.54 10.89
C TRP C 388 23.08 74.73 10.80
N GLN C 389 23.27 73.85 11.78
CA GLN C 389 24.42 72.96 11.77
C GLN C 389 24.31 71.97 10.61
N ASP C 390 25.47 71.63 10.05
CA ASP C 390 25.52 70.71 8.92
C ASP C 390 25.04 69.33 9.35
N THR C 391 24.12 68.75 8.56
CA THR C 391 23.59 67.42 8.82
C THR C 391 24.13 66.38 7.85
N SER C 392 25.29 66.63 7.25
CA SER C 392 25.86 65.72 6.30
C SER C 392 26.29 64.41 6.98
N VAL C 393 26.46 63.38 6.16
CA VAL C 393 26.79 62.05 6.66
C VAL C 393 28.20 61.74 6.15
N ARG C 394 29.00 62.79 5.98
CA ARG C 394 30.35 62.63 5.48
C ARG C 394 31.33 62.45 6.65
N SER C 395 32.32 61.58 6.45
CA SER C 395 33.32 61.34 7.47
C SER C 395 34.21 62.56 7.65
N LEU C 396 34.86 62.64 8.82
CA LEU C 396 35.69 63.81 9.12
C LEU C 396 36.86 63.93 8.17
N ALA C 397 37.55 62.81 7.89
CA ALA C 397 38.75 62.87 7.05
C ALA C 397 38.42 63.38 5.65
N GLN C 398 37.36 62.82 5.04
CA GLN C 398 37.00 63.21 3.69
C GLN C 398 36.60 64.69 3.63
N ALA C 399 35.74 65.12 4.57
CA ALA C 399 35.31 66.52 4.57
C ALA C 399 36.49 67.45 4.79
N VAL C 400 37.38 67.12 5.72
CA VAL C 400 38.51 67.98 6.03
C VAL C 400 39.46 68.08 4.83
N ASP C 401 39.79 66.95 4.21
CA ASP C 401 40.73 67.01 3.10
C ASP C 401 40.13 67.74 1.90
N ALA C 402 38.83 67.52 1.64
CA ALA C 402 38.19 68.24 0.54
C ALA C 402 38.14 69.75 0.82
N TYR C 403 37.80 70.13 2.05
CA TYR C 403 37.75 71.55 2.39
C TYR C 403 39.12 72.19 2.32
N GLY C 404 40.16 71.47 2.75
CA GLY C 404 41.51 71.98 2.63
C GLY C 404 41.94 72.16 1.18
N LYS C 405 41.61 71.18 0.33
CA LYS C 405 41.90 71.33 -1.10
C LYS C 405 41.17 72.53 -1.69
N ALA C 406 39.90 72.71 -1.31
CA ALA C 406 39.14 73.86 -1.79
C ALA C 406 39.77 75.17 -1.35
N ALA C 407 40.17 75.26 -0.08
CA ALA C 407 40.79 76.48 0.42
C ALA C 407 42.11 76.76 -0.28
N THR C 408 42.90 75.71 -0.53
CA THR C 408 44.22 75.90 -1.14
C THR C 408 44.15 76.20 -2.63
N MET C 409 43.15 75.68 -3.34
CA MET C 409 43.11 75.81 -4.79
C MET C 409 42.01 76.75 -5.27
N LEU C 410 40.76 76.53 -4.86
CA LEU C 410 39.68 77.45 -5.21
C LEU C 410 39.77 78.78 -4.47
N GLY C 411 40.59 78.86 -3.43
CA GLY C 411 40.76 80.09 -2.68
C GLY C 411 39.56 80.54 -1.89
N MET C 412 38.82 79.60 -1.31
CA MET C 412 37.70 79.97 -0.45
C MET C 412 38.21 80.53 0.88
N PRO C 413 37.46 81.45 1.49
CA PRO C 413 37.88 81.99 2.80
C PRO C 413 37.91 80.90 3.85
N LYS C 414 39.09 80.71 4.46
CA LYS C 414 39.25 79.66 5.46
C LYS C 414 38.51 79.96 6.75
N GLU C 415 38.17 81.23 7.01
CA GLU C 415 37.45 81.57 8.24
C GLU C 415 36.09 80.91 8.28
N PHE C 416 35.35 80.94 7.16
CA PHE C 416 34.04 80.28 7.12
C PHE C 416 34.19 78.77 7.16
N LEU C 417 35.24 78.23 6.54
CA LEU C 417 35.41 76.79 6.44
C LEU C 417 35.63 76.13 7.79
N TRP C 418 36.06 76.88 8.81
CA TRP C 418 36.32 76.29 10.11
C TRP C 418 35.07 75.70 10.73
N GLY C 419 33.91 76.31 10.50
CA GLY C 419 32.67 75.84 11.07
C GLY C 419 32.01 74.69 10.33
N LEU C 420 32.62 74.20 9.25
CA LEU C 420 32.04 73.12 8.46
C LEU C 420 32.55 71.74 8.83
N ILE C 421 33.73 71.65 9.44
CA ILE C 421 34.24 70.34 9.88
C ILE C 421 33.36 69.81 11.00
N PRO C 422 32.97 68.53 10.96
CA PRO C 422 32.17 67.99 12.06
C PRO C 422 32.94 68.03 13.38
N GLY C 423 32.19 68.22 14.47
CA GLY C 423 32.76 68.32 15.79
C GLY C 423 33.15 69.71 16.22
N ILE C 424 33.00 70.71 15.35
CA ILE C 424 33.32 72.10 15.67
C ILE C 424 32.06 72.94 15.49
N THR C 425 31.69 73.68 16.53
CA THR C 425 30.51 74.52 16.52
C THR C 425 30.92 75.99 16.40
N LYS C 426 29.92 76.88 16.48
CA LYS C 426 30.19 78.30 16.39
C LYS C 426 30.98 78.81 17.60
N THR C 427 30.78 78.20 18.77
CA THR C 427 31.54 78.58 19.96
C THR C 427 33.02 78.31 19.76
N ASP C 428 33.36 77.17 19.16
CA ASP C 428 34.76 76.87 18.88
C ASP C 428 35.36 77.86 17.90
N VAL C 429 34.58 78.25 16.87
CA VAL C 429 35.06 79.23 15.90
C VAL C 429 35.31 80.57 16.58
N GLU C 430 34.41 80.98 17.48
CA GLU C 430 34.60 82.22 18.21
C GLU C 430 35.84 82.15 19.11
N ALA C 431 36.04 80.99 19.75
CA ALA C 431 37.23 80.82 20.58
C ALA C 431 38.50 80.91 19.75
N MET C 432 38.50 80.30 18.56
CA MET C 432 39.67 80.40 17.68
C MET C 432 39.91 81.84 17.26
N ARG C 433 38.85 82.56 16.91
CA ARG C 433 39.01 83.95 16.47
C ARG C 433 39.53 84.83 17.60
N GLN C 434 39.03 84.63 18.82
CA GLN C 434 39.45 85.46 19.94
C GLN C 434 40.94 85.26 20.26
N HIS C 435 41.41 84.02 20.24
CA HIS C 435 42.80 83.69 20.56
C HIS C 435 43.43 83.02 19.34
N PHE C 436 44.00 83.84 18.45
CA PHE C 436 44.68 83.33 17.27
C PHE C 436 46.04 83.99 17.10
N ASN C 437 46.19 85.19 17.64
CA ASN C 437 47.44 85.95 17.57
C ASN C 437 47.80 86.51 18.94
N ASP C 438 47.69 85.67 19.96
CA ASP C 438 48.01 86.07 21.31
C ASP C 438 49.52 86.26 21.48
N ASP C 439 49.89 87.07 22.47
CA ASP C 439 51.29 87.38 22.73
C ASP C 439 52.02 86.27 23.48
N ASP C 440 51.31 85.25 23.96
CA ASP C 440 51.96 84.17 24.69
C ASP C 440 52.81 83.33 23.74
N GLU C 441 53.78 82.61 24.34
CA GLU C 441 54.69 81.80 23.54
C GLU C 441 53.99 80.64 22.86
N MET C 442 52.91 80.14 23.45
CA MET C 442 52.22 78.98 22.88
C MET C 442 51.64 79.29 21.50
N THR C 443 50.87 80.38 21.40
CA THR C 443 50.24 80.72 20.12
C THR C 443 51.28 81.11 19.07
N GLN C 444 52.31 81.84 19.47
CA GLN C 444 53.37 82.22 18.53
C GLN C 444 54.11 80.99 18.02
N MET C 445 54.41 80.04 18.91
CA MET C 445 55.07 78.81 18.48
C MET C 445 54.19 77.99 17.56
N LEU C 446 52.89 77.88 17.88
CA LEU C 446 51.99 77.04 17.09
C LEU C 446 51.51 77.71 15.81
N LEU C 447 51.72 79.01 15.65
CA LEU C 447 51.30 79.69 14.43
C LEU C 447 52.36 79.58 13.34
N TRP C 448 53.61 79.91 13.69
CA TRP C 448 54.73 79.80 12.74
C TRP C 448 55.42 78.44 12.90
N TRP C 449 54.66 77.38 12.65
CA TRP C 449 55.13 76.02 12.80
C TRP C 449 55.49 75.44 11.43
N THR C 450 56.66 74.82 11.35
CA THR C 450 57.15 74.15 10.16
C THR C 450 57.42 72.68 10.47
N PRO C 451 57.41 71.80 9.47
CA PRO C 451 57.67 70.38 9.73
C PRO C 451 59.03 70.10 10.32
N ASN C 452 59.99 71.00 10.17
CA ASN C 452 61.35 70.83 10.70
C ASN C 452 61.61 71.74 11.89
N GLY C 453 60.60 71.92 12.73
CA GLY C 453 60.72 72.76 13.90
C GLY C 453 59.97 74.06 13.76
N PRO C 454 59.89 74.83 14.85
CA PRO C 454 59.21 76.14 14.78
C PRO C 454 59.90 77.07 13.81
N GLY C 455 59.10 77.87 13.10
CA GLY C 455 59.61 78.82 12.15
C GLY C 455 59.37 80.25 12.57
N GLY C 456 59.26 81.16 11.61
CA GLY C 456 59.00 82.56 11.91
C GLY C 456 60.18 83.23 12.59
N GLU C 457 59.85 84.16 13.50
CA GLU C 457 60.89 84.90 14.20
C GLU C 457 61.72 83.99 15.10
N PHE C 458 61.13 82.91 15.61
CA PHE C 458 61.88 81.98 16.45
C PHE C 458 63.01 81.32 15.66
N ALA C 459 62.73 80.90 14.43
CA ALA C 459 63.78 80.36 13.57
C ALA C 459 64.66 81.44 12.96
N ALA C 460 64.18 82.69 12.92
CA ALA C 460 65.01 83.77 12.41
C ALA C 460 66.05 84.22 13.43
N GLU C 461 65.75 84.10 14.72
CA GLU C 461 66.70 84.53 15.76
C GLU C 461 67.99 83.70 15.69
N ILE C 462 67.87 82.38 15.56
CA ILE C 462 69.07 81.56 15.49
C ILE C 462 69.85 81.86 14.21
N GLU C 463 69.15 82.10 13.11
CA GLU C 463 69.83 82.41 11.85
C GLU C 463 70.60 83.71 11.95
N VAL C 464 69.98 84.75 12.52
CA VAL C 464 70.67 86.03 12.64
C VAL C 464 71.81 85.93 13.65
N ASP C 465 71.65 85.13 14.71
CA ASP C 465 72.76 84.93 15.63
C ASP C 465 73.94 84.25 14.95
N SER C 466 73.67 83.22 14.14
CA SER C 466 74.74 82.56 13.41
C SER C 466 75.41 83.50 12.42
N GLN C 467 74.62 84.29 11.70
CA GLN C 467 75.18 85.25 10.75
C GLN C 467 76.03 86.30 11.47
N THR C 468 75.56 86.78 12.62
CA THR C 468 76.31 87.77 13.38
C THR C 468 77.62 87.17 13.89
N GLN C 469 77.59 85.92 14.35
CA GLN C 469 78.83 85.28 14.81
C GLN C 469 79.82 85.13 13.66
N ILE C 470 79.34 84.70 12.49
CA ILE C 470 80.24 84.54 11.35
C ILE C 470 80.82 85.88 10.93
N ILE C 471 79.97 86.92 10.90
CA ILE C 471 80.44 88.24 10.51
C ILE C 471 81.45 88.78 11.51
N GLU C 472 81.21 88.53 12.80
CA GLU C 472 82.16 88.96 13.83
C GLU C 472 83.49 88.25 13.69
N ALA C 473 83.47 86.95 13.42
CA ALA C 473 84.72 86.21 13.22
C ALA C 473 85.48 86.75 12.01
N GLN C 474 84.77 86.98 10.90
CA GLN C 474 85.42 87.55 9.72
C GLN C 474 85.97 88.93 10.00
N GLY C 475 85.23 89.75 10.74
CA GLY C 475 85.71 91.07 11.08
C GLY C 475 86.94 91.03 11.96
N ASP C 476 86.99 90.08 12.90
CA ASP C 476 88.16 89.98 13.78
C ASP C 476 89.40 89.53 13.00
N VAL C 477 89.24 88.51 12.15
CA VAL C 477 90.40 88.04 11.38
C VAL C 477 90.88 89.13 10.42
N GLN C 478 89.93 89.84 9.79
CA GLN C 478 90.32 90.97 8.95
C GLN C 478 91.06 92.01 9.78
N LYS C 479 90.48 92.41 10.92
CA LYS C 479 91.06 93.48 11.72
C LYS C 479 92.49 93.17 12.10
N ASP C 480 92.77 91.94 12.52
CA ASP C 480 94.17 91.61 12.80
C ASP C 480 95.01 91.62 11.52
N LEU C 481 94.42 91.25 10.37
CA LEU C 481 95.17 91.28 9.12
C LEU C 481 95.61 92.70 8.75
N GLN C 482 94.67 93.65 8.73
CA GLN C 482 95.06 95.03 8.44
C GLN C 482 95.88 95.65 9.58
N ASP C 483 95.74 95.19 10.82
CA ASP C 483 96.63 95.69 11.87
C ASP C 483 98.07 95.28 11.60
N ALA C 484 98.28 94.01 11.22
CA ALA C 484 99.61 93.57 10.84
C ALA C 484 100.12 94.32 9.62
N GLN C 485 99.23 94.54 8.63
CA GLN C 485 99.64 95.28 7.43
C GLN C 485 100.06 96.70 7.76
N ALA C 486 99.32 97.38 8.62
CA ALA C 486 99.67 98.74 9.02
C ALA C 486 100.97 98.77 9.80
N LYS C 487 101.18 97.79 10.68
CA LYS C 487 102.46 97.73 11.40
C LYS C 487 103.62 97.52 10.44
N ALA C 488 103.45 96.63 9.46
CA ALA C 488 104.50 96.41 8.47
C ALA C 488 104.76 97.66 7.64
N GLN C 489 103.70 98.37 7.26
CA GLN C 489 103.86 99.59 6.48
C GLN C 489 104.58 100.67 7.29
N ALA C 490 104.24 100.79 8.58
CA ALA C 490 104.93 101.75 9.43
C ALA C 490 106.41 101.40 9.58
N ASP C 491 106.72 100.11 9.75
CA ASP C 491 108.12 99.70 9.85
C ASP C 491 108.86 99.98 8.55
N LEU C 492 108.22 99.72 7.41
CA LEU C 492 108.84 100.01 6.12
C LEU C 492 109.09 101.50 5.95
N ALA C 493 108.13 102.33 6.35
CA ALA C 493 108.30 103.78 6.26
C ALA C 493 109.44 104.25 7.16
N LYS C 494 109.54 103.70 8.37
CA LYS C 494 110.64 104.06 9.25
C LYS C 494 111.98 103.66 8.66
N GLN C 495 112.06 102.46 8.09
CA GLN C 495 113.30 102.01 7.46
C GLN C 495 113.67 102.90 6.28
N ASN C 496 112.67 103.28 5.47
CA ASN C 496 112.94 104.16 4.33
C ASN C 496 113.42 105.53 4.80
N ALA C 497 112.82 106.06 5.86
CA ALA C 497 113.27 107.34 6.39
C ALA C 497 114.69 107.26 6.93
N ALA C 498 115.01 106.16 7.61
CA ALA C 498 116.36 105.97 8.11
C ALA C 498 117.37 105.89 6.97
N ALA C 499 117.03 105.14 5.92
CA ALA C 499 117.92 105.05 4.76
C ALA C 499 118.09 106.41 4.09
N GLN C 500 117.01 107.18 3.96
CA GLN C 500 117.08 108.49 3.33
C GLN C 500 117.97 109.43 4.14
N GLN C 501 117.80 109.46 5.46
CA GLN C 501 118.63 110.35 6.27
C GLN C 501 120.08 109.89 6.29
N ARG C 502 120.33 108.57 6.25
CA ARG C 502 121.70 108.08 6.19
C ARG C 502 122.37 108.47 4.88
N GLN C 503 121.66 108.35 3.76
CA GLN C 503 122.24 108.70 2.47
C GLN C 503 122.33 110.20 2.26
N ALA C 504 121.52 110.99 2.96
CA ALA C 504 121.59 112.45 2.83
C ALA C 504 122.61 113.08 3.76
N VAL C 505 122.86 112.48 4.94
CA VAL C 505 123.82 113.05 5.87
C VAL C 505 125.25 112.94 5.35
N ALA C 506 125.52 112.00 4.44
CA ALA C 506 126.85 111.85 3.90
C ALA C 506 127.16 112.98 2.93
N VAL C 507 128.30 113.65 3.15
CA VAL C 507 128.71 114.77 2.31
C VAL C 507 130.21 115.00 2.44
N ILE D 2 -3.71 67.52 44.51
CA ILE D 2 -2.74 68.38 45.17
C ILE D 2 -3.00 69.84 44.81
N GLU D 3 -2.61 70.74 45.70
CA GLU D 3 -2.80 72.17 45.52
C GLU D 3 -1.51 72.91 45.87
N LEU D 4 -1.32 74.07 45.26
CA LEU D 4 -0.14 74.89 45.51
C LEU D 4 -0.47 75.92 46.57
N PRO D 5 0.15 75.86 47.76
CA PRO D 5 -0.16 76.84 48.80
C PRO D 5 0.70 78.10 48.68
N ASP D 6 0.05 79.27 48.71
CA ASP D 6 0.80 80.52 48.67
C ASP D 6 1.66 80.70 49.91
N ALA D 7 1.12 80.38 51.08
CA ALA D 7 1.85 80.50 52.33
C ALA D 7 2.83 79.34 52.49
N ILE D 8 3.76 79.51 53.43
CA ILE D 8 4.77 78.48 53.70
C ILE D 8 4.41 77.61 54.89
N SER D 9 3.33 77.91 55.62
CA SER D 9 2.89 77.15 56.78
C SER D 9 4.02 77.05 57.82
N ASP D 10 4.38 78.20 58.36
CA ASP D 10 5.49 78.24 59.33
C ASP D 10 5.17 77.43 60.57
N GLY D 11 3.94 77.52 61.07
CA GLY D 11 3.58 76.80 62.28
C GLY D 11 2.81 75.52 62.02
N GLU D 12 2.40 75.28 60.77
CA GLU D 12 1.59 74.13 60.41
C GLU D 12 2.11 73.49 59.13
N VAL D 13 3.44 73.33 59.03
CA VAL D 13 4.01 72.69 57.85
C VAL D 13 3.69 71.20 57.82
N ARG D 14 3.74 70.54 58.98
CA ARG D 14 3.48 69.10 59.04
C ARG D 14 2.05 68.77 58.67
N LYS D 15 1.09 69.64 59.05
CA LYS D 15 -0.30 69.39 58.70
C LYS D 15 -0.50 69.37 57.20
N LEU D 16 0.13 70.30 56.48
CA LEU D 16 0.03 70.31 55.03
C LEU D 16 0.80 69.15 54.42
N VAL D 17 1.96 68.81 54.97
CA VAL D 17 2.78 67.73 54.40
C VAL D 17 2.04 66.41 54.48
N GLU D 18 1.53 66.07 55.67
CA GLU D 18 0.96 64.74 55.89
C GLU D 18 -0.26 64.46 55.05
N ASN D 19 -0.98 65.50 54.60
CA ASN D 19 -2.19 65.30 53.82
C ASN D 19 -2.09 65.75 52.38
N GLU D 20 -0.98 66.38 51.97
CA GLU D 20 -0.88 66.73 50.55
C GLU D 20 0.41 66.24 49.91
N PHE D 21 1.53 66.25 50.64
CA PHE D 21 2.80 65.88 50.04
C PHE D 21 3.15 64.41 50.21
N TRP D 22 2.94 63.85 51.41
CA TRP D 22 3.27 62.46 51.64
C TRP D 22 2.48 61.50 50.76
N PRO D 23 1.16 61.62 50.58
CA PRO D 23 0.47 60.70 49.66
C PRO D 23 0.98 60.79 48.24
N GLU D 24 1.18 62.01 47.72
CA GLU D 24 1.72 62.16 46.37
C GLU D 24 3.15 61.64 46.29
N PHE D 25 3.94 61.87 47.34
CA PHE D 25 5.31 61.38 47.36
C PHE D 25 5.34 59.85 47.29
N VAL D 26 4.46 59.18 48.05
CA VAL D 26 4.41 57.73 48.02
C VAL D 26 3.90 57.23 46.67
N ARG D 27 2.91 57.93 46.10
CA ARG D 27 2.37 57.54 44.81
C ARG D 27 3.43 57.62 43.71
N ARG D 28 4.30 58.63 43.77
CA ARG D 28 5.40 58.71 42.82
C ARG D 28 6.49 57.70 43.16
N ARG D 29 6.73 57.48 44.45
CA ARG D 29 7.83 56.62 44.88
C ARG D 29 7.59 55.17 44.49
N GLU D 30 6.35 54.70 44.57
CA GLU D 30 6.09 53.31 44.19
C GLU D 30 6.39 53.08 42.72
N LYS D 31 5.94 54.00 41.85
CA LYS D 31 6.23 53.87 40.43
C LYS D 31 7.72 54.00 40.14
N LEU D 32 8.41 54.92 40.82
CA LEU D 32 9.84 55.09 40.60
C LEU D 32 10.60 53.84 41.04
N ASP D 33 10.22 53.25 42.17
CA ASP D 33 10.85 52.02 42.62
C ASP D 33 10.58 50.88 41.65
N ARG D 34 9.36 50.80 41.13
CA ARG D 34 9.04 49.75 40.17
C ARG D 34 9.87 49.90 38.90
N ILE D 35 10.02 51.12 38.40
CA ILE D 35 10.79 51.32 37.17
C ILE D 35 12.28 51.10 37.43
N ALA D 36 12.77 51.44 38.63
CA ALA D 36 14.15 51.16 38.97
C ALA D 36 14.40 49.66 39.04
N GLN D 37 13.45 48.90 39.61
CA GLN D 37 13.57 47.45 39.63
C GLN D 37 13.54 46.89 38.21
N TRP D 38 12.71 47.47 37.34
CA TRP D 38 12.66 47.04 35.95
C TRP D 38 13.99 47.29 35.24
N ALA D 39 14.64 48.41 35.56
CA ALA D 39 15.88 48.78 34.87
C ALA D 39 16.98 47.75 35.13
N ARG D 40 17.16 47.34 36.39
CA ARG D 40 18.21 46.39 36.75
C ARG D 40 17.68 44.96 36.64
N GLY D 41 17.46 44.54 35.40
CA GLY D 41 16.92 43.22 35.16
C GLY D 41 15.47 43.11 35.60
N GLU D 42 15.01 41.86 35.68
CA GLU D 42 13.65 41.54 36.10
C GLU D 42 12.62 42.34 35.29
N GLN D 43 12.61 42.09 33.98
CA GLN D 43 11.71 42.80 33.08
C GLN D 43 10.26 42.44 33.41
N PRO D 44 9.32 43.34 33.11
CA PRO D 44 7.92 43.07 33.42
C PRO D 44 7.42 41.80 32.73
N ASP D 45 7.00 40.84 33.56
CA ASP D 45 6.50 39.55 33.06
C ASP D 45 5.00 39.64 32.78
N TYR D 46 4.66 39.82 31.49
CA TYR D 46 3.26 39.86 31.10
C TYR D 46 2.58 38.51 31.32
N LEU D 47 3.31 37.41 31.12
CA LEU D 47 2.79 36.07 31.34
C LEU D 47 3.72 35.33 32.29
N ILE D 48 3.18 34.88 33.43
CA ILE D 48 3.94 34.11 34.40
C ILE D 48 3.05 32.98 34.91
N GLN D 49 3.64 31.78 35.02
CA GLN D 49 2.93 30.61 35.51
C GLN D 49 3.24 30.45 37.00
N ASN D 50 2.22 30.63 37.83
CA ASN D 50 2.36 30.52 39.28
C ASN D 50 2.03 29.13 39.81
N ALA D 51 1.70 28.18 38.92
CA ALA D 51 1.34 26.84 39.35
C ALA D 51 2.45 25.82 39.15
N ASN D 52 3.34 26.03 38.18
CA ASN D 52 4.43 25.12 37.89
C ASN D 52 5.73 25.74 38.36
N ARG D 53 6.43 25.05 39.26
CA ARG D 53 7.70 25.56 39.77
C ARG D 53 8.78 25.54 38.68
N GLU D 54 8.79 24.49 37.85
CA GLU D 54 9.79 24.40 36.79
C GLU D 54 9.61 25.51 35.77
N LYS D 55 8.35 25.78 35.38
CA LYS D 55 8.09 26.84 34.41
C LYS D 55 8.47 28.20 34.97
N ARG D 56 8.16 28.45 36.24
CA ARG D 56 8.55 29.71 36.87
C ARG D 56 10.06 29.86 36.95
N ALA D 57 10.75 28.76 37.27
CA ALA D 57 12.22 28.80 37.31
C ALA D 57 12.80 29.09 35.93
N LEU D 58 12.23 28.47 34.89
CA LEU D 58 12.69 28.73 33.53
C LEU D 58 12.44 30.18 33.13
N LEU D 59 11.27 30.72 33.50
CA LEU D 59 10.96 32.11 33.17
C LEU D 59 11.91 33.07 33.89
N LYS D 60 12.19 32.81 35.17
CA LYS D 60 13.13 33.66 35.90
C LYS D 60 14.54 33.53 35.32
N LEU D 61 14.91 32.34 34.86
CA LEU D 61 16.22 32.13 34.27
C LEU D 61 16.37 32.81 32.92
N ALA D 62 15.26 33.16 32.26
CA ALA D 62 15.29 33.81 30.96
C ALA D 62 15.25 35.32 31.05
N LYS D 63 15.22 35.89 32.26
CA LYS D 63 15.12 37.35 32.43
C LYS D 63 16.48 37.96 32.14
N THR D 64 16.76 38.14 30.85
CA THR D 64 18.01 38.75 30.42
C THR D 64 17.89 40.27 30.52
N PRO D 65 18.78 40.94 31.27
CA PRO D 65 18.70 42.41 31.36
C PRO D 65 19.16 43.06 30.07
N TRP D 66 18.27 43.82 29.45
CA TRP D 66 18.57 44.53 28.21
C TRP D 66 18.48 46.04 28.33
N LEU D 67 17.44 46.56 28.98
CA LEU D 67 17.31 48.00 29.13
C LEU D 67 18.42 48.56 30.01
N GLY D 68 18.82 47.82 31.05
CA GLY D 68 19.93 48.26 31.87
C GLY D 68 21.23 48.40 31.08
N LEU D 69 21.46 47.48 30.14
CA LEU D 69 22.64 47.58 29.28
C LEU D 69 22.59 48.84 28.44
N VAL D 70 21.42 49.16 27.88
CA VAL D 70 21.27 50.37 27.08
C VAL D 70 21.52 51.61 27.93
N VAL D 71 20.99 51.63 29.15
CA VAL D 71 21.19 52.77 30.04
C VAL D 71 22.67 52.93 30.38
N THR D 72 23.34 51.83 30.69
CA THR D 72 24.76 51.89 31.01
C THR D 72 25.57 52.38 29.81
N HIS D 73 25.24 51.89 28.62
CA HIS D 73 25.95 52.34 27.42
C HIS D 73 25.75 53.83 27.17
N PHE D 74 24.53 54.31 27.36
CA PHE D 74 24.26 55.74 27.14
C PHE D 74 24.97 56.60 28.18
N THR D 75 24.98 56.18 29.44
CA THR D 75 25.55 57.00 30.51
C THR D 75 27.05 56.93 30.59
N GLN D 76 27.68 55.93 29.96
CA GLN D 76 29.14 55.81 29.99
C GLN D 76 29.83 56.63 28.92
N ALA D 77 29.08 57.17 27.96
CA ALA D 77 29.65 57.99 26.90
C ALA D 77 29.45 59.49 27.14
N LEU D 78 28.89 59.88 28.28
CA LEU D 78 28.64 61.27 28.62
C LEU D 78 29.62 61.70 29.70
N PHE D 79 30.39 62.74 29.41
CA PHE D 79 31.38 63.25 30.35
C PHE D 79 31.57 64.74 30.13
N VAL D 80 31.71 65.48 31.23
CA VAL D 80 31.89 66.92 31.19
C VAL D 80 33.31 67.24 31.65
N ASP D 81 34.05 67.97 30.81
CA ASP D 81 35.41 68.38 31.13
C ASP D 81 35.57 69.85 30.77
N GLY D 82 35.99 70.64 31.73
CA GLY D 82 36.21 72.06 31.52
C GLY D 82 34.92 72.85 31.44
N TYR D 83 35.04 74.14 31.74
CA TYR D 83 33.94 75.10 31.67
C TYR D 83 34.39 76.26 30.80
N ARG D 84 34.19 76.11 29.49
CA ARG D 84 34.68 77.09 28.52
C ARG D 84 33.72 78.27 28.47
N ALA D 85 34.16 79.41 29.00
CA ALA D 85 33.39 80.63 28.91
C ALA D 85 33.52 81.22 27.50
N GLU D 86 32.62 82.15 27.18
CA GLU D 86 32.62 82.77 25.86
C GLU D 86 33.87 83.63 25.69
N GLY D 87 34.63 83.35 24.64
CA GLY D 87 35.83 84.11 24.34
C GLY D 87 37.07 83.72 25.11
N SER D 88 37.00 82.67 25.94
CA SER D 88 38.15 82.23 26.72
C SER D 88 38.39 80.76 26.47
N LYS D 89 39.65 80.40 26.17
CA LYS D 89 40.03 79.01 25.94
C LYS D 89 40.40 78.27 27.22
N GLU D 90 40.47 78.96 28.35
CA GLU D 90 40.85 78.36 29.62
C GLU D 90 39.65 78.36 30.55
N ASN D 91 39.51 77.28 31.32
CA ASN D 91 38.40 77.17 32.26
C ASN D 91 38.53 78.22 33.35
N ALA D 92 37.41 78.86 33.68
CA ALA D 92 37.39 79.88 34.72
C ALA D 92 37.67 79.26 36.08
N LYS D 93 38.29 80.06 36.95
CA LYS D 93 38.61 79.63 38.31
C LYS D 93 37.44 79.79 39.28
N GLY D 94 36.22 79.90 38.75
CA GLY D 94 35.05 80.05 39.57
C GLY D 94 34.27 78.76 39.72
N PRO D 95 33.22 78.59 38.91
CA PRO D 95 32.41 77.37 39.02
C PRO D 95 33.19 76.09 38.80
N TRP D 96 34.25 76.13 37.99
CA TRP D 96 35.05 74.93 37.77
C TRP D 96 35.77 74.50 39.04
N GLN D 97 36.18 75.46 39.88
CA GLN D 97 36.78 75.10 41.17
C GLN D 97 35.77 74.37 42.05
N THR D 98 34.52 74.83 42.05
CA THR D 98 33.48 74.13 42.80
C THR D 98 33.22 72.74 42.22
N TRP D 99 33.24 72.63 40.89
CA TRP D 99 33.05 71.33 40.25
C TRP D 99 34.14 70.36 40.65
N ASN D 100 35.40 70.82 40.68
CA ASN D 100 36.51 69.94 41.03
C ASN D 100 36.48 69.59 42.52
N ALA D 101 36.15 70.57 43.38
CA ALA D 101 36.16 70.32 44.81
C ALA D 101 35.07 69.33 45.23
N ASN D 102 33.91 69.39 44.59
CA ASN D 102 32.78 68.55 44.96
C ASN D 102 32.89 67.13 44.41
N LYS D 103 34.00 66.79 43.74
CA LYS D 103 34.19 65.47 43.14
C LYS D 103 33.04 65.13 42.18
N MET D 104 32.67 66.11 41.36
CA MET D 104 31.59 65.91 40.40
C MET D 104 31.98 64.98 39.27
N GLN D 105 33.29 64.77 39.05
CA GLN D 105 33.73 63.89 37.98
C GLN D 105 33.23 62.47 38.16
N SER D 106 33.00 62.04 39.41
CA SER D 106 32.49 60.71 39.68
C SER D 106 30.99 60.66 39.91
N LYS D 107 30.37 61.80 40.22
CA LYS D 107 28.93 61.84 40.44
C LYS D 107 28.14 62.19 39.19
N GLN D 108 28.78 62.76 38.18
CA GLN D 108 28.08 63.08 36.94
C GLN D 108 27.60 61.81 36.24
N ILE D 109 28.37 60.72 36.34
CA ILE D 109 27.94 59.45 35.74
C ILE D 109 26.64 58.97 36.39
N ALA D 110 26.58 59.02 37.73
CA ALA D 110 25.38 58.61 38.43
C ALA D 110 24.20 59.52 38.10
N ILE D 111 24.46 60.84 38.02
CA ILE D 111 23.39 61.77 37.71
C ILE D 111 22.83 61.51 36.32
N HIS D 112 23.72 61.30 35.34
CA HIS D 112 23.27 61.02 33.98
C HIS D 112 22.53 59.69 33.90
N ARG D 113 23.00 58.67 34.61
CA ARG D 113 22.31 57.38 34.62
C ARG D 113 20.92 57.50 35.21
N ALA D 114 20.78 58.24 36.31
CA ALA D 114 19.47 58.43 36.92
C ALA D 114 18.55 59.24 36.00
N ALA D 115 19.09 60.25 35.33
CA ALA D 115 18.28 61.04 34.41
C ALA D 115 17.81 60.20 33.22
N LEU D 116 18.69 59.34 32.70
CA LEU D 116 18.30 58.51 31.55
C LEU D 116 17.34 57.41 31.96
N THR D 117 17.45 56.91 33.20
CA THR D 117 16.56 55.84 33.65
C THR D 117 15.21 56.39 34.10
N TYR D 118 15.21 57.22 35.14
CA TYR D 118 13.96 57.69 35.70
C TYR D 118 13.29 58.73 34.80
N GLY D 119 14.07 59.65 34.26
CA GLY D 119 13.53 60.67 33.37
C GLY D 119 13.95 62.08 33.74
N TYR D 120 14.15 62.33 35.03
CA TYR D 120 14.49 63.68 35.49
C TYR D 120 15.28 63.56 36.79
N SER D 121 16.58 63.80 36.71
CA SER D 121 17.42 63.80 37.91
C SER D 121 17.31 65.14 38.62
N TYR D 122 17.80 65.17 39.86
CA TYR D 122 17.79 66.36 40.68
C TYR D 122 19.16 66.59 41.29
N ALA D 123 19.63 67.83 41.24
CA ALA D 123 20.90 68.22 41.81
C ALA D 123 20.66 69.27 42.89
N ARG D 124 21.20 69.02 44.09
CA ARG D 124 21.04 69.90 45.23
C ARG D 124 22.35 70.65 45.45
N VAL D 125 22.26 71.98 45.48
CA VAL D 125 23.42 72.84 45.75
C VAL D 125 23.11 73.65 47.00
N LEU D 126 23.97 73.54 48.01
CA LEU D 126 23.77 74.23 49.27
C LEU D 126 25.05 74.93 49.68
N PRO D 127 24.94 76.04 50.40
CA PRO D 127 26.16 76.73 50.89
C PRO D 127 26.91 75.88 51.89
N GLY D 128 28.23 76.06 51.89
CA GLY D 128 29.09 75.31 52.79
C GLY D 128 30.43 76.01 52.96
N VAL D 129 31.19 75.53 53.95
CA VAL D 129 32.50 76.07 54.27
C VAL D 129 33.55 75.21 53.60
N ALA D 130 34.60 75.87 53.08
CA ALA D 130 35.69 75.17 52.42
C ALA D 130 36.66 74.60 53.46
N LEU D 131 37.67 73.88 52.97
CA LEU D 131 38.68 73.32 53.85
C LEU D 131 39.48 74.43 54.54
N ASP D 132 39.82 75.47 53.80
CA ASP D 132 40.58 76.59 54.35
C ASP D 132 39.70 77.61 55.06
N GLY D 133 38.38 77.42 55.06
CA GLY D 133 37.46 78.35 55.68
C GLY D 133 36.76 79.29 54.73
N ALA D 134 37.00 79.17 53.43
CA ALA D 134 36.34 80.02 52.45
C ALA D 134 34.95 79.46 52.15
N ASN D 135 34.29 80.00 51.13
CA ASN D 135 32.95 79.58 50.75
C ASN D 135 33.05 78.53 49.64
N GLN D 136 32.56 77.32 49.92
CA GLN D 136 32.54 76.23 48.96
C GLN D 136 31.12 75.71 48.84
N ALA D 137 30.58 75.70 47.62
CA ALA D 137 29.22 75.23 47.39
C ALA D 137 29.21 73.70 47.35
N GLU D 138 28.39 73.10 48.20
CA GLU D 138 28.26 71.65 48.26
C GLU D 138 27.15 71.22 47.29
N ILE D 139 27.51 70.45 46.27
CA ILE D 139 26.58 70.01 45.24
C ILE D 139 26.42 68.50 45.36
N HIS D 140 25.18 68.05 45.49
CA HIS D 140 24.86 66.63 45.59
C HIS D 140 23.67 66.31 44.69
N GLY D 141 23.62 65.06 44.25
CA GLY D 141 22.53 64.59 43.42
C GLY D 141 21.53 63.77 44.22
N VAL D 142 20.24 64.02 43.99
CA VAL D 142 19.16 63.35 44.70
C VAL D 142 18.32 62.60 43.68
N SER D 143 18.11 61.31 43.92
CA SER D 143 17.30 60.50 43.03
C SER D 143 15.83 60.88 43.14
N PRO D 144 15.06 60.72 42.06
CA PRO D 144 13.62 60.97 42.15
C PRO D 144 12.92 60.09 43.17
N ARG D 145 13.46 58.92 43.47
CA ARG D 145 12.88 58.05 44.49
C ARG D 145 12.90 58.70 45.87
N ARG D 146 13.80 59.65 46.10
CA ARG D 146 13.92 60.32 47.39
C ARG D 146 13.71 61.83 47.27
N LEU D 147 12.85 62.25 46.34
CA LEU D 147 12.59 63.66 46.14
C LEU D 147 11.22 63.83 45.48
N LEU D 148 10.55 64.93 45.82
CA LEU D 148 9.27 65.28 45.22
C LEU D 148 9.26 66.79 45.00
N ALA D 149 9.50 67.22 43.77
CA ALA D 149 9.56 68.64 43.42
C ALA D 149 8.25 69.05 42.77
N LEU D 150 7.71 70.18 43.21
CA LEU D 150 6.46 70.71 42.71
C LEU D 150 6.73 71.97 41.88
N TYR D 151 6.21 71.98 40.66
CA TYR D 151 6.38 73.10 39.74
C TYR D 151 5.02 73.70 39.41
N GLU D 152 4.92 75.03 39.50
CA GLU D 152 3.72 75.70 39.04
C GLU D 152 3.66 75.76 37.51
N ASP D 153 4.80 75.59 36.85
CA ASP D 153 4.89 75.55 35.38
C ASP D 153 5.93 74.49 35.05
N GLN D 154 5.46 73.26 34.80
CA GLN D 154 6.37 72.12 34.67
C GLN D 154 7.33 72.26 33.51
N ILE D 155 7.05 73.14 32.55
CA ILE D 155 7.88 73.30 31.36
C ILE D 155 8.77 74.53 31.46
N ASN D 156 8.20 75.68 31.79
CA ASN D 156 8.92 76.95 31.72
C ASN D 156 9.63 77.32 33.01
N ASP D 157 9.39 76.60 34.11
CA ASP D 157 10.05 76.94 35.36
C ASP D 157 11.52 76.54 35.33
N GLU D 158 12.37 77.37 35.93
CA GLU D 158 13.79 77.08 36.05
C GLU D 158 14.11 76.33 37.34
N TYR D 159 13.43 76.68 38.42
CA TYR D 159 13.62 76.06 39.72
C TYR D 159 12.26 75.73 40.35
N PRO D 160 12.20 74.72 41.20
CA PRO D 160 10.92 74.37 41.83
C PRO D 160 10.49 75.40 42.86
N LYS D 161 9.30 75.21 43.43
CA LYS D 161 8.77 76.09 44.47
C LYS D 161 8.75 75.43 45.83
N TYR D 162 8.11 74.26 45.94
CA TYR D 162 8.11 73.48 47.17
C TYR D 162 8.57 72.07 46.86
N ALA D 163 9.62 71.61 47.56
CA ALA D 163 10.19 70.29 47.31
C ALA D 163 10.35 69.57 48.63
N LEU D 164 9.95 68.30 48.65
CA LEU D 164 10.09 67.42 49.81
C LEU D 164 11.19 66.41 49.52
N GLU D 165 12.21 66.39 50.37
CA GLU D 165 13.38 65.54 50.17
C GLU D 165 13.46 64.51 51.29
N LEU D 166 13.70 63.26 50.91
CA LEU D 166 13.88 62.16 51.86
C LEU D 166 15.34 61.75 51.86
N ALA D 167 15.95 61.75 53.05
CA ALA D 167 17.33 61.31 53.17
C ALA D 167 17.45 59.82 52.94
N ASN D 168 18.63 59.40 52.46
CA ASN D 168 18.85 58.00 52.11
C ASN D 168 18.97 57.10 53.34
N ASN D 169 19.08 57.66 54.53
CA ASN D 169 19.11 56.84 55.75
C ASN D 169 17.74 56.57 56.33
N GLY D 170 16.69 57.19 55.78
CA GLY D 170 15.33 56.97 56.28
C GLY D 170 15.12 57.44 57.70
N LYS D 171 15.69 58.58 58.06
CA LYS D 171 15.57 59.08 59.43
C LYS D 171 15.10 60.53 59.45
N THR D 172 15.42 61.30 58.42
CA THR D 172 15.10 62.72 58.36
C THR D 172 14.34 63.02 57.09
N VAL D 173 13.29 63.83 57.21
CA VAL D 173 12.51 64.33 56.08
C VAL D 173 12.62 65.84 56.07
N ARG D 174 13.05 66.40 54.94
CA ARG D 174 13.27 67.83 54.82
C ARG D 174 12.43 68.41 53.69
N LEU D 175 11.89 69.61 53.93
CA LEU D 175 11.13 70.35 52.94
C LEU D 175 11.90 71.62 52.59
N TYR D 176 12.08 71.86 51.30
CA TYR D 176 12.89 72.97 50.81
C TYR D 176 11.97 74.07 50.29
N THR D 177 11.81 75.14 51.07
CA THR D 177 11.08 76.31 50.64
C THR D 177 12.04 77.30 50.00
N ASP D 178 11.58 78.54 49.81
CA ASP D 178 12.38 79.52 49.06
C ASP D 178 13.68 79.85 49.78
N THR D 179 13.60 80.22 51.07
CA THR D 179 14.77 80.72 51.78
C THR D 179 14.92 80.13 53.18
N ASP D 180 14.27 78.99 53.45
CA ASP D 180 14.38 78.34 54.74
C ASP D 180 14.62 76.85 54.54
N TYR D 181 15.25 76.23 55.52
CA TYR D 181 15.60 74.81 55.48
C TYR D 181 14.80 74.09 56.56
N TYR D 182 13.66 73.53 56.17
CA TYR D 182 12.81 72.80 57.11
C TYR D 182 13.32 71.38 57.27
N GLU D 183 13.46 70.94 58.53
CA GLU D 183 13.97 69.60 58.83
C GLU D 183 12.99 68.91 59.77
N LEU D 184 12.67 67.66 59.47
CA LEU D 184 11.80 66.85 60.32
C LEU D 184 12.47 65.52 60.64
N ARG D 185 11.73 64.62 61.28
CA ARG D 185 12.25 63.31 61.66
C ARG D 185 11.38 62.21 61.08
N MET D 186 12.02 61.10 60.74
CA MET D 186 11.34 59.93 60.15
C MET D 186 11.75 58.67 60.92
N PRO D 187 11.21 58.49 62.13
CA PRO D 187 11.57 57.29 62.89
C PRO D 187 10.98 56.02 62.30
N SER D 188 9.75 56.08 61.82
CA SER D 188 9.07 54.94 61.23
C SER D 188 8.50 55.33 59.87
N PRO D 189 8.37 54.39 58.94
CA PRO D 189 7.83 54.73 57.62
C PRO D 189 6.33 54.93 57.63
N GLY D 190 5.88 56.14 57.96
CA GLY D 190 4.46 56.44 57.89
C GLY D 190 3.88 57.19 59.08
N ASN D 191 4.73 57.69 59.97
CA ASN D 191 4.28 58.48 61.11
C ASN D 191 5.06 59.78 61.19
N PHE D 192 4.36 60.87 61.55
CA PHE D 192 4.97 62.19 61.72
C PHE D 192 4.52 62.74 63.06
N PRO D 193 5.13 62.30 64.16
CA PRO D 193 4.73 62.81 65.48
C PRO D 193 5.00 64.31 65.60
N ASN D 194 4.08 64.99 66.27
CA ASN D 194 4.17 66.43 66.47
C ASN D 194 5.00 66.82 67.67
N GLU D 195 5.41 65.86 68.50
CA GLU D 195 6.23 66.17 69.67
C GLU D 195 7.61 66.66 69.26
N GLN D 196 8.11 66.24 68.10
CA GLN D 196 9.42 66.66 67.64
C GLN D 196 9.41 68.15 67.30
N VAL D 197 10.57 68.79 67.46
CA VAL D 197 10.73 70.21 67.19
C VAL D 197 11.22 70.37 65.76
N ILE D 198 10.45 71.10 64.94
CA ILE D 198 10.82 71.32 63.55
C ILE D 198 11.98 72.30 63.49
N LYS D 199 13.02 71.95 62.75
CA LYS D 199 14.21 72.78 62.62
C LYS D 199 14.10 73.63 61.35
N LYS D 200 14.27 74.94 61.52
CA LYS D 200 14.25 75.88 60.40
C LYS D 200 15.60 76.58 60.34
N VAL D 201 16.28 76.46 59.20
CA VAL D 201 17.59 77.06 59.00
C VAL D 201 17.49 78.04 57.85
N HIS D 202 17.93 79.28 58.10
CA HIS D 202 17.90 80.34 57.09
C HIS D 202 19.30 80.46 56.49
N HIS D 203 19.58 79.64 55.48
CA HIS D 203 20.86 79.70 54.79
C HIS D 203 20.91 80.88 53.82
N GLY D 204 19.95 80.94 52.91
CA GLY D 204 19.87 82.02 51.94
C GLY D 204 20.41 81.63 50.59
N VAL D 205 19.51 81.26 49.67
CA VAL D 205 19.91 80.85 48.34
C VAL D 205 18.99 81.52 47.31
N GLY D 206 17.93 82.15 47.79
CA GLY D 206 16.97 82.77 46.89
C GLY D 206 15.80 81.89 46.57
N VAL D 207 15.87 81.21 45.43
CA VAL D 207 14.84 80.28 45.02
C VAL D 207 15.25 78.86 45.44
N CYS D 208 14.31 77.94 45.37
CA CYS D 208 14.56 76.58 45.83
C CYS D 208 15.75 75.97 45.12
N PRO D 209 16.77 75.49 45.84
CA PRO D 209 18.02 75.02 45.21
C PRO D 209 17.90 73.59 44.67
N PHE D 210 17.21 73.45 43.55
CA PHE D 210 17.06 72.17 42.88
C PHE D 210 17.06 72.40 41.37
N VAL D 211 17.83 71.58 40.65
CA VAL D 211 17.91 71.66 39.20
C VAL D 211 17.49 70.31 38.63
N ARG D 212 16.57 70.35 37.66
CA ARG D 212 16.02 69.14 37.08
C ARG D 212 16.79 68.76 35.82
N TYR D 213 17.27 67.52 35.77
CA TYR D 213 17.99 67.00 34.61
C TYR D 213 17.02 66.19 33.78
N VAL D 214 16.24 66.90 32.96
CA VAL D 214 15.21 66.26 32.15
C VAL D 214 15.85 65.44 31.04
N ASN D 215 15.36 64.21 30.85
CA ASN D 215 15.90 63.34 29.82
C ASN D 215 15.70 63.93 28.43
N MET D 216 14.45 64.09 28.03
CA MET D 216 14.11 64.66 26.73
C MET D 216 13.19 65.85 26.92
N MET D 217 13.44 66.91 26.15
CA MET D 217 12.66 68.14 26.26
C MET D 217 11.39 68.00 25.42
N ASP D 218 10.24 68.15 26.05
CA ASP D 218 8.95 68.08 25.39
C ASP D 218 8.15 69.34 25.67
N LEU D 219 7.28 69.70 24.73
CA LEU D 219 6.50 70.92 24.83
C LEU D 219 5.23 70.77 25.66
N ASP D 220 4.92 69.56 26.13
CA ASP D 220 3.73 69.32 26.93
C ASP D 220 4.04 68.43 28.12
N GLY D 221 5.16 68.69 28.78
CA GLY D 221 5.56 67.86 29.90
C GLY D 221 5.83 66.44 29.44
N PHE D 222 5.15 65.48 30.09
CA PHE D 222 5.23 64.06 29.72
C PHE D 222 6.66 63.56 29.74
N THR D 223 7.42 63.97 30.74
CA THR D 223 8.82 63.55 30.84
C THR D 223 8.90 62.06 31.13
N MET D 224 9.69 61.35 30.32
CA MET D 224 9.84 59.91 30.45
C MET D 224 11.31 59.55 30.28
N GLY D 225 11.70 58.41 30.87
CA GLY D 225 13.05 57.91 30.76
C GLY D 225 13.26 57.03 29.55
N GLU D 226 14.48 56.50 29.44
CA GLU D 226 14.85 55.63 28.35
C GLU D 226 14.61 54.15 28.64
N VAL D 227 14.09 53.83 29.83
CA VAL D 227 13.83 52.44 30.20
C VAL D 227 12.34 52.15 30.09
N GLU D 228 11.51 53.18 30.30
CA GLU D 228 10.06 53.00 30.18
C GLU D 228 9.62 52.94 28.73
N TYR D 229 10.27 53.69 27.84
CA TYR D 229 9.85 53.75 26.45
C TYR D 229 10.05 52.44 25.71
N LEU D 230 10.88 51.53 26.23
CA LEU D 230 11.18 50.27 25.56
C LEU D 230 10.86 49.07 26.44
N VAL D 231 9.89 49.21 27.34
CA VAL D 231 9.45 48.06 28.14
C VAL D 231 8.83 46.96 27.28
N PRO D 232 7.89 47.23 26.38
CA PRO D 232 7.28 46.12 25.62
C PRO D 232 8.26 45.34 24.78
N VAL D 233 9.26 45.99 24.16
CA VAL D 233 10.19 45.26 23.31
C VAL D 233 11.11 44.36 24.14
N ALA D 234 11.55 44.85 25.31
CA ALA D 234 12.34 44.01 26.20
C ALA D 234 11.52 42.83 26.72
N SER D 235 10.25 43.09 27.05
CA SER D 235 9.37 42.00 27.47
C SER D 235 9.19 40.98 26.35
N LYS D 236 9.07 41.44 25.10
CA LYS D 236 8.96 40.52 23.97
C LYS D 236 10.22 39.70 23.79
N ILE D 237 11.39 40.31 23.97
CA ILE D 237 12.65 39.58 23.87
C ILE D 237 12.71 38.50 24.94
N ASP D 238 12.35 38.86 26.18
CA ASP D 238 12.37 37.88 27.26
C ASP D 238 11.35 36.77 27.03
N LYS D 239 10.19 37.11 26.46
CA LYS D 239 9.19 36.09 26.14
C LYS D 239 9.71 35.13 25.07
N THR D 240 10.39 35.66 24.05
CA THR D 240 10.98 34.80 23.03
C THR D 240 12.03 33.88 23.63
N ASP D 241 12.88 34.42 24.52
CA ASP D 241 13.88 33.60 25.19
C ASP D 241 13.23 32.51 26.04
N TYR D 242 12.14 32.86 26.74
CA TYR D 242 11.43 31.88 27.55
C TYR D 242 10.81 30.78 26.67
N ASP D 243 10.25 31.16 25.53
CA ASP D 243 9.70 30.16 24.62
C ASP D 243 10.80 29.24 24.09
N ARG D 244 11.96 29.80 23.75
CA ARG D 244 13.08 28.97 23.29
C ARG D 244 13.53 28.02 24.39
N LEU D 245 13.60 28.51 25.63
CA LEU D 245 14.00 27.65 26.75
C LEU D 245 12.97 26.54 26.99
N LEU D 246 11.69 26.87 26.87
CA LEU D 246 10.65 25.85 27.02
C LEU D 246 10.76 24.79 25.94
N ALA D 247 11.02 25.21 24.70
CA ALA D 247 11.19 24.25 23.61
C ALA D 247 12.42 23.37 23.84
N GLN D 248 13.52 23.96 24.31
CA GLN D 248 14.76 23.21 24.48
C GLN D 248 14.72 22.29 25.69
N HIS D 249 13.96 22.65 26.74
CA HIS D 249 13.97 21.89 27.98
C HIS D 249 12.96 20.76 28.01
N TYR D 250 11.86 20.89 27.26
CA TYR D 250 10.78 19.91 27.32
C TYR D 250 10.78 18.95 26.13
N ASN D 251 10.97 19.45 24.91
CA ASN D 251 11.00 18.62 23.71
C ASN D 251 12.13 19.07 22.79
N SER D 252 13.32 18.49 23.00
CA SER D 252 14.47 18.78 22.17
C SER D 252 15.25 17.53 21.78
N TRP D 253 14.75 16.34 22.14
CA TRP D 253 15.42 15.09 21.81
C TRP D 253 14.39 14.12 21.25
N LYS D 254 14.87 13.21 20.39
CA LYS D 254 13.99 12.20 19.80
C LYS D 254 13.57 11.21 20.88
N VAL D 255 12.30 11.31 21.30
CA VAL D 255 11.80 10.45 22.36
C VAL D 255 11.58 9.05 21.83
N LYS D 256 12.20 8.08 22.50
CA LYS D 256 12.06 6.67 22.12
C LYS D 256 10.87 6.08 22.86
N VAL D 257 9.92 5.53 22.10
CA VAL D 257 8.72 4.92 22.67
C VAL D 257 8.55 3.52 22.09
N ALA D 258 7.82 2.69 22.83
CA ALA D 258 7.55 1.32 22.43
C ALA D 258 6.08 1.02 22.61
N THR D 259 5.55 0.17 21.72
CA THR D 259 4.15 -0.25 21.79
C THR D 259 4.06 -1.73 21.49
N GLY D 260 2.99 -2.35 21.99
CA GLY D 260 2.73 -3.75 21.76
C GLY D 260 3.22 -4.68 22.85
N ILE D 261 4.14 -4.21 23.70
CA ILE D 261 4.67 -5.03 24.78
C ILE D 261 3.71 -5.00 25.95
N ASP D 262 3.90 -5.90 26.92
CA ASP D 262 3.02 -5.97 28.07
C ASP D 262 3.27 -4.77 28.99
N ASP D 263 2.46 -4.69 30.06
CA ASP D 263 2.56 -3.60 31.02
C ASP D 263 2.49 -4.12 32.44
N LEU D 264 2.35 -3.23 33.41
CA LEU D 264 2.23 -3.56 34.83
C LEU D 264 3.26 -4.60 35.28
N SER D 265 4.45 -4.54 34.67
CA SER D 265 5.50 -5.50 34.95
C SER D 265 6.24 -5.14 36.24
N GLU D 266 7.32 -5.88 36.52
CA GLU D 266 8.11 -5.72 37.73
C GLU D 266 7.25 -5.84 38.98
N ASP D 267 6.45 -6.90 39.01
CA ASP D 267 5.56 -7.20 40.14
C ASP D 267 4.59 -6.05 40.42
N ALA D 268 4.01 -5.49 39.36
CA ALA D 268 3.03 -4.41 39.45
C ALA D 268 3.59 -3.23 40.25
N THR D 269 4.64 -2.63 39.68
CA THR D 269 5.47 -1.60 40.30
C THR D 269 4.64 -0.51 40.96
N PRO D 270 4.62 -0.43 42.30
CA PRO D 270 3.98 0.67 43.01
C PRO D 270 4.93 1.85 43.22
N GLU D 271 5.60 2.28 42.16
CA GLU D 271 6.64 3.30 42.23
C GLU D 271 7.71 2.93 43.25
N GLU D 272 8.09 1.67 43.25
CA GLU D 272 9.10 1.15 44.17
C GLU D 272 10.34 0.72 43.39
N GLN D 273 11.51 1.03 43.94
CA GLN D 273 12.80 0.72 43.31
C GLN D 273 12.90 1.38 41.93
N GLN D 274 12.88 2.71 41.94
CA GLN D 274 12.93 3.47 40.70
C GLN D 274 14.26 3.30 39.96
N ARG D 275 15.29 2.79 40.64
CA ARG D 275 16.60 2.58 40.01
C ARG D 275 16.59 1.26 39.24
N ALA D 276 15.83 1.26 38.15
CA ALA D 276 15.79 0.10 37.27
C ALA D 276 17.15 -0.18 36.66
N LYS D 277 17.87 0.88 36.24
CA LYS D 277 19.21 0.78 35.68
C LYS D 277 19.24 -0.15 34.46
N LEU D 278 18.29 0.08 33.55
CA LEU D 278 18.25 -0.67 32.29
C LEU D 278 19.44 -0.25 31.44
N ILE D 279 20.38 -1.17 31.22
CA ILE D 279 21.59 -0.85 30.47
C ILE D 279 21.24 -0.59 29.02
N LEU D 280 21.67 0.56 28.50
CA LEU D 280 21.41 0.94 27.11
C LEU D 280 22.63 1.70 26.62
N ALA D 281 23.45 1.05 25.80
CA ALA D 281 24.62 1.67 25.23
C ALA D 281 24.71 1.37 23.73
N GLN D 282 25.83 1.72 23.10
CA GLN D 282 25.99 1.47 21.67
C GLN D 282 26.00 -0.03 21.38
N ASP D 283 26.68 -0.82 22.22
CA ASP D 283 26.75 -2.25 21.99
C ASP D 283 25.41 -2.94 22.27
N ASP D 284 24.65 -2.45 23.24
CA ASP D 284 23.40 -3.11 23.62
C ASP D 284 22.39 -3.04 22.49
N ILE D 285 21.68 -4.16 22.29
CA ILE D 285 20.65 -4.28 21.26
C ILE D 285 19.36 -4.68 21.96
N LEU D 286 18.34 -3.84 21.85
CA LEU D 286 17.05 -4.13 22.48
C LEU D 286 16.31 -5.22 21.70
N MET D 287 15.65 -6.12 22.43
CA MET D 287 14.84 -7.15 21.81
C MET D 287 13.78 -7.60 22.80
N HIS D 288 12.61 -7.96 22.27
CA HIS D 288 11.48 -8.38 23.08
C HIS D 288 10.87 -9.64 22.48
N GLY D 289 10.31 -10.48 23.36
CA GLY D 289 9.71 -11.73 22.93
C GLY D 289 8.29 -11.59 22.43
N ASN D 290 8.07 -10.70 21.47
CA ASN D 290 6.74 -10.49 20.89
C ASN D 290 6.91 -9.87 19.51
N HIS D 291 6.34 -10.50 18.49
CA HIS D 291 6.43 -9.99 17.13
C HIS D 291 5.55 -8.76 16.91
N GLU D 292 4.64 -8.46 17.83
CA GLU D 292 3.77 -7.31 17.70
C GLU D 292 4.36 -6.05 18.31
N ALA D 293 5.57 -6.12 18.86
CA ALA D 293 6.19 -4.96 19.47
C ALA D 293 6.67 -3.98 18.40
N LYS D 294 6.34 -2.71 18.56
CA LYS D 294 6.73 -1.67 17.63
C LYS D 294 7.49 -0.58 18.37
N PHE D 295 8.59 -0.12 17.77
CA PHE D 295 9.42 0.94 18.35
C PHE D 295 9.32 2.18 17.46
N TYR D 296 8.79 3.26 18.03
CA TYR D 296 8.63 4.52 17.32
C TYR D 296 9.53 5.58 17.93
N THR D 297 9.76 6.64 17.15
CA THR D 297 10.53 7.80 17.59
C THR D 297 9.72 9.06 17.34
N LEU D 298 9.83 10.01 18.26
CA LEU D 298 9.10 11.27 18.17
C LEU D 298 10.05 12.38 17.76
N PRO D 299 9.85 13.01 16.60
CA PRO D 299 10.74 14.11 16.20
C PRO D 299 10.64 15.28 17.17
N GLU D 300 11.76 15.99 17.32
CA GLU D 300 11.85 17.12 18.23
C GLU D 300 11.79 18.43 17.46
N THR D 301 11.68 19.53 18.21
CA THR D 301 11.67 20.85 17.61
C THR D 301 13.00 21.14 16.93
N SER D 302 12.94 21.71 15.73
CA SER D 302 14.15 22.00 14.97
C SER D 302 15.03 23.02 15.69
N LEU D 303 14.43 23.89 16.51
CA LEU D 303 15.16 24.90 17.27
C LEU D 303 15.97 25.81 16.34
N ASP D 304 15.30 26.36 15.33
CA ASP D 304 15.92 27.31 14.42
C ASP D 304 15.14 28.61 14.30
N GLY D 305 13.81 28.56 14.35
CA GLY D 305 13.02 29.76 14.27
C GLY D 305 13.17 30.65 15.49
N PHE D 306 13.39 30.05 16.67
CA PHE D 306 13.50 30.84 17.90
C PHE D 306 14.71 31.75 17.87
N ILE D 307 15.84 31.27 17.36
CA ILE D 307 17.05 32.08 17.30
C ILE D 307 16.85 33.27 16.36
N ALA D 308 16.25 33.02 15.19
CA ALA D 308 15.98 34.11 14.25
C ALA D 308 15.01 35.12 14.83
N ALA D 309 13.97 34.64 15.52
CA ALA D 309 13.02 35.54 16.15
C ALA D 309 13.69 36.39 17.22
N HIS D 310 14.54 35.79 18.04
CA HIS D 310 15.24 36.54 19.07
C HIS D 310 16.19 37.57 18.46
N THR D 311 16.87 37.19 17.37
CA THR D 311 17.75 38.15 16.68
C THR D 311 16.95 39.32 16.12
N GLN D 312 15.79 39.04 15.53
CA GLN D 312 14.93 40.11 15.03
C GLN D 312 14.45 41.02 16.16
N ASP D 313 14.06 40.42 17.28
CA ASP D 313 13.59 41.22 18.42
C ASP D 313 14.71 42.09 18.99
N VAL D 314 15.91 41.54 19.11
CA VAL D 314 17.01 42.32 19.69
C VAL D 314 17.47 43.40 18.73
N GLU D 315 17.44 43.16 17.41
CA GLU D 315 17.78 44.23 16.49
C GLU D 315 16.69 45.31 16.46
N ILE D 316 15.43 44.92 16.67
CA ILE D 316 14.37 45.90 16.85
C ILE D 316 14.64 46.75 18.09
N LEU D 317 15.07 46.10 19.18
CA LEU D 317 15.43 46.83 20.39
C LEU D 317 16.57 47.81 20.12
N ALA D 318 17.60 47.37 19.41
CA ALA D 318 18.73 48.24 19.13
C ALA D 318 18.34 49.43 18.26
N ASN D 319 17.53 49.18 17.23
CA ASN D 319 17.14 50.27 16.33
C ASN D 319 16.20 51.25 17.01
N ASN D 320 15.28 50.75 17.84
CA ASN D 320 14.32 51.64 18.49
C ASN D 320 14.98 52.54 19.53
N ALA D 321 16.08 52.09 20.13
CA ALA D 321 16.79 52.86 21.14
C ALA D 321 17.93 53.69 20.56
N GLN D 322 18.09 53.70 19.24
CA GLN D 322 19.19 54.40 18.58
C GLN D 322 20.55 53.95 19.10
N VAL D 323 20.69 52.64 19.27
CA VAL D 323 21.94 52.04 19.74
C VAL D 323 22.50 51.19 18.61
N PRO D 324 23.82 51.17 18.40
CA PRO D 324 24.37 50.33 17.33
C PRO D 324 24.01 48.86 17.51
N VAL D 325 23.76 48.20 16.37
CA VAL D 325 23.34 46.81 16.40
C VAL D 325 24.48 45.90 16.83
N TRP D 326 25.71 46.18 16.39
CA TRP D 326 26.82 45.27 16.61
C TRP D 326 27.17 45.13 18.08
N ILE D 327 26.92 46.15 18.89
CA ILE D 327 27.12 46.04 20.33
C ILE D 327 25.94 45.41 21.04
N LEU D 328 24.92 44.97 20.30
CA LEU D 328 23.78 44.23 20.85
C LEU D 328 23.70 42.81 20.35
N ASN D 329 23.90 42.59 19.05
CA ASN D 329 23.88 41.25 18.47
C ASN D 329 24.70 41.25 17.20
N GLY D 330 25.25 40.09 16.86
CA GLY D 330 26.02 39.94 15.65
C GLY D 330 27.40 40.57 15.76
N GLN D 331 28.09 40.61 14.62
CA GLN D 331 29.42 41.17 14.52
C GLN D 331 29.45 42.20 13.41
N LEU D 332 30.13 43.32 13.67
CA LEU D 332 30.23 44.37 12.67
C LEU D 332 31.08 43.93 11.49
N ALA D 333 30.66 44.31 10.29
CA ALA D 333 31.40 43.99 9.08
C ALA D 333 32.56 44.96 8.89
N ASN D 334 33.28 44.81 7.78
CA ASN D 334 34.44 45.65 7.47
C ASN D 334 33.96 46.95 6.83
N LEU D 335 33.30 47.77 7.64
CA LEU D 335 32.77 49.03 7.17
C LEU D 335 33.88 50.06 7.01
N SER D 336 33.66 51.01 6.10
CA SER D 336 34.60 52.09 5.88
C SER D 336 34.28 53.26 6.82
N ALA D 337 34.93 54.40 6.61
CA ALA D 337 34.68 55.56 7.45
C ALA D 337 33.27 56.11 7.23
N ASP D 338 32.87 56.27 5.96
CA ASP D 338 31.56 56.83 5.66
C ASP D 338 30.44 55.91 6.13
N ALA D 339 30.58 54.60 5.89
CA ALA D 339 29.54 53.66 6.31
C ALA D 339 29.41 53.64 7.83
N LEU D 340 30.54 53.66 8.54
CA LEU D 340 30.50 53.69 10.00
C LEU D 340 29.87 54.97 10.51
N THR D 341 30.20 56.11 9.89
CA THR D 341 29.59 57.37 10.29
C THR D 341 28.09 57.34 10.08
N ALA D 342 27.64 56.76 8.96
CA ALA D 342 26.21 56.62 8.72
C ALA D 342 25.55 55.72 9.76
N ALA D 343 26.22 54.61 10.11
CA ALA D 343 25.66 53.69 11.09
C ALA D 343 25.53 54.33 12.46
N THR D 344 26.53 55.12 12.86
CA THR D 344 26.55 55.74 14.18
C THR D 344 25.94 57.14 14.20
N LYS D 345 25.42 57.63 13.07
CA LYS D 345 24.90 59.00 13.02
C LYS D 345 23.71 59.19 13.97
N GLY D 346 22.79 58.23 13.98
CA GLY D 346 21.63 58.37 14.86
C GLY D 346 22.00 58.37 16.32
N THR D 347 22.87 57.44 16.72
CA THR D 347 23.34 57.40 18.10
C THR D 347 24.12 58.68 18.44
N ILE D 348 24.95 59.15 17.52
CA ILE D 348 25.72 60.37 17.76
C ILE D 348 24.78 61.56 17.93
N GLN D 349 23.76 61.66 17.09
CA GLN D 349 22.82 62.77 17.20
C GLN D 349 22.02 62.72 18.50
N LYS D 350 21.57 61.51 18.89
CA LYS D 350 20.85 61.39 20.15
C LYS D 350 21.74 61.74 21.34
N LEU D 351 22.99 61.29 21.31
CA LEU D 351 23.92 61.64 22.38
C LEU D 351 24.24 63.13 22.38
N TYR D 352 24.24 63.76 21.21
CA TYR D 352 24.45 65.21 21.16
C TYR D 352 23.27 65.96 21.77
N GLU D 353 22.05 65.50 21.50
CA GLU D 353 20.89 66.11 22.13
C GLU D 353 20.93 65.94 23.65
N ARG D 354 21.29 64.75 24.11
CA ARG D 354 21.45 64.52 25.54
C ARG D 354 22.55 65.41 26.11
N GLN D 355 23.64 65.57 25.38
CA GLN D 355 24.72 66.45 25.81
C GLN D 355 24.23 67.89 25.93
N VAL D 356 23.41 68.34 24.98
CA VAL D 356 22.91 69.71 25.01
C VAL D 356 22.03 69.93 26.24
N THR D 357 21.08 69.02 26.47
CA THR D 357 20.18 69.21 27.62
C THR D 357 20.92 69.10 28.94
N PHE D 358 21.84 68.13 29.06
CA PHE D 358 22.60 67.98 30.29
C PHE D 358 23.57 69.14 30.49
N GLY D 359 24.09 69.70 29.41
CA GLY D 359 24.94 70.88 29.52
C GLY D 359 24.15 72.10 29.98
N ALA D 360 22.92 72.24 29.51
CA ALA D 360 22.06 73.30 30.02
C ALA D 360 21.81 73.12 31.51
N ALA D 361 21.52 71.88 31.93
CA ALA D 361 21.31 71.62 33.36
C ALA D 361 22.57 71.92 34.16
N HIS D 362 23.74 71.52 33.65
CA HIS D 362 24.99 71.77 34.36
C HIS D 362 25.31 73.26 34.42
N ASN D 363 24.99 73.99 33.36
CA ASN D 363 25.18 75.44 33.37
C ASN D 363 24.28 76.09 34.42
N GLN D 364 23.04 75.63 34.53
CA GLN D 364 22.17 76.13 35.59
C GLN D 364 22.74 75.81 36.98
N VAL D 365 23.26 74.59 37.15
CA VAL D 365 23.84 74.20 38.43
C VAL D 365 25.02 75.09 38.78
N LEU D 366 25.91 75.33 37.80
CA LEU D 366 27.08 76.17 38.03
C LEU D 366 26.68 77.61 38.31
N ARG D 367 25.66 78.11 37.61
CA ARG D 367 25.18 79.46 37.87
C ARG D 367 24.65 79.60 39.29
N LEU D 368 23.90 78.61 39.76
CA LEU D 368 23.41 78.64 41.13
C LEU D 368 24.56 78.54 42.13
N ALA D 369 25.55 77.69 41.82
CA ALA D 369 26.68 77.51 42.72
C ALA D 369 27.50 78.78 42.84
N ALA D 370 27.69 79.49 41.73
CA ALA D 370 28.40 80.77 41.79
C ALA D 370 27.60 81.80 42.57
N HIS D 371 26.27 81.78 42.43
CA HIS D 371 25.43 82.79 43.07
C HIS D 371 25.44 82.67 44.59
N VAL D 372 25.49 81.44 45.10
CA VAL D 372 25.42 81.24 46.55
C VAL D 372 26.65 81.79 47.26
N GLU D 373 27.76 81.97 46.55
CA GLU D 373 28.98 82.55 47.10
C GLU D 373 29.23 83.95 46.54
N GLY D 374 28.17 84.73 46.37
CA GLY D 374 28.28 86.02 45.71
C GLY D 374 28.58 85.84 44.24
N ASP D 375 29.77 86.26 43.81
CA ASP D 375 30.28 86.03 42.46
C ASP D 375 29.25 86.43 41.40
N THR D 376 28.95 87.73 41.37
CA THR D 376 27.97 88.24 40.42
C THR D 376 28.37 88.00 38.97
N GLU D 377 29.68 87.85 38.70
CA GLU D 377 30.13 87.59 37.33
C GLU D 377 29.59 86.26 36.82
N GLY D 378 29.63 85.22 37.67
CA GLY D 378 29.11 83.93 37.25
C GLY D 378 27.61 83.93 37.04
N ALA D 379 26.86 84.59 37.94
CA ALA D 379 25.41 84.64 37.80
C ALA D 379 24.99 85.43 36.57
N ARG D 380 25.67 86.56 36.31
CA ARG D 380 25.30 87.39 35.17
C ARG D 380 25.59 86.68 33.86
N ASP D 381 26.68 85.94 33.78
CA ASP D 381 27.08 85.28 32.55
C ASP D 381 26.07 84.18 32.20
N PHE D 382 25.26 84.42 31.17
CA PHE D 382 24.29 83.45 30.70
C PHE D 382 24.73 82.78 29.40
N THR D 383 25.93 83.07 28.91
CA THR D 383 26.42 82.51 27.66
C THR D 383 27.46 81.42 27.83
N ALA D 384 28.11 81.33 29.00
CA ALA D 384 29.10 80.30 29.22
C ALA D 384 28.45 78.92 29.25
N SER D 385 29.09 77.95 28.60
CA SER D 385 28.58 76.59 28.52
C SER D 385 29.70 75.61 28.79
N VAL D 386 29.33 74.42 29.26
CA VAL D 386 30.30 73.39 29.54
C VAL D 386 30.76 72.73 28.24
N SER D 387 31.90 72.05 28.32
CA SER D 387 32.48 71.34 27.18
C SER D 387 32.45 69.85 27.44
N TRP D 388 32.14 69.08 26.40
CA TRP D 388 32.00 67.63 26.50
C TRP D 388 33.08 66.94 25.69
N GLN D 389 33.51 65.78 26.17
CA GLN D 389 34.48 64.98 25.44
C GLN D 389 33.87 64.46 24.14
N ASP D 390 34.70 64.38 23.11
CA ASP D 390 34.25 63.90 21.81
C ASP D 390 33.81 62.44 21.90
N THR D 391 32.62 62.15 21.37
CA THR D 391 32.08 60.80 21.36
C THR D 391 32.12 60.17 19.96
N SER D 392 33.02 60.65 19.10
CA SER D 392 33.10 60.13 17.75
C SER D 392 33.61 58.69 17.75
N VAL D 393 33.38 58.01 16.64
CA VAL D 393 33.73 56.60 16.51
C VAL D 393 34.82 56.53 15.44
N ARG D 394 35.61 57.59 15.33
CA ARG D 394 36.68 57.67 14.35
C ARG D 394 37.97 57.13 14.94
N SER D 395 38.72 56.40 14.12
CA SER D 395 39.99 55.84 14.56
C SER D 395 41.02 56.95 14.78
N LEU D 396 42.04 56.64 15.58
CA LEU D 396 43.03 57.65 15.93
C LEU D 396 43.81 58.12 14.70
N ALA D 397 44.22 57.20 13.84
CA ALA D 397 45.05 57.58 12.69
C ALA D 397 44.29 58.52 11.76
N GLN D 398 43.04 58.19 11.44
CA GLN D 398 42.26 59.02 10.53
C GLN D 398 42.02 60.41 11.11
N ALA D 399 41.61 60.46 12.38
CA ALA D 399 41.36 61.75 13.02
C ALA D 399 42.63 62.59 13.08
N VAL D 400 43.75 61.97 13.45
CA VAL D 400 45.01 62.71 13.57
C VAL D 400 45.46 63.25 12.22
N ASP D 401 45.43 62.41 11.18
CA ASP D 401 45.90 62.88 9.88
C ASP D 401 45.00 63.96 9.31
N ALA D 402 43.67 63.82 9.49
CA ALA D 402 42.76 64.86 9.03
C ALA D 402 42.97 66.17 9.79
N TYR D 403 43.14 66.09 11.11
CA TYR D 403 43.36 67.30 11.89
C TYR D 403 44.69 67.96 11.52
N GLY D 404 45.72 67.16 11.28
CA GLY D 404 46.98 67.73 10.84
C GLY D 404 46.88 68.41 9.49
N LYS D 405 46.17 67.79 8.55
CA LYS D 405 45.94 68.43 7.25
C LYS D 405 45.17 69.72 7.41
N ALA D 406 44.15 69.74 8.28
CA ALA D 406 43.39 70.96 8.52
C ALA D 406 44.27 72.05 9.11
N ALA D 407 45.12 71.70 10.08
CA ALA D 407 45.99 72.69 10.70
C ALA D 407 47.00 73.24 9.70
N THR D 408 47.53 72.36 8.83
CA THR D 408 48.56 72.79 7.88
C THR D 408 48.00 73.59 6.71
N MET D 409 46.76 73.32 6.30
CA MET D 409 46.20 73.95 5.11
C MET D 409 45.11 74.97 5.41
N LEU D 410 44.07 74.58 6.16
CA LEU D 410 43.05 75.52 6.56
C LEU D 410 43.54 76.52 7.61
N GLY D 411 44.69 76.25 8.24
CA GLY D 411 45.25 77.15 9.23
C GLY D 411 44.45 77.26 10.52
N MET D 412 43.85 76.16 10.98
CA MET D 412 43.17 76.18 12.25
C MET D 412 44.17 76.25 13.40
N PRO D 413 43.80 76.88 14.52
CA PRO D 413 44.71 76.94 15.67
C PRO D 413 45.00 75.55 16.21
N LYS D 414 46.29 75.20 16.24
CA LYS D 414 46.69 73.87 16.70
C LYS D 414 46.49 73.68 18.19
N GLU D 415 46.40 74.77 18.96
CA GLU D 415 46.21 74.65 20.41
C GLU D 415 44.88 73.97 20.73
N PHE D 416 43.81 74.36 20.04
CA PHE D 416 42.52 73.73 20.26
C PHE D 416 42.51 72.30 19.75
N LEU D 417 43.20 72.05 18.64
CA LEU D 417 43.17 70.73 18.01
C LEU D 417 43.80 69.64 18.88
N TRP D 418 44.63 70.01 19.86
CA TRP D 418 45.29 69.02 20.70
C TRP D 418 44.28 68.21 21.50
N GLY D 419 43.18 68.82 21.93
CA GLY D 419 42.18 68.14 22.72
C GLY D 419 41.19 67.31 21.94
N LEU D 420 41.32 67.24 20.62
CA LEU D 420 40.39 66.49 19.79
C LEU D 420 40.86 65.08 19.46
N ILE D 421 42.16 64.82 19.53
CA ILE D 421 42.65 63.46 19.28
C ILE D 421 42.18 62.54 20.40
N PRO D 422 41.67 61.35 20.10
CA PRO D 422 41.26 60.42 21.16
C PRO D 422 42.45 60.03 22.03
N GLY D 423 42.16 59.82 23.31
CA GLY D 423 43.19 59.47 24.27
C GLY D 423 43.85 60.64 24.97
N ILE D 424 43.50 61.87 24.60
CA ILE D 424 44.04 63.07 25.22
C ILE D 424 42.90 63.88 25.81
N THR D 425 43.02 64.21 27.08
CA THR D 425 42.01 64.97 27.82
C THR D 425 42.50 66.39 28.05
N LYS D 426 41.69 67.17 28.78
CA LYS D 426 42.06 68.54 29.08
C LYS D 426 43.27 68.62 30.01
N THR D 427 43.43 67.64 30.90
CA THR D 427 44.61 67.61 31.76
C THR D 427 45.89 67.46 30.95
N ASP D 428 45.86 66.61 29.92
CA ASP D 428 47.03 66.46 29.06
C ASP D 428 47.33 67.74 28.30
N VAL D 429 46.29 68.45 27.84
CA VAL D 429 46.50 69.71 27.16
C VAL D 429 47.12 70.74 28.10
N GLU D 430 46.63 70.80 29.34
CA GLU D 430 47.21 71.71 30.32
C GLU D 430 48.67 71.36 30.61
N ALA D 431 48.97 70.06 30.71
CA ALA D 431 50.35 69.64 30.93
C ALA D 431 51.24 70.05 29.76
N MET D 432 50.75 69.89 28.53
CA MET D 432 51.52 70.32 27.37
C MET D 432 51.76 71.83 27.39
N ARG D 433 50.72 72.60 27.72
CA ARG D 433 50.86 74.06 27.74
C ARG D 433 51.84 74.50 28.82
N GLN D 434 51.79 73.87 30.00
CA GLN D 434 52.67 74.26 31.09
C GLN D 434 54.13 74.01 30.75
N HIS D 435 54.44 72.87 30.14
CA HIS D 435 55.81 72.48 29.79
C HIS D 435 55.89 72.31 28.28
N PHE D 436 56.16 73.40 27.57
CA PHE D 436 56.32 73.35 26.12
C PHE D 436 57.60 74.07 25.70
N ASN D 437 58.06 75.01 26.51
CA ASN D 437 59.26 75.79 26.24
C ASN D 437 60.15 75.83 27.48
N ASP D 438 60.32 74.68 28.12
CA ASP D 438 61.15 74.60 29.32
C ASP D 438 62.62 74.77 28.96
N ASP D 439 63.41 75.19 29.95
CA ASP D 439 64.84 75.43 29.75
C ASP D 439 65.67 74.16 29.76
N ASP D 440 65.08 73.02 30.11
CA ASP D 440 65.83 71.77 30.14
C ASP D 440 66.20 71.33 28.72
N GLU D 441 67.23 70.48 28.64
CA GLU D 441 67.71 70.03 27.34
C GLU D 441 66.69 69.16 26.62
N MET D 442 65.83 68.46 27.38
CA MET D 442 64.87 67.55 26.75
C MET D 442 63.89 68.31 25.86
N THR D 443 63.25 69.35 26.42
CA THR D 443 62.25 70.10 25.66
C THR D 443 62.88 70.84 24.50
N GLN D 444 64.07 71.41 24.71
CA GLN D 444 64.75 72.12 23.63
C GLN D 444 65.13 71.17 22.50
N MET D 445 65.60 69.96 22.85
CA MET D 445 65.95 68.97 21.83
C MET D 445 64.71 68.50 21.07
N LEU D 446 63.61 68.27 21.79
CA LEU D 446 62.41 67.74 21.17
C LEU D 446 61.58 68.80 20.45
N LEU D 447 61.85 70.08 20.68
CA LEU D 447 61.09 71.13 20.01
C LEU D 447 61.68 71.43 18.62
N TRP D 448 62.98 71.65 18.56
CA TRP D 448 63.66 71.90 17.29
C TRP D 448 64.22 70.60 16.71
N TRP D 449 63.31 69.67 16.44
CA TRP D 449 63.67 68.35 15.94
C TRP D 449 63.46 68.30 14.44
N THR D 450 64.46 67.79 13.72
CA THR D 450 64.42 67.59 12.28
C THR D 450 64.62 66.12 11.97
N PRO D 451 64.16 65.65 10.81
CA PRO D 451 64.33 64.23 10.47
C PRO D 451 65.78 63.78 10.38
N ASN D 452 66.72 64.71 10.19
CA ASN D 452 68.14 64.40 10.09
C ASN D 452 68.90 64.85 11.33
N GLY D 453 68.28 64.70 12.50
CA GLY D 453 68.91 65.08 13.75
C GLY D 453 68.30 66.34 14.34
N PRO D 454 68.69 66.67 15.56
CA PRO D 454 68.17 67.89 16.19
C PRO D 454 68.56 69.13 15.40
N GLY D 455 67.65 70.10 15.35
CA GLY D 455 67.90 71.34 14.66
C GLY D 455 67.98 72.54 15.58
N GLY D 456 67.62 73.71 15.07
CA GLY D 456 67.63 74.90 15.91
C GLY D 456 69.04 75.34 16.28
N GLU D 457 69.16 75.89 17.49
CA GLU D 457 70.45 76.36 17.97
C GLU D 457 71.44 75.22 18.13
N PHE D 458 70.96 74.01 18.45
CA PHE D 458 71.87 72.88 18.57
C PHE D 458 72.56 72.56 17.25
N ALA D 459 71.82 72.60 16.15
CA ALA D 459 72.42 72.41 14.84
C ALA D 459 73.14 73.67 14.34
N ALA D 460 72.80 74.83 14.89
CA ALA D 460 73.52 76.05 14.52
C ALA D 460 74.89 76.15 15.17
N GLU D 461 75.06 75.57 16.35
CA GLU D 461 76.36 75.63 17.03
C GLU D 461 77.44 74.92 16.24
N ILE D 462 77.15 73.73 15.72
CA ILE D 462 78.14 73.01 14.94
C ILE D 462 78.45 73.75 13.64
N GLU D 463 77.42 74.36 13.02
CA GLU D 463 77.64 75.11 11.79
C GLU D 463 78.53 76.32 12.02
N VAL D 464 78.26 77.06 13.10
CA VAL D 464 79.08 78.25 13.37
C VAL D 464 80.49 77.84 13.79
N ASP D 465 80.64 76.70 14.49
CA ASP D 465 81.97 76.22 14.81
C ASP D 465 82.76 75.86 13.55
N SER D 466 82.11 75.18 12.61
CA SER D 466 82.76 74.83 11.35
C SER D 466 83.14 76.09 10.57
N GLN D 467 82.23 77.06 10.50
CA GLN D 467 82.51 78.29 9.78
C GLN D 467 83.66 79.05 10.45
N THR D 468 83.69 79.09 11.78
CA THR D 468 84.77 79.76 12.49
C THR D 468 86.10 79.07 12.24
N GLN D 469 86.11 77.74 12.23
CA GLN D 469 87.35 77.02 11.96
C GLN D 469 87.84 77.29 10.54
N ILE D 470 86.94 77.29 9.56
CA ILE D 470 87.34 77.56 8.19
C ILE D 470 87.87 78.98 8.05
N ILE D 471 87.18 79.95 8.68
CA ILE D 471 87.62 81.34 8.62
C ILE D 471 88.96 81.51 9.30
N GLU D 472 89.19 80.82 10.42
CA GLU D 472 90.47 80.90 11.10
C GLU D 472 91.59 80.32 10.25
N ALA D 473 91.33 79.19 9.58
CA ALA D 473 92.35 78.61 8.70
C ALA D 473 92.68 79.56 7.55
N GLN D 474 91.64 80.14 6.93
CA GLN D 474 91.87 81.10 5.86
C GLN D 474 92.64 82.32 6.35
N GLY D 475 92.30 82.81 7.55
CA GLY D 475 93.01 83.95 8.10
C GLY D 475 94.47 83.63 8.38
N ASP D 476 94.74 82.42 8.87
CA ASP D 476 96.13 82.04 9.16
C ASP D 476 96.94 81.93 7.87
N VAL D 477 96.39 81.27 6.85
CA VAL D 477 97.15 81.13 5.60
C VAL D 477 97.35 82.50 4.97
N GLN D 478 96.33 83.36 5.00
CA GLN D 478 96.51 84.72 4.51
C GLN D 478 97.60 85.43 5.30
N LYS D 479 97.52 85.39 6.63
CA LYS D 479 98.45 86.13 7.46
C LYS D 479 99.89 85.75 7.16
N ASP D 480 100.16 84.45 7.01
CA ASP D 480 101.52 84.09 6.62
C ASP D 480 101.85 84.57 5.20
N LEU D 481 100.85 84.61 4.31
CA LEU D 481 101.10 85.10 2.95
C LEU D 481 101.53 86.57 2.95
N GLN D 482 100.75 87.43 3.60
CA GLN D 482 101.15 88.85 3.67
C GLN D 482 102.39 89.05 4.56
N ASP D 483 102.66 88.18 5.53
CA ASP D 483 103.91 88.31 6.26
C ASP D 483 105.11 88.05 5.36
N ALA D 484 105.03 87.01 4.53
CA ALA D 484 106.09 86.76 3.56
C ALA D 484 106.19 87.90 2.56
N GLN D 485 105.05 88.43 2.11
CA GLN D 485 105.08 89.55 1.17
C GLN D 485 105.73 90.78 1.77
N ALA D 486 105.42 91.09 3.03
CA ALA D 486 106.03 92.24 3.69
C ALA D 486 107.52 92.04 3.89
N LYS D 487 107.94 90.82 4.25
CA LYS D 487 109.37 90.55 4.38
C LYS D 487 110.08 90.72 3.04
N ALA D 488 109.48 90.22 1.95
CA ALA D 488 110.07 90.38 0.63
C ALA D 488 110.14 91.85 0.23
N GLN D 489 109.09 92.61 0.53
CA GLN D 489 109.11 94.04 0.21
C GLN D 489 110.17 94.79 0.99
N ALA D 490 110.33 94.44 2.28
CA ALA D 490 111.37 95.07 3.09
C ALA D 490 112.76 94.73 2.54
N ASP D 491 112.98 93.47 2.15
CA ASP D 491 114.26 93.10 1.58
C ASP D 491 114.52 93.83 0.27
N LEU D 492 113.49 93.96 -0.57
CA LEU D 492 113.64 94.70 -1.82
C LEU D 492 113.96 96.16 -1.57
N ALA D 493 113.29 96.77 -0.58
CA ALA D 493 113.57 98.16 -0.25
C ALA D 493 115.01 98.33 0.26
N LYS D 494 115.47 97.40 1.09
CA LYS D 494 116.85 97.46 1.58
C LYS D 494 117.83 97.32 0.43
N GLN D 495 117.58 96.40 -0.49
CA GLN D 495 118.46 96.24 -1.65
C GLN D 495 118.47 97.49 -2.52
N ASN D 496 117.30 98.10 -2.72
CA ASN D 496 117.23 99.32 -3.51
C ASN D 496 117.99 100.46 -2.84
N ALA D 497 117.86 100.58 -1.52
CA ALA D 497 118.60 101.61 -0.79
C ALA D 497 120.11 101.38 -0.89
N ALA D 498 120.53 100.13 -0.77
CA ALA D 498 121.95 99.81 -0.90
C ALA D 498 122.46 100.16 -2.29
N ALA D 499 121.70 99.82 -3.33
CA ALA D 499 122.10 100.17 -4.69
C ALA D 499 122.17 101.68 -4.88
N GLN D 500 121.18 102.40 -4.33
CA GLN D 500 121.17 103.85 -4.47
C GLN D 500 122.38 104.48 -3.79
N GLN D 501 122.70 104.04 -2.57
CA GLN D 501 123.86 104.62 -1.89
C GLN D 501 125.17 104.21 -2.57
N ARG D 502 125.24 103.00 -3.12
CA ARG D 502 126.44 102.60 -3.85
C ARG D 502 126.63 103.44 -5.10
N GLN D 503 125.55 103.70 -5.84
CA GLN D 503 125.67 104.50 -7.06
C GLN D 503 125.84 105.98 -6.78
N ALA D 504 125.42 106.45 -5.60
CA ALA D 504 125.59 107.86 -5.26
C ALA D 504 126.94 108.16 -4.62
N VAL D 505 127.52 107.20 -3.90
CA VAL D 505 128.80 107.44 -3.25
C VAL D 505 129.93 107.55 -4.27
N ALA D 506 129.76 107.00 -5.47
CA ALA D 506 130.80 107.07 -6.48
C ALA D 506 130.86 108.48 -7.07
N VAL D 507 132.06 109.06 -7.07
CA VAL D 507 132.26 110.41 -7.59
C VAL D 507 133.72 110.61 -7.96
N ILE E 2 19.51 47.70 62.46
CA ILE E 2 20.74 48.30 62.97
C ILE E 2 20.53 49.78 63.24
N GLU E 3 21.30 50.33 64.18
CA GLU E 3 21.21 51.73 64.56
C GLU E 3 22.61 52.32 64.63
N LEU E 4 22.69 53.64 64.42
CA LEU E 4 23.96 54.34 64.47
C LEU E 4 24.15 54.94 65.85
N PRO E 5 25.14 54.48 66.63
CA PRO E 5 25.33 55.04 67.98
C PRO E 5 26.21 56.28 67.97
N ASP E 6 25.74 57.35 68.62
CA ASP E 6 26.56 58.56 68.72
C ASP E 6 27.82 58.32 69.55
N ALA E 7 27.69 57.59 70.66
CA ALA E 7 28.83 57.30 71.50
C ALA E 7 29.66 56.18 70.90
N ILE E 8 30.89 56.04 71.42
CA ILE E 8 31.81 55.00 70.94
C ILE E 8 31.81 53.76 71.82
N SER E 9 31.10 53.78 72.95
CA SER E 9 31.03 52.65 73.87
C SER E 9 32.42 52.21 74.32
N ASP E 10 33.09 53.12 75.04
CA ASP E 10 34.46 52.86 75.46
C ASP E 10 34.53 51.64 76.39
N GLY E 11 33.58 51.52 77.31
CA GLY E 11 33.59 50.41 78.24
C GLY E 11 32.65 49.28 77.88
N GLU E 12 31.81 49.49 76.87
CA GLU E 12 30.80 48.50 76.49
C GLU E 12 30.76 48.36 74.96
N VAL E 13 31.94 48.29 74.34
CA VAL E 13 31.98 48.12 72.90
C VAL E 13 31.52 46.72 72.50
N ARG E 14 31.92 45.70 73.27
CA ARG E 14 31.56 44.33 72.92
C ARG E 14 30.06 44.11 73.02
N LYS E 15 29.41 44.74 73.99
CA LYS E 15 27.97 44.61 74.14
C LYS E 15 27.24 45.11 72.90
N LEU E 16 27.66 46.25 72.36
CA LEU E 16 27.04 46.75 71.13
C LEU E 16 27.41 45.89 69.93
N VAL E 17 28.66 45.43 69.86
CA VAL E 17 29.10 44.64 68.72
C VAL E 17 28.30 43.34 68.62
N GLU E 18 28.20 42.60 69.72
CA GLU E 18 27.63 41.26 69.68
C GLU E 18 26.15 41.26 69.31
N ASN E 19 25.44 42.38 69.54
CA ASN E 19 24.01 42.42 69.24
C ASN E 19 23.65 43.36 68.10
N GLU E 20 24.59 44.11 67.55
CA GLU E 20 24.23 44.94 66.40
C GLU E 20 25.14 44.73 65.20
N PHE E 21 26.44 44.51 65.42
CA PHE E 21 27.38 44.43 64.31
C PHE E 21 27.59 42.99 63.84
N TRP E 22 27.76 42.06 64.76
CA TRP E 22 28.00 40.67 64.38
C TRP E 22 26.86 40.05 63.58
N PRO E 23 25.58 40.20 63.97
CA PRO E 23 24.52 39.64 63.11
C PRO E 23 24.50 40.24 61.72
N GLU E 24 24.62 41.56 61.60
CA GLU E 24 24.67 42.19 60.29
C GLU E 24 25.91 41.76 59.51
N PHE E 25 27.04 41.64 60.21
CA PHE E 25 28.26 41.20 59.55
C PHE E 25 28.10 39.80 58.97
N VAL E 26 27.48 38.89 59.73
CA VAL E 26 27.28 37.53 59.24
C VAL E 26 26.26 37.52 58.09
N ARG E 27 25.22 38.35 58.20
CA ARG E 27 24.21 38.42 57.14
C ARG E 27 24.82 38.90 55.84
N ARG E 28 25.75 39.86 55.90
CA ARG E 28 26.44 40.29 54.69
C ARG E 28 27.47 39.26 54.25
N ARG E 29 28.13 38.61 55.21
CA ARG E 29 29.21 37.67 54.88
C ARG E 29 28.70 36.45 54.14
N GLU E 30 27.53 35.94 54.52
CA GLU E 30 27.00 34.76 53.83
C GLU E 30 26.73 35.08 52.36
N LYS E 31 26.11 36.23 52.08
CA LYS E 31 25.85 36.61 50.70
C LYS E 31 27.15 36.87 49.94
N LEU E 32 28.12 37.52 50.58
CA LEU E 32 29.39 37.79 49.92
C LEU E 32 30.13 36.49 49.61
N ASP E 33 30.12 35.53 50.53
CA ASP E 33 30.75 34.24 50.27
C ASP E 33 30.02 33.50 49.15
N ARG E 34 28.69 33.57 49.12
CA ARG E 34 27.93 32.92 48.06
C ARG E 34 28.27 33.52 46.70
N ILE E 35 28.36 34.84 46.62
CA ILE E 35 28.66 35.47 45.33
C ILE E 35 30.11 35.23 44.93
N ALA E 36 31.02 35.14 45.90
CA ALA E 36 32.41 34.80 45.60
C ALA E 36 32.51 33.37 45.06
N GLN E 37 31.76 32.44 45.66
CA GLN E 37 31.71 31.08 45.15
C GLN E 37 31.12 31.04 43.74
N TRP E 38 30.09 31.86 43.49
CA TRP E 38 29.51 31.95 42.16
C TRP E 38 30.51 32.47 41.14
N ALA E 39 31.35 33.43 41.54
CA ALA E 39 32.28 34.04 40.60
C ALA E 39 33.29 33.01 40.07
N ARG E 40 33.86 32.21 40.96
CA ARG E 40 34.88 31.22 40.57
C ARG E 40 34.19 29.90 40.19
N GLY E 41 33.50 29.94 39.06
CA GLY E 41 32.78 28.76 38.61
C GLY E 41 31.59 28.46 39.49
N GLU E 42 31.06 27.25 39.32
CA GLU E 42 29.91 26.77 40.08
C GLU E 42 28.75 27.76 40.02
N GLN E 43 28.26 27.97 38.81
CA GLN E 43 27.17 28.93 38.60
C GLN E 43 25.90 28.45 39.30
N PRO E 44 25.02 29.37 39.69
CA PRO E 44 23.79 28.97 40.39
C PRO E 44 22.96 28.01 39.56
N ASP E 45 22.74 26.81 40.11
CA ASP E 45 21.96 25.77 39.43
C ASP E 45 20.48 25.90 39.77
N TYR E 46 19.73 26.51 38.85
CA TYR E 46 18.28 26.63 39.04
C TYR E 46 17.61 25.27 39.04
N LEU E 47 18.10 24.33 38.23
CA LEU E 47 17.56 22.98 38.16
C LEU E 47 18.68 21.99 38.41
N ILE E 48 18.55 21.16 39.44
CA ILE E 48 19.51 20.12 39.75
C ILE E 48 18.75 18.85 40.13
N GLN E 49 19.21 17.71 39.62
CA GLN E 49 18.62 16.42 39.91
C GLN E 49 19.41 15.76 41.03
N ASN E 50 18.78 15.61 42.19
CA ASN E 50 19.42 15.01 43.36
C ASN E 50 19.15 13.51 43.47
N ALA E 51 18.44 12.92 42.53
CA ALA E 51 18.12 11.50 42.57
C ALA E 51 18.97 10.65 41.65
N ASN E 52 19.47 11.21 40.55
CA ASN E 52 20.28 10.49 39.59
C ASN E 52 21.73 10.95 39.72
N ARG E 53 22.62 10.00 40.01
CA ARG E 53 24.03 10.35 40.14
C ARG E 53 24.64 10.74 38.81
N GLU E 54 24.25 10.04 37.73
CA GLU E 54 24.78 10.35 36.40
C GLU E 54 24.36 11.74 35.95
N LYS E 55 23.09 12.10 36.18
CA LYS E 55 22.61 13.42 35.79
C LYS E 55 23.31 14.51 36.59
N ARG E 56 23.51 14.29 37.89
CA ARG E 56 24.22 15.27 38.71
C ARG E 56 25.67 15.42 38.26
N ALA E 57 26.31 14.30 37.91
CA ALA E 57 27.68 14.37 37.42
C ALA E 57 27.75 15.14 36.10
N LEU E 58 26.79 14.91 35.20
CA LEU E 58 26.77 15.63 33.94
C LEU E 58 26.53 17.13 34.17
N LEU E 59 25.64 17.47 35.11
CA LEU E 59 25.38 18.88 35.41
C LEU E 59 26.62 19.55 35.99
N LYS E 60 27.31 18.87 36.91
CA LYS E 60 28.54 19.44 37.47
C LYS E 60 29.62 19.56 36.42
N LEU E 61 29.68 18.62 35.48
CA LEU E 61 30.66 18.66 34.40
C LEU E 61 30.38 19.78 33.41
N ALA E 62 29.16 20.29 33.37
CA ALA E 62 28.79 21.36 32.45
C ALA E 62 28.94 22.75 33.05
N LYS E 63 29.40 22.86 34.29
CA LYS E 63 29.52 24.16 34.97
C LYS E 63 30.74 24.88 34.41
N THR E 64 30.57 25.49 33.25
CA THR E 64 31.64 26.25 32.62
C THR E 64 31.72 27.64 33.26
N PRO E 65 32.87 28.03 33.80
CA PRO E 65 33.00 29.37 34.40
C PRO E 65 33.03 30.44 33.31
N TRP E 66 32.06 31.36 33.36
CA TRP E 66 31.97 32.45 32.40
C TRP E 66 32.09 33.82 33.05
N LEU E 67 31.40 34.05 34.17
CA LEU E 67 31.49 35.35 34.84
C LEU E 67 32.89 35.61 35.37
N GLY E 68 33.56 34.56 35.86
CA GLY E 68 34.93 34.73 36.32
C GLY E 68 35.86 35.16 35.20
N LEU E 69 35.64 34.63 33.99
CA LEU E 69 36.44 35.06 32.85
C LEU E 69 36.22 36.54 32.55
N VAL E 70 34.97 37.00 32.62
CA VAL E 70 34.68 38.40 32.37
C VAL E 70 35.34 39.27 33.43
N VAL E 71 35.28 38.86 34.69
CA VAL E 71 35.90 39.62 35.76
C VAL E 71 37.41 39.70 35.57
N THR E 72 38.04 38.58 35.22
CA THR E 72 39.47 38.57 35.00
C THR E 72 39.86 39.46 33.83
N HIS E 73 39.07 39.41 32.75
CA HIS E 73 39.35 40.27 31.60
C HIS E 73 39.23 41.74 31.95
N PHE E 74 38.21 42.10 32.73
CA PHE E 74 38.03 43.49 33.12
C PHE E 74 39.15 43.98 34.03
N THR E 75 39.57 43.13 34.98
CA THR E 75 40.55 43.55 35.98
C THR E 75 41.98 43.49 35.46
N GLN E 76 42.24 42.80 34.35
CA GLN E 76 43.59 42.71 33.81
C GLN E 76 43.93 43.88 32.89
N ALA E 77 42.95 44.70 32.51
CA ALA E 77 43.18 45.85 31.65
C ALA E 77 43.24 47.16 32.43
N LEU E 78 43.16 47.10 33.76
CA LEU E 78 43.20 48.30 34.61
C LEU E 78 44.54 48.35 35.32
N PHE E 79 45.26 49.45 35.13
CA PHE E 79 46.57 49.62 35.75
C PHE E 79 46.82 51.11 35.98
N VAL E 80 47.43 51.41 37.13
CA VAL E 80 47.74 52.78 37.52
C VAL E 80 49.24 52.96 37.49
N ASP E 81 49.71 53.95 36.73
CA ASP E 81 51.12 54.27 36.63
C ASP E 81 51.30 55.77 36.75
N GLY E 82 52.12 56.20 37.70
CA GLY E 82 52.39 57.61 37.91
C GLY E 82 51.25 58.34 38.57
N TYR E 83 51.60 59.45 39.22
CA TYR E 83 50.65 60.34 39.89
C TYR E 83 50.88 61.74 39.34
N ARG E 84 50.22 62.06 38.24
CA ARG E 84 50.43 63.33 37.54
C ARG E 84 49.65 64.42 38.26
N ALA E 85 50.36 65.31 38.93
CA ALA E 85 49.73 66.48 39.54
C ALA E 85 49.41 67.51 38.46
N GLU E 86 48.57 68.48 38.84
CA GLU E 86 48.16 69.51 37.90
C GLU E 86 49.34 70.41 37.57
N GLY E 87 49.65 70.52 36.28
CA GLY E 87 50.72 71.38 35.82
C GLY E 87 52.12 70.78 35.90
N SER E 88 52.24 69.52 36.29
CA SER E 88 53.54 68.86 36.40
C SER E 88 53.52 67.58 35.59
N LYS E 89 54.55 67.38 34.77
CA LYS E 89 54.68 66.17 33.96
C LYS E 89 55.40 65.05 34.70
N GLU E 90 55.95 65.31 35.87
CA GLU E 90 56.69 64.31 36.64
C GLU E 90 55.91 63.95 37.90
N ASN E 91 55.92 62.67 38.24
CA ASN E 91 55.22 62.21 39.44
C ASN E 91 55.84 62.82 40.69
N ALA E 92 54.98 63.27 41.60
CA ALA E 92 55.46 63.87 42.84
C ALA E 92 56.14 62.81 43.72
N LYS E 93 57.12 63.27 44.51
CA LYS E 93 57.84 62.40 45.41
C LYS E 93 57.12 62.18 46.74
N GLY E 94 55.82 62.43 46.78
CA GLY E 94 55.04 62.26 47.98
C GLY E 94 54.24 60.98 47.96
N PRO E 95 52.95 61.07 47.60
CA PRO E 95 52.11 59.87 47.58
C PRO E 95 52.62 58.76 46.67
N TRP E 96 53.32 59.12 45.59
CA TRP E 96 53.87 58.09 44.70
C TRP E 96 54.94 57.26 45.40
N GLN E 97 55.73 57.88 46.29
CA GLN E 97 56.69 57.11 47.06
C GLN E 97 56.00 56.09 47.96
N THR E 98 54.88 56.49 48.59
CA THR E 98 54.11 55.55 49.38
C THR E 98 53.52 54.44 48.52
N TRP E 99 53.05 54.80 47.32
CA TRP E 99 52.51 53.79 46.40
C TRP E 99 53.57 52.77 46.01
N ASN E 100 54.79 53.23 45.73
CA ASN E 100 55.85 52.32 45.34
C ASN E 100 56.33 51.48 46.52
N ALA E 101 56.41 52.08 47.71
CA ALA E 101 56.91 51.36 48.88
C ALA E 101 55.95 50.25 49.31
N ASN E 102 54.64 50.50 49.22
CA ASN E 102 53.65 49.55 49.67
C ASN E 102 53.39 48.42 48.68
N LYS E 103 54.15 48.36 47.58
CA LYS E 103 53.98 47.33 46.54
C LYS E 103 52.55 47.33 46.02
N MET E 104 52.01 48.52 45.76
CA MET E 104 50.64 48.62 45.27
C MET E 104 50.50 48.16 43.83
N GLN E 105 51.62 48.05 43.10
CA GLN E 105 51.55 47.62 41.70
C GLN E 105 51.01 46.20 41.58
N SER E 106 51.20 45.38 42.61
CA SER E 106 50.70 44.01 42.60
C SER E 106 49.38 43.85 43.34
N LYS E 107 49.01 44.80 44.19
CA LYS E 107 47.76 44.72 44.94
C LYS E 107 46.61 45.46 44.26
N GLN E 108 46.92 46.37 43.33
CA GLN E 108 45.85 47.07 42.63
C GLN E 108 45.02 46.12 41.78
N ILE E 109 45.65 45.08 41.22
CA ILE E 109 44.91 44.10 40.44
C ILE E 109 43.89 43.38 41.31
N ALA E 110 44.31 42.96 42.50
CA ALA E 110 43.40 42.29 43.42
C ALA E 110 42.29 43.24 43.88
N ILE E 111 42.64 44.49 44.16
CA ILE E 111 41.63 45.45 44.60
C ILE E 111 40.59 45.67 43.52
N HIS E 112 41.04 45.85 42.27
CA HIS E 112 40.11 46.04 41.16
C HIS E 112 39.25 44.81 40.93
N ARG E 113 39.85 43.62 41.03
CA ARG E 113 39.08 42.39 40.85
C ARG E 113 38.00 42.25 41.92
N ALA E 114 38.35 42.54 43.18
CA ALA E 114 37.36 42.48 44.25
C ALA E 114 36.27 43.52 44.07
N ALA E 115 36.63 44.73 43.63
CA ALA E 115 35.63 45.76 43.39
C ALA E 115 34.69 45.38 42.27
N LEU E 116 35.23 44.78 41.19
CA LEU E 116 34.38 44.39 40.07
C LEU E 116 33.51 43.18 40.42
N THR E 117 34.00 42.29 41.27
CA THR E 117 33.23 41.11 41.63
C THR E 117 32.19 41.42 42.71
N TYR E 118 32.66 41.84 43.88
CA TYR E 118 31.73 42.05 45.00
C TYR E 118 30.92 43.31 44.82
N GLY E 119 31.54 44.39 44.37
CA GLY E 119 30.83 45.64 44.13
C GLY E 119 31.49 46.84 44.77
N TYR E 120 32.17 46.64 45.89
CA TYR E 120 32.79 47.75 46.61
C TYR E 120 33.98 47.20 47.40
N SER E 121 35.18 47.49 46.93
CA SER E 121 36.39 47.10 47.65
C SER E 121 36.68 48.11 48.77
N TYR E 122 37.58 47.72 49.67
CA TYR E 122 37.99 48.55 50.79
C TYR E 122 39.50 48.59 50.87
N ALA E 123 40.05 49.79 51.07
CA ALA E 123 41.47 49.99 51.23
C ALA E 123 41.75 50.59 52.60
N ARG E 124 42.65 49.95 53.35
CA ARG E 124 43.00 50.39 54.70
C ARG E 124 44.37 51.05 54.66
N VAL E 125 44.44 52.28 55.15
CA VAL E 125 45.69 53.03 55.24
C VAL E 125 45.93 53.34 56.72
N LEU E 126 47.08 52.91 57.23
CA LEU E 126 47.42 53.12 58.62
C LEU E 126 48.83 53.67 58.74
N PRO E 127 49.10 54.46 59.79
CA PRO E 127 50.46 54.96 59.98
C PRO E 127 51.45 53.84 60.28
N GLY E 128 52.69 54.05 59.87
CA GLY E 128 53.73 53.06 60.09
C GLY E 128 55.10 53.69 59.97
N VAL E 129 56.11 52.91 60.37
CA VAL E 129 57.50 53.34 60.34
C VAL E 129 58.15 52.80 59.08
N ALA E 130 59.00 53.62 58.45
CA ALA E 130 59.69 53.22 57.24
C ALA E 130 60.91 52.36 57.59
N LEU E 131 61.60 51.89 56.54
CA LEU E 131 62.79 51.08 56.76
C LEU E 131 63.89 51.90 57.42
N ASP E 132 64.06 53.16 57.00
CA ASP E 132 65.07 54.03 57.58
C ASP E 132 64.62 54.71 58.86
N GLY E 133 63.39 54.49 59.29
CA GLY E 133 62.86 55.13 60.48
C GLY E 133 61.95 56.31 60.23
N ALA E 134 61.69 56.66 58.97
CA ALA E 134 60.82 57.77 58.65
C ALA E 134 59.36 57.32 58.72
N ASN E 135 58.44 58.17 58.26
CA ASN E 135 57.03 57.86 58.29
C ASN E 135 56.62 57.27 56.95
N GLN E 136 56.11 56.03 56.97
CA GLN E 136 55.64 55.35 55.78
C GLN E 136 54.22 54.86 56.04
N ALA E 137 53.30 55.25 55.15
CA ALA E 137 51.90 54.85 55.30
C ALA E 137 51.70 53.44 54.77
N GLU E 138 51.22 52.54 55.61
CA GLU E 138 50.96 51.17 55.22
C GLU E 138 49.54 51.07 54.67
N ILE E 139 49.43 50.72 53.38
CA ILE E 139 48.15 50.63 52.69
C ILE E 139 47.88 49.17 52.34
N HIS E 140 46.73 48.67 52.77
CA HIS E 140 46.32 47.30 52.50
C HIS E 140 44.87 47.28 52.06
N GLY E 141 44.52 46.26 51.28
CA GLY E 141 43.16 46.08 50.80
C GLY E 141 42.44 45.01 51.60
N VAL E 142 41.19 45.30 51.96
CA VAL E 142 40.37 44.39 52.75
C VAL E 142 39.14 44.01 51.93
N SER E 143 38.91 42.70 51.80
CA SER E 143 37.76 42.24 51.05
C SER E 143 36.47 42.52 51.82
N PRO E 144 35.35 42.71 51.12
CA PRO E 144 34.06 42.88 51.82
C PRO E 144 33.69 41.68 52.67
N ARG E 145 34.18 40.49 52.34
CA ARG E 145 33.91 39.31 53.15
C ARG E 145 34.49 39.43 54.55
N ARG E 146 35.51 40.27 54.74
CA ARG E 146 36.16 40.45 56.03
C ARG E 146 36.06 41.90 56.52
N LEU E 147 34.99 42.59 56.14
CA LEU E 147 34.82 43.98 56.55
C LEU E 147 33.33 44.32 56.55
N LEU E 148 32.94 45.23 57.45
CA LEU E 148 31.58 45.73 57.52
C LEU E 148 31.65 47.22 57.83
N ALA E 149 31.49 48.05 56.80
CA ALA E 149 31.55 49.50 56.94
C ALA E 149 30.15 50.07 57.02
N LEU E 150 29.93 50.97 57.99
CA LEU E 150 28.64 51.61 58.20
C LEU E 150 28.73 53.07 57.80
N TYR E 151 27.80 53.50 56.95
CA TYR E 151 27.74 54.88 56.47
C TYR E 151 26.43 55.50 56.90
N GLU E 152 26.50 56.72 57.44
CA GLU E 152 25.28 57.48 57.71
C GLU E 152 24.70 58.06 56.42
N ASP E 153 25.51 58.17 55.36
CA ASP E 153 25.05 58.62 54.05
C ASP E 153 25.79 57.77 53.03
N GLN E 154 25.14 56.70 52.56
CA GLN E 154 25.82 55.71 51.74
C GLN E 154 26.33 56.28 50.43
N ILE E 155 25.83 57.42 49.99
CA ILE E 155 26.21 58.02 48.72
C ILE E 155 27.19 59.16 48.89
N ASN E 156 26.84 60.14 49.74
CA ASN E 156 27.62 61.37 49.85
C ASN E 156 28.80 61.28 50.80
N ASP E 157 28.88 60.23 51.62
CA ASP E 157 29.97 60.13 52.58
C ASP E 157 31.28 59.77 51.86
N GLU E 158 32.38 60.35 52.33
CA GLU E 158 33.70 60.04 51.81
C GLU E 158 34.36 58.91 52.58
N TYR E 159 34.16 58.87 53.89
CA TYR E 159 34.74 57.84 54.75
C TYR E 159 33.67 57.29 55.68
N PRO E 160 33.81 56.03 56.11
CA PRO E 160 32.83 55.45 57.03
C PRO E 160 32.94 56.05 58.42
N LYS E 161 31.94 55.75 59.25
CA LYS E 161 31.91 56.19 60.64
C LYS E 161 32.34 55.09 61.59
N TYR E 162 31.71 53.91 61.52
CA TYR E 162 32.09 52.76 62.32
C TYR E 162 32.26 51.57 61.40
N ALA E 163 33.39 50.88 61.51
CA ALA E 163 33.70 49.73 60.67
C ALA E 163 34.23 48.59 61.52
N LEU E 164 33.77 47.37 61.21
CA LEU E 164 34.22 46.16 61.88
C LEU E 164 35.04 45.34 60.89
N GLU E 165 36.27 45.02 61.25
CA GLU E 165 37.20 44.33 60.38
C GLU E 165 37.56 42.98 60.96
N LEU E 166 37.53 41.96 60.12
CA LEU E 166 37.92 40.60 60.50
C LEU E 166 39.25 40.27 59.84
N ALA E 167 40.23 39.88 60.65
CA ALA E 167 41.52 39.48 60.12
C ALA E 167 41.40 38.16 59.37
N ASN E 168 42.26 37.97 58.36
CA ASN E 168 42.19 36.80 57.52
C ASN E 168 42.64 35.52 58.23
N ASN E 169 43.23 35.63 59.41
CA ASN E 169 43.61 34.45 60.17
C ASN E 169 42.50 33.94 61.09
N GLY E 170 41.40 34.68 61.21
CA GLY E 170 40.30 34.26 62.06
C GLY E 170 40.65 34.19 63.53
N LYS E 171 41.43 35.16 64.02
CA LYS E 171 41.85 35.15 65.42
C LYS E 171 41.57 36.49 66.11
N THR E 172 41.58 37.58 65.36
CA THR E 172 41.42 38.91 65.91
C THR E 172 40.29 39.63 65.19
N VAL E 173 39.44 40.30 65.97
CA VAL E 173 38.37 41.15 65.44
C VAL E 173 38.64 42.58 65.88
N ARG E 174 38.70 43.49 64.92
CA ARG E 174 39.00 44.88 65.20
C ARG E 174 37.88 45.79 64.74
N LEU E 175 37.60 46.81 65.54
CA LEU E 175 36.61 47.84 65.21
C LEU E 175 37.34 49.16 65.03
N TYR E 176 37.05 49.86 63.94
CA TYR E 176 37.75 51.10 63.59
C TYR E 176 36.81 52.27 63.84
N THR E 177 37.06 52.99 64.93
CA THR E 177 36.34 54.22 65.22
C THR E 177 37.11 55.40 64.65
N ASP E 178 36.75 56.62 65.06
CA ASP E 178 37.32 57.81 64.45
C ASP E 178 38.82 57.91 64.69
N THR E 179 39.24 57.81 65.96
CA THR E 179 40.64 58.06 66.31
C THR E 179 41.21 57.02 67.26
N ASP E 180 40.59 55.85 67.37
CA ASP E 180 41.09 54.79 68.23
C ASP E 180 41.07 53.47 67.46
N TYR E 181 41.95 52.56 67.87
CA TYR E 181 42.12 51.25 67.24
C TYR E 181 41.69 50.18 68.23
N TYR E 182 40.43 49.76 68.13
CA TYR E 182 39.91 48.72 69.01
C TYR E 182 40.29 47.35 68.49
N GLU E 183 40.84 46.51 69.37
CA GLU E 183 41.28 45.17 69.01
C GLU E 183 40.65 44.16 69.95
N LEU E 184 40.08 43.09 69.39
CA LEU E 184 39.49 42.02 70.18
C LEU E 184 40.08 40.68 69.77
N ARG E 185 39.53 39.59 70.30
CA ARG E 185 40.01 38.25 70.01
C ARG E 185 38.88 37.39 69.45
N MET E 186 39.23 36.48 68.55
CA MET E 186 38.28 35.57 67.91
C MET E 186 38.81 34.14 68.01
N PRO E 187 38.73 33.53 69.20
CA PRO E 187 39.21 32.15 69.32
C PRO E 187 38.32 31.15 68.61
N SER E 188 37.00 31.34 68.65
CA SER E 188 36.05 30.46 68.01
C SER E 188 35.07 31.28 67.19
N PRO E 189 34.52 30.72 66.11
CA PRO E 189 33.58 31.48 65.28
C PRO E 189 32.20 31.62 65.91
N GLY E 190 32.03 32.62 66.78
CA GLY E 190 30.73 32.89 67.35
C GLY E 190 30.70 33.16 68.84
N ASN E 191 31.86 33.34 69.47
CA ASN E 191 31.92 33.67 70.89
C ASN E 191 32.81 34.89 71.09
N PHE E 192 32.41 35.75 72.03
CA PHE E 192 33.17 36.95 72.39
C PHE E 192 33.29 37.00 73.90
N PRO E 193 34.20 36.21 74.48
CA PRO E 193 34.36 36.22 75.94
C PRO E 193 34.80 37.59 76.45
N ASN E 194 34.25 37.97 77.60
CA ASN E 194 34.55 39.26 78.21
C ASN E 194 35.81 39.23 79.08
N GLU E 195 36.38 38.05 79.32
CA GLU E 195 37.59 37.97 80.14
C GLU E 195 38.79 38.60 79.44
N GLN E 196 38.78 38.62 78.11
CA GLN E 196 39.88 39.22 77.36
C GLN E 196 39.90 40.73 77.56
N VAL E 197 41.10 41.30 77.49
CA VAL E 197 41.29 42.74 77.66
C VAL E 197 41.26 43.41 76.29
N ILE E 198 40.32 44.34 76.11
CA ILE E 198 40.20 45.04 74.84
C ILE E 198 41.36 46.02 74.70
N LYS E 199 42.02 45.98 73.54
CA LYS E 199 43.16 46.83 73.27
C LYS E 199 42.70 48.07 72.49
N LYS E 200 43.05 49.25 73.01
CA LYS E 200 42.73 50.52 72.36
C LYS E 200 44.03 51.23 72.05
N VAL E 201 44.24 51.53 70.76
CA VAL E 201 45.45 52.20 70.28
C VAL E 201 45.04 53.53 69.66
N HIS E 202 45.67 54.61 70.12
CA HIS E 202 45.39 55.95 69.62
C HIS E 202 46.50 56.31 68.62
N HIS E 203 46.30 55.90 67.37
CA HIS E 203 47.26 56.24 66.31
C HIS E 203 47.07 57.69 65.86
N GLY E 204 45.87 58.04 65.44
CA GLY E 204 45.57 59.38 64.99
C GLY E 204 45.55 59.50 63.47
N VAL E 205 44.34 59.45 62.89
CA VAL E 205 44.19 59.54 61.44
C VAL E 205 43.04 60.48 61.12
N GLY E 206 42.29 60.89 62.14
CA GLY E 206 41.15 61.76 61.93
C GLY E 206 39.85 61.00 61.79
N VAL E 207 39.43 60.75 60.55
CA VAL E 207 38.24 59.98 60.27
C VAL E 207 38.63 58.53 60.02
N CYS E 208 37.64 57.65 60.00
CA CYS E 208 37.91 56.23 59.87
C CYS E 208 38.69 55.94 58.59
N PRO E 209 39.84 55.29 58.67
CA PRO E 209 40.71 55.09 57.49
C PRO E 209 40.27 53.94 56.60
N PHE E 210 39.19 54.17 55.86
CA PHE E 210 38.69 53.20 54.90
C PHE E 210 38.16 53.93 53.68
N VAL E 211 38.53 53.44 52.49
CA VAL E 211 38.10 54.02 51.23
C VAL E 211 37.36 52.96 50.44
N ARG E 212 36.17 53.30 49.96
CA ARG E 212 35.33 52.35 49.24
C ARG E 212 35.56 52.46 47.75
N TYR E 213 35.87 51.32 47.11
CA TYR E 213 36.08 51.26 45.67
C TYR E 213 34.79 50.77 45.02
N VAL E 214 33.84 51.71 44.86
CA VAL E 214 32.53 51.35 44.33
C VAL E 214 32.65 50.99 42.85
N ASN E 215 32.00 49.90 42.46
CA ASN E 215 32.04 49.45 41.07
C ASN E 215 31.42 50.48 40.14
N MET E 216 30.13 50.75 40.31
CA MET E 216 29.41 51.72 39.49
C MET E 216 28.74 52.75 40.39
N MET E 217 28.81 54.01 39.99
CA MET E 217 28.25 55.10 40.77
C MET E 217 26.75 55.22 40.47
N ASP E 218 25.93 55.12 41.51
CA ASP E 218 24.48 55.24 41.39
C ASP E 218 23.98 56.30 42.34
N LEU E 219 22.87 56.93 41.97
CA LEU E 219 22.30 58.02 42.75
C LEU E 219 21.41 57.56 43.89
N ASP E 220 21.16 56.25 44.02
CA ASP E 220 20.31 55.71 45.07
C ASP E 220 20.94 54.47 45.69
N GLY E 221 22.24 54.52 45.93
CA GLY E 221 22.93 53.35 46.47
C GLY E 221 22.87 52.19 45.51
N PHE E 222 22.37 51.06 46.00
CA PHE E 222 22.16 49.85 45.18
C PHE E 222 23.45 49.42 44.50
N THR E 223 24.56 49.48 45.23
CA THR E 223 25.85 49.09 44.66
C THR E 223 25.88 47.60 44.38
N MET E 224 26.23 47.23 43.15
CA MET E 224 26.28 45.84 42.73
C MET E 224 27.53 45.60 41.90
N GLY E 225 27.98 44.34 41.90
CA GLY E 225 29.15 43.95 41.14
C GLY E 225 28.81 43.56 39.71
N GLU E 226 29.85 43.13 39.00
CA GLU E 226 29.72 42.70 37.61
C GLU E 226 29.44 41.22 37.47
N VAL E 227 29.34 40.48 38.58
CA VAL E 227 29.09 39.04 38.54
C VAL E 227 27.64 38.76 38.89
N GLU E 228 27.05 39.62 39.74
CA GLU E 228 25.65 39.46 40.12
C GLU E 228 24.71 39.89 38.99
N TYR E 229 25.08 40.92 38.23
CA TYR E 229 24.19 41.46 37.22
C TYR E 229 23.99 40.50 36.05
N LEU E 230 24.86 39.49 35.89
CA LEU E 230 24.77 38.55 34.78
C LEU E 230 24.65 37.10 35.25
N VAL E 231 24.09 36.90 36.45
CA VAL E 231 23.85 35.54 36.92
C VAL E 231 22.86 34.78 36.05
N PRO E 232 21.69 35.33 35.69
CA PRO E 232 20.74 34.55 34.89
C PRO E 232 21.26 34.12 33.53
N VAL E 233 22.04 34.97 32.86
CA VAL E 233 22.53 34.61 31.52
C VAL E 233 23.57 33.51 31.61
N ALA E 234 24.46 33.57 32.62
CA ALA E 234 25.41 32.49 32.82
C ALA E 234 24.72 31.18 33.18
N SER E 235 23.68 31.27 34.01
CA SER E 235 22.89 30.08 34.34
C SER E 235 22.22 29.51 33.11
N LYS E 236 21.72 30.37 32.22
CA LYS E 236 21.12 29.92 30.98
C LYS E 236 22.13 29.23 30.08
N ILE E 237 23.35 29.78 30.01
CA ILE E 237 24.41 29.17 29.21
C ILE E 237 24.73 27.78 29.75
N ASP E 238 24.87 27.68 31.07
CA ASP E 238 25.17 26.38 31.68
C ASP E 238 24.02 25.40 31.49
N LYS E 239 22.78 25.88 31.54
CA LYS E 239 21.64 25.01 31.29
C LYS E 239 21.63 24.49 29.86
N THR E 240 21.95 25.36 28.89
CA THR E 240 22.04 24.93 27.51
C THR E 240 23.15 23.89 27.33
N ASP E 241 24.31 24.11 27.97
CA ASP E 241 25.38 23.13 27.90
C ASP E 241 24.95 21.80 28.52
N TYR E 242 24.23 21.85 29.64
CA TYR E 242 23.76 20.63 30.29
C TYR E 242 22.77 19.89 29.40
N ASP E 243 21.88 20.63 28.73
CA ASP E 243 20.94 19.99 27.81
C ASP E 243 21.67 19.34 26.64
N ARG E 244 22.69 20.02 26.10
CA ARG E 244 23.47 19.44 25.02
C ARG E 244 24.18 18.17 25.48
N LEU E 245 24.75 18.20 26.70
CA LEU E 245 25.42 17.02 27.23
C LEU E 245 24.44 15.87 27.45
N LEU E 246 23.24 16.18 27.93
CA LEU E 246 22.22 15.15 28.11
C LEU E 246 21.83 14.53 26.77
N ALA E 247 21.68 15.35 25.74
CA ALA E 247 21.35 14.84 24.42
C ALA E 247 22.48 13.97 23.87
N GLN E 248 23.73 14.40 24.07
CA GLN E 248 24.87 13.68 23.51
C GLN E 248 25.15 12.38 24.26
N HIS E 249 24.88 12.34 25.56
CA HIS E 249 25.26 11.20 26.39
C HIS E 249 24.20 10.10 26.40
N TYR E 250 22.93 10.44 26.21
CA TYR E 250 21.85 9.48 26.34
C TYR E 250 21.33 8.98 24.99
N ASN E 251 21.12 9.89 24.03
CA ASN E 251 20.63 9.52 22.70
C ASN E 251 21.40 10.29 21.63
N SER E 252 22.51 9.71 21.18
CA SER E 252 23.32 10.31 20.12
C SER E 252 23.77 9.29 19.08
N TRP E 253 23.32 8.04 19.17
CA TRP E 253 23.69 7.00 18.23
C TRP E 253 22.43 6.26 17.79
N LYS E 254 22.47 5.72 16.57
CA LYS E 254 21.34 4.95 16.05
C LYS E 254 21.23 3.65 16.82
N VAL E 255 20.21 3.55 17.68
CA VAL E 255 20.04 2.37 18.51
C VAL E 255 19.50 1.23 17.66
N LYS E 256 20.20 0.10 17.69
CA LYS E 256 19.80 -1.09 16.95
C LYS E 256 18.89 -1.95 17.84
N VAL E 257 17.68 -2.22 17.34
CA VAL E 257 16.71 -3.01 18.09
C VAL E 257 16.20 -4.13 17.17
N ALA E 258 15.70 -5.18 17.81
CA ALA E 258 15.17 -6.34 17.10
C ALA E 258 13.82 -6.73 17.70
N THR E 259 12.92 -7.23 16.85
CA THR E 259 11.61 -7.67 17.29
C THR E 259 11.26 -8.97 16.57
N GLY E 260 10.39 -9.76 17.19
CA GLY E 260 9.91 -11.00 16.63
C GLY E 260 10.67 -12.23 17.07
N ILE E 261 11.87 -12.07 17.62
CA ILE E 261 12.66 -13.20 18.09
C ILE E 261 12.19 -13.60 19.48
N ASP E 262 12.63 -14.77 19.95
CA ASP E 262 12.21 -15.27 21.25
C ASP E 262 12.89 -14.46 22.36
N ASP E 263 12.53 -14.77 23.60
CA ASP E 263 13.08 -14.08 24.76
C ASP E 263 13.47 -15.08 25.83
N LEU E 264 13.78 -14.57 27.04
CA LEU E 264 14.14 -15.39 28.20
C LEU E 264 15.16 -16.48 27.86
N SER E 265 16.04 -16.19 26.91
CA SER E 265 17.02 -17.15 26.44
C SER E 265 18.20 -17.23 27.40
N GLU E 266 19.23 -17.99 27.00
CA GLU E 266 20.42 -18.24 27.80
C GLU E 266 20.05 -18.81 29.17
N ASP E 267 19.20 -19.84 29.15
CA ASP E 267 18.76 -20.54 30.36
C ASP E 267 18.09 -19.59 31.34
N ALA E 268 17.22 -18.71 30.82
CA ALA E 268 16.45 -17.76 31.63
C ALA E 268 17.39 -16.92 32.50
N THR E 269 18.21 -16.13 31.81
CA THR E 269 19.31 -15.35 32.39
C THR E 269 18.88 -14.58 33.64
N PRO E 270 19.36 -14.98 34.83
CA PRO E 270 19.13 -14.20 36.04
C PRO E 270 20.20 -13.15 36.28
N GLU E 271 20.50 -12.36 35.25
CA GLU E 271 21.59 -11.39 35.26
C GLU E 271 22.92 -12.06 35.63
N GLU E 272 23.14 -13.24 35.06
CA GLU E 272 24.35 -14.02 35.30
C GLU E 272 25.17 -14.10 34.03
N GLN E 273 26.49 -13.97 34.17
CA GLN E 273 27.43 -14.00 33.05
C GLN E 273 27.09 -12.91 32.03
N GLN E 274 27.21 -11.66 32.49
CA GLN E 274 26.90 -10.51 31.64
C GLN E 274 27.85 -10.39 30.45
N ARG E 275 29.00 -11.07 30.50
CA ARG E 275 29.98 -11.01 29.41
C ARG E 275 29.55 -11.98 28.30
N ALA E 276 28.46 -11.60 27.62
CA ALA E 276 27.98 -12.40 26.50
C ALA E 276 29.00 -12.41 25.36
N LYS E 277 29.62 -11.25 25.10
CA LYS E 277 30.66 -11.13 24.08
C LYS E 277 30.15 -11.57 22.70
N LEU E 278 28.97 -11.07 22.34
CA LEU E 278 28.41 -11.33 21.02
C LEU E 278 29.24 -10.59 19.97
N ILE E 279 29.95 -11.36 19.14
CA ILE E 279 30.85 -10.75 18.15
C ILE E 279 30.02 -10.03 17.10
N LEU E 280 30.34 -8.75 16.88
CA LEU E 280 29.66 -7.91 15.90
C LEU E 280 30.69 -6.99 15.27
N ALA E 281 31.09 -7.31 14.03
CA ALA E 281 32.04 -6.50 13.30
C ALA E 281 31.56 -6.27 11.88
N GLN E 282 32.42 -5.69 11.04
CA GLN E 282 32.03 -5.41 9.65
C GLN E 282 31.78 -6.71 8.89
N ASP E 283 32.62 -7.72 9.12
CA ASP E 283 32.45 -8.99 8.41
C ASP E 283 31.23 -9.77 8.92
N ASP E 284 30.93 -9.67 10.20
CA ASP E 284 29.84 -10.44 10.77
C ASP E 284 28.50 -10.03 10.19
N ILE E 285 27.66 -11.02 9.90
CA ILE E 285 26.31 -10.80 9.37
C ILE E 285 25.32 -11.47 10.31
N LEU E 286 24.43 -10.66 10.89
CA LEU E 286 23.43 -11.19 11.81
C LEU E 286 22.36 -11.96 11.05
N MET E 287 21.92 -13.08 11.63
CA MET E 287 20.82 -13.84 11.04
C MET E 287 20.15 -14.65 12.14
N HIS E 288 18.84 -14.83 12.00
CA HIS E 288 18.03 -15.54 12.98
C HIS E 288 17.12 -16.53 12.26
N GLY E 289 16.82 -17.63 12.94
CA GLY E 289 15.98 -18.66 12.37
C GLY E 289 14.50 -18.40 12.53
N ASN E 290 14.04 -17.24 12.06
CA ASN E 290 12.62 -16.88 12.14
C ASN E 290 12.35 -15.82 11.10
N HIS E 291 11.39 -16.08 10.20
CA HIS E 291 11.04 -15.12 9.16
C HIS E 291 10.27 -13.93 9.70
N GLU E 292 9.78 -14.00 10.94
CA GLU E 292 9.05 -12.89 11.54
C GLU E 292 9.95 -11.92 12.27
N ALA E 293 11.27 -12.14 12.27
CA ALA E 293 12.18 -11.24 12.95
C ALA E 293 12.35 -9.95 12.16
N LYS E 294 12.24 -8.82 12.85
CA LYS E 294 12.38 -7.50 12.25
C LYS E 294 13.46 -6.72 12.97
N PHE E 295 14.31 -6.05 12.21
CA PHE E 295 15.39 -5.23 12.74
C PHE E 295 15.11 -3.77 12.43
N TYR E 296 14.97 -2.97 13.48
CA TYR E 296 14.69 -1.54 13.35
C TYR E 296 15.84 -0.73 13.89
N THR E 297 15.89 0.54 13.49
CA THR E 297 16.88 1.50 13.97
C THR E 297 16.18 2.74 14.47
N LEU E 298 16.71 3.33 15.55
CA LEU E 298 16.13 4.51 16.15
C LEU E 298 16.98 5.72 15.83
N PRO E 299 16.45 6.70 15.10
CA PRO E 299 17.24 7.91 14.79
C PRO E 299 17.61 8.67 16.05
N GLU E 300 18.77 9.30 16.01
CA GLU E 300 19.30 10.05 17.14
C GLU E 300 19.10 11.55 16.93
N THR E 301 19.39 12.31 17.99
CA THR E 301 19.30 13.76 17.91
C THR E 301 20.32 14.31 16.92
N SER E 302 19.88 15.27 16.10
CA SER E 302 20.76 15.84 15.09
C SER E 302 21.94 16.56 15.71
N LEU E 303 21.79 17.07 16.94
CA LEU E 303 22.85 17.77 17.66
C LEU E 303 23.37 18.96 16.86
N ASP E 304 22.45 19.80 16.42
CA ASP E 304 22.79 21.03 15.70
C ASP E 304 22.16 22.27 16.32
N GLY E 305 20.94 22.16 16.82
CA GLY E 305 20.30 23.30 17.46
C GLY E 305 20.97 23.72 18.76
N PHE E 306 21.53 22.75 19.50
CA PHE E 306 22.14 23.07 20.78
C PHE E 306 23.35 23.98 20.62
N ILE E 307 24.18 23.72 19.59
CA ILE E 307 25.36 24.54 19.37
C ILE E 307 24.95 25.97 19.03
N ALA E 308 23.96 26.12 18.15
CA ALA E 308 23.48 27.46 17.80
C ALA E 308 22.89 28.18 19.00
N ALA E 309 22.13 27.46 19.83
CA ALA E 309 21.56 28.07 21.03
C ALA E 309 22.66 28.51 22.00
N HIS E 310 23.68 27.68 22.18
CA HIS E 310 24.78 28.06 23.06
C HIS E 310 25.54 29.25 22.52
N THR E 311 25.75 29.30 21.20
CA THR E 311 26.41 30.46 20.60
C THR E 311 25.60 31.73 20.81
N GLN E 312 24.27 31.64 20.63
CA GLN E 312 23.42 32.80 20.86
C GLN E 312 23.48 33.23 22.32
N ASP E 313 23.44 32.28 23.25
CA ASP E 313 23.50 32.62 24.66
C ASP E 313 24.83 33.27 25.04
N VAL E 314 25.94 32.74 24.51
CA VAL E 314 27.24 33.30 24.87
C VAL E 314 27.45 34.66 24.23
N GLU E 315 26.90 34.90 23.02
CA GLU E 315 27.01 36.23 22.45
C GLU E 315 26.10 37.21 23.19
N ILE E 316 24.97 36.74 23.71
CA ILE E 316 24.15 37.58 24.59
C ILE E 316 24.94 37.94 25.83
N LEU E 317 25.65 36.97 26.41
CA LEU E 317 26.51 37.23 27.56
C LEU E 317 27.56 38.29 27.24
N ALA E 318 28.21 38.15 26.08
CA ALA E 318 29.26 39.09 25.71
C ALA E 318 28.71 40.49 25.49
N ASN E 319 27.56 40.61 24.82
CA ASN E 319 26.99 41.92 24.55
C ASN E 319 26.46 42.58 25.82
N ASN E 320 25.86 41.80 26.72
CA ASN E 320 25.29 42.38 27.93
C ASN E 320 26.37 42.89 28.87
N ALA E 321 27.55 42.28 28.86
CA ALA E 321 28.65 42.69 29.73
C ALA E 321 29.59 43.69 29.07
N GLN E 322 29.26 44.16 27.86
CA GLN E 322 30.12 45.08 27.11
C GLN E 322 31.51 44.52 26.91
N VAL E 323 31.58 43.23 26.58
CA VAL E 323 32.84 42.53 26.33
C VAL E 323 32.86 42.14 24.85
N PRO E 324 34.01 42.23 24.17
CA PRO E 324 34.06 41.85 22.76
C PRO E 324 33.64 40.40 22.55
N VAL E 325 32.93 40.16 21.45
CA VAL E 325 32.41 38.82 21.17
C VAL E 325 33.53 37.86 20.81
N TRP E 326 34.53 38.33 20.07
CA TRP E 326 35.54 37.42 19.54
C TRP E 326 36.39 36.79 20.64
N ILE E 327 36.54 37.47 21.78
CA ILE E 327 37.25 36.85 22.91
C ILE E 327 36.34 35.98 23.76
N LEU E 328 35.08 35.81 23.35
CA LEU E 328 34.14 34.90 24.01
C LEU E 328 33.73 33.74 23.13
N ASN E 329 33.43 33.99 21.85
CA ASN E 329 33.07 32.94 20.93
C ASN E 329 33.38 33.40 19.51
N GLY E 330 33.65 32.43 18.63
CA GLY E 330 33.92 32.75 17.24
C GLY E 330 35.31 33.33 17.04
N GLN E 331 35.53 33.78 15.80
CA GLN E 331 36.80 34.38 15.41
C GLN E 331 36.53 35.73 14.78
N LEU E 332 37.37 36.72 15.11
CA LEU E 332 37.22 38.05 14.56
C LEU E 332 37.55 38.07 13.08
N ALA E 333 36.76 38.83 12.31
CA ALA E 333 36.99 38.96 10.88
C ALA E 333 38.11 39.96 10.61
N ASN E 334 38.34 40.25 9.33
CA ASN E 334 39.39 41.17 8.92
C ASN E 334 38.86 42.61 8.97
N LEU E 335 38.61 43.06 10.19
CA LEU E 335 38.09 44.40 10.41
C LEU E 335 39.18 45.45 10.20
N SER E 336 38.74 46.65 9.82
CA SER E 336 39.65 47.77 9.62
C SER E 336 39.80 48.52 10.95
N ALA E 337 40.45 49.69 10.90
CA ALA E 337 40.64 50.48 12.11
C ALA E 337 39.32 51.03 12.62
N ASP E 338 38.51 51.61 11.73
CA ASP E 338 37.24 52.19 12.14
C ASP E 338 36.28 51.14 12.66
N ALA E 339 36.18 50.00 11.96
CA ALA E 339 35.28 48.94 12.40
C ALA E 339 35.70 48.39 13.75
N LEU E 340 37.00 48.20 13.96
CA LEU E 340 37.49 47.71 15.25
C LEU E 340 37.22 48.72 16.36
N THR E 341 37.42 50.01 16.07
CA THR E 341 37.13 51.04 17.06
C THR E 341 35.64 51.04 17.42
N ALA E 342 34.77 50.87 16.43
CA ALA E 342 33.34 50.78 16.70
C ALA E 342 33.03 49.54 17.56
N ALA E 343 33.65 48.40 17.25
CA ALA E 343 33.39 47.19 18.00
C ALA E 343 33.83 47.31 19.44
N THR E 344 34.97 47.95 19.68
CA THR E 344 35.53 48.07 21.02
C THR E 344 35.11 49.36 21.73
N LYS E 345 34.28 50.19 21.11
CA LYS E 345 33.93 51.47 21.71
C LYS E 345 33.18 51.30 23.03
N GLY E 346 32.23 50.36 23.08
CA GLY E 346 31.48 50.16 24.31
C GLY E 346 32.35 49.66 25.45
N THR E 347 33.20 48.68 25.16
CA THR E 347 34.13 48.18 26.17
C THR E 347 35.10 49.27 26.60
N ILE E 348 35.60 50.06 25.65
CA ILE E 348 36.52 51.14 25.98
C ILE E 348 35.83 52.17 26.88
N GLN E 349 34.59 52.53 26.56
CA GLN E 349 33.87 53.50 27.38
C GLN E 349 33.59 52.97 28.78
N LYS E 350 33.19 51.70 28.88
CA LYS E 350 32.96 51.12 30.21
C LYS E 350 34.25 51.07 31.02
N LEU E 351 35.36 50.69 30.38
CA LEU E 351 36.64 50.67 31.07
C LEU E 351 37.08 52.08 31.45
N TYR E 352 36.74 53.08 30.65
CA TYR E 352 37.06 54.46 31.01
C TYR E 352 36.27 54.92 32.22
N GLU E 353 34.99 54.55 32.29
CA GLU E 353 34.20 54.86 33.48
C GLU E 353 34.76 54.18 34.72
N ARG E 354 35.14 52.90 34.59
CA ARG E 354 35.78 52.20 35.70
C ARG E 354 37.09 52.86 36.08
N GLN E 355 37.87 53.31 35.08
CA GLN E 355 39.11 54.02 35.35
C GLN E 355 38.84 55.31 36.13
N VAL E 356 37.77 56.03 35.75
CA VAL E 356 37.46 57.29 36.42
C VAL E 356 37.12 57.05 37.89
N THR E 357 36.22 56.09 38.15
CA THR E 357 35.82 55.85 39.54
C THR E 357 36.98 55.30 40.37
N PHE E 358 37.76 54.37 39.81
CA PHE E 358 38.88 53.82 40.54
C PHE E 358 39.98 54.86 40.74
N GLY E 359 40.14 55.79 39.79
CA GLY E 359 41.09 56.87 39.97
C GLY E 359 40.66 57.82 41.06
N ALA E 360 39.36 58.09 41.15
CA ALA E 360 38.86 58.89 42.27
C ALA E 360 39.13 58.20 43.60
N ALA E 361 38.89 56.88 43.66
CA ALA E 361 39.18 56.14 44.88
C ALA E 361 40.67 56.16 45.22
N HIS E 362 41.53 56.01 44.21
CA HIS E 362 42.97 56.03 44.44
C HIS E 362 43.45 57.42 44.86
N ASN E 363 42.85 58.47 44.30
CA ASN E 363 43.17 59.82 44.74
C ASN E 363 42.78 60.04 46.19
N GLN E 364 41.62 59.52 46.60
CA GLN E 364 41.25 59.61 48.00
C GLN E 364 42.23 58.84 48.88
N VAL E 365 42.65 57.65 48.44
CA VAL E 365 43.61 56.85 49.20
C VAL E 365 44.92 57.60 49.36
N LEU E 366 45.41 58.19 48.26
CA LEU E 366 46.67 58.93 48.31
C LEU E 366 46.56 60.18 49.16
N ARG E 367 45.41 60.85 49.12
CA ARG E 367 45.20 62.02 49.97
C ARG E 367 45.23 61.65 51.44
N LEU E 368 44.59 60.52 51.79
CA LEU E 368 44.64 60.07 53.19
C LEU E 368 46.05 59.66 53.58
N ALA E 369 46.77 58.99 52.68
CA ALA E 369 48.13 58.53 52.98
C ALA E 369 49.07 59.71 53.20
N ALA E 370 48.92 60.77 52.39
CA ALA E 370 49.71 61.97 52.60
C ALA E 370 49.36 62.64 53.92
N HIS E 371 48.07 62.63 54.29
CA HIS E 371 47.63 63.34 55.48
C HIS E 371 48.18 62.70 56.75
N VAL E 372 48.27 61.36 56.78
CA VAL E 372 48.70 60.68 58.00
C VAL E 372 50.16 60.98 58.33
N GLU E 373 50.95 61.43 57.36
CA GLU E 373 52.35 61.81 57.58
C GLU E 373 52.53 63.32 57.47
N GLY E 374 51.55 64.08 57.97
CA GLY E 374 51.55 65.51 57.80
C GLY E 374 51.29 65.88 56.35
N ASP E 375 52.30 66.46 55.69
CA ASP E 375 52.28 66.74 54.26
C ASP E 375 50.98 67.45 53.85
N THR E 376 50.82 68.67 54.36
CA THR E 376 49.62 69.45 54.07
C THR E 376 49.45 69.73 52.58
N GLU E 377 50.55 69.73 51.82
CA GLU E 377 50.44 69.97 50.38
C GLU E 377 49.63 68.89 49.69
N GLY E 378 49.86 67.63 50.06
CA GLY E 378 49.09 66.54 49.46
C GLY E 378 47.62 66.58 49.83
N ALA E 379 47.32 66.85 51.11
CA ALA E 379 45.94 66.90 51.55
C ALA E 379 45.19 68.07 50.91
N ARG E 380 45.84 69.24 50.81
CA ARG E 380 45.18 70.40 50.23
C ARG E 380 44.90 70.21 48.75
N ASP E 381 45.81 69.57 48.02
CA ASP E 381 45.66 69.37 46.58
C ASP E 381 44.50 68.44 46.30
N PHE E 382 43.40 69.00 45.80
CA PHE E 382 42.23 68.22 45.42
C PHE E 382 42.10 68.06 43.90
N THR E 383 43.07 68.54 43.13
CA THR E 383 43.01 68.46 41.68
C THR E 383 43.93 67.40 41.08
N ALA E 384 44.94 66.94 41.82
CA ALA E 384 45.83 65.92 41.30
C ALA E 384 45.10 64.60 41.11
N SER E 385 45.37 63.94 39.99
CA SER E 385 44.71 62.68 39.67
C SER E 385 45.75 61.70 39.14
N VAL E 386 45.45 60.40 39.30
CA VAL E 386 46.35 59.37 38.83
C VAL E 386 46.23 59.22 37.33
N SER E 387 47.24 58.58 36.73
CA SER E 387 47.29 58.34 35.30
C SER E 387 47.20 56.84 35.03
N TRP E 388 46.47 56.47 34.00
CA TRP E 388 46.23 55.08 33.65
C TRP E 388 46.86 54.75 32.31
N GLN E 389 47.32 53.50 32.18
CA GLN E 389 47.88 53.04 30.92
C GLN E 389 46.79 52.98 29.84
N ASP E 390 47.19 53.28 28.61
CA ASP E 390 46.25 53.27 27.50
C ASP E 390 45.73 51.87 27.25
N THR E 391 44.40 51.74 27.13
CA THR E 391 43.75 50.46 26.87
C THR E 391 43.22 50.37 25.44
N SER E 392 43.80 51.14 24.53
CA SER E 392 43.34 51.13 23.14
C SER E 392 43.66 49.80 22.48
N VAL E 393 42.98 49.54 21.37
CA VAL E 393 43.11 48.28 20.66
C VAL E 393 43.73 48.61 19.31
N ARG E 394 44.55 49.66 19.28
CA ARG E 394 45.19 50.10 18.06
C ARG E 394 46.55 49.43 17.90
N SER E 395 46.88 49.05 16.67
CA SER E 395 48.15 48.41 16.40
C SER E 395 49.30 49.41 16.57
N LEU E 396 50.49 48.86 16.78
CA LEU E 396 51.65 49.72 17.06
C LEU E 396 51.98 50.61 15.86
N ALA E 397 51.96 50.06 14.65
CA ALA E 397 52.35 50.84 13.47
C ALA E 397 51.42 52.03 13.26
N GLN E 398 50.10 51.78 13.34
CA GLN E 398 49.14 52.85 13.13
C GLN E 398 49.28 53.94 14.18
N ALA E 399 49.35 53.54 15.45
CA ALA E 399 49.47 54.53 16.52
C ALA E 399 50.76 55.33 16.39
N VAL E 400 51.88 54.65 16.09
CA VAL E 400 53.16 55.34 15.98
C VAL E 400 53.16 56.32 14.81
N ASP E 401 52.66 55.90 13.64
CA ASP E 401 52.70 56.81 12.50
C ASP E 401 51.76 57.99 12.71
N ALA E 402 50.59 57.75 13.31
CA ALA E 402 49.69 58.86 13.59
C ALA E 402 50.28 59.83 14.59
N TYR E 403 50.91 59.30 15.66
CA TYR E 403 51.51 60.18 16.66
C TYR E 403 52.68 60.96 16.08
N GLY E 404 53.47 60.33 15.21
CA GLY E 404 54.55 61.05 14.55
C GLY E 404 54.04 62.15 13.65
N LYS E 405 52.98 61.87 12.89
CA LYS E 405 52.37 62.92 12.05
C LYS E 405 51.86 64.06 12.91
N ALA E 406 51.21 63.74 14.04
CA ALA E 406 50.72 64.77 14.93
C ALA E 406 51.86 65.62 15.49
N ALA E 407 52.95 64.98 15.91
CA ALA E 407 54.08 65.72 16.44
C ALA E 407 54.72 66.61 15.38
N THR E 408 54.81 66.11 14.14
CA THR E 408 55.48 66.86 13.08
C THR E 408 54.62 68.00 12.55
N MET E 409 53.29 67.86 12.55
CA MET E 409 52.42 68.84 11.93
C MET E 409 51.62 69.66 12.94
N LEU E 410 50.89 69.00 13.84
CA LEU E 410 50.17 69.74 14.88
C LEU E 410 51.12 70.31 15.93
N GLY E 411 52.36 69.85 15.96
CA GLY E 411 53.34 70.36 16.90
C GLY E 411 53.07 70.01 18.35
N MET E 412 52.59 68.80 18.62
CA MET E 412 52.41 68.37 19.99
C MET E 412 53.77 68.07 20.64
N PRO E 413 53.88 68.25 21.96
CA PRO E 413 55.15 67.94 22.64
C PRO E 413 55.46 66.45 22.54
N LYS E 414 56.63 66.15 21.96
CA LYS E 414 57.03 64.76 21.77
C LYS E 414 57.35 64.06 23.08
N GLU E 415 57.66 64.81 24.14
CA GLU E 415 57.99 64.18 25.42
C GLU E 415 56.80 63.40 25.98
N PHE E 416 55.60 63.98 25.90
CA PHE E 416 54.42 63.27 26.37
C PHE E 416 54.07 62.11 25.45
N LEU E 417 54.29 62.27 24.14
CA LEU E 417 53.90 61.26 23.17
C LEU E 417 54.68 59.97 23.33
N TRP E 418 55.83 59.99 23.99
CA TRP E 418 56.63 58.78 24.15
C TRP E 418 55.90 57.71 24.94
N GLY E 419 55.10 58.11 25.93
CA GLY E 419 54.38 57.17 26.75
C GLY E 419 53.10 56.63 26.17
N LEU E 420 52.73 57.04 24.95
CA LEU E 420 51.49 56.59 24.33
C LEU E 420 51.68 55.40 23.40
N ILE E 421 52.87 55.17 22.89
CA ILE E 421 53.11 54.00 22.04
C ILE E 421 52.97 52.73 22.89
N PRO E 422 52.26 51.71 22.41
CA PRO E 422 52.17 50.46 23.18
C PRO E 422 53.54 49.82 23.36
N GLY E 423 53.71 49.16 24.50
CA GLY E 423 54.97 48.52 24.84
C GLY E 423 55.95 49.40 25.58
N ILE E 424 55.63 50.67 25.81
CA ILE E 424 56.49 51.60 26.53
C ILE E 424 55.72 52.12 27.74
N THR E 425 56.32 52.00 28.92
CA THR E 425 55.72 52.41 30.17
C THR E 425 56.40 53.68 30.67
N LYS E 426 56.00 54.13 31.87
CA LYS E 426 56.58 55.32 32.46
C LYS E 426 58.05 55.11 32.83
N THR E 427 58.41 53.88 33.21
CA THR E 427 59.81 53.59 33.52
C THR E 427 60.69 53.77 32.29
N ASP E 428 60.21 53.32 31.13
CA ASP E 428 60.96 53.52 29.89
C ASP E 428 61.12 54.99 29.56
N VAL E 429 60.06 55.78 29.78
CA VAL E 429 60.14 57.22 29.52
C VAL E 429 61.16 57.87 30.46
N GLU E 430 61.15 57.47 31.73
CA GLU E 430 62.13 58.00 32.67
C GLU E 430 63.56 57.62 32.27
N ALA E 431 63.73 56.37 31.80
CA ALA E 431 65.05 55.94 31.35
C ALA E 431 65.50 56.75 30.14
N MET E 432 64.60 57.02 29.20
CA MET E 432 64.94 57.86 28.05
C MET E 432 65.32 59.26 28.49
N ARG E 433 64.56 59.85 29.41
CA ARG E 433 64.85 61.21 29.86
C ARG E 433 66.19 61.27 30.59
N GLN E 434 66.48 60.27 31.43
CA GLN E 434 67.73 60.29 32.19
C GLN E 434 68.94 60.19 31.26
N HIS E 435 68.88 59.33 30.25
CA HIS E 435 69.99 59.12 29.32
C HIS E 435 69.51 59.49 27.92
N PHE E 436 69.63 60.78 27.58
CA PHE E 436 69.30 61.27 26.25
C PHE E 436 70.38 62.15 25.64
N ASN E 437 71.21 62.81 26.45
CA ASN E 437 72.31 63.65 25.98
C ASN E 437 73.59 63.28 26.71
N ASP E 438 73.85 61.99 26.84
CA ASP E 438 75.02 61.51 27.54
C ASP E 438 76.29 61.82 26.75
N ASP E 439 77.42 61.88 27.46
CA ASP E 439 78.69 62.21 26.86
C ASP E 439 79.33 61.02 26.13
N ASP E 440 78.79 59.83 26.28
CA ASP E 440 79.37 58.66 25.61
C ASP E 440 79.16 58.76 24.11
N GLU E 441 80.00 58.02 23.37
CA GLU E 441 79.93 58.06 21.91
C GLU E 441 78.64 57.46 21.38
N MET E 442 78.04 56.52 22.11
CA MET E 442 76.83 55.86 21.63
C MET E 442 75.67 56.84 21.49
N THR E 443 75.39 57.60 22.55
CA THR E 443 74.27 58.53 22.51
C THR E 443 74.51 59.66 21.51
N GLN E 444 75.75 60.16 21.45
CA GLN E 444 76.06 61.22 20.49
C GLN E 444 75.91 60.73 19.05
N MET E 445 76.36 59.50 18.77
CA MET E 445 76.21 58.94 17.44
C MET E 445 74.74 58.71 17.09
N LEU E 446 73.95 58.21 18.04
CA LEU E 446 72.56 57.90 17.77
C LEU E 446 71.64 59.10 17.81
N LEU E 447 72.10 60.24 18.33
CA LEU E 447 71.27 61.44 18.37
C LEU E 447 71.36 62.23 17.07
N TRP E 448 72.57 62.49 16.60
CA TRP E 448 72.78 63.19 15.34
C TRP E 448 72.95 62.20 14.19
N TRP E 449 71.92 61.39 13.99
CA TRP E 449 71.93 60.33 12.98
C TRP E 449 71.19 60.80 11.74
N THR E 450 71.80 60.58 10.58
CA THR E 450 71.23 60.90 9.28
C THR E 450 71.15 59.65 8.43
N PRO E 451 70.26 59.61 7.45
CA PRO E 451 70.14 58.41 6.60
C PRO E 451 71.41 58.06 5.84
N ASN E 452 72.32 59.02 5.64
CA ASN E 452 73.57 58.80 4.93
C ASN E 452 74.76 58.80 5.87
N GLY E 453 74.59 58.23 7.06
CA GLY E 453 75.65 58.16 8.04
C GLY E 453 75.44 59.10 9.19
N PRO E 454 76.29 59.01 10.21
CA PRO E 454 76.18 59.92 11.35
C PRO E 454 76.38 61.37 10.93
N GLY E 455 75.63 62.27 11.57
CA GLY E 455 75.73 63.67 11.28
C GLY E 455 76.25 64.48 12.46
N GLY E 456 75.85 65.75 12.53
CA GLY E 456 76.27 66.59 13.65
C GLY E 456 77.76 66.91 13.59
N GLU E 457 78.35 67.00 14.78
CA GLU E 457 79.78 67.32 14.87
C GLU E 457 80.65 66.23 14.26
N PHE E 458 80.18 64.98 14.31
CA PHE E 458 80.95 63.88 13.72
C PHE E 458 81.09 64.07 12.21
N ALA E 459 80.02 64.46 11.53
CA ALA E 459 80.09 64.77 10.11
C ALA E 459 80.69 66.14 9.83
N ALA E 460 80.72 67.02 10.84
CA ALA E 460 81.36 68.32 10.66
C ALA E 460 82.88 68.22 10.72
N GLU E 461 83.41 67.27 11.51
CA GLU E 461 84.85 67.13 11.64
C GLU E 461 85.50 66.78 10.31
N ILE E 462 84.93 65.83 9.58
CA ILE E 462 85.49 65.46 8.29
C ILE E 462 85.39 66.62 7.30
N GLU E 463 84.28 67.37 7.34
CA GLU E 463 84.12 68.50 6.43
C GLU E 463 85.15 69.58 6.72
N VAL E 464 85.37 69.91 8.00
CA VAL E 464 86.35 70.93 8.32
C VAL E 464 87.76 70.45 8.02
N ASP E 465 88.04 69.15 8.20
CA ASP E 465 89.34 68.62 7.83
C ASP E 465 89.58 68.74 6.32
N SER E 466 88.56 68.41 5.52
CA SER E 466 88.70 68.54 4.07
C SER E 466 88.89 69.99 3.66
N GLN E 467 88.11 70.91 4.26
CA GLN E 467 88.27 72.33 3.95
C GLN E 467 89.64 72.84 4.35
N THR E 468 90.14 72.42 5.51
CA THR E 468 91.46 72.82 5.95
C THR E 468 92.55 72.31 5.02
N GLN E 469 92.41 71.05 4.56
CA GLN E 469 93.39 70.51 3.62
C GLN E 469 93.38 71.28 2.30
N ILE E 470 92.18 71.58 1.78
CA ILE E 470 92.09 72.34 0.53
C ILE E 470 92.68 73.73 0.70
N ILE E 471 92.37 74.39 1.82
CA ILE E 471 92.89 75.73 2.06
C ILE E 471 94.41 75.70 2.21
N GLU E 472 94.94 74.67 2.88
CA GLU E 472 96.39 74.55 3.01
C GLU E 472 97.06 74.33 1.66
N ALA E 473 96.46 73.49 0.80
CA ALA E 473 97.03 73.29 -0.53
C ALA E 473 97.02 74.58 -1.34
N GLN E 474 95.91 75.32 -1.29
CA GLN E 474 95.83 76.59 -2.00
C GLN E 474 96.85 77.58 -1.44
N GLY E 475 97.01 77.61 -0.11
CA GLY E 475 97.98 78.50 0.48
C GLY E 475 99.40 78.15 0.09
N ASP E 476 99.71 76.86 -0.01
CA ASP E 476 101.06 76.45 -0.40
C ASP E 476 101.35 76.82 -1.85
N VAL E 477 100.41 76.54 -2.76
CA VAL E 477 100.64 76.86 -4.16
C VAL E 477 100.75 78.37 -4.34
N GLN E 478 99.89 79.14 -3.64
CA GLN E 478 100.03 80.58 -3.67
C GLN E 478 101.41 81.01 -3.16
N LYS E 479 101.80 80.51 -1.99
CA LYS E 479 103.04 80.92 -1.36
C LYS E 479 104.22 80.72 -2.29
N ASP E 480 104.29 79.56 -2.96
CA ASP E 480 105.38 79.40 -3.92
C ASP E 480 105.22 80.35 -5.11
N LEU E 481 103.98 80.67 -5.51
CA LEU E 481 103.78 81.61 -6.61
C LEU E 481 104.32 83.00 -6.29
N GLN E 482 103.92 83.57 -5.15
CA GLN E 482 104.47 84.86 -4.76
C GLN E 482 105.95 84.79 -4.38
N ASP E 483 106.45 83.64 -3.93
CA ASP E 483 107.89 83.55 -3.71
C ASP E 483 108.66 83.66 -5.02
N ALA E 484 108.18 82.97 -6.05
CA ALA E 484 108.80 83.10 -7.37
C ALA E 484 108.65 84.52 -7.90
N GLN E 485 107.49 85.14 -7.69
CA GLN E 485 107.28 86.52 -8.15
C GLN E 485 108.24 87.48 -7.46
N ALA E 486 108.43 87.33 -6.15
CA ALA E 486 109.34 88.19 -5.42
C ALA E 486 110.78 87.97 -5.87
N LYS E 487 111.17 86.72 -6.12
CA LYS E 487 112.52 86.46 -6.62
C LYS E 487 112.72 87.11 -7.99
N ALA E 488 111.72 87.00 -8.86
CA ALA E 488 111.83 87.63 -10.18
C ALA E 488 111.91 89.15 -10.07
N GLN E 489 111.12 89.73 -9.16
CA GLN E 489 111.15 91.18 -8.98
C GLN E 489 112.50 91.63 -8.43
N ALA E 490 113.07 90.86 -7.50
CA ALA E 490 114.40 91.20 -6.97
C ALA E 490 115.46 91.11 -8.07
N ASP E 491 115.39 90.08 -8.90
CA ASP E 491 116.34 89.96 -10.02
C ASP E 491 116.18 91.11 -10.99
N LEU E 492 114.94 91.49 -11.30
CA LEU E 492 114.71 92.62 -12.20
C LEU E 492 115.25 93.92 -11.60
N ALA E 493 115.05 94.13 -10.30
CA ALA E 493 115.58 95.33 -9.65
C ALA E 493 117.10 95.34 -9.68
N LYS E 494 117.73 94.20 -9.44
CA LYS E 494 119.19 94.12 -9.51
C LYS E 494 119.69 94.43 -10.92
N GLN E 495 119.02 93.87 -11.94
CA GLN E 495 119.42 94.15 -13.32
C GLN E 495 119.24 95.62 -13.65
N ASN E 496 118.14 96.23 -13.20
CA ASN E 496 117.93 97.65 -13.45
C ASN E 496 118.99 98.50 -12.77
N ALA E 497 119.35 98.15 -11.54
CA ALA E 497 120.40 98.89 -10.84
C ALA E 497 121.74 98.74 -11.56
N ALA E 498 122.05 97.54 -12.04
CA ALA E 498 123.29 97.33 -12.78
C ALA E 498 123.30 98.16 -14.07
N ALA E 499 122.18 98.18 -14.79
CA ALA E 499 122.11 98.98 -16.01
C ALA E 499 122.26 100.47 -15.69
N GLN E 500 121.62 100.93 -14.61
CA GLN E 500 121.71 102.34 -14.24
C GLN E 500 123.14 102.73 -13.88
N GLN E 501 123.83 101.90 -13.09
CA GLN E 501 125.21 102.23 -12.74
C GLN E 501 126.13 102.13 -13.95
N ARG E 502 125.88 101.19 -14.86
CA ARG E 502 126.68 101.10 -16.07
C ARG E 502 126.51 102.33 -16.95
N GLN E 503 125.27 102.81 -17.11
CA GLN E 503 125.03 103.97 -17.94
C GLN E 503 125.43 105.27 -17.26
N ALA E 504 125.52 105.29 -15.93
CA ALA E 504 125.94 106.49 -15.22
C ALA E 504 127.46 106.60 -15.07
N VAL E 505 128.16 105.46 -14.99
CA VAL E 505 129.61 105.49 -14.82
C VAL E 505 130.30 105.99 -16.09
N ALA E 506 129.65 105.89 -17.25
CA ALA E 506 130.26 106.35 -18.49
C ALA E 506 130.25 107.87 -18.55
N VAL E 507 131.42 108.46 -18.80
CA VAL E 507 131.55 109.90 -18.86
C VAL E 507 132.79 110.28 -19.66
N ILE F 2 45.40 23.52 62.82
CA ILE F 2 46.79 23.96 62.99
C ILE F 2 46.84 25.25 63.81
N GLU F 3 47.95 25.47 64.49
CA GLU F 3 48.15 26.64 65.32
C GLU F 3 49.53 27.21 65.07
N LEU F 4 49.68 28.52 65.30
CA LEU F 4 50.95 29.20 65.10
C LEU F 4 51.68 29.28 66.43
N PRO F 5 52.82 28.61 66.59
CA PRO F 5 53.53 28.67 67.88
C PRO F 5 54.48 29.85 67.96
N ASP F 6 54.40 30.62 69.06
CA ASP F 6 55.31 31.74 69.24
C ASP F 6 56.75 31.26 69.41
N ALA F 7 56.96 30.20 70.17
CA ALA F 7 58.28 29.65 70.39
C ALA F 7 58.73 28.84 69.17
N ILE F 8 60.03 28.57 69.12
CA ILE F 8 60.61 27.79 68.02
C ILE F 8 60.80 26.32 68.37
N SER F 9 60.54 25.92 69.62
CA SER F 9 60.68 24.54 70.06
C SER F 9 62.09 24.01 69.79
N ASP F 10 63.06 24.63 70.47
CA ASP F 10 64.46 24.27 70.25
C ASP F 10 64.73 22.82 70.62
N GLY F 11 64.17 22.36 71.74
CA GLY F 11 64.40 21.00 72.18
C GLY F 11 63.27 20.04 71.85
N GLU F 12 62.16 20.56 71.34
CA GLU F 12 60.98 19.75 71.04
C GLU F 12 60.39 20.14 69.69
N VAL F 13 61.25 20.32 68.68
CA VAL F 13 60.76 20.67 67.35
C VAL F 13 60.03 19.48 66.72
N ARG F 14 60.57 18.27 66.89
CA ARG F 14 59.97 17.09 66.28
C ARG F 14 58.60 16.80 66.85
N LYS F 15 58.39 17.04 68.15
CA LYS F 15 57.09 16.82 68.76
C LYS F 15 56.02 17.69 68.11
N LEU F 16 56.35 18.97 67.86
CA LEU F 16 55.39 19.85 67.21
C LEU F 16 55.21 19.48 65.74
N VAL F 17 56.29 19.10 65.06
CA VAL F 17 56.20 18.78 63.64
C VAL F 17 55.29 17.57 63.43
N GLU F 18 55.54 16.48 64.17
CA GLU F 18 54.85 15.22 63.90
C GLU F 18 53.35 15.30 64.14
N ASN F 19 52.88 16.25 64.95
CA ASN F 19 51.46 16.36 65.24
C ASN F 19 50.80 17.62 64.71
N GLU F 20 51.56 18.55 64.13
CA GLU F 20 50.90 19.72 63.55
C GLU F 20 51.30 19.97 62.10
N PHE F 21 52.55 19.72 61.74
CA PHE F 21 53.02 20.05 60.40
C PHE F 21 52.90 18.89 59.43
N TRP F 22 53.31 17.68 59.86
CA TRP F 22 53.25 16.52 58.97
C TRP F 22 51.83 16.19 58.51
N PRO F 23 50.80 16.16 59.36
CA PRO F 23 49.44 15.90 58.83
C PRO F 23 48.98 16.95 57.82
N GLU F 24 49.19 18.23 58.12
CA GLU F 24 48.83 19.28 57.18
C GLU F 24 49.66 19.18 55.90
N PHE F 25 50.96 18.86 56.04
CA PHE F 25 51.81 18.72 54.87
C PHE F 25 51.31 17.60 53.97
N VAL F 26 50.91 16.46 54.54
CA VAL F 26 50.40 15.35 53.75
C VAL F 26 49.05 15.72 53.12
N ARG F 27 48.21 16.42 53.88
CA ARG F 27 46.90 16.82 53.36
C ARG F 27 47.04 17.75 52.17
N ARG F 28 48.03 18.64 52.19
CA ARG F 28 48.28 19.49 51.04
C ARG F 28 48.97 18.71 49.91
N ARG F 29 49.86 17.78 50.28
CA ARG F 29 50.66 17.06 49.29
C ARG F 29 49.79 16.14 48.43
N GLU F 30 48.78 15.50 49.03
CA GLU F 30 47.92 14.64 48.24
C GLU F 30 47.18 15.43 47.16
N LYS F 31 46.64 16.60 47.53
CA LYS F 31 45.94 17.44 46.56
C LYS F 31 46.89 17.97 45.50
N LEU F 32 48.09 18.39 45.91
CA LEU F 32 49.06 18.90 44.93
C LEU F 32 49.50 17.81 43.98
N ASP F 33 49.72 16.59 44.47
CA ASP F 33 50.06 15.47 43.59
C ASP F 33 48.92 15.15 42.64
N ARG F 34 47.68 15.19 43.14
CA ARG F 34 46.53 14.93 42.27
C ARG F 34 46.43 15.98 41.16
N ILE F 35 46.62 17.26 41.51
CA ILE F 35 46.49 18.30 40.49
C ILE F 35 47.67 18.25 39.51
N ALA F 36 48.86 17.86 39.99
CA ALA F 36 50.00 17.68 39.09
C ALA F 36 49.74 16.53 38.12
N GLN F 37 49.17 15.42 38.61
CA GLN F 37 48.80 14.33 37.72
C GLN F 37 47.75 14.77 36.72
N TRP F 38 46.79 15.59 37.16
CA TRP F 38 45.78 16.12 36.25
C TRP F 38 46.41 16.99 35.16
N ALA F 39 47.42 17.78 35.52
CA ALA F 39 48.02 18.70 34.56
C ALA F 39 48.65 17.96 33.39
N ARG F 40 49.43 16.91 33.67
CA ARG F 40 50.12 16.15 32.63
C ARG F 40 49.21 15.02 32.12
N GLY F 41 48.17 15.42 31.42
CA GLY F 41 47.22 14.47 30.89
C GLY F 41 46.39 13.85 32.02
N GLU F 42 45.71 12.76 31.65
CA GLU F 42 44.86 12.00 32.57
C GLU F 42 43.88 12.92 33.30
N GLN F 43 43.01 13.53 32.51
CA GLN F 43 42.03 14.46 33.04
C GLN F 43 41.05 13.73 33.96
N PRO F 44 40.47 14.43 34.93
CA PRO F 44 39.53 13.78 35.86
C PRO F 44 38.36 13.14 35.14
N ASP F 45 38.25 11.82 35.29
CA ASP F 45 37.17 11.05 34.64
C ASP F 45 35.93 11.02 35.52
N TYR F 46 34.97 11.90 35.21
CA TYR F 46 33.71 11.91 35.95
C TYR F 46 32.94 10.61 35.74
N LEU F 47 33.01 10.03 34.55
CA LEU F 47 32.33 8.77 34.24
C LEU F 47 33.36 7.80 33.70
N ILE F 48 33.51 6.65 34.38
CA ILE F 48 34.41 5.59 33.93
C ILE F 48 33.70 4.26 34.12
N GLN F 49 33.83 3.37 33.14
CA GLN F 49 33.25 2.04 33.18
C GLN F 49 34.31 1.06 33.64
N ASN F 50 34.14 0.50 34.83
CA ASN F 50 35.08 -0.44 35.40
C ASN F 50 34.72 -1.90 35.10
N ALA F 51 33.65 -2.14 34.35
CA ALA F 51 33.22 -3.50 34.04
C ALA F 51 33.60 -3.96 32.64
N ASN F 52 33.72 -3.03 31.69
CA ASN F 52 34.06 -3.35 30.31
C ASN F 52 35.49 -2.94 30.04
N ARG F 53 36.32 -3.89 29.65
CA ARG F 53 37.71 -3.58 29.35
C ARG F 53 37.84 -2.73 28.10
N GLU F 54 37.03 -3.02 27.08
CA GLU F 54 37.08 -2.25 25.83
C GLU F 54 36.67 -0.80 26.06
N LYS F 55 35.61 -0.58 26.84
CA LYS F 55 35.17 0.78 27.12
C LYS F 55 36.22 1.55 27.93
N ARG F 56 36.84 0.89 28.90
CA ARG F 56 37.89 1.55 29.67
C ARG F 56 39.09 1.88 28.79
N ALA F 57 39.46 0.97 27.89
CA ALA F 57 40.55 1.25 26.97
C ALA F 57 40.23 2.42 26.06
N LEU F 58 39.00 2.49 25.55
CA LEU F 58 38.60 3.62 24.72
C LEU F 58 38.62 4.92 25.50
N LEU F 59 38.17 4.89 26.75
CA LEU F 59 38.18 6.10 27.58
C LEU F 59 39.61 6.57 27.86
N LYS F 60 40.51 5.63 28.16
CA LYS F 60 41.91 6.00 28.38
C LYS F 60 42.54 6.52 27.11
N LEU F 61 42.15 5.95 25.96
CA LEU F 61 42.69 6.40 24.68
C LEU F 61 42.20 7.78 24.29
N ALA F 62 41.10 8.25 24.89
CA ALA F 62 40.54 9.56 24.57
C ALA F 62 41.03 10.66 25.50
N LYS F 63 41.92 10.34 26.45
CA LYS F 63 42.41 11.33 27.42
C LYS F 63 43.42 12.23 26.72
N THR F 64 42.90 13.21 25.99
CA THR F 64 43.75 14.17 25.30
C THR F 64 44.20 15.25 26.27
N PRO F 65 45.51 15.46 26.45
CA PRO F 65 45.98 16.52 27.38
C PRO F 65 45.73 17.89 26.78
N TRP F 66 44.95 18.70 27.49
CA TRP F 66 44.63 20.06 27.05
C TRP F 66 45.12 21.12 28.02
N LEU F 67 44.91 20.93 29.33
CA LEU F 67 45.36 21.91 30.31
C LEU F 67 46.88 22.01 30.33
N GLY F 68 47.57 20.88 30.17
CA GLY F 68 49.02 20.91 30.10
C GLY F 68 49.53 21.73 28.93
N LEU F 69 48.84 21.65 27.79
CA LEU F 69 49.22 22.47 26.64
C LEU F 69 49.07 23.95 26.95
N VAL F 70 47.98 24.32 27.63
CA VAL F 70 47.76 25.73 28.00
C VAL F 70 48.85 26.18 28.95
N VAL F 71 49.21 25.35 29.94
CA VAL F 71 50.25 25.71 30.89
C VAL F 71 51.59 25.89 30.18
N THR F 72 51.93 24.97 29.27
CA THR F 72 53.18 25.09 28.54
C THR F 72 53.20 26.35 27.67
N HIS F 73 52.08 26.66 27.02
CA HIS F 73 52.02 27.86 26.20
C HIS F 73 52.18 29.12 27.05
N PHE F 74 51.56 29.15 28.23
CA PHE F 74 51.68 30.33 29.08
C PHE F 74 53.10 30.48 29.62
N THR F 75 53.74 29.37 30.01
CA THR F 75 55.05 29.45 30.64
C THR F 75 56.19 29.62 29.64
N GLN F 76 55.96 29.36 28.35
CA GLN F 76 57.00 29.52 27.36
C GLN F 76 57.11 30.94 26.82
N ALA F 77 56.15 31.80 27.14
CA ALA F 77 56.17 33.19 26.69
C ALA F 77 56.65 34.15 27.78
N LEU F 78 57.04 33.63 28.95
CA LEU F 78 57.50 34.45 30.06
C LEU F 78 59.00 34.29 30.19
N PHE F 79 59.73 35.41 30.13
CA PHE F 79 61.18 35.40 30.23
C PHE F 79 61.65 36.71 30.84
N VAL F 80 62.65 36.61 31.71
CA VAL F 80 63.22 37.78 32.39
C VAL F 80 64.62 38.00 31.86
N ASP F 81 64.89 39.21 31.37
CA ASP F 81 66.20 39.58 30.86
C ASP F 81 66.57 40.95 31.40
N GLY F 82 67.71 41.04 32.06
CA GLY F 82 68.19 42.30 32.61
C GLY F 82 67.45 42.72 33.86
N TYR F 83 68.12 43.55 34.66
CA TYR F 83 67.57 44.11 35.89
C TYR F 83 67.74 45.63 35.79
N ARG F 84 66.75 46.30 35.20
CA ARG F 84 66.83 47.72 34.94
C ARG F 84 66.47 48.49 36.21
N ALA F 85 67.48 49.11 36.83
CA ALA F 85 67.23 49.97 37.96
C ALA F 85 66.65 51.31 37.50
N GLU F 86 66.10 52.06 38.45
CA GLU F 86 65.50 53.35 38.14
C GLU F 86 66.58 54.34 37.71
N GLY F 87 66.42 54.90 36.51
CA GLY F 87 67.33 55.89 36.00
C GLY F 87 68.59 55.33 35.36
N SER F 88 68.72 54.02 35.23
CA SER F 88 69.88 53.40 34.62
C SER F 88 69.45 52.47 33.51
N LYS F 89 70.09 52.60 32.35
CA LYS F 89 69.79 51.75 31.20
C LYS F 89 70.61 50.46 31.19
N GLU F 90 71.57 50.31 32.10
CA GLU F 90 72.42 49.14 32.17
C GLU F 90 72.11 48.34 33.43
N ASN F 91 72.10 47.02 33.29
CA ASN F 91 71.84 46.16 34.44
C ASN F 91 72.92 46.32 35.49
N ALA F 92 72.50 46.40 36.76
CA ALA F 92 73.45 46.53 37.85
C ALA F 92 74.28 45.26 38.01
N LYS F 93 75.51 45.43 38.47
CA LYS F 93 76.43 44.33 38.69
C LYS F 93 76.21 43.64 40.04
N GLY F 94 75.04 43.82 40.63
CA GLY F 94 74.72 43.22 41.91
C GLY F 94 73.84 42.00 41.77
N PRO F 95 72.53 42.19 41.96
CA PRO F 95 71.61 41.03 41.86
C PRO F 95 71.64 40.34 40.51
N TRP F 96 71.94 41.07 39.43
CA TRP F 96 72.02 40.42 38.12
C TRP F 96 73.19 39.44 38.05
N GLN F 97 74.30 39.73 38.74
CA GLN F 97 75.40 38.78 38.80
C GLN F 97 74.96 37.49 39.49
N THR F 98 74.19 37.60 40.57
CA THR F 98 73.67 36.42 41.24
C THR F 98 72.69 35.68 40.34
N TRP F 99 71.87 36.41 39.59
CA TRP F 99 70.92 35.78 38.66
C TRP F 99 71.67 34.98 37.59
N ASN F 100 72.74 35.55 37.05
CA ASN F 100 73.50 34.86 36.01
C ASN F 100 74.27 33.68 36.58
N ALA F 101 74.84 33.83 37.78
CA ALA F 101 75.64 32.76 38.37
C ALA F 101 74.78 31.55 38.71
N ASN F 102 73.57 31.77 39.21
CA ASN F 102 72.71 30.69 39.66
C ASN F 102 72.00 29.97 38.51
N LYS F 103 72.31 30.32 37.26
CA LYS F 103 71.67 29.71 36.09
C LYS F 103 70.15 29.85 36.16
N MET F 104 69.68 31.04 36.53
CA MET F 104 68.24 31.27 36.65
C MET F 104 67.55 31.34 35.29
N GLN F 105 68.31 31.53 34.21
CA GLN F 105 67.71 31.60 32.88
C GLN F 105 67.01 30.30 32.50
N SER F 106 67.47 29.18 33.05
CA SER F 106 66.86 27.88 32.77
C SER F 106 65.88 27.44 33.86
N LYS F 107 65.95 28.02 35.05
CA LYS F 107 65.05 27.66 36.14
C LYS F 107 63.81 28.54 36.21
N GLN F 108 63.85 29.73 35.61
CA GLN F 108 62.68 30.61 35.62
C GLN F 108 61.52 29.98 34.87
N ILE F 109 61.80 29.22 33.81
CA ILE F 109 60.73 28.55 33.08
C ILE F 109 60.02 27.55 33.99
N ALA F 110 60.80 26.74 34.72
CA ALA F 110 60.21 25.77 35.64
C ALA F 110 59.44 26.47 36.75
N ILE F 111 59.99 27.56 37.29
CA ILE F 111 59.32 28.29 38.37
C ILE F 111 57.97 28.83 37.88
N HIS F 112 57.97 29.45 36.69
CA HIS F 112 56.73 29.99 36.14
C HIS F 112 55.73 28.88 35.84
N ARG F 113 56.19 27.75 35.32
CA ARG F 113 55.28 26.64 35.05
C ARG F 113 54.65 26.11 36.33
N ALA F 114 55.45 25.96 37.38
CA ALA F 114 54.92 25.49 38.65
C ALA F 114 53.94 26.50 39.24
N ALA F 115 54.25 27.80 39.13
CA ALA F 115 53.35 28.82 39.64
C ALA F 115 52.03 28.83 38.89
N LEU F 116 52.07 28.65 37.56
CA LEU F 116 50.85 28.64 36.77
C LEU F 116 50.05 27.37 36.99
N THR F 117 50.72 26.25 37.26
CA THR F 117 50.00 24.99 37.46
C THR F 117 49.45 24.89 38.89
N TYR F 118 50.34 24.88 39.88
CA TYR F 118 49.93 24.66 41.26
C TYR F 118 49.22 25.90 41.82
N GLY F 119 49.76 27.08 41.55
CA GLY F 119 49.15 28.31 42.04
C GLY F 119 50.11 29.23 42.74
N TYR F 120 51.13 28.67 43.39
CA TYR F 120 52.08 29.46 44.16
C TYR F 120 53.40 28.73 44.22
N SER F 121 54.38 29.19 43.46
CA SER F 121 55.72 28.62 43.51
C SER F 121 56.50 29.17 44.69
N TYR F 122 57.61 28.52 45.00
CA TYR F 122 58.47 28.93 46.11
C TYR F 122 59.91 28.98 45.63
N ALA F 123 60.62 30.05 46.01
CA ALA F 123 62.02 30.24 45.67
C ALA F 123 62.82 30.31 46.97
N ARG F 124 63.86 29.49 47.07
CA ARG F 124 64.71 29.43 48.25
C ARG F 124 66.04 30.09 47.93
N VAL F 125 66.42 31.09 48.73
CA VAL F 125 67.69 31.78 48.60
C VAL F 125 68.47 31.58 49.88
N LEU F 126 69.68 31.03 49.77
CA LEU F 126 70.51 30.74 50.92
C LEU F 126 71.92 31.26 50.69
N PRO F 127 72.63 31.64 51.74
CA PRO F 127 74.02 32.09 51.58
C PRO F 127 74.91 30.96 51.11
N GLY F 128 75.95 31.34 50.35
CA GLY F 128 76.88 30.36 49.83
C GLY F 128 78.17 31.03 49.42
N VAL F 129 79.18 30.20 49.16
CA VAL F 129 80.50 30.65 48.77
C VAL F 129 80.60 30.60 47.24
N ALA F 130 81.26 31.60 46.66
CA ALA F 130 81.42 31.67 45.22
C ALA F 130 82.58 30.78 44.78
N LEU F 131 82.79 30.71 43.46
CA LEU F 131 83.89 29.92 42.93
C LEU F 131 85.24 30.49 43.37
N ASP F 132 85.37 31.81 43.37
CA ASP F 132 86.61 32.47 43.77
C ASP F 132 86.72 32.64 45.28
N GLY F 133 85.71 32.26 46.04
CA GLY F 133 85.71 32.42 47.47
C GLY F 133 84.91 33.59 48.00
N ALA F 134 84.25 34.34 47.12
CA ALA F 134 83.44 35.47 47.53
C ALA F 134 82.07 34.98 47.98
N ASN F 135 81.14 35.91 48.20
CA ASN F 135 79.80 35.58 48.65
C ASN F 135 78.87 35.48 47.43
N GLN F 136 78.30 34.29 47.23
CA GLN F 136 77.36 34.05 46.14
C GLN F 136 76.09 33.47 46.72
N ALA F 137 74.95 34.11 46.45
CA ALA F 137 73.67 33.65 46.96
C ALA F 137 73.16 32.51 46.09
N GLU F 138 72.89 31.37 46.71
CA GLU F 138 72.36 30.20 46.02
C GLU F 138 70.84 30.27 46.02
N ILE F 139 70.25 30.38 44.83
CA ILE F 139 68.80 30.50 44.67
C ILE F 139 68.28 29.24 43.99
N HIS F 140 67.31 28.59 44.63
CA HIS F 140 66.69 27.39 44.09
C HIS F 140 65.18 27.48 44.23
N GLY F 141 64.48 26.78 43.35
CA GLY F 141 63.02 26.74 43.38
C GLY F 141 62.53 25.44 43.97
N VAL F 142 61.52 25.55 44.84
CA VAL F 142 60.95 24.40 45.53
C VAL F 142 59.48 24.30 45.15
N SER F 143 59.07 23.12 44.68
CA SER F 143 57.68 22.91 44.31
C SER F 143 56.80 22.86 45.55
N PRO F 144 55.53 23.26 45.43
CA PRO F 144 54.61 23.12 46.57
C PRO F 144 54.44 21.69 47.05
N ARG F 145 54.66 20.71 46.17
CA ARG F 145 54.58 19.31 46.58
C ARG F 145 55.63 18.95 47.62
N ARG F 146 56.73 19.72 47.70
CA ARG F 146 57.81 19.46 48.64
C ARG F 146 58.05 20.64 49.56
N LEU F 147 56.98 21.38 49.90
CA LEU F 147 57.11 22.55 50.76
C LEU F 147 55.77 22.83 51.42
N LEU F 148 55.83 23.35 52.65
CA LEU F 148 54.64 23.75 53.39
C LEU F 148 54.99 25.03 54.13
N ALA F 149 54.54 26.16 53.59
CA ALA F 149 54.82 27.47 54.17
C ALA F 149 53.59 27.96 54.94
N LEU F 150 53.82 28.45 56.15
CA LEU F 150 52.75 28.96 57.01
C LEU F 150 52.85 30.47 57.11
N TYR F 151 51.74 31.15 56.83
CA TYR F 151 51.66 32.60 56.88
C TYR F 151 50.65 33.01 57.93
N GLU F 152 51.05 33.93 58.81
CA GLU F 152 50.10 34.52 59.74
C GLU F 152 49.14 35.48 59.06
N ASP F 153 49.54 36.04 57.90
CA ASP F 153 48.71 36.92 57.09
C ASP F 153 48.92 36.49 55.64
N GLN F 154 48.05 35.60 55.15
CA GLN F 154 48.26 34.98 53.84
C GLN F 154 48.28 35.99 52.70
N ILE F 155 47.75 37.19 52.90
CA ILE F 155 47.65 38.19 51.85
C ILE F 155 48.74 39.25 51.97
N ASN F 156 48.90 39.83 53.15
CA ASN F 156 49.77 40.99 53.33
C ASN F 156 51.20 40.63 53.74
N ASP F 157 51.49 39.37 54.00
CA ASP F 157 52.84 38.98 54.39
C ASP F 157 53.77 38.96 53.18
N GLU F 158 55.06 39.20 53.44
CA GLU F 158 56.10 39.14 52.43
C GLU F 158 56.88 37.83 52.47
N TYR F 159 57.16 37.33 53.67
CA TYR F 159 57.89 36.08 53.85
C TYR F 159 57.17 35.22 54.89
N PRO F 160 57.31 33.90 54.78
CA PRO F 160 56.65 33.00 55.74
C PRO F 160 57.31 33.09 57.11
N LYS F 161 56.61 32.54 58.10
CA LYS F 161 57.12 32.46 59.47
C LYS F 161 57.75 31.12 59.77
N TYR F 162 57.02 30.02 59.55
CA TYR F 162 57.54 28.67 59.73
C TYR F 162 57.24 27.87 58.46
N ALA F 163 58.28 27.25 57.90
CA ALA F 163 58.14 26.48 56.67
C ALA F 163 58.82 25.13 56.83
N LEU F 164 58.15 24.09 56.34
CA LEU F 164 58.69 22.74 56.34
C LEU F 164 59.01 22.34 54.90
N GLU F 165 60.25 21.95 54.65
CA GLU F 165 60.72 21.64 53.31
C GLU F 165 61.13 20.17 53.24
N LEU F 166 60.69 19.49 52.19
CA LEU F 166 61.05 18.10 51.93
C LEU F 166 61.99 18.04 50.75
N ALA F 167 63.15 17.41 50.95
CA ALA F 167 64.12 17.26 49.86
C ALA F 167 63.58 16.28 48.82
N ASN F 168 64.03 16.48 47.57
CA ASN F 168 63.53 15.66 46.47
C ASN F 168 64.07 14.24 46.49
N ASN F 169 65.06 13.94 47.34
CA ASN F 169 65.56 12.58 47.47
C ASN F 169 64.81 11.76 48.51
N GLY F 170 63.91 12.38 49.27
CA GLY F 170 63.15 11.67 50.29
C GLY F 170 63.99 11.10 51.40
N LYS F 171 65.00 11.86 51.85
CA LYS F 171 65.89 11.38 52.91
C LYS F 171 66.01 12.38 54.05
N THR F 172 65.87 13.67 53.74
CA THR F 172 66.05 14.73 54.72
C THR F 172 64.82 15.62 54.76
N VAL F 173 64.38 15.96 55.96
CA VAL F 173 63.28 16.90 56.19
C VAL F 173 63.84 18.09 56.96
N ARG F 174 63.64 19.29 56.43
CA ARG F 174 64.18 20.50 57.03
C ARG F 174 63.07 21.49 57.34
N LEU F 175 63.19 22.16 58.49
CA LEU F 175 62.27 23.21 58.90
C LEU F 175 63.02 24.53 58.93
N TYR F 176 62.44 25.55 58.31
CA TYR F 176 63.09 26.85 58.15
C TYR F 176 62.43 27.84 59.10
N THR F 177 63.14 28.15 60.19
CA THR F 177 62.70 29.17 61.13
C THR F 177 63.34 30.51 60.74
N ASP F 178 63.26 31.50 61.62
CA ASP F 178 63.71 32.84 61.29
C ASP F 178 65.21 32.88 60.97
N THR F 179 66.04 32.37 61.87
CA THR F 179 67.49 32.52 61.75
C THR F 179 68.25 31.23 62.02
N ASP F 180 67.58 30.08 61.95
CA ASP F 180 68.24 28.79 62.15
C ASP F 180 67.82 27.83 61.06
N TYR F 181 68.68 26.87 60.78
CA TYR F 181 68.48 25.87 59.73
C TYR F 181 68.31 24.51 60.40
N TYR F 182 67.07 24.10 60.64
CA TYR F 182 66.78 22.82 61.25
C TYR F 182 66.81 21.72 60.20
N GLU F 183 67.50 20.62 60.50
CA GLU F 183 67.64 19.50 59.58
C GLU F 183 67.29 18.21 60.29
N LEU F 184 66.48 17.37 59.65
CA LEU F 184 66.10 16.08 60.20
C LEU F 184 66.38 14.98 59.17
N ARG F 185 65.94 13.76 59.47
CA ARG F 185 66.15 12.62 58.59
C ARG F 185 64.81 11.98 58.25
N MET F 186 64.71 11.45 57.03
CA MET F 186 63.51 10.81 56.52
C MET F 186 63.87 9.45 55.94
N PRO F 187 64.16 8.46 56.79
CA PRO F 187 64.50 7.13 56.26
C PRO F 187 63.32 6.41 55.64
N SER F 188 62.13 6.53 56.24
CA SER F 188 60.92 5.90 55.75
C SER F 188 59.81 6.94 55.68
N PRO F 189 58.86 6.77 54.75
CA PRO F 189 57.78 7.75 54.64
C PRO F 189 56.74 7.64 55.74
N GLY F 190 57.00 8.27 56.89
CA GLY F 190 56.03 8.30 57.95
C GLY F 190 56.54 8.03 59.35
N ASN F 191 57.87 8.00 59.52
CA ASN F 191 58.47 7.81 60.83
C ASN F 191 59.50 8.91 61.09
N PHE F 192 59.54 9.38 62.34
CA PHE F 192 60.50 10.39 62.77
C PHE F 192 61.17 9.92 64.05
N PRO F 193 62.13 9.01 63.96
CA PRO F 193 62.80 8.52 65.17
C PRO F 193 63.54 9.63 65.90
N ASN F 194 63.48 9.58 67.22
CA ASN F 194 64.12 10.58 68.06
C ASN F 194 65.58 10.29 68.35
N GLU F 195 66.07 9.11 67.95
CA GLU F 195 67.49 8.79 68.18
C GLU F 195 68.41 9.67 67.34
N GLN F 196 67.93 10.15 66.19
CA GLN F 196 68.74 11.00 65.34
C GLN F 196 68.99 12.35 65.99
N VAL F 197 70.13 12.94 65.69
CA VAL F 197 70.52 14.22 66.25
C VAL F 197 70.07 15.33 65.30
N ILE F 198 69.24 16.24 65.80
CA ILE F 198 68.75 17.33 64.97
C ILE F 198 69.87 18.34 64.75
N LYS F 199 70.07 18.72 63.49
CA LYS F 199 71.13 19.65 63.11
C LYS F 199 70.54 21.06 63.02
N LYS F 200 71.18 22.00 63.73
CA LYS F 200 70.78 23.40 63.72
C LYS F 200 71.95 24.22 63.19
N VAL F 201 71.72 24.94 62.09
CA VAL F 201 72.74 25.77 61.46
C VAL F 201 72.28 27.21 61.51
N HIS F 202 73.14 28.08 62.04
CA HIS F 202 72.84 29.52 62.14
C HIS F 202 73.55 30.23 60.99
N HIS F 203 72.89 30.28 59.84
CA HIS F 203 73.43 30.98 58.70
C HIS F 203 73.25 32.50 58.84
N GLY F 204 72.02 32.94 59.04
CA GLY F 204 71.73 34.35 59.21
C GLY F 204 71.18 34.98 57.95
N VAL F 205 69.85 35.10 57.87
CA VAL F 205 69.19 35.69 56.71
C VAL F 205 68.12 36.66 57.17
N GLY F 206 67.82 36.66 58.47
CA GLY F 206 66.78 37.51 59.00
C GLY F 206 65.44 36.81 59.11
N VAL F 207 64.59 36.99 58.11
CA VAL F 207 63.30 36.33 58.06
C VAL F 207 63.43 35.07 57.20
N CYS F 208 62.42 34.21 57.27
CA CYS F 208 62.49 32.94 56.57
C CYS F 208 62.71 33.15 55.08
N PRO F 209 63.73 32.55 54.47
CA PRO F 209 64.08 32.82 53.07
C PRO F 209 63.22 32.03 52.08
N PHE F 210 61.98 32.47 51.93
CA PHE F 210 61.06 31.87 50.96
C PHE F 210 60.21 32.96 50.33
N VAL F 211 60.10 32.94 49.01
CA VAL F 211 59.31 33.92 48.26
C VAL F 211 58.24 33.16 47.50
N ARG F 212 57.00 33.61 47.63
CA ARG F 212 55.86 32.95 47.02
C ARG F 212 55.55 33.58 45.67
N TYR F 213 55.48 32.75 44.63
CA TYR F 213 55.15 33.20 43.29
C TYR F 213 53.66 32.92 43.05
N VAL F 214 52.83 33.83 43.55
CA VAL F 214 51.39 33.65 43.47
C VAL F 214 50.93 33.81 42.02
N ASN F 215 50.07 32.91 41.56
CA ASN F 215 49.57 32.97 40.18
C ASN F 215 48.77 34.24 39.95
N MET F 216 47.65 34.39 40.67
CA MET F 216 46.80 35.56 40.54
C MET F 216 46.61 36.20 41.92
N MET F 217 46.66 37.52 41.96
CA MET F 217 46.54 38.25 43.22
C MET F 217 45.06 38.43 43.54
N ASP F 218 44.65 37.95 44.72
CA ASP F 218 43.28 38.07 45.18
C ASP F 218 43.27 38.72 46.56
N LEU F 219 42.17 39.42 46.86
CA LEU F 219 42.05 40.16 48.11
C LEU F 219 41.59 39.29 49.27
N ASP F 220 41.26 38.02 49.03
CA ASP F 220 40.79 37.13 50.10
C ASP F 220 41.46 35.77 49.98
N GLY F 221 42.77 35.77 49.72
CA GLY F 221 43.48 34.50 49.56
C GLY F 221 42.94 33.74 48.36
N PHE F 222 42.53 32.49 48.59
CA PHE F 222 41.92 31.65 47.56
C PHE F 222 42.82 31.52 46.34
N THR F 223 44.12 31.35 46.57
CA THR F 223 45.08 31.22 45.48
C THR F 223 44.84 29.92 44.73
N MET F 224 44.69 30.02 43.41
CA MET F 224 44.44 28.86 42.56
C MET F 224 45.28 28.96 41.29
N GLY F 225 45.57 27.80 40.70
CA GLY F 225 46.35 27.75 39.48
C GLY F 225 45.49 27.86 38.24
N GLU F 226 46.15 27.72 37.09
CA GLU F 226 45.48 27.79 35.80
C GLU F 226 45.02 26.43 35.29
N VAL F 227 45.24 25.36 36.05
CA VAL F 227 44.84 24.02 35.63
C VAL F 227 43.60 23.60 36.39
N GLU F 228 43.44 24.09 37.62
CA GLU F 228 42.26 23.77 38.41
C GLU F 228 41.03 24.54 37.95
N TYR F 229 41.21 25.76 37.47
CA TYR F 229 40.08 26.60 37.09
C TYR F 229 39.37 26.10 35.84
N LEU F 230 40.01 25.24 35.05
CA LEU F 230 39.42 24.75 33.81
C LEU F 230 39.34 23.22 33.79
N VAL F 231 39.22 22.60 34.95
CA VAL F 231 39.03 21.15 35.00
C VAL F 231 37.72 20.72 34.35
N PRO F 232 36.56 21.32 34.67
CA PRO F 232 35.31 20.84 34.06
C PRO F 232 35.27 20.93 32.54
N VAL F 233 35.84 21.98 31.95
CA VAL F 233 35.78 22.12 30.50
C VAL F 233 36.67 21.08 29.82
N ALA F 234 37.85 20.82 30.38
CA ALA F 234 38.70 19.77 29.84
C ALA F 234 38.05 18.40 29.98
N SER F 235 37.39 18.16 31.12
CA SER F 235 36.66 16.90 31.31
C SER F 235 35.53 16.78 30.28
N LYS F 236 34.85 17.88 29.99
CA LYS F 236 33.79 17.86 28.99
C LYS F 236 34.34 17.56 27.60
N ILE F 237 35.50 18.14 27.27
CA ILE F 237 36.13 17.87 25.98
C ILE F 237 36.49 16.39 25.87
N ASP F 238 37.08 15.84 26.93
CA ASP F 238 37.43 14.43 26.92
C ASP F 238 36.20 13.53 26.85
N LYS F 239 35.12 13.93 27.52
CA LYS F 239 33.87 13.16 27.44
C LYS F 239 33.30 13.18 26.03
N THR F 240 33.35 14.34 25.36
CA THR F 240 32.89 14.42 23.98
C THR F 240 33.74 13.54 23.06
N ASP F 241 35.07 13.56 23.27
CA ASP F 241 35.94 12.70 22.48
C ASP F 241 35.64 11.23 22.72
N TYR F 242 35.38 10.86 23.99
CA TYR F 242 35.04 9.48 24.31
C TYR F 242 33.72 9.06 23.67
N ASP F 243 32.73 9.96 23.66
CA ASP F 243 31.46 9.65 23.01
C ASP F 243 31.65 9.47 21.50
N ARG F 244 32.47 10.33 20.88
CA ARG F 244 32.75 10.18 19.46
C ARG F 244 33.45 8.86 19.17
N LEU F 245 34.41 8.48 20.02
CA LEU F 245 35.10 7.22 19.84
C LEU F 245 34.16 6.03 20.01
N LEU F 246 33.25 6.12 20.98
CA LEU F 246 32.26 5.05 21.17
C LEU F 246 31.35 4.92 19.94
N ALA F 247 30.92 6.06 19.39
CA ALA F 247 30.09 6.02 18.20
C ALA F 247 30.85 5.45 17.01
N GLN F 248 32.12 5.80 16.85
CA GLN F 248 32.91 5.35 15.71
C GLN F 248 33.32 3.90 15.82
N HIS F 249 33.50 3.39 17.04
CA HIS F 249 34.02 2.04 17.24
C HIS F 249 32.93 0.98 17.29
N TYR F 250 31.73 1.32 17.72
CA TYR F 250 30.66 0.35 17.90
C TYR F 250 29.64 0.35 16.77
N ASN F 251 29.21 1.52 16.31
CA ASN F 251 28.23 1.62 15.21
C ASN F 251 28.65 2.74 14.26
N SER F 252 29.46 2.39 13.26
CA SER F 252 29.90 3.34 12.25
C SER F 252 29.84 2.76 10.84
N TRP F 253 29.33 1.54 10.68
CA TRP F 253 29.23 0.90 9.37
C TRP F 253 27.82 0.33 9.21
N LYS F 254 27.36 0.24 7.97
CA LYS F 254 26.06 -0.33 7.67
C LYS F 254 26.09 -1.82 7.95
N VAL F 255 25.45 -2.23 9.03
CA VAL F 255 25.45 -3.64 9.42
C VAL F 255 24.54 -4.43 8.50
N LYS F 256 25.07 -5.47 7.88
CA LYS F 256 24.30 -6.34 7.00
C LYS F 256 23.69 -7.47 7.83
N VAL F 257 22.36 -7.59 7.77
CA VAL F 257 21.63 -8.62 8.50
C VAL F 257 20.72 -9.37 7.54
N ALA F 258 20.38 -10.59 7.91
CA ALA F 258 19.50 -11.44 7.12
C ALA F 258 18.44 -12.06 8.01
N THR F 259 17.25 -12.25 7.44
CA THR F 259 16.14 -12.87 8.15
C THR F 259 15.42 -13.83 7.22
N GLY F 260 14.75 -14.82 7.82
CA GLY F 260 13.99 -15.80 7.10
C GLY F 260 14.72 -17.09 6.78
N ILE F 261 16.05 -17.09 6.88
CA ILE F 261 16.83 -18.29 6.61
C ILE F 261 16.84 -19.16 7.86
N ASP F 262 17.29 -20.41 7.71
CA ASP F 262 17.33 -21.33 8.83
C ASP F 262 18.44 -20.95 9.80
N ASP F 263 18.51 -21.66 10.92
CA ASP F 263 19.51 -21.40 11.94
C ASP F 263 20.14 -22.69 12.41
N LEU F 264 20.94 -22.63 13.49
CA LEU F 264 21.58 -23.80 14.10
C LEU F 264 22.27 -24.69 13.07
N SER F 265 22.80 -24.07 12.02
CA SER F 265 23.44 -24.80 10.93
C SER F 265 24.87 -25.17 11.29
N GLU F 266 25.59 -25.70 10.31
CA GLU F 266 26.97 -26.18 10.48
C GLU F 266 27.06 -27.20 11.62
N ASP F 267 26.16 -28.18 11.57
CA ASP F 267 26.10 -29.27 12.54
C ASP F 267 25.93 -28.73 13.97
N ALA F 268 25.03 -27.76 14.13
CA ALA F 268 24.70 -27.16 15.43
C ALA F 268 25.98 -26.66 16.12
N THR F 269 26.58 -25.64 15.48
CA THR F 269 27.88 -25.09 15.83
C THR F 269 28.02 -24.82 17.32
N PRO F 270 28.85 -25.59 18.04
CA PRO F 270 29.15 -25.30 19.44
C PRO F 270 30.35 -24.36 19.60
N GLU F 271 30.33 -23.25 18.85
CA GLU F 271 31.45 -22.32 18.78
C GLU F 271 32.74 -23.04 18.39
N GLU F 272 32.63 -23.95 17.42
CA GLU F 272 33.75 -24.73 16.93
C GLU F 272 34.05 -24.34 15.49
N GLN F 273 35.35 -24.24 15.17
CA GLN F 273 35.81 -23.84 13.84
C GLN F 273 35.25 -22.48 13.44
N GLN F 274 35.65 -21.46 14.21
CA GLN F 274 35.18 -20.11 13.97
C GLN F 274 35.64 -19.55 12.64
N ARG F 275 36.66 -20.16 12.02
CA ARG F 275 37.18 -19.71 10.73
C ARG F 275 36.29 -20.23 9.61
N ALA F 276 35.07 -19.68 9.56
CA ALA F 276 34.14 -20.05 8.49
C ALA F 276 34.68 -19.63 7.13
N LYS F 277 35.28 -18.44 7.05
CA LYS F 277 35.90 -17.93 5.82
C LYS F 277 34.88 -17.89 4.67
N LEU F 278 33.71 -17.32 4.97
CA LEU F 278 32.69 -17.12 3.93
C LEU F 278 33.17 -16.05 2.97
N ILE F 279 33.44 -16.45 1.73
CA ILE F 279 33.98 -15.52 0.74
C ILE F 279 32.92 -14.48 0.38
N LEU F 280 33.30 -13.21 0.47
CA LEU F 280 32.39 -12.11 0.16
C LEU F 280 33.21 -11.00 -0.46
N ALA F 281 33.10 -10.85 -1.79
CA ALA F 281 33.81 -9.79 -2.50
C ALA F 281 32.87 -9.09 -3.48
N GLN F 282 33.44 -8.23 -4.33
CA GLN F 282 32.60 -7.52 -5.30
C GLN F 282 31.97 -8.48 -6.30
N ASP F 283 32.72 -9.47 -6.75
CA ASP F 283 32.18 -10.43 -7.73
C ASP F 283 31.16 -11.36 -7.10
N ASP F 284 31.34 -11.72 -5.83
CA ASP F 284 30.45 -12.68 -5.19
C ASP F 284 29.03 -12.13 -5.07
N ILE F 285 28.06 -12.98 -5.32
CA ILE F 285 26.64 -12.64 -5.22
C ILE F 285 25.99 -13.60 -4.25
N LEU F 286 25.44 -13.09 -3.17
CA LEU F 286 24.78 -13.92 -2.17
C LEU F 286 23.44 -14.41 -2.69
N MET F 287 23.12 -15.67 -2.40
CA MET F 287 21.81 -16.22 -2.75
C MET F 287 21.50 -17.37 -1.81
N HIS F 288 20.21 -17.53 -1.52
CA HIS F 288 19.74 -18.56 -0.60
C HIS F 288 18.54 -19.27 -1.22
N GLY F 289 18.38 -20.53 -0.85
CA GLY F 289 17.29 -21.34 -1.39
C GLY F 289 15.99 -21.19 -0.63
N ASN F 290 15.53 -19.95 -0.45
CA ASN F 290 14.28 -19.68 0.23
C ASN F 290 13.76 -18.32 -0.21
N HIS F 291 12.53 -18.29 -0.71
CA HIS F 291 11.93 -17.04 -1.17
C HIS F 291 11.54 -16.13 -0.02
N GLU F 292 11.52 -16.63 1.22
CA GLU F 292 11.18 -15.83 2.38
C GLU F 292 12.38 -15.13 3.00
N ALA F 293 13.58 -15.32 2.44
CA ALA F 293 14.76 -14.67 2.98
C ALA F 293 14.76 -13.19 2.67
N LYS F 294 15.04 -12.37 3.68
CA LYS F 294 15.09 -10.92 3.55
C LYS F 294 16.43 -10.41 4.04
N PHE F 295 17.01 -9.48 3.28
CA PHE F 295 18.30 -8.88 3.61
C PHE F 295 18.07 -7.41 3.94
N TYR F 296 18.38 -7.02 5.17
CA TYR F 296 18.22 -5.66 5.64
C TYR F 296 19.58 -5.04 5.94
N THR F 297 19.61 -3.72 6.00
CA THR F 297 20.80 -2.97 6.36
C THR F 297 20.47 -1.99 7.48
N LEU F 298 21.41 -1.81 8.40
CA LEU F 298 21.20 -0.93 9.54
C LEU F 298 22.00 0.35 9.34
N PRO F 299 21.35 1.51 9.24
CA PRO F 299 22.10 2.75 9.08
C PRO F 299 22.98 3.05 10.28
N GLU F 300 24.11 3.69 10.03
CA GLU F 300 25.08 4.02 11.05
C GLU F 300 24.98 5.48 11.44
N THR F 301 25.70 5.84 12.51
CA THR F 301 25.74 7.22 12.96
C THR F 301 26.39 8.12 11.91
N SER F 302 25.79 9.28 11.67
CA SER F 302 26.31 10.19 10.66
C SER F 302 27.70 10.69 11.01
N LEU F 303 28.04 10.73 12.30
CA LEU F 303 29.35 11.17 12.77
C LEU F 303 29.67 12.58 12.28
N ASP F 304 28.75 13.50 12.52
CA ASP F 304 28.95 14.91 12.19
C ASP F 304 28.72 15.83 13.37
N GLY F 305 27.75 15.53 14.23
CA GLY F 305 27.51 16.35 15.40
C GLY F 305 28.64 16.31 16.41
N PHE F 306 29.31 15.17 16.52
CA PHE F 306 30.38 15.03 17.51
C PHE F 306 31.54 15.97 17.22
N ILE F 307 31.91 16.11 15.94
CA ILE F 307 33.01 17.00 15.58
C ILE F 307 32.67 18.44 15.90
N ALA F 308 31.44 18.87 15.57
CA ALA F 308 31.02 20.23 15.88
C ALA F 308 30.98 20.47 17.38
N ALA F 309 30.49 19.48 18.15
CA ALA F 309 30.45 19.61 19.59
C ALA F 309 31.85 19.73 20.17
N HIS F 310 32.79 18.91 19.68
CA HIS F 310 34.17 18.98 20.16
C HIS F 310 34.81 20.32 19.81
N THR F 311 34.52 20.84 18.61
CA THR F 311 35.05 22.14 18.22
C THR F 311 34.50 23.23 19.13
N GLN F 312 33.20 23.18 19.43
CA GLN F 312 32.61 24.16 20.34
C GLN F 312 33.24 24.06 21.73
N ASP F 313 33.44 22.84 22.23
CA ASP F 313 34.02 22.67 23.54
C ASP F 313 35.46 23.18 23.59
N VAL F 314 36.25 22.91 22.54
CA VAL F 314 37.64 23.34 22.56
C VAL F 314 37.75 24.85 22.38
N GLU F 315 36.85 25.47 21.61
CA GLU F 315 36.86 26.93 21.53
C GLU F 315 36.40 27.57 22.83
N ILE F 316 35.48 26.91 23.54
CA ILE F 316 35.12 27.36 24.89
C ILE F 316 36.34 27.29 25.79
N LEU F 317 37.09 26.20 25.71
CA LEU F 317 38.33 26.07 26.48
C LEU F 317 39.30 27.20 26.16
N ALA F 318 39.48 27.49 24.86
CA ALA F 318 40.42 28.53 24.46
C ALA F 318 39.98 29.91 24.96
N ASN F 319 38.68 30.21 24.84
CA ASN F 319 38.19 31.52 25.25
C ASN F 319 38.23 31.69 26.76
N ASN F 320 37.91 30.63 27.51
CA ASN F 320 37.88 30.73 28.96
C ASN F 320 39.27 30.90 29.55
N ALA F 321 40.30 30.38 28.88
CA ALA F 321 41.67 30.48 29.37
C ALA F 321 42.41 31.68 28.79
N GLN F 322 41.73 32.52 28.01
CA GLN F 322 42.35 33.68 27.36
C GLN F 322 43.52 33.25 26.47
N VAL F 323 43.33 32.15 25.74
CA VAL F 323 44.34 31.63 24.81
C VAL F 323 43.78 31.79 23.40
N PRO F 324 44.62 32.14 22.42
CA PRO F 324 44.12 32.27 21.04
C PRO F 324 43.50 30.97 20.54
N VAL F 325 42.42 31.12 19.76
CA VAL F 325 41.69 29.95 19.28
C VAL F 325 42.50 29.20 18.23
N TRP F 326 43.22 29.93 17.37
CA TRP F 326 43.87 29.29 16.23
C TRP F 326 44.98 28.33 16.66
N ILE F 327 45.61 28.58 17.81
CA ILE F 327 46.60 27.63 18.34
C ILE F 327 45.97 26.50 19.12
N LEU F 328 44.64 26.43 19.16
CA LEU F 328 43.92 25.33 19.78
C LEU F 328 43.09 24.53 18.78
N ASN F 329 42.38 25.21 17.88
CA ASN F 329 41.60 24.53 16.85
C ASN F 329 41.43 25.47 15.67
N GLY F 330 41.26 24.89 14.48
CA GLY F 330 41.06 25.66 13.28
C GLY F 330 42.33 26.32 12.78
N GLN F 331 42.14 27.17 11.77
CA GLN F 331 43.24 27.92 11.16
C GLN F 331 42.91 29.40 11.16
N LEU F 332 43.91 30.23 11.48
CA LEU F 332 43.71 31.66 11.50
C LEU F 332 43.49 32.21 10.09
N ALA F 333 42.56 33.16 9.98
CA ALA F 333 42.28 33.78 8.71
C ALA F 333 43.32 34.85 8.39
N ASN F 334 43.11 35.57 7.29
CA ASN F 334 44.04 36.61 6.85
C ASN F 334 43.72 37.92 7.55
N LEU F 335 43.96 37.92 8.86
CA LEU F 335 43.70 39.09 9.69
C LEU F 335 44.74 40.17 9.46
N SER F 336 44.34 41.42 9.68
CA SER F 336 45.22 42.55 9.55
C SER F 336 45.92 42.81 10.90
N ALA F 337 46.63 43.93 11.00
CA ALA F 337 47.32 44.25 12.25
C ALA F 337 46.33 44.56 13.36
N ASP F 338 45.33 45.39 13.08
CA ASP F 338 44.36 45.77 14.10
C ASP F 338 43.53 44.57 14.56
N ALA F 339 43.08 43.74 13.61
CA ALA F 339 42.28 42.58 13.97
C ALA F 339 43.10 41.60 14.80
N LEU F 340 44.37 41.38 14.43
CA LEU F 340 45.22 40.49 15.20
C LEU F 340 45.48 41.04 16.60
N THR F 341 45.70 42.36 16.72
CA THR F 341 45.88 42.97 18.03
C THR F 341 44.64 42.80 18.88
N ALA F 342 43.46 42.95 18.29
CA ALA F 342 42.22 42.73 19.03
C ALA F 342 42.10 41.28 19.48
N ALA F 343 42.45 40.35 18.59
CA ALA F 343 42.33 38.92 18.94
C ALA F 343 43.29 38.55 20.07
N THR F 344 44.50 39.10 20.06
CA THR F 344 45.51 38.76 21.06
C THR F 344 45.51 39.70 22.26
N LYS F 345 44.60 40.67 22.31
CA LYS F 345 44.62 41.66 23.38
C LYS F 345 44.39 41.01 24.75
N GLY F 346 43.42 40.10 24.83
CA GLY F 346 43.14 39.45 26.11
C GLY F 346 44.31 38.61 26.60
N THR F 347 44.89 37.81 25.71
CA THR F 347 46.06 37.03 26.06
C THR F 347 47.24 37.92 26.45
N ILE F 348 47.43 39.01 25.71
CA ILE F 348 48.52 39.93 26.02
C ILE F 348 48.31 40.57 27.38
N GLN F 349 47.08 40.98 27.69
CA GLN F 349 46.81 41.59 28.99
C GLN F 349 47.00 40.60 30.13
N LYS F 350 46.53 39.35 29.94
CA LYS F 350 46.73 38.34 30.98
C LYS F 350 48.21 38.06 31.20
N LEU F 351 48.96 37.95 30.10
CA LEU F 351 50.40 37.73 30.23
C LEU F 351 51.10 38.92 30.85
N TYR F 352 50.59 40.13 30.62
CA TYR F 352 51.17 41.31 31.28
C TYR F 352 50.91 41.30 32.77
N GLU F 353 49.70 40.88 33.18
CA GLU F 353 49.42 40.74 34.62
C GLU F 353 50.33 39.69 35.25
N ARG F 354 50.49 38.55 34.57
CA ARG F 354 51.41 37.52 35.06
C ARG F 354 52.84 38.06 35.13
N GLN F 355 53.24 38.84 34.13
CA GLN F 355 54.56 39.45 34.14
C GLN F 355 54.73 40.38 35.33
N VAL F 356 53.70 41.17 35.63
CA VAL F 356 53.77 42.10 36.76
C VAL F 356 53.94 41.34 38.07
N THR F 357 53.11 40.33 38.30
CA THR F 357 53.20 39.61 39.57
C THR F 357 54.51 38.83 39.68
N PHE F 358 54.95 38.19 38.60
CA PHE F 358 56.21 37.46 38.64
C PHE F 358 57.40 38.39 38.75
N GLY F 359 57.31 39.59 38.18
CA GLY F 359 58.37 40.56 38.35
C GLY F 359 58.45 41.08 39.77
N ALA F 360 57.30 41.26 40.42
CA ALA F 360 57.32 41.60 41.84
C ALA F 360 57.97 40.49 42.66
N ALA F 361 57.63 39.23 42.36
CA ALA F 361 58.26 38.11 43.07
C ALA F 361 59.76 38.07 42.82
N HIS F 362 60.19 38.30 41.58
CA HIS F 362 61.61 38.28 41.24
C HIS F 362 62.35 39.44 41.89
N ASN F 363 61.70 40.61 41.99
CA ASN F 363 62.30 41.73 42.69
C ASN F 363 62.48 41.42 44.16
N GLN F 364 61.49 40.76 44.78
CA GLN F 364 61.65 40.34 46.17
C GLN F 364 62.80 39.35 46.31
N VAL F 365 62.90 38.40 45.37
CA VAL F 365 63.99 37.42 45.41
C VAL F 365 65.35 38.10 45.31
N LEU F 366 65.46 39.05 44.38
CA LEU F 366 66.73 39.75 44.19
C LEU F 366 67.06 40.63 45.40
N ARG F 367 66.04 41.24 46.01
CA ARG F 367 66.28 42.04 47.21
C ARG F 367 66.79 41.17 48.35
N LEU F 368 66.22 39.97 48.52
CA LEU F 368 66.71 39.08 49.55
C LEU F 368 68.12 38.59 49.23
N ALA F 369 68.39 38.30 47.95
CA ALA F 369 69.71 37.82 47.55
C ALA F 369 70.78 38.88 47.78
N ALA F 370 70.47 40.14 47.51
CA ALA F 370 71.42 41.20 47.79
C ALA F 370 71.64 41.37 49.29
N HIS F 371 70.57 41.19 50.08
CA HIS F 371 70.66 41.43 51.52
C HIS F 371 71.54 40.39 52.21
N VAL F 372 71.50 39.14 51.74
CA VAL F 372 72.26 38.08 52.41
C VAL F 372 73.77 38.29 52.27
N GLU F 373 74.21 39.07 51.29
CA GLU F 373 75.62 39.38 51.09
C GLU F 373 75.90 40.85 51.43
N GLY F 374 75.26 41.36 52.47
CA GLY F 374 75.35 42.77 52.80
C GLY F 374 74.62 43.61 51.77
N ASP F 375 75.37 44.40 51.00
CA ASP F 375 74.85 45.16 49.85
C ASP F 375 73.59 45.92 50.22
N THR F 376 73.75 46.88 51.13
CA THR F 376 72.62 47.69 51.59
C THR F 376 71.96 48.47 50.46
N GLU F 377 72.70 48.77 49.39
CA GLU F 377 72.13 49.49 48.26
C GLU F 377 71.01 48.68 47.61
N GLY F 378 71.22 47.38 47.42
CA GLY F 378 70.19 46.55 46.82
C GLY F 378 68.96 46.41 47.70
N ALA F 379 69.17 46.21 49.00
CA ALA F 379 68.04 46.07 49.92
C ALA F 379 67.24 47.36 50.03
N ARG F 380 67.93 48.51 50.08
CA ARG F 380 67.23 49.78 50.22
C ARG F 380 66.41 50.12 48.97
N ASP F 381 66.94 49.79 47.79
CA ASP F 381 66.27 50.12 46.54
C ASP F 381 64.98 49.30 46.42
N PHE F 382 63.85 49.97 46.58
CA PHE F 382 62.54 49.35 46.42
C PHE F 382 61.87 49.72 45.11
N THR F 383 62.55 50.46 44.24
CA THR F 383 61.96 50.89 42.97
C THR F 383 62.49 50.14 41.76
N ALA F 384 63.64 49.47 41.88
CA ALA F 384 64.18 48.73 40.75
C ALA F 384 63.30 47.53 40.42
N SER F 385 63.07 47.31 39.13
CA SER F 385 62.22 46.23 38.67
C SER F 385 62.89 45.52 37.50
N VAL F 386 62.53 44.25 37.33
CA VAL F 386 63.10 43.45 36.23
C VAL F 386 62.43 43.84 34.92
N SER F 387 63.10 43.49 33.82
CA SER F 387 62.61 43.75 32.48
C SER F 387 62.27 42.43 31.79
N TRP F 388 61.17 42.43 31.03
CA TRP F 388 60.69 41.24 30.37
C TRP F 388 60.76 41.41 28.85
N GLN F 389 61.00 40.30 28.16
CA GLN F 389 61.02 40.31 26.71
C GLN F 389 59.62 40.60 26.17
N ASP F 390 59.58 41.33 25.05
CA ASP F 390 58.31 41.69 24.43
C ASP F 390 57.59 40.43 23.94
N THR F 391 56.31 40.32 24.29
CA THR F 391 55.48 39.20 23.87
C THR F 391 54.47 39.59 22.80
N SER F 392 54.76 40.65 22.06
CA SER F 392 53.83 41.10 21.03
C SER F 392 53.75 40.10 19.88
N VAL F 393 52.70 40.22 19.09
CA VAL F 393 52.43 39.28 18.00
C VAL F 393 52.54 40.09 16.71
N ARG F 394 53.41 41.10 16.74
CA ARG F 394 53.62 41.96 15.58
C ARG F 394 54.74 41.42 14.71
N SER F 395 54.57 41.51 13.40
CA SER F 395 55.60 41.05 12.47
C SER F 395 56.82 41.96 12.54
N LEU F 396 57.95 41.41 12.09
CA LEU F 396 59.21 42.15 12.18
C LEU F 396 59.19 43.40 11.32
N ALA F 397 58.67 43.31 10.10
CA ALA F 397 58.70 44.46 9.19
C ALA F 397 57.89 45.62 9.75
N GLN F 398 56.67 45.32 10.23
CA GLN F 398 55.81 46.38 10.76
C GLN F 398 56.43 47.03 11.98
N ALA F 399 56.90 46.22 12.93
CA ALA F 399 57.50 46.78 14.13
C ALA F 399 58.74 47.61 13.81
N VAL F 400 59.59 47.11 12.91
CA VAL F 400 60.82 47.82 12.56
C VAL F 400 60.50 49.15 11.89
N ASP F 401 59.59 49.15 10.91
CA ASP F 401 59.31 50.39 10.20
C ASP F 401 58.63 51.40 11.14
N ALA F 402 57.74 50.95 12.01
CA ALA F 402 57.11 51.85 12.95
C ALA F 402 58.12 52.43 13.93
N TYR F 403 59.02 51.59 14.44
CA TYR F 403 60.04 52.08 15.37
C TYR F 403 61.00 53.05 14.69
N GLY F 404 61.36 52.77 13.44
CA GLY F 404 62.20 53.71 12.71
C GLY F 404 61.51 55.05 12.49
N LYS F 405 60.23 55.02 12.13
CA LYS F 405 59.48 56.27 11.98
C LYS F 405 59.42 57.03 13.29
N ALA F 406 59.20 56.32 14.40
CA ALA F 406 59.17 56.97 15.71
C ALA F 406 60.51 57.60 16.03
N ALA F 407 61.60 56.88 15.79
CA ALA F 407 62.93 57.43 16.08
C ALA F 407 63.23 58.63 15.21
N THR F 408 62.82 58.60 13.94
CA THR F 408 63.13 59.69 13.03
C THR F 408 62.27 60.93 13.26
N MET F 409 61.03 60.76 13.71
CA MET F 409 60.10 61.87 13.82
C MET F 409 59.81 62.26 15.26
N LEU F 410 59.37 61.32 16.10
CA LEU F 410 59.17 61.62 17.51
C LEU F 410 60.47 61.81 18.27
N GLY F 411 61.60 61.43 17.69
CA GLY F 411 62.89 61.61 18.33
C GLY F 411 63.13 60.76 19.56
N MET F 412 62.65 59.52 19.55
CA MET F 412 62.91 58.62 20.66
C MET F 412 64.37 58.16 20.62
N PRO F 413 64.96 57.88 21.78
CA PRO F 413 66.35 57.38 21.79
C PRO F 413 66.46 56.04 21.10
N LYS F 414 67.30 55.98 20.07
CA LYS F 414 67.46 54.76 19.29
C LYS F 414 68.16 53.65 20.07
N GLU F 415 68.90 54.00 21.12
CA GLU F 415 69.60 52.98 21.90
C GLU F 415 68.62 52.01 22.55
N PHE F 416 67.55 52.54 23.15
CA PHE F 416 66.53 51.67 23.75
C PHE F 416 65.76 50.90 22.69
N LEU F 417 65.51 51.52 21.53
CA LEU F 417 64.70 50.89 20.50
C LEU F 417 65.33 49.63 19.92
N TRP F 418 66.64 49.47 20.07
CA TRP F 418 67.32 48.31 19.49
C TRP F 418 66.82 47.01 20.11
N GLY F 419 66.47 47.02 21.40
CA GLY F 419 66.00 45.83 22.07
C GLY F 419 64.55 45.49 21.86
N LEU F 420 63.82 46.28 21.07
CA LEU F 420 62.40 46.05 20.85
C LEU F 420 62.10 45.26 19.58
N ILE F 421 63.01 45.24 18.61
CA ILE F 421 62.81 44.45 17.40
C ILE F 421 62.85 42.97 17.76
N PRO F 422 61.91 42.16 17.28
CA PRO F 422 61.97 40.72 17.55
C PRO F 422 63.23 40.09 16.99
N GLY F 423 63.73 39.08 17.69
CA GLY F 423 64.95 38.40 17.31
C GLY F 423 66.22 39.00 17.88
N ILE F 424 66.14 40.10 18.62
CA ILE F 424 67.29 40.73 19.24
C ILE F 424 67.06 40.78 20.75
N THR F 425 68.03 40.25 21.50
CA THR F 425 67.97 40.20 22.95
C THR F 425 68.91 41.25 23.55
N LYS F 426 69.01 41.24 24.88
CA LYS F 426 69.89 42.17 25.56
C LYS F 426 71.36 41.88 25.27
N THR F 427 71.71 40.61 25.06
CA THR F 427 73.08 40.27 24.72
C THR F 427 73.48 40.90 23.38
N ASP F 428 72.57 40.88 22.41
CA ASP F 428 72.86 41.50 21.12
C ASP F 428 73.03 43.01 21.27
N VAL F 429 72.21 43.64 22.10
CA VAL F 429 72.33 45.07 22.35
C VAL F 429 73.69 45.39 22.99
N GLU F 430 74.10 44.58 23.97
CA GLU F 430 75.40 44.78 24.59
C GLU F 430 76.53 44.59 23.59
N ALA F 431 76.40 43.60 22.71
CA ALA F 431 77.42 43.39 21.67
C ALA F 431 77.49 44.59 20.73
N MET F 432 76.34 45.14 20.34
CA MET F 432 76.34 46.32 19.49
C MET F 432 76.99 47.51 20.20
N ARG F 433 76.68 47.70 21.48
CA ARG F 433 77.25 48.82 22.21
C ARG F 433 78.76 48.68 22.37
N GLN F 434 79.24 47.46 22.65
CA GLN F 434 80.66 47.25 22.84
C GLN F 434 81.45 47.53 21.55
N HIS F 435 80.94 47.09 20.41
CA HIS F 435 81.61 47.27 19.12
C HIS F 435 80.70 48.08 18.21
N PHE F 436 80.83 49.40 18.27
CA PHE F 436 80.06 50.29 17.42
C PHE F 436 80.96 51.33 16.76
N ASN F 437 82.08 51.63 17.40
CA ASN F 437 83.05 52.62 16.90
C ASN F 437 84.46 52.06 16.97
N ASP F 438 84.61 50.81 16.53
CA ASP F 438 85.92 50.17 16.55
C ASP F 438 86.83 50.77 15.48
N ASP F 439 88.14 50.63 15.71
CA ASP F 439 89.14 51.19 14.81
C ASP F 439 89.35 50.36 13.56
N ASP F 440 88.77 49.17 13.48
CA ASP F 440 88.94 48.33 12.30
C ASP F 440 88.22 48.94 11.10
N GLU F 441 88.66 48.53 9.90
CA GLU F 441 88.07 49.07 8.67
C GLU F 441 86.62 48.66 8.51
N MET F 442 86.22 47.50 9.04
CA MET F 442 84.86 47.01 8.85
C MET F 442 83.85 47.96 9.49
N THR F 443 84.04 48.29 10.76
CA THR F 443 83.08 49.13 11.46
C THR F 443 83.07 50.54 10.89
N GLN F 444 84.25 51.08 10.54
CA GLN F 444 84.30 52.41 9.95
C GLN F 444 83.60 52.45 8.60
N MET F 445 83.79 51.42 7.78
CA MET F 445 83.11 51.35 6.49
C MET F 445 81.59 51.22 6.67
N LEU F 446 81.16 50.38 7.60
CA LEU F 446 79.73 50.14 7.78
C LEU F 446 79.03 51.24 8.56
N LEU F 447 79.76 52.13 9.22
CA LEU F 447 79.13 53.23 9.96
C LEU F 447 78.82 54.41 9.04
N TRP F 448 79.82 54.86 8.29
CA TRP F 448 79.63 55.95 7.35
C TRP F 448 79.30 55.41 5.96
N TRP F 449 78.15 54.74 5.88
CA TRP F 449 77.69 54.10 4.65
C TRP F 449 76.60 54.94 4.00
N THR F 450 76.73 55.15 2.70
CA THR F 450 75.77 55.89 1.89
C THR F 450 75.27 54.99 0.77
N PRO F 451 74.08 55.26 0.23
CA PRO F 451 73.56 54.42 -0.86
C PRO F 451 74.43 54.40 -2.11
N ASN F 452 75.30 55.40 -2.29
CA ASN F 452 76.18 55.48 -3.45
C ASN F 452 77.63 55.19 -3.06
N GLY F 453 77.84 54.24 -2.16
CA GLY F 453 79.16 53.87 -1.72
C GLY F 453 79.47 54.35 -0.33
N PRO F 454 80.62 53.94 0.22
CA PRO F 454 81.01 54.39 1.56
C PRO F 454 81.18 55.90 1.61
N GLY F 455 80.79 56.49 2.74
CA GLY F 455 80.92 57.92 2.93
C GLY F 455 81.92 58.28 4.01
N GLY F 456 81.73 59.43 4.63
CA GLY F 456 82.62 59.84 5.71
C GLY F 456 84.02 60.19 5.21
N GLU F 457 85.01 59.88 6.05
CA GLU F 457 86.40 60.18 5.70
C GLU F 457 86.86 59.38 4.50
N PHE F 458 86.32 58.17 4.30
CA PHE F 458 86.70 57.38 3.14
C PHE F 458 86.32 58.07 1.84
N ALA F 459 85.11 58.65 1.79
CA ALA F 459 84.69 59.42 0.63
C ALA F 459 85.29 60.83 0.61
N ALA F 460 85.78 61.32 1.74
CA ALA F 460 86.43 62.63 1.77
C ALA F 460 87.87 62.56 1.26
N GLU F 461 88.53 61.41 1.43
CA GLU F 461 89.91 61.29 0.96
C GLU F 461 90.01 61.43 -0.55
N ILE F 462 89.11 60.78 -1.29
CA ILE F 462 89.14 60.90 -2.75
C ILE F 462 88.82 62.33 -3.17
N GLU F 463 87.88 62.97 -2.48
CA GLU F 463 87.53 64.35 -2.82
C GLU F 463 88.70 65.30 -2.59
N VAL F 464 89.40 65.16 -1.46
CA VAL F 464 90.53 66.04 -1.20
C VAL F 464 91.68 65.73 -2.14
N ASP F 465 91.86 64.46 -2.52
CA ASP F 465 92.89 64.13 -3.50
C ASP F 465 92.58 64.77 -4.85
N SER F 466 91.32 64.71 -5.28
CA SER F 466 90.94 65.35 -6.55
C SER F 466 91.13 66.85 -6.49
N GLN F 467 90.72 67.47 -5.38
CA GLN F 467 90.90 68.92 -5.23
C GLN F 467 92.37 69.30 -5.22
N THR F 468 93.20 68.51 -4.54
CA THR F 468 94.63 68.78 -4.52
C THR F 468 95.24 68.65 -5.90
N GLN F 469 94.83 67.63 -6.67
CA GLN F 469 95.34 67.48 -8.02
C GLN F 469 94.93 68.65 -8.91
N ILE F 470 93.67 69.09 -8.80
CA ILE F 470 93.21 70.22 -9.61
C ILE F 470 93.97 71.49 -9.23
N ILE F 471 94.15 71.72 -7.93
CA ILE F 471 94.86 72.90 -7.46
C ILE F 471 96.31 72.85 -7.91
N GLU F 472 96.95 71.68 -7.87
CA GLU F 472 98.32 71.56 -8.33
C GLU F 472 98.44 71.84 -9.82
N ALA F 473 97.49 71.34 -10.62
CA ALA F 473 97.53 71.62 -12.05
C ALA F 473 97.36 73.12 -12.33
N GLN F 474 96.42 73.75 -11.63
CA GLN F 474 96.23 75.19 -11.78
C GLN F 474 97.47 75.96 -11.35
N GLY F 475 98.11 75.53 -10.25
CA GLY F 475 99.32 76.19 -9.80
C GLY F 475 100.45 76.04 -10.79
N ASP F 476 100.58 74.86 -11.40
CA ASP F 476 101.64 74.65 -12.38
C ASP F 476 101.43 75.51 -13.63
N VAL F 477 100.20 75.53 -14.15
CA VAL F 477 99.95 76.33 -15.35
C VAL F 477 100.14 77.82 -15.04
N GLN F 478 99.69 78.27 -13.87
CA GLN F 478 99.96 79.64 -13.47
C GLN F 478 101.45 79.89 -13.40
N LYS F 479 102.18 79.02 -12.69
CA LYS F 479 103.60 79.24 -12.47
C LYS F 479 104.35 79.40 -13.77
N ASP F 480 104.05 78.56 -14.76
CA ASP F 480 104.70 78.76 -16.06
C ASP F 480 104.23 80.06 -16.71
N LEU F 481 102.96 80.47 -16.49
CA LEU F 481 102.48 81.72 -17.06
C LEU F 481 103.25 82.93 -16.52
N GLN F 482 103.34 83.04 -15.18
CA GLN F 482 104.13 84.16 -14.63
C GLN F 482 105.63 84.00 -14.88
N ASP F 483 106.14 82.78 -15.05
CA ASP F 483 107.54 82.65 -15.42
C ASP F 483 107.80 83.23 -16.82
N ALA F 484 106.92 82.93 -17.77
CA ALA F 484 107.02 83.53 -19.09
C ALA F 484 106.85 85.04 -19.02
N GLN F 485 105.91 85.51 -18.19
CA GLN F 485 105.70 86.96 -18.07
C GLN F 485 106.93 87.65 -17.50
N ALA F 486 107.56 87.06 -16.48
CA ALA F 486 108.77 87.63 -15.91
C ALA F 486 109.92 87.63 -16.90
N LYS F 487 110.06 86.55 -17.68
CA LYS F 487 111.10 86.52 -18.70
C LYS F 487 110.87 87.62 -19.75
N ALA F 488 109.62 87.78 -20.18
CA ALA F 488 109.31 88.83 -21.15
C ALA F 488 109.57 90.21 -20.57
N GLN F 489 109.23 90.43 -19.30
CA GLN F 489 109.48 91.72 -18.67
C GLN F 489 110.98 92.00 -18.55
N ALA F 490 111.76 90.98 -18.20
CA ALA F 490 113.21 91.15 -18.13
C ALA F 490 113.79 91.47 -19.50
N ASP F 491 113.32 90.79 -20.54
CA ASP F 491 113.79 91.09 -21.90
C ASP F 491 113.42 92.51 -22.31
N LEU F 492 112.20 92.94 -21.98
CA LEU F 492 111.79 94.30 -22.29
C LEU F 492 112.63 95.32 -21.55
N ALA F 493 112.94 95.06 -20.28
CA ALA F 493 113.79 95.97 -19.51
C ALA F 493 115.19 96.04 -20.10
N LYS F 494 115.74 94.90 -20.51
CA LYS F 494 117.06 94.89 -21.14
C LYS F 494 117.05 95.68 -22.45
N GLN F 495 116.00 95.50 -23.26
CA GLN F 495 115.91 96.25 -24.51
C GLN F 495 115.78 97.74 -24.25
N ASN F 496 114.99 98.13 -23.24
CA ASN F 496 114.85 99.54 -22.90
C ASN F 496 116.16 100.13 -22.42
N ALA F 497 116.91 99.39 -21.60
CA ALA F 497 118.22 99.87 -21.15
C ALA F 497 119.19 100.02 -22.32
N ALA F 498 119.17 99.06 -23.25
CA ALA F 498 120.03 99.16 -24.42
C ALA F 498 119.68 100.38 -25.27
N ALA F 499 118.37 100.62 -25.46
CA ALA F 499 117.96 101.79 -26.23
C ALA F 499 118.36 103.08 -25.52
N GLN F 500 118.21 103.12 -24.19
CA GLN F 500 118.57 104.32 -23.44
C GLN F 500 120.07 104.60 -23.53
N GLN F 501 120.90 103.56 -23.37
CA GLN F 501 122.34 103.79 -23.47
C GLN F 501 122.76 104.14 -24.89
N ARG F 502 122.10 103.57 -25.90
CA ARG F 502 122.41 103.93 -27.28
C ARG F 502 122.06 105.38 -27.56
N GLN F 503 120.90 105.85 -27.08
CA GLN F 503 120.50 107.22 -27.32
C GLN F 503 121.25 108.21 -26.46
N ALA F 504 121.81 107.78 -25.32
CA ALA F 504 122.59 108.67 -24.47
C ALA F 504 124.05 108.76 -24.87
N VAL F 505 124.61 107.68 -25.43
CA VAL F 505 126.01 107.70 -25.83
C VAL F 505 126.25 108.62 -27.01
N ALA F 506 125.21 108.91 -27.80
CA ALA F 506 125.37 109.78 -28.96
C ALA F 506 125.51 111.23 -28.51
N VAL F 507 126.60 111.87 -28.93
CA VAL F 507 126.85 113.25 -28.56
C VAL F 507 127.78 113.91 -29.57
N ILE G 2 67.02 1.53 45.45
CA ILE G 2 68.41 1.91 45.23
C ILE G 2 68.88 2.84 46.34
N GLU G 3 70.19 2.80 46.61
CA GLU G 3 70.80 3.63 47.64
C GLU G 3 72.06 4.30 47.10
N LEU G 4 72.39 5.44 47.68
CA LEU G 4 73.57 6.19 47.26
C LEU G 4 74.74 5.82 48.17
N PRO G 5 75.79 5.17 47.66
CA PRO G 5 76.92 4.81 48.52
C PRO G 5 77.95 5.92 48.63
N ASP G 6 78.33 6.25 49.87
CA ASP G 6 79.37 7.27 50.06
C ASP G 6 80.72 6.80 49.51
N ALA G 7 81.07 5.55 49.75
CA ALA G 7 82.33 5.01 49.26
C ALA G 7 82.23 4.68 47.77
N ILE G 8 83.39 4.46 47.16
CA ILE G 8 83.45 4.13 45.74
C ILE G 8 83.59 2.64 45.48
N SER G 9 83.76 1.82 46.53
CA SER G 9 83.91 0.37 46.40
C SER G 9 85.06 0.01 45.46
N ASP G 10 86.27 0.40 45.89
CA ASP G 10 87.45 0.17 45.06
C ASP G 10 87.68 -1.31 44.80
N GLY G 11 87.52 -2.15 45.82
CA GLY G 11 87.75 -3.57 45.67
C GLY G 11 86.48 -4.38 45.48
N GLU G 12 85.32 -3.75 45.62
CA GLU G 12 84.03 -4.44 45.53
C GLU G 12 83.04 -3.63 44.71
N VAL G 13 83.49 -3.08 43.59
CA VAL G 13 82.59 -2.31 42.73
C VAL G 13 81.58 -3.22 42.05
N ARG G 14 82.02 -4.41 41.60
CA ARG G 14 81.12 -5.31 40.90
C ARG G 14 80.01 -5.81 41.81
N LYS G 15 80.32 -6.04 43.08
CA LYS G 15 79.31 -6.51 44.03
C LYS G 15 78.18 -5.49 44.16
N LEU G 16 78.51 -4.20 44.25
CA LEU G 16 77.49 -3.17 44.33
C LEU G 16 76.75 -3.02 42.99
N VAL G 17 77.48 -3.12 41.88
CA VAL G 17 76.86 -2.93 40.57
C VAL G 17 75.81 -4.00 40.32
N GLU G 18 76.18 -5.27 40.51
CA GLU G 18 75.32 -6.38 40.13
C GLU G 18 74.01 -6.42 40.91
N ASN G 19 73.96 -5.83 42.11
CA ASN G 19 72.76 -5.87 42.92
C ASN G 19 72.10 -4.52 43.12
N GLU G 20 72.70 -3.43 42.65
CA GLU G 20 72.00 -2.15 42.77
C GLU G 20 71.87 -1.40 41.45
N PHE G 21 72.88 -1.47 40.59
CA PHE G 21 72.87 -0.68 39.37
C PHE G 21 72.30 -1.45 38.19
N TRP G 22 72.70 -2.71 38.01
CA TRP G 22 72.20 -3.49 36.88
C TRP G 22 70.68 -3.67 36.89
N PRO G 23 70.04 -4.04 38.00
CA PRO G 23 68.56 -4.13 37.95
C PRO G 23 67.88 -2.82 37.60
N GLU G 24 68.32 -1.71 38.21
CA GLU G 24 67.76 -0.41 37.87
C GLU G 24 68.06 -0.03 36.43
N PHE G 25 69.27 -0.35 35.96
CA PHE G 25 69.63 -0.06 34.57
C PHE G 25 68.73 -0.80 33.61
N VAL G 26 68.45 -2.08 33.88
CA VAL G 26 67.58 -2.86 33.01
C VAL G 26 66.13 -2.34 33.09
N ARG G 27 65.69 -1.96 34.30
CA ARG G 27 64.34 -1.44 34.47
C ARG G 27 64.14 -0.16 33.68
N ARG G 28 65.17 0.69 33.64
CA ARG G 28 65.07 1.90 32.82
C ARG G 28 65.23 1.58 31.34
N ARG G 29 66.10 0.61 31.01
CA ARG G 29 66.41 0.30 29.62
C ARG G 29 65.20 -0.28 28.90
N GLU G 30 64.41 -1.12 29.57
CA GLU G 30 63.23 -1.68 28.91
C GLU G 30 62.24 -0.58 28.53
N LYS G 31 62.00 0.37 29.43
CA LYS G 31 61.08 1.46 29.12
C LYS G 31 61.65 2.37 28.04
N LEU G 32 62.95 2.66 28.09
CA LEU G 32 63.55 3.50 27.06
C LEU G 32 63.51 2.82 25.69
N ASP G 33 63.75 1.52 25.64
CA ASP G 33 63.64 0.79 24.37
C ASP G 33 62.21 0.78 23.87
N ARG G 34 61.25 0.61 24.77
CA ARG G 34 59.84 0.63 24.36
C ARG G 34 59.45 1.99 23.79
N ILE G 35 59.89 3.08 24.44
CA ILE G 35 59.52 4.41 23.95
C ILE G 35 60.26 4.73 22.66
N ALA G 36 61.49 4.23 22.49
CA ALA G 36 62.21 4.41 21.23
C ALA G 36 61.50 3.66 20.10
N GLN G 37 61.03 2.45 20.38
CA GLN G 37 60.26 1.71 19.38
C GLN G 37 58.96 2.45 19.04
N TRP G 38 58.33 3.04 20.05
CA TRP G 38 57.12 3.82 19.81
C TRP G 38 57.40 5.03 18.93
N ALA G 39 58.55 5.68 19.12
CA ALA G 39 58.86 6.89 18.38
C ALA G 39 58.97 6.62 16.89
N ARG G 40 59.66 5.56 16.49
CA ARG G 40 59.86 5.23 15.08
C ARG G 40 58.72 4.32 14.61
N GLY G 41 57.54 4.92 14.51
CA GLY G 41 56.36 4.18 14.10
C GLY G 41 55.93 3.19 15.16
N GLU G 42 55.06 2.26 14.74
CA GLU G 42 54.53 1.22 15.60
C GLU G 42 53.96 1.80 16.90
N GLN G 43 52.93 2.63 16.73
CA GLN G 43 52.31 3.28 17.87
C GLN G 43 51.65 2.25 18.79
N PRO G 44 51.53 2.55 20.08
CA PRO G 44 50.93 1.59 21.02
C PRO G 44 49.51 1.21 20.61
N ASP G 45 49.31 -0.08 20.35
CA ASP G 45 48.01 -0.60 19.93
C ASP G 45 47.17 -0.99 21.15
N TYR G 46 46.26 -0.08 21.54
CA TYR G 46 45.35 -0.37 22.64
C TYR G 46 44.43 -1.54 22.32
N LEU G 47 44.02 -1.67 21.06
CA LEU G 47 43.15 -2.76 20.62
C LEU G 47 43.80 -3.46 19.44
N ILE G 48 44.06 -4.75 19.59
CA ILE G 48 44.64 -5.57 18.53
C ILE G 48 43.91 -6.91 18.50
N GLN G 49 43.58 -7.38 17.30
CA GLN G 49 42.91 -8.66 17.11
C GLN G 49 43.97 -9.71 16.79
N ASN G 50 44.17 -10.66 17.71
CA ASN G 50 45.15 -11.72 17.54
C ASN G 50 44.56 -12.99 16.93
N ALA G 51 43.26 -12.98 16.58
CA ALA G 51 42.61 -14.16 16.02
C ALA G 51 42.42 -14.08 14.52
N ASN G 52 42.28 -12.88 13.97
CA ASN G 52 42.07 -12.70 12.54
C ASN G 52 43.35 -12.17 11.91
N ARG G 53 43.90 -12.91 10.94
CA ARG G 53 45.12 -12.47 10.27
C ARG G 53 44.86 -11.23 9.41
N GLU G 54 43.72 -11.18 8.74
CA GLU G 54 43.41 -10.02 7.90
C GLU G 54 43.26 -8.76 8.73
N LYS G 55 42.57 -8.85 9.87
CA LYS G 55 42.40 -7.69 10.73
C LYS G 55 43.74 -7.22 11.30
N ARG G 56 44.60 -8.15 11.69
CA ARG G 56 45.92 -7.78 12.19
C ARG G 56 46.76 -7.13 11.10
N ALA G 57 46.68 -7.64 9.87
CA ALA G 57 47.41 -7.04 8.76
C ALA G 57 46.90 -5.64 8.49
N LEU G 58 45.58 -5.43 8.53
CA LEU G 58 45.03 -4.10 8.33
C LEU G 58 45.47 -3.14 9.43
N LEU G 59 45.48 -3.62 10.68
CA LEU G 59 45.91 -2.77 11.79
C LEU G 59 47.38 -2.39 11.65
N LYS G 60 48.23 -3.35 11.28
CA LYS G 60 49.65 -3.05 11.07
C LYS G 60 49.84 -2.10 9.90
N LEU G 61 49.01 -2.23 8.87
CA LEU G 61 49.10 -1.36 7.70
C LEU G 61 48.64 0.06 8.01
N ALA G 62 47.88 0.26 9.08
CA ALA G 62 47.39 1.57 9.46
C ALA G 62 48.29 2.30 10.45
N LYS G 63 49.42 1.70 10.83
CA LYS G 63 50.32 2.30 11.81
C LYS G 63 51.12 3.42 11.14
N THR G 64 50.47 4.57 11.02
CA THR G 64 51.11 5.75 10.43
C THR G 64 51.99 6.43 11.46
N PRO G 65 53.29 6.60 11.20
CA PRO G 65 54.16 7.28 12.17
C PRO G 65 53.87 8.77 12.21
N TRP G 66 53.48 9.26 13.39
CA TRP G 66 53.17 10.67 13.58
C TRP G 66 54.08 11.35 14.59
N LEU G 67 54.34 10.71 15.74
CA LEU G 67 55.21 11.30 16.75
C LEU G 67 56.63 11.42 16.23
N GLY G 68 57.09 10.44 15.46
CA GLY G 68 58.42 10.53 14.88
C GLY G 68 58.56 11.73 13.95
N LEU G 69 57.51 12.03 13.18
CA LEU G 69 57.54 13.21 12.33
C LEU G 69 57.66 14.49 13.15
N VAL G 70 56.93 14.57 14.26
CA VAL G 70 57.01 15.74 15.13
C VAL G 70 58.40 15.88 15.70
N VAL G 71 58.99 14.76 16.15
CA VAL G 71 60.34 14.80 16.70
C VAL G 71 61.35 15.25 15.66
N THR G 72 61.24 14.72 14.43
CA THR G 72 62.16 15.12 13.38
C THR G 72 62.00 16.59 13.04
N HIS G 73 60.76 17.09 12.99
CA HIS G 73 60.54 18.50 12.70
C HIS G 73 61.12 19.39 13.79
N PHE G 74 60.96 18.99 15.05
CA PHE G 74 61.50 19.80 16.14
C PHE G 74 63.03 19.80 16.14
N THR G 75 63.64 18.64 15.87
CA THR G 75 65.10 18.53 15.96
C THR G 75 65.81 19.07 14.73
N GLN G 76 65.11 19.26 13.61
CA GLN G 76 65.74 19.78 12.41
C GLN G 76 65.80 21.31 12.37
N ALA G 77 65.11 21.99 13.29
CA ALA G 77 65.13 23.43 13.35
C ALA G 77 66.06 23.97 14.45
N LEU G 78 66.78 23.09 15.13
CA LEU G 78 67.69 23.49 16.20
C LEU G 78 69.12 23.34 15.71
N PHE G 79 69.88 24.43 15.76
CA PHE G 79 71.26 24.41 15.31
C PHE G 79 72.05 25.44 16.10
N VAL G 80 73.29 25.09 16.45
CA VAL G 80 74.17 25.96 17.21
C VAL G 80 75.32 26.39 16.30
N ASP G 81 75.51 27.70 16.18
CA ASP G 81 76.59 28.26 15.37
C ASP G 81 77.26 29.37 16.17
N GLY G 82 78.57 29.26 16.34
CA GLY G 82 79.34 30.26 17.06
C GLY G 82 79.15 30.20 18.56
N TYR G 83 80.14 30.71 19.27
CA TYR G 83 80.12 30.80 20.73
C TYR G 83 80.40 32.25 21.09
N ARG G 84 79.35 33.05 21.16
CA ARG G 84 79.47 34.50 21.38
C ARG G 84 79.68 34.76 22.87
N ALA G 85 80.89 35.15 23.25
CA ALA G 85 81.16 35.56 24.61
C ALA G 85 80.61 36.95 24.87
N GLU G 86 80.51 37.31 26.14
CA GLU G 86 79.97 38.60 26.53
C GLU G 86 80.92 39.71 26.09
N GLY G 87 80.41 40.66 25.30
CA GLY G 87 81.19 41.79 24.85
C GLY G 87 82.07 41.53 23.64
N SER G 88 82.00 40.34 23.04
CA SER G 88 82.80 40.00 21.87
C SER G 88 81.90 39.51 20.76
N LYS G 89 82.08 40.06 19.55
CA LYS G 89 81.31 39.66 18.40
C LYS G 89 81.92 38.48 17.65
N GLU G 90 83.12 38.04 18.02
CA GLU G 90 83.81 36.94 17.37
C GLU G 90 83.88 35.75 18.31
N ASN G 91 83.72 34.55 17.75
CA ASN G 91 83.78 33.35 18.55
C ASN G 91 85.18 33.15 19.12
N ALA G 92 85.25 32.77 20.40
CA ALA G 92 86.53 32.55 21.05
C ALA G 92 87.23 31.33 20.46
N LYS G 93 88.56 31.37 20.46
CA LYS G 93 89.37 30.28 19.96
C LYS G 93 89.58 29.17 20.97
N GLY G 94 88.73 29.09 21.99
CA GLY G 94 88.83 28.08 23.01
C GLY G 94 87.83 26.95 22.80
N PRO G 95 86.70 27.02 23.51
CA PRO G 95 85.70 25.96 23.39
C PRO G 95 85.17 25.77 21.98
N TRP G 96 85.14 26.84 21.17
CA TRP G 96 84.68 26.69 19.79
C TRP G 96 85.62 25.83 18.97
N GLN G 97 86.93 25.89 19.25
CA GLN G 97 87.87 25.01 18.57
C GLN G 97 87.59 23.55 18.90
N THR G 98 87.27 23.26 20.17
CA THR G 98 86.89 21.90 20.54
C THR G 98 85.58 21.49 19.88
N TRP G 99 84.63 22.42 19.78
CA TRP G 99 83.37 22.12 19.11
C TRP G 99 83.59 21.77 17.65
N ASN G 100 84.45 22.53 16.96
CA ASN G 100 84.70 22.25 15.56
C ASN G 100 85.50 20.96 15.37
N ALA G 101 86.48 20.70 16.25
CA ALA G 101 87.32 19.53 16.09
C ALA G 101 86.54 18.24 16.32
N ASN G 102 85.60 18.25 17.26
CA ASN G 102 84.84 17.06 17.62
C ASN G 102 83.70 16.76 16.65
N LYS G 103 83.58 17.54 15.56
CA LYS G 103 82.51 17.35 14.58
C LYS G 103 81.13 17.40 15.26
N MET G 104 80.95 18.38 16.15
CA MET G 104 79.69 18.51 16.86
C MET G 104 78.57 19.03 15.97
N GLN G 105 78.90 19.60 14.81
CA GLN G 105 77.89 20.12 13.91
C GLN G 105 76.96 19.01 13.41
N SER G 106 77.46 17.78 13.33
CA SER G 106 76.65 16.65 12.89
C SER G 106 76.09 15.82 14.04
N LYS G 107 76.64 15.96 15.24
CA LYS G 107 76.16 15.21 16.40
C LYS G 107 75.14 15.98 17.23
N GLN G 108 75.09 17.31 17.08
CA GLN G 108 74.10 18.09 17.81
C GLN G 108 72.67 17.73 17.39
N ILE G 109 72.48 17.40 16.11
CA ILE G 109 71.15 16.99 15.65
C ILE G 109 70.72 15.72 16.37
N ALA G 110 71.62 14.74 16.45
CA ALA G 110 71.29 13.49 17.14
C ALA G 110 71.06 13.73 18.63
N ILE G 111 71.87 14.58 19.24
CA ILE G 111 71.71 14.86 20.67
C ILE G 111 70.35 15.51 20.93
N HIS G 112 69.98 16.49 20.10
CA HIS G 112 68.69 17.15 20.27
C HIS G 112 67.53 16.19 20.02
N ARG G 113 67.66 15.33 19.00
CA ARG G 113 66.61 14.36 18.73
C ARG G 113 66.42 13.40 19.90
N ALA G 114 67.53 12.91 20.48
CA ALA G 114 67.43 12.02 21.62
C ALA G 114 66.85 12.73 22.84
N ALA G 115 67.23 13.99 23.05
CA ALA G 115 66.68 14.75 24.17
C ALA G 115 65.19 14.98 24.01
N LEU G 116 64.73 15.28 22.79
CA LEU G 116 63.32 15.52 22.56
C LEU G 116 62.51 14.22 22.62
N THR G 117 63.12 13.10 22.23
CA THR G 117 62.40 11.82 22.26
C THR G 117 62.39 11.22 23.66
N TYR G 118 63.56 10.89 24.18
CA TYR G 118 63.63 10.20 25.47
C TYR G 118 63.31 11.15 26.63
N GLY G 119 63.84 12.36 26.59
CA GLY G 119 63.57 13.33 27.63
C GLY G 119 64.82 13.98 28.21
N TYR G 120 65.93 13.24 28.21
CA TYR G 120 67.18 13.76 28.79
C TYR G 120 68.35 13.07 28.10
N SER G 121 69.04 13.80 27.23
CA SER G 121 70.23 13.28 26.60
C SER G 121 71.44 13.41 27.52
N TYR G 122 72.52 12.74 27.15
CA TYR G 122 73.76 12.76 27.92
C TYR G 122 74.93 13.00 26.99
N ALA G 123 75.83 13.90 27.40
CA ALA G 123 77.03 14.22 26.66
C ALA G 123 78.25 13.87 27.50
N ARG G 124 79.16 13.10 26.93
CA ARG G 124 80.37 12.65 27.62
C ARG G 124 81.57 13.43 27.08
N VAL G 125 82.28 14.10 27.98
CA VAL G 125 83.49 14.85 27.64
C VAL G 125 84.65 14.22 28.38
N LEU G 126 85.67 13.80 27.64
CA LEU G 126 86.83 13.14 28.23
C LEU G 126 88.11 13.74 27.67
N PRO G 127 89.18 13.74 28.45
CA PRO G 127 90.46 14.25 27.94
C PRO G 127 91.01 13.39 26.82
N GLY G 128 91.73 14.04 25.90
CA GLY G 128 92.31 13.33 24.77
C GLY G 128 93.44 14.13 24.17
N VAL G 129 94.19 13.47 23.30
CA VAL G 129 95.33 14.08 22.60
C VAL G 129 94.86 14.56 21.24
N ALA G 130 95.37 15.73 20.83
CA ALA G 130 95.02 16.30 19.54
C ALA G 130 95.84 15.65 18.43
N LEU G 131 95.56 16.05 17.19
CA LEU G 131 96.32 15.52 16.05
C LEU G 131 97.78 15.95 16.12
N ASP G 132 98.04 17.19 16.52
CA ASP G 132 99.40 17.70 16.63
C ASP G 132 100.06 17.34 17.94
N GLY G 133 99.35 16.69 18.86
CA GLY G 133 99.88 16.34 20.15
C GLY G 133 99.44 17.23 21.29
N ALA G 134 98.61 18.23 21.02
CA ALA G 134 98.12 19.12 22.06
C ALA G 134 96.95 18.47 22.80
N ASN G 135 96.27 19.23 23.63
CA ASN G 135 95.14 18.72 24.41
C ASN G 135 93.84 19.02 23.67
N GLN G 136 93.10 17.97 23.31
CA GLN G 136 91.83 18.09 22.64
C GLN G 136 90.78 17.31 23.42
N ALA G 137 89.71 17.97 23.80
CA ALA G 137 88.65 17.33 24.58
C ALA G 137 87.73 16.55 23.63
N GLU G 138 87.61 15.24 23.88
CA GLU G 138 86.75 14.39 23.09
C GLU G 138 85.36 14.40 23.69
N ILE G 139 84.38 14.88 22.91
CA ILE G 139 83.00 15.01 23.37
C ILE G 139 82.14 14.05 22.55
N HIS G 140 81.38 13.21 23.24
CA HIS G 140 80.50 12.25 22.59
C HIS G 140 79.15 12.25 23.31
N GLY G 141 78.11 11.87 22.58
CA GLY G 141 76.76 11.78 23.12
C GLY G 141 76.39 10.33 23.39
N VAL G 142 75.79 10.11 24.56
CA VAL G 142 75.38 8.78 24.99
C VAL G 142 73.87 8.78 25.18
N SER G 143 73.20 7.82 24.53
CA SER G 143 71.76 7.71 24.65
C SER G 143 71.37 7.22 26.04
N PRO G 144 70.19 7.59 26.53
CA PRO G 144 69.73 7.06 27.82
C PRO G 144 69.59 5.54 27.82
N ARG G 145 69.37 4.92 26.66
CA ARG G 145 69.30 3.47 26.58
C ARG G 145 70.61 2.80 26.97
N ARG G 146 71.73 3.52 26.87
CA ARG G 146 73.05 2.97 27.20
C ARG G 146 73.72 3.76 28.32
N LEU G 147 72.93 4.33 29.22
CA LEU G 147 73.49 5.11 30.32
C LEU G 147 72.50 5.10 31.48
N LEU G 148 73.05 5.17 32.69
CA LEU G 148 72.25 5.26 33.91
C LEU G 148 72.97 6.21 34.86
N ALA G 149 72.50 7.45 34.94
CA ALA G 149 73.10 8.48 35.77
C ALA G 149 72.30 8.63 37.05
N LEU G 150 72.98 8.66 38.19
CA LEU G 150 72.35 8.79 39.50
C LEU G 150 72.64 10.19 40.05
N TYR G 151 71.58 10.88 40.47
CA TYR G 151 71.68 12.22 41.02
C TYR G 151 71.15 12.23 42.44
N GLU G 152 71.93 12.80 43.37
CA GLU G 152 71.42 13.02 44.72
C GLU G 152 70.39 14.15 44.77
N ASP G 153 70.39 15.02 43.77
CA ASP G 153 69.42 16.11 43.65
C ASP G 153 69.07 16.21 42.17
N GLN G 154 67.96 15.60 41.78
CA GLN G 154 67.62 15.47 40.36
C GLN G 154 67.38 16.81 39.67
N ILE G 155 67.18 17.89 40.43
CA ILE G 155 66.87 19.20 39.86
C ILE G 155 68.05 20.15 39.99
N ASN G 156 68.56 20.34 41.21
CA ASN G 156 69.56 21.37 41.47
C ASN G 156 70.98 20.94 41.14
N ASP G 157 71.23 19.66 40.88
CA ASP G 157 72.58 19.22 40.58
C ASP G 157 72.99 19.64 39.17
N GLU G 158 74.29 19.83 38.98
CA GLU G 158 74.86 20.15 37.68
C GLU G 158 75.47 18.94 36.99
N TYR G 159 76.13 18.06 37.75
CA TYR G 159 76.72 16.84 37.23
C TYR G 159 76.34 15.67 38.13
N PRO G 160 76.25 14.46 37.57
CA PRO G 160 75.89 13.30 38.38
C PRO G 160 77.05 12.88 39.28
N LYS G 161 76.73 11.95 40.18
CA LYS G 161 77.71 11.39 41.11
C LYS G 161 78.23 10.03 40.67
N TYR G 162 77.34 9.07 40.43
CA TYR G 162 77.71 7.76 39.94
C TYR G 162 76.89 7.46 38.69
N ALA G 163 77.58 7.08 37.61
CA ALA G 163 76.94 6.80 36.34
C ALA G 163 77.49 5.50 35.78
N LEU G 164 76.58 4.65 35.28
CA LEU G 164 76.96 3.39 34.63
C LEU G 164 76.70 3.53 33.14
N GLU G 165 77.75 3.34 32.34
CA GLU G 165 77.67 3.50 30.89
C GLU G 165 77.92 2.16 30.22
N LEU G 166 77.07 1.82 29.26
CA LEU G 166 77.20 0.61 28.48
C LEU G 166 77.58 0.97 27.04
N ALA G 167 78.67 0.38 26.56
CA ALA G 167 79.13 0.66 25.20
C ALA G 167 78.16 0.09 24.18
N ASN G 168 78.13 0.72 23.00
CA ASN G 168 77.19 0.34 21.96
C ASN G 168 77.56 -0.99 21.29
N ASN G 169 78.74 -1.54 21.55
CA ASN G 169 79.11 -2.83 21.02
C ASN G 169 78.70 -3.99 21.92
N GLY G 170 78.21 -3.71 23.12
CA GLY G 170 77.79 -4.76 24.04
C GLY G 170 78.92 -5.64 24.51
N LYS G 171 80.09 -5.06 24.77
CA LYS G 171 81.25 -5.85 25.19
C LYS G 171 81.87 -5.28 26.46
N THR G 172 81.76 -3.97 26.66
CA THR G 172 82.38 -3.30 27.80
C THR G 172 81.33 -2.48 28.53
N VAL G 173 81.30 -2.60 29.85
CA VAL G 173 80.44 -1.81 30.72
C VAL G 173 81.33 -1.02 31.67
N ARG G 174 81.16 0.30 31.69
CA ARG G 174 82.03 1.19 32.45
C ARG G 174 81.21 1.98 33.46
N LEU G 175 81.82 2.22 34.62
CA LEU G 175 81.24 3.04 35.67
C LEU G 175 82.08 4.29 35.85
N TYR G 176 81.43 5.45 35.87
CA TYR G 176 82.11 6.74 35.93
C TYR G 176 81.94 7.32 37.33
N THR G 177 83.01 7.24 38.13
CA THR G 177 83.05 7.87 39.43
C THR G 177 83.64 9.28 39.29
N ASP G 178 84.02 9.88 40.42
CA ASP G 178 84.47 11.27 40.41
C ASP G 178 85.75 11.45 39.59
N THR G 179 86.81 10.74 39.96
CA THR G 179 88.12 10.96 39.34
C THR G 179 88.77 9.67 38.86
N ASP G 180 88.01 8.61 38.65
CA ASP G 180 88.54 7.35 38.16
C ASP G 180 87.65 6.81 37.04
N TYR G 181 88.26 6.02 36.17
CA TYR G 181 87.59 5.45 35.00
C TYR G 181 87.54 3.93 35.19
N TYR G 182 86.42 3.44 35.71
CA TYR G 182 86.25 2.01 35.92
C TYR G 182 85.78 1.35 34.63
N GLU G 183 86.42 0.24 34.27
CA GLU G 183 86.11 -0.49 33.05
C GLU G 183 85.89 -1.96 33.37
N LEU G 184 84.81 -2.53 32.83
CA LEU G 184 84.54 -3.96 33.01
C LEU G 184 84.31 -4.62 31.66
N ARG G 185 83.88 -5.88 31.67
CA ARG G 185 83.64 -6.63 30.46
C ARG G 185 82.21 -7.15 30.43
N MET G 186 81.64 -7.24 29.24
CA MET G 186 80.26 -7.69 29.03
C MET G 186 80.25 -8.76 27.94
N PRO G 187 80.72 -9.97 28.25
CA PRO G 187 80.72 -11.03 27.22
C PRO G 187 79.32 -11.52 26.89
N SER G 188 78.45 -11.63 27.89
CA SER G 188 77.08 -12.09 27.70
C SER G 188 76.12 -11.12 28.39
N PRO G 189 74.90 -10.99 27.88
CA PRO G 189 73.95 -10.07 28.52
C PRO G 189 73.37 -10.60 29.82
N GLY G 190 74.08 -10.39 30.92
CA GLY G 190 73.55 -10.77 32.22
C GLY G 190 74.51 -11.50 33.15
N ASN G 191 75.80 -11.53 32.80
CA ASN G 191 76.80 -12.15 33.66
C ASN G 191 77.97 -11.18 33.86
N PHE G 192 78.51 -11.16 35.07
CA PHE G 192 79.66 -10.34 35.43
C PHE G 192 80.68 -11.21 36.14
N PRO G 193 81.45 -12.00 35.39
CA PRO G 193 82.46 -12.87 36.02
C PRO G 193 83.51 -12.06 36.76
N ASN G 194 83.93 -12.57 37.91
CA ASN G 194 84.93 -11.91 38.73
C ASN G 194 86.36 -12.25 38.33
N GLU G 195 86.55 -13.19 37.42
CA GLU G 195 87.90 -13.54 36.99
C GLU G 195 88.55 -12.40 36.20
N GLN G 196 87.74 -11.56 35.55
CA GLN G 196 88.29 -10.45 34.79
C GLN G 196 88.89 -9.40 35.72
N VAL G 197 89.92 -8.72 35.22
CA VAL G 197 90.61 -7.69 35.99
C VAL G 197 89.96 -6.35 35.70
N ILE G 198 89.47 -5.68 36.75
CA ILE G 198 88.83 -4.38 36.59
C ILE G 198 89.89 -3.33 36.31
N LYS G 199 89.67 -2.53 35.26
CA LYS G 199 90.60 -1.50 34.86
C LYS G 199 90.19 -0.16 35.47
N LYS G 200 91.12 0.48 36.16
CA LYS G 200 90.90 1.80 36.76
C LYS G 200 91.88 2.78 36.14
N VAL G 201 91.36 3.83 35.53
CA VAL G 201 92.16 4.85 34.87
C VAL G 201 91.91 6.19 35.56
N HIS G 202 92.99 6.85 35.99
CA HIS G 202 92.90 8.14 36.67
C HIS G 202 93.21 9.23 35.64
N HIS G 203 92.19 9.65 34.90
CA HIS G 203 92.36 10.72 33.94
C HIS G 203 92.41 12.08 34.62
N GLY G 204 91.39 12.40 35.41
CA GLY G 204 91.33 13.65 36.14
C GLY G 204 90.42 14.65 35.46
N VAL G 205 89.19 14.76 35.94
CA VAL G 205 88.21 15.70 35.38
C VAL G 205 87.49 16.40 36.52
N GLY G 206 87.70 15.92 37.75
CA GLY G 206 87.00 16.48 38.88
C GLY G 206 85.73 15.73 39.23
N VAL G 207 84.59 16.24 38.77
CA VAL G 207 83.31 15.62 38.97
C VAL G 207 82.98 14.75 37.76
N CYS G 208 81.97 13.90 37.90
CA CYS G 208 81.64 12.95 36.84
C CYS G 208 81.33 13.69 35.54
N PRO G 209 82.00 13.37 34.44
CA PRO G 209 81.85 14.11 33.18
C PRO G 209 80.63 13.71 32.36
N PHE G 210 79.45 14.13 32.82
CA PHE G 210 78.21 13.89 32.12
C PHE G 210 77.31 15.12 32.27
N VAL G 211 76.73 15.55 31.15
CA VAL G 211 75.84 16.69 31.12
C VAL G 211 74.48 16.24 30.61
N ARG G 212 73.42 16.57 31.35
CA ARG G 212 72.07 16.14 31.01
C ARG G 212 71.37 17.19 30.17
N TYR G 213 70.84 16.76 29.02
CA TYR G 213 70.09 17.65 28.12
C TYR G 213 68.61 17.43 28.37
N VAL G 214 68.11 18.07 29.42
CA VAL G 214 66.71 17.90 29.83
C VAL G 214 65.80 18.55 28.81
N ASN G 215 64.74 17.83 28.43
CA ASN G 215 63.79 18.35 27.44
C ASN G 215 63.10 19.60 27.96
N MET G 216 62.33 19.47 29.05
CA MET G 216 61.62 20.58 29.65
C MET G 216 62.00 20.69 31.13
N MET G 217 62.21 21.92 31.59
CA MET G 217 62.61 22.15 32.96
C MET G 217 61.37 22.17 33.86
N ASP G 218 61.36 21.30 34.87
CA ASP G 218 60.26 21.21 35.81
C ASP G 218 60.80 21.33 37.23
N LEU G 219 59.96 21.84 38.13
CA LEU G 219 60.35 22.10 39.51
C LEU G 219 60.21 20.88 40.40
N ASP G 220 59.72 19.75 39.87
CA ASP G 220 59.55 18.54 40.66
C ASP G 220 59.99 17.32 39.86
N GLY G 221 61.12 17.45 39.16
CA GLY G 221 61.60 16.35 38.33
C GLY G 221 60.60 16.04 37.23
N PHE G 222 60.20 14.77 37.17
CA PHE G 222 59.18 14.31 36.22
C PHE G 222 59.57 14.64 34.78
N THR G 223 60.84 14.43 34.45
CA THR G 223 61.32 14.74 33.11
C THR G 223 60.70 13.77 32.10
N MET G 224 60.10 14.32 31.05
CA MET G 224 59.44 13.53 30.02
C MET G 224 59.79 14.09 28.65
N GLY G 225 59.73 13.21 27.65
CA GLY G 225 60.01 13.61 26.28
C GLY G 225 58.78 14.12 25.56
N GLU G 226 58.97 14.40 24.27
CA GLU G 226 57.89 14.90 23.42
C GLU G 226 57.15 13.79 22.70
N VAL G 227 57.52 12.53 22.92
CA VAL G 227 56.86 11.41 22.25
C VAL G 227 55.93 10.71 23.23
N GLU G 228 56.27 10.75 24.52
CA GLU G 228 55.42 10.14 25.54
C GLU G 228 54.19 10.98 25.85
N TYR G 229 54.32 12.31 25.78
CA TYR G 229 53.22 13.19 26.15
C TYR G 229 52.05 13.13 25.16
N LEU G 230 52.28 12.61 23.95
CA LEU G 230 51.24 12.56 22.93
C LEU G 230 51.00 11.15 22.44
N VAL G 231 51.25 10.15 23.28
CA VAL G 231 50.93 8.77 22.91
C VAL G 231 49.43 8.56 22.69
N PRO G 232 48.53 8.97 23.60
CA PRO G 232 47.11 8.69 23.38
C PRO G 232 46.54 9.31 22.10
N VAL G 233 46.96 10.52 21.74
CA VAL G 233 46.40 11.14 20.55
C VAL G 233 46.88 10.44 19.28
N ALA G 234 48.15 10.03 19.24
CA ALA G 234 48.64 9.26 18.10
C ALA G 234 47.93 7.91 18.02
N SER G 235 47.70 7.27 19.16
CA SER G 235 46.96 6.01 19.17
C SER G 235 45.54 6.22 18.66
N LYS G 236 44.92 7.33 19.04
CA LYS G 236 43.56 7.63 18.56
C LYS G 236 43.56 7.85 17.05
N ILE G 237 44.58 8.54 16.52
CA ILE G 237 44.66 8.75 15.08
C ILE G 237 44.81 7.42 14.36
N ASP G 238 45.68 6.55 14.88
CA ASP G 238 45.86 5.24 14.26
C ASP G 238 44.59 4.39 14.35
N LYS G 239 43.87 4.50 15.47
CA LYS G 239 42.61 3.77 15.61
C LYS G 239 41.57 4.26 14.61
N THR G 240 41.50 5.58 14.39
CA THR G 240 40.59 6.12 13.39
C THR G 240 40.96 5.65 12.00
N ASP G 241 42.26 5.63 11.69
CA ASP G 241 42.70 5.12 10.39
C ASP G 241 42.35 3.64 10.23
N TYR G 242 42.53 2.86 11.30
CA TYR G 242 42.19 1.44 11.24
C TYR G 242 40.69 1.24 11.04
N ASP G 243 39.86 2.05 11.70
CA ASP G 243 38.42 1.96 11.50
C ASP G 243 38.04 2.32 10.07
N ARG G 244 38.67 3.36 9.50
CA ARG G 244 38.41 3.72 8.12
C ARG G 244 38.82 2.59 7.17
N LEU G 245 39.97 1.97 7.43
CA LEU G 245 40.41 0.86 6.59
C LEU G 245 39.48 -0.33 6.70
N LEU G 246 38.99 -0.62 7.91
CA LEU G 246 38.02 -1.70 8.08
C LEU G 246 36.73 -1.41 7.32
N ALA G 247 36.25 -0.18 7.37
CA ALA G 247 35.05 0.19 6.63
C ALA G 247 35.27 0.07 5.13
N GLN G 248 36.43 0.50 4.65
CA GLN G 248 36.70 0.50 3.21
C GLN G 248 36.97 -0.91 2.67
N HIS G 249 37.53 -1.79 3.49
CA HIS G 249 37.95 -3.10 3.02
C HIS G 249 36.85 -4.16 3.10
N TYR G 250 35.91 -4.01 4.03
CA TYR G 250 34.88 -5.02 4.26
C TYR G 250 33.54 -4.66 3.65
N ASN G 251 33.09 -3.41 3.81
CA ASN G 251 31.80 -2.96 3.26
C ASN G 251 31.96 -1.56 2.66
N SER G 252 32.32 -1.53 1.37
CA SER G 252 32.47 -0.27 0.65
C SER G 252 31.84 -0.33 -0.75
N TRP G 253 31.18 -1.42 -1.11
CA TRP G 253 30.55 -1.57 -2.40
C TRP G 253 29.14 -2.10 -2.22
N LYS G 254 28.26 -1.75 -3.16
CA LYS G 254 26.88 -2.22 -3.12
C LYS G 254 26.85 -3.72 -3.39
N VAL G 255 26.60 -4.50 -2.36
CA VAL G 255 26.61 -5.95 -2.48
C VAL G 255 25.34 -6.40 -3.19
N LYS G 256 25.51 -7.17 -4.27
CA LYS G 256 24.39 -7.69 -5.05
C LYS G 256 24.00 -9.05 -4.49
N VAL G 257 22.73 -9.18 -4.09
CA VAL G 257 22.21 -10.42 -3.53
C VAL G 257 20.94 -10.81 -4.28
N ALA G 258 20.63 -12.10 -4.22
CA ALA G 258 19.45 -12.65 -4.88
C ALA G 258 18.71 -13.56 -3.91
N THR G 259 17.39 -13.58 -4.03
CA THR G 259 16.54 -14.42 -3.20
C THR G 259 15.44 -15.03 -4.06
N GLY G 260 14.93 -16.19 -3.61
CA GLY G 260 13.86 -16.88 -4.29
C GLY G 260 14.30 -17.96 -5.25
N ILE G 261 15.57 -17.95 -5.67
CA ILE G 261 16.07 -18.96 -6.59
C ILE G 261 16.45 -20.21 -5.80
N ASP G 262 16.68 -21.31 -6.51
CA ASP G 262 17.03 -22.56 -5.87
C ASP G 262 18.45 -22.50 -5.31
N ASP G 263 18.83 -23.56 -4.59
CA ASP G 263 20.16 -23.63 -3.99
C ASP G 263 20.78 -25.00 -4.24
N LEU G 264 21.91 -25.28 -3.58
CA LEU G 264 22.61 -26.57 -3.69
C LEU G 264 22.79 -27.02 -5.14
N SER G 265 22.94 -26.05 -6.05
CA SER G 265 23.04 -26.34 -7.47
C SER G 265 24.46 -26.78 -7.82
N GLU G 266 24.74 -26.91 -9.11
CA GLU G 266 26.04 -27.38 -9.61
C GLU G 266 26.41 -28.73 -9.00
N ASP G 267 25.46 -29.66 -9.04
CA ASP G 267 25.65 -31.02 -8.55
C ASP G 267 26.05 -31.04 -7.08
N ALA G 268 25.38 -30.21 -6.28
CA ALA G 268 25.61 -30.11 -4.84
C ALA G 268 27.09 -29.83 -4.55
N THR G 269 27.53 -28.64 -4.98
CA THR G 269 28.92 -28.21 -4.96
C THR G 269 29.60 -28.47 -3.63
N PRO G 270 30.55 -29.42 -3.57
CA PRO G 270 31.36 -29.63 -2.37
C PRO G 270 32.62 -28.76 -2.37
N GLU G 271 32.46 -27.47 -2.63
CA GLU G 271 33.57 -26.53 -2.80
C GLU G 271 34.55 -27.04 -3.85
N GLU G 272 34.01 -27.55 -4.95
CA GLU G 272 34.79 -28.09 -6.07
C GLU G 272 34.59 -27.22 -7.29
N GLN G 273 35.69 -26.97 -8.02
CA GLN G 273 35.68 -26.13 -9.22
C GLN G 273 35.17 -24.72 -8.89
N GLN G 274 35.91 -24.03 -8.04
CA GLN G 274 35.53 -22.68 -7.62
C GLN G 274 35.55 -21.69 -8.76
N ARG G 275 36.20 -22.02 -9.88
CA ARG G 275 36.28 -21.12 -11.04
C ARG G 275 34.98 -21.25 -11.86
N ALA G 276 33.90 -20.75 -11.27
CA ALA G 276 32.62 -20.75 -11.96
C ALA G 276 32.67 -19.87 -13.20
N LYS G 277 33.33 -18.72 -13.10
CA LYS G 277 33.50 -17.79 -14.23
C LYS G 277 32.16 -17.37 -14.83
N LEU G 278 31.24 -16.97 -13.96
CA LEU G 278 29.95 -16.46 -14.41
C LEU G 278 30.17 -15.11 -15.07
N ILE G 279 29.92 -15.04 -16.38
CA ILE G 279 30.17 -13.82 -17.12
C ILE G 279 29.17 -12.75 -16.70
N LEU G 280 29.69 -11.57 -16.33
CA LEU G 280 28.84 -10.46 -15.89
C LEU G 280 29.50 -9.18 -16.37
N ALA G 281 28.94 -8.59 -17.43
CA ALA G 281 29.46 -7.34 -17.97
C ALA G 281 28.31 -6.36 -18.23
N GLN G 282 28.61 -5.24 -18.88
CA GLN G 282 27.57 -4.26 -19.18
C GLN G 282 26.52 -4.82 -20.13
N ASP G 283 26.95 -5.58 -21.14
CA ASP G 283 26.00 -6.16 -22.09
C ASP G 283 25.17 -7.28 -21.48
N ASP G 284 25.76 -8.05 -20.57
CA ASP G 284 25.07 -9.20 -20.00
C ASP G 284 23.86 -8.76 -19.18
N ILE G 285 22.77 -9.50 -19.33
CA ILE G 285 21.53 -9.26 -18.61
C ILE G 285 21.16 -10.53 -17.85
N LEU G 286 21.10 -10.43 -16.52
CA LEU G 286 20.77 -11.58 -15.70
C LEU G 286 19.27 -11.90 -15.81
N MET G 287 18.95 -13.18 -15.85
CA MET G 287 17.56 -13.61 -15.85
C MET G 287 17.48 -15.03 -15.31
N HIS G 288 16.38 -15.32 -14.63
CA HIS G 288 16.16 -16.61 -14.00
C HIS G 288 14.75 -17.10 -14.32
N GLY G 289 14.60 -18.42 -14.39
CA GLY G 289 13.32 -19.02 -14.71
C GLY G 289 12.40 -19.17 -13.51
N ASN G 290 12.16 -18.08 -12.79
CA ASN G 290 11.27 -18.11 -11.63
C ASN G 290 10.77 -16.70 -11.38
N HIS G 291 9.45 -16.52 -11.34
CA HIS G 291 8.87 -15.21 -11.10
C HIS G 291 9.01 -14.76 -9.65
N GLU G 292 9.38 -15.66 -8.74
CA GLU G 292 9.56 -15.34 -7.34
C GLU G 292 10.97 -14.87 -7.02
N ALA G 293 11.86 -14.80 -8.01
CA ALA G 293 13.22 -14.37 -7.75
C ALA G 293 13.27 -12.86 -7.53
N LYS G 294 13.96 -12.44 -6.47
CA LYS G 294 14.11 -11.04 -6.13
C LYS G 294 15.59 -10.69 -6.04
N PHE G 295 15.95 -9.54 -6.60
CA PHE G 295 17.33 -9.05 -6.59
C PHE G 295 17.40 -7.79 -5.74
N TYR G 296 18.18 -7.85 -4.66
CA TYR G 296 18.33 -6.74 -3.75
C TYR G 296 19.77 -6.23 -3.78
N THR G 297 19.95 -5.00 -3.30
CA THR G 297 21.26 -4.39 -3.18
C THR G 297 21.44 -3.88 -1.76
N LEU G 298 22.66 -3.99 -1.24
CA LEU G 298 22.98 -3.57 0.11
C LEU G 298 23.78 -2.28 0.08
N PRO G 299 23.26 -1.17 0.61
CA PRO G 299 24.02 0.08 0.60
C PRO G 299 25.30 -0.06 1.42
N GLU G 300 26.33 0.67 0.99
CA GLU G 300 27.63 0.64 1.63
C GLU G 300 27.84 1.88 2.49
N THR G 301 28.92 1.87 3.26
CA THR G 301 29.26 3.01 4.10
C THR G 301 29.59 4.22 3.23
N SER G 302 29.07 5.39 3.65
CA SER G 302 29.28 6.60 2.88
C SER G 302 30.76 6.99 2.83
N LEU G 303 31.54 6.59 3.84
CA LEU G 303 32.97 6.87 3.91
C LEU G 303 33.23 8.38 3.84
N ASP G 304 32.56 9.12 4.70
CA ASP G 304 32.76 10.56 4.81
C ASP G 304 33.07 11.02 6.22
N GLY G 305 32.45 10.39 7.23
CA GLY G 305 32.72 10.76 8.60
C GLY G 305 34.13 10.39 9.04
N PHE G 306 34.68 9.30 8.51
CA PHE G 306 36.01 8.86 8.92
C PHE G 306 37.08 9.88 8.55
N ILE G 307 36.98 10.46 7.35
CA ILE G 307 37.98 11.45 6.93
C ILE G 307 37.92 12.69 7.82
N ALA G 308 36.70 13.16 8.12
CA ALA G 308 36.57 14.33 8.99
C ALA G 308 37.09 14.03 10.39
N ALA G 309 36.81 12.82 10.90
CA ALA G 309 37.30 12.44 12.23
C ALA G 309 38.82 12.39 12.25
N HIS G 310 39.42 11.82 11.20
CA HIS G 310 40.89 11.76 11.13
C HIS G 310 41.48 13.16 11.03
N THR G 311 40.86 14.04 10.26
CA THR G 311 41.35 15.42 10.17
C THR G 311 41.27 16.11 11.53
N GLN G 312 40.17 15.93 12.25
CA GLN G 312 40.05 16.51 13.58
C GLN G 312 41.11 15.96 14.53
N ASP G 313 41.35 14.64 14.47
CA ASP G 313 42.35 14.04 15.34
C ASP G 313 43.75 14.55 15.02
N VAL G 314 44.08 14.67 13.73
CA VAL G 314 45.42 15.12 13.37
C VAL G 314 45.61 16.60 13.68
N GLU G 315 44.57 17.42 13.55
CA GLU G 315 44.71 18.81 13.96
C GLU G 315 44.80 18.95 15.47
N ILE G 316 44.13 18.06 16.22
CA ILE G 316 44.33 18.01 17.66
C ILE G 316 45.78 17.66 17.98
N LEU G 317 46.33 16.68 17.26
CA LEU G 317 47.74 16.33 17.42
C LEU G 317 48.65 17.53 17.15
N ALA G 318 48.38 18.25 16.07
CA ALA G 318 49.22 19.40 15.72
C ALA G 318 49.13 20.50 16.77
N ASN G 319 47.92 20.79 17.25
CA ASN G 319 47.75 21.87 18.22
C ASN G 319 48.34 21.50 19.58
N ASN G 320 48.20 20.23 19.98
CA ASN G 320 48.70 19.82 21.29
C ASN G 320 50.23 19.83 21.35
N ALA G 321 50.89 19.59 20.22
CA ALA G 321 52.34 19.55 20.15
C ALA G 321 52.95 20.89 19.77
N GLN G 322 52.12 21.94 19.64
CA GLN G 322 52.59 23.26 19.23
C GLN G 322 53.30 23.21 17.88
N VAL G 323 52.75 22.45 16.94
CA VAL G 323 53.30 22.30 15.61
C VAL G 323 52.30 22.92 14.62
N PRO G 324 52.75 23.62 13.58
CA PRO G 324 51.82 24.20 12.62
C PRO G 324 50.93 23.14 11.98
N VAL G 325 49.67 23.51 11.75
CA VAL G 325 48.69 22.57 11.22
C VAL G 325 48.99 22.25 9.75
N TRP G 326 49.43 23.26 8.99
CA TRP G 326 49.56 23.07 7.54
C TRP G 326 50.65 22.06 7.18
N ILE G 327 51.67 21.90 8.04
CA ILE G 327 52.67 20.87 7.81
C ILE G 327 52.24 19.51 8.33
N LEU G 328 51.03 19.40 8.86
CA LEU G 328 50.45 18.13 9.30
C LEU G 328 49.25 17.70 8.47
N ASN G 329 48.34 18.63 8.17
CA ASN G 329 47.18 18.33 7.34
C ASN G 329 46.70 19.61 6.69
N GLY G 330 46.06 19.47 5.53
CA GLY G 330 45.52 20.62 4.83
C GLY G 330 46.59 21.44 4.15
N GLN G 331 46.15 22.58 3.63
CA GLN G 331 47.02 23.52 2.94
C GLN G 331 46.87 24.91 3.56
N LEU G 332 47.99 25.59 3.72
CA LEU G 332 47.96 26.93 4.31
C LEU G 332 47.31 27.93 3.36
N ALA G 333 46.51 28.82 3.91
CA ALA G 333 45.85 29.86 3.13
C ALA G 333 46.83 30.99 2.83
N ASN G 334 46.31 32.04 2.16
CA ASN G 334 47.13 33.19 1.79
C ASN G 334 47.22 34.16 2.97
N LEU G 335 47.92 33.71 4.01
CA LEU G 335 48.08 34.52 5.21
C LEU G 335 49.08 35.65 4.97
N SER G 336 48.91 36.72 5.74
CA SER G 336 49.81 37.86 5.68
C SER G 336 50.96 37.64 6.66
N ALA G 337 51.78 38.67 6.86
CA ALA G 337 52.91 38.57 7.79
C ALA G 337 52.42 38.43 9.24
N ASP G 338 51.47 39.29 9.64
CA ASP G 338 50.97 39.25 11.01
C ASP G 338 50.25 37.95 11.30
N ALA G 339 49.41 37.49 10.38
CA ALA G 339 48.68 36.24 10.59
C ALA G 339 49.63 35.06 10.69
N LEU G 340 50.65 35.02 9.83
CA LEU G 340 51.63 33.95 9.89
C LEU G 340 52.42 33.99 11.20
N THR G 341 52.80 35.18 11.64
CA THR G 341 53.51 35.31 12.92
C THR G 341 52.64 34.82 14.07
N ALA G 342 51.34 35.14 14.04
CA ALA G 342 50.43 34.65 15.07
C ALA G 342 50.32 33.13 15.02
N ALA G 343 50.24 32.55 13.81
CA ALA G 343 50.11 31.11 13.69
C ALA G 343 51.36 30.39 14.20
N THR G 344 52.54 30.93 13.91
CA THR G 344 53.79 30.30 14.29
C THR G 344 54.32 30.77 15.64
N LYS G 345 53.59 31.64 16.35
CA LYS G 345 54.12 32.19 17.60
C LYS G 345 54.31 31.11 18.65
N GLY G 346 53.35 30.19 18.78
CA GLY G 346 53.47 29.14 19.77
C GLY G 346 54.64 28.20 19.49
N THR G 347 54.78 27.79 18.23
CA THR G 347 55.91 26.96 17.85
C THR G 347 57.23 27.69 18.04
N ILE G 348 57.26 28.98 17.68
CA ILE G 348 58.48 29.77 17.85
C ILE G 348 58.84 29.89 19.33
N GLN G 349 57.84 30.13 20.19
CA GLN G 349 58.13 30.24 21.62
C GLN G 349 58.61 28.92 22.20
N LYS G 350 57.98 27.81 21.82
CA LYS G 350 58.43 26.51 22.30
C LYS G 350 59.84 26.21 21.83
N LEU G 351 60.15 26.50 20.57
CA LEU G 351 61.50 26.30 20.06
C LEU G 351 62.49 27.22 20.76
N TYR G 352 62.07 28.42 21.15
CA TYR G 352 62.96 29.31 21.89
C TYR G 352 63.25 28.77 23.28
N GLU G 353 62.24 28.20 23.94
CA GLU G 353 62.49 27.57 25.24
C GLU G 353 63.43 26.39 25.11
N ARG G 354 63.23 25.57 24.07
CA ARG G 354 64.14 24.45 23.81
C ARG G 354 65.54 24.96 23.52
N GLN G 355 65.65 26.06 22.76
CA GLN G 355 66.94 26.66 22.49
C GLN G 355 67.62 27.13 23.77
N VAL G 356 66.85 27.72 24.68
CA VAL G 356 67.42 28.21 25.93
C VAL G 356 67.97 27.06 26.76
N THR G 357 67.18 26.00 26.94
CA THR G 357 67.65 24.90 27.77
C THR G 357 68.82 24.16 27.12
N PHE G 358 68.76 23.94 25.81
CA PHE G 358 69.86 23.27 25.13
C PHE G 358 71.11 24.14 25.08
N GLY G 359 70.94 25.47 25.02
CA GLY G 359 72.09 26.36 25.10
C GLY G 359 72.73 26.35 26.47
N ALA G 360 71.91 26.26 27.52
CA ALA G 360 72.48 26.09 28.87
C ALA G 360 73.26 24.78 28.96
N ALA G 361 72.71 23.70 28.41
CA ALA G 361 73.43 22.43 28.41
C ALA G 361 74.73 22.51 27.63
N HIS G 362 74.69 23.17 26.47
CA HIS G 362 75.89 23.31 25.65
C HIS G 362 76.93 24.19 26.32
N ASN G 363 76.49 25.23 27.02
CA ASN G 363 77.42 26.06 27.78
C ASN G 363 78.08 25.25 28.90
N GLN G 364 77.32 24.40 29.58
CA GLN G 364 77.90 23.52 30.58
C GLN G 364 78.93 22.58 29.94
N VAL G 365 78.59 22.02 28.78
CA VAL G 365 79.50 21.11 28.08
C VAL G 365 80.79 21.83 27.72
N LEU G 366 80.68 23.04 27.19
CA LEU G 366 81.86 23.80 26.79
C LEU G 366 82.69 24.20 28.01
N ARG G 367 82.03 24.54 29.12
CA ARG G 367 82.76 24.86 30.34
C ARG G 367 83.54 23.66 30.84
N LEU G 368 82.94 22.47 30.79
CA LEU G 368 83.67 21.27 31.19
C LEU G 368 84.82 20.98 30.23
N ALA G 369 84.59 21.17 28.92
CA ALA G 369 85.63 20.90 27.94
C ALA G 369 86.82 21.83 28.10
N ALA G 370 86.55 23.10 28.40
CA ALA G 370 87.65 24.04 28.66
C ALA G 370 88.39 23.68 29.93
N HIS G 371 87.67 23.21 30.96
CA HIS G 371 88.29 22.93 32.25
C HIS G 371 89.26 21.76 32.17
N VAL G 372 88.93 20.73 31.37
CA VAL G 372 89.77 19.53 31.32
C VAL G 372 91.14 19.82 30.71
N GLU G 373 91.26 20.91 29.94
CA GLU G 373 92.53 21.32 29.35
C GLU G 373 93.06 22.58 30.03
N GLY G 374 92.89 22.67 31.34
CA GLY G 374 93.24 23.89 32.06
C GLY G 374 92.29 25.00 31.70
N ASP G 375 92.81 26.04 31.04
CA ASP G 375 92.01 27.14 30.50
C ASP G 375 91.03 27.69 31.54
N THR G 376 91.61 28.28 32.58
CA THR G 376 90.80 28.83 33.66
C THR G 376 89.87 29.94 33.18
N GLU G 377 90.20 30.62 32.08
CA GLU G 377 89.34 31.67 31.56
C GLU G 377 87.98 31.11 31.15
N GLY G 378 87.97 29.96 30.47
CA GLY G 378 86.70 29.36 30.06
C GLY G 378 85.87 28.90 31.24
N ALA G 379 86.51 28.26 32.22
CA ALA G 379 85.78 27.77 33.39
C ALA G 379 85.22 28.93 34.21
N ARG G 380 85.99 30.00 34.38
CA ARG G 380 85.53 31.13 35.18
C ARG G 380 84.35 31.84 34.52
N ASP G 381 84.38 31.97 33.20
CA ASP G 381 83.35 32.69 32.46
C ASP G 381 82.03 31.93 32.55
N PHE G 382 81.10 32.47 33.34
CA PHE G 382 79.76 31.91 33.47
C PHE G 382 78.70 32.68 32.72
N THR G 383 79.11 33.71 31.95
CA THR G 383 78.17 34.53 31.22
C THR G 383 78.14 34.26 29.72
N ALA G 384 79.17 33.63 29.17
CA ALA G 384 79.20 33.34 27.74
C ALA G 384 78.13 32.30 27.40
N SER G 385 77.44 32.54 26.28
CA SER G 385 76.37 31.67 25.84
C SER G 385 76.50 31.42 24.34
N VAL G 386 75.97 30.29 23.90
CA VAL G 386 76.02 29.93 22.48
C VAL G 386 74.98 30.74 21.71
N SER G 387 75.17 30.81 20.39
CA SER G 387 74.25 31.51 19.50
C SER G 387 73.56 30.51 18.59
N TRP G 388 72.28 30.73 18.34
CA TRP G 388 71.45 29.83 17.55
C TRP G 388 71.00 30.52 16.27
N GLN G 389 70.87 29.73 15.21
CA GLN G 389 70.36 30.24 13.95
C GLN G 389 68.91 30.67 14.09
N ASP G 390 68.55 31.73 13.37
CA ASP G 390 67.19 32.24 13.43
C ASP G 390 66.21 31.22 12.86
N THR G 391 65.13 30.95 13.59
CA THR G 391 64.10 30.02 13.17
C THR G 391 62.82 30.73 12.75
N SER G 392 62.92 32.00 12.34
CA SER G 392 61.74 32.75 11.95
C SER G 392 61.16 32.20 10.66
N VAL G 393 59.90 32.57 10.40
CA VAL G 393 59.18 32.07 9.24
C VAL G 393 58.91 33.29 8.34
N ARG G 394 59.83 34.24 8.39
CA ARG G 394 59.72 35.46 7.59
C ARG G 394 60.40 35.29 6.24
N SER G 395 59.77 35.81 5.20
CA SER G 395 60.34 35.72 3.86
C SER G 395 61.59 36.58 3.76
N LEU G 396 62.42 36.26 2.77
CA LEU G 396 63.71 36.95 2.63
C LEU G 396 63.51 38.43 2.31
N ALA G 397 62.58 38.75 1.41
CA ALA G 397 62.40 40.15 1.00
C ALA G 397 61.96 41.01 2.16
N GLN G 398 60.97 40.55 2.93
CA GLN G 398 60.47 41.32 4.07
C GLN G 398 61.55 41.53 5.11
N ALA G 399 62.26 40.46 5.47
CA ALA G 399 63.30 40.57 6.49
C ALA G 399 64.42 41.50 6.02
N VAL G 400 64.83 41.37 4.76
CA VAL G 400 65.91 42.20 4.24
C VAL G 400 65.51 43.67 4.22
N ASP G 401 64.31 43.98 3.72
CA ASP G 401 63.92 45.38 3.63
C ASP G 401 63.75 45.99 5.02
N ALA G 402 63.17 45.23 5.96
CA ALA G 402 63.03 45.73 7.31
C ALA G 402 64.39 45.96 7.97
N TYR G 403 65.32 45.02 7.80
CA TYR G 403 66.65 45.18 8.39
C TYR G 403 67.39 46.36 7.77
N GLY G 404 67.24 46.55 6.45
CA GLY G 404 67.85 47.70 5.83
C GLY G 404 67.28 49.01 6.32
N LYS G 405 65.96 49.08 6.48
CA LYS G 405 65.34 50.27 7.05
C LYS G 405 65.84 50.53 8.46
N ALA G 406 65.96 49.47 9.27
CA ALA G 406 66.47 49.62 10.63
C ALA G 406 67.90 50.13 10.63
N ALA G 407 68.75 49.58 9.76
CA ALA G 407 70.14 50.03 9.70
C ALA G 407 70.23 51.47 9.24
N THR G 408 69.39 51.87 8.29
CA THR G 408 69.47 53.22 7.74
C THR G 408 68.88 54.27 8.68
N MET G 409 67.87 53.92 9.47
CA MET G 409 67.17 54.90 10.29
C MET G 409 67.45 54.76 11.78
N LEU G 410 67.25 53.56 12.35
CA LEU G 410 67.60 53.34 13.75
C LEU G 410 69.10 53.29 13.98
N GLY G 411 69.91 53.19 12.93
CA GLY G 411 71.36 53.17 13.06
C GLY G 411 71.92 51.94 13.75
N MET G 412 71.32 50.77 13.53
CA MET G 412 71.88 49.56 14.09
C MET G 412 73.17 49.17 13.36
N PRO G 413 74.11 48.52 14.05
CA PRO G 413 75.34 48.09 13.38
C PRO G 413 75.05 47.08 12.30
N LYS G 414 75.46 47.41 11.06
CA LYS G 414 75.20 46.53 9.93
C LYS G 414 76.01 45.24 9.97
N GLU G 415 77.11 45.22 10.74
CA GLU G 415 77.92 44.01 10.81
C GLU G 415 77.15 42.86 11.42
N PHE G 416 76.41 43.13 12.50
CA PHE G 416 75.60 42.07 13.12
C PHE G 416 74.42 41.69 12.23
N LEU G 417 73.85 42.67 11.52
CA LEU G 417 72.66 42.42 10.71
C LEU G 417 72.92 41.46 9.55
N TRP G 418 74.18 41.29 9.14
CA TRP G 418 74.48 40.42 8.01
C TRP G 418 74.09 38.97 8.30
N GLY G 419 74.23 38.53 9.54
CA GLY G 419 73.90 37.17 9.91
C GLY G 419 72.44 36.88 10.15
N LEU G 420 71.57 37.87 9.99
CA LEU G 420 70.15 37.69 10.25
C LEU G 420 69.34 37.39 9.00
N ILE G 421 69.83 37.74 7.82
CA ILE G 421 69.12 37.41 6.59
C ILE G 421 69.13 35.90 6.39
N PRO G 422 68.01 35.28 6.04
CA PRO G 422 68.01 33.83 5.78
C PRO G 422 68.92 33.48 4.61
N GLY G 423 69.54 32.31 4.71
CA GLY G 423 70.46 31.83 3.70
C GLY G 423 71.91 32.22 3.92
N ILE G 424 72.20 33.00 4.95
CA ILE G 424 73.57 33.42 5.28
C ILE G 424 73.89 32.93 6.69
N THR G 425 75.01 32.22 6.82
CA THR G 425 75.46 31.66 8.08
C THR G 425 76.66 32.45 8.59
N LYS G 426 77.22 31.97 9.71
CA LYS G 426 78.39 32.63 10.28
C LYS G 426 79.62 32.51 9.38
N THR G 427 79.74 31.40 8.65
CA THR G 427 80.86 31.24 7.73
C THR G 427 80.82 32.30 6.63
N ASP G 428 79.62 32.59 6.11
CA ASP G 428 79.49 33.63 5.10
C ASP G 428 79.86 35.00 5.67
N VAL G 429 79.46 35.28 6.91
CA VAL G 429 79.81 36.55 7.54
C VAL G 429 81.32 36.66 7.70
N GLU G 430 81.97 35.57 8.12
CA GLU G 430 83.42 35.58 8.25
C GLU G 430 84.09 35.79 6.90
N ALA G 431 83.56 35.16 5.85
CA ALA G 431 84.11 35.34 4.51
C ALA G 431 83.97 36.79 4.06
N MET G 432 82.82 37.42 4.34
CA MET G 432 82.63 38.82 4.01
C MET G 432 83.62 39.70 4.76
N ARG G 433 83.80 39.43 6.05
CA ARG G 433 84.72 40.25 6.85
C ARG G 433 86.15 40.09 6.38
N GLN G 434 86.57 38.88 6.02
CA GLN G 434 87.94 38.66 5.58
C GLN G 434 88.24 39.39 4.28
N HIS G 435 87.32 39.36 3.33
CA HIS G 435 87.50 39.99 2.02
C HIS G 435 86.40 41.04 1.84
N PHE G 436 86.68 42.26 2.30
CA PHE G 436 85.74 43.36 2.13
C PHE G 436 86.46 44.59 1.58
N ASN G 437 87.76 44.68 1.82
CA ASN G 437 88.58 45.80 1.37
C ASN G 437 89.86 45.28 0.72
N ASP G 438 89.71 44.27 -0.14
CA ASP G 438 90.86 43.70 -0.83
C ASP G 438 91.40 44.67 -1.87
N ASP G 439 92.67 44.50 -2.21
CA ASP G 439 93.33 45.37 -3.18
C ASP G 439 93.00 45.03 -4.63
N ASP G 440 92.30 43.93 -4.87
CA ASP G 440 91.96 43.56 -6.24
C ASP G 440 90.93 44.52 -6.81
N GLU G 441 90.86 44.57 -8.14
CA GLU G 441 89.95 45.49 -8.81
C GLU G 441 88.49 45.12 -8.57
N MET G 442 88.20 43.84 -8.33
CA MET G 442 86.81 43.41 -8.16
C MET G 442 86.19 44.05 -6.91
N THR G 443 86.86 43.92 -5.77
CA THR G 443 86.31 44.46 -4.52
C THR G 443 86.25 45.97 -4.56
N GLN G 444 87.26 46.62 -5.12
CA GLN G 444 87.25 48.08 -5.23
C GLN G 444 86.12 48.56 -6.12
N MET G 445 85.89 47.87 -7.24
CA MET G 445 84.80 48.24 -8.13
C MET G 445 83.45 48.03 -7.46
N LEU G 446 83.28 46.91 -6.75
CA LEU G 446 82.00 46.58 -6.15
C LEU G 446 81.73 47.32 -4.84
N LEU G 447 82.75 47.94 -4.25
CA LEU G 447 82.54 48.69 -3.01
C LEU G 447 82.04 50.10 -3.29
N TRP G 448 82.74 50.83 -4.16
CA TRP G 448 82.35 52.19 -4.54
C TRP G 448 81.47 52.14 -5.80
N TRP G 449 80.33 51.47 -5.66
CA TRP G 449 79.39 51.30 -6.77
C TRP G 449 78.25 52.29 -6.65
N THR G 450 77.92 52.94 -7.76
CA THR G 450 76.82 53.88 -7.86
C THR G 450 75.85 53.42 -8.94
N PRO G 451 74.59 53.84 -8.88
CA PRO G 451 73.62 53.42 -9.91
C PRO G 451 73.99 53.86 -11.31
N ASN G 452 74.84 54.88 -11.47
CA ASN G 452 75.26 55.38 -12.77
C ASN G 452 76.71 55.01 -13.08
N GLY G 453 77.12 53.81 -12.68
CA GLY G 453 78.46 53.35 -12.91
C GLY G 453 79.30 53.33 -11.66
N PRO G 454 80.50 52.78 -11.75
CA PRO G 454 81.40 52.75 -10.57
C PRO G 454 81.74 54.16 -10.11
N GLY G 455 81.84 54.32 -8.79
CA GLY G 455 82.19 55.60 -8.21
C GLY G 455 83.54 55.58 -7.52
N GLY G 456 83.71 56.43 -6.51
CA GLY G 456 84.95 56.46 -5.78
C GLY G 456 86.11 57.01 -6.60
N GLU G 457 87.29 56.45 -6.35
CA GLU G 457 88.49 56.89 -7.06
C GLU G 457 88.40 56.59 -8.55
N PHE G 458 87.70 55.52 -8.92
CA PHE G 458 87.56 55.19 -10.34
C PHE G 458 86.81 56.28 -11.08
N ALA G 459 85.74 56.80 -10.49
CA ALA G 459 85.03 57.93 -11.09
C ALA G 459 85.73 59.26 -10.87
N ALA G 460 86.63 59.33 -9.89
CA ALA G 460 87.38 60.55 -9.67
C ALA G 460 88.51 60.71 -10.67
N GLU G 461 89.07 59.60 -11.16
CA GLU G 461 90.18 59.68 -12.12
C GLU G 461 89.73 60.34 -13.42
N ILE G 462 88.55 59.97 -13.95
CA ILE G 462 88.08 60.59 -15.17
C ILE G 462 87.78 62.07 -14.95
N GLU G 463 87.23 62.41 -13.78
CA GLU G 463 86.92 63.80 -13.48
C GLU G 463 88.19 64.64 -13.41
N VAL G 464 89.22 64.14 -12.74
CA VAL G 464 90.46 64.90 -12.63
C VAL G 464 91.16 64.98 -13.98
N ASP G 465 91.05 63.92 -14.81
CA ASP G 465 91.63 63.99 -16.15
C ASP G 465 90.92 65.05 -16.99
N SER G 466 89.59 65.11 -16.92
CA SER G 466 88.86 66.13 -17.65
C SER G 466 89.20 67.53 -17.17
N GLN G 467 89.29 67.71 -15.85
CA GLN G 467 89.66 69.02 -15.30
C GLN G 467 91.06 69.42 -15.71
N THR G 468 92.00 68.46 -15.70
CA THR G 468 93.36 68.75 -16.12
C THR G 468 93.43 69.12 -17.59
N GLN G 469 92.66 68.42 -18.44
CA GLN G 469 92.63 68.77 -19.86
C GLN G 469 92.07 70.17 -20.08
N ILE G 470 90.98 70.50 -19.38
CA ILE G 470 90.38 71.83 -19.53
C ILE G 470 91.35 72.91 -19.05
N ILE G 471 92.01 72.66 -17.92
CA ILE G 471 92.96 73.64 -17.39
C ILE G 471 94.15 73.80 -18.33
N GLU G 472 94.62 72.70 -18.93
CA GLU G 472 95.72 72.77 -19.88
C GLU G 472 95.33 73.56 -21.11
N ALA G 473 94.12 73.35 -21.62
CA ALA G 473 93.66 74.11 -22.78
C ALA G 473 93.57 75.60 -22.46
N GLN G 474 93.01 75.93 -21.29
CA GLN G 474 92.92 77.33 -20.87
C GLN G 474 94.33 77.93 -20.70
N GLY G 475 95.25 77.17 -20.13
CA GLY G 475 96.61 77.66 -19.97
C GLY G 475 97.29 77.90 -21.30
N ASP G 476 97.05 77.02 -22.27
CA ASP G 476 97.67 77.18 -23.58
C ASP G 476 97.12 78.41 -24.30
N VAL G 477 95.79 78.59 -24.29
CA VAL G 477 95.22 79.75 -24.97
C VAL G 477 95.66 81.03 -24.27
N GLN G 478 95.71 81.03 -22.94
CA GLN G 478 96.24 82.19 -22.23
C GLN G 478 97.68 82.45 -22.64
N LYS G 479 98.52 81.41 -22.60
CA LYS G 479 99.94 81.57 -22.85
C LYS G 479 100.19 82.20 -24.21
N ASP G 480 99.46 81.74 -25.24
CA ASP G 480 99.63 82.41 -26.52
C ASP G 480 99.10 83.84 -26.49
N LEU G 481 98.05 84.10 -25.70
CA LEU G 481 97.53 85.47 -25.59
C LEU G 481 98.56 86.43 -25.00
N GLN G 482 99.14 86.07 -23.84
CA GLN G 482 100.18 86.94 -23.29
C GLN G 482 101.47 86.92 -24.12
N ASP G 483 101.75 85.85 -24.86
CA ASP G 483 102.91 85.91 -25.75
C ASP G 483 102.71 86.94 -26.85
N ALA G 484 101.51 86.96 -27.45
CA ALA G 484 101.20 88.00 -28.44
C ALA G 484 101.23 89.38 -27.81
N GLN G 485 100.70 89.51 -26.58
CA GLN G 485 100.70 90.81 -25.92
C GLN G 485 102.12 91.30 -25.66
N ALA G 486 103.01 90.40 -25.20
CA ALA G 486 104.40 90.78 -24.96
C ALA G 486 105.10 91.16 -26.25
N LYS G 487 104.85 90.42 -27.33
CA LYS G 487 105.44 90.78 -28.61
C LYS G 487 104.96 92.16 -29.08
N ALA G 488 103.67 92.44 -28.93
CA ALA G 488 103.14 93.74 -29.29
C ALA G 488 103.74 94.85 -28.44
N GLN G 489 103.89 94.60 -27.14
CA GLN G 489 104.50 95.59 -26.25
C GLN G 489 105.95 95.85 -26.61
N ALA G 490 106.69 94.80 -26.95
CA ALA G 490 108.08 94.97 -27.36
C ALA G 490 108.18 95.77 -28.66
N ASP G 491 107.28 95.48 -29.62
CA ASP G 491 107.28 96.25 -30.86
C ASP G 491 106.93 97.71 -30.61
N LEU G 492 105.96 97.96 -29.73
CA LEU G 492 105.60 99.34 -29.39
C LEU G 492 106.75 100.06 -28.72
N ALA G 493 107.47 99.38 -27.81
CA ALA G 493 108.62 99.99 -27.17
C ALA G 493 109.72 100.31 -28.17
N LYS G 494 109.97 99.39 -29.12
CA LYS G 494 110.97 99.64 -30.15
C LYS G 494 110.58 100.84 -31.02
N GLN G 495 109.30 100.92 -31.40
CA GLN G 495 108.84 102.05 -32.19
C GLN G 495 108.96 103.36 -31.42
N ASN G 496 108.64 103.34 -30.13
CA ASN G 496 108.76 104.55 -29.31
C ASN G 496 110.22 104.98 -29.19
N ALA G 497 111.13 104.02 -29.01
CA ALA G 497 112.55 104.34 -28.94
C ALA G 497 113.05 104.91 -30.26
N ALA G 498 112.61 104.34 -31.38
CA ALA G 498 113.00 104.87 -32.68
C ALA G 498 112.49 106.29 -32.88
N ALA G 499 111.24 106.55 -32.49
CA ALA G 499 110.70 107.90 -32.60
C ALA G 499 111.46 108.88 -31.71
N GLN G 500 111.80 108.45 -30.49
CA GLN G 500 112.54 109.31 -29.57
C GLN G 500 113.92 109.65 -30.11
N GLN G 501 114.64 108.65 -30.63
CA GLN G 501 115.96 108.94 -31.17
C GLN G 501 115.88 109.79 -32.44
N ARG G 502 114.85 109.57 -33.26
CA ARG G 502 114.68 110.40 -34.45
C ARG G 502 114.40 111.86 -34.08
N GLN G 503 113.54 112.08 -33.09
CA GLN G 503 113.22 113.45 -32.68
C GLN G 503 114.35 114.11 -31.88
N ALA G 504 115.22 113.31 -31.25
CA ALA G 504 116.34 113.87 -30.50
C ALA G 504 117.57 114.13 -31.37
N VAL G 505 117.77 113.34 -32.42
CA VAL G 505 118.94 113.53 -33.27
C VAL G 505 118.84 114.82 -34.09
N ALA G 506 117.62 115.33 -34.30
CA ALA G 506 117.45 116.55 -35.08
C ALA G 506 117.90 117.75 -34.24
N VAL G 507 118.80 118.55 -34.80
CA VAL G 507 119.31 119.73 -34.11
C VAL G 507 119.86 120.73 -35.12
N ILE H 2 78.60 -12.45 15.03
CA ILE H 2 79.86 -11.99 14.46
C ILE H 2 80.80 -11.50 15.55
N GLU H 3 82.10 -11.57 15.28
CA GLU H 3 83.12 -11.15 16.24
C GLU H 3 84.15 -10.30 15.52
N LEU H 4 84.79 -9.42 16.28
CA LEU H 4 85.83 -8.54 15.73
C LEU H 4 87.19 -9.17 15.96
N PRO H 5 87.92 -9.57 14.91
CA PRO H 5 89.24 -10.18 15.11
C PRO H 5 90.35 -9.15 15.21
N ASP H 6 91.18 -9.26 16.24
CA ASP H 6 92.32 -8.35 16.37
C ASP H 6 93.32 -8.55 15.23
N ALA H 7 93.60 -9.81 14.89
CA ALA H 7 94.53 -10.10 13.82
C ALA H 7 93.88 -9.89 12.45
N ILE H 8 94.71 -9.84 11.42
CA ILE H 8 94.22 -9.65 10.05
C ILE H 8 94.10 -10.95 9.28
N SER H 9 94.55 -12.08 9.85
CA SER H 9 94.49 -13.38 9.20
C SER H 9 95.20 -13.36 7.84
N ASP H 10 96.51 -13.13 7.89
CA ASP H 10 97.28 -13.00 6.67
C ASP H 10 97.25 -14.30 5.85
N GLY H 11 97.35 -15.44 6.52
CA GLY H 11 97.37 -16.72 5.83
C GLY H 11 96.04 -17.45 5.86
N GLU H 12 95.08 -16.95 6.63
CA GLU H 12 93.79 -17.61 6.80
C GLU H 12 92.66 -16.58 6.74
N VAL H 13 92.74 -15.66 5.77
CA VAL H 13 91.69 -14.67 5.62
C VAL H 13 90.41 -15.32 5.11
N ARG H 14 90.53 -16.25 4.16
CA ARG H 14 89.34 -16.88 3.58
C ARG H 14 88.59 -17.70 4.62
N LYS H 15 89.31 -18.35 5.54
CA LYS H 15 88.66 -19.14 6.58
C LYS H 15 87.76 -18.27 7.44
N LEU H 16 88.25 -17.09 7.82
CA LEU H 16 87.43 -16.17 8.61
C LEU H 16 86.29 -15.60 7.78
N VAL H 17 86.55 -15.27 6.52
CA VAL H 17 85.54 -14.66 5.67
C VAL H 17 84.36 -15.61 5.48
N GLU H 18 84.64 -16.86 5.09
CA GLU H 18 83.57 -17.77 4.70
C GLU H 18 82.65 -18.13 5.85
N ASN H 19 83.09 -17.99 7.11
CA ASN H 19 82.26 -18.36 8.24
C ASN H 19 81.86 -17.18 9.12
N GLU H 20 82.36 -15.97 8.85
CA GLU H 20 81.88 -14.83 9.64
C GLU H 20 81.37 -13.68 8.80
N PHE H 21 82.00 -13.41 7.65
CA PHE H 21 81.63 -12.24 6.86
C PHE H 21 80.59 -12.57 5.79
N TRP H 22 80.76 -13.68 5.07
CA TRP H 22 79.82 -14.03 4.02
C TRP H 22 78.39 -14.25 4.52
N PRO H 23 78.15 -14.99 5.61
CA PRO H 23 76.76 -15.11 6.09
C PRO H 23 76.15 -13.78 6.48
N GLU H 24 76.89 -12.94 7.20
CA GLU H 24 76.37 -11.62 7.55
C GLU H 24 76.19 -10.75 6.32
N PHE H 25 77.11 -10.85 5.36
CA PHE H 25 76.97 -10.08 4.12
C PHE H 25 75.71 -10.48 3.37
N VAL H 26 75.42 -11.77 3.28
CA VAL H 26 74.21 -12.22 2.60
C VAL H 26 72.97 -11.81 3.38
N ARG H 27 73.02 -11.89 4.70
CA ARG H 27 71.88 -11.50 5.53
C ARG H 27 71.55 -10.02 5.35
N ARG H 28 72.57 -9.18 5.22
CA ARG H 28 72.32 -7.77 4.94
C ARG H 28 71.90 -7.56 3.49
N ARG H 29 72.49 -8.32 2.56
CA ARG H 29 72.24 -8.12 1.15
C ARG H 29 70.81 -8.44 0.78
N GLU H 30 70.23 -9.48 1.37
CA GLU H 30 68.85 -9.82 1.05
C GLU H 30 67.90 -8.68 1.45
N LYS H 31 68.09 -8.12 2.64
CA LYS H 31 67.25 -7.01 3.08
C LYS H 31 67.48 -5.77 2.23
N LEU H 32 68.74 -5.47 1.88
CA LEU H 32 69.00 -4.31 1.04
C LEU H 32 68.41 -4.47 -0.35
N ASP H 33 68.49 -5.68 -0.92
CA ASP H 33 67.86 -5.91 -2.22
C ASP H 33 66.34 -5.79 -2.12
N ARG H 34 65.75 -6.29 -1.05
CA ARG H 34 64.31 -6.16 -0.87
C ARG H 34 63.88 -4.71 -0.77
N ILE H 35 64.63 -3.89 0.00
CA ILE H 35 64.25 -2.50 0.15
C ILE H 35 64.51 -1.72 -1.15
N ALA H 36 65.55 -2.10 -1.90
CA ALA H 36 65.77 -1.48 -3.20
C ALA H 36 64.64 -1.80 -4.17
N GLN H 37 64.17 -3.05 -4.16
CA GLN H 37 63.02 -3.41 -4.98
C GLN H 37 61.78 -2.64 -4.55
N TRP H 38 61.60 -2.46 -3.24
CA TRP H 38 60.49 -1.68 -2.74
C TRP H 38 60.56 -0.23 -3.20
N ALA H 39 61.76 0.34 -3.25
CA ALA H 39 61.90 1.75 -3.60
C ALA H 39 61.43 2.01 -5.03
N ARG H 40 61.84 1.18 -5.98
CA ARG H 40 61.48 1.37 -7.39
C ARG H 40 60.17 0.65 -7.69
N GLY H 41 59.09 1.21 -7.14
CA GLY H 41 57.78 0.62 -7.31
C GLY H 41 57.65 -0.69 -6.56
N GLU H 42 56.60 -1.43 -6.90
CA GLU H 42 56.30 -2.74 -6.31
C GLU H 42 56.30 -2.65 -4.78
N GLN H 43 55.37 -1.85 -4.26
CA GLN H 43 55.27 -1.65 -2.83
C GLN H 43 54.89 -2.95 -2.13
N PRO H 44 55.27 -3.11 -0.87
CA PRO H 44 54.94 -4.35 -0.15
C PRO H 44 53.44 -4.60 -0.11
N ASP H 45 53.03 -5.74 -0.67
CA ASP H 45 51.62 -6.12 -0.74
C ASP H 45 51.23 -6.93 0.51
N TYR H 46 50.61 -6.24 1.47
CA TYR H 46 50.14 -6.92 2.68
C TYR H 46 49.05 -7.92 2.35
N LEU H 47 48.19 -7.62 1.38
CA LEU H 47 47.12 -8.52 0.96
C LEU H 47 47.24 -8.74 -0.54
N ILE H 48 47.40 -10.00 -0.94
CA ILE H 48 47.45 -10.38 -2.34
C ILE H 48 46.64 -11.64 -2.54
N GLN H 49 45.86 -11.68 -3.62
CA GLN H 49 45.03 -12.84 -3.96
C GLN H 49 45.80 -13.68 -4.98
N ASN H 50 46.19 -14.88 -4.58
CA ASN H 50 46.94 -15.79 -5.45
C ASN H 50 46.05 -16.78 -6.18
N ALA H 51 44.73 -16.69 -6.00
CA ALA H 51 43.80 -17.62 -6.64
C ALA H 51 43.08 -17.03 -7.85
N ASN H 52 42.88 -15.71 -7.88
CA ASN H 52 42.20 -15.05 -8.97
C ASN H 52 43.22 -14.29 -9.81
N ARG H 53 43.30 -14.63 -11.10
CA ARG H 53 44.23 -13.95 -11.99
C ARG H 53 43.82 -12.51 -12.22
N GLU H 54 42.52 -12.26 -12.37
CA GLU H 54 42.05 -10.88 -12.59
C GLU H 54 42.34 -10.00 -11.39
N LYS H 55 42.11 -10.50 -10.18
CA LYS H 55 42.38 -9.72 -8.99
C LYS H 55 43.87 -9.43 -8.83
N ARG H 56 44.71 -10.43 -9.13
CA ARG H 56 46.16 -10.21 -9.06
C ARG H 56 46.61 -9.20 -10.10
N ALA H 57 46.04 -9.26 -11.31
CA ALA H 57 46.38 -8.28 -12.34
C ALA H 57 45.96 -6.88 -11.92
N LEU H 58 44.78 -6.75 -11.32
CA LEU H 58 44.33 -5.44 -10.84
C LEU H 58 45.23 -4.92 -9.73
N LEU H 59 45.64 -5.80 -8.81
CA LEU H 59 46.53 -5.38 -7.74
C LEU H 59 47.89 -4.93 -8.27
N LYS H 60 48.44 -5.67 -9.23
CA LYS H 60 49.71 -5.28 -9.83
C LYS H 60 49.58 -3.98 -10.60
N LEU H 61 48.41 -3.77 -11.24
CA LEU H 61 48.17 -2.55 -11.99
C LEU H 61 48.01 -1.33 -11.08
N ALA H 62 47.71 -1.54 -9.81
CA ALA H 62 47.52 -0.46 -8.85
C ALA H 62 48.79 -0.09 -8.09
N LYS H 63 49.91 -0.76 -8.39
CA LYS H 63 51.17 -0.52 -7.66
C LYS H 63 51.78 0.79 -8.16
N THR H 64 51.25 1.90 -7.65
CA THR H 64 51.76 3.21 -8.01
C THR H 64 53.02 3.51 -7.21
N PRO H 65 54.15 3.81 -7.85
CA PRO H 65 55.38 4.13 -7.11
C PRO H 65 55.27 5.51 -6.47
N TRP H 66 55.37 5.55 -5.15
CA TRP H 66 55.30 6.79 -4.39
C TRP H 66 56.58 7.11 -3.63
N LEU H 67 57.15 6.11 -2.95
CA LEU H 67 58.39 6.35 -2.19
C LEU H 67 59.55 6.68 -3.13
N GLY H 68 59.60 6.05 -4.30
CA GLY H 68 60.62 6.37 -5.27
C GLY H 68 60.55 7.82 -5.72
N LEU H 69 59.33 8.34 -5.90
CA LEU H 69 59.17 9.74 -6.26
C LEU H 69 59.72 10.66 -5.17
N VAL H 70 59.44 10.32 -3.91
CA VAL H 70 59.95 11.13 -2.79
C VAL H 70 61.47 11.09 -2.76
N VAL H 71 62.06 9.91 -2.96
CA VAL H 71 63.51 9.79 -2.96
C VAL H 71 64.12 10.61 -4.10
N THR H 72 63.54 10.52 -5.29
CA THR H 72 64.04 11.29 -6.42
C THR H 72 63.94 12.79 -6.16
N HIS H 73 62.82 13.24 -5.59
CA HIS H 73 62.65 14.65 -5.28
C HIS H 73 63.68 15.12 -4.25
N PHE H 74 63.94 14.30 -3.23
CA PHE H 74 64.92 14.69 -2.21
C PHE H 74 66.33 14.73 -2.79
N THR H 75 66.68 13.77 -3.63
CA THR H 75 68.05 13.67 -4.13
C THR H 75 68.33 14.62 -5.28
N GLN H 76 67.31 15.17 -5.92
CA GLN H 76 67.52 16.09 -7.03
C GLN H 76 67.72 17.53 -6.58
N ALA H 77 67.47 17.84 -5.31
CA ALA H 77 67.67 19.18 -4.77
C ALA H 77 68.97 19.32 -3.99
N LEU H 78 69.80 18.28 -3.95
CA LEU H 78 71.06 18.31 -3.23
C LEU H 78 72.20 18.38 -4.24
N PHE H 79 73.04 19.40 -4.13
CA PHE H 79 74.16 19.60 -5.04
C PHE H 79 75.28 20.31 -4.30
N VAL H 80 76.52 19.89 -4.57
CA VAL H 80 77.70 20.46 -3.95
C VAL H 80 78.48 21.21 -5.02
N ASP H 81 78.75 22.49 -4.77
CA ASP H 81 79.53 23.32 -5.68
C ASP H 81 80.55 24.11 -4.87
N GLY H 82 81.82 23.98 -5.25
CA GLY H 82 82.88 24.70 -4.58
C GLY H 82 83.23 24.11 -3.23
N TYR H 83 84.47 24.37 -2.80
CA TYR H 83 84.98 23.94 -1.50
C TYR H 83 85.52 25.19 -0.80
N ARG H 84 84.63 25.89 -0.09
CA ARG H 84 84.99 27.16 0.53
C ARG H 84 85.74 26.90 1.84
N ALA H 85 87.04 27.18 1.84
CA ALA H 85 87.82 27.08 3.06
C ALA H 85 87.56 28.29 3.95
N GLU H 86 87.96 28.17 5.22
CA GLU H 86 87.73 29.24 6.18
C GLU H 86 88.58 30.45 5.82
N GLY H 87 87.91 31.60 5.65
CA GLY H 87 88.59 32.83 5.33
C GLY H 87 88.94 33.04 3.88
N SER H 88 88.54 32.13 2.99
CA SER H 88 88.84 32.25 1.57
C SER H 88 87.54 32.15 0.77
N LYS H 89 87.35 33.08 -0.16
CA LYS H 89 86.17 33.09 -1.02
C LYS H 89 86.36 32.27 -2.28
N GLU H 90 87.56 31.76 -2.54
CA GLU H 90 87.84 30.98 -3.73
C GLU H 90 88.12 29.53 -3.34
N ASN H 91 87.65 28.60 -4.16
CA ASN H 91 87.87 27.19 -3.90
C ASN H 91 89.34 26.85 -3.99
N ALA H 92 89.83 26.06 -3.03
CA ALA H 92 91.22 25.65 -3.02
C ALA H 92 91.53 24.74 -4.20
N LYS H 93 92.78 24.81 -4.68
CA LYS H 93 93.23 24.00 -5.79
C LYS H 93 93.67 22.60 -5.36
N GLY H 94 93.24 22.15 -4.18
CA GLY H 94 93.59 20.85 -3.66
C GLY H 94 92.48 19.84 -3.85
N PRO H 95 91.69 19.62 -2.79
CA PRO H 95 90.60 18.64 -2.88
C PRO H 95 89.58 18.94 -3.97
N TRP H 96 89.38 20.22 -4.31
CA TRP H 96 88.44 20.55 -5.37
C TRP H 96 88.94 20.06 -6.73
N GLN H 97 90.25 20.07 -6.95
CA GLN H 97 90.79 19.49 -8.18
C GLN H 97 90.50 18.00 -8.28
N THR H 98 90.64 17.29 -7.16
CA THR H 98 90.28 15.87 -7.12
C THR H 98 88.78 15.67 -7.37
N TRP H 99 87.96 16.55 -6.79
CA TRP H 99 86.51 16.46 -7.00
C TRP H 99 86.15 16.65 -8.47
N ASN H 100 86.78 17.63 -9.12
CA ASN H 100 86.49 17.87 -10.54
C ASN H 100 87.02 16.75 -11.42
N ALA H 101 88.22 16.23 -11.10
CA ALA H 101 88.83 15.20 -11.95
C ALA H 101 88.04 13.90 -11.88
N ASN H 102 87.51 13.55 -10.71
CA ASN H 102 86.81 12.29 -10.52
C ASN H 102 85.38 12.31 -11.04
N LYS H 103 84.96 13.40 -11.68
CA LYS H 103 83.58 13.53 -12.19
C LYS H 103 82.56 13.31 -11.08
N MET H 104 82.82 13.92 -9.91
CA MET H 104 81.92 13.76 -8.79
C MET H 104 80.61 14.53 -8.98
N GLN H 105 80.57 15.48 -9.90
CA GLN H 105 79.35 16.25 -10.15
C GLN H 105 78.21 15.36 -10.61
N SER H 106 78.52 14.24 -11.27
CA SER H 106 77.50 13.31 -11.73
C SER H 106 77.30 12.12 -10.79
N LYS H 107 78.26 11.84 -9.90
CA LYS H 107 78.13 10.73 -8.97
C LYS H 107 77.56 11.13 -7.63
N GLN H 108 77.59 12.43 -7.29
CA GLN H 108 77.02 12.87 -6.03
C GLN H 108 75.52 12.65 -5.98
N ILE H 109 74.84 12.77 -7.13
CA ILE H 109 73.40 12.52 -7.18
C ILE H 109 73.12 11.06 -6.81
N ALA H 110 73.88 10.13 -7.40
CA ALA H 110 73.70 8.72 -7.10
C ALA H 110 74.03 8.42 -5.65
N ILE H 111 75.10 9.02 -5.13
CA ILE H 111 75.48 8.80 -3.74
C ILE H 111 74.39 9.27 -2.79
N HIS H 112 73.85 10.47 -3.04
CA HIS H 112 72.78 11.00 -2.20
C HIS H 112 71.52 10.15 -2.31
N ARG H 113 71.19 9.69 -3.52
CA ARG H 113 70.00 8.85 -3.69
C ARG H 113 70.16 7.53 -2.92
N ALA H 114 71.34 6.91 -3.00
CA ALA H 114 71.57 5.68 -2.27
C ALA H 114 71.53 5.91 -0.77
N ALA H 115 72.09 7.02 -0.30
CA ALA H 115 72.06 7.33 1.13
C ALA H 115 70.64 7.55 1.62
N LEU H 116 69.82 8.25 0.82
CA LEU H 116 68.44 8.52 1.23
C LEU H 116 67.59 7.25 1.15
N THR H 117 67.88 6.36 0.22
CA THR H 117 67.09 5.14 0.08
C THR H 117 67.52 4.08 1.09
N TYR H 118 68.76 3.61 0.99
CA TYR H 118 69.22 2.52 1.85
C TYR H 118 69.43 3.00 3.28
N GLY H 119 70.04 4.15 3.47
CA GLY H 119 70.27 4.69 4.80
C GLY H 119 71.69 5.14 5.04
N TYR H 120 72.65 4.49 4.40
CA TYR H 120 74.05 4.81 4.61
C TYR H 120 74.84 4.44 3.35
N SER H 121 75.23 5.45 2.58
CA SER H 121 76.06 5.21 1.41
C SER H 121 77.53 5.06 1.81
N TYR H 122 78.32 4.56 0.87
CA TYR H 122 79.76 4.36 1.09
C TYR H 122 80.54 4.94 -0.08
N ALA H 123 81.61 5.67 0.25
CA ALA H 123 82.50 6.26 -0.74
C ALA H 123 83.89 5.68 -0.57
N ARG H 124 84.46 5.17 -1.67
CA ARG H 124 85.77 4.54 -1.66
C ARG H 124 86.77 5.49 -2.31
N VAL H 125 87.83 5.83 -1.59
CA VAL H 125 88.90 6.68 -2.09
C VAL H 125 90.18 5.87 -2.08
N LEU H 126 90.82 5.75 -3.24
CA LEU H 126 92.04 4.97 -3.38
C LEU H 126 93.09 5.77 -4.14
N PRO H 127 94.37 5.53 -3.85
CA PRO H 127 95.42 6.23 -4.59
C PRO H 127 95.44 5.83 -6.06
N GLY H 128 95.86 6.76 -6.91
CA GLY H 128 95.92 6.51 -8.33
C GLY H 128 96.83 7.52 -9.01
N VAL H 129 97.15 7.21 -10.27
CA VAL H 129 98.01 8.05 -11.09
C VAL H 129 97.14 8.98 -11.94
N ALA H 130 97.59 10.22 -12.09
CA ALA H 130 96.87 11.19 -12.88
C ALA H 130 97.16 11.00 -14.37
N LEU H 131 96.50 11.79 -15.21
CA LEU H 131 96.74 11.72 -16.65
C LEU H 131 98.16 12.13 -17.00
N ASP H 132 98.67 13.17 -16.34
CA ASP H 132 100.04 13.64 -16.58
C ASP H 132 101.08 12.87 -15.80
N GLY H 133 100.68 11.91 -14.96
CA GLY H 133 101.59 11.15 -14.16
C GLY H 133 101.68 11.59 -12.71
N ALA H 134 100.92 12.59 -12.30
CA ALA H 134 100.93 13.05 -10.92
C ALA H 134 100.04 12.14 -10.07
N ASN H 135 99.78 12.54 -8.82
CA ASN H 135 98.97 11.77 -7.91
C ASN H 135 97.53 12.27 -7.97
N GLN H 136 96.61 11.39 -8.35
CA GLN H 136 95.18 11.70 -8.41
C GLN H 136 94.43 10.66 -7.61
N ALA H 137 93.62 11.12 -6.65
CA ALA H 137 92.86 10.22 -5.80
C ALA H 137 91.59 9.78 -6.54
N GLU H 138 91.44 8.48 -6.72
CA GLU H 138 90.26 7.92 -7.37
C GLU H 138 89.18 7.70 -6.33
N ILE H 139 88.06 8.40 -6.47
CA ILE H 139 86.95 8.32 -5.53
C ILE H 139 85.76 7.69 -6.23
N HIS H 140 85.23 6.63 -5.65
CA HIS H 140 84.07 5.93 -6.19
C HIS H 140 83.09 5.63 -5.07
N GLY H 141 81.82 5.50 -5.43
CA GLY H 141 80.77 5.18 -4.50
C GLY H 141 80.33 3.73 -4.63
N VAL H 142 80.15 3.07 -3.48
CA VAL H 142 79.77 1.67 -3.43
C VAL H 142 78.44 1.55 -2.69
N SER H 143 77.47 0.88 -3.32
CA SER H 143 76.18 0.70 -2.71
C SER H 143 76.27 -0.26 -1.53
N PRO H 144 75.40 -0.10 -0.52
CA PRO H 144 75.39 -1.08 0.59
C PRO H 144 75.12 -2.50 0.15
N ARG H 145 74.43 -2.67 -0.98
CA ARG H 145 74.18 -4.02 -1.51
C ARG H 145 75.48 -4.73 -1.87
N ARG H 146 76.56 -4.00 -2.13
CA ARG H 146 77.83 -4.59 -2.52
C ARG H 146 78.94 -4.21 -1.54
N LEU H 147 78.59 -4.02 -0.27
CA LEU H 147 79.57 -3.65 0.74
C LEU H 147 79.08 -4.09 2.10
N LEU H 148 80.03 -4.43 2.98
CA LEU H 148 79.72 -4.80 4.37
C LEU H 148 80.82 -4.20 5.24
N ALA H 149 80.52 -3.08 5.88
CA ALA H 149 81.47 -2.38 6.73
C ALA H 149 81.20 -2.74 8.20
N LEU H 150 82.27 -3.03 8.93
CA LEU H 150 82.19 -3.40 10.34
C LEU H 150 82.79 -2.29 11.19
N TYR H 151 82.03 -1.81 12.17
CA TYR H 151 82.46 -0.76 13.07
C TYR H 151 82.48 -1.29 14.50
N GLU H 152 83.59 -1.06 15.21
CA GLU H 152 83.61 -1.34 16.64
C GLU H 152 82.79 -0.33 17.43
N ASP H 153 82.59 0.87 16.88
CA ASP H 153 81.74 1.89 17.49
C ASP H 153 80.92 2.49 16.34
N GLN H 154 79.67 2.05 16.21
CA GLN H 154 78.87 2.39 15.04
C GLN H 154 78.60 3.88 14.92
N ILE H 155 78.77 4.64 15.99
CA ILE H 155 78.47 6.07 15.98
C ILE H 155 79.75 6.91 15.99
N ASN H 156 80.63 6.68 16.96
CA ASN H 156 81.79 7.54 17.15
C ASN H 156 82.91 7.28 16.14
N ASP H 157 82.91 6.12 15.50
CA ASP H 157 83.98 5.82 14.55
C ASP H 157 83.89 6.70 13.31
N GLU H 158 85.05 7.13 12.82
CA GLU H 158 85.12 7.91 11.59
C GLU H 158 85.27 7.03 10.36
N TYR H 159 86.04 5.95 10.47
CA TYR H 159 86.27 5.02 9.38
C TYR H 159 86.10 3.59 9.87
N PRO H 160 85.73 2.67 8.99
CA PRO H 160 85.55 1.27 9.42
C PRO H 160 86.89 0.62 9.74
N LYS H 161 86.79 -0.58 10.32
CA LYS H 161 87.97 -1.39 10.64
C LYS H 161 88.17 -2.52 9.63
N TYR H 162 87.17 -3.34 9.40
CA TYR H 162 87.21 -4.40 8.39
C TYR H 162 85.99 -4.29 7.51
N ALA H 163 86.21 -4.24 6.19
CA ALA H 163 85.13 -4.08 5.23
C ALA H 163 85.30 -5.08 4.10
N LEU H 164 84.19 -5.72 3.72
CA LEU H 164 84.16 -6.66 2.60
C LEU H 164 83.41 -6.01 1.45
N GLU H 165 84.06 -5.89 0.30
CA GLU H 165 83.50 -5.24 -0.88
C GLU H 165 83.35 -6.27 -1.99
N LEU H 166 82.19 -6.26 -2.62
CA LEU H 166 81.90 -7.14 -3.75
C LEU H 166 81.77 -6.29 -5.02
N ALA H 167 82.54 -6.64 -6.04
CA ALA H 167 82.52 -5.89 -7.29
C ALA H 167 81.18 -6.09 -8.01
N ASN H 168 80.80 -5.09 -8.81
CA ASN H 168 79.52 -5.12 -9.50
C ASN H 168 79.48 -6.12 -10.64
N ASN H 169 80.62 -6.68 -11.04
CA ASN H 169 80.63 -7.71 -12.08
C ASN H 169 80.45 -9.12 -11.52
N GLY H 170 80.45 -9.28 -10.20
CA GLY H 170 80.29 -10.59 -9.61
C GLY H 170 81.41 -11.56 -9.92
N LYS H 171 82.65 -11.08 -9.93
CA LYS H 171 83.79 -11.92 -10.26
C LYS H 171 84.88 -11.81 -9.20
N THR H 172 84.99 -10.65 -8.56
CA THR H 172 86.03 -10.41 -7.57
C THR H 172 85.40 -9.92 -6.27
N VAL H 173 85.84 -10.50 -5.15
CA VAL H 173 85.44 -10.07 -3.81
C VAL H 173 86.69 -9.64 -3.07
N ARG H 174 86.68 -8.42 -2.55
CA ARG H 174 87.85 -7.83 -1.91
C ARG H 174 87.54 -7.46 -0.47
N LEU H 175 88.55 -7.61 0.39
CA LEU H 175 88.46 -7.24 1.79
C LEU H 175 89.44 -6.10 2.06
N TYR H 176 88.96 -5.04 2.70
CA TYR H 176 89.75 -3.83 2.93
C TYR H 176 90.17 -3.79 4.39
N THR H 177 91.43 -4.10 4.65
CA THR H 177 92.00 -3.96 5.98
C THR H 177 92.66 -2.58 6.11
N ASP H 178 93.45 -2.39 7.16
CA ASP H 178 93.99 -1.07 7.46
C ASP H 178 94.91 -0.57 6.35
N THR H 179 95.92 -1.36 5.98
CA THR H 179 96.95 -0.90 5.05
C THR H 179 97.26 -1.92 3.95
N ASP H 180 96.37 -2.88 3.71
CA ASP H 180 96.57 -3.86 2.66
C ASP H 180 95.29 -4.00 1.85
N TYR H 181 95.46 -4.42 0.59
CA TYR H 181 94.35 -4.57 -0.35
C TYR H 181 94.22 -6.05 -0.68
N TYR H 182 93.32 -6.73 0.02
CA TYR H 182 93.08 -8.15 -0.21
C TYR H 182 92.13 -8.33 -1.38
N GLU H 183 92.48 -9.22 -2.31
CA GLU H 183 91.67 -9.48 -3.49
C GLU H 183 91.44 -10.98 -3.63
N LEU H 184 90.18 -11.37 -3.85
CA LEU H 184 89.84 -12.77 -4.06
C LEU H 184 89.08 -12.93 -5.37
N ARG H 185 88.54 -14.12 -5.62
CA ARG H 185 87.81 -14.41 -6.83
C ARG H 185 86.42 -14.93 -6.49
N MET H 186 85.45 -14.61 -7.35
CA MET H 186 84.06 -15.00 -7.17
C MET H 186 83.55 -15.62 -8.46
N PRO H 187 83.97 -16.86 -8.78
CA PRO H 187 83.48 -17.49 -10.01
C PRO H 187 82.01 -17.87 -9.95
N SER H 188 81.55 -18.36 -8.81
CA SER H 188 80.16 -18.76 -8.62
C SER H 188 79.63 -18.12 -7.34
N PRO H 189 78.33 -17.85 -7.28
CA PRO H 189 77.77 -17.23 -6.07
C PRO H 189 77.64 -18.20 -4.90
N GLY H 190 78.71 -18.37 -4.13
CA GLY H 190 78.65 -19.19 -2.95
C GLY H 190 79.79 -20.17 -2.73
N ASN H 191 80.85 -20.05 -3.53
CA ASN H 191 82.03 -20.89 -3.37
C ASN H 191 83.29 -20.02 -3.30
N PHE H 192 84.22 -20.42 -2.44
CA PHE H 192 85.50 -19.73 -2.29
C PHE H 192 86.62 -20.77 -2.35
N PRO H 193 86.98 -21.23 -3.54
CA PRO H 193 88.04 -22.23 -3.66
C PRO H 193 89.38 -21.70 -3.14
N ASN H 194 90.13 -22.57 -2.46
CA ASN H 194 91.42 -22.20 -1.90
C ASN H 194 92.56 -22.33 -2.89
N GLU H 195 92.32 -22.90 -4.07
CA GLU H 195 93.38 -23.04 -5.06
C GLU H 195 93.83 -21.68 -5.61
N GLN H 196 92.93 -20.70 -5.59
CA GLN H 196 93.28 -19.37 -6.07
C GLN H 196 94.29 -18.70 -5.15
N VAL H 197 95.12 -17.84 -5.73
CA VAL H 197 96.15 -17.13 -4.98
C VAL H 197 95.59 -15.78 -4.55
N ILE H 198 95.57 -15.55 -3.24
CA ILE H 198 95.06 -14.29 -2.71
C ILE H 198 96.05 -13.18 -2.99
N LYS H 199 95.56 -12.08 -3.54
CA LYS H 199 96.39 -10.93 -3.89
C LYS H 199 96.36 -9.90 -2.77
N LYS H 200 97.54 -9.51 -2.30
CA LYS H 200 97.68 -8.50 -1.26
C LYS H 200 98.47 -7.34 -1.83
N VAL H 201 97.88 -6.14 -1.82
CA VAL H 201 98.49 -4.94 -2.35
C VAL H 201 98.64 -3.94 -1.21
N HIS H 202 99.86 -3.44 -1.02
CA HIS H 202 100.16 -2.47 0.03
C HIS H 202 100.21 -1.09 -0.61
N HIS H 203 99.04 -0.47 -0.73
CA HIS H 203 98.97 0.88 -1.28
C HIS H 203 99.40 1.91 -0.24
N GLY H 204 98.76 1.91 0.93
CA GLY H 204 99.09 2.83 1.99
C GLY H 204 98.12 3.98 2.08
N VAL H 205 97.15 3.88 2.98
CA VAL H 205 96.16 4.93 3.17
C VAL H 205 95.96 5.18 4.66
N GLY H 206 96.53 4.31 5.48
CA GLY H 206 96.36 4.43 6.92
C GLY H 206 95.23 3.58 7.46
N VAL H 207 94.06 4.20 7.63
CA VAL H 207 92.87 3.50 8.09
C VAL H 207 92.04 3.09 6.87
N CYS H 208 91.06 2.22 7.09
CA CYS H 208 90.27 1.69 6.00
C CYS H 208 89.61 2.82 5.22
N PRO H 209 89.80 2.90 3.90
CA PRO H 209 89.30 4.03 3.09
C PRO H 209 87.83 3.90 2.70
N PHE H 210 86.95 4.12 3.69
CA PHE H 210 85.51 4.09 3.46
C PHE H 210 84.86 5.17 4.32
N VAL H 211 83.96 5.93 3.72
CA VAL H 211 83.23 7.00 4.41
C VAL H 211 81.74 6.69 4.31
N ARG H 212 81.06 6.74 5.45
CA ARG H 212 79.65 6.39 5.52
C ARG H 212 78.79 7.65 5.40
N TYR H 213 77.86 7.64 4.44
CA TYR H 213 76.94 8.77 4.23
C TYR H 213 75.63 8.43 4.93
N VAL H 214 75.62 8.65 6.25
CA VAL H 214 74.45 8.30 7.06
C VAL H 214 73.30 9.25 6.73
N ASN H 215 72.10 8.67 6.56
CA ASN H 215 70.93 9.48 6.24
C ASN H 215 70.60 10.45 7.36
N MET H 216 70.27 9.92 8.53
CA MET H 216 69.94 10.73 9.69
C MET H 216 70.83 10.33 10.87
N MET H 217 71.31 11.33 11.60
CA MET H 217 72.20 11.09 12.73
C MET H 217 71.37 10.75 13.96
N ASP H 218 71.63 9.59 14.55
CA ASP H 218 70.94 9.13 15.75
C ASP H 218 71.96 8.79 16.83
N LEU H 219 71.55 8.93 18.09
CA LEU H 219 72.44 8.69 19.22
C LEU H 219 72.51 7.23 19.62
N ASP H 220 71.74 6.35 19.00
CA ASP H 220 71.74 4.93 19.33
C ASP H 220 71.74 4.08 18.06
N GLY H 221 72.55 4.47 17.08
CA GLY H 221 72.57 3.75 15.83
C GLY H 221 71.23 3.80 15.13
N PHE H 222 70.68 2.63 14.80
CA PHE H 222 69.36 2.50 14.21
C PHE H 222 69.24 3.32 12.92
N THR H 223 70.29 3.29 12.10
CA THR H 223 70.28 4.04 10.86
C THR H 223 69.24 3.47 9.89
N MET H 224 68.37 4.33 9.38
CA MET H 224 67.32 3.92 8.47
C MET H 224 67.20 4.93 7.33
N GLY H 225 66.68 4.46 6.20
CA GLY H 225 66.49 5.30 5.05
C GLY H 225 65.15 6.00 5.04
N GLU H 226 64.89 6.74 3.97
CA GLU H 226 63.65 7.48 3.80
C GLU H 226 62.57 6.66 3.08
N VAL H 227 62.87 5.42 2.70
CA VAL H 227 61.91 4.59 1.99
C VAL H 227 61.32 3.57 2.96
N GLU H 228 62.10 3.16 3.96
CA GLU H 228 61.61 2.21 4.96
C GLU H 228 60.67 2.86 5.96
N TYR H 229 60.90 4.12 6.30
CA TYR H 229 60.12 4.79 7.33
C TYR H 229 58.68 5.04 6.88
N LEU H 230 58.40 4.99 5.57
CA LEU H 230 57.06 5.27 5.06
C LEU H 230 56.51 4.10 4.24
N VAL H 231 56.95 2.88 4.56
CA VAL H 231 56.37 1.71 3.90
C VAL H 231 54.89 1.54 4.20
N PRO H 232 54.42 1.60 5.45
CA PRO H 232 52.98 1.37 5.69
C PRO H 232 52.07 2.37 5.01
N VAL H 233 52.45 3.64 4.92
CA VAL H 233 51.57 4.64 4.31
C VAL H 233 51.48 4.43 2.80
N ALA H 234 52.60 4.08 2.17
CA ALA H 234 52.57 3.77 0.75
C ALA H 234 51.74 2.51 0.48
N SER H 235 51.88 1.51 1.34
CA SER H 235 51.07 0.31 1.21
C SER H 235 49.58 0.63 1.38
N LYS H 236 49.25 1.53 2.30
CA LYS H 236 47.86 1.95 2.47
C LYS H 236 47.34 2.67 1.24
N ILE H 237 48.16 3.53 0.65
CA ILE H 237 47.76 4.24 -0.57
C ILE H 237 47.49 3.24 -1.69
N ASP H 238 48.39 2.27 -1.86
CA ASP H 238 48.20 1.26 -2.89
C ASP H 238 46.98 0.39 -2.62
N LYS H 239 46.71 0.09 -1.34
CA LYS H 239 45.51 -0.67 -1.00
C LYS H 239 44.24 0.12 -1.32
N THR H 240 44.24 1.42 -1.04
CA THR H 240 43.09 2.25 -1.38
C THR H 240 42.89 2.29 -2.90
N ASP H 241 43.98 2.42 -3.66
CA ASP H 241 43.88 2.40 -5.11
C ASP H 241 43.34 1.06 -5.62
N TYR H 242 43.80 -0.03 -5.01
CA TYR H 242 43.31 -1.36 -5.40
C TYR H 242 41.82 -1.52 -5.09
N ASP H 243 41.38 -1.01 -3.94
CA ASP H 243 39.96 -1.06 -3.61
C ASP H 243 39.14 -0.25 -4.60
N ARG H 244 39.63 0.95 -4.97
CA ARG H 244 38.93 1.76 -5.95
C ARG H 244 38.86 1.04 -7.30
N LEU H 245 39.95 0.41 -7.71
CA LEU H 245 39.95 -0.33 -8.97
C LEU H 245 38.99 -1.52 -8.93
N LEU H 246 38.94 -2.21 -7.79
CA LEU H 246 37.99 -3.32 -7.64
C LEU H 246 36.55 -2.83 -7.73
N ALA H 247 36.25 -1.69 -7.10
CA ALA H 247 34.91 -1.13 -7.18
C ALA H 247 34.57 -0.71 -8.60
N GLN H 248 35.54 -0.11 -9.31
CA GLN H 248 35.25 0.40 -10.65
C GLN H 248 35.16 -0.72 -11.69
N HIS H 249 35.89 -1.82 -11.48
CA HIS H 249 35.97 -2.87 -12.48
C HIS H 249 34.87 -3.91 -12.35
N TYR H 250 34.35 -4.12 -11.14
CA TYR H 250 33.37 -5.18 -10.90
C TYR H 250 31.94 -4.66 -10.82
N ASN H 251 31.72 -3.57 -10.09
CA ASN H 251 30.37 -2.99 -9.94
C ASN H 251 30.45 -1.46 -10.07
N SER H 252 30.32 -0.98 -11.30
CA SER H 252 30.32 0.46 -11.56
C SER H 252 29.25 0.87 -12.56
N TRP H 253 28.39 -0.06 -12.99
CA TRP H 253 27.32 0.24 -13.93
C TRP H 253 26.02 -0.36 -13.42
N LYS H 254 24.91 0.27 -13.80
CA LYS H 254 23.60 -0.22 -13.40
C LYS H 254 23.32 -1.53 -14.12
N VAL H 255 23.36 -2.64 -13.38
CA VAL H 255 23.18 -3.95 -13.98
C VAL H 255 21.70 -4.16 -14.29
N LYS H 256 21.40 -4.48 -15.54
CA LYS H 256 20.03 -4.74 -15.97
C LYS H 256 19.72 -6.22 -15.79
N VAL H 257 18.68 -6.52 -15.02
CA VAL H 257 18.27 -7.90 -14.75
C VAL H 257 16.77 -8.03 -15.05
N ALA H 258 16.36 -9.26 -15.33
CA ALA H 258 14.97 -9.57 -15.62
C ALA H 258 14.54 -10.79 -14.83
N THR H 259 13.28 -10.80 -14.43
CA THR H 259 12.70 -11.92 -13.69
C THR H 259 11.31 -12.22 -14.23
N GLY H 260 10.88 -13.47 -14.05
CA GLY H 260 9.58 -13.91 -14.46
C GLY H 260 9.53 -14.58 -15.82
N ILE H 261 10.55 -14.40 -16.65
CA ILE H 261 10.59 -15.02 -17.97
C ILE H 261 11.09 -16.44 -17.85
N ASP H 262 10.92 -17.22 -18.92
CA ASP H 262 11.35 -18.62 -18.90
C ASP H 262 12.87 -18.72 -18.94
N ASP H 263 13.38 -19.94 -18.76
CA ASP H 263 14.81 -20.19 -18.77
C ASP H 263 15.15 -21.35 -19.69
N LEU H 264 16.40 -21.80 -19.65
CA LEU H 264 16.88 -22.95 -20.44
C LEU H 264 16.46 -22.86 -21.90
N SER H 265 16.39 -21.64 -22.42
CA SER H 265 15.95 -21.41 -23.80
C SER H 265 17.10 -21.67 -24.76
N GLU H 266 16.88 -21.33 -26.03
CA GLU H 266 17.86 -21.56 -27.10
C GLU H 266 18.30 -23.02 -27.15
N ASP H 267 17.29 -23.91 -27.15
CA ASP H 267 17.51 -25.35 -27.26
C ASP H 267 18.40 -25.87 -26.13
N ALA H 268 18.16 -25.38 -24.92
CA ALA H 268 18.89 -25.78 -23.72
C ALA H 268 20.40 -25.58 -23.91
N THR H 269 20.77 -24.31 -24.06
CA THR H 269 22.11 -23.88 -24.42
C THR H 269 23.20 -24.56 -23.59
N PRO H 270 24.00 -25.45 -24.21
CA PRO H 270 25.16 -26.04 -23.53
C PRO H 270 26.42 -25.19 -23.72
N GLU H 271 26.30 -23.89 -23.46
CA GLU H 271 27.38 -22.93 -23.71
C GLU H 271 27.86 -23.00 -25.15
N GLU H 272 26.91 -23.12 -26.07
CA GLU H 272 27.19 -23.21 -27.50
C GLU H 272 26.64 -21.97 -28.21
N GLN H 273 27.43 -21.46 -29.16
CA GLN H 273 27.09 -20.25 -29.91
C GLN H 273 26.87 -19.06 -28.98
N GLN H 274 27.95 -18.68 -28.29
CA GLN H 274 27.89 -17.59 -27.33
C GLN H 274 27.59 -16.25 -28.00
N ARG H 275 27.76 -16.15 -29.32
CA ARG H 275 27.51 -14.91 -30.05
C ARG H 275 26.01 -14.79 -30.33
N ALA H 276 25.26 -14.55 -29.25
CA ALA H 276 23.82 -14.34 -29.37
C ALA H 276 23.52 -13.09 -30.17
N LYS H 277 24.29 -12.01 -29.95
CA LYS H 277 24.16 -10.76 -30.68
C LYS H 277 22.73 -10.20 -30.56
N LEU H 278 22.22 -10.15 -29.33
CA LEU H 278 20.92 -9.56 -29.06
C LEU H 278 21.02 -8.05 -29.27
N ILE H 279 20.34 -7.53 -30.29
CA ILE H 279 20.44 -6.12 -30.62
C ILE H 279 19.77 -5.30 -29.52
N LEU H 280 20.51 -4.31 -29.00
CA LEU H 280 19.99 -3.44 -27.94
C LEU H 280 20.57 -2.05 -28.18
N ALA H 281 19.74 -1.15 -28.72
CA ALA H 281 20.15 0.22 -28.96
C ALA H 281 19.10 1.19 -28.43
N GLN H 282 19.26 2.48 -28.73
CA GLN H 282 18.29 3.47 -28.26
C GLN H 282 16.92 3.24 -28.88
N ASP H 283 16.87 2.89 -30.17
CA ASP H 283 15.60 2.67 -30.83
C ASP H 283 14.92 1.38 -30.36
N ASP H 284 15.71 0.35 -30.05
CA ASP H 284 15.15 -0.94 -29.69
C ASP H 284 14.37 -0.85 -28.38
N ILE H 285 13.22 -1.53 -28.34
CA ILE H 285 12.37 -1.58 -27.17
C ILE H 285 12.16 -3.04 -26.80
N LEU H 286 12.59 -3.42 -25.60
CA LEU H 286 12.45 -4.80 -25.15
C LEU H 286 10.99 -5.09 -24.80
N MET H 287 10.54 -6.29 -25.15
CA MET H 287 9.21 -6.73 -24.79
C MET H 287 9.18 -8.25 -24.76
N HIS H 288 8.38 -8.79 -23.85
CA HIS H 288 8.25 -10.24 -23.66
C HIS H 288 6.79 -10.62 -23.56
N GLY H 289 6.48 -11.83 -24.02
CA GLY H 289 5.11 -12.32 -24.01
C GLY H 289 4.69 -12.91 -22.68
N ASN H 290 4.82 -12.14 -21.61
CA ASN H 290 4.42 -12.60 -20.28
C ASN H 290 4.19 -11.38 -19.40
N HIS H 291 2.99 -11.27 -18.83
CA HIS H 291 2.67 -10.14 -17.97
C HIS H 291 3.36 -10.22 -16.61
N GLU H 292 3.94 -11.36 -16.26
CA GLU H 292 4.64 -11.53 -14.99
C GLU H 292 6.11 -11.17 -15.08
N ALA H 293 6.59 -10.74 -16.25
CA ALA H 293 8.00 -10.38 -16.40
C ALA H 293 8.27 -9.05 -15.72
N LYS H 294 9.33 -8.99 -14.92
CA LYS H 294 9.74 -7.79 -14.21
C LYS H 294 11.19 -7.46 -14.57
N PHE H 295 11.44 -6.17 -14.81
CA PHE H 295 12.77 -5.69 -15.15
C PHE H 295 13.27 -4.81 -14.01
N TYR H 296 14.36 -5.22 -13.38
CA TYR H 296 14.96 -4.48 -12.28
C TYR H 296 16.33 -3.96 -12.67
N THR H 297 16.80 -2.96 -11.92
CA THR H 297 18.12 -2.40 -12.10
C THR H 297 18.86 -2.41 -10.77
N LEU H 298 20.16 -2.65 -10.81
CA LEU H 298 20.99 -2.73 -9.62
C LEU H 298 21.86 -1.48 -9.52
N PRO H 299 21.68 -0.65 -8.49
CA PRO H 299 22.52 0.55 -8.36
C PRO H 299 23.98 0.17 -8.17
N GLU H 300 24.85 1.03 -8.67
CA GLU H 300 26.29 0.83 -8.62
C GLU H 300 26.92 1.69 -7.52
N THR H 301 28.20 1.44 -7.27
CA THR H 301 28.93 2.23 -6.29
C THR H 301 29.05 3.68 -6.75
N SER H 302 28.84 4.61 -5.81
CA SER H 302 28.89 6.03 -6.16
C SER H 302 30.28 6.44 -6.62
N LEU H 303 31.32 5.74 -6.16
CA LEU H 303 32.70 6.04 -6.54
C LEU H 303 33.08 7.47 -6.20
N ASP H 304 32.84 7.86 -4.96
CA ASP H 304 33.21 9.18 -4.47
C ASP H 304 34.06 9.11 -3.20
N GLY H 305 33.77 8.17 -2.31
CA GLY H 305 34.56 8.04 -1.09
C GLY H 305 35.99 7.58 -1.35
N PHE H 306 36.19 6.76 -2.38
CA PHE H 306 37.53 6.24 -2.66
C PHE H 306 38.49 7.36 -3.05
N ILE H 307 38.04 8.32 -3.85
CA ILE H 307 38.90 9.42 -4.26
C ILE H 307 39.30 10.27 -3.05
N ALA H 308 38.33 10.58 -2.18
CA ALA H 308 38.64 11.34 -0.98
C ALA H 308 39.59 10.59 -0.07
N ALA H 309 39.39 9.28 0.09
CA ALA H 309 40.27 8.48 0.92
C ALA H 309 41.69 8.46 0.34
N HIS H 310 41.82 8.32 -0.97
CA HIS H 310 43.14 8.32 -1.59
C HIS H 310 43.81 9.69 -1.45
N THR H 311 43.05 10.77 -1.58
CA THR H 311 43.61 12.10 -1.38
C THR H 311 44.10 12.28 0.05
N GLN H 312 43.31 11.81 1.03
CA GLN H 312 43.74 11.89 2.42
C GLN H 312 45.00 11.08 2.65
N ASP H 313 45.07 9.87 2.09
CA ASP H 313 46.25 9.03 2.27
C ASP H 313 47.49 9.66 1.63
N VAL H 314 47.34 10.24 0.44
CA VAL H 314 48.50 10.82 -0.23
C VAL H 314 48.95 12.10 0.46
N GLU H 315 48.01 12.88 1.02
CA GLU H 315 48.44 14.06 1.78
C GLU H 315 49.07 13.66 3.09
N ILE H 316 48.64 12.55 3.69
CA ILE H 316 49.33 11.99 4.85
C ILE H 316 50.75 11.60 4.48
N LEU H 317 50.91 10.96 3.32
CA LEU H 317 52.24 10.61 2.82
C LEU H 317 53.11 11.85 2.66
N ALA H 318 52.55 12.91 2.06
CA ALA H 318 53.32 14.13 1.82
C ALA H 318 53.72 14.79 3.13
N ASN H 319 52.80 14.86 4.10
CA ASN H 319 53.10 15.52 5.37
C ASN H 319 54.10 14.72 6.19
N ASN H 320 53.97 13.39 6.18
CA ASN H 320 54.87 12.56 7.00
C ASN H 320 56.30 12.59 6.48
N ALA H 321 56.48 12.78 5.17
CA ALA H 321 57.81 12.82 4.57
C ALA H 321 58.38 14.23 4.47
N GLN H 322 57.68 15.23 5.00
CA GLN H 322 58.10 16.63 4.92
C GLN H 322 58.29 17.06 3.46
N VAL H 323 57.36 16.65 2.61
CA VAL H 323 57.37 17.00 1.19
C VAL H 323 56.16 17.90 0.92
N PRO H 324 56.28 18.92 0.08
CA PRO H 324 55.13 19.78 -0.22
C PRO H 324 53.96 18.97 -0.79
N VAL H 325 52.75 19.37 -0.40
CA VAL H 325 51.56 18.64 -0.82
C VAL H 325 51.28 18.86 -2.30
N TRP H 326 51.51 20.08 -2.80
CA TRP H 326 51.10 20.41 -4.16
C TRP H 326 51.88 19.63 -5.20
N ILE H 327 53.11 19.20 -4.90
CA ILE H 327 53.86 18.35 -5.81
C ILE H 327 53.51 16.87 -5.64
N LEU H 328 52.54 16.56 -4.79
CA LEU H 328 52.03 15.20 -4.62
C LEU H 328 50.57 15.05 -5.03
N ASN H 329 49.72 16.00 -4.65
CA ASN H 329 48.32 15.98 -5.03
C ASN H 329 47.78 17.40 -4.99
N GLY H 330 46.76 17.64 -5.82
CA GLY H 330 46.12 18.94 -5.84
C GLY H 330 46.96 19.99 -6.55
N GLN H 331 46.48 21.22 -6.47
CA GLN H 331 47.14 22.37 -7.07
C GLN H 331 47.37 23.44 -6.01
N LEU H 332 48.55 24.06 -6.06
CA LEU H 332 48.87 25.11 -5.10
C LEU H 332 48.03 26.34 -5.35
N ALA H 333 47.59 26.98 -4.27
CA ALA H 333 46.80 28.20 -4.36
C ALA H 333 47.71 29.40 -4.61
N ASN H 334 47.11 30.59 -4.64
CA ASN H 334 47.84 31.83 -4.88
C ASN H 334 48.44 32.33 -3.57
N LEU H 335 49.42 31.58 -3.08
CA LEU H 335 50.09 31.91 -1.83
C LEU H 335 51.05 33.08 -2.02
N SER H 336 51.27 33.82 -0.94
CA SER H 336 52.19 34.94 -0.94
C SER H 336 53.59 34.42 -0.59
N ALA H 337 54.53 35.34 -0.37
CA ALA H 337 55.89 34.94 -0.02
C ALA H 337 55.94 34.31 1.36
N ASP H 338 55.30 34.93 2.35
CA ASP H 338 55.33 34.41 3.72
C ASP H 338 54.63 33.06 3.81
N ALA H 339 53.46 32.93 3.17
CA ALA H 339 52.73 31.67 3.21
C ALA H 339 53.52 30.56 2.54
N LEU H 340 54.16 30.86 1.41
CA LEU H 340 54.97 29.85 0.73
C LEU H 340 56.18 29.46 1.58
N THR H 341 56.82 30.43 2.23
CA THR H 341 57.94 30.12 3.10
C THR H 341 57.50 29.24 4.26
N ALA H 342 56.32 29.52 4.83
CA ALA H 342 55.79 28.66 5.89
C ALA H 342 55.52 27.25 5.38
N ALA H 343 54.95 27.14 4.18
CA ALA H 343 54.64 25.82 3.63
C ALA H 343 55.90 25.01 3.37
N THR H 344 56.95 25.66 2.87
CA THR H 344 58.19 24.97 2.52
C THR H 344 59.21 24.95 3.66
N LYS H 345 58.89 25.50 4.83
CA LYS H 345 59.86 25.60 5.91
C LYS H 345 60.31 24.21 6.38
N GLY H 346 59.36 23.29 6.54
CA GLY H 346 59.73 21.96 7.01
C GLY H 346 60.62 21.22 6.03
N THR H 347 60.26 21.27 4.74
CA THR H 347 61.09 20.65 3.71
C THR H 347 62.45 21.32 3.63
N ILE H 348 62.49 22.65 3.74
CA ILE H 348 63.77 23.36 3.70
C ILE H 348 64.63 22.97 4.89
N GLN H 349 64.05 22.86 6.08
CA GLN H 349 64.83 22.48 7.25
C GLN H 349 65.34 21.05 7.14
N LYS H 350 64.51 20.12 6.66
CA LYS H 350 64.96 18.75 6.49
C LYS H 350 66.08 18.67 5.45
N LEU H 351 65.95 19.40 4.35
CA LEU H 351 67.00 19.41 3.34
C LEU H 351 68.26 20.07 3.88
N TYR H 352 68.13 21.05 4.77
CA TYR H 352 69.32 21.66 5.38
C TYR H 352 70.03 20.68 6.30
N GLU H 353 69.27 19.88 7.06
CA GLU H 353 69.89 18.84 7.88
C GLU H 353 70.60 17.80 7.02
N ARG H 354 69.95 17.39 5.93
CA ARG H 354 70.60 16.47 4.99
C ARG H 354 71.85 17.08 4.39
N GLN H 355 71.79 18.38 4.06
CA GLN H 355 72.96 19.08 3.55
C GLN H 355 74.09 19.09 4.56
N VAL H 356 73.76 19.30 5.84
CA VAL H 356 74.78 19.34 6.88
C VAL H 356 75.47 17.99 7.00
N THR H 357 74.69 16.91 7.10
CA THR H 357 75.31 15.59 7.27
C THR H 357 76.09 15.17 6.03
N PHE H 358 75.54 15.42 4.84
CA PHE H 358 76.25 15.06 3.62
C PHE H 358 77.48 15.93 3.40
N GLY H 359 77.44 17.18 3.85
CA GLY H 359 78.62 18.02 3.79
C GLY H 359 79.71 17.56 4.74
N ALA H 360 79.32 17.09 5.93
CA ALA H 360 80.30 16.48 6.82
C ALA H 360 80.94 15.24 6.17
N ALA H 361 80.11 14.40 5.54
CA ALA H 361 80.64 13.23 4.86
C ALA H 361 81.58 13.62 3.72
N HIS H 362 81.20 14.63 2.93
CA HIS H 362 82.04 15.08 1.83
C HIS H 362 83.33 15.71 2.32
N ASN H 363 83.29 16.43 3.45
CA ASN H 363 84.50 16.97 4.05
C ASN H 363 85.43 15.85 4.48
N GLN H 364 84.87 14.79 5.08
CA GLN H 364 85.69 13.64 5.43
C GLN H 364 86.31 13.00 4.20
N VAL H 365 85.53 12.87 3.12
CA VAL H 365 86.03 12.29 1.88
C VAL H 365 87.17 13.13 1.32
N LEU H 366 87.00 14.45 1.30
CA LEU H 366 88.04 15.33 0.78
C LEU H 366 89.28 15.31 1.66
N ARG H 367 89.11 15.22 2.98
CA ARG H 367 90.25 15.13 3.88
C ARG H 367 91.03 13.86 3.62
N LEU H 368 90.34 12.73 3.41
CA LEU H 368 91.04 11.50 3.09
C LEU H 368 91.73 11.59 1.74
N ALA H 369 91.07 12.21 0.76
CA ALA H 369 91.64 12.32 -0.58
C ALA H 369 92.90 13.17 -0.57
N ALA H 370 92.91 14.26 0.20
CA ALA H 370 94.11 15.08 0.32
C ALA H 370 95.22 14.32 1.03
N HIS H 371 94.86 13.50 2.03
CA HIS H 371 95.86 12.80 2.83
C HIS H 371 96.61 11.76 2.01
N VAL H 372 95.92 11.07 1.11
CA VAL H 372 96.53 9.99 0.36
C VAL H 372 97.61 10.51 -0.59
N GLU H 373 97.58 11.80 -0.94
CA GLU H 373 98.59 12.41 -1.79
C GLU H 373 99.47 13.38 -0.98
N GLY H 374 99.79 13.00 0.25
CA GLY H 374 100.49 13.90 1.13
C GLY H 374 99.60 15.04 1.57
N ASP H 375 99.94 16.26 1.15
CA ASP H 375 99.10 17.44 1.33
C ASP H 375 98.64 17.58 2.78
N THR H 376 99.61 17.79 3.67
CA THR H 376 99.31 17.90 5.10
C THR H 376 98.39 19.08 5.40
N GLU H 377 98.39 20.11 4.54
CA GLU H 377 97.50 21.25 4.76
C GLU H 377 96.03 20.83 4.71
N GLY H 378 95.66 19.99 3.75
CA GLY H 378 94.28 19.54 3.66
C GLY H 378 93.88 18.66 4.83
N ALA H 379 94.76 17.75 5.24
CA ALA H 379 94.44 16.87 6.36
C ALA H 379 94.33 17.65 7.67
N ARG H 380 95.23 18.61 7.88
CA ARG H 380 95.20 19.38 9.13
C ARG H 380 93.96 20.25 9.22
N ASP H 381 93.52 20.82 8.10
CA ASP H 381 92.37 21.72 8.09
C ASP H 381 91.10 20.95 8.41
N PHE H 382 90.57 21.14 9.62
CA PHE H 382 89.32 20.53 10.04
C PHE H 382 88.15 21.50 10.03
N THR H 383 88.35 22.74 9.56
CA THR H 383 87.29 23.74 9.56
C THR H 383 86.70 24.00 8.18
N ALA H 384 87.41 23.64 7.11
CA ALA H 384 86.89 23.86 5.77
C ALA H 384 85.67 22.98 5.51
N SER H 385 84.65 23.57 4.89
CA SER H 385 83.41 22.87 4.60
C SER H 385 82.97 23.16 3.17
N VAL H 386 82.21 22.24 2.60
CA VAL H 386 81.72 22.40 1.24
C VAL H 386 80.56 23.39 1.23
N SER H 387 80.27 23.92 0.05
CA SER H 387 79.18 24.85 -0.16
C SER H 387 78.10 24.22 -1.02
N TRP H 388 76.84 24.48 -0.68
CA TRP H 388 75.71 23.89 -1.36
C TRP H 388 74.90 24.97 -2.08
N GLN H 389 74.31 24.60 -3.21
CA GLN H 389 73.45 25.51 -3.94
C GLN H 389 72.19 25.81 -3.14
N ASP H 390 71.71 27.05 -3.27
CA ASP H 390 70.52 27.47 -2.54
C ASP H 390 69.30 26.68 -3.02
N THR H 391 68.53 26.15 -2.06
CA THR H 391 67.32 25.40 -2.36
C THR H 391 66.07 26.17 -2.01
N SER H 392 66.14 27.50 -1.98
CA SER H 392 65.00 28.31 -1.65
C SER H 392 63.93 28.23 -2.73
N VAL H 393 62.71 28.63 -2.37
CA VAL H 393 61.57 28.53 -3.27
C VAL H 393 61.13 29.96 -3.55
N ARG H 394 62.10 30.88 -3.52
CA ARG H 394 61.82 32.29 -3.76
C ARG H 394 61.96 32.61 -5.24
N SER H 395 61.06 33.45 -5.74
CA SER H 395 61.11 33.85 -7.14
C SER H 395 62.32 34.74 -7.41
N LEU H 396 62.72 34.80 -8.69
CA LEU H 396 63.92 35.53 -9.05
C LEU H 396 63.77 37.02 -8.76
N ALA H 397 62.62 37.62 -9.09
CA ALA H 397 62.45 39.06 -8.92
C ALA H 397 62.56 39.45 -7.45
N GLN H 398 61.87 38.72 -6.57
CA GLN H 398 61.89 39.03 -5.15
C GLN H 398 63.28 38.89 -4.57
N ALA H 399 63.96 37.78 -4.88
CA ALA H 399 65.31 37.56 -4.36
C ALA H 399 66.26 38.63 -4.86
N VAL H 400 66.19 38.97 -6.15
CA VAL H 400 67.10 39.95 -6.73
C VAL H 400 66.87 41.33 -6.11
N ASP H 401 65.61 41.75 -6.00
CA ASP H 401 65.36 43.09 -5.47
C ASP H 401 65.75 43.17 -4.00
N ALA H 402 65.48 42.12 -3.22
CA ALA H 402 65.89 42.11 -1.82
C ALA H 402 67.40 42.13 -1.68
N TYR H 403 68.11 41.34 -2.49
CA TYR H 403 69.56 41.32 -2.41
C TYR H 403 70.16 42.66 -2.83
N GLY H 404 69.58 43.30 -3.85
CA GLY H 404 70.04 44.62 -4.24
C GLY H 404 69.83 45.65 -3.16
N LYS H 405 68.66 45.61 -2.50
CA LYS H 405 68.42 46.52 -1.39
C LYS H 405 69.40 46.28 -0.25
N ALA H 406 69.69 45.01 0.04
CA ALA H 406 70.66 44.70 1.08
C ALA H 406 72.04 45.22 0.73
N ALA H 407 72.47 45.02 -0.52
CA ALA H 407 73.78 45.51 -0.94
C ALA H 407 73.86 47.03 -0.89
N THR H 408 72.77 47.70 -1.28
CA THR H 408 72.80 49.17 -1.33
C THR H 408 72.69 49.81 0.05
N MET H 409 72.00 49.17 0.99
CA MET H 409 71.74 49.78 2.28
C MET H 409 72.52 49.14 3.42
N LEU H 410 72.42 47.83 3.60
CA LEU H 410 73.21 47.14 4.61
C LEU H 410 74.69 47.06 4.23
N GLY H 411 75.04 47.34 2.99
CA GLY H 411 76.42 47.31 2.55
C GLY H 411 77.07 45.95 2.54
N MET H 412 76.33 44.91 2.18
CA MET H 412 76.92 43.58 2.06
C MET H 412 77.81 43.53 0.81
N PRO H 413 78.86 42.70 0.84
CA PRO H 413 79.73 42.57 -0.34
C PRO H 413 78.97 41.99 -1.52
N LYS H 414 78.94 42.74 -2.62
CA LYS H 414 78.19 42.31 -3.80
C LYS H 414 78.83 41.12 -4.49
N GLU H 415 80.12 40.86 -4.25
CA GLU H 415 80.78 39.72 -4.89
C GLU H 415 80.16 38.41 -4.46
N PHE H 416 79.88 38.26 -3.15
CA PHE H 416 79.25 37.03 -2.67
C PHE H 416 77.80 36.95 -3.13
N LEU H 417 77.11 38.09 -3.21
CA LEU H 417 75.70 38.10 -3.55
C LEU H 417 75.42 37.62 -4.97
N TRP H 418 76.43 37.64 -5.84
CA TRP H 418 76.21 37.22 -7.23
C TRP H 418 75.79 35.76 -7.32
N GLY H 419 76.32 34.91 -6.43
CA GLY H 419 76.01 33.49 -6.46
C GLY H 419 74.71 33.10 -5.80
N LEU H 420 73.95 34.06 -5.27
CA LEU H 420 72.70 33.76 -4.58
C LEU H 420 71.47 33.89 -5.47
N ILE H 421 71.55 34.64 -6.56
CA ILE H 421 70.41 34.75 -7.48
C ILE H 421 70.20 33.39 -8.16
N PRO H 422 68.97 32.90 -8.24
CA PRO H 422 68.72 31.64 -8.95
C PRO H 422 69.11 31.75 -10.42
N GLY H 423 69.59 30.62 -10.96
CA GLY H 423 70.04 30.56 -12.34
C GLY H 423 71.50 30.89 -12.55
N ILE H 424 72.23 31.27 -11.50
CA ILE H 424 73.65 31.58 -11.59
C ILE H 424 74.40 30.65 -10.65
N THR H 425 75.41 29.96 -11.19
CA THR H 425 76.22 29.02 -10.46
C THR H 425 77.60 29.61 -10.20
N LYS H 426 78.47 28.79 -9.59
CA LYS H 426 79.83 29.24 -9.30
C LYS H 426 80.63 29.47 -10.57
N THR H 427 80.36 28.69 -11.62
CA THR H 427 81.06 28.90 -12.90
C THR H 427 80.73 30.27 -13.47
N ASP H 428 79.47 30.69 -13.39
CA ASP H 428 79.10 32.02 -13.87
C ASP H 428 79.78 33.11 -13.06
N VAL H 429 79.89 32.92 -11.74
CA VAL H 429 80.58 33.90 -10.90
C VAL H 429 82.06 33.99 -11.29
N GLU H 430 82.68 32.85 -11.53
CA GLU H 430 84.09 32.85 -11.95
C GLU H 430 84.25 33.53 -13.31
N ALA H 431 83.31 33.29 -14.22
CA ALA H 431 83.36 33.95 -15.53
C ALA H 431 83.21 35.47 -15.39
N MET H 432 82.31 35.91 -14.51
CA MET H 432 82.17 37.34 -14.26
C MET H 432 83.44 37.94 -13.68
N ARG H 433 84.05 37.24 -12.72
CA ARG H 433 85.26 37.75 -12.09
C ARG H 433 86.42 37.82 -13.09
N GLN H 434 86.55 36.81 -13.94
CA GLN H 434 87.64 36.79 -14.90
C GLN H 434 87.54 37.94 -15.90
N HIS H 435 86.34 38.21 -16.39
CA HIS H 435 86.10 39.26 -17.39
C HIS H 435 85.14 40.29 -16.79
N PHE H 436 85.69 41.28 -16.10
CA PHE H 436 84.88 42.35 -15.53
C PHE H 436 85.47 43.71 -15.86
N ASN H 437 86.78 43.75 -16.10
CA ASN H 437 87.48 44.98 -16.43
C ASN H 437 88.38 44.78 -17.64
N ASP H 438 87.85 44.13 -18.67
CA ASP H 438 88.61 43.86 -19.87
C ASP H 438 88.83 45.16 -20.66
N ASP H 439 89.87 45.15 -21.49
CA ASP H 439 90.22 46.32 -22.28
C ASP H 439 89.36 46.49 -23.52
N ASP H 440 88.51 45.52 -23.84
CA ASP H 440 87.67 45.64 -25.02
C ASP H 440 86.61 46.71 -24.81
N GLU H 441 86.07 47.21 -25.93
CA GLU H 441 85.08 48.27 -25.87
C GLU H 441 83.77 47.80 -25.24
N MET H 442 83.45 46.51 -25.35
CA MET H 442 82.19 46.00 -24.83
C MET H 442 82.12 46.15 -23.31
N THR H 443 83.13 45.65 -22.61
CA THR H 443 83.12 45.70 -21.15
C THR H 443 83.21 47.13 -20.64
N GLN H 444 84.02 47.97 -21.30
CA GLN H 444 84.12 49.37 -20.88
C GLN H 444 82.80 50.10 -21.07
N MET H 445 82.12 49.84 -22.20
CA MET H 445 80.82 50.47 -22.44
C MET H 445 79.79 49.98 -21.43
N LEU H 446 79.78 48.68 -21.13
CA LEU H 446 78.76 48.13 -20.24
C LEU H 446 79.06 48.35 -18.76
N LEU H 447 80.27 48.77 -18.41
CA LEU H 447 80.61 49.03 -17.01
C LEU H 447 80.21 50.45 -16.60
N TRP H 448 80.60 51.44 -17.39
CA TRP H 448 80.25 52.83 -17.11
C TRP H 448 78.98 53.21 -17.88
N TRP H 449 77.90 52.49 -17.58
CA TRP H 449 76.62 52.69 -18.25
C TRP H 449 75.70 53.54 -17.39
N THR H 450 75.08 54.53 -18.01
CA THR H 450 74.12 55.42 -17.37
C THR H 450 72.78 55.34 -18.10
N PRO H 451 71.68 55.67 -17.43
CA PRO H 451 70.37 55.61 -18.10
C PRO H 451 70.25 56.53 -19.31
N ASN H 452 71.08 57.55 -19.42
CA ASN H 452 71.05 58.49 -20.54
C ASN H 452 72.25 58.29 -21.46
N GLY H 453 72.65 57.05 -21.68
CA GLY H 453 73.75 56.74 -22.55
C GLY H 453 74.99 56.30 -21.79
N PRO H 454 76.01 55.86 -22.50
CA PRO H 454 77.26 55.45 -21.84
C PRO H 454 77.89 56.61 -21.09
N GLY H 455 78.48 56.30 -19.93
CA GLY H 455 79.15 57.32 -19.14
C GLY H 455 80.65 57.09 -19.03
N GLY H 456 81.24 57.53 -17.93
CA GLY H 456 82.66 57.35 -17.73
C GLY H 456 83.50 58.17 -18.69
N GLU H 457 84.64 57.60 -19.08
CA GLU H 457 85.53 58.30 -19.99
C GLU H 457 84.90 58.53 -21.36
N PHE H 458 84.00 57.64 -21.78
CA PHE H 458 83.33 57.82 -23.06
C PHE H 458 82.48 59.09 -23.07
N ALA H 459 81.76 59.34 -21.99
CA ALA H 459 81.00 60.58 -21.87
C ALA H 459 81.88 61.77 -21.49
N ALA H 460 83.06 61.51 -20.94
CA ALA H 460 83.98 62.61 -20.63
C ALA H 460 84.68 63.13 -21.87
N GLU H 461 84.91 62.28 -22.87
CA GLU H 461 85.59 62.71 -24.09
C GLU H 461 84.79 63.78 -24.83
N ILE H 462 83.48 63.57 -24.96
CA ILE H 462 82.66 64.56 -25.65
C ILE H 462 82.60 65.86 -24.86
N GLU H 463 82.55 65.76 -23.53
CA GLU H 463 82.51 66.96 -22.70
C GLU H 463 83.80 67.77 -22.82
N VAL H 464 84.95 67.08 -22.78
CA VAL H 464 86.22 67.81 -22.90
C VAL H 464 86.39 68.35 -24.30
N ASP H 465 85.89 67.66 -25.33
CA ASP H 465 85.94 68.20 -26.68
C ASP H 465 85.10 69.46 -26.80
N SER H 466 83.90 69.45 -26.22
CA SER H 466 83.06 70.65 -26.24
C SER H 466 83.70 71.80 -25.49
N GLN H 467 84.28 71.52 -24.32
CA GLN H 467 84.94 72.56 -23.55
C GLN H 467 86.14 73.11 -24.30
N THR H 468 86.91 72.24 -24.94
CA THR H 468 88.07 72.70 -25.72
C THR H 468 87.63 73.56 -26.89
N GLN H 469 86.54 73.18 -27.57
CA GLN H 469 86.05 73.99 -28.69
C GLN H 469 85.59 75.37 -28.20
N ILE H 470 84.86 75.41 -27.08
CA ILE H 470 84.40 76.69 -26.54
C ILE H 470 85.59 77.56 -26.13
N ILE H 471 86.58 76.95 -25.47
CA ILE H 471 87.76 77.70 -25.04
C ILE H 471 88.54 78.21 -26.24
N GLU H 472 88.64 77.40 -27.30
CA GLU H 472 89.33 77.84 -28.51
C GLU H 472 88.61 79.01 -29.18
N ALA H 473 87.27 78.95 -29.24
CA ALA H 473 86.52 80.06 -29.81
C ALA H 473 86.70 81.33 -29.01
N GLN H 474 86.64 81.22 -27.68
CA GLN H 474 86.86 82.38 -26.82
C GLN H 474 88.27 82.92 -26.99
N GLY H 475 89.27 82.04 -27.09
CA GLY H 475 90.63 82.48 -27.29
C GLY H 475 90.82 83.19 -28.62
N ASP H 476 90.16 82.70 -29.67
CA ASP H 476 90.28 83.33 -30.98
C ASP H 476 89.64 84.70 -30.98
N VAL H 477 88.42 84.83 -30.43
CA VAL H 477 87.78 86.13 -30.41
C VAL H 477 88.57 87.12 -29.56
N GLN H 478 89.08 86.65 -28.42
CA GLN H 478 89.95 87.50 -27.61
C GLN H 478 91.18 87.93 -28.41
N LYS H 479 91.86 86.96 -29.03
CA LYS H 479 93.10 87.24 -29.73
C LYS H 479 92.91 88.31 -30.79
N ASP H 480 91.82 88.22 -31.56
CA ASP H 480 91.59 89.30 -32.52
C ASP H 480 91.25 90.61 -31.81
N LEU H 481 90.59 90.55 -30.65
CA LEU H 481 90.28 91.78 -29.91
C LEU H 481 91.56 92.50 -29.46
N GLN H 482 92.46 91.79 -28.79
CA GLN H 482 93.73 92.44 -28.40
C GLN H 482 94.62 92.74 -29.60
N ASP H 483 94.51 92.00 -30.72
CA ASP H 483 95.27 92.40 -31.89
C ASP H 483 94.80 93.75 -32.43
N ALA H 484 93.48 93.95 -32.50
CA ALA H 484 92.94 95.24 -32.90
C ALA H 484 93.34 96.32 -31.91
N GLN H 485 93.30 96.01 -30.61
CA GLN H 485 93.68 96.99 -29.60
C GLN H 485 95.14 97.39 -29.72
N ALA H 486 96.02 96.43 -29.96
CA ALA H 486 97.44 96.74 -30.14
C ALA H 486 97.67 97.55 -31.40
N LYS H 487 96.97 97.23 -32.48
CA LYS H 487 97.10 98.04 -33.70
C LYS H 487 96.64 99.47 -33.46
N ALA H 488 95.52 99.64 -32.76
CA ALA H 488 95.03 100.98 -32.45
C ALA H 488 96.02 101.73 -31.56
N GLN H 489 96.60 101.06 -30.57
CA GLN H 489 97.57 101.69 -29.70
C GLN H 489 98.82 102.11 -30.47
N ALA H 490 99.29 101.26 -31.39
CA ALA H 490 100.44 101.61 -32.20
C ALA H 490 100.15 102.81 -33.10
N ASP H 491 98.95 102.85 -33.69
CA ASP H 491 98.58 103.99 -34.51
C ASP H 491 98.50 105.26 -33.67
N LEU H 492 97.94 105.17 -32.46
CA LEU H 492 97.87 106.33 -31.59
C LEU H 492 99.26 106.81 -31.19
N ALA H 493 100.17 105.88 -30.90
CA ALA H 493 101.54 106.26 -30.56
C ALA H 493 102.23 106.93 -31.73
N LYS H 494 102.03 106.40 -32.94
CA LYS H 494 102.62 107.03 -34.13
C LYS H 494 102.06 108.44 -34.34
N GLN H 495 100.75 108.61 -34.16
CA GLN H 495 100.15 109.94 -34.31
C GLN H 495 100.69 110.90 -33.25
N ASN H 496 100.84 110.42 -32.01
CA ASN H 496 101.39 111.27 -30.96
C ASN H 496 102.82 111.67 -31.25
N ALA H 497 103.63 110.73 -31.75
CA ALA H 497 105.01 111.06 -32.10
C ALA H 497 105.06 112.06 -33.24
N ALA H 498 104.19 111.91 -34.24
CA ALA H 498 104.14 112.87 -35.34
C ALA H 498 103.75 114.25 -34.84
N ALA H 499 102.75 114.33 -33.95
CA ALA H 499 102.35 115.62 -33.40
C ALA H 499 103.48 116.25 -32.59
N GLN H 500 104.18 115.42 -31.80
CA GLN H 500 105.29 115.94 -30.99
C GLN H 500 106.42 116.49 -31.86
N GLN H 501 106.79 115.75 -32.91
CA GLN H 501 107.85 116.25 -33.77
C GLN H 501 107.41 117.47 -34.56
N ARG H 502 106.14 117.53 -34.97
CA ARG H 502 105.64 118.72 -35.65
C ARG H 502 105.66 119.94 -34.75
N GLN H 503 105.25 119.79 -33.49
CA GLN H 503 105.24 120.91 -32.57
C GLN H 503 106.64 121.28 -32.07
N ALA H 504 107.59 120.35 -32.12
CA ALA H 504 108.95 120.65 -31.70
C ALA H 504 109.81 121.23 -32.82
N VAL H 505 109.55 120.85 -34.08
CA VAL H 505 110.34 121.37 -35.18
C VAL H 505 110.08 122.85 -35.42
N ALA H 506 108.94 123.37 -34.97
CA ALA H 506 108.63 124.78 -35.16
C ALA H 506 109.47 125.63 -34.21
N VAL H 507 110.19 126.60 -34.76
CA VAL H 507 111.03 127.48 -33.96
C VAL H 507 111.29 128.79 -34.70
N ILE I 2 77.02 -14.66 -20.29
CA ILE I 2 78.03 -13.98 -21.10
C ILE I 2 79.34 -13.88 -20.33
N GLU I 3 80.45 -13.83 -21.06
CA GLU I 3 81.78 -13.72 -20.48
C GLU I 3 82.58 -12.64 -21.20
N LEU I 4 83.53 -12.05 -20.49
CA LEU I 4 84.38 -11.02 -21.06
C LEU I 4 85.67 -11.66 -21.57
N PRO I 5 85.93 -11.64 -22.88
CA PRO I 5 87.15 -12.25 -23.40
C PRO I 5 88.33 -11.29 -23.39
N ASP I 6 89.46 -11.73 -22.83
CA ASP I 6 90.66 -10.89 -22.85
C ASP I 6 91.16 -10.65 -24.26
N ALA I 7 91.18 -11.70 -25.09
CA ALA I 7 91.63 -11.57 -26.46
C ALA I 7 90.55 -10.92 -27.32
N ILE I 8 90.95 -10.50 -28.53
CA ILE I 8 90.04 -9.87 -29.47
C ILE I 8 89.51 -10.81 -30.53
N SER I 9 90.01 -12.05 -30.56
CA SER I 9 89.59 -13.06 -31.54
C SER I 9 89.75 -12.54 -32.97
N ASP I 10 91.02 -12.30 -33.34
CA ASP I 10 91.31 -11.74 -34.66
C ASP I 10 90.85 -12.68 -35.77
N GLY I 11 91.08 -13.98 -35.61
CA GLY I 11 90.70 -14.94 -36.64
C GLY I 11 89.42 -15.67 -36.35
N GLU I 12 88.86 -15.49 -35.16
CA GLU I 12 87.64 -16.19 -34.75
C GLU I 12 86.67 -15.24 -34.07
N VAL I 13 86.50 -14.04 -34.63
CA VAL I 13 85.56 -13.09 -34.02
C VAL I 13 84.13 -13.55 -34.22
N ARG I 14 83.81 -14.10 -35.39
CA ARG I 14 82.43 -14.53 -35.66
C ARG I 14 82.02 -15.68 -34.77
N LYS I 15 82.95 -16.59 -34.45
CA LYS I 15 82.62 -17.70 -33.57
C LYS I 15 82.20 -17.22 -32.19
N LEU I 16 82.91 -16.23 -31.65
CA LEU I 16 82.52 -15.67 -30.35
C LEU I 16 81.23 -14.87 -30.46
N VAL I 17 81.06 -14.11 -31.55
CA VAL I 17 79.87 -13.28 -31.69
C VAL I 17 78.62 -14.14 -31.74
N GLU I 18 78.61 -15.15 -32.59
CA GLU I 18 77.39 -15.92 -32.85
C GLU I 18 76.90 -16.68 -31.62
N ASN I 19 77.77 -16.97 -30.66
CA ASN I 19 77.37 -17.72 -29.48
C ASN I 19 77.44 -16.94 -28.18
N GLU I 20 77.93 -15.70 -28.20
CA GLU I 20 77.88 -14.93 -26.95
C GLU I 20 77.23 -13.56 -27.12
N PHE I 21 77.43 -12.90 -28.25
CA PHE I 21 76.92 -11.54 -28.42
C PHE I 21 75.55 -11.50 -29.06
N TRP I 22 75.34 -12.29 -30.13
CA TRP I 22 74.05 -12.28 -30.81
C TRP I 22 72.89 -12.70 -29.91
N PRO I 23 72.96 -13.78 -29.13
CA PRO I 23 71.83 -14.09 -28.24
C PRO I 23 71.53 -12.99 -27.23
N GLU I 24 72.57 -12.44 -26.59
CA GLU I 24 72.36 -11.34 -25.65
C GLU I 24 71.83 -10.11 -26.37
N PHE I 25 72.34 -9.83 -27.58
CA PHE I 25 71.86 -8.69 -28.34
C PHE I 25 70.37 -8.83 -28.66
N VAL I 26 69.94 -10.03 -29.06
CA VAL I 26 68.52 -10.24 -29.35
C VAL I 26 67.69 -10.16 -28.08
N ARG I 27 68.21 -10.69 -26.97
CA ARG I 27 67.48 -10.64 -25.71
C ARG I 27 67.26 -9.21 -25.25
N ARG I 28 68.26 -8.35 -25.45
CA ARG I 28 68.07 -6.93 -25.13
C ARG I 28 67.20 -6.24 -26.16
N ARG I 29 67.32 -6.62 -27.44
CA ARG I 29 66.61 -5.94 -28.51
C ARG I 29 65.11 -6.17 -28.41
N GLU I 30 64.68 -7.37 -28.03
CA GLU I 30 63.25 -7.61 -27.90
C GLU I 30 62.63 -6.71 -26.83
N LYS I 31 63.28 -6.60 -25.67
CA LYS I 31 62.78 -5.73 -24.61
C LYS I 31 62.81 -4.27 -25.03
N LEU I 32 63.89 -3.85 -25.70
CA LEU I 32 63.98 -2.46 -26.15
C LEU I 32 62.90 -2.13 -27.17
N ASP I 33 62.63 -3.05 -28.10
CA ASP I 33 61.56 -2.84 -29.06
C ASP I 33 60.21 -2.80 -28.38
N ARG I 34 59.99 -3.66 -27.39
CA ARG I 34 58.72 -3.65 -26.66
C ARG I 34 58.53 -2.32 -25.93
N ILE I 35 59.58 -1.82 -25.27
CA ILE I 35 59.43 -0.56 -24.53
C ILE I 35 59.29 0.61 -25.49
N ALA I 36 59.94 0.55 -26.67
CA ALA I 36 59.75 1.60 -27.67
C ALA I 36 58.32 1.60 -28.20
N GLN I 37 57.75 0.41 -28.43
CA GLN I 37 56.35 0.33 -28.84
C GLN I 37 55.44 0.86 -27.74
N TRP I 38 55.77 0.57 -26.48
CA TRP I 38 54.97 1.10 -25.36
C TRP I 38 55.03 2.62 -25.33
N ALA I 39 56.19 3.20 -25.62
CA ALA I 39 56.35 4.65 -25.52
C ALA I 39 55.42 5.38 -26.48
N ARG I 40 55.37 4.94 -27.74
CA ARG I 40 54.56 5.60 -28.76
C ARG I 40 53.16 5.00 -28.77
N GLY I 41 52.42 5.29 -27.71
CA GLY I 41 51.07 4.76 -27.57
C GLY I 41 51.09 3.26 -27.31
N GLU I 42 49.91 2.67 -27.46
CA GLU I 42 49.72 1.23 -27.26
C GLU I 42 50.27 0.78 -25.91
N GLN I 43 49.67 1.33 -24.85
CA GLN I 43 50.12 1.01 -23.49
C GLN I 43 49.86 -0.46 -23.18
N PRO I 44 50.66 -1.04 -22.28
CA PRO I 44 50.49 -2.47 -21.96
C PRO I 44 49.08 -2.76 -21.45
N ASP I 45 48.37 -3.63 -22.17
CA ASP I 45 47.01 -4.00 -21.83
C ASP I 45 47.01 -5.20 -20.87
N TYR I 46 46.85 -4.90 -19.58
CA TYR I 46 46.77 -5.97 -18.58
C TYR I 46 45.54 -6.83 -18.78
N LEU I 47 44.43 -6.23 -19.21
CA LEU I 47 43.19 -6.96 -19.47
C LEU I 47 42.74 -6.66 -20.90
N ILE I 48 42.61 -7.69 -21.72
CA ILE I 48 42.12 -7.56 -23.09
C ILE I 48 41.16 -8.70 -23.38
N GLN I 49 40.05 -8.39 -24.03
CA GLN I 49 39.04 -9.37 -24.40
C GLN I 49 39.29 -9.79 -25.86
N ASN I 50 39.69 -11.04 -26.06
CA ASN I 50 39.97 -11.56 -27.39
C ASN I 50 38.77 -12.27 -28.01
N ALA I 51 37.62 -12.29 -27.33
CA ALA I 51 36.44 -12.96 -27.85
C ALA I 51 35.41 -12.01 -28.44
N ASN I 52 35.35 -10.78 -27.95
CA ASN I 52 34.39 -9.79 -28.43
C ASN I 52 35.11 -8.76 -29.29
N ARG I 53 34.69 -8.63 -30.55
CA ARG I 53 35.31 -7.66 -31.44
C ARG I 53 35.00 -6.22 -31.01
N GLU I 54 33.77 -5.97 -30.56
CA GLU I 54 33.39 -4.63 -30.14
C GLU I 54 34.19 -4.20 -28.91
N LYS I 55 34.35 -5.11 -27.93
CA LYS I 55 35.11 -4.78 -26.74
C LYS I 55 36.58 -4.52 -27.07
N ARG I 56 37.16 -5.33 -27.96
CA ARG I 56 38.54 -5.10 -28.37
C ARG I 56 38.69 -3.78 -29.10
N ALA I 57 37.72 -3.44 -29.96
CA ALA I 57 37.77 -2.16 -30.65
C ALA I 57 37.68 -1.00 -29.66
N LEU I 58 36.80 -1.11 -28.66
CA LEU I 58 36.69 -0.06 -27.65
C LEU I 58 37.98 0.07 -26.85
N LEU I 59 38.61 -1.07 -26.51
CA LEU I 59 39.87 -1.03 -25.76
C LEU I 59 40.97 -0.39 -26.57
N LYS I 60 41.06 -0.73 -27.86
CA LYS I 60 42.07 -0.12 -28.72
C LYS I 60 41.80 1.38 -28.91
N LEU I 61 40.53 1.75 -28.96
CA LEU I 61 40.16 3.15 -29.11
C LEU I 61 40.46 3.98 -27.86
N ALA I 62 40.61 3.32 -26.70
CA ALA I 62 40.89 4.00 -25.45
C ALA I 62 42.38 4.12 -25.15
N LYS I 63 43.25 3.63 -26.03
CA LYS I 63 44.69 3.64 -25.78
C LYS I 63 45.22 5.06 -26.01
N THR I 64 45.03 5.90 -25.01
CA THR I 64 45.52 7.27 -25.07
C THR I 64 47.00 7.32 -24.74
N PRO I 65 47.85 7.84 -25.62
CA PRO I 65 49.29 7.92 -25.33
C PRO I 65 49.57 8.99 -24.27
N TRP I 66 50.14 8.57 -23.15
CA TRP I 66 50.48 9.48 -22.07
C TRP I 66 51.97 9.53 -21.78
N LEU I 67 52.64 8.38 -21.72
CA LEU I 67 54.08 8.37 -21.45
C LEU I 67 54.85 9.04 -22.59
N GLY I 68 54.41 8.86 -23.83
CA GLY I 68 55.05 9.53 -24.94
C GLY I 68 54.97 11.04 -24.83
N LEU I 69 53.83 11.56 -24.36
CA LEU I 69 53.70 12.99 -24.14
C LEU I 69 54.69 13.49 -23.09
N VAL I 70 54.86 12.73 -22.00
CA VAL I 70 55.81 13.10 -20.96
C VAL I 70 57.23 13.10 -21.52
N VAL I 71 57.58 12.08 -22.30
CA VAL I 71 58.91 12.02 -22.89
C VAL I 71 59.15 13.20 -23.82
N THR I 72 58.17 13.52 -24.66
CA THR I 72 58.32 14.65 -25.57
C THR I 72 58.47 15.95 -24.82
N HIS I 73 57.69 16.14 -23.75
CA HIS I 73 57.79 17.35 -22.94
C HIS I 73 59.16 17.47 -22.28
N PHE I 74 59.68 16.36 -21.77
CA PHE I 74 60.99 16.40 -21.12
C PHE I 74 62.10 16.67 -22.13
N THR I 75 62.02 16.07 -23.32
CA THR I 75 63.11 16.19 -24.29
C THR I 75 63.06 17.50 -25.08
N GLN I 76 61.93 18.21 -25.07
CA GLN I 76 61.82 19.47 -25.79
C GLN I 76 62.32 20.66 -25.00
N ALA I 77 62.59 20.50 -23.70
CA ALA I 77 63.09 21.57 -22.86
C ALA I 77 64.60 21.46 -22.62
N LEU I 78 65.27 20.51 -23.25
CA LEU I 78 66.71 20.31 -23.09
C LEU I 78 67.41 20.76 -24.37
N PHE I 79 68.33 21.70 -24.23
CA PHE I 79 69.07 22.23 -25.37
C PHE I 79 70.45 22.67 -24.91
N VAL I 80 71.46 22.42 -25.74
CA VAL I 80 72.84 22.76 -25.45
C VAL I 80 73.26 23.86 -26.42
N ASP I 81 73.74 24.98 -25.87
CA ASP I 81 74.21 26.10 -26.67
C ASP I 81 75.54 26.58 -26.08
N GLY I 82 76.57 26.63 -26.92
CA GLY I 82 77.86 27.10 -26.50
C GLY I 82 78.62 26.09 -25.65
N TYR I 83 79.95 26.21 -25.66
CA TYR I 83 80.84 25.37 -24.87
C TYR I 83 81.73 26.32 -24.05
N ARG I 84 81.25 26.70 -22.87
CA ARG I 84 81.93 27.69 -22.04
C ARG I 84 83.05 27.00 -21.27
N ALA I 85 84.29 27.30 -21.67
CA ALA I 85 85.44 26.81 -20.92
C ALA I 85 85.63 27.62 -19.65
N GLU I 86 86.45 27.09 -18.74
CA GLU I 86 86.69 27.74 -17.47
C GLU I 86 87.47 29.04 -17.68
N GLY I 87 86.91 30.15 -17.21
CA GLY I 87 87.55 31.45 -17.32
C GLY I 87 87.38 32.15 -18.64
N SER I 88 86.60 31.60 -19.57
CA SER I 88 86.39 32.21 -20.87
C SER I 88 84.89 32.36 -21.12
N LYS I 89 84.47 33.54 -21.54
CA LYS I 89 83.08 33.81 -21.85
C LYS I 89 82.71 33.48 -23.29
N GLU I 90 83.68 33.14 -24.13
CA GLU I 90 83.45 32.83 -25.52
C GLU I 90 83.71 31.35 -25.78
N ASN I 91 82.85 30.74 -26.60
CA ASN I 91 83.01 29.33 -26.92
C ASN I 91 84.31 29.09 -27.66
N ALA I 92 85.02 28.03 -27.29
CA ALA I 92 86.28 27.69 -27.92
C ALA I 92 86.05 27.25 -29.37
N LYS I 93 87.04 27.51 -30.21
CA LYS I 93 86.98 27.15 -31.63
C LYS I 93 87.39 25.71 -31.87
N GLY I 94 87.36 24.86 -30.84
CA GLY I 94 87.73 23.48 -30.96
C GLY I 94 86.52 22.57 -31.04
N PRO I 95 86.15 21.97 -29.90
CA PRO I 95 85.00 21.04 -29.90
C PRO I 95 83.71 21.69 -30.37
N TRP I 96 83.53 22.99 -30.16
CA TRP I 96 82.31 23.65 -30.64
C TRP I 96 82.24 23.67 -32.16
N GLN I 97 83.39 23.79 -32.84
CA GLN I 97 83.38 23.70 -34.29
C GLN I 97 82.91 22.33 -34.75
N THR I 98 83.36 21.27 -34.08
CA THR I 98 82.88 19.92 -34.40
C THR I 98 81.39 19.78 -34.11
N TRP I 99 80.93 20.37 -33.01
CA TRP I 99 79.51 20.33 -32.68
C TRP I 99 78.67 21.00 -33.76
N ASN I 100 79.13 22.16 -34.25
CA ASN I 100 78.37 22.87 -35.28
C ASN I 100 78.44 22.15 -36.62
N ALA I 101 79.60 21.59 -36.96
CA ALA I 101 79.76 20.92 -38.24
C ALA I 101 78.91 19.66 -38.34
N ASN I 102 78.82 18.90 -37.25
CA ASN I 102 78.09 17.64 -37.25
C ASN I 102 76.59 17.81 -37.15
N LYS I 103 76.08 19.04 -37.18
CA LYS I 103 74.65 19.31 -37.07
C LYS I 103 74.07 18.69 -35.80
N MET I 104 74.78 18.85 -34.69
CA MET I 104 74.33 18.29 -33.42
C MET I 104 73.13 19.03 -32.84
N GLN I 105 72.86 20.25 -33.33
CA GLN I 105 71.73 21.02 -32.82
C GLN I 105 70.40 20.31 -33.09
N SER I 106 70.34 19.50 -34.15
CA SER I 106 69.13 18.76 -34.47
C SER I 106 69.15 17.32 -33.98
N LYS I 107 70.33 16.77 -33.66
CA LYS I 107 70.44 15.40 -33.19
C LYS I 107 70.44 15.30 -31.67
N GLN I 108 70.71 16.40 -30.96
CA GLN I 108 70.68 16.36 -29.50
C GLN I 108 69.27 16.09 -28.99
N ILE I 109 68.25 16.58 -29.69
CA ILE I 109 66.87 16.30 -29.29
C ILE I 109 66.59 14.81 -29.35
N ALA I 110 66.99 14.17 -30.46
CA ALA I 110 66.79 12.73 -30.59
C ALA I 110 67.58 11.95 -29.56
N ILE I 111 68.82 12.38 -29.29
CA ILE I 111 69.65 11.69 -28.30
C ILE I 111 69.02 11.78 -26.93
N HIS I 112 68.55 12.97 -26.54
CA HIS I 112 67.91 13.14 -25.24
C HIS I 112 66.62 12.35 -25.16
N ARG I 113 65.83 12.33 -26.23
CA ARG I 113 64.59 11.56 -26.23
C ARG I 113 64.86 10.07 -26.05
N ALA I 114 65.87 9.55 -26.76
CA ALA I 114 66.21 8.14 -26.63
C ALA I 114 66.74 7.84 -25.23
N ALA I 115 67.54 8.74 -24.66
CA ALA I 115 68.05 8.53 -23.30
C ALA I 115 66.93 8.53 -22.28
N LEU I 116 65.96 9.43 -22.44
CA LEU I 116 64.85 9.50 -21.49
C LEU I 116 63.90 8.32 -21.66
N THR I 117 63.74 7.81 -22.89
CA THR I 117 62.84 6.69 -23.11
C THR I 117 63.49 5.37 -22.74
N TYR I 118 64.55 5.01 -23.45
CA TYR I 118 65.17 3.70 -23.24
C TYR I 118 65.92 3.65 -21.92
N GLY I 119 66.69 4.68 -21.60
CA GLY I 119 67.42 4.72 -20.36
C GLY I 119 68.88 5.11 -20.52
N TYR I 120 69.47 4.75 -21.66
CA TYR I 120 70.88 5.01 -21.90
C TYR I 120 71.12 5.13 -23.39
N SER I 121 71.33 6.36 -23.87
CA SER I 121 71.65 6.57 -25.27
C SER I 121 73.13 6.32 -25.52
N TYR I 122 73.49 6.21 -26.79
CA TYR I 122 74.86 5.97 -27.20
C TYR I 122 75.25 6.95 -28.30
N ALA I 123 76.44 7.53 -28.17
CA ALA I 123 76.97 8.47 -29.15
C ALA I 123 78.27 7.90 -29.72
N ARG I 124 78.33 7.82 -31.05
CA ARG I 124 79.49 7.27 -31.75
C ARG I 124 80.27 8.42 -32.38
N VAL I 125 81.56 8.52 -32.03
CA VAL I 125 82.46 9.53 -32.58
C VAL I 125 83.57 8.80 -33.31
N LEU I 126 83.73 9.10 -34.60
CA LEU I 126 84.73 8.45 -35.42
C LEU I 126 85.52 9.49 -36.20
N PRO I 127 86.78 9.21 -36.51
CA PRO I 127 87.57 10.15 -37.32
C PRO I 127 87.01 10.28 -38.72
N GLY I 128 87.19 11.47 -39.29
CA GLY I 128 86.72 11.74 -40.64
C GLY I 128 87.43 12.92 -41.24
N VAL I 129 87.22 13.10 -42.53
CA VAL I 129 87.83 14.20 -43.29
C VAL I 129 86.82 15.33 -43.42
N ALA I 130 87.31 16.56 -43.30
CA ALA I 130 86.46 17.74 -43.40
C ALA I 130 86.19 18.07 -44.87
N LEU I 131 85.35 19.09 -45.08
CA LEU I 131 85.05 19.53 -46.44
C LEU I 131 86.30 20.07 -47.13
N ASP I 132 87.12 20.83 -46.42
CA ASP I 132 88.34 21.40 -46.97
C ASP I 132 89.52 20.43 -46.94
N GLY I 133 89.33 19.23 -46.38
CA GLY I 133 90.40 18.26 -46.27
C GLY I 133 91.05 18.16 -44.91
N ALA I 134 90.60 18.95 -43.94
CA ALA I 134 91.15 18.90 -42.59
C ALA I 134 90.54 17.74 -41.83
N ASN I 135 90.79 17.68 -40.52
CA ASN I 135 90.28 16.61 -39.68
C ASN I 135 88.97 17.06 -39.02
N GLN I 136 87.89 16.34 -39.31
CA GLN I 136 86.59 16.62 -38.73
C GLN I 136 86.07 15.34 -38.08
N ALA I 137 85.72 15.43 -36.79
CA ALA I 137 85.22 14.28 -36.06
C ALA I 137 83.74 14.07 -36.38
N GLU I 138 83.41 12.88 -36.87
CA GLU I 138 82.04 12.53 -37.21
C GLU I 138 81.36 11.94 -35.97
N ILE I 139 80.36 12.64 -35.45
CA ILE I 139 79.65 12.23 -34.25
C ILE I 139 78.24 11.82 -34.64
N HIS I 140 77.84 10.61 -34.25
CA HIS I 140 76.52 10.08 -34.55
C HIS I 140 75.95 9.41 -33.30
N GLY I 141 74.62 9.37 -33.24
CA GLY I 141 73.92 8.73 -32.14
C GLY I 141 73.35 7.39 -32.57
N VAL I 142 73.50 6.39 -31.71
CA VAL I 142 73.04 5.04 -31.97
C VAL I 142 72.04 4.65 -30.90
N SER I 143 70.87 4.18 -31.32
CA SER I 143 69.85 3.76 -30.38
C SER I 143 70.26 2.45 -29.70
N PRO I 144 69.80 2.22 -28.47
CA PRO I 144 70.07 0.93 -27.82
C PRO I 144 69.50 -0.25 -28.57
N ARG I 145 68.44 -0.05 -29.36
CA ARG I 145 67.89 -1.12 -30.17
C ARG I 145 68.87 -1.63 -31.21
N ARG I 146 69.85 -0.83 -31.60
CA ARG I 146 70.83 -1.20 -32.61
C ARG I 146 72.26 -1.17 -32.04
N LEU I 147 72.41 -1.44 -30.75
CA LEU I 147 73.73 -1.41 -30.12
C LEU I 147 73.70 -2.32 -28.90
N LEU I 148 74.86 -2.90 -28.60
CA LEU I 148 75.04 -3.73 -27.42
C LEU I 148 76.44 -3.46 -26.88
N ALA I 149 76.51 -2.65 -25.82
CA ALA I 149 77.78 -2.26 -25.22
C ALA I 149 78.02 -3.09 -23.96
N LEU I 150 79.22 -3.63 -23.82
CA LEU I 150 79.60 -4.44 -22.68
C LEU I 150 80.58 -3.67 -21.81
N TYR I 151 80.29 -3.61 -20.51
CA TYR I 151 81.12 -2.92 -19.55
C TYR I 151 81.61 -3.90 -18.50
N GLU I 152 82.92 -3.85 -18.21
CA GLU I 152 83.45 -4.63 -17.10
C GLU I 152 83.09 -4.01 -15.75
N ASP I 153 82.75 -2.71 -15.74
CA ASP I 153 82.32 -2.01 -14.54
C ASP I 153 81.20 -1.06 -14.99
N GLN I 154 79.95 -1.53 -14.85
CA GLN I 154 78.81 -0.81 -15.41
C GLN I 154 78.64 0.59 -14.83
N ILE I 155 79.23 0.86 -13.67
CA ILE I 155 79.07 2.15 -13.00
C ILE I 155 80.27 3.05 -13.21
N ASN I 156 81.47 2.54 -12.95
CA ASN I 156 82.67 3.37 -12.94
C ASN I 156 83.38 3.48 -14.29
N ASP I 157 82.97 2.70 -15.29
CA ASP I 157 83.63 2.76 -16.59
C ASP I 157 83.24 4.02 -17.33
N GLU I 158 84.20 4.60 -18.04
CA GLU I 158 83.95 5.77 -18.87
C GLU I 158 83.59 5.38 -20.30
N TYR I 159 84.21 4.34 -20.83
CA TYR I 159 83.96 3.85 -22.17
C TYR I 159 83.81 2.33 -22.15
N PRO I 160 83.05 1.78 -23.09
CA PRO I 160 82.90 0.31 -23.13
C PRO I 160 84.17 -0.38 -23.58
N LYS I 161 84.19 -1.70 -23.41
CA LYS I 161 85.30 -2.53 -23.85
C LYS I 161 85.02 -3.20 -25.20
N TYR I 162 83.92 -3.93 -25.31
CA TYR I 162 83.50 -4.55 -26.56
C TYR I 162 82.05 -4.17 -26.82
N ALA I 163 81.78 -3.67 -28.02
CA ALA I 163 80.45 -3.23 -28.40
C ALA I 163 80.10 -3.78 -29.78
N LEU I 164 78.86 -4.26 -29.92
CA LEU I 164 78.33 -4.75 -31.18
C LEU I 164 77.29 -3.77 -31.68
N GLU I 165 77.51 -3.24 -32.88
CA GLU I 165 76.62 -2.24 -33.47
C GLU I 165 75.96 -2.81 -34.71
N LEU I 166 74.66 -2.63 -34.82
CA LEU I 166 73.89 -3.06 -35.98
C LEU I 166 73.43 -1.84 -36.76
N ALA I 167 73.74 -1.82 -38.06
CA ALA I 167 73.36 -0.69 -38.89
C ALA I 167 71.86 -0.63 -39.09
N ASN I 168 71.35 0.58 -39.34
CA ASN I 168 69.92 0.79 -39.48
C ASN I 168 69.35 0.23 -40.77
N ASN I 169 70.20 -0.15 -41.72
CA ASN I 169 69.72 -0.76 -42.96
C ASN I 169 69.61 -2.28 -42.87
N GLY I 170 70.06 -2.87 -41.77
CA GLY I 170 69.99 -4.32 -41.63
C GLY I 170 70.82 -5.08 -42.64
N LYS I 171 72.01 -4.58 -42.95
CA LYS I 171 72.85 -5.24 -43.94
C LYS I 171 74.27 -5.48 -43.41
N THR I 172 74.72 -4.61 -42.51
CA THR I 172 76.07 -4.69 -41.95
C THR I 172 76.01 -4.70 -40.44
N VAL I 173 76.74 -5.62 -39.81
CA VAL I 173 76.89 -5.69 -38.36
C VAL I 173 78.36 -5.50 -38.04
N ARG I 174 78.65 -4.54 -37.17
CA ARG I 174 80.03 -4.17 -36.86
C ARG I 174 80.31 -4.34 -35.37
N LEU I 175 81.52 -4.76 -35.06
CA LEU I 175 81.99 -4.89 -33.68
C LEU I 175 83.12 -3.89 -33.45
N TYR I 176 83.01 -3.14 -32.35
CA TYR I 176 83.96 -2.06 -32.05
C TYR I 176 84.87 -2.52 -30.92
N THR I 177 86.10 -2.86 -31.27
CA THR I 177 87.12 -3.19 -30.27
C THR I 177 87.91 -1.91 -29.94
N ASP I 178 89.04 -2.08 -29.26
CA ASP I 178 89.79 -0.92 -28.76
C ASP I 178 90.30 -0.04 -29.89
N THR I 179 91.01 -0.63 -30.87
CA THR I 179 91.68 0.16 -31.90
C THR I 179 91.47 -0.41 -33.30
N ASP I 180 90.46 -1.25 -33.50
CA ASP I 180 90.17 -1.80 -34.82
C ASP I 180 88.69 -1.69 -35.10
N TYR I 181 88.34 -1.64 -36.39
CA TYR I 181 86.97 -1.47 -36.85
C TYR I 181 86.56 -2.76 -37.58
N TYR I 182 85.92 -3.66 -36.85
CA TYR I 182 85.47 -4.92 -37.43
C TYR I 182 84.14 -4.72 -38.14
N GLU I 183 84.03 -5.23 -39.36
CA GLU I 183 82.84 -5.09 -40.18
C GLU I 183 82.42 -6.45 -40.71
N LEU I 184 81.12 -6.76 -40.59
CA LEU I 184 80.58 -8.00 -41.12
C LEU I 184 79.39 -7.72 -42.02
N ARG I 185 78.69 -8.77 -42.44
CA ARG I 185 77.54 -8.65 -43.32
C ARG I 185 76.31 -9.29 -42.68
N MET I 186 75.15 -8.71 -42.95
CA MET I 186 73.87 -9.19 -42.42
C MET I 186 72.87 -9.33 -43.55
N PRO I 187 73.03 -10.37 -44.38
CA PRO I 187 72.07 -10.54 -45.50
C PRO I 187 70.69 -10.96 -45.02
N SER I 188 70.62 -11.82 -44.00
CA SER I 188 69.37 -12.31 -43.45
C SER I 188 69.38 -12.17 -41.94
N PRO I 189 68.23 -11.98 -41.31
CA PRO I 189 68.20 -11.83 -39.85
C PRO I 189 68.41 -13.14 -39.12
N GLY I 190 69.66 -13.54 -38.91
CA GLY I 190 69.94 -14.72 -38.12
C GLY I 190 70.98 -15.68 -38.70
N ASN I 191 71.70 -15.25 -39.74
CA ASN I 191 72.75 -16.07 -40.31
C ASN I 191 74.03 -15.24 -40.44
N PHE I 192 75.16 -15.89 -40.17
CA PHE I 192 76.48 -15.27 -40.28
C PHE I 192 77.39 -16.19 -41.08
N PRO I 193 77.25 -16.19 -42.41
CA PRO I 193 78.09 -17.06 -43.24
C PRO I 193 79.56 -16.70 -43.11
N ASN I 194 80.41 -17.73 -43.09
CA ASN I 194 81.85 -17.55 -42.96
C ASN I 194 82.55 -17.29 -44.28
N GLU I 195 81.84 -17.42 -45.41
CA GLU I 195 82.47 -17.17 -46.71
C GLU I 195 82.82 -15.71 -46.89
N GLN I 196 82.11 -14.81 -46.20
CA GLN I 196 82.38 -13.39 -46.31
C GLN I 196 83.72 -13.05 -45.66
N VAL I 197 84.37 -12.01 -46.20
CA VAL I 197 85.67 -11.57 -45.70
C VAL I 197 85.44 -10.48 -44.67
N ILE I 198 85.92 -10.71 -43.44
CA ILE I 198 85.76 -9.73 -42.38
C ILE I 198 86.71 -8.57 -42.62
N LYS I 199 86.17 -7.36 -42.54
CA LYS I 199 86.94 -6.14 -42.77
C LYS I 199 87.43 -5.58 -41.44
N LYS I 200 88.74 -5.35 -41.34
CA LYS I 200 89.36 -4.78 -40.15
C LYS I 200 90.01 -3.46 -40.55
N VAL I 201 89.54 -2.36 -39.96
CA VAL I 201 90.05 -1.03 -40.26
C VAL I 201 90.70 -0.47 -39.00
N HIS I 202 91.94 -0.04 -39.10
CA HIS I 202 92.70 0.52 -37.98
C HIS I 202 92.65 2.04 -38.10
N HIS I 203 91.61 2.63 -37.52
CA HIS I 203 91.50 4.08 -37.52
C HIS I 203 92.38 4.70 -36.43
N GLY I 204 92.19 4.27 -35.18
CA GLY I 204 92.97 4.76 -34.07
C GLY I 204 92.22 5.79 -33.25
N VAL I 205 91.63 5.37 -32.15
CA VAL I 205 90.87 6.26 -31.29
C VAL I 205 91.23 5.98 -29.83
N GLY I 206 91.98 4.90 -29.60
CA GLY I 206 92.34 4.53 -28.24
C GLY I 206 91.39 3.51 -27.64
N VAL I 207 90.43 3.99 -26.86
CA VAL I 207 89.42 3.14 -26.26
C VAL I 207 88.18 3.16 -27.16
N CYS I 208 87.26 2.22 -26.89
CA CYS I 208 86.09 2.08 -27.75
C CYS I 208 85.31 3.39 -27.80
N PRO I 209 85.03 3.92 -28.99
CA PRO I 209 84.40 5.26 -29.11
C PRO I 209 82.88 5.21 -28.94
N PHE I 210 82.46 5.04 -27.69
CA PHE I 210 81.03 5.06 -27.37
C PHE I 210 80.85 5.74 -26.02
N VAL I 211 79.87 6.64 -25.95
CA VAL I 211 79.56 7.38 -24.73
C VAL I 211 78.11 7.09 -24.37
N ARG I 212 77.88 6.71 -23.10
CA ARG I 212 76.56 6.34 -22.64
C ARG I 212 75.87 7.53 -22.01
N TYR I 213 74.66 7.83 -22.48
CA TYR I 213 73.85 8.93 -21.95
C TYR I 213 72.84 8.33 -20.97
N VAL I 214 73.32 8.09 -19.75
CA VAL I 214 72.49 7.45 -18.73
C VAL I 214 71.39 8.42 -18.28
N ASN I 215 70.16 7.91 -18.19
CA ASN I 215 69.04 8.74 -17.77
C ASN I 215 69.23 9.26 -16.34
N MET I 216 69.28 8.33 -15.38
CA MET I 216 69.47 8.69 -13.98
C MET I 216 70.68 7.93 -13.42
N MET I 217 71.50 8.64 -12.64
CA MET I 217 72.71 8.04 -12.07
C MET I 217 72.35 7.28 -10.81
N ASP I 218 72.67 5.99 -10.78
CA ASP I 218 72.43 5.13 -9.64
C ASP I 218 73.72 4.46 -9.21
N LEU I 219 73.81 4.15 -7.93
CA LEU I 219 75.02 3.57 -7.36
C LEU I 219 75.11 2.06 -7.53
N ASP I 220 74.07 1.42 -8.07
CA ASP I 220 74.06 -0.03 -8.26
C ASP I 220 73.51 -0.38 -9.63
N GLY I 221 73.93 0.36 -10.66
CA GLY I 221 73.43 0.10 -12.00
C GLY I 221 71.94 0.36 -12.06
N PHE I 222 71.19 -0.65 -12.52
CA PHE I 222 69.73 -0.59 -12.57
C PHE I 222 69.24 0.61 -13.36
N THR I 223 69.90 0.89 -14.49
CA THR I 223 69.53 2.03 -15.31
C THR I 223 68.17 1.80 -15.95
N MET I 224 67.26 2.76 -15.78
CA MET I 224 65.91 2.66 -16.31
C MET I 224 65.51 3.99 -16.92
N GLY I 225 64.58 3.93 -17.88
CA GLY I 225 64.08 5.12 -18.54
C GLY I 225 62.90 5.73 -17.80
N GLU I 226 62.36 6.79 -18.40
CA GLU I 226 61.22 7.49 -17.84
C GLU I 226 59.88 6.96 -18.33
N VAL I 227 59.89 5.93 -19.17
CA VAL I 227 58.66 5.36 -19.71
C VAL I 227 58.35 4.05 -19.00
N GLU I 228 59.39 3.35 -18.55
CA GLU I 228 59.19 2.10 -17.83
C GLU I 228 58.75 2.33 -16.39
N TYR I 229 59.21 3.42 -15.76
CA TYR I 229 58.91 3.65 -14.36
C TYR I 229 57.44 4.01 -14.13
N LEU I 230 56.71 4.40 -15.16
CA LEU I 230 55.31 4.81 -15.02
C LEU I 230 54.39 3.98 -15.92
N VAL I 231 54.78 2.74 -16.21
CA VAL I 231 53.88 1.86 -16.97
C VAL I 231 52.59 1.56 -16.22
N PRO I 232 52.62 1.16 -14.93
CA PRO I 232 51.34 0.81 -14.26
C PRO I 232 50.35 1.96 -14.19
N VAL I 233 50.82 3.20 -13.97
CA VAL I 233 49.89 4.32 -13.84
C VAL I 233 49.25 4.64 -15.19
N ALA I 234 50.02 4.59 -16.27
CA ALA I 234 49.46 4.78 -17.60
C ALA I 234 48.46 3.67 -17.94
N SER I 235 48.78 2.44 -17.57
CA SER I 235 47.86 1.33 -17.79
C SER I 235 46.58 1.54 -16.99
N LYS I 236 46.68 2.05 -15.77
CA LYS I 236 45.50 2.34 -14.96
C LYS I 236 44.65 3.43 -15.59
N ILE I 237 45.30 4.47 -16.13
CA ILE I 237 44.57 5.54 -16.80
C ILE I 237 43.81 4.99 -18.01
N ASP I 238 44.48 4.16 -18.80
CA ASP I 238 43.83 3.57 -19.97
C ASP I 238 42.70 2.63 -19.56
N LYS I 239 42.88 1.89 -18.47
CA LYS I 239 41.81 1.02 -17.98
C LYS I 239 40.60 1.83 -17.52
N THR I 240 40.83 2.96 -16.85
CA THR I 240 39.73 3.82 -16.44
C THR I 240 39.01 4.39 -17.66
N ASP I 241 39.77 4.81 -18.68
CA ASP I 241 39.14 5.29 -19.92
C ASP I 241 38.33 4.19 -20.59
N TYR I 242 38.85 2.97 -20.61
CA TYR I 242 38.12 1.86 -21.20
C TYR I 242 36.84 1.55 -20.45
N ASP I 243 36.89 1.62 -19.11
CA ASP I 243 35.69 1.41 -18.31
C ASP I 243 34.65 2.50 -18.59
N ARG I 244 35.10 3.76 -18.69
CA ARG I 244 34.19 4.84 -19.01
C ARG I 244 33.56 4.64 -20.39
N LEU I 245 34.36 4.21 -21.37
CA LEU I 245 33.83 3.97 -22.70
C LEU I 245 32.83 2.81 -22.71
N LEU I 246 33.12 1.76 -21.94
CA LEU I 246 32.18 0.65 -21.83
C LEU I 246 30.87 1.10 -21.20
N ALA I 247 30.94 1.93 -20.17
CA ALA I 247 29.72 2.44 -19.54
C ALA I 247 28.93 3.32 -20.50
N GLN I 248 29.62 4.16 -21.27
CA GLN I 248 28.95 5.10 -22.17
C GLN I 248 28.39 4.41 -23.41
N HIS I 249 29.01 3.33 -23.86
CA HIS I 249 28.62 2.69 -25.11
C HIS I 249 27.54 1.63 -24.93
N TYR I 250 27.46 1.00 -23.77
CA TYR I 250 26.53 -0.10 -23.54
C TYR I 250 25.29 0.30 -22.76
N ASN I 251 25.45 1.07 -21.68
CA ASN I 251 24.32 1.53 -20.86
C ASN I 251 24.51 3.00 -20.49
N SER I 252 24.00 3.88 -21.35
CA SER I 252 24.06 5.32 -21.10
C SER I 252 22.76 6.02 -21.43
N TRP I 253 21.70 5.28 -21.80
CA TRP I 253 20.41 5.85 -22.12
C TRP I 253 19.32 5.08 -21.40
N LYS I 254 18.22 5.77 -21.10
CA LYS I 254 17.09 5.14 -20.43
C LYS I 254 16.43 4.15 -21.39
N VAL I 255 16.63 2.85 -21.14
CA VAL I 255 16.10 1.83 -22.02
C VAL I 255 14.60 1.69 -21.80
N LYS I 256 13.83 1.82 -22.88
CA LYS I 256 12.38 1.68 -22.83
C LYS I 256 12.01 0.22 -23.05
N VAL I 257 11.29 -0.35 -22.09
CA VAL I 257 10.87 -1.75 -22.17
C VAL I 257 9.36 -1.81 -21.93
N ALA I 258 8.76 -2.89 -22.42
CA ALA I 258 7.33 -3.12 -22.27
C ALA I 258 7.08 -4.55 -21.82
N THR I 259 6.04 -4.74 -21.02
CA THR I 259 5.65 -6.05 -20.53
C THR I 259 4.14 -6.18 -20.58
N GLY I 260 3.67 -7.42 -20.68
CA GLY I 260 2.25 -7.72 -20.69
C GLY I 260 1.65 -7.88 -22.07
N ILE I 261 2.32 -7.39 -23.12
CA ILE I 261 1.82 -7.51 -24.47
C ILE I 261 2.17 -8.88 -25.03
N ASP I 262 1.57 -9.25 -26.15
CA ASP I 262 1.81 -10.55 -26.75
C ASP I 262 3.21 -10.59 -27.36
N ASP I 263 3.59 -11.76 -27.87
CA ASP I 263 4.90 -11.95 -28.47
C ASP I 263 4.77 -12.72 -29.78
N LEU I 264 5.90 -13.14 -30.35
CA LEU I 264 5.94 -13.95 -31.58
C LEU I 264 5.06 -13.37 -32.68
N SER I 265 4.94 -12.04 -32.71
CA SER I 265 4.09 -11.36 -33.67
C SER I 265 4.79 -11.22 -35.02
N GLU I 266 4.15 -10.47 -35.93
CA GLU I 266 4.63 -10.28 -37.29
C GLU I 266 4.86 -11.62 -38.00
N ASP I 267 3.84 -12.49 -37.90
CA ASP I 267 3.86 -13.81 -38.53
C ASP I 267 5.05 -14.65 -38.05
N ALA I 268 5.30 -14.62 -36.74
CA ALA I 268 6.37 -15.39 -36.11
C ALA I 268 7.72 -15.10 -36.78
N THR I 269 8.14 -13.84 -36.63
CA THR I 269 9.29 -13.26 -37.29
C THR I 269 10.52 -14.15 -37.22
N PRO I 270 10.95 -14.75 -38.34
CA PRO I 270 12.21 -15.50 -38.39
C PRO I 270 13.40 -14.60 -38.74
N GLU I 271 13.52 -13.47 -38.04
CA GLU I 271 14.53 -12.47 -38.33
C GLU I 271 14.46 -12.01 -39.79
N GLU I 272 13.23 -11.83 -40.27
CA GLU I 272 12.97 -11.40 -41.65
C GLU I 272 12.35 -10.02 -41.65
N GLN I 273 12.79 -9.18 -42.58
CA GLN I 273 12.33 -7.80 -42.71
C GLN I 273 12.58 -7.02 -41.42
N GLN I 274 13.87 -6.87 -41.10
CA GLN I 274 14.28 -6.18 -39.89
C GLN I 274 13.90 -4.71 -39.90
N ARG I 275 13.59 -4.16 -41.08
CA ARG I 275 13.23 -2.74 -41.20
C ARG I 275 11.75 -2.56 -40.85
N ALA I 276 11.46 -2.75 -39.56
CA ALA I 276 10.11 -2.54 -39.07
C ALA I 276 9.67 -1.09 -39.23
N LYS I 277 10.57 -0.15 -38.96
CA LYS I 277 10.31 1.28 -39.12
C LYS I 277 9.10 1.73 -38.30
N LEU I 278 9.08 1.32 -37.04
CA LEU I 278 8.02 1.76 -36.12
C LEU I 278 8.20 3.24 -35.84
N ILE I 279 7.27 4.06 -36.32
CA ILE I 279 7.38 5.50 -36.16
C ILE I 279 7.23 5.87 -34.70
N LEU I 280 8.20 6.61 -34.17
CA LEU I 280 8.20 7.05 -32.77
C LEU I 280 8.80 8.45 -32.73
N ALA I 281 7.93 9.46 -32.57
CA ALA I 281 8.38 10.83 -32.48
C ALA I 281 7.69 11.53 -31.31
N GLN I 282 7.86 12.85 -31.21
CA GLN I 282 7.23 13.60 -30.12
C GLN I 282 5.72 13.56 -30.23
N ASP I 283 5.19 13.68 -31.44
CA ASP I 283 3.73 13.66 -31.62
C ASP I 283 3.14 12.28 -31.41
N ASP I 284 3.88 11.23 -31.76
CA ASP I 284 3.36 9.87 -31.66
C ASP I 284 3.10 9.48 -30.21
N ILE I 285 1.98 8.81 -29.98
CA ILE I 285 1.59 8.33 -28.65
C ILE I 285 1.39 6.82 -28.75
N LEU I 286 2.17 6.07 -27.99
CA LEU I 286 2.06 4.62 -28.00
C LEU I 286 0.81 4.18 -27.26
N MET I 287 0.13 3.16 -27.79
CA MET I 287 -1.02 2.58 -27.12
C MET I 287 -1.20 1.14 -27.60
N HIS I 288 -1.67 0.30 -26.68
CA HIS I 288 -1.87 -1.12 -26.95
C HIS I 288 -3.24 -1.55 -26.46
N GLY I 289 -3.81 -2.54 -27.14
CA GLY I 289 -5.12 -3.04 -26.79
C GLY I 289 -5.12 -4.06 -25.68
N ASN I 290 -4.53 -3.72 -24.55
CA ASN I 290 -4.48 -4.62 -23.40
C ASN I 290 -4.23 -3.79 -22.15
N HIS I 291 -5.13 -3.92 -21.16
CA HIS I 291 -4.99 -3.16 -19.92
C HIS I 291 -3.87 -3.69 -19.03
N GLU I 292 -3.33 -4.88 -19.32
CA GLU I 292 -2.25 -5.45 -18.54
C GLU I 292 -0.87 -5.03 -19.04
N ALA I 293 -0.80 -4.23 -20.10
CA ALA I 293 0.48 -3.78 -20.63
C ALA I 293 1.12 -2.76 -19.69
N LYS I 294 2.40 -2.95 -19.40
CA LYS I 294 3.16 -2.06 -18.54
C LYS I 294 4.41 -1.58 -19.27
N PHE I 295 4.69 -0.29 -19.14
CA PHE I 295 5.85 0.33 -19.77
C PHE I 295 6.82 0.79 -18.69
N TYR I 296 7.98 0.17 -18.63
CA TYR I 296 9.01 0.50 -17.66
C TYR I 296 10.20 1.17 -18.33
N THR I 297 11.02 1.83 -17.52
CA THR I 297 12.24 2.46 -17.99
C THR I 297 13.40 2.01 -17.11
N LEU I 298 14.58 1.85 -17.73
CA LEU I 298 15.76 1.40 -17.02
C LEU I 298 16.72 2.55 -16.84
N PRO I 299 17.02 2.97 -15.60
CA PRO I 299 17.97 4.06 -15.41
C PRO I 299 19.36 3.70 -15.90
N GLU I 300 20.08 4.71 -16.38
CA GLU I 300 21.42 4.53 -16.93
C GLU I 300 22.48 4.99 -15.93
N THR I 301 23.73 4.70 -16.27
CA THR I 301 24.85 5.10 -15.42
C THR I 301 24.94 6.62 -15.39
N SER I 302 25.18 7.16 -14.18
CA SER I 302 25.26 8.61 -14.02
C SER I 302 26.42 9.21 -14.80
N LEU I 303 27.47 8.42 -15.04
CA LEU I 303 28.65 8.87 -15.78
C LEU I 303 29.27 10.11 -15.15
N ASP I 304 29.53 10.03 -13.86
CA ASP I 304 30.19 11.11 -13.13
C ASP I 304 31.42 10.63 -12.37
N GLY I 305 31.38 9.42 -11.80
CA GLY I 305 32.53 8.91 -11.08
C GLY I 305 33.71 8.61 -11.98
N PHE I 306 33.44 8.21 -13.23
CA PHE I 306 34.53 7.85 -14.14
C PHE I 306 35.41 9.06 -14.47
N ILE I 307 34.80 10.23 -14.67
CA ILE I 307 35.57 11.42 -14.98
C ILE I 307 36.46 11.81 -13.80
N ALA I 308 35.90 11.77 -12.59
CA ALA I 308 36.70 12.08 -11.41
C ALA I 308 37.83 11.08 -11.21
N ALA I 309 37.56 9.79 -11.44
CA ALA I 309 38.60 8.78 -11.32
C ALA I 309 39.71 9.01 -12.34
N HIS I 310 39.34 9.33 -13.58
CA HIS I 310 40.34 9.59 -14.61
C HIS I 310 41.17 10.83 -14.27
N THR I 311 40.51 11.87 -13.74
CA THR I 311 41.25 13.06 -13.34
C THR I 311 42.24 12.75 -12.22
N GLN I 312 41.80 11.95 -11.24
CA GLN I 312 42.71 11.55 -10.16
C GLN I 312 43.88 10.74 -10.69
N ASP I 313 43.61 9.81 -11.62
CA ASP I 313 44.69 9.00 -12.18
C ASP I 313 45.67 9.83 -12.98
N VAL I 314 45.17 10.78 -13.77
CA VAL I 314 46.07 11.60 -14.59
C VAL I 314 46.86 12.57 -13.72
N GLU I 315 46.28 13.09 -12.63
CA GLU I 315 47.07 13.93 -11.74
C GLU I 315 48.09 13.11 -10.97
N ILE I 316 47.78 11.85 -10.66
CA ILE I 316 48.78 10.96 -10.09
C ILE I 316 49.92 10.76 -11.07
N LEU I 317 49.58 10.56 -12.35
CA LEU I 317 50.60 10.45 -13.39
C LEU I 317 51.49 11.69 -13.45
N ALA I 318 50.86 12.87 -13.41
CA ALA I 318 51.62 14.11 -13.49
C ALA I 318 52.53 14.29 -12.28
N ASN I 319 52.03 14.00 -11.08
CA ASN I 319 52.83 14.19 -9.88
C ASN I 319 53.97 13.18 -9.79
N ASN I 320 53.72 11.93 -10.20
CA ASN I 320 54.74 10.90 -10.11
C ASN I 320 55.89 11.15 -11.08
N ALA I 321 55.61 11.78 -12.22
CA ALA I 321 56.63 12.06 -13.21
C ALA I 321 57.27 13.44 -13.06
N GLN I 322 56.91 14.17 -11.99
CA GLN I 322 57.41 15.52 -11.76
C GLN I 322 57.11 16.44 -12.95
N VAL I 323 55.90 16.32 -13.48
CA VAL I 323 55.44 17.14 -14.60
C VAL I 323 54.32 18.04 -14.08
N PRO I 324 54.24 19.30 -14.51
CA PRO I 324 53.15 20.16 -14.06
C PRO I 324 51.78 19.59 -14.39
N VAL I 325 50.84 19.79 -13.46
CA VAL I 325 49.51 19.22 -13.63
C VAL I 325 48.73 19.94 -14.74
N TRP I 326 48.91 21.26 -14.85
CA TRP I 326 48.07 22.03 -15.77
C TRP I 326 48.34 21.67 -17.23
N ILE I 327 49.55 21.22 -17.56
CA ILE I 327 49.82 20.75 -18.91
C ILE I 327 49.40 19.31 -19.13
N LEU I 328 48.78 18.68 -18.13
CA LEU I 328 48.24 17.33 -18.25
C LEU I 328 46.72 17.29 -18.11
N ASN I 329 46.17 18.02 -17.15
CA ASN I 329 44.72 18.09 -16.97
C ASN I 329 44.38 19.39 -16.25
N GLY I 330 43.17 19.89 -16.50
CA GLY I 330 42.70 21.09 -15.86
C GLY I 330 43.33 22.34 -16.44
N GLN I 331 43.06 23.46 -15.77
CA GLN I 331 43.58 24.76 -16.16
C GLN I 331 44.27 25.41 -14.97
N LEU I 332 45.41 26.04 -15.24
CA LEU I 332 46.16 26.70 -14.18
C LEU I 332 45.42 27.92 -13.68
N ALA I 333 45.45 28.12 -12.36
CA ALA I 333 44.81 29.28 -11.75
C ALA I 333 45.70 30.53 -11.90
N ASN I 334 45.26 31.63 -11.29
CA ASN I 334 45.99 32.89 -11.37
C ASN I 334 47.08 32.93 -10.30
N LEU I 335 48.06 32.07 -10.48
CA LEU I 335 49.17 31.97 -9.53
C LEU I 335 50.12 33.16 -9.67
N SER I 336 50.79 33.48 -8.57
CA SER I 336 51.78 34.55 -8.56
C SER I 336 53.14 33.99 -8.94
N ALA I 337 54.18 34.80 -8.79
CA ALA I 337 55.54 34.36 -9.12
C ALA I 337 56.00 33.28 -8.15
N ASP I 338 55.82 33.51 -6.84
CA ASP I 338 56.28 32.54 -5.84
C ASP I 338 55.52 31.23 -5.96
N ALA I 339 54.20 31.29 -6.12
CA ALA I 339 53.41 30.07 -6.23
C ALA I 339 53.78 29.29 -7.48
N LEU I 340 53.99 29.97 -8.60
CA LEU I 340 54.42 29.29 -9.82
C LEU I 340 55.79 28.67 -9.67
N THR I 341 56.72 29.37 -9.01
CA THR I 341 58.04 28.81 -8.77
C THR I 341 57.96 27.56 -7.91
N ALA I 342 57.10 27.59 -6.88
CA ALA I 342 56.90 26.41 -6.05
C ALA I 342 56.31 25.26 -6.86
N ALA I 343 55.34 25.56 -7.72
CA ALA I 343 54.71 24.51 -8.52
C ALA I 343 55.70 23.86 -9.48
N THR I 344 56.57 24.68 -10.09
CA THR I 344 57.52 24.19 -11.09
C THR I 344 58.87 23.81 -10.49
N LYS I 345 59.04 23.91 -9.16
CA LYS I 345 60.35 23.64 -8.57
C LYS I 345 60.78 22.19 -8.78
N GLY I 346 59.87 21.24 -8.60
CA GLY I 346 60.24 19.84 -8.78
C GLY I 346 60.63 19.53 -10.21
N THR I 347 59.84 20.00 -11.17
CA THR I 347 60.18 19.80 -12.57
C THR I 347 61.49 20.50 -12.93
N ILE I 348 61.70 21.70 -12.40
CA ILE I 348 62.94 22.43 -12.67
C ILE I 348 64.13 21.67 -12.11
N GLN I 349 64.01 21.15 -10.89
CA GLN I 349 65.11 20.40 -10.28
C GLN I 349 65.40 19.11 -11.05
N LYS I 350 64.35 18.39 -11.46
CA LYS I 350 64.56 17.18 -12.23
C LYS I 350 65.23 17.49 -13.57
N LEU I 351 64.78 18.55 -14.24
CA LEU I 351 65.40 18.94 -15.49
C LEU I 351 66.83 19.41 -15.29
N TYR I 352 67.14 20.01 -14.14
CA TYR I 352 68.52 20.40 -13.85
C TYR I 352 69.40 19.18 -13.64
N GLU I 353 68.89 18.15 -12.96
CA GLU I 353 69.65 16.91 -12.82
C GLU I 353 69.89 16.25 -14.18
N ARG I 354 68.85 16.23 -15.03
CA ARG I 354 69.02 15.71 -16.38
C ARG I 354 70.04 16.53 -17.16
N GLN I 355 70.00 17.86 -16.99
CA GLN I 355 70.97 18.73 -17.64
C GLN I 355 72.38 18.42 -17.18
N VAL I 356 72.56 18.17 -15.89
CA VAL I 356 73.89 17.87 -15.35
C VAL I 356 74.43 16.58 -15.95
N THR I 357 73.60 15.52 -15.94
CA THR I 357 74.10 14.24 -16.44
C THR I 357 74.34 14.29 -17.96
N PHE I 358 73.44 14.95 -18.71
CA PHE I 358 73.63 15.04 -20.15
C PHE I 358 74.80 15.96 -20.50
N GLY I 359 75.05 16.99 -19.68
CA GLY I 359 76.21 17.82 -19.89
C GLY I 359 77.51 17.08 -19.62
N ALA I 360 77.52 16.21 -18.61
CA ALA I 360 78.68 15.35 -18.40
C ALA I 360 78.91 14.44 -19.60
N ALA I 361 77.83 13.84 -20.13
CA ALA I 361 77.96 13.00 -21.31
C ALA I 361 78.47 13.79 -22.51
N HIS I 362 77.94 15.01 -22.71
CA HIS I 362 78.37 15.83 -23.83
C HIS I 362 79.82 16.28 -23.67
N ASN I 363 80.25 16.56 -22.44
CA ASN I 363 81.65 16.90 -22.20
C ASN I 363 82.55 15.73 -22.52
N GLN I 364 82.14 14.51 -22.16
CA GLN I 364 82.90 13.33 -22.54
C GLN I 364 82.97 13.18 -24.06
N VAL I 365 81.84 13.41 -24.74
CA VAL I 365 81.80 13.30 -26.20
C VAL I 365 82.76 14.32 -26.83
N LEU I 366 82.72 15.56 -26.33
CA LEU I 366 83.59 16.60 -26.88
C LEU I 366 85.06 16.31 -26.59
N ARG I 367 85.35 15.77 -25.41
CA ARG I 367 86.73 15.40 -25.09
C ARG I 367 87.23 14.32 -26.03
N LEU I 368 86.40 13.33 -26.32
CA LEU I 368 86.82 12.29 -27.26
C LEU I 368 86.97 12.86 -28.67
N ALA I 369 86.07 13.76 -29.07
CA ALA I 369 86.13 14.35 -30.40
C ALA I 369 87.40 15.18 -30.58
N ALA I 370 87.78 15.93 -29.55
CA ALA I 370 89.03 16.70 -29.62
C ALA I 370 90.24 15.76 -29.67
N HIS I 371 90.17 14.65 -28.95
CA HIS I 371 91.31 13.74 -28.87
C HIS I 371 91.61 13.07 -30.20
N VAL I 372 90.56 12.72 -30.96
CA VAL I 372 90.77 11.99 -32.21
C VAL I 372 91.49 12.84 -33.24
N GLU I 373 91.47 14.16 -33.11
CA GLU I 373 92.18 15.07 -34.00
C GLU I 373 93.37 15.71 -33.31
N GLY I 374 94.07 14.94 -32.48
CA GLY I 374 95.13 15.49 -31.67
C GLY I 374 94.57 16.38 -30.58
N ASP I 375 94.87 17.69 -30.68
CA ASP I 375 94.28 18.71 -29.81
C ASP I 375 94.38 18.32 -28.34
N THR I 376 95.62 18.22 -27.86
CA THR I 376 95.86 17.84 -26.47
C THR I 376 95.24 18.82 -25.48
N GLU I 377 95.03 20.07 -25.89
CA GLU I 377 94.41 21.04 -24.98
C GLU I 377 92.98 20.63 -24.62
N GLY I 378 92.22 20.16 -25.61
CA GLY I 378 90.86 19.72 -25.32
C GLY I 378 90.81 18.48 -24.44
N ALA I 379 91.67 17.50 -24.72
CA ALA I 379 91.69 16.28 -23.92
C ALA I 379 92.13 16.55 -22.49
N ARG I 380 93.14 17.41 -22.31
CA ARG I 380 93.64 17.70 -20.96
C ARG I 380 92.60 18.44 -20.13
N ASP I 381 91.86 19.36 -20.76
CA ASP I 381 90.89 20.17 -20.04
C ASP I 381 89.74 19.29 -19.54
N PHE I 382 89.71 19.05 -18.23
CA PHE I 382 88.64 18.29 -17.60
C PHE I 382 87.65 19.17 -16.86
N THR I 383 87.80 20.49 -16.92
CA THR I 383 86.92 21.40 -16.21
C THR I 383 85.90 22.12 -17.10
N ALA I 384 86.14 22.16 -18.41
CA ALA I 384 85.20 22.82 -19.31
C ALA I 384 83.89 22.06 -19.36
N SER I 385 82.79 22.80 -19.34
CA SER I 385 81.45 22.21 -19.35
C SER I 385 80.57 22.97 -20.33
N VAL I 386 79.56 22.27 -20.84
CA VAL I 386 78.63 22.89 -21.78
C VAL I 386 77.65 23.79 -21.03
N SER I 387 77.00 24.68 -21.78
CA SER I 387 76.02 25.60 -21.23
C SER I 387 74.64 25.28 -21.80
N TRP I 388 73.63 25.37 -20.96
CA TRP I 388 72.27 25.03 -21.32
C TRP I 388 71.38 26.26 -21.28
N GLN I 389 70.39 26.29 -22.17
CA GLN I 389 69.41 27.37 -22.19
C GLN I 389 68.57 27.34 -20.92
N ASP I 390 68.20 28.53 -20.44
CA ASP I 390 67.41 28.63 -19.22
C ASP I 390 66.03 28.02 -19.45
N THR I 391 65.60 27.17 -18.52
CA THR I 391 64.30 26.53 -18.57
C THR I 391 63.33 27.10 -17.55
N SER I 392 63.55 28.34 -17.12
CA SER I 392 62.69 28.96 -16.12
C SER I 392 61.31 29.23 -16.70
N VAL I 393 60.35 29.44 -15.80
CA VAL I 393 58.96 29.62 -16.19
C VAL I 393 58.60 31.05 -15.78
N ARG I 394 59.59 31.93 -15.82
CA ARG I 394 59.39 33.32 -15.44
C ARG I 394 59.03 34.15 -16.67
N SER I 395 58.11 35.10 -16.49
CA SER I 395 57.70 35.96 -17.58
C SER I 395 58.83 36.91 -17.98
N LEU I 396 58.73 37.42 -19.20
CA LEU I 396 59.80 38.28 -19.72
C LEU I 396 59.92 39.56 -18.92
N ALA I 397 58.80 40.20 -18.59
CA ALA I 397 58.86 41.48 -17.90
C ALA I 397 59.52 41.35 -16.52
N GLN I 398 59.11 40.34 -15.76
CA GLN I 398 59.67 40.14 -14.42
C GLN I 398 61.17 39.84 -14.49
N ALA I 399 61.57 38.93 -15.37
CA ALA I 399 62.98 38.58 -15.48
C ALA I 399 63.80 39.79 -15.93
N VAL I 400 63.30 40.54 -16.91
CA VAL I 400 64.05 41.68 -17.42
C VAL I 400 64.20 42.76 -16.34
N ASP I 401 63.12 43.08 -15.63
CA ASP I 401 63.22 44.14 -14.64
C ASP I 401 64.12 43.73 -13.47
N ALA I 402 64.02 42.46 -13.05
CA ALA I 402 64.90 41.99 -11.99
C ALA I 402 66.36 41.99 -12.43
N TYR I 403 66.64 41.55 -13.65
CA TYR I 403 68.01 41.54 -14.13
C TYR I 403 68.56 42.96 -14.27
N GLY I 404 67.72 43.89 -14.73
CA GLY I 404 68.15 45.28 -14.81
C GLY I 404 68.45 45.86 -13.44
N LYS I 405 67.59 45.58 -12.45
CA LYS I 405 67.86 46.04 -11.10
C LYS I 405 69.16 45.44 -10.56
N ALA I 406 69.40 44.16 -10.83
CA ALA I 406 70.64 43.53 -10.39
C ALA I 406 71.84 44.18 -11.04
N ALA I 407 71.77 44.45 -12.34
CA ALA I 407 72.89 45.08 -13.04
C ALA I 407 73.14 46.48 -12.52
N THR I 408 72.07 47.23 -12.23
CA THR I 408 72.23 48.62 -11.80
C THR I 408 72.69 48.74 -10.35
N MET I 409 72.31 47.79 -9.48
CA MET I 409 72.60 47.91 -8.05
C MET I 409 73.67 46.93 -7.58
N LEU I 410 73.50 45.63 -7.82
CA LEU I 410 74.52 44.66 -7.47
C LEU I 410 75.76 44.76 -8.36
N GLY I 411 75.66 45.46 -9.48
CA GLY I 411 76.80 45.62 -10.38
C GLY I 411 77.25 44.37 -11.09
N MET I 412 76.31 43.52 -11.48
CA MET I 412 76.68 42.33 -12.26
C MET I 412 77.06 42.73 -13.68
N PRO I 413 77.95 41.98 -14.31
CA PRO I 413 78.32 42.29 -15.70
C PRO I 413 77.13 42.13 -16.63
N LYS I 414 76.78 43.21 -17.33
CA LYS I 414 75.63 43.21 -18.22
C LYS I 414 75.86 42.33 -19.46
N GLU I 415 77.11 42.05 -19.81
CA GLU I 415 77.37 41.23 -20.99
C GLU I 415 76.81 39.82 -20.82
N PHE I 416 77.00 39.22 -19.64
CA PHE I 416 76.45 37.90 -19.40
C PHE I 416 74.94 37.94 -19.28
N LEU I 417 74.40 39.01 -18.72
CA LEU I 417 72.96 39.10 -18.48
C LEU I 417 72.14 39.13 -19.77
N TRP I 418 72.76 39.49 -20.89
CA TRP I 418 72.03 39.57 -22.15
C TRP I 418 71.45 38.22 -22.57
N GLY I 419 72.18 37.13 -22.28
CA GLY I 419 71.73 35.81 -22.66
C GLY I 419 70.73 35.17 -21.73
N LEU I 420 70.31 35.86 -20.68
CA LEU I 420 69.37 35.31 -19.71
C LEU I 420 67.92 35.71 -19.98
N ILE I 421 67.69 36.78 -20.71
CA ILE I 421 66.30 37.17 -21.04
C ILE I 421 65.72 36.14 -22.00
N PRO I 422 64.49 35.67 -21.78
CA PRO I 422 63.89 34.72 -22.73
C PRO I 422 63.74 35.34 -24.11
N GLY I 423 63.87 34.48 -25.12
CA GLY I 423 63.80 34.92 -26.50
C GLY I 423 65.11 35.35 -27.12
N ILE I 424 66.20 35.36 -26.35
CA ILE I 424 67.52 35.72 -26.85
C ILE I 424 68.45 34.54 -26.64
N THR I 425 69.12 34.12 -27.71
CA THR I 425 70.04 32.99 -27.70
C THR I 425 71.47 33.50 -27.78
N LYS I 426 72.41 32.55 -27.84
CA LYS I 426 73.82 32.91 -27.95
C LYS I 426 74.13 33.59 -29.28
N THR I 427 73.43 33.22 -30.35
CA THR I 427 73.65 33.87 -31.63
C THR I 427 73.28 35.35 -31.56
N ASP I 428 72.18 35.68 -30.87
CA ASP I 428 71.80 37.08 -30.71
C ASP I 428 72.84 37.85 -29.91
N VAL I 429 73.39 37.21 -28.86
CA VAL I 429 74.43 37.86 -28.07
C VAL I 429 75.67 38.12 -28.91
N GLU I 430 76.06 37.14 -29.75
CA GLU I 430 77.20 37.33 -30.63
C GLU I 430 76.94 38.44 -31.64
N ALA I 431 75.71 38.52 -32.16
CA ALA I 431 75.37 39.59 -33.09
C ALA I 431 75.45 40.95 -32.41
N MET I 432 74.97 41.05 -31.17
CA MET I 432 75.07 42.29 -30.42
C MET I 432 76.53 42.68 -30.20
N ARG I 433 77.37 41.72 -29.82
CA ARG I 433 78.77 42.01 -29.56
C ARG I 433 79.49 42.44 -30.83
N GLN I 434 79.20 41.79 -31.95
CA GLN I 434 79.87 42.13 -33.20
C GLN I 434 79.52 43.55 -33.66
N HIS I 435 78.26 43.93 -33.54
CA HIS I 435 77.78 45.24 -33.98
C HIS I 435 77.22 45.98 -32.76
N PHE I 436 78.09 46.65 -32.03
CA PHE I 436 77.69 47.48 -30.90
C PHE I 436 78.28 48.88 -30.92
N ASN I 437 79.42 49.10 -31.57
CA ASN I 437 80.05 50.40 -31.69
C ASN I 437 80.42 50.67 -33.14
N ASP I 438 79.48 50.38 -34.05
CA ASP I 438 79.72 50.56 -35.46
C ASP I 438 79.76 52.05 -35.82
N ASP I 439 80.44 52.34 -36.93
CA ASP I 439 80.61 53.71 -37.38
C ASP I 439 79.39 54.29 -38.07
N ASP I 440 78.39 53.47 -38.37
CA ASP I 440 77.19 53.96 -39.03
C ASP I 440 76.39 54.86 -38.10
N GLU I 441 75.55 55.70 -38.70
CA GLU I 441 74.76 56.64 -37.91
C GLU I 441 73.72 55.94 -37.04
N MET I 442 73.25 54.77 -37.46
CA MET I 442 72.22 54.08 -36.70
C MET I 442 72.71 53.68 -35.31
N THR I 443 73.86 53.00 -35.24
CA THR I 443 74.38 52.54 -33.96
C THR I 443 74.78 53.71 -33.07
N GLN I 444 75.40 54.75 -33.65
CA GLN I 444 75.77 55.92 -32.87
C GLN I 444 74.56 56.63 -32.31
N MET I 445 73.50 56.76 -33.12
CA MET I 445 72.27 57.39 -32.63
C MET I 445 71.61 56.56 -31.54
N LEU I 446 71.59 55.23 -31.70
CA LEU I 446 70.90 54.38 -30.75
C LEU I 446 71.72 54.08 -29.50
N LEU I 447 73.02 54.38 -29.51
CA LEU I 447 73.85 54.16 -28.33
C LEU I 447 73.78 55.33 -27.36
N TRP I 448 73.98 56.54 -27.85
CA TRP I 448 73.89 57.75 -27.03
C TRP I 448 72.48 58.34 -27.10
N TRP I 449 71.51 57.54 -26.65
CA TRP I 449 70.11 57.91 -26.70
C TRP I 449 69.64 58.39 -25.33
N THR I 450 68.94 59.52 -25.30
CA THR I 450 68.37 60.10 -24.10
C THR I 450 66.86 60.24 -24.28
N PRO I 451 66.11 60.29 -23.18
CA PRO I 451 64.65 60.42 -23.31
C PRO I 451 64.20 61.70 -24.00
N ASN I 452 65.04 62.72 -24.06
CA ASN I 452 64.71 63.99 -24.70
C ASN I 452 65.48 64.16 -26.02
N GLY I 453 65.64 63.07 -26.76
CA GLY I 453 66.34 63.11 -28.03
C GLY I 453 67.71 62.47 -27.96
N PRO I 454 68.37 62.33 -29.11
CA PRO I 454 69.70 61.75 -29.12
C PRO I 454 70.69 62.60 -28.32
N GLY I 455 71.61 61.92 -27.64
CA GLY I 455 72.62 62.60 -26.86
C GLY I 455 74.02 62.41 -27.41
N GLY I 456 75.02 62.46 -26.53
CA GLY I 456 76.39 62.24 -26.96
C GLY I 456 76.90 63.39 -27.82
N GLU I 457 77.76 63.02 -28.79
CA GLU I 457 78.34 64.02 -29.67
C GLU I 457 77.29 64.69 -30.54
N PHE I 458 76.21 63.98 -30.87
CA PHE I 458 75.15 64.58 -31.67
C PHE I 458 74.49 65.74 -30.95
N ALA I 459 74.22 65.58 -29.64
CA ALA I 459 73.70 66.68 -28.84
C ALA I 459 74.77 67.68 -28.45
N ALA I 460 76.04 67.29 -28.51
CA ALA I 460 77.12 68.23 -28.22
C ALA I 460 77.37 69.19 -29.37
N GLU I 461 77.13 68.73 -30.61
CA GLU I 461 77.38 69.58 -31.77
C GLU I 461 76.49 70.82 -31.76
N ILE I 462 75.20 70.64 -31.46
CA ILE I 462 74.30 71.78 -31.42
C ILE I 462 74.67 72.72 -30.28
N GLU I 463 75.08 72.16 -29.14
CA GLU I 463 75.46 72.99 -28.00
C GLU I 463 76.69 73.83 -28.33
N VAL I 464 77.71 73.21 -28.94
CA VAL I 464 78.91 73.96 -29.27
C VAL I 464 78.64 74.97 -30.38
N ASP I 465 77.74 74.65 -31.31
CA ASP I 465 77.36 75.63 -32.32
C ASP I 465 76.67 76.83 -31.69
N SER I 466 75.75 76.60 -30.75
CA SER I 466 75.09 77.70 -30.07
C SER I 466 76.08 78.53 -29.26
N GLN I 467 76.99 77.88 -28.56
CA GLN I 467 78.00 78.60 -27.79
C GLN I 467 78.91 79.42 -28.70
N THR I 468 79.30 78.85 -29.83
CA THR I 468 80.14 79.57 -30.78
C THR I 468 79.41 80.79 -31.35
N GLN I 469 78.12 80.63 -31.67
CA GLN I 469 77.35 81.77 -32.17
C GLN I 469 77.24 82.87 -31.13
N ILE I 470 76.97 82.50 -29.88
CA ILE I 470 76.87 83.50 -28.81
C ILE I 470 78.20 84.21 -28.60
N ILE I 471 79.29 83.44 -28.60
CA ILE I 471 80.62 84.03 -28.42
C ILE I 471 80.97 84.94 -29.57
N GLU I 472 80.60 84.55 -30.80
CA GLU I 472 80.86 85.40 -31.95
C GLU I 472 80.07 86.71 -31.88
N ALA I 473 78.80 86.63 -31.46
CA ALA I 473 78.02 87.85 -31.31
C ALA I 473 78.60 88.77 -30.25
N GLN I 474 79.01 88.20 -29.11
CA GLN I 474 79.64 89.00 -28.06
C GLN I 474 80.95 89.61 -28.56
N GLY I 475 81.74 88.84 -29.31
CA GLY I 475 82.97 89.37 -29.84
C GLY I 475 82.75 90.49 -30.82
N ASP I 476 81.72 90.38 -31.66
CA ASP I 476 81.43 91.43 -32.63
C ASP I 476 80.98 92.71 -31.94
N VAL I 477 80.06 92.59 -30.97
CA VAL I 477 79.60 93.80 -30.28
C VAL I 477 80.74 94.44 -29.50
N GLN I 478 81.59 93.62 -28.86
CA GLN I 478 82.77 94.16 -28.21
C GLN I 478 83.66 94.87 -29.21
N LYS I 479 83.97 94.21 -30.32
CA LYS I 479 84.90 94.75 -31.29
C LYS I 479 84.46 96.11 -31.78
N ASP I 480 83.17 96.27 -32.09
CA ASP I 480 82.71 97.61 -32.46
C ASP I 480 82.79 98.57 -31.29
N LEU I 481 82.58 98.10 -30.06
CA LEU I 481 82.69 98.98 -28.89
C LEU I 481 84.11 99.54 -28.73
N GLN I 482 85.11 98.67 -28.72
CA GLN I 482 86.49 99.18 -28.63
C GLN I 482 86.92 99.90 -29.90
N ASP I 483 86.35 99.59 -31.07
CA ASP I 483 86.68 100.40 -32.25
C ASP I 483 86.19 101.82 -32.09
N ALA I 484 84.95 102.00 -31.60
CA ALA I 484 84.46 103.34 -31.31
C ALA I 484 85.29 104.02 -30.24
N GLN I 485 85.68 103.27 -29.20
CA GLN I 485 86.49 103.85 -28.14
C GLN I 485 87.84 104.32 -28.66
N ALA I 486 88.48 103.52 -29.52
CA ALA I 486 89.77 103.91 -30.09
C ALA I 486 89.63 105.12 -31.00
N LYS I 487 88.55 105.17 -31.79
CA LYS I 487 88.32 106.36 -32.62
C LYS I 487 88.13 107.60 -31.77
N ALA I 488 87.36 107.49 -30.69
CA ALA I 488 87.15 108.62 -29.79
C ALA I 488 88.46 109.05 -29.13
N GLN I 489 89.29 108.08 -28.72
CA GLN I 489 90.57 108.40 -28.11
C GLN I 489 91.50 109.10 -29.10
N ALA I 490 91.51 108.63 -30.36
CA ALA I 490 92.33 109.27 -31.37
C ALA I 490 91.86 110.70 -31.63
N ASP I 491 90.54 110.91 -31.70
CA ASP I 491 90.02 112.26 -31.89
C ASP I 491 90.38 113.16 -30.71
N LEU I 492 90.28 112.63 -29.49
CA LEU I 492 90.66 113.42 -28.32
C LEU I 492 92.14 113.77 -28.33
N ALA I 493 92.99 112.82 -28.72
CA ALA I 493 94.42 113.09 -28.82
C ALA I 493 94.71 114.15 -29.86
N LYS I 494 94.04 114.07 -31.01
CA LYS I 494 94.22 115.10 -32.05
C LYS I 494 93.79 116.46 -31.56
N GLN I 495 92.64 116.53 -30.86
CA GLN I 495 92.18 117.81 -30.32
C GLN I 495 93.16 118.36 -29.29
N ASN I 496 93.69 117.49 -28.43
CA ASN I 496 94.66 117.93 -27.43
C ASN I 496 95.93 118.44 -28.09
N ALA I 497 96.40 117.76 -29.13
CA ALA I 497 97.59 118.23 -29.85
C ALA I 497 97.33 119.57 -30.51
N ALA I 498 96.15 119.74 -31.11
CA ALA I 498 95.82 121.03 -31.72
C ALA I 498 95.77 122.14 -30.69
N ALA I 499 95.17 121.87 -29.53
CA ALA I 499 95.14 122.88 -28.46
C ALA I 499 96.54 123.21 -27.98
N GLN I 500 97.40 122.19 -27.82
CA GLN I 500 98.76 122.42 -27.35
C GLN I 500 99.55 123.27 -28.34
N GLN I 501 99.45 122.95 -29.64
CA GLN I 501 100.18 123.75 -30.62
C GLN I 501 99.61 125.16 -30.73
N ARG I 502 98.30 125.32 -30.58
CA ARG I 502 97.71 126.66 -30.61
C ARG I 502 98.19 127.49 -29.43
N GLN I 503 98.24 126.89 -28.23
CA GLN I 503 98.68 127.64 -27.06
C GLN I 503 100.19 127.84 -27.02
N ALA I 504 100.96 127.01 -27.72
CA ALA I 504 102.40 127.18 -27.76
C ALA I 504 102.86 128.13 -28.86
N VAL I 505 102.13 128.21 -29.97
CA VAL I 505 102.53 129.10 -31.06
C VAL I 505 102.37 130.56 -30.68
N ALA I 506 101.52 130.87 -29.70
CA ALA I 506 101.32 132.25 -29.29
C ALA I 506 102.52 132.74 -28.49
N VAL I 507 103.07 133.88 -28.89
CA VAL I 507 104.23 134.44 -28.23
C VAL I 507 104.35 135.94 -28.52
N ILE J 2 62.69 -4.49 -51.05
CA ILE J 2 63.41 -3.55 -51.90
C ILE J 2 64.91 -3.68 -51.69
N GLU J 3 65.68 -3.34 -52.72
CA GLU J 3 67.13 -3.42 -52.68
C GLU J 3 67.72 -2.13 -53.24
N LEU J 4 68.94 -1.81 -52.78
CA LEU J 4 69.63 -0.61 -53.24
C LEU J 4 70.56 -0.98 -54.38
N PRO J 5 70.33 -0.49 -55.60
CA PRO J 5 71.22 -0.85 -56.72
C PRO J 5 72.42 0.10 -56.82
N ASP J 6 73.62 -0.48 -56.90
CA ASP J 6 74.82 0.35 -57.07
C ASP J 6 74.80 1.06 -58.41
N ALA J 7 74.41 0.37 -59.47
CA ALA J 7 74.35 0.97 -60.80
C ALA J 7 73.11 1.85 -60.93
N ILE J 8 73.11 2.70 -61.97
CA ILE J 8 72.00 3.59 -62.23
C ILE J 8 71.03 3.04 -63.27
N SER J 9 71.35 1.91 -63.90
CA SER J 9 70.51 1.29 -64.93
C SER J 9 70.21 2.27 -66.05
N ASP J 10 71.27 2.66 -66.77
CA ASP J 10 71.13 3.65 -67.83
C ASP J 10 70.20 3.15 -68.94
N GLY J 11 70.33 1.89 -69.32
CA GLY J 11 69.51 1.34 -70.38
C GLY J 11 68.33 0.51 -69.91
N GLU J 12 68.27 0.25 -68.60
CA GLU J 12 67.22 -0.59 -68.04
C GLU J 12 66.67 0.03 -66.75
N VAL J 13 66.44 1.34 -66.78
CA VAL J 13 65.88 2.01 -65.61
C VAL J 13 64.43 1.60 -65.38
N ARG J 14 63.65 1.48 -66.47
CA ARG J 14 62.24 1.14 -66.33
C ARG J 14 62.06 -0.26 -65.79
N LYS J 15 62.93 -1.20 -66.16
CA LYS J 15 62.83 -2.57 -65.65
C LYS J 15 62.98 -2.59 -64.14
N LEU J 16 63.93 -1.83 -63.60
CA LEU J 16 64.10 -1.77 -62.15
C LEU J 16 62.95 -1.02 -61.50
N VAL J 17 62.47 0.07 -62.12
CA VAL J 17 61.41 0.86 -61.52
C VAL J 17 60.14 0.04 -61.38
N GLU J 18 59.72 -0.62 -62.46
CA GLU J 18 58.41 -1.28 -62.48
C GLU J 18 58.32 -2.44 -61.50
N ASN J 19 59.45 -3.02 -61.08
CA ASN J 19 59.42 -4.15 -60.16
C ASN J 19 60.02 -3.86 -58.80
N GLU J 20 60.60 -2.69 -58.57
CA GLU J 20 61.08 -2.39 -57.23
C GLU J 20 60.56 -1.08 -56.68
N PHE J 21 60.41 -0.05 -57.50
CA PHE J 21 60.03 1.26 -57.01
C PHE J 21 58.53 1.48 -57.05
N TRP J 22 57.86 1.11 -58.15
CA TRP J 22 56.43 1.33 -58.27
C TRP J 22 55.63 0.58 -57.20
N PRO J 23 55.86 -0.71 -56.91
CA PRO J 23 55.10 -1.34 -55.82
C PRO J 23 55.30 -0.67 -54.47
N GLU J 24 56.54 -0.34 -54.12
CA GLU J 24 56.81 0.35 -52.86
C GLU J 24 56.18 1.75 -52.88
N PHE J 25 56.25 2.43 -54.02
CA PHE J 25 55.65 3.76 -54.12
C PHE J 25 54.15 3.70 -53.89
N VAL J 26 53.47 2.70 -54.47
CA VAL J 26 52.03 2.57 -54.28
C VAL J 26 51.72 2.18 -52.84
N ARG J 27 52.54 1.30 -52.25
CA ARG J 27 52.33 0.88 -50.87
C ARG J 27 52.44 2.06 -49.90
N ARG J 28 53.37 2.98 -50.17
CA ARG J 28 53.47 4.18 -49.35
C ARG J 28 52.35 5.17 -49.69
N ARG J 29 51.98 5.24 -50.97
CA ARG J 29 51.00 6.23 -51.41
C ARG J 29 49.62 5.96 -50.83
N GLU J 30 49.23 4.69 -50.74
CA GLU J 30 47.92 4.38 -50.18
C GLU J 30 47.83 4.83 -48.73
N LYS J 31 48.87 4.56 -47.93
CA LYS J 31 48.86 4.99 -46.53
C LYS J 31 48.91 6.51 -46.41
N LEU J 32 49.71 7.17 -47.24
CA LEU J 32 49.77 8.63 -47.19
C LEU J 32 48.44 9.25 -47.59
N ASP J 33 47.78 8.70 -48.60
CA ASP J 33 46.45 9.20 -48.99
C ASP J 33 45.44 8.97 -47.87
N ARG J 34 45.50 7.81 -47.21
CA ARG J 34 44.60 7.54 -46.11
C ARG J 34 44.81 8.52 -44.96
N ILE J 35 46.06 8.80 -44.61
CA ILE J 35 46.32 9.71 -43.50
C ILE J 35 45.97 11.14 -43.88
N ALA J 36 46.15 11.51 -45.15
CA ALA J 36 45.73 12.83 -45.61
C ALA J 36 44.21 12.98 -45.53
N GLN J 37 43.48 11.93 -45.92
CA GLN J 37 42.03 11.95 -45.79
C GLN J 37 41.62 12.04 -44.33
N TRP J 38 42.35 11.34 -43.44
CA TRP J 38 42.07 11.43 -42.01
C TRP J 38 42.29 12.84 -41.48
N ALA J 39 43.32 13.52 -41.98
CA ALA J 39 43.66 14.85 -41.47
C ALA J 39 42.54 15.85 -41.72
N ARG J 40 42.00 15.85 -42.94
CA ARG J 40 40.94 16.81 -43.31
C ARG J 40 39.58 16.21 -42.99
N GLY J 41 39.30 16.09 -41.69
CA GLY J 41 38.05 15.51 -41.25
C GLY J 41 38.00 14.01 -41.52
N GLU J 42 36.80 13.47 -41.42
CA GLU J 42 36.53 12.06 -41.66
C GLU J 42 37.48 11.18 -40.83
N GLN J 43 37.36 11.31 -39.52
CA GLN J 43 38.22 10.55 -38.62
C GLN J 43 37.95 9.06 -38.74
N PRO J 44 38.94 8.21 -38.45
CA PRO J 44 38.75 6.76 -38.58
C PRO J 44 37.60 6.27 -37.71
N ASP J 45 36.60 5.69 -38.36
CA ASP J 45 35.41 5.17 -37.68
C ASP J 45 35.62 3.72 -37.25
N TYR J 46 35.97 3.53 -35.98
CA TYR J 46 36.14 2.18 -35.45
C TYR J 46 34.83 1.41 -35.45
N LEU J 47 33.71 2.09 -35.21
CA LEU J 47 32.39 1.48 -35.22
C LEU J 47 31.49 2.24 -36.17
N ILE J 48 30.97 1.56 -37.18
CA ILE J 48 30.04 2.15 -38.14
C ILE J 48 28.93 1.15 -38.42
N GLN J 49 27.70 1.64 -38.47
CA GLN J 49 26.52 0.81 -38.75
C GLN J 49 26.20 0.95 -40.24
N ASN J 50 26.36 -0.15 -40.97
CA ASN J 50 26.10 -0.18 -42.40
C ASN J 50 24.69 -0.64 -42.74
N ALA J 51 23.86 -0.93 -41.74
CA ALA J 51 22.50 -1.41 -41.97
C ALA J 51 21.44 -0.35 -41.78
N ASN J 52 21.68 0.64 -40.92
CA ASN J 52 20.73 1.70 -40.64
C ASN J 52 21.21 2.98 -41.31
N ARG J 53 20.37 3.53 -42.21
CA ARG J 53 20.73 4.77 -42.89
C ARG J 53 20.75 5.95 -41.93
N GLU J 54 19.79 6.00 -41.00
CA GLU J 54 19.74 7.10 -40.03
C GLU J 54 20.96 7.09 -39.12
N LYS J 55 21.36 5.92 -38.65
CA LYS J 55 22.53 5.83 -37.78
C LYS J 55 23.80 6.23 -38.53
N ARG J 56 23.93 5.80 -39.78
CA ARG J 56 25.09 6.18 -40.58
C ARG J 56 25.11 7.68 -40.83
N ALA J 57 23.95 8.28 -41.09
CA ALA J 57 23.88 9.72 -41.29
C ALA J 57 24.26 10.46 -40.01
N LEU J 58 23.80 9.98 -38.85
CA LEU J 58 24.17 10.61 -37.59
C LEU J 58 25.66 10.49 -37.33
N LEU J 59 26.25 9.32 -37.64
CA LEU J 59 27.68 9.14 -37.44
C LEU J 59 28.49 10.06 -38.35
N LYS J 60 28.08 10.17 -39.61
CA LYS J 60 28.76 11.08 -40.53
C LYS J 60 28.61 12.54 -40.10
N LEU J 61 27.44 12.88 -39.53
CA LEU J 61 27.19 14.23 -39.06
C LEU J 61 28.01 14.57 -37.82
N ALA J 62 28.50 13.56 -37.09
CA ALA J 62 29.27 13.77 -35.89
C ALA J 62 30.77 13.81 -36.13
N LYS J 63 31.22 13.69 -37.39
CA LYS J 63 32.64 13.66 -37.71
C LYS J 63 33.19 15.08 -37.63
N THR J 64 33.47 15.51 -36.40
CA THR J 64 34.04 16.83 -36.18
C THR J 64 35.53 16.81 -36.44
N PRO J 65 36.06 17.64 -37.34
CA PRO J 65 37.51 17.64 -37.59
C PRO J 65 38.26 18.28 -36.44
N TRP J 66 39.15 17.52 -35.81
CA TRP J 66 39.94 18.00 -34.69
C TRP J 66 41.44 17.99 -34.97
N LEU J 67 41.96 16.92 -35.56
CA LEU J 67 43.39 16.85 -35.86
C LEU J 67 43.78 17.89 -36.90
N GLY J 68 42.90 18.14 -37.89
CA GLY J 68 43.17 19.18 -38.86
C GLY J 68 43.30 20.55 -38.24
N LEU J 69 42.46 20.83 -37.23
CA LEU J 69 42.56 22.10 -36.52
C LEU J 69 43.91 22.22 -35.81
N VAL J 70 44.37 21.14 -35.18
CA VAL J 70 45.66 21.16 -34.50
C VAL J 70 46.78 21.39 -35.51
N VAL J 71 46.73 20.72 -36.66
CA VAL J 71 47.74 20.90 -37.69
C VAL J 71 47.76 22.34 -38.19
N THR J 72 46.58 22.91 -38.45
CA THR J 72 46.52 24.28 -38.92
C THR J 72 47.07 25.25 -37.89
N HIS J 73 46.73 25.02 -36.61
CA HIS J 73 47.24 25.89 -35.54
C HIS J 73 48.75 25.80 -35.44
N PHE J 74 49.31 24.60 -35.56
CA PHE J 74 50.76 24.45 -35.47
C PHE J 74 51.46 25.09 -36.66
N THR J 75 50.91 24.94 -37.86
CA THR J 75 51.58 25.42 -39.07
C THR J 75 51.38 26.91 -39.30
N GLN J 76 50.41 27.55 -38.63
CA GLN J 76 50.19 28.97 -38.81
C GLN J 76 51.06 29.83 -37.90
N ALA J 77 51.75 29.23 -36.94
CA ALA J 77 52.64 29.96 -36.04
C ALA J 77 54.11 29.83 -36.42
N LEU J 78 54.41 29.15 -37.54
CA LEU J 78 55.78 28.96 -37.99
C LEU J 78 56.02 29.85 -39.21
N PHE J 79 57.03 30.72 -39.12
CA PHE J 79 57.36 31.62 -40.20
C PHE J 79 58.84 31.92 -40.17
N VAL J 80 59.46 31.99 -41.35
CA VAL J 80 60.89 32.26 -41.50
C VAL J 80 61.04 33.64 -42.13
N ASP J 81 61.79 34.50 -41.46
CA ASP J 81 62.08 35.85 -41.95
C ASP J 81 63.56 36.13 -41.79
N GLY J 82 64.21 36.50 -42.88
CA GLY J 82 65.62 36.83 -42.84
C GLY J 82 66.52 35.60 -42.73
N TYR J 83 67.75 35.77 -43.18
CA TYR J 83 68.79 34.74 -43.10
C TYR J 83 69.99 35.36 -42.40
N ARG J 84 70.01 35.29 -41.07
CA ARG J 84 71.05 35.94 -40.28
C ARG J 84 72.29 35.08 -40.26
N ALA J 85 73.34 35.52 -40.96
CA ALA J 85 74.62 34.84 -40.91
C ALA J 85 75.33 35.16 -39.60
N GLU J 86 76.36 34.36 -39.30
CA GLU J 86 77.10 34.55 -38.06
C GLU J 86 77.88 35.86 -38.11
N GLY J 87 77.66 36.72 -37.12
CA GLY J 87 78.35 37.98 -37.03
C GLY J 87 77.79 39.10 -37.88
N SER J 88 76.67 38.89 -38.57
CA SER J 88 76.07 39.90 -39.42
C SER J 88 74.61 40.09 -39.03
N LYS J 89 74.20 41.34 -38.84
CA LYS J 89 72.82 41.65 -38.50
C LYS J 89 71.92 41.84 -39.72
N GLU J 90 72.49 41.83 -40.92
CA GLU J 90 71.73 42.01 -42.15
C GLU J 90 71.74 40.72 -42.95
N ASN J 91 70.59 40.42 -43.56
CA ASN J 91 70.47 39.21 -44.38
C ASN J 91 71.40 39.29 -45.58
N ALA J 92 72.07 38.18 -45.86
CA ALA J 92 72.98 38.12 -47.00
C ALA J 92 72.20 38.20 -48.31
N LYS J 93 72.85 38.77 -49.32
CA LYS J 93 72.26 38.92 -50.65
C LYS J 93 72.39 37.67 -51.50
N GLY J 94 72.65 36.52 -50.87
CA GLY J 94 72.81 35.28 -51.58
C GLY J 94 71.57 34.42 -51.50
N PRO J 95 71.56 33.45 -50.58
CA PRO J 95 70.40 32.55 -50.46
C PRO J 95 69.10 33.27 -50.17
N TRP J 96 69.14 34.42 -49.49
CA TRP J 96 67.92 35.17 -49.22
C TRP J 96 67.30 35.71 -50.51
N GLN J 97 68.13 36.08 -51.49
CA GLN J 97 67.60 36.50 -52.77
C GLN J 97 66.86 35.36 -53.46
N THR J 98 67.41 34.15 -53.39
CA THR J 98 66.71 32.99 -53.94
C THR J 98 65.41 32.72 -53.18
N TRP J 99 65.44 32.87 -51.86
CA TRP J 99 64.23 32.68 -51.06
C TRP J 99 63.14 33.66 -51.46
N ASN J 100 63.51 34.93 -51.67
CA ASN J 100 62.52 35.93 -52.04
C ASN J 100 62.02 35.72 -53.47
N ALA J 101 62.92 35.35 -54.39
CA ALA J 101 62.53 35.20 -55.78
C ALA J 101 61.59 34.01 -55.97
N ASN J 102 61.80 32.93 -55.23
CA ASN J 102 61.00 31.71 -55.38
C ASN J 102 59.66 31.79 -54.69
N LYS J 103 59.30 32.94 -54.11
CA LYS J 103 58.04 33.11 -53.39
C LYS J 103 57.89 32.08 -52.28
N MET J 104 58.98 31.86 -51.54
CA MET J 104 58.95 30.88 -50.46
C MET J 104 58.12 31.34 -49.27
N GLN J 105 57.83 32.64 -49.17
CA GLN J 105 57.04 33.15 -48.06
C GLN J 105 55.65 32.55 -48.02
N SER J 106 55.12 32.16 -49.18
CA SER J 106 53.80 31.54 -49.25
C SER J 106 53.85 30.02 -49.32
N LYS J 107 54.99 29.44 -49.70
CA LYS J 107 55.11 27.98 -49.77
C LYS J 107 55.64 27.36 -48.50
N GLN J 108 56.27 28.15 -47.62
CA GLN J 108 56.75 27.61 -46.35
C GLN J 108 55.61 27.14 -45.47
N ILE J 109 54.46 27.81 -45.54
CA ILE J 109 53.30 27.37 -44.77
C ILE J 109 52.86 25.99 -45.22
N ALA J 110 52.77 25.79 -46.53
CA ALA J 110 52.37 24.48 -47.06
C ALA J 110 53.40 23.42 -46.71
N ILE J 111 54.69 23.76 -46.80
CA ILE J 111 55.75 22.79 -46.49
C ILE J 111 55.65 22.37 -45.03
N HIS J 112 55.48 23.35 -44.12
CA HIS J 112 55.38 23.03 -42.70
C HIS J 112 54.13 22.23 -42.40
N ARG J 113 53.00 22.55 -43.06
CA ARG J 113 51.77 21.80 -42.84
C ARG J 113 51.94 20.35 -43.30
N ALA J 114 52.56 20.14 -44.45
CA ALA J 114 52.78 18.79 -44.94
C ALA J 114 53.73 18.02 -44.03
N ALA J 115 54.77 18.69 -43.53
CA ALA J 115 55.71 18.05 -42.62
C ALA J 115 55.04 17.66 -41.31
N LEU J 116 54.18 18.53 -40.79
CA LEU J 116 53.49 18.23 -39.53
C LEU J 116 52.42 17.16 -39.70
N THR J 117 51.80 17.09 -40.89
CA THR J 117 50.75 16.10 -41.12
C THR J 117 51.35 14.75 -41.47
N TYR J 118 52.06 14.68 -42.60
CA TYR J 118 52.57 13.40 -43.07
C TYR J 118 53.75 12.91 -42.23
N GLY J 119 54.66 13.81 -41.89
CA GLY J 119 55.80 13.43 -41.06
C GLY J 119 57.13 13.89 -41.63
N TYR J 120 57.23 13.96 -42.95
CA TYR J 120 58.49 14.33 -43.60
C TYR J 120 58.18 14.96 -44.95
N SER J 121 58.32 16.28 -45.03
CA SER J 121 58.15 16.98 -46.29
C SER J 121 59.41 16.87 -47.15
N TYR J 122 59.27 17.22 -48.42
CA TYR J 122 60.38 17.17 -49.36
C TYR J 122 60.44 18.50 -50.13
N ALA J 123 61.64 19.04 -50.27
CA ALA J 123 61.87 20.26 -51.02
C ALA J 123 62.81 19.98 -52.17
N ARG J 124 62.40 20.36 -53.38
CA ARG J 124 63.18 20.13 -54.59
C ARG J 124 63.80 21.44 -55.04
N VAL J 125 65.12 21.45 -55.19
CA VAL J 125 65.86 22.61 -55.67
C VAL J 125 66.56 22.21 -56.97
N LEU J 126 66.28 22.95 -58.04
CA LEU J 126 66.85 22.65 -59.34
C LEU J 126 67.41 23.93 -59.96
N PRO J 127 68.45 23.81 -60.78
CA PRO J 127 68.99 24.99 -61.46
C PRO J 127 67.99 25.59 -62.43
N GLY J 128 68.07 26.90 -62.60
CA GLY J 128 67.17 27.60 -63.50
C GLY J 128 67.74 28.95 -63.88
N VAL J 129 67.11 29.56 -64.87
CA VAL J 129 67.51 30.86 -65.40
C VAL J 129 66.66 31.95 -64.74
N ALA J 130 67.28 33.07 -64.41
CA ALA J 130 66.58 34.18 -63.80
C ALA J 130 65.84 34.99 -64.86
N LEU J 131 65.10 36.01 -64.40
CA LEU J 131 64.38 36.88 -65.32
C LEU J 131 65.35 37.66 -66.20
N ASP J 132 66.45 38.15 -65.62
CA ASP J 132 67.45 38.91 -66.36
C ASP J 132 68.44 38.02 -67.09
N GLY J 133 68.35 36.70 -66.94
CA GLY J 133 69.27 35.77 -67.57
C GLY J 133 70.35 35.23 -66.66
N ALA J 134 70.36 35.60 -65.38
CA ALA J 134 71.35 35.12 -64.43
C ALA J 134 70.93 33.74 -63.93
N ASN J 135 71.63 33.23 -62.92
CA ASN J 135 71.33 31.92 -62.35
C ASN J 135 70.40 32.09 -61.15
N GLN J 136 69.22 31.48 -61.24
CA GLN J 136 68.23 31.51 -60.17
C GLN J 136 67.83 30.08 -59.84
N ALA J 137 67.99 29.69 -58.58
CA ALA J 137 67.65 28.34 -58.15
C ALA J 137 66.14 28.24 -57.94
N GLU J 138 65.51 27.30 -58.64
CA GLU J 138 64.08 27.07 -58.51
C GLU J 138 63.84 26.05 -57.40
N ILE J 139 63.14 26.47 -56.34
CA ILE J 139 62.87 25.64 -55.19
C ILE J 139 61.38 25.36 -55.13
N HIS J 140 61.02 24.08 -55.05
CA HIS J 140 59.63 23.66 -54.98
C HIS J 140 59.49 22.57 -53.93
N GLY J 141 58.30 22.45 -53.37
CA GLY J 141 57.98 21.44 -52.37
C GLY J 141 57.14 20.33 -52.98
N VAL J 142 57.49 19.09 -52.66
CA VAL J 142 56.80 17.91 -53.17
C VAL J 142 56.24 17.13 -51.99
N SER J 143 54.95 16.82 -52.05
CA SER J 143 54.31 16.07 -50.99
C SER J 143 54.79 14.62 -50.99
N PRO J 144 54.81 13.97 -49.83
CA PRO J 144 55.18 12.54 -49.80
C PRO J 144 54.26 11.67 -50.64
N ARG J 145 53.01 12.10 -50.85
CA ARG J 145 52.09 11.36 -51.71
C ARG J 145 52.59 11.27 -53.14
N ARG J 146 53.46 12.20 -53.57
CA ARG J 146 53.96 12.23 -54.93
C ARG J 146 55.49 12.12 -54.96
N LEU J 147 56.07 11.42 -53.98
CA LEU J 147 57.51 11.26 -53.92
C LEU J 147 57.83 9.99 -53.15
N LEU J 148 58.95 9.36 -53.53
CA LEU J 148 59.46 8.17 -52.84
C LEU J 148 60.99 8.29 -52.79
N ALA J 149 61.51 8.70 -51.65
CA ALA J 149 62.94 8.88 -51.46
C ALA J 149 63.52 7.67 -50.74
N LEU J 150 64.63 7.15 -51.25
CA LEU J 150 65.30 5.98 -50.68
C LEU J 150 66.60 6.43 -50.02
N TYR J 151 66.77 6.06 -48.75
CA TYR J 151 67.96 6.40 -47.99
C TYR J 151 68.68 5.12 -47.57
N GLU J 152 69.99 5.08 -47.82
CA GLU J 152 70.80 3.98 -47.31
C GLU J 152 71.07 4.10 -45.82
N ASP J 153 70.89 5.30 -45.26
CA ASP J 153 71.06 5.55 -43.82
C ASP J 153 69.95 6.52 -43.42
N GLN J 154 68.83 5.97 -42.95
CA GLN J 154 67.64 6.79 -42.72
C GLN J 154 67.89 7.83 -41.63
N ILE J 155 68.62 7.45 -40.57
CA ILE J 155 68.84 8.38 -39.46
C ILE J 155 69.62 9.60 -39.91
N ASN J 156 70.68 9.40 -40.71
CA ASN J 156 71.52 10.52 -41.13
C ASN J 156 72.05 10.22 -42.53
N ASP J 157 71.44 10.86 -43.53
CA ASP J 157 71.90 10.75 -44.91
C ASP J 157 71.88 12.09 -45.64
N GLU J 158 71.46 13.17 -44.99
CA GLU J 158 71.33 14.48 -45.62
C GLU J 158 70.43 14.40 -46.85
N TYR J 159 71.04 14.27 -48.02
CA TYR J 159 70.29 14.15 -49.27
C TYR J 159 70.16 12.68 -49.66
N PRO J 160 69.05 12.31 -50.31
CA PRO J 160 68.83 10.89 -50.66
C PRO J 160 69.76 10.40 -51.75
N LYS J 161 69.60 9.14 -52.15
CA LYS J 161 70.39 8.54 -53.22
C LYS J 161 69.57 8.30 -54.48
N TYR J 162 68.44 7.59 -54.35
CA TYR J 162 67.53 7.37 -55.46
C TYR J 162 66.14 7.79 -55.04
N ALA J 163 65.50 8.64 -55.85
CA ALA J 163 64.17 9.15 -55.54
C ALA J 163 63.30 9.10 -56.78
N LEU J 164 62.05 8.68 -56.59
CA LEU J 164 61.06 8.64 -57.66
C LEU J 164 60.01 9.70 -57.37
N GLU J 165 59.81 10.61 -58.33
CA GLU J 165 58.90 11.74 -58.18
C GLU J 165 57.75 11.61 -59.17
N LEU J 166 56.53 11.80 -58.69
CA LEU J 166 55.33 11.78 -59.52
C LEU J 166 54.80 13.20 -59.65
N ALA J 167 54.62 13.66 -60.89
CA ALA J 167 54.09 14.99 -61.11
C ALA J 167 52.61 15.04 -60.73
N ASN J 168 52.18 16.24 -60.32
CA ASN J 168 50.81 16.41 -59.84
C ASN J 168 49.77 16.35 -60.96
N ASN J 169 50.20 16.36 -62.22
CA ASN J 169 49.26 16.22 -63.34
C ASN J 169 49.04 14.77 -63.74
N GLY J 170 49.78 13.83 -63.16
CA GLY J 170 49.62 12.42 -63.49
C GLY J 170 49.95 12.09 -64.93
N LYS J 171 51.01 12.68 -65.47
CA LYS J 171 51.37 12.45 -66.87
C LYS J 171 52.84 12.06 -67.00
N THR J 172 53.69 12.55 -66.09
CA THR J 172 55.12 12.31 -66.16
C THR J 172 55.62 11.74 -64.85
N VAL J 173 56.50 10.74 -64.95
CA VAL J 173 57.16 10.15 -63.80
C VAL J 173 58.65 10.34 -63.97
N ARG J 174 59.30 10.91 -62.96
CA ARG J 174 60.72 11.24 -63.02
C ARG J 174 61.47 10.57 -61.88
N LEU J 175 62.66 10.05 -62.20
CA LEU J 175 63.56 9.46 -61.23
C LEU J 175 64.79 10.33 -61.10
N TYR J 176 65.14 10.68 -59.86
CA TYR J 176 66.23 11.62 -59.59
C TYR J 176 67.45 10.82 -59.09
N THR J 177 68.42 10.64 -59.97
CA THR J 177 69.69 10.03 -59.60
C THR J 177 70.68 11.12 -59.20
N ASP J 178 71.96 10.77 -59.10
CA ASP J 178 72.96 11.70 -58.59
C ASP J 178 73.09 12.94 -59.48
N THR J 179 73.42 12.74 -60.76
CA THR J 179 73.73 13.86 -61.65
C THR J 179 72.97 13.80 -62.97
N ASP J 180 71.87 13.07 -63.03
CA ASP J 180 71.06 12.99 -64.24
C ASP J 180 69.59 13.16 -63.89
N TYR J 181 68.82 13.63 -64.86
CA TYR J 181 67.39 13.91 -64.70
C TYR J 181 66.63 12.94 -65.61
N TYR J 182 66.18 11.82 -65.04
CA TYR J 182 65.43 10.83 -65.79
C TYR J 182 63.96 11.23 -65.85
N GLU J 183 63.39 11.19 -67.06
CA GLU J 183 62.00 11.57 -67.28
C GLU J 183 61.28 10.47 -68.02
N LEU J 184 60.10 10.10 -67.54
CA LEU J 184 59.27 9.10 -68.20
C LEU J 184 57.87 9.65 -68.45
N ARG J 185 56.96 8.79 -68.91
CA ARG J 185 55.59 9.18 -69.19
C ARG J 185 54.62 8.31 -68.40
N MET J 186 53.50 8.91 -68.01
CA MET J 186 52.46 8.24 -67.22
C MET J 186 51.10 8.46 -67.89
N PRO J 187 50.83 7.80 -69.01
CA PRO J 187 49.53 7.99 -69.66
C PRO J 187 48.38 7.40 -68.88
N SER J 188 48.58 6.23 -68.28
CA SER J 188 47.55 5.55 -67.50
C SER J 188 48.13 5.15 -66.15
N PRO J 189 47.28 5.08 -65.11
CA PRO J 189 47.79 4.71 -63.79
C PRO J 189 48.12 3.23 -63.66
N GLY J 190 49.31 2.82 -64.09
CA GLY J 190 49.74 1.45 -63.90
C GLY J 190 50.40 0.79 -65.09
N ASN J 191 50.72 1.56 -66.12
CA ASN J 191 51.42 1.04 -67.29
C ASN J 191 52.66 1.88 -67.58
N PHE J 192 53.73 1.22 -68.00
CA PHE J 192 54.98 1.88 -68.37
C PHE J 192 55.43 1.32 -69.71
N PRO J 193 54.83 1.78 -70.80
CA PRO J 193 55.23 1.27 -72.13
C PRO J 193 56.69 1.61 -72.44
N ASN J 194 57.36 0.66 -73.08
CA ASN J 194 58.77 0.82 -73.44
C ASN J 194 58.97 1.55 -74.77
N GLU J 195 57.89 1.79 -75.53
CA GLU J 195 58.04 2.50 -76.79
C GLU J 195 58.44 3.95 -76.59
N GLN J 196 58.13 4.53 -75.43
CA GLN J 196 58.50 5.91 -75.16
C GLN J 196 60.02 6.04 -74.99
N VAL J 197 60.53 7.21 -75.35
CA VAL J 197 61.96 7.49 -75.25
C VAL J 197 62.24 8.14 -73.91
N ILE J 198 63.10 7.52 -73.11
CA ILE J 198 63.44 8.05 -71.80
C ILE J 198 64.34 9.26 -71.97
N LYS J 199 63.99 10.35 -71.30
CA LYS J 199 64.75 11.60 -71.38
C LYS J 199 65.73 11.68 -70.22
N LYS J 200 67.01 11.90 -70.54
CA LYS J 200 68.06 12.05 -69.55
C LYS J 200 68.66 13.44 -69.71
N VAL J 201 68.57 14.24 -68.65
CA VAL J 201 69.08 15.61 -68.64
C VAL J 201 70.19 15.70 -67.61
N HIS J 202 71.36 16.19 -68.03
CA HIS J 202 72.51 16.34 -67.14
C HIS J 202 72.58 17.81 -66.72
N HIS J 203 71.86 18.14 -65.65
CA HIS J 203 71.90 19.50 -65.12
C HIS J 203 73.18 19.74 -64.32
N GLY J 204 73.41 18.89 -63.31
CA GLY J 204 74.59 18.99 -62.48
C GLY J 204 74.30 19.64 -61.15
N VAL J 205 74.10 18.82 -60.12
CA VAL J 205 73.82 19.32 -58.78
C VAL J 205 74.66 18.54 -57.77
N GLY J 206 75.31 17.48 -58.23
CA GLY J 206 76.09 16.64 -57.34
C GLY J 206 75.31 15.46 -56.81
N VAL J 207 74.77 15.60 -55.61
CA VAL J 207 73.96 14.56 -54.99
C VAL J 207 72.49 14.86 -55.26
N CYS J 208 71.63 13.89 -55.00
CA CYS J 208 70.21 14.02 -55.31
C CYS J 208 69.63 15.26 -54.64
N PRO J 209 68.99 16.16 -55.38
CA PRO J 209 68.51 17.44 -54.81
C PRO J 209 67.15 17.32 -54.11
N PHE J 210 67.17 16.73 -52.91
CA PHE J 210 65.98 16.60 -52.09
C PHE J 210 66.36 16.79 -50.63
N VAL J 211 65.55 17.54 -49.90
CA VAL J 211 65.76 17.81 -48.49
C VAL J 211 64.52 17.36 -47.73
N ARG J 212 64.72 16.56 -46.69
CA ARG J 212 63.63 16.00 -45.92
C ARG J 212 63.32 16.88 -44.71
N TYR J 213 62.06 17.29 -44.57
CA TYR J 213 61.62 18.11 -43.45
C TYR J 213 60.96 17.18 -42.43
N VAL J 214 61.82 16.53 -41.63
CA VAL J 214 61.34 15.55 -40.65
C VAL J 214 60.59 16.27 -39.54
N ASN J 215 59.44 15.73 -39.16
CA ASN J 215 58.63 16.33 -38.10
C ASN J 215 59.38 16.32 -36.77
N MET J 216 59.67 15.14 -36.26
CA MET J 216 60.40 14.98 -35.00
C MET J 216 61.63 14.12 -35.22
N MET J 217 62.74 14.52 -34.60
CA MET J 217 64.00 13.81 -34.76
C MET J 217 64.04 12.63 -33.79
N ASP J 218 64.17 11.43 -34.33
CA ASP J 218 64.26 10.21 -33.55
C ASP J 218 65.54 9.46 -33.90
N LEU J 219 66.10 8.76 -32.91
CA LEU J 219 67.36 8.08 -33.09
C LEU J 219 67.24 6.74 -33.80
N ASP J 220 66.03 6.26 -34.05
CA ASP J 220 65.80 4.97 -34.71
C ASP J 220 64.75 5.10 -35.80
N GLY J 221 64.85 6.15 -36.61
CA GLY J 221 63.86 6.36 -37.66
C GLY J 221 62.49 6.58 -37.06
N PHE J 222 61.52 5.77 -37.51
CA PHE J 222 60.16 5.80 -36.98
C PHE J 222 59.54 7.20 -37.08
N THR J 223 59.78 7.86 -38.21
CA THR J 223 59.26 9.21 -38.41
C THR J 223 57.74 9.18 -38.53
N MET J 224 57.07 10.00 -37.72
CA MET J 224 55.62 10.05 -37.70
C MET J 224 55.16 11.50 -37.63
N GLY J 225 53.96 11.75 -38.14
CA GLY J 225 53.38 13.08 -38.12
C GLY J 225 52.62 13.37 -36.85
N GLU J 226 52.00 14.54 -36.82
CA GLU J 226 51.21 14.99 -35.67
C GLU J 226 49.74 14.60 -35.78
N VAL J 227 49.34 13.94 -36.86
CA VAL J 227 47.94 13.55 -37.05
C VAL J 227 47.78 12.07 -36.74
N GLU J 228 48.83 11.28 -36.99
CA GLU J 228 48.78 9.85 -36.71
C GLU J 228 48.90 9.56 -35.22
N TYR J 229 49.66 10.36 -34.49
CA TYR J 229 49.92 10.10 -33.07
C TYR J 229 48.67 10.30 -32.22
N LEU J 230 47.66 11.02 -32.72
CA LEU J 230 46.46 11.31 -31.95
C LEU J 230 45.19 10.82 -32.64
N VAL J 231 45.31 9.77 -33.46
CA VAL J 231 44.13 9.18 -34.08
C VAL J 231 43.17 8.60 -33.04
N PRO J 232 43.61 7.77 -32.08
CA PRO J 232 42.64 7.19 -31.14
C PRO J 232 41.86 8.20 -30.32
N VAL J 233 42.50 9.30 -29.90
CA VAL J 233 41.79 10.28 -29.07
C VAL J 233 40.76 11.04 -29.89
N ALA J 234 41.08 11.38 -31.14
CA ALA J 234 40.10 12.01 -32.01
C ALA J 234 38.94 11.07 -32.30
N SER J 235 39.25 9.79 -32.52
CA SER J 235 38.20 8.80 -32.73
C SER J 235 37.31 8.68 -31.50
N LYS J 236 37.91 8.73 -30.31
CA LYS J 236 37.12 8.69 -29.07
C LYS J 236 36.23 9.91 -28.93
N ILE J 237 36.73 11.09 -29.29
CA ILE J 237 35.92 12.30 -29.24
C ILE J 237 34.74 12.19 -30.19
N ASP J 238 34.99 11.70 -31.42
CA ASP J 238 33.90 11.54 -32.38
C ASP J 238 32.91 10.49 -31.91
N LYS J 239 33.39 9.42 -31.28
CA LYS J 239 32.48 8.40 -30.75
C LYS J 239 31.60 8.97 -29.64
N THR J 240 32.18 9.80 -28.76
CA THR J 240 31.39 10.44 -27.71
C THR J 240 30.35 11.36 -28.32
N ASP J 241 30.73 12.13 -29.34
CA ASP J 241 29.76 13.00 -30.01
C ASP J 241 28.64 12.19 -30.66
N TYR J 242 29.00 11.06 -31.28
CA TYR J 242 27.99 10.20 -31.90
C TYR J 242 27.04 9.62 -30.86
N ASP J 243 27.57 9.21 -29.71
CA ASP J 243 26.72 8.71 -28.63
C ASP J 243 25.77 9.80 -28.12
N ARG J 244 26.29 11.02 -27.97
CA ARG J 244 25.43 12.13 -27.54
C ARG J 244 24.34 12.40 -28.58
N LEU J 245 24.69 12.36 -29.86
CA LEU J 245 23.70 12.58 -30.91
C LEU J 245 22.65 11.46 -30.92
N LEU J 246 23.08 10.21 -30.70
CA LEU J 246 22.13 9.11 -30.63
C LEU J 246 21.17 9.28 -29.46
N ALA J 247 21.70 9.70 -28.31
CA ALA J 247 20.84 9.94 -27.15
C ALA J 247 19.86 11.07 -27.40
N GLN J 248 20.32 12.14 -28.05
CA GLN J 248 19.47 13.32 -28.26
C GLN J 248 18.42 13.07 -29.35
N HIS J 249 18.74 12.24 -30.34
CA HIS J 249 17.87 12.06 -31.49
C HIS J 249 16.81 10.99 -31.28
N TYR J 250 17.09 9.99 -30.45
CA TYR J 250 16.19 8.85 -30.28
C TYR J 250 15.37 8.93 -29.00
N ASN J 251 15.98 9.27 -27.87
CA ASN J 251 15.27 9.38 -26.59
C ASN J 251 15.73 10.65 -25.84
N SER J 252 15.04 11.76 -26.11
CA SER J 252 15.34 13.01 -25.43
C SER J 252 14.08 13.75 -25.00
N TRP J 253 12.90 13.15 -25.17
CA TRP J 253 11.64 13.76 -24.78
C TRP J 253 10.81 12.75 -24.01
N LYS J 254 9.97 13.26 -23.11
CA LYS J 254 9.09 12.40 -22.33
C LYS J 254 8.03 11.79 -23.25
N VAL J 255 8.18 10.50 -23.53
CA VAL J 255 7.25 9.83 -24.45
C VAL J 255 5.92 9.59 -23.74
N LYS J 256 4.84 10.06 -24.36
CA LYS J 256 3.51 9.88 -23.81
C LYS J 256 2.92 8.57 -24.35
N VAL J 257 2.53 7.67 -23.44
CA VAL J 257 1.96 6.39 -23.81
C VAL J 257 0.64 6.21 -23.07
N ALA J 258 -0.21 5.35 -23.63
CA ALA J 258 -1.50 5.05 -23.05
C ALA J 258 -1.72 3.53 -23.05
N THR J 259 -2.42 3.06 -22.03
CA THR J 259 -2.74 1.64 -21.89
C THR J 259 -4.18 1.49 -21.42
N GLY J 260 -4.77 0.34 -21.74
CA GLY J 260 -6.12 0.01 -21.34
C GLY J 260 -7.19 0.32 -22.36
N ILE J 261 -6.88 1.18 -23.34
CA ILE J 261 -7.85 1.53 -24.38
C ILE J 261 -7.86 0.44 -25.45
N ASP J 262 -8.85 0.47 -26.32
CA ASP J 262 -8.96 -0.53 -27.38
C ASP J 262 -7.88 -0.30 -28.44
N ASP J 263 -7.84 -1.20 -29.41
CA ASP J 263 -6.85 -1.14 -30.48
C ASP J 263 -7.56 -1.41 -31.80
N LEU J 264 -6.76 -1.60 -32.86
CA LEU J 264 -7.26 -1.92 -34.21
C LEU J 264 -8.41 -1.00 -34.64
N SER J 265 -8.37 0.24 -34.17
CA SER J 265 -9.43 1.21 -34.45
C SER J 265 -9.25 1.82 -35.84
N GLU J 266 -10.09 2.81 -36.15
CA GLU J 266 -10.11 3.47 -37.45
C GLU J 266 -10.29 2.47 -38.58
N ASP J 267 -11.29 1.59 -38.41
CA ASP J 267 -11.65 0.57 -39.40
C ASP J 267 -10.46 -0.34 -39.71
N ALA J 268 -9.75 -0.76 -38.66
CA ALA J 268 -8.62 -1.69 -38.77
C ALA J 268 -7.58 -1.14 -39.76
N THR J 269 -6.99 0.00 -39.36
CA THR J 269 -6.11 0.82 -40.18
C THR J 269 -5.02 -0.02 -40.86
N PRO J 270 -5.09 -0.16 -42.19
CA PRO J 270 -4.02 -0.81 -42.96
C PRO J 270 -2.95 0.18 -43.40
N GLU J 271 -2.47 1.00 -42.47
CA GLU J 271 -1.52 2.07 -42.75
C GLU J 271 -2.08 3.00 -43.83
N GLU J 272 -3.37 3.31 -43.73
CA GLU J 272 -4.07 4.17 -44.69
C GLU J 272 -4.49 5.46 -43.99
N GLN J 273 -4.33 6.58 -44.70
CA GLN J 273 -4.65 7.91 -44.17
C GLN J 273 -3.87 8.19 -42.89
N GLN J 274 -2.54 8.25 -43.04
CA GLN J 274 -1.66 8.50 -41.90
C GLN J 274 -1.86 9.87 -41.29
N ARG J 275 -2.50 10.79 -42.02
CA ARG J 275 -2.73 12.14 -41.52
C ARG J 275 -3.95 12.14 -40.61
N ALA J 276 -3.77 11.52 -39.43
CA ALA J 276 -4.83 11.50 -38.43
C ALA J 276 -5.15 12.90 -37.94
N LYS J 277 -4.12 13.72 -37.72
CA LYS J 277 -4.26 15.11 -37.29
C LYS J 277 -5.06 15.22 -35.99
N LEU J 278 -4.67 14.40 -35.02
CA LEU J 278 -5.27 14.45 -33.69
C LEU J 278 -4.85 15.74 -33.00
N ILE J 279 -5.81 16.65 -32.81
CA ILE J 279 -5.50 17.95 -32.23
C ILE J 279 -5.08 17.78 -30.78
N LEU J 280 -3.91 18.32 -30.44
CA LEU J 280 -3.37 18.24 -29.09
C LEU J 280 -2.65 19.56 -28.79
N ALA J 281 -3.29 20.42 -28.00
CA ALA J 281 -2.70 21.69 -27.62
C ALA J 281 -2.85 21.92 -26.12
N GLN J 282 -2.52 23.13 -25.66
CA GLN J 282 -2.63 23.43 -24.24
C GLN J 282 -4.09 23.38 -23.78
N ASP J 283 -5.00 23.91 -24.60
CA ASP J 283 -6.41 23.91 -24.22
C ASP J 283 -7.02 22.52 -24.26
N ASP J 284 -6.58 21.69 -25.20
CA ASP J 284 -7.18 20.36 -25.37
C ASP J 284 -6.93 19.49 -24.16
N ILE J 285 -7.96 18.74 -23.76
CA ILE J 285 -7.90 17.82 -22.64
C ILE J 285 -8.28 16.43 -23.14
N LEU J 286 -7.35 15.49 -23.03
CA LEU J 286 -7.62 14.12 -23.47
C LEU J 286 -8.56 13.41 -22.52
N MET J 287 -9.47 12.63 -23.07
CA MET J 287 -10.37 11.82 -22.25
C MET J 287 -10.85 10.64 -23.07
N HIS J 288 -11.06 9.52 -22.39
CA HIS J 288 -11.49 8.27 -23.02
C HIS J 288 -12.62 7.66 -22.23
N GLY J 289 -13.50 6.94 -22.93
CA GLY J 289 -14.66 6.33 -22.31
C GLY J 289 -14.36 4.97 -21.69
N ASN J 290 -13.35 4.92 -20.82
CA ASN J 290 -13.00 3.68 -20.13
C ASN J 290 -12.25 4.03 -18.86
N HIS J 291 -12.73 3.55 -17.72
CA HIS J 291 -12.09 3.82 -16.45
C HIS J 291 -10.80 3.04 -16.26
N GLU J 292 -10.52 2.06 -17.12
CA GLU J 292 -9.30 1.27 -17.03
C GLU J 292 -8.15 1.87 -17.84
N ALA J 293 -8.38 3.01 -18.50
CA ALA J 293 -7.33 3.63 -19.29
C ALA J 293 -6.30 4.28 -18.39
N LYS J 294 -5.02 4.02 -18.65
CA LYS J 294 -3.92 4.58 -17.89
C LYS J 294 -2.97 5.32 -18.82
N PHE J 295 -2.52 6.49 -18.40
CA PHE J 295 -1.60 7.32 -19.16
C PHE J 295 -0.27 7.38 -18.42
N TYR J 296 0.79 6.90 -19.05
CA TYR J 296 2.12 6.88 -18.48
C TYR J 296 3.05 7.78 -19.28
N THR J 297 4.16 8.15 -18.66
CA THR J 297 5.21 8.93 -19.31
C THR J 297 6.54 8.24 -19.11
N LEU J 298 7.39 8.30 -20.14
CA LEU J 298 8.70 7.66 -20.11
C LEU J 298 9.78 8.71 -19.93
N PRO J 299 10.53 8.69 -18.83
CA PRO J 299 11.60 9.68 -18.65
C PRO J 299 12.67 9.54 -19.72
N GLU J 300 13.27 10.68 -20.07
CA GLU J 300 14.29 10.74 -21.10
C GLU J 300 15.68 10.86 -20.48
N THR J 301 16.70 10.74 -21.33
CA THR J 301 18.07 10.87 -20.87
C THR J 301 18.32 12.28 -20.38
N SER J 302 19.03 12.39 -19.24
CA SER J 302 19.31 13.69 -18.66
C SER J 302 20.17 14.55 -19.56
N LEU J 303 20.99 13.92 -20.42
CA LEU J 303 21.87 14.62 -21.35
C LEU J 303 22.80 15.58 -20.62
N ASP J 304 23.50 15.06 -19.61
CA ASP J 304 24.48 15.83 -18.88
C ASP J 304 25.85 15.15 -18.83
N GLY J 305 25.89 13.82 -18.73
CA GLY J 305 27.15 13.12 -18.70
C GLY J 305 27.90 13.19 -20.02
N PHE J 306 27.17 13.24 -21.14
CA PHE J 306 27.81 13.26 -22.45
C PHE J 306 28.64 14.53 -22.65
N ILE J 307 28.12 15.67 -22.22
CA ILE J 307 28.85 16.92 -22.38
C ILE J 307 30.13 16.91 -21.55
N ALA J 308 30.05 16.43 -20.31
CA ALA J 308 31.24 16.34 -19.47
C ALA J 308 32.26 15.36 -20.06
N ALA J 309 31.79 14.22 -20.59
CA ALA J 309 32.69 13.26 -21.20
C ALA J 309 33.38 13.86 -22.43
N HIS J 310 32.63 14.59 -23.26
CA HIS J 310 33.22 15.22 -24.43
C HIS J 310 34.23 16.29 -24.03
N THR J 311 33.92 17.06 -22.99
CA THR J 311 34.87 18.06 -22.51
C THR J 311 36.16 17.41 -22.01
N GLN J 312 36.02 16.30 -21.27
CA GLN J 312 37.20 15.58 -20.79
C GLN J 312 38.02 15.04 -21.97
N ASP J 313 37.34 14.48 -22.97
CA ASP J 313 38.05 13.93 -24.13
C ASP J 313 38.77 15.03 -24.91
N VAL J 314 38.12 16.18 -25.10
CA VAL J 314 38.75 17.26 -25.86
C VAL J 314 39.90 17.89 -25.09
N GLU J 315 39.79 17.98 -23.75
CA GLU J 315 40.93 18.49 -23.00
C GLU J 315 42.08 17.48 -22.97
N ILE J 316 41.76 16.18 -23.00
CA ILE J 316 42.81 15.17 -23.18
C ILE J 316 43.50 15.36 -24.53
N LEU J 317 42.70 15.61 -25.58
CA LEU J 317 43.27 15.89 -26.90
C LEU J 317 44.19 17.10 -26.86
N ALA J 318 43.75 18.18 -26.20
CA ALA J 318 44.55 19.40 -26.15
C ALA J 318 45.85 19.17 -25.37
N ASN J 319 45.78 18.46 -24.24
CA ASN J 319 46.98 18.25 -23.44
C ASN J 319 47.96 17.30 -24.13
N ASN J 320 47.45 16.27 -24.79
CA ASN J 320 48.33 15.30 -25.44
C ASN J 320 49.07 15.89 -26.63
N ALA J 321 48.47 16.89 -27.30
CA ALA J 321 49.09 17.53 -28.45
C ALA J 321 49.88 18.77 -28.08
N GLN J 322 50.00 19.08 -26.79
CA GLN J 322 50.69 20.28 -26.32
C GLN J 322 50.09 21.55 -26.93
N VAL J 323 48.76 21.59 -26.98
CA VAL J 323 48.02 22.74 -27.50
C VAL J 323 47.26 23.36 -26.34
N PRO J 324 47.17 24.70 -26.27
CA PRO J 324 46.40 25.32 -25.18
C PRO J 324 44.96 24.85 -25.15
N VAL J 325 44.44 24.69 -23.93
CA VAL J 325 43.08 24.18 -23.76
C VAL J 325 42.05 25.21 -24.21
N TRP J 326 42.29 26.49 -23.92
CA TRP J 326 41.27 27.50 -24.15
C TRP J 326 40.96 27.69 -25.63
N ILE J 327 41.92 27.40 -26.52
CA ILE J 327 41.64 27.45 -27.96
C ILE J 327 41.02 26.16 -28.47
N LEU J 328 40.75 25.21 -27.58
CA LEU J 328 40.06 23.96 -27.93
C LEU J 328 38.70 23.84 -27.26
N ASN J 329 38.60 24.17 -25.97
CA ASN J 329 37.33 24.14 -25.26
C ASN J 329 37.41 25.10 -24.08
N GLY J 330 36.25 25.60 -23.68
CA GLY J 330 36.17 26.50 -22.55
C GLY J 330 36.67 27.90 -22.87
N GLN J 331 36.77 28.69 -21.81
CA GLN J 331 37.25 30.07 -21.91
C GLN J 331 38.38 30.28 -20.93
N LEU J 332 39.41 31.00 -21.36
CA LEU J 332 40.56 31.27 -20.51
C LEU J 332 40.18 32.21 -19.38
N ALA J 333 40.70 31.95 -18.20
CA ALA J 333 40.45 32.79 -17.04
C ALA J 333 41.35 34.03 -17.09
N ASN J 334 41.27 34.85 -16.04
CA ASN J 334 42.05 36.10 -15.96
C ASN J 334 43.45 35.78 -15.42
N LEU J 335 44.21 35.07 -16.24
CA LEU J 335 45.56 34.68 -15.85
C LEU J 335 46.51 35.86 -15.93
N SER J 336 47.57 35.80 -15.12
CA SER J 336 48.60 36.83 -15.11
C SER J 336 49.67 36.48 -16.13
N ALA J 337 50.78 37.21 -16.12
CA ALA J 337 51.86 36.94 -17.05
C ALA J 337 52.54 35.61 -16.75
N ASP J 338 52.86 35.36 -15.48
CA ASP J 338 53.54 34.14 -15.10
C ASP J 338 52.66 32.91 -15.35
N ALA J 339 51.37 33.00 -14.98
CA ALA J 339 50.47 31.87 -15.19
C ALA J 339 50.30 31.57 -16.68
N LEU J 340 50.17 32.61 -17.50
CA LEU J 340 50.05 32.41 -18.94
C LEU J 340 51.32 31.81 -19.52
N THR J 341 52.49 32.28 -19.07
CA THR J 341 53.74 31.70 -19.54
C THR J 341 53.84 30.22 -19.17
N ALA J 342 53.41 29.88 -17.95
CA ALA J 342 53.39 28.47 -17.55
C ALA J 342 52.45 27.66 -18.42
N ALA J 343 51.27 28.21 -18.71
CA ALA J 343 50.29 27.48 -19.52
C ALA J 343 50.80 27.24 -20.94
N THR J 344 51.47 28.25 -21.51
CA THR J 344 51.95 28.15 -22.89
C THR J 344 53.37 27.63 -23.00
N LYS J 345 54.02 27.27 -21.89
CA LYS J 345 55.41 26.86 -21.93
C LYS J 345 55.59 25.58 -22.77
N GLY J 346 54.72 24.60 -22.59
CA GLY J 346 54.85 23.36 -23.34
C GLY J 346 54.67 23.57 -24.83
N THR J 347 53.64 24.33 -25.21
CA THR J 347 53.43 24.64 -26.63
C THR J 347 54.58 25.45 -27.18
N ILE J 348 55.10 26.41 -26.41
CA ILE J 348 56.23 27.21 -26.87
C ILE J 348 57.46 26.34 -27.07
N GLN J 349 57.72 25.43 -26.14
CA GLN J 349 58.88 24.55 -26.27
C GLN J 349 58.74 23.62 -27.48
N LYS J 350 57.55 23.05 -27.68
CA LYS J 350 57.34 22.18 -28.84
C LYS J 350 57.51 22.96 -30.14
N LEU J 351 56.98 24.18 -30.19
CA LEU J 351 57.13 25.01 -31.38
C LEU J 351 58.59 25.41 -31.58
N TYR J 352 59.35 25.58 -30.50
CA TYR J 352 60.77 25.89 -30.63
C TYR J 352 61.54 24.70 -31.19
N GLU J 353 61.20 23.48 -30.75
CA GLU J 353 61.82 22.29 -31.32
C GLU J 353 61.50 22.15 -32.80
N ARG J 354 60.23 22.39 -33.16
CA ARG J 354 59.85 22.38 -34.58
C ARG J 354 60.60 23.46 -35.35
N GLN J 355 60.75 24.64 -34.76
CA GLN J 355 61.51 25.71 -35.39
C GLN J 355 62.96 25.30 -35.62
N VAL J 356 63.56 24.62 -34.64
CA VAL J 356 64.95 24.20 -34.77
C VAL J 356 65.10 23.21 -35.92
N THR J 357 64.24 22.19 -35.95
CA THR J 357 64.38 21.18 -37.01
C THR J 357 64.07 21.76 -38.38
N PHE J 358 63.03 22.60 -38.48
CA PHE J 358 62.71 23.21 -39.77
C PHE J 358 63.75 24.22 -40.20
N GLY J 359 64.39 24.90 -39.24
CA GLY J 359 65.48 25.80 -39.59
C GLY J 359 66.71 25.04 -40.08
N ALA J 360 66.99 23.88 -39.50
CA ALA J 360 68.05 23.04 -40.04
C ALA J 360 67.73 22.61 -41.47
N ALA J 361 66.48 22.20 -41.72
CA ALA J 361 66.08 21.83 -43.07
C ALA J 361 66.21 23.00 -44.04
N HIS J 362 65.79 24.19 -43.61
CA HIS J 362 65.87 25.37 -44.46
C HIS J 362 67.32 25.77 -44.72
N ASN J 363 68.18 25.62 -43.71
CA ASN J 363 69.60 25.88 -43.91
C ASN J 363 70.20 24.93 -44.93
N GLN J 364 69.81 23.65 -44.86
CA GLN J 364 70.26 22.70 -45.87
C GLN J 364 69.77 23.10 -47.27
N VAL J 365 68.50 23.52 -47.36
CA VAL J 365 67.94 23.94 -48.64
C VAL J 365 68.70 25.13 -49.19
N LEU J 366 68.99 26.12 -48.35
CA LEU J 366 69.70 27.31 -48.79
C LEU J 366 71.14 26.97 -49.18
N ARG J 367 71.77 26.04 -48.45
CA ARG J 367 73.13 25.62 -48.80
C ARG J 367 73.15 24.96 -50.16
N LEU J 368 72.16 24.10 -50.45
CA LEU J 368 72.11 23.49 -51.79
C LEU J 368 71.81 24.53 -52.86
N ALA J 369 70.92 25.49 -52.55
CA ALA J 369 70.57 26.51 -53.53
C ALA J 369 71.76 27.40 -53.88
N ALA J 370 72.58 27.74 -52.87
CA ALA J 370 73.79 28.50 -53.15
C ALA J 370 74.79 27.68 -53.95
N HIS J 371 74.86 26.37 -53.67
CA HIS J 371 75.86 25.53 -54.32
C HIS J 371 75.57 25.36 -55.81
N VAL J 372 74.30 25.28 -56.19
CA VAL J 372 73.96 25.03 -57.59
C VAL J 372 74.34 26.20 -58.48
N GLU J 373 74.52 27.40 -57.91
CA GLU J 373 74.94 28.58 -58.66
C GLU J 373 76.37 28.97 -58.29
N GLY J 374 77.24 27.98 -58.09
CA GLY J 374 78.58 28.24 -57.60
C GLY J 374 78.54 28.69 -56.15
N ASP J 375 78.92 29.94 -55.91
CA ASP J 375 78.79 30.59 -54.60
C ASP J 375 79.36 29.71 -53.48
N THR J 376 80.68 29.50 -53.57
CA THR J 376 81.35 28.65 -52.59
C THR J 376 81.23 29.20 -51.17
N GLU J 377 81.04 30.51 -51.01
CA GLU J 377 80.88 31.09 -49.69
C GLU J 377 79.65 30.54 -48.97
N GLY J 378 78.53 30.41 -49.70
CA GLY J 378 77.33 29.87 -49.09
C GLY J 378 77.47 28.40 -48.72
N ALA J 379 78.07 27.61 -49.61
CA ALA J 379 78.24 26.19 -49.34
C ALA J 379 79.20 25.95 -48.17
N ARG J 380 80.29 26.72 -48.11
CA ARG J 380 81.27 26.54 -47.03
C ARG J 380 80.68 26.91 -45.68
N ASP J 381 79.86 27.97 -45.63
CA ASP J 381 79.30 28.46 -44.38
C ASP J 381 78.32 27.43 -43.81
N PHE J 382 78.73 26.75 -42.74
CA PHE J 382 77.88 25.79 -42.05
C PHE J 382 77.32 26.32 -40.74
N THR J 383 77.57 27.59 -40.41
CA THR J 383 77.12 28.17 -39.17
C THR J 383 75.93 29.13 -39.32
N ALA J 384 75.68 29.62 -40.52
CA ALA J 384 74.56 30.53 -40.74
C ALA J 384 73.23 29.79 -40.55
N SER J 385 72.30 30.44 -39.87
CA SER J 385 71.00 29.86 -39.58
C SER J 385 69.91 30.89 -39.85
N VAL J 386 68.72 30.39 -40.15
CA VAL J 386 67.58 31.26 -40.42
C VAL J 386 67.04 31.82 -39.11
N SER J 387 66.27 32.91 -39.22
CA SER J 387 65.65 33.55 -38.08
C SER J 387 64.14 33.39 -38.17
N TRP J 388 63.50 33.16 -37.03
CA TRP J 388 62.07 32.93 -36.96
C TRP J 388 61.39 34.05 -36.19
N GLN J 389 60.15 34.35 -36.58
CA GLN J 389 59.36 35.34 -35.86
C GLN J 389 59.02 34.84 -34.46
N ASP J 390 58.98 35.78 -33.52
CA ASP J 390 58.68 35.44 -32.14
C ASP J 390 57.26 34.92 -32.01
N THR J 391 57.10 33.77 -31.34
CA THR J 391 55.80 33.16 -31.12
C THR J 391 55.33 33.31 -29.67
N SER J 392 55.83 34.32 -28.97
CA SER J 392 55.45 34.52 -27.58
C SER J 392 53.99 34.94 -27.48
N VAL J 393 53.44 34.79 -26.27
CA VAL J 393 52.03 35.07 -26.03
C VAL J 393 52.00 36.26 -25.07
N ARG J 394 53.00 37.12 -25.18
CA ARG J 394 53.09 38.29 -24.32
C ARG J 394 52.40 39.49 -24.97
N SER J 395 51.71 40.27 -24.16
CA SER J 395 51.01 41.45 -24.67
C SER J 395 52.02 42.51 -25.10
N LEU J 396 51.55 43.42 -25.97
CA LEU J 396 52.44 44.43 -26.53
C LEU J 396 52.98 45.36 -25.45
N ALA J 397 52.12 45.81 -24.53
CA ALA J 397 52.56 46.77 -23.53
C ALA J 397 53.65 46.19 -22.62
N GLN J 398 53.44 44.97 -22.15
CA GLN J 398 54.42 44.34 -21.27
C GLN J 398 55.75 44.12 -21.98
N ALA J 399 55.71 43.58 -23.19
CA ALA J 399 56.94 43.34 -23.93
C ALA J 399 57.67 44.64 -24.22
N VAL J 400 56.94 45.68 -24.63
CA VAL J 400 57.56 46.95 -24.97
C VAL J 400 58.20 47.59 -23.74
N ASP J 401 57.48 47.61 -22.61
CA ASP J 401 58.05 48.26 -21.44
C ASP J 401 59.25 47.50 -20.90
N ALA J 402 59.19 46.15 -20.92
CA ALA J 402 60.33 45.36 -20.49
C ALA J 402 61.53 45.57 -21.40
N TYR J 403 61.31 45.59 -22.71
CA TYR J 403 62.41 45.79 -23.65
C TYR J 403 63.01 47.18 -23.50
N GLY J 404 62.16 48.19 -23.27
CA GLY J 404 62.68 49.54 -23.03
C GLY J 404 63.51 49.62 -21.77
N LYS J 405 63.03 48.98 -20.69
CA LYS J 405 63.82 48.94 -19.46
C LYS J 405 65.15 48.24 -19.67
N ALA J 406 65.14 47.13 -20.42
CA ALA J 406 66.39 46.42 -20.72
C ALA J 406 67.34 47.31 -21.51
N ALA J 407 66.84 48.01 -22.53
CA ALA J 407 67.69 48.87 -23.34
C ALA J 407 68.25 50.02 -22.51
N THR J 408 67.44 50.58 -21.61
CA THR J 408 67.89 51.73 -20.84
C THR J 408 68.84 51.35 -19.71
N MET J 409 68.71 50.16 -19.14
CA MET J 409 69.50 49.78 -17.97
C MET J 409 70.56 48.73 -18.27
N LEU J 410 70.17 47.59 -18.85
CA LEU J 410 71.15 46.59 -19.26
C LEU J 410 71.99 47.03 -20.46
N GLY J 411 71.57 48.07 -21.16
CA GLY J 411 72.32 48.58 -22.30
C GLY J 411 72.35 47.65 -23.51
N MET J 412 71.26 46.94 -23.78
CA MET J 412 71.20 46.12 -24.97
C MET J 412 71.08 46.99 -26.22
N PRO J 413 71.61 46.54 -27.35
CA PRO J 413 71.49 47.32 -28.59
C PRO J 413 70.04 47.46 -29.00
N LYS J 414 69.58 48.71 -29.12
CA LYS J 414 68.19 48.97 -29.47
C LYS J 414 67.86 48.59 -30.90
N GLU J 415 68.87 48.49 -31.78
CA GLU J 415 68.61 48.14 -33.17
C GLU J 415 68.01 46.74 -33.28
N PHE J 416 68.55 45.78 -32.53
CA PHE J 416 67.99 44.43 -32.56
C PHE J 416 66.62 44.38 -31.88
N LEU J 417 66.44 45.18 -30.83
CA LEU J 417 65.20 45.15 -30.06
C LEU J 417 63.99 45.60 -30.87
N TRP J 418 64.19 46.34 -31.95
CA TRP J 418 63.07 46.83 -32.74
C TRP J 418 62.25 45.69 -33.34
N GLY J 419 62.91 44.60 -33.73
CA GLY J 419 62.22 43.47 -34.32
C GLY J 419 61.54 42.52 -33.36
N LEU J 420 61.61 42.80 -32.06
CA LEU J 420 61.02 41.92 -31.06
C LEU J 420 59.62 42.34 -30.62
N ILE J 421 59.26 43.60 -30.80
CA ILE J 421 57.90 44.05 -30.46
C ILE J 421 56.91 43.39 -31.41
N PRO J 422 55.79 42.84 -30.92
CA PRO J 422 54.79 42.27 -31.83
C PRO J 422 54.23 43.31 -32.77
N GLY J 423 53.90 42.88 -33.98
CA GLY J 423 53.38 43.76 -35.01
C GLY J 423 54.42 44.41 -35.89
N ILE J 424 55.71 44.18 -35.63
CA ILE J 424 56.79 44.74 -36.43
C ILE J 424 57.61 43.58 -36.98
N THR J 425 57.81 43.58 -38.30
CA THR J 425 58.55 42.55 -38.99
C THR J 425 59.91 43.09 -39.44
N LYS J 426 60.66 42.26 -40.16
CA LYS J 426 61.97 42.67 -40.66
C LYS J 426 61.85 43.78 -41.69
N THR J 427 60.78 43.79 -42.48
CA THR J 427 60.59 44.85 -43.46
C THR J 427 60.43 46.20 -42.77
N ASP J 428 59.69 46.24 -41.66
CA ASP J 428 59.53 47.48 -40.91
C ASP J 428 60.87 47.94 -40.34
N VAL J 429 61.69 47.01 -39.85
CA VAL J 429 63.00 47.36 -39.33
C VAL J 429 63.88 47.94 -40.44
N GLU J 430 63.84 47.33 -41.62
CA GLU J 430 64.60 47.84 -42.75
C GLU J 430 64.12 49.23 -43.15
N ALA J 431 62.81 49.44 -43.14
CA ALA J 431 62.26 50.77 -43.45
C ALA J 431 62.72 51.81 -42.44
N MET J 432 62.72 51.44 -41.15
CA MET J 432 63.22 52.36 -40.13
C MET J 432 64.68 52.69 -40.34
N ARG J 433 65.49 51.68 -40.64
CA ARG J 433 66.92 51.90 -40.85
C ARG J 433 67.19 52.77 -42.07
N GLN J 434 66.44 52.55 -43.14
CA GLN J 434 66.66 53.33 -44.36
C GLN J 434 66.34 54.81 -44.15
N HIS J 435 65.24 55.11 -43.45
CA HIS J 435 64.80 56.48 -43.21
C HIS J 435 64.78 56.72 -41.70
N PHE J 436 65.91 57.14 -41.15
CA PHE J 436 66.00 57.45 -39.73
C PHE J 436 66.66 58.81 -39.52
N ASN J 437 67.48 59.23 -40.48
CA ASN J 437 68.19 60.51 -40.43
C ASN J 437 68.04 61.25 -41.75
N ASP J 438 66.82 61.28 -42.26
CA ASP J 438 66.55 61.97 -43.52
C ASP J 438 66.64 63.48 -43.34
N ASP J 439 66.90 64.17 -44.45
CA ASP J 439 67.06 65.61 -44.43
C ASP J 439 65.74 66.36 -44.38
N ASP J 440 64.60 65.67 -44.54
CA ASP J 440 63.32 66.34 -44.50
C ASP J 440 63.00 66.84 -43.09
N GLU J 441 62.10 67.81 -43.02
CA GLU J 441 61.75 68.41 -41.74
C GLU J 441 61.03 67.42 -40.83
N MET J 442 60.32 66.45 -41.41
CA MET J 442 59.55 65.51 -40.59
C MET J 442 60.47 64.67 -39.70
N THR J 443 61.48 64.04 -40.29
CA THR J 443 62.38 63.18 -39.52
C THR J 443 63.20 63.98 -38.52
N GLN J 444 63.66 65.17 -38.92
CA GLN J 444 64.42 66.01 -38.01
C GLN J 444 63.57 66.45 -36.82
N MET J 445 62.31 66.82 -37.08
CA MET J 445 61.41 67.20 -35.99
C MET J 445 61.11 66.03 -35.06
N LEU J 446 60.87 64.85 -35.63
CA LEU J 446 60.49 63.69 -34.84
C LEU J 446 61.67 63.01 -34.16
N LEU J 447 62.91 63.33 -34.56
CA LEU J 447 64.07 62.71 -33.92
C LEU J 447 64.46 63.46 -32.65
N TRP J 448 64.60 64.78 -32.75
CA TRP J 448 64.94 65.62 -31.59
C TRP J 448 63.67 66.16 -30.94
N TRP J 449 62.83 65.23 -30.49
CA TRP J 449 61.55 65.55 -29.88
C TRP J 449 61.66 65.50 -28.36
N THR J 450 61.17 66.55 -27.70
CA THR J 450 61.13 66.65 -26.26
C THR J 450 59.68 66.79 -25.79
N PRO J 451 59.38 66.44 -24.54
CA PRO J 451 57.99 66.56 -24.06
C PRO J 451 57.46 67.98 -24.08
N ASN J 452 58.32 68.99 -24.10
CA ASN J 452 57.91 70.39 -24.11
C ASN J 452 58.18 71.03 -25.48
N GLY J 453 57.95 70.28 -26.55
CA GLY J 453 58.14 70.78 -27.89
C GLY J 453 59.38 70.20 -28.55
N PRO J 454 59.56 70.48 -29.84
CA PRO J 454 60.75 69.98 -30.54
C PRO J 454 62.03 70.53 -29.93
N GLY J 455 63.06 69.69 -29.90
CA GLY J 455 64.34 70.09 -29.36
C GLY J 455 65.42 70.13 -30.42
N GLY J 456 66.68 69.90 -30.02
CA GLY J 456 67.76 69.90 -30.97
C GLY J 456 68.05 71.28 -31.53
N GLU J 457 68.46 71.29 -32.81
CA GLU J 457 68.79 72.56 -33.46
C GLU J 457 67.57 73.45 -33.60
N PHE J 458 66.37 72.87 -33.73
CA PHE J 458 65.16 73.68 -33.82
C PHE J 458 64.94 74.49 -32.56
N ALA J 459 65.14 73.89 -31.39
CA ALA J 459 65.05 74.61 -30.14
C ALA J 459 66.29 75.46 -29.86
N ALA J 460 67.41 75.14 -30.50
CA ALA J 460 68.61 75.96 -30.34
C ALA J 460 68.53 77.27 -31.13
N GLU J 461 67.83 77.26 -32.27
CA GLU J 461 67.72 78.47 -33.07
C GLU J 461 67.03 79.59 -32.32
N ILE J 462 65.92 79.28 -31.65
CA ILE J 462 65.22 80.32 -30.89
C ILE J 462 66.07 80.81 -29.73
N GLU J 463 66.80 79.89 -29.08
CA GLU J 463 67.65 80.30 -27.96
C GLU J 463 68.77 81.22 -28.42
N VAL J 464 69.42 80.89 -29.54
CA VAL J 464 70.50 81.74 -30.02
C VAL J 464 69.95 83.06 -30.53
N ASP J 465 68.75 83.06 -31.12
CA ASP J 465 68.14 84.33 -31.53
C ASP J 465 67.85 85.22 -30.33
N SER J 466 67.31 84.64 -29.25
CA SER J 466 67.06 85.42 -28.04
C SER J 466 68.35 85.95 -27.44
N GLN J 467 69.39 85.11 -27.38
CA GLN J 467 70.67 85.55 -26.84
C GLN J 467 71.28 86.66 -27.69
N THR J 468 71.18 86.53 -29.02
CA THR J 468 71.69 87.57 -29.91
C THR J 468 70.93 88.88 -29.73
N GLN J 469 69.60 88.81 -29.57
CA GLN J 469 68.83 90.02 -29.35
C GLN J 469 69.21 90.69 -28.03
N ILE J 470 69.37 89.90 -26.97
CA ILE J 470 69.77 90.46 -25.67
C ILE J 470 71.15 91.08 -25.76
N ILE J 471 72.09 90.40 -26.41
CA ILE J 471 73.44 90.92 -26.55
C ILE J 471 73.45 92.20 -27.38
N GLU J 472 72.63 92.25 -28.43
CA GLU J 472 72.54 93.45 -29.25
C GLU J 472 71.97 94.62 -28.46
N ALA J 473 70.94 94.37 -27.64
CA ALA J 473 70.38 95.44 -26.82
C ALA J 473 71.41 95.95 -25.81
N GLN J 474 72.14 95.04 -25.17
CA GLN J 474 73.17 95.44 -24.23
C GLN J 474 74.28 96.22 -24.93
N GLY J 475 74.66 95.78 -26.13
CA GLY J 475 75.68 96.49 -26.89
C GLY J 475 75.23 97.88 -27.28
N ASP J 476 73.97 98.04 -27.65
CA ASP J 476 73.46 99.35 -28.04
C ASP J 476 73.42 100.29 -26.84
N VAL J 477 72.91 99.82 -25.70
CA VAL J 477 72.85 100.70 -24.53
C VAL J 477 74.26 101.06 -24.07
N GLN J 478 75.18 100.09 -24.10
CA GLN J 478 76.57 100.41 -23.79
C GLN J 478 77.11 101.46 -24.76
N LYS J 479 76.94 101.22 -26.06
CA LYS J 479 77.51 102.09 -27.07
C LYS J 479 77.07 103.53 -26.87
N ASP J 480 75.77 103.74 -26.60
CA ASP J 480 75.36 105.11 -26.32
C ASP J 480 75.95 105.61 -25.00
N LEU J 481 76.16 104.73 -24.01
CA LEU J 481 76.76 105.16 -22.76
C LEU J 481 78.19 105.67 -22.95
N GLN J 482 79.04 104.87 -23.61
CA GLN J 482 80.40 105.36 -23.89
C GLN J 482 80.43 106.49 -24.91
N ASP J 483 79.44 106.60 -25.80
CA ASP J 483 79.41 107.77 -26.67
C ASP J 483 79.16 109.05 -25.88
N ALA J 484 78.21 109.00 -24.94
CA ALA J 484 77.99 110.14 -24.07
C ALA J 484 79.22 110.42 -23.20
N GLN J 485 79.88 109.38 -22.71
CA GLN J 485 81.07 109.56 -21.89
C GLN J 485 82.19 110.23 -22.69
N ALA J 486 82.39 109.80 -23.93
CA ALA J 486 83.42 110.39 -24.78
C ALA J 486 83.09 111.84 -25.11
N LYS J 487 81.81 112.14 -25.38
CA LYS J 487 81.43 113.53 -25.63
C LYS J 487 81.69 114.40 -24.40
N ALA J 488 81.34 113.89 -23.21
CA ALA J 488 81.60 114.64 -21.99
C ALA J 488 83.09 114.85 -21.76
N GLN J 489 83.90 113.82 -22.03
CA GLN J 489 85.34 113.94 -21.86
C GLN J 489 85.92 114.96 -22.84
N ALA J 490 85.44 114.96 -24.08
CA ALA J 490 85.90 115.94 -25.06
C ALA J 490 85.52 117.35 -24.64
N ASP J 491 84.30 117.53 -24.13
CA ASP J 491 83.88 118.85 -23.65
C ASP J 491 84.73 119.30 -22.48
N LEU J 492 85.03 118.38 -21.55
CA LEU J 492 85.87 118.71 -20.40
C LEU J 492 87.28 119.08 -20.85
N ALA J 493 87.83 118.36 -21.83
CA ALA J 493 89.15 118.69 -22.34
C ALA J 493 89.16 120.05 -23.01
N LYS J 494 88.11 120.36 -23.78
CA LYS J 494 88.03 121.68 -24.41
C LYS J 494 87.94 122.79 -23.36
N GLN J 495 87.14 122.58 -22.32
CA GLN J 495 87.03 123.57 -21.25
C GLN J 495 88.37 123.76 -20.53
N ASN J 496 89.08 122.65 -20.28
CA ASN J 496 90.37 122.74 -19.62
C ASN J 496 91.39 123.49 -20.49
N ALA J 497 91.38 123.23 -21.80
CA ALA J 497 92.27 123.94 -22.70
C ALA J 497 91.94 125.43 -22.74
N ALA J 498 90.64 125.76 -22.76
CA ALA J 498 90.24 127.17 -22.74
C ALA J 498 90.69 127.86 -21.46
N ALA J 499 90.52 127.18 -20.32
CA ALA J 499 90.98 127.76 -19.06
C ALA J 499 92.49 127.94 -19.03
N GLN J 500 93.22 126.95 -19.56
CA GLN J 500 94.68 127.04 -19.58
C GLN J 500 95.14 128.21 -20.45
N GLN J 501 94.55 128.36 -21.64
CA GLN J 501 94.97 129.46 -22.50
C GLN J 501 94.56 130.81 -21.92
N ARG J 502 93.39 130.87 -21.25
CA ARG J 502 92.98 132.12 -20.60
C ARG J 502 93.93 132.50 -19.48
N GLN J 503 94.35 131.53 -18.66
CA GLN J 503 95.26 131.83 -17.56
C GLN J 503 96.69 132.05 -18.02
N ALA J 504 97.06 131.54 -19.19
CA ALA J 504 98.41 131.75 -19.70
C ALA J 504 98.55 133.03 -20.51
N VAL J 505 97.47 133.48 -21.18
CA VAL J 505 97.55 134.69 -21.97
C VAL J 505 97.69 135.94 -21.09
N ALA J 506 97.28 135.86 -19.83
CA ALA J 506 97.38 137.01 -18.94
C ALA J 506 98.84 137.22 -18.54
N VAL J 507 99.32 138.44 -18.72
CA VAL J 507 100.70 138.78 -18.37
C VAL J 507 100.84 140.29 -18.18
N ILE K 2 39.48 15.33 -69.00
CA ILE K 2 39.94 16.53 -69.68
C ILE K 2 41.39 16.37 -70.11
N GLU K 3 41.77 17.07 -71.18
CA GLU K 3 43.12 17.01 -71.71
C GLU K 3 43.61 18.43 -71.99
N LEU K 4 44.93 18.61 -71.94
CA LEU K 4 45.55 19.90 -72.19
C LEU K 4 45.96 19.98 -73.65
N PRO K 5 45.37 20.86 -74.45
CA PRO K 5 45.75 20.96 -75.87
C PRO K 5 46.92 21.90 -76.09
N ASP K 6 47.95 21.43 -76.79
CA ASP K 6 49.09 22.29 -77.10
C ASP K 6 48.68 23.44 -78.02
N ALA K 7 47.86 23.15 -79.03
CA ALA K 7 47.39 24.16 -79.95
C ALA K 7 46.29 25.00 -79.31
N ILE K 8 46.01 26.15 -79.93
CA ILE K 8 44.96 27.05 -79.44
C ILE K 8 43.64 26.88 -80.18
N SER K 9 43.59 26.05 -81.23
CA SER K 9 42.38 25.80 -82.00
C SER K 9 41.80 27.11 -82.53
N ASP K 10 42.57 27.75 -83.41
CA ASP K 10 42.16 29.05 -83.95
C ASP K 10 40.87 28.94 -84.74
N GLY K 11 40.71 27.89 -85.54
CA GLY K 11 39.53 27.72 -86.35
C GLY K 11 38.52 26.75 -85.77
N GLU K 12 38.88 26.06 -84.70
CA GLU K 12 38.02 25.04 -84.09
C GLU K 12 38.03 25.16 -82.58
N VAL K 13 37.95 26.39 -82.07
CA VAL K 13 37.92 26.58 -80.61
C VAL K 13 36.61 26.08 -80.03
N ARG K 14 35.49 26.33 -80.72
CA ARG K 14 34.19 25.92 -80.19
C ARG K 14 34.07 24.41 -80.11
N LYS K 15 34.65 23.70 -81.07
CA LYS K 15 34.60 22.24 -81.05
C LYS K 15 35.27 21.69 -79.80
N LEU K 16 36.43 22.23 -79.44
CA LEU K 16 37.10 21.79 -78.22
C LEU K 16 36.34 22.23 -76.98
N VAL K 17 35.80 23.45 -76.99
CA VAL K 17 35.10 23.96 -75.80
C VAL K 17 33.89 23.10 -75.49
N GLU K 18 33.04 22.84 -76.48
CA GLU K 18 31.76 22.19 -76.24
C GLU K 18 31.91 20.76 -75.72
N ASN K 19 33.04 20.11 -75.98
CA ASN K 19 33.22 18.73 -75.55
C ASN K 19 34.30 18.55 -74.49
N GLU K 20 35.03 19.59 -74.13
CA GLU K 20 35.99 19.41 -73.05
C GLU K 20 35.85 20.44 -71.94
N PHE K 21 35.52 21.69 -72.26
CA PHE K 21 35.47 22.73 -71.26
C PHE K 21 34.08 22.91 -70.65
N TRP K 22 33.05 22.92 -71.48
CA TRP K 22 31.69 23.12 -70.98
C TRP K 22 31.25 22.03 -70.00
N PRO K 23 31.45 20.73 -70.27
CA PRO K 23 31.06 19.73 -69.25
C PRO K 23 31.80 19.90 -67.94
N GLU K 24 33.12 20.12 -67.99
CA GLU K 24 33.87 20.35 -66.75
C GLU K 24 33.43 21.64 -66.07
N PHE K 25 33.16 22.69 -66.87
CA PHE K 25 32.70 23.94 -66.29
C PHE K 25 31.38 23.75 -65.55
N VAL K 26 30.45 23.00 -66.13
CA VAL K 26 29.17 22.76 -65.47
C VAL K 26 29.36 21.88 -64.24
N ARG K 27 30.23 20.89 -64.33
CA ARG K 27 30.49 20.02 -63.18
C ARG K 27 31.06 20.79 -62.01
N ARG K 28 31.92 21.77 -62.29
CA ARG K 28 32.42 22.61 -61.20
C ARG K 28 31.37 23.61 -60.75
N ARG K 29 30.58 24.14 -61.69
CA ARG K 29 29.62 25.19 -61.38
C ARG K 29 28.52 24.68 -60.46
N GLU K 30 28.06 23.44 -60.66
CA GLU K 30 27.01 22.92 -59.79
C GLU K 30 27.49 22.84 -58.34
N LYS K 31 28.72 22.34 -58.13
CA LYS K 31 29.26 22.26 -56.77
C LYS K 31 29.50 23.64 -56.19
N LEU K 32 30.01 24.58 -56.98
CA LEU K 32 30.24 25.93 -56.48
C LEU K 32 28.92 26.62 -56.12
N ASP K 33 27.88 26.43 -56.94
CA ASP K 33 26.58 26.99 -56.60
C ASP K 33 26.01 26.36 -55.34
N ARG K 34 26.19 25.04 -55.19
CA ARG K 34 25.70 24.37 -53.98
C ARG K 34 26.41 24.90 -52.74
N ILE K 35 27.73 25.07 -52.80
CA ILE K 35 28.47 25.55 -51.64
C ILE K 35 28.15 27.03 -51.36
N ALA K 36 27.90 27.82 -52.41
CA ALA K 36 27.48 29.20 -52.20
C ALA K 36 26.12 29.26 -51.53
N GLN K 37 25.19 28.40 -51.94
CA GLN K 37 23.90 28.33 -51.28
C GLN K 37 24.06 27.89 -49.83
N TRP K 38 24.97 26.96 -49.57
CA TRP K 38 25.23 26.53 -48.20
C TRP K 38 25.77 27.67 -47.35
N ALA K 39 26.63 28.51 -47.94
CA ALA K 39 27.26 29.58 -47.16
C ALA K 39 26.23 30.57 -46.64
N ARG K 40 25.29 30.99 -47.49
CA ARG K 40 24.28 31.97 -47.10
C ARG K 40 23.07 31.26 -46.52
N GLY K 41 23.26 30.71 -45.33
CA GLY K 41 22.21 29.96 -44.68
C GLY K 41 21.91 28.66 -45.39
N GLU K 42 20.76 28.08 -45.03
CA GLU K 42 20.28 26.83 -45.61
C GLU K 42 21.36 25.75 -45.55
N GLN K 43 21.73 25.39 -44.33
CA GLN K 43 22.77 24.40 -44.11
C GLN K 43 22.31 23.04 -44.62
N PRO K 44 23.24 22.17 -45.01
CA PRO K 44 22.86 20.85 -45.53
C PRO K 44 22.06 20.06 -44.51
N ASP K 45 20.82 19.72 -44.88
CA ASP K 45 19.91 18.98 -44.01
C ASP K 45 20.14 17.49 -44.22
N TYR K 46 20.89 16.87 -43.30
CA TYR K 46 21.10 15.43 -43.36
C TYR K 46 19.80 14.67 -43.16
N LEU K 47 18.92 15.18 -42.29
CA LEU K 47 17.62 14.56 -42.02
C LEU K 47 16.54 15.59 -42.26
N ILE K 48 15.62 15.29 -43.17
CA ILE K 48 14.48 16.14 -43.46
C ILE K 48 13.24 15.28 -43.63
N GLN K 49 12.13 15.72 -43.05
CA GLN K 49 10.85 15.01 -43.14
C GLN K 49 10.04 15.64 -44.25
N ASN K 50 9.80 14.87 -45.32
CA ASN K 50 9.04 15.34 -46.46
C ASN K 50 7.56 14.97 -46.39
N ALA K 51 7.12 14.33 -45.32
CA ALA K 51 5.73 13.92 -45.18
C ALA K 51 4.92 14.82 -44.26
N ASN K 52 5.56 15.46 -43.28
CA ASN K 52 4.88 16.33 -42.33
C ASN K 52 5.22 17.79 -42.67
N ARG K 53 4.19 18.58 -42.94
CA ARG K 53 4.41 19.99 -43.25
C ARG K 53 4.89 20.75 -42.03
N GLU K 54 4.35 20.45 -40.85
CA GLU K 54 4.75 21.14 -39.64
C GLU K 54 6.21 20.86 -39.30
N LYS K 55 6.63 19.59 -39.43
CA LYS K 55 8.02 19.25 -39.15
C LYS K 55 8.96 19.92 -40.14
N ARG K 56 8.60 19.96 -41.41
CA ARG K 56 9.43 20.63 -42.40
C ARG K 56 9.52 22.13 -42.12
N ALA K 57 8.40 22.74 -41.73
CA ALA K 57 8.42 24.15 -41.38
C ALA K 57 9.31 24.42 -40.17
N LEU K 58 9.24 23.54 -39.17
CA LEU K 58 10.10 23.70 -38.00
C LEU K 58 11.57 23.54 -38.37
N LEU K 59 11.89 22.57 -39.23
CA LEU K 59 13.26 22.37 -39.66
C LEU K 59 13.78 23.57 -40.44
N LYS K 60 12.96 24.12 -41.35
CA LYS K 60 13.38 25.31 -42.09
C LYS K 60 13.53 26.51 -41.17
N LEU K 61 12.68 26.61 -40.15
CA LEU K 61 12.76 27.70 -39.20
C LEU K 61 14.00 27.62 -38.30
N ALA K 62 14.60 26.43 -38.20
CA ALA K 62 15.77 26.23 -37.36
C ALA K 62 17.08 26.40 -38.12
N LYS K 63 17.04 26.73 -39.41
CA LYS K 63 18.24 26.86 -40.23
C LYS K 63 18.93 28.18 -39.90
N THR K 64 19.67 28.16 -38.80
CA THR K 64 20.42 29.34 -38.36
C THR K 64 21.71 29.45 -39.15
N PRO K 65 21.97 30.55 -39.85
CA PRO K 65 23.22 30.68 -40.61
C PRO K 65 24.40 30.90 -39.66
N TRP K 66 25.36 29.99 -39.70
CA TRP K 66 26.56 30.07 -38.87
C TRP K 66 27.83 30.20 -39.67
N LEU K 67 28.00 29.42 -40.73
CA LEU K 67 29.21 29.50 -41.54
C LEU K 67 29.31 30.85 -42.25
N GLY K 68 28.18 31.40 -42.68
CA GLY K 68 28.19 32.73 -43.28
C GLY K 68 28.67 33.79 -42.33
N LEU K 69 28.28 33.69 -41.06
CA LEU K 69 28.77 34.63 -40.06
C LEU K 69 30.28 34.54 -39.90
N VAL K 70 30.83 33.32 -39.89
CA VAL K 70 32.26 33.14 -39.78
C VAL K 70 32.97 33.73 -40.99
N VAL K 71 32.43 33.50 -42.18
CA VAL K 71 33.04 34.06 -43.39
C VAL K 71 33.02 35.57 -43.36
N THR K 72 31.89 36.16 -42.96
CA THR K 72 31.80 37.62 -42.89
C THR K 72 32.78 38.18 -41.87
N HIS K 73 32.91 37.51 -40.72
CA HIS K 73 33.85 37.97 -39.70
C HIS K 73 35.29 37.90 -40.20
N PHE K 74 35.64 36.82 -40.90
CA PHE K 74 37.00 36.70 -41.42
C PHE K 74 37.28 37.73 -42.50
N THR K 75 36.33 37.98 -43.38
CA THR K 75 36.57 38.88 -44.51
C THR K 75 36.47 40.36 -44.14
N GLN K 76 35.87 40.69 -43.01
CA GLN K 76 35.74 42.07 -42.59
C GLN K 76 36.96 42.59 -41.85
N ALA K 77 37.89 41.71 -41.47
CA ALA K 77 39.11 42.11 -40.77
C ALA K 77 40.32 42.16 -41.69
N LEU K 78 40.14 41.93 -42.99
CA LEU K 78 41.22 41.94 -43.97
C LEU K 78 41.10 43.20 -44.81
N PHE K 79 42.16 44.01 -44.82
CA PHE K 79 42.17 45.25 -45.58
C PHE K 79 43.60 45.56 -46.01
N VAL K 80 43.74 46.06 -47.24
CA VAL K 80 45.04 46.40 -47.80
C VAL K 80 45.11 47.92 -47.94
N ASP K 81 46.14 48.53 -47.35
CA ASP K 81 46.36 49.96 -47.44
C ASP K 81 47.83 50.22 -47.74
N GLY K 82 48.10 50.95 -48.82
CA GLY K 82 49.44 51.29 -49.19
C GLY K 82 50.19 50.12 -49.83
N TYR K 83 51.19 50.48 -50.62
CA TYR K 83 52.08 49.50 -51.29
C TYR K 83 53.51 49.88 -50.92
N ARG K 84 53.99 49.36 -49.80
CA ARG K 84 55.29 49.72 -49.28
C ARG K 84 56.38 48.93 -50.02
N ALA K 85 57.14 49.63 -50.85
CA ALA K 85 58.28 49.00 -51.51
C ALA K 85 59.45 48.88 -50.54
N GLU K 86 60.42 48.05 -50.93
CA GLU K 86 61.58 47.81 -50.07
C GLU K 86 62.43 49.08 -49.98
N GLY K 87 62.65 49.54 -48.75
CA GLY K 87 63.46 50.72 -48.51
C GLY K 87 62.75 52.04 -48.67
N SER K 88 61.45 52.05 -48.92
CA SER K 88 60.69 53.28 -49.09
C SER K 88 59.50 53.26 -48.14
N LYS K 89 59.31 54.37 -47.41
CA LYS K 89 58.19 54.49 -46.50
C LYS K 89 56.95 55.07 -47.15
N GLU K 90 57.04 55.50 -48.41
CA GLU K 90 55.91 56.08 -49.13
C GLU K 90 55.48 55.15 -50.24
N ASN K 91 54.17 55.06 -50.46
CA ASN K 91 53.64 54.21 -51.52
C ASN K 91 54.07 54.72 -52.89
N ALA K 92 54.48 53.79 -53.75
CA ALA K 92 54.91 54.16 -55.09
C ALA K 92 53.73 54.67 -55.91
N LYS K 93 54.03 55.58 -56.84
CA LYS K 93 53.02 56.16 -57.72
C LYS K 93 52.73 55.28 -58.93
N GLY K 94 53.06 53.99 -58.86
CA GLY K 94 52.83 53.07 -59.94
C GLY K 94 51.61 52.21 -59.70
N PRO K 95 51.83 50.98 -59.23
CA PRO K 95 50.71 50.07 -58.98
C PRO K 95 49.67 50.61 -58.01
N TRP K 96 50.08 51.44 -57.05
CA TRP K 96 49.12 52.01 -56.13
C TRP K 96 48.14 52.96 -56.83
N GLN K 97 48.61 53.67 -57.86
CA GLN K 97 47.70 54.50 -58.64
C GLN K 97 46.65 53.66 -59.33
N THR K 98 47.05 52.51 -59.88
CA THR K 98 46.09 51.59 -60.50
C THR K 98 45.13 51.03 -59.45
N TRP K 99 45.64 50.72 -58.25
CA TRP K 99 44.78 50.23 -57.19
C TRP K 99 43.73 51.26 -56.80
N ASN K 100 44.13 52.52 -56.69
CA ASN K 100 43.17 53.57 -56.32
C ASN K 100 42.19 53.85 -57.44
N ALA K 101 42.66 53.84 -58.69
CA ALA K 101 41.79 54.17 -59.81
C ALA K 101 40.71 53.09 -60.02
N ASN K 102 41.07 51.83 -59.82
CA ASN K 102 40.14 50.73 -60.07
C ASN K 102 39.15 50.52 -58.93
N LYS K 103 39.14 51.39 -57.92
CA LYS K 103 38.25 51.27 -56.77
C LYS K 103 38.39 49.90 -56.10
N MET K 104 39.64 49.47 -55.92
CA MET K 104 39.90 48.18 -55.31
C MET K 104 39.60 48.17 -53.81
N GLN K 105 39.49 49.35 -53.19
CA GLN K 105 39.22 49.42 -51.76
C GLN K 105 37.85 48.81 -51.43
N SER K 106 36.92 48.83 -52.37
CA SER K 106 35.60 48.24 -52.15
C SER K 106 35.46 46.84 -52.74
N LYS K 107 36.34 46.44 -53.65
CA LYS K 107 36.29 45.12 -54.25
C LYS K 107 37.17 44.09 -53.54
N GLN K 108 38.14 44.55 -52.75
CA GLN K 108 38.99 43.62 -52.02
C GLN K 108 38.20 42.83 -50.99
N ILE K 109 37.18 43.46 -50.40
CA ILE K 109 36.33 42.75 -49.44
C ILE K 109 35.61 41.59 -50.12
N ALA K 110 35.04 41.86 -51.30
CA ALA K 110 34.34 40.81 -52.04
C ALA K 110 35.31 39.72 -52.48
N ILE K 111 36.51 40.10 -52.93
CA ILE K 111 37.50 39.12 -53.37
C ILE K 111 37.90 38.22 -52.21
N HIS K 112 38.16 38.81 -51.04
CA HIS K 112 38.54 38.02 -49.87
C HIS K 112 37.40 37.13 -49.41
N ARG K 113 36.16 37.63 -49.45
CA ARG K 113 35.02 36.82 -49.07
C ARG K 113 34.86 35.62 -50.00
N ALA K 114 35.00 35.84 -51.30
CA ALA K 114 34.89 34.74 -52.26
C ALA K 114 36.03 33.74 -52.08
N ALA K 115 37.24 34.22 -51.81
CA ALA K 115 38.37 33.32 -51.58
C ALA K 115 38.17 32.48 -50.32
N LEU K 116 37.64 33.10 -49.26
CA LEU K 116 37.44 32.36 -48.02
C LEU K 116 36.26 31.39 -48.13
N THR K 117 35.26 31.72 -48.94
CA THR K 117 34.10 30.84 -49.09
C THR K 117 34.38 29.72 -50.07
N TYR K 118 34.62 30.06 -51.33
CA TYR K 118 34.79 29.04 -52.37
C TYR K 118 36.13 28.33 -52.22
N GLY K 119 37.20 29.07 -51.98
CA GLY K 119 38.51 28.47 -51.80
C GLY K 119 39.59 29.12 -52.63
N TYR K 120 39.21 29.66 -53.79
CA TYR K 120 40.20 30.27 -54.70
C TYR K 120 39.49 31.32 -55.54
N SER K 121 39.74 32.59 -55.23
CA SER K 121 39.19 33.68 -56.03
C SER K 121 40.06 33.90 -57.27
N TYR K 122 39.51 34.68 -58.21
CA TYR K 122 40.20 35.00 -59.44
C TYR K 122 40.12 36.50 -59.70
N ALA K 123 41.25 37.08 -60.09
CA ALA K 123 41.34 38.50 -60.41
C ALA K 123 41.77 38.65 -61.87
N ARG K 124 40.99 39.42 -62.62
CA ARG K 124 41.25 39.65 -64.04
C ARG K 124 41.81 41.05 -64.23
N VAL K 125 42.98 41.14 -64.85
CA VAL K 125 43.63 42.41 -65.15
C VAL K 125 43.76 42.52 -66.66
N LEU K 126 43.20 43.57 -67.24
CA LEU K 126 43.22 43.78 -68.67
C LEU K 126 43.66 45.20 -68.99
N PRO K 127 44.30 45.41 -70.14
CA PRO K 127 44.69 46.77 -70.53
C PRO K 127 43.46 47.63 -70.80
N GLY K 128 43.63 48.94 -70.54
CA GLY K 128 42.55 49.88 -70.75
C GLY K 128 43.08 51.29 -70.84
N VAL K 129 42.21 52.19 -71.28
CA VAL K 129 42.53 53.60 -71.44
C VAL K 129 42.08 54.35 -70.20
N ALA K 130 42.89 55.31 -69.75
CA ALA K 130 42.57 56.11 -68.59
C ALA K 130 41.60 57.23 -68.96
N LEU K 131 41.18 57.99 -67.95
CA LEU K 131 40.27 59.11 -68.19
C LEU K 131 40.94 60.17 -69.05
N ASP K 132 42.21 60.46 -68.79
CA ASP K 132 42.95 61.47 -69.55
C ASP K 132 43.53 60.91 -70.85
N GLY K 133 43.35 59.62 -71.13
CA GLY K 133 43.89 59.01 -72.32
C GLY K 133 45.16 58.21 -72.12
N ALA K 134 45.66 58.12 -70.89
CA ALA K 134 46.86 57.35 -70.59
C ALA K 134 46.51 55.87 -70.47
N ASN K 135 47.47 55.07 -70.02
CA ASN K 135 47.26 53.64 -69.86
C ASN K 135 46.84 53.34 -68.42
N GLN K 136 45.65 52.78 -68.26
CA GLN K 136 45.13 52.39 -66.95
C GLN K 136 44.75 50.92 -66.99
N ALA K 137 45.31 50.13 -66.09
CA ALA K 137 45.02 48.71 -66.03
C ALA K 137 43.69 48.49 -65.35
N GLU K 138 42.77 47.81 -66.04
CA GLU K 138 41.45 47.52 -65.50
C GLU K 138 41.52 46.17 -64.76
N ILE K 139 41.32 46.20 -63.45
CA ILE K 139 41.40 45.01 -62.61
C ILE K 139 40.01 44.68 -62.11
N HIS K 140 39.57 43.45 -62.33
CA HIS K 140 38.25 43.00 -61.91
C HIS K 140 38.38 41.61 -61.29
N GLY K 141 37.43 41.29 -60.40
CA GLY K 141 37.39 39.99 -59.75
C GLY K 141 36.29 39.13 -60.34
N VAL K 142 36.62 37.87 -60.58
CA VAL K 142 35.68 36.91 -61.17
C VAL K 142 35.48 35.77 -60.19
N SER K 143 34.23 35.45 -59.91
CA SER K 143 33.91 34.37 -58.99
C SER K 143 34.20 33.01 -59.65
N PRO K 144 34.55 32.00 -58.86
CA PRO K 144 34.73 30.66 -59.43
C PRO K 144 33.49 30.12 -60.11
N ARG K 145 32.29 30.58 -59.69
CA ARG K 145 31.06 30.14 -60.33
C ARG K 145 30.99 30.57 -61.80
N ARG K 146 31.73 31.62 -62.18
CA ARG K 146 31.72 32.13 -63.54
C ARG K 146 33.11 32.07 -64.17
N LEU K 147 33.92 31.09 -63.77
CA LEU K 147 35.26 30.96 -64.31
C LEU K 147 35.70 29.51 -64.19
N LEU K 148 36.53 29.08 -65.14
CA LEU K 148 37.13 27.75 -65.13
C LEU K 148 38.57 27.89 -65.62
N ALA K 149 39.51 27.89 -64.69
CA ALA K 149 40.93 28.04 -65.00
C ALA K 149 41.59 26.66 -65.00
N LEU K 150 42.36 26.38 -66.06
CA LEU K 150 43.06 25.11 -66.21
C LEU K 150 44.56 25.34 -66.00
N TYR K 151 45.14 24.54 -65.13
CA TYR K 151 46.57 24.62 -64.82
C TYR K 151 47.25 23.32 -65.22
N GLU K 152 48.34 23.42 -65.97
CA GLU K 152 49.19 22.26 -66.21
C GLU K 152 49.91 21.83 -64.94
N ASP K 153 50.03 22.73 -63.97
CA ASP K 153 50.63 22.43 -62.67
C ASP K 153 49.81 23.16 -61.62
N GLN K 154 49.01 22.41 -60.85
CA GLN K 154 48.11 23.02 -59.89
C GLN K 154 48.88 23.77 -58.81
N ILE K 155 50.01 23.22 -58.37
CA ILE K 155 50.82 23.83 -57.34
C ILE K 155 51.98 24.57 -58.00
N ASN K 156 52.66 25.40 -57.21
CA ASN K 156 53.86 26.17 -57.57
C ASN K 156 53.78 26.79 -58.97
N ASP K 157 52.60 27.23 -59.37
CA ASP K 157 52.38 27.92 -60.63
C ASP K 157 52.08 29.39 -60.38
N GLU K 158 52.14 30.17 -61.45
CA GLU K 158 51.89 31.61 -61.39
C GLU K 158 50.58 32.00 -62.08
N TYR K 159 50.40 31.59 -63.33
CA TYR K 159 49.23 31.97 -64.10
C TYR K 159 48.70 30.75 -64.85
N PRO K 160 47.40 30.72 -65.14
CA PRO K 160 46.83 29.57 -65.86
C PRO K 160 47.26 29.57 -67.31
N LYS K 161 46.93 28.47 -67.99
CA LYS K 161 47.21 28.30 -69.42
C LYS K 161 45.98 28.59 -70.27
N TYR K 162 44.88 27.90 -70.01
CA TYR K 162 43.61 28.13 -70.71
C TYR K 162 42.51 28.32 -69.67
N ALA K 163 41.75 29.41 -69.82
CA ALA K 163 40.68 29.73 -68.89
C ALA K 163 39.41 30.10 -69.66
N LEU K 164 38.28 29.59 -69.18
CA LEU K 164 36.98 29.89 -69.74
C LEU K 164 36.21 30.77 -68.76
N GLU K 165 35.81 31.95 -69.21
CA GLU K 165 35.11 32.92 -68.37
C GLU K 165 33.70 33.13 -68.90
N LEU K 166 32.73 33.11 -67.99
CA LEU K 166 31.33 33.36 -68.31
C LEU K 166 30.90 34.69 -67.70
N ALA K 167 30.37 35.57 -68.54
CA ALA K 167 29.95 36.89 -68.07
C ALA K 167 28.74 36.76 -67.15
N ASN K 168 28.60 37.74 -66.24
CA ASN K 168 27.52 37.71 -65.26
C ASN K 168 26.16 37.98 -65.86
N ASN K 169 26.08 38.44 -67.11
CA ASN K 169 24.80 38.65 -67.77
C ASN K 169 24.29 37.42 -68.50
N GLY K 170 25.09 36.36 -68.58
CA GLY K 170 24.68 35.15 -69.27
C GLY K 170 24.43 35.34 -70.75
N LYS K 171 25.28 36.12 -71.42
CA LYS K 171 25.08 36.39 -72.84
C LYS K 171 26.38 36.13 -73.62
N THR K 172 27.52 36.33 -72.99
CA THR K 172 28.82 36.17 -73.64
C THR K 172 29.69 35.21 -72.83
N VAL K 173 30.31 34.26 -73.52
CA VAL K 173 31.26 33.34 -72.93
C VAL K 173 32.60 33.54 -73.63
N ARG K 174 33.65 33.81 -72.85
CA ARG K 174 34.96 34.15 -73.39
C ARG K 174 36.00 33.15 -72.91
N LEU K 175 36.96 32.85 -73.79
CA LEU K 175 38.08 31.99 -73.48
C LEU K 175 39.37 32.81 -73.54
N TYR K 176 40.19 32.70 -72.50
CA TYR K 176 41.40 33.51 -72.35
C TYR K 176 42.61 32.62 -72.64
N THR K 177 43.20 32.79 -73.82
CA THR K 177 44.44 32.12 -74.18
C THR K 177 45.61 33.03 -73.81
N ASP K 178 46.80 32.70 -74.31
CA ASP K 178 48.01 33.41 -73.90
C ASP K 178 47.97 34.88 -74.30
N THR K 179 47.72 35.16 -75.59
CA THR K 179 47.82 36.52 -76.11
C THR K 179 46.65 36.91 -77.01
N ASP K 180 45.53 36.20 -76.91
CA ASP K 180 44.35 36.54 -77.70
C ASP K 180 43.12 36.53 -76.79
N TYR K 181 42.11 37.30 -77.19
CA TYR K 181 40.87 37.46 -76.44
C TYR K 181 39.74 36.86 -77.25
N TYR K 182 39.41 35.60 -76.98
CA TYR K 182 38.34 34.91 -77.68
C TYR K 182 37.00 35.26 -77.06
N GLU K 183 36.04 35.65 -77.89
CA GLU K 183 34.71 36.04 -77.44
C GLU K 183 33.65 35.26 -78.19
N LEU K 184 32.71 34.68 -77.44
CA LEU K 184 31.60 33.95 -78.05
C LEU K 184 30.27 34.50 -77.56
N ARG K 185 29.17 33.83 -77.90
CA ARG K 185 27.84 34.27 -77.52
C ARG K 185 27.14 33.15 -76.75
N MET K 186 26.29 33.54 -75.80
CA MET K 186 25.53 32.61 -74.96
C MET K 186 24.07 33.02 -74.95
N PRO K 187 23.35 32.77 -76.05
CA PRO K 187 21.92 33.14 -76.08
C PRO K 187 21.07 32.27 -75.18
N SER K 188 21.35 30.98 -75.11
CA SER K 188 20.61 30.05 -74.28
C SER K 188 21.59 29.22 -73.45
N PRO K 189 21.17 28.77 -72.27
CA PRO K 189 22.08 27.98 -71.43
C PRO K 189 22.27 26.55 -71.93
N GLY K 190 23.19 26.36 -72.87
CA GLY K 190 23.50 25.01 -73.33
C GLY K 190 23.62 24.83 -74.83
N ASN K 191 23.63 25.92 -75.59
CA ASN K 191 23.80 25.85 -77.03
C ASN K 191 24.92 26.78 -77.47
N PHE K 192 25.71 26.33 -78.44
CA PHE K 192 26.80 27.12 -79.02
C PHE K 192 26.69 27.08 -80.53
N PRO K 193 25.79 27.87 -81.11
CA PRO K 193 25.63 27.86 -82.57
C PRO K 193 26.90 28.33 -83.27
N ASN K 194 27.20 27.68 -84.39
CA ASN K 194 28.39 28.00 -85.16
C ASN K 194 28.18 29.14 -86.15
N GLU K 195 26.94 29.61 -86.32
CA GLU K 195 26.68 30.71 -87.25
C GLU K 195 27.30 32.01 -86.75
N GLN K 196 27.46 32.16 -85.43
CA GLN K 196 28.05 33.37 -84.87
C GLN K 196 29.53 33.45 -85.22
N VAL K 197 30.01 34.69 -85.36
CA VAL K 197 31.40 34.95 -85.70
C VAL K 197 32.21 35.11 -84.42
N ILE K 198 33.22 34.26 -84.25
CA ILE K 198 34.06 34.33 -83.07
C ILE K 198 34.96 35.55 -83.15
N LYS K 199 34.99 36.33 -82.08
CA LYS K 199 35.79 37.55 -82.01
C LYS K 199 37.12 37.25 -81.34
N LYS K 200 38.22 37.61 -82.01
CA LYS K 200 39.56 37.45 -81.48
C LYS K 200 40.21 38.82 -81.37
N VAL K 201 40.63 39.18 -80.16
CA VAL K 201 41.24 40.47 -79.90
C VAL K 201 42.66 40.23 -79.38
N HIS K 202 43.64 40.86 -80.02
CA HIS K 202 45.05 40.74 -79.64
C HIS K 202 45.41 41.96 -78.81
N HIS K 203 45.15 41.89 -77.50
CA HIS K 203 45.52 42.97 -76.60
C HIS K 203 47.01 42.94 -76.30
N GLY K 204 47.49 41.81 -75.79
CA GLY K 204 48.89 41.65 -75.47
C GLY K 204 49.17 41.79 -73.98
N VAL K 205 49.27 40.67 -73.29
CA VAL K 205 49.54 40.67 -71.85
C VAL K 205 50.59 39.62 -71.53
N GLY K 206 50.93 38.80 -72.52
CA GLY K 206 51.90 37.74 -72.31
C GLY K 206 51.25 36.42 -71.95
N VAL K 207 51.18 36.12 -70.65
CA VAL K 207 50.55 34.91 -70.16
C VAL K 207 49.10 35.25 -69.78
N CYS K 208 48.31 34.20 -69.55
CA CYS K 208 46.89 34.39 -69.28
C CYS K 208 46.70 35.29 -68.06
N PRO K 209 45.93 36.38 -68.16
CA PRO K 209 45.81 37.36 -67.07
C PRO K 209 44.78 36.94 -66.02
N PHE K 210 45.17 35.97 -65.19
CA PHE K 210 44.34 35.51 -64.09
C PHE K 210 45.22 35.17 -62.91
N VAL K 211 44.84 35.66 -61.73
CA VAL K 211 45.58 35.41 -60.49
C VAL K 211 44.65 34.70 -59.52
N ARG K 212 45.13 33.59 -58.96
CA ARG K 212 44.32 32.78 -58.06
C ARG K 212 44.56 33.18 -56.62
N TYR K 213 43.48 33.47 -55.89
CA TYR K 213 43.55 33.84 -54.49
C TYR K 213 43.22 32.60 -53.66
N VAL K 214 44.23 31.75 -53.48
CA VAL K 214 44.03 30.48 -52.78
C VAL K 214 43.80 30.74 -51.30
N ASN K 215 42.81 30.06 -50.74
CA ASN K 215 42.49 30.23 -49.33
C ASN K 215 43.64 29.78 -48.43
N MET K 216 43.98 28.50 -48.50
CA MET K 216 45.06 27.93 -47.72
C MET K 216 46.06 27.23 -48.65
N MET K 217 47.34 27.41 -48.35
CA MET K 217 48.39 26.83 -49.17
C MET K 217 48.66 25.39 -48.74
N ASP K 218 48.39 24.45 -49.65
CA ASP K 218 48.63 23.04 -49.40
C ASP K 218 49.60 22.50 -50.44
N LEU K 219 50.45 21.57 -50.02
CA LEU K 219 51.51 21.05 -50.88
C LEU K 219 51.01 20.07 -51.94
N ASP K 220 49.77 19.61 -51.85
CA ASP K 220 49.22 18.64 -52.78
C ASP K 220 47.86 19.11 -53.29
N GLY K 221 47.77 20.37 -53.66
CA GLY K 221 46.51 20.91 -54.15
C GLY K 221 45.46 20.87 -53.05
N PHE K 222 44.32 20.24 -53.36
CA PHE K 222 43.24 20.03 -52.40
C PHE K 222 42.77 21.35 -51.80
N THR K 223 42.66 22.38 -52.65
CA THR K 223 42.23 23.69 -52.18
C THR K 223 40.77 23.65 -51.74
N MET K 224 40.51 24.11 -50.51
CA MET K 224 39.17 24.11 -49.95
C MET K 224 38.91 25.43 -49.24
N GLY K 225 37.64 25.81 -49.17
CA GLY K 225 37.25 27.02 -48.49
C GLY K 225 37.02 26.81 -47.01
N GLU K 226 36.64 27.92 -46.34
CA GLU K 226 36.36 27.90 -44.91
C GLU K 226 34.92 27.53 -44.59
N VAL K 227 34.08 27.29 -45.59
CA VAL K 227 32.68 26.96 -45.36
C VAL K 227 32.48 25.46 -45.53
N GLU K 228 33.29 24.84 -46.41
CA GLU K 228 33.20 23.40 -46.61
C GLU K 228 33.81 22.61 -45.46
N TYR K 229 34.87 23.13 -44.85
CA TYR K 229 35.56 22.40 -43.81
C TYR K 229 34.74 22.27 -42.53
N LEU K 230 33.71 23.08 -42.34
CA LEU K 230 32.89 23.05 -41.14
C LEU K 230 31.41 22.79 -41.44
N VAL K 231 31.13 22.09 -42.54
CA VAL K 231 29.75 21.72 -42.83
C VAL K 231 29.16 20.78 -41.78
N PRO K 232 29.83 19.70 -41.37
CA PRO K 232 29.20 18.79 -40.39
C PRO K 232 28.88 19.44 -39.06
N VAL K 233 29.74 20.34 -38.56
CA VAL K 233 29.48 20.94 -37.26
C VAL K 233 28.30 21.91 -37.33
N ALA K 234 28.19 22.67 -38.42
CA ALA K 234 27.03 23.54 -38.60
C ALA K 234 25.75 22.72 -38.74
N SER K 235 25.83 21.60 -39.47
CA SER K 235 24.67 20.72 -39.58
C SER K 235 24.28 20.15 -38.23
N LYS K 236 25.27 19.81 -37.40
CA LYS K 236 24.98 19.31 -36.05
C LYS K 236 24.32 20.39 -35.20
N ILE K 237 24.79 21.63 -35.31
CA ILE K 237 24.18 22.73 -34.56
C ILE K 237 22.73 22.90 -34.98
N ASP K 238 22.48 22.89 -36.29
CA ASP K 238 21.10 23.04 -36.78
C ASP K 238 20.23 21.87 -36.36
N LYS K 239 20.80 20.66 -36.33
CA LYS K 239 20.05 19.49 -35.88
C LYS K 239 19.69 19.61 -34.41
N THR K 240 20.63 20.10 -33.58
CA THR K 240 20.33 20.32 -32.17
C THR K 240 19.23 21.36 -31.99
N ASP K 241 19.31 22.45 -32.76
CA ASP K 241 18.25 23.46 -32.70
C ASP K 241 16.91 22.90 -33.13
N TYR K 242 16.89 22.06 -34.17
CA TYR K 242 15.66 21.44 -34.61
C TYR K 242 15.08 20.50 -33.55
N ASP K 243 15.95 19.74 -32.89
CA ASP K 243 15.48 18.87 -31.81
C ASP K 243 14.90 19.69 -30.65
N ARG K 244 15.56 20.80 -30.30
CA ARG K 244 15.03 21.66 -29.25
C ARG K 244 13.67 22.24 -29.64
N LEU K 245 13.54 22.66 -30.90
CA LEU K 245 12.27 23.20 -31.37
C LEU K 245 11.17 22.13 -31.37
N LEU K 246 11.52 20.90 -31.76
CA LEU K 246 10.55 19.81 -31.71
C LEU K 246 10.11 19.54 -30.27
N ALA K 247 11.04 19.55 -29.33
CA ALA K 247 10.69 19.34 -27.93
C ALA K 247 9.80 20.47 -27.41
N GLN K 248 10.11 21.72 -27.78
CA GLN K 248 9.36 22.85 -27.26
C GLN K 248 7.99 22.98 -27.90
N HIS K 249 7.83 22.55 -29.15
CA HIS K 249 6.59 22.77 -29.87
C HIS K 249 5.58 21.65 -29.67
N TYR K 250 6.02 20.43 -29.38
CA TYR K 250 5.13 19.28 -29.29
C TYR K 250 4.83 18.89 -27.85
N ASN K 251 5.83 18.85 -26.97
CA ASN K 251 5.64 18.49 -25.57
C ASN K 251 6.47 19.41 -24.68
N SER K 252 5.85 20.53 -24.28
CA SER K 252 6.50 21.48 -23.38
C SER K 252 5.56 21.98 -22.30
N TRP K 253 4.35 21.45 -22.20
CA TRP K 253 3.38 21.85 -21.19
C TRP K 253 2.78 20.61 -20.55
N LYS K 254 2.37 20.75 -19.30
CA LYS K 254 1.75 19.65 -18.57
C LYS K 254 0.38 19.37 -19.18
N VAL K 255 0.27 18.26 -19.90
CA VAL K 255 -0.98 17.92 -20.57
C VAL K 255 -1.98 17.41 -19.56
N LYS K 256 -3.16 18.04 -19.54
CA LYS K 256 -4.23 17.65 -18.63
C LYS K 256 -5.10 16.59 -19.31
N VAL K 257 -5.23 15.43 -18.67
CA VAL K 257 -6.02 14.33 -19.21
C VAL K 257 -7.00 13.86 -18.14
N ALA K 258 -8.08 13.23 -18.58
CA ALA K 258 -9.10 12.70 -17.70
C ALA K 258 -9.47 11.28 -18.12
N THR K 259 -9.78 10.45 -17.13
CA THR K 259 -10.18 9.08 -17.39
C THR K 259 -11.37 8.72 -16.49
N GLY K 260 -12.16 7.76 -16.94
CA GLY K 260 -13.30 7.27 -16.20
C GLY K 260 -14.63 7.89 -16.59
N ILE K 261 -14.61 9.04 -17.28
CA ILE K 261 -15.83 9.70 -17.70
C ILE K 261 -16.33 9.06 -18.99
N ASP K 262 -17.58 9.36 -19.36
CA ASP K 262 -18.18 8.79 -20.56
C ASP K 262 -17.54 9.40 -21.81
N ASP K 263 -17.90 8.85 -22.96
CA ASP K 263 -17.37 9.31 -24.23
C ASP K 263 -18.51 9.51 -25.23
N LEU K 264 -18.17 9.78 -26.50
CA LEU K 264 -19.14 9.94 -27.59
C LEU K 264 -20.26 10.89 -27.21
N SER K 265 -19.95 11.89 -26.39
CA SER K 265 -20.95 12.85 -25.91
C SER K 265 -21.22 13.91 -26.98
N GLU K 266 -21.99 14.93 -26.61
CA GLU K 266 -22.38 16.01 -27.53
C GLU K 266 -23.06 15.45 -28.77
N ASP K 267 -24.03 14.56 -28.55
CA ASP K 267 -24.82 13.96 -29.62
C ASP K 267 -23.94 13.22 -30.63
N ALA K 268 -22.96 12.49 -30.12
CA ALA K 268 -22.03 11.71 -30.94
C ALA K 268 -21.36 12.58 -31.99
N THR K 269 -20.54 13.52 -31.49
CA THR K 269 -19.91 14.59 -32.27
C THR K 269 -19.25 14.07 -33.54
N PRO K 270 -19.80 14.38 -34.72
CA PRO K 270 -19.15 14.07 -35.99
C PRO K 270 -18.20 15.17 -36.45
N GLU K 271 -17.34 15.63 -35.55
CA GLU K 271 -16.46 16.77 -35.78
C GLU K 271 -17.25 18.00 -36.22
N GLU K 272 -18.39 18.21 -35.54
CA GLU K 272 -19.28 19.33 -35.82
C GLU K 272 -19.30 20.28 -34.64
N GLN K 273 -19.28 21.59 -34.93
CA GLN K 273 -19.27 22.64 -33.92
C GLN K 273 -18.05 22.49 -32.99
N GLN K 274 -16.87 22.64 -33.60
CA GLN K 274 -15.62 22.49 -32.86
C GLN K 274 -15.45 23.57 -31.80
N ARG K 275 -16.21 24.66 -31.87
CA ARG K 275 -16.11 25.75 -30.91
C ARG K 275 -16.92 25.40 -29.65
N ALA K 276 -16.41 24.41 -28.92
CA ALA K 276 -17.04 24.01 -27.67
C ALA K 276 -17.00 25.14 -26.65
N LYS K 277 -15.88 25.86 -26.58
CA LYS K 277 -15.70 27.01 -25.68
C LYS K 277 -15.97 26.63 -24.22
N LEU K 278 -15.35 25.53 -23.80
CA LEU K 278 -15.43 25.10 -22.40
C LEU K 278 -14.66 26.09 -21.54
N ILE K 279 -15.37 26.83 -20.70
CA ILE K 279 -14.75 27.87 -19.89
C ILE K 279 -13.85 27.22 -18.85
N LEU K 280 -12.59 27.64 -18.81
CA LEU K 280 -11.61 27.11 -17.86
C LEU K 280 -10.71 28.28 -17.44
N ALA K 281 -10.93 28.79 -16.23
CA ALA K 281 -10.12 29.87 -15.70
C ALA K 281 -9.70 29.56 -14.26
N GLN K 282 -9.10 30.53 -13.59
CA GLN K 282 -8.66 30.32 -12.21
C GLN K 282 -9.85 30.07 -11.28
N ASP K 283 -10.94 30.82 -11.48
CA ASP K 283 -12.11 30.65 -10.62
C ASP K 283 -12.84 29.35 -10.90
N ASP K 284 -12.85 28.90 -12.15
CA ASP K 284 -13.60 27.71 -12.52
C ASP K 284 -13.03 26.47 -11.85
N ILE K 285 -13.92 25.61 -11.37
CA ILE K 285 -13.56 24.35 -10.73
C ILE K 285 -14.24 23.22 -11.49
N LEU K 286 -13.44 22.31 -12.05
CA LEU K 286 -13.99 21.19 -12.80
C LEU K 286 -14.59 20.17 -11.85
N MET K 287 -15.72 19.59 -12.24
CA MET K 287 -16.35 18.53 -11.48
C MET K 287 -17.21 17.69 -12.41
N HIS K 288 -17.29 16.39 -12.11
CA HIS K 288 -18.04 15.44 -12.92
C HIS K 288 -18.87 14.55 -12.00
N GLY K 289 -20.02 14.11 -12.53
CA GLY K 289 -20.91 13.27 -11.77
C GLY K 289 -20.55 11.80 -11.80
N ASN K 290 -19.32 11.47 -11.42
CA ASN K 290 -18.87 10.08 -11.39
C ASN K 290 -17.69 9.99 -10.44
N HIS K 291 -17.78 9.13 -9.43
CA HIS K 291 -16.70 8.95 -8.47
C HIS K 291 -15.51 8.20 -9.05
N GLU K 292 -15.67 7.58 -10.22
CA GLU K 292 -14.58 6.85 -10.87
C GLU K 292 -13.76 7.73 -11.78
N ALA K 293 -14.08 9.02 -11.90
CA ALA K 293 -13.32 9.91 -12.77
C ALA K 293 -11.97 10.23 -12.14
N LYS K 294 -10.91 10.11 -12.94
CA LYS K 294 -9.56 10.40 -12.50
C LYS K 294 -8.93 11.45 -13.42
N PHE K 295 -8.25 12.41 -12.82
CA PHE K 295 -7.58 13.48 -13.55
C PHE K 295 -6.07 13.32 -13.38
N TYR K 296 -5.37 13.11 -14.49
CA TYR K 296 -3.92 12.94 -14.49
C TYR K 296 -3.25 14.08 -15.24
N THR K 297 -1.96 14.26 -14.97
CA THR K 297 -1.14 15.24 -15.65
C THR K 297 0.10 14.56 -16.22
N LEU K 298 0.52 15.02 -17.40
CA LEU K 298 1.67 14.44 -18.07
C LEU K 298 2.85 15.39 -17.97
N PRO K 299 3.95 15.00 -17.31
CA PRO K 299 5.10 15.89 -17.22
C PRO K 299 5.70 16.17 -18.59
N GLU K 300 6.26 17.37 -18.73
CA GLU K 300 6.85 17.82 -19.98
C GLU K 300 8.36 17.74 -19.93
N THR K 301 8.99 17.95 -21.08
CA THR K 301 10.44 17.96 -21.16
C THR K 301 11.02 19.11 -20.35
N SER K 302 12.09 18.82 -19.60
CA SER K 302 12.69 19.84 -18.75
C SER K 302 13.26 21.00 -19.58
N LEU K 303 13.64 20.73 -20.83
CA LEU K 303 14.18 21.75 -21.73
C LEU K 303 15.42 22.43 -21.12
N ASP K 304 16.36 21.61 -20.68
CA ASP K 304 17.62 22.11 -20.15
C ASP K 304 18.84 21.50 -20.83
N GLY K 305 18.76 20.21 -21.19
CA GLY K 305 19.88 19.59 -21.88
C GLY K 305 20.11 20.14 -23.28
N PHE K 306 19.04 20.55 -23.96
CA PHE K 306 19.17 21.04 -25.33
C PHE K 306 19.99 22.31 -25.39
N ILE K 307 19.79 23.22 -24.44
CA ILE K 307 20.55 24.47 -24.42
C ILE K 307 22.03 24.20 -24.20
N ALA K 308 22.35 23.32 -23.25
CA ALA K 308 23.74 22.98 -23.00
C ALA K 308 24.38 22.30 -24.21
N ALA K 309 23.63 21.41 -24.86
CA ALA K 309 24.15 20.74 -26.07
C ALA K 309 24.41 21.74 -27.17
N HIS K 310 23.49 22.69 -27.38
CA HIS K 310 23.70 23.71 -28.41
C HIS K 310 24.88 24.60 -28.08
N THR K 311 25.06 24.95 -26.80
CA THR K 311 26.21 25.75 -26.40
C THR K 311 27.51 25.00 -26.66
N GLN K 312 27.53 23.70 -26.34
CA GLN K 312 28.72 22.90 -26.61
C GLN K 312 29.00 22.82 -28.12
N ASP K 313 27.95 22.63 -28.92
CA ASP K 313 28.14 22.55 -30.37
C ASP K 313 28.65 23.87 -30.95
N VAL K 314 28.10 24.99 -30.48
CA VAL K 314 28.51 26.28 -31.02
C VAL K 314 29.93 26.64 -30.56
N GLU K 315 30.31 26.25 -29.34
CA GLU K 315 31.70 26.50 -28.94
C GLU K 315 32.66 25.57 -29.68
N ILE K 316 32.23 24.37 -30.02
CA ILE K 316 33.02 23.50 -30.90
C ILE K 316 33.20 24.17 -32.25
N LEU K 317 32.12 24.76 -32.79
CA LEU K 317 32.19 25.49 -34.05
C LEU K 317 33.20 26.63 -33.95
N ALA K 318 33.14 27.40 -32.86
CA ALA K 318 34.04 28.55 -32.70
C ALA K 318 35.49 28.11 -32.59
N ASN K 319 35.75 27.04 -31.82
CA ASN K 319 37.13 26.59 -31.64
C ASN K 319 37.69 25.97 -32.91
N ASN K 320 36.86 25.23 -33.65
CA ASN K 320 37.35 24.57 -34.85
C ASN K 320 37.68 25.56 -35.96
N ALA K 321 37.01 26.70 -36.00
CA ALA K 321 37.23 27.72 -37.01
C ALA K 321 38.23 28.79 -36.58
N GLN K 322 38.83 28.63 -35.40
CA GLN K 322 39.77 29.61 -34.85
C GLN K 322 39.12 30.98 -34.73
N VAL K 323 37.88 31.01 -34.27
CA VAL K 323 37.13 32.24 -34.06
C VAL K 323 36.89 32.40 -32.57
N PRO K 324 36.96 33.62 -32.03
CA PRO K 324 36.72 33.81 -30.59
C PRO K 324 35.33 33.32 -30.19
N VAL K 325 35.26 32.73 -29.00
CA VAL K 325 34.02 32.14 -28.52
C VAL K 325 33.00 33.24 -28.17
N TRP K 326 33.48 34.35 -27.60
CA TRP K 326 32.55 35.35 -27.06
C TRP K 326 31.75 36.03 -28.17
N ILE K 327 32.28 36.10 -29.39
CA ILE K 327 31.52 36.63 -30.52
C ILE K 327 30.62 35.59 -31.15
N LEU K 328 30.60 34.37 -30.62
CA LEU K 328 29.70 33.32 -31.07
C LEU K 328 28.67 32.92 -30.02
N ASN K 329 29.07 32.79 -28.76
CA ASN K 329 28.15 32.47 -27.69
C ASN K 329 28.73 32.97 -26.38
N GLY K 330 27.84 33.28 -25.43
CA GLY K 330 28.27 33.73 -24.12
C GLY K 330 28.77 35.15 -24.13
N GLN K 331 29.32 35.55 -22.97
CA GLN K 331 29.87 36.88 -22.77
C GLN K 331 31.30 36.76 -22.27
N LEU K 332 32.17 37.62 -22.81
CA LEU K 332 33.57 37.60 -22.41
C LEU K 332 33.72 38.09 -20.97
N ALA K 333 34.60 37.44 -20.21
CA ALA K 333 34.88 37.82 -18.84
C ALA K 333 35.81 39.03 -18.80
N ASN K 334 36.20 39.43 -17.59
CA ASN K 334 37.08 40.58 -17.39
C ASN K 334 38.54 40.13 -17.54
N LEU K 335 38.89 39.78 -18.78
CA LEU K 335 40.23 39.32 -19.09
C LEU K 335 41.22 40.48 -19.10
N SER K 336 42.47 40.17 -18.80
CA SER K 336 43.54 41.16 -18.84
C SER K 336 44.13 41.21 -20.24
N ALA K 337 45.25 41.93 -20.39
CA ALA K 337 45.89 42.04 -21.70
C ALA K 337 46.48 40.70 -22.13
N ASP K 338 47.22 40.04 -21.23
CA ASP K 338 47.85 38.78 -21.57
C ASP K 338 46.82 37.70 -21.86
N ALA K 339 45.77 37.59 -21.05
CA ALA K 339 44.74 36.59 -21.26
C ALA K 339 44.01 36.83 -22.58
N LEU K 340 43.71 38.09 -22.89
CA LEU K 340 43.06 38.39 -24.16
C LEU K 340 43.96 38.07 -25.34
N THR K 341 45.26 38.38 -25.23
CA THR K 341 46.19 38.04 -26.30
C THR K 341 46.27 36.54 -26.51
N ALA K 342 46.27 35.77 -25.41
CA ALA K 342 46.25 34.32 -25.52
C ALA K 342 44.98 33.83 -26.19
N ALA K 343 43.83 34.41 -25.82
CA ALA K 343 42.56 33.98 -26.40
C ALA K 343 42.51 34.28 -27.90
N THR K 344 43.02 35.43 -28.32
CA THR K 344 42.97 35.83 -29.71
C THR K 344 44.19 35.42 -30.52
N LYS K 345 45.15 34.72 -29.91
CA LYS K 345 46.39 34.38 -30.61
C LYS K 345 46.13 33.49 -31.82
N GLY K 346 45.27 32.47 -31.66
CA GLY K 346 45.00 31.58 -32.78
C GLY K 346 44.31 32.29 -33.94
N THR K 347 43.31 33.11 -33.63
CA THR K 347 42.65 33.89 -34.67
C THR K 347 43.61 34.87 -35.32
N ILE K 348 44.46 35.51 -34.52
CA ILE K 348 45.43 36.45 -35.06
C ILE K 348 46.40 35.74 -35.99
N GLN K 349 46.88 34.57 -35.58
CA GLN K 349 47.82 33.82 -36.43
C GLN K 349 47.17 33.36 -37.73
N LYS K 350 45.92 32.87 -37.65
CA LYS K 350 45.23 32.46 -38.87
C LYS K 350 45.01 33.65 -39.79
N LEU K 351 44.61 34.79 -39.24
CA LEU K 351 44.43 35.99 -40.06
C LEU K 351 45.75 36.46 -40.63
N TYR K 352 46.85 36.27 -39.92
CA TYR K 352 48.16 36.64 -40.45
C TYR K 352 48.55 35.74 -41.62
N GLU K 353 48.26 34.45 -41.52
CA GLU K 353 48.51 33.55 -42.64
C GLU K 353 47.66 33.93 -43.86
N ARG K 354 46.38 34.24 -43.62
CA ARG K 354 45.53 34.71 -44.70
C ARG K 354 46.06 36.01 -45.30
N GLN K 355 46.54 36.92 -44.44
CA GLN K 355 47.14 38.15 -44.91
C GLN K 355 48.35 37.89 -45.78
N VAL K 356 49.19 36.93 -45.39
CA VAL K 356 50.39 36.62 -46.16
C VAL K 356 50.02 36.09 -47.55
N THR K 357 49.10 35.12 -47.60
CA THR K 357 48.74 34.55 -48.89
C THR K 357 48.02 35.57 -49.78
N PHE K 358 47.12 36.37 -49.20
CA PHE K 358 46.41 37.37 -50.00
C PHE K 358 47.34 38.50 -50.41
N GLY K 359 48.35 38.82 -49.59
CA GLY K 359 49.33 39.80 -50.00
C GLY K 359 50.20 39.31 -51.13
N ALA K 360 50.56 38.02 -51.12
CA ALA K 360 51.26 37.45 -52.26
C ALA K 360 50.41 37.53 -53.52
N ALA K 361 49.13 37.21 -53.41
CA ALA K 361 48.23 37.31 -54.57
C ALA K 361 48.13 38.74 -55.06
N HIS K 362 48.01 39.71 -54.13
CA HIS K 362 47.90 41.11 -54.52
C HIS K 362 49.20 41.62 -55.14
N ASN K 363 50.34 41.15 -54.64
CA ASN K 363 51.61 41.52 -55.24
C ASN K 363 51.71 40.99 -56.66
N GLN K 364 51.25 39.76 -56.89
CA GLN K 364 51.22 39.23 -58.25
C GLN K 364 50.29 40.06 -59.14
N VAL K 365 49.12 40.45 -58.61
CA VAL K 365 48.19 41.26 -59.38
C VAL K 365 48.81 42.60 -59.74
N LEU K 366 49.47 43.25 -58.79
CA LEU K 366 50.10 44.54 -59.05
C LEU K 366 51.26 44.40 -60.02
N ARG K 367 52.03 43.31 -59.93
CA ARG K 367 53.11 43.08 -60.87
C ARG K 367 52.57 42.93 -62.30
N LEU K 368 51.47 42.19 -62.45
CA LEU K 368 50.86 42.06 -63.78
C LEU K 368 50.32 43.40 -64.26
N ALA K 369 49.70 44.17 -63.37
CA ALA K 369 49.12 45.45 -63.75
C ALA K 369 50.20 46.44 -64.18
N ALA K 370 51.35 46.44 -63.50
CA ALA K 370 52.46 47.28 -63.93
C ALA K 370 53.01 46.82 -65.27
N HIS K 371 53.06 45.50 -65.49
CA HIS K 371 53.67 44.97 -66.71
C HIS K 371 52.86 45.33 -67.96
N VAL K 372 51.53 45.34 -67.84
CA VAL K 372 50.69 45.59 -69.02
C VAL K 372 50.85 47.01 -69.54
N GLU K 373 51.34 47.93 -68.71
CA GLU K 373 51.59 49.31 -69.11
C GLU K 373 53.09 49.59 -69.19
N GLY K 374 53.86 48.62 -69.67
CA GLY K 374 55.31 48.72 -69.66
C GLY K 374 55.83 48.65 -68.24
N ASP K 375 56.41 49.76 -67.76
CA ASP K 375 56.83 49.91 -66.36
C ASP K 375 57.67 48.71 -65.90
N THR K 376 58.84 48.58 -66.52
CA THR K 376 59.73 47.47 -66.20
C THR K 376 60.17 47.48 -64.74
N GLU K 377 60.16 48.66 -64.10
CA GLU K 377 60.56 48.73 -62.69
C GLU K 377 59.61 47.92 -61.81
N GLY K 378 58.30 48.04 -62.06
CA GLY K 378 57.36 47.28 -61.26
C GLY K 378 57.46 45.78 -61.48
N ALA K 379 57.63 45.36 -62.74
CA ALA K 379 57.73 43.94 -63.04
C ALA K 379 59.01 43.34 -62.46
N ARG K 380 60.13 44.07 -62.55
CA ARG K 380 61.38 43.56 -62.05
C ARG K 380 61.37 43.42 -60.52
N ASP K 381 60.74 44.37 -59.84
CA ASP K 381 60.72 44.38 -58.38
C ASP K 381 59.90 43.19 -57.87
N PHE K 382 60.59 42.19 -57.32
CA PHE K 382 59.95 41.03 -56.74
C PHE K 382 59.95 41.05 -55.22
N THR K 383 60.43 42.14 -54.61
CA THR K 383 60.50 42.24 -53.15
C THR K 383 59.45 43.15 -52.54
N ALA K 384 58.85 44.03 -53.33
CA ALA K 384 57.82 44.92 -52.79
C ALA K 384 56.59 44.12 -52.38
N SER K 385 56.03 44.47 -51.23
CA SER K 385 54.86 43.79 -50.69
C SER K 385 53.86 44.81 -50.18
N VAL K 386 52.59 44.42 -50.17
CA VAL K 386 51.53 45.30 -49.69
C VAL K 386 51.55 45.34 -48.16
N SER K 387 50.92 46.37 -47.61
CA SER K 387 50.81 46.56 -46.17
C SER K 387 49.36 46.41 -45.75
N TRP K 388 49.16 45.77 -44.59
CA TRP K 388 47.84 45.48 -44.07
C TRP K 388 47.59 46.24 -42.78
N GLN K 389 46.34 46.63 -42.56
CA GLN K 389 45.96 47.29 -41.32
C GLN K 389 46.10 46.33 -40.15
N ASP K 390 46.50 46.87 -38.99
CA ASP K 390 46.67 46.06 -37.80
C ASP K 390 45.34 45.49 -37.35
N THR K 391 45.32 44.19 -37.07
CA THR K 391 44.14 43.49 -36.61
C THR K 391 44.23 43.12 -35.13
N SER K 392 45.04 43.84 -34.37
CA SER K 392 45.21 43.54 -32.96
C SER K 392 43.93 43.85 -32.18
N VAL K 393 43.85 43.28 -30.99
CA VAL K 393 42.65 43.41 -30.17
C VAL K 393 43.08 44.19 -28.93
N ARG K 394 44.06 45.07 -29.10
CA ARG K 394 44.57 45.87 -28.00
C ARG K 394 43.83 47.20 -27.92
N SER K 395 43.55 47.63 -26.69
CA SER K 395 42.86 48.88 -26.48
C SER K 395 43.74 50.06 -26.88
N LEU K 396 43.09 51.20 -27.16
CA LEU K 396 43.83 52.37 -27.64
C LEU K 396 44.81 52.88 -26.59
N ALA K 397 44.39 52.95 -25.32
CA ALA K 397 45.26 53.52 -24.29
C ALA K 397 46.52 52.69 -24.12
N GLN K 398 46.37 51.37 -24.04
CA GLN K 398 47.53 50.50 -23.84
C GLN K 398 48.49 50.59 -25.02
N ALA K 399 47.96 50.51 -26.24
CA ALA K 399 48.81 50.57 -27.42
C ALA K 399 49.53 51.92 -27.51
N VAL K 400 48.81 53.00 -27.24
CA VAL K 400 49.40 54.33 -27.34
C VAL K 400 50.50 54.51 -26.31
N ASP K 401 50.24 54.13 -25.04
CA ASP K 401 51.25 54.34 -24.02
C ASP K 401 52.48 53.46 -24.26
N ALA K 402 52.27 52.22 -24.70
CA ALA K 402 53.40 51.36 -25.01
C ALA K 402 54.21 51.90 -26.18
N TYR K 403 53.53 52.38 -27.24
CA TYR K 403 54.25 52.92 -28.39
C TYR K 403 55.01 54.20 -28.02
N GLY K 404 54.41 55.04 -27.17
CA GLY K 404 55.11 56.21 -26.70
C GLY K 404 56.34 55.88 -25.89
N LYS K 405 56.22 54.89 -24.99
CA LYS K 405 57.38 54.46 -24.23
C LYS K 405 58.47 53.91 -25.15
N ALA K 406 58.07 53.13 -26.16
CA ALA K 406 59.05 52.61 -27.12
C ALA K 406 59.75 53.74 -27.86
N ALA K 407 58.99 54.72 -28.33
CA ALA K 407 59.58 55.84 -29.06
C ALA K 407 60.53 56.64 -28.16
N THR K 408 60.15 56.84 -26.90
CA THR K 408 60.96 57.65 -26.00
C THR K 408 62.21 56.94 -25.51
N MET K 409 62.17 55.62 -25.36
CA MET K 409 63.27 54.88 -24.77
C MET K 409 64.04 54.02 -25.78
N LEU K 410 63.35 53.15 -26.52
CA LEU K 410 64.01 52.37 -27.55
C LEU K 410 64.41 53.22 -28.74
N GLY K 411 63.87 54.43 -28.86
CA GLY K 411 64.20 55.33 -29.95
C GLY K 411 63.72 54.89 -31.32
N MET K 412 62.53 54.31 -31.40
CA MET K 412 61.97 53.94 -32.69
C MET K 412 61.52 55.20 -33.43
N PRO K 413 61.54 55.17 -34.77
CA PRO K 413 61.07 56.33 -35.54
C PRO K 413 59.59 56.56 -35.31
N LYS K 414 59.26 57.76 -34.83
CA LYS K 414 57.87 58.09 -34.52
C LYS K 414 57.01 58.23 -35.76
N GLU K 415 57.63 58.47 -36.94
CA GLU K 415 56.85 58.61 -38.16
C GLU K 415 56.11 57.33 -38.50
N PHE K 416 56.77 56.17 -38.37
CA PHE K 416 56.11 54.91 -38.62
C PHE K 416 55.07 54.59 -37.55
N LEU K 417 55.36 54.97 -36.30
CA LEU K 417 54.49 54.63 -35.18
C LEU K 417 53.12 55.31 -35.29
N TRP K 418 53.00 56.38 -36.06
CA TRP K 418 51.72 57.08 -36.17
C TRP K 418 50.63 56.20 -36.76
N GLY K 419 50.98 55.33 -37.69
CA GLY K 419 50.01 54.46 -38.33
C GLY K 419 49.64 53.22 -37.57
N LEU K 420 50.18 53.02 -36.37
CA LEU K 420 49.91 51.83 -35.58
C LEU K 420 48.82 52.03 -34.54
N ILE K 421 48.54 53.27 -34.14
CA ILE K 421 47.45 53.52 -33.19
C ILE K 421 46.12 53.21 -33.87
N PRO K 422 45.20 52.50 -33.21
CA PRO K 422 43.89 52.25 -33.82
C PRO K 422 43.14 53.54 -34.07
N GLY K 423 42.35 53.55 -35.15
CA GLY K 423 41.61 54.71 -35.55
C GLY K 423 42.32 55.66 -36.49
N ILE K 424 43.59 55.39 -36.81
CA ILE K 424 44.37 56.22 -37.72
C ILE K 424 44.81 55.35 -38.89
N THR K 425 44.52 55.82 -40.10
CA THR K 425 44.86 55.11 -41.33
C THR K 425 46.01 55.81 -42.03
N LYS K 426 46.36 55.30 -43.22
CA LYS K 426 47.44 55.89 -44.00
C LYS K 426 47.08 57.29 -44.49
N THR K 427 45.80 57.54 -44.77
CA THR K 427 45.37 58.87 -45.19
C THR K 427 45.61 59.89 -44.08
N ASP K 428 45.33 59.51 -42.83
CA ASP K 428 45.59 60.42 -41.72
C ASP K 428 47.08 60.70 -41.57
N VAL K 429 47.92 59.68 -41.75
CA VAL K 429 49.36 59.87 -41.67
C VAL K 429 49.83 60.81 -42.77
N GLU K 430 49.31 60.64 -43.99
CA GLU K 430 49.67 61.55 -45.07
C GLU K 430 49.23 62.97 -44.79
N ALA K 431 48.02 63.13 -44.20
CA ALA K 431 47.55 64.46 -43.85
C ALA K 431 48.44 65.09 -42.78
N MET K 432 48.87 64.31 -41.80
CA MET K 432 49.79 64.83 -40.78
C MET K 432 51.11 65.25 -41.41
N ARG K 433 51.65 64.43 -42.31
CA ARG K 433 52.93 64.75 -42.93
C ARG K 433 52.83 65.99 -43.80
N GLN K 434 51.73 66.15 -44.55
CA GLN K 434 51.57 67.30 -45.43
C GLN K 434 51.48 68.59 -44.63
N HIS K 435 50.74 68.59 -43.53
CA HIS K 435 50.55 69.77 -42.70
C HIS K 435 51.10 69.48 -41.30
N PHE K 436 52.40 69.71 -41.13
CA PHE K 436 53.05 69.57 -39.83
C PHE K 436 53.91 70.76 -39.45
N ASN K 437 54.42 71.53 -40.40
CA ASN K 437 55.21 72.72 -40.14
C ASN K 437 54.67 73.90 -40.96
N ASP K 438 53.35 74.06 -40.96
CA ASP K 438 52.73 75.12 -41.73
C ASP K 438 53.03 76.49 -41.11
N ASP K 439 52.94 77.53 -41.94
CA ASP K 439 53.23 78.88 -41.50
C ASP K 439 52.08 79.53 -40.73
N ASP K 440 50.92 78.89 -40.67
CA ASP K 440 49.79 79.46 -39.95
C ASP K 440 50.05 79.43 -38.44
N GLU K 441 49.34 80.29 -37.73
CA GLU K 441 49.53 80.40 -36.28
C GLU K 441 49.09 79.13 -35.56
N MET K 442 48.12 78.40 -36.12
CA MET K 442 47.60 77.21 -35.44
C MET K 442 48.68 76.15 -35.29
N THR K 443 49.34 75.79 -36.39
CA THR K 443 50.35 74.73 -36.34
C THR K 443 51.55 75.16 -35.51
N GLN K 444 51.97 76.43 -35.62
CA GLN K 444 53.09 76.91 -34.83
C GLN K 444 52.77 76.88 -33.34
N MET K 445 51.55 77.29 -32.98
CA MET K 445 51.13 77.24 -31.58
C MET K 445 51.06 75.82 -31.06
N LEU K 446 50.53 74.90 -31.87
CA LEU K 446 50.34 73.53 -31.41
C LEU K 446 51.60 72.69 -31.49
N LEU K 447 52.64 73.16 -32.19
CA LEU K 447 53.88 72.41 -32.27
C LEU K 447 54.79 72.68 -31.08
N TRP K 448 55.02 73.96 -30.78
CA TRP K 448 55.83 74.35 -29.62
C TRP K 448 54.93 74.58 -28.40
N TRP K 449 54.25 73.53 -27.99
CA TRP K 449 53.31 73.59 -26.88
C TRP K 449 53.94 73.01 -25.62
N THR K 450 53.80 73.74 -24.51
CA THR K 450 54.29 73.33 -23.21
C THR K 450 53.13 73.27 -22.22
N PRO K 451 53.26 72.49 -21.15
CA PRO K 451 52.16 72.40 -20.17
C PRO K 451 51.81 73.73 -19.51
N ASN K 452 52.72 74.70 -19.52
CA ASN K 452 52.48 76.01 -18.92
C ASN K 452 52.30 77.09 -19.98
N GLY K 453 51.63 76.76 -21.07
CA GLY K 453 51.38 77.70 -22.13
C GLY K 453 52.22 77.41 -23.36
N PRO K 454 51.96 78.15 -24.45
CA PRO K 454 52.75 77.95 -25.67
C PRO K 454 54.22 78.28 -25.43
N GLY K 455 55.08 77.51 -26.09
CA GLY K 455 56.51 77.72 -25.97
C GLY K 455 57.16 78.16 -27.28
N GLY K 456 58.44 77.85 -27.45
CA GLY K 456 59.12 78.20 -28.68
C GLY K 456 59.32 79.71 -28.81
N GLU K 457 59.25 80.18 -30.06
CA GLU K 457 59.45 81.60 -30.33
C GLU K 457 58.36 82.45 -29.70
N PHE K 458 57.14 81.91 -29.57
CA PHE K 458 56.07 82.66 -28.93
C PHE K 458 56.40 82.99 -27.48
N ALA K 459 56.93 82.01 -26.75
CA ALA K 459 57.37 82.26 -25.38
C ALA K 459 58.71 82.98 -25.31
N ALA K 460 59.50 82.95 -26.39
CA ALA K 460 60.75 83.69 -26.42
C ALA K 460 60.54 85.17 -26.65
N GLU K 461 59.48 85.55 -27.36
CA GLU K 461 59.23 86.97 -27.63
C GLU K 461 58.98 87.74 -26.34
N ILE K 462 58.15 87.19 -25.45
CA ILE K 462 57.87 87.87 -24.19
C ILE K 462 59.13 87.95 -23.34
N GLU K 463 59.95 86.89 -23.35
CA GLU K 463 61.18 86.91 -22.57
C GLU K 463 62.15 87.97 -23.07
N VAL K 464 62.32 88.06 -24.40
CA VAL K 464 63.23 89.05 -24.94
C VAL K 464 62.68 90.46 -24.73
N ASP K 465 61.36 90.63 -24.80
CA ASP K 465 60.78 91.94 -24.51
C ASP K 465 61.03 92.35 -23.05
N SER K 466 60.86 91.41 -22.12
CA SER K 466 61.13 91.72 -20.72
C SER K 466 62.61 92.03 -20.50
N GLN K 467 63.50 91.26 -21.12
CA GLN K 467 64.93 91.53 -20.98
C GLN K 467 65.30 92.88 -21.57
N THR K 468 64.71 93.23 -22.72
CA THR K 468 64.99 94.51 -23.34
C THR K 468 64.48 95.65 -22.47
N GLN K 469 63.30 95.50 -21.86
CA GLN K 469 62.79 96.53 -20.98
C GLN K 469 63.69 96.72 -19.76
N ILE K 470 64.13 95.61 -19.16
CA ILE K 470 65.01 95.71 -17.99
C ILE K 470 66.34 96.36 -18.37
N ILE K 471 66.90 95.96 -19.52
CA ILE K 471 68.16 96.54 -19.97
C ILE K 471 68.01 98.02 -20.27
N GLU K 472 66.87 98.42 -20.86
CA GLU K 472 66.63 99.83 -21.12
C GLU K 472 66.51 100.64 -19.84
N ALA K 473 65.81 100.09 -18.83
CA ALA K 473 65.71 100.78 -17.56
C ALA K 473 67.07 100.93 -16.90
N GLN K 474 67.87 99.88 -16.91
CA GLN K 474 69.22 99.96 -16.35
C GLN K 474 70.07 100.96 -17.11
N GLY K 475 69.96 100.97 -18.44
CA GLY K 475 70.70 101.94 -19.23
C GLY K 475 70.29 103.37 -18.94
N ASP K 476 69.00 103.61 -18.75
CA ASP K 476 68.53 104.96 -18.45
C ASP K 476 69.02 105.43 -17.09
N VAL K 477 68.90 104.58 -16.07
CA VAL K 477 69.36 104.98 -14.73
C VAL K 477 70.87 105.20 -14.74
N GLN K 478 71.61 104.32 -15.42
CA GLN K 478 73.04 104.55 -15.56
C GLN K 478 73.31 105.89 -16.25
N LYS K 479 72.66 106.11 -17.39
CA LYS K 479 72.92 107.30 -18.20
C LYS K 479 72.74 108.56 -17.39
N ASP K 480 71.66 108.63 -16.60
CA ASP K 480 71.51 109.81 -15.75
C ASP K 480 72.58 109.84 -14.66
N LEU K 481 73.03 108.67 -14.18
CA LEU K 481 74.09 108.65 -13.16
C LEU K 481 75.40 109.24 -13.70
N GLN K 482 75.87 108.76 -14.85
CA GLN K 482 77.08 109.34 -15.43
C GLN K 482 76.86 110.76 -15.94
N ASP K 483 75.64 111.15 -16.32
CA ASP K 483 75.42 112.54 -16.67
C ASP K 483 75.60 113.45 -15.47
N ALA K 484 75.05 113.06 -14.31
CA ALA K 484 75.28 113.81 -13.09
C ALA K 484 76.75 113.81 -12.71
N GLN K 485 77.44 112.68 -12.87
CA GLN K 485 78.85 112.61 -12.54
C GLN K 485 79.68 113.55 -13.42
N ALA K 486 79.37 113.57 -14.73
CA ALA K 486 80.09 114.46 -15.64
C ALA K 486 79.81 115.93 -15.32
N LYS K 487 78.57 116.26 -14.98
CA LYS K 487 78.26 117.63 -14.58
C LYS K 487 79.03 118.03 -13.33
N ALA K 488 79.09 117.12 -12.34
CA ALA K 488 79.84 117.41 -11.12
C ALA K 488 81.32 117.57 -11.42
N GLN K 489 81.88 116.72 -12.29
CA GLN K 489 83.28 116.83 -12.64
C GLN K 489 83.58 118.13 -13.36
N ALA K 490 82.69 118.55 -14.27
CA ALA K 490 82.86 119.83 -14.96
C ALA K 490 82.82 120.99 -13.97
N ASP K 491 81.88 120.95 -13.02
CA ASP K 491 81.81 122.01 -12.01
C ASP K 491 83.06 122.04 -11.16
N LEU K 492 83.57 120.86 -10.77
CA LEU K 492 84.79 120.80 -9.98
C LEU K 492 85.97 121.35 -10.77
N ALA K 493 86.06 121.02 -12.06
CA ALA K 493 87.14 121.55 -12.89
C ALA K 493 87.05 123.06 -13.02
N LYS K 494 85.85 123.59 -13.19
CA LYS K 494 85.68 125.03 -13.26
C LYS K 494 86.08 125.71 -11.96
N GLN K 495 85.68 125.13 -10.82
CA GLN K 495 86.07 125.68 -9.53
C GLN K 495 87.59 125.64 -9.34
N ASN K 496 88.22 124.55 -9.75
CA ASN K 496 89.67 124.43 -9.63
C ASN K 496 90.37 125.47 -10.51
N ALA K 497 89.88 125.67 -11.73
CA ALA K 497 90.45 126.69 -12.60
C ALA K 497 90.29 128.08 -12.02
N ALA K 498 89.11 128.37 -11.44
CA ALA K 498 88.89 129.67 -10.82
C ALA K 498 89.84 129.88 -9.63
N ALA K 499 90.02 128.85 -8.81
CA ALA K 499 90.95 128.96 -7.69
C ALA K 499 92.39 129.16 -8.18
N GLN K 500 92.78 128.44 -9.23
CA GLN K 500 94.13 128.57 -9.77
C GLN K 500 94.37 129.98 -10.30
N GLN K 501 93.41 130.52 -11.06
CA GLN K 501 93.61 131.86 -11.59
C GLN K 501 93.57 132.92 -10.48
N ARG K 502 92.74 132.70 -9.45
CA ARG K 502 92.72 133.64 -8.33
C ARG K 502 94.04 133.63 -7.58
N GLN K 503 94.62 132.46 -7.34
CA GLN K 503 95.89 132.38 -6.62
C GLN K 503 97.07 132.79 -7.48
N ALA K 504 96.95 132.72 -8.81
CA ALA K 504 98.03 133.15 -9.69
C ALA K 504 98.01 134.64 -9.99
N VAL K 505 96.82 135.25 -10.04
CA VAL K 505 96.74 136.67 -10.35
C VAL K 505 97.30 137.53 -9.23
N ALA K 506 97.36 136.99 -8.00
CA ALA K 506 97.90 137.76 -6.87
C ALA K 506 99.41 137.86 -6.99
N VAL K 507 99.93 139.08 -6.95
CA VAL K 507 101.36 139.31 -7.06
C VAL K 507 101.73 140.66 -6.45
N ILE L 2 13.60 39.49 -69.32
CA ILE L 2 13.89 40.87 -69.68
C ILE L 2 15.08 40.91 -70.65
N GLU L 3 15.12 41.95 -71.48
CA GLU L 3 16.19 42.13 -72.45
C GLU L 3 16.68 43.56 -72.41
N LEU L 4 17.95 43.75 -72.78
CA LEU L 4 18.55 45.07 -72.80
C LEU L 4 18.44 45.66 -74.20
N PRO L 5 17.69 46.74 -74.40
CA PRO L 5 17.56 47.32 -75.75
C PRO L 5 18.66 48.32 -76.06
N ASP L 6 19.32 48.16 -77.21
CA ASP L 6 20.35 49.10 -77.61
C ASP L 6 19.75 50.48 -77.87
N ALA L 7 18.60 50.54 -78.53
CA ALA L 7 17.95 51.81 -78.82
C ALA L 7 17.24 52.34 -77.57
N ILE L 8 16.84 53.61 -77.62
CA ILE L 8 16.15 54.26 -76.52
C ILE L 8 14.65 54.32 -76.72
N SER L 9 14.15 53.91 -77.88
CA SER L 9 12.71 53.91 -78.18
C SER L 9 12.12 55.32 -78.00
N ASP L 10 12.61 56.25 -78.84
CA ASP L 10 12.16 57.63 -78.74
C ASP L 10 10.67 57.78 -79.00
N GLY L 11 10.14 57.03 -79.96
CA GLY L 11 8.72 57.12 -80.28
C GLY L 11 7.89 55.98 -79.73
N GLU L 12 8.54 54.96 -79.18
CA GLU L 12 7.84 53.79 -78.66
C GLU L 12 8.42 53.37 -77.31
N VAL L 13 8.64 54.34 -76.43
CA VAL L 13 9.16 54.02 -75.09
C VAL L 13 8.10 53.30 -74.27
N ARG L 14 6.84 53.76 -74.34
CA ARG L 14 5.79 53.15 -73.54
C ARG L 14 5.54 51.71 -73.93
N LYS L 15 5.66 51.40 -75.22
CA LYS L 15 5.47 50.02 -75.67
C LYS L 15 6.48 49.07 -75.02
N LEU L 16 7.74 49.50 -74.95
CA LEU L 16 8.76 48.68 -74.30
C LEU L 16 8.54 48.63 -72.79
N VAL L 17 8.16 49.76 -72.18
CA VAL L 17 7.99 49.80 -70.73
C VAL L 17 6.89 48.85 -70.29
N GLU L 18 5.71 48.95 -70.93
CA GLU L 18 4.55 48.22 -70.46
C GLU L 18 4.71 46.70 -70.56
N ASN L 19 5.61 46.21 -71.40
CA ASN L 19 5.78 44.77 -71.56
C ASN L 19 7.14 44.26 -71.10
N GLU L 20 8.07 45.14 -70.71
CA GLU L 20 9.33 44.62 -70.20
C GLU L 20 9.70 45.19 -68.83
N PHE L 21 9.40 46.46 -68.58
CA PHE L 21 9.84 47.10 -67.34
C PHE L 21 8.78 47.00 -66.24
N TRP L 22 7.52 47.29 -66.58
CA TRP L 22 6.46 47.26 -65.57
C TRP L 22 6.29 45.88 -64.92
N PRO L 23 6.24 44.76 -65.65
CA PRO L 23 6.15 43.46 -64.96
C PRO L 23 7.32 43.19 -64.05
N GLU L 24 8.55 43.45 -64.49
CA GLU L 24 9.71 43.25 -63.64
C GLU L 24 9.69 44.21 -62.46
N PHE L 25 9.26 45.46 -62.69
CA PHE L 25 9.17 46.42 -61.60
C PHE L 25 8.19 45.95 -60.53
N VAL L 26 7.03 45.43 -60.94
CA VAL L 26 6.05 44.94 -59.97
C VAL L 26 6.57 43.69 -59.27
N ARG L 27 7.25 42.82 -60.01
CA ARG L 27 7.81 41.61 -59.40
C ARG L 27 8.83 41.94 -58.33
N ARG L 28 9.65 42.97 -58.57
CA ARG L 28 10.59 43.40 -57.53
C ARG L 28 9.89 44.16 -56.42
N ARG L 29 8.87 44.94 -56.77
CA ARG L 29 8.19 45.79 -55.80
C ARG L 29 7.43 44.97 -54.76
N GLU L 30 6.80 43.87 -55.17
CA GLU L 30 6.08 43.04 -54.20
C GLU L 30 7.03 42.47 -53.15
N LYS L 31 8.19 41.95 -53.59
CA LYS L 31 9.16 41.43 -52.64
C LYS L 31 9.74 42.53 -51.76
N LEU L 32 10.02 43.70 -52.35
CA LEU L 32 10.56 44.80 -51.55
C LEU L 32 9.55 45.28 -50.51
N ASP L 33 8.28 45.36 -50.88
CA ASP L 33 7.25 45.74 -49.92
C ASP L 33 7.11 44.69 -48.83
N ARG L 34 7.19 43.40 -49.20
CA ARG L 34 7.10 42.35 -48.19
C ARG L 34 8.26 42.43 -47.20
N ILE L 35 9.48 42.64 -47.71
CA ILE L 35 10.62 42.71 -46.80
C ILE L 35 10.59 43.99 -45.96
N ALA L 36 10.07 45.09 -46.51
CA ALA L 36 9.90 46.30 -45.72
C ALA L 36 8.88 46.09 -44.60
N GLN L 37 7.77 45.40 -44.90
CA GLN L 37 6.81 45.06 -43.87
C GLN L 37 7.42 44.16 -42.82
N TRP L 38 8.26 43.21 -43.24
CA TRP L 38 8.96 42.35 -42.30
C TRP L 38 9.89 43.14 -41.38
N ALA L 39 10.55 44.16 -41.93
CA ALA L 39 11.53 44.91 -41.14
C ALA L 39 10.86 45.63 -39.97
N ARG L 40 9.73 46.29 -40.22
CA ARG L 40 9.04 47.05 -39.17
C ARG L 40 8.04 46.15 -38.46
N GLY L 41 8.58 45.21 -37.68
CA GLY L 41 7.76 44.27 -36.98
C GLY L 41 7.09 43.29 -37.92
N GLU L 42 6.10 42.58 -37.37
CA GLU L 42 5.31 41.59 -38.12
C GLU L 42 6.23 40.59 -38.82
N GLN L 43 6.98 39.85 -38.02
CA GLN L 43 7.92 38.88 -38.55
C GLN L 43 7.17 37.76 -39.27
N PRO L 44 7.81 37.12 -40.25
CA PRO L 44 7.13 36.05 -41.00
C PRO L 44 6.66 34.92 -40.09
N ASP L 45 5.34 34.71 -40.08
CA ASP L 45 4.73 33.67 -39.25
C ASP L 45 4.69 32.34 -39.99
N TYR L 46 5.66 31.48 -39.68
CA TYR L 46 5.70 30.15 -40.27
C TYR L 46 4.49 29.32 -39.86
N LEU L 47 4.04 29.48 -38.62
CA LEU L 47 2.87 28.77 -38.11
C LEU L 47 1.87 29.79 -37.57
N ILE L 48 0.66 29.78 -38.12
CA ILE L 48 -0.41 30.66 -37.66
C ILE L 48 -1.71 29.87 -37.63
N GLN L 49 -2.49 30.04 -36.57
CA GLN L 49 -3.77 29.38 -36.40
C GLN L 49 -4.87 30.33 -36.87
N ASN L 50 -5.54 29.98 -37.96
CA ASN L 50 -6.61 30.79 -38.53
C ASN L 50 -7.99 30.38 -38.03
N ALA L 51 -8.09 29.39 -37.14
CA ALA L 51 -9.37 28.93 -36.65
C ALA L 51 -9.69 29.42 -35.25
N ASN L 52 -8.69 29.70 -34.42
CA ASN L 52 -8.88 30.17 -33.06
C ASN L 52 -8.55 31.64 -32.99
N ARG L 53 -9.52 32.46 -32.58
CA ARG L 53 -9.28 33.90 -32.47
C ARG L 53 -8.32 34.21 -31.33
N GLU L 54 -8.45 33.50 -30.20
CA GLU L 54 -7.55 33.74 -29.07
C GLU L 54 -6.12 33.39 -29.41
N LYS L 55 -5.90 32.27 -30.10
CA LYS L 55 -4.55 31.88 -30.48
C LYS L 55 -3.94 32.88 -31.46
N ARG L 56 -4.74 33.35 -32.42
CA ARG L 56 -4.25 34.35 -33.37
C ARG L 56 -3.92 35.65 -32.66
N ALA L 57 -4.75 36.06 -31.70
CA ALA L 57 -4.46 37.27 -30.94
C ALA L 57 -3.18 37.12 -30.13
N LEU L 58 -2.97 35.96 -29.52
CA LEU L 58 -1.73 35.72 -28.77
C LEU L 58 -0.52 35.74 -29.69
N LEU L 59 -0.64 35.14 -30.88
CA LEU L 59 0.46 35.15 -31.83
C LEU L 59 0.80 36.56 -32.30
N LYS L 60 -0.23 37.36 -32.60
CA LYS L 60 0.01 38.75 -33.00
C LYS L 60 0.60 39.56 -31.86
N LEU L 61 0.20 39.26 -30.62
CA LEU L 61 0.73 39.97 -29.46
C LEU L 61 2.18 39.60 -29.18
N ALA L 62 2.66 38.47 -29.71
CA ALA L 62 4.03 38.03 -29.49
C ALA L 62 4.99 38.49 -30.57
N LYS L 63 4.51 39.24 -31.56
CA LYS L 63 5.35 39.69 -32.68
C LYS L 63 6.25 40.82 -32.21
N THR L 64 7.33 40.44 -31.53
CA THR L 64 8.30 41.42 -31.04
C THR L 64 9.23 41.82 -32.18
N PRO L 65 9.34 43.12 -32.50
CA PRO L 65 10.25 43.54 -33.58
C PRO L 65 11.69 43.45 -33.13
N TRP L 66 12.48 42.64 -33.82
CA TRP L 66 13.89 42.46 -33.52
C TRP L 66 14.81 42.90 -34.65
N LEU L 67 14.50 42.54 -35.89
CA LEU L 67 15.35 42.94 -37.01
C LEU L 67 15.32 44.45 -37.20
N GLY L 68 14.17 45.08 -36.98
CA GLY L 68 14.10 46.53 -37.07
C GLY L 68 15.00 47.22 -36.06
N LEU L 69 15.09 46.66 -34.84
CA LEU L 69 15.99 47.21 -33.85
C LEU L 69 17.45 47.11 -34.30
N VAL L 70 17.83 45.98 -34.91
CA VAL L 70 19.19 45.82 -35.40
C VAL L 70 19.46 46.83 -36.51
N VAL L 71 18.51 47.01 -37.42
CA VAL L 71 18.70 47.97 -38.51
C VAL L 71 18.85 49.38 -37.96
N THR L 72 18.00 49.76 -37.01
CA THR L 72 18.10 51.09 -36.42
C THR L 72 19.44 51.29 -35.72
N HIS L 73 19.90 50.27 -34.99
CA HIS L 73 21.18 50.37 -34.30
C HIS L 73 22.33 50.52 -35.30
N PHE L 74 22.29 49.77 -36.40
CA PHE L 74 23.35 49.87 -37.39
C PHE L 74 23.34 51.22 -38.08
N THR L 75 22.16 51.73 -38.42
CA THR L 75 22.07 52.97 -39.18
C THR L 75 22.27 54.22 -38.34
N GLN L 76 22.15 54.12 -37.01
CA GLN L 76 22.33 55.27 -36.15
C GLN L 76 23.79 55.53 -35.78
N ALA L 77 24.69 54.60 -36.10
CA ALA L 77 26.11 54.76 -35.81
C ALA L 77 26.91 55.17 -37.04
N LEU L 78 26.25 55.40 -38.18
CA LEU L 78 26.92 55.79 -39.41
C LEU L 78 26.64 57.25 -39.70
N PHE L 79 27.70 58.05 -39.82
CA PHE L 79 27.57 59.47 -40.08
C PHE L 79 28.77 59.96 -40.86
N VAL L 80 28.52 60.85 -41.82
CA VAL L 80 29.56 61.40 -42.68
C VAL L 80 29.73 62.87 -42.33
N ASP L 81 30.96 63.27 -42.00
CA ASP L 81 31.29 64.65 -41.68
C ASP L 81 32.57 65.04 -42.40
N GLY L 82 32.50 66.10 -43.18
CA GLY L 82 33.66 66.59 -43.91
C GLY L 82 34.00 65.74 -45.12
N TYR L 83 34.69 66.37 -46.07
CA TYR L 83 35.16 65.72 -47.29
C TYR L 83 36.66 65.99 -47.38
N ARG L 84 37.45 65.12 -46.75
CA ARG L 84 38.90 65.32 -46.67
C ARG L 84 39.55 64.86 -47.97
N ALA L 85 40.03 65.83 -48.75
CA ALA L 85 40.78 65.51 -49.96
C ALA L 85 42.19 65.08 -49.58
N GLU L 86 42.88 64.48 -50.55
CA GLU L 86 44.23 63.99 -50.32
C GLU L 86 45.19 65.16 -50.12
N GLY L 87 45.88 65.17 -48.98
CA GLY L 87 46.85 66.20 -48.68
C GLY L 87 46.28 67.48 -48.12
N SER L 88 44.98 67.54 -47.85
CA SER L 88 44.33 68.74 -47.31
C SER L 88 43.56 68.37 -46.05
N LYS L 89 43.77 69.14 -44.99
CA LYS L 89 43.06 68.91 -43.73
C LYS L 89 41.73 69.64 -43.66
N GLU L 90 41.42 70.49 -44.64
CA GLU L 90 40.18 71.25 -44.66
C GLU L 90 39.29 70.76 -45.78
N ASN L 91 37.99 70.68 -45.50
CA ASN L 91 37.03 70.24 -46.51
C ASN L 91 36.99 71.21 -47.68
N ALA L 92 36.98 70.66 -48.89
CA ALA L 92 36.93 71.49 -50.09
C ALA L 92 35.59 72.22 -50.19
N LYS L 93 35.63 73.39 -50.80
CA LYS L 93 34.44 74.21 -51.00
C LYS L 93 33.64 73.81 -52.22
N GLY L 94 33.85 72.58 -52.72
CA GLY L 94 33.14 72.09 -53.88
C GLY L 94 32.01 71.16 -53.51
N PRO L 95 32.27 69.85 -53.59
CA PRO L 95 31.20 68.87 -53.27
C PRO L 95 30.65 69.01 -51.86
N TRP L 96 31.47 69.48 -50.90
CA TRP L 96 30.95 69.66 -49.55
C TRP L 96 29.91 70.77 -49.48
N GLN L 97 30.04 71.80 -50.31
CA GLN L 97 29.01 72.83 -50.37
C GLN L 97 27.69 72.25 -50.86
N THR L 98 27.75 71.38 -51.87
CA THR L 98 26.54 70.71 -52.35
C THR L 98 25.96 69.80 -51.27
N TRP L 99 26.83 69.10 -50.54
CA TRP L 99 26.36 68.24 -49.45
C TRP L 99 25.63 69.04 -48.39
N ASN L 100 26.18 70.19 -48.00
CA ASN L 100 25.55 71.03 -46.98
C ASN L 100 24.26 71.64 -47.49
N ALA L 101 24.24 72.09 -48.76
CA ALA L 101 23.06 72.75 -49.31
C ALA L 101 21.88 71.79 -49.43
N ASN L 102 22.15 70.55 -49.82
CA ASN L 102 21.09 69.58 -50.05
C ASN L 102 20.55 68.95 -48.77
N LYS L 103 21.00 69.42 -47.60
CA LYS L 103 20.56 68.88 -46.31
C LYS L 103 20.79 67.37 -46.24
N MET L 104 21.98 66.94 -46.69
CA MET L 104 22.30 65.51 -46.68
C MET L 104 22.56 64.99 -45.28
N GLN L 105 22.80 65.88 -44.31
CA GLN L 105 23.05 65.43 -42.95
C GLN L 105 21.86 64.70 -42.35
N SER L 106 20.65 65.01 -42.81
CA SER L 106 19.44 64.35 -42.33
C SER L 106 18.96 63.25 -43.25
N LYS L 107 19.42 63.22 -44.51
CA LYS L 107 19.00 62.18 -45.44
C LYS L 107 19.97 61.00 -45.50
N GLN L 108 21.21 61.19 -45.03
CA GLN L 108 22.16 60.08 -45.02
C GLN L 108 21.70 58.96 -44.10
N ILE L 109 21.03 59.31 -42.99
CA ILE L 109 20.51 58.29 -42.08
C ILE L 109 19.48 57.43 -42.80
N ALA L 110 18.56 58.07 -43.52
CA ALA L 110 17.54 57.32 -44.26
C ALA L 110 18.17 56.49 -45.36
N ILE L 111 19.16 57.03 -46.06
CA ILE L 111 19.83 56.29 -47.13
C ILE L 111 20.51 55.05 -46.58
N HIS L 112 21.24 55.21 -45.46
CA HIS L 112 21.92 54.07 -44.85
C HIS L 112 20.93 53.05 -44.33
N ARG L 113 19.82 53.49 -43.74
CA ARG L 113 18.82 52.56 -43.25
C ARG L 113 18.20 51.76 -44.39
N ALA L 114 17.89 52.43 -45.51
CA ALA L 114 17.33 51.72 -46.66
C ALA L 114 18.35 50.75 -47.26
N ALA L 115 19.62 51.15 -47.31
CA ALA L 115 20.65 50.25 -47.83
C ALA L 115 20.83 49.03 -46.94
N LEU L 116 20.80 49.22 -45.62
CA LEU L 116 20.96 48.09 -44.72
C LEU L 116 19.73 47.19 -44.71
N THR L 117 18.54 47.75 -44.91
CA THR L 117 17.32 46.94 -44.91
C THR L 117 17.11 46.24 -46.24
N TYR L 118 16.93 47.02 -47.31
CA TYR L 118 16.60 46.43 -48.60
C TYR L 118 17.81 45.75 -49.22
N GLY L 119 18.98 46.38 -49.16
CA GLY L 119 20.18 45.79 -49.70
C GLY L 119 20.96 46.72 -50.60
N TYR L 120 20.27 47.62 -51.29
CA TYR L 120 20.92 48.53 -52.24
C TYR L 120 20.07 49.79 -52.36
N SER L 121 20.54 50.88 -51.75
CA SER L 121 19.87 52.16 -51.88
C SER L 121 20.25 52.83 -53.19
N TYR L 122 19.49 53.86 -53.55
CA TYR L 122 19.72 54.62 -54.77
C TYR L 122 19.71 56.12 -54.46
N ALA L 123 20.68 56.82 -55.02
CA ALA L 123 20.79 58.27 -54.86
C ALA L 123 20.68 58.94 -56.22
N ARG L 124 19.77 59.89 -56.34
CA ARG L 124 19.53 60.60 -57.59
C ARG L 124 20.13 62.00 -57.48
N VAL L 125 20.99 62.35 -58.43
CA VAL L 125 21.60 63.68 -58.50
C VAL L 125 21.21 64.29 -59.83
N LEU L 126 20.60 65.47 -59.78
CA LEU L 126 20.13 66.15 -60.97
C LEU L 126 20.56 67.61 -60.95
N PRO L 127 20.78 68.22 -62.11
CA PRO L 127 21.14 69.64 -62.14
C PRO L 127 20.01 70.51 -61.63
N GLY L 128 20.38 71.64 -61.02
CA GLY L 128 19.40 72.57 -60.49
C GLY L 128 20.01 73.94 -60.31
N VAL L 129 19.14 74.90 -60.04
CA VAL L 129 19.53 76.29 -59.83
C VAL L 129 19.63 76.56 -58.34
N ALA L 130 20.64 77.33 -57.94
CA ALA L 130 20.85 77.66 -56.55
C ALA L 130 19.93 78.81 -56.13
N LEU L 131 19.98 79.16 -54.85
CA LEU L 131 19.17 80.27 -54.35
C LEU L 131 19.59 81.58 -54.98
N ASP L 132 20.90 81.80 -55.15
CA ASP L 132 21.42 83.02 -55.74
C ASP L 132 21.43 82.98 -57.26
N GLY L 133 21.03 81.86 -57.87
CA GLY L 133 21.05 81.71 -59.31
C GLY L 133 22.21 80.93 -59.87
N ALA L 134 23.11 80.43 -59.02
CA ALA L 134 24.25 79.66 -59.47
C ALA L 134 23.82 78.22 -59.73
N ASN L 135 24.78 77.33 -59.95
CA ASN L 135 24.51 75.93 -60.22
C ASN L 135 24.60 75.14 -58.92
N GLN L 136 23.50 74.50 -58.53
CA GLN L 136 23.44 73.68 -57.33
C GLN L 136 22.90 72.30 -57.71
N ALA L 137 23.66 71.27 -57.39
CA ALA L 137 23.27 69.90 -57.71
C ALA L 137 22.25 69.41 -56.69
N GLU L 138 21.08 69.00 -57.17
CA GLU L 138 20.01 68.49 -56.31
C GLU L 138 20.20 66.99 -56.15
N ILE L 139 20.49 66.55 -54.93
CA ILE L 139 20.74 65.14 -54.62
C ILE L 139 19.58 64.63 -53.78
N HIS L 140 18.97 63.53 -54.23
CA HIS L 140 17.86 62.92 -53.52
C HIS L 140 18.05 61.42 -53.49
N GLY L 141 17.46 60.78 -52.49
CA GLY L 141 17.52 59.34 -52.33
C GLY L 141 16.19 58.71 -52.72
N VAL L 142 16.28 57.60 -53.47
CA VAL L 142 15.11 56.88 -53.96
C VAL L 142 15.16 55.46 -53.41
N SER L 143 14.06 55.03 -52.80
CA SER L 143 13.98 53.69 -52.25
C SER L 143 13.88 52.66 -53.39
N PRO L 144 14.38 51.45 -53.17
CA PRO L 144 14.19 50.39 -54.18
C PRO L 144 12.74 50.08 -54.49
N ARG L 145 11.84 50.33 -53.53
CA ARG L 145 10.42 50.12 -53.77
C ARG L 145 9.88 51.03 -54.87
N ARG L 146 10.54 52.15 -55.14
CA ARG L 146 10.10 53.11 -56.14
C ARG L 146 11.16 53.31 -57.22
N LEU L 147 11.94 52.27 -57.51
CA LEU L 147 12.99 52.37 -58.52
C LEU L 147 13.30 50.98 -59.07
N LEU L 148 13.67 50.94 -60.34
CA LEU L 148 14.09 49.70 -61.00
C LEU L 148 15.27 50.03 -61.90
N ALA L 149 16.48 49.73 -61.43
CA ALA L 149 17.70 50.00 -62.17
C ALA L 149 18.18 48.74 -62.87
N LEU L 150 18.56 48.88 -64.13
CA LEU L 150 19.02 47.77 -64.95
C LEU L 150 20.52 47.93 -65.22
N TYR L 151 21.29 46.90 -64.92
CA TYR L 151 22.74 46.90 -65.11
C TYR L 151 23.11 45.79 -66.08
N GLU L 152 23.91 46.13 -67.10
CA GLU L 152 24.46 45.12 -67.98
C GLU L 152 25.60 44.34 -67.34
N ASP L 153 26.17 44.87 -66.26
CA ASP L 153 27.25 44.20 -65.51
C ASP L 153 26.97 44.49 -64.03
N GLN L 154 26.24 43.58 -63.38
CA GLN L 154 25.78 43.84 -62.02
C GLN L 154 26.95 43.99 -61.04
N ILE L 155 28.01 43.20 -61.24
CA ILE L 155 29.14 43.25 -60.32
C ILE L 155 29.80 44.62 -60.33
N ASN L 156 30.02 45.18 -61.53
CA ASN L 156 30.72 46.46 -61.64
C ASN L 156 30.18 47.19 -62.88
N ASP L 157 29.29 48.16 -62.65
CA ASP L 157 28.78 49.00 -63.72
C ASP L 157 28.70 50.47 -63.32
N GLU L 158 29.08 50.82 -62.08
CA GLU L 158 28.98 52.19 -61.59
C GLU L 158 27.55 52.69 -61.69
N TYR L 159 27.24 53.39 -62.76
CA TYR L 159 25.91 53.93 -63.03
C TYR L 159 25.15 53.02 -63.98
N PRO L 160 23.83 52.93 -63.82
CA PRO L 160 23.04 52.01 -64.67
C PRO L 160 22.88 52.51 -66.09
N LYS L 161 22.21 51.72 -66.93
CA LYS L 161 21.94 52.09 -68.31
C LYS L 161 20.52 52.63 -68.47
N TYR L 162 19.52 51.85 -68.07
CA TYR L 162 18.12 52.27 -68.12
C TYR L 162 17.50 52.03 -66.75
N ALA L 163 16.85 53.05 -66.20
CA ALA L 163 16.23 52.98 -64.90
C ALA L 163 14.82 53.56 -64.95
N LEU L 164 13.88 52.87 -64.31
CA LEU L 164 12.50 53.31 -64.21
C LEU L 164 12.24 53.77 -62.78
N GLU L 165 11.78 55.01 -62.62
CA GLU L 165 11.58 55.61 -61.31
C GLU L 165 10.10 55.92 -61.13
N LEU L 166 9.57 55.57 -59.96
CA LEU L 166 8.19 55.85 -59.59
C LEU L 166 8.17 56.93 -58.52
N ALA L 167 7.44 58.01 -58.77
CA ALA L 167 7.33 59.08 -57.80
C ALA L 167 6.52 58.63 -56.59
N ASN L 168 6.81 59.24 -55.44
CA ASN L 168 6.17 58.84 -54.19
C ASN L 168 4.70 59.25 -54.12
N ASN L 169 4.24 60.12 -55.03
CA ASN L 169 2.83 60.49 -55.06
C ASN L 169 1.97 59.57 -55.92
N GLY L 170 2.59 58.65 -56.65
CA GLY L 170 1.85 57.73 -57.49
C GLY L 170 1.09 58.41 -58.62
N LYS L 171 1.71 59.40 -59.26
CA LYS L 171 1.06 60.15 -60.32
C LYS L 171 1.93 60.21 -61.58
N THR L 172 3.24 60.19 -61.41
CA THR L 172 4.18 60.33 -62.52
C THR L 172 5.15 59.16 -62.51
N VAL L 173 5.40 58.60 -63.70
CA VAL L 173 6.39 57.55 -63.90
C VAL L 173 7.45 58.09 -64.85
N ARG L 174 8.71 58.02 -64.45
CA ARG L 174 9.81 58.57 -65.22
C ARG L 174 10.83 57.49 -65.52
N LEU L 175 11.38 57.52 -66.74
CA LEU L 175 12.44 56.63 -67.17
C LEU L 175 13.70 57.45 -67.42
N TYR L 176 14.81 57.01 -66.85
CA TYR L 176 16.08 57.75 -66.91
C TYR L 176 17.00 57.06 -67.91
N THR L 177 17.14 57.65 -69.09
CA THR L 177 18.09 57.18 -70.07
C THR L 177 19.42 57.94 -69.90
N ASP L 178 20.30 57.83 -70.88
CA ASP L 178 21.65 58.38 -70.74
C ASP L 178 21.61 59.91 -70.60
N THR L 179 20.93 60.60 -71.51
CA THR L 179 21.00 62.06 -71.56
C THR L 179 19.63 62.70 -71.76
N ASP L 180 18.55 61.99 -71.49
CA ASP L 180 17.21 62.54 -71.61
C ASP L 180 16.39 62.18 -70.38
N TYR L 181 15.39 63.01 -70.10
CA TYR L 181 14.53 62.86 -68.93
C TYR L 181 13.13 62.54 -69.42
N TYR L 182 12.79 61.26 -69.48
CA TYR L 182 11.48 60.83 -69.91
C TYR L 182 10.49 60.90 -68.76
N GLU L 183 9.32 61.48 -69.00
CA GLU L 183 8.29 61.65 -67.99
C GLU L 183 6.97 61.15 -68.51
N LEU L 184 6.26 60.35 -67.70
CA LEU L 184 4.94 59.85 -68.06
C LEU L 184 3.95 60.17 -66.96
N ARG L 185 2.73 59.63 -67.07
CA ARG L 185 1.68 59.85 -66.09
C ARG L 185 1.17 58.53 -65.54
N MET L 186 0.78 58.54 -64.27
CA MET L 186 0.29 57.35 -63.57
C MET L 186 -1.03 57.69 -62.88
N PRO L 187 -2.12 57.82 -63.65
CA PRO L 187 -3.41 58.14 -63.01
C PRO L 187 -3.97 56.99 -62.20
N SER L 188 -3.82 55.76 -62.69
CA SER L 188 -4.30 54.57 -62.00
C SER L 188 -3.18 53.54 -61.92
N PRO L 189 -3.19 52.69 -60.90
CA PRO L 189 -2.13 51.69 -60.77
C PRO L 189 -2.27 50.53 -61.75
N GLY L 190 -1.79 50.70 -62.98
CA GLY L 190 -1.79 49.61 -63.94
C GLY L 190 -2.24 49.96 -65.34
N ASN L 191 -2.38 51.26 -65.64
CA ASN L 191 -2.75 51.69 -66.98
C ASN L 191 -1.77 52.76 -67.46
N PHE L 192 -1.43 52.69 -68.75
CA PHE L 192 -0.53 53.65 -69.39
C PHE L 192 -1.19 54.14 -70.68
N PRO L 193 -2.15 55.06 -70.58
CA PRO L 193 -2.82 55.56 -71.79
C PRO L 193 -1.84 56.26 -72.71
N ASN L 194 -2.03 56.07 -74.01
CA ASN L 194 -1.16 56.66 -75.03
C ASN L 194 -1.59 58.07 -75.41
N GLU L 195 -2.75 58.53 -74.95
CA GLU L 195 -3.19 59.88 -75.29
C GLU L 195 -2.32 60.95 -74.64
N GLN L 196 -1.67 60.62 -73.53
CA GLN L 196 -0.80 61.58 -72.85
C GLN L 196 0.45 61.84 -73.69
N VAL L 197 0.98 63.05 -73.55
CA VAL L 197 2.17 63.47 -74.28
C VAL L 197 3.39 63.19 -73.42
N ILE L 198 4.31 62.36 -73.93
CA ILE L 198 5.52 62.03 -73.19
C ILE L 198 6.46 63.23 -73.20
N LYS L 199 6.94 63.60 -72.01
CA LYS L 199 7.83 64.73 -71.85
C LYS L 199 9.28 64.25 -71.87
N LYS L 200 10.09 64.85 -72.74
CA LYS L 200 11.52 64.55 -72.85
C LYS L 200 12.30 65.81 -72.54
N VAL L 201 13.12 65.77 -71.50
CA VAL L 201 13.93 66.89 -71.07
C VAL L 201 15.39 66.53 -71.22
N HIS L 202 16.14 67.37 -71.93
CA HIS L 202 17.56 67.16 -72.17
C HIS L 202 18.34 68.04 -71.18
N HIS L 203 18.58 67.48 -69.98
CA HIS L 203 19.35 68.21 -68.98
C HIS L 203 20.85 68.11 -69.27
N GLY L 204 21.37 66.90 -69.39
CA GLY L 204 22.77 66.68 -69.68
C GLY L 204 23.56 66.31 -68.45
N VAL L 205 23.79 65.01 -68.25
CA VAL L 205 24.53 64.52 -67.10
C VAL L 205 25.53 63.46 -67.56
N GLY L 206 25.42 63.05 -68.82
CA GLY L 206 26.28 62.01 -69.35
C GLY L 206 25.67 60.63 -69.24
N VAL L 207 26.02 59.90 -68.18
CA VAL L 207 25.48 58.59 -67.94
C VAL L 207 24.31 58.72 -66.95
N CYS L 208 23.53 57.65 -66.83
CA CYS L 208 22.33 57.70 -66.00
C CYS L 208 22.68 58.09 -64.56
N PRO L 209 22.05 59.13 -64.02
CA PRO L 209 22.42 59.65 -62.68
C PRO L 209 21.81 58.86 -61.53
N PHE L 210 22.37 57.68 -61.28
CA PHE L 210 21.93 56.82 -60.18
C PHE L 210 23.14 56.11 -59.60
N VAL L 211 23.28 56.16 -58.28
CA VAL L 211 24.38 55.52 -57.57
C VAL L 211 23.79 54.50 -56.61
N ARG L 212 24.31 53.27 -56.66
CA ARG L 212 23.80 52.18 -55.85
C ARG L 212 24.59 52.07 -54.56
N TYR L 213 23.87 52.06 -53.43
CA TYR L 213 24.48 51.91 -52.11
C TYR L 213 24.34 50.46 -51.69
N VAL L 214 25.25 49.63 -52.20
CA VAL L 214 25.18 48.19 -51.94
C VAL L 214 25.53 47.91 -50.49
N ASN L 215 24.74 47.05 -49.84
CA ASN L 215 24.97 46.72 -48.44
C ASN L 215 26.32 46.02 -48.26
N MET L 216 26.48 44.85 -48.86
CA MET L 216 27.71 44.08 -48.79
C MET L 216 28.21 43.78 -50.19
N MET L 217 29.52 43.91 -50.38
CA MET L 217 30.13 43.69 -51.69
C MET L 217 30.38 42.20 -51.89
N ASP L 218 29.77 41.64 -52.94
CA ASP L 218 29.94 40.23 -53.28
C ASP L 218 30.44 40.12 -54.72
N LEU L 219 31.21 39.07 -54.98
CA LEU L 219 31.82 38.88 -56.28
C LEU L 219 30.87 38.27 -57.32
N ASP L 220 29.69 37.83 -56.91
CA ASP L 220 28.72 37.21 -57.81
C ASP L 220 27.34 37.79 -57.60
N GLY L 221 27.24 39.11 -57.48
CA GLY L 221 25.95 39.75 -57.26
C GLY L 221 25.38 39.30 -55.92
N PHE L 222 24.14 38.78 -55.97
CA PHE L 222 23.47 38.23 -54.79
C PHE L 222 23.40 39.25 -53.66
N THR L 223 23.10 40.50 -54.00
CA THR L 223 23.03 41.55 -53.00
C THR L 223 21.82 41.33 -52.09
N MET L 224 22.07 41.33 -50.78
CA MET L 224 21.03 41.11 -49.80
C MET L 224 21.19 42.08 -48.64
N GLY L 225 20.08 42.37 -47.97
CA GLY L 225 20.08 43.27 -46.84
C GLY L 225 20.39 42.56 -45.54
N GLU L 226 20.34 43.33 -44.45
CA GLU L 226 20.60 42.82 -43.11
C GLU L 226 19.34 42.32 -42.41
N VAL L 227 18.18 42.41 -43.06
CA VAL L 227 16.93 41.98 -42.46
C VAL L 227 16.52 40.62 -43.03
N GLU L 228 16.89 40.37 -44.28
CA GLU L 228 16.58 39.08 -44.91
C GLU L 228 17.47 37.97 -44.40
N TYR L 229 18.74 38.27 -44.09
CA TYR L 229 19.69 37.24 -43.70
C TYR L 229 19.36 36.64 -42.33
N LEU L 230 18.55 37.32 -41.52
CA LEU L 230 18.23 36.84 -40.18
C LEU L 230 16.73 36.67 -39.97
N VAL L 231 15.99 36.39 -41.05
CA VAL L 231 14.56 36.10 -40.91
C VAL L 231 14.31 34.84 -40.08
N PRO L 232 14.95 33.69 -40.35
CA PRO L 232 14.62 32.49 -39.57
C PRO L 232 14.88 32.62 -38.08
N VAL L 233 15.94 33.32 -37.66
CA VAL L 233 16.23 33.42 -36.24
C VAL L 233 15.21 34.32 -35.54
N ALA L 234 14.80 35.41 -36.19
CA ALA L 234 13.76 36.26 -35.63
C ALA L 234 12.43 35.50 -35.55
N SER L 235 12.12 34.71 -36.58
CA SER L 235 10.91 33.90 -36.54
C SER L 235 10.98 32.88 -35.41
N LYS L 236 12.15 32.29 -35.17
CA LYS L 236 12.31 31.36 -34.07
C LYS L 236 12.11 32.05 -32.72
N ILE L 237 12.64 33.26 -32.57
CA ILE L 237 12.47 34.01 -31.33
C ILE L 237 10.98 34.29 -31.11
N ASP L 238 10.28 34.72 -32.15
CA ASP L 238 8.85 35.00 -32.02
C ASP L 238 8.06 33.72 -31.72
N LYS L 239 8.47 32.60 -32.31
CA LYS L 239 7.81 31.32 -32.03
C LYS L 239 8.02 30.92 -30.57
N THR L 240 9.22 31.11 -30.05
CA THR L 240 9.49 30.81 -28.64
C THR L 240 8.64 31.70 -27.73
N ASP L 241 8.54 32.99 -28.07
CA ASP L 241 7.71 33.90 -27.28
C ASP L 241 6.24 33.48 -27.33
N TYR L 242 5.77 33.06 -28.52
CA TYR L 242 4.39 32.60 -28.65
C TYR L 242 4.15 31.34 -27.83
N ASP L 243 5.10 30.42 -27.82
CA ASP L 243 4.97 29.21 -27.00
C ASP L 243 4.92 29.56 -25.52
N ARG L 244 5.78 30.48 -25.09
CA ARG L 244 5.75 30.91 -23.69
C ARG L 244 4.41 31.55 -23.34
N LEU L 245 3.88 32.38 -24.23
CA LEU L 245 2.60 33.02 -23.97
C LEU L 245 1.47 31.99 -23.92
N LEU L 246 1.52 30.98 -24.80
CA LEU L 246 0.53 29.92 -24.76
C LEU L 246 0.59 29.14 -23.46
N ALA L 247 1.80 28.85 -22.98
CA ALA L 247 1.96 28.15 -21.71
C ALA L 247 1.45 29.00 -20.55
N GLN L 248 1.73 30.30 -20.57
CA GLN L 248 1.34 31.17 -19.47
C GLN L 248 -0.15 31.47 -19.46
N HIS L 249 -0.79 31.51 -20.63
CA HIS L 249 -2.18 31.93 -20.73
C HIS L 249 -3.16 30.78 -20.55
N TYR L 250 -2.77 29.55 -20.88
CA TYR L 250 -3.69 28.41 -20.84
C TYR L 250 -3.49 27.54 -19.62
N ASN L 251 -2.25 27.21 -19.25
CA ASN L 251 -1.97 26.38 -18.08
C ASN L 251 -0.78 26.96 -17.30
N SER L 252 -1.10 27.84 -16.36
CA SER L 252 -0.08 28.45 -15.51
C SER L 252 -0.50 28.52 -14.05
N TRP L 253 -1.66 27.95 -13.69
CA TRP L 253 -2.15 27.94 -12.33
C TRP L 253 -2.61 26.54 -11.96
N LYS L 254 -2.52 26.23 -10.67
CA LYS L 254 -2.96 24.93 -10.18
C LYS L 254 -4.47 24.84 -10.29
N VAL L 255 -4.96 24.05 -11.26
CA VAL L 255 -6.39 23.94 -11.49
C VAL L 255 -7.02 23.07 -10.40
N LYS L 256 -8.03 23.61 -9.73
CA LYS L 256 -8.73 22.89 -8.68
C LYS L 256 -9.89 22.12 -9.30
N VAL L 257 -9.92 20.81 -9.09
CA VAL L 257 -10.96 19.94 -9.63
C VAL L 257 -11.53 19.10 -8.50
N ALA L 258 -12.76 18.64 -8.71
CA ALA L 258 -13.45 17.80 -7.73
C ALA L 258 -14.09 16.61 -8.43
N THR L 259 -14.13 15.49 -7.72
CA THR L 259 -14.73 14.26 -8.25
C THR L 259 -15.54 13.60 -7.15
N GLY L 260 -16.54 12.81 -7.56
CA GLY L 260 -17.37 12.06 -6.66
C GLY L 260 -18.68 12.75 -6.29
N ILE L 261 -18.78 14.05 -6.51
CA ILE L 261 -20.00 14.79 -6.20
C ILE L 261 -21.00 14.61 -7.34
N ASP L 262 -22.25 14.98 -7.10
CA ASP L 262 -23.29 14.85 -8.10
C ASP L 262 -23.08 15.87 -9.23
N ASP L 263 -23.92 15.78 -10.26
CA ASP L 263 -23.83 16.66 -11.40
C ASP L 263 -25.22 17.16 -11.78
N LEU L 264 -25.32 17.84 -12.94
CA LEU L 264 -26.59 18.33 -13.48
C LEU L 264 -27.42 19.07 -12.44
N SER L 265 -26.74 19.75 -11.52
CA SER L 265 -27.38 20.46 -10.43
C SER L 265 -27.89 21.82 -10.89
N GLU L 266 -28.37 22.62 -9.94
CA GLU L 266 -28.96 23.93 -10.20
C GLU L 266 -30.10 23.83 -11.21
N ASP L 267 -31.00 22.88 -10.96
CA ASP L 267 -32.17 22.65 -11.80
C ASP L 267 -31.79 22.34 -13.25
N ALA L 268 -30.76 21.50 -13.42
CA ALA L 268 -30.28 21.07 -14.74
C ALA L 268 -29.95 22.29 -15.61
N THR L 269 -28.93 23.01 -15.16
CA THR L 269 -28.52 24.31 -15.69
C THR L 269 -28.40 24.30 -17.21
N PRO L 270 -29.30 24.98 -17.93
CA PRO L 270 -29.18 25.15 -19.38
C PRO L 270 -28.36 26.37 -19.76
N GLU L 271 -27.17 26.51 -19.14
CA GLU L 271 -26.32 27.69 -19.29
C GLU L 271 -27.09 28.96 -18.96
N GLU L 272 -27.88 28.91 -17.89
CA GLU L 272 -28.69 30.02 -17.43
C GLU L 272 -28.18 30.51 -16.08
N GLN L 273 -28.13 31.83 -15.92
CA GLN L 273 -27.64 32.46 -14.69
C GLN L 273 -26.20 32.04 -14.39
N GLN L 274 -25.30 32.42 -15.31
CA GLN L 274 -23.90 32.06 -15.18
C GLN L 274 -23.24 32.70 -13.96
N ARG L 275 -23.87 33.73 -13.38
CA ARG L 275 -23.31 34.43 -12.22
C ARG L 275 -23.66 33.64 -10.96
N ALA L 276 -23.02 32.47 -10.83
CA ALA L 276 -23.20 31.65 -9.64
C ALA L 276 -22.69 32.36 -8.39
N LYS L 277 -21.55 33.03 -8.52
CA LYS L 277 -20.96 33.81 -7.42
C LYS L 277 -20.71 32.94 -6.19
N LEU L 278 -20.09 31.78 -6.41
CA LEU L 278 -19.72 30.90 -5.31
C LEU L 278 -18.59 31.55 -4.52
N ILE L 279 -18.89 31.94 -3.28
CA ILE L 279 -17.91 32.64 -2.46
C ILE L 279 -16.77 31.70 -2.12
N LEU L 280 -15.54 32.13 -2.40
CA LEU L 280 -14.34 31.34 -2.12
C LEU L 280 -13.24 32.30 -1.71
N ALA L 281 -12.95 32.34 -0.41
CA ALA L 281 -11.90 33.20 0.11
C ALA L 281 -11.02 32.41 1.08
N GLN L 282 -10.12 33.11 1.78
CA GLN L 282 -9.25 32.43 2.74
C GLN L 282 -10.04 31.84 3.89
N ASP L 283 -11.04 32.58 4.39
CA ASP L 283 -11.84 32.08 5.51
C ASP L 283 -12.76 30.95 5.11
N ASP L 284 -13.25 30.95 3.87
CA ASP L 284 -14.21 29.95 3.43
C ASP L 284 -13.56 28.57 3.39
N ILE L 285 -14.32 27.57 3.84
CA ILE L 285 -13.88 26.18 3.85
C ILE L 285 -14.89 25.36 3.07
N LEU L 286 -14.45 24.72 1.99
CA LEU L 286 -15.34 23.92 1.18
C LEU L 286 -15.67 22.61 1.87
N MET L 287 -16.92 22.18 1.76
CA MET L 287 -17.33 20.89 2.30
C MET L 287 -18.56 20.40 1.55
N HIS L 288 -18.65 19.09 1.39
CA HIS L 288 -19.73 18.45 0.66
C HIS L 288 -20.28 17.28 1.47
N GLY L 289 -21.57 17.02 1.30
CA GLY L 289 -22.22 15.93 2.02
C GLY L 289 -22.05 14.58 1.37
N ASN L 290 -20.81 14.18 1.12
CA ASN L 290 -20.53 12.88 0.52
C ASN L 290 -19.10 12.49 0.86
N HIS L 291 -18.93 11.33 1.49
CA HIS L 291 -17.60 10.87 1.86
C HIS L 291 -16.77 10.39 0.66
N GLU L 292 -17.40 10.22 -0.50
CA GLU L 292 -16.70 9.80 -1.71
C GLU L 292 -16.16 10.96 -2.52
N ALA L 293 -16.37 12.19 -2.07
CA ALA L 293 -15.88 13.35 -2.81
C ALA L 293 -14.37 13.48 -2.66
N LYS L 294 -13.68 13.71 -3.77
CA LYS L 294 -12.24 13.86 -3.79
C LYS L 294 -11.89 15.18 -4.47
N PHE L 295 -10.93 15.90 -3.89
CA PHE L 295 -10.47 17.18 -4.41
C PHE L 295 -9.03 17.02 -4.87
N TYR L 296 -8.80 17.15 -6.16
CA TYR L 296 -7.48 17.03 -6.76
C TYR L 296 -7.01 18.39 -7.26
N THR L 297 -5.70 18.48 -7.49
CA THR L 297 -5.08 19.68 -8.06
C THR L 297 -4.22 19.28 -9.24
N LEU L 298 -4.18 20.14 -10.25
CA LEU L 298 -3.41 19.88 -11.46
C LEU L 298 -2.17 20.76 -11.49
N PRO L 299 -0.97 20.20 -11.45
CA PRO L 299 0.24 21.03 -11.50
C PRO L 299 0.34 21.79 -12.82
N GLU L 300 0.93 22.98 -12.75
CA GLU L 300 1.07 23.85 -13.90
C GLU L 300 2.49 23.79 -14.45
N THR L 301 2.68 24.42 -15.61
CA THR L 301 4.01 24.49 -16.21
C THR L 301 4.95 25.31 -15.34
N SER L 302 6.18 24.80 -15.18
CA SER L 302 7.15 25.49 -14.34
C SER L 302 7.51 26.87 -14.88
N LEU L 303 7.39 27.07 -16.19
CA LEU L 303 7.67 28.34 -16.84
C LEU L 303 9.10 28.81 -16.55
N ASP L 304 10.06 27.92 -16.78
CA ASP L 304 11.47 28.24 -16.63
C ASP L 304 12.28 27.93 -17.87
N GLY L 305 11.96 26.86 -18.59
CA GLY L 305 12.68 26.54 -19.81
C GLY L 305 12.45 27.54 -20.93
N PHE L 306 11.26 28.13 -20.98
CA PHE L 306 10.93 29.07 -22.05
C PHE L 306 11.81 30.31 -21.99
N ILE L 307 12.06 30.84 -20.78
CA ILE L 307 12.89 32.02 -20.64
C ILE L 307 14.32 31.74 -21.08
N ALA L 308 14.87 30.58 -20.67
CA ALA L 308 16.22 30.21 -21.08
C ALA L 308 16.29 30.02 -22.59
N ALA L 309 15.28 29.39 -23.19
CA ALA L 309 15.26 29.20 -24.63
C ALA L 309 15.21 30.53 -25.36
N HIS L 310 14.38 31.46 -24.88
CA HIS L 310 14.31 32.78 -25.50
C HIS L 310 15.63 33.53 -25.37
N THR L 311 16.28 33.43 -24.20
CA THR L 311 17.58 34.07 -24.03
C THR L 311 18.60 33.49 -24.99
N GLN L 312 18.61 32.16 -25.14
CA GLN L 312 19.53 31.53 -26.10
C GLN L 312 19.25 31.99 -27.51
N ASP L 313 17.97 32.07 -27.89
CA ASP L 313 17.63 32.49 -29.25
C ASP L 313 18.02 33.94 -29.49
N VAL L 314 17.79 34.83 -28.51
CA VAL L 314 18.12 36.23 -28.71
C VAL L 314 19.64 36.45 -28.72
N GLU L 315 20.39 35.67 -27.93
CA GLU L 315 21.85 35.80 -28.01
C GLU L 315 22.38 35.22 -29.32
N ILE L 316 21.72 34.19 -29.86
CA ILE L 316 22.06 33.72 -31.20
C ILE L 316 21.81 34.82 -32.22
N LEU L 317 20.67 35.52 -32.09
CA LEU L 317 20.37 36.65 -32.97
C LEU L 317 21.46 37.72 -32.87
N ALA L 318 21.87 38.05 -31.65
CA ALA L 318 22.87 39.10 -31.47
C ALA L 318 24.22 38.69 -32.05
N ASN L 319 24.63 37.43 -31.84
CA ASN L 319 25.92 36.99 -32.34
C ASN L 319 25.93 36.87 -33.85
N ASN L 320 24.83 36.40 -34.44
CA ASN L 320 24.78 36.21 -35.88
C ASN L 320 24.79 37.54 -36.63
N ALA L 321 24.26 38.59 -36.03
CA ALA L 321 24.21 39.91 -36.65
C ALA L 321 25.40 40.79 -36.28
N GLN L 322 26.37 40.25 -35.54
CA GLN L 322 27.54 41.00 -35.09
C GLN L 322 27.13 42.24 -34.29
N VAL L 323 26.13 42.07 -33.43
CA VAL L 323 25.63 43.13 -32.56
C VAL L 323 25.97 42.76 -31.12
N PRO L 324 26.36 43.71 -30.28
CA PRO L 324 26.67 43.37 -28.88
C PRO L 324 25.48 42.73 -28.18
N VAL L 325 25.79 41.76 -27.31
CA VAL L 325 24.73 41.02 -26.63
C VAL L 325 24.03 41.89 -25.58
N TRP L 326 24.79 42.75 -24.89
CA TRP L 326 24.22 43.48 -23.76
C TRP L 326 23.16 44.49 -24.20
N ILE L 327 23.22 44.98 -25.43
CA ILE L 327 22.17 45.85 -25.95
C ILE L 327 21.00 45.07 -26.53
N LEU L 328 21.04 43.74 -26.43
CA LEU L 328 19.92 42.89 -26.83
C LEU L 328 19.29 42.12 -25.67
N ASN L 329 20.11 41.56 -24.78
CA ASN L 329 19.60 40.87 -23.61
C ASN L 329 20.67 40.89 -22.52
N GLY L 330 20.22 40.82 -21.27
CA GLY L 330 21.13 40.80 -20.15
C GLY L 330 21.75 42.16 -19.87
N GLN L 331 22.71 42.14 -18.94
CA GLN L 331 23.43 43.34 -18.54
C GLN L 331 24.93 43.10 -18.67
N LEU L 332 25.63 44.11 -19.17
CA LEU L 332 27.08 43.99 -19.34
C LEU L 332 27.78 43.96 -17.99
N ALA L 333 28.80 43.11 -17.89
CA ALA L 333 29.58 43.00 -16.66
C ALA L 333 30.60 44.14 -16.58
N ASN L 334 31.43 44.11 -15.54
CA ASN L 334 32.42 45.15 -15.31
C ASN L 334 33.68 44.82 -16.13
N LEU L 335 33.53 44.92 -17.45
CA LEU L 335 34.62 44.64 -18.36
C LEU L 335 35.65 45.77 -18.35
N SER L 336 36.89 45.42 -18.68
CA SER L 336 37.97 46.38 -18.77
C SER L 336 38.03 46.94 -20.18
N ALA L 337 39.08 47.70 -20.49
CA ALA L 337 39.22 48.26 -21.83
C ALA L 337 39.48 47.17 -22.87
N ASP L 338 40.41 46.27 -22.58
CA ASP L 338 40.74 45.21 -23.52
C ASP L 338 39.57 44.27 -23.76
N ALA L 339 38.88 43.87 -22.69
CA ALA L 339 37.74 42.97 -22.83
C ALA L 339 36.62 43.63 -23.64
N LEU L 340 36.36 44.91 -23.38
CA LEU L 340 35.33 45.62 -24.13
C LEU L 340 35.71 45.75 -25.60
N THR L 341 36.99 46.04 -25.88
CA THR L 341 37.45 46.12 -27.26
C THR L 341 37.28 44.78 -27.96
N ALA L 342 37.59 43.69 -27.26
CA ALA L 342 37.39 42.37 -27.84
C ALA L 342 35.91 42.10 -28.12
N ALA L 343 35.04 42.49 -27.18
CA ALA L 343 33.61 42.25 -27.35
C ALA L 343 33.06 43.05 -28.53
N THR L 344 33.51 44.28 -28.70
CA THR L 344 32.99 45.15 -29.76
C THR L 344 33.81 45.09 -31.05
N LYS L 345 34.84 44.23 -31.11
CA LYS L 345 35.70 44.19 -32.29
C LYS L 345 34.93 43.77 -33.54
N GLY L 346 34.08 42.75 -33.42
CA GLY L 346 33.34 42.29 -34.58
C GLY L 346 32.36 43.34 -35.10
N THR L 347 31.63 43.97 -34.18
CA THR L 347 30.72 45.04 -34.57
C THR L 347 31.48 46.22 -35.17
N ILE L 348 32.63 46.57 -34.58
CA ILE L 348 33.43 47.67 -35.10
C ILE L 348 33.93 47.35 -36.50
N GLN L 349 34.40 46.12 -36.72
CA GLN L 349 34.89 45.74 -38.04
C GLN L 349 33.78 45.74 -39.08
N LYS L 350 32.60 45.22 -38.71
CA LYS L 350 31.47 45.23 -39.65
C LYS L 350 31.05 46.66 -39.98
N LEU L 351 31.01 47.53 -38.97
CA LEU L 351 30.67 48.92 -39.21
C LEU L 351 31.73 49.62 -40.04
N TYR L 352 33.00 49.22 -39.90
CA TYR L 352 34.06 49.80 -40.72
C TYR L 352 33.91 49.37 -42.18
N GLU L 353 33.54 48.10 -42.42
CA GLU L 353 33.28 47.66 -43.78
C GLU L 353 32.10 48.42 -44.39
N ARG L 354 31.03 48.59 -43.61
CA ARG L 354 29.89 49.38 -44.07
C ARG L 354 30.30 50.82 -44.35
N GLN L 355 31.16 51.38 -43.49
CA GLN L 355 31.66 52.73 -43.70
C GLN L 355 32.46 52.82 -45.00
N VAL L 356 33.28 51.81 -45.28
CA VAL L 356 34.08 51.83 -46.51
C VAL L 356 33.19 51.80 -47.73
N THR L 357 32.22 50.89 -47.77
CA THR L 357 31.36 50.79 -48.96
C THR L 357 30.48 52.03 -49.12
N PHE L 358 29.93 52.55 -48.01
CA PHE L 358 29.10 53.74 -48.10
C PHE L 358 29.93 54.97 -48.44
N GLY L 359 31.19 55.02 -48.00
CA GLY L 359 32.06 56.10 -48.39
C GLY L 359 32.41 56.06 -49.86
N ALA L 360 32.61 54.86 -50.41
CA ALA L 360 32.80 54.74 -51.85
C ALA L 360 31.57 55.23 -52.60
N ALA L 361 30.37 54.85 -52.14
CA ALA L 361 29.15 55.32 -52.77
C ALA L 361 29.02 56.85 -52.68
N HIS L 362 29.34 57.41 -51.51
CA HIS L 362 29.26 58.86 -51.33
C HIS L 362 30.29 59.59 -52.18
N ASN L 363 31.48 59.01 -52.33
CA ASN L 363 32.48 59.60 -53.21
C ASN L 363 32.00 59.60 -54.65
N GLN L 364 31.37 58.51 -55.09
CA GLN L 364 30.79 58.49 -56.43
C GLN L 364 29.71 59.55 -56.58
N VAL L 365 28.86 59.70 -55.56
CA VAL L 365 27.79 60.70 -55.60
C VAL L 365 28.38 62.10 -55.71
N LEU L 366 29.41 62.39 -54.90
CA LEU L 366 30.04 63.71 -54.93
C LEU L 366 30.75 63.96 -56.25
N ARG L 367 31.38 62.92 -56.82
CA ARG L 367 32.02 63.07 -58.12
C ARG L 367 31.00 63.40 -59.20
N LEU L 368 29.84 62.74 -59.18
CA LEU L 368 28.80 63.08 -60.15
C LEU L 368 28.26 64.48 -59.92
N ALA L 369 28.10 64.87 -58.64
CA ALA L 369 27.56 66.20 -58.33
C ALA L 369 28.51 67.30 -58.78
N ALA L 370 29.82 67.09 -58.63
CA ALA L 370 30.77 68.07 -59.12
C ALA L 370 30.77 68.11 -60.64
N HIS L 371 30.59 66.96 -61.29
CA HIS L 371 30.66 66.89 -62.75
C HIS L 371 29.50 67.63 -63.40
N VAL L 372 28.31 67.57 -62.81
CA VAL L 372 27.14 68.19 -63.44
C VAL L 372 27.25 69.70 -63.48
N GLU L 373 28.09 70.29 -62.64
CA GLU L 373 28.33 71.74 -62.64
C GLU L 373 29.72 72.06 -63.16
N GLY L 374 30.16 71.34 -64.18
CA GLY L 374 31.53 71.48 -64.67
C GLY L 374 32.51 70.92 -63.65
N ASP L 375 33.33 71.80 -63.07
CA ASP L 375 34.22 71.47 -61.96
C ASP L 375 35.05 70.22 -62.28
N THR L 376 35.89 70.34 -63.30
CA THR L 376 36.72 69.21 -63.73
C THR L 376 37.66 68.73 -62.62
N GLU L 377 38.01 69.61 -61.68
CA GLU L 377 38.88 69.20 -60.58
C GLU L 377 38.24 68.12 -59.73
N GLY L 378 36.94 68.27 -59.42
CA GLY L 378 36.26 67.25 -58.63
C GLY L 378 36.13 65.94 -59.36
N ALA L 379 35.79 65.98 -60.65
CA ALA L 379 35.63 64.75 -61.42
C ALA L 379 36.96 64.03 -61.59
N ARG L 380 38.04 64.78 -61.85
CA ARG L 380 39.34 64.15 -62.04
C ARG L 380 39.85 63.50 -60.77
N ASP L 381 39.61 64.13 -59.62
CA ASP L 381 40.12 63.63 -58.35
C ASP L 381 39.42 62.31 -58.00
N PHE L 382 40.15 61.21 -58.12
CA PHE L 382 39.63 59.89 -57.75
C PHE L 382 40.19 59.38 -56.43
N THR L 383 40.97 60.21 -55.72
CA THR L 383 41.57 59.79 -54.46
C THR L 383 40.90 60.40 -53.23
N ALA L 384 40.15 61.49 -53.39
CA ALA L 384 39.48 62.11 -52.25
C ALA L 384 38.39 61.19 -51.70
N SER L 385 38.33 61.10 -50.38
CA SER L 385 37.37 60.23 -49.71
C SER L 385 36.72 60.99 -48.55
N VAL L 386 35.51 60.57 -48.20
CA VAL L 386 34.79 61.20 -47.10
C VAL L 386 35.36 60.71 -45.77
N SER L 387 35.07 61.46 -44.71
CA SER L 387 35.51 61.14 -43.36
C SER L 387 34.31 60.81 -42.49
N TRP L 388 34.47 59.81 -41.64
CA TRP L 388 33.39 59.33 -40.79
C TRP L 388 33.71 59.58 -39.32
N GLN L 389 32.66 59.83 -38.55
CA GLN L 389 32.82 60.00 -37.11
C GLN L 389 33.27 58.70 -36.46
N ASP L 390 34.11 58.83 -35.43
CA ASP L 390 34.62 57.65 -34.73
C ASP L 390 33.47 56.91 -34.03
N THR L 391 33.42 55.60 -34.23
CA THR L 391 32.41 54.75 -33.61
C THR L 391 32.99 53.89 -32.49
N SER L 392 34.10 54.33 -31.89
CA SER L 392 34.72 53.56 -30.83
C SER L 392 33.84 53.55 -29.58
N VAL L 393 34.12 52.59 -28.70
CA VAL L 393 33.33 52.40 -27.50
C VAL L 393 34.25 52.72 -26.32
N ARG L 394 35.19 53.63 -26.55
CA ARG L 394 36.15 54.01 -25.53
C ARG L 394 35.62 55.20 -24.73
N SER L 395 35.85 55.18 -23.42
CA SER L 395 35.41 56.27 -22.56
C SER L 395 36.21 57.53 -22.85
N LEU L 396 35.63 58.66 -22.46
CA LEU L 396 36.26 59.95 -22.77
C LEU L 396 37.60 60.10 -22.05
N ALA L 397 37.67 59.72 -20.78
CA ALA L 397 38.91 59.92 -20.01
C ALA L 397 40.05 59.11 -20.61
N GLN L 398 39.81 57.84 -20.92
CA GLN L 398 40.86 56.99 -21.47
C GLN L 398 41.34 57.51 -22.82
N ALA L 399 40.40 57.84 -23.71
CA ALA L 399 40.78 58.33 -25.03
C ALA L 399 41.55 59.64 -24.92
N VAL L 400 41.09 60.56 -24.07
CA VAL L 400 41.75 61.85 -23.93
C VAL L 400 43.15 61.70 -23.37
N ASP L 401 43.32 60.88 -22.32
CA ASP L 401 44.64 60.76 -21.73
C ASP L 401 45.61 60.05 -22.69
N ALA L 402 45.13 59.03 -23.41
CA ALA L 402 45.98 58.36 -24.38
C ALA L 402 46.37 59.31 -25.52
N TYR L 403 45.41 60.09 -26.02
CA TYR L 403 45.73 61.02 -27.10
C TYR L 403 46.70 62.11 -26.64
N GLY L 404 46.54 62.58 -25.40
CA GLY L 404 47.48 63.55 -24.86
C GLY L 404 48.87 62.98 -24.72
N LYS L 405 48.97 61.74 -24.23
CA LYS L 405 50.28 61.09 -24.15
C LYS L 405 50.90 60.94 -25.53
N ALA L 406 50.09 60.55 -26.52
CA ALA L 406 50.61 60.42 -27.88
C ALA L 406 51.11 61.75 -28.41
N ALA L 407 50.34 62.83 -28.20
CA ALA L 407 50.75 64.13 -28.68
C ALA L 407 52.03 64.60 -28.00
N THR L 408 52.15 64.33 -26.69
CA THR L 408 53.31 64.81 -25.94
C THR L 408 54.57 64.00 -26.21
N MET L 409 54.44 62.71 -26.51
CA MET L 409 55.61 61.85 -26.65
C MET L 409 55.86 61.42 -28.09
N LEU L 410 54.87 60.85 -28.77
CA LEU L 410 55.03 60.50 -30.18
C LEU L 410 55.06 61.72 -31.08
N GLY L 411 54.66 62.88 -30.58
CA GLY L 411 54.68 64.11 -31.37
C GLY L 411 53.69 64.15 -32.52
N MET L 412 52.49 63.59 -32.32
CA MET L 412 51.47 63.69 -33.34
C MET L 412 50.90 65.11 -33.41
N PRO L 413 50.46 65.56 -34.58
CA PRO L 413 49.86 66.90 -34.69
C PRO L 413 48.59 66.99 -33.85
N LYS L 414 48.58 67.93 -32.92
CA LYS L 414 47.44 68.10 -32.03
C LYS L 414 46.21 68.64 -32.75
N GLU L 415 46.39 69.28 -33.91
CA GLU L 415 45.24 69.82 -34.63
C GLU L 415 44.29 68.72 -35.08
N PHE L 416 44.84 67.61 -35.60
CA PHE L 416 43.99 66.49 -36.00
C PHE L 416 43.39 65.80 -34.78
N LEU L 417 44.13 65.72 -33.68
CA LEU L 417 43.68 64.99 -32.51
C LEU L 417 42.45 65.62 -31.86
N TRP L 418 42.17 66.90 -32.13
CA TRP L 418 41.03 67.55 -31.51
C TRP L 418 39.71 66.90 -31.91
N GLY L 419 39.62 66.42 -33.16
CA GLY L 419 38.41 65.81 -33.64
C GLY L 419 38.20 64.36 -33.25
N LEU L 420 39.12 63.78 -32.48
CA LEU L 420 39.02 62.38 -32.09
C LEU L 420 38.38 62.18 -30.71
N ILE L 421 38.40 63.19 -29.85
CA ILE L 421 37.76 63.06 -28.54
C ILE L 421 36.25 62.97 -28.74
N PRO L 422 35.56 62.05 -28.08
CA PRO L 422 34.10 61.98 -28.20
C PRO L 422 33.44 63.27 -27.71
N GLY L 423 32.33 63.62 -28.35
CA GLY L 423 31.61 64.83 -28.03
C GLY L 423 32.04 66.06 -28.79
N ILE L 424 33.07 65.96 -29.62
CA ILE L 424 33.55 67.08 -30.43
C ILE L 424 33.46 66.69 -31.89
N THR L 425 32.80 67.53 -32.69
CA THR L 425 32.60 67.31 -34.11
C THR L 425 33.50 68.24 -34.91
N LYS L 426 33.35 68.18 -36.24
CA LYS L 426 34.14 69.04 -37.11
C LYS L 426 33.77 70.52 -36.94
N THR L 427 32.51 70.80 -36.62
CA THR L 427 32.10 72.18 -36.38
C THR L 427 32.82 72.77 -35.17
N ASP L 428 32.98 71.97 -34.11
CA ASP L 428 33.71 72.44 -32.94
C ASP L 428 35.17 72.69 -33.27
N VAL L 429 35.78 71.81 -34.09
CA VAL L 429 37.17 72.01 -34.50
C VAL L 429 37.31 73.30 -35.30
N GLU L 430 36.37 73.54 -36.22
CA GLU L 430 36.41 74.77 -36.99
C GLU L 430 36.24 75.99 -36.10
N ALA L 431 35.36 75.91 -35.10
CA ALA L 431 35.18 77.02 -34.17
C ALA L 431 36.46 77.27 -33.37
N MET L 432 37.13 76.20 -32.94
CA MET L 432 38.40 76.37 -32.23
C MET L 432 39.45 77.02 -33.12
N ARG L 433 39.54 76.57 -34.37
CA ARG L 433 40.54 77.13 -35.29
C ARG L 433 40.25 78.60 -35.59
N GLN L 434 38.98 78.96 -35.78
CA GLN L 434 38.64 80.34 -36.09
C GLN L 434 38.99 81.28 -34.94
N HIS L 435 38.69 80.87 -33.70
CA HIS L 435 38.94 81.68 -32.52
C HIS L 435 39.92 80.94 -31.61
N PHE L 436 41.21 81.14 -31.87
CA PHE L 436 42.26 80.57 -31.04
C PHE L 436 43.32 81.57 -30.61
N ASN L 437 43.53 82.64 -31.38
CA ASN L 437 44.48 83.70 -31.05
C ASN L 437 43.82 85.06 -31.18
N ASP L 438 42.61 85.17 -30.64
CA ASP L 438 41.86 86.41 -30.72
C ASP L 438 42.49 87.48 -29.83
N ASP L 439 42.22 88.74 -30.17
CA ASP L 439 42.79 89.88 -29.45
C ASP L 439 42.08 90.17 -28.15
N ASP L 440 40.94 89.54 -27.87
CA ASP L 440 40.22 89.78 -26.64
C ASP L 440 40.99 89.24 -25.44
N GLU L 441 40.69 89.77 -24.26
CA GLU L 441 41.39 89.38 -23.05
C GLU L 441 41.11 87.92 -22.68
N MET L 442 39.93 87.41 -23.05
CA MET L 442 39.57 86.04 -22.67
C MET L 442 40.51 85.03 -23.29
N THR L 443 40.69 85.09 -24.60
CA THR L 443 41.54 84.12 -25.29
C THR L 443 43.01 84.26 -24.87
N GLN L 444 43.48 85.50 -24.70
CA GLN L 444 44.85 85.70 -24.27
C GLN L 444 45.07 85.16 -22.87
N MET L 445 44.12 85.37 -21.97
CA MET L 445 44.24 84.84 -20.62
C MET L 445 44.20 83.32 -20.61
N LEU L 446 43.32 82.71 -21.42
CA LEU L 446 43.16 81.27 -21.42
C LEU L 446 44.22 80.55 -22.23
N LEU L 447 44.99 81.25 -23.06
CA LEU L 447 46.04 80.61 -23.85
C LEU L 447 47.34 80.49 -23.06
N TRP L 448 47.78 81.59 -22.44
CA TRP L 448 48.99 81.57 -21.61
C TRP L 448 48.63 81.34 -20.15
N TRP L 449 48.00 80.20 -19.89
CA TRP L 449 47.53 79.84 -18.57
C TRP L 449 48.52 78.88 -17.91
N THR L 450 48.86 79.17 -16.66
CA THR L 450 49.74 78.35 -15.84
C THR L 450 49.00 77.92 -14.58
N PRO L 451 49.42 76.82 -13.94
CA PRO L 451 48.73 76.38 -12.73
C PRO L 451 48.79 77.37 -11.59
N ASN L 452 49.74 78.31 -11.60
CA ASN L 452 49.88 79.31 -10.55
C ASN L 452 49.45 80.70 -11.04
N GLY L 453 48.39 80.75 -11.85
CA GLY L 453 47.90 82.00 -12.37
C GLY L 453 48.22 82.18 -13.85
N PRO L 454 47.65 83.21 -14.46
CA PRO L 454 47.93 83.48 -15.87
C PRO L 454 49.40 83.76 -16.11
N GLY L 455 49.91 83.28 -17.24
CA GLY L 455 51.30 83.49 -17.59
C GLY L 455 51.47 84.38 -18.82
N GLY L 456 52.55 84.18 -19.56
CA GLY L 456 52.77 84.96 -20.76
C GLY L 456 53.07 86.43 -20.46
N GLU L 457 52.60 87.29 -21.35
CA GLU L 457 52.85 88.73 -21.19
C GLU L 457 52.15 89.28 -19.95
N PHE L 458 51.02 88.69 -19.55
CA PHE L 458 50.32 89.15 -18.36
C PHE L 458 51.19 88.95 -17.11
N ALA L 459 51.85 87.79 -17.00
CA ALA L 459 52.77 87.57 -15.89
C ALA L 459 54.11 88.26 -16.11
N ALA L 460 54.45 88.63 -17.34
CA ALA L 460 55.68 89.37 -17.59
C ALA L 460 55.55 90.83 -17.19
N GLU L 461 54.35 91.41 -17.30
CA GLU L 461 54.16 92.81 -16.97
C GLU L 461 54.47 93.08 -15.50
N ILE L 462 53.96 92.23 -14.61
CA ILE L 462 54.22 92.42 -13.18
C ILE L 462 55.71 92.23 -12.88
N GLU L 463 56.35 91.28 -13.54
CA GLU L 463 57.77 91.04 -13.32
C GLU L 463 58.61 92.24 -13.76
N VAL L 464 58.30 92.79 -14.94
CA VAL L 464 59.07 93.95 -15.41
C VAL L 464 58.77 95.17 -14.57
N ASP L 465 57.54 95.31 -14.07
CA ASP L 465 57.24 96.43 -13.17
C ASP L 465 58.04 96.31 -11.88
N SER L 466 58.12 95.10 -11.30
CA SER L 466 58.90 94.90 -10.09
C SER L 466 60.37 95.18 -10.34
N GLN L 467 60.91 94.68 -11.46
CA GLN L 467 62.30 94.92 -11.78
C GLN L 467 62.58 96.41 -11.98
N THR L 468 61.67 97.12 -12.66
CA THR L 468 61.83 98.55 -12.86
C THR L 468 61.80 99.29 -11.54
N GLN L 469 60.90 98.91 -10.63
CA GLN L 469 60.85 99.56 -9.32
C GLN L 469 62.13 99.33 -8.54
N ILE L 470 62.64 98.10 -8.55
CA ILE L 470 63.89 97.80 -7.84
C ILE L 470 65.05 98.58 -8.44
N ILE L 471 65.12 98.63 -9.77
CA ILE L 471 66.19 99.36 -10.43
C ILE L 471 66.09 100.86 -10.14
N GLU L 472 64.87 101.40 -10.10
CA GLU L 472 64.70 102.80 -9.79
C GLU L 472 65.12 103.11 -8.36
N ALA L 473 64.79 102.22 -7.41
CA ALA L 473 65.21 102.44 -6.03
C ALA L 473 66.73 102.39 -5.91
N GLN L 474 67.37 101.42 -6.58
CA GLN L 474 68.82 101.34 -6.57
C GLN L 474 69.44 102.58 -7.20
N GLY L 475 68.86 103.04 -8.31
CA GLY L 475 69.38 104.24 -8.95
C GLY L 475 69.25 105.47 -8.07
N ASP L 476 68.15 105.59 -7.35
CA ASP L 476 67.95 106.74 -6.46
C ASP L 476 68.94 106.73 -5.31
N VAL L 477 69.11 105.57 -4.66
CA VAL L 477 70.05 105.49 -3.54
C VAL L 477 71.47 105.74 -4.03
N GLN L 478 71.83 105.19 -5.20
CA GLN L 478 73.13 105.49 -5.77
C GLN L 478 73.27 106.98 -6.03
N LYS L 479 72.29 107.58 -6.71
CA LYS L 479 72.37 108.98 -7.10
C LYS L 479 72.61 109.87 -5.90
N ASP L 480 71.90 109.63 -4.80
CA ASP L 480 72.19 110.43 -3.61
C ASP L 480 73.58 110.11 -3.06
N LEU L 481 74.04 108.86 -3.19
CA LEU L 481 75.38 108.53 -2.71
C LEU L 481 76.47 109.30 -3.46
N GLN L 482 76.44 109.26 -4.79
CA GLN L 482 77.43 110.04 -5.55
C GLN L 482 77.18 111.54 -5.44
N ASP L 483 75.96 112.00 -5.19
CA ASP L 483 75.76 113.43 -4.95
C ASP L 483 76.47 113.87 -3.68
N ALA L 484 76.33 113.08 -2.60
CA ALA L 484 77.06 113.37 -1.37
C ALA L 484 78.56 113.29 -1.59
N GLN L 485 79.02 112.29 -2.36
CA GLN L 485 80.45 112.16 -2.63
C GLN L 485 80.99 113.36 -3.39
N ALA L 486 80.24 113.83 -4.40
CA ALA L 486 80.67 115.00 -5.16
C ALA L 486 80.68 116.26 -4.29
N LYS L 487 79.69 116.41 -3.42
CA LYS L 487 79.70 117.56 -2.51
C LYS L 487 80.89 117.51 -1.58
N ALA L 488 81.21 116.32 -1.04
CA ALA L 488 82.37 116.18 -0.17
C ALA L 488 83.66 116.48 -0.92
N GLN L 489 83.76 116.00 -2.16
CA GLN L 489 84.96 116.27 -2.96
C GLN L 489 85.11 117.75 -3.26
N ALA L 490 84.00 118.44 -3.57
CA ALA L 490 84.06 119.86 -3.81
C ALA L 490 84.48 120.62 -2.55
N ASP L 491 83.94 120.23 -1.39
CA ASP L 491 84.35 120.87 -0.15
C ASP L 491 85.83 120.62 0.15
N LEU L 492 86.31 119.41 -0.10
CA LEU L 492 87.73 119.11 0.11
C LEU L 492 88.61 119.93 -0.82
N ALA L 493 88.18 120.07 -2.09
CA ALA L 493 88.94 120.89 -3.04
C ALA L 493 88.98 122.35 -2.61
N LYS L 494 87.85 122.87 -2.13
CA LYS L 494 87.81 124.26 -1.65
C LYS L 494 88.72 124.43 -0.44
N GLN L 495 88.70 123.48 0.49
CA GLN L 495 89.58 123.56 1.65
C GLN L 495 91.06 123.50 1.25
N ASN L 496 91.38 122.63 0.29
CA ASN L 496 92.77 122.53 -0.18
C ASN L 496 93.20 123.83 -0.86
N ALA L 497 92.32 124.43 -1.67
CA ALA L 497 92.66 125.70 -2.30
C ALA L 497 92.86 126.80 -1.27
N ALA L 498 92.01 126.84 -0.24
CA ALA L 498 92.17 127.83 0.82
C ALA L 498 93.48 127.63 1.56
N ALA L 499 93.84 126.38 1.87
CA ALA L 499 95.12 126.12 2.53
C ALA L 499 96.29 126.53 1.65
N GLN L 500 96.20 126.23 0.34
CA GLN L 500 97.28 126.58 -0.57
C GLN L 500 97.46 128.09 -0.67
N GLN L 501 96.37 128.84 -0.79
CA GLN L 501 96.49 130.29 -0.87
C GLN L 501 96.96 130.89 0.45
N ARG L 502 96.53 130.31 1.58
CA ARG L 502 97.01 130.78 2.88
C ARG L 502 98.51 130.55 3.03
N GLN L 503 99.01 129.39 2.64
CA GLN L 503 100.43 129.10 2.76
C GLN L 503 101.27 129.81 1.71
N ALA L 504 100.67 130.21 0.58
CA ALA L 504 101.42 130.94 -0.43
C ALA L 504 101.43 132.45 -0.20
N VAL L 505 100.38 132.99 0.41
CA VAL L 505 100.33 134.44 0.65
C VAL L 505 101.36 134.87 1.70
N ALA L 506 101.80 133.96 2.55
CA ALA L 506 102.78 134.30 3.58
C ALA L 506 104.16 134.48 2.96
N VAL L 507 104.78 135.61 3.22
CA VAL L 507 106.11 135.90 2.68
C VAL L 507 106.80 136.97 3.52
N ASN M 2 -51.09 -10.22 10.96
CA ASN M 2 -50.64 -10.81 12.21
C ASN M 2 -51.38 -12.12 12.50
N ASP M 3 -52.01 -12.19 13.65
CA ASP M 3 -52.75 -13.38 14.06
C ASP M 3 -54.25 -13.19 13.81
N GLU M 4 -54.98 -14.29 13.88
CA GLU M 4 -56.42 -14.30 13.67
C GLU M 4 -57.10 -15.04 14.81
N THR M 5 -58.24 -14.52 15.25
CA THR M 5 -58.93 -15.10 16.39
C THR M 5 -59.51 -16.47 16.03
N LEU M 6 -59.50 -17.38 17.01
CA LEU M 6 -59.97 -18.75 16.82
C LEU M 6 -61.00 -19.07 17.90
N THR M 7 -62.12 -19.65 17.48
CA THR M 7 -63.14 -20.08 18.41
C THR M 7 -62.78 -21.45 18.98
N VAL M 8 -62.75 -21.56 20.30
CA VAL M 8 -62.37 -22.78 21.00
C VAL M 8 -63.60 -23.37 21.67
N TYR M 9 -63.77 -24.68 21.53
CA TYR M 9 -64.87 -25.42 22.14
C TYR M 9 -64.28 -26.44 23.11
N ARG M 10 -64.75 -26.41 24.35
CA ARG M 10 -64.23 -27.28 25.40
C ARG M 10 -65.35 -28.17 25.94
N GLY M 11 -65.03 -29.46 26.12
CA GLY M 11 -65.98 -30.40 26.65
C GLY M 11 -65.37 -31.74 26.99
N ALA M 12 -65.82 -32.34 28.08
CA ALA M 12 -65.31 -33.63 28.54
C ALA M 12 -66.43 -34.67 28.45
N THR M 13 -66.15 -35.77 27.75
CA THR M 13 -67.13 -36.84 27.60
C THR M 13 -67.20 -37.66 28.88
N ASP M 14 -68.42 -37.92 29.35
CA ASP M 14 -68.64 -38.69 30.56
C ASP M 14 -68.78 -40.17 30.21
N ASN M 15 -69.19 -40.98 31.20
CA ASN M 15 -69.39 -42.41 30.94
C ASN M 15 -70.54 -42.65 29.97
N LYS M 16 -71.52 -41.74 29.93
CA LYS M 16 -72.64 -41.89 29.01
C LYS M 16 -72.25 -41.68 27.56
N GLY M 17 -71.06 -41.15 27.29
CA GLY M 17 -70.63 -40.95 25.92
C GLY M 17 -71.29 -39.80 25.19
N ASN M 18 -71.86 -38.85 25.91
CA ASN M 18 -72.51 -37.72 25.29
C ASN M 18 -71.63 -36.48 25.43
N PRO M 19 -70.98 -36.02 24.38
CA PRO M 19 -70.13 -34.82 24.50
C PRO M 19 -70.96 -33.59 24.84
N ASN M 20 -70.35 -32.70 25.63
CA ASN M 20 -70.95 -31.42 26.03
C ASN M 20 -69.91 -30.32 25.78
N LYS M 21 -69.89 -29.81 24.56
CA LYS M 21 -68.93 -28.79 24.15
C LYS M 21 -69.59 -27.42 24.14
N GLN M 22 -68.99 -26.48 24.85
CA GLN M 22 -69.49 -25.11 24.94
C GLN M 22 -68.35 -24.14 24.60
N VAL M 23 -68.72 -22.87 24.44
CA VAL M 23 -67.74 -21.85 24.09
C VAL M 23 -66.87 -21.53 25.30
N HIS M 24 -65.55 -21.63 25.13
CA HIS M 24 -64.60 -21.31 26.18
C HIS M 24 -63.91 -19.97 25.96
N GLY M 25 -64.25 -19.25 24.89
CA GLY M 25 -63.64 -17.97 24.61
C GLY M 25 -63.00 -17.89 23.24
N THR M 26 -62.08 -16.96 23.07
CA THR M 26 -61.37 -16.77 21.80
C THR M 26 -59.87 -16.85 22.05
N VAL M 27 -59.16 -17.53 21.14
CA VAL M 27 -57.72 -17.72 21.24
C VAL M 27 -57.06 -17.25 19.96
N LYS M 28 -55.89 -16.65 20.07
CA LYS M 28 -55.16 -16.10 18.94
C LYS M 28 -54.07 -17.10 18.53
N GLY M 29 -54.06 -17.48 17.26
CA GLY M 29 -53.08 -18.41 16.76
C GLY M 29 -53.01 -18.39 15.25
N VAL M 30 -52.00 -19.08 14.73
CA VAL M 30 -51.78 -19.18 13.29
C VAL M 30 -51.61 -20.64 12.91
N PHE M 31 -51.92 -20.95 11.66
CA PHE M 31 -51.89 -22.32 11.16
C PHE M 31 -50.68 -22.54 10.27
N ALA M 32 -50.22 -23.79 10.24
CA ALA M 32 -49.06 -24.19 9.41
C ALA M 32 -49.39 -25.54 8.78
N TRP M 33 -49.72 -25.52 7.50
CA TRP M 33 -50.09 -26.73 6.77
C TRP M 33 -48.86 -27.37 6.12
N GLY M 34 -47.91 -27.76 6.98
CA GLY M 34 -46.70 -28.41 6.53
C GLY M 34 -45.56 -28.25 7.51
N PRO M 35 -44.78 -29.32 7.71
CA PRO M 35 -43.65 -29.23 8.64
C PRO M 35 -42.50 -28.42 8.08
N GLY M 36 -42.23 -28.52 6.78
CA GLY M 36 -41.13 -27.80 6.18
C GLY M 36 -41.53 -26.98 4.97
N THR M 37 -40.87 -27.22 3.84
CA THR M 37 -41.16 -26.49 2.61
C THR M 37 -42.27 -27.12 1.78
N SER M 38 -42.85 -28.22 2.24
CA SER M 38 -43.92 -28.90 1.54
C SER M 38 -45.21 -28.82 2.36
N THR M 39 -46.25 -29.48 1.86
CA THR M 39 -47.55 -29.52 2.51
C THR M 39 -47.98 -30.96 2.73
N ASN M 40 -48.73 -31.18 3.81
CA ASN M 40 -49.19 -32.52 4.15
C ASN M 40 -50.24 -32.99 3.14
N LYS M 41 -50.14 -34.26 2.76
CA LYS M 41 -51.11 -34.84 1.83
C LYS M 41 -52.46 -35.02 2.50
N PHE M 42 -53.52 -34.98 1.68
CA PHE M 42 -54.88 -35.09 2.18
C PHE M 42 -55.29 -36.56 2.22
N GLY M 43 -55.73 -37.02 3.39
CA GLY M 43 -56.13 -38.40 3.53
C GLY M 43 -57.43 -38.71 2.82
N ARG M 44 -57.59 -40.00 2.48
CA ARG M 44 -58.78 -40.48 1.80
C ARG M 44 -59.53 -41.44 2.73
N ASP M 45 -60.83 -41.21 2.88
CA ASP M 45 -61.63 -42.06 3.76
C ASP M 45 -61.69 -43.50 3.25
N ARG M 46 -61.88 -43.66 1.94
CA ARG M 46 -61.87 -44.97 1.28
C ARG M 46 -63.00 -45.86 1.78
N ASN M 47 -62.89 -46.33 3.03
CA ASN M 47 -63.90 -47.22 3.58
C ASN M 47 -65.22 -46.50 3.84
N PHE M 48 -65.15 -45.24 4.25
CA PHE M 48 -66.37 -44.48 4.54
C PHE M 48 -67.20 -44.28 3.28
N LYS M 49 -68.51 -44.46 3.41
CA LYS M 49 -69.42 -44.34 2.28
C LYS M 49 -69.57 -42.86 1.92
N GLY M 50 -68.97 -42.45 0.81
CA GLY M 50 -69.01 -41.07 0.37
C GLY M 50 -67.65 -40.51 0.06
N GLU M 51 -67.47 -39.20 0.23
CA GLU M 51 -66.20 -38.55 0.00
C GLU M 51 -65.90 -37.58 1.14
N SER M 52 -64.64 -37.57 1.57
CA SER M 52 -64.19 -36.71 2.65
C SER M 52 -62.69 -36.52 2.52
N SER M 53 -62.07 -35.94 3.54
CA SER M 53 -60.63 -35.70 3.53
C SER M 53 -60.11 -35.73 4.96
N SER M 54 -58.81 -36.00 5.08
CA SER M 54 -58.12 -36.01 6.37
C SER M 54 -56.88 -35.15 6.27
N LEU M 55 -56.62 -34.38 7.32
CA LEU M 55 -55.49 -33.46 7.33
C LEU M 55 -54.92 -33.38 8.73
N THR M 56 -53.60 -33.24 8.84
CA THR M 56 -52.91 -33.07 10.11
C THR M 56 -52.00 -31.85 9.99
N ALA M 57 -52.37 -30.77 10.65
CA ALA M 57 -51.63 -29.51 10.60
C ALA M 57 -51.02 -29.20 11.97
N GLU M 58 -50.28 -28.10 12.02
CA GLU M 58 -49.65 -27.62 13.24
C GLU M 58 -50.18 -26.23 13.57
N LEU M 59 -50.53 -26.02 14.83
CA LEU M 59 -51.07 -24.76 15.30
C LEU M 59 -50.08 -24.09 16.24
N TYR M 60 -49.76 -22.83 15.97
CA TYR M 60 -48.84 -22.05 16.80
C TYR M 60 -49.67 -21.06 17.61
N VAL M 61 -49.50 -21.10 18.93
CA VAL M 61 -50.27 -20.26 19.85
C VAL M 61 -49.34 -19.69 20.90
N LYS M 62 -49.74 -18.57 21.48
CA LYS M 62 -48.98 -17.94 22.54
C LYS M 62 -48.95 -18.81 23.78
N ARG M 63 -47.88 -18.68 24.56
CA ARG M 63 -47.73 -19.44 25.79
C ARG M 63 -48.77 -19.01 26.82
N GLY M 64 -49.24 -19.97 27.60
CA GLY M 64 -50.23 -19.69 28.62
C GLY M 64 -51.59 -19.29 28.06
N ALA M 65 -51.98 -19.86 26.94
CA ALA M 65 -53.27 -19.57 26.34
C ALA M 65 -54.35 -20.48 26.93
N ASP M 66 -55.60 -20.07 26.74
CA ASP M 66 -56.73 -20.86 27.23
C ASP M 66 -56.91 -22.16 26.47
N LEU M 67 -56.27 -22.31 25.31
CA LEU M 67 -56.40 -23.52 24.52
C LEU M 67 -55.74 -24.70 25.23
N LYS M 68 -56.42 -25.84 25.20
CA LYS M 68 -55.93 -27.07 25.82
C LYS M 68 -56.29 -28.24 24.90
N ALA M 69 -55.59 -29.35 25.10
CA ALA M 69 -55.83 -30.54 24.29
C ALA M 69 -57.27 -31.03 24.45
N ARG M 70 -57.68 -31.90 23.51
CA ARG M 70 -59.03 -32.47 23.49
C ARG M 70 -60.10 -31.38 23.40
N ASP M 71 -59.89 -30.45 22.48
CA ASP M 71 -60.81 -29.35 22.24
C ASP M 71 -61.10 -29.24 20.76
N ARG M 72 -62.05 -28.37 20.42
CA ARG M 72 -62.45 -28.13 19.03
C ARG M 72 -62.12 -26.69 18.66
N ILE M 73 -61.68 -26.50 17.42
CA ILE M 73 -61.26 -25.19 16.93
C ILE M 73 -62.02 -24.89 15.65
N ARG M 74 -62.62 -23.70 15.59
CA ARG M 74 -63.31 -23.22 14.40
C ARG M 74 -62.58 -21.99 13.85
N ARG M 75 -62.31 -21.98 12.55
CA ARG M 75 -61.64 -20.86 11.92
C ARG M 75 -62.65 -19.77 11.56
N ALA M 76 -62.17 -18.72 10.89
CA ALA M 76 -63.01 -17.59 10.53
C ALA M 76 -63.83 -17.84 9.26
N ASN M 77 -63.53 -18.90 8.50
CA ASN M 77 -64.26 -19.18 7.27
C ASN M 77 -65.44 -20.13 7.49
N GLY M 78 -65.36 -21.01 8.48
CA GLY M 78 -66.45 -21.91 8.77
C GLY M 78 -66.02 -23.32 9.07
N GLU M 79 -64.82 -23.69 8.65
CA GLU M 79 -64.30 -25.03 8.89
C GLU M 79 -63.99 -25.22 10.37
N GLU M 80 -64.27 -26.42 10.88
CA GLU M 80 -64.08 -26.77 12.28
C GLU M 80 -63.01 -27.85 12.40
N TYR M 81 -62.01 -27.59 13.24
CA TYR M 81 -60.93 -28.54 13.46
C TYR M 81 -60.95 -29.05 14.89
N SER M 82 -60.25 -30.16 15.11
CA SER M 82 -60.14 -30.79 16.43
C SER M 82 -58.67 -30.94 16.77
N VAL M 83 -58.30 -30.52 17.98
CA VAL M 83 -56.93 -30.59 18.46
C VAL M 83 -56.84 -31.67 19.52
N VAL M 84 -55.83 -32.53 19.41
CA VAL M 84 -55.61 -33.63 20.35
C VAL M 84 -54.14 -33.64 20.74
N GLY M 85 -53.86 -34.21 21.90
CA GLY M 85 -52.49 -34.33 22.38
C GLY M 85 -51.98 -33.07 23.06
N HIS M 86 -51.16 -33.24 24.09
CA HIS M 86 -50.62 -32.11 24.82
C HIS M 86 -49.65 -31.32 23.93
N ALA M 87 -49.48 -30.04 24.29
CA ALA M 87 -48.61 -29.16 23.52
C ALA M 87 -47.16 -29.63 23.61
N ALA M 88 -46.43 -29.46 22.51
CA ALA M 88 -45.03 -29.85 22.43
C ALA M 88 -44.14 -28.61 22.52
N TRP M 89 -42.88 -28.85 22.89
CA TRP M 89 -41.88 -27.80 23.07
C TRP M 89 -42.35 -26.77 24.10
N ASP M 90 -43.04 -27.24 25.13
CA ASP M 90 -43.54 -26.38 26.20
C ASP M 90 -42.58 -26.40 27.39
N GLN M 91 -41.37 -25.91 27.15
CA GLN M 91 -40.35 -25.83 28.18
C GLN M 91 -39.34 -24.76 27.81
N GLY M 92 -38.56 -24.35 28.81
CA GLY M 92 -37.53 -23.36 28.61
C GLY M 92 -36.24 -23.97 28.08
N HIS M 93 -35.22 -23.12 28.00
CA HIS M 93 -33.92 -23.56 27.53
C HIS M 93 -33.25 -24.45 28.57
N PRO M 94 -32.87 -25.69 28.24
CA PRO M 94 -32.20 -26.54 29.23
C PRO M 94 -30.89 -25.97 29.74
N PHE M 95 -30.16 -25.22 28.91
CA PHE M 95 -28.86 -24.71 29.31
C PHE M 95 -28.98 -23.43 30.13
N ASP M 96 -29.73 -22.45 29.63
CA ASP M 96 -29.88 -21.16 30.29
C ASP M 96 -31.24 -21.00 30.97
N GLY M 97 -32.33 -21.19 30.23
CA GLY M 97 -33.66 -21.04 30.81
C GLY M 97 -34.51 -20.03 30.07
N PHE M 98 -34.08 -19.63 28.89
CA PHE M 98 -34.83 -18.66 28.11
C PHE M 98 -36.13 -19.27 27.58
N ASP M 99 -37.16 -18.45 27.50
CA ASP M 99 -38.50 -18.88 27.11
C ASP M 99 -38.87 -18.27 25.76
N PHE M 100 -39.15 -19.12 24.78
CA PHE M 100 -39.68 -18.64 23.51
C PHE M 100 -41.12 -18.16 23.63
N GLY M 101 -41.91 -18.78 24.49
CA GLY M 101 -43.31 -18.44 24.60
C GLY M 101 -44.19 -18.99 23.51
N TYR M 102 -43.70 -19.93 22.70
CA TYR M 102 -44.48 -20.51 21.61
C TYR M 102 -44.58 -22.01 21.82
N MET M 103 -45.72 -22.57 21.45
CA MET M 103 -45.94 -24.01 21.51
C MET M 103 -46.67 -24.44 20.23
N VAL M 104 -46.50 -25.72 19.89
CA VAL M 104 -47.07 -26.30 18.68
C VAL M 104 -48.17 -27.28 19.09
N PHE M 105 -49.30 -27.19 18.41
CA PHE M 105 -50.43 -28.10 18.61
C PHE M 105 -50.70 -28.83 17.30
N GLN M 106 -50.65 -30.16 17.35
CA GLN M 106 -50.95 -30.96 16.17
C GLN M 106 -52.46 -31.09 16.06
N VAL M 107 -53.07 -30.14 15.36
CA VAL M 107 -54.51 -30.09 15.19
C VAL M 107 -54.89 -30.88 13.95
N GLU M 108 -55.95 -31.68 14.06
CA GLU M 108 -56.44 -32.50 12.95
C GLU M 108 -57.55 -31.74 12.22
N ALA M 109 -57.35 -31.48 10.94
CA ALA M 109 -58.34 -30.79 10.13
C ALA M 109 -59.22 -31.82 9.44
N VAL M 110 -60.53 -31.72 9.68
CA VAL M 110 -61.48 -32.68 9.12
C VAL M 110 -62.43 -32.04 8.10
N ASN M 111 -62.74 -30.76 8.23
CA ASN M 111 -63.60 -30.08 7.27
C ASN M 111 -62.82 -29.59 6.07
N ASN N 2 -33.91 -24.00 33.22
CA ASN N 2 -33.00 -25.15 33.25
C ASN N 2 -33.77 -26.45 33.16
N ASP N 3 -33.56 -27.33 34.12
CA ASP N 3 -34.23 -28.63 34.17
C ASP N 3 -35.41 -28.59 35.13
N GLU N 4 -36.27 -29.59 35.01
CA GLU N 4 -37.45 -29.73 35.85
C GLU N 4 -37.49 -31.13 36.45
N THR N 5 -37.89 -31.21 37.71
CA THR N 5 -37.90 -32.48 38.42
C THR N 5 -38.96 -33.42 37.85
N LEU N 6 -38.64 -34.71 37.81
CA LEU N 6 -39.53 -35.72 37.26
C LEU N 6 -39.74 -36.82 38.29
N THR N 7 -41.00 -37.21 38.49
CA THR N 7 -41.31 -38.31 39.39
C THR N 7 -41.14 -39.63 38.67
N VAL N 8 -40.38 -40.55 39.28
CA VAL N 8 -40.07 -41.83 38.68
C VAL N 8 -40.74 -42.93 39.50
N TYR N 9 -41.36 -43.89 38.80
CA TYR N 9 -42.01 -45.03 39.42
C TYR N 9 -41.33 -46.30 38.94
N ARG N 10 -40.90 -47.13 39.89
CA ARG N 10 -40.18 -48.35 39.59
C ARG N 10 -40.95 -49.57 40.09
N GLY N 11 -41.03 -50.59 39.24
CA GLY N 11 -41.71 -51.82 39.60
C GLY N 11 -41.45 -52.95 38.62
N ALA N 12 -41.33 -54.16 39.13
CA ALA N 12 -41.07 -55.35 38.32
C ALA N 12 -42.27 -56.28 38.41
N THR N 13 -42.82 -56.64 37.25
CA THR N 13 -43.96 -57.55 37.20
C THR N 13 -43.50 -58.98 37.44
N ASP N 14 -44.19 -59.68 38.34
CA ASP N 14 -43.86 -61.07 38.65
C ASP N 14 -44.65 -62.00 37.74
N ASN N 15 -44.61 -63.30 38.05
CA ASN N 15 -45.37 -64.27 37.25
C ASN N 15 -46.87 -64.06 37.38
N LYS N 16 -47.33 -63.53 38.51
CA LYS N 16 -48.74 -63.27 38.70
C LYS N 16 -49.27 -62.14 37.83
N GLY N 17 -48.39 -61.35 37.21
CA GLY N 17 -48.84 -60.28 36.35
C GLY N 17 -49.41 -59.07 37.06
N ASN N 18 -49.08 -58.88 38.33
CA ASN N 18 -49.58 -57.74 39.09
C ASN N 18 -48.45 -56.74 39.28
N PRO N 19 -48.46 -55.61 38.58
CA PRO N 19 -47.39 -54.61 38.76
C PRO N 19 -47.41 -54.02 40.16
N ASN N 20 -46.21 -53.72 40.67
CA ASN N 20 -46.02 -53.09 41.98
C ASN N 20 -45.07 -51.91 41.80
N LYS N 21 -45.62 -50.76 41.45
CA LYS N 21 -44.83 -49.56 41.19
C LYS N 21 -44.90 -48.62 42.38
N GLN N 22 -43.73 -48.25 42.89
CA GLN N 22 -43.61 -47.35 44.02
C GLN N 22 -42.69 -46.19 43.66
N VAL N 23 -42.65 -45.19 44.54
CA VAL N 23 -41.82 -44.01 44.30
C VAL N 23 -40.36 -44.37 44.50
N HIS N 24 -39.53 -44.08 43.50
CA HIS N 24 -38.10 -44.31 43.57
C HIS N 24 -37.30 -43.03 43.77
N GLY N 25 -37.96 -41.88 43.85
CA GLY N 25 -37.28 -40.62 44.03
C GLY N 25 -37.62 -39.60 42.97
N THR N 26 -36.75 -38.61 42.79
CA THR N 26 -36.94 -37.56 41.80
C THR N 26 -35.72 -37.50 40.89
N VAL N 27 -35.95 -37.32 39.60
CA VAL N 27 -34.90 -37.27 38.60
C VAL N 27 -35.06 -35.99 37.78
N LYS N 28 -33.92 -35.40 37.39
CA LYS N 28 -33.91 -34.15 36.64
C LYS N 28 -33.66 -34.46 35.17
N GLY N 29 -34.56 -33.96 34.31
CA GLY N 29 -34.42 -34.19 32.88
C GLY N 29 -35.28 -33.23 32.09
N VAL N 30 -35.07 -33.25 30.78
CA VAL N 30 -35.80 -32.40 29.85
C VAL N 30 -36.38 -33.27 28.73
N PHE N 31 -37.45 -32.78 28.12
CA PHE N 31 -38.16 -33.51 27.09
C PHE N 31 -37.88 -32.92 25.71
N ALA N 32 -37.93 -33.77 24.69
CA ALA N 32 -37.71 -33.36 23.31
C ALA N 32 -38.75 -34.06 22.44
N TRP N 33 -39.77 -33.31 22.03
CA TRP N 33 -40.87 -33.85 21.23
C TRP N 33 -40.56 -33.72 19.74
N GLY N 34 -39.49 -34.39 19.33
CA GLY N 34 -39.08 -34.39 17.94
C GLY N 34 -37.60 -34.67 17.77
N PRO N 35 -37.24 -35.46 16.75
CA PRO N 35 -35.82 -35.76 16.54
C PRO N 35 -35.05 -34.57 15.96
N GLY N 36 -35.69 -33.80 15.08
CA GLY N 36 -35.01 -32.67 14.46
C GLY N 36 -35.78 -31.38 14.59
N THR N 37 -36.06 -30.72 13.45
CA THR N 37 -36.77 -29.46 13.43
C THR N 37 -38.29 -29.63 13.39
N SER N 38 -38.78 -30.86 13.39
CA SER N 38 -40.21 -31.15 13.35
C SER N 38 -40.63 -31.84 14.64
N THR N 39 -41.90 -32.22 14.70
CA THR N 39 -42.46 -32.89 15.87
C THR N 39 -43.10 -34.21 15.44
N ASN N 40 -43.05 -35.19 16.34
CA ASN N 40 -43.61 -36.50 16.05
C ASN N 40 -45.14 -36.43 15.97
N LYS N 41 -45.70 -37.14 15.00
CA LYS N 41 -47.14 -37.18 14.84
C LYS N 41 -47.79 -37.98 15.97
N PHE N 42 -49.04 -37.63 16.27
CA PHE N 42 -49.78 -38.27 17.35
C PHE N 42 -50.52 -39.48 16.80
N GLY N 43 -50.29 -40.63 17.43
CA GLY N 43 -50.94 -41.86 16.99
C GLY N 43 -52.42 -41.87 17.31
N ARG N 44 -53.14 -42.69 16.54
CA ARG N 44 -54.58 -42.86 16.71
C ARG N 44 -54.86 -44.30 17.13
N ASP N 45 -55.67 -44.45 18.19
CA ASP N 45 -55.99 -45.79 18.68
C ASP N 45 -56.80 -46.58 17.65
N ARG N 46 -57.77 -45.92 17.02
CA ARG N 46 -58.57 -46.53 15.95
C ARG N 46 -59.38 -47.72 16.44
N ASN N 47 -58.69 -48.83 16.73
CA ASN N 47 -59.39 -50.04 17.17
C ASN N 47 -59.96 -49.88 18.57
N PHE N 48 -59.28 -49.16 19.45
CA PHE N 48 -59.75 -48.97 20.81
C PHE N 48 -61.05 -48.20 20.83
N LYS N 49 -61.98 -48.65 21.66
CA LYS N 49 -63.30 -48.01 21.77
C LYS N 49 -63.16 -46.69 22.52
N GLY N 50 -63.26 -45.59 21.80
CA GLY N 50 -63.12 -44.27 22.39
C GLY N 50 -62.12 -43.40 21.65
N GLU N 51 -61.48 -42.48 22.36
CA GLU N 51 -60.49 -41.59 21.78
C GLU N 51 -59.27 -41.52 22.69
N SER N 52 -58.09 -41.54 22.08
CA SER N 52 -56.83 -41.48 22.82
C SER N 52 -55.75 -40.98 21.86
N SER N 53 -54.49 -41.06 22.29
CA SER N 53 -53.38 -40.61 21.47
C SER N 53 -52.14 -41.42 21.84
N SER N 54 -51.20 -41.46 20.89
CA SER N 54 -49.93 -42.15 21.07
C SER N 54 -48.80 -41.20 20.69
N LEU N 55 -47.73 -41.22 21.48
CA LEU N 55 -46.61 -40.31 21.26
C LEU N 55 -45.32 -41.02 21.66
N THR N 56 -44.25 -40.76 20.92
CA THR N 56 -42.92 -41.28 21.22
C THR N 56 -41.93 -40.12 21.24
N ALA N 57 -41.47 -39.75 22.42
CA ALA N 57 -40.57 -38.63 22.61
C ALA N 57 -39.20 -39.13 23.07
N GLU N 58 -38.28 -38.18 23.22
CA GLU N 58 -36.93 -38.46 23.69
C GLU N 58 -36.68 -37.68 24.99
N LEU N 59 -36.09 -38.36 25.97
CA LEU N 59 -35.81 -37.79 27.27
C LEU N 59 -34.31 -37.69 27.48
N TYR N 60 -33.83 -36.49 27.82
CA TYR N 60 -32.42 -36.23 28.08
C TYR N 60 -32.22 -36.13 29.58
N VAL N 61 -31.34 -36.96 30.13
CA VAL N 61 -31.09 -37.02 31.57
C VAL N 61 -29.59 -37.07 31.81
N LYS N 62 -29.20 -36.64 33.00
CA LYS N 62 -27.79 -36.66 33.40
C LYS N 62 -27.29 -38.10 33.51
N ARG N 63 -25.98 -38.28 33.27
CA ARG N 63 -25.38 -39.60 33.37
C ARG N 63 -25.39 -40.09 34.81
N GLY N 64 -25.56 -41.39 34.97
CA GLY N 64 -25.60 -42.00 36.29
C GLY N 64 -26.80 -41.59 37.12
N ALA N 65 -27.96 -41.39 36.49
CA ALA N 65 -29.17 -41.03 37.20
C ALA N 65 -29.88 -42.29 37.69
N ASP N 66 -30.79 -42.09 38.66
CA ASP N 66 -31.56 -43.19 39.21
C ASP N 66 -32.56 -43.76 38.21
N LEU N 67 -32.83 -43.04 37.12
CA LEU N 67 -33.79 -43.51 36.14
C LEU N 67 -33.24 -44.73 35.40
N LYS N 68 -34.12 -45.70 35.19
CA LYS N 68 -33.77 -46.93 34.48
C LYS N 68 -34.95 -47.34 33.61
N ALA N 69 -34.67 -48.17 32.61
CA ALA N 69 -35.70 -48.63 31.69
C ALA N 69 -36.82 -49.37 32.44
N ARG N 70 -37.95 -49.52 31.75
CA ARG N 70 -39.13 -50.20 32.29
C ARG N 70 -39.63 -49.50 33.56
N ASP N 71 -39.74 -48.17 33.49
CA ASP N 71 -40.22 -47.36 34.59
C ASP N 71 -41.29 -46.40 34.09
N ARG N 72 -41.92 -45.71 35.03
CA ARG N 72 -42.97 -44.74 34.74
C ARG N 72 -42.50 -43.35 35.14
N ILE N 73 -42.87 -42.35 34.34
CA ILE N 73 -42.45 -40.97 34.54
C ILE N 73 -43.68 -40.08 34.57
N ARG N 74 -43.78 -39.24 35.60
CA ARG N 74 -44.86 -38.26 35.72
C ARG N 74 -44.26 -36.85 35.67
N ARG N 75 -44.86 -36.00 34.84
CA ARG N 75 -44.39 -34.63 34.71
C ARG N 75 -45.02 -33.76 35.80
N ALA N 76 -44.73 -32.46 35.74
CA ALA N 76 -45.21 -31.52 36.74
C ALA N 76 -46.64 -31.07 36.50
N ASN N 77 -47.22 -31.36 35.32
CA ASN N 77 -48.57 -30.94 35.02
C ASN N 77 -49.61 -32.01 35.36
N GLY N 78 -49.24 -33.28 35.33
CA GLY N 78 -50.14 -34.35 35.68
C GLY N 78 -50.09 -35.55 34.75
N GLU N 79 -49.59 -35.35 33.53
CA GLU N 79 -49.47 -36.44 32.58
C GLU N 79 -48.42 -37.44 33.02
N GLU N 80 -48.70 -38.72 32.77
CA GLU N 80 -47.81 -39.81 33.17
C GLU N 80 -47.30 -40.51 31.92
N TYR N 81 -45.98 -40.67 31.83
CA TYR N 81 -45.34 -41.32 30.70
C TYR N 81 -44.66 -42.61 31.15
N SER N 82 -44.37 -43.46 30.17
CA SER N 82 -43.68 -44.74 30.41
C SER N 82 -42.44 -44.80 29.54
N VAL N 83 -41.32 -45.16 30.14
CA VAL N 83 -40.04 -45.27 29.45
C VAL N 83 -39.68 -46.74 29.31
N VAL N 84 -39.27 -47.14 28.11
CA VAL N 84 -38.90 -48.52 27.82
C VAL N 84 -37.59 -48.50 27.04
N GLY N 85 -36.85 -49.61 27.12
CA GLY N 85 -35.60 -49.74 26.41
C GLY N 85 -34.42 -49.11 27.11
N HIS N 86 -33.25 -49.73 26.99
CA HIS N 86 -32.06 -49.19 27.64
C HIS N 86 -31.64 -47.88 26.99
N ALA N 87 -30.91 -47.08 27.78
CA ALA N 87 -30.47 -45.77 27.30
C ALA N 87 -29.48 -45.93 26.15
N ALA N 88 -29.56 -45.00 25.20
CA ALA N 88 -28.68 -45.00 24.03
C ALA N 88 -27.58 -43.95 24.20
N TRP N 89 -26.52 -44.11 23.41
CA TRP N 89 -25.35 -43.24 23.45
C TRP N 89 -24.74 -43.18 24.86
N ASP N 90 -24.78 -44.31 25.55
CA ASP N 90 -24.24 -44.40 26.91
C ASP N 90 -22.83 -45.00 26.85
N GLN N 91 -21.93 -44.24 26.23
CA GLN N 91 -20.53 -44.64 26.11
C GLN N 91 -19.69 -43.40 25.87
N GLY N 92 -18.39 -43.56 26.10
CA GLY N 92 -17.44 -42.49 25.89
C GLY N 92 -17.00 -42.39 24.43
N HIS N 93 -16.03 -41.52 24.21
CA HIS N 93 -15.51 -41.32 22.86
C HIS N 93 -14.67 -42.52 22.45
N PRO N 94 -14.98 -43.19 21.33
CA PRO N 94 -14.16 -44.34 20.91
C PRO N 94 -12.71 -43.99 20.64
N PHE N 95 -12.44 -42.77 20.17
CA PHE N 95 -11.07 -42.40 19.82
C PHE N 95 -10.27 -41.95 21.04
N ASP N 96 -10.81 -41.02 21.82
CA ASP N 96 -10.12 -40.47 22.98
C ASP N 96 -10.66 -41.01 24.30
N GLY N 97 -11.96 -40.90 24.53
CA GLY N 97 -12.55 -41.38 25.77
C GLY N 97 -13.29 -40.30 26.54
N PHE N 98 -13.56 -39.18 25.88
CA PHE N 98 -14.29 -38.10 26.51
C PHE N 98 -15.75 -38.50 26.76
N ASP N 99 -16.29 -38.02 27.87
CA ASP N 99 -17.65 -38.35 28.29
C ASP N 99 -18.54 -37.12 28.19
N PHE N 100 -19.62 -37.23 27.41
CA PHE N 100 -20.58 -36.14 27.35
C PHE N 100 -21.44 -36.06 28.60
N GLY N 101 -21.71 -37.20 29.23
CA GLY N 101 -22.55 -37.23 30.42
C GLY N 101 -24.04 -37.16 30.15
N TYR N 102 -24.46 -37.33 28.90
CA TYR N 102 -25.86 -37.25 28.53
C TYR N 102 -26.28 -38.55 27.85
N MET N 103 -27.53 -38.96 28.11
CA MET N 103 -28.10 -40.14 27.46
C MET N 103 -29.53 -39.81 27.05
N VAL N 104 -30.01 -40.55 26.05
CA VAL N 104 -31.34 -40.35 25.49
C VAL N 104 -32.22 -41.54 25.87
N PHE N 105 -33.43 -41.26 26.32
CA PHE N 105 -34.42 -42.28 26.64
C PHE N 105 -35.63 -42.08 25.75
N GLN N 106 -35.99 -43.11 24.99
CA GLN N 106 -37.17 -43.06 24.14
C GLN N 106 -38.39 -43.35 25.01
N VAL N 107 -38.94 -42.31 25.60
CA VAL N 107 -40.08 -42.43 26.49
C VAL N 107 -41.36 -42.33 25.67
N GLU N 108 -42.32 -43.20 25.97
CA GLU N 108 -43.60 -43.22 25.27
C GLU N 108 -44.62 -42.41 26.06
N ALA N 109 -45.17 -41.37 25.43
CA ALA N 109 -46.16 -40.52 26.06
C ALA N 109 -47.55 -41.04 25.71
N VAL N 110 -48.34 -41.36 26.74
CA VAL N 110 -49.66 -41.91 26.55
C VAL N 110 -50.77 -40.96 27.01
N ASN N 111 -50.51 -40.11 28.00
CA ASN N 111 -51.51 -39.17 28.47
C ASN N 111 -51.50 -37.90 27.63
N ASN O 2 -12.14 -45.24 25.44
CA ASN O 2 -11.83 -45.95 24.20
C ASN O 2 -12.88 -47.04 23.94
N ASP O 3 -12.41 -48.27 23.79
CA ASP O 3 -13.28 -49.41 23.52
C ASP O 3 -13.55 -50.19 24.79
N GLU O 4 -14.57 -51.04 24.73
CA GLU O 4 -14.98 -51.88 25.85
C GLU O 4 -15.08 -53.32 25.39
N THR O 5 -14.64 -54.24 26.24
CA THR O 5 -14.62 -55.65 25.88
C THR O 5 -16.05 -56.20 25.78
N LEU O 6 -16.25 -57.12 24.84
CA LEU O 6 -17.55 -57.71 24.58
C LEU O 6 -17.43 -59.22 24.62
N THR O 7 -18.35 -59.87 25.32
CA THR O 7 -18.40 -61.33 25.36
C THR O 7 -19.13 -61.86 24.14
N VAL O 8 -18.48 -62.78 23.42
CA VAL O 8 -19.02 -63.33 22.19
C VAL O 8 -19.37 -64.80 22.44
N TYR O 9 -20.55 -65.21 21.97
CA TYR O 9 -21.02 -66.58 22.07
C TYR O 9 -21.20 -67.13 20.67
N ARG O 10 -20.59 -68.28 20.40
CA ARG O 10 -20.61 -68.89 19.07
C ARG O 10 -21.27 -70.27 19.16
N GLY O 11 -22.15 -70.55 18.21
CA GLY O 11 -22.83 -71.83 18.15
C GLY O 11 -23.58 -72.04 16.85
N ALA O 12 -23.56 -73.27 16.35
CA ALA O 12 -24.24 -73.63 15.11
C ALA O 12 -25.36 -74.61 15.41
N THR O 13 -26.57 -74.28 14.98
CA THR O 13 -27.72 -75.14 15.20
C THR O 13 -27.69 -76.30 14.20
N ASP O 14 -27.89 -77.51 14.71
CA ASP O 14 -27.89 -78.71 13.87
C ASP O 14 -29.31 -79.01 13.40
N ASN O 15 -29.50 -80.18 12.80
CA ASN O 15 -30.84 -80.56 12.35
C ASN O 15 -31.80 -80.75 13.52
N LYS O 16 -31.28 -81.12 14.69
CA LYS O 16 -32.12 -81.31 15.87
C LYS O 16 -32.67 -80.00 16.41
N GLY O 17 -32.15 -78.86 15.96
CA GLY O 17 -32.66 -77.57 16.43
C GLY O 17 -32.27 -77.20 17.83
N ASN O 18 -31.22 -77.79 18.36
CA ASN O 18 -30.75 -77.48 19.71
C ASN O 18 -29.50 -76.63 19.63
N PRO O 19 -29.57 -75.32 19.93
CA PRO O 19 -28.37 -74.49 19.88
C PRO O 19 -27.35 -74.91 20.93
N ASN O 20 -26.07 -74.77 20.57
CA ASN O 20 -24.94 -75.06 21.46
C ASN O 20 -23.98 -73.87 21.40
N LYS O 21 -24.23 -72.87 22.24
CA LYS O 21 -23.45 -71.65 22.26
C LYS O 21 -22.47 -71.70 23.43
N GLN O 22 -21.18 -71.51 23.14
CA GLN O 22 -20.13 -71.51 24.14
C GLN O 22 -19.31 -70.23 24.00
N VAL O 23 -18.43 -70.00 24.97
CA VAL O 23 -17.60 -68.80 24.96
C VAL O 23 -16.51 -68.94 23.91
N HIS O 24 -16.43 -67.96 23.01
CA HIS O 24 -15.41 -67.93 21.98
C HIS O 24 -14.30 -66.92 22.27
N GLY O 25 -14.38 -66.21 23.40
CA GLY O 25 -13.37 -65.24 23.74
C GLY O 25 -13.93 -63.86 23.99
N THR O 26 -13.09 -62.84 23.90
CA THR O 26 -13.49 -61.45 24.11
C THR O 26 -13.12 -60.63 22.88
N VAL O 27 -14.03 -59.73 22.49
CA VAL O 27 -13.84 -58.88 21.32
C VAL O 27 -14.04 -57.44 21.73
N LYS O 28 -13.25 -56.55 21.14
CA LYS O 28 -13.29 -55.12 21.45
C LYS O 28 -14.11 -54.39 20.38
N GLY O 29 -15.12 -53.65 20.81
CA GLY O 29 -15.96 -52.91 19.88
C GLY O 29 -16.76 -51.85 20.59
N VAL O 30 -17.41 -51.01 19.79
CA VAL O 30 -18.24 -49.92 20.29
C VAL O 30 -19.61 -50.00 19.62
N PHE O 31 -20.62 -49.46 20.30
CA PHE O 31 -21.99 -49.50 19.82
C PHE O 31 -22.41 -48.15 19.28
N ALA O 32 -23.35 -48.17 18.34
CA ALA O 32 -23.89 -46.96 17.72
C ALA O 32 -25.40 -47.14 17.59
N TRP O 33 -26.15 -46.46 18.45
CA TRP O 33 -27.62 -46.58 18.46
C TRP O 33 -28.25 -45.49 17.58
N GLY O 34 -27.90 -45.55 16.29
CA GLY O 34 -28.44 -44.61 15.32
C GLY O 34 -27.54 -44.46 14.11
N PRO O 35 -28.16 -44.38 12.93
CA PRO O 35 -27.35 -44.21 11.71
C PRO O 35 -26.77 -42.81 11.58
N GLY O 36 -27.51 -41.78 11.99
CA GLY O 36 -27.03 -40.42 11.88
C GLY O 36 -27.10 -39.65 13.18
N THR O 37 -27.77 -38.51 13.16
CA THR O 37 -27.91 -37.66 14.34
C THR O 37 -29.09 -38.04 15.22
N SER O 38 -29.87 -39.05 14.82
CA SER O 38 -31.03 -39.50 15.58
C SER O 38 -30.76 -40.91 16.13
N THR O 39 -31.79 -41.47 16.78
CA THR O 39 -31.71 -42.80 17.34
C THR O 39 -32.84 -43.67 16.81
N ASN O 40 -32.56 -44.97 16.70
CA ASN O 40 -33.56 -45.90 16.18
C ASN O 40 -34.70 -46.06 17.18
N LYS O 41 -35.93 -46.12 16.65
CA LYS O 41 -37.09 -46.31 17.49
C LYS O 41 -37.14 -47.73 18.04
N PHE O 42 -37.77 -47.88 19.20
CA PHE O 42 -37.87 -49.17 19.86
C PHE O 42 -39.12 -49.90 19.39
N GLY O 43 -38.94 -51.13 18.91
CA GLY O 43 -40.06 -51.91 18.42
C GLY O 43 -40.96 -52.39 19.55
N ARG O 44 -42.22 -52.64 19.19
CA ARG O 44 -43.22 -53.13 20.11
C ARG O 44 -43.63 -54.54 19.71
N ASP O 45 -43.62 -55.46 20.67
CA ASP O 45 -43.98 -56.85 20.38
C ASP O 45 -45.44 -56.96 19.95
N ARG O 46 -46.34 -56.25 20.64
CA ARG O 46 -47.76 -56.19 20.30
C ARG O 46 -48.42 -57.56 20.40
N ASN O 47 -48.09 -58.45 19.47
CA ASN O 47 -48.72 -59.78 19.47
C ASN O 47 -48.24 -60.64 20.63
N PHE O 48 -46.98 -60.49 21.03
CA PHE O 48 -46.45 -61.30 22.13
C PHE O 48 -47.15 -60.95 23.44
N LYS O 49 -47.47 -61.98 24.20
CA LYS O 49 -48.17 -61.79 25.48
C LYS O 49 -47.19 -61.22 26.51
N GLY O 50 -47.36 -59.94 26.84
CA GLY O 50 -46.48 -59.28 27.78
C GLY O 50 -45.92 -57.98 27.25
N GLU O 51 -44.73 -57.60 27.71
CA GLU O 51 -44.07 -56.39 27.25
C GLU O 51 -42.61 -56.68 26.96
N SER O 52 -42.11 -56.10 25.87
CA SER O 52 -40.73 -56.29 25.44
C SER O 52 -40.36 -55.11 24.54
N SER O 53 -39.20 -55.22 23.89
CA SER O 53 -38.74 -54.16 23.00
C SER O 53 -37.87 -54.78 21.91
N SER O 54 -37.76 -54.07 20.80
CA SER O 54 -36.94 -54.46 19.67
C SER O 54 -36.05 -53.30 19.26
N LEU O 55 -34.79 -53.61 18.94
CA LEU O 55 -33.82 -52.59 18.60
C LEU O 55 -32.86 -53.14 17.57
N THR O 56 -32.44 -52.28 16.64
CA THR O 56 -31.46 -52.63 15.61
C THR O 56 -30.36 -51.57 15.63
N ALA O 57 -29.19 -51.94 16.14
CA ALA O 57 -28.05 -51.04 16.27
C ALA O 57 -26.94 -51.45 15.32
N GLU O 58 -25.87 -50.65 15.31
CA GLU O 58 -24.69 -50.91 14.51
C GLU O 58 -23.48 -51.08 15.42
N LEU O 59 -22.68 -52.10 15.15
CA LEU O 59 -21.51 -52.42 15.95
C LEU O 59 -20.26 -52.19 15.12
N TYR O 60 -19.32 -51.41 15.66
CA TYR O 60 -18.05 -51.11 15.01
C TYR O 60 -16.96 -51.93 15.70
N VAL O 61 -16.25 -52.74 14.92
CA VAL O 61 -15.23 -53.63 15.44
C VAL O 61 -13.98 -53.54 14.54
N LYS O 62 -12.84 -53.89 15.12
CA LYS O 62 -11.59 -53.88 14.38
C LYS O 62 -11.60 -54.96 13.29
N ARG O 63 -10.85 -54.70 12.22
CA ARG O 63 -10.76 -55.66 11.13
C ARG O 63 -10.05 -56.93 11.58
N GLY O 64 -10.51 -58.06 11.04
CA GLY O 64 -9.93 -59.35 11.39
C GLY O 64 -10.17 -59.77 12.81
N ALA O 65 -11.33 -59.44 13.36
CA ALA O 65 -11.69 -59.83 14.72
C ALA O 65 -12.29 -61.22 14.73
N ASP O 66 -12.30 -61.83 15.92
CA ASP O 66 -12.88 -63.16 16.08
C ASP O 66 -14.39 -63.16 15.93
N LEU O 67 -15.03 -61.98 15.98
CA LEU O 67 -16.47 -61.91 15.85
C LEU O 67 -16.91 -62.29 14.44
N LYS O 68 -17.99 -63.07 14.35
CA LYS O 68 -18.55 -63.50 13.09
C LYS O 68 -20.06 -63.48 13.20
N ALA O 69 -20.73 -63.46 12.05
CA ALA O 69 -22.18 -63.42 12.01
C ALA O 69 -22.77 -64.65 12.70
N ARG O 70 -24.07 -64.54 13.02
CA ARG O 70 -24.83 -65.61 13.69
C ARG O 70 -24.21 -65.95 15.04
N ASP O 71 -23.91 -64.91 15.83
CA ASP O 71 -23.34 -65.05 17.15
C ASP O 71 -24.13 -64.21 18.14
N ARG O 72 -23.79 -64.37 19.42
CA ARG O 72 -24.44 -63.64 20.50
C ARG O 72 -23.42 -62.74 21.19
N ILE O 73 -23.86 -61.54 21.56
CA ILE O 73 -23.00 -60.54 22.16
C ILE O 73 -23.61 -60.09 23.48
N ARG O 74 -22.80 -60.11 24.55
CA ARG O 74 -23.22 -59.63 25.86
C ARG O 74 -22.37 -58.42 26.24
N ARG O 75 -23.03 -57.37 26.71
CA ARG O 75 -22.34 -56.16 27.12
C ARG O 75 -21.84 -56.30 28.56
N ALA O 76 -21.23 -55.23 29.06
CA ALA O 76 -20.70 -55.22 30.42
C ALA O 76 -21.78 -54.96 31.48
N ASN O 77 -22.97 -54.54 31.08
CA ASN O 77 -24.04 -54.28 32.03
C ASN O 77 -24.91 -55.50 32.29
N GLY O 78 -25.06 -56.38 31.30
CA GLY O 78 -25.87 -57.57 31.47
C GLY O 78 -26.76 -57.87 30.28
N GLU O 79 -26.97 -56.86 29.44
CA GLU O 79 -27.81 -57.04 28.25
C GLU O 79 -27.11 -57.96 27.25
N GLU O 80 -27.89 -58.84 26.64
CA GLU O 80 -27.40 -59.79 25.66
C GLU O 80 -27.99 -59.48 24.29
N TYR O 81 -27.13 -59.29 23.30
CA TYR O 81 -27.55 -58.96 21.95
C TYR O 81 -27.17 -60.09 20.99
N SER O 82 -27.82 -60.09 19.84
CA SER O 82 -27.59 -61.08 18.79
C SER O 82 -27.23 -60.38 17.49
N VAL O 83 -26.14 -60.82 16.87
CA VAL O 83 -25.66 -60.23 15.62
C VAL O 83 -25.94 -61.21 14.49
N VAL O 84 -26.49 -60.70 13.38
CA VAL O 84 -26.82 -61.52 12.22
C VAL O 84 -26.35 -60.79 10.98
N GLY O 85 -26.09 -61.55 9.92
CA GLY O 85 -25.64 -60.99 8.66
C GLY O 85 -24.15 -60.72 8.61
N HIS O 86 -23.56 -60.91 7.43
CA HIS O 86 -22.14 -60.69 7.26
C HIS O 86 -21.80 -59.21 7.41
N ALA O 87 -20.54 -58.94 7.77
CA ALA O 87 -20.10 -57.56 7.97
C ALA O 87 -20.13 -56.79 6.67
N ALA O 88 -20.46 -55.51 6.76
CA ALA O 88 -20.52 -54.63 5.61
C ALA O 88 -19.29 -53.73 5.56
N TRP O 89 -19.04 -53.18 4.37
CA TRP O 89 -17.88 -52.34 4.11
C TRP O 89 -16.58 -53.06 4.42
N ASP O 90 -16.54 -54.36 4.17
CA ASP O 90 -15.35 -55.18 4.42
C ASP O 90 -14.56 -55.34 3.12
N GLN O 91 -14.05 -54.22 2.63
CA GLN O 91 -13.24 -54.21 1.42
C GLN O 91 -12.36 -52.97 1.42
N GLY O 92 -11.33 -53.01 0.58
CA GLY O 92 -10.40 -51.91 0.46
C GLY O 92 -10.90 -50.84 -0.50
N HIS O 93 -10.03 -49.87 -0.75
CA HIS O 93 -10.36 -48.77 -1.65
C HIS O 93 -10.34 -49.26 -3.09
N PRO O 94 -11.45 -49.15 -3.83
CA PRO O 94 -11.45 -49.64 -5.22
C PRO O 94 -10.43 -48.94 -6.12
N PHE O 95 -10.14 -47.66 -5.88
CA PHE O 95 -9.24 -46.93 -6.77
C PHE O 95 -7.77 -47.20 -6.43
N ASP O 96 -7.41 -47.06 -5.16
CA ASP O 96 -6.03 -47.22 -4.72
C ASP O 96 -5.80 -48.54 -3.99
N GLY O 97 -6.57 -48.81 -2.94
CA GLY O 97 -6.41 -50.04 -2.18
C GLY O 97 -6.17 -49.81 -0.71
N PHE O 98 -6.47 -48.61 -0.23
CA PHE O 98 -6.31 -48.30 1.18
C PHE O 98 -7.31 -49.09 2.01
N ASP O 99 -6.88 -49.52 3.20
CA ASP O 99 -7.71 -50.30 4.11
C ASP O 99 -8.05 -49.44 5.33
N PHE O 100 -9.34 -49.24 5.56
CA PHE O 100 -9.78 -48.49 6.73
C PHE O 100 -9.68 -49.31 8.01
N GLY O 101 -9.83 -50.63 7.91
CA GLY O 101 -9.73 -51.49 9.08
C GLY O 101 -10.97 -51.54 9.95
N TYR O 102 -12.08 -50.97 9.51
CA TYR O 102 -13.31 -50.93 10.29
C TYR O 102 -14.44 -51.57 9.50
N MET O 103 -15.29 -52.31 10.21
CA MET O 103 -16.47 -52.93 9.63
C MET O 103 -17.66 -52.70 10.55
N VAL O 104 -18.85 -52.71 9.96
CA VAL O 104 -20.10 -52.46 10.68
C VAL O 104 -20.89 -53.76 10.76
N PHE O 105 -21.41 -54.06 11.95
CA PHE O 105 -22.26 -55.21 12.18
C PHE O 105 -23.63 -54.71 12.63
N GLN O 106 -24.68 -55.14 11.93
CA GLN O 106 -26.05 -54.78 12.30
C GLN O 106 -26.50 -55.77 13.37
N VAL O 107 -26.25 -55.41 14.63
CA VAL O 107 -26.59 -56.26 15.75
C VAL O 107 -27.99 -55.91 16.25
N GLU O 108 -28.79 -56.92 16.53
CA GLU O 108 -30.15 -56.73 17.01
C GLU O 108 -30.15 -56.79 18.53
N ALA O 109 -30.59 -55.71 19.17
CA ALA O 109 -30.67 -55.63 20.62
C ALA O 109 -32.06 -56.06 21.07
N VAL O 110 -32.12 -57.07 21.92
CA VAL O 110 -33.38 -57.62 22.38
C VAL O 110 -33.62 -57.39 23.87
N ASN O 111 -32.56 -57.30 24.67
CA ASN O 111 -32.71 -57.05 26.10
C ASN O 111 -32.80 -55.56 26.38
N ASN P 2 -7.61 -52.63 -4.68
CA ASN P 2 -8.35 -52.41 -5.92
C ASN P 2 -9.61 -53.24 -5.97
N ASP P 3 -9.76 -54.02 -7.04
CA ASP P 3 -10.93 -54.88 -7.24
C ASP P 3 -10.60 -56.31 -6.84
N GLU P 4 -11.65 -57.11 -6.70
CA GLU P 4 -11.53 -58.52 -6.34
C GLU P 4 -12.35 -59.36 -7.32
N THR P 5 -11.79 -60.52 -7.69
CA THR P 5 -12.44 -61.37 -8.67
C THR P 5 -13.72 -61.98 -8.11
N LEU P 6 -14.72 -62.12 -8.97
CA LEU P 6 -16.02 -62.65 -8.59
C LEU P 6 -16.38 -63.81 -9.50
N THR P 7 -16.83 -64.91 -8.91
CA THR P 7 -17.29 -66.06 -9.68
C THR P 7 -18.74 -65.85 -10.12
N VAL P 8 -18.99 -65.98 -11.41
CA VAL P 8 -20.30 -65.74 -11.99
C VAL P 8 -20.87 -67.08 -12.45
N TYR P 9 -22.15 -67.31 -12.15
CA TYR P 9 -22.86 -68.50 -12.58
C TYR P 9 -24.02 -68.10 -13.48
N ARG P 10 -24.08 -68.69 -14.67
CA ARG P 10 -25.10 -68.35 -15.66
C ARG P 10 -25.96 -69.57 -15.96
N GLY P 11 -27.26 -69.35 -16.04
CA GLY P 11 -28.20 -70.41 -16.36
C GLY P 11 -29.60 -69.91 -16.61
N ALA P 12 -30.29 -70.52 -17.58
CA ALA P 12 -31.65 -70.16 -17.94
C ALA P 12 -32.59 -71.30 -17.62
N THR P 13 -33.63 -71.02 -16.83
CA THR P 13 -34.61 -72.03 -16.47
C THR P 13 -35.54 -72.29 -17.63
N ASP P 14 -35.77 -73.56 -17.93
CA ASP P 14 -36.65 -73.96 -19.01
C ASP P 14 -38.07 -74.15 -18.49
N ASN P 15 -38.95 -74.72 -19.33
CA ASN P 15 -40.33 -74.96 -18.89
C ASN P 15 -40.38 -76.01 -17.78
N LYS P 16 -39.42 -76.93 -17.74
CA LYS P 16 -39.38 -77.94 -16.70
C LYS P 16 -39.06 -77.37 -15.32
N GLY P 17 -38.57 -76.14 -15.24
CA GLY P 17 -38.27 -75.53 -13.96
C GLY P 17 -37.01 -76.04 -13.29
N ASN P 18 -36.10 -76.65 -14.05
CA ASN P 18 -34.86 -77.15 -13.49
C ASN P 18 -33.72 -76.23 -13.89
N PRO P 19 -33.18 -75.43 -12.96
CA PRO P 19 -32.07 -74.54 -13.32
C PRO P 19 -30.82 -75.32 -13.70
N ASN P 20 -30.07 -74.75 -14.65
CA ASN P 20 -28.79 -75.33 -15.11
C ASN P 20 -27.75 -74.22 -15.10
N LYS P 21 -27.11 -74.03 -13.95
CA LYS P 21 -26.13 -72.96 -13.76
C LYS P 21 -24.72 -73.53 -13.83
N GLN P 22 -23.90 -72.96 -14.71
CA GLN P 22 -22.52 -73.39 -14.90
C GLN P 22 -21.60 -72.18 -14.80
N VAL P 23 -20.30 -72.44 -14.74
CA VAL P 23 -19.32 -71.37 -14.61
C VAL P 23 -19.20 -70.63 -15.93
N HIS P 24 -19.37 -69.30 -15.88
CA HIS P 24 -19.23 -68.45 -17.06
C HIS P 24 -17.93 -67.67 -17.06
N GLY P 25 -17.08 -67.84 -16.05
CA GLY P 25 -15.82 -67.12 -15.99
C GLY P 25 -15.65 -66.34 -14.70
N THR P 26 -14.78 -65.34 -14.72
CA THR P 26 -14.51 -64.48 -13.57
C THR P 26 -14.72 -63.03 -13.97
N VAL P 27 -15.34 -62.26 -13.07
CA VAL P 27 -15.63 -60.86 -13.31
C VAL P 27 -15.08 -60.03 -12.16
N LYS P 28 -14.58 -58.85 -12.47
CA LYS P 28 -13.97 -57.96 -11.48
C LYS P 28 -14.99 -56.89 -11.08
N GLY P 29 -15.23 -56.77 -9.78
CA GLY P 29 -16.18 -55.79 -9.29
C GLY P 29 -16.00 -55.55 -7.81
N VAL P 30 -16.70 -54.53 -7.32
CA VAL P 30 -16.66 -54.16 -5.91
C VAL P 30 -18.09 -54.04 -5.39
N PHE P 31 -18.25 -54.21 -4.09
CA PHE P 31 -19.56 -54.19 -3.45
C PHE P 31 -19.76 -52.89 -2.67
N ALA P 32 -21.02 -52.50 -2.52
CA ALA P 32 -21.39 -51.30 -1.78
C ALA P 32 -22.65 -51.62 -0.97
N TRP P 33 -22.48 -51.84 0.33
CA TRP P 33 -23.59 -52.19 1.21
C TRP P 33 -24.21 -50.91 1.78
N GLY P 34 -24.80 -50.12 0.89
CA GLY P 34 -25.47 -48.91 1.27
C GLY P 34 -25.48 -47.88 0.16
N PRO P 35 -26.62 -47.20 -0.02
CA PRO P 35 -26.70 -46.18 -1.06
C PRO P 35 -25.93 -44.91 -0.72
N GLY P 36 -25.90 -44.52 0.55
CA GLY P 36 -25.21 -43.31 0.96
C GLY P 36 -24.23 -43.54 2.09
N THR P 37 -24.37 -42.78 3.17
CA THR P 37 -23.49 -42.88 4.33
C THR P 37 -23.94 -43.93 5.32
N SER P 38 -25.06 -44.60 5.08
CA SER P 38 -25.60 -45.63 5.96
C SER P 38 -25.52 -46.99 5.28
N THR P 39 -26.05 -48.01 5.96
CA THR P 39 -26.07 -49.36 5.45
C THR P 39 -27.50 -49.89 5.44
N ASN P 40 -27.77 -50.76 4.47
CA ASN P 40 -29.12 -51.34 4.34
C ASN P 40 -29.40 -52.28 5.49
N LYS P 41 -30.63 -52.22 6.00
CA LYS P 41 -31.04 -53.10 7.09
C LYS P 41 -31.19 -54.53 6.59
N PHE P 42 -31.00 -55.48 7.50
CA PHE P 42 -31.08 -56.90 7.16
C PHE P 42 -32.52 -57.39 7.33
N GLY P 43 -33.06 -58.00 6.28
CA GLY P 43 -34.41 -58.49 6.33
C GLY P 43 -34.55 -59.71 7.22
N ARG P 44 -35.77 -59.91 7.71
CA ARG P 44 -36.11 -61.04 8.56
C ARG P 44 -37.10 -61.94 7.82
N ASP P 45 -36.79 -63.24 7.79
CA ASP P 45 -37.67 -64.18 7.10
C ASP P 45 -39.04 -64.26 7.77
N ARG P 46 -39.05 -64.32 9.10
CA ARG P 46 -40.28 -64.32 9.90
C ARG P 46 -41.14 -65.55 9.61
N ASN P 47 -41.74 -65.60 8.42
CA ASN P 47 -42.62 -66.72 8.08
C ASN P 47 -41.83 -68.01 7.88
N PHE P 48 -40.62 -67.92 7.34
CA PHE P 48 -39.82 -69.12 7.09
C PHE P 48 -39.44 -69.78 8.40
N LYS P 49 -39.54 -71.11 8.43
CA LYS P 49 -39.22 -71.88 9.64
C LYS P 49 -37.71 -71.90 9.83
N GLY P 50 -37.22 -71.16 10.82
CA GLY P 50 -35.81 -71.08 11.09
C GLY P 50 -35.31 -69.66 11.18
N GLU P 51 -34.04 -69.44 10.85
CA GLU P 51 -33.45 -68.11 10.89
C GLU P 51 -32.64 -67.88 9.63
N SER P 52 -32.78 -66.69 9.06
CA SER P 52 -32.06 -66.31 7.84
C SER P 52 -31.96 -64.79 7.80
N SER P 53 -31.55 -64.25 6.66
CA SER P 53 -31.41 -62.82 6.50
C SER P 53 -31.63 -62.45 5.04
N SER P 54 -32.00 -61.19 4.82
CA SER P 54 -32.20 -60.65 3.48
C SER P 54 -31.42 -59.35 3.35
N LEU P 55 -30.79 -59.16 2.19
CA LEU P 55 -29.96 -57.99 1.96
C LEU P 55 -30.05 -57.59 0.50
N THR P 56 -30.03 -56.29 0.24
CA THR P 56 -30.04 -55.73 -1.11
C THR P 56 -28.89 -54.74 -1.22
N ALA P 57 -27.85 -55.13 -1.96
CA ALA P 57 -26.65 -54.31 -2.12
C ALA P 57 -26.53 -53.84 -3.56
N GLU P 58 -25.49 -53.03 -3.81
CA GLU P 58 -25.19 -52.52 -5.14
C GLU P 58 -23.80 -52.99 -5.55
N LEU P 59 -23.70 -53.45 -6.80
CA LEU P 59 -22.45 -53.98 -7.35
C LEU P 59 -21.95 -53.06 -8.45
N TYR P 60 -20.69 -52.64 -8.34
CA TYR P 60 -20.06 -51.79 -9.34
C TYR P 60 -19.11 -52.63 -10.17
N VAL P 61 -19.32 -52.64 -11.49
CA VAL P 61 -18.53 -53.45 -12.40
C VAL P 61 -18.14 -52.60 -13.61
N LYS P 62 -17.07 -53.01 -14.27
CA LYS P 62 -16.60 -52.32 -15.46
C LYS P 62 -17.59 -52.48 -16.60
N ARG P 63 -17.60 -51.49 -17.49
CA ARG P 63 -18.49 -51.52 -18.65
C ARG P 63 -18.09 -52.65 -19.60
N GLY P 64 -19.11 -53.25 -20.21
CA GLY P 64 -18.90 -54.35 -21.14
C GLY P 64 -18.33 -55.60 -20.50
N ALA P 65 -18.76 -55.90 -19.27
CA ALA P 65 -18.32 -57.09 -18.58
C ALA P 65 -19.20 -58.29 -18.96
N ASP P 66 -18.68 -59.48 -18.70
CA ASP P 66 -19.42 -60.70 -18.99
C ASP P 66 -20.63 -60.88 -18.07
N LEU P 67 -20.70 -60.14 -16.98
CA LEU P 67 -21.82 -60.26 -16.06
C LEU P 67 -23.10 -59.75 -16.69
N LYS P 68 -24.19 -60.49 -16.46
CA LYS P 68 -25.50 -60.14 -16.97
C LYS P 68 -26.54 -60.47 -15.92
N ALA P 69 -27.71 -59.85 -16.05
CA ALA P 69 -28.79 -60.08 -15.10
C ALA P 69 -29.20 -61.55 -15.05
N ARG P 70 -29.93 -61.89 -13.99
CA ARG P 70 -30.41 -63.26 -13.77
C ARG P 70 -29.25 -64.25 -13.68
N ASP P 71 -28.24 -63.88 -12.89
CA ASP P 71 -27.06 -64.72 -12.68
C ASP P 71 -26.77 -64.83 -11.20
N ARG P 72 -25.82 -65.69 -10.85
CA ARG P 72 -25.39 -65.91 -9.48
C ARG P 72 -23.96 -65.45 -9.30
N ILE P 73 -23.66 -64.87 -8.14
CA ILE P 73 -22.35 -64.32 -7.85
C ILE P 73 -21.86 -64.91 -6.53
N ARG P 74 -20.64 -65.43 -6.54
CA ARG P 74 -19.98 -65.96 -5.34
C ARG P 74 -18.76 -65.12 -5.03
N ARG P 75 -18.64 -64.71 -3.77
CA ARG P 75 -17.50 -63.91 -3.34
C ARG P 75 -16.32 -64.81 -2.99
N ALA P 76 -15.24 -64.19 -2.52
CA ALA P 76 -14.03 -64.93 -2.18
C ALA P 76 -14.09 -65.60 -0.81
N ASN P 77 -15.06 -65.25 0.02
CA ASN P 77 -15.16 -65.85 1.35
C ASN P 77 -16.04 -67.08 1.37
N GLY P 78 -17.02 -67.18 0.47
CA GLY P 78 -17.87 -68.36 0.42
C GLY P 78 -19.34 -68.04 0.22
N GLU P 79 -19.75 -66.83 0.57
CA GLU P 79 -21.14 -66.43 0.41
C GLU P 79 -21.51 -66.30 -1.06
N GLU P 80 -22.72 -66.69 -1.40
CA GLU P 80 -23.23 -66.69 -2.76
C GLU P 80 -24.38 -65.70 -2.88
N TYR P 81 -24.29 -64.80 -3.86
CA TYR P 81 -25.31 -63.78 -4.08
C TYR P 81 -25.97 -64.00 -5.43
N SER P 82 -27.15 -63.41 -5.61
CA SER P 82 -27.91 -63.48 -6.84
C SER P 82 -28.21 -62.08 -7.33
N VAL P 83 -27.94 -61.82 -8.60
CA VAL P 83 -28.16 -60.51 -9.22
C VAL P 83 -29.37 -60.62 -10.15
N VAL P 84 -30.28 -59.65 -10.05
CA VAL P 84 -31.47 -59.61 -10.88
C VAL P 84 -31.65 -58.19 -11.40
N GLY P 85 -32.29 -58.07 -12.55
CA GLY P 85 -32.55 -56.78 -13.15
C GLY P 85 -31.42 -56.26 -14.00
N HIS P 86 -31.74 -55.56 -15.08
CA HIS P 86 -30.73 -55.02 -15.97
C HIS P 86 -29.94 -53.92 -15.29
N ALA P 87 -28.70 -53.72 -15.76
CA ALA P 87 -27.84 -52.72 -15.17
C ALA P 87 -28.39 -51.32 -15.38
N ALA P 88 -28.20 -50.46 -14.40
CA ALA P 88 -28.65 -49.08 -14.44
C ALA P 88 -27.49 -48.15 -14.78
N TRP P 89 -27.85 -46.95 -15.24
CA TRP P 89 -26.87 -45.94 -15.65
C TRP P 89 -25.96 -46.45 -16.75
N ASP P 90 -26.52 -47.28 -17.63
CA ASP P 90 -25.78 -47.85 -18.75
C ASP P 90 -26.01 -47.03 -20.02
N GLN P 91 -25.57 -45.77 -19.98
CA GLN P 91 -25.70 -44.88 -21.11
C GLN P 91 -24.66 -43.78 -21.00
N GLY P 92 -24.43 -43.10 -22.12
CA GLY P 92 -23.48 -42.01 -22.17
C GLY P 92 -24.09 -40.70 -21.69
N HIS P 93 -23.30 -39.63 -21.85
CA HIS P 93 -23.74 -38.31 -21.45
C HIS P 93 -24.74 -37.78 -22.46
N PRO P 94 -25.97 -37.45 -22.05
CA PRO P 94 -26.96 -36.95 -23.02
C PRO P 94 -26.55 -35.67 -23.74
N PHE P 95 -25.79 -34.78 -23.07
CA PHE P 95 -25.45 -33.51 -23.69
C PHE P 95 -24.25 -33.64 -24.63
N ASP P 96 -23.17 -34.26 -24.16
CA ASP P 96 -21.94 -34.39 -24.93
C ASP P 96 -21.75 -35.81 -25.47
N GLY P 97 -21.75 -36.81 -24.60
CA GLY P 97 -21.55 -38.18 -25.03
C GLY P 97 -20.42 -38.88 -24.32
N PHE P 98 -19.97 -38.31 -23.19
CA PHE P 98 -18.92 -38.93 -22.42
C PHE P 98 -19.40 -40.23 -21.79
N ASP P 99 -18.49 -41.21 -21.71
CA ASP P 99 -18.80 -42.52 -21.15
C ASP P 99 -18.06 -42.68 -19.83
N PHE P 100 -18.81 -42.91 -18.76
CA PHE P 100 -18.20 -43.13 -17.45
C PHE P 100 -17.60 -44.52 -17.33
N GLY P 101 -18.16 -45.51 -18.04
CA GLY P 101 -17.66 -46.86 -18.00
C GLY P 101 -18.04 -47.67 -16.79
N TYR P 102 -18.95 -47.17 -15.96
CA TYR P 102 -19.38 -47.85 -14.75
C TYR P 102 -20.87 -48.08 -14.78
N MET P 103 -21.31 -49.22 -14.23
CA MET P 103 -22.72 -49.53 -14.10
C MET P 103 -22.96 -50.13 -12.73
N VAL P 104 -24.20 -50.02 -12.26
CA VAL P 104 -24.60 -50.50 -10.94
C VAL P 104 -25.55 -51.67 -11.11
N PHE P 105 -25.31 -52.74 -10.34
CA PHE P 105 -26.16 -53.91 -10.31
C PHE P 105 -26.74 -54.07 -8.92
N GLN P 106 -28.06 -54.14 -8.83
CA GLN P 106 -28.73 -54.35 -7.55
C GLN P 106 -28.74 -55.85 -7.26
N VAL P 107 -27.68 -56.31 -6.60
CA VAL P 107 -27.52 -57.72 -6.29
C VAL P 107 -28.13 -58.01 -4.93
N GLU P 108 -28.88 -59.12 -4.83
CA GLU P 108 -29.52 -59.51 -3.59
C GLU P 108 -28.62 -60.50 -2.85
N ALA P 109 -28.24 -60.13 -1.63
CA ALA P 109 -27.38 -60.98 -0.80
C ALA P 109 -28.27 -61.85 0.09
N VAL P 110 -28.12 -63.17 -0.02
CA VAL P 110 -28.94 -64.09 0.73
C VAL P 110 -28.14 -64.88 1.76
N ASN P 111 -26.86 -65.13 1.53
CA ASN P 111 -26.02 -65.84 2.48
C ASN P 111 -25.45 -64.91 3.53
N ASN Q 2 -24.79 -38.88 -26.93
CA ASN Q 2 -25.99 -38.06 -26.94
C ASN Q 2 -27.23 -38.90 -26.62
N ASP Q 3 -28.22 -38.86 -27.50
CA ASP Q 3 -29.46 -39.59 -27.32
C ASP Q 3 -29.44 -40.87 -28.14
N GLU Q 4 -30.38 -41.76 -27.83
CA GLU Q 4 -30.53 -43.04 -28.52
C GLU Q 4 -31.98 -43.23 -28.94
N THR Q 5 -32.16 -43.76 -30.15
CA THR Q 5 -33.51 -43.93 -30.70
C THR Q 5 -34.28 -44.98 -29.91
N LEU Q 6 -35.58 -44.75 -29.76
CA LEU Q 6 -36.46 -45.63 -29.00
C LEU Q 6 -37.65 -46.01 -29.87
N THR Q 7 -37.96 -47.31 -29.88
CA THR Q 7 -39.12 -47.79 -30.62
C THR Q 7 -40.38 -47.61 -29.78
N VAL Q 8 -41.39 -46.97 -30.36
CA VAL Q 8 -42.63 -46.66 -29.66
C VAL Q 8 -43.76 -47.50 -30.28
N TYR Q 9 -44.59 -48.09 -29.42
CA TYR Q 9 -45.73 -48.87 -29.84
C TYR Q 9 -46.99 -48.22 -29.30
N ARG Q 10 -47.95 -47.95 -30.20
CA ARG Q 10 -49.18 -47.26 -29.84
C ARG Q 10 -50.38 -48.16 -30.12
N GLY Q 11 -51.32 -48.18 -29.17
CA GLY Q 11 -52.52 -48.97 -29.32
C GLY Q 11 -53.55 -48.68 -28.25
N ALA Q 12 -54.82 -48.68 -28.63
CA ALA Q 12 -55.92 -48.41 -27.71
C ALA Q 12 -56.78 -49.66 -27.58
N THR Q 13 -56.98 -50.11 -26.34
CA THR Q 13 -57.80 -51.29 -26.08
C THR Q 13 -59.28 -50.94 -26.20
N ASP Q 14 -60.02 -51.77 -26.92
CA ASP Q 14 -61.45 -51.56 -27.11
C ASP Q 14 -62.23 -52.29 -26.02
N ASN Q 15 -63.55 -52.36 -26.18
CA ASN Q 15 -64.37 -53.07 -25.21
C ASN Q 15 -64.07 -54.56 -25.19
N LYS Q 16 -63.63 -55.11 -26.33
CA LYS Q 16 -63.30 -56.53 -26.41
C LYS Q 16 -62.06 -56.90 -25.61
N GLY Q 17 -61.26 -55.91 -25.18
CA GLY Q 17 -60.08 -56.19 -24.40
C GLY Q 17 -58.91 -56.76 -25.18
N ASN Q 18 -58.89 -56.59 -26.50
CA ASN Q 18 -57.79 -57.09 -27.32
C ASN Q 18 -56.90 -55.94 -27.73
N PRO Q 19 -55.70 -55.80 -27.16
CA PRO Q 19 -54.83 -54.70 -27.57
C PRO Q 19 -54.39 -54.84 -29.01
N ASN Q 20 -54.22 -53.69 -29.68
CA ASN Q 20 -53.74 -53.61 -31.05
C ASN Q 20 -52.62 -52.57 -31.11
N LYS Q 21 -51.40 -53.01 -30.84
CA LYS Q 21 -50.24 -52.13 -30.79
C LYS Q 21 -49.43 -52.28 -32.08
N GLN Q 22 -49.18 -51.15 -32.74
CA GLN Q 22 -48.42 -51.12 -33.98
C GLN Q 22 -47.30 -50.09 -33.84
N VAL Q 23 -46.40 -50.09 -34.82
CA VAL Q 23 -45.27 -49.17 -34.80
C VAL Q 23 -45.74 -47.77 -35.12
N HIS Q 24 -45.41 -46.82 -34.25
CA HIS Q 24 -45.75 -45.42 -34.44
C HIS Q 24 -44.56 -44.57 -34.87
N GLY Q 25 -43.37 -45.18 -35.00
CA GLY Q 25 -42.20 -44.44 -35.40
C GLY Q 25 -41.05 -44.60 -34.42
N THR Q 26 -40.10 -43.66 -34.45
CA THR Q 26 -38.95 -43.67 -33.56
C THR Q 26 -38.89 -42.35 -32.80
N VAL Q 27 -38.56 -42.43 -31.52
CA VAL Q 27 -38.48 -41.27 -30.65
C VAL Q 27 -37.11 -41.25 -29.97
N LYS Q 28 -36.56 -40.06 -29.79
CA LYS Q 28 -35.25 -39.88 -29.19
C LYS Q 28 -35.42 -39.50 -27.72
N GLY Q 29 -34.78 -40.25 -26.83
CA GLY Q 29 -34.87 -39.98 -25.41
C GLY Q 29 -33.77 -40.70 -24.64
N VAL Q 30 -33.65 -40.33 -23.37
CA VAL Q 30 -32.66 -40.91 -22.47
C VAL Q 30 -33.35 -41.38 -21.21
N PHE Q 31 -32.76 -42.37 -20.56
CA PHE Q 31 -33.31 -42.98 -19.36
C PHE Q 31 -32.59 -42.47 -18.12
N ALA Q 32 -33.27 -42.56 -16.98
CA ALA Q 32 -32.73 -42.14 -15.69
C ALA Q 32 -33.26 -43.11 -14.63
N TRP Q 33 -32.42 -44.04 -14.20
CA TRP Q 33 -32.81 -45.05 -13.22
C TRP Q 33 -32.51 -44.54 -11.81
N GLY Q 34 -33.25 -43.51 -11.43
CA GLY Q 34 -33.11 -42.92 -10.11
C GLY Q 34 -33.49 -41.45 -10.08
N PRO Q 35 -34.21 -41.05 -9.04
CA PRO Q 35 -34.58 -39.63 -8.94
C PRO Q 35 -33.42 -38.73 -8.57
N GLY Q 36 -32.51 -39.20 -7.71
CA GLY Q 36 -31.38 -38.39 -7.30
C GLY Q 36 -30.05 -39.09 -7.49
N THR Q 37 -29.27 -39.19 -6.42
CA THR Q 37 -27.95 -39.83 -6.46
C THR Q 37 -28.02 -41.34 -6.24
N SER Q 38 -29.20 -41.90 -6.05
CA SER Q 38 -29.38 -43.33 -5.82
C SER Q 38 -30.16 -43.93 -6.99
N THR Q 39 -30.46 -45.22 -6.87
CA THR Q 39 -31.20 -45.96 -7.88
C THR Q 39 -32.42 -46.62 -7.25
N ASN Q 40 -33.48 -46.74 -8.05
CA ASN Q 40 -34.71 -47.34 -7.56
C ASN Q 40 -34.54 -48.84 -7.33
N LYS Q 41 -35.10 -49.32 -6.22
CA LYS Q 41 -35.03 -50.74 -5.91
C LYS Q 41 -35.90 -51.55 -6.86
N PHE Q 42 -35.50 -52.81 -7.07
CA PHE Q 42 -36.21 -53.70 -7.98
C PHE Q 42 -37.31 -54.43 -7.23
N GLY Q 43 -38.53 -54.35 -7.75
CA GLY Q 43 -39.65 -55.00 -7.11
C GLY Q 43 -39.61 -56.50 -7.26
N ARG Q 44 -40.25 -57.19 -6.33
CA ARG Q 44 -40.35 -58.64 -6.31
C ARG Q 44 -41.81 -59.05 -6.54
N ASP Q 45 -42.01 -59.96 -7.49
CA ASP Q 45 -43.37 -60.41 -7.80
C ASP Q 45 -43.98 -61.14 -6.61
N ARG Q 46 -43.21 -62.01 -5.95
CA ARG Q 46 -43.63 -62.72 -4.74
C ARG Q 46 -44.82 -63.64 -5.02
N ASN Q 47 -46.00 -63.06 -5.25
CA ASN Q 47 -47.19 -63.86 -5.48
C ASN Q 47 -47.15 -64.58 -6.82
N PHE Q 48 -46.56 -63.96 -7.83
CA PHE Q 48 -46.50 -64.58 -9.15
C PHE Q 48 -45.63 -65.83 -9.12
N LYS Q 49 -46.10 -66.88 -9.79
CA LYS Q 49 -45.39 -68.15 -9.83
C LYS Q 49 -44.17 -68.02 -10.73
N GLY Q 50 -42.98 -67.98 -10.13
CA GLY Q 50 -41.76 -67.83 -10.88
C GLY Q 50 -40.88 -66.71 -10.36
N GLU Q 51 -40.08 -66.11 -11.23
CA GLU Q 51 -39.21 -65.00 -10.86
C GLU Q 51 -39.33 -63.90 -11.89
N SER Q 52 -39.36 -62.65 -11.42
CA SER Q 52 -39.47 -61.49 -12.28
C SER Q 52 -38.95 -60.27 -11.50
N SER Q 53 -39.16 -59.09 -12.06
CA SER Q 53 -38.71 -57.86 -11.42
C SER Q 53 -39.63 -56.72 -11.81
N SER Q 54 -39.64 -55.68 -10.97
CA SER Q 54 -40.43 -54.48 -11.21
C SER Q 54 -39.52 -53.27 -11.06
N LEU Q 55 -39.71 -52.30 -11.96
CA LEU Q 55 -38.86 -51.11 -11.97
C LEU Q 55 -39.69 -49.91 -12.42
N THR Q 56 -39.41 -48.75 -11.82
CA THR Q 56 -40.06 -47.50 -12.18
C THR Q 56 -38.97 -46.46 -12.44
N ALA Q 57 -38.77 -46.11 -13.70
CA ALA Q 57 -37.75 -45.17 -14.11
C ALA Q 57 -38.38 -43.89 -14.65
N GLU Q 58 -37.51 -42.94 -15.00
CA GLU Q 58 -37.92 -41.67 -15.59
C GLU Q 58 -37.31 -41.52 -16.96
N LEU Q 59 -38.12 -41.08 -17.92
CA LEU Q 59 -37.70 -40.92 -19.30
C LEU Q 59 -37.72 -39.44 -19.67
N TYR Q 60 -36.59 -38.96 -20.21
CA TYR Q 60 -36.47 -37.57 -20.64
C TYR Q 60 -36.54 -37.53 -22.16
N VAL Q 61 -37.49 -36.76 -22.69
CA VAL Q 61 -37.73 -36.68 -24.12
C VAL Q 61 -37.90 -35.22 -24.51
N LYS Q 62 -37.64 -34.94 -25.79
CA LYS Q 62 -37.80 -33.58 -26.31
C LYS Q 62 -39.27 -33.18 -26.31
N ARG Q 63 -39.49 -31.87 -26.19
CA ARG Q 63 -40.86 -31.35 -26.20
C ARG Q 63 -41.49 -31.53 -27.58
N GLY Q 64 -42.80 -31.81 -27.57
CA GLY Q 64 -43.53 -32.02 -28.80
C GLY Q 64 -43.14 -33.27 -29.55
N ALA Q 65 -42.80 -34.34 -28.83
CA ALA Q 65 -42.44 -35.60 -29.45
C ALA Q 65 -43.69 -36.44 -29.71
N ASP Q 66 -43.53 -37.43 -30.59
CA ASP Q 66 -44.63 -38.33 -30.92
C ASP Q 66 -45.01 -39.25 -29.78
N LEU Q 67 -44.17 -39.36 -28.75
CA LEU Q 67 -44.46 -40.23 -27.63
C LEU Q 67 -45.64 -39.69 -26.82
N LYS Q 68 -46.52 -40.59 -26.42
CA LYS Q 68 -47.69 -40.24 -25.61
C LYS Q 68 -47.92 -41.33 -24.59
N ALA Q 69 -48.67 -41.00 -23.54
CA ALA Q 69 -48.94 -41.95 -22.47
C ALA Q 69 -49.67 -43.18 -23.01
N ARG Q 70 -49.68 -44.24 -22.19
CA ARG Q 70 -50.32 -45.50 -22.53
C ARG Q 70 -49.73 -46.10 -23.80
N ASP Q 71 -48.40 -46.13 -23.87
CA ASP Q 71 -47.68 -46.68 -25.00
C ASP Q 71 -46.60 -47.63 -24.50
N ARG Q 72 -45.96 -48.33 -25.45
CA ARG Q 72 -44.91 -49.28 -25.15
C ARG Q 72 -43.60 -48.79 -25.76
N ILE Q 73 -42.51 -48.97 -25.02
CA ILE Q 73 -41.18 -48.51 -25.43
C ILE Q 73 -40.23 -49.69 -25.41
N ARG Q 74 -39.49 -49.86 -26.51
CA ARG Q 74 -38.46 -50.89 -26.62
C ARG Q 74 -37.10 -50.21 -26.77
N ARG Q 75 -36.12 -50.68 -26.01
CA ARG Q 75 -34.77 -50.13 -26.09
C ARG Q 75 -34.00 -50.79 -27.22
N ALA Q 76 -32.71 -50.43 -27.33
CA ALA Q 76 -31.86 -50.98 -28.37
C ALA Q 76 -31.28 -52.34 -27.99
N ASN Q 77 -31.41 -52.77 -26.75
CA ASN Q 77 -30.88 -54.06 -26.32
C ASN Q 77 -31.89 -55.18 -26.45
N GLY Q 78 -33.19 -54.88 -26.31
CA GLY Q 78 -34.22 -55.89 -26.41
C GLY Q 78 -35.29 -55.77 -25.36
N GLU Q 79 -34.99 -55.06 -24.28
CA GLU Q 79 -35.95 -54.87 -23.21
C GLU Q 79 -37.11 -53.99 -23.68
N GLU Q 80 -38.32 -54.35 -23.27
CA GLU Q 80 -39.53 -53.63 -23.64
C GLU Q 80 -40.15 -53.02 -22.39
N TYR Q 81 -40.37 -51.71 -22.42
CA TYR Q 81 -40.92 -50.97 -21.29
C TYR Q 81 -42.29 -50.41 -21.66
N SER Q 82 -43.06 -50.07 -20.63
CA SER Q 82 -44.40 -49.50 -20.80
C SER Q 82 -44.46 -48.17 -20.05
N VAL Q 83 -44.95 -47.14 -20.73
CA VAL Q 83 -45.07 -45.80 -20.17
C VAL Q 83 -46.55 -45.52 -19.91
N VAL Q 84 -46.85 -45.00 -18.72
CA VAL Q 84 -48.22 -44.67 -18.33
C VAL Q 84 -48.20 -43.29 -17.69
N GLY Q 85 -49.36 -42.63 -17.75
CA GLY Q 85 -49.50 -41.31 -17.15
C GLY Q 85 -49.02 -40.18 -18.05
N HIS Q 86 -49.70 -39.04 -17.98
CA HIS Q 86 -49.32 -37.90 -18.80
C HIS Q 86 -47.98 -37.34 -18.36
N ALA Q 87 -47.30 -36.67 -19.29
CA ALA Q 87 -45.99 -36.10 -19.01
C ALA Q 87 -46.09 -35.00 -17.97
N ALA Q 88 -45.07 -34.92 -17.12
CA ALA Q 88 -45.01 -33.92 -16.07
C ALA Q 88 -44.07 -32.79 -16.48
N TRP Q 89 -44.23 -31.64 -15.78
CA TRP Q 89 -43.45 -30.44 -16.05
C TRP Q 89 -43.61 -29.99 -17.51
N ASP Q 90 -44.81 -30.18 -18.05
CA ASP Q 90 -45.11 -29.78 -19.43
C ASP Q 90 -45.79 -28.41 -19.44
N GLN Q 91 -45.04 -27.41 -19.00
CA GLN Q 91 -45.54 -26.05 -18.97
C GLN Q 91 -44.35 -25.10 -18.97
N GLY Q 92 -44.64 -23.84 -19.31
CA GLY Q 92 -43.62 -22.81 -19.34
C GLY Q 92 -43.37 -22.20 -17.97
N HIS Q 93 -42.56 -21.15 -17.97
CA HIS Q 93 -42.24 -20.44 -16.73
C HIS Q 93 -43.44 -19.61 -16.29
N PRO Q 94 -43.98 -19.82 -15.10
CA PRO Q 94 -45.14 -19.03 -14.66
C PRO Q 94 -44.87 -17.54 -14.59
N PHE Q 95 -43.65 -17.13 -14.24
CA PHE Q 95 -43.38 -15.71 -14.06
C PHE Q 95 -43.09 -15.01 -15.39
N ASP Q 96 -42.21 -15.59 -16.21
CA ASP Q 96 -41.82 -14.98 -17.47
C ASP Q 96 -42.43 -15.70 -18.67
N GLY Q 97 -42.22 -17.00 -18.78
CA GLY Q 97 -42.77 -17.75 -19.91
C GLY Q 97 -41.72 -18.52 -20.68
N PHE Q 98 -40.54 -18.71 -20.08
CA PHE Q 98 -39.48 -19.46 -20.74
C PHE Q 98 -39.87 -20.94 -20.84
N ASP Q 99 -39.47 -21.58 -21.93
CA ASP Q 99 -39.77 -22.97 -22.19
C ASP Q 99 -38.49 -23.78 -22.10
N PHE Q 100 -38.47 -24.76 -21.19
CA PHE Q 100 -37.30 -25.63 -21.06
C PHE Q 100 -37.22 -26.66 -22.19
N GLY Q 101 -38.37 -27.07 -22.73
CA GLY Q 101 -38.38 -28.03 -23.80
C GLY Q 101 -38.19 -29.47 -23.39
N TYR Q 102 -38.20 -29.77 -22.10
CA TYR Q 102 -38.00 -31.12 -21.58
C TYR Q 102 -39.18 -31.54 -20.73
N MET Q 103 -39.56 -32.82 -20.86
CA MET Q 103 -40.60 -33.41 -20.05
C MET Q 103 -40.14 -34.76 -19.54
N VAL Q 104 -40.72 -35.17 -18.41
CA VAL Q 104 -40.36 -36.43 -17.74
C VAL Q 104 -41.53 -37.40 -17.87
N PHE Q 105 -41.22 -38.64 -18.24
CA PHE Q 105 -42.20 -39.72 -18.34
C PHE Q 105 -41.82 -40.80 -17.34
N GLN Q 106 -42.75 -41.16 -16.47
CA GLN Q 106 -42.54 -42.23 -15.51
C GLN Q 106 -42.84 -43.55 -16.21
N VAL Q 107 -41.80 -44.13 -16.82
CA VAL Q 107 -41.94 -45.37 -17.57
C VAL Q 107 -41.67 -46.54 -16.62
N GLU Q 108 -42.49 -47.58 -16.73
CA GLU Q 108 -42.34 -48.77 -15.91
C GLU Q 108 -41.56 -49.82 -16.68
N ALA Q 109 -40.43 -50.25 -16.12
CA ALA Q 109 -39.61 -51.28 -16.74
C ALA Q 109 -40.01 -52.64 -16.17
N VAL Q 110 -40.35 -53.57 -17.06
CA VAL Q 110 -40.85 -54.88 -16.65
C VAL Q 110 -39.87 -55.96 -17.08
N ASN Q 111 -39.13 -55.69 -18.16
CA ASN Q 111 -38.13 -56.63 -18.65
C ASN Q 111 -36.77 -56.40 -17.97
N ASN R 2 -46.54 -17.67 -19.16
CA ASN R 2 -47.18 -17.26 -17.91
C ASN R 2 -48.14 -18.33 -17.41
N ASP R 3 -49.38 -17.94 -17.17
CA ASP R 3 -50.41 -18.85 -16.68
C ASP R 3 -51.30 -19.31 -17.83
N GLU R 4 -52.08 -20.35 -17.57
CA GLU R 4 -53.00 -20.93 -18.53
C GLU R 4 -54.38 -21.07 -17.91
N THR R 5 -55.41 -20.79 -18.69
CA THR R 5 -56.77 -20.82 -18.19
C THR R 5 -57.20 -22.25 -17.87
N LEU R 6 -57.98 -22.39 -16.80
CA LEU R 6 -58.45 -23.69 -16.34
C LEU R 6 -59.97 -23.66 -16.22
N THR R 7 -60.62 -24.69 -16.74
CA THR R 7 -62.07 -24.82 -16.62
C THR R 7 -62.42 -25.43 -15.28
N VAL R 8 -63.30 -24.76 -14.54
CA VAL R 8 -63.70 -25.18 -13.19
C VAL R 8 -65.15 -25.64 -13.23
N TYR R 9 -65.42 -26.77 -12.60
CA TYR R 9 -66.76 -27.33 -12.49
C TYR R 9 -67.15 -27.39 -11.03
N ARG R 10 -68.30 -26.80 -10.69
CA ARG R 10 -68.77 -26.72 -9.32
C ARG R 10 -70.10 -27.45 -9.17
N GLY R 11 -70.22 -28.23 -8.09
CA GLY R 11 -71.44 -28.96 -7.82
C GLY R 11 -71.45 -29.59 -6.44
N ALA R 12 -72.62 -29.58 -5.79
CA ALA R 12 -72.77 -30.15 -4.46
C ALA R 12 -73.72 -31.34 -4.54
N THR R 13 -73.26 -32.50 -4.04
CA THR R 13 -74.07 -33.70 -4.04
C THR R 13 -75.11 -33.63 -2.93
N ASP R 14 -76.35 -33.96 -3.27
CA ASP R 14 -77.45 -33.93 -2.32
C ASP R 14 -77.58 -35.30 -1.66
N ASN R 15 -78.67 -35.51 -0.92
CA ASN R 15 -78.91 -36.80 -0.27
C ASN R 15 -79.15 -37.89 -1.31
N LYS R 16 -79.69 -37.54 -2.48
CA LYS R 16 -79.93 -38.51 -3.53
C LYS R 16 -78.65 -39.05 -4.16
N GLY R 17 -77.51 -38.42 -3.91
CA GLY R 17 -76.26 -38.90 -4.45
C GLY R 17 -76.05 -38.64 -5.92
N ASN R 18 -76.79 -37.69 -6.50
CA ASN R 18 -76.64 -37.38 -7.92
C ASN R 18 -75.87 -36.07 -8.07
N PRO R 19 -74.60 -36.10 -8.50
CA PRO R 19 -73.86 -34.86 -8.66
C PRO R 19 -74.46 -33.98 -9.75
N ASN R 20 -74.37 -32.67 -9.54
CA ASN R 20 -74.85 -31.66 -10.50
C ASN R 20 -73.73 -30.62 -10.67
N LYS R 21 -72.82 -30.90 -11.60
CA LYS R 21 -71.67 -30.05 -11.84
C LYS R 21 -71.89 -29.22 -13.10
N GLN R 22 -71.75 -27.91 -12.97
CA GLN R 22 -71.92 -26.97 -14.07
C GLN R 22 -70.70 -26.07 -14.15
N VAL R 23 -70.64 -25.29 -15.24
CA VAL R 23 -69.51 -24.40 -15.46
C VAL R 23 -69.60 -23.21 -14.52
N HIS R 24 -68.55 -22.97 -13.76
CA HIS R 24 -68.47 -21.83 -12.84
C HIS R 24 -67.59 -20.71 -13.37
N GLY R 25 -67.00 -20.88 -14.55
CA GLY R 25 -66.14 -19.86 -15.11
C GLY R 25 -64.75 -20.38 -15.46
N THR R 26 -63.78 -19.47 -15.57
CA THR R 26 -62.41 -19.81 -15.89
C THR R 26 -61.49 -19.27 -14.81
N VAL R 27 -60.49 -20.06 -14.43
CA VAL R 27 -59.54 -19.71 -13.39
C VAL R 27 -58.13 -19.86 -13.93
N LYS R 28 -57.24 -18.96 -13.54
CA LYS R 28 -55.85 -18.96 -14.00
C LYS R 28 -54.97 -19.61 -12.94
N GLY R 29 -54.20 -20.60 -13.34
CA GLY R 29 -53.31 -21.30 -12.42
C GLY R 29 -52.27 -22.10 -13.15
N VAL R 30 -51.31 -22.60 -12.39
CA VAL R 30 -50.22 -23.42 -12.92
C VAL R 30 -50.12 -24.70 -12.10
N PHE R 31 -49.58 -25.74 -12.72
CA PHE R 31 -49.46 -27.05 -12.10
C PHE R 31 -48.02 -27.31 -11.67
N ALA R 32 -47.87 -28.18 -10.66
CA ALA R 32 -46.56 -28.56 -10.15
C ALA R 32 -46.61 -30.05 -9.81
N TRP R 33 -46.04 -30.88 -10.68
CA TRP R 33 -46.06 -32.33 -10.49
C TRP R 33 -44.84 -32.78 -9.67
N GLY R 34 -44.81 -32.32 -8.42
CA GLY R 34 -43.75 -32.68 -7.51
C GLY R 34 -43.53 -31.65 -6.43
N PRO R 35 -43.29 -32.11 -5.20
CA PRO R 35 -43.05 -31.16 -4.10
C PRO R 35 -41.69 -30.49 -4.18
N GLY R 36 -40.66 -31.22 -4.61
CA GLY R 36 -39.32 -30.66 -4.70
C GLY R 36 -38.68 -30.84 -6.05
N THR R 37 -37.50 -31.45 -6.07
CA THR R 37 -36.76 -31.69 -7.30
C THR R 37 -37.14 -32.98 -8.00
N SER R 38 -38.07 -33.74 -7.44
CA SER R 38 -38.53 -34.99 -8.02
C SER R 38 -39.99 -34.88 -8.44
N THR R 39 -40.54 -35.99 -8.91
CA THR R 39 -41.93 -36.06 -9.35
C THR R 39 -42.65 -37.17 -8.61
N ASN R 40 -43.95 -36.95 -8.39
CA ASN R 40 -44.76 -37.93 -7.68
C ASN R 40 -44.95 -39.19 -8.52
N LYS R 41 -44.87 -40.34 -7.86
CA LYS R 41 -45.06 -41.61 -8.55
C LYS R 41 -46.53 -41.80 -8.93
N PHE R 42 -46.76 -42.56 -9.99
CA PHE R 42 -48.10 -42.81 -10.50
C PHE R 42 -48.69 -44.03 -9.81
N GLY R 43 -49.87 -43.87 -9.22
CA GLY R 43 -50.50 -44.98 -8.54
C GLY R 43 -51.04 -46.02 -9.48
N ARG R 44 -51.16 -47.25 -8.98
CA ARG R 44 -51.68 -48.38 -9.72
C ARG R 44 -53.01 -48.82 -9.13
N ASP R 45 -54.02 -48.96 -9.97
CA ASP R 45 -55.34 -49.37 -9.49
C ASP R 45 -55.31 -50.78 -8.90
N ARG R 46 -54.61 -51.71 -9.57
CA ARG R 46 -54.41 -53.07 -9.08
C ARG R 46 -55.73 -53.82 -8.96
N ASN R 47 -56.56 -53.44 -7.98
CA ASN R 47 -57.82 -54.14 -7.76
C ASN R 47 -58.82 -53.85 -8.87
N PHE R 48 -58.82 -52.63 -9.41
CA PHE R 48 -59.76 -52.27 -10.46
C PHE R 48 -59.50 -53.09 -11.72
N LYS R 49 -60.58 -53.56 -12.33
CA LYS R 49 -60.49 -54.38 -13.54
C LYS R 49 -60.09 -53.50 -14.72
N GLY R 50 -58.84 -53.63 -15.17
CA GLY R 50 -58.36 -52.82 -16.26
C GLY R 50 -57.05 -52.14 -15.94
N GLU R 51 -56.80 -50.99 -16.57
CA GLU R 51 -55.59 -50.21 -16.33
C GLU R 51 -55.95 -48.75 -16.15
N SER R 52 -55.29 -48.10 -15.19
CA SER R 52 -55.53 -46.69 -14.89
C SER R 52 -54.30 -46.16 -14.16
N SER R 53 -54.41 -44.94 -13.64
CA SER R 53 -53.31 -44.32 -12.92
C SER R 53 -53.86 -43.36 -11.88
N SER R 54 -53.05 -43.10 -10.85
CA SER R 54 -53.39 -42.16 -9.78
C SER R 54 -52.26 -41.17 -9.62
N LEU R 55 -52.61 -39.91 -9.41
CA LEU R 55 -51.62 -38.85 -9.30
C LEU R 55 -52.13 -37.80 -8.30
N THR R 56 -51.20 -37.24 -7.52
CA THR R 56 -51.50 -36.17 -6.58
C THR R 56 -50.54 -35.02 -6.83
N ALA R 57 -51.03 -33.93 -7.41
CA ALA R 57 -50.23 -32.77 -7.76
C ALA R 57 -50.62 -31.58 -6.90
N GLU R 58 -49.91 -30.48 -7.10
CA GLU R 58 -50.16 -29.22 -6.41
C GLU R 58 -50.50 -28.14 -7.42
N LEU R 59 -51.54 -27.36 -7.13
CA LEU R 59 -52.03 -26.31 -8.00
C LEU R 59 -51.80 -24.96 -7.35
N TYR R 60 -51.14 -24.06 -8.07
CA TYR R 60 -50.88 -22.70 -7.60
C TYR R 60 -51.83 -21.74 -8.28
N VAL R 61 -52.60 -21.00 -7.50
CA VAL R 61 -53.62 -20.09 -8.02
C VAL R 61 -53.53 -18.77 -7.28
N LYS R 62 -54.00 -17.71 -7.93
CA LYS R 62 -54.01 -16.38 -7.33
C LYS R 62 -54.97 -16.34 -6.14
N ARG R 63 -54.67 -15.47 -5.20
CA ARG R 63 -55.51 -15.31 -4.02
C ARG R 63 -56.86 -14.73 -4.40
N GLY R 64 -57.89 -15.18 -3.68
CA GLY R 64 -59.25 -14.72 -3.94
C GLY R 64 -59.80 -15.14 -5.28
N ALA R 65 -59.44 -16.33 -5.75
CA ALA R 65 -59.95 -16.86 -7.01
C ALA R 65 -61.29 -17.54 -6.80
N ASP R 66 -62.01 -17.72 -7.91
CA ASP R 66 -63.31 -18.40 -7.85
C ASP R 66 -63.18 -19.89 -7.53
N LEU R 67 -61.97 -20.45 -7.64
CA LEU R 67 -61.78 -21.86 -7.36
C LEU R 67 -61.97 -22.15 -5.88
N LYS R 68 -62.67 -23.25 -5.60
CA LYS R 68 -62.92 -23.67 -4.23
C LYS R 68 -62.81 -25.20 -4.18
N ALA R 69 -62.60 -25.72 -2.97
CA ALA R 69 -62.45 -27.16 -2.79
C ALA R 69 -63.68 -27.91 -3.27
N ARG R 70 -63.50 -29.22 -3.48
CA ARG R 70 -64.57 -30.12 -3.93
C ARG R 70 -65.11 -29.68 -5.29
N ASP R 71 -64.21 -29.40 -6.22
CA ASP R 71 -64.55 -29.00 -7.57
C ASP R 71 -63.76 -29.84 -8.57
N ARG R 72 -64.10 -29.68 -9.85
CA ARG R 72 -63.44 -30.39 -10.94
C ARG R 72 -62.69 -29.41 -11.83
N ILE R 73 -61.52 -29.82 -12.28
CA ILE R 73 -60.64 -28.96 -13.08
C ILE R 73 -60.29 -29.70 -14.37
N ARG R 74 -60.47 -29.02 -15.50
CA ARG R 74 -60.11 -29.54 -16.80
C ARG R 74 -59.00 -28.68 -17.41
N ARG R 75 -57.95 -29.34 -17.92
CA ARG R 75 -56.85 -28.62 -18.52
C ARG R 75 -57.16 -28.29 -19.98
N ALA R 76 -56.19 -27.69 -20.67
CA ALA R 76 -56.36 -27.32 -22.07
C ALA R 76 -56.16 -28.48 -23.03
N ASN R 77 -55.63 -29.61 -22.55
CA ASN R 77 -55.40 -30.77 -23.41
C ASN R 77 -56.58 -31.74 -23.43
N GLY R 78 -57.34 -31.82 -22.34
CA GLY R 78 -58.49 -32.71 -22.29
C GLY R 78 -58.58 -33.47 -20.98
N GLU R 79 -57.48 -33.53 -20.23
CA GLU R 79 -57.49 -34.23 -18.96
C GLU R 79 -58.34 -33.48 -17.94
N GLU R 80 -59.09 -34.23 -17.15
CA GLU R 80 -59.97 -33.67 -16.12
C GLU R 80 -59.47 -34.10 -14.76
N TYR R 81 -59.23 -33.12 -13.88
CA TYR R 81 -58.73 -33.35 -12.54
C TYR R 81 -59.77 -32.95 -11.51
N SER R 82 -59.61 -33.47 -10.30
CA SER R 82 -60.50 -33.18 -9.18
C SER R 82 -59.68 -32.64 -8.02
N VAL R 83 -60.13 -31.52 -7.46
CA VAL R 83 -59.45 -30.87 -6.34
C VAL R 83 -60.28 -31.07 -5.08
N VAL R 84 -59.62 -31.47 -4.00
CA VAL R 84 -60.27 -31.72 -2.72
C VAL R 84 -59.46 -31.04 -1.62
N GLY R 85 -60.13 -30.72 -0.52
CA GLY R 85 -59.47 -30.10 0.61
C GLY R 85 -59.30 -28.60 0.48
N HIS R 86 -59.40 -27.89 1.59
CA HIS R 86 -59.27 -26.44 1.59
C HIS R 86 -57.83 -26.04 1.24
N ALA R 87 -57.70 -24.83 0.71
CA ALA R 87 -56.38 -24.33 0.30
C ALA R 87 -55.48 -24.16 1.52
N ALA R 88 -54.19 -24.44 1.32
CA ALA R 88 -53.20 -24.32 2.37
C ALA R 88 -52.39 -23.03 2.20
N TRP R 89 -51.75 -22.61 3.29
CA TRP R 89 -50.96 -21.38 3.32
C TRP R 89 -51.80 -20.17 2.93
N ASP R 90 -53.06 -20.17 3.35
CA ASP R 90 -53.99 -19.08 3.05
C ASP R 90 -54.07 -18.11 4.23
N GLN R 91 -52.93 -17.48 4.52
CA GLN R 91 -52.84 -16.52 5.61
C GLN R 91 -51.66 -15.60 5.36
N GLY R 92 -51.67 -14.47 6.07
CA GLY R 92 -50.59 -13.51 5.98
C GLY R 92 -49.42 -13.87 6.85
N HIS R 93 -48.46 -12.96 6.92
CA HIS R 93 -47.27 -13.16 7.73
C HIS R 93 -47.64 -13.03 9.21
N PRO R 94 -47.38 -14.05 10.04
CA PRO R 94 -47.71 -13.93 11.47
C PRO R 94 -46.97 -12.80 12.17
N PHE R 95 -45.75 -12.48 11.73
CA PHE R 95 -44.96 -11.46 12.42
C PHE R 95 -45.34 -10.05 11.97
N ASP R 96 -45.39 -9.82 10.65
CA ASP R 96 -45.70 -8.51 10.09
C ASP R 96 -47.10 -8.41 9.52
N GLY R 97 -47.47 -9.30 8.62
CA GLY R 97 -48.79 -9.28 8.01
C GLY R 97 -48.76 -9.18 6.50
N PHE R 98 -47.59 -9.41 5.90
CA PHE R 98 -47.46 -9.35 4.45
C PHE R 98 -48.17 -10.51 3.80
N ASP R 99 -48.73 -10.26 2.62
CA ASP R 99 -49.53 -11.24 1.88
C ASP R 99 -48.80 -11.64 0.61
N PHE R 100 -48.51 -12.94 0.48
CA PHE R 100 -47.98 -13.45 -0.78
C PHE R 100 -49.02 -13.49 -1.89
N GLY R 101 -50.28 -13.74 -1.55
CA GLY R 101 -51.31 -13.85 -2.55
C GLY R 101 -51.35 -15.16 -3.29
N TYR R 102 -50.61 -16.17 -2.83
CA TYR R 102 -50.56 -17.47 -3.48
C TYR R 102 -51.03 -18.55 -2.51
N MET R 103 -51.77 -19.51 -3.03
CA MET R 103 -52.24 -20.65 -2.25
C MET R 103 -52.02 -21.92 -3.06
N VAL R 104 -51.88 -23.03 -2.34
CA VAL R 104 -51.61 -24.34 -2.94
C VAL R 104 -52.86 -25.20 -2.79
N PHE R 105 -53.23 -25.88 -3.88
CA PHE R 105 -54.34 -26.81 -3.89
C PHE R 105 -53.81 -28.19 -4.25
N GLN R 106 -54.05 -29.17 -3.38
CA GLN R 106 -53.65 -30.55 -3.65
C GLN R 106 -54.71 -31.18 -4.55
N VAL R 107 -54.51 -31.06 -5.85
CA VAL R 107 -55.46 -31.56 -6.83
C VAL R 107 -55.06 -32.98 -7.20
N GLU R 108 -56.05 -33.87 -7.29
CA GLU R 108 -55.82 -35.26 -7.65
C GLU R 108 -56.04 -35.43 -9.14
N ALA R 109 -55.00 -35.89 -9.84
CA ALA R 109 -55.08 -36.11 -11.28
C ALA R 109 -55.46 -37.57 -11.52
N VAL R 110 -56.55 -37.77 -12.25
CA VAL R 110 -57.05 -39.11 -12.50
C VAL R 110 -56.96 -39.51 -13.97
N ASN R 111 -57.03 -38.56 -14.90
CA ASN R 111 -56.92 -38.87 -16.32
C ASN R 111 -55.46 -38.93 -16.75
N THR S 2 -91.29 -71.34 -33.86
CA THR S 2 -92.20 -70.21 -33.80
C THR S 2 -92.10 -69.49 -32.46
N ASP S 3 -93.11 -68.67 -32.15
CA ASP S 3 -93.15 -67.92 -30.90
C ASP S 3 -93.69 -68.82 -29.79
N PHE S 4 -92.78 -69.62 -29.23
CA PHE S 4 -93.17 -70.55 -28.17
C PHE S 4 -93.50 -69.84 -26.87
N TYR S 5 -93.00 -68.61 -26.68
CA TYR S 5 -93.34 -67.86 -25.47
C TYR S 5 -94.81 -67.48 -25.45
N THR S 6 -95.41 -67.24 -26.62
CA THR S 6 -96.83 -66.93 -26.68
C THR S 6 -97.67 -68.13 -26.24
N ILE S 7 -97.33 -69.33 -26.73
CA ILE S 7 -98.08 -70.52 -26.35
C ILE S 7 -97.75 -70.96 -24.93
N LYS S 8 -96.60 -70.53 -24.39
CA LYS S 8 -96.31 -70.79 -22.99
C LYS S 8 -97.28 -70.06 -22.08
N ASP S 9 -97.64 -68.81 -22.45
CA ASP S 9 -98.59 -68.00 -21.69
C ASP S 9 -98.14 -67.83 -20.24
N ALA S 10 -96.85 -67.54 -20.06
CA ALA S 10 -96.29 -67.29 -18.73
C ALA S 10 -96.46 -65.81 -18.41
N GLN S 11 -97.68 -65.46 -18.01
CA GLN S 11 -97.99 -64.07 -17.68
C GLN S 11 -97.17 -63.60 -16.48
N ALA S 12 -97.11 -64.41 -15.43
CA ALA S 12 -96.32 -64.12 -14.23
C ALA S 12 -96.70 -62.79 -13.60
N ASP S 13 -97.96 -62.36 -13.79
CA ASP S 13 -98.44 -61.10 -13.26
C ASP S 13 -99.63 -61.24 -12.33
N LEU S 14 -100.51 -62.21 -12.57
CA LEU S 14 -101.68 -62.41 -11.73
C LEU S 14 -101.45 -63.43 -10.62
N ALA S 15 -100.22 -63.92 -10.46
CA ALA S 15 -99.91 -64.85 -9.37
C ALA S 15 -99.81 -64.08 -8.06
N ILE S 16 -100.93 -63.96 -7.35
CA ILE S 16 -101.02 -63.14 -6.15
C ILE S 16 -100.48 -63.93 -4.96
N ALA S 17 -99.77 -63.23 -4.08
CA ALA S 17 -99.24 -63.83 -2.85
C ALA S 17 -99.89 -63.18 -1.65
N PRO S 18 -100.68 -63.91 -0.86
CA PRO S 18 -101.31 -63.31 0.32
C PRO S 18 -100.26 -62.86 1.33
N LEU S 19 -100.56 -61.75 2.01
CA LEU S 19 -99.64 -61.16 2.98
C LEU S 19 -100.19 -61.19 4.40
N ASN S 20 -101.38 -60.64 4.61
CA ASN S 20 -101.99 -60.59 5.94
C ASN S 20 -103.08 -61.66 6.01
N LEU S 21 -102.74 -62.80 6.60
CA LEU S 21 -103.67 -63.91 6.73
C LEU S 21 -104.46 -63.77 8.04
N THR S 22 -105.34 -62.78 8.05
CA THR S 22 -106.19 -62.52 9.20
C THR S 22 -107.33 -63.54 9.20
N VAL S 23 -107.29 -64.47 10.15
CA VAL S 23 -108.27 -65.55 10.24
C VAL S 23 -109.44 -65.05 11.09
N LEU S 24 -110.59 -64.83 10.46
CA LEU S 24 -111.77 -64.35 11.15
C LEU S 24 -112.54 -65.54 11.75
N LEU S 25 -112.91 -65.41 13.02
CA LEU S 25 -113.65 -66.45 13.72
C LEU S 25 -115.01 -65.92 14.14
N ALA S 26 -116.04 -66.74 13.96
CA ALA S 26 -117.40 -66.40 14.34
C ALA S 26 -118.06 -67.61 14.98
N PRO S 27 -119.01 -67.40 15.88
CA PRO S 27 -119.73 -68.52 16.47
C PRO S 27 -120.68 -69.15 15.46
N TYR S 28 -121.25 -70.30 15.87
CA TYR S 28 -122.18 -71.02 15.00
C TYR S 28 -123.46 -70.23 14.78
N SER S 29 -123.83 -69.38 15.74
CA SER S 29 -125.08 -68.61 15.61
C SER S 29 -124.99 -67.58 14.49
N THR S 30 -123.79 -67.10 14.18
CA THR S 30 -123.63 -66.09 13.14
C THR S 30 -123.91 -66.71 11.77
N THR S 31 -124.72 -66.01 10.97
CA THR S 31 -125.05 -66.50 9.64
C THR S 31 -123.86 -66.32 8.71
N PRO S 32 -123.39 -67.39 8.06
CA PRO S 32 -122.26 -67.25 7.15
C PRO S 32 -122.58 -66.39 5.95
N ALA S 33 -121.57 -65.70 5.44
CA ALA S 33 -121.70 -64.82 4.30
C ALA S 33 -121.10 -65.46 3.06
N THR S 34 -121.80 -65.33 1.93
CA THR S 34 -121.35 -65.93 0.68
C THR S 34 -120.28 -65.11 -0.03
N THR S 35 -120.06 -63.87 0.38
CA THR S 35 -119.06 -63.02 -0.26
C THR S 35 -118.44 -62.11 0.79
N LEU S 36 -117.23 -61.64 0.49
CA LEU S 36 -116.49 -60.74 1.37
C LEU S 36 -116.43 -59.32 0.82
N GLU S 37 -117.22 -59.01 -0.20
CA GLU S 37 -117.22 -57.70 -0.84
C GLU S 37 -118.63 -57.11 -0.79
N SER S 38 -118.70 -55.81 -0.55
CA SER S 38 -119.99 -55.12 -0.46
C SER S 38 -120.41 -54.63 -1.84
N PRO S 39 -121.53 -55.14 -2.40
CA PRO S 39 -121.96 -54.77 -3.75
C PRO S 39 -122.66 -53.41 -3.84
N THR S 40 -122.10 -52.40 -3.17
CA THR S 40 -122.70 -51.07 -3.21
C THR S 40 -121.65 -49.99 -3.51
N ASP S 41 -120.41 -50.23 -3.15
CA ASP S 41 -119.36 -49.24 -3.38
C ASP S 41 -118.14 -49.85 -4.06
N GLY S 42 -117.83 -51.10 -3.71
CA GLY S 42 -116.65 -51.78 -4.22
C GLY S 42 -115.59 -52.06 -3.19
N SER S 43 -115.85 -51.81 -1.91
CA SER S 43 -114.89 -52.04 -0.85
C SER S 43 -115.21 -53.35 -0.13
N LEU S 44 -114.49 -53.59 0.96
CA LEU S 44 -114.66 -54.81 1.75
C LEU S 44 -115.56 -54.55 2.94
N ALA S 45 -116.53 -55.45 3.15
CA ALA S 45 -117.44 -55.37 4.28
C ALA S 45 -117.68 -56.77 4.82
N ILE S 46 -117.77 -56.87 6.14
CA ILE S 46 -118.01 -58.15 6.80
C ILE S 46 -119.23 -58.05 7.69
N PRO S 47 -120.07 -59.09 7.76
CA PRO S 47 -121.22 -59.03 8.66
C PRO S 47 -120.76 -59.06 10.11
N PRO S 48 -121.55 -58.52 11.03
CA PRO S 48 -121.15 -58.54 12.45
C PRO S 48 -121.02 -59.96 12.96
N GLY S 49 -120.06 -60.15 13.87
CA GLY S 49 -119.76 -61.45 14.43
C GLY S 49 -118.43 -62.02 13.99
N TYR S 50 -117.79 -61.44 12.97
CA TYR S 50 -116.48 -61.89 12.51
C TYR S 50 -115.41 -61.19 13.33
N LYS S 51 -114.77 -61.93 14.23
CA LYS S 51 -113.71 -61.39 15.08
C LYS S 51 -112.39 -62.04 14.69
N SER S 52 -111.36 -61.22 14.48
CA SER S 52 -110.07 -61.72 14.07
C SER S 52 -109.42 -62.52 15.20
N VAL S 53 -108.78 -63.63 14.84
CA VAL S 53 -108.08 -64.45 15.82
C VAL S 53 -106.91 -63.68 16.42
N GLY S 54 -106.25 -62.85 15.63
CA GLY S 54 -105.09 -62.10 16.09
C GLY S 54 -103.94 -62.15 15.10
N HIS S 55 -102.74 -62.44 15.59
CA HIS S 55 -101.55 -62.52 14.76
C HIS S 55 -101.06 -63.96 14.70
N PHE S 56 -100.68 -64.39 13.49
CA PHE S 56 -100.19 -65.75 13.25
C PHE S 56 -98.67 -65.76 13.13
N GLU S 57 -98.12 -66.95 12.98
CA GLU S 57 -96.66 -67.11 12.90
C GLU S 57 -96.11 -66.43 11.64
N LYS S 58 -94.99 -65.74 11.81
CA LYS S 58 -94.36 -65.02 10.69
C LYS S 58 -93.30 -65.86 9.99
N GLN S 59 -92.44 -66.54 10.75
CA GLN S 59 -91.37 -67.32 10.13
C GLN S 59 -91.89 -68.60 9.49
N ALA S 60 -92.92 -69.21 10.08
CA ALA S 60 -93.49 -70.45 9.55
C ALA S 60 -94.76 -70.22 8.76
N GLY S 61 -95.73 -69.50 9.35
CA GLY S 61 -96.98 -69.22 8.66
C GLY S 61 -97.94 -70.39 8.69
N LEU S 62 -99.07 -70.18 8.02
CA LEU S 62 -100.11 -71.19 7.94
C LEU S 62 -99.78 -72.21 6.87
N THR S 63 -100.01 -73.48 7.18
CA THR S 63 -99.76 -74.59 6.26
C THR S 63 -101.08 -75.33 6.03
N LEU S 64 -101.81 -74.92 5.01
CA LEU S 64 -103.09 -75.54 4.69
C LEU S 64 -102.86 -76.80 3.86
N GLY S 65 -103.49 -77.90 4.27
CA GLY S 65 -103.35 -79.16 3.56
C GLY S 65 -104.68 -79.76 3.15
N ASN S 66 -104.81 -80.13 1.88
CA ASN S 66 -106.02 -80.74 1.34
C ASN S 66 -105.72 -82.21 1.05
N GLU S 67 -105.92 -83.06 2.05
CA GLU S 67 -105.68 -84.48 1.87
C GLU S 67 -106.77 -85.11 1.02
N PHE S 68 -106.35 -85.96 0.08
CA PHE S 68 -107.25 -86.65 -0.83
C PHE S 68 -107.15 -88.15 -0.60
N ASP S 69 -108.30 -88.81 -0.45
CA ASP S 69 -108.38 -90.25 -0.29
C ASP S 69 -109.29 -90.80 -1.38
N SER S 70 -108.78 -91.72 -2.18
CA SER S 70 -109.50 -92.32 -3.29
C SER S 70 -109.59 -93.83 -3.11
N LYS S 71 -110.22 -94.48 -4.08
CA LYS S 71 -110.38 -95.92 -4.07
C LYS S 71 -110.42 -96.43 -5.50
N ASP S 72 -109.91 -97.65 -5.70
CA ASP S 72 -109.85 -98.27 -7.01
C ASP S 72 -110.77 -99.49 -7.04
N ILE S 73 -111.47 -99.67 -8.17
CA ILE S 73 -112.37 -100.80 -8.37
C ILE S 73 -111.91 -101.56 -9.61
N GLU S 74 -111.77 -102.87 -9.46
CA GLU S 74 -111.35 -103.73 -10.57
C GLU S 74 -111.67 -105.17 -10.20
N ALA S 75 -112.51 -105.83 -10.99
CA ALA S 75 -112.89 -107.21 -10.71
C ALA S 75 -112.94 -108.10 -11.94
N TYR S 76 -112.65 -107.58 -13.13
CA TYR S 76 -112.75 -108.35 -14.37
C TYR S 76 -111.40 -108.44 -15.09
N GLY S 77 -110.30 -108.33 -14.34
CA GLY S 77 -108.98 -108.44 -14.92
C GLY S 77 -108.62 -107.30 -15.84
N GLU S 78 -108.47 -106.10 -15.29
CA GLU S 78 -108.11 -104.93 -16.07
C GLU S 78 -106.74 -104.43 -15.66
N PRO S 79 -105.85 -104.13 -16.61
CA PRO S 79 -104.50 -103.67 -16.24
C PRO S 79 -104.50 -102.32 -15.53
N GLU S 80 -105.56 -101.52 -15.66
CA GLU S 80 -105.64 -100.22 -15.03
C GLU S 80 -106.95 -100.07 -14.30
N PRO S 81 -106.98 -99.28 -13.22
CA PRO S 81 -108.24 -99.09 -12.49
C PRO S 81 -109.25 -98.22 -13.25
N ILE S 82 -110.36 -98.82 -13.64
CA ILE S 82 -111.42 -98.11 -14.37
C ILE S 82 -112.38 -97.50 -13.36
N ARG S 83 -112.81 -96.26 -13.63
CA ARG S 83 -113.75 -95.54 -12.76
C ARG S 83 -113.17 -95.37 -11.36
N THR S 84 -112.03 -94.69 -11.29
CA THR S 84 -111.36 -94.42 -10.03
C THR S 84 -112.12 -93.32 -9.28
N ILE S 85 -112.88 -93.73 -8.26
CA ILE S 85 -113.67 -92.80 -7.49
C ILE S 85 -112.83 -92.24 -6.35
N ILE S 86 -113.23 -91.07 -5.85
CA ILE S 86 -112.59 -90.41 -4.72
C ILE S 86 -113.61 -90.23 -3.61
N ASN S 87 -113.22 -90.55 -2.39
CA ASN S 87 -114.12 -90.55 -1.24
C ASN S 87 -113.93 -89.35 -0.33
N LYS S 88 -112.71 -89.11 0.15
CA LYS S 88 -112.45 -88.07 1.13
C LYS S 88 -111.63 -86.94 0.51
N ARG S 89 -112.03 -85.71 0.80
CA ARG S 89 -111.34 -84.50 0.36
C ARG S 89 -111.19 -83.52 1.52
N THR S 90 -110.77 -84.04 2.67
CA THR S 90 -110.67 -83.23 3.87
C THR S 90 -109.58 -82.17 3.72
N THR S 91 -109.88 -80.97 4.22
CA THR S 91 -108.94 -79.85 4.19
C THR S 91 -108.56 -79.50 5.63
N THR S 92 -107.26 -79.49 5.92
CA THR S 92 -106.75 -79.19 7.25
C THR S 92 -105.74 -78.05 7.16
N PHE S 93 -105.76 -77.17 8.16
CA PHE S 93 -104.84 -76.05 8.21
C PHE S 93 -104.47 -75.78 9.67
N ASP S 94 -103.19 -75.48 9.90
CA ASP S 94 -102.68 -75.20 11.24
C ASP S 94 -101.94 -73.88 11.23
N PHE S 95 -102.25 -73.02 12.19
CA PHE S 95 -101.61 -71.72 12.31
C PHE S 95 -101.28 -71.46 13.77
N ALA S 96 -100.12 -70.86 14.01
CA ALA S 96 -99.70 -70.53 15.36
C ALA S 96 -100.39 -69.25 15.84
N MET S 97 -100.42 -69.08 17.17
CA MET S 97 -101.05 -67.94 17.79
C MET S 97 -100.14 -67.37 18.88
N TYR S 98 -100.21 -66.05 19.04
CA TYR S 98 -99.42 -65.34 20.05
C TYR S 98 -100.28 -64.79 21.16
N GLN S 99 -101.28 -63.99 20.83
CA GLN S 99 -102.10 -63.33 21.85
C GLN S 99 -103.05 -64.33 22.51
N ASN S 100 -103.49 -63.97 23.72
CA ASN S 100 -104.40 -64.79 24.51
C ASN S 100 -105.65 -63.95 24.78
N GLN S 101 -106.62 -64.02 23.86
CA GLN S 101 -107.85 -63.27 23.97
C GLN S 101 -109.04 -64.23 24.03
N ARG S 102 -110.25 -63.66 23.98
CA ARG S 102 -111.46 -64.45 24.22
C ARG S 102 -111.64 -65.54 23.18
N ASN S 103 -111.58 -65.18 21.90
CA ASN S 103 -111.84 -66.15 20.85
C ASN S 103 -110.78 -67.25 20.82
N VAL S 104 -109.51 -66.87 21.04
CA VAL S 104 -108.43 -67.87 21.02
C VAL S 104 -108.62 -68.89 22.13
N LEU S 105 -108.91 -68.42 23.34
CA LEU S 105 -109.12 -69.34 24.46
C LEU S 105 -110.37 -70.18 24.25
N GLU S 106 -111.44 -69.58 23.71
CA GLU S 106 -112.64 -70.35 23.44
C GLU S 106 -112.38 -71.46 22.43
N LEU S 107 -111.61 -71.16 21.37
CA LEU S 107 -111.30 -72.17 20.38
C LEU S 107 -110.38 -73.25 20.93
N ILE S 108 -109.42 -72.86 21.78
CA ILE S 108 -108.44 -73.82 22.28
C ILE S 108 -108.99 -74.67 23.42
N TRP S 109 -110.03 -74.23 24.11
CA TRP S 109 -110.59 -74.99 25.22
C TRP S 109 -111.99 -75.54 24.94
N THR S 110 -112.61 -75.18 23.82
CA THR S 110 -113.92 -75.70 23.41
C THR S 110 -114.96 -75.50 24.50
N GLN S 111 -115.21 -74.22 24.81
CA GLN S 111 -116.14 -73.84 25.87
C GLN S 111 -116.82 -72.54 25.41
N ASP S 112 -117.73 -72.02 26.22
CA ASP S 112 -118.36 -70.72 25.94
C ASP S 112 -118.21 -69.86 27.19
N PHE S 113 -117.13 -69.08 27.23
CA PHE S 113 -116.79 -68.25 28.39
C PHE S 113 -117.60 -66.96 28.40
N SER S 114 -118.92 -67.12 28.38
CA SER S 114 -119.85 -66.00 28.47
C SER S 114 -120.37 -65.77 29.89
N ASN S 115 -120.67 -66.85 30.62
CA ASN S 115 -121.12 -66.71 31.99
C ASN S 115 -119.98 -66.35 32.94
N ILE S 116 -118.73 -66.53 32.51
CA ILE S 116 -117.60 -66.20 33.36
C ILE S 116 -117.52 -64.68 33.53
N GLN S 117 -117.00 -64.25 34.69
CA GLN S 117 -116.87 -62.84 35.00
C GLN S 117 -115.56 -62.65 35.77
N PRO S 118 -114.75 -61.67 35.41
CA PRO S 118 -113.51 -61.42 36.15
C PRO S 118 -113.78 -61.07 37.60
N SER S 119 -112.90 -61.53 38.49
CA SER S 119 -113.05 -61.29 39.90
C SER S 119 -112.74 -59.83 40.23
N GLU S 120 -112.90 -59.47 41.51
CA GLU S 120 -112.64 -58.11 41.95
C GLU S 120 -111.17 -57.73 41.84
N PHE S 121 -110.28 -58.71 41.75
CA PHE S 121 -108.84 -58.44 41.60
C PHE S 121 -108.30 -58.93 40.26
N GLY S 122 -109.16 -59.22 39.30
CA GLY S 122 -108.74 -59.68 38.00
C GLY S 122 -108.51 -61.17 37.88
N GLY S 123 -108.65 -61.93 38.97
CA GLY S 123 -108.46 -63.36 38.92
C GLY S 123 -109.50 -64.07 38.06
N ILE S 124 -109.02 -64.85 37.10
CA ILE S 124 -109.89 -65.60 36.20
C ILE S 124 -109.35 -67.02 36.07
N VAL S 125 -110.25 -67.93 35.69
CA VAL S 125 -109.91 -69.33 35.45
C VAL S 125 -110.54 -69.77 34.14
N LEU S 126 -109.75 -70.45 33.31
CA LEU S 126 -110.23 -71.02 32.04
C LEU S 126 -110.52 -72.49 32.29
N GLU S 127 -111.79 -72.85 32.30
CA GLU S 127 -112.24 -74.17 32.73
C GLU S 127 -112.43 -75.08 31.53
N ALA S 128 -111.76 -76.22 31.55
CA ALA S 128 -111.97 -77.23 30.52
C ALA S 128 -113.33 -77.90 30.73
N PRO S 129 -114.06 -78.20 29.64
CA PRO S 129 -115.38 -78.80 29.81
C PRO S 129 -115.31 -80.19 30.40
N LYS S 130 -116.33 -80.53 31.20
CA LYS S 130 -116.45 -81.89 31.73
C LYS S 130 -116.64 -82.88 30.59
N VAL S 131 -117.49 -82.55 29.62
CA VAL S 131 -117.67 -83.31 28.41
C VAL S 131 -117.25 -82.43 27.24
N PRO S 132 -116.30 -82.85 26.40
CA PRO S 132 -115.80 -81.97 25.35
C PRO S 132 -116.84 -81.74 24.25
N LYS S 133 -117.41 -80.54 24.24
CA LYS S 133 -118.42 -80.20 23.24
C LYS S 133 -117.78 -79.98 21.88
N ASN S 134 -118.46 -80.45 20.83
CA ASN S 134 -117.98 -80.28 19.46
C ASN S 134 -118.59 -79.03 18.85
N ILE S 135 -118.21 -77.89 19.43
CA ILE S 135 -118.72 -76.60 18.96
C ILE S 135 -118.08 -76.25 17.63
N TYR S 136 -118.89 -75.82 16.67
CA TYR S 136 -118.43 -75.47 15.34
C TYR S 136 -118.26 -73.97 15.22
N TYR S 137 -117.31 -73.56 14.38
CA TYR S 137 -116.96 -72.15 14.22
C TYR S 137 -117.00 -71.78 12.75
N ARG S 138 -117.20 -70.48 12.50
CA ARG S 138 -117.17 -69.92 11.16
C ARG S 138 -115.79 -69.31 10.93
N ALA S 139 -115.09 -69.79 9.90
CA ALA S 139 -113.72 -69.39 9.63
C ALA S 139 -113.64 -68.65 8.31
N ILE S 140 -112.91 -67.53 8.30
CA ILE S 140 -112.63 -66.77 7.09
C ILE S 140 -111.12 -66.57 7.01
N LEU S 141 -110.53 -67.00 5.91
CA LEU S 141 -109.08 -66.95 5.70
C LEU S 141 -108.82 -66.06 4.48
N VAL S 142 -108.67 -64.76 4.73
CA VAL S 142 -108.52 -63.77 3.67
C VAL S 142 -107.08 -63.32 3.58
N GLY S 143 -106.55 -63.26 2.36
CA GLY S 143 -105.23 -62.76 2.09
C GLY S 143 -105.26 -61.37 1.50
N MET S 144 -104.05 -60.82 1.29
CA MET S 144 -103.90 -59.47 0.79
C MET S 144 -102.79 -59.39 -0.23
N ASP S 145 -103.03 -58.68 -1.32
CA ASP S 145 -102.01 -58.36 -2.31
C ASP S 145 -102.36 -57.01 -2.93
N ASP S 146 -101.36 -56.15 -3.08
CA ASP S 146 -101.56 -54.77 -3.47
C ASP S 146 -100.90 -54.50 -4.80
N ARG S 147 -101.63 -53.88 -5.72
CA ARG S 147 -101.13 -53.44 -7.02
C ARG S 147 -101.57 -51.99 -7.21
N ASN S 148 -100.66 -51.06 -6.94
CA ASN S 148 -100.94 -49.62 -7.01
C ASN S 148 -102.07 -49.33 -6.02
N ASP S 149 -103.04 -48.47 -6.36
CA ASP S 149 -104.12 -48.13 -5.46
C ASP S 149 -105.25 -49.15 -5.48
N ARG S 150 -105.19 -50.15 -6.35
CA ARG S 150 -106.23 -51.18 -6.45
C ARG S 150 -105.65 -52.53 -6.04
N PRO S 151 -105.89 -52.97 -4.81
CA PRO S 151 -105.28 -54.22 -4.33
C PRO S 151 -106.06 -55.43 -4.83
N ILE S 152 -105.58 -56.62 -4.43
CA ILE S 152 -106.21 -57.89 -4.76
C ILE S 152 -106.64 -58.55 -3.46
N TRP S 153 -107.89 -58.97 -3.40
CA TRP S 153 -108.45 -59.62 -2.23
C TRP S 153 -108.77 -61.07 -2.56
N LEU S 154 -108.21 -62.00 -1.80
CA LEU S 154 -108.49 -63.43 -1.94
C LEU S 154 -108.78 -64.00 -0.57
N TYR S 155 -109.73 -64.93 -0.49
CA TYR S 155 -110.13 -65.49 0.78
C TYR S 155 -110.49 -66.96 0.62
N TRP S 156 -110.36 -67.70 1.72
CA TRP S 156 -110.71 -69.11 1.79
C TRP S 156 -111.99 -69.22 2.61
N LEU S 157 -113.14 -69.14 1.94
CA LEU S 157 -114.42 -69.16 2.63
C LEU S 157 -114.75 -70.58 3.08
N MET S 158 -115.16 -70.71 4.34
CA MET S 158 -115.56 -72.00 4.89
C MET S 158 -116.58 -71.79 6.02
N PRO S 159 -117.78 -72.34 5.89
CA PRO S 159 -118.82 -72.12 6.91
C PRO S 159 -118.89 -73.16 8.00
N LYS S 160 -117.91 -74.05 8.11
CA LYS S 160 -117.90 -75.04 9.20
C LYS S 160 -116.48 -75.52 9.43
N VAL S 161 -116.02 -75.42 10.68
CA VAL S 161 -114.67 -75.85 11.02
C VAL S 161 -114.67 -76.19 12.50
N LYS S 162 -113.78 -77.11 12.90
CA LYS S 162 -113.67 -77.52 14.29
C LYS S 162 -112.25 -78.00 14.55
N LEU S 163 -111.93 -78.16 15.83
CA LEU S 163 -110.60 -78.62 16.21
C LEU S 163 -110.35 -80.05 15.70
N ASP S 164 -109.13 -80.30 15.28
CA ASP S 164 -108.71 -81.63 14.83
C ASP S 164 -107.61 -82.22 15.71
N LYS S 165 -106.59 -81.42 16.02
CA LYS S 165 -105.49 -81.86 16.87
C LYS S 165 -104.73 -80.65 17.35
N LEU S 166 -104.30 -80.68 18.62
CA LEU S 166 -103.50 -79.62 19.21
C LEU S 166 -102.08 -80.12 19.37
N ASP S 167 -101.13 -79.44 18.74
CA ASP S 167 -99.73 -79.84 18.80
C ASP S 167 -99.15 -79.46 20.17
N ASN S 168 -98.06 -80.14 20.52
CA ASN S 168 -97.37 -79.86 21.78
C ASN S 168 -96.77 -78.46 21.72
N GLN S 169 -97.01 -77.67 22.77
CA GLN S 169 -96.55 -76.30 22.84
C GLN S 169 -95.35 -76.20 23.78
N THR S 170 -94.37 -75.39 23.39
CA THR S 170 -93.16 -75.17 24.18
C THR S 170 -93.19 -73.76 24.73
N LEU S 171 -93.08 -73.64 26.05
CA LEU S 171 -93.15 -72.35 26.74
C LEU S 171 -91.84 -72.05 27.47
N ASN S 172 -90.72 -72.46 26.90
CA ASN S 172 -89.42 -72.20 27.49
C ASN S 172 -89.05 -70.73 27.33
N ASP S 173 -87.82 -70.37 27.72
CA ASP S 173 -87.39 -68.98 27.80
C ASP S 173 -86.73 -68.49 26.51
N ASP S 174 -87.09 -69.05 25.36
CA ASP S 174 -86.59 -68.56 24.09
C ASP S 174 -87.69 -68.08 23.15
N ASN S 175 -88.96 -68.34 23.45
CA ASN S 175 -90.06 -67.85 22.63
C ASN S 175 -91.31 -67.76 23.49
N VAL S 176 -92.29 -67.02 22.97
CA VAL S 176 -93.58 -66.87 23.65
C VAL S 176 -94.37 -68.16 23.46
N ILE S 177 -95.44 -68.33 24.24
CA ILE S 177 -96.27 -69.52 24.12
C ILE S 177 -96.86 -69.59 22.72
N GLU S 178 -96.80 -70.79 22.13
CA GLU S 178 -97.24 -71.01 20.75
C GLU S 178 -98.46 -71.91 20.76
N TYR S 179 -99.60 -71.39 20.33
CA TYR S 179 -100.83 -72.17 20.16
C TYR S 179 -101.02 -72.39 18.66
N LYS S 180 -100.75 -73.60 18.20
CA LYS S 180 -100.83 -73.94 16.78
C LYS S 180 -101.69 -75.19 16.61
N PRO S 181 -103.01 -75.06 16.77
CA PRO S 181 -103.89 -76.21 16.56
C PRO S 181 -104.37 -76.32 15.13
N THR S 182 -104.35 -77.55 14.61
CA THR S 182 -104.85 -77.80 13.27
C THR S 182 -106.36 -77.99 13.29
N LEU S 183 -107.04 -77.44 12.29
CA LEU S 183 -108.49 -77.51 12.18
C LEU S 183 -108.86 -78.15 10.85
N LYS S 184 -109.75 -79.13 10.90
CA LYS S 184 -110.22 -79.82 9.70
C LYS S 184 -111.56 -79.23 9.29
N ALA S 185 -111.62 -78.70 8.06
CA ALA S 185 -112.86 -78.11 7.57
C ALA S 185 -113.91 -79.18 7.34
N PHE S 186 -115.15 -78.87 7.72
CA PHE S 186 -116.28 -79.76 7.56
C PHE S 186 -117.22 -79.21 6.49
N ARG S 187 -118.29 -79.96 6.22
CA ARG S 187 -119.26 -79.60 5.20
C ARG S 187 -120.54 -79.09 5.86
N ASP S 188 -121.00 -77.93 5.41
CA ASP S 188 -122.21 -77.33 5.95
C ASP S 188 -123.43 -77.76 5.13
N ASP S 189 -124.59 -77.75 5.78
CA ASP S 189 -125.82 -78.24 5.17
C ASP S 189 -126.76 -77.13 4.70
N VAL S 190 -126.90 -76.05 5.47
CA VAL S 190 -127.85 -74.99 5.09
C VAL S 190 -127.33 -74.15 3.93
N VAL S 191 -126.04 -74.22 3.62
CA VAL S 191 -125.49 -73.49 2.49
C VAL S 191 -124.96 -74.41 1.39
N GLY S 192 -124.63 -75.66 1.69
CA GLY S 192 -124.26 -76.62 0.68
C GLY S 192 -122.82 -76.59 0.22
N TYR S 193 -121.95 -75.82 0.88
CA TYR S 193 -120.55 -75.76 0.51
C TYR S 193 -119.68 -75.86 1.76
N SER S 194 -118.47 -76.37 1.58
CA SER S 194 -117.51 -76.59 2.65
C SER S 194 -116.31 -75.66 2.56
N VAL S 195 -115.62 -75.65 1.43
CA VAL S 195 -114.48 -74.76 1.20
C VAL S 195 -114.72 -74.01 -0.10
N ALA S 196 -114.50 -72.70 -0.07
CA ALA S 196 -114.73 -71.85 -1.23
C ALA S 196 -113.56 -70.89 -1.40
N GLN S 197 -113.15 -70.69 -2.65
CA GLN S 197 -112.10 -69.74 -3.00
C GLN S 197 -112.74 -68.53 -3.65
N GLY S 198 -112.44 -67.35 -3.14
CA GLY S 198 -113.04 -66.13 -3.65
C GLY S 198 -112.01 -65.06 -3.91
N PHE S 199 -112.17 -64.38 -5.04
CA PHE S 199 -111.30 -63.27 -5.43
C PHE S 199 -112.14 -62.00 -5.52
N ALA S 200 -111.64 -60.93 -4.94
CA ALA S 200 -112.35 -59.65 -4.94
C ALA S 200 -111.32 -58.53 -5.00
N GLY S 201 -111.80 -57.29 -4.81
CA GLY S 201 -110.94 -56.13 -4.86
C GLY S 201 -110.99 -55.44 -6.20
N PRO S 202 -110.80 -54.12 -6.20
CA PRO S 202 -110.79 -53.37 -7.47
C PRO S 202 -109.70 -53.81 -8.42
N GLY S 203 -108.54 -54.25 -7.90
CA GLY S 203 -107.46 -54.67 -8.76
C GLY S 203 -107.79 -55.92 -9.57
N TRP S 204 -108.60 -56.82 -9.00
CA TRP S 204 -108.93 -58.06 -9.69
C TRP S 204 -109.70 -57.78 -10.98
N ARG S 205 -110.42 -56.66 -11.03
CA ARG S 205 -111.15 -56.30 -12.25
C ARG S 205 -110.21 -56.06 -13.43
N ASP S 206 -109.00 -55.57 -13.16
CA ASP S 206 -108.05 -55.31 -14.24
C ASP S 206 -107.62 -56.60 -14.93
N LEU S 207 -107.37 -57.65 -14.15
CA LEU S 207 -106.81 -58.90 -14.68
C LEU S 207 -107.81 -60.04 -14.71
N VAL S 208 -109.11 -59.77 -14.49
CA VAL S 208 -110.10 -60.84 -14.54
C VAL S 208 -110.21 -61.40 -15.95
N ALA S 209 -110.10 -60.54 -16.97
CA ALA S 209 -110.12 -61.00 -18.34
C ALA S 209 -108.85 -61.79 -18.68
N THR S 210 -107.71 -61.35 -18.15
CA THR S 210 -106.46 -62.05 -18.39
C THR S 210 -106.46 -63.43 -17.73
N ALA S 211 -107.12 -63.57 -16.58
CA ALA S 211 -107.20 -64.86 -15.90
C ALA S 211 -108.07 -65.86 -16.63
N GLY S 212 -108.81 -65.44 -17.66
CA GLY S 212 -109.65 -66.32 -18.43
C GLY S 212 -111.08 -66.44 -17.92
N PHE S 213 -111.39 -65.87 -16.77
CA PHE S 213 -112.76 -65.90 -16.26
C PHE S 213 -113.65 -64.99 -17.10
N GLY S 214 -114.83 -65.50 -17.44
CA GLY S 214 -115.74 -64.71 -18.27
C GLY S 214 -115.20 -64.52 -19.67
N GLU S 215 -115.35 -63.31 -20.20
CA GLU S 215 -114.89 -62.97 -21.53
C GLU S 215 -113.93 -61.79 -21.47
N ALA S 216 -113.14 -61.63 -22.52
CA ALA S 216 -112.20 -60.53 -22.59
C ALA S 216 -112.92 -59.20 -22.77
N LEU S 217 -112.35 -58.15 -22.19
CA LEU S 217 -112.92 -56.81 -22.27
C LEU S 217 -112.59 -56.21 -23.62
N THR S 218 -113.60 -56.14 -24.51
CA THR S 218 -113.41 -55.59 -25.84
C THR S 218 -114.41 -54.50 -26.20
N ALA S 219 -115.49 -54.33 -25.44
CA ALA S 219 -116.50 -53.32 -25.73
C ALA S 219 -116.87 -52.60 -24.44
N LEU S 220 -117.30 -51.35 -24.59
CA LEU S 220 -117.69 -50.53 -23.44
C LEU S 220 -118.64 -49.45 -23.93
N THR S 221 -119.60 -49.10 -23.07
CA THR S 221 -120.59 -48.09 -23.40
C THR S 221 -121.14 -47.51 -22.10
N ILE S 222 -121.29 -46.19 -22.07
CA ILE S 222 -121.87 -45.51 -20.91
C ILE S 222 -123.38 -45.73 -20.93
N THR S 223 -123.91 -46.26 -19.82
CA THR S 223 -125.33 -46.63 -19.79
C THR S 223 -126.27 -45.45 -20.00
N PRO S 224 -126.12 -44.30 -19.31
CA PRO S 224 -126.97 -43.15 -19.63
C PRO S 224 -126.65 -42.58 -21.01
N GLY S 225 -127.58 -42.71 -21.95
CA GLY S 225 -127.37 -42.23 -23.30
C GLY S 225 -127.26 -40.72 -23.38
N SER S 226 -128.36 -40.02 -23.09
CA SER S 226 -128.40 -38.56 -23.10
C SER S 226 -129.02 -38.08 -21.80
N PRO S 227 -128.27 -38.13 -20.70
CA PRO S 227 -128.83 -37.68 -19.41
C PRO S 227 -129.13 -36.19 -19.43
N THR S 228 -130.17 -35.82 -18.69
CA THR S 228 -130.61 -34.43 -18.56
C THR S 228 -130.45 -33.99 -17.11
N VAL S 229 -129.74 -32.88 -16.91
CA VAL S 229 -129.49 -32.34 -15.58
C VAL S 229 -129.97 -30.89 -15.56
N THR S 230 -130.67 -30.52 -14.48
CA THR S 230 -131.16 -29.16 -14.33
C THR S 230 -130.05 -28.25 -13.84
N VAL S 231 -130.00 -27.03 -14.39
CA VAL S 231 -129.01 -26.05 -13.96
C VAL S 231 -129.23 -25.67 -12.49
N ALA S 232 -130.49 -25.46 -12.11
CA ALA S 232 -130.81 -25.12 -10.73
C ALA S 232 -130.67 -26.35 -9.85
N THR S 233 -130.68 -26.11 -8.53
CA THR S 233 -130.54 -27.18 -7.53
C THR S 233 -131.90 -27.85 -7.37
N GLY S 234 -132.22 -28.71 -8.34
CA GLY S 234 -133.46 -29.44 -8.34
C GLY S 234 -133.28 -30.91 -8.01
N ALA S 235 -134.34 -31.68 -8.27
CA ALA S 235 -134.30 -33.12 -8.01
C ALA S 235 -133.27 -33.81 -8.90
N SER S 236 -133.22 -33.42 -10.17
CA SER S 236 -132.30 -34.01 -11.14
C SER S 236 -131.09 -33.10 -11.42
N HIS S 237 -130.67 -32.32 -10.43
CA HIS S 237 -129.52 -31.44 -10.62
C HIS S 237 -128.24 -32.23 -10.84
N THR S 238 -128.06 -33.32 -10.09
CA THR S 238 -126.86 -34.14 -10.18
C THR S 238 -127.23 -35.53 -10.71
N ALA S 239 -126.34 -36.09 -11.53
CA ALA S 239 -126.53 -37.41 -12.10
C ALA S 239 -125.26 -38.23 -11.94
N GLN S 240 -125.41 -39.54 -11.87
CA GLN S 240 -124.31 -40.47 -11.68
C GLN S 240 -124.16 -41.34 -12.92
N LEU S 241 -122.94 -41.38 -13.46
CA LEU S 241 -122.64 -42.19 -14.63
C LEU S 241 -122.25 -43.60 -14.23
N LEU S 242 -122.43 -44.53 -15.16
CA LEU S 242 -122.07 -45.94 -14.92
C LEU S 242 -121.77 -46.57 -16.29
N VAL S 243 -120.49 -46.75 -16.56
CA VAL S 243 -120.06 -47.38 -17.81
C VAL S 243 -120.07 -48.90 -17.64
N GLU S 244 -120.63 -49.59 -18.62
CA GLU S 244 -120.75 -51.04 -18.60
C GLU S 244 -119.98 -51.64 -19.76
N GLY S 245 -119.16 -52.66 -19.48
CA GLY S 245 -118.40 -53.34 -20.50
C GLY S 245 -119.14 -54.55 -21.06
N ASP S 246 -118.44 -55.26 -21.95
CA ASP S 246 -119.01 -56.46 -22.55
C ASP S 246 -119.02 -57.65 -21.59
N ASN S 247 -118.34 -57.55 -20.45
CA ASN S 247 -118.28 -58.63 -19.48
C ASN S 247 -119.33 -58.48 -18.38
N GLY S 248 -120.19 -57.48 -18.46
CA GLY S 248 -121.21 -57.26 -17.44
C GLY S 248 -120.65 -56.88 -16.08
N ILE S 249 -119.59 -56.07 -16.05
CA ILE S 249 -118.97 -55.62 -14.82
C ILE S 249 -118.78 -54.12 -14.89
N ASN S 250 -119.14 -53.43 -13.80
CA ASN S 250 -119.03 -51.98 -13.75
C ASN S 250 -117.56 -51.55 -13.81
N TYR S 251 -117.31 -50.44 -14.49
CA TYR S 251 -115.96 -49.89 -14.65
C TYR S 251 -115.94 -48.41 -14.26
N THR S 252 -116.71 -48.05 -13.24
CA THR S 252 -116.79 -46.67 -12.78
C THR S 252 -115.57 -46.25 -11.95
N PRO S 253 -115.20 -46.97 -10.87
CA PRO S 253 -114.16 -46.44 -9.99
C PRO S 253 -112.79 -46.32 -10.64
N ASP S 254 -112.52 -47.05 -11.72
CA ASP S 254 -111.19 -47.05 -12.33
C ASP S 254 -111.10 -46.20 -13.58
N VAL S 255 -112.11 -46.22 -14.44
CA VAL S 255 -112.09 -45.45 -15.68
C VAL S 255 -112.37 -43.98 -15.37
N VAL S 256 -111.51 -43.10 -15.85
CA VAL S 256 -111.65 -41.67 -15.63
C VAL S 256 -112.43 -41.06 -16.80
N PHE S 257 -113.19 -40.01 -16.50
CA PHE S 257 -114.02 -39.33 -17.50
C PHE S 257 -113.50 -37.92 -17.70
N THR S 258 -113.35 -37.53 -18.97
CA THR S 258 -112.88 -36.20 -19.33
C THR S 258 -113.99 -35.47 -20.07
N SER S 259 -114.28 -34.24 -19.63
CA SER S 259 -115.33 -33.43 -20.23
C SER S 259 -114.70 -32.51 -21.28
N SER S 260 -115.04 -32.73 -22.55
CA SER S 260 -114.52 -31.90 -23.62
C SER S 260 -115.09 -30.49 -23.59
N ALA S 261 -116.24 -30.29 -22.95
CA ALA S 261 -116.89 -28.99 -22.84
C ALA S 261 -117.18 -28.70 -21.37
N PRO S 262 -116.17 -28.25 -20.62
CA PRO S 262 -116.40 -27.96 -19.19
C PRO S 262 -117.39 -26.83 -18.95
N ASP S 263 -117.62 -25.96 -19.93
CA ASP S 263 -118.56 -24.87 -19.75
C ASP S 263 -119.98 -25.40 -19.57
N LYS S 264 -120.35 -26.44 -20.32
CA LYS S 264 -121.70 -26.99 -20.21
C LYS S 264 -121.82 -27.93 -19.02
N ALA S 265 -121.02 -28.99 -18.99
CA ALA S 265 -121.05 -29.95 -17.89
C ALA S 265 -119.66 -30.52 -17.69
N SER S 266 -119.27 -30.67 -16.43
CA SER S 266 -117.98 -31.24 -16.06
C SER S 266 -118.20 -32.52 -15.27
N VAL S 267 -117.50 -33.58 -15.67
CA VAL S 267 -117.60 -34.89 -15.02
C VAL S 267 -116.25 -35.22 -14.41
N SER S 268 -116.24 -35.49 -13.11
CA SER S 268 -115.03 -35.84 -12.40
C SER S 268 -114.79 -37.35 -12.48
N ALA S 269 -113.81 -37.84 -11.73
CA ALA S 269 -113.53 -39.28 -11.73
C ALA S 269 -114.68 -40.07 -11.11
N ALA S 270 -115.44 -39.45 -10.20
CA ALA S 270 -116.56 -40.13 -9.57
C ALA S 270 -117.75 -40.31 -10.51
N GLY S 271 -117.73 -39.69 -11.68
CA GLY S 271 -118.83 -39.81 -12.62
C GLY S 271 -120.00 -38.88 -12.36
N LEU S 272 -119.85 -37.90 -11.50
CA LEU S 272 -120.93 -36.97 -11.22
C LEU S 272 -121.22 -36.09 -12.43
N VAL S 273 -122.49 -35.81 -12.68
CA VAL S 273 -122.93 -34.96 -13.77
C VAL S 273 -123.85 -33.91 -13.17
N THR S 274 -123.30 -32.73 -12.89
CA THR S 274 -124.07 -31.63 -12.32
C THR S 274 -124.47 -30.59 -13.35
N GLY S 275 -123.55 -30.21 -14.24
CA GLY S 275 -123.85 -29.23 -15.26
C GLY S 275 -123.62 -27.80 -14.81
N VAL S 276 -122.81 -27.06 -15.55
CA VAL S 276 -122.51 -25.65 -15.24
C VAL S 276 -123.41 -24.72 -16.03
N ALA S 277 -123.55 -24.95 -17.33
CA ALA S 277 -124.40 -24.14 -18.19
C ALA S 277 -125.23 -25.04 -19.09
N ALA S 278 -126.39 -24.54 -19.50
CA ALA S 278 -127.27 -25.31 -20.37
C ALA S 278 -126.63 -25.49 -21.74
N GLY S 279 -126.72 -26.70 -22.26
CA GLY S 279 -126.17 -27.02 -23.56
C GLY S 279 -125.85 -28.50 -23.66
N SER S 280 -125.07 -28.83 -24.68
CA SER S 280 -124.65 -30.20 -24.94
C SER S 280 -123.14 -30.32 -24.74
N ALA S 281 -122.72 -31.42 -24.12
CA ALA S 281 -121.31 -31.67 -23.85
C ALA S 281 -120.97 -33.11 -24.20
N THR S 282 -119.70 -33.34 -24.51
CA THR S 282 -119.19 -34.66 -24.88
C THR S 282 -118.22 -35.13 -23.81
N ILE S 283 -118.43 -36.36 -23.33
CA ILE S 283 -117.61 -36.96 -22.28
C ILE S 283 -116.91 -38.19 -22.85
N THR S 284 -115.60 -38.26 -22.67
CA THR S 284 -114.80 -39.38 -23.15
C THR S 284 -114.25 -40.15 -21.95
N ALA S 285 -114.44 -41.47 -21.97
CA ALA S 285 -114.01 -42.34 -20.88
C ALA S 285 -112.97 -43.32 -21.41
N THR S 286 -111.77 -43.27 -20.83
CA THR S 286 -110.69 -44.18 -21.18
C THR S 286 -110.03 -44.69 -19.90
N LYS S 287 -109.51 -45.91 -19.96
CA LYS S 287 -108.73 -46.46 -18.85
C LYS S 287 -107.27 -46.65 -19.23
N GLY S 288 -106.97 -47.52 -20.21
CA GLY S 288 -105.67 -47.50 -20.82
C GLY S 288 -105.64 -47.71 -22.32
N ALA S 289 -106.73 -48.26 -22.86
CA ALA S 289 -106.78 -48.57 -24.29
C ALA S 289 -108.11 -48.26 -24.97
N LEU S 290 -109.22 -48.20 -24.25
CA LEU S 290 -110.55 -48.14 -24.85
C LEU S 290 -111.14 -46.75 -24.67
N THR S 291 -111.67 -46.19 -25.75
CA THR S 291 -112.26 -44.86 -25.75
C THR S 291 -113.77 -44.98 -25.99
N ALA S 292 -114.55 -44.38 -25.11
CA ALA S 292 -116.00 -44.36 -25.22
C ALA S 292 -116.49 -42.91 -25.19
N THR S 293 -117.43 -42.59 -26.08
CA THR S 293 -117.96 -41.24 -26.21
C THR S 293 -119.41 -41.21 -25.77
N ALA S 294 -119.76 -40.20 -24.97
CA ALA S 294 -121.12 -40.02 -24.47
C ALA S 294 -121.53 -38.57 -24.65
N THR S 295 -122.82 -38.37 -24.90
CA THR S 295 -123.38 -37.03 -25.09
C THR S 295 -124.32 -36.71 -23.93
N VAL S 296 -124.08 -35.59 -23.27
CA VAL S 296 -124.87 -35.14 -22.13
C VAL S 296 -125.54 -33.82 -22.48
N THR S 297 -126.86 -33.76 -22.27
CA THR S 297 -127.65 -32.56 -22.56
C THR S 297 -127.99 -31.87 -21.25
N VAL S 298 -127.72 -30.57 -21.18
CA VAL S 298 -127.98 -29.76 -20.00
C VAL S 298 -129.00 -28.70 -20.34
N THR S 299 -130.04 -28.57 -19.52
CA THR S 299 -131.08 -27.58 -19.74
C THR S 299 -131.66 -27.16 -18.39
N ALA S 300 -132.30 -26.01 -18.38
CA ALA S 300 -132.91 -25.48 -17.16
C ALA S 300 -134.28 -26.10 -16.93
N THR T 2 -109.55 -50.31 2.71
CA THR T 2 -109.84 -49.61 3.96
C THR T 2 -108.73 -49.86 4.99
N ASP T 3 -109.05 -49.61 6.26
CA ASP T 3 -108.11 -49.79 7.36
C ASP T 3 -108.10 -51.25 7.81
N PHE T 4 -107.39 -52.07 7.02
CA PHE T 4 -107.32 -53.50 7.29
C PHE T 4 -106.54 -53.82 8.55
N TYR T 5 -105.66 -52.92 9.00
CA TYR T 5 -104.93 -53.16 10.24
C TYR T 5 -105.86 -53.17 11.45
N THR T 6 -106.94 -52.39 11.40
CA THR T 6 -107.90 -52.39 12.49
C THR T 6 -108.63 -53.73 12.58
N ILE T 7 -109.08 -54.25 11.43
CA ILE T 7 -109.78 -55.53 11.43
C ILE T 7 -108.82 -56.68 11.68
N LYS T 8 -107.51 -56.48 11.43
CA LYS T 8 -106.53 -57.49 11.80
C LYS T 8 -106.46 -57.65 13.32
N ASP T 9 -106.55 -56.55 14.05
CA ASP T 9 -106.55 -56.55 15.51
C ASP T 9 -105.28 -57.23 16.07
N ALA T 10 -104.14 -56.92 15.45
CA ALA T 10 -102.85 -57.44 15.90
C ALA T 10 -102.32 -56.53 17.00
N GLN T 11 -102.86 -56.74 18.21
CA GLN T 11 -102.44 -55.93 19.35
C GLN T 11 -100.96 -56.15 19.67
N ALA T 12 -100.54 -57.42 19.70
CA ALA T 12 -99.15 -57.79 19.95
C ALA T 12 -98.64 -57.21 21.27
N ASP T 13 -99.52 -57.04 22.25
CA ASP T 13 -99.15 -56.48 23.54
C ASP T 13 -99.50 -57.38 24.72
N LEU T 14 -100.60 -58.13 24.64
CA LEU T 14 -101.02 -59.02 25.72
C LEU T 14 -100.51 -60.44 25.55
N ALA T 15 -99.67 -60.70 24.54
CA ALA T 15 -99.08 -62.02 24.36
C ALA T 15 -97.98 -62.25 25.37
N ILE T 16 -98.35 -62.75 26.55
CA ILE T 16 -97.41 -62.90 27.66
C ILE T 16 -96.57 -64.15 27.47
N ALA T 17 -95.30 -64.05 27.84
CA ALA T 17 -94.36 -65.16 27.77
C ALA T 17 -93.90 -65.53 29.17
N PRO T 18 -94.23 -66.72 29.67
CA PRO T 18 -93.77 -67.11 31.01
C PRO T 18 -92.26 -67.18 31.09
N LEU T 19 -91.72 -66.80 32.25
CA LEU T 19 -90.28 -66.79 32.47
C LEU T 19 -89.84 -67.78 33.52
N ASN T 20 -90.41 -67.73 34.72
CA ASN T 20 -90.04 -68.62 35.82
C ASN T 20 -91.12 -69.68 35.95
N LEU T 21 -90.87 -70.85 35.40
CA LEU T 21 -91.83 -71.96 35.44
C LEU T 21 -91.57 -72.80 36.69
N THR T 22 -91.91 -72.21 37.84
CA THR T 22 -91.76 -72.89 39.13
C THR T 22 -92.91 -73.88 39.30
N VAL T 23 -92.60 -75.17 39.23
CA VAL T 23 -93.61 -76.22 39.30
C VAL T 23 -93.79 -76.58 40.78
N LEU T 24 -94.93 -76.22 41.34
CA LEU T 24 -95.24 -76.49 42.74
C LEU T 24 -95.82 -77.90 42.88
N LEU T 25 -95.28 -78.66 43.82
CA LEU T 25 -95.72 -80.03 44.08
C LEU T 25 -96.30 -80.12 45.49
N ALA T 26 -97.41 -80.82 45.61
CA ALA T 26 -98.07 -81.05 46.89
C ALA T 26 -98.55 -82.48 46.95
N PRO T 27 -98.63 -83.07 48.16
CA PRO T 27 -99.17 -84.42 48.29
C PRO T 27 -100.66 -84.45 48.06
N TYR T 28 -101.20 -85.67 47.97
CA TYR T 28 -102.63 -85.84 47.74
C TYR T 28 -103.46 -85.34 48.93
N SER T 29 -102.89 -85.35 50.13
CA SER T 29 -103.63 -84.92 51.31
C SER T 29 -103.92 -83.42 51.27
N THR T 30 -103.07 -82.63 50.60
CA THR T 30 -103.27 -81.19 50.53
C THR T 30 -104.49 -80.86 49.70
N THR T 31 -105.35 -79.98 50.22
CA THR T 31 -106.55 -79.58 49.49
C THR T 31 -106.16 -78.67 48.33
N PRO T 32 -106.57 -78.99 47.10
CA PRO T 32 -106.23 -78.12 45.96
C PRO T 32 -106.91 -76.77 46.08
N ALA T 33 -106.24 -75.75 45.54
CA ALA T 33 -106.74 -74.39 45.55
C ALA T 33 -107.27 -74.01 44.17
N THR T 34 -108.42 -73.35 44.15
CA THR T 34 -109.05 -72.95 42.89
C THR T 34 -108.45 -71.69 42.30
N THR T 35 -107.64 -70.95 43.06
CA THR T 35 -107.03 -69.73 42.56
C THR T 35 -105.65 -69.55 43.18
N LEU T 36 -104.81 -68.79 42.50
CA LEU T 36 -103.45 -68.51 42.96
C LEU T 36 -103.29 -67.08 43.44
N GLU T 37 -104.39 -66.35 43.63
CA GLU T 37 -104.36 -64.96 44.05
C GLU T 37 -105.17 -64.79 45.32
N SER T 38 -104.67 -63.96 46.23
CA SER T 38 -105.35 -63.72 47.50
C SER T 38 -106.35 -62.58 47.36
N PRO T 39 -107.66 -62.82 47.54
CA PRO T 39 -108.68 -61.78 47.35
C PRO T 39 -108.81 -60.83 48.54
N THR T 40 -107.68 -60.37 49.06
CA THR T 40 -107.72 -59.43 50.18
C THR T 40 -106.80 -58.23 49.94
N ASP T 41 -105.74 -58.42 49.16
CA ASP T 41 -104.79 -57.34 48.89
C ASP T 41 -104.50 -57.18 47.40
N GLY T 42 -104.45 -58.28 46.65
CA GLY T 42 -104.08 -58.24 45.25
C GLY T 42 -102.75 -58.90 44.92
N SER T 43 -102.12 -59.57 45.88
CA SER T 43 -100.84 -60.23 45.69
C SER T 43 -101.06 -61.73 45.51
N LEU T 44 -99.96 -62.48 45.44
CA LEU T 44 -100.00 -63.92 45.26
C LEU T 44 -99.86 -64.63 46.60
N ALA T 45 -100.75 -65.59 46.84
CA ALA T 45 -100.70 -66.40 48.06
C ALA T 45 -100.99 -67.85 47.71
N ILE T 46 -100.29 -68.76 48.38
CA ILE T 46 -100.46 -70.19 48.14
C ILE T 46 -100.79 -70.88 49.46
N PRO T 47 -101.69 -71.87 49.45
CA PRO T 47 -101.96 -72.60 50.68
C PRO T 47 -100.77 -73.44 51.10
N PRO T 48 -100.62 -73.73 52.39
CA PRO T 48 -99.49 -74.55 52.84
C PRO T 48 -99.52 -75.93 52.20
N GLY T 49 -98.32 -76.46 51.92
CA GLY T 49 -98.17 -77.74 51.27
C GLY T 49 -97.63 -77.67 49.85
N TYR T 50 -97.62 -76.49 49.25
CA TYR T 50 -97.08 -76.32 47.90
C TYR T 50 -95.58 -76.09 48.00
N LYS T 51 -94.80 -77.10 47.61
CA LYS T 51 -93.35 -77.03 47.64
C LYS T 51 -92.81 -77.04 46.22
N SER T 52 -91.94 -76.09 45.91
CA SER T 52 -91.39 -75.99 44.56
C SER T 52 -90.49 -77.17 44.25
N VAL T 53 -90.56 -77.66 43.01
CA VAL T 53 -89.71 -78.76 42.60
C VAL T 53 -88.25 -78.32 42.54
N GLY T 54 -88.00 -77.07 42.16
CA GLY T 54 -86.63 -76.58 42.05
C GLY T 54 -86.38 -75.82 40.77
N HIS T 55 -85.28 -76.14 40.10
CA HIS T 55 -84.89 -75.48 38.86
C HIS T 55 -85.05 -76.45 37.70
N PHE T 56 -85.65 -75.96 36.61
CA PHE T 56 -85.89 -76.75 35.42
C PHE T 56 -84.87 -76.41 34.35
N GLU T 57 -84.94 -77.13 33.22
CA GLU T 57 -83.98 -76.93 32.14
C GLU T 57 -84.11 -75.55 31.53
N LYS T 58 -82.98 -74.91 31.27
CA LYS T 58 -82.96 -73.56 30.71
C LYS T 58 -82.87 -73.56 29.19
N GLN T 59 -82.00 -74.41 28.63
CA GLN T 59 -81.82 -74.43 27.18
C GLN T 59 -83.00 -75.10 26.47
N ALA T 60 -83.61 -76.11 27.08
CA ALA T 60 -84.72 -76.84 26.49
C ALA T 60 -86.07 -76.39 27.07
N GLY T 61 -86.20 -76.38 28.40
CA GLY T 61 -87.42 -75.97 29.03
C GLY T 61 -88.49 -77.05 29.02
N LEU T 62 -89.65 -76.69 29.55
CA LEU T 62 -90.77 -77.61 29.62
C LEU T 62 -91.51 -77.66 28.29
N THR T 63 -91.89 -78.87 27.87
CA THR T 63 -92.61 -79.10 26.63
C THR T 63 -93.94 -79.77 26.97
N LEU T 64 -94.97 -78.95 27.16
CA LEU T 64 -96.29 -79.46 27.49
C LEU T 64 -97.03 -79.87 26.22
N GLY T 65 -97.59 -81.08 26.22
CA GLY T 65 -98.31 -81.57 25.07
C GLY T 65 -99.72 -82.03 25.39
N ASN T 66 -100.69 -81.54 24.63
CA ASN T 66 -102.10 -81.89 24.81
C ASN T 66 -102.52 -82.77 23.64
N GLU T 67 -102.33 -84.08 23.79
CA GLU T 67 -102.70 -85.02 22.75
C GLU T 67 -104.21 -85.16 22.67
N PHE T 68 -104.74 -85.15 21.45
CA PHE T 68 -106.18 -85.29 21.21
C PHE T 68 -106.43 -86.56 20.41
N ASP T 69 -107.40 -87.35 20.86
CA ASP T 69 -107.82 -88.57 20.18
C ASP T 69 -109.31 -88.49 19.93
N SER T 70 -109.71 -88.61 18.66
CA SER T 70 -111.10 -88.50 18.25
C SER T 70 -111.53 -89.78 17.54
N LYS T 71 -112.79 -89.79 17.10
CA LYS T 71 -113.35 -90.93 16.40
C LYS T 71 -114.41 -90.44 15.43
N ASP T 72 -114.53 -91.15 14.31
CA ASP T 72 -115.48 -90.80 13.26
C ASP T 72 -116.56 -91.88 13.15
N ILE T 73 -117.80 -91.45 12.94
CA ILE T 73 -118.93 -92.34 12.79
C ILE T 73 -119.59 -92.09 11.45
N GLU T 74 -119.80 -93.15 10.68
CA GLU T 74 -120.43 -93.04 9.36
C GLU T 74 -120.90 -94.43 8.95
N ALA T 75 -122.20 -94.60 8.75
CA ALA T 75 -122.75 -95.89 8.38
C ALA T 75 -123.82 -95.82 7.29
N TYR T 76 -124.16 -94.63 6.79
CA TYR T 76 -125.21 -94.46 5.80
C TYR T 76 -124.69 -93.85 4.51
N GLY T 77 -123.40 -94.03 4.23
CA GLY T 77 -122.81 -93.52 3.00
C GLY T 77 -122.75 -92.01 2.93
N GLU T 78 -121.94 -91.41 3.78
CA GLU T 78 -121.78 -89.96 3.80
C GLU T 78 -120.36 -89.58 3.39
N PRO T 79 -120.19 -88.59 2.50
CA PRO T 79 -118.84 -88.21 2.08
C PRO T 79 -117.98 -87.64 3.20
N GLU T 80 -118.58 -87.14 4.27
CA GLU T 80 -117.84 -86.56 5.37
C GLU T 80 -118.32 -87.14 6.69
N PRO T 81 -117.44 -87.21 7.70
CA PRO T 81 -117.86 -87.75 9.00
C PRO T 81 -118.78 -86.81 9.76
N ILE T 82 -120.02 -87.20 9.94
CA ILE T 82 -121.01 -86.41 10.66
C ILE T 82 -120.92 -86.74 12.14
N ARG T 83 -121.00 -85.71 12.99
CA ARG T 83 -120.94 -85.85 14.44
C ARG T 83 -119.61 -86.49 14.87
N THR T 84 -118.52 -85.81 14.53
CA THR T 84 -117.18 -86.26 14.88
C THR T 84 -116.95 -86.03 16.37
N ILE T 85 -117.00 -87.11 17.14
CA ILE T 85 -116.83 -87.01 18.59
C ILE T 85 -115.35 -87.15 18.93
N ILE T 86 -114.98 -86.65 20.10
CA ILE T 86 -113.61 -86.72 20.61
C ILE T 86 -113.65 -87.45 21.95
N ASN T 87 -112.72 -88.38 22.12
CA ASN T 87 -112.69 -89.26 23.29
C ASN T 87 -111.62 -88.88 24.31
N LYS T 88 -110.37 -88.77 23.88
CA LYS T 88 -109.25 -88.53 24.79
C LYS T 88 -108.68 -87.13 24.58
N ARG T 89 -108.40 -86.45 25.68
CA ARG T 89 -107.78 -85.12 25.69
C ARG T 89 -106.67 -85.06 26.73
N THR T 90 -105.84 -86.10 26.74
CA THR T 90 -104.78 -86.21 27.74
C THR T 90 -103.74 -85.11 27.54
N THR T 91 -103.27 -84.56 28.66
CA THR T 91 -102.25 -83.51 28.66
C THR T 91 -101.00 -84.05 29.33
N THR T 92 -99.87 -83.99 28.64
CA THR T 92 -98.59 -84.49 29.14
C THR T 92 -97.55 -83.38 29.07
N PHE T 93 -96.68 -83.33 30.08
CA PHE T 93 -95.62 -82.35 30.13
C PHE T 93 -94.39 -82.98 30.76
N ASP T 94 -93.22 -82.67 30.21
CA ASP T 94 -91.95 -83.19 30.70
C ASP T 94 -91.00 -82.04 30.95
N PHE T 95 -90.37 -82.03 32.14
CA PHE T 95 -89.41 -80.99 32.50
C PHE T 95 -88.21 -81.64 33.16
N ALA T 96 -87.03 -81.13 32.85
CA ALA T 96 -85.80 -81.64 33.45
C ALA T 96 -85.62 -81.09 34.87
N MET T 97 -84.79 -81.80 35.64
CA MET T 97 -84.52 -81.42 37.02
C MET T 97 -83.02 -81.49 37.29
N TYR T 98 -82.56 -80.60 38.16
CA TYR T 98 -81.14 -80.54 38.54
C TYR T 98 -80.92 -80.96 39.99
N GLN T 99 -81.61 -80.32 40.93
CA GLN T 99 -81.39 -80.60 42.34
C GLN T 99 -81.99 -81.94 42.73
N ASN T 100 -81.46 -82.50 43.83
CA ASN T 100 -81.91 -83.78 44.38
C ASN T 100 -82.41 -83.52 45.80
N GLN T 101 -83.69 -83.17 45.93
CA GLN T 101 -84.30 -82.88 47.21
C GLN T 101 -85.44 -83.86 47.49
N ARG T 102 -86.16 -83.62 48.58
CA ARG T 102 -87.15 -84.59 49.05
C ARG T 102 -88.25 -84.82 48.02
N ASN T 103 -88.86 -83.74 47.54
CA ASN T 103 -90.00 -83.88 46.63
C ASN T 103 -89.57 -84.52 45.31
N VAL T 104 -88.39 -84.15 44.81
CA VAL T 104 -87.93 -84.68 43.53
C VAL T 104 -87.72 -86.19 43.62
N LEU T 105 -87.05 -86.64 44.68
CA LEU T 105 -86.84 -88.08 44.86
C LEU T 105 -88.15 -88.82 45.10
N GLU T 106 -89.06 -88.21 45.88
CA GLU T 106 -90.35 -88.84 46.10
C GLU T 106 -91.12 -89.01 44.80
N LEU T 107 -91.09 -87.99 43.94
CA LEU T 107 -91.78 -88.09 42.65
C LEU T 107 -91.11 -89.09 41.73
N ILE T 108 -89.77 -89.15 41.75
CA ILE T 108 -89.06 -90.02 40.81
C ILE T 108 -89.04 -91.48 41.25
N TRP T 109 -89.26 -91.75 42.54
CA TRP T 109 -89.24 -93.12 43.04
C TRP T 109 -90.60 -93.62 43.51
N THR T 110 -91.61 -92.76 43.56
CA THR T 110 -92.98 -93.13 43.91
C THR T 110 -93.03 -93.85 45.25
N GLN T 111 -92.63 -93.12 46.30
CA GLN T 111 -92.55 -93.64 47.65
C GLN T 111 -92.91 -92.49 48.60
N ASP T 112 -92.94 -92.76 49.90
CA ASP T 112 -93.16 -91.72 50.90
C ASP T 112 -92.01 -91.82 51.91
N PHE T 113 -90.96 -91.03 51.66
CA PHE T 113 -89.74 -91.05 52.49
C PHE T 113 -89.93 -90.21 53.76
N SER T 114 -90.95 -90.56 54.52
CA SER T 114 -91.24 -89.93 55.80
C SER T 114 -90.68 -90.72 56.98
N ASN T 115 -90.81 -92.05 56.95
CA ASN T 115 -90.26 -92.88 58.01
C ASN T 115 -88.74 -92.99 57.94
N ILE T 116 -88.14 -92.64 56.80
CA ILE T 116 -86.69 -92.71 56.68
C ILE T 116 -86.05 -91.65 57.56
N GLN T 117 -84.84 -91.94 58.04
CA GLN T 117 -84.11 -91.04 58.91
C GLN T 117 -82.62 -91.14 58.55
N PRO T 118 -81.94 -90.01 58.39
CA PRO T 118 -80.50 -90.05 58.09
C PRO T 118 -79.73 -90.74 59.20
N SER T 119 -78.67 -91.47 58.81
CA SER T 119 -77.85 -92.19 59.76
C SER T 119 -76.97 -91.22 60.54
N GLU T 120 -76.20 -91.77 61.49
CA GLU T 120 -75.33 -90.93 62.31
C GLU T 120 -74.20 -90.31 61.51
N PHE T 121 -73.91 -90.83 60.31
CA PHE T 121 -72.87 -90.28 59.45
C PHE T 121 -73.43 -89.71 58.14
N GLY T 122 -74.73 -89.50 58.06
CA GLY T 122 -75.35 -88.97 56.87
C GLY T 122 -75.73 -90.00 55.82
N GLY T 123 -75.40 -91.27 56.03
CA GLY T 123 -75.74 -92.31 55.08
C GLY T 123 -77.24 -92.50 54.93
N ILE T 124 -77.74 -92.42 53.70
CA ILE T 124 -79.15 -92.60 53.40
C ILE T 124 -79.29 -93.51 52.20
N VAL T 125 -80.46 -94.13 52.08
CA VAL T 125 -80.80 -94.99 50.95
C VAL T 125 -82.19 -94.62 50.46
N LEU T 126 -82.33 -94.45 49.14
CA LEU T 126 -83.61 -94.18 48.52
C LEU T 126 -84.14 -95.50 47.96
N GLU T 127 -85.17 -96.05 48.60
CA GLU T 127 -85.63 -97.40 48.33
C GLU T 127 -86.80 -97.37 47.34
N ALA T 128 -86.68 -98.17 46.29
CA ALA T 128 -87.78 -98.33 45.36
C ALA T 128 -88.85 -99.22 45.99
N PRO T 129 -90.13 -98.92 45.75
CA PRO T 129 -91.20 -99.72 46.37
C PRO T 129 -91.22 -101.15 45.84
N LYS T 130 -91.59 -102.07 46.73
CA LYS T 130 -91.78 -103.46 46.30
C LYS T 130 -92.93 -103.57 45.30
N VAL T 131 -94.02 -102.86 45.56
CA VAL T 131 -95.13 -102.73 44.63
C VAL T 131 -95.24 -101.25 44.26
N PRO T 132 -95.19 -100.89 42.98
CA PRO T 132 -95.18 -99.47 42.62
C PRO T 132 -96.53 -98.79 42.87
N LYS T 133 -96.58 -97.97 43.91
CA LYS T 133 -97.82 -97.29 44.26
C LYS T 133 -98.09 -96.16 43.27
N ASN T 134 -99.37 -95.99 42.92
CA ASN T 134 -99.79 -94.94 42.00
C ASN T 134 -100.21 -93.71 42.80
N ILE T 135 -99.23 -93.13 43.49
CA ILE T 135 -99.48 -91.94 44.31
C ILE T 135 -99.71 -90.74 43.42
N TYR T 136 -100.72 -89.95 43.73
CA TYR T 136 -101.08 -88.78 42.95
C TYR T 136 -100.56 -87.52 43.64
N TYR T 137 -100.23 -86.51 42.82
CA TYR T 137 -99.64 -85.28 43.31
C TYR T 137 -100.44 -84.08 42.82
N ARG T 138 -100.33 -82.97 43.54
CA ARG T 138 -100.94 -81.71 43.16
C ARG T 138 -99.88 -80.86 42.48
N ALA T 139 -100.13 -80.48 41.23
CA ALA T 139 -99.16 -79.77 40.40
C ALA T 139 -99.67 -78.37 40.10
N ILE T 140 -98.79 -77.38 40.26
CA ILE T 140 -99.07 -75.99 39.90
C ILE T 140 -97.96 -75.52 38.98
N LEU T 141 -98.33 -75.05 37.79
CA LEU T 141 -97.38 -74.61 36.77
C LEU T 141 -97.64 -73.14 36.49
N VAL T 142 -96.98 -72.27 37.24
CA VAL T 142 -97.19 -70.83 37.17
C VAL T 142 -96.03 -70.17 36.44
N GLY T 143 -96.37 -69.27 35.50
CA GLY T 143 -95.40 -68.49 34.78
C GLY T 143 -95.34 -67.05 35.29
N MET T 144 -94.41 -66.29 34.71
CA MET T 144 -94.20 -64.91 35.11
C MET T 144 -93.96 -64.03 33.90
N ASP T 145 -94.57 -62.84 33.92
CA ASP T 145 -94.32 -61.81 32.93
C ASP T 145 -94.52 -60.46 33.61
N ASP T 146 -93.61 -59.53 33.36
CA ASP T 146 -93.55 -58.26 34.08
C ASP T 146 -93.79 -57.10 33.12
N ARG T 147 -94.69 -56.20 33.50
CA ARG T 147 -94.96 -54.97 32.75
C ARG T 147 -94.95 -53.82 33.76
N ASN T 148 -93.84 -53.11 33.83
CA ASN T 148 -93.63 -52.01 34.80
C ASN T 148 -93.77 -52.62 36.20
N ASP T 149 -94.40 -51.94 37.15
CA ASP T 149 -94.53 -52.44 38.51
C ASP T 149 -95.70 -53.40 38.67
N ARG T 150 -96.50 -53.62 37.62
CA ARG T 150 -97.64 -54.52 37.67
C ARG T 150 -97.40 -55.70 36.75
N PRO T 151 -96.97 -56.85 37.26
CA PRO T 151 -96.63 -57.99 36.40
C PRO T 151 -97.88 -58.75 35.99
N ILE T 152 -97.66 -59.81 35.20
CA ILE T 152 -98.71 -60.69 34.72
C ILE T 152 -98.46 -62.08 35.29
N TRP T 153 -99.48 -62.67 35.91
CA TRP T 153 -99.39 -64.00 36.49
C TRP T 153 -100.29 -64.95 35.72
N LEU T 154 -99.70 -66.02 35.21
CA LEU T 154 -100.44 -67.08 34.52
C LEU T 154 -100.00 -68.42 35.08
N TYR T 155 -100.95 -69.35 35.20
CA TYR T 155 -100.65 -70.65 35.80
C TYR T 155 -101.47 -71.74 35.12
N TRP T 156 -100.95 -72.96 35.17
CA TRP T 156 -101.61 -74.15 34.64
C TRP T 156 -102.08 -74.97 35.84
N LEU T 157 -103.31 -74.70 36.30
CA LEU T 157 -103.83 -75.38 37.48
C LEU T 157 -104.25 -76.80 37.13
N MET T 158 -103.82 -77.76 37.95
CA MET T 158 -104.19 -79.16 37.77
C MET T 158 -104.19 -79.87 39.13
N PRO T 159 -105.32 -80.43 39.54
CA PRO T 159 -105.41 -81.07 40.86
C PRO T 159 -105.11 -82.57 40.88
N LYS T 160 -104.60 -83.14 39.79
CA LYS T 160 -104.27 -84.56 39.78
C LYS T 160 -103.24 -84.81 38.69
N VAL T 161 -102.12 -85.42 39.06
CA VAL T 161 -101.05 -85.72 38.11
C VAL T 161 -100.26 -86.90 38.67
N LYS T 162 -99.66 -87.68 37.77
CA LYS T 162 -98.88 -88.84 38.15
C LYS T 162 -97.83 -89.11 37.08
N LEU T 163 -96.88 -89.97 37.41
CA LEU T 163 -95.83 -90.32 36.47
C LEU T 163 -96.39 -91.05 35.28
N ASP T 164 -95.85 -90.74 34.09
CA ASP T 164 -96.22 -91.40 32.85
C ASP T 164 -95.08 -92.19 32.24
N LYS T 165 -93.89 -91.59 32.15
CA LYS T 165 -92.71 -92.27 31.61
C LYS T 165 -91.48 -91.50 32.03
N LEU T 166 -90.43 -92.23 32.38
CA LEU T 166 -89.14 -91.64 32.75
C LEU T 166 -88.15 -91.87 31.62
N ASP T 167 -87.63 -90.78 31.07
CA ASP T 167 -86.69 -90.89 29.97
C ASP T 167 -85.32 -91.34 30.47
N ASN T 168 -84.52 -91.89 29.56
CA ASN T 168 -83.17 -92.32 29.91
C ASN T 168 -82.32 -91.11 30.27
N GLN T 169 -81.62 -91.20 31.39
CA GLN T 169 -80.79 -90.11 31.89
C GLN T 169 -79.32 -90.40 31.63
N THR T 170 -78.59 -89.37 31.25
CA THR T 170 -77.16 -89.47 30.97
C THR T 170 -76.40 -88.73 32.06
N LEU T 171 -75.49 -89.43 32.72
CA LEU T 171 -74.71 -88.89 33.83
C LEU T 171 -73.22 -88.87 33.53
N ASN T 172 -72.86 -88.63 32.27
CA ASN T 172 -71.48 -88.56 31.86
C ASN T 172 -70.84 -87.27 32.37
N ASP T 173 -69.59 -87.02 31.97
CA ASP T 173 -68.79 -85.93 32.51
C ASP T 173 -68.92 -84.64 31.71
N ASP T 174 -70.05 -84.42 31.04
CA ASP T 174 -70.30 -83.16 30.35
C ASP T 174 -71.51 -82.40 30.86
N ASN T 175 -72.33 -83.01 31.70
CA ASN T 175 -73.49 -82.33 32.29
C ASN T 175 -73.88 -83.02 33.58
N VAL T 176 -74.67 -82.32 34.38
CA VAL T 176 -75.19 -82.88 35.63
C VAL T 176 -76.29 -83.89 35.31
N ILE T 177 -76.64 -84.69 36.33
CA ILE T 177 -77.70 -85.68 36.15
C ILE T 177 -78.99 -84.99 35.79
N GLU T 178 -79.68 -85.51 34.78
CA GLU T 178 -80.89 -84.90 34.24
C GLU T 178 -82.07 -85.81 34.52
N TYR T 179 -82.98 -85.36 35.38
CA TYR T 179 -84.23 -86.06 35.65
C TYR T 179 -85.35 -85.34 34.92
N LYS T 180 -85.82 -85.93 33.82
CA LYS T 180 -86.85 -85.33 32.98
C LYS T 180 -87.98 -86.33 32.76
N PRO T 181 -88.79 -86.58 33.78
CA PRO T 181 -89.93 -87.50 33.62
C PRO T 181 -91.18 -86.79 33.12
N THR T 182 -91.87 -87.38 32.15
CA THR T 182 -93.13 -86.82 31.67
C THR T 182 -94.28 -87.25 32.57
N LEU T 183 -95.20 -86.34 32.82
CA LEU T 183 -96.36 -86.59 33.68
C LEU T 183 -97.63 -86.32 32.90
N LYS T 184 -98.57 -87.25 32.95
CA LYS T 184 -99.84 -87.12 32.28
C LYS T 184 -100.89 -86.66 33.27
N ALA T 185 -101.51 -85.51 33.00
CA ALA T 185 -102.52 -84.98 33.89
C ALA T 185 -103.77 -85.84 33.87
N PHE T 186 -104.34 -86.06 35.06
CA PHE T 186 -105.56 -86.84 35.22
C PHE T 186 -106.72 -85.93 35.59
N ARG T 187 -107.90 -86.52 35.76
CA ARG T 187 -109.12 -85.81 36.08
C ARG T 187 -109.49 -86.05 37.54
N ASP T 188 -109.73 -84.98 38.28
CA ASP T 188 -110.11 -85.06 39.67
C ASP T 188 -111.63 -85.11 39.80
N ASP T 189 -112.10 -85.73 40.90
CA ASP T 189 -113.52 -85.94 41.12
C ASP T 189 -114.13 -84.98 42.12
N VAL T 190 -113.41 -84.64 43.19
CA VAL T 190 -113.97 -83.77 44.22
C VAL T 190 -114.05 -82.31 43.77
N VAL T 191 -113.33 -81.93 42.72
CA VAL T 191 -113.39 -80.57 42.21
C VAL T 191 -113.96 -80.50 40.80
N GLY T 192 -113.91 -81.57 40.01
CA GLY T 192 -114.56 -81.59 38.72
C GLY T 192 -113.76 -81.03 37.57
N TYR T 193 -112.49 -80.70 37.76
CA TYR T 193 -111.66 -80.19 36.68
C TYR T 193 -110.31 -80.89 36.68
N SER T 194 -109.70 -80.96 35.50
CA SER T 194 -108.41 -81.62 35.31
C SER T 194 -107.29 -80.64 35.00
N VAL T 195 -107.46 -79.79 34.00
CA VAL T 195 -106.49 -78.76 33.64
C VAL T 195 -107.21 -77.43 33.57
N ALA T 196 -106.63 -76.40 34.20
CA ALA T 196 -107.23 -75.09 34.23
C ALA T 196 -106.18 -74.03 33.93
N GLN T 197 -106.57 -73.04 33.14
CA GLN T 197 -105.72 -71.90 32.83
C GLN T 197 -106.20 -70.68 33.59
N GLY T 198 -105.30 -70.04 34.32
CA GLY T 198 -105.66 -68.90 35.15
C GLY T 198 -104.73 -67.73 34.93
N PHE T 199 -105.31 -66.54 34.86
CA PHE T 199 -104.57 -65.30 34.72
C PHE T 199 -104.83 -64.42 35.93
N ALA T 200 -103.77 -63.87 36.51
CA ALA T 200 -103.88 -63.02 37.68
C ALA T 200 -102.80 -61.95 37.62
N GLY T 201 -102.65 -61.20 38.70
CA GLY T 201 -101.68 -60.13 38.77
C GLY T 201 -102.29 -58.78 38.51
N PRO T 202 -101.74 -57.73 39.13
CA PRO T 202 -102.26 -56.38 38.90
C PRO T 202 -102.18 -55.94 37.45
N GLY T 203 -101.16 -56.37 36.72
CA GLY T 203 -101.02 -55.98 35.32
C GLY T 203 -102.14 -56.50 34.44
N TRP T 204 -102.67 -57.69 34.76
CA TRP T 204 -103.73 -58.26 33.94
C TRP T 204 -104.99 -57.39 33.96
N ARG T 205 -105.18 -56.63 35.03
CA ARG T 205 -106.34 -55.74 35.11
C ARG T 205 -106.29 -54.67 34.03
N ASP T 206 -105.10 -54.22 33.66
CA ASP T 206 -104.98 -53.18 32.64
C ASP T 206 -105.48 -53.67 31.28
N LEU T 207 -105.16 -54.90 30.90
CA LEU T 207 -105.45 -55.42 29.58
C LEU T 207 -106.57 -56.46 29.57
N VAL T 208 -107.29 -56.63 30.68
CA VAL T 208 -108.39 -57.59 30.70
C VAL T 208 -109.50 -57.16 29.75
N ALA T 209 -109.76 -55.85 29.66
CA ALA T 209 -110.74 -55.36 28.71
C ALA T 209 -110.27 -55.52 27.28
N THR T 210 -108.96 -55.31 27.04
CA THR T 210 -108.42 -55.48 25.70
C THR T 210 -108.46 -56.94 25.25
N ALA T 211 -108.30 -57.88 26.19
CA ALA T 211 -108.36 -59.29 25.86
C ALA T 211 -109.76 -59.76 25.50
N GLY T 212 -110.78 -58.94 25.71
CA GLY T 212 -112.14 -59.29 25.39
C GLY T 212 -112.93 -59.95 26.51
N PHE T 213 -112.27 -60.29 27.62
CA PHE T 213 -112.98 -60.87 28.74
C PHE T 213 -113.85 -59.83 29.43
N GLY T 214 -115.08 -60.21 29.75
CA GLY T 214 -115.99 -59.26 30.37
C GLY T 214 -116.38 -58.15 29.41
N GLU T 215 -116.43 -56.93 29.92
CA GLU T 215 -116.78 -55.76 29.14
C GLU T 215 -115.66 -54.73 29.22
N ALA T 216 -115.67 -53.80 28.26
CA ALA T 216 -114.67 -52.75 28.22
C ALA T 216 -114.90 -51.76 29.36
N LEU T 217 -113.79 -51.20 29.87
CA LEU T 217 -113.84 -50.25 30.96
C LEU T 217 -114.22 -48.88 30.40
N THR T 218 -115.48 -48.46 30.64
CA THR T 218 -115.97 -47.18 30.16
C THR T 218 -116.58 -46.31 31.25
N ALA T 219 -116.87 -46.85 32.43
CA ALA T 219 -117.46 -46.09 33.51
C ALA T 219 -116.72 -46.39 34.81
N LEU T 220 -116.73 -45.42 35.72
CA LEU T 220 -116.06 -45.57 37.00
C LEU T 220 -116.71 -44.62 38.00
N THR T 221 -116.79 -45.06 39.25
CA THR T 221 -117.39 -44.26 40.31
C THR T 221 -116.82 -44.72 41.65
N ILE T 222 -116.50 -43.76 42.52
CA ILE T 222 -116.03 -44.07 43.86
C ILE T 222 -117.21 -44.50 44.71
N THR T 223 -117.11 -45.68 45.33
CA THR T 223 -118.23 -46.24 46.06
C THR T 223 -118.67 -45.38 47.24
N PRO T 224 -117.77 -44.90 48.13
CA PRO T 224 -118.23 -43.98 49.17
C PRO T 224 -118.64 -42.62 48.60
N GLY T 225 -119.93 -42.32 48.65
CA GLY T 225 -120.44 -41.08 48.12
C GLY T 225 -119.94 -39.85 48.85
N SER T 226 -120.35 -39.70 50.11
CA SER T 226 -119.93 -38.59 50.96
C SER T 226 -119.45 -39.14 52.29
N PRO T 227 -118.26 -39.73 52.33
CA PRO T 227 -117.75 -40.28 53.58
C PRO T 227 -117.50 -39.20 54.62
N THR T 228 -117.71 -39.56 55.89
CA THR T 228 -117.51 -38.66 57.01
C THR T 228 -116.38 -39.18 57.88
N VAL T 229 -115.39 -38.34 58.14
CA VAL T 229 -114.23 -38.70 58.96
C VAL T 229 -114.11 -37.69 60.09
N THR T 230 -113.83 -38.19 61.29
CA THR T 230 -113.67 -37.34 62.46
C THR T 230 -112.27 -36.75 62.50
N VAL T 231 -112.19 -35.47 62.87
CA VAL T 231 -110.89 -34.81 62.99
C VAL T 231 -110.06 -35.46 64.09
N ALA T 232 -110.68 -35.76 65.22
CA ALA T 232 -109.98 -36.41 66.31
C ALA T 232 -109.74 -37.88 65.99
N THR T 233 -108.86 -38.50 66.79
CA THR T 233 -108.50 -39.91 66.60
C THR T 233 -109.62 -40.78 67.18
N GLY T 234 -110.71 -40.89 66.43
CA GLY T 234 -111.86 -41.67 66.82
C GLY T 234 -111.99 -42.96 66.04
N ALA T 235 -113.17 -43.58 66.17
CA ALA T 235 -113.43 -44.83 65.48
C ALA T 235 -113.44 -44.62 63.97
N SER T 236 -114.04 -43.53 63.50
CA SER T 236 -114.13 -43.22 62.08
C SER T 236 -113.13 -42.14 61.66
N HIS T 237 -111.98 -42.08 62.32
CA HIS T 237 -110.97 -41.08 61.97
C HIS T 237 -110.42 -41.32 60.58
N THR T 238 -110.18 -42.58 60.22
CA THR T 238 -109.61 -42.95 58.93
C THR T 238 -110.63 -43.75 58.13
N ALA T 239 -110.65 -43.50 56.82
CA ALA T 239 -111.56 -44.19 55.91
C ALA T 239 -110.79 -44.68 54.70
N GLN T 240 -111.27 -45.76 54.09
CA GLN T 240 -110.64 -46.39 52.94
C GLN T 240 -111.56 -46.25 51.72
N LEU T 241 -111.01 -45.72 50.64
CA LEU T 241 -111.74 -45.56 49.40
C LEU T 241 -111.66 -46.83 48.55
N LEU T 242 -112.65 -46.98 47.66
CA LEU T 242 -112.70 -48.14 46.77
C LEU T 242 -113.49 -47.73 45.54
N VAL T 243 -112.77 -47.46 44.45
CA VAL T 243 -113.40 -47.10 43.19
C VAL T 243 -113.79 -48.35 42.43
N GLU T 244 -115.02 -48.37 41.91
CA GLU T 244 -115.55 -49.51 41.18
C GLU T 244 -115.88 -49.10 39.75
N GLY T 245 -115.45 -49.91 38.78
CA GLY T 245 -115.73 -49.65 37.39
C GLY T 245 -116.97 -50.38 36.90
N ASP T 246 -117.24 -50.24 35.61
CA ASP T 246 -118.38 -50.90 34.99
C ASP T 246 -118.18 -52.40 34.82
N ASN T 247 -116.95 -52.89 34.98
CA ASN T 247 -116.65 -54.31 34.84
C ASN T 247 -116.72 -55.07 36.16
N GLY T 248 -117.10 -54.40 37.26
CA GLY T 248 -117.16 -55.05 38.55
C GLY T 248 -115.81 -55.50 39.08
N ILE T 249 -114.77 -54.70 38.87
CA ILE T 249 -113.42 -55.02 39.34
C ILE T 249 -112.85 -53.79 40.03
N ASN T 250 -112.23 -54.01 41.19
CA ASN T 250 -111.65 -52.91 41.95
C ASN T 250 -110.48 -52.28 41.21
N TYR T 251 -110.35 -50.96 41.32
CA TYR T 251 -109.30 -50.21 40.67
C TYR T 251 -108.58 -49.32 41.67
N THR T 252 -108.40 -49.81 42.89
CA THR T 252 -107.75 -49.05 43.95
C THR T 252 -106.23 -49.03 43.81
N PRO T 253 -105.55 -50.17 43.70
CA PRO T 253 -104.06 -50.14 43.76
C PRO T 253 -103.42 -49.41 42.60
N ASP T 254 -104.10 -49.24 41.46
CA ASP T 254 -103.50 -48.62 40.29
C ASP T 254 -103.92 -47.17 40.08
N VAL T 255 -105.20 -46.85 40.30
CA VAL T 255 -105.67 -45.49 40.09
C VAL T 255 -105.24 -44.62 41.27
N VAL T 256 -104.61 -43.48 40.97
CA VAL T 256 -104.14 -42.55 41.98
C VAL T 256 -105.22 -41.52 42.24
N PHE T 257 -105.27 -41.01 43.47
CA PHE T 257 -106.25 -40.04 43.90
C PHE T 257 -105.55 -38.73 44.25
N THR T 258 -106.07 -37.62 43.74
CA THR T 258 -105.53 -36.29 44.00
C THR T 258 -106.56 -35.47 44.77
N SER T 259 -106.13 -34.87 45.87
CA SER T 259 -107.01 -34.06 46.71
C SER T 259 -106.89 -32.60 46.30
N SER T 260 -107.98 -32.05 45.76
CA SER T 260 -107.98 -30.65 45.35
C SER T 260 -107.94 -29.70 46.54
N ALA T 261 -108.33 -30.16 47.72
CA ALA T 261 -108.32 -29.34 48.93
C ALA T 261 -107.56 -30.09 50.02
N PRO T 262 -106.22 -30.03 49.98
CA PRO T 262 -105.43 -30.73 51.01
C PRO T 262 -105.66 -30.20 52.42
N ASP T 263 -106.13 -28.96 52.57
CA ASP T 263 -106.38 -28.42 53.89
C ASP T 263 -107.48 -29.19 54.62
N LYS T 264 -108.52 -29.59 53.90
CA LYS T 264 -109.63 -30.32 54.52
C LYS T 264 -109.29 -31.80 54.68
N ALA T 265 -109.02 -32.48 53.57
CA ALA T 265 -108.69 -33.89 53.61
C ALA T 265 -107.73 -34.21 52.47
N SER T 266 -106.74 -35.05 52.77
CA SER T 266 -105.74 -35.48 51.79
C SER T 266 -105.85 -36.98 51.60
N VAL T 267 -105.89 -37.42 50.34
CA VAL T 267 -105.99 -38.83 50.00
C VAL T 267 -104.75 -39.22 49.22
N SER T 268 -104.04 -40.24 49.73
CA SER T 268 -102.83 -40.72 49.08
C SER T 268 -103.19 -41.77 48.04
N ALA T 269 -102.17 -42.44 47.48
CA ALA T 269 -102.42 -43.49 46.50
C ALA T 269 -103.13 -44.68 47.11
N ALA T 270 -102.94 -44.91 48.42
CA ALA T 270 -103.60 -46.03 49.08
C ALA T 270 -105.09 -45.79 49.29
N GLY T 271 -105.59 -44.58 49.05
CA GLY T 271 -106.99 -44.30 49.23
C GLY T 271 -107.41 -43.96 50.65
N LEU T 272 -106.45 -43.72 51.55
CA LEU T 272 -106.79 -43.39 52.92
C LEU T 272 -107.44 -42.02 52.99
N VAL T 273 -108.43 -41.89 53.87
CA VAL T 273 -109.15 -40.63 54.08
C VAL T 273 -109.13 -40.37 55.58
N THR T 274 -108.19 -39.55 56.03
CA THR T 274 -108.06 -39.19 57.44
C THR T 274 -108.65 -37.83 57.76
N GLY T 275 -108.39 -36.83 56.93
CA GLY T 275 -108.91 -35.49 57.16
C GLY T 275 -108.01 -34.64 58.04
N VAL T 276 -107.64 -33.46 57.56
CA VAL T 276 -106.80 -32.53 58.30
C VAL T 276 -107.64 -31.50 59.03
N ALA T 277 -108.60 -30.89 58.33
CA ALA T 277 -109.48 -29.89 58.93
C ALA T 277 -110.91 -30.17 58.51
N ALA T 278 -111.86 -29.75 59.35
CA ALA T 278 -113.26 -29.95 59.05
C ALA T 278 -113.68 -29.12 57.85
N GLY T 279 -114.45 -29.73 56.95
CA GLY T 279 -114.92 -29.07 55.76
C GLY T 279 -115.21 -30.07 54.67
N SER T 280 -115.35 -29.56 53.45
CA SER T 280 -115.64 -30.38 52.27
C SER T 280 -114.46 -30.30 51.31
N ALA T 281 -114.11 -31.46 50.73
CA ALA T 281 -113.01 -31.54 49.79
C ALA T 281 -113.44 -32.38 48.59
N THR T 282 -112.75 -32.15 47.47
CA THR T 282 -113.02 -32.85 46.22
C THR T 282 -111.81 -33.70 45.85
N ILE T 283 -112.06 -34.97 45.53
CA ILE T 283 -111.02 -35.93 45.18
C ILE T 283 -111.24 -36.38 43.75
N THR T 284 -110.19 -36.31 42.94
CA THR T 284 -110.24 -36.72 41.54
C THR T 284 -109.36 -37.95 41.35
N ALA T 285 -109.93 -38.98 40.73
CA ALA T 285 -109.24 -40.24 40.49
C ALA T 285 -109.11 -40.47 38.99
N THR T 286 -107.86 -40.58 38.53
CA THR T 286 -107.57 -40.86 37.13
C THR T 286 -106.48 -41.92 37.04
N LYS T 287 -106.52 -42.73 35.99
CA LYS T 287 -105.45 -43.68 35.72
C LYS T 287 -104.66 -43.33 34.46
N GLY T 288 -105.32 -43.34 33.29
CA GLY T 288 -104.71 -42.70 32.14
C GLY T 288 -105.67 -41.94 31.25
N ALA T 289 -106.98 -42.22 31.39
CA ALA T 289 -107.98 -41.58 30.53
C ALA T 289 -109.26 -41.16 31.24
N LEU T 290 -109.61 -41.77 32.37
CA LEU T 290 -110.93 -41.59 32.97
C LEU T 290 -110.81 -40.74 34.22
N THR T 291 -111.68 -39.74 34.35
CA THR T 291 -111.69 -38.84 35.48
C THR T 291 -112.98 -39.04 36.28
N ALA T 292 -112.84 -39.27 37.58
CA ALA T 292 -113.96 -39.44 38.48
C ALA T 292 -113.83 -38.44 39.63
N THR T 293 -114.96 -37.83 40.00
CA THR T 293 -115.00 -36.81 41.03
C THR T 293 -115.78 -37.33 42.23
N ALA T 294 -115.23 -37.12 43.43
CA ALA T 294 -115.88 -37.53 44.67
C ALA T 294 -115.83 -36.39 45.67
N THR T 295 -116.86 -36.30 46.51
CA THR T 295 -116.97 -35.28 47.53
C THR T 295 -116.86 -35.93 48.91
N VAL T 296 -115.93 -35.42 49.72
CA VAL T 296 -115.68 -35.94 51.06
C VAL T 296 -115.97 -34.84 52.06
N THR T 297 -116.78 -35.16 53.07
CA THR T 297 -117.16 -34.20 54.11
C THR T 297 -116.40 -34.56 55.40
N VAL T 298 -115.75 -33.55 55.99
CA VAL T 298 -114.97 -33.72 57.20
C VAL T 298 -115.60 -32.87 58.30
N THR T 299 -115.81 -33.48 59.46
CA THR T 299 -116.39 -32.77 60.60
C THR T 299 -115.87 -33.39 61.88
N ALA T 300 -115.97 -32.63 62.96
CA ALA T 300 -115.51 -33.08 64.27
C ALA T 300 -116.57 -33.95 64.94
N THR U 2 -94.34 -60.08 44.94
CA THR U 2 -93.59 -60.45 46.13
C THR U 2 -92.26 -61.10 45.78
N ASP U 3 -91.62 -61.70 46.78
CA ASP U 3 -90.32 -62.35 46.60
C ASP U 3 -90.51 -63.75 45.99
N PHE U 4 -90.73 -63.76 44.68
CA PHE U 4 -90.95 -65.01 43.97
C PHE U 4 -89.72 -65.89 43.91
N TYR U 5 -88.53 -65.32 44.06
CA TYR U 5 -87.32 -66.13 44.06
C TYR U 5 -87.27 -67.04 45.28
N THR U 6 -87.83 -66.62 46.40
CA THR U 6 -87.88 -67.46 47.59
C THR U 6 -88.77 -68.67 47.36
N ILE U 7 -89.97 -68.46 46.80
CA ILE U 7 -90.87 -69.57 46.54
C ILE U 7 -90.39 -70.42 45.38
N LYS U 8 -89.53 -69.88 44.51
CA LYS U 8 -88.90 -70.70 43.49
C LYS U 8 -87.98 -71.75 44.11
N ASP U 9 -87.25 -71.38 45.17
CA ASP U 9 -86.37 -72.28 45.89
C ASP U 9 -85.34 -72.90 44.95
N ALA U 10 -84.78 -72.08 44.07
CA ALA U 10 -83.73 -72.52 43.15
C ALA U 10 -82.38 -72.42 43.87
N GLN U 11 -82.11 -73.42 44.71
CA GLN U 11 -80.86 -73.44 45.47
C GLN U 11 -79.65 -73.54 44.53
N ALA U 12 -79.71 -74.46 43.57
CA ALA U 12 -78.65 -74.65 42.57
C ALA U 12 -77.30 -74.92 43.22
N ASP U 13 -77.31 -75.55 44.40
CA ASP U 13 -76.09 -75.85 45.13
C ASP U 13 -75.92 -77.32 45.45
N LEU U 14 -77.00 -78.05 45.70
CA LEU U 14 -76.93 -79.47 46.02
C LEU U 14 -77.11 -80.36 44.81
N ALA U 15 -77.18 -79.79 43.60
CA ALA U 15 -77.28 -80.57 42.38
C ALA U 15 -75.92 -81.18 42.05
N ILE U 16 -75.66 -82.38 42.57
CA ILE U 16 -74.34 -83.00 42.45
C ILE U 16 -74.22 -83.69 41.10
N ALA U 17 -73.03 -83.58 40.51
CA ALA U 17 -72.73 -84.22 39.23
C ALA U 17 -71.68 -85.30 39.44
N PRO U 18 -72.00 -86.57 39.23
CA PRO U 18 -70.99 -87.62 39.40
C PRO U 18 -69.85 -87.45 38.39
N LEU U 19 -68.64 -87.79 38.83
CA LEU U 19 -67.45 -87.66 38.00
C LEU U 19 -66.80 -88.98 37.68
N ASN U 20 -66.47 -89.79 38.70
CA ASN U 20 -65.81 -91.08 38.51
C ASN U 20 -66.85 -92.18 38.70
N LEU U 21 -67.39 -92.68 37.59
CA LEU U 21 -68.41 -93.73 37.63
C LEU U 21 -67.72 -95.10 37.61
N THR U 22 -67.09 -95.41 38.73
CA THR U 22 -66.42 -96.69 38.91
C THR U 22 -67.47 -97.76 39.18
N VAL U 23 -67.69 -98.65 38.22
CA VAL U 23 -68.70 -99.70 38.33
C VAL U 23 -68.07 -100.91 38.98
N LEU U 24 -68.45 -101.19 40.22
CA LEU U 24 -67.92 -102.32 40.96
C LEU U 24 -68.70 -103.58 40.62
N LEU U 25 -67.98 -104.66 40.32
CA LEU U 25 -68.57 -105.94 39.97
C LEU U 25 -68.18 -106.99 41.01
N ALA U 26 -69.16 -107.80 41.41
CA ALA U 26 -68.93 -108.88 42.35
C ALA U 26 -69.70 -110.12 41.90
N PRO U 27 -69.21 -111.31 42.24
CA PRO U 27 -69.95 -112.52 41.90
C PRO U 27 -71.20 -112.68 42.74
N TYR U 28 -72.02 -113.65 42.37
CA TYR U 28 -73.27 -113.91 43.09
C TYR U 28 -73.00 -114.40 44.51
N SER U 29 -71.86 -115.04 44.74
CA SER U 29 -71.55 -115.58 46.07
C SER U 29 -71.31 -114.46 47.08
N THR U 30 -70.86 -113.30 46.62
CA THR U 30 -70.58 -112.19 47.53
C THR U 30 -71.88 -111.64 48.10
N THR U 31 -71.91 -111.44 49.42
CA THR U 31 -73.10 -110.90 50.06
C THR U 31 -73.23 -109.42 49.75
N PRO U 32 -74.37 -108.98 49.21
CA PRO U 32 -74.54 -107.55 48.91
C PRO U 32 -74.55 -106.71 50.17
N ALA U 33 -74.07 -105.48 50.04
CA ALA U 33 -74.00 -104.53 51.14
C ALA U 33 -75.11 -103.50 51.00
N THR U 34 -75.75 -103.17 52.13
CA THR U 34 -76.85 -102.21 52.13
C THR U 34 -76.37 -100.76 52.14
N THR U 35 -75.08 -100.52 52.37
CA THR U 35 -74.56 -99.16 52.39
C THR U 35 -73.12 -99.17 51.91
N LEU U 36 -72.67 -98.01 51.43
CA LEU U 36 -71.31 -97.83 50.94
C LEU U 36 -70.45 -97.01 51.89
N GLU U 37 -70.91 -96.77 53.10
CA GLU U 37 -70.21 -95.96 54.08
C GLU U 37 -69.97 -96.77 55.35
N SER U 38 -68.80 -96.59 55.94
CA SER U 38 -68.44 -97.32 57.16
C SER U 38 -68.90 -96.54 58.39
N PRO U 39 -69.83 -97.07 59.20
CA PRO U 39 -70.35 -96.34 60.36
C PRO U 39 -69.44 -96.36 61.58
N THR U 40 -68.15 -96.12 61.36
CA THR U 40 -67.21 -96.12 62.47
C THR U 40 -66.29 -94.89 62.43
N ASP U 41 -66.04 -94.36 61.25
CA ASP U 41 -65.16 -93.21 61.12
C ASP U 41 -65.80 -92.10 60.28
N GLY U 42 -66.56 -92.48 59.27
CA GLY U 42 -67.16 -91.54 58.35
C GLY U 42 -66.61 -91.60 56.94
N SER U 43 -65.76 -92.56 56.62
CA SER U 43 -65.18 -92.70 55.30
C SER U 43 -65.90 -93.79 54.51
N LEU U 44 -65.36 -94.10 53.33
CA LEU U 44 -65.95 -95.10 52.46
C LEU U 44 -65.25 -96.45 52.65
N ALA U 45 -66.06 -97.50 52.74
CA ALA U 45 -65.55 -98.86 52.88
C ALA U 45 -66.43 -99.81 52.08
N ILE U 46 -65.80 -100.80 51.45
CA ILE U 46 -66.52 -101.78 50.64
C ILE U 46 -66.19 -103.18 51.14
N PRO U 47 -67.15 -104.10 51.18
CA PRO U 47 -66.83 -105.47 51.57
C PRO U 47 -65.98 -106.14 50.53
N PRO U 48 -65.18 -107.14 50.92
CA PRO U 48 -64.34 -107.83 49.94
C PRO U 48 -65.18 -108.52 48.86
N GLY U 49 -64.65 -108.54 47.64
CA GLY U 49 -65.33 -109.08 46.49
C GLY U 49 -65.77 -108.06 45.46
N TYR U 50 -65.76 -106.77 45.81
CA TYR U 50 -66.11 -105.71 44.88
C TYR U 50 -64.88 -105.34 44.08
N LYS U 51 -64.86 -105.73 42.80
CA LYS U 51 -63.75 -105.44 41.90
C LYS U 51 -64.23 -104.47 40.83
N SER U 52 -63.49 -103.39 40.64
CA SER U 52 -63.87 -102.38 39.66
C SER U 52 -63.76 -102.94 38.24
N VAL U 53 -64.72 -102.57 37.39
CA VAL U 53 -64.70 -103.01 36.00
C VAL U 53 -63.52 -102.39 35.27
N GLY U 54 -63.14 -101.17 35.61
CA GLY U 54 -62.06 -100.48 34.95
C GLY U 54 -62.41 -99.04 34.59
N HIS U 55 -62.14 -98.64 33.35
CA HIS U 55 -62.43 -97.30 32.87
C HIS U 55 -63.55 -97.35 31.83
N PHE U 56 -64.47 -96.41 31.92
CA PHE U 56 -65.61 -96.31 31.03
C PHE U 56 -65.39 -95.20 30.00
N GLU U 57 -66.33 -95.07 29.07
CA GLU U 57 -66.22 -94.08 28.01
C GLU U 57 -66.26 -92.67 28.57
N LYS U 58 -65.38 -91.82 28.05
CA LYS U 58 -65.29 -90.43 28.50
C LYS U 58 -66.14 -89.48 27.67
N GLN U 59 -66.11 -89.62 26.34
CA GLN U 59 -66.86 -88.71 25.49
C GLN U 59 -68.36 -89.00 25.52
N ALA U 60 -68.74 -90.26 25.67
CA ALA U 60 -70.15 -90.66 25.70
C ALA U 60 -70.65 -90.92 27.11
N GLY U 61 -69.94 -91.76 27.87
CA GLY U 61 -70.32 -92.06 29.23
C GLY U 61 -71.45 -93.07 29.32
N LEU U 62 -71.86 -93.32 30.55
CA LEU U 62 -72.95 -94.27 30.81
C LEU U 62 -74.29 -93.61 30.59
N THR U 63 -75.21 -94.36 29.97
CA THR U 63 -76.56 -93.88 29.68
C THR U 63 -77.55 -94.84 30.34
N LEU U 64 -77.90 -94.54 31.59
CA LEU U 64 -78.84 -95.37 32.33
C LEU U 64 -80.27 -95.02 31.93
N GLY U 65 -81.06 -96.05 31.63
CA GLY U 65 -82.44 -95.84 31.24
C GLY U 65 -83.42 -96.65 32.07
N ASN U 66 -84.45 -95.98 32.59
CA ASN U 66 -85.48 -96.62 33.41
C ASN U 66 -86.77 -96.65 32.60
N GLU U 67 -86.95 -97.72 31.82
CA GLU U 67 -88.15 -97.86 31.01
C GLU U 67 -89.35 -98.19 31.88
N PHE U 68 -90.47 -97.52 31.62
CA PHE U 68 -91.71 -97.72 32.36
C PHE U 68 -92.78 -98.25 31.42
N ASP U 69 -93.46 -99.32 31.83
CA ASP U 69 -94.57 -99.90 31.08
C ASP U 69 -95.79 -99.95 31.98
N SER U 70 -96.88 -99.33 31.53
CA SER U 70 -98.11 -99.24 32.29
C SER U 70 -99.27 -99.84 31.50
N LYS U 71 -100.44 -99.89 32.12
CA LYS U 71 -101.64 -100.42 31.50
C LYS U 71 -102.84 -99.62 31.97
N ASP U 72 -103.83 -99.49 31.09
CA ASP U 72 -105.05 -98.74 31.38
C ASP U 72 -106.24 -99.70 31.43
N ILE U 73 -107.14 -99.46 32.38
CA ILE U 73 -108.34 -100.26 32.54
C ILE U 73 -109.56 -99.35 32.44
N GLU U 74 -110.51 -99.72 31.59
CA GLU U 74 -111.74 -98.95 31.42
C GLU U 74 -112.76 -99.85 30.73
N ALA U 75 -113.90 -100.08 31.39
CA ALA U 75 -114.93 -100.93 30.83
C ALA U 75 -116.35 -100.39 31.02
N TYR U 76 -116.53 -99.24 31.65
CA TYR U 76 -117.85 -98.69 31.94
C TYR U 76 -118.04 -97.33 31.29
N GLY U 77 -117.34 -97.06 30.20
CA GLY U 77 -117.49 -95.81 29.49
C GLY U 77 -117.00 -94.60 30.26
N GLU U 78 -115.70 -94.52 30.49
CA GLU U 78 -115.11 -93.40 31.21
C GLU U 78 -114.21 -92.60 30.28
N PRO U 79 -114.31 -91.27 30.29
CA PRO U 79 -113.46 -90.47 29.39
C PRO U 79 -111.97 -90.56 29.72
N GLU U 80 -111.61 -90.95 30.93
CA GLU U 80 -110.21 -91.05 31.34
C GLU U 80 -109.96 -92.40 31.98
N PRO U 81 -108.73 -92.92 31.88
CA PRO U 81 -108.43 -94.22 32.50
C PRO U 81 -108.33 -94.12 34.01
N ILE U 82 -109.28 -94.76 34.71
CA ILE U 82 -109.30 -94.78 36.16
C ILE U 82 -108.43 -95.94 36.66
N ARG U 83 -107.66 -95.67 37.72
CA ARG U 83 -106.78 -96.66 38.33
C ARG U 83 -105.75 -97.18 37.32
N THR U 84 -104.94 -96.25 36.83
CA THR U 84 -103.89 -96.56 35.86
C THR U 84 -102.75 -97.27 36.59
N ILE U 85 -102.67 -98.58 36.41
CA ILE U 85 -101.64 -99.38 37.06
C ILE U 85 -100.39 -99.43 36.19
N ILE U 86 -99.25 -99.69 36.83
CA ILE U 86 -97.97 -99.82 36.15
C ILE U 86 -97.41 -101.20 36.43
N ASN U 87 -96.92 -101.86 35.39
CA ASN U 87 -96.46 -103.25 35.47
C ASN U 87 -94.96 -103.39 35.48
N LYS U 88 -94.26 -102.81 34.51
CA LYS U 88 -92.82 -102.99 34.36
C LYS U 88 -92.09 -101.68 34.66
N ARG U 89 -91.00 -101.79 35.42
CA ARG U 89 -90.13 -100.67 35.77
C ARG U 89 -88.68 -101.07 35.58
N THR U 90 -88.38 -101.71 34.46
CA THR U 90 -87.03 -102.21 34.22
C THR U 90 -86.04 -101.07 34.05
N THR U 91 -84.85 -101.24 34.62
CA THR U 91 -83.78 -100.26 34.53
C THR U 91 -82.63 -100.87 33.74
N THR U 92 -82.20 -100.18 32.69
CA THR U 92 -81.11 -100.64 31.83
C THR U 92 -80.04 -99.57 31.74
N PHE U 93 -78.79 -100.00 31.71
CA PHE U 93 -77.66 -99.08 31.59
C PHE U 93 -76.58 -99.74 30.74
N ASP U 94 -75.95 -98.94 29.87
CA ASP U 94 -74.89 -99.41 29.00
C ASP U 94 -73.68 -98.51 29.14
N PHE U 95 -72.51 -99.13 29.33
CA PHE U 95 -71.26 -98.39 29.48
C PHE U 95 -70.18 -99.07 28.66
N ALA U 96 -69.33 -98.27 28.02
CA ALA U 96 -68.24 -98.81 27.22
C ALA U 96 -67.08 -99.23 28.12
N MET U 97 -66.21 -100.09 27.57
CA MET U 97 -65.06 -100.61 28.29
C MET U 97 -63.83 -100.55 27.40
N TYR U 98 -62.68 -100.32 28.04
CA TYR U 98 -61.40 -100.25 27.33
C TYR U 98 -60.50 -101.43 27.69
N GLN U 99 -60.23 -101.64 28.96
CA GLN U 99 -59.31 -102.70 29.38
C GLN U 99 -59.93 -104.08 29.22
N ASN U 100 -59.07 -105.08 29.12
CA ASN U 100 -59.48 -106.48 28.96
C ASN U 100 -58.90 -107.26 30.14
N GLN U 101 -59.65 -107.31 31.24
CA GLN U 101 -59.21 -108.00 32.45
C GLN U 101 -60.20 -109.13 32.78
N ARG U 102 -60.00 -109.74 33.95
CA ARG U 102 -60.74 -110.95 34.29
C ARG U 102 -62.24 -110.69 34.37
N ASN U 103 -62.64 -109.68 35.14
CA ASN U 103 -64.06 -109.42 35.35
C ASN U 103 -64.75 -109.01 34.05
N VAL U 104 -64.08 -108.20 33.23
CA VAL U 104 -64.68 -107.75 31.98
C VAL U 104 -64.95 -108.93 31.06
N LEU U 105 -63.95 -109.80 30.90
CA LEU U 105 -64.13 -110.97 30.04
C LEU U 105 -65.17 -111.93 30.60
N GLU U 106 -65.19 -112.10 31.92
CA GLU U 106 -66.20 -112.96 32.54
C GLU U 106 -67.61 -112.43 32.29
N LEU U 107 -67.78 -111.11 32.40
CA LEU U 107 -69.10 -110.53 32.16
C LEU U 107 -69.47 -110.60 30.69
N ILE U 108 -68.51 -110.40 29.79
CA ILE U 108 -68.82 -110.36 28.37
C ILE U 108 -69.00 -111.75 27.75
N TRP U 109 -68.46 -112.80 28.39
CA TRP U 109 -68.58 -114.14 27.85
C TRP U 109 -69.45 -115.06 28.70
N THR U 110 -69.89 -114.62 29.87
CA THR U 110 -70.80 -115.38 30.74
C THR U 110 -70.24 -116.77 31.04
N GLN U 111 -69.08 -116.78 31.71
CA GLN U 111 -68.37 -118.00 32.05
C GLN U 111 -67.71 -117.77 33.41
N ASP U 112 -67.02 -118.78 33.94
CA ASP U 112 -66.24 -118.63 35.17
C ASP U 112 -64.83 -119.12 34.89
N PHE U 113 -63.96 -118.19 34.50
CA PHE U 113 -62.58 -118.50 34.11
C PHE U 113 -61.69 -118.67 35.34
N SER U 114 -62.09 -119.60 36.20
CA SER U 114 -61.32 -119.96 37.39
C SER U 114 -60.46 -121.19 37.17
N ASN U 115 -60.98 -122.21 36.49
CA ASN U 115 -60.20 -123.41 36.20
C ASN U 115 -59.16 -123.17 35.11
N ILE U 116 -59.30 -122.09 34.33
CA ILE U 116 -58.34 -121.80 33.27
C ILE U 116 -57.00 -121.41 33.90
N GLN U 117 -55.91 -121.73 33.18
CA GLN U 117 -54.57 -121.43 33.64
C GLN U 117 -53.74 -121.01 32.43
N PRO U 118 -52.97 -119.92 32.54
CA PRO U 118 -52.12 -119.51 31.41
C PRO U 118 -51.10 -120.59 31.07
N SER U 119 -50.81 -120.70 29.78
CA SER U 119 -49.86 -121.69 29.31
C SER U 119 -48.43 -121.27 29.68
N GLU U 120 -47.46 -122.14 29.35
CA GLU U 120 -46.07 -121.86 29.64
C GLU U 120 -45.54 -120.67 28.85
N PHE U 121 -46.20 -120.29 27.76
CA PHE U 121 -45.78 -119.15 26.95
C PHE U 121 -46.80 -118.01 26.98
N GLY U 122 -47.74 -118.05 27.92
CA GLY U 122 -48.75 -117.01 28.03
C GLY U 122 -49.98 -117.22 27.17
N GLY U 123 -50.01 -118.26 26.36
CA GLY U 123 -51.17 -118.53 25.51
C GLY U 123 -52.42 -118.85 26.30
N ILE U 124 -53.50 -118.11 26.05
CA ILE U 124 -54.77 -118.32 26.72
C ILE U 124 -55.88 -118.29 25.69
N VAL U 125 -57.00 -118.91 26.05
CA VAL U 125 -58.20 -118.94 25.21
C VAL U 125 -59.41 -118.60 26.07
N LEU U 126 -60.26 -117.71 25.58
CA LEU U 126 -61.51 -117.35 26.25
C LEU U 126 -62.63 -118.14 25.59
N GLU U 127 -63.15 -119.13 26.31
CA GLU U 127 -64.09 -120.10 25.74
C GLU U 127 -65.52 -119.68 26.01
N ALA U 128 -66.30 -119.57 24.94
CA ALA U 128 -67.73 -119.32 25.09
C ALA U 128 -68.44 -120.57 25.60
N PRO U 129 -69.41 -120.42 26.49
CA PRO U 129 -70.06 -121.60 27.05
C PRO U 129 -70.86 -122.37 26.01
N LYS U 130 -70.89 -123.69 26.17
CA LYS U 130 -71.73 -124.52 25.32
C LYS U 130 -73.20 -124.18 25.51
N VAL U 131 -73.62 -124.00 26.75
CA VAL U 131 -74.95 -123.53 27.10
C VAL U 131 -74.79 -122.20 27.81
N PRO U 132 -75.42 -121.11 27.32
CA PRO U 132 -75.18 -119.80 27.94
C PRO U 132 -75.80 -119.69 29.34
N LYS U 133 -74.95 -119.73 30.36
CA LYS U 133 -75.43 -119.64 31.73
C LYS U 133 -75.87 -118.22 32.05
N ASN U 134 -76.96 -118.11 32.82
CA ASN U 134 -77.47 -116.82 33.25
C ASN U 134 -76.91 -116.43 34.61
N ILE U 135 -75.59 -116.23 34.64
CA ILE U 135 -74.92 -115.88 35.88
C ILE U 135 -75.24 -114.45 36.25
N TYR U 136 -75.59 -114.23 37.51
CA TYR U 136 -75.95 -112.91 38.01
C TYR U 136 -74.76 -112.27 38.71
N TYR U 137 -74.70 -110.94 38.65
CA TYR U 137 -73.59 -110.18 39.21
C TYR U 137 -74.10 -109.11 40.15
N ARG U 138 -73.22 -108.70 41.06
CA ARG U 138 -73.49 -107.61 41.99
C ARG U 138 -72.86 -106.33 41.43
N ALA U 139 -73.68 -105.32 41.20
CA ALA U 139 -73.23 -104.09 40.56
C ALA U 139 -73.35 -102.92 41.52
N ILE U 140 -72.30 -102.09 41.57
CA ILE U 140 -72.27 -100.87 42.35
C ILE U 140 -71.87 -99.74 41.42
N LEU U 141 -72.71 -98.71 41.33
CA LEU U 141 -72.50 -97.58 40.43
C LEU U 141 -72.39 -96.32 41.29
N VAL U 142 -71.18 -96.00 41.72
CA VAL U 142 -70.93 -94.90 42.64
C VAL U 142 -70.34 -93.73 41.88
N GLY U 143 -70.86 -92.52 42.14
CA GLY U 143 -70.34 -91.30 41.58
C GLY U 143 -69.54 -90.50 42.60
N MET U 144 -68.98 -89.40 42.13
CA MET U 144 -68.12 -88.56 42.96
C MET U 144 -68.41 -87.08 42.69
N ASP U 145 -68.47 -86.31 43.77
CA ASP U 145 -68.57 -84.85 43.69
C ASP U 145 -67.87 -84.29 44.92
N ASP U 146 -67.06 -83.26 44.71
CA ASP U 146 -66.19 -82.72 45.75
C ASP U 146 -66.58 -81.28 46.07
N ARG U 147 -66.72 -80.98 47.36
CA ARG U 147 -66.98 -79.63 47.86
C ARG U 147 -66.00 -79.37 49.00
N ASN U 148 -64.92 -78.67 48.70
CA ASN U 148 -63.83 -78.39 49.66
C ASN U 148 -63.29 -79.76 50.11
N ASP U 149 -62.97 -79.93 51.39
CA ASP U 149 -62.40 -81.18 51.89
C ASP U 149 -63.47 -82.22 52.20
N ARG U 150 -64.75 -81.87 52.06
CA ARG U 150 -65.84 -82.80 52.34
C ARG U 150 -66.60 -83.09 51.05
N PRO U 151 -66.34 -84.21 50.38
CA PRO U 151 -66.96 -84.49 49.09
C PRO U 151 -68.37 -85.05 49.27
N ILE U 152 -69.01 -85.33 48.14
CA ILE U 152 -70.34 -85.91 48.10
C ILE U 152 -70.25 -87.27 47.43
N TRP U 153 -70.81 -88.29 48.08
CA TRP U 153 -70.80 -89.65 47.57
C TRP U 153 -72.23 -90.07 47.24
N LEU U 154 -72.44 -90.46 45.99
CA LEU U 154 -73.73 -90.98 45.54
C LEU U 154 -73.50 -92.28 44.78
N TYR U 155 -74.41 -93.24 44.94
CA TYR U 155 -74.23 -94.54 44.32
C TYR U 155 -75.59 -95.09 43.91
N TRP U 156 -75.56 -95.97 42.91
CA TRP U 156 -76.74 -96.68 42.40
C TRP U 156 -76.62 -98.13 42.85
N LEU U 157 -77.14 -98.43 44.04
CA LEU U 157 -77.04 -99.77 44.60
C LEU U 157 -78.00 -100.72 43.91
N MET U 158 -77.50 -101.88 43.50
CA MET U 158 -78.32 -102.91 42.87
C MET U 158 -77.72 -104.29 43.14
N PRO U 159 -78.48 -105.19 43.79
CA PRO U 159 -77.95 -106.51 44.14
C PRO U 159 -78.20 -107.61 43.12
N LYS U 160 -78.67 -107.27 41.92
CA LYS U 160 -78.88 -108.29 40.88
C LYS U 160 -78.86 -107.62 39.52
N VAL U 161 -78.01 -108.12 38.62
CA VAL U 161 -77.89 -107.58 37.28
C VAL U 161 -77.35 -108.67 36.38
N LYS U 162 -77.69 -108.61 35.09
CA LYS U 162 -77.26 -109.60 34.12
C LYS U 162 -77.22 -108.96 32.75
N LEU U 163 -76.58 -109.65 31.81
CA LEU U 163 -76.48 -109.14 30.45
C LEU U 163 -77.86 -109.06 29.79
N ASP U 164 -78.07 -107.99 29.03
CA ASP U 164 -79.31 -107.80 28.27
C ASP U 164 -79.07 -107.83 26.77
N LYS U 165 -78.07 -107.10 26.28
CA LYS U 165 -77.75 -107.07 24.86
C LYS U 165 -76.34 -106.52 24.69
N LEU U 166 -75.59 -107.11 23.76
CA LEU U 166 -74.25 -106.65 23.44
C LEU U 166 -74.28 -105.95 22.10
N ASP U 167 -73.89 -104.68 22.08
CA ASP U 167 -73.89 -103.90 20.85
C ASP U 167 -72.72 -104.31 19.96
N ASN U 168 -72.86 -104.02 18.67
CA ASN U 168 -71.79 -104.31 17.71
C ASN U 168 -70.57 -103.46 18.02
N GLN U 169 -69.41 -104.10 18.07
CA GLN U 169 -68.16 -103.42 18.39
C GLN U 169 -67.33 -103.22 17.13
N THR U 170 -66.71 -102.04 17.03
CA THR U 170 -65.86 -101.69 15.90
C THR U 170 -64.40 -101.68 16.37
N LEU U 171 -63.57 -102.46 15.70
CA LEU U 171 -62.16 -102.61 16.06
C LEU U 171 -61.25 -102.14 14.93
N ASN U 172 -61.65 -101.10 14.22
CA ASN U 172 -60.87 -100.54 13.13
C ASN U 172 -59.68 -99.76 13.69
N ASP U 173 -58.96 -99.07 12.82
CA ASP U 173 -57.70 -98.42 13.17
C ASP U 173 -57.89 -96.95 13.55
N ASP U 174 -59.04 -96.60 14.12
CA ASP U 174 -59.25 -95.25 14.64
C ASP U 174 -59.60 -95.21 16.12
N ASN U 175 -59.88 -96.36 16.74
CA ASN U 175 -60.16 -96.40 18.16
C ASN U 175 -59.86 -97.81 18.68
N VAL U 176 -59.74 -97.91 20.01
CA VAL U 176 -59.50 -99.19 20.66
C VAL U 176 -60.80 -99.98 20.67
N ILE U 177 -60.73 -101.28 20.95
CA ILE U 177 -61.92 -102.11 21.00
C ILE U 177 -62.87 -101.59 22.07
N GLU U 178 -64.15 -101.49 21.71
CA GLU U 178 -65.17 -100.92 22.58
C GLU U 178 -66.15 -102.03 22.98
N TYR U 179 -66.18 -102.35 24.27
CA TYR U 179 -67.15 -103.29 24.83
C TYR U 179 -68.18 -102.48 25.60
N LYS U 180 -69.38 -102.33 25.02
CA LYS U 180 -70.44 -101.53 25.61
C LYS U 180 -71.73 -102.35 25.66
N PRO U 181 -71.80 -103.32 26.58
CA PRO U 181 -73.01 -104.12 26.73
C PRO U 181 -73.98 -103.51 27.72
N THR U 182 -75.26 -103.51 27.35
CA THR U 182 -76.29 -103.01 28.23
C THR U 182 -76.75 -104.11 29.19
N LEU U 183 -76.99 -103.72 30.44
CA LEU U 183 -77.39 -104.66 31.49
C LEU U 183 -78.71 -104.19 32.07
N LYS U 184 -79.66 -105.12 32.19
CA LYS U 184 -80.97 -104.83 32.76
C LYS U 184 -80.99 -105.29 34.21
N ALA U 185 -81.24 -104.35 35.12
CA ALA U 185 -81.27 -104.68 36.54
C ALA U 185 -82.47 -105.55 36.86
N PHE U 186 -82.25 -106.56 37.70
CA PHE U 186 -83.28 -107.48 38.14
C PHE U 186 -83.61 -107.22 39.61
N ARG U 187 -84.56 -107.99 40.13
CA ARG U 187 -85.04 -107.86 41.50
C ARG U 187 -84.51 -109.01 42.34
N ASP U 188 -83.90 -108.69 43.48
CA ASP U 188 -83.37 -109.70 44.38
C ASP U 188 -84.42 -110.10 45.42
N ASP U 189 -84.29 -111.32 45.93
CA ASP U 189 -85.26 -111.87 46.85
C ASP U 189 -84.80 -111.87 48.30
N VAL U 190 -83.51 -112.15 48.55
CA VAL U 190 -83.03 -112.23 49.93
C VAL U 190 -82.91 -110.85 50.58
N VAL U 191 -82.89 -109.78 49.78
CA VAL U 191 -82.82 -108.43 50.34
C VAL U 191 -84.07 -107.61 50.03
N GLY U 192 -84.85 -107.96 49.02
CA GLY U 192 -86.12 -107.29 48.77
C GLY U 192 -86.05 -106.01 47.98
N TYR U 193 -84.89 -105.64 47.44
CA TYR U 193 -84.77 -104.43 46.65
C TYR U 193 -83.99 -104.71 45.37
N SER U 194 -84.27 -103.92 44.34
CA SER U 194 -83.65 -104.07 43.02
C SER U 194 -82.72 -102.92 42.68
N VAL U 195 -83.19 -101.69 42.76
CA VAL U 195 -82.37 -100.50 42.51
C VAL U 195 -82.52 -99.57 43.70
N ALA U 196 -81.40 -99.05 44.20
CA ALA U 196 -81.40 -98.18 45.36
C ALA U 196 -80.49 -96.99 45.10
N GLN U 197 -80.93 -95.81 45.52
CA GLN U 197 -80.15 -94.59 45.43
C GLN U 197 -79.66 -94.22 46.82
N GLY U 198 -78.36 -94.01 46.95
CA GLY U 198 -77.76 -93.72 48.24
C GLY U 198 -76.83 -92.52 48.17
N PHE U 199 -76.94 -91.67 49.19
CA PHE U 199 -76.09 -90.49 49.33
C PHE U 199 -75.27 -90.61 50.60
N ALA U 200 -73.97 -90.35 50.50
CA ALA U 200 -73.08 -90.46 51.65
C ALA U 200 -72.00 -89.38 51.52
N GLY U 201 -71.00 -89.46 52.39
CA GLY U 201 -69.92 -88.51 52.39
C GLY U 201 -70.09 -87.43 53.42
N PRO U 202 -68.98 -86.92 53.96
CA PRO U 202 -69.08 -85.83 54.96
C PRO U 202 -69.75 -84.58 54.42
N GLY U 203 -69.58 -84.28 53.13
CA GLY U 203 -70.20 -83.10 52.56
C GLY U 203 -71.71 -83.15 52.56
N TRP U 204 -72.28 -84.34 52.39
CA TRP U 204 -73.74 -84.47 52.36
C TRP U 204 -74.38 -84.04 53.68
N ARG U 205 -73.63 -84.16 54.78
CA ARG U 205 -74.15 -83.73 56.08
C ARG U 205 -74.43 -82.24 56.10
N ASP U 206 -73.64 -81.45 55.38
CA ASP U 206 -73.84 -80.00 55.36
C ASP U 206 -75.18 -79.62 54.74
N LEU U 207 -75.56 -80.29 53.64
CA LEU U 207 -76.74 -79.92 52.88
C LEU U 207 -77.89 -80.91 53.03
N VAL U 208 -77.81 -81.85 53.98
CA VAL U 208 -78.90 -82.80 54.16
C VAL U 208 -80.15 -82.09 54.66
N ALA U 209 -79.98 -81.07 55.51
CA ALA U 209 -81.12 -80.29 55.96
C ALA U 209 -81.69 -79.44 54.83
N THR U 210 -80.81 -78.90 53.97
CA THR U 210 -81.28 -78.10 52.84
C THR U 210 -82.04 -78.95 51.83
N ALA U 211 -81.65 -80.23 51.67
CA ALA U 211 -82.33 -81.11 50.74
C ALA U 211 -83.72 -81.51 51.21
N GLY U 212 -84.09 -81.19 52.46
CA GLY U 212 -85.39 -81.50 52.99
C GLY U 212 -85.49 -82.84 53.70
N PHE U 213 -84.45 -83.66 53.64
CA PHE U 213 -84.47 -84.94 54.36
C PHE U 213 -84.37 -84.72 55.85
N GLY U 214 -85.20 -85.43 56.61
CA GLY U 214 -85.20 -85.25 58.06
C GLY U 214 -85.71 -83.88 58.44
N GLU U 215 -85.04 -83.27 59.42
CA GLU U 215 -85.41 -81.95 59.92
C GLU U 215 -84.23 -81.01 59.81
N ALA U 216 -84.53 -79.71 59.84
CA ALA U 216 -83.49 -78.70 59.76
C ALA U 216 -82.64 -78.68 61.04
N LEU U 217 -81.36 -78.37 60.88
CA LEU U 217 -80.44 -78.31 62.00
C LEU U 217 -80.62 -76.99 62.74
N THR U 218 -81.26 -77.05 63.91
CA THR U 218 -81.51 -75.86 64.71
C THR U 218 -81.02 -75.98 66.16
N ALA U 219 -80.70 -77.18 66.63
CA ALA U 219 -80.23 -77.37 67.99
C ALA U 219 -79.00 -78.27 67.99
N LEU U 220 -78.16 -78.09 69.00
CA LEU U 220 -76.94 -78.88 69.13
C LEU U 220 -76.52 -78.89 70.59
N THR U 221 -75.96 -80.01 71.03
CA THR U 221 -75.50 -80.16 72.40
C THR U 221 -74.42 -81.23 72.45
N ILE U 222 -73.37 -80.97 73.21
CA ILE U 222 -72.30 -81.95 73.41
C ILE U 222 -72.79 -83.02 74.37
N THR U 223 -72.71 -84.29 73.94
CA THR U 223 -73.27 -85.38 74.74
C THR U 223 -72.60 -85.52 76.10
N PRO U 224 -71.26 -85.54 76.23
CA PRO U 224 -70.68 -85.56 77.58
C PRO U 224 -70.90 -84.25 78.31
N GLY U 225 -71.72 -84.28 79.36
CA GLY U 225 -72.02 -83.09 80.12
C GLY U 225 -70.83 -82.51 80.85
N SER U 226 -70.31 -83.25 81.83
CA SER U 226 -69.15 -82.84 82.62
C SER U 226 -68.16 -84.00 82.67
N PRO U 227 -67.45 -84.26 81.56
CA PRO U 227 -66.49 -85.37 81.56
C PRO U 227 -65.35 -85.13 82.53
N THR U 228 -64.85 -86.22 83.11
CA THR U 228 -63.74 -86.18 84.05
C THR U 228 -62.56 -86.93 83.44
N VAL U 229 -61.40 -86.26 83.40
CA VAL U 229 -60.19 -86.83 82.85
C VAL U 229 -59.09 -86.75 83.90
N THR U 230 -58.34 -87.83 84.05
CA THR U 230 -57.25 -87.87 85.02
C THR U 230 -56.01 -87.18 84.45
N VAL U 231 -55.32 -86.43 85.31
CA VAL U 231 -54.09 -85.76 84.89
C VAL U 231 -53.02 -86.78 84.52
N ALA U 232 -52.88 -87.82 85.34
CA ALA U 232 -51.91 -88.86 85.06
C ALA U 232 -52.39 -89.74 83.90
N THR U 233 -51.46 -90.55 83.37
CA THR U 233 -51.77 -91.44 82.25
C THR U 233 -52.49 -92.67 82.79
N GLY U 234 -53.78 -92.48 83.06
CA GLY U 234 -54.62 -93.54 83.58
C GLY U 234 -55.60 -94.07 82.54
N ALA U 235 -56.57 -94.84 83.04
CA ALA U 235 -57.58 -95.41 82.16
C ALA U 235 -58.44 -94.32 81.51
N SER U 236 -58.81 -93.31 82.28
CA SER U 236 -59.64 -92.21 81.80
C SER U 236 -58.82 -90.94 81.54
N HIS U 237 -57.56 -91.10 81.17
CA HIS U 237 -56.72 -89.93 80.88
C HIS U 237 -57.22 -89.16 79.67
N THR U 238 -57.65 -89.87 78.63
CA THR U 238 -58.14 -89.25 77.41
C THR U 238 -59.62 -89.55 77.23
N ALA U 239 -60.36 -88.56 76.72
CA ALA U 239 -61.78 -88.69 76.46
C ALA U 239 -62.11 -88.18 75.06
N GLN U 240 -63.16 -88.72 74.49
CA GLN U 240 -63.60 -88.37 73.13
C GLN U 240 -64.95 -87.67 73.21
N LEU U 241 -65.05 -86.49 72.59
CA LEU U 241 -66.29 -85.74 72.55
C LEU U 241 -67.14 -86.16 71.36
N LEU U 242 -68.45 -85.92 71.46
CA LEU U 242 -69.38 -86.26 70.39
C LEU U 242 -70.58 -85.31 70.51
N VAL U 243 -70.63 -84.32 69.65
CA VAL U 243 -71.73 -83.37 69.64
C VAL U 243 -72.87 -83.94 68.80
N GLU U 244 -74.09 -83.85 69.33
CA GLU U 244 -75.28 -84.38 68.68
C GLU U 244 -76.25 -83.24 68.41
N GLY U 245 -76.78 -83.19 67.19
CA GLY U 245 -77.74 -82.18 66.81
C GLY U 245 -79.17 -82.67 66.96
N ASP U 246 -80.10 -81.80 66.57
CA ASP U 246 -81.53 -82.14 66.63
C ASP U 246 -81.95 -83.15 65.58
N ASN U 247 -81.11 -83.40 64.58
CA ASN U 247 -81.42 -84.34 63.51
C ASN U 247 -80.91 -85.75 63.79
N GLY U 248 -80.32 -85.98 64.95
CA GLY U 248 -79.78 -87.30 65.29
C GLY U 248 -78.61 -87.73 64.42
N ILE U 249 -77.74 -86.80 64.08
CA ILE U 249 -76.56 -87.09 63.26
C ILE U 249 -75.34 -86.46 63.92
N ASN U 250 -74.26 -87.23 63.97
CA ASN U 250 -73.03 -86.75 64.60
C ASN U 250 -72.43 -85.61 63.80
N TYR U 251 -71.85 -84.64 64.52
CA TYR U 251 -71.23 -83.47 63.92
C TYR U 251 -69.81 -83.28 64.45
N THR U 252 -69.11 -84.38 64.68
CA THR U 252 -67.75 -84.33 65.21
C THR U 252 -66.71 -83.95 64.15
N PRO U 253 -66.63 -84.64 63.01
CA PRO U 253 -65.51 -84.36 62.09
C PRO U 253 -65.50 -82.97 61.50
N ASP U 254 -66.64 -82.27 61.46
CA ASP U 254 -66.71 -80.97 60.83
C ASP U 254 -66.69 -79.80 61.81
N VAL U 255 -67.38 -79.92 62.94
CA VAL U 255 -67.43 -78.84 63.92
C VAL U 255 -66.13 -78.81 64.70
N VAL U 256 -65.51 -77.64 64.78
CA VAL U 256 -64.25 -77.47 65.50
C VAL U 256 -64.56 -77.02 66.92
N PHE U 257 -63.70 -77.42 67.86
CA PHE U 257 -63.86 -77.12 69.27
C PHE U 257 -62.73 -76.21 69.71
N THR U 258 -63.06 -75.14 70.42
CA THR U 258 -62.10 -74.18 70.94
C THR U 258 -62.13 -74.22 72.47
N SER U 259 -60.95 -74.35 73.07
CA SER U 259 -60.83 -74.42 74.53
C SER U 259 -60.54 -73.02 75.06
N SER U 260 -61.49 -72.46 75.82
CA SER U 260 -61.31 -71.14 76.40
C SER U 260 -60.25 -71.14 77.51
N ALA U 261 -59.95 -72.29 78.09
CA ALA U 261 -58.97 -72.41 79.16
C ALA U 261 -57.98 -73.51 78.79
N PRO U 262 -57.01 -73.21 77.93
CA PRO U 262 -56.03 -74.23 77.54
C PRO U 262 -55.17 -74.73 78.69
N ASP U 263 -55.06 -73.96 79.78
CA ASP U 263 -54.26 -74.41 80.91
C ASP U 263 -54.87 -75.65 81.57
N LYS U 264 -56.20 -75.69 81.67
CA LYS U 264 -56.85 -76.84 82.29
C LYS U 264 -56.97 -78.01 81.32
N ALA U 265 -57.65 -77.81 80.20
CA ALA U 265 -57.83 -78.86 79.20
C ALA U 265 -57.91 -78.22 77.82
N SER U 266 -57.27 -78.87 76.85
CA SER U 266 -57.27 -78.41 75.47
C SER U 266 -57.93 -79.46 74.59
N VAL U 267 -58.86 -79.03 73.75
CA VAL U 267 -59.59 -79.91 72.85
C VAL U 267 -59.27 -79.51 71.42
N SER U 268 -58.77 -80.46 70.63
CA SER U 268 -58.42 -80.21 69.25
C SER U 268 -59.65 -80.44 68.36
N ALA U 269 -59.45 -80.42 67.05
CA ALA U 269 -60.56 -80.65 66.12
C ALA U 269 -61.09 -82.08 66.23
N ALA U 270 -60.24 -83.03 66.64
CA ALA U 270 -60.66 -84.42 66.77
C ALA U 270 -61.55 -84.64 67.99
N GLY U 271 -61.69 -83.65 68.87
CA GLY U 271 -62.51 -83.80 70.06
C GLY U 271 -61.86 -84.49 71.23
N LEU U 272 -60.54 -84.70 71.18
CA LEU U 272 -59.85 -85.34 72.29
C LEU U 272 -59.85 -84.46 73.53
N VAL U 273 -60.01 -85.08 74.69
CA VAL U 273 -60.00 -84.39 75.97
C VAL U 273 -59.00 -85.12 76.85
N THR U 274 -57.78 -84.59 76.94
CA THR U 274 -56.73 -85.17 77.76
C THR U 274 -56.52 -84.43 79.08
N GLY U 275 -56.52 -83.10 79.05
CA GLY U 275 -56.35 -82.32 80.26
C GLY U 275 -54.90 -82.05 80.59
N VAL U 276 -54.56 -80.77 80.76
CA VAL U 276 -53.20 -80.37 81.11
C VAL U 276 -53.04 -80.18 82.61
N ALA U 277 -53.98 -79.46 83.23
CA ALA U 277 -53.95 -79.21 84.66
C ALA U 277 -55.35 -79.42 85.23
N ALA U 278 -55.39 -79.78 86.52
CA ALA U 278 -56.67 -80.02 87.18
C ALA U 278 -57.45 -78.71 87.31
N GLY U 279 -58.74 -78.77 87.01
CA GLY U 279 -59.60 -77.62 87.09
C GLY U 279 -60.79 -77.77 86.17
N SER U 280 -61.47 -76.65 85.92
CA SER U 280 -62.63 -76.60 85.06
C SER U 280 -62.33 -75.74 83.85
N ALA U 281 -62.80 -76.20 82.68
CA ALA U 281 -62.58 -75.48 81.43
C ALA U 281 -63.88 -75.44 80.64
N THR U 282 -63.98 -74.45 79.76
CA THR U 282 -65.15 -74.26 78.91
C THR U 282 -64.76 -74.47 77.46
N ILE U 283 -65.53 -75.29 76.76
CA ILE U 283 -65.27 -75.62 75.35
C ILE U 283 -66.44 -75.12 74.52
N THR U 284 -66.15 -74.38 73.47
CA THR U 284 -67.15 -73.85 72.56
C THR U 284 -67.02 -74.51 71.20
N ALA U 285 -68.14 -75.02 70.68
CA ALA U 285 -68.17 -75.72 69.40
C ALA U 285 -69.04 -74.94 68.43
N THR U 286 -68.45 -74.52 67.31
CA THR U 286 -69.17 -73.81 66.26
C THR U 286 -68.75 -74.38 64.91
N LYS U 287 -69.67 -74.35 63.95
CA LYS U 287 -69.35 -74.73 62.58
C LYS U 287 -69.43 -73.54 61.63
N GLY U 288 -70.61 -72.93 61.46
CA GLY U 288 -70.67 -71.63 60.84
C GLY U 288 -71.67 -70.67 61.45
N ALA U 289 -72.63 -71.20 62.21
CA ALA U 289 -73.67 -70.36 62.80
C ALA U 289 -74.05 -70.71 64.23
N LEU U 290 -73.82 -71.93 64.70
CA LEU U 290 -74.36 -72.40 65.96
C LEU U 290 -73.25 -72.52 67.00
N THR U 291 -73.50 -71.98 68.19
CA THR U 291 -72.53 -72.00 69.27
C THR U 291 -73.06 -72.87 70.40
N ALA U 292 -72.24 -73.84 70.82
CA ALA U 292 -72.57 -74.74 71.93
C ALA U 292 -71.48 -74.65 72.99
N THR U 293 -71.89 -74.60 74.25
CA THR U 293 -70.98 -74.47 75.37
C THR U 293 -70.99 -75.75 76.21
N ALA U 294 -69.80 -76.23 76.57
CA ALA U 294 -69.65 -77.42 77.38
C ALA U 294 -68.64 -77.15 78.50
N THR U 295 -68.87 -77.80 79.64
CA THR U 295 -68.01 -77.66 80.81
C THR U 295 -67.30 -78.98 81.06
N VAL U 296 -65.98 -78.93 81.14
CA VAL U 296 -65.15 -80.11 81.37
C VAL U 296 -64.40 -79.94 82.68
N THR U 297 -64.49 -80.95 83.55
CA THR U 297 -63.83 -80.94 84.84
C THR U 297 -62.62 -81.86 84.80
N VAL U 298 -61.47 -81.33 85.23
CA VAL U 298 -60.22 -82.07 85.24
C VAL U 298 -59.74 -82.21 86.68
N THR U 299 -59.39 -83.43 87.07
CA THR U 299 -58.91 -83.70 88.42
C THR U 299 -57.95 -84.88 88.38
N ALA U 300 -57.13 -84.98 89.42
CA ALA U 300 -56.14 -86.05 89.51
C ALA U 300 -56.78 -87.33 90.05
N THR V 2 -60.75 -90.97 50.70
CA THR V 2 -59.59 -91.87 50.60
C THR V 2 -59.04 -91.90 49.18
N ASP V 3 -58.15 -92.86 48.92
CA ASP V 3 -57.51 -93.01 47.61
C ASP V 3 -58.46 -93.73 46.65
N PHE V 4 -59.41 -92.97 46.13
CA PHE V 4 -60.41 -93.52 45.21
C PHE V 4 -59.81 -93.94 43.88
N TYR V 5 -58.67 -93.37 43.49
CA TYR V 5 -58.03 -93.78 42.24
C TYR V 5 -57.55 -95.23 42.30
N THR V 6 -57.16 -95.69 43.49
CA THR V 6 -56.75 -97.09 43.63
C THR V 6 -57.93 -98.03 43.42
N ILE V 7 -59.07 -97.73 44.06
CA ILE V 7 -60.24 -98.59 43.90
C ILE V 7 -60.86 -98.43 42.51
N LYS V 8 -60.57 -97.33 41.81
CA LYS V 8 -60.99 -97.20 40.43
C LYS V 8 -60.27 -98.23 39.55
N ASP V 9 -58.98 -98.46 39.82
CA ASP V 9 -58.17 -99.44 39.10
C ASP V 9 -58.16 -99.17 37.59
N ALA V 10 -58.06 -97.88 37.23
CA ALA V 10 -57.98 -97.47 35.82
C ALA V 10 -56.54 -97.59 35.37
N GLN V 11 -56.13 -98.83 35.07
CA GLN V 11 -54.77 -99.08 34.62
C GLN V 11 -54.48 -98.37 33.30
N ALA V 12 -55.40 -98.47 32.35
CA ALA V 12 -55.29 -97.82 31.04
C ALA V 12 -53.99 -98.18 30.33
N ASP V 13 -53.50 -99.39 30.55
CA ASP V 13 -52.25 -99.85 29.94
C ASP V 13 -52.39 -101.14 29.16
N LEU V 14 -53.29 -102.04 29.55
CA LEU V 14 -53.48 -103.30 28.87
C LEU V 14 -54.65 -103.27 27.88
N ALA V 15 -55.23 -102.09 27.64
CA ALA V 15 -56.30 -101.93 26.66
C ALA V 15 -55.66 -101.95 25.28
N ILE V 16 -55.52 -103.15 24.71
CA ILE V 16 -54.83 -103.32 23.45
C ILE V 16 -55.77 -102.99 22.29
N ALA V 17 -55.23 -102.33 21.28
CA ALA V 17 -55.98 -101.98 20.08
C ALA V 17 -55.42 -102.74 18.88
N PRO V 18 -56.17 -103.65 18.27
CA PRO V 18 -55.66 -104.36 17.09
C PRO V 18 -55.39 -103.40 15.94
N LEU V 19 -54.34 -103.71 15.18
CA LEU V 19 -53.92 -102.88 14.05
C LEU V 19 -54.06 -103.59 12.71
N ASN V 20 -53.45 -104.76 12.56
CA ASN V 20 -53.49 -105.52 11.31
C ASN V 20 -54.49 -106.67 11.47
N LEU V 21 -55.71 -106.44 10.98
CA LEU V 21 -56.77 -107.45 11.08
C LEU V 21 -56.71 -108.36 9.85
N THR V 22 -55.68 -109.20 9.82
CA THR V 22 -55.49 -110.16 8.74
C THR V 22 -56.42 -111.33 8.97
N VAL V 23 -57.45 -111.47 8.13
CA VAL V 23 -58.44 -112.51 8.27
C VAL V 23 -57.96 -113.73 7.49
N LEU V 24 -57.59 -114.79 8.21
CA LEU V 24 -57.09 -116.02 7.59
C LEU V 24 -58.27 -116.91 7.23
N LEU V 25 -58.26 -117.41 5.99
CA LEU V 25 -59.31 -118.29 5.50
C LEU V 25 -58.73 -119.65 5.17
N ALA V 26 -59.46 -120.70 5.53
CA ALA V 26 -59.07 -122.07 5.26
C ALA V 26 -60.29 -122.87 4.84
N PRO V 27 -60.10 -123.91 4.02
CA PRO V 27 -61.22 -124.77 3.64
C PRO V 27 -61.68 -125.63 4.81
N TYR V 28 -62.82 -126.29 4.60
CA TYR V 28 -63.38 -127.16 5.64
C TYR V 28 -62.48 -128.37 5.90
N SER V 29 -61.71 -128.80 4.91
CA SER V 29 -60.85 -129.97 5.08
C SER V 29 -59.71 -129.69 6.05
N THR V 30 -59.29 -128.44 6.18
CA THR V 30 -58.21 -128.10 7.09
C THR V 30 -58.64 -128.27 8.53
N THR V 31 -57.80 -128.93 9.32
CA THR V 31 -58.12 -129.14 10.73
C THR V 31 -57.94 -127.84 11.50
N PRO V 32 -58.97 -127.38 12.23
CA PRO V 32 -58.81 -126.13 12.99
C PRO V 32 -57.80 -126.27 14.10
N ALA V 33 -57.14 -125.16 14.42
CA ALA V 33 -56.12 -125.10 15.46
C ALA V 33 -56.67 -124.40 16.69
N THR V 34 -56.39 -124.99 17.85
CA THR V 34 -56.88 -124.45 19.12
C THR V 34 -56.06 -123.27 19.62
N THR V 35 -54.90 -123.00 19.04
CA THR V 35 -54.07 -121.88 19.47
C THR V 35 -53.31 -121.33 18.28
N LEU V 36 -52.90 -120.07 18.40
CA LEU V 36 -52.15 -119.38 17.36
C LEU V 36 -50.69 -119.18 17.74
N GLU V 37 -50.21 -119.83 18.79
CA GLU V 37 -48.85 -119.69 19.28
C GLU V 37 -48.17 -121.05 19.31
N SER V 38 -46.90 -121.07 18.93
CA SER V 38 -46.13 -122.32 18.91
C SER V 38 -45.49 -122.55 20.27
N PRO V 39 -45.85 -123.63 20.99
CA PRO V 39 -45.31 -123.89 22.34
C PRO V 39 -43.91 -124.49 22.34
N THR V 40 -43.01 -123.94 21.51
CA THR V 40 -41.64 -124.45 21.46
C THR V 40 -40.62 -123.32 21.53
N ASP V 41 -40.99 -122.14 21.06
CA ASP V 41 -40.06 -121.00 21.06
C ASP V 41 -40.69 -119.77 21.67
N GLY V 42 -41.99 -119.59 21.45
CA GLY V 42 -42.69 -118.40 21.89
C GLY V 42 -43.15 -117.47 20.79
N SER V 43 -43.01 -117.87 19.53
CA SER V 43 -43.40 -117.04 18.39
C SER V 43 -44.76 -117.52 17.86
N LEU V 44 -45.17 -116.94 16.74
CA LEU V 44 -46.45 -117.26 16.12
C LEU V 44 -46.27 -118.27 15.00
N ALA V 45 -47.09 -119.31 15.02
CA ALA V 45 -47.06 -120.34 13.98
C ALA V 45 -48.48 -120.72 13.63
N ILE V 46 -48.72 -120.98 12.34
CA ILE V 46 -50.05 -121.35 11.86
C ILE V 46 -49.95 -122.66 11.09
N PRO V 47 -50.93 -123.56 11.23
CA PRO V 47 -50.89 -124.80 10.45
C PRO V 47 -51.10 -124.51 8.97
N PRO V 48 -50.60 -125.36 8.08
CA PRO V 48 -50.80 -125.13 6.66
C PRO V 48 -52.27 -125.13 6.28
N GLY V 49 -52.62 -124.30 5.30
CA GLY V 49 -53.99 -124.14 4.87
C GLY V 49 -54.61 -122.80 5.22
N TYR V 50 -53.98 -122.02 6.09
CA TYR V 50 -54.47 -120.70 6.46
C TYR V 50 -53.93 -119.68 5.46
N LYS V 51 -54.81 -119.19 4.58
CA LYS V 51 -54.44 -118.21 3.57
C LYS V 51 -55.14 -116.89 3.88
N SER V 52 -54.37 -115.81 3.90
CA SER V 52 -54.93 -114.50 4.23
C SER V 52 -55.88 -114.04 3.13
N VAL V 53 -56.98 -113.41 3.56
CA VAL V 53 -57.94 -112.88 2.60
C VAL V 53 -57.33 -111.74 1.80
N GLY V 54 -56.45 -110.94 2.42
CA GLY V 54 -55.85 -109.80 1.75
C GLY V 54 -55.87 -108.56 2.61
N HIS V 55 -56.31 -107.44 2.04
CA HIS V 55 -56.38 -106.17 2.75
C HIS V 55 -57.84 -105.76 2.93
N PHE V 56 -58.17 -105.27 4.11
CA PHE V 56 -59.51 -104.85 4.46
C PHE V 56 -59.61 -103.32 4.42
N GLU V 57 -60.83 -102.82 4.65
CA GLU V 57 -61.07 -101.38 4.60
C GLU V 57 -60.31 -100.66 5.70
N LYS V 58 -59.71 -99.52 5.35
CA LYS V 58 -58.94 -98.73 6.30
C LYS V 58 -59.76 -97.64 6.97
N GLN V 59 -60.59 -96.93 6.20
CA GLN V 59 -61.37 -95.83 6.78
C GLN V 59 -62.54 -96.34 7.61
N ALA V 60 -63.13 -97.48 7.23
CA ALA V 60 -64.26 -98.05 7.94
C ALA V 60 -63.85 -99.22 8.84
N GLY V 61 -63.13 -100.19 8.28
CA GLY V 61 -62.69 -101.33 9.05
C GLY V 61 -63.78 -102.37 9.26
N LEU V 62 -63.43 -103.40 10.01
CA LEU V 62 -64.35 -104.48 10.31
C LEU V 62 -65.28 -104.10 11.46
N THR V 63 -66.56 -104.43 11.31
CA THR V 63 -67.59 -104.15 12.32
C THR V 63 -68.20 -105.47 12.77
N LEU V 64 -67.63 -106.06 13.82
CA LEU V 64 -68.12 -107.33 14.34
C LEU V 64 -69.29 -107.08 15.27
N GLY V 65 -70.38 -107.82 15.05
CA GLY V 65 -71.57 -107.68 15.87
C GLY V 65 -72.03 -108.98 16.49
N ASN V 66 -72.27 -108.98 17.79
CA ASN V 66 -72.73 -110.16 18.52
C ASN V 66 -74.17 -109.91 18.94
N GLU V 67 -75.10 -110.28 18.07
CA GLU V 67 -76.52 -110.10 18.36
C GLU V 67 -76.98 -111.11 19.40
N PHE V 68 -77.75 -110.64 20.38
CA PHE V 68 -78.28 -111.48 21.45
C PHE V 68 -79.79 -111.50 21.38
N ASP V 69 -80.38 -112.69 21.45
CA ASP V 69 -81.83 -112.87 21.46
C ASP V 69 -82.20 -113.69 22.69
N SER V 70 -83.07 -113.13 23.52
CA SER V 70 -83.49 -113.76 24.77
C SER V 70 -85.01 -113.92 24.79
N LYS V 71 -85.49 -114.57 25.85
CA LYS V 71 -86.92 -114.80 26.02
C LYS V 71 -87.27 -114.70 27.50
N ASP V 72 -88.47 -114.23 27.78
CA ASP V 72 -88.95 -114.06 29.14
C ASP V 72 -90.10 -115.03 29.42
N ILE V 73 -90.11 -115.60 30.61
CA ILE V 73 -91.16 -116.53 31.03
C ILE V 73 -91.81 -115.99 32.30
N GLU V 74 -93.14 -115.92 32.28
CA GLU V 74 -93.91 -115.44 33.42
C GLU V 74 -95.34 -115.88 33.26
N ALA V 75 -95.85 -116.68 34.21
CA ALA V 75 -97.21 -117.18 34.12
C ALA V 75 -97.97 -117.15 35.44
N TYR V 76 -97.36 -116.68 36.53
CA TYR V 76 -97.98 -116.68 37.85
C TYR V 76 -98.10 -115.28 38.42
N GLY V 77 -98.15 -114.26 37.55
CA GLY V 77 -98.29 -112.90 38.00
C GLY V 77 -97.11 -112.35 38.75
N GLU V 78 -95.98 -112.20 38.06
CA GLU V 78 -94.76 -111.69 38.67
C GLU V 78 -94.40 -110.34 38.07
N PRO V 79 -94.06 -109.34 38.88
CA PRO V 79 -93.71 -108.02 38.32
C PRO V 79 -92.47 -108.02 37.46
N GLU V 80 -91.59 -109.02 37.61
CA GLU V 80 -90.35 -109.09 36.84
C GLU V 80 -90.20 -110.48 36.23
N PRO V 81 -89.52 -110.58 35.09
CA PRO V 81 -89.32 -111.90 34.46
C PRO V 81 -88.32 -112.75 35.23
N ILE V 82 -88.79 -113.84 35.83
CA ILE V 82 -87.94 -114.76 36.57
C ILE V 82 -87.37 -115.79 35.60
N ARG V 83 -86.09 -116.11 35.78
CA ARG V 83 -85.38 -117.09 34.94
C ARG V 83 -85.39 -116.67 33.47
N THR V 84 -84.82 -115.50 33.21
CA THR V 84 -84.72 -114.95 31.86
C THR V 84 -83.67 -115.75 31.09
N ILE V 85 -84.13 -116.62 30.19
CA ILE V 85 -83.23 -117.45 29.40
C ILE V 85 -82.86 -116.72 28.12
N ILE V 86 -81.73 -117.11 27.55
CA ILE V 86 -81.23 -116.55 26.29
C ILE V 86 -81.09 -117.68 25.29
N ASN V 87 -81.57 -117.46 24.07
CA ASN V 87 -81.63 -118.48 23.04
C ASN V 87 -80.54 -118.33 21.97
N LYS V 88 -80.44 -117.16 21.34
CA LYS V 88 -79.53 -116.95 20.23
C LYS V 88 -78.40 -116.01 20.63
N ARG V 89 -77.18 -116.35 20.24
CA ARG V 89 -75.98 -115.55 20.49
C ARG V 89 -75.15 -115.49 19.22
N THR V 90 -75.81 -115.23 18.09
CA THR V 90 -75.13 -115.22 16.80
C THR V 90 -74.14 -114.05 16.71
N THR V 91 -72.99 -114.33 16.12
CA THR V 91 -71.94 -113.33 15.92
C THR V 91 -71.76 -113.10 14.43
N THR V 92 -71.88 -111.84 14.00
CA THR V 92 -71.75 -111.46 12.60
C THR V 92 -70.68 -110.40 12.45
N PHE V 93 -69.92 -110.47 11.37
CA PHE V 93 -68.87 -109.50 11.09
C PHE V 93 -68.80 -109.27 9.59
N ASP V 94 -68.62 -108.02 9.19
CA ASP V 94 -68.51 -107.64 7.78
C ASP V 94 -67.25 -106.82 7.57
N PHE V 95 -66.47 -107.19 6.55
CA PHE V 95 -65.24 -106.50 6.22
C PHE V 95 -65.16 -106.32 4.71
N ALA V 96 -64.68 -105.15 4.28
CA ALA V 96 -64.53 -104.88 2.87
C ALA V 96 -63.27 -105.54 2.32
N MET V 97 -63.24 -105.71 0.99
CA MET V 97 -62.12 -106.34 0.32
C MET V 97 -61.73 -105.53 -0.91
N TYR V 98 -60.44 -105.54 -1.21
CA TYR V 98 -59.91 -104.82 -2.37
C TYR V 98 -59.41 -105.78 -3.45
N GLN V 99 -58.50 -106.69 -3.10
CA GLN V 99 -57.92 -107.59 -4.09
C GLN V 99 -58.91 -108.65 -4.53
N ASN V 100 -58.68 -109.18 -5.72
CA ASN V 100 -59.50 -110.24 -6.32
C ASN V 100 -58.60 -111.45 -6.54
N GLN V 101 -58.49 -112.30 -5.53
CA GLN V 101 -57.66 -113.50 -5.60
C GLN V 101 -58.53 -114.74 -5.43
N ARG V 102 -57.88 -115.90 -5.31
CA ARG V 102 -58.59 -117.18 -5.33
C ARG V 102 -59.56 -117.30 -4.16
N ASN V 103 -59.06 -117.08 -2.93
CA ASN V 103 -59.91 -117.26 -1.76
C ASN V 103 -61.07 -116.27 -1.72
N VAL V 104 -60.81 -115.02 -2.12
CA VAL V 104 -61.86 -114.01 -2.10
C VAL V 104 -62.99 -114.38 -3.06
N LEU V 105 -62.62 -114.77 -4.29
CA LEU V 105 -63.63 -115.16 -5.26
C LEU V 105 -64.36 -116.44 -4.83
N GLU V 106 -63.65 -117.39 -4.25
CA GLU V 106 -64.29 -118.61 -3.77
C GLU V 106 -65.30 -118.29 -2.68
N LEU V 107 -64.94 -117.40 -1.74
CA LEU V 107 -65.87 -117.03 -0.68
C LEU V 107 -67.06 -116.24 -1.22
N ILE V 108 -66.83 -115.37 -2.20
CA ILE V 108 -67.90 -114.51 -2.68
C ILE V 108 -68.83 -115.23 -3.66
N TRP V 109 -68.39 -116.32 -4.28
CA TRP V 109 -69.22 -117.04 -5.23
C TRP V 109 -69.64 -118.43 -4.75
N THR V 110 -69.11 -118.89 -3.61
CA THR V 110 -69.49 -120.17 -3.01
C THR V 110 -69.34 -121.33 -4.00
N GLN V 111 -68.09 -121.53 -4.42
CA GLN V 111 -67.74 -122.55 -5.41
C GLN V 111 -66.37 -123.09 -5.03
N ASP V 112 -65.87 -124.07 -5.79
CA ASP V 112 -64.51 -124.57 -5.59
C ASP V 112 -63.80 -124.53 -6.94
N PHE V 113 -63.09 -123.41 -7.18
CA PHE V 113 -62.43 -123.16 -8.46
C PHE V 113 -61.09 -123.89 -8.53
N SER V 114 -61.15 -125.21 -8.35
CA SER V 114 -59.99 -126.07 -8.46
C SER V 114 -59.88 -126.74 -9.83
N ASN V 115 -61.00 -127.18 -10.41
CA ASN V 115 -60.98 -127.77 -11.74
C ASN V 115 -60.80 -126.72 -12.84
N ILE V 116 -61.02 -125.45 -12.53
CA ILE V 116 -60.86 -124.40 -13.52
C ILE V 116 -59.38 -124.24 -13.87
N GLN V 117 -59.12 -123.85 -15.12
CA GLN V 117 -57.76 -123.67 -15.61
C GLN V 117 -57.73 -122.44 -16.52
N PRO V 118 -56.77 -121.54 -16.36
CA PRO V 118 -56.68 -120.39 -17.25
C PRO V 118 -56.48 -120.81 -18.70
N SER V 119 -57.09 -120.06 -19.61
CA SER V 119 -56.98 -120.36 -21.03
C SER V 119 -55.59 -120.00 -21.54
N GLU V 120 -55.36 -120.28 -22.82
CA GLU V 120 -54.07 -119.99 -23.44
C GLU V 120 -53.78 -118.49 -23.51
N PHE V 121 -54.82 -117.65 -23.41
CA PHE V 121 -54.64 -116.20 -23.43
C PHE V 121 -55.03 -115.55 -22.11
N GLY V 122 -55.16 -116.33 -21.04
CA GLY V 122 -55.53 -115.79 -19.75
C GLY V 122 -57.01 -115.61 -19.52
N GLY V 123 -57.86 -115.92 -20.50
CA GLY V 123 -59.28 -115.78 -20.32
C GLY V 123 -59.81 -116.76 -19.28
N ILE V 124 -60.51 -116.23 -18.27
CA ILE V 124 -61.08 -117.04 -17.21
C ILE V 124 -62.52 -116.58 -16.97
N VAL V 125 -63.32 -117.48 -16.41
CA VAL V 125 -64.70 -117.19 -16.06
C VAL V 125 -64.94 -117.69 -14.64
N LEU V 126 -65.59 -116.86 -13.82
CA LEU V 126 -65.98 -117.23 -12.46
C LEU V 126 -67.46 -117.62 -12.50
N GLU V 127 -67.73 -118.91 -12.34
CA GLU V 127 -69.06 -119.46 -12.58
C GLU V 127 -69.82 -119.56 -11.26
N ALA V 128 -71.02 -118.98 -11.23
CA ALA V 128 -71.89 -119.14 -10.09
C ALA V 128 -72.47 -120.54 -10.07
N PRO V 129 -72.61 -121.16 -8.90
CA PRO V 129 -73.13 -122.54 -8.84
C PRO V 129 -74.58 -122.61 -9.28
N LYS V 130 -74.93 -123.73 -9.92
CA LYS V 130 -76.32 -123.99 -10.27
C LYS V 130 -77.18 -124.11 -9.03
N VAL V 131 -76.68 -124.82 -8.02
CA VAL V 131 -77.30 -124.91 -6.71
C VAL V 131 -76.33 -124.30 -5.71
N PRO V 132 -76.74 -123.29 -4.93
CA PRO V 132 -75.78 -122.64 -4.04
C PRO V 132 -75.36 -123.51 -2.87
N LYS V 133 -74.13 -124.02 -2.93
CA LYS V 133 -73.63 -124.89 -1.88
C LYS V 133 -73.31 -124.09 -0.63
N ASN V 134 -73.61 -124.67 0.53
CA ASN V 134 -73.33 -124.03 1.82
C ASN V 134 -71.98 -124.49 2.35
N ILE V 135 -70.93 -124.11 1.61
CA ILE V 135 -69.57 -124.49 1.99
C ILE V 135 -69.14 -123.68 3.20
N TYR V 136 -68.56 -124.36 4.19
CA TYR V 136 -68.11 -123.74 5.42
C TYR V 136 -66.60 -123.46 5.36
N TYR V 137 -66.18 -122.40 6.03
CA TYR V 137 -64.79 -121.95 6.00
C TYR V 137 -64.27 -121.81 7.42
N ARG V 138 -62.94 -121.90 7.53
CA ARG V 138 -62.23 -121.68 8.79
C ARG V 138 -61.70 -120.25 8.81
N ALA V 139 -62.12 -119.47 9.80
CA ALA V 139 -61.79 -118.06 9.88
C ALA V 139 -60.92 -117.78 11.10
N ILE V 140 -59.87 -117.00 10.90
CA ILE V 140 -58.99 -116.55 11.97
C ILE V 140 -58.89 -115.03 11.88
N LEU V 141 -59.29 -114.34 12.94
CA LEU V 141 -59.30 -112.88 13.00
C LEU V 141 -58.31 -112.43 14.07
N VAL V 142 -57.05 -112.24 13.67
CA VAL V 142 -55.98 -111.93 14.58
C VAL V 142 -55.62 -110.45 14.46
N GLY V 143 -55.46 -109.79 15.62
CA GLY V 143 -55.03 -108.42 15.68
C GLY V 143 -53.58 -108.30 16.12
N MET V 144 -53.10 -107.06 16.13
CA MET V 144 -51.71 -106.77 16.47
C MET V 144 -51.61 -105.53 17.34
N ASP V 145 -50.77 -105.61 18.37
CA ASP V 145 -50.42 -104.48 19.21
C ASP V 145 -49.00 -104.67 19.69
N ASP V 146 -48.21 -103.60 19.64
CA ASP V 146 -46.77 -103.68 19.90
C ASP V 146 -46.41 -102.86 21.12
N ARG V 147 -45.65 -103.45 22.04
CA ARG V 147 -45.12 -102.78 23.21
C ARG V 147 -43.63 -103.10 23.29
N ASN V 148 -42.79 -102.19 22.83
CA ASN V 148 -41.33 -102.38 22.75
C ASN V 148 -41.08 -103.60 21.87
N ASP V 149 -40.12 -104.45 22.20
CA ASP V 149 -39.81 -105.61 21.38
C ASP V 149 -40.74 -106.78 21.62
N ARG V 150 -41.64 -106.69 22.61
CA ARG V 150 -42.57 -107.77 22.93
C ARG V 150 -43.99 -107.32 22.61
N PRO V 151 -44.55 -107.73 21.47
CA PRO V 151 -45.88 -107.25 21.08
C PRO V 151 -46.97 -108.04 21.79
N ILE V 152 -48.21 -107.67 21.48
CA ILE V 152 -49.40 -108.32 22.01
C ILE V 152 -50.17 -108.94 20.84
N TRP V 153 -50.50 -110.22 20.97
CA TRP V 153 -51.23 -110.95 19.94
C TRP V 153 -52.61 -111.31 20.47
N LEU V 154 -53.65 -110.89 19.77
CA LEU V 154 -55.03 -111.24 20.09
C LEU V 154 -55.72 -111.72 18.82
N TYR V 155 -56.60 -112.70 18.97
CA TYR V 155 -57.26 -113.29 17.81
C TYR V 155 -58.67 -113.71 18.17
N TRP V 156 -59.54 -113.74 17.16
CA TRP V 156 -60.92 -114.19 17.28
C TRP V 156 -61.03 -115.55 16.61
N LEU V 157 -60.78 -116.60 17.39
CA LEU V 157 -60.79 -117.96 16.84
C LEU V 157 -62.22 -118.43 16.58
N MET V 158 -62.46 -118.97 15.39
CA MET V 158 -63.77 -119.51 15.03
C MET V 158 -63.60 -120.63 14.01
N PRO V 159 -64.05 -121.84 14.33
CA PRO V 159 -63.87 -122.98 13.42
C PRO V 159 -65.01 -123.24 12.44
N LYS V 160 -65.97 -122.32 12.33
CA LYS V 160 -67.05 -122.50 11.36
C LYS V 160 -67.66 -121.14 11.04
N VAL V 161 -67.73 -120.81 9.75
CA VAL V 161 -68.28 -119.55 9.31
C VAL V 161 -68.77 -119.73 7.88
N LYS V 162 -69.79 -118.94 7.50
CA LYS V 162 -70.35 -119.02 6.17
C LYS V 162 -70.96 -117.66 5.82
N LEU V 163 -71.28 -117.49 4.54
CA LEU V 163 -71.87 -116.25 4.08
C LEU V 163 -73.24 -116.03 4.70
N ASP V 164 -73.53 -114.78 5.05
CA ASP V 164 -74.82 -114.39 5.59
C ASP V 164 -75.57 -113.44 4.67
N LYS V 165 -74.90 -112.40 4.17
CA LYS V 165 -75.52 -111.44 3.28
C LYS V 165 -74.41 -110.67 2.57
N LEU V 166 -74.61 -110.40 1.29
CA LEU V 166 -73.68 -109.61 0.49
C LEU V 166 -74.29 -108.24 0.24
N ASP V 167 -73.61 -107.19 0.69
CA ASP V 167 -74.12 -105.84 0.50
C ASP V 167 -73.94 -105.40 -0.94
N ASN V 168 -74.71 -104.38 -1.33
CA ASN V 168 -74.61 -103.83 -2.67
C ASN V 168 -73.26 -103.14 -2.84
N GLN V 169 -72.57 -103.47 -3.94
CA GLN V 169 -71.26 -102.91 -4.21
C GLN V 169 -71.35 -101.83 -5.28
N THR V 170 -70.56 -100.77 -5.09
CA THR V 170 -70.51 -99.65 -6.01
C THR V 170 -69.16 -99.65 -6.72
N LEU V 171 -69.19 -99.69 -8.05
CA LEU V 171 -67.98 -99.76 -8.87
C LEU V 171 -67.85 -98.53 -9.76
N ASN V 172 -68.28 -97.38 -9.27
CA ASN V 172 -68.18 -96.13 -10.02
C ASN V 172 -66.72 -95.67 -10.07
N ASP V 173 -66.49 -94.48 -10.63
CA ASP V 173 -65.15 -93.98 -10.89
C ASP V 173 -64.58 -93.15 -9.76
N ASP V 174 -65.00 -93.40 -8.51
CA ASP V 174 -64.42 -92.74 -7.37
C ASP V 174 -63.77 -93.68 -6.37
N ASN V 175 -63.94 -94.99 -6.52
CA ASN V 175 -63.30 -95.96 -5.65
C ASN V 175 -63.21 -97.30 -6.37
N VAL V 176 -62.37 -98.18 -5.83
CA VAL V 176 -62.20 -99.52 -6.37
C VAL V 176 -63.40 -100.36 -5.96
N ILE V 177 -63.57 -101.53 -6.60
CA ILE V 177 -64.69 -102.41 -6.26
C ILE V 177 -64.58 -102.83 -4.80
N GLU V 178 -65.69 -102.77 -4.08
CA GLU V 178 -65.74 -103.05 -2.65
C GLU V 178 -66.56 -104.32 -2.42
N TYR V 179 -65.91 -105.38 -1.96
CA TYR V 179 -66.57 -106.62 -1.58
C TYR V 179 -66.61 -106.66 -0.06
N LYS V 180 -67.79 -106.41 0.51
CA LYS V 180 -67.98 -106.35 1.96
C LYS V 180 -69.13 -107.25 2.37
N PRO V 181 -68.93 -108.57 2.32
CA PRO V 181 -70.00 -109.49 2.75
C PRO V 181 -69.92 -109.81 4.23
N THR V 182 -71.07 -109.81 4.89
CA THR V 182 -71.14 -110.17 6.30
C THR V 182 -71.23 -111.68 6.45
N LEU V 183 -70.54 -112.20 7.46
CA LEU V 183 -70.50 -113.64 7.72
C LEU V 183 -70.96 -113.89 9.14
N LYS V 184 -71.88 -114.84 9.31
CA LYS V 184 -72.40 -115.21 10.62
C LYS V 184 -71.68 -116.46 11.10
N ALA V 185 -71.02 -116.36 12.24
CA ALA V 185 -70.28 -117.49 12.80
C ALA V 185 -71.25 -118.57 13.25
N PHE V 186 -70.89 -119.83 12.97
CA PHE V 186 -71.68 -120.99 13.35
C PHE V 186 -70.95 -121.76 14.45
N ARG V 187 -71.59 -122.83 14.91
CA ARG V 187 -71.06 -123.67 15.98
C ARG V 187 -70.54 -124.97 15.40
N ASP V 188 -69.30 -125.32 15.75
CA ASP V 188 -68.68 -126.56 15.30
C ASP V 188 -68.95 -127.69 16.29
N ASP V 189 -68.94 -128.91 15.76
CA ASP V 189 -69.27 -130.09 16.56
C ASP V 189 -68.04 -130.90 16.99
N VAL V 190 -67.04 -131.02 16.13
CA VAL V 190 -65.88 -131.85 16.47
C VAL V 190 -64.96 -131.18 17.49
N VAL V 191 -65.10 -129.86 17.68
CA VAL V 191 -64.29 -129.16 18.66
C VAL V 191 -65.13 -128.56 19.79
N GLY V 192 -66.42 -128.32 19.60
CA GLY V 192 -67.29 -127.89 20.67
C GLY V 192 -67.31 -126.40 20.96
N TYR V 193 -66.67 -125.57 20.13
CA TYR V 193 -66.69 -124.14 20.32
C TYR V 193 -66.98 -123.42 19.00
N SER V 194 -67.56 -122.24 19.11
CA SER V 194 -67.95 -121.43 17.96
C SER V 194 -67.11 -120.17 17.81
N VAL V 195 -67.00 -119.36 18.87
CA VAL V 195 -66.19 -118.17 18.87
C VAL V 195 -65.29 -118.20 20.10
N ALA V 196 -64.00 -117.93 19.90
CA ALA V 196 -63.03 -117.99 20.98
C ALA V 196 -62.13 -116.76 20.93
N GLN V 197 -61.83 -116.21 22.09
CA GLN V 197 -60.92 -115.08 22.23
C GLN V 197 -59.61 -115.58 22.81
N GLY V 198 -58.51 -115.26 22.14
CA GLY V 198 -57.20 -115.72 22.57
C GLY V 198 -56.19 -114.60 22.61
N PHE V 199 -55.38 -114.59 23.66
CA PHE V 199 -54.31 -113.63 23.83
C PHE V 199 -52.97 -114.36 23.86
N ALA V 200 -52.01 -113.86 23.11
CA ALA V 200 -50.70 -114.49 23.03
C ALA V 200 -49.64 -113.40 22.85
N GLY V 201 -48.40 -113.81 22.59
CA GLY V 201 -47.31 -112.89 22.41
C GLY V 201 -46.48 -112.74 23.67
N PRO V 202 -45.18 -112.48 23.49
CA PRO V 202 -44.31 -112.28 24.66
C PRO V 202 -44.74 -111.11 25.54
N GLY V 203 -45.29 -110.05 24.95
CA GLY V 203 -45.71 -108.91 25.74
C GLY V 203 -46.84 -109.22 26.70
N TRP V 204 -47.74 -110.13 26.33
CA TRP V 204 -48.86 -110.48 27.18
C TRP V 204 -48.39 -111.08 28.51
N ARG V 205 -47.22 -111.72 28.52
CA ARG V 205 -46.69 -112.28 29.75
C ARG V 205 -46.41 -111.21 30.79
N ASP V 206 -46.01 -110.01 30.35
CA ASP V 206 -45.72 -108.94 31.28
C ASP V 206 -46.96 -108.51 32.06
N LEU V 207 -48.10 -108.40 31.39
CA LEU V 207 -49.31 -107.85 31.98
C LEU V 207 -50.38 -108.92 32.25
N VAL V 208 -50.04 -110.20 32.13
CA VAL V 208 -51.03 -111.25 32.41
C VAL V 208 -51.43 -111.23 33.88
N ALA V 209 -50.46 -110.95 34.77
CA ALA V 209 -50.79 -110.85 36.19
C ALA V 209 -51.61 -109.59 36.47
N THR V 210 -51.32 -108.49 35.78
CA THR V 210 -52.09 -107.26 35.96
C THR V 210 -53.52 -107.43 35.46
N ALA V 211 -53.74 -108.23 34.42
CA ALA V 211 -55.07 -108.46 33.90
C ALA V 211 -55.93 -109.31 34.83
N GLY V 212 -55.35 -109.89 35.88
CA GLY V 212 -56.08 -110.71 36.82
C GLY V 212 -56.15 -112.18 36.49
N PHE V 213 -55.68 -112.59 35.32
CA PHE V 213 -55.68 -114.00 34.97
C PHE V 213 -54.63 -114.75 35.77
N GLY V 214 -55.01 -115.91 36.30
CA GLY V 214 -54.08 -116.67 37.12
C GLY V 214 -53.80 -115.96 38.43
N GLU V 215 -52.52 -115.98 38.83
CA GLU V 215 -52.07 -115.36 40.06
C GLU V 215 -50.97 -114.34 39.76
N ALA V 216 -50.76 -113.43 40.70
CA ALA V 216 -49.73 -112.41 40.56
C ALA V 216 -48.34 -113.04 40.66
N LEU V 217 -47.40 -112.47 39.91
CA LEU V 217 -46.02 -112.95 39.90
C LEU V 217 -45.30 -112.44 41.14
N THR V 218 -45.08 -113.33 42.11
CA THR V 218 -44.40 -112.96 43.34
C THR V 218 -43.21 -113.85 43.69
N ALA V 219 -43.06 -114.99 43.01
CA ALA V 219 -41.95 -115.90 43.30
C ALA V 219 -41.33 -116.36 41.98
N LEU V 220 -40.04 -116.70 42.03
CA LEU V 220 -39.33 -117.16 40.86
C LEU V 220 -38.14 -118.00 41.31
N THR V 221 -37.82 -119.02 40.53
CA THR V 221 -36.70 -119.91 40.83
C THR V 221 -36.23 -120.57 39.54
N ILE V 222 -34.91 -120.65 39.39
CA ILE V 222 -34.32 -121.32 38.23
C ILE V 222 -34.43 -122.83 38.43
N THR V 223 -35.03 -123.51 37.45
CA THR V 223 -35.31 -124.94 37.61
C THR V 223 -34.05 -125.77 37.78
N PRO V 224 -32.99 -125.62 36.95
CA PRO V 224 -31.76 -126.37 37.24
C PRO V 224 -31.06 -125.87 38.49
N GLY V 225 -31.03 -126.69 39.53
CA GLY V 225 -30.42 -126.30 40.79
C GLY V 225 -28.93 -126.10 40.70
N SER V 226 -28.19 -127.17 40.44
CA SER V 226 -26.74 -127.14 40.30
C SER V 226 -26.36 -127.88 39.03
N PRO V 227 -26.58 -127.27 37.86
CA PRO V 227 -26.23 -127.94 36.61
C PRO V 227 -24.73 -128.15 36.48
N THR V 228 -24.36 -129.24 35.82
CA THR V 228 -22.97 -129.61 35.59
C THR V 228 -22.70 -129.59 34.09
N VAL V 229 -21.67 -128.84 33.69
CA VAL V 229 -21.29 -128.71 32.28
C VAL V 229 -19.82 -129.11 32.15
N THR V 230 -19.52 -129.89 31.12
CA THR V 230 -18.15 -130.32 30.87
C THR V 230 -17.37 -129.23 30.16
N VAL V 231 -16.11 -129.05 30.57
CA VAL V 231 -15.26 -128.05 29.93
C VAL V 231 -15.02 -128.42 28.47
N ALA V 232 -14.76 -129.69 28.19
CA ALA V 232 -14.55 -130.14 26.83
C ALA V 232 -15.87 -130.18 26.06
N THR V 233 -15.76 -130.30 24.74
CA THR V 233 -16.94 -130.34 23.87
C THR V 233 -17.54 -131.73 23.91
N GLY V 234 -18.26 -132.01 25.00
CA GLY V 234 -18.90 -133.28 25.21
C GLY V 234 -20.41 -133.22 25.03
N ALA V 235 -21.06 -134.29 25.49
CA ALA V 235 -22.52 -134.36 25.38
C ALA V 235 -23.18 -133.29 26.24
N SER V 236 -22.66 -133.07 27.45
CA SER V 236 -23.21 -132.08 28.38
C SER V 236 -22.38 -130.81 28.42
N HIS V 237 -21.72 -130.45 27.32
CA HIS V 237 -20.91 -129.25 27.28
C HIS V 237 -21.77 -127.99 27.46
N THR V 238 -22.93 -127.96 26.82
CA THR V 238 -23.83 -126.81 26.86
C THR V 238 -25.12 -127.20 27.57
N ALA V 239 -25.66 -126.25 28.36
CA ALA V 239 -26.90 -126.46 29.09
C ALA V 239 -27.80 -125.26 28.88
N GLN V 240 -29.12 -125.51 28.99
CA GLN V 240 -30.13 -124.49 28.79
C GLN V 240 -30.86 -124.24 30.09
N LEU V 241 -30.94 -122.98 30.51
CA LEU V 241 -31.63 -122.60 31.72
C LEU V 241 -33.11 -122.33 31.44
N LEU V 242 -33.92 -122.45 32.49
CA LEU V 242 -35.36 -122.22 32.37
C LEU V 242 -35.87 -121.79 33.75
N VAL V 243 -36.11 -120.50 33.91
CA VAL V 243 -36.63 -119.97 35.17
C VAL V 243 -38.15 -120.08 35.18
N GLU V 244 -38.69 -120.58 36.29
CA GLU V 244 -40.13 -120.78 36.44
C GLU V 244 -40.65 -119.92 37.59
N GLY V 245 -41.75 -119.21 37.35
CA GLY V 245 -42.37 -118.39 38.36
C GLY V 245 -43.47 -119.13 39.10
N ASP V 246 -44.12 -118.39 40.01
CA ASP V 246 -45.22 -118.95 40.79
C ASP V 246 -46.48 -119.14 39.98
N ASN V 247 -46.56 -118.57 38.77
CA ASN V 247 -47.74 -118.69 37.92
C ASN V 247 -47.63 -119.85 36.93
N GLY V 248 -46.56 -120.63 37.00
CA GLY V 248 -46.38 -121.74 36.07
C GLY V 248 -46.19 -121.32 34.63
N ILE V 249 -45.45 -120.24 34.40
CA ILE V 249 -45.19 -119.73 33.06
C ILE V 249 -43.70 -119.44 32.93
N ASN V 250 -43.12 -119.87 31.81
CA ASN V 250 -41.69 -119.68 31.58
C ASN V 250 -41.35 -118.19 31.43
N TYR V 251 -40.21 -117.80 31.96
CA TYR V 251 -39.73 -116.42 31.92
C TYR V 251 -38.33 -116.35 31.35
N THR V 252 -38.02 -117.20 30.39
CA THR V 252 -36.69 -117.25 29.79
C THR V 252 -36.43 -116.12 28.79
N PRO V 253 -37.29 -115.92 27.77
CA PRO V 253 -36.94 -114.94 26.73
C PRO V 253 -36.85 -113.51 27.21
N ASP V 254 -37.48 -113.16 28.33
CA ASP V 254 -37.50 -111.77 28.80
C ASP V 254 -36.53 -111.49 29.93
N VAL V 255 -36.39 -112.40 30.88
CA VAL V 255 -35.50 -112.18 32.02
C VAL V 255 -34.06 -112.42 31.58
N VAL V 256 -33.19 -111.46 31.86
CA VAL V 256 -31.78 -111.54 31.50
C VAL V 256 -31.00 -112.15 32.66
N PHE V 257 -29.94 -112.87 32.34
CA PHE V 257 -29.10 -113.54 33.33
C PHE V 257 -27.71 -112.92 33.32
N THR V 258 -27.20 -112.60 34.50
CA THR V 258 -25.88 -112.02 34.66
C THR V 258 -25.00 -112.99 35.43
N SER V 259 -23.81 -113.26 34.89
CA SER V 259 -22.87 -114.19 35.52
C SER V 259 -21.90 -113.40 36.37
N SER V 260 -21.95 -113.61 37.69
CA SER V 260 -21.06 -112.92 38.61
C SER V 260 -19.62 -113.41 38.47
N ALA V 261 -19.41 -114.61 37.94
CA ALA V 261 -18.08 -115.19 37.76
C ALA V 261 -17.93 -115.63 36.31
N PRO V 262 -17.63 -114.69 35.41
CA PRO V 262 -17.47 -115.05 33.98
C PRO V 262 -16.31 -116.00 33.73
N ASP V 263 -15.33 -116.06 34.63
CA ASP V 263 -14.20 -116.96 34.43
C ASP V 263 -14.65 -118.43 34.46
N LYS V 264 -15.58 -118.76 35.35
CA LYS V 264 -16.05 -120.14 35.46
C LYS V 264 -17.08 -120.45 34.38
N ALA V 265 -18.20 -119.71 34.38
CA ALA V 265 -19.26 -119.94 33.40
C ALA V 265 -19.94 -118.61 33.12
N SER V 266 -20.27 -118.38 31.85
CA SER V 266 -20.95 -117.17 31.41
C SER V 266 -22.29 -117.56 30.81
N VAL V 267 -23.36 -116.88 31.23
CA VAL V 267 -24.71 -117.13 30.77
C VAL V 267 -25.21 -115.87 30.05
N SER V 268 -25.61 -116.03 28.80
CA SER V 268 -26.11 -114.92 28.00
C SER V 268 -27.62 -114.78 28.23
N ALA V 269 -28.26 -113.90 27.44
CA ALA V 269 -29.70 -113.72 27.56
C ALA V 269 -30.47 -114.97 27.17
N ALA V 270 -29.90 -115.78 26.29
CA ALA V 270 -30.56 -117.01 25.86
C ALA V 270 -30.56 -118.10 26.93
N GLY V 271 -29.81 -117.91 28.02
CA GLY V 271 -29.75 -118.89 29.07
C GLY V 271 -28.79 -120.04 28.84
N LEU V 272 -27.91 -119.93 27.85
CA LEU V 272 -26.94 -120.99 27.59
C LEU V 272 -25.92 -121.06 28.71
N VAL V 273 -25.53 -122.29 29.06
CA VAL V 273 -24.54 -122.55 30.09
C VAL V 273 -23.49 -123.47 29.47
N THR V 274 -22.37 -122.90 29.02
CA THR V 274 -21.29 -123.66 28.41
C THR V 274 -20.12 -123.87 29.36
N GLY V 275 -19.72 -122.84 30.09
CA GLY V 275 -18.61 -122.97 31.03
C GLY V 275 -17.27 -122.69 30.40
N VAL V 276 -16.51 -121.77 30.97
CA VAL V 276 -15.18 -121.43 30.48
C VAL V 276 -14.10 -122.18 31.24
N ALA V 277 -14.18 -122.18 32.57
CA ALA V 277 -13.22 -122.88 33.41
C ALA V 277 -13.96 -123.66 34.49
N ALA V 278 -13.35 -124.73 34.95
CA ALA V 278 -13.95 -125.55 36.00
C ALA V 278 -14.03 -124.78 37.31
N GLY V 279 -15.17 -124.88 37.97
CA GLY V 279 -15.38 -124.20 39.23
C GLY V 279 -16.87 -123.96 39.46
N SER V 280 -17.15 -123.07 40.42
CA SER V 280 -18.51 -122.71 40.78
C SER V 280 -18.75 -121.25 40.46
N ALA V 281 -19.94 -120.96 39.93
CA ALA V 281 -20.31 -119.59 39.55
C ALA V 281 -21.73 -119.32 40.02
N THR V 282 -22.03 -118.04 40.20
CA THR V 282 -23.35 -117.58 40.64
C THR V 282 -24.00 -116.77 39.52
N ILE V 283 -25.25 -117.09 39.21
CA ILE V 283 -26.00 -116.43 38.17
C ILE V 283 -27.21 -115.75 38.79
N THR V 284 -27.39 -114.47 38.47
CA THR V 284 -28.50 -113.67 38.98
C THR V 284 -29.44 -113.32 37.84
N ALA V 285 -30.73 -113.59 38.02
CA ALA V 285 -31.74 -113.34 37.01
C ALA V 285 -32.73 -112.30 37.53
N THR V 286 -32.83 -111.17 36.82
CA THR V 286 -33.77 -110.11 37.16
C THR V 286 -34.46 -109.63 35.89
N LYS V 287 -35.70 -109.18 36.03
CA LYS V 287 -36.41 -108.56 34.92
C LYS V 287 -36.67 -107.08 35.15
N GLY V 288 -37.44 -106.73 36.19
CA GLY V 288 -37.45 -105.35 36.65
C GLY V 288 -37.51 -105.18 38.15
N ALA V 289 -37.91 -106.24 38.87
CA ALA V 289 -38.05 -106.14 40.32
C ALA V 289 -37.58 -107.36 41.10
N LEU V 290 -37.53 -108.54 40.50
CA LEU V 290 -37.31 -109.78 41.23
C LEU V 290 -35.91 -110.31 40.94
N THR V 291 -35.19 -110.68 42.01
CA THR V 291 -33.84 -111.20 41.91
C THR V 291 -33.83 -112.67 42.33
N ALA V 292 -33.27 -113.52 41.46
CA ALA V 292 -33.13 -114.94 41.73
C ALA V 292 -31.67 -115.34 41.59
N THR V 293 -31.20 -116.16 42.52
CA THR V 293 -29.81 -116.59 42.57
C THR V 293 -29.72 -118.08 42.27
N ALA V 294 -28.78 -118.45 41.41
CA ALA V 294 -28.56 -119.85 41.05
C ALA V 294 -27.07 -120.16 41.11
N THR V 295 -26.74 -121.40 41.47
CA THR V 295 -25.37 -121.86 41.56
C THR V 295 -25.10 -122.90 40.49
N VAL V 296 -24.07 -122.67 39.68
CA VAL V 296 -23.71 -123.56 38.58
C VAL V 296 -22.31 -124.11 38.86
N THR V 297 -22.17 -125.43 38.78
CA THR V 297 -20.90 -126.11 39.00
C THR V 297 -20.33 -126.56 37.67
N VAL V 298 -19.06 -126.22 37.43
CA VAL V 298 -18.37 -126.56 36.18
C VAL V 298 -17.21 -127.47 36.53
N THR V 299 -17.10 -128.58 35.80
CA THR V 299 -16.01 -129.54 36.01
C THR V 299 -15.71 -130.24 34.71
N ALA V 300 -14.51 -130.82 34.63
CA ALA V 300 -14.08 -131.53 33.43
C ALA V 300 -14.63 -132.95 33.42
N THR W 2 -42.38 -112.06 14.17
CA THR W 2 -41.87 -112.46 12.86
C THR W 2 -42.34 -111.51 11.77
N ASP W 3 -42.16 -111.93 10.51
CA ASP W 3 -42.52 -111.13 9.35
C ASP W 3 -44.02 -111.25 9.07
N PHE W 4 -44.80 -110.51 9.87
CA PHE W 4 -46.25 -110.56 9.75
C PHE W 4 -46.75 -109.94 8.45
N TYR W 5 -45.97 -109.07 7.82
CA TYR W 5 -46.39 -108.50 6.55
C TYR W 5 -46.46 -109.55 5.45
N THR W 6 -45.60 -110.58 5.53
CA THR W 6 -45.65 -111.66 4.55
C THR W 6 -46.95 -112.45 4.69
N ILE W 7 -47.31 -112.83 5.93
CA ILE W 7 -48.53 -113.58 6.14
C ILE W 7 -49.77 -112.72 5.94
N LYS W 8 -49.63 -111.39 6.01
CA LYS W 8 -50.73 -110.51 5.65
C LYS W 8 -51.06 -110.63 4.17
N ASP W 9 -50.02 -110.74 3.33
CA ASP W 9 -50.18 -110.89 1.87
C ASP W 9 -50.99 -109.74 1.28
N ALA W 10 -50.72 -108.53 1.74
CA ALA W 10 -51.38 -107.33 1.22
C ALA W 10 -50.63 -106.87 -0.03
N GLN W 11 -50.91 -107.55 -1.14
CA GLN W 11 -50.26 -107.23 -2.40
C GLN W 11 -50.62 -105.81 -2.85
N ALA W 12 -51.91 -105.45 -2.77
CA ALA W 12 -52.40 -104.12 -3.13
C ALA W 12 -52.00 -103.72 -4.55
N ASP W 13 -51.85 -104.71 -5.44
CA ASP W 13 -51.45 -104.46 -6.82
C ASP W 13 -52.44 -104.99 -7.84
N LEU W 14 -53.11 -106.10 -7.57
CA LEU W 14 -54.07 -106.69 -8.50
C LEU W 14 -55.49 -106.26 -8.23
N ALA W 15 -55.71 -105.33 -7.29
CA ALA W 15 -57.05 -104.81 -7.04
C ALA W 15 -57.45 -103.85 -8.15
N ILE W 16 -58.09 -104.36 -9.20
CA ILE W 16 -58.40 -103.58 -10.38
C ILE W 16 -59.67 -102.78 -10.15
N ALA W 17 -59.69 -101.55 -10.65
CA ALA W 17 -60.85 -100.67 -10.56
C ALA W 17 -61.40 -100.40 -11.96
N PRO W 18 -62.60 -100.86 -12.28
CA PRO W 18 -63.17 -100.59 -13.61
C PRO W 18 -63.36 -99.09 -13.84
N LEU W 19 -63.14 -98.67 -15.08
CA LEU W 19 -63.24 -97.26 -15.45
C LEU W 19 -64.38 -97.00 -16.43
N ASN W 20 -64.39 -97.69 -17.57
CA ASN W 20 -65.43 -97.50 -18.59
C ASN W 20 -66.41 -98.65 -18.49
N LEU W 21 -67.54 -98.41 -17.83
CA LEU W 21 -68.57 -99.43 -17.65
C LEU W 21 -69.56 -99.37 -18.82
N THR W 22 -69.08 -99.79 -19.98
CA THR W 22 -69.90 -99.83 -21.19
C THR W 22 -70.81 -101.05 -21.12
N VAL W 23 -72.11 -100.80 -20.94
CA VAL W 23 -73.09 -101.87 -20.80
C VAL W 23 -73.59 -102.24 -22.19
N LEU W 24 -73.19 -103.42 -22.66
CA LEU W 24 -73.60 -103.88 -23.99
C LEU W 24 -74.97 -104.54 -23.90
N LEU W 25 -75.87 -104.17 -24.83
CA LEU W 25 -77.22 -104.71 -24.87
C LEU W 25 -77.42 -105.45 -26.18
N ALA W 26 -78.07 -106.61 -26.11
CA ALA W 26 -78.37 -107.42 -27.27
C ALA W 26 -79.77 -107.99 -27.13
N PRO W 27 -80.46 -108.25 -28.25
CA PRO W 27 -81.78 -108.88 -28.18
C PRO W 27 -81.68 -110.34 -27.78
N TYR W 28 -82.84 -110.93 -27.50
CA TYR W 28 -82.90 -112.34 -27.11
C TYR W 28 -82.47 -113.25 -28.25
N SER W 29 -82.64 -112.82 -29.50
CA SER W 29 -82.27 -113.67 -30.63
C SER W 29 -80.76 -113.86 -30.73
N THR W 30 -79.99 -112.90 -30.24
CA THR W 30 -78.54 -113.00 -30.31
C THR W 30 -78.03 -114.10 -29.40
N THR W 31 -77.15 -114.95 -29.92
CA THR W 31 -76.59 -116.04 -29.13
C THR W 31 -75.59 -115.48 -28.13
N PRO W 32 -75.75 -115.76 -26.83
CA PRO W 32 -74.80 -115.26 -25.85
C PRO W 32 -73.42 -115.87 -26.03
N ALA W 33 -72.40 -115.08 -25.69
CA ALA W 33 -71.01 -115.52 -25.79
C ALA W 33 -70.46 -115.87 -24.41
N THR W 34 -69.70 -116.96 -24.36
CA THR W 34 -69.15 -117.43 -23.09
C THR W 34 -67.86 -116.69 -22.70
N THR W 35 -67.29 -115.90 -23.61
CA THR W 35 -66.07 -115.17 -23.30
C THR W 35 -66.06 -113.87 -24.09
N LEU W 36 -65.29 -112.90 -23.58
CA LEU W 36 -65.14 -111.59 -24.22
C LEU W 36 -63.78 -111.41 -24.88
N GLU W 37 -63.01 -112.49 -25.02
CA GLU W 37 -61.67 -112.43 -25.58
C GLU W 37 -61.58 -113.37 -26.79
N SER W 38 -60.88 -112.92 -27.83
CA SER W 38 -60.73 -113.72 -29.03
C SER W 38 -59.51 -114.63 -28.92
N PRO W 39 -59.69 -115.96 -28.93
CA PRO W 39 -58.56 -116.89 -28.76
C PRO W 39 -57.72 -117.10 -30.03
N THR W 40 -57.40 -116.00 -30.72
CA THR W 40 -56.58 -116.11 -31.91
C THR W 40 -55.43 -115.11 -31.91
N ASP W 41 -55.62 -113.99 -31.23
CA ASP W 41 -54.58 -112.97 -31.17
C ASP W 41 -54.29 -112.49 -29.76
N GLY W 42 -55.30 -112.42 -28.90
CA GLY W 42 -55.15 -111.88 -27.57
C GLY W 42 -55.86 -110.57 -27.31
N SER W 43 -56.66 -110.09 -28.25
CA SER W 43 -57.38 -108.85 -28.12
C SER W 43 -58.84 -109.12 -27.76
N LEU W 44 -59.66 -108.07 -27.72
CA LEU W 44 -61.06 -108.18 -27.38
C LEU W 44 -61.91 -108.22 -28.64
N ALA W 45 -62.84 -109.19 -28.68
CA ALA W 45 -63.76 -109.33 -29.79
C ALA W 45 -65.15 -109.65 -29.25
N ILE W 46 -66.16 -109.09 -29.88
CA ILE W 46 -67.54 -109.32 -29.47
C ILE W 46 -68.35 -109.82 -30.66
N PRO W 47 -69.26 -110.78 -30.45
CA PRO W 47 -70.10 -111.23 -31.56
C PRO W 47 -71.06 -110.14 -32.00
N PRO W 48 -71.50 -110.16 -33.25
CA PRO W 48 -72.43 -109.13 -33.72
C PRO W 48 -73.74 -109.17 -32.93
N GLY W 49 -74.33 -108.00 -32.73
CA GLY W 49 -75.54 -107.85 -31.95
C GLY W 49 -75.36 -107.16 -30.62
N TYR W 50 -74.11 -106.98 -30.16
CA TYR W 50 -73.85 -106.28 -28.91
C TYR W 50 -73.74 -104.79 -29.21
N LYS W 51 -74.75 -104.04 -28.79
CA LYS W 51 -74.79 -102.60 -28.98
C LYS W 51 -74.70 -101.90 -27.63
N SER W 52 -73.78 -100.96 -27.52
CA SER W 52 -73.57 -100.25 -26.26
C SER W 52 -74.79 -99.39 -25.92
N VAL W 53 -75.15 -99.37 -24.64
CA VAL W 53 -76.27 -98.56 -24.19
C VAL W 53 -75.94 -97.08 -24.35
N GLY W 54 -74.68 -96.70 -24.15
CA GLY W 54 -74.28 -95.31 -24.24
C GLY W 54 -73.39 -94.90 -23.09
N HIS W 55 -73.67 -93.74 -22.49
CA HIS W 55 -72.90 -93.23 -21.37
C HIS W 55 -73.74 -93.29 -20.10
N PHE W 56 -73.10 -93.70 -19.00
CA PHE W 56 -73.76 -93.84 -17.71
C PHE W 56 -73.37 -92.67 -16.81
N GLU W 57 -73.97 -92.65 -15.61
CA GLU W 57 -73.73 -91.57 -14.66
C GLU W 57 -72.28 -91.56 -14.20
N LYS W 58 -71.70 -90.35 -14.12
CA LYS W 58 -70.31 -90.21 -13.72
C LYS W 58 -70.16 -89.95 -12.22
N GLN W 59 -70.99 -89.06 -11.66
CA GLN W 59 -70.87 -88.73 -10.24
C GLN W 59 -71.38 -89.86 -9.35
N ALA W 60 -72.42 -90.57 -9.78
CA ALA W 60 -72.99 -91.67 -9.01
C ALA W 60 -72.53 -93.03 -9.49
N GLY W 61 -72.65 -93.31 -10.78
CA GLY W 61 -72.23 -94.58 -11.33
C GLY W 61 -73.21 -95.70 -11.09
N LEU W 62 -72.83 -96.89 -11.52
CA LEU W 62 -73.66 -98.07 -11.36
C LEU W 62 -73.52 -98.65 -9.96
N THR W 63 -74.65 -99.04 -9.38
CA THR W 63 -74.70 -99.63 -8.04
C THR W 63 -75.30 -101.03 -8.16
N LEU W 64 -74.43 -102.02 -8.37
CA LEU W 64 -74.88 -103.40 -8.49
C LEU W 64 -75.10 -104.00 -7.11
N GLY W 65 -76.26 -104.63 -6.92
CA GLY W 65 -76.59 -105.24 -5.65
C GLY W 65 -76.97 -106.70 -5.76
N ASN W 66 -76.34 -107.56 -4.96
CA ASN W 66 -76.61 -108.99 -4.95
C ASN W 66 -77.34 -109.33 -3.65
N GLU W 67 -78.67 -109.23 -3.68
CA GLU W 67 -79.47 -109.54 -2.51
C GLU W 67 -79.50 -111.05 -2.26
N PHE W 68 -79.33 -111.43 -1.00
CA PHE W 68 -79.33 -112.82 -0.58
C PHE W 68 -80.49 -113.07 0.37
N ASP W 69 -81.26 -114.12 0.11
CA ASP W 69 -82.37 -114.53 0.97
C ASP W 69 -82.15 -115.98 1.37
N SER W 70 -82.12 -116.24 2.67
CA SER W 70 -81.86 -117.56 3.21
C SER W 70 -83.01 -117.98 4.12
N LYS W 71 -82.92 -119.20 4.65
CA LYS W 71 -83.92 -119.74 5.54
C LYS W 71 -83.24 -120.63 6.57
N ASP W 72 -83.86 -120.72 7.75
CA ASP W 72 -83.34 -121.52 8.86
C ASP W 72 -84.32 -122.63 9.20
N ILE W 73 -83.79 -123.81 9.48
CA ILE W 73 -84.58 -124.98 9.84
C ILE W 73 -84.13 -125.47 11.20
N GLU W 74 -85.08 -125.62 12.12
CA GLU W 74 -84.79 -126.11 13.47
C GLU W 74 -86.09 -126.60 14.09
N ALA W 75 -86.14 -127.88 14.46
CA ALA W 75 -87.35 -128.45 15.04
C ALA W 75 -87.09 -129.38 16.21
N TYR W 76 -85.83 -129.59 16.61
CA TYR W 76 -85.50 -130.52 17.69
C TYR W 76 -84.78 -129.82 18.83
N GLY W 77 -85.02 -128.53 19.01
CA GLY W 77 -84.43 -127.78 20.10
C GLY W 77 -82.93 -127.62 19.99
N GLU W 78 -82.47 -126.87 18.98
CA GLU W 78 -81.05 -126.63 18.79
C GLU W 78 -80.75 -125.16 19.00
N PRO W 79 -79.68 -124.83 19.74
CA PRO W 79 -79.35 -123.42 19.98
C PRO W 79 -78.97 -122.66 18.72
N GLU W 80 -78.54 -123.35 17.67
CA GLU W 80 -78.12 -122.71 16.43
C GLU W 80 -78.81 -123.36 15.25
N PRO W 81 -79.04 -122.61 14.17
CA PRO W 81 -79.69 -123.20 12.99
C PRO W 81 -78.77 -124.14 12.22
N ILE W 82 -79.10 -125.43 12.22
CA ILE W 82 -78.32 -126.43 11.52
C ILE W 82 -78.81 -126.52 10.08
N ARG W 83 -77.86 -126.64 9.14
CA ARG W 83 -78.16 -126.75 7.72
C ARG W 83 -78.92 -125.52 7.22
N THR W 84 -78.28 -124.36 7.37
CA THR W 84 -78.85 -123.09 6.93
C THR W 84 -78.81 -123.03 5.41
N ILE W 85 -79.95 -123.22 4.76
CA ILE W 85 -80.02 -123.21 3.32
C ILE W 85 -80.30 -121.79 2.84
N ILE W 86 -79.94 -121.53 1.58
CA ILE W 86 -80.16 -120.23 0.94
C ILE W 86 -81.03 -120.46 -0.29
N ASN W 87 -82.04 -119.60 -0.46
CA ASN W 87 -83.03 -119.76 -1.51
C ASN W 87 -82.84 -118.79 -2.67
N LYS W 88 -82.77 -117.49 -2.40
CA LYS W 88 -82.71 -116.48 -3.43
C LYS W 88 -81.34 -115.80 -3.44
N ARG W 89 -80.80 -115.60 -4.64
CA ARG W 89 -79.53 -114.92 -4.85
C ARG W 89 -79.66 -113.93 -6.00
N THR W 90 -80.74 -113.16 -5.99
CA THR W 90 -81.02 -112.23 -7.08
C THR W 90 -79.98 -111.12 -7.12
N THR W 91 -79.58 -110.75 -8.32
CA THR W 91 -78.62 -109.67 -8.55
C THR W 91 -79.31 -108.54 -9.29
N THR W 92 -79.26 -107.34 -8.72
CA THR W 92 -79.89 -106.16 -9.30
C THR W 92 -78.86 -105.06 -9.47
N PHE W 93 -78.98 -104.30 -10.56
CA PHE W 93 -78.08 -103.20 -10.84
C PHE W 93 -78.85 -102.08 -11.52
N ASP W 94 -78.57 -100.84 -11.13
CA ASP W 94 -79.23 -99.67 -11.69
C ASP W 94 -78.17 -98.68 -12.17
N PHE W 95 -78.33 -98.20 -13.41
CA PHE W 95 -77.41 -97.23 -13.98
C PHE W 95 -78.20 -96.15 -14.70
N ALA W 96 -77.74 -94.90 -14.57
CA ALA W 96 -78.41 -93.79 -15.23
C ALA W 96 -78.02 -93.74 -16.70
N MET W 97 -78.85 -93.04 -17.49
CA MET W 97 -78.65 -92.90 -18.92
C MET W 97 -78.85 -91.45 -19.33
N TYR W 98 -78.07 -91.03 -20.34
CA TYR W 98 -78.16 -89.67 -20.87
C TYR W 98 -78.75 -89.64 -22.28
N GLN W 99 -78.16 -90.39 -23.20
CA GLN W 99 -78.61 -90.36 -24.59
C GLN W 99 -79.94 -91.08 -24.76
N ASN W 100 -80.66 -90.71 -25.82
CA ASN W 100 -81.95 -91.29 -26.17
C ASN W 100 -81.80 -91.92 -27.55
N GLN W 101 -81.39 -93.19 -27.59
CA GLN W 101 -81.19 -93.90 -28.84
C GLN W 101 -82.13 -95.12 -28.89
N ARG W 102 -81.93 -95.95 -29.91
CA ARG W 102 -82.86 -97.05 -30.17
C ARG W 102 -82.91 -98.04 -29.02
N ASN W 103 -81.74 -98.53 -28.59
CA ASN W 103 -81.71 -99.56 -27.56
C ASN W 103 -82.23 -99.03 -26.22
N VAL W 104 -81.88 -97.78 -25.89
CA VAL W 104 -82.32 -97.21 -24.61
C VAL W 104 -83.84 -97.11 -24.58
N LEU W 105 -84.44 -96.59 -25.65
CA LEU W 105 -85.89 -96.47 -25.70
C LEU W 105 -86.56 -97.84 -25.71
N GLU W 106 -85.99 -98.79 -26.43
CA GLU W 106 -86.55 -100.15 -26.46
C GLU W 106 -86.54 -100.76 -25.06
N LEU W 107 -85.44 -100.58 -24.33
CA LEU W 107 -85.35 -101.13 -22.97
C LEU W 107 -86.30 -100.42 -22.02
N ILE W 108 -86.45 -99.10 -22.17
CA ILE W 108 -87.25 -98.33 -21.23
C ILE W 108 -88.75 -98.44 -21.52
N TRP W 109 -89.15 -98.82 -22.73
CA TRP W 109 -90.56 -98.93 -23.07
C TRP W 109 -91.01 -100.36 -23.34
N THR W 110 -90.09 -101.32 -23.37
CA THR W 110 -90.41 -102.74 -23.53
C THR W 110 -91.26 -102.99 -24.79
N GLN W 111 -90.67 -102.65 -25.93
CA GLN W 111 -91.33 -102.76 -27.22
C GLN W 111 -90.26 -103.17 -28.25
N ASP W 112 -90.66 -103.35 -29.50
CA ASP W 112 -89.70 -103.61 -30.58
C ASP W 112 -89.98 -102.61 -31.69
N PHE W 113 -89.26 -101.49 -31.65
CA PHE W 113 -89.46 -100.38 -32.59
C PHE W 113 -88.74 -100.66 -33.92
N SER W 114 -89.10 -101.79 -34.53
CA SER W 114 -88.58 -102.17 -35.84
C SER W 114 -89.53 -101.81 -36.97
N ASN W 115 -90.84 -102.00 -36.77
CA ASN W 115 -91.81 -101.62 -37.79
C ASN W 115 -92.02 -100.12 -37.86
N ILE W 116 -91.59 -99.37 -36.85
CA ILE W 116 -91.75 -97.92 -36.86
C ILE W 116 -90.83 -97.32 -37.91
N GLN W 117 -91.26 -96.19 -38.48
CA GLN W 117 -90.51 -95.50 -39.51
C GLN W 117 -90.67 -93.99 -39.29
N PRO W 118 -89.58 -93.23 -39.34
CA PRO W 118 -89.69 -91.77 -39.19
C PRO W 118 -90.55 -91.17 -40.29
N SER W 119 -91.30 -90.13 -39.93
CA SER W 119 -92.18 -89.46 -40.87
C SER W 119 -91.36 -88.63 -41.85
N GLU W 120 -92.05 -88.01 -42.81
CA GLU W 120 -91.38 -87.18 -43.81
C GLU W 120 -90.74 -85.94 -43.20
N PHE W 121 -91.17 -85.54 -42.00
CA PHE W 121 -90.60 -84.38 -41.32
C PHE W 121 -89.87 -84.75 -40.04
N GLY W 122 -89.56 -86.03 -39.84
CA GLY W 122 -88.86 -86.48 -38.65
C GLY W 122 -89.75 -86.79 -37.46
N GLY W 123 -91.06 -86.58 -37.57
CA GLY W 123 -91.96 -86.88 -36.48
C GLY W 123 -92.04 -88.35 -36.14
N ILE W 124 -91.79 -88.68 -34.87
CA ILE W 124 -91.83 -90.06 -34.41
C ILE W 124 -92.60 -90.10 -33.09
N VAL W 125 -93.12 -91.30 -32.78
CA VAL W 125 -93.83 -91.54 -31.54
C VAL W 125 -93.33 -92.85 -30.94
N LEU W 126 -93.05 -92.83 -29.64
CA LEU W 126 -92.64 -94.02 -28.90
C LEU W 126 -93.86 -94.58 -28.20
N GLU W 127 -94.36 -95.71 -28.68
CA GLU W 127 -95.65 -96.25 -28.24
C GLU W 127 -95.46 -97.26 -27.13
N ALA W 128 -96.12 -97.03 -26.00
CA ALA W 128 -96.12 -98.00 -24.92
C ALA W 128 -96.98 -99.20 -25.31
N PRO W 129 -96.55 -100.42 -25.00
CA PRO W 129 -97.33 -101.60 -25.41
C PRO W 129 -98.68 -101.65 -24.70
N LYS W 130 -99.68 -102.17 -25.43
CA LYS W 130 -100.99 -102.41 -24.83
C LYS W 130 -100.90 -103.43 -23.71
N VAL W 131 -100.15 -104.50 -23.94
CA VAL W 131 -99.84 -105.51 -22.92
C VAL W 131 -98.33 -105.48 -22.71
N PRO W 132 -97.83 -105.27 -21.50
CA PRO W 132 -96.38 -105.14 -21.30
C PRO W 132 -95.65 -106.46 -21.50
N LYS W 133 -94.94 -106.59 -22.61
CA LYS W 133 -94.22 -107.82 -22.90
C LYS W 133 -92.97 -107.92 -22.03
N ASN W 134 -92.69 -109.14 -21.57
CA ASN W 134 -91.51 -109.40 -20.74
C ASN W 134 -90.34 -109.83 -21.64
N ILE W 135 -89.89 -108.88 -22.46
CA ILE W 135 -88.79 -109.15 -23.38
C ILE W 135 -87.49 -109.21 -22.61
N TYR W 136 -86.68 -110.23 -22.88
CA TYR W 136 -85.40 -110.43 -22.20
C TYR W 136 -84.27 -109.91 -23.07
N TYR W 137 -83.22 -109.44 -22.41
CA TYR W 137 -82.07 -108.83 -23.10
C TYR W 137 -80.78 -109.50 -22.65
N ARG W 138 -79.77 -109.39 -23.50
CA ARG W 138 -78.43 -109.89 -23.21
C ARG W 138 -77.58 -108.71 -22.74
N ALA W 139 -77.05 -108.81 -21.53
CA ALA W 139 -76.31 -107.72 -20.90
C ALA W 139 -74.85 -108.10 -20.71
N ILE W 140 -73.96 -107.18 -21.07
CA ILE W 140 -72.52 -107.34 -20.84
C ILE W 140 -72.03 -106.10 -20.11
N LEU W 141 -71.45 -106.32 -18.93
CA LEU W 141 -70.98 -105.23 -18.07
C LEU W 141 -69.46 -105.37 -17.92
N VAL W 142 -68.73 -104.74 -18.83
CA VAL W 142 -67.28 -104.87 -18.90
C VAL W 142 -66.62 -103.60 -18.37
N GLY W 143 -65.61 -103.78 -17.52
CA GLY W 143 -64.82 -102.69 -17.00
C GLY W 143 -63.46 -102.61 -17.67
N MET W 144 -62.71 -101.58 -17.27
CA MET W 144 -61.40 -101.32 -17.86
C MET W 144 -60.41 -100.90 -16.78
N ASP W 145 -59.20 -101.44 -16.87
CA ASP W 145 -58.08 -101.02 -16.04
C ASP W 145 -56.81 -101.22 -16.84
N ASP W 146 -55.91 -100.23 -16.78
CA ASP W 146 -54.74 -100.20 -17.63
C ASP W 146 -53.47 -100.25 -16.79
N ARG W 147 -52.56 -101.15 -17.17
CA ARG W 147 -51.23 -101.26 -16.54
C ARG W 147 -50.20 -101.30 -17.67
N ASN W 148 -49.58 -100.15 -17.93
CA ASN W 148 -48.61 -99.99 -19.03
C ASN W 148 -49.35 -100.32 -20.34
N ASP W 149 -48.72 -101.00 -21.29
CA ASP W 149 -49.36 -101.32 -22.56
C ASP W 149 -50.26 -102.54 -22.48
N ARG W 150 -50.29 -103.23 -21.34
CA ARG W 150 -51.11 -104.43 -21.18
C ARG W 150 -52.21 -104.16 -20.15
N PRO W 151 -53.43 -103.85 -20.58
CA PRO W 151 -54.49 -103.49 -19.63
C PRO W 151 -55.12 -104.73 -19.00
N ILE W 152 -56.10 -104.48 -18.14
CA ILE W 152 -56.85 -105.52 -17.46
C ILE W 152 -58.31 -105.41 -17.88
N TRP W 153 -58.88 -106.53 -18.33
CA TRP W 153 -60.27 -106.58 -18.77
C TRP W 153 -61.07 -107.44 -17.80
N LEU W 154 -62.12 -106.86 -17.24
CA LEU W 154 -63.05 -107.58 -16.37
C LEU W 154 -64.47 -107.28 -16.82
N TYR W 155 -65.34 -108.29 -16.75
CA TYR W 155 -66.70 -108.14 -17.21
C TYR W 155 -67.65 -108.94 -16.34
N TRP W 156 -68.91 -108.51 -16.30
CA TRP W 156 -69.99 -109.17 -15.58
C TRP W 156 -70.90 -109.82 -16.62
N LEU W 157 -70.59 -111.05 -16.99
CA LEU W 157 -71.34 -111.76 -18.02
C LEU W 157 -72.68 -112.22 -17.47
N MET W 158 -73.75 -111.95 -18.22
CA MET W 158 -75.09 -112.37 -17.85
C MET W 158 -75.94 -112.57 -19.10
N PRO W 159 -76.47 -113.78 -19.34
CA PRO W 159 -77.23 -114.04 -20.55
C PRO W 159 -78.74 -113.84 -20.43
N LYS W 160 -79.23 -113.26 -19.35
CA LYS W 160 -80.66 -112.99 -19.22
C LYS W 160 -80.87 -111.86 -18.21
N VAL W 161 -81.60 -110.83 -18.63
CA VAL W 161 -81.87 -109.69 -17.77
C VAL W 161 -83.16 -109.03 -18.27
N LYS W 162 -83.87 -108.38 -17.36
CA LYS W 162 -85.12 -107.71 -17.70
C LYS W 162 -85.35 -106.57 -16.72
N LEU W 163 -86.30 -105.71 -17.06
CA LEU W 163 -86.62 -104.58 -16.20
C LEU W 163 -87.18 -105.05 -14.86
N ASP W 164 -86.81 -104.33 -13.80
CA ASP W 164 -87.30 -104.61 -12.46
C ASP W 164 -88.10 -103.45 -11.89
N LYS W 165 -87.58 -102.23 -11.99
CA LYS W 165 -88.28 -101.04 -11.50
C LYS W 165 -87.65 -99.82 -12.14
N LEU W 166 -88.49 -98.85 -12.52
CA LEU W 166 -88.03 -97.60 -13.08
C LEU W 166 -88.20 -96.50 -12.04
N ASP W 167 -87.11 -95.86 -11.66
CA ASP W 167 -87.16 -94.80 -10.66
C ASP W 167 -87.76 -93.53 -11.25
N ASN W 168 -88.23 -92.66 -10.37
CA ASN W 168 -88.80 -91.38 -10.80
C ASN W 168 -87.70 -90.50 -11.39
N GLN W 169 -87.95 -89.96 -12.58
CA GLN W 169 -86.98 -89.13 -13.27
C GLN W 169 -87.34 -87.67 -13.14
N THR W 170 -86.32 -86.83 -12.96
CA THR W 170 -86.50 -85.38 -12.83
C THR W 170 -85.94 -84.71 -14.07
N LEU W 171 -86.78 -83.92 -14.74
CA LEU W 171 -86.40 -83.25 -15.98
C LEU W 171 -86.45 -81.73 -15.84
N ASN W 172 -86.11 -81.23 -14.65
CA ASN W 172 -86.10 -79.80 -14.40
C ASN W 172 -84.92 -79.15 -15.12
N ASP W 173 -84.72 -77.86 -14.87
CA ASP W 173 -83.74 -77.06 -15.61
C ASP W 173 -82.37 -77.02 -14.93
N ASP W 174 -82.00 -78.06 -14.19
CA ASP W 174 -80.67 -78.16 -13.61
C ASP W 174 -79.90 -79.38 -14.07
N ASN W 175 -80.53 -80.32 -14.77
CA ASN W 175 -79.83 -81.49 -15.29
C ASN W 175 -80.62 -82.04 -16.47
N VAL W 176 -79.97 -82.90 -17.24
CA VAL W 176 -80.59 -83.55 -18.39
C VAL W 176 -81.48 -84.68 -17.86
N ILE W 177 -82.35 -85.21 -18.72
CA ILE W 177 -83.24 -86.29 -18.32
C ILE W 177 -82.42 -87.50 -17.90
N GLU W 178 -82.79 -88.09 -16.77
CA GLU W 178 -82.05 -89.20 -16.18
C GLU W 178 -82.91 -90.46 -16.24
N TYR W 179 -82.49 -91.43 -17.04
CA TYR W 179 -83.13 -92.74 -17.10
C TYR W 179 -82.25 -93.73 -16.34
N LYS W 180 -82.70 -94.09 -15.14
CA LYS W 180 -81.94 -94.99 -14.26
C LYS W 180 -82.83 -96.14 -13.79
N PRO W 181 -83.13 -97.09 -14.69
CA PRO W 181 -83.93 -98.24 -14.29
C PRO W 181 -83.08 -99.39 -13.77
N THR W 182 -83.52 -100.00 -12.68
CA THR W 182 -82.84 -101.16 -12.14
C THR W 182 -83.28 -102.43 -12.86
N LEU W 183 -82.34 -103.32 -13.10
CA LEU W 183 -82.60 -104.56 -13.80
C LEU W 183 -82.15 -105.73 -12.93
N LYS W 184 -83.03 -106.72 -12.78
CA LYS W 184 -82.73 -107.91 -11.98
C LYS W 184 -82.31 -109.03 -12.92
N ALA W 185 -81.10 -109.54 -12.71
CA ALA W 185 -80.60 -110.62 -13.56
C ALA W 185 -81.37 -111.91 -13.30
N PHE W 186 -81.67 -112.62 -14.38
CA PHE W 186 -82.38 -113.89 -14.32
C PHE W 186 -81.43 -115.03 -14.69
N ARG W 187 -81.95 -116.25 -14.65
CA ARG W 187 -81.18 -117.45 -14.91
C ARG W 187 -81.55 -118.00 -16.28
N ASP W 188 -80.55 -118.26 -17.12
CA ASP W 188 -80.76 -118.81 -18.44
C ASP W 188 -80.71 -120.34 -18.40
N ASP W 189 -81.40 -120.95 -19.37
CA ASP W 189 -81.54 -122.40 -19.42
C ASP W 189 -80.64 -123.06 -20.45
N VAL W 190 -80.47 -122.45 -21.62
CA VAL W 190 -79.68 -123.08 -22.68
C VAL W 190 -78.18 -123.02 -22.39
N VAL W 191 -77.74 -122.16 -21.47
CA VAL W 191 -76.34 -122.08 -21.10
C VAL W 191 -76.07 -122.47 -19.65
N GLY W 192 -77.07 -122.42 -18.77
CA GLY W 192 -76.93 -122.91 -17.42
C GLY W 192 -76.30 -121.96 -16.44
N TYR W 193 -76.07 -120.69 -16.81
CA TYR W 193 -75.50 -119.72 -15.89
C TYR W 193 -76.29 -118.42 -15.96
N SER W 194 -76.27 -117.68 -14.85
CA SER W 194 -77.00 -116.42 -14.72
C SER W 194 -76.08 -115.21 -14.64
N VAL W 195 -75.11 -115.23 -13.71
CA VAL W 195 -74.14 -114.16 -13.57
C VAL W 195 -72.75 -114.79 -13.57
N ALA W 196 -71.85 -114.22 -14.37
CA ALA W 196 -70.49 -114.75 -14.49
C ALA W 196 -69.49 -113.60 -14.42
N GLN W 197 -68.39 -113.84 -13.70
CA GLN W 197 -67.29 -112.90 -13.60
C GLN W 197 -66.14 -113.40 -14.44
N GLY W 198 -65.64 -112.55 -15.32
CA GLY W 198 -64.56 -112.93 -16.23
C GLY W 198 -63.45 -111.91 -16.25
N PHE W 199 -62.22 -112.42 -16.24
CA PHE W 199 -61.02 -111.59 -16.31
C PHE W 199 -60.25 -111.94 -17.59
N ALA W 200 -59.84 -110.92 -18.32
CA ALA W 200 -59.12 -111.11 -19.57
C ALA W 200 -58.12 -109.98 -19.73
N GLY W 201 -57.50 -109.91 -20.92
CA GLY W 201 -56.52 -108.90 -21.20
C GLY W 201 -55.10 -109.40 -21.03
N PRO W 202 -54.18 -108.85 -21.82
CA PRO W 202 -52.77 -109.26 -21.70
C PRO W 202 -52.18 -108.99 -20.32
N GLY W 203 -52.61 -107.92 -19.66
CA GLY W 203 -52.08 -107.60 -18.34
C GLY W 203 -52.43 -108.64 -17.29
N TRP W 204 -53.60 -109.27 -17.41
CA TRP W 204 -54.01 -110.27 -16.43
C TRP W 204 -53.07 -111.46 -16.41
N ARG W 205 -52.40 -111.74 -17.54
CA ARG W 205 -51.45 -112.84 -17.58
C ARG W 205 -50.27 -112.61 -16.65
N ASP W 206 -49.88 -111.35 -16.44
CA ASP W 206 -48.75 -111.06 -15.56
C ASP W 206 -49.05 -111.43 -14.12
N LEU W 207 -50.27 -111.14 -13.65
CA LEU W 207 -50.63 -111.32 -12.24
C LEU W 207 -51.57 -112.49 -12.01
N VAL W 208 -51.80 -113.33 -13.01
CA VAL W 208 -52.69 -114.48 -12.81
C VAL W 208 -52.08 -115.46 -11.80
N ALA W 209 -50.76 -115.62 -11.83
CA ALA W 209 -50.10 -116.47 -10.85
C ALA W 209 -50.15 -115.83 -9.45
N THR W 210 -50.01 -114.51 -9.38
CA THR W 210 -50.07 -113.83 -8.09
C THR W 210 -51.46 -113.90 -7.49
N ALA W 211 -52.51 -113.91 -8.33
CA ALA W 211 -53.88 -114.01 -7.84
C ALA W 211 -54.20 -115.39 -7.28
N GLY W 212 -53.33 -116.37 -7.48
CA GLY W 212 -53.55 -117.72 -6.97
C GLY W 212 -54.26 -118.65 -7.92
N PHE W 213 -54.77 -118.16 -9.04
CA PHE W 213 -55.42 -119.02 -10.02
C PHE W 213 -54.39 -119.89 -10.72
N GLY W 214 -54.71 -121.18 -10.86
CA GLY W 214 -53.78 -122.11 -11.48
C GLY W 214 -52.55 -122.31 -10.61
N GLU W 215 -51.38 -122.35 -11.26
CA GLU W 215 -50.12 -122.54 -10.58
C GLU W 215 -49.18 -121.38 -10.89
N ALA W 216 -48.17 -121.23 -10.04
CA ALA W 216 -47.17 -120.17 -10.22
C ALA W 216 -46.30 -120.47 -11.43
N LEU W 217 -45.88 -119.39 -12.11
CA LEU W 217 -45.04 -119.51 -13.29
C LEU W 217 -43.60 -119.75 -12.85
N THR W 218 -43.13 -120.99 -13.00
CA THR W 218 -41.77 -121.34 -12.62
C THR W 218 -40.98 -122.03 -13.73
N ALA W 219 -41.62 -122.45 -14.81
CA ALA W 219 -40.93 -123.12 -15.91
C ALA W 219 -41.42 -122.55 -17.23
N LEU W 220 -40.54 -122.62 -18.24
CA LEU W 220 -40.87 -122.11 -19.56
C LEU W 220 -39.99 -122.81 -20.59
N THR W 221 -40.55 -123.05 -21.77
CA THR W 221 -39.82 -123.72 -22.84
C THR W 221 -40.46 -123.33 -24.17
N ILE W 222 -39.62 -123.06 -25.17
CA ILE W 222 -40.09 -122.76 -26.51
C ILE W 222 -40.53 -124.05 -27.17
N THR W 223 -41.77 -124.08 -27.66
CA THR W 223 -42.34 -125.31 -28.21
C THR W 223 -41.58 -125.83 -29.42
N PRO W 224 -41.25 -125.02 -30.45
CA PRO W 224 -40.41 -125.54 -31.53
C PRO W 224 -38.99 -125.80 -31.07
N GLY W 225 -38.59 -127.07 -31.03
CA GLY W 225 -37.26 -127.44 -30.57
C GLY W 225 -36.17 -126.96 -31.49
N SER W 226 -36.11 -127.49 -32.71
CA SER W 226 -35.12 -127.11 -33.71
C SER W 226 -35.84 -126.82 -35.02
N PRO W 227 -36.51 -125.67 -35.12
CA PRO W 227 -37.22 -125.33 -36.35
C PRO W 227 -36.26 -125.14 -37.52
N THR W 228 -36.75 -125.51 -38.71
CA THR W 228 -35.98 -125.40 -39.94
C THR W 228 -36.68 -124.40 -40.86
N VAL W 229 -35.94 -123.40 -41.32
CA VAL W 229 -36.46 -122.37 -42.21
C VAL W 229 -35.60 -122.30 -43.45
N THR W 230 -36.24 -122.22 -44.62
CA THR W 230 -35.52 -122.14 -45.88
C THR W 230 -35.04 -120.72 -46.13
N VAL W 231 -33.82 -120.60 -46.65
CA VAL W 231 -33.27 -119.29 -46.97
C VAL W 231 -34.08 -118.62 -48.07
N ALA W 232 -34.46 -119.38 -49.10
CA ALA W 232 -35.26 -118.84 -50.18
C ALA W 232 -36.71 -118.64 -49.72
N THR W 233 -37.47 -117.90 -50.53
CA THR W 233 -38.87 -117.60 -50.23
C THR W 233 -39.71 -118.82 -50.59
N GLY W 234 -39.67 -119.84 -49.72
CA GLY W 234 -40.41 -121.06 -49.91
C GLY W 234 -41.59 -121.17 -48.97
N ALA W 235 -42.14 -122.38 -48.92
CA ALA W 235 -43.29 -122.65 -48.05
C ALA W 235 -42.92 -122.48 -46.59
N SER W 236 -41.75 -122.96 -46.18
CA SER W 236 -41.29 -122.87 -44.80
C SER W 236 -40.25 -121.77 -44.61
N HIS W 237 -40.33 -120.70 -45.40
CA HIS W 237 -39.37 -119.61 -45.27
C HIS W 237 -39.50 -118.91 -43.92
N THR W 238 -40.74 -118.71 -43.47
CA THR W 238 -41.01 -118.02 -42.21
C THR W 238 -41.64 -118.99 -41.21
N ALA W 239 -41.27 -118.85 -39.95
CA ALA W 239 -41.79 -119.68 -38.88
C ALA W 239 -42.21 -118.81 -37.70
N GLN W 240 -43.18 -119.29 -36.93
CA GLN W 240 -43.72 -118.57 -35.79
C GLN W 240 -43.39 -119.33 -34.51
N LEU W 241 -42.80 -118.63 -33.55
CA LEU W 241 -42.45 -119.23 -32.27
C LEU W 241 -43.63 -119.11 -31.30
N LEU W 242 -43.63 -120.00 -30.30
CA LEU W 242 -44.67 -120.01 -29.28
C LEU W 242 -44.08 -120.63 -28.01
N VAL W 243 -43.75 -119.79 -27.04
CA VAL W 243 -43.21 -120.25 -25.77
C VAL W 243 -44.35 -120.62 -24.84
N GLU W 244 -44.23 -121.78 -24.20
CA GLU W 244 -45.25 -122.29 -23.30
C GLU W 244 -44.67 -122.44 -21.90
N GLY W 245 -45.41 -121.95 -20.90
CA GLY W 245 -44.99 -122.06 -19.52
C GLY W 245 -45.59 -123.28 -18.83
N ASP W 246 -45.28 -123.39 -17.53
CA ASP W 246 -45.79 -124.50 -16.74
C ASP W 246 -47.28 -124.37 -16.43
N ASN W 247 -47.87 -123.20 -16.66
CA ASN W 247 -49.29 -122.97 -16.39
C ASN W 247 -50.17 -123.23 -17.60
N GLY W 248 -49.59 -123.67 -18.72
CA GLY W 248 -50.37 -123.92 -19.92
C GLY W 248 -50.97 -122.68 -20.54
N ILE W 249 -50.24 -121.56 -20.52
CA ILE W 249 -50.70 -120.30 -21.07
C ILE W 249 -49.59 -119.74 -21.96
N ASN W 250 -49.96 -119.27 -23.15
CA ASN W 250 -48.98 -118.73 -24.08
C ASN W 250 -48.37 -117.45 -23.54
N TYR W 251 -47.08 -117.25 -23.82
CA TYR W 251 -46.33 -116.09 -23.37
C TYR W 251 -45.62 -115.42 -24.54
N THR W 252 -46.25 -115.43 -25.72
CA THR W 252 -45.64 -114.85 -26.92
C THR W 252 -45.71 -113.32 -26.94
N PRO W 253 -46.88 -112.70 -26.78
CA PRO W 253 -46.95 -111.24 -26.99
C PRO W 253 -46.13 -110.43 -26.00
N ASP W 254 -45.80 -110.97 -24.82
CA ASP W 254 -45.12 -110.20 -23.79
C ASP W 254 -43.63 -110.51 -23.70
N VAL W 255 -43.24 -111.77 -23.83
CA VAL W 255 -41.84 -112.15 -23.72
C VAL W 255 -41.12 -111.80 -25.02
N VAL W 256 -40.00 -111.08 -24.90
CA VAL W 256 -39.22 -110.65 -26.06
C VAL W 256 -38.14 -111.70 -26.32
N PHE W 257 -37.78 -111.86 -27.59
CA PHE W 257 -36.78 -112.83 -28.02
C PHE W 257 -35.58 -112.10 -28.58
N THR W 258 -34.39 -112.50 -28.14
CA THR W 258 -33.13 -111.91 -28.60
C THR W 258 -32.33 -112.97 -29.35
N SER W 259 -31.87 -112.63 -30.55
CA SER W 259 -31.10 -113.55 -31.38
C SER W 259 -29.62 -113.30 -31.14
N SER W 260 -28.94 -114.30 -30.56
CA SER W 260 -27.51 -114.19 -30.31
C SER W 260 -26.68 -114.21 -31.59
N ALA W 261 -27.24 -114.75 -32.68
CA ALA W 261 -26.56 -114.83 -33.97
C ALA W 261 -27.46 -114.24 -35.04
N PRO W 262 -27.49 -112.91 -35.15
CA PRO W 262 -28.34 -112.27 -36.17
C PRO W 262 -27.95 -112.62 -37.60
N ASP W 263 -26.70 -113.05 -37.83
CA ASP W 263 -26.29 -113.42 -39.18
C ASP W 263 -27.06 -114.63 -39.70
N LYS W 264 -27.30 -115.62 -38.83
CA LYS W 264 -28.02 -116.82 -39.24
C LYS W 264 -29.52 -116.58 -39.27
N ALA W 265 -30.10 -116.22 -38.14
CA ALA W 265 -31.54 -115.98 -38.05
C ALA W 265 -31.80 -114.92 -37.00
N SER W 266 -32.74 -114.01 -37.30
CA SER W 266 -33.12 -112.94 -36.39
C SER W 266 -34.59 -113.11 -36.03
N VAL W 267 -34.89 -113.05 -34.73
CA VAL W 267 -36.25 -113.19 -34.22
C VAL W 267 -36.64 -111.89 -33.55
N SER W 268 -37.75 -111.30 -34.00
CA SER W 268 -38.25 -110.05 -33.44
C SER W 268 -39.16 -110.35 -32.25
N ALA W 269 -39.85 -109.31 -31.75
CA ALA W 269 -40.76 -109.51 -30.63
C ALA W 269 -41.96 -110.36 -31.02
N ALA W 270 -42.34 -110.34 -32.31
CA ALA W 270 -43.46 -111.14 -32.77
C ALA W 270 -43.15 -112.62 -32.85
N GLY W 271 -41.89 -113.01 -32.69
CA GLY W 271 -41.51 -114.41 -32.74
C GLY W 271 -41.30 -114.96 -34.14
N LEU W 272 -41.23 -114.10 -35.15
CA LEU W 272 -41.01 -114.57 -36.51
C LEU W 272 -39.61 -115.15 -36.67
N VAL W 273 -39.50 -116.23 -37.43
CA VAL W 273 -38.23 -116.90 -37.72
C VAL W 273 -38.14 -117.02 -39.23
N THR W 274 -37.43 -116.09 -39.87
CA THR W 274 -37.24 -116.10 -41.31
C THR W 274 -35.88 -116.63 -41.73
N GLY W 275 -34.81 -116.23 -41.05
CA GLY W 275 -33.48 -116.70 -41.37
C GLY W 275 -32.78 -115.86 -42.42
N VAL W 276 -31.60 -115.37 -42.10
CA VAL W 276 -30.81 -114.56 -43.02
C VAL W 276 -29.79 -115.41 -43.78
N ALA W 277 -29.05 -116.26 -43.06
CA ALA W 277 -28.06 -117.14 -43.66
C ALA W 277 -28.19 -118.53 -43.06
N ALA W 278 -27.80 -119.53 -43.84
CA ALA W 278 -27.87 -120.91 -43.38
C ALA W 278 -26.89 -121.15 -42.23
N GLY W 279 -27.36 -121.84 -41.21
CA GLY W 279 -26.54 -122.14 -40.05
C GLY W 279 -27.41 -122.37 -38.84
N SER W 280 -26.75 -122.33 -37.68
CA SER W 280 -27.41 -122.53 -36.39
C SER W 280 -27.33 -121.26 -35.57
N ALA W 281 -28.42 -120.92 -34.89
CA ALA W 281 -28.50 -119.72 -34.07
C ALA W 281 -29.17 -120.05 -32.75
N THR W 282 -28.88 -119.23 -31.74
CA THR W 282 -29.42 -119.39 -30.41
C THR W 282 -30.32 -118.20 -30.07
N ILE W 283 -31.53 -118.48 -29.59
CA ILE W 283 -32.51 -117.47 -29.26
C ILE W 283 -32.79 -117.55 -27.76
N THR W 284 -32.72 -116.41 -27.08
CA THR W 284 -32.97 -116.33 -25.64
C THR W 284 -34.24 -115.51 -25.41
N ALA W 285 -35.16 -116.07 -24.62
CA ALA W 285 -36.43 -115.42 -24.32
C ALA W 285 -36.51 -115.14 -22.83
N THR W 286 -36.67 -113.86 -22.49
CA THR W 286 -36.81 -113.43 -21.11
C THR W 286 -37.94 -112.40 -21.03
N LYS W 287 -38.62 -112.37 -19.89
CA LYS W 287 -39.62 -111.34 -19.63
C LYS W 287 -39.20 -110.39 -18.51
N GLY W 288 -39.04 -110.90 -17.29
CA GLY W 288 -38.33 -110.14 -16.28
C GLY W 288 -37.41 -110.95 -15.39
N ALA W 289 -37.61 -112.27 -15.35
CA ALA W 289 -36.81 -113.12 -14.46
C ALA W 289 -36.37 -114.44 -15.07
N LEU W 290 -37.06 -114.97 -16.08
CA LEU W 290 -36.86 -116.33 -16.56
C LEU W 290 -36.16 -116.31 -17.91
N THR W 291 -35.12 -117.12 -18.04
CA THR W 291 -34.35 -117.22 -19.28
C THR W 291 -34.54 -118.59 -19.90
N ALA W 292 -34.92 -118.60 -21.18
CA ALA W 292 -35.10 -119.83 -21.94
C ALA W 292 -34.24 -119.78 -23.19
N THR W 293 -33.58 -120.90 -23.50
CA THR W 293 -32.68 -120.99 -24.64
C THR W 293 -33.27 -121.94 -25.68
N ALA W 294 -33.22 -121.52 -26.94
CA ALA W 294 -33.71 -122.32 -28.06
C ALA W 294 -32.68 -122.33 -29.17
N THR W 295 -32.62 -123.44 -29.90
CA THR W 295 -31.70 -123.60 -31.02
C THR W 295 -32.49 -123.68 -32.31
N VAL W 296 -32.14 -122.82 -33.28
CA VAL W 296 -32.81 -122.76 -34.57
C VAL W 296 -31.79 -123.09 -35.65
N THR W 297 -32.15 -124.02 -36.52
CA THR W 297 -31.31 -124.45 -37.63
C THR W 297 -31.83 -123.88 -38.93
N VAL W 298 -30.95 -123.24 -39.69
CA VAL W 298 -31.29 -122.61 -40.96
C VAL W 298 -30.52 -123.31 -42.07
N THR W 299 -31.22 -123.70 -43.13
CA THR W 299 -30.60 -124.36 -44.26
C THR W 299 -31.39 -124.03 -45.53
N ALA W 300 -30.74 -124.20 -46.67
CA ALA W 300 -31.36 -123.92 -47.95
C ALA W 300 -32.22 -125.10 -48.41
N THR X 2 -57.69 -102.29 -28.08
CA THR X 2 -58.15 -101.68 -29.32
C THR X 2 -58.84 -100.34 -29.05
N ASP X 3 -59.62 -99.88 -30.03
CA ASP X 3 -60.34 -98.60 -29.93
C ASP X 3 -61.64 -98.80 -29.15
N PHE X 4 -61.50 -98.86 -27.83
CA PHE X 4 -62.65 -99.09 -26.95
C PHE X 4 -63.61 -97.91 -26.93
N TYR X 5 -63.14 -96.71 -27.28
CA TYR X 5 -64.04 -95.56 -27.31
C TYR X 5 -65.08 -95.70 -28.42
N THR X 6 -64.72 -96.37 -29.52
CA THR X 6 -65.69 -96.60 -30.59
C THR X 6 -66.80 -97.53 -30.12
N ILE X 7 -66.44 -98.64 -29.46
CA ILE X 7 -67.44 -99.57 -28.99
C ILE X 7 -68.21 -99.01 -27.79
N LYS X 8 -67.64 -98.02 -27.10
CA LYS X 8 -68.38 -97.33 -26.05
C LYS X 8 -69.56 -96.55 -26.64
N ASP X 9 -69.35 -95.93 -27.81
CA ASP X 9 -70.39 -95.18 -28.51
C ASP X 9 -70.98 -94.08 -27.63
N ALA X 10 -70.12 -93.37 -26.90
CA ALA X 10 -70.54 -92.26 -26.05
C ALA X 10 -70.60 -91.00 -26.91
N GLN X 11 -71.69 -90.89 -27.68
CA GLN X 11 -71.87 -89.73 -28.55
C GLN X 11 -71.96 -88.44 -27.74
N ALA X 12 -72.76 -88.46 -26.66
CA ALA X 12 -72.92 -87.31 -25.77
C ALA X 12 -73.35 -86.05 -26.52
N ASP X 13 -74.07 -86.22 -27.63
CA ASP X 13 -74.54 -85.10 -28.44
C ASP X 13 -76.04 -85.04 -28.61
N LEU X 14 -76.72 -86.19 -28.66
CA LEU X 14 -78.16 -86.23 -28.83
C LEU X 14 -78.91 -86.34 -27.51
N ALA X 15 -78.21 -86.24 -26.38
CA ALA X 15 -78.87 -86.25 -25.07
C ALA X 15 -79.53 -84.90 -24.82
N ILE X 16 -80.79 -84.77 -25.21
CA ILE X 16 -81.49 -83.48 -25.17
C ILE X 16 -82.04 -83.25 -23.76
N ALA X 17 -81.95 -82.00 -23.30
CA ALA X 17 -82.49 -81.60 -22.01
C ALA X 17 -83.64 -80.63 -22.20
N PRO X 18 -84.87 -80.99 -21.83
CA PRO X 18 -85.99 -80.07 -21.98
C PRO X 18 -85.80 -78.82 -21.13
N LEU X 19 -86.25 -77.68 -21.66
CA LEU X 19 -86.10 -76.40 -20.98
C LEU X 19 -87.44 -75.79 -20.59
N ASN X 20 -88.36 -75.63 -21.54
CA ASN X 20 -89.67 -75.03 -21.27
C ASN X 20 -90.70 -76.15 -21.22
N LEU X 21 -91.05 -76.57 -20.00
CA LEU X 21 -92.03 -77.65 -19.82
C LEU X 21 -93.43 -77.05 -19.71
N THR X 22 -93.91 -76.57 -20.86
CA THR X 22 -95.24 -75.99 -20.95
C THR X 22 -96.26 -77.13 -21.00
N VAL X 23 -97.02 -77.30 -19.93
CA VAL X 23 -97.99 -78.39 -19.81
C VAL X 23 -99.32 -77.91 -20.40
N LEU X 24 -99.69 -78.46 -21.55
CA LEU X 24 -100.93 -78.07 -22.21
C LEU X 24 -102.09 -78.87 -21.64
N LEU X 25 -103.17 -78.19 -21.29
CA LEU X 25 -104.37 -78.81 -20.74
C LEU X 25 -105.55 -78.59 -21.69
N ALA X 26 -106.33 -79.63 -21.89
CA ALA X 26 -107.52 -79.58 -22.72
C ALA X 26 -108.64 -80.36 -22.05
N PRO X 27 -109.89 -79.98 -22.29
CA PRO X 27 -111.01 -80.74 -21.74
C PRO X 27 -111.17 -82.09 -22.43
N TYR X 28 -112.04 -82.92 -21.87
CA TYR X 28 -112.28 -84.24 -22.42
C TYR X 28 -112.94 -84.18 -23.80
N SER X 29 -113.69 -83.10 -24.07
CA SER X 29 -114.37 -82.98 -25.36
C SER X 29 -113.39 -82.79 -26.50
N THR X 30 -112.22 -82.21 -26.23
CA THR X 30 -111.24 -81.98 -27.28
C THR X 30 -110.66 -83.31 -27.76
N THR X 31 -110.60 -83.47 -29.09
CA THR X 31 -110.05 -84.69 -29.66
C THR X 31 -108.53 -84.70 -29.50
N PRO X 32 -107.96 -85.75 -28.90
CA PRO X 32 -106.51 -85.80 -28.75
C PRO X 32 -105.81 -85.90 -30.09
N ALA X 33 -104.60 -85.34 -30.14
CA ALA X 33 -103.78 -85.34 -31.35
C ALA X 33 -102.65 -86.34 -31.21
N THR X 34 -102.41 -87.12 -32.27
CA THR X 34 -101.39 -88.14 -32.26
C THR X 34 -99.98 -87.59 -32.50
N THR X 35 -99.86 -86.33 -32.92
CA THR X 35 -98.56 -85.73 -33.17
C THR X 35 -98.61 -84.25 -32.83
N LEU X 36 -97.44 -83.70 -32.54
CA LEU X 36 -97.30 -82.28 -32.21
C LEU X 36 -96.63 -81.48 -33.33
N GLU X 37 -96.50 -82.06 -34.52
CA GLU X 37 -95.84 -81.43 -35.65
C GLU X 37 -96.79 -81.38 -36.84
N SER X 38 -96.76 -80.28 -37.56
CA SER X 38 -97.64 -80.11 -38.73
C SER X 38 -96.97 -80.66 -39.97
N PRO X 39 -97.52 -81.70 -40.61
CA PRO X 39 -96.89 -82.31 -41.79
C PRO X 39 -97.11 -81.54 -43.09
N THR X 40 -96.94 -80.22 -43.03
CA THR X 40 -97.11 -79.41 -44.23
C THR X 40 -95.94 -78.43 -44.43
N ASP X 41 -95.31 -78.03 -43.33
CA ASP X 41 -94.19 -77.09 -43.40
C ASP X 41 -92.97 -77.55 -42.62
N GLY X 42 -93.18 -78.21 -41.48
CA GLY X 42 -92.09 -78.61 -40.62
C GLY X 42 -92.05 -77.89 -39.28
N SER X 43 -93.05 -77.08 -38.96
CA SER X 43 -93.11 -76.35 -37.71
C SER X 43 -94.04 -77.05 -36.72
N LEU X 44 -94.29 -76.41 -35.58
CA LEU X 44 -95.14 -76.96 -34.55
C LEU X 44 -96.55 -76.37 -34.66
N ALA X 45 -97.55 -77.24 -34.61
CA ALA X 45 -98.94 -76.84 -34.65
C ALA X 45 -99.74 -77.66 -33.65
N ILE X 46 -100.68 -77.03 -32.97
CA ILE X 46 -101.51 -77.70 -31.98
C ILE X 46 -102.98 -77.51 -32.34
N PRO X 47 -103.82 -78.52 -32.18
CA PRO X 47 -105.24 -78.34 -32.45
C PRO X 47 -105.86 -77.41 -31.42
N PRO X 48 -106.96 -76.72 -31.77
CA PRO X 48 -107.60 -75.82 -30.81
C PRO X 48 -108.09 -76.57 -29.59
N GLY X 49 -108.03 -75.91 -28.43
CA GLY X 49 -108.41 -76.49 -27.17
C GLY X 49 -107.26 -76.74 -26.22
N TYR X 50 -106.02 -76.70 -26.72
CA TYR X 50 -104.84 -76.89 -25.88
C TYR X 50 -104.46 -75.55 -25.25
N LYS X 51 -104.72 -75.41 -23.96
CA LYS X 51 -104.41 -74.19 -23.22
C LYS X 51 -103.31 -74.49 -22.21
N SER X 52 -102.26 -73.66 -22.22
CA SER X 52 -101.14 -73.86 -21.32
C SER X 52 -101.55 -73.63 -19.88
N VAL X 53 -101.03 -74.48 -18.99
CA VAL X 53 -101.32 -74.33 -17.57
C VAL X 53 -100.70 -73.05 -17.02
N GLY X 54 -99.54 -72.66 -17.54
CA GLY X 54 -98.86 -71.46 -17.06
C GLY X 54 -97.38 -71.68 -16.84
N HIS X 55 -96.88 -71.27 -15.67
CA HIS X 55 -95.47 -71.41 -15.32
C HIS X 55 -95.33 -72.41 -14.18
N PHE X 56 -94.34 -73.28 -14.28
CA PHE X 56 -94.09 -74.30 -13.28
C PHE X 56 -92.88 -73.90 -12.41
N GLU X 57 -92.59 -74.73 -11.42
CA GLU X 57 -91.51 -74.43 -10.49
C GLU X 57 -90.16 -74.45 -11.21
N LYS X 58 -89.32 -73.47 -10.88
CA LYS X 58 -88.01 -73.35 -11.51
C LYS X 58 -86.91 -74.04 -10.69
N GLN X 59 -86.92 -73.87 -9.37
CA GLN X 59 -85.86 -74.47 -8.55
C GLN X 59 -86.04 -75.97 -8.40
N ALA X 60 -87.29 -76.45 -8.34
CA ALA X 60 -87.58 -77.87 -8.20
C ALA X 60 -87.97 -78.53 -9.51
N GLY X 61 -88.92 -77.96 -10.23
CA GLY X 61 -89.34 -78.50 -11.51
C GLY X 61 -90.27 -79.70 -11.36
N LEU X 62 -90.63 -80.27 -12.51
CA LEU X 62 -91.53 -81.41 -12.54
C LEU X 62 -90.76 -82.70 -12.26
N THR X 63 -91.36 -83.57 -11.46
CA THR X 63 -90.78 -84.85 -11.08
C THR X 63 -91.73 -85.95 -11.54
N LEU X 64 -91.52 -86.45 -12.76
CA LEU X 64 -92.36 -87.51 -13.31
C LEU X 64 -91.88 -88.87 -12.81
N GLY X 65 -92.81 -89.67 -12.31
CA GLY X 65 -92.47 -90.99 -11.80
C GLY X 65 -93.28 -92.10 -12.44
N ASN X 66 -92.62 -93.15 -12.89
CA ASN X 66 -93.26 -94.30 -13.52
C ASN X 66 -93.12 -95.49 -12.59
N GLU X 67 -94.08 -95.64 -11.67
CA GLU X 67 -94.05 -96.75 -10.73
C GLU X 67 -94.39 -98.06 -11.44
N PHE X 68 -93.63 -99.10 -11.13
CA PHE X 68 -93.82 -100.43 -11.70
C PHE X 68 -94.18 -101.41 -10.60
N ASP X 69 -95.24 -102.19 -10.82
CA ASP X 69 -95.66 -103.23 -9.90
C ASP X 69 -95.71 -104.55 -10.65
N SER X 70 -94.95 -105.53 -10.18
CA SER X 70 -94.86 -106.84 -10.83
C SER X 70 -95.29 -107.92 -9.84
N LYS X 71 -95.28 -109.16 -10.33
CA LYS X 71 -95.67 -110.31 -9.52
C LYS X 71 -94.83 -111.51 -9.94
N ASP X 72 -94.60 -112.42 -8.99
CA ASP X 72 -93.79 -113.61 -9.22
C ASP X 72 -94.66 -114.85 -9.04
N ILE X 73 -94.47 -115.83 -9.92
CA ILE X 73 -95.20 -117.10 -9.86
C ILE X 73 -94.19 -118.23 -9.74
N GLU X 74 -94.41 -119.11 -8.77
CA GLU X 74 -93.54 -120.26 -8.54
C GLU X 74 -94.27 -121.25 -7.65
N ALA X 75 -94.49 -122.46 -8.16
CA ALA X 75 -95.20 -123.47 -7.40
C ALA X 75 -94.59 -124.87 -7.49
N TYR X 76 -93.50 -125.04 -8.24
CA TYR X 76 -92.90 -126.36 -8.43
C TYR X 76 -91.46 -126.41 -7.94
N GLY X 77 -91.12 -125.56 -6.97
CA GLY X 77 -89.80 -125.56 -6.38
C GLY X 77 -88.71 -125.10 -7.34
N GLU X 78 -88.76 -123.82 -7.70
CA GLU X 78 -87.77 -123.24 -8.61
C GLU X 78 -86.94 -122.19 -7.88
N PRO X 79 -85.61 -122.23 -8.02
CA PRO X 79 -84.78 -121.24 -7.32
C PRO X 79 -85.00 -119.81 -7.78
N GLU X 80 -85.54 -119.61 -8.98
CA GLU X 80 -85.78 -118.28 -9.52
C GLU X 80 -87.21 -118.16 -10.03
N PRO X 81 -87.79 -116.97 -9.99
CA PRO X 81 -89.16 -116.81 -10.49
C PRO X 81 -89.24 -116.88 -12.01
N ILE X 82 -89.90 -117.93 -12.52
CA ILE X 82 -90.06 -118.12 -13.96
C ILE X 82 -91.32 -117.39 -14.40
N ARG X 83 -91.23 -116.73 -15.55
CA ARG X 83 -92.35 -115.98 -16.14
C ARG X 83 -92.82 -114.88 -15.19
N THR X 84 -91.91 -113.96 -14.90
CA THR X 84 -92.19 -112.83 -14.01
C THR X 84 -93.04 -111.82 -14.78
N ILE X 85 -94.34 -111.78 -14.46
CA ILE X 85 -95.26 -110.87 -15.13
C ILE X 85 -95.30 -109.55 -14.38
N ILE X 86 -95.71 -108.50 -15.10
CA ILE X 86 -95.85 -107.16 -14.54
C ILE X 86 -97.30 -106.72 -14.71
N ASN X 87 -97.88 -106.15 -13.65
CA ASN X 87 -99.30 -105.80 -13.64
C ASN X 87 -99.54 -104.30 -13.82
N LYS X 88 -98.91 -103.47 -12.99
CA LYS X 88 -99.17 -102.03 -12.98
C LYS X 88 -97.96 -101.27 -13.51
N ARG X 89 -98.22 -100.28 -14.35
CA ARG X 89 -97.20 -99.40 -14.92
C ARG X 89 -97.68 -97.94 -14.85
N THR X 90 -98.22 -97.57 -13.69
CA THR X 90 -98.79 -96.24 -13.54
C THR X 90 -97.71 -95.17 -13.61
N THR X 91 -98.02 -94.06 -14.28
CA THR X 91 -97.11 -92.93 -14.42
C THR X 91 -97.71 -91.73 -13.69
N THR X 92 -96.96 -91.16 -12.77
CA THR X 92 -97.38 -90.02 -11.98
C THR X 92 -96.38 -88.88 -12.11
N PHE X 93 -96.89 -87.65 -12.16
CA PHE X 93 -96.05 -86.47 -12.26
C PHE X 93 -96.68 -85.34 -11.46
N ASP X 94 -95.84 -84.58 -10.77
CA ASP X 94 -96.29 -83.45 -9.96
C ASP X 94 -95.50 -82.21 -10.34
N PHE X 95 -96.20 -81.10 -10.58
CA PHE X 95 -95.58 -79.84 -10.94
C PHE X 95 -96.25 -78.71 -10.16
N ALA X 96 -95.45 -77.75 -9.71
CA ALA X 96 -95.98 -76.62 -8.97
C ALA X 96 -96.56 -75.58 -9.93
N MET X 97 -97.42 -74.72 -9.38
CA MET X 97 -98.09 -73.69 -10.16
C MET X 97 -98.02 -72.36 -9.41
N TYR X 98 -97.94 -71.28 -10.18
CA TYR X 98 -97.90 -69.93 -9.63
C TYR X 98 -99.17 -69.14 -9.94
N GLN X 99 -99.54 -69.03 -11.20
CA GLN X 99 -100.68 -68.23 -11.60
C GLN X 99 -101.99 -68.91 -11.22
N ASN X 100 -103.04 -68.10 -11.11
CA ASN X 100 -104.39 -68.56 -10.76
C ASN X 100 -105.32 -68.16 -11.90
N GLN X 101 -105.43 -69.04 -12.90
CA GLN X 101 -106.27 -68.79 -14.06
C GLN X 101 -107.36 -69.87 -14.16
N ARG X 102 -108.11 -69.83 -15.25
CA ARG X 102 -109.30 -70.66 -15.38
C ARG X 102 -108.94 -72.15 -15.33
N ASN X 103 -107.99 -72.58 -16.17
CA ASN X 103 -107.66 -73.99 -16.24
C ASN X 103 -107.07 -74.50 -14.94
N VAL X 104 -106.23 -73.70 -14.29
CA VAL X 104 -105.59 -74.13 -13.04
C VAL X 104 -106.65 -74.35 -11.96
N LEU X 105 -107.57 -73.41 -11.80
CA LEU X 105 -108.62 -73.57 -10.80
C LEU X 105 -109.56 -74.72 -11.15
N GLU X 106 -109.87 -74.89 -12.44
CA GLU X 106 -110.71 -76.01 -12.85
C GLU X 106 -110.06 -77.34 -12.50
N LEU X 107 -108.75 -77.46 -12.75
CA LEU X 107 -108.05 -78.70 -12.44
C LEU X 107 -107.94 -78.92 -10.94
N ILE X 108 -107.73 -77.84 -10.18
CA ILE X 108 -107.51 -77.99 -8.74
C ILE X 108 -108.81 -78.18 -7.96
N TRP X 109 -109.96 -77.78 -8.53
CA TRP X 109 -111.23 -77.91 -7.83
C TRP X 109 -112.17 -78.92 -8.48
N THR X 110 -111.82 -79.48 -9.63
CA THR X 110 -112.60 -80.51 -10.31
C THR X 110 -114.05 -80.06 -10.51
N GLN X 111 -114.20 -79.00 -11.29
CA GLN X 111 -115.50 -78.41 -11.57
C GLN X 111 -115.46 -77.89 -13.01
N ASP X 112 -116.57 -77.31 -13.49
CA ASP X 112 -116.60 -76.68 -14.80
C ASP X 112 -117.16 -75.26 -14.62
N PHE X 113 -116.26 -74.30 -14.43
CA PHE X 113 -116.62 -72.91 -14.15
C PHE X 113 -116.98 -72.18 -15.44
N SER X 114 -117.97 -72.72 -16.13
CA SER X 114 -118.50 -72.12 -17.35
C SER X 114 -119.77 -71.31 -17.09
N ASN X 115 -120.66 -71.81 -16.24
CA ASN X 115 -121.88 -71.07 -15.90
C ASN X 115 -121.59 -69.90 -14.96
N ILE X 116 -120.44 -69.89 -14.31
CA ILE X 116 -120.11 -68.80 -13.40
C ILE X 116 -119.88 -67.52 -14.19
N GLN X 117 -120.19 -66.38 -13.57
CA GLN X 117 -120.04 -65.08 -14.20
C GLN X 117 -119.55 -64.09 -13.15
N PRO X 118 -118.54 -63.28 -13.46
CA PRO X 118 -118.08 -62.28 -12.48
C PRO X 118 -119.17 -61.29 -12.13
N SER X 119 -119.18 -60.86 -10.88
CA SER X 119 -120.18 -59.92 -10.41
C SER X 119 -119.90 -58.52 -10.96
N GLU X 120 -120.80 -57.58 -10.63
CA GLU X 120 -120.64 -56.22 -11.10
C GLU X 120 -119.42 -55.52 -10.50
N PHE X 121 -118.87 -56.06 -9.41
CA PHE X 121 -117.68 -55.48 -8.78
C PHE X 121 -116.49 -56.42 -8.82
N GLY X 122 -116.54 -57.48 -9.65
CA GLY X 122 -115.46 -58.42 -9.76
C GLY X 122 -115.50 -59.56 -8.77
N GLY X 123 -116.43 -59.56 -7.83
CA GLY X 123 -116.55 -60.63 -6.86
C GLY X 123 -116.86 -61.98 -7.48
N ILE X 124 -116.03 -62.98 -7.19
CA ILE X 124 -116.22 -64.32 -7.71
C ILE X 124 -116.01 -65.32 -6.58
N VAL X 125 -116.58 -66.51 -6.75
CA VAL X 125 -116.43 -67.60 -5.80
C VAL X 125 -116.10 -68.87 -6.57
N LEU X 126 -115.09 -69.60 -6.12
CA LEU X 126 -114.71 -70.88 -6.70
C LEU X 126 -115.32 -71.98 -5.84
N GLU X 127 -116.36 -72.63 -6.35
CA GLU X 127 -117.17 -73.54 -5.56
C GLU X 127 -116.68 -74.98 -5.73
N ALA X 128 -116.44 -75.65 -4.61
CA ALA X 128 -116.12 -77.07 -4.64
C ALA X 128 -117.37 -77.88 -4.95
N PRO X 129 -117.26 -78.95 -5.73
CA PRO X 129 -118.45 -79.74 -6.08
C PRO X 129 -119.03 -80.43 -4.87
N LYS X 130 -120.36 -80.57 -4.88
CA LYS X 130 -121.04 -81.34 -3.84
C LYS X 130 -120.62 -82.80 -3.92
N VAL X 131 -120.54 -83.36 -5.12
CA VAL X 131 -120.03 -84.69 -5.37
C VAL X 131 -118.78 -84.53 -6.25
N PRO X 132 -117.61 -85.03 -5.83
CA PRO X 132 -116.40 -84.79 -6.61
C PRO X 132 -116.39 -85.56 -7.93
N LYS X 133 -116.58 -84.83 -9.02
CA LYS X 133 -116.61 -85.45 -10.34
C LYS X 133 -115.20 -85.85 -10.77
N ASN X 134 -115.10 -87.02 -11.42
CA ASN X 134 -113.82 -87.51 -11.91
C ASN X 134 -113.63 -87.09 -13.37
N ILE X 135 -113.53 -85.77 -13.56
CA ILE X 135 -113.36 -85.21 -14.89
C ILE X 135 -111.95 -85.50 -15.39
N TYR X 136 -111.84 -85.94 -16.64
CA TYR X 136 -110.57 -86.28 -17.24
C TYR X 136 -110.09 -85.14 -18.14
N TYR X 137 -108.78 -85.00 -18.24
CA TYR X 137 -108.16 -83.91 -18.99
C TYR X 137 -107.16 -84.46 -19.99
N ARG X 138 -106.90 -83.68 -21.03
CA ARG X 138 -105.89 -83.99 -22.04
C ARG X 138 -104.62 -83.23 -21.68
N ALA X 139 -103.53 -83.96 -21.48
CA ALA X 139 -102.27 -83.39 -21.01
C ALA X 139 -101.21 -83.54 -22.09
N ILE X 140 -100.48 -82.45 -22.35
CA ILE X 140 -99.34 -82.46 -23.27
C ILE X 140 -98.15 -81.88 -22.52
N LEU X 141 -97.07 -82.65 -22.45
CA LEU X 141 -95.86 -82.26 -21.72
C LEU X 141 -94.71 -82.19 -22.72
N VAL X 142 -94.53 -81.01 -23.31
CA VAL X 142 -93.55 -80.80 -24.37
C VAL X 142 -92.35 -80.05 -23.81
N GLY X 143 -91.15 -80.53 -24.15
CA GLY X 143 -89.92 -79.88 -23.79
C GLY X 143 -89.29 -79.15 -24.98
N MET X 144 -88.17 -78.47 -24.68
CA MET X 144 -87.49 -77.68 -25.69
C MET X 144 -85.98 -77.84 -25.56
N ASP X 145 -85.32 -77.99 -26.71
CA ASP X 145 -83.86 -77.98 -26.79
C ASP X 145 -83.48 -77.41 -28.14
N ASP X 146 -82.49 -76.53 -28.14
CA ASP X 146 -82.13 -75.75 -29.32
C ASP X 146 -80.71 -76.08 -29.76
N ARG X 147 -80.54 -76.35 -31.05
CA ARG X 147 -79.23 -76.60 -31.66
C ARG X 147 -79.17 -75.73 -32.93
N ASN X 148 -78.51 -74.59 -32.82
CA ASN X 148 -78.42 -73.61 -33.92
C ASN X 148 -79.85 -73.19 -34.28
N ASP X 149 -80.17 -73.02 -35.56
CA ASP X 149 -81.51 -72.60 -35.96
C ASP X 149 -82.50 -73.75 -36.02
N ARG X 150 -82.06 -74.98 -35.82
CA ARG X 150 -82.93 -76.14 -35.87
C ARG X 150 -83.04 -76.77 -34.48
N PRO X 151 -84.09 -76.49 -33.72
CA PRO X 151 -84.18 -76.99 -32.34
C PRO X 151 -84.65 -78.44 -32.31
N ILE X 152 -84.77 -78.96 -31.09
CA ILE X 152 -85.23 -80.32 -30.84
C ILE X 152 -86.53 -80.22 -30.04
N TRP X 153 -87.56 -80.91 -30.51
CA TRP X 153 -88.88 -80.92 -29.85
C TRP X 153 -89.14 -82.32 -29.32
N LEU X 154 -89.40 -82.43 -28.02
CA LEU X 154 -89.78 -83.68 -27.39
C LEU X 154 -91.00 -83.43 -26.51
N TYR X 155 -91.89 -84.42 -26.46
CA TYR X 155 -93.13 -84.25 -25.72
C TYR X 155 -93.56 -85.58 -25.11
N TRP X 156 -94.32 -85.48 -24.02
CA TRP X 156 -94.88 -86.64 -23.32
C TRP X 156 -96.38 -86.66 -23.61
N LEU X 157 -96.77 -87.33 -24.69
CA LEU X 157 -98.16 -87.36 -25.11
C LEU X 157 -98.96 -88.30 -24.21
N MET X 158 -100.10 -87.81 -23.73
CA MET X 158 -101.00 -88.61 -22.90
C MET X 158 -102.44 -88.13 -23.08
N PRO X 159 -103.34 -89.01 -23.53
CA PRO X 159 -104.73 -88.58 -23.79
C PRO X 159 -105.69 -88.78 -22.63
N LYS X 160 -105.22 -89.08 -21.42
CA LYS X 160 -106.10 -89.24 -20.28
C LYS X 160 -105.29 -89.03 -19.00
N VAL X 161 -105.74 -88.11 -18.16
CA VAL X 161 -105.07 -87.82 -16.91
C VAL X 161 -106.10 -87.24 -15.94
N LYS X 162 -105.87 -87.44 -14.65
CA LYS X 162 -106.78 -86.95 -13.62
C LYS X 162 -105.99 -86.73 -12.34
N LEU X 163 -106.63 -86.04 -11.40
CA LEU X 163 -105.99 -85.76 -10.12
C LEU X 163 -105.75 -87.04 -9.34
N ASP X 164 -104.60 -87.10 -8.68
CA ASP X 164 -104.24 -88.23 -7.82
C ASP X 164 -104.11 -87.84 -6.36
N LYS X 165 -103.42 -86.74 -6.07
CA LYS X 165 -103.25 -86.26 -4.70
C LYS X 165 -102.79 -84.81 -4.75
N LEU X 166 -103.33 -84.00 -3.84
CA LEU X 166 -102.93 -82.60 -3.72
C LEU X 166 -102.09 -82.45 -2.46
N ASP X 167 -100.86 -81.99 -2.64
CA ASP X 167 -99.96 -81.80 -1.51
C ASP X 167 -100.35 -80.57 -0.70
N ASN X 168 -99.91 -80.55 0.55
CA ASN X 168 -100.18 -79.40 1.42
C ASN X 168 -99.45 -78.17 0.90
N GLN X 169 -100.17 -77.07 0.80
CA GLN X 169 -99.62 -75.82 0.27
C GLN X 169 -99.33 -74.85 1.40
N THR X 170 -98.22 -74.14 1.30
CA THR X 170 -97.81 -73.15 2.29
C THR X 170 -97.94 -71.76 1.67
N LEU X 171 -98.71 -70.89 2.33
CA LEU X 171 -98.98 -69.55 1.84
C LEU X 171 -98.45 -68.48 2.80
N ASN X 172 -97.32 -68.77 3.45
CA ASN X 172 -96.71 -67.83 4.37
C ASN X 172 -96.07 -66.67 3.60
N ASP X 173 -95.37 -65.80 4.31
CA ASP X 173 -94.85 -64.56 3.75
C ASP X 173 -93.43 -64.70 3.21
N ASP X 174 -93.03 -65.90 2.76
CA ASP X 174 -91.74 -66.07 2.12
C ASP X 174 -91.83 -66.59 0.69
N ASN X 175 -93.01 -67.02 0.24
CA ASN X 175 -93.19 -67.44 -1.14
C ASN X 175 -94.66 -67.29 -1.53
N VAL X 176 -94.91 -67.32 -2.84
CA VAL X 176 -96.26 -67.23 -3.38
C VAL X 176 -96.95 -68.57 -3.15
N ILE X 177 -98.28 -68.59 -3.30
CA ILE X 177 -99.03 -69.83 -3.12
C ILE X 177 -98.55 -70.87 -4.13
N GLU X 178 -98.33 -72.10 -3.65
CA GLU X 178 -97.79 -73.18 -4.47
C GLU X 178 -98.86 -74.24 -4.64
N TYR X 179 -99.31 -74.44 -5.87
CA TYR X 179 -100.24 -75.52 -6.22
C TYR X 179 -99.43 -76.59 -6.96
N LYS X 180 -99.15 -77.69 -6.28
CA LYS X 180 -98.33 -78.78 -6.83
C LYS X 180 -99.07 -80.11 -6.66
N PRO X 181 -100.13 -80.32 -7.45
CA PRO X 181 -100.85 -81.60 -7.37
C PRO X 181 -100.28 -82.64 -8.32
N THR X 182 -100.14 -83.86 -7.83
CA THR X 182 -99.68 -84.97 -8.64
C THR X 182 -100.84 -85.59 -9.42
N LEU X 183 -100.58 -85.93 -10.68
CA LEU X 183 -101.59 -86.50 -11.55
C LEU X 183 -101.10 -87.85 -12.06
N LYS X 184 -101.96 -88.86 -11.97
CA LYS X 184 -101.64 -90.21 -12.43
C LYS X 184 -102.26 -90.42 -13.81
N ALA X 185 -101.41 -90.71 -14.79
CA ALA X 185 -101.88 -90.91 -16.15
C ALA X 185 -102.70 -92.19 -16.25
N PHE X 186 -103.79 -92.12 -16.99
CA PHE X 186 -104.68 -93.26 -17.21
C PHE X 186 -104.55 -93.74 -18.65
N ARG X 187 -105.31 -94.79 -18.98
CA ARG X 187 -105.28 -95.40 -20.30
C ARG X 187 -106.56 -95.04 -21.05
N ASP X 188 -106.39 -94.55 -22.27
CA ASP X 188 -107.52 -94.18 -23.12
C ASP X 188 -107.95 -95.36 -23.97
N ASP X 189 -109.23 -95.37 -24.36
CA ASP X 189 -109.80 -96.47 -25.11
C ASP X 189 -109.98 -96.18 -26.59
N VAL X 190 -110.37 -94.95 -26.95
CA VAL X 190 -110.62 -94.64 -28.36
C VAL X 190 -109.33 -94.49 -29.16
N VAL X 191 -108.18 -94.33 -28.50
CA VAL X 191 -106.92 -94.23 -29.19
C VAL X 191 -105.96 -95.38 -28.86
N GLY X 192 -106.15 -96.07 -27.73
CA GLY X 192 -105.37 -97.25 -27.43
C GLY X 192 -104.01 -97.03 -26.81
N TYR X 193 -103.68 -95.80 -26.43
CA TYR X 193 -102.41 -95.52 -25.77
C TYR X 193 -102.62 -94.63 -24.57
N SER X 194 -101.71 -94.75 -23.60
CA SER X 194 -101.77 -94.00 -22.35
C SER X 194 -100.67 -92.96 -22.23
N VAL X 195 -99.41 -93.36 -22.41
CA VAL X 195 -98.27 -92.45 -22.39
C VAL X 195 -97.46 -92.68 -23.65
N ALA X 196 -97.10 -91.59 -24.32
CA ALA X 196 -96.34 -91.67 -25.57
C ALA X 196 -95.21 -90.66 -25.56
N GLN X 197 -94.05 -91.09 -26.06
CA GLN X 197 -92.89 -90.23 -26.20
C GLN X 197 -92.69 -89.88 -27.68
N GLY X 198 -92.60 -88.60 -27.96
CA GLY X 198 -92.48 -88.14 -29.34
C GLY X 198 -91.35 -87.14 -29.51
N PHE X 199 -90.60 -87.30 -30.59
CA PHE X 199 -89.51 -86.41 -30.94
C PHE X 199 -89.82 -85.75 -32.29
N ALA X 200 -89.65 -84.44 -32.36
CA ALA X 200 -89.94 -83.69 -33.57
C ALA X 200 -88.95 -82.53 -33.67
N GLY X 201 -89.18 -81.64 -34.63
CA GLY X 201 -88.31 -80.51 -34.84
C GLY X 201 -87.33 -80.74 -35.98
N PRO X 202 -86.96 -79.67 -36.67
CA PRO X 202 -85.98 -79.81 -37.76
C PRO X 202 -84.64 -80.35 -37.30
N GLY X 203 -84.21 -80.02 -36.08
CA GLY X 203 -82.94 -80.50 -35.58
C GLY X 203 -82.88 -82.01 -35.42
N TRP X 204 -84.01 -82.63 -35.06
CA TRP X 204 -84.03 -84.07 -34.86
C TRP X 204 -83.71 -84.82 -36.14
N ARG X 205 -83.99 -84.22 -37.30
CA ARG X 205 -83.67 -84.85 -38.57
C ARG X 205 -82.17 -85.05 -38.74
N ASP X 206 -81.37 -84.14 -38.19
CA ASP X 206 -79.91 -84.25 -38.32
C ASP X 206 -79.38 -85.49 -37.60
N LEU X 207 -79.89 -85.78 -36.41
CA LEU X 207 -79.36 -86.85 -35.58
C LEU X 207 -80.28 -88.07 -35.48
N VAL X 208 -81.32 -88.13 -36.32
CA VAL X 208 -82.20 -89.29 -36.28
C VAL X 208 -81.47 -90.55 -36.72
N ALA X 209 -80.56 -90.41 -37.70
CA ALA X 209 -79.75 -91.56 -38.11
C ALA X 209 -78.75 -91.94 -37.03
N THR X 210 -78.17 -90.95 -36.33
CA THR X 210 -77.23 -91.24 -35.27
C THR X 210 -77.92 -91.93 -34.08
N ALA X 211 -79.19 -91.60 -33.83
CA ALA X 211 -79.93 -92.22 -32.74
C ALA X 211 -80.27 -93.68 -33.02
N GLY X 212 -80.06 -94.16 -34.24
CA GLY X 212 -80.34 -95.53 -34.60
C GLY X 212 -81.73 -95.78 -35.14
N PHE X 213 -82.62 -94.79 -35.09
CA PHE X 213 -83.96 -94.97 -35.64
C PHE X 213 -83.90 -95.01 -37.17
N GLY X 214 -84.63 -95.97 -37.74
CA GLY X 214 -84.61 -96.13 -39.18
C GLY X 214 -83.26 -96.59 -39.67
N GLU X 215 -82.80 -96.02 -40.78
CA GLU X 215 -81.52 -96.36 -41.38
C GLU X 215 -80.66 -95.12 -41.50
N ALA X 216 -79.35 -95.34 -41.65
CA ALA X 216 -78.41 -94.25 -41.80
C ALA X 216 -78.59 -93.56 -43.14
N LEU X 217 -78.35 -92.24 -43.15
CA LEU X 217 -78.49 -91.45 -44.37
C LEU X 217 -77.24 -91.64 -45.22
N THR X 218 -77.37 -92.40 -46.30
CA THR X 218 -76.26 -92.67 -47.21
C THR X 218 -76.56 -92.36 -48.67
N ALA X 219 -77.82 -92.13 -49.03
CA ALA X 219 -78.19 -91.84 -50.41
C ALA X 219 -79.17 -90.67 -50.43
N LEU X 220 -79.16 -89.94 -51.55
CA LEU X 220 -80.04 -88.79 -51.72
C LEU X 220 -80.23 -88.55 -53.21
N THR X 221 -81.43 -88.10 -53.57
CA THR X 221 -81.76 -87.81 -54.96
C THR X 221 -82.91 -86.82 -54.99
N ILE X 222 -82.80 -85.83 -55.88
CA ILE X 222 -83.87 -84.85 -56.07
C ILE X 222 -85.00 -85.50 -56.85
N THR X 223 -86.21 -85.45 -56.30
CA THR X 223 -87.34 -86.16 -56.90
C THR X 223 -87.67 -85.67 -58.30
N PRO X 224 -87.80 -84.35 -58.58
CA PRO X 224 -88.00 -83.92 -59.97
C PRO X 224 -86.77 -84.15 -60.81
N GLY X 225 -86.86 -85.08 -61.77
CA GLY X 225 -85.73 -85.40 -62.62
C GLY X 225 -85.33 -84.25 -63.53
N SER X 226 -86.20 -83.91 -64.47
CA SER X 226 -85.95 -82.81 -65.41
C SER X 226 -87.18 -81.91 -65.43
N PRO X 227 -87.37 -81.09 -64.39
CA PRO X 227 -88.54 -80.20 -64.36
C PRO X 227 -88.48 -79.16 -65.47
N THR X 228 -89.66 -78.80 -65.96
CA THR X 228 -89.81 -77.80 -67.01
C THR X 228 -90.55 -76.60 -66.46
N VAL X 229 -89.97 -75.41 -66.61
CA VAL X 229 -90.57 -74.17 -66.13
C VAL X 229 -90.67 -73.20 -67.30
N THR X 230 -91.82 -72.53 -67.41
CA THR X 230 -92.03 -71.56 -68.47
C THR X 230 -91.38 -70.23 -68.12
N VAL X 231 -90.76 -69.60 -69.12
CA VAL X 231 -90.13 -68.30 -68.90
C VAL X 231 -91.17 -67.25 -68.54
N ALA X 232 -92.31 -67.26 -69.25
CA ALA X 232 -93.38 -66.33 -68.96
C ALA X 232 -94.10 -66.72 -67.66
N THR X 233 -94.90 -65.80 -67.15
CA THR X 233 -95.65 -66.01 -65.91
C THR X 233 -96.88 -66.87 -66.22
N GLY X 234 -96.64 -68.17 -66.39
CA GLY X 234 -97.68 -69.12 -66.69
C GLY X 234 -98.03 -70.00 -65.50
N ALA X 235 -98.77 -71.07 -65.80
CA ALA X 235 -99.18 -72.00 -64.76
C ALA X 235 -97.98 -72.71 -64.16
N SER X 236 -97.02 -73.12 -65.01
CA SER X 236 -95.82 -73.82 -64.57
C SER X 236 -94.60 -72.92 -64.53
N HIS X 237 -94.80 -71.62 -64.27
CA HIS X 237 -93.68 -70.70 -64.21
C HIS X 237 -92.74 -71.03 -63.05
N THR X 238 -93.29 -71.37 -61.90
CA THR X 238 -92.52 -71.68 -60.71
C THR X 238 -92.68 -73.15 -60.34
N ALA X 239 -91.60 -73.76 -59.87
CA ALA X 239 -91.60 -75.15 -59.45
C ALA X 239 -90.93 -75.28 -58.10
N GLN X 240 -91.32 -76.30 -57.34
CA GLN X 240 -90.80 -76.56 -56.01
C GLN X 240 -90.03 -77.88 -56.01
N LEU X 241 -88.80 -77.83 -55.53
CA LEU X 241 -87.95 -79.01 -55.44
C LEU X 241 -88.20 -79.74 -54.12
N LEU X 242 -87.87 -81.04 -54.12
CA LEU X 242 -88.03 -81.87 -52.93
C LEU X 242 -87.03 -83.01 -53.03
N VAL X 243 -85.94 -82.91 -52.28
CA VAL X 243 -84.93 -83.95 -52.26
C VAL X 243 -85.31 -85.02 -51.24
N GLU X 244 -85.18 -86.29 -51.65
CA GLU X 244 -85.55 -87.42 -50.82
C GLU X 244 -84.32 -88.30 -50.58
N GLY X 245 -84.12 -88.70 -49.33
CA GLY X 245 -83.02 -89.56 -48.97
C GLY X 245 -83.42 -91.02 -48.91
N ASP X 246 -82.45 -91.85 -48.51
CA ASP X 246 -82.69 -93.29 -48.39
C ASP X 246 -83.54 -93.64 -47.17
N ASN X 247 -83.77 -92.71 -46.26
CA ASN X 247 -84.58 -92.94 -45.07
C ASN X 247 -86.03 -92.54 -45.25
N GLY X 248 -86.42 -92.10 -46.44
CA GLY X 248 -87.80 -91.67 -46.67
C GLY X 248 -88.20 -90.44 -45.90
N ILE X 249 -87.31 -89.47 -45.76
CA ILE X 249 -87.58 -88.23 -45.03
C ILE X 249 -87.13 -87.06 -45.88
N ASN X 250 -87.97 -86.04 -45.97
CA ASN X 250 -87.66 -84.86 -46.77
C ASN X 250 -86.47 -84.10 -46.18
N TYR X 251 -85.63 -83.57 -47.05
CA TYR X 251 -84.43 -82.82 -46.66
C TYR X 251 -84.41 -81.47 -47.35
N THR X 252 -85.57 -80.85 -47.53
CA THR X 252 -85.67 -79.57 -48.20
C THR X 252 -85.26 -78.39 -47.31
N PRO X 253 -85.83 -78.22 -46.11
CA PRO X 253 -85.55 -76.99 -45.35
C PRO X 253 -84.09 -76.83 -44.92
N ASP X 254 -83.32 -77.92 -44.86
CA ASP X 254 -81.95 -77.84 -44.36
C ASP X 254 -80.91 -77.86 -45.46
N VAL X 255 -81.09 -78.68 -46.49
CA VAL X 255 -80.12 -78.78 -47.57
C VAL X 255 -80.26 -77.57 -48.49
N VAL X 256 -79.15 -76.90 -48.76
CA VAL X 256 -79.14 -75.72 -49.62
C VAL X 256 -78.83 -76.15 -51.05
N PHE X 257 -79.39 -75.43 -52.01
CA PHE X 257 -79.22 -75.73 -53.42
C PHE X 257 -78.45 -74.60 -54.09
N THR X 258 -77.44 -74.96 -54.88
CA THR X 258 -76.62 -74.00 -55.60
C THR X 258 -76.81 -74.21 -57.10
N SER X 259 -77.09 -73.13 -57.81
CA SER X 259 -77.32 -73.17 -59.26
C SER X 259 -76.01 -72.86 -59.98
N SER X 260 -75.48 -73.86 -60.68
CA SER X 260 -74.25 -73.66 -61.43
C SER X 260 -74.43 -72.74 -62.63
N ALA X 261 -75.66 -72.59 -63.11
CA ALA X 261 -75.96 -71.73 -64.26
C ALA X 261 -77.08 -70.77 -63.87
N PRO X 262 -76.75 -69.69 -63.16
CA PRO X 262 -77.79 -68.73 -62.75
C PRO X 262 -78.48 -68.05 -63.93
N ASP X 263 -77.84 -68.01 -65.10
CA ASP X 263 -78.46 -67.37 -66.25
C ASP X 263 -79.72 -68.11 -66.69
N LYS X 264 -79.68 -69.44 -66.64
CA LYS X 264 -80.83 -70.24 -67.06
C LYS X 264 -81.88 -70.32 -65.96
N ALA X 265 -81.51 -70.85 -64.80
CA ALA X 265 -82.42 -70.98 -63.68
C ALA X 265 -81.65 -70.87 -62.38
N SER X 266 -82.22 -70.17 -61.41
CA SER X 266 -81.61 -69.98 -60.09
C SER X 266 -82.53 -70.59 -59.04
N VAL X 267 -81.94 -71.40 -58.16
CA VAL X 267 -82.68 -72.07 -57.10
C VAL X 267 -82.15 -71.57 -55.76
N SER X 268 -83.04 -71.03 -54.93
CA SER X 268 -82.68 -70.52 -53.63
C SER X 268 -82.74 -71.65 -52.60
N ALA X 269 -82.59 -71.30 -51.32
CA ALA X 269 -82.65 -72.30 -50.26
C ALA X 269 -84.04 -72.93 -50.15
N ALA X 270 -85.07 -72.18 -50.55
CA ALA X 270 -86.43 -72.70 -50.48
C ALA X 270 -86.73 -73.73 -51.56
N GLY X 271 -85.83 -73.90 -52.53
CA GLY X 271 -86.04 -74.87 -53.59
C GLY X 271 -86.90 -74.39 -54.74
N LEU X 272 -87.18 -73.09 -54.81
CA LEU X 272 -87.99 -72.57 -55.90
C LEU X 272 -87.24 -72.66 -57.22
N VAL X 273 -87.97 -72.99 -58.29
CA VAL X 273 -87.42 -73.09 -59.64
C VAL X 273 -88.30 -72.24 -60.54
N THR X 274 -87.87 -71.00 -60.80
CA THR X 274 -88.61 -70.08 -61.65
C THR X 274 -88.04 -69.99 -63.06
N GLY X 275 -86.71 -69.90 -63.18
CA GLY X 275 -86.08 -69.82 -64.49
C GLY X 275 -85.95 -68.41 -64.99
N VAL X 276 -84.73 -68.00 -65.35
CA VAL X 276 -84.46 -66.68 -65.88
C VAL X 276 -84.44 -66.68 -67.40
N ALA X 277 -83.72 -67.63 -67.99
CA ALA X 277 -83.63 -67.75 -69.44
C ALA X 277 -83.82 -69.21 -69.83
N ALA X 278 -84.30 -69.42 -71.05
CA ALA X 278 -84.50 -70.78 -71.55
C ALA X 278 -83.18 -71.49 -71.75
N GLY X 279 -83.12 -72.74 -71.31
CA GLY X 279 -81.92 -73.53 -71.44
C GLY X 279 -81.88 -74.62 -70.38
N SER X 280 -80.70 -75.20 -70.20
CA SER X 280 -80.47 -76.26 -69.24
C SER X 280 -79.51 -75.79 -68.17
N ALA X 281 -79.79 -76.15 -66.92
CA ALA X 281 -78.97 -75.75 -65.78
C ALA X 281 -78.77 -76.94 -64.86
N THR X 282 -77.69 -76.89 -64.10
CA THR X 282 -77.33 -77.94 -63.15
C THR X 282 -77.42 -77.40 -61.73
N ILE X 283 -78.09 -78.14 -60.85
CA ILE X 283 -78.29 -77.74 -59.47
C ILE X 283 -77.63 -78.79 -58.57
N THR X 284 -76.80 -78.32 -57.65
CA THR X 284 -76.09 -79.18 -56.71
C THR X 284 -76.62 -78.93 -55.30
N ALA X 285 -77.00 -80.01 -54.61
CA ALA X 285 -77.55 -79.94 -53.27
C ALA X 285 -76.62 -80.66 -52.30
N THR X 286 -76.12 -79.92 -51.30
CA THR X 286 -75.26 -80.47 -50.27
C THR X 286 -75.71 -79.94 -48.92
N LYS X 287 -75.51 -80.74 -47.87
CA LYS X 287 -75.76 -80.28 -46.51
C LYS X 287 -74.48 -80.19 -45.69
N GLY X 288 -73.78 -81.30 -45.48
CA GLY X 288 -72.41 -81.21 -45.01
C GLY X 288 -71.46 -82.22 -45.61
N ALA X 289 -72.00 -83.29 -46.21
CA ALA X 289 -71.15 -84.35 -46.76
C ALA X 289 -71.62 -84.91 -48.10
N LEU X 290 -72.90 -84.80 -48.45
CA LEU X 290 -73.46 -85.52 -49.59
C LEU X 290 -73.76 -84.54 -50.72
N THR X 291 -73.33 -84.87 -51.93
CA THR X 291 -73.54 -84.05 -53.11
C THR X 291 -74.50 -84.75 -54.06
N ALA X 292 -75.55 -84.04 -54.47
CA ALA X 292 -76.52 -84.55 -55.42
C ALA X 292 -76.64 -83.57 -56.59
N THR X 293 -76.69 -84.11 -57.81
CA THR X 293 -76.75 -83.32 -59.02
C THR X 293 -78.11 -83.50 -59.69
N ALA X 294 -78.71 -82.39 -60.12
CA ALA X 294 -79.99 -82.41 -60.80
C ALA X 294 -79.92 -81.52 -62.04
N THR X 295 -80.66 -81.91 -63.07
CA THR X 295 -80.71 -81.18 -64.32
C THR X 295 -82.10 -80.58 -64.50
N VAL X 296 -82.15 -79.27 -64.74
CA VAL X 296 -83.40 -78.53 -64.90
C VAL X 296 -83.41 -77.94 -66.31
N THR X 297 -84.50 -78.18 -67.03
CA THR X 297 -84.68 -77.68 -68.39
C THR X 297 -85.67 -76.52 -68.37
N VAL X 298 -85.28 -75.40 -68.98
CA VAL X 298 -86.10 -74.19 -69.03
C VAL X 298 -86.42 -73.91 -70.50
N THR X 299 -87.71 -73.67 -70.78
CA THR X 299 -88.13 -73.35 -72.13
C THR X 299 -89.37 -72.46 -72.06
N ALA X 300 -89.64 -71.77 -73.16
CA ALA X 300 -90.78 -70.87 -73.24
C ALA X 300 -92.06 -71.64 -73.55
N ALA Y 2 -44.70 15.23 -21.29
CA ALA Y 2 -43.87 14.06 -21.06
C ALA Y 2 -44.35 12.87 -21.89
N GLY Y 3 -43.94 11.67 -21.48
CA GLY Y 3 -44.31 10.48 -22.22
C GLY Y 3 -43.49 10.28 -23.48
N LEU Y 4 -42.19 10.04 -23.31
CA LEU Y 4 -41.30 9.88 -24.46
C LEU Y 4 -41.72 8.69 -25.31
N ALA Y 5 -42.07 7.57 -24.69
CA ALA Y 5 -42.53 6.39 -25.39
C ALA Y 5 -44.04 6.25 -25.28
N THR Y 6 -44.62 5.54 -26.24
CA THR Y 6 -46.05 5.25 -26.23
C THR Y 6 -46.30 3.94 -25.49
N ILE Y 7 -47.53 3.42 -25.59
CA ILE Y 7 -47.89 2.20 -24.90
C ILE Y 7 -47.96 0.99 -25.84
N ASP Y 8 -48.07 1.20 -27.15
CA ASP Y 8 -48.19 0.08 -28.07
C ASP Y 8 -46.88 -0.68 -28.21
N GLU Y 9 -45.76 0.04 -28.37
CA GLU Y 9 -44.48 -0.63 -28.52
C GLU Y 9 -44.06 -1.32 -27.22
N LEU Y 10 -44.41 -0.75 -26.07
CA LEU Y 10 -44.17 -1.44 -24.80
C LEU Y 10 -44.97 -2.72 -24.72
N GLN Y 11 -46.23 -2.69 -25.18
CA GLN Y 11 -47.04 -3.90 -25.21
C GLN Y 11 -46.43 -4.96 -26.12
N THR Y 12 -45.93 -4.55 -27.29
CA THR Y 12 -45.29 -5.50 -28.18
C THR Y 12 -44.01 -6.08 -27.56
N LEU Y 13 -43.22 -5.23 -26.89
CA LEU Y 13 -42.00 -5.70 -26.24
C LEU Y 13 -42.31 -6.70 -25.14
N MET Y 14 -43.34 -6.43 -24.33
CA MET Y 14 -43.74 -7.35 -23.27
C MET Y 14 -44.59 -8.50 -23.78
N SER Y 15 -45.01 -8.47 -25.05
CA SER Y 15 -45.83 -9.51 -25.67
C SER Y 15 -47.17 -9.68 -24.95
N THR Y 16 -47.62 -8.66 -24.23
CA THR Y 16 -48.88 -8.69 -23.52
C THR Y 16 -49.66 -7.41 -23.81
N VAL Y 17 -50.89 -7.35 -23.31
CA VAL Y 17 -51.76 -6.20 -23.48
C VAL Y 17 -52.10 -5.65 -22.10
N PHE Y 18 -52.02 -4.34 -21.95
CA PHE Y 18 -52.32 -3.67 -20.68
C PHE Y 18 -53.75 -3.17 -20.69
N GLU Y 19 -54.49 -3.46 -19.62
CA GLU Y 19 -55.90 -3.12 -19.54
C GLU Y 19 -56.25 -2.87 -18.08
N ASP Y 20 -57.30 -2.08 -17.87
CA ASP Y 20 -57.80 -1.73 -16.52
C ASP Y 20 -56.69 -0.95 -15.81
N ASP Y 21 -56.47 -1.19 -14.51
CA ASP Y 21 -55.45 -0.47 -13.77
C ASP Y 21 -54.04 -0.79 -14.25
N ALA Y 22 -53.85 -1.93 -14.93
CA ALA Y 22 -52.54 -2.27 -15.46
C ALA Y 22 -52.10 -1.25 -16.51
N LEU Y 23 -53.02 -0.82 -17.36
CA LEU Y 23 -52.70 0.22 -18.35
C LEU Y 23 -52.33 1.52 -17.66
N GLU Y 24 -53.10 1.92 -16.66
CA GLU Y 24 -52.80 3.16 -15.93
C GLU Y 24 -51.47 3.05 -15.19
N GLN Y 25 -51.22 1.89 -14.56
CA GLN Y 25 -49.95 1.70 -13.86
C GLN Y 25 -48.77 1.75 -14.83
N ALA Y 26 -48.91 1.11 -16.00
CA ALA Y 26 -47.85 1.15 -17.00
C ALA Y 26 -47.63 2.57 -17.50
N GLN Y 27 -48.70 3.32 -17.73
CA GLN Y 27 -48.55 4.71 -18.18
C GLN Y 27 -47.86 5.55 -17.12
N LEU Y 28 -48.23 5.37 -15.85
CA LEU Y 28 -47.56 6.11 -14.78
C LEU Y 28 -46.08 5.76 -14.68
N VAL Y 29 -45.77 4.47 -14.77
CA VAL Y 29 -44.38 4.03 -14.70
C VAL Y 29 -43.58 4.61 -15.88
N LEU Y 30 -44.17 4.61 -17.07
CA LEU Y 30 -43.50 5.17 -18.23
C LEU Y 30 -43.28 6.67 -18.07
N ASP Y 31 -44.26 7.37 -17.50
CA ASP Y 31 -44.09 8.80 -17.26
C ASP Y 31 -42.97 9.07 -16.25
N ILE Y 32 -42.91 8.27 -15.19
CA ILE Y 32 -41.83 8.40 -14.20
C ILE Y 32 -40.48 8.16 -14.86
N VAL Y 33 -40.38 7.12 -15.67
CA VAL Y 33 -39.11 6.78 -16.31
C VAL Y 33 -38.72 7.86 -17.31
N SER Y 34 -39.68 8.40 -18.05
CA SER Y 34 -39.40 9.49 -18.98
C SER Y 34 -38.92 10.73 -18.24
N SER Y 35 -39.53 11.05 -17.10
CA SER Y 35 -39.08 12.19 -16.31
C SER Y 35 -37.66 11.98 -15.81
N TRP Y 36 -37.35 10.78 -15.33
CA TRP Y 36 -35.99 10.50 -14.87
C TRP Y 36 -34.98 10.59 -16.00
N ALA Y 37 -35.33 10.06 -17.17
CA ALA Y 37 -34.41 10.16 -18.31
C ALA Y 37 -34.23 11.61 -18.74
N ARG Y 38 -35.30 12.40 -18.72
CA ARG Y 38 -35.20 13.81 -19.07
C ARG Y 38 -34.30 14.56 -18.11
N VAL Y 39 -34.45 14.31 -16.80
CA VAL Y 39 -33.65 15.02 -15.82
C VAL Y 39 -32.19 14.56 -15.87
N VAL Y 40 -31.95 13.28 -16.20
CA VAL Y 40 -30.58 12.81 -16.33
C VAL Y 40 -29.91 13.42 -17.55
N SER Y 41 -30.60 13.41 -18.68
CA SER Y 41 -30.02 13.96 -19.91
C SER Y 41 -29.88 15.49 -19.82
N GLY Y 42 -30.85 16.15 -19.21
CA GLY Y 42 -30.83 17.59 -19.08
C GLY Y 42 -31.62 18.34 -20.13
N GLN Y 43 -32.11 17.65 -21.16
CA GLN Y 43 -32.90 18.28 -22.21
C GLN Y 43 -34.37 18.35 -21.80
N MET Y 44 -35.19 18.95 -22.66
CA MET Y 44 -36.61 19.15 -22.38
C MET Y 44 -37.53 18.31 -23.26
N TRP Y 45 -37.21 18.17 -24.55
CA TRP Y 45 -38.05 17.45 -25.51
C TRP Y 45 -39.48 17.98 -25.46
N PRO Y 46 -39.74 19.19 -25.97
CA PRO Y 46 -41.09 19.77 -25.89
C PRO Y 46 -42.15 18.88 -26.52
N ASP Y 47 -41.98 18.57 -27.80
CA ASP Y 47 -42.83 17.59 -28.47
C ASP Y 47 -42.32 16.21 -28.13
N ALA Y 48 -42.93 15.58 -27.12
CA ALA Y 48 -42.37 14.34 -26.58
C ALA Y 48 -42.35 13.21 -27.60
N PRO Y 49 -43.49 12.72 -28.13
CA PRO Y 49 -43.41 11.62 -29.09
C PRO Y 49 -43.23 12.09 -30.52
N ALA Y 50 -42.38 13.09 -30.75
CA ALA Y 50 -42.12 13.56 -32.11
C ALA Y 50 -40.66 13.38 -32.52
N ASN Y 51 -39.71 13.96 -31.80
CA ASN Y 51 -38.29 13.77 -32.11
C ASN Y 51 -37.79 12.49 -31.43
N VAL Y 52 -37.76 12.51 -30.10
CA VAL Y 52 -37.61 11.36 -29.21
C VAL Y 52 -36.65 10.31 -29.80
N PRO Y 53 -35.35 10.58 -29.83
CA PRO Y 53 -34.41 9.68 -30.49
C PRO Y 53 -34.52 8.24 -29.97
N ASP Y 54 -34.08 7.30 -30.81
CA ASP Y 54 -34.25 5.89 -30.49
C ASP Y 54 -33.50 5.49 -29.22
N ASP Y 55 -32.44 6.22 -28.87
CA ASP Y 55 -31.68 5.90 -27.67
C ASP Y 55 -32.54 6.10 -26.41
N VAL Y 56 -33.20 7.25 -26.30
CA VAL Y 56 -34.02 7.49 -25.13
C VAL Y 56 -35.25 6.60 -25.13
N ARG Y 57 -35.79 6.28 -26.31
CA ARG Y 57 -36.89 5.32 -26.38
C ARG Y 57 -36.47 3.96 -25.85
N ALA Y 58 -35.29 3.50 -26.25
CA ALA Y 58 -34.78 2.23 -25.74
C ALA Y 58 -34.59 2.30 -24.23
N VAL Y 59 -34.04 3.40 -23.74
CA VAL Y 59 -33.79 3.53 -22.30
C VAL Y 59 -35.10 3.46 -21.53
N VAL Y 60 -36.10 4.24 -21.98
CA VAL Y 60 -37.35 4.30 -21.22
C VAL Y 60 -38.10 2.98 -21.31
N LEU Y 61 -38.09 2.32 -22.48
CA LEU Y 61 -38.74 1.02 -22.60
C LEU Y 61 -38.08 -0.01 -21.70
N GLN Y 62 -36.74 -0.04 -21.68
CA GLN Y 62 -36.04 -0.99 -20.84
C GLN Y 62 -36.33 -0.74 -19.36
N ALA Y 63 -36.28 0.53 -18.93
CA ALA Y 63 -36.52 0.84 -17.53
C ALA Y 63 -37.96 0.52 -17.13
N SER Y 64 -38.92 0.79 -18.02
CA SER Y 64 -40.30 0.43 -17.75
C SER Y 64 -40.46 -1.08 -17.63
N ARG Y 65 -39.76 -1.84 -18.48
CA ARG Y 65 -39.84 -3.29 -18.38
C ARG Y 65 -39.27 -3.78 -17.05
N ARG Y 66 -38.12 -3.25 -16.63
CA ARG Y 66 -37.58 -3.63 -15.32
C ARG Y 66 -38.54 -3.27 -14.20
N GLU Y 67 -39.13 -2.08 -14.24
CA GLU Y 67 -40.03 -1.67 -13.17
C GLU Y 67 -41.27 -2.56 -13.12
N LEU Y 68 -41.81 -2.92 -14.29
CA LEU Y 68 -43.00 -3.77 -14.32
C LEU Y 68 -42.68 -5.19 -13.87
N LYS Y 69 -41.52 -5.72 -14.24
CA LYS Y 69 -41.17 -7.09 -13.88
C LYS Y 69 -41.06 -7.26 -12.37
N ASN Y 70 -40.41 -6.30 -11.69
CA ASN Y 70 -40.30 -6.36 -10.24
C ASN Y 70 -40.19 -4.96 -9.66
N PRO Y 71 -41.19 -4.51 -8.89
CA PRO Y 71 -41.12 -3.16 -8.32
C PRO Y 71 -40.39 -3.12 -6.98
N ASP Y 72 -40.23 -4.28 -6.35
CA ASP Y 72 -39.57 -4.37 -5.05
C ASP Y 72 -38.08 -4.67 -5.14
N ARG Y 73 -37.54 -4.81 -6.35
CA ARG Y 73 -36.14 -5.12 -6.58
C ARG Y 73 -35.74 -6.42 -5.86
N VAL Y 74 -36.44 -7.49 -6.21
CA VAL Y 74 -36.21 -8.79 -5.60
C VAL Y 74 -34.99 -9.45 -6.23
N ILE Y 75 -34.17 -10.08 -5.40
CA ILE Y 75 -32.98 -10.78 -5.88
C ILE Y 75 -33.37 -12.19 -6.30
N SER Y 76 -33.94 -12.96 -5.37
CA SER Y 76 -34.37 -14.33 -5.64
C SER Y 76 -35.79 -14.52 -5.13
N ARG Y 77 -36.65 -15.08 -5.98
CA ARG Y 77 -38.03 -15.36 -5.64
C ARG Y 77 -38.39 -16.76 -6.11
N GLN Y 78 -38.96 -17.56 -5.21
CA GLN Y 78 -39.35 -18.92 -5.54
C GLN Y 78 -40.68 -19.24 -4.88
N MET Y 79 -41.47 -20.07 -5.56
CA MET Y 79 -42.77 -20.53 -5.07
C MET Y 79 -42.85 -22.03 -5.30
N GLY Y 80 -42.52 -22.81 -4.26
CA GLY Y 80 -42.55 -24.25 -4.35
C GLY Y 80 -41.41 -24.81 -5.14
N PRO Y 81 -41.72 -25.55 -6.21
CA PRO Y 81 -40.65 -26.13 -7.03
C PRO Y 81 -40.01 -25.10 -7.96
N PHE Y 82 -40.80 -24.11 -8.40
CA PHE Y 82 -40.30 -23.09 -9.31
C PHE Y 82 -39.42 -22.10 -8.56
N ASN Y 83 -38.26 -21.81 -9.13
CA ASN Y 83 -37.32 -20.85 -8.55
C ASN Y 83 -36.69 -20.02 -9.66
N VAL Y 84 -36.37 -18.78 -9.34
CA VAL Y 84 -35.71 -17.88 -10.28
C VAL Y 84 -34.93 -16.84 -9.48
N GLN Y 85 -33.74 -16.49 -9.97
CA GLN Y 85 -32.88 -15.52 -9.33
C GLN Y 85 -32.46 -14.48 -10.36
N TYR Y 86 -32.61 -13.21 -10.00
CA TYR Y 86 -32.25 -12.09 -10.88
C TYR Y 86 -30.87 -11.57 -10.54
N SER Y 87 -30.37 -10.68 -11.40
CA SER Y 87 -29.08 -10.05 -11.20
C SER Y 87 -29.20 -8.94 -10.17
N GLN Y 88 -28.10 -8.23 -9.93
CA GLN Y 88 -28.09 -7.15 -8.96
C GLN Y 88 -28.87 -5.96 -9.51
N PRO Y 89 -29.92 -5.50 -8.83
CA PRO Y 89 -30.66 -4.34 -9.34
C PRO Y 89 -29.81 -3.08 -9.27
N PRO Y 90 -30.01 -2.15 -10.19
CA PRO Y 90 -29.26 -0.89 -10.15
C PRO Y 90 -29.83 0.05 -9.08
N ASP Y 91 -29.04 1.09 -8.78
CA ASP Y 91 -29.47 2.07 -7.79
C ASP Y 91 -30.71 2.81 -8.28
N GLY Y 92 -30.66 3.36 -9.49
CA GLY Y 92 -31.80 4.00 -10.09
C GLY Y 92 -32.56 3.06 -11.01
N PHE Y 93 -33.43 3.66 -11.82
CA PHE Y 93 -34.17 2.89 -12.83
C PHE Y 93 -33.30 2.50 -14.02
N PHE Y 94 -32.11 3.07 -14.15
CA PHE Y 94 -31.22 2.81 -15.26
C PHE Y 94 -29.90 2.25 -14.75
N TYR Y 95 -29.38 1.25 -15.46
CA TYR Y 95 -28.08 0.70 -15.13
C TYR Y 95 -26.98 1.69 -15.48
N PRO Y 96 -25.79 1.55 -14.89
CA PRO Y 96 -24.71 2.49 -15.20
C PRO Y 96 -24.37 2.60 -16.67
N ALA Y 97 -24.49 1.51 -17.42
CA ALA Y 97 -24.26 1.59 -18.87
C ALA Y 97 -25.31 2.47 -19.54
N GLU Y 98 -26.56 2.37 -19.10
CA GLU Y 98 -27.62 3.18 -19.69
C GLU Y 98 -27.47 4.66 -19.34
N LEU Y 99 -26.91 4.96 -18.16
CA LEU Y 99 -26.78 6.35 -17.75
C LEU Y 99 -25.83 7.13 -18.65
N ALA Y 100 -24.73 6.51 -19.06
CA ALA Y 100 -23.74 7.21 -19.87
C ALA Y 100 -24.31 7.65 -21.21
N ILE Y 101 -25.07 6.77 -21.87
CA ILE Y 101 -25.68 7.14 -23.14
C ILE Y 101 -26.81 8.14 -22.94
N LEU Y 102 -27.49 8.10 -21.79
CA LEU Y 102 -28.43 9.16 -21.46
C LEU Y 102 -27.72 10.49 -21.30
N LYS Y 103 -26.51 10.47 -20.74
CA LYS Y 103 -25.71 11.68 -20.56
C LYS Y 103 -25.00 12.11 -21.83
N ARG Y 104 -25.23 11.42 -22.95
CA ARG Y 104 -24.61 11.82 -24.22
C ARG Y 104 -25.06 13.20 -24.66
N PHE Y 105 -26.34 13.51 -24.49
CA PHE Y 105 -26.89 14.78 -24.95
C PHE Y 105 -26.35 15.97 -24.17
N LYS Y 106 -25.67 15.74 -23.04
CA LYS Y 106 -25.10 16.83 -22.27
C LYS Y 106 -24.01 17.54 -23.07
N ARG Y 107 -23.92 18.85 -22.90
CA ARG Y 107 -22.96 19.64 -23.66
C ARG Y 107 -21.53 19.30 -23.26
N SER Y 108 -20.64 19.30 -24.24
CA SER Y 108 -19.22 18.98 -24.06
C SER Y 108 -19.10 17.56 -23.49
N GLY Y 109 -18.06 17.30 -22.71
CA GLY Y 109 -17.83 16.01 -22.11
C GLY Y 109 -18.42 15.84 -20.72
N GLY Y 110 -19.25 16.77 -20.28
CA GLY Y 110 -19.84 16.72 -18.96
C GLY Y 110 -19.00 17.34 -17.86
N LEU Y 111 -17.82 17.87 -18.19
CA LEU Y 111 -16.95 18.50 -17.20
C LEU Y 111 -17.29 19.98 -17.05
N MET Y 112 -18.54 20.24 -16.66
CA MET Y 112 -18.98 21.61 -16.44
C MET Y 112 -18.33 22.18 -15.18
N THR Y 113 -18.09 23.49 -15.21
CA THR Y 113 -17.41 24.19 -14.14
C THR Y 113 -18.33 25.22 -13.50
N VAL Y 114 -17.92 25.69 -12.32
CA VAL Y 114 -18.65 26.73 -11.59
C VAL Y 114 -17.71 27.91 -11.37
N SER Y 115 -18.22 29.12 -11.59
CA SER Y 115 -17.42 30.34 -11.49
C SER Y 115 -17.42 30.80 -10.04
N THR Y 116 -16.29 30.62 -9.35
CA THR Y 116 -16.16 31.04 -7.97
C THR Y 116 -15.76 32.52 -7.90
N SER Y 117 -15.84 33.07 -6.69
CA SER Y 117 -15.50 34.47 -6.46
C SER Y 117 -14.99 34.62 -5.04
N ARG Y 118 -14.25 35.71 -4.81
CA ARG Y 118 -13.69 36.02 -3.50
C ARG Y 118 -14.56 37.00 -2.72
N GLY Y 119 -15.87 36.97 -2.96
CA GLY Y 119 -16.77 37.90 -2.28
C GLY Y 119 -16.52 39.35 -2.63
N GLU Y 120 -16.28 39.63 -3.91
CA GLU Y 120 -15.97 40.99 -4.37
C GLU Y 120 -16.84 41.32 -5.57
N GLU Y 121 -17.33 42.56 -5.61
CA GLU Y 121 -18.15 43.03 -6.73
C GLU Y 121 -17.30 43.60 -7.85
N GLY Y 122 -16.42 44.55 -7.54
CA GLY Y 122 -15.54 45.12 -8.54
C GLY Y 122 -16.07 46.41 -9.14
N ARG Y 123 -15.26 47.46 -9.12
CA ARG Y 123 -15.61 48.76 -9.67
C ARG Y 123 -14.50 49.22 -10.61
N PRO Y 124 -14.53 48.80 -11.88
CA PRO Y 124 -13.48 49.16 -12.84
C PRO Y 124 -13.62 50.58 -13.41
N TRP Y 125 -13.88 51.54 -12.54
CA TRP Y 125 -13.99 52.93 -12.96
C TRP Y 125 -13.34 53.92 -11.99
N ALA Y 126 -12.67 53.44 -10.94
CA ALA Y 126 -12.04 54.33 -9.96
C ALA Y 126 -10.68 54.75 -10.48
N GLY Y 127 -10.65 55.86 -11.23
CA GLY Y 127 -9.42 56.37 -11.78
C GLY Y 127 -9.57 56.87 -13.20
N LYS Y 128 -10.66 56.51 -13.86
CA LYS Y 128 -10.92 56.91 -15.24
C LYS Y 128 -11.81 58.13 -15.35
N THR Y 129 -12.82 58.26 -14.48
CA THR Y 129 -13.75 59.38 -14.53
C THR Y 129 -13.15 60.67 -13.97
N ALA Y 130 -11.97 60.61 -13.36
CA ALA Y 130 -11.32 61.81 -12.85
C ALA Y 130 -10.65 62.65 -13.95
N TYR Y 131 -10.60 62.13 -15.17
CA TYR Y 131 -10.00 62.86 -16.27
C TYR Y 131 -10.92 63.99 -16.72
N ILE Y 132 -10.36 65.17 -16.92
CA ILE Y 132 -11.11 66.36 -17.31
C ILE Y 132 -10.86 66.61 -18.80
N ARG Y 133 -11.93 66.80 -19.56
CA ARG Y 133 -11.83 67.02 -21.00
C ARG Y 133 -11.06 68.30 -21.30
N TYR Y 134 -9.88 68.17 -21.90
CA TYR Y 134 -9.04 69.29 -22.26
C TYR Y 134 -8.92 69.47 -23.77
N GLY Y 135 -9.84 68.92 -24.54
CA GLY Y 135 -9.80 69.01 -25.98
C GLY Y 135 -10.96 69.78 -26.58
N ASP Y 136 -11.39 69.37 -27.77
CA ASP Y 136 -12.49 70.02 -28.47
C ASP Y 136 -13.81 69.30 -28.30
N GLY Y 137 -13.86 68.30 -27.42
CA GLY Y 137 -15.09 67.55 -27.21
C GLY Y 137 -15.35 66.43 -28.19
N LEU Y 138 -14.38 66.11 -29.05
CA LEU Y 138 -14.53 65.04 -30.02
C LEU Y 138 -14.64 63.68 -29.33
N ALA Z 2 -47.38 20.08 3.59
CA ALA Z 2 -46.64 18.98 2.96
C ALA Z 2 -47.52 18.25 1.94
N GLY Z 3 -47.18 16.99 1.68
CA GLY Z 3 -47.95 16.21 0.74
C GLY Z 3 -47.64 16.54 -0.71
N LEU Z 4 -46.40 16.28 -1.13
CA LEU Z 4 -46.01 16.57 -2.51
C LEU Z 4 -46.84 15.77 -3.50
N ALA Z 5 -47.06 14.49 -3.21
CA ALA Z 5 -47.87 13.63 -4.07
C ALA Z 5 -49.24 13.42 -3.45
N THR Z 6 -50.19 13.05 -4.30
CA THR Z 6 -51.54 12.75 -3.87
C THR Z 6 -51.66 11.25 -3.58
N ILE Z 7 -52.88 10.77 -3.37
CA ILE Z 7 -53.10 9.36 -3.04
C ILE Z 7 -53.62 8.55 -4.23
N ASP Z 8 -54.17 9.21 -5.25
CA ASP Z 8 -54.73 8.47 -6.38
C ASP Z 8 -53.64 7.84 -7.24
N GLU Z 9 -52.58 8.60 -7.55
CA GLU Z 9 -51.52 8.06 -8.38
C GLU Z 9 -50.74 6.97 -7.65
N LEU Z 10 -50.60 7.10 -6.33
CA LEU Z 10 -49.99 6.02 -5.55
C LEU Z 10 -50.85 4.75 -5.60
N GLN Z 11 -52.17 4.91 -5.52
CA GLN Z 11 -53.06 3.77 -5.63
C GLN Z 11 -52.95 3.11 -7.00
N THR Z 12 -52.85 3.91 -8.07
CA THR Z 12 -52.67 3.35 -9.40
C THR Z 12 -51.33 2.63 -9.52
N LEU Z 13 -50.27 3.21 -8.96
CA LEU Z 13 -48.96 2.58 -9.02
C LEU Z 13 -48.96 1.24 -8.28
N MET Z 14 -49.59 1.20 -7.10
CA MET Z 14 -49.66 -0.04 -6.33
C MET Z 14 -50.77 -0.96 -6.81
N SER Z 15 -51.62 -0.51 -7.74
CA SER Z 15 -52.73 -1.29 -8.29
C SER Z 15 -53.70 -1.73 -7.20
N THR Z 16 -53.77 -1.01 -6.08
CA THR Z 16 -54.65 -1.33 -4.98
C THR Z 16 -55.33 -0.07 -4.49
N VAL Z 17 -56.39 -0.25 -3.71
CA VAL Z 17 -57.17 0.85 -3.14
C VAL Z 17 -56.96 0.84 -1.64
N PHE Z 18 -56.71 2.03 -1.07
CA PHE Z 18 -56.48 2.16 0.36
C PHE Z 18 -57.78 2.55 1.07
N GLU Z 19 -58.03 1.90 2.20
CA GLU Z 19 -59.26 2.12 2.95
C GLU Z 19 -58.99 1.88 4.43
N ASP Z 20 -59.87 2.42 5.27
CA ASP Z 20 -59.80 2.29 6.73
C ASP Z 20 -58.49 2.93 7.18
N ASP Z 21 -57.69 2.28 8.03
CA ASP Z 21 -56.43 2.87 8.48
C ASP Z 21 -55.32 2.74 7.45
N ALA Z 22 -55.50 1.92 6.41
CA ALA Z 22 -54.50 1.82 5.36
C ALA Z 22 -54.34 3.14 4.62
N LEU Z 23 -55.46 3.83 4.36
CA LEU Z 23 -55.39 5.13 3.73
C LEU Z 23 -54.67 6.14 4.62
N GLU Z 24 -54.99 6.14 5.91
CA GLU Z 24 -54.32 7.05 6.84
C GLU Z 24 -52.84 6.74 6.96
N GLN Z 25 -52.50 5.45 7.03
CA GLN Z 25 -51.08 5.06 7.10
C GLN Z 25 -50.34 5.48 5.84
N ALA Z 26 -50.95 5.28 4.67
CA ALA Z 26 -50.32 5.69 3.42
C ALA Z 26 -50.14 7.19 3.36
N GLN Z 27 -51.14 7.95 3.80
CA GLN Z 27 -51.03 9.40 3.82
C GLN Z 27 -49.92 9.86 4.76
N LEU Z 28 -49.83 9.25 5.94
CA LEU Z 28 -48.76 9.61 6.87
C LEU Z 28 -47.39 9.28 6.30
N VAL Z 29 -47.26 8.11 5.67
CA VAL Z 29 -45.98 7.73 5.07
C VAL Z 29 -45.61 8.70 3.96
N LEU Z 30 -46.58 9.07 3.13
CA LEU Z 30 -46.32 10.00 2.04
C LEU Z 30 -45.91 11.37 2.57
N ASP Z 31 -46.55 11.82 3.66
CA ASP Z 31 -46.17 13.10 4.26
C ASP Z 31 -44.75 13.04 4.82
N ILE Z 32 -44.41 11.93 5.48
CA ILE Z 32 -43.05 11.76 6.00
C ILE Z 32 -42.03 11.80 4.86
N VAL Z 33 -42.32 11.08 3.78
CA VAL Z 33 -41.40 11.03 2.65
C VAL Z 33 -41.28 12.40 1.99
N SER Z 34 -42.40 13.13 1.87
CA SER Z 34 -42.36 14.46 1.31
C SER Z 34 -41.52 15.40 2.16
N SER Z 35 -41.66 15.29 3.49
CA SER Z 35 -40.84 16.12 4.37
C SER Z 35 -39.36 15.79 4.22
N TRP Z 36 -39.03 14.50 4.14
CA TRP Z 36 -37.63 14.11 3.97
C TRP Z 36 -37.07 14.60 2.64
N ALA Z 37 -37.86 14.49 1.56
CA ALA Z 37 -37.41 15.00 0.27
C ALA Z 37 -37.24 16.50 0.30
N ARG Z 38 -38.15 17.21 0.97
CA ARG Z 38 -38.03 18.66 1.09
C ARG Z 38 -36.77 19.05 1.84
N VAL Z 39 -36.47 18.36 2.94
CA VAL Z 39 -35.29 18.72 3.72
C VAL Z 39 -34.01 18.32 3.00
N VAL Z 40 -34.04 17.26 2.21
CA VAL Z 40 -32.86 16.87 1.45
C VAL Z 40 -32.60 17.86 0.32
N SER Z 41 -33.65 18.25 -0.40
CA SER Z 41 -33.48 19.19 -1.51
C SER Z 41 -33.16 20.59 -0.99
N GLY Z 42 -33.75 20.97 0.14
CA GLY Z 42 -33.54 22.29 0.71
C GLY Z 42 -34.58 23.32 0.35
N GLN Z 43 -35.48 23.02 -0.58
CA GLN Z 43 -36.53 23.94 -0.98
C GLN Z 43 -37.72 23.84 -0.03
N MET Z 44 -38.74 24.65 -0.28
CA MET Z 44 -39.93 24.71 0.56
C MET Z 44 -41.19 24.21 -0.12
N TRP Z 45 -41.38 24.52 -1.40
CA TRP Z 45 -42.57 24.15 -2.16
C TRP Z 45 -43.82 24.60 -1.41
N PRO Z 46 -44.12 25.89 -1.37
CA PRO Z 46 -45.29 26.37 -0.60
C PRO Z 46 -46.59 25.72 -1.05
N ASP Z 47 -46.92 25.84 -2.33
CA ASP Z 47 -48.05 25.14 -2.91
C ASP Z 47 -47.59 23.72 -3.26
N ALA Z 48 -47.87 22.77 -2.37
CA ALA Z 48 -47.29 21.43 -2.51
C ALA Z 48 -47.75 20.73 -3.79
N PRO Z 49 -49.05 20.43 -3.98
CA PRO Z 49 -49.43 19.73 -5.21
C PRO Z 49 -49.73 20.68 -6.37
N ALA Z 50 -48.91 21.72 -6.55
CA ALA Z 50 -49.10 22.63 -7.66
C ALA Z 50 -47.91 22.63 -8.62
N ASN Z 51 -46.70 22.96 -8.15
CA ASN Z 51 -45.51 22.93 -9.01
C ASN Z 51 -44.95 21.51 -9.03
N VAL Z 52 -44.46 21.06 -7.89
CA VAL Z 52 -44.12 19.66 -7.56
C VAL Z 52 -43.55 18.93 -8.77
N PRO Z 53 -42.32 19.22 -9.17
CA PRO Z 53 -41.77 18.64 -10.40
C PRO Z 53 -41.84 17.11 -10.40
N ASP Z 54 -41.85 16.54 -11.61
CA ASP Z 54 -42.06 15.10 -11.74
C ASP Z 54 -40.95 14.30 -11.07
N ASP Z 55 -39.75 14.88 -10.94
CA ASP Z 55 -38.65 14.18 -10.27
C ASP Z 55 -38.99 13.88 -8.82
N VAL Z 56 -39.42 14.91 -8.08
CA VAL Z 56 -39.72 14.71 -6.67
C VAL Z 56 -40.97 13.85 -6.50
N ARG Z 57 -41.92 13.94 -7.43
CA ARG Z 57 -43.09 13.06 -7.39
C ARG Z 57 -42.65 11.61 -7.54
N ALA Z 58 -41.76 11.33 -8.49
CA ALA Z 58 -41.24 9.99 -8.67
C ALA Z 58 -40.52 9.51 -7.41
N VAL Z 59 -39.69 10.37 -6.82
CA VAL Z 59 -38.92 9.99 -5.65
C VAL Z 59 -39.85 9.66 -4.48
N VAL Z 60 -40.85 10.51 -4.24
CA VAL Z 60 -41.73 10.30 -3.09
C VAL Z 60 -42.61 9.07 -3.31
N LEU Z 61 -43.11 8.87 -4.53
CA LEU Z 61 -43.91 7.68 -4.81
C LEU Z 61 -43.09 6.41 -4.61
N GLN Z 62 -41.85 6.40 -5.10
CA GLN Z 62 -41.00 5.24 -4.92
C GLN Z 62 -40.73 4.96 -3.45
N ALA Z 63 -40.40 6.01 -2.69
CA ALA Z 63 -40.11 5.81 -1.27
C ALA Z 63 -41.35 5.32 -0.52
N SER Z 64 -42.53 5.86 -0.86
CA SER Z 64 -43.75 5.37 -0.24
C SER Z 64 -43.99 3.90 -0.57
N ARG Z 65 -43.73 3.51 -1.82
CA ARG Z 65 -43.90 2.10 -2.17
C ARG Z 65 -42.95 1.21 -1.38
N ARG Z 66 -41.67 1.61 -1.26
CA ARG Z 66 -40.74 0.82 -0.47
C ARG Z 66 -41.18 0.73 0.99
N GLU Z 67 -41.63 1.85 1.57
CA GLU Z 67 -42.03 1.82 2.97
C GLU Z 67 -43.25 0.94 3.18
N LEU Z 68 -44.24 1.02 2.30
CA LEU Z 68 -45.44 0.20 2.44
C LEU Z 68 -45.13 -1.28 2.22
N LYS Z 69 -44.24 -1.60 1.28
CA LYS Z 69 -43.94 -3.00 1.00
C LYS Z 69 -43.30 -3.68 2.22
N ASN Z 70 -42.37 -2.99 2.88
CA ASN Z 70 -41.74 -3.55 4.07
C ASN Z 70 -41.26 -2.44 5.00
N PRO Z 71 -41.84 -2.29 6.18
CA PRO Z 71 -41.39 -1.25 7.10
C PRO Z 71 -40.25 -1.70 8.00
N ASP Z 72 -40.01 -3.01 8.06
CA ASP Z 72 -38.97 -3.57 8.89
C ASP Z 72 -37.65 -3.81 8.14
N ARG Z 73 -37.59 -3.43 6.87
CA ARG Z 73 -36.40 -3.61 6.05
C ARG Z 73 -35.95 -5.07 6.02
N VAL Z 74 -36.90 -5.95 5.73
CA VAL Z 74 -36.62 -7.39 5.69
C VAL Z 74 -35.78 -7.71 4.47
N ILE Z 75 -34.78 -8.59 4.65
CA ILE Z 75 -33.92 -9.01 3.56
C ILE Z 75 -34.54 -10.22 2.88
N SER Z 76 -34.73 -11.30 3.63
CA SER Z 76 -35.34 -12.52 3.11
C SER Z 76 -36.49 -12.93 4.02
N ARG Z 77 -37.64 -13.22 3.42
CA ARG Z 77 -38.83 -13.62 4.15
C ARG Z 77 -39.50 -14.77 3.42
N GLN Z 78 -39.86 -15.82 4.16
CA GLN Z 78 -40.51 -16.99 3.60
C GLN Z 78 -41.50 -17.58 4.59
N MET Z 79 -42.58 -18.13 4.05
CA MET Z 79 -43.58 -18.86 4.83
C MET Z 79 -43.94 -20.12 4.05
N GLY Z 80 -43.38 -21.25 4.47
CA GLY Z 80 -43.67 -22.51 3.82
C GLY Z 80 -42.89 -22.71 2.53
N PRO Z 81 -43.60 -23.01 1.44
CA PRO Z 81 -42.93 -23.24 0.15
C PRO Z 81 -42.51 -21.93 -0.52
N PHE Z 82 -43.29 -20.88 -0.31
CA PHE Z 82 -43.02 -19.60 -0.93
C PHE Z 82 -41.89 -18.88 -0.22
N ASN Z 83 -40.96 -18.31 -1.01
CA ASN Z 83 -39.83 -17.58 -0.47
C ASN Z 83 -39.58 -16.35 -1.34
N VAL Z 84 -39.04 -15.31 -0.72
CA VAL Z 84 -38.68 -14.08 -1.42
C VAL Z 84 -37.50 -13.45 -0.70
N GLN Z 85 -36.59 -12.86 -1.47
CA GLN Z 85 -35.39 -12.23 -0.92
C GLN Z 85 -35.18 -10.90 -1.64
N TYR Z 86 -35.34 -9.80 -0.91
CA TYR Z 86 -35.15 -8.48 -1.48
C TYR Z 86 -33.66 -8.11 -1.51
N SER Z 87 -33.36 -7.01 -2.19
CA SER Z 87 -32.00 -6.52 -2.29
C SER Z 87 -31.66 -5.74 -1.02
N GLN Z 88 -30.50 -5.09 -1.02
CA GLN Z 88 -30.07 -4.31 0.14
C GLN Z 88 -30.93 -3.06 0.26
N PRO Z 89 -31.61 -2.84 1.38
CA PRO Z 89 -32.45 -1.65 1.52
C PRO Z 89 -31.62 -0.40 1.60
N PRO Z 90 -32.18 0.75 1.23
CA PRO Z 90 -31.45 2.02 1.38
C PRO Z 90 -31.21 2.33 2.86
N ASP Z 91 -30.36 3.33 3.09
CA ASP Z 91 -29.95 3.61 4.46
C ASP Z 91 -31.05 4.27 5.26
N GLY Z 92 -31.41 5.51 4.91
CA GLY Z 92 -32.58 6.11 5.52
C GLY Z 92 -33.88 5.74 4.82
N PHE Z 93 -34.05 6.27 3.61
CA PHE Z 93 -35.17 5.89 2.75
C PHE Z 93 -34.81 5.75 1.27
N PHE Z 94 -33.72 6.36 0.80
CA PHE Z 94 -33.49 6.55 -0.63
C PHE Z 94 -32.16 5.92 -1.04
N TYR Z 95 -32.14 5.37 -2.25
CA TYR Z 95 -30.90 4.90 -2.83
C TYR Z 95 -30.04 6.10 -3.23
N PRO Z 96 -28.73 5.90 -3.42
CA PRO Z 96 -27.85 7.03 -3.76
C PRO Z 96 -28.29 7.78 -5.02
N ALA Z 97 -28.82 7.07 -6.02
CA ALA Z 97 -29.31 7.76 -7.21
C ALA Z 97 -30.47 8.70 -6.88
N GLU Z 98 -31.40 8.25 -6.04
CA GLU Z 98 -32.52 9.10 -5.65
C GLU Z 98 -32.04 10.31 -4.86
N LEU Z 99 -31.08 10.13 -3.96
CA LEU Z 99 -30.53 11.25 -3.22
C LEU Z 99 -29.83 12.23 -4.14
N ALA Z 100 -29.08 11.73 -5.12
CA ALA Z 100 -28.41 12.61 -6.06
C ALA Z 100 -29.42 13.40 -6.89
N ILE Z 101 -30.51 12.75 -7.30
CA ILE Z 101 -31.55 13.45 -8.05
C ILE Z 101 -32.21 14.51 -7.18
N LEU Z 102 -32.45 14.20 -5.90
CA LEU Z 102 -33.07 15.16 -5.00
C LEU Z 102 -32.18 16.37 -4.77
N LYS Z 103 -30.87 16.16 -4.65
CA LYS Z 103 -29.93 17.24 -4.41
C LYS Z 103 -29.67 18.09 -5.65
N ARG Z 104 -30.40 17.87 -6.73
CA ARG Z 104 -30.26 18.69 -7.93
C ARG Z 104 -30.65 20.13 -7.66
N PHE Z 105 -31.75 20.34 -6.92
CA PHE Z 105 -32.26 21.68 -6.69
C PHE Z 105 -31.35 22.54 -5.83
N LYS Z 106 -30.35 21.96 -5.18
CA LYS Z 106 -29.43 22.74 -4.36
C LYS Z 106 -28.63 23.71 -5.23
N ARG Z 107 -28.36 24.89 -4.67
CA ARG Z 107 -27.66 25.93 -5.42
C ARG Z 107 -26.22 25.50 -5.71
N SER Z 108 -25.75 25.87 -6.90
CA SER Z 108 -24.39 25.55 -7.37
C SER Z 108 -24.23 24.03 -7.39
N GLY Z 109 -23.01 23.54 -7.20
CA GLY Z 109 -22.73 22.12 -7.19
C GLY Z 109 -22.81 21.47 -5.83
N GLY Z 110 -23.33 22.17 -4.82
CA GLY Z 110 -23.40 21.64 -3.48
C GLY Z 110 -22.18 21.88 -2.63
N LEU Z 111 -21.14 22.52 -3.17
CA LEU Z 111 -19.91 22.79 -2.42
C LEU Z 111 -20.01 24.12 -1.68
N MET Z 112 -21.00 24.21 -0.80
CA MET Z 112 -21.19 25.40 0.00
C MET Z 112 -20.08 25.53 1.04
N THR Z 113 -19.78 26.77 1.40
CA THR Z 113 -18.67 27.07 2.30
C THR Z 113 -19.18 27.80 3.54
N VAL Z 114 -18.33 27.84 4.56
CA VAL Z 114 -18.62 28.53 5.81
C VAL Z 114 -17.55 29.58 6.04
N SER Z 115 -17.98 30.78 6.42
CA SER Z 115 -17.08 31.90 6.63
C SER Z 115 -16.51 31.82 8.04
N THR Z 116 -15.23 31.46 8.15
CA THR Z 116 -14.57 31.38 9.44
C THR Z 116 -14.03 32.75 9.85
N SER Z 117 -13.61 32.84 11.11
CA SER Z 117 -13.06 34.08 11.65
C SER Z 117 -12.07 33.74 12.74
N ARG Z 118 -11.18 34.70 13.02
CA ARG Z 118 -10.16 34.54 14.06
C ARG Z 118 -10.59 35.16 15.39
N GLY Z 119 -11.89 35.20 15.66
CA GLY Z 119 -12.38 35.79 16.89
C GLY Z 119 -12.12 37.28 16.98
N GLU Z 120 -12.31 38.00 15.87
CA GLU Z 120 -12.06 39.43 15.80
C GLU Z 120 -13.25 40.14 15.20
N GLU Z 121 -13.59 41.30 15.76
CA GLU Z 121 -14.70 42.11 15.26
C GLU Z 121 -14.25 43.05 14.15
N GLY Z 122 -13.22 43.86 14.40
CA GLY Z 122 -12.71 44.78 13.40
C GLY Z 122 -13.28 46.18 13.51
N ARG Z 123 -12.40 47.17 13.58
CA ARG Z 123 -12.79 48.58 13.67
C ARG Z 123 -12.04 49.36 12.60
N PRO Z 124 -12.58 49.43 11.37
CA PRO Z 124 -11.92 50.14 10.27
C PRO Z 124 -12.09 51.65 10.31
N TRP Z 125 -11.91 52.23 11.50
CA TRP Z 125 -12.00 53.68 11.65
C TRP Z 125 -10.96 54.27 12.58
N ALA Z 126 -10.01 53.48 13.08
CA ALA Z 126 -8.99 53.96 14.00
C ALA Z 126 -7.86 54.58 13.19
N GLY Z 127 -8.01 55.87 12.86
CA GLY Z 127 -7.00 56.57 12.10
C GLY Z 127 -7.58 57.52 11.08
N LYS Z 128 -8.87 57.38 10.79
CA LYS Z 128 -9.56 58.22 9.81
C LYS Z 128 -10.30 59.39 10.43
N THR Z 129 -10.87 59.20 11.62
CA THR Z 129 -11.64 60.25 12.29
C THR Z 129 -10.76 61.26 13.01
N ALA Z 130 -9.44 61.04 13.05
CA ALA Z 130 -8.53 62.00 13.66
C ALA Z 130 -8.21 63.18 12.76
N TYR Z 131 -8.66 63.14 11.51
CA TYR Z 131 -8.41 64.23 10.57
C TYR Z 131 -9.31 65.41 10.89
N ILE Z 132 -8.73 66.61 10.92
CA ILE Z 132 -9.45 67.83 11.24
C ILE Z 132 -9.72 68.58 9.95
N ARG Z 133 -10.96 69.00 9.74
CA ARG Z 133 -11.36 69.71 8.53
C ARG Z 133 -10.62 71.04 8.41
N TYR Z 134 -9.75 71.16 7.40
CA TYR Z 134 -8.97 72.36 7.17
C TYR Z 134 -9.37 73.07 5.88
N GLY Z 135 -10.57 72.79 5.36
CA GLY Z 135 -11.01 73.41 4.13
C GLY Z 135 -12.25 74.25 4.28
N ASP Z 136 -13.09 74.30 3.24
CA ASP Z 136 -14.32 75.08 3.24
C ASP Z 136 -15.53 74.27 3.67
N GLY Z 137 -15.35 73.02 4.05
CA GLY Z 137 -16.46 72.17 4.45
C GLY Z 137 -17.17 71.49 3.30
N LEU Z 138 -16.64 71.55 2.09
CA LEU Z 138 -17.26 70.90 0.95
C LEU Z 138 -17.21 69.38 1.07
N ALA AA 2 -40.63 16.18 27.43
CA ALA AA 2 -40.28 15.42 26.23
C ALA AA 2 -41.53 15.08 25.44
N GLY AA 3 -41.46 14.00 24.66
CA GLY AA 3 -42.58 13.57 23.84
C GLY AA 3 -42.76 14.41 22.59
N LEU AA 4 -41.78 14.33 21.68
CA LEU AA 4 -41.87 15.10 20.45
C LEU AA 4 -43.08 14.67 19.62
N ALA AA 5 -43.33 13.37 19.52
CA ALA AA 5 -44.46 12.83 18.79
C ALA AA 5 -45.54 12.36 19.77
N THR AA 6 -46.77 12.30 19.27
CA THR AA 6 -47.89 11.83 20.05
C THR AA 6 -48.05 10.32 19.83
N ILE AA 7 -49.16 9.76 20.31
CA ILE AA 7 -49.39 8.32 20.19
C ILE AA 7 -50.39 7.97 19.10
N ASP AA 8 -51.21 8.93 18.65
CA ASP AA 8 -52.22 8.61 17.63
C ASP AA 8 -51.59 8.37 16.27
N GLU AA 9 -50.64 9.23 15.87
CA GLU AA 9 -50.00 9.05 14.56
C GLU AA 9 -49.12 7.81 14.56
N LEU AA 10 -48.50 7.48 15.69
CA LEU AA 10 -47.75 6.23 15.78
C LEU AA 10 -48.68 5.03 15.62
N GLN AA 11 -49.86 5.09 16.23
CA GLN AA 11 -50.84 4.02 16.08
C GLN AA 11 -51.28 3.88 14.63
N THR AA 12 -51.51 5.00 13.95
CA THR AA 12 -51.88 4.94 12.54
C THR AA 12 -50.75 4.37 11.69
N LEU AA 13 -49.51 4.75 11.99
CA LEU AA 13 -48.37 4.21 11.25
C LEU AA 13 -48.24 2.71 11.44
N MET AA 14 -48.42 2.23 12.67
CA MET AA 14 -48.37 0.80 12.94
C MET AA 14 -49.66 0.08 12.61
N SER AA 15 -50.72 0.82 12.27
CA SER AA 15 -52.03 0.26 11.93
C SER AA 15 -52.62 -0.58 13.06
N THR AA 16 -52.19 -0.33 14.30
CA THR AA 16 -52.67 -1.05 15.47
C THR AA 16 -53.01 -0.05 16.57
N VAL AA 17 -53.67 -0.56 17.61
CA VAL AA 17 -54.05 0.24 18.78
C VAL AA 17 -53.32 -0.31 19.99
N PHE AA 18 -52.79 0.59 20.81
CA PHE AA 18 -52.04 0.22 22.00
C PHE AA 18 -52.93 0.33 23.23
N GLU AA 19 -52.93 -0.73 24.04
CA GLU AA 19 -53.76 -0.78 25.24
C GLU AA 19 -53.00 -1.49 26.35
N ASP AA 20 -53.56 -1.46 27.55
CA ASP AA 20 -52.99 -2.09 28.75
C ASP AA 20 -51.60 -1.51 28.95
N ASP AA 21 -50.57 -2.32 29.15
CA ASP AA 21 -49.21 -1.82 29.31
C ASP AA 21 -48.51 -1.57 27.99
N ALA AA 22 -49.09 -2.01 26.87
CA ALA AA 22 -48.49 -1.73 25.57
C ALA AA 22 -48.48 -0.23 25.28
N LEU AA 23 -49.54 0.47 25.66
CA LEU AA 23 -49.56 1.93 25.50
C LEU AA 23 -48.48 2.59 26.36
N GLU AA 24 -48.33 2.13 27.60
CA GLU AA 24 -47.29 2.69 28.46
C GLU AA 24 -45.89 2.39 27.92
N GLN AA 25 -45.67 1.17 27.43
CA GLN AA 25 -44.38 0.82 26.84
C GLN AA 25 -44.09 1.66 25.61
N ALA AA 26 -45.10 1.85 24.76
CA ALA AA 26 -44.91 2.68 23.57
C ALA AA 26 -44.61 4.12 23.94
N GLN AA 27 -45.31 4.66 24.95
CA GLN AA 27 -45.04 6.03 25.39
C GLN AA 27 -43.62 6.16 25.95
N LEU AA 28 -43.19 5.17 26.74
CA LEU AA 28 -41.83 5.21 27.29
C LEU AA 28 -40.80 5.15 26.18
N VAL AA 29 -41.00 4.27 25.19
CA VAL AA 29 -40.06 4.16 24.08
C VAL AA 29 -40.02 5.45 23.28
N LEU AA 30 -41.18 6.06 23.06
CA LEU AA 30 -41.23 7.32 22.32
C LEU AA 30 -40.52 8.43 23.08
N ASP AA 31 -40.68 8.47 24.41
CA ASP AA 31 -39.98 9.46 25.21
C ASP AA 31 -38.47 9.25 25.16
N ILE AA 32 -38.03 7.98 25.22
CA ILE AA 32 -36.60 7.68 25.12
C ILE AA 32 -36.06 8.14 23.78
N VAL AA 33 -36.79 7.85 22.70
CA VAL AA 33 -36.34 8.22 21.36
C VAL AA 33 -36.33 9.73 21.20
N SER AA 34 -37.32 10.41 21.76
CA SER AA 34 -37.35 11.87 21.71
C SER AA 34 -36.17 12.47 22.45
N SER AA 35 -35.83 11.92 23.61
CA SER AA 35 -34.66 12.39 24.35
C SER AA 35 -33.37 12.17 23.55
N TRP AA 36 -33.25 11.00 22.92
CA TRP AA 36 -32.06 10.72 22.11
C TRP AA 36 -31.96 11.68 20.93
N ALA AA 37 -33.09 11.95 20.26
CA ALA AA 37 -33.08 12.89 19.15
C ALA AA 37 -32.73 14.29 19.63
N ARG AA 38 -33.26 14.69 20.80
CA ARG AA 38 -32.95 15.99 21.35
C ARG AA 38 -31.47 16.14 21.65
N VAL AA 39 -30.87 15.10 22.25
CA VAL AA 39 -29.46 15.18 22.60
C VAL AA 39 -28.57 15.11 21.36
N VAL AA 40 -29.00 14.37 20.33
CA VAL AA 40 -28.22 14.31 19.09
C VAL AA 40 -28.27 15.65 18.37
N SER AA 41 -29.46 16.24 18.25
CA SER AA 41 -29.59 17.51 17.55
C SER AA 41 -28.97 18.65 18.35
N GLY AA 42 -29.10 18.60 19.67
CA GLY AA 42 -28.55 19.64 20.54
C GLY AA 42 -29.53 20.71 20.96
N GLN AA 43 -30.73 20.73 20.36
CA GLN AA 43 -31.74 21.72 20.72
C GLN AA 43 -32.53 21.25 21.94
N MET AA 44 -33.48 22.09 22.37
CA MET AA 44 -34.28 21.82 23.57
C MET AA 44 -35.74 21.55 23.27
N TRP AA 45 -36.34 22.28 22.33
CA TRP AA 45 -37.76 22.17 22.00
C TRP AA 45 -38.61 22.28 23.27
N PRO AA 46 -38.73 23.48 23.86
CA PRO AA 46 -39.48 23.62 25.11
C PRO AA 46 -40.92 23.13 25.00
N ASP AA 47 -41.67 23.70 24.06
CA ASP AA 47 -43.01 23.20 23.74
C ASP AA 47 -42.84 22.01 22.80
N ALA AA 48 -42.91 20.81 23.36
CA ALA AA 48 -42.57 19.62 22.58
C ALA AA 48 -43.52 19.39 21.42
N PRO AA 49 -44.82 19.13 21.61
CA PRO AA 49 -45.68 18.90 20.45
C PRO AA 49 -46.27 20.18 19.87
N ALA AA 50 -45.47 21.24 19.76
CA ALA AA 50 -45.94 22.49 19.17
C ALA AA 50 -45.17 22.86 17.91
N ASN AA 51 -43.86 23.04 17.98
CA ASN AA 51 -43.08 23.33 16.79
C ASN AA 51 -42.68 22.02 16.08
N VAL AA 52 -41.84 21.23 16.75
CA VAL AA 52 -41.53 19.84 16.44
C VAL AA 52 -41.51 19.57 14.94
N PRO AA 53 -40.49 20.05 14.21
CA PRO AA 53 -40.48 19.92 12.74
C PRO AA 53 -40.70 18.49 12.25
N ASP AA 54 -41.18 18.36 11.01
CA ASP AA 54 -41.56 17.05 10.51
C ASP AA 54 -40.37 16.09 10.43
N ASP AA 55 -39.15 16.61 10.33
CA ASP AA 55 -37.98 15.75 10.26
C ASP AA 55 -37.80 14.98 11.56
N VAL AA 56 -37.83 15.67 12.69
CA VAL AA 56 -37.65 14.99 13.97
C VAL AA 56 -38.85 14.10 14.27
N ARG AA 57 -40.06 14.50 13.86
CA ARG AA 57 -41.21 13.64 14.03
C ARG AA 57 -41.04 12.34 13.27
N ALA AA 58 -40.58 12.43 12.01
CA ALA AA 58 -40.33 11.24 11.23
C ALA AA 58 -39.28 10.36 11.89
N VAL AA 59 -38.19 10.97 12.36
CA VAL AA 59 -37.10 10.19 12.96
C VAL AA 59 -37.60 9.46 14.20
N VAL AA 60 -38.31 10.17 15.09
CA VAL AA 60 -38.74 9.55 16.33
C VAL AA 60 -39.80 8.48 16.07
N LEU AA 61 -40.72 8.73 15.12
CA LEU AA 61 -41.72 7.73 14.81
C LEU AA 61 -41.08 6.46 14.26
N GLN AA 62 -40.13 6.61 13.32
CA GLN AA 62 -39.47 5.44 12.77
C GLN AA 62 -38.66 4.70 13.83
N ALA AA 63 -37.94 5.43 14.67
CA ALA AA 63 -37.13 4.77 15.70
C ALA AA 63 -38.02 4.02 16.68
N SER AA 64 -39.16 4.62 17.06
CA SER AA 64 -40.10 3.91 17.91
C SER AA 64 -40.65 2.68 17.22
N ARG AA 65 -40.91 2.77 15.91
CA ARG AA 65 -41.41 1.60 15.19
C ARG AA 65 -40.39 0.46 15.18
N ARG AA 66 -39.11 0.77 14.91
CA ARG AA 66 -38.09 -0.27 14.98
C ARG AA 66 -37.94 -0.83 16.38
N GLU AA 67 -37.98 0.02 17.41
CA GLU AA 67 -37.82 -0.47 18.77
C GLU AA 67 -38.98 -1.38 19.17
N LEU AA 68 -40.21 -1.01 18.83
CA LEU AA 68 -41.36 -1.83 19.17
C LEU AA 68 -41.37 -3.13 18.38
N LYS AA 69 -41.04 -3.08 17.08
CA LYS AA 69 -41.04 -4.27 16.25
C LYS AA 69 -39.75 -5.06 16.37
N ASN AA 70 -38.77 -4.58 17.13
CA ASN AA 70 -37.48 -5.26 17.29
C ASN AA 70 -36.88 -4.86 18.62
N PRO AA 71 -37.41 -5.40 19.73
CA PRO AA 71 -36.86 -5.07 21.06
C PRO AA 71 -35.40 -5.46 21.20
N ASP AA 72 -35.09 -6.73 20.95
CA ASP AA 72 -33.72 -7.21 20.92
C ASP AA 72 -33.27 -7.41 19.49
N ARG AA 73 -32.12 -6.83 19.15
CA ARG AA 73 -31.65 -6.82 17.77
C ARG AA 73 -31.44 -8.24 17.27
N VAL AA 74 -32.26 -8.65 16.30
CA VAL AA 74 -32.24 -10.01 15.75
C VAL AA 74 -31.98 -9.91 14.26
N ILE AA 75 -31.14 -10.81 13.75
CA ILE AA 75 -30.82 -10.87 12.33
C ILE AA 75 -31.84 -11.76 11.63
N SER AA 76 -31.98 -13.00 12.08
CA SER AA 76 -32.91 -13.96 11.51
C SER AA 76 -33.69 -14.62 12.63
N ARG AA 77 -35.01 -14.67 12.47
CA ARG AA 77 -35.91 -15.32 13.43
C ARG AA 77 -36.92 -16.17 12.66
N GLN AA 78 -37.08 -17.42 13.08
CA GLN AA 78 -38.00 -18.33 12.42
C GLN AA 78 -38.69 -19.21 13.45
N MET AA 79 -39.96 -19.54 13.17
CA MET AA 79 -40.75 -20.43 14.01
C MET AA 79 -41.44 -21.45 13.10
N GLY AA 80 -40.81 -22.61 12.94
CA GLY AA 80 -41.35 -23.64 12.09
C GLY AA 80 -41.17 -23.34 10.62
N PRO AA 81 -42.26 -23.32 9.86
CA PRO AA 81 -42.17 -23.00 8.44
C PRO AA 81 -41.97 -21.51 8.19
N PHE AA 82 -42.52 -20.68 9.08
CA PHE AA 82 -42.39 -19.23 8.93
C PHE AA 82 -40.97 -18.79 9.26
N ASN AA 83 -40.40 -17.95 8.39
CA ASN AA 83 -39.05 -17.43 8.60
C ASN AA 83 -39.00 -15.98 8.15
N VAL AA 84 -38.13 -15.21 8.79
CA VAL AA 84 -37.92 -13.81 8.44
C VAL AA 84 -36.49 -13.43 8.83
N GLN AA 85 -35.88 -12.58 8.01
CA GLN AA 85 -34.50 -12.14 8.23
C GLN AA 85 -34.43 -10.64 7.99
N TYR AA 86 -34.15 -9.89 9.04
CA TYR AA 86 -34.05 -8.44 8.94
C TYR AA 86 -32.66 -8.03 8.48
N SER AA 87 -32.50 -6.74 8.19
CA SER AA 87 -31.22 -6.20 7.78
C SER AA 87 -30.32 -5.99 9.01
N GLN AA 88 -29.15 -5.40 8.79
CA GLN AA 88 -28.22 -5.16 9.87
C GLN AA 88 -28.73 -4.03 10.75
N PRO AA 89 -28.96 -4.25 12.04
CA PRO AA 89 -29.44 -3.18 12.90
C PRO AA 89 -28.40 -2.09 13.06
N PRO AA 90 -28.81 -0.84 13.21
CA PRO AA 90 -27.85 0.23 13.44
C PRO AA 90 -27.25 0.17 14.84
N ASP AA 91 -26.13 0.86 15.02
CA ASP AA 91 -25.47 0.89 16.32
C ASP AA 91 -26.37 1.55 17.37
N GLY AA 92 -27.04 2.64 17.01
CA GLY AA 92 -27.95 3.33 17.87
C GLY AA 92 -29.39 3.16 17.44
N PHE AA 93 -30.26 4.01 18.01
CA PHE AA 93 -31.67 3.98 17.64
C PHE AA 93 -31.93 4.56 16.26
N PHE AA 94 -30.98 5.30 15.70
CA PHE AA 94 -31.15 5.99 14.43
C PHE AA 94 -30.10 5.52 13.43
N TYR AA 95 -30.51 5.39 12.18
CA TYR AA 95 -29.59 5.03 11.11
C TYR AA 95 -28.69 6.23 10.79
N PRO AA 96 -27.55 5.99 10.13
CA PRO AA 96 -26.64 7.12 9.81
C PRO AA 96 -27.32 8.25 9.03
N ALA AA 97 -28.23 7.93 8.11
CA ALA AA 97 -28.98 8.98 7.43
C ALA AA 97 -29.87 9.73 8.41
N GLU AA 98 -30.52 9.00 9.32
CA GLU AA 98 -31.35 9.65 10.35
C GLU AA 98 -30.49 10.52 11.26
N LEU AA 99 -29.31 10.04 11.64
CA LEU AA 99 -28.41 10.84 12.46
C LEU AA 99 -27.97 12.11 11.73
N ALA AA 100 -27.66 11.99 10.44
CA ALA AA 100 -27.27 13.16 9.66
C ALA AA 100 -28.41 14.17 9.57
N ILE AA 101 -29.64 13.67 9.37
CA ILE AA 101 -30.79 14.57 9.34
C ILE AA 101 -30.99 15.25 10.68
N LEU AA 102 -30.81 14.51 11.77
CA LEU AA 102 -30.96 15.09 13.11
C LEU AA 102 -29.89 16.15 13.37
N LYS AA 103 -28.66 15.93 12.92
CA LYS AA 103 -27.58 16.87 13.14
C LYS AA 103 -27.68 18.11 12.24
N ARG AA 104 -28.75 18.24 11.46
CA ARG AA 104 -28.94 19.41 10.63
C ARG AA 104 -29.09 20.67 11.48
N PHE AA 105 -29.82 20.58 12.59
CA PHE AA 105 -30.09 21.75 13.42
C PHE AA 105 -28.84 22.27 14.12
N LYS AA 106 -27.74 21.54 14.12
CA LYS AA 106 -26.51 22.01 14.75
C LYS AA 106 -25.99 23.24 14.04
N ARG AA 107 -25.40 24.15 14.81
CA ARG AA 107 -24.91 25.41 14.25
C ARG AA 107 -23.73 25.15 13.32
N SER AA 108 -23.68 25.93 12.24
CA SER AA 108 -22.63 25.83 11.22
C SER AA 108 -22.65 24.42 10.63
N GLY AA 109 -21.50 23.94 10.18
CA GLY AA 109 -21.37 22.61 9.61
C GLY AA 109 -21.03 21.51 10.60
N GLY AA 110 -21.08 21.81 11.90
CA GLY AA 110 -20.72 20.84 12.91
C GLY AA 110 -19.25 20.80 13.28
N LEU AA 111 -18.41 21.60 12.62
CA LEU AA 111 -16.98 21.63 12.90
C LEU AA 111 -16.67 22.63 14.02
N MET AA 112 -17.27 22.36 15.18
CA MET AA 112 -17.04 23.20 16.35
C MET AA 112 -15.62 22.98 16.88
N THR AA 113 -15.07 24.04 17.47
CA THR AA 113 -13.69 24.04 17.94
C THR AA 113 -13.64 24.25 19.45
N VAL AA 114 -12.49 23.95 20.03
CA VAL AA 114 -12.24 24.14 21.45
C VAL AA 114 -11.05 25.08 21.61
N SER AA 115 -11.20 26.08 22.47
CA SER AA 115 -10.15 27.07 22.69
C SER AA 115 -9.13 26.52 23.69
N THR AA 116 -7.93 26.24 23.22
CA THR AA 116 -6.87 25.73 24.06
C THR AA 116 -6.06 26.88 24.68
N SER AA 117 -5.22 26.54 25.65
CA SER AA 117 -4.38 27.53 26.31
C SER AA 117 -3.10 26.85 26.78
N ARG AA 118 -2.08 27.66 27.02
CA ARG AA 118 -0.79 27.19 27.49
C ARG AA 118 -0.65 27.29 29.00
N GLY AA 119 -1.75 27.17 29.72
CA GLY AA 119 -1.70 27.30 31.18
C GLY AA 119 -1.28 28.67 31.66
N GLU AA 120 -1.79 29.72 31.02
CA GLU AA 120 -1.43 31.09 31.34
C GLU AA 120 -2.69 31.93 31.51
N GLU AA 121 -2.66 32.83 32.48
CA GLU AA 121 -3.80 33.73 32.73
C GLU AA 121 -3.69 35.01 31.92
N GLY AA 122 -2.56 35.71 32.02
CA GLY AA 122 -2.35 36.93 31.27
C GLY AA 122 -2.70 38.19 32.04
N ARG AA 123 -1.75 39.12 32.12
CA ARG AA 123 -1.93 40.39 32.82
C ARG AA 123 -1.52 41.52 31.88
N PRO AA 124 -2.46 42.00 31.03
CA PRO AA 124 -2.15 43.06 30.07
C PRO AA 124 -2.14 44.47 30.67
N TRP AA 125 -1.48 44.61 31.83
CA TRP AA 125 -1.37 45.90 32.48
C TRP AA 125 0.00 46.15 33.09
N ALA AA 126 0.98 45.26 32.91
CA ALA AA 126 2.31 45.42 33.48
C ALA AA 126 3.14 46.31 32.56
N GLY AA 127 3.02 47.62 32.77
CA GLY AA 127 3.75 48.58 31.96
C GLY AA 127 2.95 49.81 31.60
N LYS AA 128 1.63 49.74 31.79
CA LYS AA 128 0.73 50.85 31.48
C LYS AA 128 0.40 51.71 32.69
N THR AA 129 0.25 51.10 33.86
CA THR AA 129 -0.11 51.84 35.06
C THR AA 129 1.07 52.56 35.70
N ALA AA 130 2.29 52.36 35.19
CA ALA AA 130 3.46 53.06 35.70
C ALA AA 130 3.55 54.50 35.19
N TYR AA 131 2.68 54.89 34.25
CA TYR AA 131 2.69 56.25 33.72
C TYR AA 131 2.09 57.22 34.73
N ILE AA 132 2.76 58.34 34.94
CA ILE AA 132 2.34 59.36 35.89
C ILE AA 132 1.71 60.51 35.12
N ARG AA 133 0.52 60.92 35.55
CA ARG AA 133 -0.20 62.01 34.89
C ARG AA 133 0.58 63.32 34.96
N TYR AA 134 1.04 63.80 33.79
CA TYR AA 134 1.79 65.05 33.70
C TYR AA 134 1.03 66.14 32.97
N GLY AA 135 -0.30 66.01 32.87
CA GLY AA 135 -1.10 67.00 32.17
C GLY AA 135 -2.08 67.73 33.06
N ASP AA 136 -3.23 68.10 32.50
CA ASP AA 136 -4.27 68.81 33.22
C ASP AA 136 -5.33 67.89 33.79
N GLY AA 137 -5.16 66.57 33.66
CA GLY AA 137 -6.13 65.63 34.16
C GLY AA 137 -7.28 65.33 33.22
N LEU AA 138 -7.23 65.81 31.98
CA LEU AA 138 -8.28 65.55 31.02
C LEU AA 138 -8.38 64.07 30.66
N ALA BA 2 -26.23 4.48 44.26
CA ALA BA 2 -26.41 4.18 42.84
C ALA BA 2 -27.89 4.08 42.49
N GLY BA 3 -28.20 3.36 41.43
CA GLY BA 3 -29.58 3.19 41.00
C GLY BA 3 -30.11 4.40 40.26
N LEU BA 4 -29.53 4.68 39.09
CA LEU BA 4 -29.98 5.83 38.30
C LEU BA 4 -31.44 5.67 37.89
N ALA BA 5 -31.83 4.48 37.46
CA ALA BA 5 -33.21 4.19 37.08
C ALA BA 5 -33.91 3.39 38.17
N THR BA 6 -35.24 3.48 38.16
CA THR BA 6 -36.05 2.73 39.11
C THR BA 6 -36.43 1.39 38.48
N ILE BA 7 -37.35 0.67 39.13
CA ILE BA 7 -37.76 -0.64 38.64
C ILE BA 7 -39.11 -0.62 37.94
N ASP BA 8 -39.93 0.42 38.16
CA ASP BA 8 -41.26 0.44 37.55
C ASP BA 8 -41.18 0.70 36.04
N GLU BA 9 -40.36 1.68 35.62
CA GLU BA 9 -40.24 1.96 34.20
C GLU BA 9 -39.56 0.82 33.45
N LEU BA 10 -38.63 0.12 34.10
CA LEU BA 10 -38.05 -1.07 33.48
C LEU BA 10 -39.11 -2.16 33.30
N GLN BA 11 -39.98 -2.33 34.30
CA GLN BA 11 -41.07 -3.29 34.17
C GLN BA 11 -42.01 -2.93 33.03
N THR BA 12 -42.33 -1.63 32.89
CA THR BA 12 -43.17 -1.21 31.78
C THR BA 12 -42.49 -1.44 30.44
N LEU BA 13 -41.19 -1.17 30.36
CA LEU BA 13 -40.45 -1.38 29.13
C LEU BA 13 -40.43 -2.85 28.74
N MET BA 14 -40.20 -3.73 29.72
CA MET BA 14 -40.20 -5.16 29.46
C MET BA 14 -41.60 -5.77 29.41
N SER BA 15 -42.63 -4.98 29.76
CA SER BA 15 -44.03 -5.42 29.75
C SER BA 15 -44.26 -6.61 30.69
N THR BA 16 -43.38 -6.79 31.68
CA THR BA 16 -43.50 -7.87 32.65
C THR BA 16 -43.30 -7.31 34.04
N VAL BA 17 -43.58 -8.14 35.05
CA VAL BA 17 -43.42 -7.78 36.45
C VAL BA 17 -42.33 -8.67 37.05
N PHE BA 18 -41.44 -8.06 37.83
CA PHE BA 18 -40.34 -8.77 38.46
C PHE BA 18 -40.72 -9.09 39.90
N GLU BA 19 -40.54 -10.35 40.29
CA GLU BA 19 -40.88 -10.80 41.63
C GLU BA 19 -39.90 -11.87 42.06
N ASP BA 20 -39.79 -12.05 43.37
CA ASP BA 20 -38.91 -13.05 44.00
C ASP BA 20 -37.46 -12.69 43.62
N ASP BA 21 -36.63 -13.68 43.29
CA ASP BA 21 -35.24 -13.41 42.93
C ASP BA 21 -35.12 -12.62 41.63
N ALA BA 22 -36.14 -12.65 40.78
CA ALA BA 22 -36.10 -11.88 39.54
C ALA BA 22 -36.01 -10.38 39.82
N LEU BA 23 -36.76 -9.90 40.82
CA LEU BA 23 -36.68 -8.50 41.20
C LEU BA 23 -35.29 -8.17 41.74
N GLU BA 24 -34.74 -9.03 42.59
CA GLU BA 24 -33.40 -8.78 43.13
C GLU BA 24 -32.35 -8.82 42.04
N GLN BA 25 -32.45 -9.78 41.13
CA GLN BA 25 -31.50 -9.86 40.02
C GLN BA 25 -31.59 -8.62 39.13
N ALA BA 26 -32.81 -8.17 38.84
CA ALA BA 26 -32.98 -6.97 38.03
C ALA BA 26 -32.41 -5.75 38.73
N GLN BA 27 -32.64 -5.63 40.03
CA GLN BA 27 -32.09 -4.50 40.78
C GLN BA 27 -30.57 -4.52 40.78
N LEU BA 28 -29.97 -5.71 40.97
CA LEU BA 28 -28.51 -5.81 40.94
C LEU BA 28 -27.96 -5.46 39.57
N VAL BA 29 -28.61 -5.94 38.51
CA VAL BA 29 -28.17 -5.62 37.15
C VAL BA 29 -28.27 -4.12 36.89
N LEU BA 30 -29.37 -3.51 37.32
CA LEU BA 30 -29.54 -2.07 37.13
C LEU BA 30 -28.49 -1.28 37.90
N ASP BA 31 -28.17 -1.70 39.12
CA ASP BA 31 -27.12 -1.04 39.89
C ASP BA 31 -25.77 -1.18 39.20
N ILE BA 32 -25.47 -2.37 38.67
CA ILE BA 32 -24.21 -2.59 37.97
C ILE BA 32 -24.13 -1.68 36.75
N VAL BA 33 -25.22 -1.61 35.98
CA VAL BA 33 -25.24 -0.79 34.78
C VAL BA 33 -25.12 0.69 35.14
N SER BA 34 -25.78 1.11 36.22
CA SER BA 34 -25.66 2.50 36.67
C SER BA 34 -24.23 2.82 37.06
N SER BA 35 -23.56 1.90 37.75
CA SER BA 35 -22.15 2.12 38.10
C SER BA 35 -21.28 2.22 36.86
N TRP BA 36 -21.52 1.35 35.88
CA TRP BA 36 -20.75 1.42 34.63
C TRP BA 36 -20.97 2.73 33.90
N ALA BA 37 -22.23 3.19 33.84
CA ALA BA 37 -22.52 4.47 33.19
C ALA BA 37 -21.89 5.62 33.94
N ARG BA 38 -21.91 5.56 35.28
CA ARG BA 38 -21.28 6.61 36.08
C ARG BA 38 -19.78 6.67 35.84
N VAL BA 39 -19.12 5.51 35.78
CA VAL BA 39 -17.68 5.50 35.60
C VAL BA 39 -17.31 5.90 34.17
N VAL BA 40 -18.15 5.55 33.19
CA VAL BA 40 -17.87 5.96 31.81
C VAL BA 40 -18.04 7.47 31.65
N SER BA 41 -19.14 8.02 32.19
CA SER BA 41 -19.38 9.45 32.07
C SER BA 41 -18.38 10.26 32.90
N GLY BA 42 -18.03 9.76 34.07
CA GLY BA 42 -17.10 10.44 34.96
C GLY BA 42 -17.75 11.28 36.04
N GLN BA 43 -19.07 11.47 35.99
CA GLN BA 43 -19.78 12.24 37.00
C GLN BA 43 -20.13 11.35 38.20
N MET BA 44 -20.76 11.95 39.20
CA MET BA 44 -21.10 11.26 40.43
C MET BA 44 -22.59 11.07 40.63
N TRP BA 45 -23.41 12.07 40.29
CA TRP BA 45 -24.86 12.03 40.50
C TRP BA 45 -25.18 11.68 41.94
N PRO BA 46 -24.96 12.60 42.89
CA PRO BA 46 -25.19 12.26 44.31
C PRO BA 46 -26.62 11.81 44.58
N ASP BA 47 -27.59 12.64 44.24
CA ASP BA 47 -29.00 12.25 44.30
C ASP BA 47 -29.31 11.48 43.03
N ALA BA 48 -29.30 10.14 43.13
CA ALA BA 48 -29.38 9.31 41.92
C ALA BA 48 -30.70 9.47 41.19
N PRO BA 49 -31.87 9.12 41.76
CA PRO BA 49 -33.11 9.28 41.00
C PRO BA 49 -33.73 10.66 41.15
N ALA BA 50 -32.92 11.72 41.11
CA ALA BA 50 -33.45 13.08 41.20
C ALA BA 50 -33.16 13.89 39.94
N ASN BA 51 -31.89 14.09 39.57
CA ASN BA 51 -31.56 14.81 38.33
C ASN BA 51 -31.60 13.84 37.16
N VAL BA 52 -30.66 12.89 37.16
CA VAL BA 52 -30.65 11.68 36.31
C VAL BA 52 -31.20 11.96 34.92
N PRO BA 53 -30.46 12.69 34.06
CA PRO BA 53 -30.98 13.08 32.74
C PRO BA 53 -31.53 11.92 31.92
N ASP BA 54 -32.42 12.22 30.98
CA ASP BA 54 -33.10 11.17 30.23
C ASP BA 54 -32.14 10.34 29.40
N ASP BA 55 -30.99 10.91 29.02
CA ASP BA 55 -30.02 10.16 28.23
C ASP BA 55 -29.45 9.00 29.01
N VAL BA 56 -28.99 9.26 30.24
CA VAL BA 56 -28.43 8.17 31.04
C VAL BA 56 -29.51 7.20 31.47
N ARG BA 57 -30.74 7.67 31.69
CA ARG BA 57 -31.84 6.75 31.97
C ARG BA 57 -32.08 5.81 30.81
N ALA BA 58 -32.09 6.35 29.58
CA ALA BA 58 -32.25 5.51 28.40
C ALA BA 58 -31.12 4.50 28.29
N VAL BA 59 -29.88 4.94 28.51
CA VAL BA 59 -28.73 4.06 28.37
C VAL BA 59 -28.80 2.93 29.39
N VAL BA 60 -29.10 3.26 30.65
CA VAL BA 60 -29.12 2.24 31.69
C VAL BA 60 -30.29 1.28 31.49
N LEU BA 61 -31.45 1.80 31.05
CA LEU BA 61 -32.57 0.92 30.79
C LEU BA 61 -32.27 -0.05 29.65
N GLN BA 62 -31.66 0.45 28.57
CA GLN BA 62 -31.32 -0.42 27.46
C GLN BA 62 -30.30 -1.48 27.87
N ALA BA 63 -29.28 -1.07 28.63
CA ALA BA 63 -28.27 -2.05 29.06
C ALA BA 63 -28.87 -3.08 30.02
N SER BA 64 -29.77 -2.64 30.90
CA SER BA 64 -30.45 -3.59 31.78
C SER BA 64 -31.30 -4.57 30.98
N ARG BA 65 -31.92 -4.10 29.90
CA ARG BA 65 -32.69 -5.00 29.04
C ARG BA 65 -31.78 -6.02 28.37
N ARG BA 66 -30.67 -5.56 27.78
CA ARG BA 66 -29.73 -6.47 27.14
C ARG BA 66 -29.05 -7.40 28.14
N GLU BA 67 -29.06 -7.07 29.43
CA GLU BA 67 -28.49 -7.99 30.40
C GLU BA 67 -29.52 -9.00 30.93
N LEU BA 68 -30.73 -8.54 31.24
CA LEU BA 68 -31.77 -9.46 31.70
C LEU BA 68 -32.15 -10.45 30.60
N LYS BA 69 -32.33 -9.96 29.38
CA LYS BA 69 -32.59 -10.81 28.23
C LYS BA 69 -31.28 -11.05 27.50
N ASN BA 70 -31.02 -12.32 27.17
CA ASN BA 70 -29.74 -12.75 26.60
C ASN BA 70 -28.61 -12.43 27.58
N PRO BA 71 -28.58 -13.08 28.76
CA PRO BA 71 -27.52 -12.78 29.73
C PRO BA 71 -26.13 -13.15 29.23
N ASP BA 72 -25.96 -14.41 28.85
CA ASP BA 72 -24.71 -14.88 28.27
C ASP BA 72 -24.73 -14.65 26.76
N ARG BA 73 -23.69 -13.98 26.25
CA ARG BA 73 -23.65 -13.54 24.87
C ARG BA 73 -23.81 -14.72 23.90
N VAL BA 74 -24.93 -14.75 23.18
CA VAL BA 74 -25.25 -15.82 22.26
C VAL BA 74 -25.61 -15.21 20.91
N ILE BA 75 -25.11 -15.83 19.84
CA ILE BA 75 -25.41 -15.36 18.48
C ILE BA 75 -26.70 -16.01 17.99
N SER BA 76 -26.73 -17.34 17.98
CA SER BA 76 -27.90 -18.09 17.53
C SER BA 76 -28.30 -19.08 18.61
N ARG BA 77 -29.59 -19.09 18.95
CA ARG BA 77 -30.14 -20.00 19.93
C ARG BA 77 -31.46 -20.56 19.42
N GLN BA 78 -31.57 -21.89 19.39
CA GLN BA 78 -32.77 -22.55 18.90
C GLN BA 78 -33.07 -23.79 19.73
N MET BA 79 -34.37 -24.09 19.86
CA MET BA 79 -34.83 -25.32 20.51
C MET BA 79 -35.97 -25.87 19.64
N GLY BA 80 -35.67 -26.89 18.85
CA GLY BA 80 -36.65 -27.52 18.02
C GLY BA 80 -36.95 -26.77 16.74
N PRO BA 81 -38.22 -26.47 16.48
CA PRO BA 81 -38.58 -25.76 15.24
C PRO BA 81 -38.32 -24.27 15.33
N PHE BA 82 -38.37 -23.72 16.55
CA PHE BA 82 -38.19 -22.29 16.75
C PHE BA 82 -36.71 -21.96 16.78
N ASN BA 83 -36.34 -20.88 16.08
CA ASN BA 83 -34.96 -20.43 16.03
C ASN BA 83 -34.92 -18.91 16.06
N VAL BA 84 -33.84 -18.37 16.62
CA VAL BA 84 -33.64 -16.93 16.66
C VAL BA 84 -32.15 -16.65 16.65
N GLN BA 85 -31.75 -15.62 15.92
CA GLN BA 85 -30.35 -15.22 15.83
C GLN BA 85 -30.23 -13.75 16.17
N TYR BA 86 -29.36 -13.43 17.12
CA TYR BA 86 -29.15 -12.06 17.56
C TYR BA 86 -28.00 -11.41 16.79
N SER BA 87 -27.88 -10.10 16.94
CA SER BA 87 -26.80 -9.36 16.32
C SER BA 87 -25.50 -9.57 17.12
N GLN BA 88 -24.44 -8.92 16.69
CA GLN BA 88 -23.16 -9.05 17.37
C GLN BA 88 -23.21 -8.34 18.71
N PRO BA 89 -22.99 -9.03 19.82
CA PRO BA 89 -23.04 -8.36 21.12
C PRO BA 89 -21.87 -7.38 21.27
N PRO BA 90 -22.07 -6.29 22.00
CA PRO BA 90 -20.96 -5.36 22.24
C PRO BA 90 -19.97 -5.92 23.25
N ASP BA 91 -18.78 -5.33 23.27
CA ASP BA 91 -17.76 -5.75 24.22
C ASP BA 91 -18.20 -5.53 25.65
N GLY BA 92 -18.81 -4.38 25.93
CA GLY BA 92 -19.35 -4.08 27.23
C GLY BA 92 -20.86 -4.11 27.25
N PHE BA 93 -21.44 -3.54 28.31
CA PHE BA 93 -22.89 -3.46 28.43
C PHE BA 93 -23.49 -2.41 27.51
N PHE BA 94 -22.70 -1.50 26.97
CA PHE BA 94 -23.19 -0.43 26.11
C PHE BA 94 -22.60 -0.56 24.71
N TYR BA 95 -23.41 -0.30 23.70
CA TYR BA 95 -22.94 -0.28 22.33
C TYR BA 95 -22.05 0.94 22.10
N PRO BA 96 -21.19 0.90 21.07
CA PRO BA 96 -20.34 2.07 20.81
C PRO BA 96 -21.11 3.35 20.59
N ALA BA 97 -22.30 3.29 19.97
CA ALA BA 97 -23.13 4.47 19.83
C ALA BA 97 -23.59 4.98 21.19
N GLU BA 98 -23.95 4.07 22.10
CA GLU BA 98 -24.39 4.49 23.43
C GLU BA 98 -23.26 5.10 24.24
N LEU BA 99 -22.02 4.64 24.03
CA LEU BA 99 -20.89 5.20 24.77
C LEU BA 99 -20.67 6.67 24.45
N ALA BA 100 -20.94 7.08 23.21
CA ALA BA 100 -20.78 8.48 22.84
C ALA BA 100 -21.72 9.37 23.64
N ILE BA 101 -22.96 8.92 23.84
CA ILE BA 101 -23.92 9.69 24.63
C ILE BA 101 -23.46 9.78 26.08
N LEU BA 102 -22.94 8.68 26.63
CA LEU BA 102 -22.46 8.70 28.01
C LEU BA 102 -21.25 9.62 28.16
N LYS BA 103 -20.35 9.63 27.18
CA LYS BA 103 -19.16 10.47 27.23
C LYS BA 103 -19.44 11.93 26.93
N ARG BA 104 -20.70 12.29 26.70
CA ARG BA 104 -21.06 13.69 26.47
C ARG BA 104 -20.75 14.56 27.66
N PHE BA 105 -21.03 14.07 28.87
CA PHE BA 105 -20.86 14.86 30.07
C PHE BA 105 -19.39 15.14 30.40
N LYS BA 106 -18.46 14.47 29.73
CA LYS BA 106 -17.04 14.73 29.98
C LYS BA 106 -16.67 16.16 29.58
N ARG BA 107 -15.76 16.76 30.33
CA ARG BA 107 -15.37 18.13 30.08
C ARG BA 107 -14.64 18.26 28.75
N SER BA 108 -14.89 19.36 28.05
CA SER BA 108 -14.28 19.65 26.74
C SER BA 108 -14.66 18.52 25.77
N GLY BA 109 -13.82 18.26 24.79
CA GLY BA 109 -14.04 17.21 23.81
C GLY BA 109 -13.47 15.87 24.17
N GLY BA 110 -13.03 15.68 25.42
CA GLY BA 110 -12.42 14.43 25.84
C GLY BA 110 -10.94 14.32 25.59
N LEU BA 111 -10.32 15.34 25.01
CA LEU BA 111 -8.88 15.33 24.72
C LEU BA 111 -8.09 15.86 25.91
N MET BA 112 -8.26 15.20 27.05
CA MET BA 112 -7.54 15.58 28.25
C MET BA 112 -6.05 15.23 28.12
N THR BA 113 -5.22 16.03 28.77
CA THR BA 113 -3.77 15.90 28.67
C THR BA 113 -3.17 15.59 30.03
N VAL BA 114 -1.92 15.15 30.02
CA VAL BA 114 -1.15 14.85 31.22
C VAL BA 114 0.10 15.71 31.23
N SER BA 115 0.39 16.31 32.38
CA SER BA 115 1.53 17.21 32.52
C SER BA 115 2.77 16.38 32.81
N THR BA 116 3.66 16.27 31.82
CA THR BA 116 4.90 15.53 31.99
C THR BA 116 5.97 16.43 32.61
N SER BA 117 7.06 15.80 33.02
CA SER BA 117 8.18 16.51 33.62
C SER BA 117 9.47 15.76 33.33
N ARG BA 118 10.59 16.48 33.43
CA ARG BA 118 11.90 15.91 33.19
C ARG BA 118 12.59 15.49 34.48
N GLY BA 119 11.82 15.09 35.49
CA GLY BA 119 12.39 14.70 36.77
C GLY BA 119 13.10 15.83 37.49
N GLU BA 120 12.53 17.02 37.46
CA GLU BA 120 13.12 18.20 38.07
C GLU BA 120 12.11 18.90 38.95
N GLU BA 121 12.57 19.39 40.10
CA GLU BA 121 11.70 20.10 41.03
C GLU BA 121 11.65 21.59 40.73
N GLY BA 122 12.81 22.24 40.63
CA GLY BA 122 12.87 23.66 40.31
C GLY BA 122 12.95 24.55 41.52
N ARG BA 123 13.96 25.43 41.55
CA ARG BA 123 14.17 26.38 42.65
C ARG BA 123 14.31 27.78 42.05
N PRO BA 124 13.20 28.49 41.82
CA PRO BA 124 13.24 29.83 41.23
C PRO BA 124 13.61 30.93 42.22
N TRP BA 125 14.64 30.68 43.02
CA TRP BA 125 15.12 31.67 43.97
C TRP BA 125 16.64 31.75 44.07
N ALA BA 126 17.38 31.00 43.26
CA ALA BA 126 18.84 30.99 43.32
C ALA BA 126 19.37 32.17 42.52
N GLY BA 127 19.47 33.32 43.17
CA GLY BA 127 19.96 34.52 42.51
C GLY BA 127 19.22 35.77 42.92
N LYS BA 128 18.05 35.61 43.54
CA LYS BA 128 17.22 36.73 43.98
C LYS BA 128 17.44 37.10 45.43
N THR BA 129 17.68 36.12 46.30
CA THR BA 129 17.84 36.37 47.72
C THR BA 129 19.24 36.86 48.08
N ALA BA 130 20.16 36.90 47.12
CA ALA BA 130 21.50 37.42 47.36
C ALA BA 130 21.56 38.94 47.36
N TYR BA 131 20.46 39.61 47.01
CA TYR BA 131 20.42 41.06 46.99
C TYR BA 131 20.32 41.61 48.41
N ILE BA 132 21.14 42.61 48.71
CA ILE BA 132 21.19 43.22 50.05
C ILE BA 132 20.45 44.55 49.98
N ARG BA 133 19.54 44.76 50.94
CA ARG BA 133 18.75 45.98 50.99
C ARG BA 133 19.63 47.20 51.19
N TYR BA 134 19.69 48.07 50.18
CA TYR BA 134 20.49 49.29 50.23
C TYR BA 134 19.63 50.55 50.24
N GLY BA 135 18.37 50.43 50.62
CA GLY BA 135 17.48 51.58 50.64
C GLY BA 135 16.95 51.91 52.02
N ASP BA 136 15.72 52.42 52.08
CA ASP BA 136 15.09 52.82 53.32
C ASP BA 136 14.22 51.71 53.92
N GLY BA 137 14.20 50.53 53.30
CA GLY BA 137 13.37 49.45 53.79
C GLY BA 137 11.94 49.47 53.30
N LEU BA 138 11.59 50.34 52.36
CA LEU BA 138 10.24 50.41 51.83
C LEU BA 138 9.87 49.14 51.07
N ALA CA 2 -8.06 -11.91 49.61
CA ALA CA 2 -8.77 -11.71 48.36
C ALA CA 2 -10.28 -11.72 48.57
N GLY CA 3 -11.02 -12.05 47.53
CA GLY CA 3 -12.46 -12.08 47.61
C GLY CA 3 -13.10 -10.72 47.56
N LEU CA 4 -12.95 -10.02 46.43
CA LEU CA 4 -13.53 -8.69 46.30
C LEU CA 4 -15.05 -8.74 46.42
N ALA CA 5 -15.69 -9.71 45.80
CA ALA CA 5 -17.13 -9.90 45.87
C ALA CA 5 -17.48 -11.04 46.81
N THR CA 6 -18.70 -11.00 47.34
CA THR CA 6 -19.20 -12.05 48.22
C THR CA 6 -19.91 -13.10 47.38
N ILE CA 7 -20.61 -14.03 48.03
CA ILE CA 7 -21.31 -15.09 47.33
C ILE CA 7 -22.81 -14.88 47.24
N ASP CA 8 -23.38 -14.00 48.06
CA ASP CA 8 -24.83 -13.80 48.03
C ASP CA 8 -25.26 -13.04 46.78
N GLU CA 9 -24.55 -11.97 46.43
CA GLU CA 9 -24.93 -11.20 45.25
C GLU CA 9 -24.67 -12.00 43.98
N LEU CA 10 -23.65 -12.85 43.96
CA LEU CA 10 -23.44 -13.73 42.82
C LEU CA 10 -24.60 -14.72 42.69
N GLN CA 11 -25.09 -15.25 43.82
CA GLN CA 11 -26.24 -16.14 43.79
C GLN CA 11 -27.48 -15.43 43.27
N THR CA 12 -27.69 -14.19 43.70
CA THR CA 12 -28.83 -13.43 43.20
C THR CA 12 -28.70 -13.16 41.70
N LEU CA 13 -27.50 -12.82 41.25
CA LEU CA 13 -27.28 -12.57 39.83
C LEU CA 13 -27.54 -13.83 38.99
N MET CA 14 -27.07 -14.98 39.46
CA MET CA 14 -27.29 -16.24 38.77
C MET CA 14 -28.67 -16.82 39.04
N SER CA 15 -29.43 -16.26 39.99
CA SER CA 15 -30.76 -16.71 40.36
C SER CA 15 -30.75 -18.17 40.84
N THR CA 16 -29.62 -18.64 41.35
CA THR CA 16 -29.48 -20.00 41.85
C THR CA 16 -28.77 -19.97 43.19
N VAL CA 17 -28.77 -21.11 43.86
CA VAL CA 17 -28.11 -21.28 45.15
C VAL CA 17 -26.99 -22.29 45.00
N PHE CA 18 -25.83 -21.98 45.58
CA PHE CA 18 -24.65 -22.83 45.50
C PHE CA 18 -24.55 -23.69 46.74
N GLU CA 19 -24.33 -24.99 46.55
CA GLU CA 19 -24.26 -25.93 47.65
C GLU CA 19 -23.30 -27.05 47.29
N ASP CA 20 -22.83 -27.75 48.32
CA ASP CA 20 -21.88 -28.87 48.19
C ASP CA 20 -20.60 -28.31 47.57
N ASP CA 21 -20.00 -28.97 46.57
CA ASP CA 21 -18.78 -28.46 45.95
C ASP CA 21 -19.03 -27.30 45.01
N ALA CA 22 -20.28 -27.04 44.64
CA ALA CA 22 -20.58 -25.89 43.78
C ALA CA 22 -20.25 -24.59 44.49
N LEU CA 23 -20.55 -24.50 45.78
CA LEU CA 23 -20.20 -23.30 46.54
C LEU CA 23 -18.69 -23.12 46.62
N GLU CA 24 -17.95 -24.21 46.88
CA GLU CA 24 -16.50 -24.13 46.95
C GLU CA 24 -15.90 -23.76 45.59
N GLN CA 25 -16.42 -24.36 44.52
CA GLN CA 25 -15.94 -24.03 43.19
C GLN CA 25 -16.20 -22.57 42.84
N ALA CA 26 -17.40 -22.07 43.18
CA ALA CA 26 -17.73 -20.68 42.92
C ALA CA 26 -16.83 -19.75 43.72
N GLN CA 27 -16.56 -20.09 44.98
CA GLN CA 27 -15.67 -19.27 45.80
C GLN CA 27 -14.26 -19.26 45.22
N LEU CA 28 -13.76 -20.41 44.78
CA LEU CA 28 -12.42 -20.46 44.20
C LEU CA 28 -12.36 -19.65 42.91
N VAL CA 29 -13.39 -19.75 42.07
CA VAL CA 29 -13.41 -19.00 40.82
C VAL CA 29 -13.46 -17.50 41.11
N LEU CA 30 -14.27 -17.09 42.09
CA LEU CA 30 -14.37 -15.69 42.45
C LEU CA 30 -13.05 -15.17 43.00
N ASP CA 31 -12.35 -15.98 43.81
CA ASP CA 31 -11.04 -15.58 44.30
C ASP CA 31 -10.04 -15.44 43.17
N ILE CA 32 -10.06 -16.36 42.22
CA ILE CA 32 -9.16 -16.28 41.07
C ILE CA 32 -9.43 -15.01 40.26
N VAL CA 33 -10.71 -14.72 40.03
CA VAL CA 33 -11.07 -13.53 39.25
C VAL CA 33 -10.69 -12.27 40.01
N SER CA 34 -10.87 -12.27 41.34
CA SER CA 34 -10.47 -11.11 42.13
C SER CA 34 -8.97 -10.89 42.08
N SER CA 35 -8.20 -11.98 42.13
CA SER CA 35 -6.74 -11.84 42.00
C SER CA 35 -6.36 -11.30 40.63
N TRP CA 36 -7.02 -11.77 39.57
CA TRP CA 36 -6.72 -11.26 38.24
C TRP CA 36 -7.07 -9.78 38.13
N ALA CA 37 -8.22 -9.37 38.68
CA ALA CA 37 -8.59 -7.96 38.65
C ALA CA 37 -7.60 -7.12 39.46
N ARG CA 38 -7.15 -7.64 40.60
CA ARG CA 38 -6.18 -6.93 41.42
C ARG CA 38 -4.87 -6.73 40.67
N VAL CA 39 -4.39 -7.78 40.00
CA VAL CA 39 -3.12 -7.68 39.29
C VAL CA 39 -3.24 -6.81 38.05
N VAL CA 40 -4.42 -6.80 37.41
CA VAL CA 40 -4.61 -5.95 36.24
C VAL CA 40 -4.67 -4.48 36.66
N SER CA 41 -5.43 -4.18 37.72
CA SER CA 41 -5.55 -2.80 38.18
C SER CA 41 -4.24 -2.31 38.81
N GLY CA 42 -3.53 -3.18 39.51
CA GLY CA 42 -2.29 -2.83 40.17
C GLY CA 42 -2.43 -2.43 41.62
N GLN CA 43 -3.65 -2.29 42.13
CA GLN CA 43 -3.87 -1.94 43.52
C GLN CA 43 -3.85 -3.20 44.39
N MET CA 44 -4.02 -3.00 45.70
CA MET CA 44 -3.97 -4.09 46.66
C MET CA 44 -5.30 -4.38 47.33
N TRP CA 45 -6.08 -3.35 47.67
CA TRP CA 45 -7.35 -3.49 48.37
C TRP CA 45 -7.17 -4.33 49.63
N PRO CA 46 -6.53 -3.80 50.67
CA PRO CA 46 -6.28 -4.61 51.88
C PRO CA 46 -7.55 -5.17 52.49
N ASP CA 47 -8.49 -4.29 52.84
CA ASP CA 47 -9.81 -4.72 53.29
C ASP CA 47 -10.64 -5.02 52.04
N ALA CA 48 -10.74 -6.31 51.68
CA ALA CA 48 -11.33 -6.67 50.39
C ALA CA 48 -12.80 -6.29 50.31
N PRO CA 49 -13.71 -6.86 51.12
CA PRO CA 49 -15.12 -6.47 50.97
C PRO CA 49 -15.49 -5.25 51.80
N ALA CA 50 -14.64 -4.22 51.81
CA ALA CA 50 -14.96 -2.99 52.52
C ALA CA 50 -15.04 -1.79 51.60
N ASN CA 51 -13.98 -1.46 50.88
CA ASN CA 51 -14.04 -0.35 49.91
C ASN CA 51 -14.60 -0.84 48.58
N VAL CA 52 -13.82 -1.70 47.91
CA VAL CA 52 -14.23 -2.53 46.76
C VAL CA 52 -15.21 -1.80 45.86
N PRO CA 53 -14.75 -0.79 45.09
CA PRO CA 53 -15.67 0.02 44.28
C PRO CA 53 -16.59 -0.79 43.39
N ASP CA 54 -17.73 -0.20 43.00
CA ASP CA 54 -18.73 -0.95 42.26
C ASP CA 54 -18.23 -1.41 40.90
N ASP CA 55 -17.25 -0.70 40.33
CA ASP CA 55 -16.71 -1.09 39.03
C ASP CA 55 -16.04 -2.46 39.10
N VAL CA 56 -15.14 -2.64 40.07
CA VAL CA 56 -14.45 -3.93 40.18
C VAL CA 56 -15.43 -5.02 40.61
N ARG CA 57 -16.41 -4.69 41.44
CA ARG CA 57 -17.43 -5.67 41.81
C ARG CA 57 -18.18 -6.16 40.58
N ALA CA 58 -18.61 -5.23 39.73
CA ALA CA 58 -19.29 -5.60 38.49
C ALA CA 58 -18.38 -6.46 37.60
N VAL CA 59 -17.12 -6.06 37.47
CA VAL CA 59 -16.21 -6.78 36.57
C VAL CA 59 -16.01 -8.21 37.07
N VAL CA 60 -15.74 -8.38 38.37
CA VAL CA 60 -15.48 -9.71 38.91
C VAL CA 60 -16.75 -10.56 38.87
N LEU CA 61 -17.91 -9.96 39.13
CA LEU CA 61 -19.16 -10.71 39.08
C LEU CA 61 -19.43 -11.21 37.66
N GLN CA 62 -19.22 -10.35 36.66
CA GLN CA 62 -19.43 -10.77 35.27
C GLN CA 62 -18.44 -11.85 34.87
N ALA CA 63 -17.17 -11.70 35.26
CA ALA CA 63 -16.18 -12.72 34.91
C ALA CA 63 -16.50 -14.06 35.57
N SER CA 64 -16.93 -14.03 36.83
CA SER CA 64 -17.33 -15.26 37.51
C SER CA 64 -18.54 -15.88 36.84
N ARG CA 65 -19.50 -15.07 36.40
CA ARG CA 65 -20.67 -15.58 35.70
C ARG CA 65 -20.26 -16.27 34.40
N ARG CA 66 -19.38 -15.64 33.63
CA ARG CA 66 -18.91 -16.26 32.39
C ARG CA 66 -18.16 -17.56 32.66
N GLU CA 67 -17.32 -17.56 33.70
CA GLU CA 67 -16.56 -18.77 34.01
C GLU CA 67 -17.48 -19.91 34.44
N LEU CA 68 -18.50 -19.61 35.24
CA LEU CA 68 -19.41 -20.64 35.71
C LEU CA 68 -20.32 -21.14 34.59
N LYS CA 69 -20.72 -20.26 33.68
CA LYS CA 69 -21.59 -20.68 32.59
C LYS CA 69 -20.92 -21.72 31.69
N ASN CA 70 -19.65 -21.50 31.37
CA ASN CA 70 -18.88 -22.48 30.61
C ASN CA 70 -17.42 -22.44 31.03
N PRO CA 71 -16.92 -23.49 31.69
CA PRO CA 71 -15.49 -23.47 32.08
C PRO CA 71 -14.56 -23.66 30.91
N ASP CA 72 -14.93 -24.49 29.94
CA ASP CA 72 -14.14 -24.67 28.73
C ASP CA 72 -14.70 -23.75 27.64
N ARG CA 73 -13.80 -23.02 26.98
CA ARG CA 73 -14.22 -22.07 25.95
C ARG CA 73 -14.91 -22.79 24.81
N VAL CA 74 -16.22 -22.58 24.67
CA VAL CA 74 -17.05 -23.27 23.69
C VAL CA 74 -17.77 -22.23 22.84
N ILE CA 75 -17.80 -22.47 21.53
CA ILE CA 75 -18.48 -21.57 20.61
C ILE CA 75 -19.92 -22.02 20.44
N SER CA 76 -20.11 -23.25 19.97
CA SER CA 76 -21.44 -23.80 19.73
C SER CA 76 -21.56 -25.14 20.44
N ARG CA 77 -22.65 -25.33 21.17
CA ARG CA 77 -22.93 -26.58 21.87
C ARG CA 77 -24.39 -26.94 21.67
N GLN CA 78 -24.65 -28.18 21.27
CA GLN CA 78 -26.02 -28.63 21.02
C GLN CA 78 -26.17 -30.07 21.47
N MET CA 79 -27.37 -30.40 21.96
CA MET CA 79 -27.73 -31.75 22.41
C MET CA 79 -29.10 -32.06 21.83
N GLY CA 80 -29.13 -32.71 20.67
CA GLY CA 80 -30.36 -33.06 20.02
C GLY CA 80 -31.02 -31.88 19.32
N PRO CA 81 -32.27 -31.58 19.68
CA PRO CA 81 -32.94 -30.43 19.07
C PRO CA 81 -32.48 -29.11 19.64
N PHE CA 82 -32.07 -29.10 20.91
CA PHE CA 82 -31.62 -27.88 21.56
C PHE CA 82 -30.24 -27.50 21.05
N ASN CA 83 -30.08 -26.23 20.69
CA ASN CA 83 -28.81 -25.73 20.19
C ASN CA 83 -28.56 -24.33 20.73
N VAL CA 84 -27.28 -23.99 20.90
CA VAL CA 84 -26.87 -22.66 21.36
C VAL CA 84 -25.48 -22.39 20.82
N GLN CA 85 -25.23 -21.12 20.46
CA GLN CA 85 -23.95 -20.72 19.88
C GLN CA 85 -23.53 -19.40 20.51
N TYR CA 86 -22.59 -19.47 21.45
CA TYR CA 86 -22.12 -18.27 22.13
C TYR CA 86 -21.23 -17.43 21.21
N SER CA 87 -20.94 -16.20 21.65
CA SER CA 87 -20.10 -15.30 20.89
C SER CA 87 -18.64 -15.69 21.09
N GLN CA 88 -17.73 -14.87 20.56
CA GLN CA 88 -16.30 -15.16 20.68
C GLN CA 88 -15.84 -14.94 22.12
N PRO CA 89 -15.30 -15.95 22.79
CA PRO CA 89 -14.85 -15.75 24.17
C PRO CA 89 -13.63 -14.85 24.21
N PRO CA 90 -13.45 -14.10 25.29
CA PRO CA 90 -12.24 -13.28 25.43
C PRO CA 90 -11.01 -14.15 25.68
N ASP CA 91 -9.84 -13.56 25.38
CA ASP CA 91 -8.59 -14.27 25.60
C ASP CA 91 -8.38 -14.59 27.07
N GLY CA 92 -8.67 -13.63 27.95
CA GLY CA 92 -8.60 -13.82 29.37
C GLY CA 92 -9.98 -13.95 30.00
N PHE CA 93 -10.04 -13.71 31.31
CA PHE CA 93 -11.31 -13.74 32.02
C PHE CA 93 -12.12 -12.47 31.84
N PHE CA 94 -11.55 -11.44 31.21
CA PHE CA 94 -12.21 -10.15 31.07
C PHE CA 94 -12.19 -9.72 29.60
N TYR CA 95 -13.28 -9.07 29.18
CA TYR CA 95 -13.35 -8.51 27.84
C TYR CA 95 -12.49 -7.24 27.77
N PRO CA 96 -12.11 -6.82 26.56
CA PRO CA 96 -11.30 -5.60 26.45
C PRO CA 96 -11.91 -4.38 27.11
N ALA CA 97 -13.23 -4.22 27.04
CA ALA CA 97 -13.88 -3.13 27.74
C ALA CA 97 -13.72 -3.27 29.25
N GLU CA 98 -13.88 -4.49 29.77
CA GLU CA 98 -13.68 -4.72 31.20
C GLU CA 98 -12.24 -4.48 31.61
N LEU CA 99 -11.28 -4.88 30.76
CA LEU CA 99 -9.88 -4.61 31.04
C LEU CA 99 -9.59 -3.12 31.07
N ALA CA 100 -10.17 -2.37 30.13
CA ALA CA 100 -9.99 -0.92 30.10
C ALA CA 100 -10.59 -0.28 31.35
N ILE CA 101 -11.76 -0.76 31.79
CA ILE CA 101 -12.36 -0.25 33.01
C ILE CA 101 -11.48 -0.55 34.22
N LEU CA 102 -10.90 -1.75 34.26
CA LEU CA 102 -10.04 -2.13 35.38
C LEU CA 102 -8.78 -1.27 35.43
N LYS CA 103 -8.20 -0.97 34.26
CA LYS CA 103 -6.98 -0.17 34.20
C LYS CA 103 -7.20 1.29 34.52
N ARG CA 104 -8.41 1.68 34.93
CA ARG CA 104 -8.68 3.06 35.33
C ARG CA 104 -7.86 3.46 36.55
N PHE CA 105 -7.74 2.56 37.52
CA PHE CA 105 -7.07 2.89 38.78
C PHE CA 105 -5.57 3.07 38.60
N LYS CA 106 -5.00 2.71 37.45
CA LYS CA 106 -3.58 2.91 37.24
C LYS CA 106 -3.23 4.40 37.22
N ARG CA 107 -2.06 4.72 37.75
CA ARG CA 107 -1.64 6.11 37.84
C ARG CA 107 -1.41 6.71 36.46
N SER CA 108 -1.78 7.98 36.31
CA SER CA 108 -1.65 8.73 35.05
C SER CA 108 -2.46 7.99 33.97
N GLY CA 109 -2.04 8.12 32.72
CA GLY CA 109 -2.71 7.47 31.61
C GLY CA 109 -2.20 6.10 31.26
N GLY CA 110 -1.37 5.50 32.11
CA GLY CA 110 -0.79 4.21 31.84
C GLY CA 110 0.48 4.22 31.04
N LEU CA 111 0.97 5.39 30.63
CA LEU CA 111 2.20 5.50 29.84
C LEU CA 111 3.41 5.62 30.77
N MET CA 112 3.60 4.59 31.59
CA MET CA 112 4.74 4.56 32.50
C MET CA 112 6.03 4.33 31.71
N THR CA 113 7.11 4.87 32.24
CA THR CA 113 8.41 4.83 31.57
C THR CA 113 9.42 4.08 32.43
N VAL CA 114 10.53 3.71 31.79
CA VAL CA 114 11.64 3.03 32.46
C VAL CA 114 12.89 3.87 32.29
N SER CA 115 13.64 4.04 33.38
CA SER CA 115 14.84 4.86 33.38
C SER CA 115 16.01 4.03 32.89
N THR CA 116 16.47 4.28 31.67
CA THR CA 116 17.60 3.57 31.11
C THR CA 116 18.91 4.22 31.54
N SER CA 117 20.02 3.52 31.28
CA SER CA 117 21.34 4.02 31.63
C SER CA 117 22.35 3.44 30.64
N ARG CA 118 23.50 4.11 30.54
CA ARG CA 118 24.57 3.70 29.66
C ARG CA 118 25.63 2.87 30.39
N GLY CA 119 25.23 2.14 31.43
CA GLY CA 119 26.19 1.35 32.19
C GLY CA 119 27.21 2.18 32.92
N GLU CA 120 26.79 3.30 33.52
CA GLU CA 120 27.68 4.21 34.21
C GLU CA 120 27.13 4.52 35.59
N GLU CA 121 28.01 4.59 36.59
CA GLU CA 121 27.62 4.91 37.94
C GLU CA 121 27.62 6.42 38.19
N GLY CA 122 28.73 7.10 37.89
CA GLY CA 122 28.81 8.53 38.06
C GLY CA 122 29.41 8.96 39.37
N ARG CA 123 30.45 9.80 39.32
CA ARG CA 123 31.13 10.31 40.50
C ARG CA 123 31.21 11.83 40.40
N PRO CA 124 30.16 12.54 40.85
CA PRO CA 124 30.14 14.01 40.77
C PRO CA 124 30.95 14.71 41.86
N TRP CA 125 32.17 14.22 42.08
CA TRP CA 125 33.06 14.84 43.06
C TRP CA 125 34.52 14.91 42.61
N ALA CA 126 34.83 14.52 41.38
CA ALA CA 126 36.20 14.53 40.89
C ALA CA 126 36.53 15.93 40.38
N GLY CA 127 36.97 16.79 41.31
CA GLY CA 127 37.33 18.15 40.96
C GLY CA 127 36.91 19.16 42.00
N LYS CA 128 36.03 18.76 42.92
CA LYS CA 128 35.54 19.63 43.97
C LYS CA 128 36.29 19.48 45.28
N THR CA 129 36.71 18.26 45.63
CA THR CA 129 37.41 18.02 46.88
C THR CA 129 38.88 18.38 46.83
N ALA CA 130 39.40 18.78 45.67
CA ALA CA 130 40.78 19.22 45.56
C ALA CA 130 40.99 20.64 46.04
N TYR CA 131 39.91 21.36 46.36
CA TYR CA 131 40.03 22.73 46.85
C TYR CA 131 40.50 22.74 48.29
N ILE CA 132 41.48 23.60 48.58
CA ILE CA 132 42.05 23.71 49.92
C ILE CA 132 41.50 24.96 50.59
N ARG CA 133 41.02 24.80 51.82
CA ARG CA 133 40.42 25.90 52.57
C ARG CA 133 41.44 27.00 52.82
N TYR CA 134 41.23 28.17 52.21
CA TYR CA 134 42.11 29.32 52.36
C TYR CA 134 41.45 30.48 53.11
N GLY CA 135 40.40 30.20 53.87
CA GLY CA 135 39.70 31.24 54.59
C GLY CA 135 39.74 31.06 56.10
N ASP CA 136 38.67 31.48 56.77
CA ASP CA 136 38.57 31.40 58.22
C ASP CA 136 37.85 30.13 58.68
N GLY CA 137 37.49 29.25 57.76
CA GLY CA 137 36.78 28.04 58.13
C GLY CA 137 35.28 28.18 58.25
N LEU CA 138 34.72 29.32 57.85
CA LEU CA 138 33.27 29.54 57.91
C LEU CA 138 32.54 28.60 56.96
N ALA DA 2 9.02 -28.66 42.04
CA ALA DA 2 7.94 -28.04 41.28
C ALA DA 2 6.62 -28.17 42.04
N GLY DA 3 5.51 -28.13 41.30
CA GLY DA 3 4.20 -28.24 41.90
C GLY DA 3 3.73 -26.96 42.57
N LEU DA 4 3.54 -25.91 41.76
CA LEU DA 4 3.09 -24.63 42.30
C LEU DA 4 1.73 -24.77 42.98
N ALA DA 5 0.81 -25.48 42.34
CA ALA DA 5 -0.52 -25.71 42.90
C ALA DA 5 -0.62 -27.12 43.46
N THR DA 6 -1.57 -27.30 44.37
CA THR DA 6 -1.84 -28.61 44.96
C THR DA 6 -2.92 -29.32 44.14
N ILE DA 7 -3.43 -30.44 44.66
CA ILE DA 7 -4.43 -31.21 43.94
C ILE DA 7 -5.85 -31.01 44.48
N ASP DA 8 -5.99 -30.49 45.71
CA ASP DA 8 -7.32 -30.33 46.28
C ASP DA 8 -8.08 -29.19 45.62
N GLU DA 9 -7.42 -28.04 45.42
CA GLU DA 9 -8.12 -26.92 44.79
C GLU DA 9 -8.42 -27.20 43.33
N LEU DA 10 -7.56 -27.96 42.64
CA LEU DA 10 -7.88 -28.37 41.27
C LEU DA 10 -9.09 -29.29 41.26
N GLN DA 11 -9.19 -30.19 42.23
CA GLN DA 11 -10.36 -31.06 42.33
C GLN DA 11 -11.63 -30.25 42.58
N THR DA 12 -11.55 -29.24 43.46
CA THR DA 12 -12.71 -28.39 43.70
C THR DA 12 -13.09 -27.61 42.45
N LEU DA 13 -12.10 -27.10 41.72
CA LEU DA 13 -12.38 -26.38 40.48
C LEU DA 13 -13.05 -27.27 39.45
N MET DA 14 -12.58 -28.51 39.31
CA MET DA 14 -13.18 -29.46 38.38
C MET DA 14 -14.42 -30.13 38.94
N SER DA 15 -14.72 -29.94 40.23
CA SER DA 15 -15.86 -30.54 40.91
C SER DA 15 -15.83 -32.07 40.84
N THR DA 16 -14.64 -32.65 40.66
CA THR DA 16 -14.47 -34.09 40.57
C THR DA 16 -13.27 -34.50 41.42
N VAL DA 17 -13.24 -35.79 41.77
CA VAL DA 17 -12.16 -36.37 42.56
C VAL DA 17 -11.38 -37.33 41.69
N PHE DA 18 -10.06 -37.29 41.80
CA PHE DA 18 -9.17 -38.09 40.97
C PHE DA 18 -8.68 -39.30 41.75
N GLU DA 19 -8.75 -40.47 41.12
CA GLU DA 19 -8.28 -41.71 41.70
C GLU DA 19 -7.56 -42.52 40.63
N ASP DA 20 -6.98 -43.65 41.05
CA ASP DA 20 -6.26 -44.58 40.16
C ASP DA 20 -5.15 -43.80 39.48
N ASP DA 21 -4.98 -43.92 38.15
CA ASP DA 21 -3.95 -43.17 37.44
C ASP DA 21 -4.39 -41.76 37.08
N ALA DA 22 -5.68 -41.43 37.25
CA ALA DA 22 -6.13 -40.07 36.98
C ALA DA 22 -5.47 -39.08 37.91
N LEU DA 23 -5.29 -39.44 39.18
CA LEU DA 23 -4.57 -38.57 40.11
C LEU DA 23 -3.12 -38.40 39.68
N GLU DA 24 -2.46 -39.48 39.27
CA GLU DA 24 -1.08 -39.39 38.82
C GLU DA 24 -0.98 -38.56 37.54
N GLN DA 25 -1.92 -38.75 36.60
CA GLN DA 25 -1.92 -37.96 35.38
C GLN DA 25 -2.13 -36.48 35.68
N ALA DA 26 -3.06 -36.17 36.58
CA ALA DA 26 -3.30 -34.78 36.96
C ALA DA 26 -2.08 -34.16 37.63
N GLN DA 27 -1.41 -34.93 38.50
CA GLN DA 27 -0.20 -34.42 39.14
C GLN DA 27 0.90 -34.16 38.13
N LEU DA 28 1.08 -35.08 37.17
CA LEU DA 28 2.10 -34.88 36.14
C LEU DA 28 1.78 -33.67 35.28
N VAL DA 29 0.50 -33.49 34.90
CA VAL DA 29 0.11 -32.34 34.10
C VAL DA 29 0.35 -31.04 34.87
N LEU DA 30 0.01 -31.04 36.16
CA LEU DA 30 0.21 -29.86 36.98
C LEU DA 30 1.69 -29.53 37.12
N ASP DA 31 2.53 -30.56 37.28
CA ASP DA 31 3.97 -30.33 37.35
C ASP DA 31 4.50 -29.77 36.04
N ILE DA 32 4.03 -30.29 34.90
CA ILE DA 32 4.45 -29.79 33.61
C ILE DA 32 4.06 -28.33 33.43
N VAL DA 33 2.81 -28.01 33.82
CA VAL DA 33 2.33 -26.64 33.69
C VAL DA 33 3.10 -25.70 34.61
N SER DA 34 3.40 -26.17 35.83
CA SER DA 34 4.19 -25.36 36.75
C SER DA 34 5.59 -25.09 36.20
N SER DA 35 6.21 -26.11 35.60
CA SER DA 35 7.51 -25.91 34.98
C SER DA 35 7.43 -24.90 33.84
N TRP DA 36 6.40 -24.99 33.00
CA TRP DA 36 6.25 -24.04 31.91
C TRP DA 36 6.03 -22.62 32.43
N ALA DA 37 5.22 -22.47 33.47
CA ALA DA 37 5.01 -21.15 34.06
C ALA DA 37 6.30 -20.61 34.66
N ARG DA 38 7.06 -21.47 35.32
CA ARG DA 38 8.34 -21.05 35.90
C ARG DA 38 9.30 -20.58 34.83
N VAL DA 39 9.39 -21.33 33.73
CA VAL DA 39 10.35 -20.96 32.68
C VAL DA 39 9.88 -19.70 31.94
N VAL DA 40 8.56 -19.52 31.80
CA VAL DA 40 8.05 -18.30 31.15
C VAL DA 40 8.31 -17.09 32.03
N SER DA 41 8.00 -17.19 33.32
CA SER DA 41 8.20 -16.06 34.22
C SER DA 41 9.68 -15.78 34.43
N GLY DA 42 10.50 -16.83 34.54
CA GLY DA 42 11.91 -16.69 34.77
C GLY DA 42 12.36 -16.85 36.20
N GLN DA 43 11.42 -16.88 37.15
CA GLN DA 43 11.76 -17.06 38.56
C GLN DA 43 11.95 -18.54 38.88
N MET DA 44 12.28 -18.82 40.13
CA MET DA 44 12.56 -20.18 40.59
C MET DA 44 11.53 -20.72 41.57
N TRP DA 45 11.04 -19.89 42.49
CA TRP DA 45 10.10 -20.30 43.53
C TRP DA 45 10.62 -21.53 44.27
N PRO DA 46 11.65 -21.37 45.11
CA PRO DA 46 12.24 -22.54 45.79
C PRO DA 46 11.21 -23.32 46.61
N ASP DA 47 10.55 -22.65 47.54
CA ASP DA 47 9.44 -23.24 48.27
C ASP DA 47 8.19 -23.10 47.40
N ALA DA 48 7.83 -24.18 46.70
CA ALA DA 48 6.78 -24.09 45.68
C ALA DA 48 5.43 -23.75 46.28
N PRO DA 49 4.82 -24.59 47.14
CA PRO DA 49 3.50 -24.22 47.66
C PRO DA 49 3.58 -23.37 48.93
N ALA DA 50 4.47 -22.39 48.96
CA ALA DA 50 4.58 -21.49 50.11
C ALA DA 50 4.29 -20.05 49.75
N ASN DA 51 5.05 -19.46 48.82
CA ASN DA 51 4.76 -18.09 48.40
C ASN DA 51 3.72 -18.10 47.28
N VAL DA 52 4.09 -18.66 46.12
CA VAL DA 52 3.21 -19.04 45.01
C VAL DA 52 2.05 -18.05 44.84
N PRO DA 53 2.32 -16.83 44.33
CA PRO DA 53 1.26 -15.82 44.23
C PRO DA 53 0.00 -16.30 43.53
N ASP DA 54 -1.13 -15.66 43.80
CA ASP DA 54 -2.40 -16.13 43.27
C ASP DA 54 -2.45 -16.08 41.75
N ASP DA 55 -1.67 -15.21 41.13
CA ASP DA 55 -1.66 -15.12 39.68
C ASP DA 55 -1.14 -16.40 39.05
N VAL DA 56 0.01 -16.88 39.52
CA VAL DA 56 0.58 -18.11 38.97
C VAL DA 56 -0.29 -19.31 39.33
N ARG DA 57 -0.91 -19.30 40.51
CA ARG DA 57 -1.84 -20.38 40.85
C ARG DA 57 -3.01 -20.42 39.88
N ALA DA 58 -3.59 -19.25 39.57
CA ALA DA 58 -4.67 -19.19 38.62
C ALA DA 58 -4.22 -19.68 37.24
N VAL DA 59 -3.03 -19.26 36.82
CA VAL DA 59 -2.53 -19.64 35.49
C VAL DA 59 -2.34 -21.15 35.42
N VAL DA 60 -1.71 -21.74 36.44
CA VAL DA 60 -1.42 -23.17 36.38
C VAL DA 60 -2.69 -23.99 36.49
N LEU DA 61 -3.64 -23.56 37.35
CA LEU DA 61 -4.90 -24.28 37.44
C LEU DA 61 -5.67 -24.22 36.13
N GLN DA 62 -5.69 -23.04 35.49
CA GLN DA 62 -6.39 -22.90 34.21
C GLN DA 62 -5.76 -23.79 33.14
N ALA DA 63 -4.42 -23.75 33.03
CA ALA DA 63 -3.75 -24.54 32.02
C ALA DA 63 -3.93 -26.04 32.27
N SER DA 64 -3.88 -26.46 33.53
CA SER DA 64 -4.13 -27.87 33.85
C SER DA 64 -5.56 -28.26 33.47
N ARG DA 65 -6.53 -27.38 33.72
CA ARG DA 65 -7.90 -27.70 33.35
C ARG DA 65 -8.05 -27.83 31.84
N ARG DA 66 -7.43 -26.93 31.08
CA ARG DA 66 -7.47 -27.06 29.62
C ARG DA 66 -6.82 -28.35 29.17
N GLU DA 67 -5.68 -28.71 29.75
CA GLU DA 67 -4.99 -29.94 29.34
C GLU DA 67 -5.83 -31.18 29.65
N LEU DA 68 -6.45 -31.21 30.83
CA LEU DA 68 -7.29 -32.36 31.19
C LEU DA 68 -8.54 -32.45 30.31
N LYS DA 69 -9.15 -31.29 30.00
CA LYS DA 69 -10.38 -31.31 29.20
C LYS DA 69 -10.14 -31.88 27.81
N ASN DA 70 -9.05 -31.48 27.17
CA ASN DA 70 -8.70 -32.02 25.86
C ASN DA 70 -7.19 -31.95 25.63
N PRO DA 71 -6.51 -33.10 25.57
CA PRO DA 71 -5.06 -33.08 25.36
C PRO DA 71 -4.68 -33.04 23.88
N ASP DA 72 -5.60 -33.43 23.01
CA ASP DA 72 -5.34 -33.46 21.57
C ASP DA 72 -5.77 -32.18 20.86
N ARG DA 73 -6.27 -31.19 21.60
CA ARG DA 73 -6.65 -29.89 21.05
C ARG DA 73 -7.70 -30.05 19.95
N VAL DA 74 -8.87 -30.56 20.35
CA VAL DA 74 -9.96 -30.79 19.43
C VAL DA 74 -10.74 -29.49 19.23
N ILE DA 75 -11.20 -29.26 18.00
CA ILE DA 75 -11.99 -28.07 17.68
C ILE DA 75 -13.47 -28.40 17.87
N SER DA 76 -13.95 -29.40 17.14
CA SER DA 76 -15.34 -29.84 17.22
C SER DA 76 -15.38 -31.35 17.42
N ARG DA 77 -16.16 -31.79 18.39
CA ARG DA 77 -16.29 -33.21 18.70
C ARG DA 77 -17.76 -33.52 18.95
N GLN DA 78 -18.27 -34.57 18.30
CA GLN DA 78 -19.65 -34.94 18.43
C GLN DA 78 -19.80 -36.45 18.35
N MET DA 79 -20.75 -36.99 19.12
CA MET DA 79 -21.07 -38.41 19.11
C MET DA 79 -22.59 -38.54 19.13
N GLY DA 80 -23.18 -38.79 17.96
CA GLY DA 80 -24.62 -38.93 17.86
C GLY DA 80 -25.32 -37.58 17.78
N PRO DA 81 -26.35 -37.40 18.60
CA PRO DA 81 -27.10 -36.13 18.57
C PRO DA 81 -26.35 -35.01 19.28
N PHE DA 82 -25.50 -35.36 20.24
CA PHE DA 82 -24.77 -34.37 21.01
C PHE DA 82 -23.56 -33.86 20.25
N ASN DA 83 -23.35 -32.55 20.28
CA ASN DA 83 -22.23 -31.92 19.61
C ASN DA 83 -21.69 -30.78 20.46
N VAL DA 84 -20.40 -30.51 20.32
CA VAL DA 84 -19.75 -29.41 21.02
C VAL DA 84 -18.59 -28.93 20.15
N GLN DA 85 -18.36 -27.61 20.16
CA GLN DA 85 -17.31 -26.99 19.35
C GLN DA 85 -16.58 -25.98 20.22
N TYR DA 86 -15.32 -26.28 20.55
CA TYR DA 86 -14.52 -25.39 21.38
C TYR DA 86 -13.93 -24.26 20.52
N SER DA 87 -13.31 -23.30 21.21
CA SER DA 87 -12.68 -22.18 20.54
C SER DA 87 -11.32 -22.60 20.00
N GLN DA 88 -10.55 -21.65 19.50
CA GLN DA 88 -9.23 -21.96 18.96
C GLN DA 88 -8.25 -22.25 20.10
N PRO DA 89 -7.65 -23.43 20.15
CA PRO DA 89 -6.71 -23.73 21.23
C PRO DA 89 -5.45 -22.89 21.09
N PRO DA 90 -4.82 -22.51 22.19
CA PRO DA 90 -3.56 -21.77 22.12
C PRO DA 90 -2.42 -22.68 21.68
N ASP DA 91 -1.36 -22.04 21.18
CA ASP DA 91 -0.18 -22.79 20.76
C ASP DA 91 0.46 -23.52 21.94
N GLY DA 92 0.56 -22.84 23.09
CA GLY DA 92 1.07 -23.45 24.29
C GLY DA 92 -0.04 -23.78 25.28
N PHE DA 93 0.37 -24.06 26.51
CA PHE DA 93 -0.60 -24.34 27.57
C PHE DA 93 -1.28 -23.08 28.08
N PHE DA 94 -0.75 -21.90 27.75
CA PHE DA 94 -1.27 -20.64 28.23
C PHE DA 94 -1.71 -19.77 27.06
N TYR DA 95 -2.84 -19.10 27.22
CA TYR DA 95 -3.32 -18.15 26.22
C TYR DA 95 -2.42 -16.92 26.21
N PRO DA 96 -2.44 -16.15 25.11
CA PRO DA 96 -1.61 -14.92 25.07
C PRO DA 96 -1.93 -13.96 26.20
N ALA DA 97 -3.19 -13.87 26.62
CA ALA DA 97 -3.53 -13.05 27.77
C ALA DA 97 -2.90 -13.60 29.05
N GLU DA 98 -2.89 -14.92 29.20
CA GLU DA 98 -2.27 -15.53 30.38
C GLU DA 98 -0.76 -15.33 30.39
N LEU DA 99 -0.13 -15.30 29.22
CA LEU DA 99 1.33 -15.13 29.15
C LEU DA 99 1.75 -13.76 29.67
N ALA DA 100 0.95 -12.73 29.45
CA ALA DA 100 1.29 -11.39 29.92
C ALA DA 100 1.38 -11.36 31.44
N ILE DA 101 0.45 -12.02 32.13
CA ILE DA 101 0.48 -12.07 33.59
C ILE DA 101 1.72 -12.83 34.07
N LEU DA 102 2.07 -13.92 33.38
CA LEU DA 102 3.25 -14.68 33.77
C LEU DA 102 4.52 -13.87 33.57
N LYS DA 103 4.59 -13.09 32.50
CA LYS DA 103 5.77 -12.27 32.21
C LYS DA 103 5.83 -11.00 33.06
N ARG DA 104 4.88 -10.82 33.97
CA ARG DA 104 4.91 -9.66 34.86
C ARG DA 104 6.14 -9.69 35.78
N PHE DA 105 6.48 -10.86 36.29
CA PHE DA 105 7.59 -10.98 37.23
C PHE DA 105 8.95 -10.70 36.59
N LYS DA 106 9.03 -10.63 35.26
CA LYS DA 106 10.29 -10.33 34.61
C LYS DA 106 10.75 -8.92 34.96
N ARG DA 107 12.08 -8.77 35.09
CA ARG DA 107 12.65 -7.49 35.48
C ARG DA 107 12.41 -6.43 34.39
N SER DA 108 12.15 -5.21 34.82
CA SER DA 108 11.90 -4.07 33.94
C SER DA 108 10.69 -4.39 33.07
N GLY DA 109 10.63 -3.84 31.87
CA GLY DA 109 9.55 -4.06 30.93
C GLY DA 109 9.75 -5.22 29.99
N GLY DA 110 10.77 -6.04 30.21
CA GLY DA 110 11.07 -7.15 29.33
C GLY DA 110 11.96 -6.82 28.16
N LEU DA 111 12.39 -5.56 28.02
CA LEU DA 111 13.26 -5.15 26.92
C LEU DA 111 14.73 -5.32 27.30
N MET DA 112 15.08 -6.56 27.63
CA MET DA 112 16.46 -6.88 27.97
C MET DA 112 17.35 -6.80 26.73
N THR DA 113 18.60 -6.41 26.96
CA THR DA 113 19.55 -6.19 25.88
C THR DA 113 20.72 -7.17 26.01
N VAL DA 114 21.47 -7.28 24.91
CA VAL DA 114 22.68 -8.11 24.86
C VAL DA 114 23.86 -7.23 24.51
N SER DA 115 24.96 -7.41 25.23
CA SER DA 115 26.16 -6.61 25.05
C SER DA 115 26.99 -7.21 23.92
N THR DA 116 27.07 -6.49 22.80
CA THR DA 116 27.84 -6.95 21.66
C THR DA 116 29.28 -6.44 21.75
N SER DA 117 30.13 -6.99 20.89
CA SER DA 117 31.53 -6.60 20.85
C SER DA 117 32.07 -6.78 19.44
N ARG DA 118 33.17 -6.08 19.15
CA ARG DA 118 33.81 -6.14 17.84
C ARG DA 118 34.96 -7.14 17.80
N GLY DA 119 34.88 -8.19 18.60
CA GLY DA 119 35.95 -9.17 18.65
C GLY DA 119 37.26 -8.62 19.19
N GLU DA 120 37.18 -7.80 20.22
CA GLU DA 120 38.35 -7.16 20.81
C GLU DA 120 38.36 -7.35 22.31
N GLU DA 121 39.54 -7.61 22.86
CA GLU DA 121 39.70 -7.79 24.30
C GLU DA 121 39.94 -6.46 25.02
N GLY DA 122 40.93 -5.69 24.57
CA GLY DA 122 41.21 -4.40 25.16
C GLY DA 122 42.30 -4.45 26.23
N ARG DA 123 43.32 -3.61 26.07
CA ARG DA 123 44.44 -3.52 27.02
C ARG DA 123 44.63 -2.07 27.41
N PRO DA 124 43.89 -1.58 28.42
CA PRO DA 124 43.99 -0.17 28.85
C PRO DA 124 45.21 0.12 29.72
N TRP DA 125 46.37 -0.38 29.30
CA TRP DA 125 47.62 -0.12 30.02
C TRP DA 125 48.80 0.15 29.12
N ALA DA 126 48.62 0.21 27.80
CA ALA DA 126 49.72 0.43 26.87
C ALA DA 126 49.99 1.93 26.78
N GLY DA 127 50.82 2.42 27.69
CA GLY DA 127 51.17 3.83 27.72
C GLY DA 127 51.25 4.41 29.11
N LYS DA 128 50.72 3.68 30.09
CA LYS DA 128 50.73 4.12 31.49
C LYS DA 128 51.87 3.55 32.29
N THR DA 129 52.28 2.31 32.01
CA THR DA 129 53.35 1.66 32.76
C THR DA 129 54.74 2.05 32.28
N ALA DA 130 54.84 2.86 31.23
CA ALA DA 130 56.13 3.35 30.76
C ALA DA 130 56.65 4.53 31.58
N TYR DA 131 55.84 5.05 32.50
CA TYR DA 131 56.26 6.18 33.34
C TYR DA 131 57.21 5.70 34.42
N ILE DA 132 58.31 6.42 34.59
CA ILE DA 132 59.34 6.08 35.57
C ILE DA 132 59.19 6.99 36.78
N ARG DA 133 59.16 6.40 37.97
CA ARG DA 133 59.00 7.16 39.21
C ARG DA 133 60.15 8.13 39.41
N TYR DA 134 59.85 9.43 39.35
CA TYR DA 134 60.85 10.48 39.53
C TYR DA 134 60.62 11.29 40.81
N GLY DA 135 59.89 10.73 41.77
CA GLY DA 135 59.61 11.43 43.00
C GLY DA 135 60.16 10.74 44.23
N ASP DA 136 59.45 10.88 45.36
CA ASP DA 136 59.87 10.29 46.62
C ASP DA 136 59.24 8.93 46.88
N GLY DA 137 58.48 8.40 45.92
CA GLY DA 137 57.82 7.12 46.08
C GLY DA 137 56.49 7.16 46.80
N LEU DA 138 55.95 8.35 47.04
CA LEU DA 138 54.66 8.49 47.71
C LEU DA 138 53.52 7.92 46.85
N ALA EA 2 20.40 -41.19 23.62
CA ALA EA 2 19.17 -40.41 23.55
C ALA EA 2 18.19 -40.82 24.64
N GLY EA 3 16.91 -40.55 24.42
CA GLY EA 3 15.89 -40.90 25.39
C GLY EA 3 15.83 -39.94 26.56
N LEU EA 4 15.47 -38.68 26.29
CA LEU EA 4 15.37 -37.69 27.36
C LEU EA 4 14.34 -38.08 28.38
N ALA EA 5 13.18 -38.56 27.93
CA ALA EA 5 12.11 -39.00 28.82
C ALA EA 5 12.08 -40.53 28.88
N THR EA 6 11.51 -41.04 29.96
CA THR EA 6 11.35 -42.48 30.14
C THR EA 6 9.98 -42.89 29.60
N ILE EA 7 9.58 -44.13 29.87
CA ILE EA 7 8.31 -44.65 29.36
C ILE EA 7 7.21 -44.69 30.44
N ASP EA 8 7.58 -44.64 31.71
CA ASP EA 8 6.57 -44.73 32.76
C ASP EA 8 5.73 -43.45 32.85
N GLU EA 9 6.38 -42.28 32.82
CA GLU EA 9 5.64 -41.04 32.91
C GLU EA 9 4.80 -40.79 31.66
N LEU EA 10 5.27 -41.24 30.49
CA LEU EA 10 4.44 -41.19 29.29
C LEU EA 10 3.20 -42.07 29.44
N GLN EA 11 3.38 -43.26 30.02
CA GLN EA 11 2.23 -44.14 30.27
C GLN EA 11 1.24 -43.50 31.22
N THR EA 12 1.73 -42.85 32.27
CA THR EA 12 0.83 -42.16 33.20
C THR EA 12 0.11 -41.00 32.52
N LEU EA 13 0.83 -40.25 31.68
CA LEU EA 13 0.20 -39.14 30.96
C LEU EA 13 -0.89 -39.63 30.01
N MET EA 14 -0.62 -40.72 29.30
CA MET EA 14 -1.63 -41.29 28.40
C MET EA 14 -2.64 -42.16 29.12
N SER EA 15 -2.44 -42.44 30.41
CA SER EA 15 -3.33 -43.26 31.22
C SER EA 15 -3.49 -44.67 30.67
N THR EA 16 -2.51 -45.13 29.89
CA THR EA 16 -2.53 -46.46 29.28
C THR EA 16 -1.18 -47.13 29.50
N VAL EA 17 -1.11 -48.41 29.16
CA VAL EA 17 0.11 -49.19 29.27
C VAL EA 17 0.50 -49.69 27.88
N PHE EA 18 1.79 -49.59 27.57
CA PHE EA 18 2.31 -50.00 26.27
C PHE EA 18 2.88 -51.41 26.37
N GLU EA 19 2.47 -52.27 25.44
CA GLU EA 19 2.91 -53.66 25.43
C GLU EA 19 3.07 -54.12 23.98
N ASP EA 20 3.65 -55.31 23.83
CA ASP EA 20 3.92 -55.93 22.52
C ASP EA 20 4.77 -54.95 21.70
N ASP EA 21 4.39 -54.63 20.46
CA ASP EA 21 5.15 -53.69 19.65
C ASP EA 21 4.77 -52.24 19.92
N ALA EA 22 3.70 -52.00 20.68
CA ALA EA 22 3.34 -50.62 21.02
C ALA EA 22 4.41 -49.98 21.90
N LEU EA 23 4.99 -50.75 22.81
CA LEU EA 23 6.08 -50.21 23.63
C LEU EA 23 7.29 -49.85 22.76
N GLU EA 24 7.63 -50.71 21.81
CA GLU EA 24 8.76 -50.42 20.92
C GLU EA 24 8.48 -49.20 20.06
N GLN EA 25 7.26 -49.08 19.54
CA GLN EA 25 6.89 -47.92 18.74
C GLN EA 25 6.95 -46.64 19.56
N ALA EA 26 6.44 -46.69 20.80
CA ALA EA 26 6.50 -45.53 21.68
C ALA EA 26 7.93 -45.15 21.99
N GLN EA 27 8.78 -46.14 22.26
CA GLN EA 27 10.19 -45.85 22.54
C GLN EA 27 10.87 -45.22 21.33
N LEU EA 28 10.60 -45.74 20.12
CA LEU EA 28 11.19 -45.16 18.92
C LEU EA 28 10.71 -43.74 18.70
N VAL EA 29 9.42 -43.49 18.90
CA VAL EA 29 8.88 -42.14 18.74
C VAL EA 29 9.51 -41.19 19.75
N LEU EA 30 9.65 -41.64 21.00
CA LEU EA 30 10.25 -40.81 22.04
C LEU EA 30 11.71 -40.51 21.72
N ASP EA 31 12.45 -41.50 21.22
CA ASP EA 31 13.84 -41.27 20.82
C ASP EA 31 13.92 -40.27 19.67
N ILE EA 32 13.03 -40.38 18.69
CA ILE EA 32 13.01 -39.45 17.57
C ILE EA 32 12.73 -38.04 18.06
N VAL EA 33 11.75 -37.89 18.96
CA VAL EA 33 11.40 -36.58 19.47
C VAL EA 33 12.55 -36.01 20.31
N SER EA 34 13.21 -36.87 21.09
CA SER EA 34 14.36 -36.41 21.88
C SER EA 34 15.48 -35.94 20.98
N SER EA 35 15.75 -36.65 19.89
CA SER EA 35 16.76 -36.22 18.95
C SER EA 35 16.39 -34.88 18.32
N TRP EA 36 15.12 -34.71 17.94
CA TRP EA 36 14.69 -33.44 17.36
C TRP EA 36 14.83 -32.29 18.35
N ALA EA 37 14.45 -32.53 19.61
CA ALA EA 37 14.60 -31.50 20.64
C ALA EA 37 16.07 -31.17 20.87
N ARG EA 38 16.93 -32.19 20.87
CA ARG EA 38 18.36 -31.98 21.05
C ARG EA 38 18.94 -31.13 19.92
N VAL EA 39 18.55 -31.44 18.68
CA VAL EA 39 19.10 -30.70 17.55
C VAL EA 39 18.53 -29.27 17.50
N VAL EA 40 17.28 -29.09 17.94
CA VAL EA 40 16.71 -27.74 17.96
C VAL EA 40 17.39 -26.89 19.03
N SER EA 41 17.55 -27.46 20.24
CA SER EA 41 18.18 -26.71 21.32
C SER EA 41 19.66 -26.48 21.06
N GLY EA 42 20.33 -27.47 20.48
CA GLY EA 42 21.75 -27.38 20.19
C GLY EA 42 22.65 -28.02 21.24
N GLN EA 43 22.11 -28.41 22.39
CA GLN EA 43 22.90 -29.04 23.42
C GLN EA 43 23.04 -30.54 23.14
N MET EA 44 23.79 -31.23 23.99
CA MET EA 44 24.06 -32.65 23.83
C MET EA 44 23.40 -33.53 24.87
N TRP EA 45 23.36 -33.09 26.13
CA TRP EA 45 22.80 -33.86 27.24
C TRP EA 45 23.42 -35.25 27.28
N PRO EA 46 24.70 -35.37 27.68
CA PRO EA 46 25.37 -36.69 27.67
C PRO EA 46 24.63 -37.73 28.50
N ASP EA 47 24.41 -37.44 29.78
CA ASP EA 47 23.57 -38.28 30.62
C ASP EA 47 22.12 -37.89 30.38
N ALA EA 48 21.42 -38.67 29.54
CA ALA EA 48 20.10 -38.25 29.08
C ALA EA 48 19.08 -38.18 30.21
N PRO EA 49 18.74 -39.28 30.92
CA PRO EA 49 17.74 -39.16 31.98
C PRO EA 49 18.35 -38.79 33.32
N ALA EA 50 19.31 -37.86 33.34
CA ALA EA 50 19.90 -37.42 34.60
C ALA EA 50 19.65 -35.95 34.88
N ASN EA 51 20.09 -35.05 34.00
CA ASN EA 51 19.81 -33.63 34.18
C ASN EA 51 18.44 -33.28 33.60
N VAL EA 52 18.32 -33.39 32.27
CA VAL EA 52 17.07 -33.40 31.50
C VAL EA 52 16.04 -32.43 32.10
N PRO EA 53 16.23 -31.12 31.97
CA PRO EA 53 15.31 -30.15 32.62
C PRO EA 53 13.85 -30.40 32.31
N ASP EA 54 12.96 -29.91 33.19
CA ASP EA 54 11.54 -30.21 33.06
C ASP EA 54 10.94 -29.64 31.77
N ASP EA 55 11.55 -28.58 31.23
CA ASP EA 55 11.02 -27.98 30.01
C ASP EA 55 11.16 -28.95 28.83
N VAL EA 56 12.34 -29.52 28.64
CA VAL EA 56 12.53 -30.45 27.54
C VAL EA 56 11.74 -31.73 27.77
N ARG EA 57 11.60 -32.16 29.03
CA ARG EA 57 10.75 -33.31 29.33
C ARG EA 57 9.31 -33.05 28.91
N ALA EA 58 8.79 -31.87 29.25
CA ALA EA 58 7.43 -31.51 28.85
C ALA EA 58 7.30 -31.49 27.33
N VAL EA 59 8.28 -30.89 26.65
CA VAL EA 59 8.21 -30.77 25.20
C VAL EA 59 8.21 -32.16 24.55
N VAL EA 60 9.11 -33.04 24.98
CA VAL EA 60 9.21 -34.35 24.36
C VAL EA 60 7.99 -35.19 24.68
N LEU EA 61 7.47 -35.10 25.91
CA LEU EA 61 6.27 -35.86 26.26
C LEU EA 61 5.07 -35.40 25.44
N GLN EA 62 4.92 -34.08 25.28
CA GLN EA 62 3.81 -33.56 24.48
C GLN EA 62 3.94 -33.99 23.03
N ALA EA 63 5.14 -33.89 22.45
CA ALA EA 63 5.31 -34.27 21.05
C ALA EA 63 5.07 -35.76 20.86
N SER EA 64 5.53 -36.59 21.81
CA SER EA 64 5.26 -38.01 21.74
C SER EA 64 3.77 -38.30 21.82
N ARG EA 65 3.05 -37.57 22.67
CA ARG EA 65 1.61 -37.75 22.77
C ARG EA 65 0.91 -37.40 21.45
N ARG EA 66 1.31 -36.28 20.83
CA ARG EA 66 0.74 -35.94 19.53
C ARG EA 66 1.05 -36.99 18.48
N GLU EA 67 2.28 -37.49 18.45
CA GLU EA 67 2.65 -38.49 17.44
C GLU EA 67 1.87 -39.79 17.65
N LEU EA 68 1.72 -40.23 18.89
CA LEU EA 68 0.99 -41.47 19.16
C LEU EA 68 -0.49 -41.31 18.89
N LYS EA 69 -1.05 -40.12 19.15
CA LYS EA 69 -2.47 -39.91 18.90
C LYS EA 69 -2.79 -40.05 17.41
N ASN EA 70 -1.94 -39.51 16.54
CA ASN EA 70 -2.11 -39.67 15.11
C ASN EA 70 -0.76 -39.60 14.39
N PRO EA 71 -0.36 -40.67 13.70
CA PRO EA 71 0.91 -40.63 12.97
C PRO EA 71 0.82 -39.80 11.70
N ASP EA 72 -0.35 -39.80 11.07
CA ASP EA 72 -0.61 -39.00 9.89
C ASP EA 72 -1.46 -37.79 10.30
N ARG EA 73 -1.07 -36.61 9.83
CA ARG EA 73 -1.76 -35.38 10.20
C ARG EA 73 -3.17 -35.40 9.63
N VAL EA 74 -4.16 -35.48 10.51
CA VAL EA 74 -5.57 -35.56 10.13
C VAL EA 74 -6.31 -34.39 10.76
N ILE EA 75 -7.15 -33.73 9.96
CA ILE EA 75 -7.93 -32.59 10.43
C ILE EA 75 -9.22 -33.10 11.04
N SER EA 76 -10.02 -33.81 10.25
CA SER EA 76 -11.30 -34.34 10.69
C SER EA 76 -11.36 -35.83 10.38
N ARG EA 77 -11.74 -36.63 11.38
CA ARG EA 77 -11.90 -38.07 11.22
C ARG EA 77 -13.21 -38.49 11.88
N GLN EA 78 -14.03 -39.23 11.14
CA GLN EA 78 -15.32 -39.67 11.65
C GLN EA 78 -15.61 -41.08 11.14
N MET EA 79 -16.30 -41.86 11.98
CA MET EA 79 -16.72 -43.22 11.66
C MET EA 79 -18.17 -43.37 12.09
N GLY EA 80 -19.09 -43.15 11.15
CA GLY EA 80 -20.50 -43.25 11.43
C GLY EA 80 -21.04 -42.06 12.19
N PRO EA 81 -21.64 -42.29 13.35
CA PRO EA 81 -22.17 -41.18 14.15
C PRO EA 81 -21.07 -40.43 14.89
N PHE EA 82 -19.99 -41.12 15.25
CA PHE EA 82 -18.90 -40.49 15.97
C PHE EA 82 -18.07 -39.63 15.03
N ASN EA 83 -17.81 -38.39 15.46
CA ASN EA 83 -17.01 -37.46 14.67
C ASN EA 83 -16.11 -36.67 15.61
N VAL EA 84 -14.96 -36.25 15.08
CA VAL EA 84 -14.00 -35.44 15.83
C VAL EA 84 -13.17 -34.65 14.86
N GLN EA 85 -12.83 -33.41 15.22
CA GLN EA 85 -12.02 -32.54 14.40
C GLN EA 85 -10.90 -31.96 15.25
N TYR EA 86 -9.67 -32.07 14.77
CA TYR EA 86 -8.50 -31.56 15.46
C TYR EA 86 -8.12 -30.17 14.95
N SER EA 87 -7.19 -29.55 15.66
CA SER EA 87 -6.70 -28.24 15.26
C SER EA 87 -5.71 -28.39 14.10
N GLN EA 88 -5.15 -27.27 13.67
CA GLN EA 88 -4.19 -27.29 12.57
C GLN EA 88 -2.89 -27.91 13.04
N PRO EA 89 -2.42 -28.98 12.41
CA PRO EA 89 -1.15 -29.59 12.83
C PRO EA 89 0.02 -28.64 12.67
N PRO EA 90 0.97 -28.66 13.59
CA PRO EA 90 2.14 -27.79 13.46
C PRO EA 90 3.15 -28.35 12.49
N ASP EA 91 4.00 -27.46 11.98
CA ASP EA 91 5.10 -27.87 11.11
C ASP EA 91 6.12 -28.67 11.91
N GLY EA 92 6.56 -29.79 11.34
CA GLY EA 92 7.46 -30.67 12.05
C GLY EA 92 6.78 -31.44 13.16
N PHE EA 93 7.18 -31.19 14.40
CA PHE EA 93 6.58 -31.87 15.54
C PHE EA 93 6.11 -30.87 16.61
N PHE EA 94 6.85 -29.79 16.77
CA PHE EA 94 6.62 -28.85 17.87
C PHE EA 94 5.90 -27.60 17.39
N TYR EA 95 5.01 -27.08 18.23
CA TYR EA 95 4.36 -25.81 17.97
C TYR EA 95 5.36 -24.68 18.12
N PRO EA 96 5.06 -23.50 17.55
CA PRO EA 96 6.00 -22.37 17.68
C PRO EA 96 6.34 -22.02 19.11
N ALA EA 97 5.37 -22.12 20.03
CA ALA EA 97 5.68 -21.90 21.44
C ALA EA 97 6.65 -22.94 21.97
N GLU EA 98 6.45 -24.21 21.60
CA GLU EA 98 7.36 -25.26 22.01
C GLU EA 98 8.76 -25.05 21.43
N LEU EA 99 8.83 -24.63 20.16
CA LEU EA 99 10.13 -24.34 19.55
C LEU EA 99 10.82 -23.19 20.27
N ALA EA 100 10.06 -22.14 20.61
CA ALA EA 100 10.65 -21.01 21.33
C ALA EA 100 11.16 -21.44 22.70
N ILE EA 101 10.41 -22.30 23.39
CA ILE EA 101 10.86 -22.81 24.68
C ILE EA 101 12.14 -23.63 24.51
N LEU EA 102 12.19 -24.47 23.47
CA LEU EA 102 13.37 -25.30 23.24
C LEU EA 102 14.60 -24.45 22.92
N LYS EA 103 14.42 -23.39 22.13
CA LYS EA 103 15.53 -22.53 21.74
C LYS EA 103 16.03 -21.63 22.87
N ARG EA 104 15.50 -21.81 24.08
CA ARG EA 104 15.98 -21.04 25.22
C ARG EA 104 17.44 -21.33 25.54
N PHE EA 105 17.84 -22.60 25.45
CA PHE EA 105 19.19 -23.00 25.82
C PHE EA 105 20.25 -22.48 24.86
N LYS EA 106 19.86 -21.94 23.71
CA LYS EA 106 20.82 -21.40 22.77
C LYS EA 106 21.54 -20.20 23.37
N ARG EA 107 22.81 -20.05 23.04
CA ARG EA 107 23.62 -18.97 23.59
C ARG EA 107 23.14 -17.61 23.09
N SER EA 108 23.17 -16.62 23.97
CA SER EA 108 22.75 -15.26 23.67
C SER EA 108 21.27 -15.29 23.26
N GLY EA 109 20.85 -14.35 22.42
CA GLY EA 109 19.49 -14.27 21.95
C GLY EA 109 19.22 -15.03 20.66
N GLY EA 110 20.17 -15.85 20.21
CA GLY EA 110 20.01 -16.57 18.96
C GLY EA 110 20.46 -15.83 17.73
N LEU EA 111 20.94 -14.59 17.87
CA LEU EA 111 21.40 -13.80 16.73
C LEU EA 111 22.88 -14.06 16.46
N MET EA 112 23.19 -15.32 16.17
CA MET EA 112 24.56 -15.70 15.86
C MET EA 112 24.95 -15.15 14.49
N THR EA 113 26.24 -14.86 14.34
CA THR EA 113 26.77 -14.25 13.13
C THR EA 113 27.79 -15.16 12.47
N VAL EA 114 28.11 -14.86 11.22
CA VAL EA 114 29.11 -15.58 10.44
C VAL EA 114 30.18 -14.60 10.00
N SER EA 115 31.44 -15.02 10.15
CA SER EA 115 32.58 -14.17 9.83
C SER EA 115 32.88 -14.29 8.34
N THR EA 116 32.56 -13.26 7.58
CA THR EA 116 32.82 -13.25 6.15
C THR EA 116 34.25 -12.78 5.88
N SER EA 117 34.68 -12.95 4.63
CA SER EA 117 36.01 -12.55 4.21
C SER EA 117 35.98 -12.20 2.73
N ARG EA 118 36.97 -11.41 2.31
CA ARG EA 118 37.10 -10.99 0.92
C ARG EA 118 38.05 -11.87 0.12
N GLY EA 119 38.15 -13.14 0.49
CA GLY EA 119 39.06 -14.06 -0.19
C GLY EA 119 40.51 -13.69 -0.04
N GLU EA 120 40.92 -13.28 1.17
CA GLU EA 120 42.28 -12.85 1.44
C GLU EA 120 42.80 -13.55 2.68
N GLU EA 121 44.07 -13.96 2.62
CA GLU EA 121 44.71 -14.63 3.75
C GLU EA 121 45.33 -13.62 4.72
N GLY EA 122 46.18 -12.72 4.22
CA GLY EA 122 46.79 -11.71 5.06
C GLY EA 122 48.17 -12.09 5.57
N ARG EA 123 49.15 -11.22 5.33
CA ARG EA 123 50.53 -11.43 5.77
C ARG EA 123 51.00 -10.20 6.52
N PRO EA 124 50.73 -10.12 7.83
CA PRO EA 124 51.11 -8.95 8.64
C PRO EA 124 52.59 -8.94 9.05
N TRP EA 125 53.47 -9.22 8.08
CA TRP EA 125 54.90 -9.20 8.35
C TRP EA 125 55.72 -8.60 7.21
N ALA EA 126 55.08 -8.09 6.16
CA ALA EA 126 55.80 -7.53 5.02
C ALA EA 126 56.17 -6.08 5.34
N GLY EA 127 57.31 -5.91 5.98
CA GLY EA 127 57.79 -4.59 6.34
C GLY EA 127 58.43 -4.53 7.70
N LYS EA 128 58.23 -5.57 8.51
CA LYS EA 128 58.78 -5.64 9.86
C LYS EA 128 60.07 -6.43 9.94
N THR EA 129 60.20 -7.49 9.14
CA THR EA 129 61.40 -8.33 9.17
C THR EA 129 62.56 -7.75 8.37
N ALA EA 130 62.37 -6.63 7.68
CA ALA EA 130 63.45 -5.97 6.97
C ALA EA 130 64.34 -5.13 7.88
N TYR EA 131 63.98 -4.99 9.16
CA TYR EA 131 64.78 -4.21 10.09
C TYR EA 131 66.00 -5.01 10.51
N ILE EA 132 67.16 -4.37 10.50
CA ILE EA 132 68.43 -4.99 10.85
C ILE EA 132 68.81 -4.56 12.26
N ARG EA 133 69.15 -5.53 13.11
CA ARG EA 133 69.52 -5.25 14.49
C ARG EA 133 70.77 -4.38 14.57
N TYR EA 134 70.61 -3.15 15.07
CA TYR EA 134 71.70 -2.21 15.20
C TYR EA 134 72.04 -1.90 16.66
N GLY EA 135 71.64 -2.78 17.58
CA GLY EA 135 71.89 -2.56 18.99
C GLY EA 135 72.77 -3.62 19.62
N ASP EA 136 72.54 -3.90 20.90
CA ASP EA 136 73.32 -4.88 21.64
C ASP EA 136 72.69 -6.26 21.64
N GLY EA 137 71.58 -6.45 20.91
CA GLY EA 137 70.91 -7.72 20.88
C GLY EA 137 69.92 -7.96 22.01
N LEU EA 138 69.63 -6.95 22.82
CA LEU EA 138 68.68 -7.09 23.92
C LEU EA 138 67.27 -7.36 23.40
N ALA FA 2 23.44 -46.26 -0.48
CA ALA FA 2 22.30 -45.54 0.06
C ALA FA 2 21.62 -46.34 1.15
N GLY FA 3 20.37 -46.00 1.46
CA GLY FA 3 19.64 -46.68 2.52
C GLY FA 3 20.04 -46.21 3.90
N LEU FA 4 19.76 -44.94 4.20
CA LEU FA 4 20.13 -44.39 5.50
C LEU FA 4 19.47 -45.14 6.64
N ALA FA 5 18.19 -45.46 6.50
CA ALA FA 5 17.45 -46.22 7.50
C ALA FA 5 17.29 -47.66 7.05
N THR FA 6 17.09 -48.53 8.04
CA THR FA 6 16.86 -49.95 7.77
C THR FA 6 15.35 -50.19 7.67
N ILE FA 7 14.94 -51.46 7.65
CA ILE FA 7 13.54 -51.81 7.52
C ILE FA 7 12.90 -52.25 8.83
N ASP FA 8 13.71 -52.64 9.83
CA ASP FA 8 13.14 -53.13 11.08
C ASP FA 8 12.53 -51.98 11.90
N GLU FA 9 13.24 -50.86 12.01
CA GLU FA 9 12.71 -49.74 12.78
C GLU FA 9 11.50 -49.11 12.10
N LEU FA 10 11.47 -49.12 10.76
CA LEU FA 10 10.28 -48.66 10.06
C LEU FA 10 9.09 -49.57 10.34
N GLN FA 11 9.33 -50.89 10.39
CA GLN FA 11 8.28 -51.83 10.72
C GLN FA 11 7.76 -51.60 12.14
N THR FA 12 8.67 -51.33 13.08
CA THR FA 12 8.24 -51.04 14.45
C THR FA 12 7.44 -49.74 14.52
N LEU FA 13 7.88 -48.73 13.78
CA LEU FA 13 7.16 -47.46 13.77
C LEU FA 13 5.76 -47.60 13.18
N MET FA 14 5.63 -48.36 12.10
CA MET FA 14 4.33 -48.60 11.49
C MET FA 14 3.55 -49.70 12.20
N SER FA 15 4.16 -50.41 13.14
CA SER FA 15 3.53 -51.50 13.88
C SER FA 15 3.05 -52.63 12.97
N THR FA 16 3.63 -52.74 11.79
CA THR FA 16 3.25 -53.77 10.82
C THR FA 16 4.51 -54.42 10.26
N VAL FA 17 4.32 -55.58 9.63
CA VAL FA 17 5.41 -56.33 9.03
C VAL FA 17 5.22 -56.32 7.51
N PHE FA 18 6.32 -56.08 6.80
CA PHE FA 18 6.30 -56.00 5.34
C PHE FA 18 6.68 -57.36 4.75
N GLU FA 19 5.92 -57.79 3.75
CA GLU FA 19 6.14 -59.08 3.11
C GLU FA 19 5.74 -58.98 1.64
N ASP FA 20 6.08 -60.04 0.89
CA ASP FA 20 5.80 -60.15 -0.55
C ASP FA 20 6.43 -58.94 -1.24
N ASP FA 21 5.70 -58.21 -2.08
CA ASP FA 21 6.24 -57.02 -2.73
C ASP FA 21 6.11 -55.77 -1.88
N ALA FA 22 5.39 -55.83 -0.76
CA ALA FA 22 5.30 -54.68 0.13
C ALA FA 22 6.66 -54.34 0.74
N LEU FA 23 7.45 -55.37 1.06
CA LEU FA 23 8.81 -55.13 1.54
C LEU FA 23 9.66 -54.46 0.47
N GLU FA 24 9.55 -54.93 -0.78
CA GLU FA 24 10.31 -54.32 -1.86
C GLU FA 24 9.86 -52.89 -2.11
N GLN FA 25 8.55 -52.64 -2.07
CA GLN FA 25 8.04 -51.28 -2.25
C GLN FA 25 8.53 -50.37 -1.13
N ALA FA 26 8.51 -50.85 0.11
CA ALA FA 26 8.99 -50.05 1.23
C ALA FA 26 10.48 -49.77 1.09
N GLN FA 27 11.26 -50.76 0.68
CA GLN FA 27 12.69 -50.54 0.47
C GLN FA 27 12.95 -49.52 -0.62
N LEU FA 28 12.20 -49.60 -1.72
CA LEU FA 28 12.36 -48.64 -2.80
C LEU FA 28 12.00 -47.23 -2.34
N VAL FA 29 10.90 -47.10 -1.60
CA VAL FA 29 10.48 -45.80 -1.10
C VAL FA 29 11.53 -45.24 -0.15
N LEU FA 30 12.07 -46.09 0.72
CA LEU FA 30 13.11 -45.65 1.65
C LEU FA 30 14.37 -45.22 0.93
N ASP FA 31 14.76 -45.95 -0.12
CA ASP FA 31 15.91 -45.55 -0.92
C ASP FA 31 15.67 -44.20 -1.60
N ILE FA 32 14.47 -44.01 -2.15
CA ILE FA 32 14.13 -42.74 -2.80
C ILE FA 32 14.21 -41.60 -1.80
N VAL FA 33 13.64 -41.81 -0.60
CA VAL FA 33 13.65 -40.77 0.43
C VAL FA 33 15.06 -40.49 0.91
N SER FA 34 15.90 -41.54 1.02
CA SER FA 34 17.28 -41.34 1.40
C SER FA 34 18.03 -40.52 0.34
N SER FA 35 17.73 -40.78 -0.94
CA SER FA 35 18.33 -39.97 -2.00
C SER FA 35 17.89 -38.51 -1.89
N TRP FA 36 16.61 -38.29 -1.60
CA TRP FA 36 16.12 -36.92 -1.43
C TRP FA 36 16.83 -36.23 -0.27
N ALA FA 37 16.97 -36.93 0.86
CA ALA FA 37 17.64 -36.34 2.01
C ALA FA 37 19.11 -36.07 1.72
N ARG FA 38 19.77 -36.98 1.01
CA ARG FA 38 21.18 -36.79 0.66
C ARG FA 38 21.36 -35.59 -0.25
N VAL FA 39 20.48 -35.42 -1.24
CA VAL FA 39 20.64 -34.30 -2.16
C VAL FA 39 20.26 -32.99 -1.48
N VAL FA 40 19.30 -33.00 -0.55
CA VAL FA 40 18.93 -31.78 0.14
C VAL FA 40 20.04 -31.35 1.09
N SER FA 41 20.57 -32.30 1.88
CA SER FA 41 21.63 -31.96 2.83
C SER FA 41 22.93 -31.60 2.12
N GLY FA 42 23.25 -32.31 1.04
CA GLY FA 42 24.47 -32.08 0.30
C GLY FA 42 25.62 -33.00 0.66
N GLN FA 43 25.50 -33.77 1.73
CA GLN FA 43 26.54 -34.71 2.13
C GLN FA 43 26.41 -36.01 1.35
N MET FA 44 27.33 -36.93 1.59
CA MET FA 44 27.38 -38.20 0.88
C MET FA 44 27.04 -39.40 1.75
N TRP FA 45 27.51 -39.43 3.00
CA TRP FA 45 27.32 -40.55 3.91
C TRP FA 45 27.77 -41.85 3.25
N PRO FA 46 29.08 -42.06 3.08
CA PRO FA 46 29.55 -43.27 2.38
C PRO FA 46 29.07 -44.55 3.03
N ASP FA 47 29.38 -44.74 4.32
CA ASP FA 47 28.84 -45.84 5.09
C ASP FA 47 27.44 -45.44 5.55
N ALA FA 48 26.42 -45.88 4.81
CA ALA FA 48 25.07 -45.37 5.04
C ALA FA 48 24.54 -45.72 6.43
N PRO FA 49 24.35 -47.01 6.79
CA PRO FA 49 23.82 -47.30 8.13
C PRO FA 49 24.90 -47.41 9.18
N ALA FA 50 25.89 -46.51 9.17
CA ALA FA 50 26.93 -46.52 10.18
C ALA FA 50 26.95 -45.25 11.02
N ASN FA 51 27.14 -44.07 10.40
CA ASN FA 51 27.10 -42.81 11.13
C ASN FA 51 25.66 -42.33 11.24
N VAL FA 52 25.07 -41.98 10.10
CA VAL FA 52 23.63 -41.75 9.88
C VAL FA 52 22.97 -41.11 11.11
N PRO FA 53 23.24 -39.82 11.37
CA PRO FA 53 22.72 -39.17 12.59
C PRO FA 53 21.22 -39.33 12.79
N ASP FA 54 20.76 -39.22 14.04
CA ASP FA 54 19.36 -39.49 14.34
C ASP FA 54 18.41 -38.53 13.64
N ASP FA 55 18.89 -37.32 13.30
CA ASP FA 55 18.04 -36.36 12.62
C ASP FA 55 17.63 -36.87 11.24
N VAL FA 56 18.61 -37.32 10.43
CA VAL FA 56 18.29 -37.80 9.10
C VAL FA 56 17.51 -39.11 9.18
N ARG FA 57 17.79 -39.96 10.17
CA ARG FA 57 17.00 -41.16 10.35
C ARG FA 57 15.54 -40.84 10.62
N ALA FA 58 15.29 -39.88 11.51
CA ALA FA 58 13.92 -39.46 11.79
C ALA FA 58 13.27 -38.89 10.54
N VAL FA 59 13.99 -38.05 9.79
CA VAL FA 59 13.42 -37.42 8.61
C VAL FA 59 13.03 -38.46 7.57
N VAL FA 60 13.94 -39.41 7.30
CA VAL FA 60 13.65 -40.41 6.27
C VAL FA 60 12.55 -41.35 6.71
N LEU FA 61 12.52 -41.70 8.01
CA LEU FA 61 11.45 -42.58 8.49
C LEU FA 61 10.10 -41.89 8.38
N GLN FA 62 10.02 -40.61 8.75
CA GLN FA 62 8.76 -39.88 8.62
C GLN FA 62 8.33 -39.77 7.17
N ALA FA 63 9.27 -39.46 6.27
CA ALA FA 63 8.91 -39.33 4.86
C ALA FA 63 8.44 -40.67 4.29
N SER FA 64 9.09 -41.76 4.67
CA SER FA 64 8.65 -43.08 4.23
C SER FA 64 7.26 -43.38 4.77
N ARG FA 65 6.97 -43.02 6.02
CA ARG FA 65 5.65 -43.24 6.58
C ARG FA 65 4.59 -42.47 5.81
N ARG FA 66 4.85 -41.19 5.51
CA ARG FA 66 3.89 -40.42 4.72
C ARG FA 66 3.70 -41.02 3.34
N GLU FA 67 4.79 -41.44 2.69
CA GLU FA 67 4.67 -42.00 1.34
C GLU FA 67 3.87 -43.30 1.34
N LEU FA 68 4.09 -44.16 2.34
CA LEU FA 68 3.35 -45.42 2.40
C LEU FA 68 1.88 -45.18 2.77
N LYS FA 69 1.61 -44.22 3.64
CA LYS FA 69 0.22 -43.98 4.04
C LYS FA 69 -0.63 -43.51 2.87
N ASN FA 70 -0.10 -42.60 2.04
CA ASN FA 70 -0.82 -42.14 0.87
C ASN FA 70 0.16 -41.69 -0.21
N PRO FA 71 0.25 -42.40 -1.33
CA PRO FA 71 1.20 -41.99 -2.37
C PRO FA 71 0.63 -40.95 -3.33
N ASP FA 72 -0.71 -40.88 -3.41
CA ASP FA 72 -1.37 -39.95 -4.32
C ASP FA 72 -1.67 -38.60 -3.67
N ARG FA 73 -1.31 -38.41 -2.40
CA ARG FA 73 -1.49 -37.15 -1.69
C ARG FA 73 -2.96 -36.72 -1.68
N VAL FA 74 -3.80 -37.56 -1.07
CA VAL FA 74 -5.23 -37.29 -0.99
C VAL FA 74 -5.48 -36.30 0.15
N ILE FA 75 -6.58 -35.55 0.02
CA ILE FA 75 -6.98 -34.58 1.03
C ILE FA 75 -8.06 -35.20 1.91
N SER FA 76 -9.17 -35.58 1.30
CA SER FA 76 -10.29 -36.20 2.00
C SER FA 76 -10.64 -37.51 1.32
N ARG FA 77 -10.80 -38.57 2.10
CA ARG FA 77 -11.13 -39.89 1.58
C ARG FA 77 -12.12 -40.55 2.52
N GLN FA 78 -13.27 -40.95 1.99
CA GLN FA 78 -14.34 -41.55 2.79
C GLN FA 78 -14.87 -42.80 2.09
N MET FA 79 -15.32 -43.75 2.91
CA MET FA 79 -15.90 -45.01 2.45
C MET FA 79 -17.21 -45.22 3.22
N GLY FA 80 -18.31 -44.70 2.68
CA GLY FA 80 -19.60 -44.83 3.32
C GLY FA 80 -19.69 -44.03 4.61
N PRO FA 81 -19.87 -44.72 5.72
CA PRO FA 81 -19.96 -44.02 7.01
C PRO FA 81 -18.62 -43.51 7.50
N PHE FA 82 -17.54 -44.19 7.13
CA PHE FA 82 -16.21 -43.82 7.57
C PHE FA 82 -15.64 -42.71 6.70
N ASN FA 83 -15.05 -41.70 7.33
CA ASN FA 83 -14.45 -40.58 6.62
C ASN FA 83 -13.17 -40.16 7.35
N VAL FA 84 -12.23 -39.63 6.59
CA VAL FA 84 -10.98 -39.10 7.14
C VAL FA 84 -10.44 -38.04 6.18
N GLN FA 85 -9.98 -36.93 6.74
CA GLN FA 85 -9.47 -35.80 5.96
C GLN FA 85 -8.09 -35.43 6.49
N TYR FA 86 -7.07 -35.64 5.66
CA TYR FA 86 -5.70 -35.31 6.03
C TYR FA 86 -5.44 -33.81 5.87
N SER FA 87 -4.27 -33.39 6.35
CA SER FA 87 -3.87 -31.99 6.24
C SER FA 87 -3.30 -31.73 4.85
N GLN FA 88 -2.77 -30.54 4.63
CA GLN FA 88 -2.19 -30.19 3.34
C GLN FA 88 -0.90 -30.98 3.11
N PRO FA 89 -0.79 -31.73 2.01
CA PRO FA 89 0.45 -32.47 1.77
C PRO FA 89 1.62 -31.52 1.57
N PRO FA 90 2.82 -31.92 1.98
CA PRO FA 90 3.99 -31.05 1.77
C PRO FA 90 4.34 -30.94 0.30
N ASP FA 91 4.92 -29.81 -0.06
CA ASP FA 91 5.33 -29.54 -1.44
C ASP FA 91 6.61 -30.33 -1.71
N GLY FA 92 6.44 -31.53 -2.25
CA GLY FA 92 7.58 -32.40 -2.53
C GLY FA 92 7.57 -33.65 -1.69
N PHE FA 93 8.52 -33.76 -0.77
CA PHE FA 93 8.62 -34.92 0.12
C PHE FA 93 8.77 -34.57 1.59
N PHE FA 94 9.11 -33.34 1.93
CA PHE FA 94 9.38 -32.97 3.32
C PHE FA 94 8.67 -31.67 3.66
N TYR FA 95 8.25 -31.56 4.91
CA TYR FA 95 7.69 -30.31 5.41
C TYR FA 95 8.80 -29.27 5.57
N PRO FA 96 8.44 -27.98 5.62
CA PRO FA 96 9.49 -26.95 5.76
C PRO FA 96 10.39 -27.15 6.98
N ALA FA 97 9.83 -27.60 8.10
CA ALA FA 97 10.67 -27.88 9.27
C ALA FA 97 11.65 -29.00 8.98
N GLU FA 98 11.20 -30.06 8.32
CA GLU FA 98 12.09 -31.16 7.97
C GLU FA 98 13.18 -30.71 7.00
N LEU FA 99 12.82 -29.88 6.03
CA LEU FA 99 13.82 -29.35 5.10
C LEU FA 99 14.84 -28.48 5.82
N ALA FA 100 14.38 -27.65 6.76
CA ALA FA 100 15.30 -26.81 7.52
C ALA FA 100 16.24 -27.65 8.37
N ILE FA 101 15.72 -28.73 8.97
CA ILE FA 101 16.56 -29.63 9.75
C ILE FA 101 17.59 -30.31 8.86
N LEU FA 102 17.17 -30.72 7.65
CA LEU FA 102 18.08 -31.39 6.74
C LEU FA 102 19.19 -30.44 6.27
N LYS FA 103 18.86 -29.18 6.04
CA LYS FA 103 19.84 -28.19 5.58
C LYS FA 103 20.79 -27.74 6.68
N ARG FA 104 20.72 -28.36 7.86
CA ARG FA 104 21.65 -28.03 8.94
C ARG FA 104 23.09 -28.37 8.57
N PHE FA 105 23.29 -29.52 7.92
CA PHE FA 105 24.64 -29.99 7.60
C PHE FA 105 25.34 -29.13 6.56
N LYS FA 106 24.62 -28.24 5.88
CA LYS FA 106 25.24 -27.37 4.89
C LYS FA 106 26.23 -26.43 5.56
N ARG FA 107 27.32 -26.13 4.86
CA ARG FA 107 28.37 -25.29 5.40
C ARG FA 107 27.88 -23.86 5.59
N SER FA 108 28.32 -23.24 6.67
CA SER FA 108 27.94 -21.86 7.04
C SER FA 108 26.42 -21.80 7.20
N GLY FA 109 25.83 -20.64 6.94
CA GLY FA 109 24.41 -20.45 7.04
C GLY FA 109 23.63 -20.71 5.76
N GLY FA 110 24.26 -21.32 4.76
CA GLY FA 110 23.62 -21.56 3.49
C GLY FA 110 23.67 -20.41 2.51
N LEU FA 111 24.30 -19.30 2.87
CA LEU FA 111 24.39 -18.13 1.99
C LEU FA 111 25.64 -18.23 1.11
N MET FA 112 25.70 -19.31 0.34
CA MET FA 112 26.82 -19.52 -0.58
C MET FA 112 26.76 -18.52 -1.73
N THR FA 113 27.92 -18.15 -2.24
CA THR FA 113 28.05 -17.14 -3.29
C THR FA 113 28.67 -17.75 -4.53
N VAL FA 114 28.54 -17.02 -5.64
CA VAL FA 114 29.11 -17.40 -6.93
C VAL FA 114 30.06 -16.30 -7.37
N SER FA 115 31.24 -16.70 -7.84
CA SER FA 115 32.27 -15.75 -8.27
C SER FA 115 32.00 -15.35 -9.71
N THR FA 116 31.54 -14.13 -9.90
CA THR FA 116 31.27 -13.62 -11.24
C THR FA 116 32.55 -13.04 -11.85
N SER FA 117 32.48 -12.77 -13.15
CA SER FA 117 33.61 -12.19 -13.87
C SER FA 117 33.09 -11.35 -15.03
N ARG FA 118 33.95 -10.44 -15.50
CA ARG FA 118 33.61 -9.56 -16.61
C ARG FA 118 34.12 -10.08 -17.94
N GLY FA 119 34.21 -11.40 -18.09
CA GLY FA 119 34.72 -11.99 -19.32
C GLY FA 119 36.17 -11.66 -19.59
N GLU FA 120 37.02 -11.68 -18.56
CA GLU FA 120 38.42 -11.31 -18.68
C GLU FA 120 39.28 -12.39 -18.04
N GLU FA 121 40.39 -12.72 -18.68
CA GLU FA 121 41.32 -13.71 -18.15
C GLU FA 121 42.35 -13.09 -17.21
N GLY FA 122 43.05 -12.05 -17.66
CA GLY FA 122 44.01 -11.37 -16.83
C GLY FA 122 45.44 -11.86 -17.03
N ARG FA 123 46.36 -10.93 -17.30
CA ARG FA 123 47.77 -11.24 -17.51
C ARG FA 123 48.60 -10.33 -16.62
N PRO FA 124 48.84 -10.73 -15.35
CA PRO FA 124 49.60 -9.90 -14.41
C PRO FA 124 51.11 -9.99 -14.60
N TRP FA 125 51.56 -9.90 -15.86
CA TRP FA 125 52.98 -9.93 -16.16
C TRP FA 125 53.39 -8.95 -17.25
N ALA FA 126 52.49 -8.12 -17.75
CA ALA FA 126 52.80 -7.17 -18.82
C ALA FA 126 53.43 -5.92 -18.20
N GLY FA 127 54.74 -5.96 -18.01
CA GLY FA 127 55.44 -4.83 -17.43
C GLY FA 127 56.53 -5.24 -16.46
N LYS FA 128 56.51 -6.50 -16.03
CA LYS FA 128 57.49 -7.02 -15.08
C LYS FA 128 58.64 -7.76 -15.75
N THR FA 129 58.38 -8.45 -16.85
CA THR FA 129 59.41 -9.21 -17.54
C THR FA 129 60.27 -8.36 -18.48
N ALA FA 130 59.96 -7.08 -18.61
CA ALA FA 130 60.78 -6.18 -19.41
C ALA FA 130 62.02 -5.69 -18.68
N TYR FA 131 62.15 -5.99 -17.39
CA TYR FA 131 63.30 -5.57 -16.61
C TYR FA 131 64.51 -6.44 -16.96
N ILE FA 132 65.64 -5.79 -17.22
CA ILE FA 132 66.88 -6.47 -17.58
C ILE FA 132 67.78 -6.55 -16.36
N ARG FA 133 68.30 -7.74 -16.08
CA ARG FA 133 69.16 -7.94 -14.92
C ARG FA 133 70.43 -7.12 -15.01
N TYR FA 134 70.58 -6.15 -14.13
CA TYR FA 134 71.75 -5.26 -14.11
C TYR FA 134 72.60 -5.48 -12.86
N GLY FA 135 72.46 -6.62 -12.21
CA GLY FA 135 73.23 -6.90 -11.00
C GLY FA 135 74.15 -8.09 -11.13
N ASP FA 136 74.37 -8.80 -10.02
CA ASP FA 136 75.24 -9.96 -9.99
C ASP FA 136 74.49 -11.27 -10.18
N GLY FA 137 73.19 -11.22 -10.44
CA GLY FA 137 72.40 -12.42 -10.62
C GLY FA 137 71.89 -13.05 -9.34
N LEU FA 138 72.03 -12.38 -8.20
CA LEU FA 138 71.55 -12.90 -6.93
C LEU FA 138 70.02 -12.96 -6.90
N ALA GA 2 16.70 -42.45 -24.54
CA ALA GA 2 15.89 -42.01 -23.40
C ALA GA 2 15.61 -43.17 -22.46
N GLY GA 3 14.59 -43.01 -21.61
CA GLY GA 3 14.24 -44.04 -20.66
C GLY GA 3 15.17 -44.06 -19.45
N LEU GA 4 15.13 -42.99 -18.66
CA LEU GA 4 16.00 -42.91 -17.50
C LEU GA 4 15.73 -44.03 -16.51
N ALA GA 5 14.45 -44.33 -16.27
CA ALA GA 5 14.05 -45.39 -15.37
C ALA GA 5 13.59 -46.61 -16.17
N THR GA 6 13.67 -47.77 -15.54
CA THR GA 6 13.21 -49.02 -16.15
C THR GA 6 11.74 -49.25 -15.76
N ILE GA 7 11.23 -50.43 -16.05
CA ILE GA 7 9.83 -50.75 -15.76
C ILE GA 7 9.67 -51.63 -14.52
N ASP GA 8 10.73 -52.32 -14.07
CA ASP GA 8 10.60 -53.20 -12.93
C ASP GA 8 10.43 -52.43 -11.63
N GLU GA 9 11.24 -51.38 -11.42
CA GLU GA 9 11.13 -50.62 -10.19
C GLU GA 9 9.82 -49.83 -10.13
N LEU GA 10 9.32 -49.37 -11.29
CA LEU GA 10 8.00 -48.75 -11.31
C LEU GA 10 6.91 -49.74 -10.93
N GLN GA 11 7.03 -50.98 -11.41
CA GLN GA 11 6.07 -52.01 -11.04
C GLN GA 11 6.12 -52.30 -9.54
N THR GA 12 7.32 -52.36 -8.97
CA THR GA 12 7.44 -52.58 -7.53
C THR GA 12 6.85 -51.41 -6.74
N LEU GA 13 7.10 -50.17 -7.21
CA LEU GA 13 6.55 -49.00 -6.53
C LEU GA 13 5.02 -49.00 -6.57
N MET GA 14 4.44 -49.35 -7.72
CA MET GA 14 2.99 -49.43 -7.85
C MET GA 14 2.42 -50.72 -7.28
N SER GA 15 3.27 -51.67 -6.90
CA SER GA 15 2.86 -52.96 -6.34
C SER GA 15 1.98 -53.75 -7.30
N THR GA 16 2.06 -53.46 -8.60
CA THR GA 16 1.29 -54.13 -9.63
C THR GA 16 2.23 -54.53 -10.76
N VAL GA 17 1.67 -55.23 -11.74
CA VAL GA 17 2.42 -55.65 -12.93
C VAL GA 17 1.72 -55.07 -14.15
N PHE GA 18 2.53 -54.50 -15.06
CA PHE GA 18 2.02 -53.90 -16.29
C PHE GA 18 2.10 -54.93 -17.42
N GLU GA 19 0.97 -55.17 -18.07
CA GLU GA 19 0.90 -56.15 -19.13
C GLU GA 19 -0.01 -55.63 -20.24
N ASP GA 20 0.22 -56.13 -21.45
CA ASP GA 20 -0.57 -55.78 -22.65
C ASP GA 20 -0.39 -54.28 -22.90
N ASP GA 21 -1.46 -53.55 -23.25
CA ASP GA 21 -1.34 -52.12 -23.52
C ASP GA 21 -0.94 -51.32 -22.30
N ALA GA 22 -1.17 -51.86 -21.10
CA ALA GA 22 -0.76 -51.16 -19.89
C ALA GA 22 0.75 -51.00 -19.83
N LEU GA 23 1.49 -52.04 -20.22
CA LEU GA 23 2.95 -51.94 -20.26
C LEU GA 23 3.40 -50.89 -21.28
N GLU GA 24 2.79 -50.90 -22.47
CA GLU GA 24 3.15 -49.91 -23.49
C GLU GA 24 2.80 -48.50 -23.05
N GLN GA 25 1.63 -48.32 -22.43
CA GLN GA 25 1.25 -47.00 -21.94
C GLN GA 25 2.20 -46.53 -20.86
N ALA GA 26 2.58 -47.42 -19.93
CA ALA GA 26 3.52 -47.05 -18.88
C ALA GA 26 4.88 -46.69 -19.46
N GLN GA 27 5.34 -47.45 -20.46
CA GLN GA 27 6.62 -47.14 -21.09
C GLN GA 27 6.58 -45.79 -21.79
N LEU GA 28 5.48 -45.50 -22.50
CA LEU GA 28 5.35 -44.21 -23.16
C LEU GA 28 5.32 -43.06 -22.15
N VAL GA 29 4.59 -43.25 -21.05
CA VAL GA 29 4.53 -42.21 -20.02
C VAL GA 29 5.91 -42.00 -19.40
N LEU GA 30 6.64 -43.09 -19.15
CA LEU GA 30 7.98 -42.96 -18.59
C LEU GA 30 8.92 -42.26 -19.55
N ASP GA 31 8.80 -42.55 -20.85
CA ASP GA 31 9.62 -41.87 -21.84
C ASP GA 31 9.30 -40.38 -21.87
N ILE GA 32 8.01 -40.03 -21.81
CA ILE GA 32 7.60 -38.62 -21.81
C ILE GA 32 8.18 -37.91 -20.58
N VAL GA 33 8.06 -38.54 -19.42
CA VAL GA 33 8.55 -37.93 -18.18
C VAL GA 33 10.06 -37.80 -18.22
N SER GA 34 10.75 -38.81 -18.74
CA SER GA 34 12.21 -38.74 -18.83
C SER GA 34 12.65 -37.62 -19.77
N SER GA 35 11.96 -37.45 -20.90
CA SER GA 35 12.29 -36.37 -21.81
C SER GA 35 12.05 -35.01 -21.15
N TRP GA 36 10.94 -34.87 -20.43
CA TRP GA 36 10.66 -33.60 -19.75
C TRP GA 36 11.70 -33.31 -18.67
N ALA GA 37 12.09 -34.33 -17.90
CA ALA GA 37 13.12 -34.14 -16.89
C ALA GA 37 14.46 -33.79 -17.52
N ARG GA 38 14.78 -34.42 -18.65
CA ARG GA 38 16.02 -34.11 -19.35
C ARG GA 38 16.04 -32.67 -19.84
N VAL GA 39 14.93 -32.21 -20.42
CA VAL GA 39 14.89 -30.84 -20.93
C VAL GA 39 14.88 -29.84 -19.78
N VAL GA 40 14.28 -30.19 -18.63
CA VAL GA 40 14.30 -29.29 -17.49
C VAL GA 40 15.71 -29.18 -16.92
N SER GA 41 16.39 -30.32 -16.75
CA SER GA 41 17.75 -30.30 -16.20
C SER GA 41 18.73 -29.68 -17.17
N GLY GA 42 18.57 -29.95 -18.46
CA GLY GA 42 19.45 -29.44 -19.49
C GLY GA 42 20.55 -30.39 -19.91
N GLN GA 43 20.72 -31.50 -19.23
CA GLN GA 43 21.74 -32.48 -19.58
C GLN GA 43 21.20 -33.45 -20.64
N MET GA 44 22.07 -34.36 -21.07
CA MET GA 44 21.73 -35.31 -22.13
C MET GA 44 21.60 -36.74 -21.65
N TRP GA 45 22.48 -37.18 -20.74
CA TRP GA 45 22.51 -38.56 -20.26
C TRP GA 45 22.55 -39.54 -21.42
N PRO GA 46 23.68 -39.66 -22.13
CA PRO GA 46 23.74 -40.54 -23.31
C PRO GA 46 23.40 -41.97 -22.97
N ASP GA 47 24.12 -42.58 -22.02
CA ASP GA 47 23.78 -43.90 -21.51
C ASP GA 47 22.70 -43.71 -20.45
N ALA GA 48 21.44 -43.87 -20.86
CA ALA GA 48 20.33 -43.51 -19.98
C ALA GA 48 20.29 -44.36 -18.72
N PRO GA 49 20.10 -45.69 -18.78
CA PRO GA 49 20.06 -46.46 -17.53
C PRO GA 49 21.43 -46.91 -17.06
N ALA GA 50 22.43 -46.03 -17.14
CA ALA GA 50 23.78 -46.36 -16.64
C ALA GA 50 24.21 -45.44 -15.51
N ASN GA 51 24.27 -44.13 -15.74
CA ASN GA 51 24.62 -43.21 -14.66
C ASN GA 51 23.38 -42.84 -13.86
N VAL GA 52 22.44 -42.14 -14.50
CA VAL GA 52 21.07 -41.91 -14.06
C VAL GA 52 20.98 -41.71 -12.55
N PRO GA 53 21.43 -40.58 -12.02
CA PRO GA 53 21.47 -40.39 -10.56
C PRO GA 53 20.09 -40.61 -9.92
N ASP GA 54 20.12 -40.97 -8.64
CA ASP GA 54 18.90 -41.35 -7.93
C ASP GA 54 17.89 -40.22 -7.86
N ASP GA 55 18.33 -38.96 -7.94
CA ASP GA 55 17.40 -37.84 -7.89
C ASP GA 55 16.46 -37.84 -9.09
N VAL GA 56 17.02 -37.98 -10.30
CA VAL GA 56 16.18 -37.99 -11.49
C VAL GA 56 15.35 -39.27 -11.54
N ARG GA 57 15.87 -40.38 -11.02
CA ARG GA 57 15.06 -41.60 -10.95
C ARG GA 57 13.85 -41.39 -10.05
N ALA GA 58 14.05 -40.77 -8.88
CA ALA GA 58 12.93 -40.48 -8.00
C ALA GA 58 11.93 -39.55 -8.68
N VAL GA 59 12.43 -38.52 -9.36
CA VAL GA 59 11.55 -37.56 -10.02
C VAL GA 59 10.70 -38.26 -11.08
N VAL GA 60 11.33 -39.05 -11.94
CA VAL GA 60 10.60 -39.69 -13.03
C VAL GA 60 9.63 -40.74 -12.49
N LEU GA 61 10.03 -41.47 -11.45
CA LEU GA 61 9.14 -42.47 -10.87
C LEU GA 61 7.90 -41.81 -10.27
N GLN GA 62 8.10 -40.72 -9.52
CA GLN GA 62 6.96 -40.03 -8.92
C GLN GA 62 6.05 -39.44 -9.99
N ALA GA 63 6.63 -38.82 -11.02
CA ALA GA 63 5.81 -38.22 -12.07
C ALA GA 63 5.05 -39.29 -12.85
N SER GA 64 5.69 -40.41 -13.15
CA SER GA 64 5.01 -41.49 -13.85
C SER GA 64 3.88 -42.07 -13.00
N ARG GA 65 4.11 -42.23 -11.70
CA ARG GA 65 3.06 -42.73 -10.81
C ARG GA 65 1.88 -41.76 -10.78
N ARG GA 66 2.15 -40.46 -10.69
CA ARG GA 66 1.07 -39.48 -10.68
C ARG GA 66 0.29 -39.51 -12.00
N GLU GA 67 0.99 -39.60 -13.13
CA GLU GA 67 0.31 -39.65 -14.42
C GLU GA 67 -0.54 -40.91 -14.55
N LEU GA 68 0.00 -42.05 -14.10
CA LEU GA 68 -0.76 -43.31 -14.20
C LEU GA 68 -1.98 -43.29 -13.29
N LYS GA 69 -1.86 -42.66 -12.11
CA LYS GA 69 -3.01 -42.61 -11.20
C LYS GA 69 -4.18 -41.85 -11.83
N ASN GA 70 -3.90 -40.74 -12.51
CA ASN GA 70 -4.95 -40.01 -13.21
C ASN GA 70 -4.37 -39.26 -14.41
N PRO GA 71 -4.69 -39.70 -15.63
CA PRO GA 71 -4.19 -38.96 -16.80
C PRO GA 71 -4.79 -37.57 -16.92
N ASP GA 72 -6.02 -37.38 -16.47
CA ASP GA 72 -6.67 -36.06 -16.44
C ASP GA 72 -6.70 -35.56 -15.01
N ARG GA 73 -6.30 -34.31 -14.82
CA ARG GA 73 -6.20 -33.72 -13.48
C ARG GA 73 -7.60 -33.64 -12.86
N VAL GA 74 -7.81 -34.41 -11.79
CA VAL GA 74 -9.09 -34.47 -11.11
C VAL GA 74 -8.90 -34.06 -9.65
N ILE GA 75 -9.80 -33.23 -9.14
CA ILE GA 75 -9.74 -32.77 -7.76
C ILE GA 75 -10.49 -33.76 -6.88
N SER GA 76 -11.76 -34.01 -7.20
CA SER GA 76 -12.59 -34.92 -6.43
C SER GA 76 -13.29 -35.88 -7.39
N ARG GA 77 -13.24 -37.18 -7.07
CA ARG GA 77 -13.90 -38.21 -7.86
C ARG GA 77 -14.57 -39.18 -6.91
N GLN GA 78 -15.85 -39.46 -7.16
CA GLN GA 78 -16.62 -40.36 -6.31
C GLN GA 78 -17.57 -41.18 -7.16
N MET GA 79 -17.80 -42.42 -6.74
CA MET GA 79 -18.72 -43.34 -7.39
C MET GA 79 -19.57 -43.99 -6.31
N GLY GA 80 -20.75 -43.43 -6.06
CA GLY GA 80 -21.65 -43.95 -5.06
C GLY GA 80 -21.22 -43.59 -3.66
N PRO GA 81 -21.03 -44.59 -2.81
CA PRO GA 81 -20.61 -44.32 -1.42
C PRO GA 81 -19.14 -43.96 -1.32
N PHE GA 82 -18.32 -44.53 -2.20
CA PHE GA 82 -16.88 -44.28 -2.18
C PHE GA 82 -16.58 -42.90 -2.73
N ASN GA 83 -15.74 -42.15 -2.00
CA ASN GA 83 -15.32 -40.83 -2.42
C ASN GA 83 -13.84 -40.64 -2.09
N VAL GA 84 -13.17 -39.82 -2.90
CA VAL GA 84 -11.76 -39.51 -2.69
C VAL GA 84 -11.48 -38.16 -3.32
N GLN GA 85 -10.67 -37.35 -2.64
CA GLN GA 85 -10.29 -36.03 -3.12
C GLN GA 85 -8.77 -35.90 -3.09
N TYR GA 86 -8.21 -35.47 -4.21
CA TYR GA 86 -6.77 -35.29 -4.34
C TYR GA 86 -6.38 -33.84 -4.07
N SER GA 87 -5.07 -33.61 -3.98
CA SER GA 87 -4.55 -32.27 -3.76
C SER GA 87 -4.58 -31.48 -5.06
N GLN GA 88 -4.07 -30.25 -5.01
CA GLN GA 88 -4.05 -29.41 -6.19
C GLN GA 88 -3.02 -29.93 -7.19
N PRO GA 89 -3.40 -30.27 -8.42
CA PRO GA 89 -2.42 -30.73 -9.38
C PRO GA 89 -1.44 -29.62 -9.73
N PRO GA 90 -0.18 -29.96 -10.00
CA PRO GA 90 0.81 -28.94 -10.36
C PRO GA 90 0.67 -28.54 -11.82
N ASP GA 91 1.40 -27.48 -12.19
CA ASP GA 91 1.48 -27.07 -13.59
C ASP GA 91 2.22 -28.14 -14.41
N GLY GA 92 1.46 -28.92 -15.16
CA GLY GA 92 2.04 -30.07 -15.84
C GLY GA 92 2.55 -31.06 -14.82
N PHE GA 93 3.79 -31.50 -14.99
CA PHE GA 93 4.45 -32.40 -14.08
C PHE GA 93 5.42 -31.62 -13.19
N PHE GA 94 6.23 -32.33 -12.41
CA PHE GA 94 7.37 -31.75 -11.70
C PHE GA 94 6.93 -30.66 -10.72
N TYR GA 95 6.27 -31.12 -9.64
CA TYR GA 95 5.93 -30.28 -8.49
C TYR GA 95 7.08 -29.36 -8.13
N PRO GA 96 6.81 -28.16 -7.60
CA PRO GA 96 7.87 -27.13 -7.50
C PRO GA 96 9.15 -27.60 -6.82
N ALA GA 97 9.06 -28.44 -5.78
CA ALA GA 97 10.27 -29.00 -5.19
C ALA GA 97 11.01 -29.87 -6.19
N GLU GA 98 10.29 -30.68 -6.96
CA GLU GA 98 10.92 -31.52 -7.98
C GLU GA 98 11.57 -30.66 -9.06
N LEU GA 99 10.88 -29.59 -9.48
CA LEU GA 99 11.46 -28.69 -10.48
C LEU GA 99 12.73 -28.03 -9.95
N ALA GA 100 12.71 -27.58 -8.70
CA ALA GA 100 13.88 -26.93 -8.13
C ALA GA 100 15.06 -27.91 -8.01
N ILE GA 101 14.78 -29.15 -7.63
CA ILE GA 101 15.87 -30.10 -7.43
C ILE GA 101 16.38 -30.66 -8.76
N LEU GA 102 15.53 -30.71 -9.79
CA LEU GA 102 16.00 -31.10 -11.11
C LEU GA 102 16.99 -30.09 -11.67
N LYS GA 103 16.75 -28.80 -11.42
CA LYS GA 103 17.63 -27.74 -11.89
C LYS GA 103 18.97 -27.67 -11.16
N ARG GA 104 19.23 -28.64 -10.28
CA ARG GA 104 20.53 -28.70 -9.60
C ARG GA 104 21.67 -28.89 -10.58
N PHE GA 105 21.47 -29.75 -11.59
CA PHE GA 105 22.52 -30.06 -12.54
C PHE GA 105 22.87 -28.87 -13.43
N LYS GA 106 22.05 -27.81 -13.45
CA LYS GA 106 22.35 -26.63 -14.24
C LYS GA 106 23.61 -25.94 -13.72
N ARG GA 107 24.39 -25.38 -14.64
CA ARG GA 107 25.64 -24.75 -14.28
C ARG GA 107 25.40 -23.50 -13.44
N SER GA 108 26.26 -23.27 -12.46
CA SER GA 108 26.18 -22.13 -11.55
C SER GA 108 24.84 -22.18 -10.82
N GLY GA 109 24.31 -21.02 -10.42
CA GLY GA 109 23.05 -20.93 -9.74
C GLY GA 109 21.84 -20.75 -10.63
N GLY GA 110 21.99 -20.93 -11.95
CA GLY GA 110 20.91 -20.74 -12.88
C GLY GA 110 20.72 -19.32 -13.37
N LEU GA 111 21.54 -18.39 -12.91
CA LEU GA 111 21.44 -16.99 -13.34
C LEU GA 111 22.29 -16.74 -14.58
N MET GA 112 21.95 -17.48 -15.64
CA MET GA 112 22.65 -17.32 -16.91
C MET GA 112 22.26 -16.00 -17.56
N THR GA 113 23.21 -15.44 -18.31
CA THR GA 113 23.05 -14.13 -18.92
C THR GA 113 23.12 -14.24 -20.45
N VAL GA 114 22.67 -13.18 -21.12
CA VAL GA 114 22.70 -13.08 -22.56
C VAL GA 114 23.53 -11.86 -22.94
N SER GA 115 24.42 -12.03 -23.92
CA SER GA 115 25.31 -10.96 -24.34
C SER GA 115 24.58 -10.10 -25.37
N THR GA 116 24.27 -8.86 -24.99
CA THR GA 116 23.60 -7.93 -25.89
C THR GA 116 24.61 -7.13 -26.69
N SER GA 117 24.11 -6.42 -27.70
CA SER GA 117 24.96 -5.61 -28.55
C SER GA 117 24.15 -4.43 -29.08
N ARG GA 118 24.86 -3.39 -29.51
CA ARG GA 118 24.24 -2.19 -30.04
C ARG GA 118 24.17 -2.20 -31.57
N GLY GA 119 24.08 -3.38 -32.17
CA GLY GA 119 24.03 -3.49 -33.62
C GLY GA 119 25.32 -3.04 -34.28
N GLU GA 120 26.46 -3.41 -33.72
CA GLU GA 120 27.76 -3.00 -34.23
C GLU GA 120 28.67 -4.22 -34.35
N GLU GA 121 29.46 -4.25 -35.41
CA GLU GA 121 30.40 -5.34 -35.64
C GLU GA 121 31.76 -5.08 -34.99
N GLY GA 122 32.36 -3.92 -35.28
CA GLY GA 122 33.64 -3.56 -34.69
C GLY GA 122 34.83 -3.91 -35.56
N ARG GA 123 35.67 -2.92 -35.85
CA ARG GA 123 36.87 -3.10 -36.66
C ARG GA 123 38.06 -2.52 -35.90
N PRO GA 124 38.69 -3.32 -35.01
CA PRO GA 124 39.83 -2.84 -34.21
C PRO GA 124 41.15 -2.81 -34.98
N TRP GA 125 41.12 -2.28 -36.20
CA TRP GA 125 42.33 -2.16 -36.99
C TRP GA 125 42.42 -0.85 -37.77
N ALA GA 126 41.48 0.08 -37.58
CA ALA GA 126 41.48 1.35 -38.31
C ALA GA 126 42.41 2.32 -37.59
N GLY GA 127 43.70 2.26 -37.92
CA GLY GA 127 44.67 3.12 -37.31
C GLY GA 127 45.98 2.44 -37.00
N LYS GA 128 45.99 1.11 -37.04
CA LYS GA 128 47.18 0.33 -36.76
C LYS GA 128 47.93 -0.09 -38.01
N THR GA 129 47.23 -0.37 -39.10
CA THR GA 129 47.86 -0.83 -40.33
C THR GA 129 48.41 0.32 -41.17
N ALA GA 130 48.20 1.56 -40.76
CA ALA GA 130 48.77 2.71 -41.46
C ALA GA 130 50.23 2.95 -41.12
N TYR GA 131 50.78 2.23 -40.16
CA TYR GA 131 52.18 2.37 -39.78
C TYR GA 131 53.08 1.73 -40.82
N ILE GA 132 54.12 2.43 -41.22
CA ILE GA 132 55.07 1.97 -42.23
C ILE GA 132 56.33 1.50 -41.54
N ARG GA 133 56.79 0.30 -41.88
CA ARG GA 133 57.98 -0.27 -41.27
C ARG GA 133 59.21 0.56 -41.55
N TYR GA 134 59.78 1.18 -40.51
CA TYR GA 134 60.96 2.02 -40.63
C TYR GA 134 62.19 1.41 -39.95
N GLY GA 135 62.17 0.11 -39.72
CA GLY GA 135 63.28 -0.55 -39.05
C GLY GA 135 63.98 -1.59 -39.91
N ASP GA 136 64.49 -2.64 -39.26
CA ASP GA 136 65.20 -3.71 -39.95
C ASP GA 136 64.29 -4.89 -40.31
N GLY GA 137 63.00 -4.78 -40.05
CA GLY GA 137 62.07 -5.87 -40.34
C GLY GA 137 61.97 -6.92 -39.26
N LEU GA 138 62.56 -6.69 -38.09
CA LEU GA 138 62.49 -7.65 -36.99
C LEU GA 138 61.06 -7.79 -36.48
N ALA HA 2 2.33 -30.79 -41.57
CA ALA HA 2 2.04 -30.78 -40.13
C ALA HA 2 1.96 -32.20 -39.59
N GLY HA 3 1.33 -32.35 -38.43
CA GLY HA 3 1.23 -33.66 -37.81
C GLY HA 3 2.51 -34.09 -37.11
N LEU HA 4 2.89 -33.36 -36.06
CA LEU HA 4 4.11 -33.67 -35.35
C LEU HA 4 4.07 -35.07 -34.75
N ALA HA 5 2.95 -35.45 -34.16
CA ALA HA 5 2.77 -36.78 -33.59
C ALA HA 5 1.94 -37.65 -34.52
N THR HA 6 2.12 -38.96 -34.39
CA THR HA 6 1.36 -39.92 -35.17
C THR HA 6 0.12 -40.32 -34.37
N ILE HA 7 -0.59 -41.36 -34.84
CA ILE HA 7 -1.81 -41.80 -34.18
C ILE HA 7 -1.61 -43.06 -33.34
N ASP HA 8 -0.53 -43.82 -33.57
CA ASP HA 8 -0.34 -45.05 -32.82
C ASP HA 8 0.05 -44.78 -31.37
N GLU HA 9 0.98 -43.85 -31.15
CA GLU HA 9 1.39 -43.55 -29.78
C GLU HA 9 0.27 -42.88 -29.00
N LEU HA 10 -0.56 -42.07 -29.65
CA LEU HA 10 -1.72 -41.52 -28.98
C LEU HA 10 -2.70 -42.62 -28.58
N GLN HA 11 -2.88 -43.61 -29.45
CA GLN HA 11 -3.75 -44.75 -29.11
C GLN HA 11 -3.19 -45.51 -27.92
N THR HA 12 -1.87 -45.74 -27.89
CA THR HA 12 -1.27 -46.44 -26.75
C THR HA 12 -1.42 -45.63 -25.47
N LEU HA 13 -1.23 -44.30 -25.56
CA LEU HA 13 -1.37 -43.46 -24.37
C LEU HA 13 -2.80 -43.48 -23.85
N MET HA 14 -3.78 -43.42 -24.74
CA MET HA 14 -5.18 -43.49 -24.33
C MET HA 14 -5.67 -44.90 -24.06
N SER HA 15 -4.86 -45.91 -24.37
CA SER HA 15 -5.19 -47.32 -24.18
C SER HA 15 -6.44 -47.73 -24.95
N THR HA 16 -6.79 -46.97 -25.99
CA THR HA 16 -7.95 -47.26 -26.82
C THR HA 16 -7.55 -47.16 -28.28
N VAL HA 17 -8.42 -47.65 -29.15
CA VAL HA 17 -8.21 -47.62 -30.60
C VAL HA 17 -9.22 -46.67 -31.22
N PHE HA 18 -8.76 -45.81 -32.11
CA PHE HA 18 -9.62 -44.86 -32.80
C PHE HA 18 -10.07 -45.42 -34.13
N GLU HA 19 -11.38 -45.39 -34.37
CA GLU HA 19 -11.96 -45.94 -35.58
C GLU HA 19 -13.12 -45.06 -36.03
N ASP HA 20 -13.40 -45.12 -37.33
CA ASP HA 20 -14.51 -44.37 -37.96
C ASP HA 20 -14.24 -42.88 -37.76
N ASP HA 21 -15.27 -42.08 -37.44
CA ASP HA 21 -15.08 -40.65 -37.26
C ASP HA 21 -14.19 -40.32 -36.07
N ALA HA 22 -14.06 -41.23 -35.11
CA ALA HA 22 -13.18 -40.99 -33.98
C ALA HA 22 -11.74 -40.83 -34.41
N LEU HA 23 -11.30 -41.66 -35.36
CA LEU HA 23 -9.95 -41.52 -35.90
C LEU HA 23 -9.77 -40.18 -36.60
N GLU HA 24 -10.75 -39.79 -37.42
CA GLU HA 24 -10.66 -38.50 -38.12
C GLU HA 24 -10.69 -37.33 -37.13
N GLN HA 25 -11.54 -37.42 -36.11
CA GLN HA 25 -11.59 -36.36 -35.10
C GLN HA 25 -10.26 -36.26 -34.34
N ALA HA 26 -9.68 -37.41 -33.97
CA ALA HA 26 -8.40 -37.41 -33.29
C ALA HA 26 -7.31 -36.84 -34.18
N GLN HA 27 -7.30 -37.20 -35.46
CA GLN HA 27 -6.31 -36.65 -36.38
C GLN HA 27 -6.45 -35.15 -36.52
N LEU HA 28 -7.69 -34.65 -36.64
CA LEU HA 28 -7.91 -33.21 -36.73
C LEU HA 28 -7.45 -32.50 -35.47
N VAL HA 29 -7.78 -33.06 -34.30
CA VAL HA 29 -7.37 -32.44 -33.04
C VAL HA 29 -5.86 -32.41 -32.93
N LEU HA 30 -5.20 -33.51 -33.33
CA LEU HA 30 -3.73 -33.55 -33.28
C LEU HA 30 -3.13 -32.54 -34.25
N ASP HA 31 -3.73 -32.37 -35.43
CA ASP HA 31 -3.23 -31.36 -36.37
C ASP HA 31 -3.38 -29.95 -35.79
N ILE HA 32 -4.52 -29.68 -35.15
CA ILE HA 32 -4.73 -28.37 -34.52
C ILE HA 32 -3.69 -28.13 -33.44
N VAL HA 33 -3.46 -29.14 -32.60
CA VAL HA 33 -2.50 -28.98 -31.49
C VAL HA 33 -1.09 -28.81 -32.03
N SER HA 34 -0.74 -29.55 -33.08
CA SER HA 34 0.57 -29.40 -33.69
C SER HA 34 0.75 -28.01 -34.29
N SER HA 35 -0.29 -27.48 -34.94
CA SER HA 35 -0.21 -26.12 -35.48
C SER HA 35 -0.03 -25.10 -34.36
N TRP HA 36 -0.77 -25.26 -33.26
CA TRP HA 36 -0.63 -24.34 -32.14
C TRP HA 36 0.77 -24.41 -31.52
N ALA HA 37 1.30 -25.62 -31.38
CA ALA HA 37 2.65 -25.78 -30.84
C ALA HA 37 3.68 -25.16 -31.78
N ARG HA 38 3.50 -25.34 -33.09
CA ARG HA 38 4.41 -24.75 -34.07
C ARG HA 38 4.38 -23.24 -34.00
N VAL HA 39 3.20 -22.65 -33.90
CA VAL HA 39 3.10 -21.20 -33.88
C VAL HA 39 3.62 -20.64 -32.56
N VAL HA 40 3.46 -21.38 -31.46
CA VAL HA 40 3.98 -20.92 -30.18
C VAL HA 40 5.52 -20.98 -30.17
N SER HA 41 6.08 -22.09 -30.66
CA SER HA 41 7.53 -22.24 -30.68
C SER HA 41 8.17 -21.30 -31.69
N GLY HA 42 7.52 -21.10 -32.85
CA GLY HA 42 8.04 -20.24 -33.88
C GLY HA 42 8.80 -20.96 -34.98
N GLN HA 43 9.08 -22.24 -34.83
CA GLN HA 43 9.80 -23.00 -35.84
C GLN HA 43 8.82 -23.55 -36.88
N MET HA 44 9.37 -24.24 -37.87
CA MET HA 44 8.57 -24.77 -38.98
C MET HA 44 8.48 -26.28 -38.99
N TRP HA 45 9.56 -26.99 -38.68
CA TRP HA 45 9.62 -28.45 -38.73
C TRP HA 45 9.14 -28.95 -40.07
N PRO HA 46 9.93 -28.79 -41.15
CA PRO HA 46 9.48 -29.20 -42.48
C PRO HA 46 9.11 -30.68 -42.55
N ASP HA 47 10.06 -31.54 -42.21
CA ASP HA 47 9.78 -32.97 -42.08
C ASP HA 47 9.17 -33.19 -40.70
N ALA HA 48 7.84 -33.26 -40.63
CA ALA HA 48 7.16 -33.26 -39.35
C ALA HA 48 7.50 -34.49 -38.51
N PRO HA 49 7.18 -35.73 -38.93
CA PRO HA 49 7.51 -36.87 -38.07
C PRO HA 49 8.91 -37.41 -38.32
N ALA HA 50 9.90 -36.52 -38.47
CA ALA HA 50 11.28 -36.97 -38.65
C ALA HA 50 12.19 -36.48 -37.53
N ASN HA 51 12.30 -35.17 -37.32
CA ASN HA 51 13.10 -34.67 -36.20
C ASN HA 51 12.27 -34.65 -34.92
N VAL HA 52 11.24 -33.80 -34.89
CA VAL HA 52 10.14 -33.78 -33.93
C VAL HA 52 10.62 -34.15 -32.52
N PRO HA 53 11.34 -33.26 -31.84
CA PRO HA 53 11.90 -33.61 -30.53
C PRO HA 53 10.85 -34.10 -29.55
N ASP HA 54 11.31 -34.87 -28.56
CA ASP HA 54 10.39 -35.52 -27.63
C ASP HA 54 9.60 -34.52 -26.81
N ASP HA 55 10.13 -33.31 -26.62
CA ASP HA 55 9.42 -32.31 -25.83
C ASP HA 55 8.12 -31.89 -26.51
N VAL HA 56 8.20 -31.55 -27.80
CA VAL HA 56 6.99 -31.14 -28.52
C VAL HA 56 6.04 -32.33 -28.68
N ARG HA 57 6.57 -33.54 -28.84
CA ARG HA 57 5.71 -34.71 -28.88
C ARG HA 57 4.94 -34.87 -27.58
N ALA HA 58 5.62 -34.71 -26.45
CA ALA HA 58 4.94 -34.79 -25.15
C ALA HA 58 3.87 -33.72 -25.04
N VAL HA 59 4.20 -32.49 -25.43
CA VAL HA 59 3.26 -31.39 -25.30
C VAL HA 59 2.02 -31.64 -26.15
N VAL HA 60 2.21 -32.04 -27.41
CA VAL HA 60 1.08 -32.23 -28.29
C VAL HA 60 0.25 -33.43 -27.87
N LEU HA 61 0.91 -34.50 -27.39
CA LEU HA 61 0.16 -35.66 -26.92
C LEU HA 61 -0.69 -35.32 -25.71
N GLN HA 62 -0.12 -34.59 -24.75
CA GLN HA 62 -0.90 -34.20 -23.57
C GLN HA 62 -2.05 -33.29 -23.94
N ALA HA 63 -1.80 -32.31 -24.82
CA ALA HA 63 -2.88 -31.40 -25.22
C ALA HA 63 -3.98 -32.12 -25.98
N SER HA 64 -3.61 -33.05 -26.86
CA SER HA 64 -4.61 -33.83 -27.59
C SER HA 64 -5.42 -34.71 -26.65
N ARG HA 65 -4.76 -35.33 -25.67
CA ARG HA 65 -5.49 -36.13 -24.68
C ARG HA 65 -6.46 -35.27 -23.89
N ARG HA 66 -6.03 -34.07 -23.48
CA ARG HA 66 -6.90 -33.18 -22.73
C ARG HA 66 -8.11 -32.76 -23.58
N GLU HA 67 -7.87 -32.44 -24.85
CA GLU HA 67 -8.97 -32.03 -25.72
C GLU HA 67 -9.94 -33.18 -25.95
N LEU HA 68 -9.42 -34.40 -26.15
CA LEU HA 68 -10.30 -35.55 -26.37
C LEU HA 68 -11.11 -35.87 -25.11
N LYS HA 69 -10.51 -35.73 -23.94
CA LYS HA 69 -11.24 -36.05 -22.70
C LYS HA 69 -12.45 -35.13 -22.52
N ASN HA 70 -12.28 -33.84 -22.78
CA ASN HA 70 -13.40 -32.90 -22.68
C ASN HA 70 -13.20 -31.73 -23.64
N PRO HA 71 -14.04 -31.62 -24.67
CA PRO HA 71 -13.88 -30.52 -25.63
C PRO HA 71 -14.62 -29.25 -25.19
N ASP HA 72 -15.56 -29.40 -24.26
CA ASP HA 72 -16.36 -28.28 -23.77
C ASP HA 72 -15.77 -27.64 -22.51
N ARG HA 73 -14.63 -28.13 -22.03
CA ARG HA 73 -13.95 -27.57 -20.87
C ARG HA 73 -14.85 -27.53 -19.64
N VAL HA 74 -15.26 -28.71 -19.21
CA VAL HA 74 -16.13 -28.82 -18.04
C VAL HA 74 -15.30 -28.81 -16.76
N ILE HA 75 -15.94 -28.44 -15.66
CA ILE HA 75 -15.29 -28.40 -14.36
C ILE HA 75 -15.74 -29.61 -13.54
N SER HA 76 -17.05 -29.72 -13.32
CA SER HA 76 -17.64 -30.82 -12.56
C SER HA 76 -18.73 -31.47 -13.39
N ARG HA 77 -18.69 -32.80 -13.49
CA ARG HA 77 -19.65 -33.56 -14.27
C ARG HA 77 -20.03 -34.81 -13.49
N GLN HA 78 -21.32 -34.98 -13.22
CA GLN HA 78 -21.81 -36.11 -12.46
C GLN HA 78 -23.01 -36.74 -13.15
N MET HA 79 -23.16 -38.05 -12.98
CA MET HA 79 -24.27 -38.82 -13.56
C MET HA 79 -24.82 -39.71 -12.45
N GLY HA 80 -25.79 -39.20 -11.71
CA GLY HA 80 -26.39 -39.94 -10.62
C GLY HA 80 -25.43 -40.14 -9.47
N PRO HA 81 -25.11 -41.41 -9.18
CA PRO HA 81 -24.15 -41.67 -8.09
C PRO HA 81 -22.72 -41.35 -8.46
N PHE HA 82 -22.35 -41.46 -9.74
CA PHE HA 82 -20.99 -41.21 -10.16
C PHE HA 82 -20.76 -39.71 -10.35
N ASN HA 83 -19.64 -39.22 -9.80
CA ASN HA 83 -19.27 -37.82 -9.92
C ASN HA 83 -17.77 -37.70 -10.13
N VAL HA 84 -17.37 -36.66 -10.86
CA VAL HA 84 -15.96 -36.38 -11.10
C VAL HA 84 -15.80 -34.89 -11.33
N GLN HA 85 -14.75 -34.31 -10.75
CA GLN HA 85 -14.47 -32.89 -10.87
C GLN HA 85 -13.04 -32.71 -11.36
N TYR HA 86 -12.89 -31.93 -12.43
CA TYR HA 86 -11.58 -31.68 -13.02
C TYR HA 86 -10.97 -30.40 -12.44
N SER HA 87 -9.71 -30.18 -12.76
CA SER HA 87 -9.00 -28.98 -12.32
C SER HA 87 -9.36 -27.81 -13.22
N GLN HA 88 -8.73 -26.66 -12.97
CA GLN HA 88 -8.98 -25.47 -13.78
C GLN HA 88 -8.39 -25.65 -15.16
N PRO HA 89 -9.19 -25.54 -16.23
CA PRO HA 89 -8.63 -25.70 -17.57
C PRO HA 89 -7.66 -24.57 -17.88
N PRO HA 90 -6.60 -24.85 -18.63
CA PRO HA 90 -5.66 -23.79 -19.00
C PRO HA 90 -6.26 -22.86 -20.05
N ASP HA 91 -5.71 -21.65 -20.10
CA ASP HA 91 -6.12 -20.67 -21.10
C ASP HA 91 -5.65 -21.14 -22.47
N GLY HA 92 -6.58 -21.68 -23.26
CA GLY HA 92 -6.24 -22.25 -24.54
C GLY HA 92 -6.12 -23.76 -24.49
N PHE HA 93 -4.93 -24.28 -24.71
CA PHE HA 93 -4.69 -25.72 -24.69
C PHE HA 93 -3.52 -26.12 -23.79
N PHE HA 94 -2.48 -25.30 -23.72
CA PHE HA 94 -1.26 -25.66 -23.01
C PHE HA 94 -1.22 -24.96 -21.66
N TYR HA 95 -0.84 -25.71 -20.63
CA TYR HA 95 -0.65 -25.14 -19.30
C TYR HA 95 0.56 -24.20 -19.31
N PRO HA 96 0.63 -23.28 -18.34
CA PRO HA 96 1.79 -22.35 -18.32
C PRO HA 96 3.13 -23.05 -18.29
N ALA HA 97 3.23 -24.18 -17.59
CA ALA HA 97 4.46 -24.96 -17.61
C ALA HA 97 4.74 -25.52 -19.00
N GLU HA 98 3.69 -25.99 -19.68
CA GLU HA 98 3.86 -26.55 -21.02
C GLU HA 98 4.33 -25.47 -22.00
N LEU HA 99 3.81 -24.25 -21.87
CA LEU HA 99 4.19 -23.18 -22.79
C LEU HA 99 5.67 -22.83 -22.66
N ALA HA 100 6.23 -22.96 -21.46
CA ALA HA 100 7.66 -22.67 -21.28
C ALA HA 100 8.52 -23.63 -22.08
N ILE HA 101 8.15 -24.91 -22.10
CA ILE HA 101 8.90 -25.90 -22.88
C ILE HA 101 8.80 -25.59 -24.37
N LEU HA 102 7.60 -25.21 -24.83
CA LEU HA 102 7.43 -24.89 -26.25
C LEU HA 102 8.24 -23.65 -26.64
N LYS HA 103 8.30 -22.65 -25.76
CA LYS HA 103 9.03 -21.42 -26.05
C LYS HA 103 10.53 -21.57 -25.89
N ARG HA 104 11.03 -22.77 -25.57
CA ARG HA 104 12.46 -23.00 -25.45
C ARG HA 104 13.17 -22.76 -26.77
N PHE HA 105 12.57 -23.22 -27.87
CA PHE HA 105 13.22 -23.13 -29.18
C PHE HA 105 13.36 -21.70 -29.68
N LYS HA 106 12.69 -20.74 -29.04
CA LYS HA 106 12.82 -19.35 -29.45
C LYS HA 106 14.25 -18.85 -29.25
N ARG HA 107 14.71 -18.00 -30.15
CA ARG HA 107 16.07 -17.50 -30.10
C ARG HA 107 16.28 -16.62 -28.87
N SER HA 108 17.46 -16.73 -28.27
CA SER HA 108 17.84 -15.97 -27.07
C SER HA 108 16.86 -16.31 -25.95
N GLY HA 109 16.63 -15.38 -25.03
CA GLY HA 109 15.71 -15.56 -23.93
C GLY HA 109 14.30 -15.12 -24.20
N GLY HA 110 13.95 -14.84 -25.45
CA GLY HA 110 12.62 -14.36 -25.78
C GLY HA 110 12.42 -12.86 -25.69
N LEU HA 111 13.46 -12.12 -25.28
CA LEU HA 111 13.36 -10.66 -25.15
C LEU HA 111 13.72 -9.98 -26.47
N MET HA 112 12.95 -10.31 -27.50
CA MET HA 112 13.15 -9.70 -28.81
C MET HA 112 12.72 -8.24 -28.79
N THR HA 113 13.37 -7.43 -29.62
CA THR HA 113 13.15 -5.99 -29.65
C THR HA 113 12.66 -5.57 -31.03
N VAL HA 114 12.12 -4.35 -31.09
CA VAL HA 114 11.64 -3.76 -32.33
C VAL HA 114 12.39 -2.45 -32.55
N SER HA 115 12.87 -2.25 -33.79
CA SER HA 115 13.64 -1.07 -34.14
C SER HA 115 12.69 0.07 -34.47
N THR HA 116 12.67 1.08 -33.61
CA THR HA 116 11.82 2.25 -33.82
C THR HA 116 12.56 3.31 -34.64
N SER HA 117 11.81 4.31 -35.09
CA SER HA 117 12.37 5.40 -35.87
C SER HA 117 11.56 6.66 -35.63
N ARG HA 118 12.17 7.80 -35.91
CA ARG HA 118 11.53 9.10 -35.76
C ARG HA 118 10.92 9.62 -37.05
N GLY HA 119 10.48 8.71 -37.92
CA GLY HA 119 9.92 9.12 -39.21
C GLY HA 119 10.91 9.80 -40.11
N GLU HA 120 12.15 9.29 -40.16
CA GLU HA 120 13.21 9.89 -40.95
C GLU HA 120 13.88 8.81 -41.81
N GLU HA 121 14.23 9.18 -43.03
CA GLU HA 121 14.92 8.26 -43.94
C GLU HA 121 16.43 8.33 -43.80
N GLY HA 122 17.00 9.53 -43.89
CA GLY HA 122 18.43 9.71 -43.73
C GLY HA 122 19.19 9.71 -45.04
N ARG HA 123 19.98 10.76 -45.27
CA ARG HA 123 20.79 10.91 -46.48
C ARG HA 123 22.23 11.21 -46.07
N PRO HA 124 23.03 10.17 -45.81
CA PRO HA 124 24.42 10.36 -45.38
C PRO HA 124 25.39 10.69 -46.51
N TRP HA 125 24.99 11.61 -47.38
CA TRP HA 125 25.84 12.05 -48.48
C TRP HA 125 25.78 13.54 -48.74
N ALA HA 126 25.07 14.32 -47.94
CA ALA HA 126 24.94 15.76 -48.14
C ALA HA 126 26.16 16.44 -47.53
N GLY HA 127 27.23 16.54 -48.31
CA GLY HA 127 28.45 17.19 -47.85
C GLY HA 127 29.70 16.47 -48.31
N LYS HA 128 29.55 15.24 -48.79
CA LYS HA 128 30.69 14.45 -49.25
C LYS HA 128 30.89 14.51 -50.76
N THR HA 129 29.82 14.59 -51.53
CA THR HA 129 29.91 14.62 -52.99
C THR HA 129 30.24 16.00 -53.53
N ALA HA 130 30.33 17.02 -52.69
CA ALA HA 130 30.72 18.36 -53.12
C ALA HA 130 32.22 18.50 -53.30
N TYR HA 131 33.01 17.49 -52.91
CA TYR HA 131 34.46 17.55 -53.05
C TYR HA 131 34.85 17.33 -54.51
N ILE HA 132 35.75 18.17 -55.01
CA ILE HA 132 36.21 18.10 -56.39
C ILE HA 132 37.60 17.46 -56.41
N ARG HA 133 37.77 16.47 -57.27
CA ARG HA 133 39.03 15.75 -57.38
C ARG HA 133 40.17 16.67 -57.80
N TYR HA 134 41.12 16.90 -56.91
CA TYR HA 134 42.26 17.77 -57.17
C TYR HA 134 43.58 17.00 -57.24
N GLY HA 135 43.52 15.69 -57.46
CA GLY HA 135 44.72 14.88 -57.51
C GLY HA 135 44.94 14.21 -58.86
N ASP HA 136 45.54 13.02 -58.84
CA ASP HA 136 45.83 12.27 -60.05
C ASP HA 136 44.75 11.27 -60.41
N GLY HA 137 43.64 11.24 -59.68
CA GLY HA 137 42.58 10.30 -59.95
C GLY HA 137 42.75 8.94 -59.32
N LEU HA 138 43.73 8.76 -58.46
CA LEU HA 138 43.96 7.48 -57.80
C LEU HA 138 42.80 7.12 -56.87
N ALA IA 2 -16.29 -14.27 -46.83
CA ALA IA 2 -15.89 -14.82 -45.54
C ALA IA 2 -15.82 -16.34 -45.60
N GLY IA 3 -15.98 -16.98 -44.44
CA GLY IA 3 -15.93 -18.42 -44.37
C GLY IA 3 -14.52 -18.98 -44.41
N LEU IA 4 -13.73 -18.66 -43.39
CA LEU IA 4 -12.35 -19.14 -43.34
C LEU IA 4 -12.30 -20.67 -43.31
N ALA IA 5 -13.17 -21.28 -42.51
CA ALA IA 5 -13.25 -22.74 -42.42
C ALA IA 5 -14.45 -23.25 -43.19
N THR IA 6 -14.38 -24.51 -43.59
CA THR IA 6 -15.48 -25.16 -44.29
C THR IA 6 -16.38 -25.85 -43.27
N ILE IA 7 -17.32 -26.67 -43.75
CA ILE IA 7 -18.26 -27.35 -42.86
C ILE IA 7 -17.92 -28.81 -42.64
N ASP IA 8 -17.09 -29.42 -43.49
CA ASP IA 8 -16.79 -30.83 -43.33
C ASP IA 8 -15.87 -31.07 -42.13
N GLU IA 9 -14.82 -30.26 -41.99
CA GLU IA 9 -13.91 -30.46 -40.86
C GLU IA 9 -14.58 -30.11 -39.53
N LEU IA 10 -15.50 -29.14 -39.52
CA LEU IA 10 -16.28 -28.88 -38.32
C LEU IA 10 -17.15 -30.07 -37.97
N GLN IA 11 -17.76 -30.71 -38.98
CA GLN IA 11 -18.55 -31.90 -38.74
C GLN IA 11 -17.71 -33.03 -38.17
N THR IA 12 -16.50 -33.22 -38.71
CA THR IA 12 -15.60 -34.25 -38.18
C THR IA 12 -15.19 -33.94 -36.75
N LEU IA 13 -14.90 -32.66 -36.45
CA LEU IA 13 -14.52 -32.29 -35.09
C LEU IA 13 -15.66 -32.53 -34.11
N MET IA 14 -16.89 -32.19 -34.50
CA MET IA 14 -18.05 -32.43 -33.64
C MET IA 14 -18.55 -33.86 -33.71
N SER IA 15 -18.01 -34.68 -34.62
CA SER IA 15 -18.41 -36.07 -34.79
C SER IA 15 -19.89 -36.22 -35.13
N THR IA 16 -20.51 -35.17 -35.67
CA THR IA 16 -21.91 -35.18 -36.05
C THR IA 16 -22.06 -34.59 -37.44
N VAL IA 17 -23.23 -34.79 -38.03
CA VAL IA 17 -23.56 -34.27 -39.35
C VAL IA 17 -24.67 -33.24 -39.21
N PHE IA 18 -24.51 -32.11 -39.89
CA PHE IA 18 -25.47 -31.02 -39.84
C PHE IA 18 -26.45 -31.13 -41.00
N GLU IA 19 -27.72 -30.92 -40.70
CA GLU IA 19 -28.78 -31.03 -41.70
C GLU IA 19 -29.91 -30.08 -41.33
N ASP IA 20 -30.85 -29.91 -42.27
CA ASP IA 20 -32.03 -29.05 -42.10
C ASP IA 20 -31.52 -27.63 -41.81
N ASP IA 21 -32.03 -26.96 -40.79
CA ASP IA 21 -31.57 -25.62 -40.43
C ASP IA 21 -30.32 -25.64 -39.56
N ALA IA 22 -29.92 -26.80 -39.05
CA ALA IA 22 -28.70 -26.88 -38.26
C ALA IA 22 -27.47 -26.57 -39.11
N LEU IA 23 -27.47 -27.02 -40.37
CA LEU IA 23 -26.38 -26.68 -41.26
C LEU IA 23 -26.32 -25.18 -41.52
N GLU IA 24 -27.47 -24.55 -41.74
CA GLU IA 24 -27.50 -23.10 -41.96
C GLU IA 24 -27.05 -22.36 -40.72
N GLN IA 25 -27.49 -22.79 -39.54
CA GLN IA 25 -27.06 -22.15 -38.30
C GLN IA 25 -25.56 -22.29 -38.10
N ALA IA 26 -25.02 -23.49 -38.36
CA ALA IA 26 -23.58 -23.69 -38.23
C ALA IA 26 -22.80 -22.83 -39.21
N GLN IA 27 -23.28 -22.73 -40.45
CA GLN IA 27 -22.62 -21.88 -41.43
C GLN IA 27 -22.65 -20.42 -41.01
N LEU IA 28 -23.79 -19.96 -40.50
CA LEU IA 28 -23.88 -18.58 -40.04
C LEU IA 28 -22.94 -18.32 -38.87
N VAL IA 29 -22.89 -19.24 -37.91
CA VAL IA 29 -22.00 -19.09 -36.76
C VAL IA 29 -20.54 -19.07 -37.21
N LEU IA 30 -20.18 -19.96 -38.15
CA LEU IA 30 -18.82 -19.99 -38.65
C LEU IA 30 -18.46 -18.70 -39.38
N ASP IA 31 -19.42 -18.15 -40.15
CA ASP IA 31 -19.16 -16.88 -40.83
C ASP IA 31 -18.97 -15.75 -39.84
N ILE IA 32 -19.79 -15.72 -38.78
CA ILE IA 32 -19.63 -14.71 -37.73
C ILE IA 32 -18.26 -14.82 -37.07
N VAL IA 33 -17.85 -16.05 -36.75
CA VAL IA 33 -16.57 -16.24 -36.07
C VAL IA 33 -15.42 -15.87 -37.01
N SER IA 34 -15.55 -16.20 -38.29
CA SER IA 34 -14.53 -15.83 -39.26
C SER IA 34 -14.42 -14.31 -39.38
N SER IA 35 -15.55 -13.61 -39.39
CA SER IA 35 -15.52 -12.15 -39.44
C SER IA 35 -14.86 -11.58 -38.19
N TRP IA 36 -15.17 -12.14 -37.02
CA TRP IA 36 -14.56 -11.67 -35.79
C TRP IA 36 -13.04 -11.90 -35.80
N ALA IA 37 -12.61 -13.07 -36.28
CA ALA IA 37 -11.18 -13.35 -36.38
C ALA IA 37 -10.51 -12.40 -37.36
N ARG IA 38 -11.18 -12.12 -38.48
CA ARG IA 38 -10.63 -11.20 -39.48
C ARG IA 38 -10.46 -9.80 -38.89
N VAL IA 39 -11.46 -9.33 -38.16
CA VAL IA 39 -11.39 -7.98 -37.62
C VAL IA 39 -10.38 -7.91 -36.47
N VAL IA 40 -10.23 -8.99 -35.71
CA VAL IA 40 -9.24 -9.00 -34.63
C VAL IA 40 -7.83 -9.01 -35.20
N SER IA 41 -7.58 -9.85 -36.20
CA SER IA 41 -6.26 -9.94 -36.80
C SER IA 41 -5.93 -8.69 -37.60
N GLY IA 42 -6.92 -8.13 -38.29
CA GLY IA 42 -6.73 -6.94 -39.11
C GLY IA 42 -6.48 -7.22 -40.58
N GLN IA 43 -6.29 -8.48 -40.96
CA GLN IA 43 -6.08 -8.82 -42.36
C GLN IA 43 -7.41 -8.98 -43.07
N MET IA 44 -7.34 -9.29 -44.37
CA MET IA 44 -8.53 -9.41 -45.21
C MET IA 44 -8.79 -10.83 -45.70
N TRP IA 45 -7.73 -11.56 -46.07
CA TRP IA 45 -7.86 -12.92 -46.62
C TRP IA 45 -8.84 -12.93 -47.78
N PRO IA 46 -8.46 -12.38 -48.94
CA PRO IA 46 -9.40 -12.30 -50.07
C PRO IA 46 -9.92 -13.68 -50.49
N ASP IA 47 -9.03 -14.59 -50.83
CA ASP IA 47 -9.40 -15.98 -51.08
C ASP IA 47 -9.51 -16.68 -49.73
N ALA IA 48 -10.74 -16.81 -49.22
CA ALA IA 48 -10.93 -17.27 -47.85
C ALA IA 48 -10.44 -18.69 -47.65
N PRO IA 49 -11.02 -19.73 -48.30
CA PRO IA 49 -10.51 -21.08 -48.03
C PRO IA 49 -9.36 -21.48 -48.94
N ALA IA 50 -8.39 -20.57 -49.15
CA ALA IA 50 -7.23 -20.89 -49.97
C ALA IA 50 -5.93 -20.81 -49.17
N ASN IA 51 -5.59 -19.66 -48.60
CA ASN IA 51 -4.39 -19.53 -47.78
C ASN IA 51 -4.71 -19.96 -46.34
N VAL IA 52 -5.56 -19.18 -45.67
CA VAL IA 52 -6.25 -19.50 -44.41
C VAL IA 52 -5.36 -20.32 -43.48
N PRO IA 53 -4.32 -19.72 -42.87
CA PRO IA 53 -3.38 -20.49 -42.05
C PRO IA 53 -4.05 -21.33 -40.98
N ASP IA 54 -3.34 -22.38 -40.53
CA ASP IA 54 -3.95 -23.34 -39.61
C ASP IA 54 -4.32 -22.71 -38.28
N ASP IA 55 -3.65 -21.62 -37.90
CA ASP IA 55 -3.94 -20.96 -36.63
C ASP IA 55 -5.35 -20.38 -36.63
N VAL IA 56 -5.69 -19.62 -37.67
CA VAL IA 56 -7.02 -19.02 -37.73
C VAL IA 56 -8.09 -20.09 -37.94
N ARG IA 57 -7.78 -21.15 -38.68
CA ARG IA 57 -8.71 -22.26 -38.82
C ARG IA 57 -9.00 -22.89 -37.46
N ALA IA 58 -7.95 -23.12 -36.67
CA ALA IA 58 -8.14 -23.68 -35.33
C ALA IA 58 -8.98 -22.75 -34.47
N VAL IA 59 -8.68 -21.46 -34.50
CA VAL IA 59 -9.39 -20.50 -33.66
C VAL IA 59 -10.87 -20.48 -34.02
N VAL IA 60 -11.18 -20.39 -35.33
CA VAL IA 60 -12.57 -20.29 -35.75
C VAL IA 60 -13.32 -21.60 -35.48
N LEU IA 61 -12.66 -22.74 -35.68
CA LEU IA 61 -13.31 -24.01 -35.41
C LEU IA 61 -13.64 -24.15 -33.92
N GLN IA 62 -12.68 -23.82 -33.05
CA GLN IA 62 -12.92 -23.94 -31.62
C GLN IA 62 -14.01 -22.97 -31.17
N ALA IA 63 -13.99 -21.73 -31.68
CA ALA IA 63 -15.03 -20.78 -31.29
C ALA IA 63 -16.41 -21.22 -31.78
N SER IA 64 -16.49 -21.74 -33.01
CA SER IA 64 -17.76 -22.22 -33.52
C SER IA 64 -18.27 -23.40 -32.70
N ARG IA 65 -17.36 -24.31 -32.31
CA ARG IA 65 -17.76 -25.42 -31.45
C ARG IA 65 -18.28 -24.91 -30.12
N ARG IA 66 -17.60 -23.92 -29.53
CA ARG IA 66 -18.06 -23.36 -28.26
C ARG IA 66 -19.44 -22.74 -28.40
N GLU IA 67 -19.69 -21.99 -29.47
CA GLU IA 67 -21.00 -21.38 -29.66
C GLU IA 67 -22.08 -22.43 -29.89
N LEU IA 68 -21.77 -23.47 -30.67
CA LEU IA 68 -22.75 -24.52 -30.92
C LEU IA 68 -23.09 -25.29 -29.65
N LYS IA 69 -22.09 -25.54 -28.80
CA LYS IA 69 -22.34 -26.29 -27.56
C LYS IA 69 -23.29 -25.52 -26.65
N ASN IA 70 -23.10 -24.22 -26.51
CA ASN IA 70 -23.99 -23.40 -25.69
C ASN IA 70 -23.99 -21.95 -26.17
N PRO IA 71 -25.13 -21.45 -26.65
CA PRO IA 71 -25.18 -20.06 -27.13
C PRO IA 71 -25.50 -19.07 -26.02
N ASP IA 72 -26.02 -19.56 -24.89
CA ASP IA 72 -26.41 -18.71 -23.77
C ASP IA 72 -25.30 -18.56 -22.74
N ARG IA 73 -24.14 -19.17 -22.95
CA ARG IA 73 -23.01 -19.10 -22.02
C ARG IA 73 -23.42 -19.57 -20.63
N VAL IA 74 -24.01 -20.76 -20.57
CA VAL IA 74 -24.48 -21.33 -19.31
C VAL IA 74 -23.28 -21.79 -18.49
N ILE IA 75 -23.34 -21.53 -17.18
CA ILE IA 75 -22.28 -21.97 -16.27
C ILE IA 75 -22.53 -23.41 -15.83
N SER IA 76 -23.70 -23.66 -15.24
CA SER IA 76 -24.08 -24.98 -14.76
C SER IA 76 -25.49 -25.30 -15.25
N ARG IA 77 -25.65 -26.47 -15.87
CA ARG IA 77 -26.94 -26.92 -16.37
C ARG IA 77 -27.14 -28.37 -15.96
N GLN IA 78 -28.29 -28.67 -15.37
CA GLN IA 78 -28.61 -30.02 -14.93
C GLN IA 78 -30.07 -30.31 -15.20
N MET IA 79 -30.35 -31.58 -15.51
CA MET IA 79 -31.72 -32.06 -15.77
C MET IA 79 -31.89 -33.37 -15.00
N GLY IA 80 -32.46 -33.27 -13.80
CA GLY IA 80 -32.69 -34.44 -12.98
C GLY IA 80 -31.41 -34.96 -12.34
N PRO IA 81 -31.08 -36.22 -12.62
CA PRO IA 81 -29.84 -36.79 -12.05
C PRO IA 81 -28.60 -36.31 -12.77
N PHE IA 82 -28.70 -36.04 -14.07
CA PHE IA 82 -27.56 -35.62 -14.86
C PHE IA 82 -27.23 -34.16 -14.56
N ASN IA 83 -25.95 -33.89 -14.30
CA ASN IA 83 -25.48 -32.54 -14.04
C ASN IA 83 -24.14 -32.34 -14.72
N VAL IA 84 -23.88 -31.10 -15.13
CA VAL IA 84 -22.62 -30.73 -15.77
C VAL IA 84 -22.39 -29.25 -15.54
N GLN IA 85 -21.15 -28.88 -15.24
CA GLN IA 85 -20.76 -27.50 -15.01
C GLN IA 85 -19.59 -27.14 -15.90
N TYR IA 86 -19.71 -26.03 -16.61
CA TYR IA 86 -18.68 -25.55 -17.52
C TYR IA 86 -17.80 -24.52 -16.80
N SER IA 87 -16.70 -24.16 -17.47
CA SER IA 87 -15.79 -23.16 -16.94
C SER IA 87 -16.35 -21.76 -17.19
N GLN IA 88 -15.59 -20.75 -16.80
CA GLN IA 88 -16.02 -19.37 -17.00
C GLN IA 88 -15.95 -19.02 -18.47
N PRO IA 89 -17.04 -18.59 -19.09
CA PRO IA 89 -17.00 -18.22 -20.51
C PRO IA 89 -16.09 -17.03 -20.73
N PRO IA 90 -15.33 -17.02 -21.82
CA PRO IA 90 -14.45 -15.88 -22.10
C PRO IA 90 -15.24 -14.68 -22.61
N ASP IA 91 -14.65 -13.51 -22.44
CA ASP IA 91 -15.24 -12.29 -22.99
C ASP IA 91 -15.20 -12.35 -24.51
N GLY IA 92 -16.34 -12.07 -25.13
CA GLY IA 92 -16.44 -12.22 -26.57
C GLY IA 92 -16.52 -13.68 -26.95
N PHE IA 93 -15.76 -14.06 -27.99
CA PHE IA 93 -15.76 -15.43 -28.49
C PHE IA 93 -14.44 -16.17 -28.24
N PHE IA 94 -13.33 -15.45 -28.17
CA PHE IA 94 -12.01 -16.07 -28.12
C PHE IA 94 -11.39 -15.90 -26.75
N TYR IA 95 -10.74 -16.97 -26.26
CA TYR IA 95 -10.01 -16.92 -25.02
C TYR IA 95 -8.78 -16.02 -25.19
N PRO IA 96 -8.22 -15.53 -24.08
CA PRO IA 96 -7.04 -14.64 -24.19
C PRO IA 96 -5.89 -15.26 -24.97
N ALA IA 97 -5.65 -16.56 -24.84
CA ALA IA 97 -4.65 -17.22 -25.66
C ALA IA 97 -5.03 -17.18 -27.14
N GLU IA 98 -6.32 -17.43 -27.43
CA GLU IA 98 -6.78 -17.36 -28.82
C GLU IA 98 -6.66 -15.94 -29.37
N LEU IA 99 -6.99 -14.94 -28.55
CA LEU IA 99 -6.86 -13.56 -28.99
C LEU IA 99 -5.41 -13.20 -29.26
N ALA IA 100 -4.50 -13.66 -28.39
CA ALA IA 100 -3.07 -13.41 -28.59
C ALA IA 100 -2.58 -14.07 -29.87
N ILE IA 101 -3.04 -15.30 -30.14
CA ILE IA 101 -2.66 -15.99 -31.36
C ILE IA 101 -3.19 -15.24 -32.59
N LEU IA 102 -4.42 -14.75 -32.51
CA LEU IA 102 -5.01 -14.03 -33.63
C LEU IA 102 -4.27 -12.73 -33.92
N LYS IA 103 -3.85 -12.02 -32.86
CA LYS IA 103 -3.15 -10.75 -33.02
C LYS IA 103 -1.71 -10.92 -33.47
N ARG IA 104 -1.29 -12.14 -33.80
CA ARG IA 104 0.06 -12.37 -34.31
C ARG IA 104 0.28 -11.67 -35.65
N PHE IA 105 -0.72 -11.72 -36.53
CA PHE IA 105 -0.57 -11.16 -37.87
C PHE IA 105 -0.47 -9.64 -37.88
N LYS IA 106 -0.75 -8.98 -36.76
CA LYS IA 106 -0.64 -7.53 -36.72
C LYS IA 106 0.82 -7.10 -36.90
N ARG IA 107 1.00 -5.97 -37.58
CA ARG IA 107 2.34 -5.48 -37.87
C ARG IA 107 3.06 -5.07 -36.58
N SER IA 108 4.35 -5.34 -36.54
CA SER IA 108 5.22 -5.03 -35.38
C SER IA 108 4.66 -5.76 -34.16
N GLY IA 109 4.88 -5.20 -32.97
CA GLY IA 109 4.40 -5.78 -31.73
C GLY IA 109 3.03 -5.33 -31.30
N GLY IA 110 2.29 -4.62 -32.16
CA GLY IA 110 0.99 -4.10 -31.81
C GLY IA 110 1.00 -2.74 -31.14
N LEU IA 111 2.18 -2.16 -30.92
CA LEU IA 111 2.29 -0.84 -30.28
C LEU IA 111 2.23 0.27 -31.33
N MET IA 112 1.11 0.29 -32.06
CA MET IA 112 0.91 1.33 -33.06
C MET IA 112 0.66 2.67 -32.40
N THR IA 113 1.04 3.74 -33.09
CA THR IA 113 0.97 5.09 -32.56
C THR IA 113 0.07 5.96 -33.43
N VAL IA 114 -0.32 7.11 -32.88
CA VAL IA 114 -1.14 8.09 -33.57
C VAL IA 114 -0.37 9.40 -33.62
N SER IA 115 -0.37 10.03 -34.80
CA SER IA 115 0.35 11.28 -35.02
C SER IA 115 -0.52 12.45 -34.57
N THR IA 116 -0.17 13.04 -33.43
CA THR IA 116 -0.90 14.19 -32.92
C THR IA 116 -0.38 15.48 -33.56
N SER IA 117 -1.14 16.56 -33.33
CA SER IA 117 -0.78 17.87 -33.87
C SER IA 117 -1.32 18.94 -32.94
N ARG IA 118 -0.73 20.13 -33.04
CA ARG IA 118 -1.12 21.28 -32.23
C ARG IA 118 -2.09 22.19 -32.96
N GLY IA 119 -2.89 21.64 -33.86
CA GLY IA 119 -3.83 22.45 -34.63
C GLY IA 119 -3.15 23.44 -35.56
N GLU IA 120 -2.09 23.02 -36.22
CA GLU IA 120 -1.32 23.88 -37.10
C GLU IA 120 -1.10 23.19 -38.44
N GLU IA 121 -1.21 23.97 -39.52
CA GLU IA 121 -0.99 23.45 -40.86
C GLU IA 121 0.48 23.51 -41.27
N GLY IA 122 1.09 24.69 -41.16
CA GLY IA 122 2.50 24.84 -41.50
C GLY IA 122 2.73 25.33 -42.91
N ARG IA 123 3.50 26.41 -43.05
CA ARG IA 123 3.85 26.98 -44.35
C ARG IA 123 5.35 27.16 -44.42
N PRO IA 124 6.09 26.12 -44.84
CA PRO IA 124 7.56 26.18 -44.92
C PRO IA 124 8.08 26.91 -46.15
N TRP IA 125 7.49 28.07 -46.46
CA TRP IA 125 7.93 28.88 -47.58
C TRP IA 125 7.95 30.38 -47.30
N ALA IA 126 7.65 30.81 -46.07
CA ALA IA 126 7.62 32.23 -45.73
C ALA IA 126 9.04 32.70 -45.43
N GLY IA 127 9.76 33.08 -46.48
CA GLY IA 127 11.12 33.56 -46.32
C GLY IA 127 12.05 33.09 -47.42
N LYS IA 128 11.61 32.09 -48.19
CA LYS IA 128 12.41 31.53 -49.28
C LYS IA 128 12.06 32.13 -50.63
N THR IA 129 10.80 32.44 -50.88
CA THR IA 129 10.37 32.98 -52.17
C THR IA 129 10.62 34.47 -52.30
N ALA IA 130 11.11 35.13 -51.26
CA ALA IA 130 11.46 36.55 -51.34
C ALA IA 130 12.81 36.78 -52.00
N TYR IA 131 13.57 35.72 -52.28
CA TYR IA 131 14.88 35.87 -52.92
C TYR IA 131 14.69 36.17 -54.40
N ILE IA 132 15.45 37.16 -54.89
CA ILE IA 132 15.37 37.60 -56.27
C ILE IA 132 16.58 37.04 -57.02
N ARG IA 133 16.33 36.42 -58.17
CA ARG IA 133 17.39 35.81 -58.97
C ARG IA 133 18.38 36.87 -59.44
N TYR IA 134 19.62 36.79 -58.95
CA TYR IA 134 20.67 37.72 -59.32
C TYR IA 134 21.79 37.06 -60.11
N GLY IA 135 21.51 35.91 -60.73
CA GLY IA 135 22.53 35.20 -61.49
C GLY IA 135 22.19 35.06 -62.96
N ASP IA 136 22.62 33.95 -63.56
CA ASP IA 136 22.39 33.69 -64.97
C ASP IA 136 21.14 32.84 -65.22
N GLY IA 137 20.38 32.53 -64.17
CA GLY IA 137 19.20 31.71 -64.32
C GLY IA 137 19.44 30.21 -64.31
N LEU IA 138 20.66 29.78 -63.98
CA LEU IA 138 20.97 28.36 -63.92
C LEU IA 138 20.20 27.66 -62.80
N ALA JA 2 -33.39 2.48 -39.27
CA ALA JA 2 -32.61 1.53 -38.49
C ALA JA 2 -32.72 0.13 -39.08
N GLY JA 3 -32.53 -0.89 -38.24
CA GLY JA 3 -32.60 -2.26 -38.68
C GLY JA 3 -31.36 -2.71 -39.41
N LEU JA 4 -30.22 -2.76 -38.72
CA LEU JA 4 -28.98 -3.18 -39.34
C LEU JA 4 -29.07 -4.61 -39.85
N ALA JA 5 -29.66 -5.51 -39.05
CA ALA JA 5 -29.84 -6.90 -39.45
C ALA JA 5 -31.29 -7.14 -39.85
N THR JA 6 -31.49 -8.20 -40.63
CA THR JA 6 -32.82 -8.62 -41.04
C THR JA 6 -33.36 -9.64 -40.05
N ILE JA 7 -34.49 -10.27 -40.38
CA ILE JA 7 -35.11 -11.24 -39.48
C ILE JA 7 -34.86 -12.68 -39.89
N ASP JA 8 -34.46 -12.93 -41.14
CA ASP JA 8 -34.26 -14.31 -41.59
C ASP JA 8 -33.00 -14.91 -40.96
N GLU JA 9 -31.90 -14.17 -40.95
CA GLU JA 9 -30.66 -14.71 -40.38
C GLU JA 9 -30.77 -14.88 -38.87
N LEU JA 10 -31.52 -14.00 -38.20
CA LEU JA 10 -31.78 -14.20 -36.78
C LEU JA 10 -32.60 -15.46 -36.54
N GLN JA 11 -33.58 -15.72 -37.40
CA GLN JA 11 -34.37 -16.94 -37.29
C GLN JA 11 -33.50 -18.18 -37.50
N THR JA 12 -32.59 -18.14 -38.47
CA THR JA 12 -31.69 -19.26 -38.69
C THR JA 12 -30.75 -19.45 -37.50
N LEU JA 13 -30.26 -18.36 -36.92
CA LEU JA 13 -29.38 -18.46 -35.76
C LEU JA 13 -30.11 -19.07 -34.58
N MET JA 14 -31.35 -18.65 -34.34
CA MET JA 14 -32.15 -19.21 -33.25
C MET JA 14 -32.78 -20.54 -33.61
N SER JA 15 -32.68 -20.98 -34.86
CA SER JA 15 -33.25 -22.24 -35.34
C SER JA 15 -34.77 -22.30 -35.15
N THR JA 16 -35.42 -21.15 -35.01
CA THR JA 16 -36.85 -21.06 -34.83
C THR JA 16 -37.42 -20.03 -35.81
N VAL JA 17 -38.74 -20.01 -35.90
CA VAL JA 17 -39.46 -19.06 -36.76
C VAL JA 17 -40.31 -18.16 -35.87
N PHE JA 18 -40.28 -16.86 -36.15
CA PHE JA 18 -41.03 -15.88 -35.38
C PHE JA 18 -42.37 -15.61 -36.07
N GLU JA 19 -43.44 -15.59 -35.28
CA GLU JA 19 -44.78 -15.39 -35.79
C GLU JA 19 -45.62 -14.69 -34.73
N ASP JA 20 -46.80 -14.22 -35.16
CA ASP JA 20 -47.75 -13.51 -34.29
C ASP JA 20 -47.04 -12.29 -33.72
N ASP JA 21 -47.14 -12.02 -32.41
CA ASP JA 21 -46.45 -10.89 -31.82
C ASP JA 21 -44.98 -11.17 -31.55
N ALA JA 22 -44.55 -12.43 -31.63
CA ALA JA 22 -43.13 -12.74 -31.45
C ALA JA 22 -42.29 -12.13 -32.55
N LEU JA 23 -42.81 -12.13 -33.78
CA LEU JA 23 -42.10 -11.47 -34.87
C LEU JA 23 -41.99 -9.97 -34.63
N GLU JA 24 -43.08 -9.33 -34.19
CA GLU JA 24 -43.03 -7.91 -33.89
C GLU JA 24 -42.08 -7.62 -32.73
N GLN JA 25 -42.11 -8.45 -31.70
CA GLN JA 25 -41.20 -8.27 -30.57
C GLN JA 25 -39.74 -8.41 -31.02
N ALA JA 26 -39.45 -9.41 -31.85
CA ALA JA 26 -38.09 -9.61 -32.34
C ALA JA 26 -37.65 -8.44 -33.20
N GLN JA 27 -38.54 -7.92 -34.06
CA GLN JA 27 -38.19 -6.76 -34.87
C GLN JA 27 -37.92 -5.54 -34.01
N LEU JA 28 -38.74 -5.33 -32.98
CA LEU JA 28 -38.51 -4.20 -32.08
C LEU JA 28 -37.19 -4.34 -31.33
N VAL JA 29 -36.88 -5.55 -30.86
CA VAL JA 29 -35.62 -5.80 -30.17
C VAL JA 29 -34.44 -5.54 -31.10
N LEU JA 30 -34.55 -6.01 -32.35
CA LEU JA 30 -33.47 -5.81 -33.30
C LEU JA 30 -33.27 -4.34 -33.62
N ASP JA 31 -34.36 -3.58 -33.78
CA ASP JA 31 -34.25 -2.15 -34.03
C ASP JA 31 -33.62 -1.44 -32.83
N ILE JA 32 -34.02 -1.80 -31.62
CA ILE JA 32 -33.44 -1.20 -30.42
C ILE JA 32 -31.95 -1.49 -30.34
N VAL JA 33 -31.56 -2.73 -30.59
CA VAL JA 33 -30.14 -3.10 -30.53
C VAL JA 33 -29.36 -2.41 -31.62
N SER JA 34 -29.95 -2.25 -32.80
CA SER JA 34 -29.29 -1.52 -33.88
C SER JA 34 -29.08 -0.07 -33.50
N SER JA 35 -30.07 0.55 -32.84
CA SER JA 35 -29.90 1.92 -32.35
C SER JA 35 -28.78 2.00 -31.32
N TRP JA 36 -28.72 1.04 -30.40
CA TRP JA 36 -27.65 1.01 -29.41
C TRP JA 36 -26.28 0.90 -30.09
N ALA JA 37 -26.16 0.01 -31.07
CA ALA JA 37 -24.89 -0.17 -31.78
C ALA JA 37 -24.52 1.09 -32.56
N ARG JA 38 -25.51 1.73 -33.18
CA ARG JA 38 -25.26 2.95 -33.94
C ARG JA 38 -24.76 4.06 -33.03
N VAL JA 39 -25.38 4.23 -31.86
CA VAL JA 39 -24.97 5.29 -30.96
C VAL JA 39 -23.61 4.97 -30.33
N VAL JA 40 -23.32 3.69 -30.10
CA VAL JA 40 -22.01 3.32 -29.54
C VAL JA 40 -20.90 3.57 -30.55
N SER JA 41 -21.11 3.13 -31.79
CA SER JA 41 -20.08 3.29 -32.82
C SER JA 41 -19.92 4.75 -33.22
N GLY JA 42 -21.02 5.50 -33.28
CA GLY JA 42 -21.00 6.89 -33.67
C GLY JA 42 -21.31 7.15 -35.13
N GLN JA 43 -21.40 6.11 -35.96
CA GLN JA 43 -21.72 6.26 -37.36
C GLN JA 43 -23.23 6.32 -37.56
N MET JA 44 -23.65 6.52 -38.80
CA MET JA 44 -25.06 6.67 -39.14
C MET JA 44 -25.62 5.51 -39.94
N TRP JA 45 -24.86 4.97 -40.89
CA TRP JA 45 -25.31 3.89 -41.77
C TRP JA 45 -26.64 4.26 -42.42
N PRO JA 46 -26.65 5.19 -43.39
CA PRO JA 46 -27.93 5.63 -43.98
C PRO JA 46 -28.70 4.47 -44.60
N ASP JA 47 -28.09 3.76 -45.54
CA ASP JA 47 -28.67 2.54 -46.09
C ASP JA 47 -28.36 1.41 -45.10
N ALA JA 48 -29.34 1.07 -44.26
CA ALA JA 48 -29.08 0.16 -43.15
C ALA JA 48 -28.70 -1.24 -43.62
N PRO JA 49 -29.57 -1.99 -44.33
CA PRO JA 49 -29.14 -3.34 -44.74
C PRO JA 49 -28.42 -3.35 -46.08
N ALA JA 50 -27.52 -2.41 -46.31
CA ALA JA 50 -26.75 -2.39 -47.56
C ALA JA 50 -25.26 -2.55 -47.33
N ASN JA 51 -24.63 -1.66 -46.57
CA ASN JA 51 -23.20 -1.81 -46.26
C ASN JA 51 -23.03 -2.70 -45.04
N VAL JA 52 -23.50 -2.23 -43.88
CA VAL JA 52 -23.71 -2.98 -42.65
C VAL JA 52 -22.65 -4.06 -42.45
N PRO JA 53 -21.41 -3.67 -42.10
CA PRO JA 53 -20.33 -4.66 -41.99
C PRO JA 53 -20.65 -5.86 -41.11
N ASP JA 54 -19.96 -6.97 -41.32
CA ASP JA 54 -20.29 -8.21 -40.63
C ASP JA 54 -20.11 -8.08 -39.12
N ASP JA 55 -19.23 -7.19 -38.67
CA ASP JA 55 -19.00 -7.02 -37.23
C ASP JA 55 -20.25 -6.50 -36.52
N VAL JA 56 -20.85 -5.43 -37.06
CA VAL JA 56 -22.04 -4.88 -36.42
C VAL JA 56 -23.23 -5.84 -36.56
N ARG JA 57 -23.32 -6.56 -37.68
CA ARG JA 57 -24.36 -7.57 -37.82
C ARG JA 57 -24.22 -8.64 -36.75
N ALA JA 58 -22.99 -9.12 -36.53
CA ALA JA 58 -22.75 -10.12 -35.50
C ALA JA 58 -23.12 -9.57 -34.13
N VAL JA 59 -22.70 -8.35 -33.83
CA VAL JA 59 -22.95 -7.78 -32.51
C VAL JA 59 -24.44 -7.64 -32.26
N VAL JA 60 -25.18 -7.11 -33.24
CA VAL JA 60 -26.61 -6.90 -33.03
C VAL JA 60 -27.34 -8.24 -32.96
N LEU JA 61 -26.93 -9.23 -33.75
CA LEU JA 61 -27.56 -10.53 -33.68
C LEU JA 61 -27.34 -11.18 -32.31
N GLN JA 62 -26.12 -11.11 -31.80
CA GLN JA 62 -25.85 -11.69 -30.48
C GLN JA 62 -26.61 -10.97 -29.38
N ALA JA 63 -26.66 -9.63 -29.45
CA ALA JA 63 -27.40 -8.89 -28.42
C ALA JA 63 -28.89 -9.19 -28.48
N SER JA 64 -29.44 -9.30 -29.69
CA SER JA 64 -30.86 -9.65 -29.82
C SER JA 64 -31.14 -11.04 -29.29
N ARG JA 65 -30.25 -11.99 -29.59
CA ARG JA 65 -30.42 -13.34 -29.05
C ARG JA 65 -30.36 -13.34 -27.53
N ARG JA 66 -29.44 -12.56 -26.95
CA ARG JA 66 -29.35 -12.47 -25.50
C ARG JA 66 -30.63 -11.87 -24.91
N GLU JA 67 -31.16 -10.82 -25.53
CA GLU JA 67 -32.39 -10.22 -25.03
C GLU JA 67 -33.57 -11.19 -25.12
N LEU JA 68 -33.68 -11.91 -26.23
CA LEU JA 68 -34.79 -12.84 -26.39
C LEU JA 68 -34.68 -14.01 -25.41
N LYS JA 69 -33.46 -14.50 -25.17
CA LYS JA 69 -33.29 -15.64 -24.26
C LYS JA 69 -33.73 -15.30 -22.84
N ASN JA 70 -33.37 -14.12 -22.36
CA ASN JA 70 -33.80 -13.67 -21.04
C ASN JA 70 -33.89 -12.16 -20.99
N PRO JA 71 -35.10 -11.59 -20.89
CA PRO JA 71 -35.23 -10.14 -20.87
C PRO JA 71 -35.05 -9.54 -19.49
N ASP JA 72 -35.21 -10.34 -18.45
CA ASP JA 72 -35.08 -9.88 -17.08
C ASP JA 72 -33.69 -10.10 -16.51
N ARG JA 73 -32.76 -10.66 -17.30
CA ARG JA 73 -31.37 -10.87 -16.89
C ARG JA 73 -31.29 -11.73 -15.63
N VAL JA 74 -31.76 -12.96 -15.75
CA VAL JA 74 -31.75 -13.91 -14.64
C VAL JA 74 -30.38 -14.54 -14.50
N ILE JA 75 -30.06 -15.00 -13.30
CA ILE JA 75 -28.79 -15.66 -13.03
C ILE JA 75 -29.01 -17.16 -13.00
N SER JA 76 -29.87 -17.63 -12.10
CA SER JA 76 -30.19 -19.04 -11.96
C SER JA 76 -31.70 -19.22 -12.02
N ARG JA 77 -32.14 -20.20 -12.81
CA ARG JA 77 -33.56 -20.48 -13.00
C ARG JA 77 -33.75 -21.98 -13.07
N GLN JA 78 -34.60 -22.52 -12.20
CA GLN JA 78 -34.84 -23.96 -12.14
C GLN JA 78 -36.33 -24.23 -12.07
N MET JA 79 -36.74 -25.36 -12.65
CA MET JA 79 -38.14 -25.82 -12.64
C MET JA 79 -38.12 -27.28 -12.22
N GLY JA 80 -38.22 -27.53 -10.91
CA GLY JA 80 -38.18 -28.86 -10.38
C GLY JA 80 -36.84 -29.54 -10.64
N PRO JA 81 -36.87 -30.68 -11.33
CA PRO JA 81 -35.61 -31.38 -11.63
C PRO JA 81 -34.69 -30.60 -12.57
N PHE JA 82 -35.25 -29.81 -13.47
CA PHE JA 82 -34.44 -29.09 -14.44
C PHE JA 82 -33.92 -27.78 -13.84
N ASN JA 83 -32.62 -27.52 -14.03
CA ASN JA 83 -32.01 -26.30 -13.54
C ASN JA 83 -31.05 -25.77 -14.61
N VAL JA 84 -30.89 -24.45 -14.62
CA VAL JA 84 -29.95 -23.78 -15.53
C VAL JA 84 -29.48 -22.50 -14.87
N GLN JA 85 -28.18 -22.23 -15.00
CA GLN JA 85 -27.57 -21.05 -14.39
C GLN JA 85 -26.70 -20.36 -15.44
N TYR JA 86 -27.10 -19.16 -15.84
CA TYR JA 86 -26.34 -18.40 -16.82
C TYR JA 86 -25.16 -17.69 -16.17
N SER JA 87 -24.32 -17.10 -17.01
CA SER JA 87 -23.17 -16.34 -16.54
C SER JA 87 -23.61 -14.95 -16.07
N GLN JA 88 -22.64 -14.14 -15.67
CA GLN JA 88 -22.95 -12.80 -15.20
C GLN JA 88 -23.37 -11.93 -16.36
N PRO JA 89 -24.58 -11.35 -16.34
CA PRO JA 89 -24.99 -10.47 -17.44
C PRO JA 89 -24.14 -9.21 -17.47
N PRO JA 90 -23.89 -8.66 -18.65
CA PRO JA 90 -23.11 -7.42 -18.74
C PRO JA 90 -23.97 -6.21 -18.40
N ASP JA 91 -23.30 -5.07 -18.21
CA ASP JA 91 -24.00 -3.81 -18.00
C ASP JA 91 -24.76 -3.45 -19.27
N GLY JA 92 -26.07 -3.62 -19.24
CA GLY JA 92 -26.84 -3.52 -20.47
C GLY JA 92 -26.42 -4.62 -21.43
N PHE JA 93 -26.44 -4.30 -22.71
CA PHE JA 93 -25.98 -5.21 -23.74
C PHE JA 93 -24.50 -4.93 -24.04
N PHE JA 94 -23.98 -5.50 -25.13
CA PHE JA 94 -22.64 -5.20 -25.63
C PHE JA 94 -21.57 -5.53 -24.59
N TYR JA 95 -21.38 -6.84 -24.38
CA TYR JA 95 -20.27 -7.38 -23.61
C TYR JA 95 -18.98 -6.65 -23.95
N PRO JA 96 -18.04 -6.51 -23.01
CA PRO JA 96 -16.90 -5.61 -23.23
C PRO JA 96 -16.14 -5.85 -24.52
N ALA JA 97 -15.98 -7.11 -24.93
CA ALA JA 97 -15.37 -7.38 -26.23
C ALA JA 97 -16.22 -6.84 -27.37
N GLU JA 98 -17.54 -6.99 -27.27
CA GLU JA 98 -18.44 -6.44 -28.29
C GLU JA 98 -18.37 -4.92 -28.31
N LEU JA 99 -18.26 -4.28 -27.13
CA LEU JA 99 -18.11 -2.84 -27.07
C LEU JA 99 -16.81 -2.40 -27.73
N ALA JA 100 -15.72 -3.13 -27.48
CA ALA JA 100 -14.45 -2.79 -28.10
C ALA JA 100 -14.52 -2.95 -29.61
N ILE JA 101 -15.19 -4.00 -30.09
CA ILE JA 101 -15.35 -4.20 -31.53
C ILE JA 101 -16.17 -3.08 -32.14
N LEU JA 102 -17.26 -2.67 -31.47
CA LEU JA 102 -18.11 -1.62 -31.99
C LEU JA 102 -17.38 -0.28 -32.08
N LYS JA 103 -16.56 0.03 -31.07
CA LYS JA 103 -15.83 1.29 -31.02
C LYS JA 103 -14.67 1.34 -32.02
N ARG JA 104 -14.52 0.32 -32.85
CA ARG JA 104 -13.48 0.33 -33.88
C ARG JA 104 -13.69 1.46 -34.89
N PHE JA 105 -14.95 1.69 -35.29
CA PHE JA 105 -15.24 2.67 -36.32
C PHE JA 105 -15.00 4.11 -35.86
N LYS JA 106 -14.78 4.33 -34.57
CA LYS JA 106 -14.52 5.67 -34.08
C LYS JA 106 -13.19 6.19 -34.63
N ARG JA 107 -13.15 7.49 -34.91
CA ARG JA 107 -11.96 8.09 -35.49
C ARG JA 107 -10.79 8.05 -34.52
N SER JA 108 -9.60 7.82 -35.06
CA SER JA 108 -8.35 7.75 -34.27
C SER JA 108 -8.50 6.61 -33.25
N GLY JA 109 -7.82 6.73 -32.12
CA GLY JA 109 -7.87 5.75 -31.07
C GLY JA 109 -8.94 5.99 -30.02
N GLY JA 110 -9.85 6.92 -30.26
CA GLY JA 110 -10.88 7.25 -29.30
C GLY JA 110 -10.49 8.29 -28.27
N LEU JA 111 -9.27 8.80 -28.32
CA LEU JA 111 -8.80 9.81 -27.37
C LEU JA 111 -9.11 11.22 -27.88
N MET JA 112 -10.41 11.46 -28.09
CA MET JA 112 -10.86 12.77 -28.53
C MET JA 112 -10.71 13.79 -27.42
N THR JA 113 -10.47 15.04 -27.81
CA THR JA 113 -10.21 16.12 -26.86
C THR JA 113 -11.26 17.21 -27.00
N VAL JA 114 -11.31 18.08 -25.98
CA VAL JA 114 -12.22 19.21 -25.95
C VAL JA 114 -11.39 20.49 -25.84
N SER JA 115 -11.74 21.48 -26.65
CA SER JA 115 -11.01 22.74 -26.70
C SER JA 115 -11.53 23.65 -25.60
N THR JA 116 -10.74 23.84 -24.55
CA THR JA 116 -11.12 24.71 -23.45
C THR JA 116 -10.74 26.15 -23.77
N SER JA 117 -11.25 27.07 -22.94
CA SER JA 117 -10.96 28.49 -23.10
C SER JA 117 -11.03 29.16 -21.73
N ARG JA 118 -10.39 30.33 -21.65
CA ARG JA 118 -10.34 31.11 -20.41
C ARG JA 118 -11.41 32.19 -20.38
N GLY JA 119 -12.54 31.96 -21.04
CA GLY JA 119 -13.60 32.96 -21.08
C GLY JA 119 -13.20 34.23 -21.81
N GLU JA 120 -12.50 34.10 -22.92
CA GLU JA 120 -12.01 35.24 -23.69
C GLU JA 120 -12.36 35.06 -25.16
N GLU JA 121 -12.74 36.17 -25.80
CA GLU JA 121 -13.08 36.15 -27.22
C GLU JA 121 -11.86 36.40 -28.10
N GLY JA 122 -11.13 37.47 -27.84
CA GLY JA 122 -9.93 37.77 -28.61
C GLY JA 122 -10.16 38.72 -29.76
N ARG JA 123 -9.40 39.81 -29.81
CA ARG JA 123 -9.49 40.82 -30.87
C ARG JA 123 -8.09 41.06 -31.43
N PRO JA 124 -7.67 40.26 -32.42
CA PRO JA 124 -6.33 40.39 -33.00
C PRO JA 124 -6.20 41.51 -34.02
N TRP JA 125 -6.74 42.68 -33.67
CA TRP JA 125 -6.65 43.85 -34.54
C TRP JA 125 -6.38 45.15 -33.80
N ALA JA 126 -6.17 45.11 -32.48
CA ALA JA 126 -5.93 46.31 -31.69
C ALA JA 126 -4.46 46.68 -31.80
N GLY JA 127 -4.12 47.44 -32.85
CA GLY JA 127 -2.76 47.87 -33.05
C GLY JA 127 -2.33 47.85 -34.51
N LYS JA 128 -3.11 47.17 -35.35
CA LYS JA 128 -2.82 47.05 -36.76
C LYS JA 128 -3.56 48.07 -37.62
N THR JA 129 -4.80 48.41 -37.26
CA THR JA 129 -5.60 49.34 -38.04
C THR JA 129 -5.25 50.80 -37.76
N ALA JA 130 -4.35 51.07 -36.81
CA ALA JA 130 -3.91 52.43 -36.54
C ALA JA 130 -2.87 52.93 -37.53
N TYR JA 131 -2.38 52.06 -38.41
CA TYR JA 131 -1.39 52.44 -39.41
C TYR JA 131 -2.05 53.25 -40.52
N ILE JA 132 -1.42 54.37 -40.89
CA ILE JA 132 -1.94 55.25 -41.92
C ILE JA 132 -1.14 55.02 -43.20
N ARG JA 133 -1.85 54.84 -44.31
CA ARG JA 133 -1.22 54.58 -45.60
C ARG JA 133 -0.36 55.76 -46.04
N TYR JA 134 0.96 55.55 -46.09
CA TYR JA 134 1.90 56.58 -46.48
C TYR JA 134 2.59 56.27 -47.82
N GLY JA 135 1.99 55.40 -48.63
CA GLY JA 135 2.59 55.03 -49.90
C GLY JA 135 1.73 55.40 -51.09
N ASP JA 136 1.79 54.59 -52.14
CA ASP JA 136 1.05 54.83 -53.37
C ASP JA 136 -0.28 54.08 -53.41
N GLY JA 137 -0.65 53.41 -52.32
CA GLY JA 137 -1.88 52.66 -52.28
C GLY JA 137 -1.81 51.25 -52.85
N LEU JA 138 -0.62 50.76 -53.17
CA LEU JA 138 -0.46 49.42 -53.70
C LEU JA 138 -0.85 48.37 -52.68
N VAL KA 3 -81.34 -40.05 -20.41
CA VAL KA 3 -82.57 -40.82 -20.42
C VAL KA 3 -82.96 -41.19 -21.85
N VAL KA 4 -82.38 -42.27 -22.35
CA VAL KA 4 -82.65 -42.74 -23.70
C VAL KA 4 -83.04 -44.20 -23.67
N LEU KA 5 -83.56 -44.66 -22.53
CA LEU KA 5 -83.99 -46.04 -22.40
C LEU KA 5 -85.20 -46.29 -23.31
N PRO KA 6 -85.36 -47.53 -23.79
CA PRO KA 6 -86.48 -47.84 -24.69
C PRO KA 6 -87.82 -47.57 -24.03
N ASP KA 7 -88.78 -47.11 -24.85
CA ASP KA 7 -90.09 -46.74 -24.33
C ASP KA 7 -90.89 -47.95 -23.86
N TRP KA 8 -90.74 -49.10 -24.53
CA TRP KA 8 -91.52 -50.28 -24.17
C TRP KA 8 -91.17 -50.80 -22.79
N TYR KA 9 -90.03 -50.42 -22.23
CA TYR KA 9 -89.65 -50.75 -20.87
C TYR KA 9 -89.82 -49.52 -20.00
N GLU KA 10 -90.56 -49.65 -18.91
CA GLU KA 10 -90.81 -48.54 -17.98
C GLU KA 10 -89.96 -48.63 -16.72
N GLU KA 11 -90.00 -49.76 -16.03
CA GLU KA 11 -89.25 -49.97 -14.80
C GLU KA 11 -89.35 -51.44 -14.42
N ALA KA 12 -88.42 -51.87 -13.57
CA ALA KA 12 -88.39 -53.26 -13.11
C ALA KA 12 -88.64 -53.39 -11.62
N PHE KA 13 -87.87 -52.70 -10.79
CA PHE KA 13 -87.95 -52.83 -9.34
C PHE KA 13 -88.44 -51.53 -8.71
N VAL KA 14 -88.45 -51.52 -7.38
CA VAL KA 14 -89.04 -50.42 -6.62
C VAL KA 14 -88.00 -49.44 -6.08
N ASN KA 15 -86.74 -49.86 -5.95
CA ASN KA 15 -85.69 -49.06 -5.31
C ASN KA 15 -86.10 -48.74 -3.86
N VAL KA 16 -86.14 -49.81 -3.06
CA VAL KA 16 -86.72 -49.75 -1.72
C VAL KA 16 -85.99 -48.74 -0.83
N GLU KA 17 -84.70 -48.49 -1.09
CA GLU KA 17 -84.00 -47.49 -0.29
C GLU KA 17 -84.54 -46.09 -0.58
N ASN KA 18 -84.94 -45.82 -1.83
CA ASN KA 18 -85.60 -44.56 -2.13
C ASN KA 18 -86.94 -44.47 -1.42
N LEU KA 19 -87.70 -45.57 -1.39
CA LEU KA 19 -88.91 -45.64 -0.60
C LEU KA 19 -88.65 -45.25 0.85
N PHE KA 20 -87.61 -45.82 1.45
CA PHE KA 20 -87.38 -45.61 2.88
C PHE KA 20 -86.93 -44.18 3.15
N ILE KA 21 -86.01 -43.65 2.33
CA ILE KA 21 -85.54 -42.28 2.56
C ILE KA 21 -86.67 -41.29 2.35
N ASP KA 22 -87.51 -41.50 1.34
CA ASP KA 22 -88.63 -40.59 1.11
C ASP KA 22 -89.63 -40.66 2.25
N MET KA 23 -89.95 -41.86 2.75
CA MET KA 23 -90.92 -41.97 3.83
C MET KA 23 -90.37 -41.37 5.12
N PHE KA 24 -89.07 -41.51 5.38
CA PHE KA 24 -88.51 -40.90 6.59
C PHE KA 24 -88.44 -39.39 6.46
N THR KA 25 -88.14 -38.86 5.27
CA THR KA 25 -88.16 -37.42 5.09
C THR KA 25 -89.57 -36.86 5.25
N ASP KA 26 -90.58 -37.59 4.75
CA ASP KA 26 -91.95 -37.14 4.89
C ASP KA 26 -92.42 -37.21 6.34
N LEU KA 27 -91.97 -38.23 7.08
CA LEU KA 27 -92.40 -38.40 8.46
C LEU KA 27 -91.94 -37.23 9.32
N LEU KA 28 -90.65 -36.90 9.27
CA LEU KA 28 -90.08 -35.79 10.02
C LEU KA 28 -89.25 -34.94 9.07
N PRO KA 29 -89.86 -33.95 8.43
CA PRO KA 29 -89.10 -33.08 7.50
C PRO KA 29 -88.02 -32.27 8.18
N ASP KA 30 -88.11 -32.05 9.49
CA ASP KA 30 -87.10 -31.26 10.18
C ASP KA 30 -85.73 -31.94 10.14
N TYR KA 31 -85.69 -33.26 10.30
CA TYR KA 31 -84.45 -34.03 10.24
C TYR KA 31 -84.31 -34.65 8.86
N GLU KA 32 -83.25 -34.29 8.15
CA GLU KA 32 -83.03 -34.78 6.81
C GLU KA 32 -82.52 -36.22 6.83
N SER KA 33 -82.84 -36.96 5.78
CA SER KA 33 -82.40 -38.33 5.63
C SER KA 33 -82.15 -38.62 4.16
N GLY KA 34 -81.18 -39.49 3.90
CA GLY KA 34 -80.85 -39.82 2.53
C GLY KA 34 -79.94 -41.02 2.45
N CYS KA 35 -79.32 -41.18 1.28
CA CYS KA 35 -78.40 -42.30 1.03
C CYS KA 35 -77.02 -41.83 0.61
N TRP KA 36 -76.69 -40.56 0.86
CA TRP KA 36 -75.40 -40.00 0.48
C TRP KA 36 -74.90 -39.14 1.63
N ALA KA 37 -73.84 -38.38 1.37
CA ALA KA 37 -73.22 -37.48 2.36
C ALA KA 37 -73.18 -36.08 1.77
N PRO KA 38 -74.23 -35.28 1.96
CA PRO KA 38 -74.25 -33.93 1.39
C PRO KA 38 -73.14 -33.07 1.97
N ASP KA 39 -72.63 -32.16 1.14
CA ASP KA 39 -71.54 -31.28 1.56
C ASP KA 39 -71.99 -30.34 2.67
N ASP KA 40 -73.24 -29.90 2.65
CA ASP KA 40 -73.73 -29.01 3.69
C ASP KA 40 -73.69 -29.68 5.06
N TRP KA 41 -74.04 -30.96 5.13
CA TRP KA 41 -73.96 -31.67 6.39
C TRP KA 41 -72.51 -31.84 6.84
N LEU KA 42 -71.61 -32.13 5.91
CA LEU KA 42 -70.19 -32.29 6.25
C LEU KA 42 -69.53 -30.96 6.61
N ALA KA 43 -70.16 -29.83 6.27
CA ALA KA 43 -69.57 -28.54 6.60
C ALA KA 43 -69.45 -28.35 8.10
N ASP KA 44 -70.48 -28.73 8.85
CA ASP KA 44 -70.49 -28.61 10.31
C ASP KA 44 -70.46 -29.99 10.93
N GLU KA 45 -69.56 -30.19 11.90
CA GLU KA 45 -69.38 -31.49 12.53
C GLU KA 45 -69.57 -31.49 14.04
N ILE KA 46 -69.26 -30.38 14.72
CA ILE KA 46 -69.51 -30.31 16.16
C ILE KA 46 -71.00 -30.39 16.43
N GLU KA 47 -71.80 -29.67 15.65
CA GLU KA 47 -73.26 -29.78 15.68
C GLU KA 47 -73.72 -30.29 14.33
N VAL KA 48 -74.37 -31.46 14.33
CA VAL KA 48 -74.79 -32.12 13.10
C VAL KA 48 -76.30 -32.39 13.17
N LYS KA 49 -76.97 -32.14 12.05
CA LYS KA 49 -78.37 -32.53 11.94
C LYS KA 49 -78.47 -34.04 11.87
N PRO KA 50 -79.29 -34.67 12.72
CA PRO KA 50 -79.41 -36.13 12.67
C PRO KA 50 -79.84 -36.61 11.30
N THR KA 51 -79.15 -37.64 10.80
CA THR KA 51 -79.36 -38.16 9.45
C THR KA 51 -79.48 -39.68 9.50
N ILE KA 52 -80.39 -40.21 8.69
CA ILE KA 52 -80.57 -41.65 8.54
C ILE KA 52 -80.06 -42.05 7.17
N TRP KA 53 -79.13 -43.01 7.14
CA TRP KA 53 -78.50 -43.45 5.91
C TRP KA 53 -78.83 -44.92 5.66
N PHE KA 54 -79.22 -45.24 4.43
CA PHE KA 54 -79.53 -46.60 4.01
C PHE KA 54 -78.60 -46.97 2.86
N PHE KA 55 -77.77 -47.99 3.08
CA PHE KA 55 -76.84 -48.49 2.09
C PHE KA 55 -77.11 -49.96 1.82
N ARG KA 56 -77.20 -50.34 0.55
CA ARG KA 56 -77.53 -51.70 0.20
C ARG KA 56 -76.35 -52.63 0.44
N LEU KA 57 -76.63 -53.79 1.01
CA LEU KA 57 -75.63 -54.82 1.32
C LEU KA 57 -76.09 -56.14 0.72
N PRO KA 58 -75.14 -57.03 0.39
CA PRO KA 58 -75.52 -58.30 -0.21
C PRO KA 58 -76.22 -59.22 0.79
N GLY KA 59 -76.98 -60.16 0.24
CA GLY KA 59 -77.72 -61.10 1.05
C GLY KA 59 -79.19 -61.19 0.69
N GLY KA 60 -79.66 -62.41 0.39
CA GLY KA 60 -81.04 -62.61 0.01
C GLY KA 60 -81.22 -62.92 -1.46
N ARG KA 61 -81.97 -63.98 -1.76
CA ARG KA 61 -82.22 -64.37 -3.13
C ARG KA 61 -83.38 -63.56 -3.71
N VAL KA 62 -83.78 -63.87 -4.93
CA VAL KA 62 -84.91 -63.20 -5.57
C VAL KA 62 -85.54 -64.19 -6.55
N ASP KA 63 -86.87 -64.13 -6.65
CA ASP KA 63 -87.61 -64.97 -7.59
C ASP KA 63 -88.58 -64.10 -8.38
N TRP KA 64 -88.43 -64.12 -9.71
CA TRP KA 64 -89.34 -63.37 -10.56
C TRP KA 64 -90.73 -64.00 -10.60
N ASP KA 65 -90.80 -65.33 -10.50
CA ASP KA 65 -92.07 -66.02 -10.57
C ASP KA 65 -92.95 -65.69 -9.36
N GLY KA 66 -92.36 -65.67 -8.17
CA GLY KA 66 -93.09 -65.41 -6.95
C GLY KA 66 -93.38 -63.95 -6.66
N ARG KA 67 -92.91 -63.04 -7.51
CA ARG KA 67 -93.10 -61.59 -7.32
C ARG KA 67 -92.59 -61.15 -5.96
N LYS KA 68 -91.41 -61.63 -5.57
CA LYS KA 68 -90.82 -61.33 -4.27
C LYS KA 68 -89.38 -60.89 -4.44
N ASP KA 69 -89.01 -59.83 -3.73
CA ASP KA 69 -87.65 -59.33 -3.70
C ASP KA 69 -87.23 -59.06 -2.26
N GLU KA 70 -85.95 -59.27 -1.98
CA GLU KA 70 -85.42 -59.00 -0.65
C GLU KA 70 -83.98 -58.53 -0.76
N CYS KA 71 -83.55 -57.75 0.22
CA CYS KA 71 -82.19 -57.25 0.28
C CYS KA 71 -81.84 -56.95 1.71
N GLN KA 72 -80.54 -57.03 2.03
CA GLN KA 72 -80.05 -56.77 3.38
C GLN KA 72 -79.66 -55.29 3.54
N LEU KA 73 -80.66 -54.43 3.37
CA LEU KA 73 -80.44 -53.00 3.52
C LEU KA 73 -80.12 -52.67 4.97
N GLN KA 74 -79.06 -51.91 5.18
CA GLN KA 74 -78.61 -51.56 6.52
C GLN KA 74 -79.06 -50.16 6.89
N VAL KA 75 -79.16 -49.91 8.20
CA VAL KA 75 -79.56 -48.61 8.73
C VAL KA 75 -78.39 -48.05 9.51
N MET KA 76 -77.95 -46.85 9.14
CA MET KA 76 -76.85 -46.18 9.80
C MET KA 76 -77.32 -44.78 10.20
N VAL KA 77 -77.23 -44.47 11.49
CA VAL KA 77 -77.65 -43.19 12.04
C VAL KA 77 -76.44 -42.48 12.63
N VAL KA 78 -76.31 -41.19 12.33
CA VAL KA 78 -75.22 -40.37 12.80
C VAL KA 78 -75.79 -39.10 13.42
N THR KA 79 -75.28 -38.72 14.59
CA THR KA 79 -75.71 -37.51 15.27
C THR KA 79 -74.64 -37.13 16.29
N GLY KA 80 -74.88 -36.04 17.01
CA GLY KA 80 -73.93 -35.50 17.96
C GLY KA 80 -73.98 -36.05 19.36
N SER KA 81 -74.87 -37.00 19.64
CA SER KA 81 -74.99 -37.56 20.98
C SER KA 81 -75.31 -39.04 20.89
N ARG KA 82 -74.74 -39.83 21.81
CA ARG KA 82 -75.00 -41.26 21.83
C ARG KA 82 -76.45 -41.55 22.17
N ASP KA 83 -77.03 -40.81 23.13
CA ASP KA 83 -78.42 -41.02 23.49
C ASP KA 83 -79.36 -40.69 22.33
N ASP KA 84 -79.06 -39.60 21.60
CA ASP KA 84 -79.87 -39.25 20.43
C ASP KA 84 -79.78 -40.33 19.37
N SER KA 85 -78.58 -40.85 19.12
CA SER KA 85 -78.42 -41.92 18.14
C SER KA 85 -79.20 -43.17 18.56
N TRP KA 86 -79.14 -43.52 19.84
CA TRP KA 86 -79.84 -44.71 20.32
C TRP KA 86 -81.36 -44.54 20.21
N ARG KA 87 -81.88 -43.36 20.56
CA ARG KA 87 -83.33 -43.16 20.47
C ARG KA 87 -83.79 -43.11 19.01
N LEU KA 88 -82.99 -42.52 18.12
CA LEU KA 88 -83.34 -42.55 16.70
C LEU KA 88 -83.33 -43.98 16.16
N MET KA 89 -82.35 -44.79 16.56
CA MET KA 89 -82.32 -46.18 16.13
C MET KA 89 -83.53 -46.94 16.67
N ASP KA 90 -83.92 -46.67 17.92
CA ASP KA 90 -85.10 -47.30 18.48
C ASP KA 90 -86.34 -46.92 17.69
N PHE KA 91 -86.47 -45.64 17.34
CA PHE KA 91 -87.62 -45.20 16.54
C PHE KA 91 -87.63 -45.88 15.18
N VAL KA 92 -86.46 -45.97 14.53
CA VAL KA 92 -86.39 -46.61 13.23
C VAL KA 92 -86.77 -48.09 13.34
N ARG KA 93 -86.29 -48.77 14.37
CA ARG KA 93 -86.62 -50.17 14.57
C ARG KA 93 -88.10 -50.36 14.84
N ALA KA 94 -88.71 -49.45 15.60
CA ALA KA 94 -90.15 -49.52 15.83
C ALA KA 94 -90.94 -49.25 14.56
N MET KA 95 -90.40 -48.45 13.66
CA MET KA 95 -91.07 -48.17 12.39
C MET KA 95 -90.77 -49.19 11.30
N LEU KA 96 -89.81 -50.09 11.50
CA LEU KA 96 -89.41 -51.05 10.48
C LEU KA 96 -89.75 -52.50 10.82
N LEU KA 97 -89.42 -52.95 12.03
CA LEU KA 97 -89.65 -54.36 12.38
C LEU KA 97 -91.13 -54.76 12.31
N PRO KA 98 -92.10 -53.98 12.89
CA PRO KA 98 -93.52 -54.37 12.79
C PRO KA 98 -94.18 -53.93 11.48
N MET KA 99 -93.52 -54.22 10.37
CA MET KA 99 -94.04 -53.89 9.03
C MET KA 99 -94.41 -55.20 8.34
N GLN KA 100 -95.71 -55.48 8.26
CA GLN KA 100 -96.21 -56.70 7.64
C GLN KA 100 -97.32 -56.31 6.67
N GLY KA 101 -96.99 -56.20 5.39
CA GLY KA 101 -97.95 -55.82 4.38
C GLY KA 101 -98.39 -54.38 4.50
N ASP KA 102 -97.47 -53.44 4.29
CA ASP KA 102 -97.73 -52.02 4.46
C ASP KA 102 -97.44 -51.27 3.16
N LYS KA 103 -98.30 -50.31 2.85
CA LYS KA 103 -98.22 -49.56 1.59
C LYS KA 103 -97.72 -48.14 1.84
N TYR KA 104 -96.99 -47.62 0.86
CA TYR KA 104 -96.55 -46.23 0.89
C TYR KA 104 -96.29 -45.79 -0.54
N LYS KA 105 -96.72 -44.58 -0.88
CA LYS KA 105 -96.69 -44.08 -2.25
C LYS KA 105 -95.51 -43.13 -2.45
N MET KA 106 -94.86 -43.27 -3.60
CA MET KA 106 -93.75 -42.41 -3.98
C MET KA 106 -94.23 -41.25 -4.86
N ALA KA 107 -93.35 -40.27 -5.07
CA ALA KA 107 -93.66 -39.16 -5.95
C ALA KA 107 -93.70 -39.57 -7.42
N ASP KA 108 -93.16 -40.75 -7.74
CA ASP KA 108 -93.22 -41.24 -9.12
C ASP KA 108 -94.64 -41.57 -9.53
N GLY KA 109 -95.45 -42.09 -8.61
CA GLY KA 109 -96.83 -42.41 -8.91
C GLY KA 109 -97.30 -43.74 -8.35
N TYR KA 110 -96.39 -44.71 -8.27
CA TYR KA 110 -96.70 -46.03 -7.75
C TYR KA 110 -96.54 -46.06 -6.23
N THR KA 111 -97.32 -46.92 -5.59
CA THR KA 111 -97.25 -47.13 -4.15
C THR KA 111 -96.65 -48.50 -3.87
N ALA KA 112 -95.55 -48.53 -3.12
CA ALA KA 112 -94.83 -49.75 -2.86
C ALA KA 112 -95.51 -50.56 -1.76
N GLN KA 113 -95.14 -51.83 -1.68
CA GLN KA 113 -95.69 -52.76 -0.70
C GLN KA 113 -94.53 -53.45 0.02
N ILE KA 114 -94.35 -53.12 1.29
CA ILE KA 114 -93.32 -53.73 2.11
C ILE KA 114 -93.88 -55.00 2.73
N ARG KA 115 -93.23 -56.13 2.47
CA ARG KA 115 -93.74 -57.41 2.96
C ARG KA 115 -93.29 -57.68 4.39
N CYS KA 116 -91.96 -57.74 4.62
CA CYS KA 116 -91.43 -57.99 5.95
C CYS KA 116 -90.03 -57.42 6.03
N ALA KA 117 -89.72 -56.76 7.14
CA ALA KA 117 -88.40 -56.19 7.39
C ALA KA 117 -87.77 -56.93 8.56
N GLY KA 118 -86.87 -57.86 8.26
CA GLY KA 118 -86.22 -58.65 9.27
C GLY KA 118 -85.03 -57.93 9.88
N GLU KA 119 -84.30 -58.67 10.73
CA GLU KA 119 -83.13 -58.14 11.41
C GLU KA 119 -82.03 -59.18 11.38
N VAL KA 120 -80.83 -58.77 10.98
CA VAL KA 120 -79.67 -59.67 10.88
C VAL KA 120 -78.66 -59.40 11.99
N ALA KA 121 -78.15 -58.17 12.06
CA ALA KA 121 -77.17 -57.79 13.06
C ALA KA 121 -77.71 -56.63 13.90
N GLY KA 122 -77.36 -56.62 15.18
CA GLY KA 122 -77.82 -55.58 16.07
C GLY KA 122 -77.09 -54.28 15.86
N PRO KA 123 -77.42 -53.29 16.69
CA PRO KA 123 -76.78 -51.98 16.57
C PRO KA 123 -75.28 -52.08 16.83
N GLN KA 124 -74.51 -51.30 16.06
CA GLN KA 124 -73.05 -51.29 16.14
C GLN KA 124 -72.59 -49.89 16.46
N LEU KA 125 -72.11 -49.69 17.69
CA LEU KA 125 -71.56 -48.40 18.10
C LEU KA 125 -70.12 -48.33 17.59
N LEU KA 126 -69.97 -47.89 16.34
CA LEU KA 126 -68.65 -47.82 15.72
C LEU KA 126 -67.78 -46.82 16.44
N THR KA 127 -66.49 -47.16 16.58
CA THR KA 127 -65.55 -46.26 17.24
C THR KA 127 -65.36 -45.01 16.39
N PRO KA 128 -65.19 -43.85 17.03
CA PRO KA 128 -64.98 -42.60 16.27
C PRO KA 128 -63.63 -42.59 15.56
N GLY KA 129 -63.66 -42.66 14.24
CA GLY KA 129 -62.44 -42.66 13.45
C GLY KA 129 -62.16 -41.31 12.81
N GLN KA 130 -62.50 -41.18 11.53
CA GLN KA 130 -62.34 -39.89 10.86
C GLN KA 130 -63.20 -38.82 11.51
N ARG KA 131 -64.42 -39.17 11.91
CA ARG KA 131 -65.31 -38.27 12.64
C ARG KA 131 -65.28 -38.65 14.12
N ILE KA 132 -64.97 -37.68 14.97
CA ILE KA 132 -64.78 -37.91 16.39
C ILE KA 132 -66.02 -37.53 17.20
N ASP KA 133 -66.49 -36.29 17.05
CA ASP KA 133 -67.61 -35.82 17.85
C ASP KA 133 -68.91 -36.57 17.52
N THR KA 134 -69.13 -36.86 16.24
CA THR KA 134 -70.37 -37.50 15.83
C THR KA 134 -70.43 -38.94 16.34
N ARG KA 135 -71.62 -39.35 16.75
CA ARG KA 135 -71.86 -40.73 17.20
C ARG KA 135 -72.64 -41.46 16.11
N VAL KA 136 -72.15 -42.64 15.74
CA VAL KA 136 -72.69 -43.41 14.63
C VAL KA 136 -73.07 -44.80 15.14
N VAL KA 137 -74.25 -45.27 14.74
CA VAL KA 137 -74.76 -46.60 15.08
C VAL KA 137 -75.20 -47.28 13.79
N THR KA 138 -74.72 -48.51 13.59
CA THR KA 138 -74.96 -49.26 12.35
C THR KA 138 -75.70 -50.55 12.67
N ALA KA 139 -76.75 -50.84 11.90
CA ALA KA 139 -77.48 -52.09 12.01
C ALA KA 139 -77.97 -52.50 10.63
N THR KA 140 -78.20 -53.80 10.46
CA THR KA 140 -78.60 -54.37 9.19
C THR KA 140 -80.01 -54.94 9.30
N PHE KA 141 -80.84 -54.66 8.29
CA PHE KA 141 -82.21 -55.14 8.25
C PHE KA 141 -82.41 -56.00 7.02
N LYS KA 142 -83.15 -57.10 7.18
CA LYS KA 142 -83.51 -57.98 6.07
C LYS KA 142 -84.89 -57.55 5.59
N VAL KA 143 -84.92 -56.66 4.61
CA VAL KA 143 -86.16 -56.06 4.11
C VAL KA 143 -86.57 -56.77 2.83
N SER KA 144 -87.82 -57.24 2.79
CA SER KA 144 -88.39 -57.89 1.61
C SER KA 144 -89.50 -57.01 1.05
N VAL KA 145 -89.42 -56.73 -0.25
CA VAL KA 145 -90.38 -55.85 -0.91
C VAL KA 145 -90.94 -56.55 -2.14
N SER KA 146 -92.16 -56.17 -2.53
CA SER KA 146 -92.79 -56.73 -3.71
C SER KA 146 -92.29 -56.03 -4.97
N MET KA 147 -92.61 -56.61 -6.11
CA MET KA 147 -92.22 -56.08 -7.41
C MET KA 147 -93.38 -55.27 -8.00
N LYS KA 148 -93.02 -54.24 -8.77
CA LYS KA 148 -94.02 -53.41 -9.41
C LYS KA 148 -94.69 -54.15 -10.57
N SER KA 149 -93.91 -54.53 -11.58
CA SER KA 149 -94.42 -55.29 -12.71
C SER KA 149 -93.50 -56.48 -12.95
N ALA KA 150 -94.09 -57.67 -13.05
CA ALA KA 150 -93.33 -58.90 -13.23
C ALA KA 150 -93.53 -59.52 -14.61
N LYS KA 151 -94.10 -58.78 -15.56
CA LYS KA 151 -94.28 -59.30 -16.91
C LYS KA 151 -92.92 -59.48 -17.59
N ASN KA 152 -92.81 -60.52 -18.41
CA ASN KA 152 -91.56 -60.86 -19.06
C ASN KA 152 -91.42 -60.10 -20.37
N TYR KA 153 -90.16 -59.77 -20.71
CA TYR KA 153 -89.83 -59.02 -21.92
C TYR KA 153 -89.17 -59.91 -22.96
N LYS KA 154 -89.59 -61.19 -23.02
CA LYS KA 154 -89.07 -62.08 -24.05
C LYS KA 154 -89.47 -61.61 -25.44
N GLN KA 155 -90.69 -61.11 -25.59
CA GLN KA 155 -91.23 -60.80 -26.90
C GLN KA 155 -90.38 -59.76 -27.63
N LYS KA 156 -90.21 -58.58 -27.04
CA LYS KA 156 -89.55 -57.48 -27.73
C LYS KA 156 -88.11 -57.83 -28.07
N LEU KA 157 -87.41 -58.50 -27.16
CA LEU KA 157 -86.07 -58.98 -27.45
C LEU KA 157 -86.08 -59.93 -28.64
N TYR KA 158 -87.06 -60.83 -28.71
CA TYR KA 158 -87.14 -61.77 -29.83
C TYR KA 158 -87.37 -61.06 -31.15
N GLU KA 159 -88.30 -60.09 -31.20
CA GLU KA 159 -88.51 -59.40 -32.48
C GLU KA 159 -87.33 -58.51 -32.84
N LEU KA 160 -86.66 -57.91 -31.85
CA LEU KA 160 -85.45 -57.15 -32.16
C LEU KA 160 -84.37 -58.04 -32.75
N TRP KA 161 -84.20 -59.24 -32.18
CA TRP KA 161 -83.24 -60.20 -32.72
C TRP KA 161 -83.62 -60.61 -34.14
N GLN KA 162 -84.91 -60.88 -34.36
CA GLN KA 162 -85.36 -61.30 -35.69
C GLN KA 162 -85.13 -60.19 -36.72
N ALA KA 163 -85.41 -58.94 -36.34
CA ALA KA 163 -85.18 -57.82 -37.25
C ALA KA 163 -83.69 -57.63 -37.54
N LEU KA 164 -82.85 -57.78 -36.51
CA LEU KA 164 -81.42 -57.57 -36.70
C LEU KA 164 -80.80 -58.70 -37.51
N ARG KA 165 -81.14 -59.95 -37.19
CA ARG KA 165 -80.59 -61.11 -37.89
C ARG KA 165 -81.71 -62.11 -38.17
N GLY KA 166 -81.60 -62.78 -39.31
CA GLY KA 166 -82.58 -63.77 -39.70
C GLY KA 166 -82.23 -64.49 -40.99
N VAL LA 3 -84.36 -32.85 20.59
CA VAL LA 3 -85.51 -33.68 20.96
C VAL LA 3 -86.76 -33.15 20.28
N VAL LA 4 -86.98 -33.57 19.04
CA VAL LA 4 -88.14 -33.14 18.27
C VAL LA 4 -88.86 -34.36 17.72
N LEU LA 5 -88.69 -35.50 18.38
CA LEU LA 5 -89.38 -36.71 17.96
C LEU LA 5 -90.88 -36.56 18.15
N PRO LA 6 -91.69 -37.23 17.32
CA PRO LA 6 -93.14 -37.10 17.42
C PRO LA 6 -93.65 -37.56 18.78
N ASP LA 7 -94.69 -36.86 19.26
CA ASP LA 7 -95.23 -37.15 20.59
C ASP LA 7 -95.91 -38.51 20.67
N TRP LA 8 -96.57 -38.93 19.59
CA TRP LA 8 -97.29 -40.21 19.62
C TRP LA 8 -96.37 -41.40 19.79
N TYR LA 9 -95.07 -41.23 19.53
CA TYR LA 9 -94.08 -42.27 19.79
C TYR LA 9 -93.28 -41.90 21.03
N GLU LA 10 -93.22 -42.81 22.00
CA GLU LA 10 -92.49 -42.59 23.24
C GLU LA 10 -91.14 -43.28 23.26
N GLU LA 11 -91.10 -44.58 23.00
CA GLU LA 11 -89.88 -45.36 23.01
C GLU LA 11 -90.18 -46.73 22.42
N ALA LA 12 -89.13 -47.43 22.02
CA ALA LA 12 -89.27 -48.77 21.44
C ALA LA 12 -88.60 -49.83 22.30
N PHE LA 13 -87.31 -49.68 22.62
CA PHE LA 13 -86.55 -50.69 23.31
C PHE LA 13 -86.11 -50.19 24.68
N VAL LA 14 -85.31 -51.01 25.36
CA VAL LA 14 -84.93 -50.75 26.75
C VAL LA 14 -83.54 -50.12 26.89
N ASN LA 15 -82.67 -50.30 25.89
CA ASN LA 15 -81.27 -49.88 25.98
C ASN LA 15 -80.58 -50.61 27.15
N VAL LA 16 -80.48 -51.93 26.97
CA VAL LA 16 -80.08 -52.83 28.06
C VAL LA 16 -78.69 -52.48 28.60
N GLU LA 17 -77.82 -51.90 27.77
CA GLU LA 17 -76.51 -51.49 28.27
C GLU LA 17 -76.64 -50.35 29.27
N ASN LA 18 -77.59 -49.44 29.05
CA ASN LA 18 -77.87 -48.40 30.04
C ASN LA 18 -78.38 -49.02 31.33
N LEU LA 19 -79.26 -50.01 31.22
CA LEU LA 19 -79.70 -50.79 32.38
C LEU LA 19 -78.52 -51.33 33.16
N PHE LA 20 -77.58 -51.96 32.46
CA PHE LA 20 -76.47 -52.63 33.14
C PHE LA 20 -75.53 -51.61 33.78
N ILE LA 21 -75.18 -50.55 33.06
CA ILE LA 21 -74.26 -49.56 33.64
C ILE LA 21 -74.90 -48.88 34.84
N ASP LA 22 -76.20 -48.56 34.76
CA ASP LA 22 -76.87 -47.93 35.88
C ASP LA 22 -76.94 -48.87 37.09
N MET LA 23 -77.24 -50.15 36.87
CA MET LA 23 -77.35 -51.07 37.99
C MET LA 23 -75.98 -51.32 38.62
N PHE LA 24 -74.91 -51.36 37.81
CA PHE LA 24 -73.58 -51.53 38.38
C PHE LA 24 -73.13 -50.28 39.14
N THR LA 25 -73.46 -49.09 38.63
CA THR LA 25 -73.13 -47.87 39.37
C THR LA 25 -73.89 -47.81 40.68
N ASP LA 26 -75.15 -48.23 40.68
CA ASP LA 26 -75.93 -48.23 41.91
C ASP LA 26 -75.43 -49.27 42.90
N LEU LA 27 -74.97 -50.42 42.40
CA LEU LA 27 -74.51 -51.48 43.31
C LEU LA 27 -73.28 -51.04 44.08
N LEU LA 28 -72.27 -50.52 43.39
CA LEU LA 28 -71.04 -50.04 44.02
C LEU LA 28 -70.73 -48.65 43.48
N PRO LA 29 -71.26 -47.60 44.12
CA PRO LA 29 -71.00 -46.23 43.65
C PRO LA 29 -69.54 -45.83 43.73
N ASP LA 30 -68.73 -46.50 44.57
CA ASP LA 30 -67.33 -46.14 44.69
C ASP LA 30 -66.57 -46.38 43.39
N TYR LA 31 -66.87 -47.47 42.70
CA TYR LA 31 -66.23 -47.80 41.43
C TYR LA 31 -67.17 -47.39 40.29
N GLU LA 32 -66.70 -46.49 39.44
CA GLU LA 32 -67.51 -46.00 38.34
C GLU LA 32 -67.57 -47.02 37.21
N SER LA 33 -68.68 -46.99 36.47
CA SER LA 33 -68.88 -47.88 35.34
C SER LA 33 -69.67 -47.14 34.28
N GLY LA 34 -69.40 -47.47 33.02
CA GLY LA 34 -70.08 -46.81 31.93
C GLY LA 34 -69.83 -47.52 30.62
N CYS LA 35 -70.13 -46.81 29.53
CA CYS LA 35 -69.95 -47.34 28.18
C CYS LA 35 -69.05 -46.46 27.32
N TRP LA 36 -68.25 -45.61 27.95
CA TRP LA 36 -67.36 -44.70 27.22
C TRP LA 36 -66.03 -44.67 27.95
N ALA LA 37 -65.17 -43.73 27.55
CA ALA LA 37 -63.85 -43.54 28.14
C ALA LA 37 -63.71 -42.10 28.58
N PRO LA 38 -64.13 -41.78 29.81
CA PRO LA 38 -64.03 -40.39 30.27
C PRO LA 38 -62.60 -39.90 30.33
N ASP LA 39 -62.42 -38.60 30.06
CA ASP LA 39 -61.08 -38.02 30.06
C ASP LA 39 -60.47 -38.04 31.45
N ASP LA 40 -61.30 -37.93 32.50
CA ASP LA 40 -60.77 -37.97 33.86
C ASP LA 40 -60.12 -39.31 34.16
N TRP LA 41 -60.74 -40.40 33.71
CA TRP LA 41 -60.14 -41.71 33.90
C TRP LA 41 -58.85 -41.86 33.09
N LEU LA 42 -58.84 -41.35 31.87
CA LEU LA 42 -57.64 -41.43 31.03
C LEU LA 42 -56.53 -40.52 31.53
N ALA LA 43 -56.83 -39.56 32.40
CA ALA LA 43 -55.80 -38.67 32.91
C ALA LA 43 -54.74 -39.44 33.71
N ASP LA 44 -55.17 -40.37 34.54
CA ASP LA 44 -54.27 -41.17 35.37
C ASP LA 44 -54.31 -42.62 34.88
N GLU LA 45 -53.13 -43.19 34.64
CA GLU LA 45 -53.02 -44.54 34.12
C GLU LA 45 -52.25 -45.51 34.99
N ILE LA 46 -51.26 -45.02 35.75
CA ILE LA 46 -50.55 -45.91 36.68
C ILE LA 46 -51.50 -46.42 37.75
N GLU LA 47 -52.34 -45.53 38.29
CA GLU LA 47 -53.41 -45.91 39.21
C GLU LA 47 -54.73 -45.55 38.55
N VAL LA 48 -55.57 -46.56 38.32
CA VAL LA 48 -56.83 -46.39 37.61
C VAL LA 48 -57.96 -46.90 38.48
N LYS LA 49 -59.05 -46.16 38.50
CA LYS LA 49 -60.27 -46.63 39.15
C LYS LA 49 -60.86 -47.77 38.33
N PRO LA 50 -61.15 -48.91 38.94
CA PRO LA 50 -61.72 -50.04 38.17
C PRO LA 50 -63.02 -49.62 37.48
N THR LA 51 -63.13 -49.95 36.20
CA THR LA 51 -64.26 -49.56 35.38
C THR LA 51 -64.79 -50.77 34.62
N ILE LA 52 -66.11 -50.85 34.50
CA ILE LA 52 -66.78 -51.89 33.73
C ILE LA 52 -67.37 -51.26 32.49
N TRP LA 53 -67.05 -51.81 31.33
CA TRP LA 53 -67.47 -51.26 30.04
C TRP LA 53 -68.33 -52.28 29.31
N PHE LA 54 -69.45 -51.82 28.76
CA PHE LA 54 -70.35 -52.66 27.98
C PHE LA 54 -70.50 -52.08 26.58
N PHE LA 55 -70.06 -52.84 25.58
CA PHE LA 55 -70.13 -52.42 24.19
C PHE LA 55 -70.97 -53.44 23.41
N ARG LA 56 -71.91 -52.95 22.62
CA ARG LA 56 -72.81 -53.84 21.89
C ARG LA 56 -72.08 -54.48 20.71
N LEU LA 57 -72.31 -55.78 20.53
CA LEU LA 57 -71.72 -56.57 19.46
C LEU LA 57 -72.82 -57.30 18.71
N PRO LA 58 -72.61 -57.60 17.43
CA PRO LA 58 -73.67 -58.27 16.66
C PRO LA 58 -73.85 -59.71 17.10
N GLY LA 59 -75.05 -60.23 16.80
CA GLY LA 59 -75.39 -61.59 17.16
C GLY LA 59 -76.71 -61.71 17.89
N GLY LA 60 -77.61 -62.53 17.36
CA GLY LA 60 -78.92 -62.70 17.97
C GLY LA 60 -80.03 -62.06 17.17
N ARG LA 61 -81.10 -62.82 16.91
CA ARG LA 61 -82.23 -62.32 16.16
C ARG LA 61 -83.17 -61.55 17.10
N VAL LA 62 -84.31 -61.10 16.57
CA VAL LA 62 -85.31 -60.40 17.37
C VAL LA 62 -86.67 -60.65 16.74
N ASP LA 63 -87.67 -60.81 17.59
CA ASP LA 63 -89.05 -60.99 17.14
C ASP LA 63 -89.96 -60.00 17.87
N TRP LA 64 -90.66 -59.18 17.10
CA TRP LA 64 -91.60 -58.24 17.69
C TRP LA 64 -92.84 -58.96 18.23
N ASP LA 65 -93.25 -60.04 17.57
CA ASP LA 65 -94.44 -60.76 17.97
C ASP LA 65 -94.28 -61.42 19.33
N GLY LA 66 -93.12 -62.03 19.57
CA GLY LA 66 -92.85 -62.72 20.81
C GLY LA 66 -92.43 -61.84 21.96
N ARG LA 67 -92.30 -60.54 21.73
CA ARG LA 67 -91.87 -59.58 22.76
C ARG LA 67 -90.53 -59.98 23.37
N LYS LA 68 -89.59 -60.38 22.52
CA LYS LA 68 -88.28 -60.84 22.96
C LYS LA 68 -87.19 -60.13 22.18
N ASP LA 69 -86.15 -59.70 22.89
CA ASP LA 69 -84.97 -59.10 22.29
C ASP LA 69 -83.72 -59.71 22.89
N GLU LA 70 -82.67 -59.81 22.07
CA GLU LA 70 -81.40 -60.33 22.54
C GLU LA 70 -80.27 -59.64 21.80
N CYS LA 71 -79.11 -59.58 22.45
CA CYS LA 71 -77.93 -58.97 21.86
C CYS LA 71 -76.70 -59.57 22.53
N GLN LA 72 -75.59 -59.58 21.80
CA GLN LA 72 -74.33 -60.13 22.30
C GLN LA 72 -73.49 -59.04 22.94
N LEU LA 73 -74.04 -58.46 24.01
CA LEU LA 73 -73.34 -57.41 24.75
C LEU LA 73 -72.13 -58.01 25.45
N GLN LA 74 -70.97 -57.36 25.29
CA GLN LA 74 -69.72 -57.85 25.86
C GLN LA 74 -69.39 -57.09 27.13
N VAL LA 75 -68.60 -57.72 27.99
CA VAL LA 75 -68.16 -57.15 29.26
C VAL LA 75 -66.65 -56.98 29.19
N MET LA 76 -66.18 -55.75 29.38
CA MET LA 76 -64.75 -55.45 29.39
C MET LA 76 -64.42 -54.69 30.67
N VAL LA 77 -63.48 -55.22 31.44
CA VAL LA 77 -63.07 -54.63 32.71
C VAL LA 77 -61.60 -54.24 32.61
N VAL LA 78 -61.28 -53.04 33.08
CA VAL LA 78 -59.92 -52.51 33.07
C VAL LA 78 -59.57 -52.04 34.47
N THR LA 79 -58.37 -52.42 34.93
CA THR LA 79 -57.89 -52.01 36.24
C THR LA 79 -56.38 -52.17 36.26
N GLY LA 80 -55.77 -51.81 37.39
CA GLY LA 80 -54.33 -51.81 37.53
C GLY LA 80 -53.70 -53.10 38.00
N SER LA 81 -54.49 -54.16 38.20
CA SER LA 81 -53.96 -55.44 38.65
C SER LA 81 -54.72 -56.58 37.97
N ARG LA 82 -53.99 -57.64 37.62
CA ARG LA 82 -54.62 -58.80 37.00
C ARG LA 82 -55.60 -59.48 37.95
N ASP LA 83 -55.21 -59.62 39.23
CA ASP LA 83 -56.09 -60.26 40.21
C ASP LA 83 -57.37 -59.45 40.41
N ASP LA 84 -57.25 -58.13 40.46
CA ASP LA 84 -58.43 -57.28 40.60
C ASP LA 84 -59.36 -57.43 39.40
N SER LA 85 -58.81 -57.47 38.19
CA SER LA 85 -59.63 -57.66 37.01
C SER LA 85 -60.32 -59.02 37.04
N TRP LA 86 -59.59 -60.07 37.45
CA TRP LA 86 -60.18 -61.40 37.50
C TRP LA 86 -61.31 -61.48 38.51
N ARG LA 87 -61.11 -60.90 39.70
CA ARG LA 87 -62.17 -60.95 40.71
C ARG LA 87 -63.36 -60.09 40.30
N LEU LA 88 -63.12 -58.97 39.63
CA LEU LA 88 -64.22 -58.16 39.12
C LEU LA 88 -65.02 -58.91 38.06
N MET LA 89 -64.32 -59.62 37.16
CA MET LA 89 -65.01 -60.42 36.16
C MET LA 89 -65.80 -61.55 36.81
N ASP LA 90 -65.24 -62.18 37.84
CA ASP LA 90 -65.97 -63.22 38.57
C ASP LA 90 -67.23 -62.65 39.21
N PHE LA 91 -67.13 -61.48 39.82
CA PHE LA 91 -68.30 -60.84 40.41
C PHE LA 91 -69.34 -60.51 39.35
N VAL LA 92 -68.90 -60.02 38.20
CA VAL LA 92 -69.83 -59.70 37.11
C VAL LA 92 -70.55 -60.96 36.64
N ARG LA 93 -69.81 -62.06 36.48
CA ARG LA 93 -70.44 -63.31 36.05
C ARG LA 93 -71.39 -63.85 37.11
N ALA LA 94 -71.05 -63.68 38.39
CA ALA LA 94 -71.97 -64.08 39.45
C ALA LA 94 -73.25 -63.25 39.42
N MET LA 95 -73.14 -61.97 39.06
CA MET LA 95 -74.31 -61.10 39.00
C MET LA 95 -75.05 -61.18 37.68
N LEU LA 96 -74.50 -61.84 36.67
CA LEU LA 96 -75.09 -61.90 35.33
C LEU LA 96 -75.54 -63.28 34.90
N LEU LA 97 -74.72 -64.30 35.09
CA LEU LA 97 -75.11 -65.63 34.63
C LEU LA 97 -76.36 -66.16 35.32
N PRO LA 98 -76.52 -66.06 36.68
CA PRO LA 98 -77.76 -66.53 37.32
C PRO LA 98 -78.92 -65.53 37.24
N MET LA 99 -79.16 -64.98 36.06
CA MET LA 99 -80.21 -63.99 35.84
C MET LA 99 -81.31 -64.63 35.01
N GLN LA 100 -82.40 -65.01 35.67
CA GLN LA 100 -83.56 -65.65 35.03
C GLN LA 100 -84.82 -64.95 35.52
N GLY LA 101 -85.32 -64.01 34.72
CA GLY LA 101 -86.52 -63.27 35.09
C GLY LA 101 -86.29 -62.33 36.26
N ASP LA 102 -85.46 -61.31 36.06
CA ASP LA 102 -85.10 -60.38 37.12
C ASP LA 102 -85.45 -58.95 36.69
N LYS LA 103 -85.96 -58.18 37.64
CA LYS LA 103 -86.42 -56.82 37.38
C LYS LA 103 -85.47 -55.79 37.98
N TYR LA 104 -85.35 -54.65 37.29
CA TYR LA 104 -84.59 -53.53 37.81
C TYR LA 104 -85.11 -52.26 37.16
N LYS LA 105 -85.26 -51.20 37.96
CA LYS LA 105 -85.90 -49.97 37.53
C LYS LA 105 -84.87 -48.90 37.19
N MET LA 106 -85.12 -48.17 36.11
CA MET LA 106 -84.27 -47.08 35.67
C MET LA 106 -84.79 -45.74 36.19
N ALA LA 107 -83.96 -44.70 36.06
CA ALA LA 107 -84.38 -43.37 36.45
C ALA LA 107 -85.41 -42.79 35.50
N ASP LA 108 -85.60 -43.38 34.32
CA ASP LA 108 -86.61 -42.92 33.39
C ASP LA 108 -88.01 -43.17 33.93
N GLY LA 109 -88.21 -44.28 34.63
CA GLY LA 109 -89.52 -44.59 35.21
C GLY LA 109 -89.93 -46.04 35.04
N TYR LA 110 -89.52 -46.66 33.95
CA TYR LA 110 -89.85 -48.06 33.67
C TYR LA 110 -88.83 -48.99 34.31
N THR LA 111 -89.28 -50.18 34.66
CA THR LA 111 -88.42 -51.22 35.22
C THR LA 111 -88.25 -52.34 34.19
N ALA LA 112 -87.01 -52.62 33.83
CA ALA LA 112 -86.71 -53.59 32.80
C ALA LA 112 -86.79 -55.01 33.36
N GLN LA 113 -86.86 -55.97 32.43
CA GLN LA 113 -86.96 -57.38 32.77
C GLN LA 113 -85.90 -58.14 31.99
N ILE LA 114 -84.89 -58.66 32.69
CA ILE LA 114 -83.83 -59.45 32.07
C ILE LA 114 -84.27 -60.90 32.04
N ARG LA 115 -84.35 -61.47 30.83
CA ARG LA 115 -84.82 -62.84 30.69
C ARG LA 115 -83.70 -63.84 30.98
N CYS LA 116 -82.62 -63.80 30.20
CA CYS LA 116 -81.51 -64.72 30.38
C CYS LA 116 -80.25 -64.09 29.81
N ALA LA 117 -79.14 -64.22 30.55
CA ALA LA 117 -77.84 -63.70 30.12
C ALA LA 117 -76.92 -64.89 29.89
N GLY LA 118 -76.72 -65.23 28.61
CA GLY LA 118 -75.88 -66.35 28.25
C GLY LA 118 -74.41 -65.96 28.18
N GLU LA 119 -73.60 -66.91 27.73
CA GLU LA 119 -72.16 -66.72 27.60
C GLU LA 119 -71.71 -67.29 26.27
N VAL LA 120 -70.90 -66.52 25.53
CA VAL LA 120 -70.40 -66.91 24.22
C VAL LA 120 -68.91 -67.22 24.26
N ALA LA 121 -68.09 -66.25 24.66
CA ALA LA 121 -66.65 -66.41 24.72
C ALA LA 121 -66.15 -66.21 26.14
N GLY LA 122 -65.08 -66.92 26.49
CA GLY LA 122 -64.52 -66.85 27.81
C GLY LA 122 -63.70 -65.59 28.03
N PRO LA 123 -63.01 -65.50 29.16
CA PRO LA 123 -62.21 -64.30 29.45
C PRO LA 123 -61.08 -64.15 28.45
N GLN LA 124 -60.80 -62.90 28.08
CA GLN LA 124 -59.76 -62.57 27.11
C GLN LA 124 -58.78 -61.61 27.78
N LEU LA 125 -57.64 -62.13 28.22
CA LEU LA 125 -56.58 -61.31 28.79
C LEU LA 125 -55.80 -60.67 27.65
N LEU LA 126 -56.31 -59.55 27.17
CA LEU LA 126 -55.69 -58.87 26.03
C LEU LA 126 -54.29 -58.39 26.39
N THR LA 127 -53.39 -58.50 25.43
CA THR LA 127 -52.02 -58.06 25.65
C THR LA 127 -51.97 -56.55 25.81
N PRO LA 128 -51.10 -56.02 26.68
CA PRO LA 128 -51.03 -54.56 26.85
C PRO LA 128 -50.46 -53.88 25.61
N GLY LA 129 -51.30 -53.11 24.92
CA GLY LA 129 -50.89 -52.41 23.73
C GLY LA 129 -50.65 -50.93 23.99
N GLN LA 130 -51.63 -50.09 23.65
CA GLN LA 130 -51.52 -48.67 23.93
C GLN LA 130 -51.41 -48.41 25.43
N ARG LA 131 -52.18 -49.14 26.22
CA ARG LA 131 -52.10 -49.07 27.68
C ARG LA 131 -51.32 -50.27 28.19
N ILE LA 132 -50.27 -50.00 28.97
CA ILE LA 132 -49.35 -51.04 29.43
C ILE LA 132 -49.64 -51.46 30.86
N ASP LA 133 -49.70 -50.49 31.79
CA ASP LA 133 -49.88 -50.83 33.19
C ASP LA 133 -51.26 -51.43 33.46
N THR LA 134 -52.29 -50.91 32.79
CA THR LA 134 -53.65 -51.38 33.04
C THR LA 134 -53.84 -52.80 32.53
N ARG LA 135 -54.59 -53.60 33.28
CA ARG LA 135 -54.93 -54.96 32.90
C ARG LA 135 -56.38 -54.99 32.44
N VAL LA 136 -56.62 -55.58 31.27
CA VAL LA 136 -57.94 -55.59 30.65
C VAL LA 136 -58.33 -57.03 30.36
N VAL LA 137 -59.59 -57.36 30.67
CA VAL LA 137 -60.16 -58.69 30.41
C VAL LA 137 -61.48 -58.49 29.69
N THR LA 138 -61.65 -59.21 28.57
CA THR LA 138 -62.82 -59.06 27.72
C THR LA 138 -63.62 -60.36 27.70
N ALA LA 139 -64.93 -60.25 27.88
CA ALA LA 139 -65.83 -61.38 27.78
C ALA LA 139 -67.12 -60.94 27.09
N THR LA 140 -67.77 -61.89 26.42
CA THR LA 140 -68.99 -61.64 25.68
C THR LA 140 -70.14 -62.40 26.30
N PHE LA 141 -71.27 -61.72 26.48
CA PHE LA 141 -72.47 -62.30 27.09
C PHE LA 141 -73.62 -62.23 26.11
N LYS LA 142 -74.40 -63.31 26.06
CA LYS LA 142 -75.62 -63.36 25.24
C LYS LA 142 -76.79 -62.99 26.15
N VAL LA 143 -77.12 -61.71 26.17
CA VAL LA 143 -78.14 -61.17 27.07
C VAL LA 143 -79.44 -60.99 26.30
N SER LA 144 -80.52 -61.55 26.84
CA SER LA 144 -81.85 -61.42 26.26
C SER LA 144 -82.72 -60.60 27.20
N VAL LA 145 -83.37 -59.57 26.66
CA VAL LA 145 -84.19 -58.65 27.44
C VAL LA 145 -85.56 -58.53 26.79
N SER LA 146 -86.56 -58.20 27.61
CA SER LA 146 -87.91 -58.02 27.12
C SER LA 146 -88.09 -56.61 26.56
N MET LA 147 -89.20 -56.41 25.85
CA MET LA 147 -89.54 -55.15 25.25
C MET LA 147 -90.49 -54.36 26.16
N LYS LA 148 -90.34 -53.03 26.14
CA LYS LA 148 -91.21 -52.18 26.94
C LYS LA 148 -92.62 -52.16 26.38
N SER LA 149 -92.78 -51.69 25.15
CA SER LA 149 -94.08 -51.65 24.48
C SER LA 149 -93.92 -52.24 23.09
N ALA LA 150 -94.79 -53.18 22.75
CA ALA LA 150 -94.73 -53.87 21.46
C ALA LA 150 -95.91 -53.54 20.56
N LYS LA 151 -96.66 -52.49 20.86
CA LYS LA 151 -97.77 -52.09 20.00
C LYS LA 151 -97.25 -51.56 18.68
N ASN LA 152 -98.00 -51.84 17.61
CA ASN LA 152 -97.57 -51.46 16.26
C ASN LA 152 -98.02 -50.04 15.93
N TYR LA 153 -97.20 -49.36 15.14
CA TYR LA 153 -97.45 -47.99 14.72
C TYR LA 153 -97.87 -47.90 13.26
N LYS LA 154 -98.61 -48.92 12.79
CA LYS LA 154 -99.14 -48.86 11.43
C LYS LA 154 -100.12 -47.71 11.25
N GLN LA 155 -100.95 -47.46 12.27
CA GLN LA 155 -102.05 -46.50 12.14
C GLN LA 155 -101.54 -45.11 11.79
N LYS LA 156 -100.67 -44.54 12.65
CA LYS LA 156 -100.27 -43.15 12.48
C LYS LA 156 -99.52 -42.95 11.17
N LEU LA 157 -98.67 -43.91 10.79
CA LEU LA 157 -98.02 -43.85 9.49
C LEU LA 157 -99.03 -43.84 8.37
N TYR LA 158 -100.09 -44.66 8.48
CA TYR LA 158 -101.10 -44.70 7.44
C TYR LA 158 -101.85 -43.37 7.33
N GLU LA 159 -102.26 -42.77 8.45
CA GLU LA 159 -102.96 -41.50 8.32
C GLU LA 159 -102.04 -40.38 7.87
N LEU LA 160 -100.76 -40.42 8.27
CA LEU LA 160 -99.81 -39.42 7.75
C LEU LA 160 -99.66 -39.55 6.24
N TRP LA 161 -99.58 -40.79 5.74
CA TRP LA 161 -99.50 -41.00 4.30
C TRP LA 161 -100.77 -40.52 3.60
N GLN LA 162 -101.93 -40.82 4.18
CA GLN LA 162 -103.20 -40.38 3.58
C GLN LA 162 -103.30 -38.86 3.54
N ALA LA 163 -102.89 -38.19 4.62
CA ALA LA 163 -102.91 -36.73 4.62
C ALA LA 163 -101.92 -36.15 3.61
N LEU LA 164 -100.74 -36.75 3.50
CA LEU LA 164 -99.74 -36.21 2.58
C LEU LA 164 -100.14 -36.47 1.13
N ARG LA 165 -100.58 -37.68 0.81
CA ARG LA 165 -100.98 -38.02 -0.55
C ARG LA 165 -102.28 -38.82 -0.51
N GLY LA 166 -103.09 -38.62 -1.54
CA GLY LA 166 -104.37 -39.31 -1.66
C GLY LA 166 -105.13 -38.97 -2.92
N VAL MA 3 -59.56 -53.32 47.23
CA VAL MA 3 -60.42 -54.38 47.71
C VAL MA 3 -61.60 -53.79 48.49
N VAL MA 4 -62.63 -53.38 47.78
CA VAL MA 4 -63.81 -52.78 48.39
C VAL MA 4 -65.06 -53.50 47.90
N LEU MA 5 -64.90 -54.75 47.48
CA LEU MA 5 -66.03 -55.54 47.02
C LEU MA 5 -66.98 -55.82 48.20
N PRO MA 6 -68.28 -55.95 47.92
CA PRO MA 6 -69.24 -56.19 49.01
C PRO MA 6 -68.93 -57.47 49.77
N ASP MA 7 -69.19 -57.43 51.07
CA ASP MA 7 -68.87 -58.56 51.94
C ASP MA 7 -69.75 -59.78 51.66
N TRP MA 8 -71.02 -59.55 51.31
CA TRP MA 8 -71.93 -60.68 51.09
C TRP MA 8 -71.52 -61.53 49.89
N TYR MA 9 -70.67 -61.01 49.01
CA TYR MA 9 -70.13 -61.78 47.90
C TYR MA 9 -68.68 -62.13 48.20
N GLU MA 10 -68.34 -63.41 48.10
CA GLU MA 10 -66.99 -63.88 48.37
C GLU MA 10 -66.21 -64.18 47.10
N GLU MA 11 -66.77 -65.01 46.22
CA GLU MA 11 -66.12 -65.40 44.97
C GLU MA 11 -67.13 -66.17 44.13
N ALA MA 12 -66.87 -66.24 42.83
CA ALA MA 12 -67.73 -66.96 41.90
C ALA MA 12 -67.04 -68.13 41.24
N PHE MA 13 -65.89 -67.91 40.61
CA PHE MA 13 -65.19 -68.93 39.85
C PHE MA 13 -63.93 -69.38 40.59
N VAL MA 14 -63.16 -70.24 39.94
CA VAL MA 14 -62.00 -70.87 40.55
C VAL MA 14 -60.68 -70.25 40.10
N ASN MA 15 -60.65 -69.60 38.93
CA ASN MA 15 -59.42 -69.10 38.31
C ASN MA 15 -58.45 -70.26 38.07
N VAL MA 16 -58.89 -71.15 37.16
CA VAL MA 16 -58.21 -72.43 36.93
C VAL MA 16 -56.76 -72.24 36.51
N GLU MA 17 -56.44 -71.13 35.85
CA GLU MA 17 -55.04 -70.90 35.48
C GLU MA 17 -54.17 -70.66 36.70
N ASN MA 18 -54.72 -70.00 37.74
CA ASN MA 18 -54.00 -69.86 39.00
C ASN MA 18 -53.79 -71.24 39.64
N LEU MA 19 -54.82 -72.09 39.60
CA LEU MA 19 -54.68 -73.48 40.03
C LEU MA 19 -53.50 -74.15 39.34
N PHE MA 20 -53.44 -74.03 38.01
CA PHE MA 20 -52.44 -74.76 37.25
C PHE MA 20 -51.04 -74.22 37.52
N ILE MA 21 -50.88 -72.89 37.54
CA ILE MA 21 -49.56 -72.32 37.78
C ILE MA 21 -49.08 -72.66 39.19
N ASP MA 22 -49.98 -72.61 40.18
CA ASP MA 22 -49.58 -72.95 41.54
C ASP MA 22 -49.21 -74.42 41.66
N MET MA 23 -49.97 -75.32 41.02
CA MET MA 23 -49.65 -76.73 41.13
C MET MA 23 -48.35 -77.07 40.42
N PHE MA 24 -48.07 -76.41 39.29
CA PHE MA 24 -46.80 -76.64 38.60
C PHE MA 24 -45.62 -76.08 39.39
N THR MA 25 -45.80 -74.92 40.02
CA THR MA 25 -44.73 -74.38 40.86
C THR MA 25 -44.47 -75.29 42.06
N ASP MA 26 -45.54 -75.83 42.65
CA ASP MA 26 -45.36 -76.73 43.79
C ASP MA 26 -44.72 -78.05 43.37
N LEU MA 27 -45.05 -78.55 42.17
CA LEU MA 27 -44.51 -79.82 41.71
C LEU MA 27 -42.99 -79.74 41.55
N LEU MA 28 -42.51 -78.73 40.84
CA LEU MA 28 -41.07 -78.53 40.62
C LEU MA 28 -40.74 -77.08 40.92
N PRO MA 29 -40.40 -76.77 42.19
CA PRO MA 29 -40.06 -75.39 42.54
C PRO MA 29 -38.81 -74.86 41.85
N ASP MA 30 -37.94 -75.74 41.36
CA ASP MA 30 -36.72 -75.29 40.71
C ASP MA 30 -37.02 -74.53 39.42
N TYR MA 31 -38.01 -75.00 38.66
CA TYR MA 31 -38.41 -74.35 37.42
C TYR MA 31 -39.65 -73.50 37.70
N GLU MA 32 -39.54 -72.19 37.46
CA GLU MA 32 -40.63 -71.28 37.72
C GLU MA 32 -41.68 -71.37 36.62
N SER MA 33 -42.94 -71.11 36.99
CA SER MA 33 -44.04 -71.12 36.06
C SER MA 33 -45.02 -70.02 36.46
N GLY MA 34 -45.70 -69.46 35.46
CA GLY MA 34 -46.64 -68.40 35.72
C GLY MA 34 -47.48 -68.08 34.50
N CYS MA 35 -48.12 -66.91 34.55
CA CYS MA 35 -48.98 -66.46 33.46
C CYS MA 35 -48.56 -65.08 32.94
N TRP MA 36 -47.32 -64.67 33.21
CA TRP MA 36 -46.83 -63.37 32.76
C TRP MA 36 -45.39 -63.55 32.29
N ALA MA 37 -44.71 -62.43 32.04
CA ALA MA 37 -43.33 -62.42 31.56
C ALA MA 37 -42.52 -61.56 32.52
N PRO MA 38 -41.99 -62.15 33.59
CA PRO MA 38 -41.19 -61.38 34.55
C PRO MA 38 -39.95 -60.78 33.90
N ASP MA 39 -39.58 -59.58 34.38
CA ASP MA 39 -38.40 -58.90 33.84
C ASP MA 39 -37.13 -59.67 34.12
N ASP MA 40 -37.07 -60.37 35.25
CA ASP MA 40 -35.88 -61.16 35.57
C ASP MA 40 -35.65 -62.25 34.54
N TRP MA 41 -36.72 -62.92 34.11
CA TRP MA 41 -36.58 -63.94 33.06
C TRP MA 41 -36.16 -63.31 31.74
N LEU MA 42 -36.72 -62.15 31.40
CA LEU MA 42 -36.38 -61.49 30.15
C LEU MA 42 -34.97 -60.89 30.18
N ALA MA 43 -34.37 -60.76 31.37
CA ALA MA 43 -33.02 -60.21 31.44
C ALA MA 43 -32.01 -61.09 30.72
N ASP MA 44 -32.12 -62.40 30.89
CA ASP MA 44 -31.22 -63.35 30.24
C ASP MA 44 -32.00 -64.16 29.21
N GLU MA 45 -31.45 -64.25 28.00
CA GLU MA 45 -32.11 -64.94 26.90
C GLU MA 45 -31.31 -66.08 26.29
N ILE MA 46 -29.98 -65.99 26.30
CA ILE MA 46 -29.17 -67.11 25.81
C ILE MA 46 -29.38 -68.34 26.69
N GLU MA 47 -29.39 -68.15 28.00
CA GLU MA 47 -29.75 -69.19 28.96
C GLU MA 47 -31.00 -68.74 29.69
N VAL MA 48 -32.07 -69.53 29.55
CA VAL MA 48 -33.37 -69.19 30.12
C VAL MA 48 -33.84 -70.33 31.02
N LYS MA 49 -34.39 -69.96 32.17
CA LYS MA 49 -35.04 -70.94 33.03
C LYS MA 49 -36.33 -71.41 32.36
N PRO MA 50 -36.54 -72.71 32.20
CA PRO MA 50 -37.78 -73.19 31.57
C PRO MA 50 -39.01 -72.69 32.31
N THR MA 51 -39.99 -72.20 31.55
CA THR MA 51 -41.19 -71.59 32.10
C THR MA 51 -42.43 -72.14 31.40
N ILE MA 52 -43.48 -72.36 32.17
CA ILE MA 52 -44.77 -72.81 31.64
C ILE MA 52 -45.75 -71.65 31.74
N TRP MA 53 -46.35 -71.28 30.62
CA TRP MA 53 -47.27 -70.15 30.55
C TRP MA 53 -48.66 -70.63 30.17
N PHE MA 54 -49.67 -70.16 30.90
CA PHE MA 54 -51.06 -70.47 30.63
C PHE MA 54 -51.82 -69.19 30.34
N PHE MA 55 -52.34 -69.08 29.12
CA PHE MA 55 -53.12 -67.91 28.70
C PHE MA 55 -54.51 -68.36 28.28
N ARG MA 56 -55.53 -67.67 28.78
CA ARG MA 56 -56.90 -68.07 28.48
C ARG MA 56 -57.29 -67.69 27.06
N LEU MA 57 -57.97 -68.61 26.38
CA LEU MA 57 -58.42 -68.45 25.01
C LEU MA 57 -59.91 -68.73 24.94
N PRO MA 58 -60.62 -68.14 23.98
CA PRO MA 58 -62.08 -68.36 23.91
C PRO MA 58 -62.41 -69.77 23.45
N GLY MA 59 -63.62 -70.19 23.80
CA GLY MA 59 -64.10 -71.51 23.43
C GLY MA 59 -64.66 -72.28 24.62
N GLY MA 60 -65.90 -72.74 24.48
CA GLY MA 60 -66.54 -73.49 25.54
C GLY MA 60 -67.65 -72.71 26.23
N ARG MA 61 -68.81 -73.32 26.38
CA ARG MA 61 -69.95 -72.69 27.03
C ARG MA 61 -69.83 -72.85 28.55
N VAL MA 62 -70.85 -72.40 29.27
CA VAL MA 62 -70.89 -72.53 30.72
C VAL MA 62 -72.35 -72.58 31.16
N ASP MA 63 -72.63 -73.39 32.17
CA ASP MA 63 -73.97 -73.51 32.73
C ASP MA 63 -73.90 -73.39 34.24
N TRP MA 64 -74.65 -72.42 34.79
CA TRP MA 64 -74.66 -72.24 36.24
C TRP MA 64 -75.48 -73.32 36.93
N ASP MA 65 -76.55 -73.79 36.29
CA ASP MA 65 -77.38 -74.83 36.89
C ASP MA 65 -76.61 -76.13 37.06
N GLY MA 66 -75.80 -76.49 36.06
CA GLY MA 66 -75.03 -77.72 36.11
C GLY MA 66 -73.74 -77.66 36.90
N ARG MA 67 -73.38 -76.49 37.42
CA ARG MA 67 -72.15 -76.31 38.20
C ARG MA 67 -70.93 -76.75 37.40
N LYS MA 68 -70.90 -76.42 36.11
CA LYS MA 68 -69.82 -76.81 35.22
C LYS MA 68 -69.28 -75.60 34.50
N ASP MA 69 -67.96 -75.50 34.43
CA ASP MA 69 -67.28 -74.42 33.72
C ASP MA 69 -66.14 -75.02 32.89
N GLU MA 70 -65.92 -74.44 31.71
CA GLU MA 70 -64.86 -74.91 30.83
C GLU MA 70 -64.26 -73.73 30.09
N CYS MA 71 -62.99 -73.89 29.71
CA CYS MA 71 -62.28 -72.86 28.96
C CYS MA 71 -61.17 -73.51 28.15
N GLN MA 72 -60.81 -72.88 27.03
CA GLN MA 72 -59.76 -73.39 26.15
C GLN MA 72 -58.41 -72.80 26.55
N LEU MA 73 -57.99 -73.12 27.77
CA LEU MA 73 -56.70 -72.66 28.27
C LEU MA 73 -55.57 -73.32 27.49
N GLN MA 74 -54.62 -72.52 27.02
CA GLN MA 74 -53.52 -73.01 26.22
C GLN MA 74 -52.27 -73.15 27.07
N VAL MA 75 -51.37 -74.03 26.63
CA VAL MA 75 -50.10 -74.28 27.31
C VAL MA 75 -48.98 -73.85 26.38
N MET MA 76 -48.15 -72.93 26.86
CA MET MA 76 -47.00 -72.45 26.10
C MET MA 76 -45.76 -72.60 26.94
N VAL MA 77 -44.76 -73.30 26.40
CA VAL MA 77 -43.50 -73.57 27.09
C VAL MA 77 -42.36 -72.95 26.29
N VAL MA 78 -41.46 -72.29 27.00
CA VAL MA 78 -40.31 -71.63 26.40
C VAL MA 78 -39.04 -72.06 27.15
N THR MA 79 -38.01 -72.42 26.40
CA THR MA 79 -36.74 -72.84 26.98
C THR MA 79 -35.66 -72.71 25.90
N GLY MA 80 -34.42 -73.00 26.28
CA GLY MA 80 -33.28 -72.84 25.41
C GLY MA 80 -32.95 -74.01 24.50
N SER MA 81 -33.75 -75.07 24.51
CA SER MA 81 -33.50 -76.23 23.67
C SER MA 81 -34.82 -76.82 23.19
N ARG MA 82 -34.83 -77.28 21.94
CA ARG MA 82 -36.03 -77.89 21.39
C ARG MA 82 -36.39 -79.19 22.12
N ASP MA 83 -35.38 -80.00 22.42
CA ASP MA 83 -35.63 -81.25 23.14
C ASP MA 83 -36.19 -81.00 24.53
N ASP MA 84 -35.66 -80.00 25.23
CA ASP MA 84 -36.17 -79.66 26.55
C ASP MA 84 -37.62 -79.20 26.46
N SER MA 85 -37.94 -78.37 25.46
CA SER MA 85 -39.32 -77.94 25.28
C SER MA 85 -40.24 -79.12 24.99
N TRP MA 86 -39.80 -80.04 24.15
CA TRP MA 86 -40.63 -81.20 23.81
C TRP MA 86 -40.87 -82.08 25.02
N ARG MA 87 -39.83 -82.34 25.81
CA ARG MA 87 -40.00 -83.20 26.98
C ARG MA 87 -40.85 -82.51 28.04
N LEU MA 88 -40.72 -81.19 28.19
CA LEU MA 88 -41.59 -80.46 29.11
C LEU MA 88 -43.04 -80.52 28.66
N MET MA 89 -43.29 -80.38 27.36
CA MET MA 89 -44.66 -80.48 26.86
C MET MA 89 -45.21 -81.89 27.06
N ASP MA 90 -44.37 -82.91 26.87
CA ASP MA 90 -44.81 -84.28 27.12
C ASP MA 90 -45.16 -84.48 28.59
N PHE MA 91 -44.34 -83.94 29.49
CA PHE MA 91 -44.65 -84.05 30.92
C PHE MA 91 -45.95 -83.32 31.26
N VAL MA 92 -46.16 -82.15 30.66
CA VAL MA 92 -47.40 -81.40 30.90
C VAL MA 92 -48.60 -82.20 30.42
N ARG MA 93 -48.50 -82.82 29.25
CA ARG MA 93 -49.61 -83.61 28.74
C ARG MA 93 -49.85 -84.86 29.60
N ALA MA 94 -48.78 -85.46 30.12
CA ALA MA 94 -48.94 -86.59 31.02
C ALA MA 94 -49.63 -86.16 32.32
N MET MA 95 -49.37 -84.95 32.78
CA MET MA 95 -49.98 -84.46 34.00
C MET MA 95 -51.35 -83.82 33.78
N LEU MA 96 -51.77 -83.62 32.53
CA LEU MA 96 -53.02 -82.94 32.22
C LEU MA 96 -54.05 -83.82 31.54
N LEU MA 97 -53.65 -84.57 30.51
CA LEU MA 97 -54.63 -85.37 29.78
C LEU MA 97 -55.30 -86.42 30.65
N PRO MA 98 -54.58 -87.21 31.50
CA PRO MA 98 -55.25 -88.20 32.36
C PRO MA 98 -55.84 -87.59 33.64
N MET MA 99 -56.53 -86.48 33.51
CA MET MA 99 -57.12 -85.78 34.66
C MET MA 99 -58.63 -85.96 34.60
N GLN MA 100 -59.15 -86.86 35.43
CA GLN MA 100 -60.58 -87.17 35.51
C GLN MA 100 -60.99 -87.16 36.98
N GLY MA 101 -61.55 -86.04 37.43
CA GLY MA 101 -61.97 -85.91 38.82
C GLY MA 101 -60.81 -85.88 39.79
N ASP MA 102 -59.99 -84.82 39.71
CA ASP MA 102 -58.79 -84.69 40.53
C ASP MA 102 -58.87 -83.40 41.35
N LYS MA 103 -58.43 -83.49 42.60
CA LYS MA 103 -58.50 -82.38 43.54
C LYS MA 103 -57.11 -81.80 43.79
N TYR MA 104 -57.08 -80.49 44.02
CA TYR MA 104 -55.86 -79.80 44.41
C TYR MA 104 -56.24 -78.52 45.15
N LYS MA 105 -55.52 -78.24 46.24
CA LYS MA 105 -55.86 -77.15 47.14
C LYS MA 105 -54.98 -75.94 46.89
N MET MA 106 -55.60 -74.76 46.91
CA MET MA 106 -54.89 -73.50 46.75
C MET MA 106 -54.54 -72.89 48.11
N ALA MA 107 -53.68 -71.87 48.08
CA ALA MA 107 -53.33 -71.17 49.31
C ALA MA 107 -54.47 -70.32 49.83
N ASP MA 108 -55.50 -70.08 49.02
CA ASP MA 108 -56.65 -69.32 49.49
C ASP MA 108 -57.44 -70.11 50.52
N GLY MA 109 -57.50 -71.43 50.38
CA GLY MA 109 -58.20 -72.26 51.34
C GLY MA 109 -59.06 -73.34 50.71
N TYR MA 110 -59.62 -73.06 49.54
CA TYR MA 110 -60.47 -74.00 48.83
C TYR MA 110 -59.64 -74.94 47.96
N THR MA 111 -60.14 -76.15 47.76
CA THR MA 111 -59.51 -77.14 46.89
C THR MA 111 -60.35 -77.31 45.64
N ALA MA 112 -59.75 -77.07 44.48
CA ALA MA 112 -60.48 -77.13 43.22
C ALA MA 112 -60.64 -78.57 42.76
N GLN MA 113 -61.55 -78.75 41.80
CA GLN MA 113 -61.85 -80.06 41.24
C GLN MA 113 -61.79 -79.98 39.72
N ILE MA 114 -60.77 -80.59 39.14
CA ILE MA 114 -60.60 -80.63 37.68
C ILE MA 114 -61.41 -81.81 37.15
N ARG MA 115 -62.35 -81.52 36.25
CA ARG MA 115 -63.22 -82.58 35.73
C ARG MA 115 -62.56 -83.32 34.56
N CYS MA 116 -62.22 -82.59 33.49
CA CYS MA 116 -61.60 -83.21 32.34
C CYS MA 116 -60.81 -82.14 31.58
N ALA MA 117 -59.60 -82.50 31.16
CA ALA MA 117 -58.73 -81.60 30.40
C ALA MA 117 -58.58 -82.19 28.99
N GLY MA 118 -59.30 -81.63 28.04
CA GLY MA 118 -59.25 -82.10 26.67
C GLY MA 118 -58.09 -81.50 25.90
N GLU MA 119 -58.09 -81.79 24.60
CA GLU MA 119 -57.05 -81.30 23.70
C GLU MA 119 -57.70 -80.83 22.40
N VAL MA 120 -57.31 -79.64 21.94
CA VAL MA 120 -57.86 -79.04 20.73
C VAL MA 120 -56.84 -79.02 19.60
N ALA MA 121 -55.69 -78.39 19.82
CA ALA MA 121 -54.65 -78.28 18.81
C ALA MA 121 -53.37 -78.91 19.33
N GLY MA 122 -52.59 -79.48 18.40
CA GLY MA 122 -51.36 -80.14 18.74
C GLY MA 122 -50.24 -79.16 19.02
N PRO MA 123 -49.02 -79.68 19.18
CA PRO MA 123 -47.88 -78.79 19.47
C PRO MA 123 -47.60 -77.85 18.31
N GLN MA 124 -47.23 -76.62 18.65
CA GLN MA 124 -46.95 -75.58 17.66
C GLN MA 124 -45.52 -75.08 17.89
N LEU MA 125 -44.59 -75.55 17.06
CA LEU MA 125 -43.20 -75.09 17.13
C LEU MA 125 -43.12 -73.75 16.39
N LEU MA 126 -43.43 -72.68 17.12
CA LEU MA 126 -43.45 -71.35 16.53
C LEU MA 126 -42.06 -70.95 16.06
N THR MA 127 -42.00 -70.29 14.90
CA THR MA 127 -40.73 -69.83 14.38
C THR MA 127 -40.13 -68.76 15.29
N PRO MA 128 -38.81 -68.76 15.45
CA PRO MA 128 -38.19 -67.72 16.30
C PRO MA 128 -38.29 -66.33 15.70
N GLY MA 129 -39.09 -65.48 16.33
CA GLY MA 129 -39.27 -64.12 15.86
C GLY MA 129 -38.48 -63.11 16.66
N GLN MA 130 -39.14 -62.45 17.60
CA GLN MA 130 -38.45 -61.51 18.47
C GLN MA 130 -37.38 -62.21 19.30
N ARG MA 131 -37.69 -63.41 19.80
CA ARG MA 131 -36.74 -64.24 20.52
C ARG MA 131 -36.22 -65.33 19.59
N ILE MA 132 -34.91 -65.41 19.44
CA ILE MA 132 -34.28 -66.32 18.49
C ILE MA 132 -33.76 -67.58 19.17
N ASP MA 133 -32.95 -67.43 20.21
CA ASP MA 133 -32.34 -68.60 20.85
C ASP MA 133 -33.38 -69.47 21.54
N THR MA 134 -34.37 -68.85 22.19
CA THR MA 134 -35.37 -69.61 22.94
C THR MA 134 -36.26 -70.41 22.00
N ARG MA 135 -36.61 -71.61 22.42
CA ARG MA 135 -37.52 -72.49 21.69
C ARG MA 135 -38.87 -72.49 22.39
N VAL MA 136 -39.94 -72.25 21.63
CA VAL MA 136 -41.29 -72.12 22.17
C VAL MA 136 -42.20 -73.12 21.47
N VAL MA 137 -43.04 -73.79 22.27
CA VAL MA 137 -44.03 -74.73 21.76
C VAL MA 137 -45.37 -74.37 22.37
N THR MA 138 -46.40 -74.27 21.53
CA THR MA 138 -47.72 -73.83 21.94
C THR MA 138 -48.73 -74.95 21.72
N ALA MA 139 -49.54 -75.23 22.73
CA ALA MA 139 -50.61 -76.20 22.64
C ALA MA 139 -51.83 -75.68 23.38
N THR MA 140 -53.01 -76.10 22.94
CA THR MA 140 -54.27 -75.68 23.52
C THR MA 140 -54.99 -76.85 24.17
N PHE MA 141 -55.50 -76.64 25.37
CA PHE MA 141 -56.19 -77.67 26.14
C PHE MA 141 -57.61 -77.22 26.43
N LYS MA 142 -58.57 -78.16 26.31
CA LYS MA 142 -59.95 -77.91 26.68
C LYS MA 142 -60.14 -78.40 28.11
N VAL MA 143 -60.00 -77.49 29.06
CA VAL MA 143 -60.03 -77.83 30.48
C VAL MA 143 -61.38 -77.44 31.05
N SER MA 144 -62.04 -78.38 31.71
CA SER MA 144 -63.33 -78.16 32.37
C SER MA 144 -63.14 -78.29 33.87
N VAL MA 145 -63.60 -77.28 34.61
CA VAL MA 145 -63.43 -77.24 36.06
C VAL MA 145 -64.78 -76.98 36.71
N SER MA 146 -64.93 -77.48 37.93
CA SER MA 146 -66.16 -77.27 38.70
C SER MA 146 -66.16 -75.89 39.32
N MET MA 147 -67.34 -75.47 39.76
CA MET MA 147 -67.52 -74.16 40.39
C MET MA 147 -67.44 -74.30 41.91
N LYS MA 148 -66.96 -73.23 42.55
CA LYS MA 148 -66.83 -73.24 44.00
C LYS MA 148 -68.20 -73.13 44.67
N SER MA 149 -68.91 -72.03 44.43
CA SER MA 149 -70.25 -71.82 44.97
C SER MA 149 -71.16 -71.39 43.83
N ALA MA 150 -72.30 -72.05 43.71
CA ALA MA 150 -73.26 -71.78 42.64
C ALA MA 150 -74.57 -71.18 43.15
N LYS MA 151 -74.60 -70.70 44.39
CA LYS MA 151 -75.80 -70.08 44.91
C LYS MA 151 -76.06 -68.75 44.21
N ASN MA 152 -77.34 -68.43 44.03
CA ASN MA 152 -77.74 -67.24 43.30
C ASN MA 152 -77.79 -66.03 44.22
N TYR MA 153 -77.48 -64.87 43.65
CA TYR MA 153 -77.48 -63.60 44.38
C TYR MA 153 -78.64 -62.71 43.95
N LYS MA 154 -79.79 -63.32 43.62
CA LYS MA 154 -80.97 -62.55 43.31
C LYS MA 154 -81.43 -61.73 44.51
N GLN MA 155 -81.35 -62.33 45.71
CA GLN MA 155 -81.93 -61.71 46.90
C GLN MA 155 -81.32 -60.34 47.18
N LYS MA 156 -80.00 -60.28 47.36
CA LYS MA 156 -79.36 -59.03 47.80
C LYS MA 156 -79.53 -57.94 46.75
N LEU MA 157 -79.45 -58.28 45.48
CA LEU MA 157 -79.73 -57.31 44.42
C LEU MA 157 -81.15 -56.79 44.53
N TYR MA 158 -82.11 -57.68 44.81
CA TYR MA 158 -83.50 -57.25 44.93
C TYR MA 158 -83.70 -56.30 46.11
N GLU MA 159 -83.13 -56.62 47.28
CA GLU MA 159 -83.32 -55.69 48.40
C GLU MA 159 -82.56 -54.39 48.20
N LEU MA 160 -81.40 -54.42 47.53
CA LEU MA 160 -80.70 -53.18 47.22
C LEU MA 160 -81.54 -52.32 46.29
N TRP MA 161 -82.16 -52.93 45.29
CA TRP MA 161 -83.05 -52.19 44.39
C TRP MA 161 -84.24 -51.63 45.14
N GLN MA 162 -84.84 -52.42 46.03
CA GLN MA 162 -85.99 -51.95 46.80
C GLN MA 162 -85.61 -50.76 47.70
N ALA MA 163 -84.44 -50.85 48.35
CA ALA MA 163 -84.00 -49.75 49.19
C ALA MA 163 -83.71 -48.50 48.36
N LEU MA 164 -83.09 -48.66 47.19
CA LEU MA 164 -82.76 -47.51 46.36
C LEU MA 164 -84.00 -46.88 45.76
N ARG MA 165 -84.92 -47.69 45.23
CA ARG MA 165 -86.12 -47.19 44.60
C ARG MA 165 -87.31 -48.04 45.01
N GLY MA 166 -88.48 -47.42 45.09
CA GLY MA 166 -89.69 -48.12 45.47
C GLY MA 166 -90.90 -47.21 45.57
N VAL NA 3 -31.77 -80.89 32.87
CA VAL NA 3 -32.44 -82.17 33.08
C VAL NA 3 -32.64 -82.41 34.57
N VAL NA 4 -33.71 -81.84 35.13
CA VAL NA 4 -34.01 -81.98 36.54
C VAL NA 4 -35.45 -82.47 36.70
N LEU NA 5 -35.97 -83.13 35.69
CA LEU NA 5 -37.32 -83.66 35.76
C LEU NA 5 -37.40 -84.76 36.81
N PRO NA 6 -38.55 -84.93 37.45
CA PRO NA 6 -38.67 -85.96 38.49
C PRO NA 6 -38.40 -87.36 37.95
N ASP NA 7 -37.79 -88.19 38.80
CA ASP NA 7 -37.38 -89.53 38.40
C ASP NA 7 -38.58 -90.44 38.15
N TRP NA 8 -39.66 -90.28 38.93
CA TRP NA 8 -40.81 -91.16 38.78
C TRP NA 8 -41.51 -91.00 37.43
N TYR NA 9 -41.25 -89.92 36.72
CA TYR NA 9 -41.75 -89.71 35.37
C TYR NA 9 -40.62 -89.90 34.38
N GLU NA 10 -40.83 -90.76 33.38
CA GLU NA 10 -39.83 -91.03 32.36
C GLU NA 10 -40.12 -90.34 31.04
N GLU NA 11 -41.32 -90.53 30.50
CA GLU NA 11 -41.73 -89.94 29.24
C GLU NA 11 -43.21 -90.21 29.04
N ALA NA 12 -43.84 -89.40 28.18
CA ALA NA 12 -45.25 -89.54 27.87
C ALA NA 12 -45.51 -89.90 26.41
N PHE NA 13 -44.98 -89.14 25.47
CA PHE NA 13 -45.25 -89.32 24.05
C PHE NA 13 -44.02 -89.89 23.35
N VAL NA 14 -44.12 -90.01 22.03
CA VAL NA 14 -43.09 -90.65 21.23
C VAL NA 14 -42.21 -89.64 20.47
N ASN NA 15 -42.70 -88.43 20.23
CA ASN NA 15 -42.03 -87.44 19.39
C ASN NA 15 -41.83 -88.00 17.98
N VAL NA 16 -42.97 -88.20 17.31
CA VAL NA 16 -43.01 -88.91 16.04
C VAL NA 16 -42.15 -88.24 14.98
N GLU NA 17 -41.95 -86.92 15.06
CA GLU NA 17 -41.09 -86.26 14.09
C GLU NA 17 -39.63 -86.69 14.27
N ASN NA 18 -39.21 -86.91 15.52
CA ASN NA 18 -37.87 -87.46 15.76
C ASN NA 18 -37.76 -88.87 15.17
N LEU NA 19 -38.80 -89.68 15.35
CA LEU NA 19 -38.87 -90.99 14.70
C LEU NA 19 -38.64 -90.86 13.20
N PHE NA 20 -39.36 -89.94 12.56
CA PHE NA 20 -39.32 -89.85 11.11
C PHE NA 20 -37.95 -89.35 10.63
N ILE NA 21 -37.41 -88.31 11.28
CA ILE NA 21 -36.12 -87.78 10.85
C ILE NA 21 -35.02 -88.83 11.06
N ASP NA 22 -35.07 -89.56 12.18
CA ASP NA 22 -34.06 -90.59 12.41
C ASP NA 22 -34.17 -91.72 11.40
N MET NA 23 -35.40 -92.15 11.08
CA MET NA 23 -35.56 -93.25 10.12
C MET NA 23 -35.13 -92.83 8.72
N PHE NA 24 -35.40 -91.57 8.34
CA PHE NA 24 -34.96 -91.10 7.03
C PHE NA 24 -33.45 -90.93 6.97
N THR NA 25 -32.83 -90.47 8.06
CA THR NA 25 -31.37 -90.39 8.08
C THR NA 25 -30.73 -91.77 8.01
N ASP NA 26 -31.33 -92.75 8.68
CA ASP NA 26 -30.81 -94.11 8.64
C ASP NA 26 -31.01 -94.73 7.27
N LEU NA 27 -32.12 -94.44 6.61
CA LEU NA 27 -32.40 -95.03 5.30
C LEU NA 27 -31.36 -94.60 4.28
N LEU NA 28 -31.13 -93.30 4.16
CA LEU NA 28 -30.14 -92.75 3.23
C LEU NA 28 -29.26 -91.77 3.97
N PRO NA 29 -28.15 -92.25 4.56
CA PRO NA 29 -27.26 -91.35 5.30
C PRO NA 29 -26.60 -90.29 4.43
N ASP NA 30 -26.51 -90.51 3.11
CA ASP NA 30 -25.88 -89.54 2.23
C ASP NA 30 -26.64 -88.22 2.21
N TYR NA 31 -27.97 -88.28 2.20
CA TYR NA 31 -28.81 -87.08 2.21
C TYR NA 31 -29.29 -86.83 3.64
N GLU NA 32 -28.93 -85.67 4.18
CA GLU NA 32 -29.30 -85.33 5.55
C GLU NA 32 -30.76 -84.92 5.63
N SER NA 33 -31.36 -85.16 6.79
CA SER NA 33 -32.75 -84.80 7.03
C SER NA 33 -32.91 -84.41 8.50
N GLY NA 34 -33.78 -83.45 8.76
CA GLY NA 34 -33.99 -83.00 10.11
C GLY NA 34 -35.25 -82.17 10.24
N CYS NA 35 -35.31 -81.38 11.31
CA CYS NA 35 -36.45 -80.53 11.59
C CYS NA 35 -36.04 -79.08 11.82
N TRP NA 36 -34.84 -78.71 11.40
CA TRP NA 36 -34.34 -77.35 11.58
C TRP NA 36 -33.64 -76.93 10.29
N ALA NA 37 -32.95 -75.78 10.34
CA ALA NA 37 -32.20 -75.24 9.21
C ALA NA 37 -30.76 -75.03 9.63
N PRO NA 38 -29.91 -76.04 9.47
CA PRO NA 38 -28.51 -75.89 9.88
C PRO NA 38 -27.80 -74.80 9.08
N ASP NA 39 -26.85 -74.13 9.74
CA ASP NA 39 -26.10 -73.06 9.10
C ASP NA 39 -25.23 -73.59 7.97
N ASP NA 40 -24.73 -74.83 8.10
CA ASP NA 40 -23.91 -75.40 7.03
C ASP NA 40 -24.71 -75.56 5.75
N TRP NA 41 -25.98 -76.00 5.86
CA TRP NA 41 -26.82 -76.10 4.68
C TRP NA 41 -27.12 -74.73 4.09
N LEU NA 42 -27.38 -73.74 4.94
CA LEU NA 42 -27.67 -72.39 4.46
C LEU NA 42 -26.44 -71.69 3.88
N ALA NA 43 -25.24 -72.21 4.16
CA ALA NA 43 -24.03 -71.60 3.63
C ALA NA 43 -24.00 -71.64 2.10
N ASP NA 44 -24.39 -72.76 1.51
CA ASP NA 44 -24.42 -72.93 0.06
C ASP NA 44 -25.87 -73.05 -0.40
N GLU NA 45 -26.22 -72.28 -1.42
CA GLU NA 45 -27.59 -72.26 -1.92
C GLU NA 45 -27.72 -72.61 -3.39
N ILE NA 46 -26.72 -72.31 -4.22
CA ILE NA 46 -26.78 -72.72 -5.63
C ILE NA 46 -26.78 -74.23 -5.74
N GLU NA 47 -25.94 -74.90 -4.94
CA GLU NA 47 -25.95 -76.36 -4.81
C GLU NA 47 -26.29 -76.70 -3.37
N VAL NA 48 -27.40 -77.40 -3.18
CA VAL NA 48 -27.91 -77.72 -1.86
C VAL NA 48 -28.07 -79.23 -1.72
N LYS NA 49 -27.67 -79.75 -0.58
CA LYS NA 49 -27.94 -81.15 -0.27
C LYS NA 49 -29.42 -81.35 -0.03
N PRO NA 50 -30.07 -82.29 -0.70
CA PRO NA 50 -31.51 -82.51 -0.49
C PRO NA 50 -31.81 -82.80 0.97
N THR NA 51 -32.80 -82.08 1.51
CA THR NA 51 -33.15 -82.17 2.92
C THR NA 51 -34.65 -82.38 3.06
N ILE NA 52 -35.04 -83.23 4.01
CA ILE NA 52 -36.43 -83.49 4.34
C ILE NA 52 -36.72 -82.84 5.69
N TRP NA 53 -37.75 -82.00 5.73
CA TRP NA 53 -38.11 -81.26 6.93
C TRP NA 53 -39.51 -81.65 7.37
N PHE NA 54 -39.67 -81.89 8.67
CA PHE NA 54 -40.96 -82.23 9.27
C PHE NA 54 -41.28 -81.21 10.34
N PHE NA 55 -42.37 -80.48 10.15
CA PHE NA 55 -42.82 -79.46 11.09
C PHE NA 55 -44.24 -79.79 11.54
N ARG NA 56 -44.47 -79.76 12.85
CA ARG NA 56 -45.77 -80.13 13.38
C ARG NA 56 -46.79 -79.04 13.13
N LEU NA 57 -47.99 -79.44 12.72
CA LEU NA 57 -49.10 -78.54 12.43
C LEU NA 57 -50.32 -79.00 13.20
N PRO NA 58 -51.23 -78.09 13.54
CA PRO NA 58 -52.41 -78.47 14.33
C PRO NA 58 -53.38 -79.32 13.53
N GLY NA 59 -54.20 -80.07 14.26
CA GLY NA 59 -55.19 -80.94 13.62
C GLY NA 59 -55.09 -82.35 14.16
N GLY NA 60 -56.23 -82.86 14.64
CA GLY NA 60 -56.28 -84.19 15.19
C GLY NA 60 -56.45 -84.21 16.69
N ARG NA 61 -57.40 -84.99 17.19
CA ARG NA 61 -57.64 -85.10 18.62
C ARG NA 61 -56.70 -86.14 19.21
N VAL NA 62 -56.86 -86.43 20.50
CA VAL NA 62 -56.05 -87.44 21.17
C VAL NA 62 -56.88 -88.01 22.31
N ASP NA 63 -56.76 -89.33 22.52
CA ASP NA 63 -57.42 -90.01 23.62
C ASP NA 63 -56.39 -90.82 24.41
N TRP NA 64 -56.27 -90.52 25.70
CA TRP NA 64 -55.36 -91.30 26.54
C TRP NA 64 -55.90 -92.70 26.79
N ASP NA 65 -57.23 -92.85 26.88
CA ASP NA 65 -57.81 -94.15 27.16
C ASP NA 65 -57.56 -95.13 26.03
N GLY NA 66 -57.68 -94.69 24.79
CA GLY NA 66 -57.47 -95.53 23.63
C GLY NA 66 -56.04 -95.75 23.23
N ARG NA 67 -55.09 -95.10 23.92
CA ARG NA 67 -53.66 -95.20 23.60
C ARG NA 67 -53.37 -94.82 22.15
N LYS NA 68 -54.03 -93.76 21.68
CA LYS NA 68 -53.92 -93.32 20.29
C LYS NA 68 -53.57 -91.84 20.27
N ASP NA 69 -52.59 -91.48 19.44
CA ASP NA 69 -52.19 -90.10 19.24
C ASP NA 69 -52.06 -89.82 17.75
N GLU NA 70 -52.42 -88.62 17.34
CA GLU NA 70 -52.34 -88.24 15.93
C GLU NA 70 -51.97 -86.77 15.82
N CYS NA 71 -51.32 -86.42 14.71
CA CYS NA 71 -50.94 -85.04 14.46
C CYS NA 71 -50.82 -84.85 12.95
N GLN NA 72 -51.02 -83.61 12.51
CA GLN NA 72 -50.95 -83.26 11.10
C GLN NA 72 -49.54 -82.82 10.72
N LEU NA 73 -48.59 -83.73 10.92
CA LEU NA 73 -47.20 -83.45 10.58
C LEU NA 73 -47.06 -83.27 9.07
N GLN NA 74 -46.37 -82.22 8.66
CA GLN NA 74 -46.21 -81.90 7.25
C GLN NA 74 -44.82 -82.30 6.77
N VAL NA 75 -44.71 -82.54 5.47
CA VAL NA 75 -43.45 -82.91 4.83
C VAL NA 75 -43.06 -81.79 3.88
N MET NA 76 -41.86 -81.25 4.05
CA MET NA 76 -41.34 -80.20 3.21
C MET NA 76 -39.96 -80.62 2.71
N VAL NA 77 -39.80 -80.68 1.38
CA VAL NA 77 -38.55 -81.08 0.75
C VAL NA 77 -38.01 -79.90 -0.04
N VAL NA 78 -36.70 -79.66 0.11
CA VAL NA 78 -36.02 -78.58 -0.58
C VAL NA 78 -34.78 -79.13 -1.27
N THR NA 79 -34.59 -78.74 -2.53
CA THR NA 79 -33.42 -79.17 -3.30
C THR NA 79 -33.24 -78.21 -4.47
N GLY NA 80 -32.21 -78.45 -5.26
CA GLY NA 80 -31.84 -77.57 -6.35
C GLY NA 80 -32.52 -77.85 -7.68
N SER NA 81 -33.44 -78.81 -7.76
CA SER NA 81 -34.10 -79.14 -9.00
C SER NA 81 -35.55 -79.53 -8.72
N ARG NA 82 -36.45 -79.10 -9.61
CA ARG NA 82 -37.86 -79.46 -9.44
C ARG NA 82 -38.09 -80.95 -9.59
N ASP NA 83 -37.41 -81.59 -10.55
CA ASP NA 83 -37.56 -83.03 -10.73
C ASP NA 83 -37.04 -83.79 -9.52
N ASP NA 84 -35.91 -83.36 -8.96
CA ASP NA 84 -35.39 -84.00 -7.76
C ASP NA 84 -36.35 -83.86 -6.59
N SER NA 85 -36.93 -82.66 -6.42
CA SER NA 85 -37.90 -82.46 -5.35
C SER NA 85 -39.12 -83.36 -5.54
N TRP NA 86 -39.61 -83.46 -6.78
CA TRP NA 86 -40.79 -84.29 -7.04
C TRP NA 86 -40.50 -85.76 -6.78
N ARG NA 87 -39.33 -86.25 -7.21
CA ARG NA 87 -39.04 -87.66 -6.98
C ARG NA 87 -38.79 -87.96 -5.51
N LEU NA 88 -38.17 -87.02 -4.77
CA LEU NA 88 -38.02 -87.21 -3.33
C LEU NA 88 -39.38 -87.22 -2.64
N MET NA 89 -40.29 -86.34 -3.04
CA MET NA 89 -41.63 -86.35 -2.46
C MET NA 89 -42.36 -87.64 -2.79
N ASP NA 90 -42.20 -88.15 -4.01
CA ASP NA 90 -42.80 -89.43 -4.37
C ASP NA 90 -42.25 -90.57 -3.51
N PHE NA 91 -40.94 -90.58 -3.28
CA PHE NA 91 -40.35 -91.59 -2.42
C PHE NA 91 -40.87 -91.49 -1.00
N VAL NA 92 -40.97 -90.27 -0.47
CA VAL NA 92 -41.48 -90.08 0.88
C VAL NA 92 -42.93 -90.56 0.98
N ARG NA 93 -43.74 -90.23 -0.01
CA ARG NA 93 -45.13 -90.66 -0.01
C ARG NA 93 -45.24 -92.18 -0.10
N ALA NA 94 -44.38 -92.81 -0.90
CA ALA NA 94 -44.37 -94.27 -0.96
C ALA NA 94 -43.92 -94.90 0.35
N MET NA 95 -43.07 -94.20 1.10
CA MET NA 95 -42.60 -94.71 2.38
C MET NA 95 -43.51 -94.34 3.55
N LEU NA 96 -44.50 -93.48 3.33
CA LEU NA 96 -45.38 -93.02 4.41
C LEU NA 96 -46.82 -93.48 4.27
N LEU NA 97 -47.43 -93.31 3.11
CA LEU NA 97 -48.84 -93.66 2.95
C LEU NA 97 -49.13 -95.14 3.21
N PRO NA 98 -48.35 -96.12 2.65
CA PRO NA 98 -48.62 -97.54 2.93
C PRO NA 98 -48.00 -98.02 4.25
N MET NA 99 -48.22 -97.27 5.32
CA MET NA 99 -47.72 -97.61 6.64
C MET NA 99 -48.93 -97.97 7.52
N GLN NA 100 -49.10 -99.27 7.77
CA GLN NA 100 -50.22 -99.77 8.58
C GLN NA 100 -49.64 -100.74 9.61
N GLY NA 101 -49.43 -100.25 10.83
CA GLY NA 101 -48.86 -101.06 11.88
C GLY NA 101 -47.42 -101.44 11.64
N ASP NA 102 -46.53 -100.44 11.64
CA ASP NA 102 -45.12 -100.64 11.35
C ASP NA 102 -44.27 -100.16 12.52
N LYS NA 103 -43.22 -100.92 12.82
CA LYS NA 103 -42.35 -100.66 13.96
C LYS NA 103 -41.01 -100.11 13.50
N TYR NA 104 -40.42 -99.26 14.34
CA TYR NA 104 -39.08 -98.75 14.10
C TYR NA 104 -38.50 -98.30 15.44
N LYS NA 105 -37.24 -98.62 15.68
CA LYS NA 105 -36.60 -98.41 16.97
C LYS NA 105 -35.73 -97.15 16.94
N MET NA 106 -35.78 -96.39 18.03
CA MET NA 106 -34.97 -95.19 18.20
C MET NA 106 -33.71 -95.51 19.00
N ALA NA 107 -32.77 -94.57 18.98
CA ALA NA 107 -31.54 -94.72 19.76
C ALA NA 107 -31.80 -94.59 21.26
N ASP NA 108 -32.96 -94.08 21.66
CA ASP NA 108 -33.29 -94.00 23.07
C ASP NA 108 -33.46 -95.39 23.67
N GLY NA 109 -34.05 -96.32 22.92
CA GLY NA 109 -34.24 -97.68 23.39
C GLY NA 109 -35.59 -98.28 23.04
N TYR NA 110 -36.60 -97.43 22.95
CA TYR NA 110 -37.95 -97.88 22.63
C TYR NA 110 -38.17 -97.90 21.12
N THR NA 111 -39.03 -98.81 20.67
CA THR NA 111 -39.39 -98.91 19.26
C THR NA 111 -40.83 -98.44 19.08
N ALA NA 112 -41.02 -97.42 18.24
CA ALA NA 112 -42.32 -96.82 18.06
C ALA NA 112 -43.18 -97.65 17.12
N GLN NA 113 -44.48 -97.37 17.14
CA GLN NA 113 -45.46 -98.08 16.32
C GLN NA 113 -46.29 -97.06 15.56
N ILE NA 114 -46.11 -97.01 14.25
CA ILE NA 114 -46.88 -96.11 13.39
C ILE NA 114 -48.17 -96.81 12.99
N ARG NA 115 -49.30 -96.21 13.33
CA ARG NA 115 -50.59 -96.83 13.05
C ARG NA 115 -51.03 -96.57 11.61
N CYS NA 116 -51.21 -95.31 11.25
CA CYS NA 116 -51.64 -94.94 9.90
C CYS NA 116 -51.20 -93.53 9.60
N ALA NA 117 -50.65 -93.32 8.41
CA ALA NA 117 -50.22 -92.00 7.96
C ALA NA 117 -51.13 -91.56 6.82
N GLY NA 118 -52.05 -90.65 7.11
CA GLY NA 118 -52.99 -90.16 6.13
C GLY NA 118 -52.43 -89.01 5.31
N GLU NA 119 -53.31 -88.41 4.51
CA GLU NA 119 -52.94 -87.30 3.65
C GLU NA 119 -54.05 -86.26 3.67
N VAL NA 120 -53.69 -85.00 3.90
CA VAL NA 120 -54.64 -83.90 3.98
C VAL NA 120 -54.56 -83.02 2.74
N ALA NA 121 -53.39 -82.44 2.47
CA ALA NA 121 -53.18 -81.57 1.33
C ALA NA 121 -52.08 -82.13 0.45
N GLY NA 122 -52.24 -81.92 -0.86
CA GLY NA 122 -51.28 -82.42 -1.82
C GLY NA 122 -50.01 -81.60 -1.84
N PRO NA 123 -49.09 -81.96 -2.74
CA PRO NA 123 -47.83 -81.24 -2.83
C PRO NA 123 -48.06 -79.79 -3.23
N GLN NA 124 -47.25 -78.90 -2.66
CA GLN NA 124 -47.36 -77.46 -2.88
C GLN NA 124 -46.02 -76.95 -3.41
N LEU NA 125 -45.99 -76.60 -4.69
CA LEU NA 125 -44.79 -76.03 -5.30
C LEU NA 125 -44.77 -74.54 -4.95
N LEU NA 126 -44.21 -74.22 -3.77
CA LEU NA 126 -44.18 -72.84 -3.31
C LEU NA 126 -43.32 -71.99 -4.24
N THR NA 127 -43.75 -70.76 -4.46
CA THR NA 127 -43.01 -69.84 -5.31
C THR NA 127 -41.69 -69.48 -4.64
N PRO NA 128 -40.61 -69.32 -5.42
CA PRO NA 128 -39.33 -68.95 -4.82
C PRO NA 128 -39.33 -67.53 -4.27
N GLY NA 129 -39.26 -67.42 -2.95
CA GLY NA 129 -39.26 -66.12 -2.30
C GLY NA 129 -37.87 -65.69 -1.86
N GLN NA 130 -37.57 -65.88 -0.57
CA GLN NA 130 -36.23 -65.57 -0.07
C GLN NA 130 -35.18 -66.43 -0.75
N ARG NA 131 -35.48 -67.71 -0.96
CA ARG NA 131 -34.61 -68.61 -1.70
C ARG NA 131 -35.15 -68.78 -3.12
N ILE NA 132 -34.29 -68.52 -4.10
CA ILE NA 132 -34.69 -68.51 -5.51
C ILE NA 132 -34.31 -69.80 -6.21
N ASP NA 133 -33.03 -70.18 -6.14
CA ASP NA 133 -32.56 -71.35 -6.87
C ASP NA 133 -33.18 -72.64 -6.33
N THR NA 134 -33.32 -72.74 -5.01
CA THR NA 134 -33.83 -73.96 -4.40
C THR NA 134 -35.31 -74.15 -4.73
N ARG NA 135 -35.69 -75.41 -4.97
CA ARG NA 135 -37.07 -75.78 -5.23
C ARG NA 135 -37.64 -76.47 -3.99
N VAL NA 136 -38.81 -76.00 -3.54
CA VAL NA 136 -39.41 -76.47 -2.31
C VAL NA 136 -40.82 -76.99 -2.60
N VAL NA 137 -41.15 -78.15 -2.04
CA VAL NA 137 -42.47 -78.75 -2.17
C VAL NA 137 -42.98 -79.08 -0.78
N THR NA 138 -44.21 -78.66 -0.48
CA THR NA 138 -44.81 -78.80 0.83
C THR NA 138 -46.07 -79.66 0.74
N ALA NA 139 -46.20 -80.62 1.65
CA ALA NA 139 -47.39 -81.43 1.77
C ALA NA 139 -47.63 -81.78 3.23
N THR NA 140 -48.88 -82.07 3.56
CA THR NA 140 -49.29 -82.36 4.93
C THR NA 140 -49.77 -83.80 5.03
N PHE NA 141 -49.32 -84.49 6.08
CA PHE NA 141 -49.70 -85.88 6.33
C PHE NA 141 -50.42 -85.99 7.67
N LYS NA 142 -51.47 -86.80 7.70
CA LYS NA 142 -52.19 -87.08 8.93
C LYS NA 142 -51.63 -88.37 9.51
N VAL NA 143 -50.65 -88.24 10.39
CA VAL NA 143 -49.92 -89.38 10.95
C VAL NA 143 -50.46 -89.68 12.33
N SER NA 144 -50.84 -90.94 12.57
CA SER NA 144 -51.32 -91.40 13.86
C SER NA 144 -50.31 -92.39 14.43
N VAL NA 145 -49.89 -92.17 15.67
CA VAL NA 145 -48.87 -92.99 16.31
C VAL NA 145 -49.40 -93.46 17.67
N SER NA 146 -48.89 -94.60 18.12
CA SER NA 146 -49.27 -95.13 19.43
C SER NA 146 -48.47 -94.44 20.53
N MET NA 147 -48.92 -94.65 21.77
CA MET NA 147 -48.27 -94.07 22.94
C MET NA 147 -47.36 -95.10 23.58
N LYS NA 148 -46.26 -94.59 24.17
CA LYS NA 148 -45.29 -95.48 24.82
C LYS NA 148 -45.87 -96.06 26.10
N SER NA 149 -46.19 -95.20 27.06
CA SER NA 149 -46.79 -95.61 28.33
C SER NA 149 -48.00 -94.75 28.61
N ALA NA 150 -49.13 -95.38 28.90
CA ALA NA 150 -50.38 -94.67 29.15
C ALA NA 150 -50.83 -94.76 30.60
N LYS NA 151 -49.95 -95.18 31.51
CA LYS NA 151 -50.32 -95.24 32.91
C LYS NA 151 -50.52 -93.85 33.48
N ASN NA 152 -51.46 -93.72 34.41
CA ASN NA 152 -51.81 -92.43 34.97
C ASN NA 152 -50.91 -92.09 36.15
N TYR NA 153 -50.68 -90.78 36.32
CA TYR NA 153 -49.84 -90.26 37.40
C TYR NA 153 -50.66 -89.53 38.44
N LYS NA 154 -51.89 -90.01 38.69
CA LYS NA 154 -52.71 -89.43 39.75
C LYS NA 154 -52.06 -89.64 41.11
N GLN NA 155 -51.47 -90.81 41.32
CA GLN NA 155 -50.98 -91.19 42.65
C GLN NA 155 -49.93 -90.19 43.16
N LYS NA 156 -48.83 -90.02 42.42
CA LYS NA 156 -47.72 -89.23 42.91
C LYS NA 156 -48.13 -87.78 43.13
N LEU NA 157 -48.95 -87.23 42.23
CA LEU NA 157 -49.47 -85.89 42.44
C LEU NA 157 -50.29 -85.82 43.72
N TYR NA 158 -51.10 -86.84 43.99
CA TYR NA 158 -51.92 -86.84 45.20
C TYR NA 158 -51.05 -86.88 46.46
N GLU NA 159 -50.03 -87.74 46.49
CA GLU NA 159 -49.21 -87.76 47.71
C GLU NA 159 -48.35 -86.50 47.83
N LEU NA 160 -47.92 -85.91 46.72
CA LEU NA 160 -47.21 -84.63 46.80
C LEU NA 160 -48.12 -83.55 47.37
N TRP NA 161 -49.38 -83.51 46.93
CA TRP NA 161 -50.33 -82.55 47.48
C TRP NA 161 -50.57 -82.80 48.96
N GLN NA 162 -50.72 -84.07 49.36
CA GLN NA 162 -50.95 -84.39 50.76
C GLN NA 162 -49.76 -83.99 51.62
N ALA NA 163 -48.54 -84.23 51.14
CA ALA NA 163 -47.36 -83.82 51.89
C ALA NA 163 -47.26 -82.31 51.98
N LEU NA 164 -47.56 -81.60 50.89
CA LEU NA 164 -47.45 -80.14 50.91
C LEU NA 164 -48.53 -79.50 51.78
N ARG NA 165 -49.77 -79.97 51.65
CA ARG NA 165 -50.88 -79.41 52.41
C ARG NA 165 -51.78 -80.54 52.91
N GLY NA 166 -52.38 -80.32 54.07
CA GLY NA 166 -53.26 -81.30 54.67
C GLY NA 166 -53.80 -80.89 56.02
N VAL OA 3 -28.75 -88.12 -8.16
CA VAL OA 3 -29.53 -89.34 -8.32
C VAL OA 3 -28.85 -90.49 -7.57
N VAL OA 4 -29.10 -90.58 -6.27
CA VAL OA 4 -28.52 -91.62 -5.43
C VAL OA 4 -29.62 -92.35 -4.67
N LEU OA 5 -30.84 -92.33 -5.22
CA LEU OA 5 -31.95 -93.02 -4.59
C LEU OA 5 -31.72 -94.53 -4.64
N PRO OA 6 -32.23 -95.27 -3.65
CA PRO OA 6 -32.01 -96.72 -3.62
C PRO OA 6 -32.57 -97.41 -4.86
N ASP OA 7 -31.87 -98.46 -5.29
CA ASP OA 7 -32.25 -99.15 -6.52
C ASP OA 7 -33.56 -99.91 -6.37
N TRP OA 8 -33.83 -100.47 -5.19
CA TRP OA 8 -35.04 -101.25 -5.00
C TRP OA 8 -36.31 -100.43 -5.13
N TYR OA 9 -36.21 -99.10 -5.03
CA TYR OA 9 -37.33 -98.21 -5.28
C TYR OA 9 -37.14 -97.53 -6.63
N GLU OA 10 -38.16 -97.63 -7.48
CA GLU OA 10 -38.12 -97.04 -8.81
C GLU OA 10 -38.89 -95.74 -8.90
N GLU OA 11 -40.16 -95.75 -8.50
CA GLU OA 11 -41.02 -94.56 -8.54
C GLU OA 11 -42.29 -94.89 -7.79
N ALA OA 12 -43.03 -93.83 -7.42
CA ALA OA 12 -44.28 -93.98 -6.69
C ALA OA 12 -45.48 -93.47 -7.49
N PHE OA 13 -45.44 -92.24 -7.95
CA PHE OA 13 -46.58 -91.61 -8.61
C PHE OA 13 -46.25 -91.30 -10.07
N VAL OA 14 -47.18 -90.63 -10.73
CA VAL OA 14 -47.10 -90.41 -12.18
C VAL OA 14 -46.59 -89.01 -12.52
N ASN OA 15 -46.72 -88.04 -11.61
CA ASN OA 15 -46.42 -86.63 -11.89
C ASN OA 15 -47.31 -86.13 -13.04
N VAL OA 16 -48.61 -86.07 -12.72
CA VAL OA 16 -49.64 -85.85 -13.73
C VAL OA 16 -49.45 -84.51 -14.45
N GLU OA 17 -48.84 -83.52 -13.79
CA GLU OA 17 -48.58 -82.26 -14.47
C GLU OA 17 -47.54 -82.44 -15.57
N ASN OA 18 -46.55 -83.31 -15.36
CA ASN OA 18 -45.61 -83.64 -16.42
C ASN OA 18 -46.32 -84.33 -17.58
N LEU OA 19 -47.24 -85.25 -17.25
CA LEU OA 19 -48.09 -85.86 -18.27
C LEU OA 19 -48.79 -84.80 -19.10
N PHE OA 20 -49.40 -83.81 -18.44
CA PHE OA 20 -50.22 -82.83 -19.15
C PHE OA 20 -49.36 -81.92 -20.01
N ILE OA 21 -48.24 -81.43 -19.45
CA ILE OA 21 -47.39 -80.52 -20.22
C ILE OA 21 -46.79 -81.26 -21.43
N ASP OA 22 -46.39 -82.52 -21.25
CA ASP OA 22 -45.83 -83.27 -22.36
C ASP OA 22 -46.89 -83.52 -23.43
N MET OA 23 -48.11 -83.89 -23.03
CA MET OA 23 -49.14 -84.16 -24.02
C MET OA 23 -49.55 -82.89 -24.78
N PHE OA 24 -49.57 -81.74 -24.08
CA PHE OA 24 -49.89 -80.50 -24.78
C PHE OA 24 -48.76 -80.07 -25.71
N THR OA 25 -47.50 -80.26 -25.30
CA THR OA 25 -46.40 -79.94 -26.20
C THR OA 25 -46.42 -80.85 -27.43
N ASP OA 26 -46.76 -82.12 -27.25
CA ASP OA 26 -46.83 -83.04 -28.38
C ASP OA 26 -48.00 -82.70 -29.29
N LEU OA 27 -49.13 -82.28 -28.72
CA LEU OA 27 -50.31 -81.97 -29.53
C LEU OA 27 -50.03 -80.82 -30.48
N LEU OA 28 -49.52 -79.71 -29.96
CA LEU OA 28 -49.19 -78.53 -30.77
C LEU OA 28 -47.78 -78.09 -30.43
N PRO OA 29 -46.77 -78.62 -31.13
CA PRO OA 29 -45.38 -78.23 -30.85
C PRO OA 29 -45.10 -76.77 -31.13
N ASP OA 30 -45.90 -76.11 -31.97
CA ASP OA 30 -45.66 -74.70 -32.28
C ASP OA 30 -45.81 -73.81 -31.05
N TYR OA 31 -46.80 -74.09 -30.20
CA TYR OA 31 -47.03 -73.34 -28.98
C TYR OA 31 -46.44 -74.11 -27.81
N GLU OA 32 -45.47 -73.50 -27.13
CA GLU OA 32 -44.81 -74.16 -26.01
C GLU OA 32 -45.69 -74.14 -24.77
N SER OA 33 -45.54 -75.19 -23.95
CA SER OA 33 -46.25 -75.31 -22.70
C SER OA 33 -45.32 -75.88 -21.64
N GLY OA 34 -45.61 -75.56 -20.38
CA GLY OA 34 -44.77 -76.04 -19.31
C GLY OA 34 -45.36 -75.70 -17.96
N CYS OA 35 -44.51 -75.78 -16.93
CA CYS OA 35 -44.90 -75.50 -15.55
C CYS OA 35 -44.01 -74.46 -14.90
N TRP OA 36 -43.27 -73.68 -15.69
CA TRP OA 36 -42.37 -72.67 -15.18
C TRP OA 36 -42.49 -71.42 -16.05
N ALA OA 37 -41.58 -70.47 -15.83
CA ALA OA 37 -41.55 -69.21 -16.58
C ALA OA 37 -40.17 -69.06 -17.20
N PRO OA 38 -39.95 -69.58 -18.41
CA PRO OA 38 -38.63 -69.47 -19.04
C PRO OA 38 -38.25 -68.02 -19.30
N ASP OA 39 -36.95 -67.75 -19.19
CA ASP OA 39 -36.45 -66.39 -19.42
C ASP OA 39 -36.67 -65.94 -20.86
N ASP OA 40 -36.61 -66.87 -21.81
CA ASP OA 40 -36.83 -66.52 -23.20
C ASP OA 40 -38.24 -65.97 -23.42
N TRP OA 41 -39.24 -66.60 -22.78
CA TRP OA 41 -40.60 -66.10 -22.88
C TRP OA 41 -40.75 -64.74 -22.20
N LEU OA 42 -40.10 -64.56 -21.05
CA LEU OA 42 -40.18 -63.28 -20.35
C LEU OA 42 -39.41 -62.18 -21.05
N ALA OA 43 -38.52 -62.53 -22.00
CA ALA OA 43 -37.77 -61.51 -22.71
C ALA OA 43 -38.68 -60.59 -23.52
N ASP OA 44 -39.67 -61.16 -24.19
CA ASP OA 44 -40.63 -60.39 -24.99
C ASP OA 44 -41.99 -60.46 -24.34
N GLU OA 45 -42.63 -59.30 -24.18
CA GLU OA 45 -43.93 -59.21 -23.52
C GLU OA 45 -45.03 -58.61 -24.38
N ILE OA 46 -44.70 -57.69 -25.29
CA ILE OA 46 -45.72 -57.14 -26.18
C ILE OA 46 -46.27 -58.23 -27.09
N GLU OA 47 -45.39 -59.08 -27.62
CA GLU OA 47 -45.78 -60.27 -28.36
C GLU OA 47 -45.27 -61.49 -27.61
N VAL OA 48 -46.18 -62.34 -27.18
CA VAL OA 48 -45.85 -63.50 -26.35
C VAL OA 48 -46.37 -64.76 -27.03
N LYS OA 49 -45.56 -65.80 -27.01
CA LYS OA 49 -46.01 -67.11 -27.47
C LYS OA 49 -47.02 -67.68 -26.47
N PRO OA 50 -48.20 -68.10 -26.93
CA PRO OA 50 -49.19 -68.65 -25.99
C PRO OA 50 -48.64 -69.84 -25.23
N THR OA 51 -48.77 -69.79 -23.91
CA THR OA 51 -48.21 -70.80 -23.02
C THR OA 51 -49.28 -71.31 -22.08
N ILE OA 52 -49.27 -72.61 -21.82
CA ILE OA 52 -50.18 -73.26 -20.89
C ILE OA 52 -49.37 -73.65 -19.66
N TRP OA 53 -49.84 -73.23 -18.48
CA TRP OA 53 -49.15 -73.47 -17.23
C TRP OA 53 -50.03 -74.30 -16.30
N PHE OA 54 -49.44 -75.31 -15.68
CA PHE OA 54 -50.14 -76.18 -14.72
C PHE OA 54 -49.40 -76.13 -13.39
N PHE OA 55 -50.07 -75.64 -12.37
CA PHE OA 55 -49.52 -75.52 -11.02
C PHE OA 55 -50.39 -76.32 -10.06
N ARG OA 56 -49.76 -77.14 -9.23
CA ARG OA 56 -50.50 -77.99 -8.30
C ARG OA 56 -51.07 -77.17 -7.16
N LEU OA 57 -52.31 -77.46 -6.80
CA LEU OA 57 -53.02 -76.79 -5.72
C LEU OA 57 -53.59 -77.84 -4.78
N PRO OA 58 -53.78 -77.50 -3.50
CA PRO OA 58 -54.28 -78.49 -2.55
C PRO OA 58 -55.74 -78.82 -2.80
N GLY OA 59 -56.15 -79.99 -2.31
CA GLY OA 59 -57.51 -80.45 -2.48
C GLY OA 59 -57.61 -81.85 -3.04
N GLY OA 60 -58.30 -82.73 -2.33
CA GLY OA 60 -58.45 -84.11 -2.77
C GLY OA 60 -57.65 -85.08 -1.93
N ARG OA 61 -58.30 -86.16 -1.49
CA ARG OA 61 -57.64 -87.17 -0.67
C ARG OA 61 -56.92 -88.16 -1.59
N VAL OA 62 -56.34 -89.20 -1.00
CA VAL OA 62 -55.67 -90.24 -1.75
C VAL OA 62 -55.76 -91.54 -0.96
N ASP OA 63 -55.93 -92.65 -1.69
CA ASP OA 63 -55.97 -93.97 -1.07
C ASP OA 63 -55.01 -94.90 -1.81
N TRP OA 64 -54.04 -95.45 -1.07
CA TRP OA 64 -53.12 -96.41 -1.66
C TRP OA 64 -53.81 -97.73 -1.98
N ASP OA 65 -54.79 -98.11 -1.15
CA ASP OA 65 -55.46 -99.40 -1.35
C ASP OA 65 -56.28 -99.41 -2.63
N GLY OA 66 -56.98 -98.32 -2.93
CA GLY OA 66 -57.82 -98.23 -4.11
C GLY OA 66 -57.10 -97.91 -5.39
N ARG OA 67 -55.79 -97.67 -5.33
CA ARG OA 67 -54.97 -97.32 -6.49
C ARG OA 67 -55.52 -96.08 -7.20
N LYS OA 68 -55.89 -95.07 -6.41
CA LYS OA 68 -56.49 -93.86 -6.93
C LYS OA 68 -55.77 -92.64 -6.34
N ASP OA 69 -55.50 -91.67 -7.20
CA ASP OA 69 -54.90 -90.39 -6.80
C ASP OA 69 -55.66 -89.26 -7.46
N GLU OA 70 -55.75 -88.13 -6.76
CA GLU OA 70 -56.41 -86.95 -7.29
C GLU OA 70 -55.72 -85.70 -6.76
N CYS OA 71 -55.81 -84.63 -7.55
CA CYS OA 71 -55.23 -83.35 -7.16
C CYS OA 71 -55.98 -82.24 -7.88
N GLN OA 72 -55.99 -81.06 -7.27
CA GLN OA 72 -56.67 -79.90 -7.84
C GLN OA 72 -55.72 -79.08 -8.69
N LEU OA 73 -55.21 -79.72 -9.75
CA LEU OA 73 -54.30 -79.05 -10.66
C LEU OA 73 -55.04 -77.95 -11.43
N GLN OA 74 -54.47 -76.76 -11.46
CA GLN OA 74 -55.09 -75.61 -12.10
C GLN OA 74 -54.49 -75.39 -13.48
N VAL OA 75 -55.27 -74.73 -14.34
CA VAL OA 75 -54.86 -74.41 -15.70
C VAL OA 75 -54.79 -72.89 -15.81
N MET OA 76 -53.63 -72.37 -16.21
CA MET OA 76 -53.43 -70.94 -16.39
C MET OA 76 -52.85 -70.70 -17.78
N VAL OA 77 -53.54 -69.91 -18.58
CA VAL OA 77 -53.14 -69.60 -19.94
C VAL OA 77 -52.84 -68.11 -20.03
N VAL OA 78 -51.72 -67.78 -20.69
CA VAL OA 78 -51.28 -66.41 -20.87
C VAL OA 78 -50.98 -66.18 -22.35
N THR OA 79 -51.46 -65.07 -22.90
CA THR OA 79 -51.21 -64.71 -24.28
C THR OA 79 -51.48 -63.22 -24.45
N GLY OA 80 -51.28 -62.72 -25.66
CA GLY OA 80 -51.40 -61.32 -25.96
C GLY OA 80 -52.78 -60.81 -26.34
N SER OA 81 -53.79 -61.67 -26.31
CA SER OA 81 -55.14 -61.27 -26.67
C SER OA 81 -56.16 -62.01 -25.81
N ARG OA 82 -57.23 -61.30 -25.42
CA ARG OA 82 -58.26 -61.92 -24.61
C ARG OA 82 -58.98 -63.01 -25.38
N ASP OA 83 -59.27 -62.78 -26.66
CA ASP OA 83 -59.95 -63.80 -27.47
C ASP OA 83 -59.08 -65.03 -27.62
N ASP OA 84 -57.78 -64.85 -27.84
CA ASP OA 84 -56.87 -65.99 -27.94
C ASP OA 84 -56.84 -66.77 -26.64
N SER OA 85 -56.77 -66.07 -25.50
CA SER OA 85 -56.78 -66.75 -24.22
C SER OA 85 -58.06 -67.54 -24.01
N TRP OA 86 -59.21 -66.94 -24.37
CA TRP OA 86 -60.48 -67.62 -24.19
C TRP OA 86 -60.59 -68.86 -25.08
N ARG OA 87 -60.14 -68.76 -26.34
CA ARG OA 87 -60.23 -69.92 -27.23
C ARG OA 87 -59.26 -71.02 -26.81
N LEU OA 88 -58.07 -70.65 -26.32
CA LEU OA 88 -57.15 -71.66 -25.80
C LEU OA 88 -57.74 -72.35 -24.57
N MET OA 89 -58.37 -71.58 -23.68
CA MET OA 89 -59.00 -72.18 -22.51
C MET OA 89 -60.14 -73.11 -22.91
N ASP OA 90 -60.92 -72.71 -23.93
CA ASP OA 90 -61.98 -73.58 -24.42
C ASP OA 90 -61.42 -74.87 -24.98
N PHE OA 91 -60.33 -74.78 -25.74
CA PHE OA 91 -59.70 -75.99 -26.28
C PHE OA 91 -59.19 -76.89 -25.16
N VAL OA 92 -58.56 -76.29 -24.14
CA VAL OA 92 -58.07 -77.08 -23.02
C VAL OA 92 -59.22 -77.77 -22.30
N ARG OA 93 -60.32 -77.03 -22.08
CA ARG OA 93 -61.47 -77.62 -21.40
C ARG OA 93 -62.09 -78.74 -22.22
N ALA OA 94 -62.13 -78.60 -23.55
CA ALA OA 94 -62.62 -79.67 -24.40
C ALA OA 94 -61.68 -80.87 -24.38
N MET OA 95 -60.39 -80.65 -24.15
CA MET OA 95 -59.44 -81.75 -24.11
C MET OA 95 -59.28 -82.37 -22.72
N LEU OA 96 -59.83 -81.77 -21.67
CA LEU OA 96 -59.70 -82.27 -20.31
C LEU OA 96 -61.00 -82.78 -19.71
N LEU OA 97 -62.08 -82.01 -19.80
CA LEU OA 97 -63.33 -82.42 -19.15
C LEU OA 97 -63.86 -83.76 -19.67
N PRO OA 98 -63.93 -84.03 -21.01
CA PRO OA 98 -64.39 -85.34 -21.49
C PRO OA 98 -63.31 -86.41 -21.50
N MET OA 99 -62.58 -86.54 -20.39
CA MET OA 99 -61.53 -87.53 -20.24
C MET OA 99 -62.00 -88.55 -19.22
N GLN OA 100 -62.38 -89.74 -19.70
CA GLN OA 100 -62.87 -90.83 -18.85
C GLN OA 100 -62.14 -92.10 -19.26
N GLY OA 101 -61.09 -92.44 -18.52
CA GLY OA 101 -60.30 -93.63 -18.81
C GLY OA 101 -59.51 -93.49 -20.10
N ASP OA 102 -58.54 -92.58 -20.12
CA ASP OA 102 -57.75 -92.28 -21.31
C ASP OA 102 -56.28 -92.49 -21.02
N LYS OA 103 -55.56 -93.07 -21.98
CA LYS OA 103 -54.16 -93.42 -21.84
C LYS OA 103 -53.28 -92.47 -22.63
N TYR OA 104 -52.07 -92.22 -22.11
CA TYR OA 104 -51.07 -91.45 -22.81
C TYR OA 104 -49.70 -91.84 -22.26
N LYS OA 105 -48.74 -92.00 -23.17
CA LYS OA 105 -47.42 -92.52 -22.81
C LYS OA 105 -46.40 -91.40 -22.70
N MET OA 106 -45.55 -91.50 -21.69
CA MET OA 106 -44.47 -90.55 -21.45
C MET OA 106 -43.17 -91.05 -22.06
N ALA OA 107 -42.19 -90.14 -22.15
CA ALA OA 107 -40.87 -90.52 -22.65
C ALA OA 107 -40.11 -91.40 -21.66
N ASP OA 108 -40.56 -91.48 -20.42
CA ASP OA 108 -39.92 -92.37 -19.45
C ASP OA 108 -40.14 -93.83 -19.81
N GLY OA 109 -41.31 -94.17 -20.35
CA GLY OA 109 -41.60 -95.54 -20.74
C GLY OA 109 -42.98 -96.02 -20.37
N TYR OA 110 -43.51 -95.52 -19.25
CA TYR OA 110 -44.83 -95.90 -18.78
C TYR OA 110 -45.90 -95.00 -19.41
N THR OA 111 -47.08 -95.57 -19.59
CA THR OA 111 -48.23 -94.84 -20.12
C THR OA 111 -49.24 -94.62 -19.00
N ALA OA 112 -49.56 -93.36 -18.75
CA ALA OA 112 -50.45 -93.01 -17.64
C ALA OA 112 -51.91 -93.23 -18.01
N GLN OA 113 -52.75 -93.26 -16.99
CA GLN OA 113 -54.19 -93.47 -17.14
C GLN OA 113 -54.93 -92.36 -16.40
N ILE OA 114 -55.58 -91.47 -17.14
CA ILE OA 114 -56.37 -90.39 -16.57
C ILE OA 114 -57.78 -90.92 -16.32
N ARG OA 115 -58.23 -90.85 -15.07
CA ARG OA 115 -59.54 -91.40 -14.72
C ARG OA 115 -60.65 -90.38 -15.00
N CYS OA 116 -60.58 -89.22 -14.36
CA CYS OA 116 -61.59 -88.18 -14.54
C CYS OA 116 -61.00 -86.84 -14.17
N ALA OA 117 -61.25 -85.84 -15.01
CA ALA OA 117 -60.78 -84.48 -14.79
C ALA OA 117 -62.00 -83.60 -14.52
N GLY OA 118 -62.23 -83.28 -13.25
CA GLY OA 118 -63.36 -82.47 -12.84
C GLY OA 118 -63.06 -80.99 -12.97
N GLU OA 119 -64.01 -80.19 -12.50
CA GLU OA 119 -63.91 -78.74 -12.53
C GLU OA 119 -64.38 -78.16 -11.21
N VAL OA 120 -63.58 -77.27 -10.63
CA VAL OA 120 -63.88 -76.65 -9.35
C VAL OA 120 -64.28 -75.19 -9.53
N ALA OA 121 -63.40 -74.38 -10.11
CA ALA OA 121 -63.66 -72.96 -10.32
C ALA OA 121 -63.57 -72.64 -11.81
N GLY OA 122 -64.40 -71.70 -12.25
CA GLY OA 122 -64.43 -71.31 -13.63
C GLY OA 122 -63.25 -70.44 -14.01
N PRO OA 123 -63.24 -70.01 -15.28
CA PRO OA 123 -62.14 -69.17 -15.74
C PRO OA 123 -62.09 -67.85 -14.97
N GLN OA 124 -60.86 -67.39 -14.72
CA GLN OA 124 -60.63 -66.17 -13.95
C GLN OA 124 -59.80 -65.22 -14.80
N LEU OA 125 -60.44 -64.14 -15.28
CA LEU OA 125 -59.75 -63.11 -16.05
C LEU OA 125 -59.06 -62.19 -15.05
N LEU OA 126 -57.85 -62.57 -14.64
CA LEU OA 126 -57.11 -61.80 -13.67
C LEU OA 126 -56.76 -60.42 -14.22
N THR OA 127 -56.83 -59.41 -13.36
CA THR OA 127 -56.51 -58.05 -13.76
C THR OA 127 -55.03 -57.95 -14.10
N PRO OA 128 -54.65 -57.15 -15.10
CA PRO OA 128 -53.23 -57.01 -15.44
C PRO OA 128 -52.46 -56.27 -14.36
N GLY OA 129 -51.57 -56.98 -13.67
CA GLY OA 129 -50.77 -56.39 -12.62
C GLY OA 129 -49.35 -56.09 -13.07
N GLN OA 130 -48.42 -56.98 -12.71
CA GLN OA 130 -47.04 -56.82 -13.16
C GLN OA 130 -46.95 -56.86 -14.68
N ARG OA 131 -47.70 -57.76 -15.31
CA ARG OA 131 -47.78 -57.85 -16.76
C ARG OA 131 -49.09 -57.18 -17.22
N ILE OA 132 -48.97 -56.22 -18.12
CA ILE OA 132 -50.10 -55.43 -18.57
C ILE OA 132 -50.66 -55.91 -19.90
N ASP OA 133 -49.80 -56.01 -20.92
CA ASP OA 133 -50.28 -56.37 -22.25
C ASP OA 133 -50.81 -57.80 -22.29
N THR OA 134 -50.15 -58.72 -21.59
CA THR OA 134 -50.54 -60.11 -21.63
C THR OA 134 -51.88 -60.33 -20.94
N ARG OA 135 -52.69 -61.20 -21.51
CA ARG OA 135 -53.99 -61.58 -20.94
C ARG OA 135 -53.87 -62.97 -20.33
N VAL OA 136 -54.31 -63.11 -19.08
CA VAL OA 136 -54.15 -64.34 -18.32
C VAL OA 136 -55.53 -64.81 -17.84
N VAL OA 137 -55.80 -66.09 -17.99
CA VAL OA 137 -57.04 -66.71 -17.54
C VAL OA 137 -56.68 -67.92 -16.68
N THR OA 138 -57.27 -68.00 -15.48
CA THR OA 138 -56.95 -69.03 -14.51
C THR OA 138 -58.20 -69.85 -14.20
N ALA OA 139 -58.04 -71.18 -14.20
CA ALA OA 139 -59.12 -72.08 -13.82
C ALA OA 139 -58.52 -73.30 -13.14
N THR OA 140 -59.31 -73.95 -12.30
CA THR OA 140 -58.87 -75.09 -11.51
C THR OA 140 -59.62 -76.35 -11.95
N PHE OA 141 -58.88 -77.44 -12.11
CA PHE OA 141 -59.45 -78.72 -12.52
C PHE OA 141 -59.19 -79.77 -11.44
N LYS OA 142 -60.21 -80.58 -11.16
CA LYS OA 142 -60.08 -81.69 -10.23
C LYS OA 142 -59.74 -82.94 -11.05
N VAL OA 143 -58.44 -83.20 -11.19
CA VAL OA 143 -57.94 -84.28 -12.03
C VAL OA 143 -57.59 -85.48 -11.15
N SER OA 144 -58.14 -86.63 -11.49
CA SER OA 144 -57.86 -87.88 -10.80
C SER OA 144 -57.08 -88.81 -11.73
N VAL OA 145 -55.95 -89.33 -11.23
CA VAL OA 145 -55.07 -90.16 -12.03
C VAL OA 145 -54.78 -91.45 -11.26
N SER OA 146 -54.49 -92.51 -12.00
CA SER OA 146 -54.15 -93.80 -11.40
C SER OA 146 -52.69 -93.83 -10.98
N MET OA 147 -52.34 -94.84 -10.20
CA MET OA 147 -50.98 -95.04 -9.72
C MET OA 147 -50.24 -96.03 -10.60
N LYS OA 148 -48.93 -95.83 -10.72
CA LYS OA 148 -48.11 -96.73 -11.52
C LYS OA 148 -47.94 -98.08 -10.83
N SER OA 149 -47.32 -98.07 -9.64
CA SER OA 149 -47.13 -99.27 -8.84
C SER OA 149 -47.57 -98.99 -7.42
N ALA OA 150 -48.42 -99.87 -6.88
CA ALA OA 150 -48.97 -99.70 -5.54
C ALA OA 150 -48.47 -100.75 -4.56
N LYS OA 151 -47.40 -101.46 -4.90
CA LYS OA 151 -46.84 -102.44 -3.99
C LYS OA 151 -46.20 -101.75 -2.80
N ASN OA 152 -46.32 -102.39 -1.63
CA ASN OA 152 -45.83 -101.81 -0.39
C ASN OA 152 -44.36 -102.12 -0.18
N TYR OA 153 -43.65 -101.18 0.45
CA TYR OA 153 -42.22 -101.30 0.74
C TYR OA 153 -41.96 -101.56 2.22
N LYS OA 154 -42.86 -102.30 2.87
CA LYS OA 154 -42.64 -102.65 4.27
C LYS OA 154 -41.42 -103.54 4.41
N GLN OA 155 -41.21 -104.47 3.46
CA GLN OA 155 -40.18 -105.48 3.61
C GLN OA 155 -38.79 -104.86 3.73
N LYS OA 156 -38.37 -104.06 2.74
CA LYS OA 156 -37.00 -103.57 2.71
C LYS OA 156 -36.71 -102.67 3.89
N LEU OA 157 -37.68 -101.84 4.28
CA LEU OA 157 -37.53 -101.04 5.49
C LEU OA 157 -37.33 -101.93 6.72
N TYR OA 158 -38.09 -103.02 6.81
CA TYR OA 158 -37.95 -103.92 7.94
C TYR OA 158 -36.57 -104.57 8.00
N GLU OA 159 -36.07 -105.08 6.85
CA GLU OA 159 -34.74 -105.69 6.91
C GLU OA 159 -33.65 -104.65 7.13
N LEU OA 160 -33.80 -103.43 6.62
CA LEU OA 160 -32.84 -102.38 6.90
C LEU OA 160 -32.81 -102.07 8.40
N TRP OA 161 -33.99 -101.99 9.03
CA TRP OA 161 -34.06 -101.77 10.46
C TRP OA 161 -33.42 -102.92 11.23
N GLN OA 162 -33.69 -104.16 10.81
CA GLN OA 162 -33.11 -105.31 11.49
C GLN OA 162 -31.59 -105.33 11.38
N ALA OA 163 -31.07 -105.00 10.19
CA ALA OA 163 -29.62 -104.94 10.01
C ALA OA 163 -29.00 -103.83 10.84
N LEU OA 164 -29.66 -102.67 10.91
CA LEU OA 164 -29.09 -101.54 11.65
C LEU OA 164 -29.17 -101.78 13.15
N ARG OA 165 -30.31 -102.26 13.64
CA ARG OA 165 -30.48 -102.52 15.07
C ARG OA 165 -31.18 -103.86 15.26
N GLY OA 166 -30.82 -104.54 16.35
CA GLY OA 166 -31.40 -105.83 16.66
C GLY OA 166 -30.91 -106.40 17.98
N VAL PA 3 -53.57 -67.64 -34.83
CA VAL PA 3 -54.61 -68.63 -35.10
C VAL PA 3 -54.03 -69.84 -35.82
N VAL PA 4 -53.48 -70.77 -35.04
CA VAL PA 4 -52.86 -71.97 -35.58
C VAL PA 4 -53.45 -73.20 -34.89
N LEU PA 5 -54.66 -73.05 -34.36
CA LEU PA 5 -55.31 -74.17 -33.70
C LEU PA 5 -55.64 -75.26 -34.72
N PRO PA 6 -55.66 -76.53 -34.30
CA PRO PA 6 -55.94 -77.61 -35.24
C PRO PA 6 -57.32 -77.48 -35.88
N ASP PA 7 -57.39 -77.88 -37.15
CA ASP PA 7 -58.63 -77.72 -37.91
C ASP PA 7 -59.74 -78.64 -37.41
N TRP PA 8 -59.40 -79.84 -36.94
CA TRP PA 8 -60.42 -80.79 -36.51
C TRP PA 8 -61.17 -80.31 -35.27
N TYR PA 9 -60.61 -79.34 -34.54
CA TYR PA 9 -61.30 -78.71 -33.42
C TYR PA 9 -61.77 -77.32 -33.84
N GLU PA 10 -63.05 -77.05 -33.66
CA GLU PA 10 -63.64 -75.77 -34.03
C GLU PA 10 -63.85 -74.85 -32.82
N GLU PA 11 -64.55 -75.34 -31.79
CA GLU PA 11 -64.82 -74.57 -30.59
C GLU PA 11 -65.41 -75.51 -29.55
N ALA PA 12 -65.37 -75.07 -28.29
CA ALA PA 12 -65.90 -75.86 -27.18
C ALA PA 12 -67.09 -75.18 -26.52
N PHE PA 13 -66.96 -73.94 -26.06
CA PHE PA 13 -67.99 -73.26 -25.30
C PHE PA 13 -68.53 -72.06 -26.09
N VAL PA 14 -69.42 -71.32 -25.42
CA VAL PA 14 -70.15 -70.23 -26.06
C VAL PA 14 -69.55 -68.86 -25.79
N ASN PA 15 -68.79 -68.69 -24.70
CA ASN PA 15 -68.31 -67.39 -24.25
C ASN PA 15 -69.49 -66.47 -23.95
N VAL PA 16 -70.24 -66.86 -22.92
CA VAL PA 16 -71.53 -66.25 -22.61
C VAL PA 16 -71.40 -64.75 -22.35
N GLU PA 17 -70.24 -64.30 -21.86
CA GLU PA 17 -70.07 -62.86 -21.65
C GLU PA 17 -70.04 -62.12 -22.98
N ASN PA 18 -69.46 -62.73 -24.02
CA ASN PA 18 -69.53 -62.15 -25.35
C ASN PA 18 -70.97 -62.10 -25.84
N LEU PA 19 -71.74 -63.16 -25.59
CA LEU PA 19 -73.17 -63.16 -25.87
C LEU PA 19 -73.85 -61.95 -25.24
N PHE PA 20 -73.61 -61.74 -23.95
CA PHE PA 20 -74.32 -60.70 -23.22
C PHE PA 20 -73.91 -59.31 -23.68
N ILE PA 21 -72.60 -59.08 -23.88
CA ILE PA 21 -72.16 -57.77 -24.33
C ILE PA 21 -72.69 -57.47 -25.73
N ASP PA 22 -72.66 -58.47 -26.62
CA ASP PA 22 -73.16 -58.24 -27.98
C ASP PA 22 -74.66 -57.97 -27.97
N MET PA 23 -75.43 -58.74 -27.20
CA MET PA 23 -76.87 -58.50 -27.17
C MET PA 23 -77.21 -57.16 -26.54
N PHE PA 24 -76.44 -56.73 -25.54
CA PHE PA 24 -76.70 -55.44 -24.92
C PHE PA 24 -76.33 -54.28 -25.86
N THR PA 25 -75.24 -54.43 -26.61
CA THR PA 25 -74.88 -53.42 -27.59
C THR PA 25 -75.93 -53.35 -28.71
N ASP PA 26 -76.43 -54.51 -29.15
CA ASP PA 26 -77.44 -54.53 -30.20
C ASP PA 26 -78.76 -53.93 -29.71
N LEU PA 27 -79.11 -54.15 -28.45
CA LEU PA 27 -80.36 -53.63 -27.91
C LEU PA 27 -80.36 -52.11 -27.93
N LEU PA 28 -79.32 -51.48 -27.39
CA LEU PA 28 -79.20 -50.03 -27.35
C LEU PA 28 -77.81 -49.66 -27.87
N PRO PA 29 -77.66 -49.45 -29.18
CA PRO PA 29 -76.35 -49.07 -29.73
C PRO PA 29 -75.84 -47.72 -29.23
N ASP PA 30 -76.72 -46.85 -28.75
CA ASP PA 30 -76.29 -45.53 -28.29
C ASP PA 30 -75.38 -45.65 -27.08
N TYR PA 31 -75.69 -46.56 -26.16
CA TYR PA 31 -74.88 -46.79 -24.97
C TYR PA 31 -73.98 -48.00 -25.20
N GLU PA 32 -72.67 -47.78 -25.14
CA GLU PA 32 -71.71 -48.85 -25.37
C GLU PA 32 -71.62 -49.77 -24.17
N SER PA 33 -71.30 -51.03 -24.44
CA SER PA 33 -71.10 -52.04 -23.39
C SER PA 33 -69.99 -52.97 -23.81
N GLY PA 34 -69.32 -53.54 -22.81
CA GLY PA 34 -68.22 -54.43 -23.09
C GLY PA 34 -67.72 -55.11 -21.83
N CYS PA 35 -66.51 -55.68 -21.94
CA CYS PA 35 -65.87 -56.39 -20.84
C CYS PA 35 -64.49 -55.83 -20.52
N TRP PA 36 -64.20 -54.61 -20.95
CA TRP PA 36 -62.90 -53.99 -20.72
C TRP PA 36 -63.13 -52.52 -20.38
N ALA PA 37 -62.05 -51.76 -20.31
CA ALA PA 37 -62.08 -50.33 -20.00
C ALA PA 37 -61.39 -49.57 -21.14
N PRO PA 38 -62.12 -49.18 -22.17
CA PRO PA 38 -61.49 -48.47 -23.30
C PRO PA 38 -60.91 -47.14 -22.85
N ASP PA 39 -59.81 -46.75 -23.51
CA ASP PA 39 -59.16 -45.49 -23.18
C ASP PA 39 -60.04 -44.28 -23.51
N ASP PA 40 -60.87 -44.40 -24.55
CA ASP PA 40 -61.77 -43.30 -24.90
C ASP PA 40 -62.75 -43.01 -23.79
N TRP PA 41 -63.30 -44.07 -23.16
CA TRP PA 41 -64.21 -43.86 -22.03
C TRP PA 41 -63.47 -43.28 -20.83
N LEU PA 42 -62.24 -43.74 -20.58
CA LEU PA 42 -61.47 -43.22 -19.46
C LEU PA 42 -60.98 -41.79 -19.69
N ALA PA 43 -61.01 -41.31 -20.94
CA ALA PA 43 -60.57 -39.95 -21.21
C ALA PA 43 -61.44 -38.92 -20.50
N ASP PA 44 -62.75 -39.11 -20.51
CA ASP PA 44 -63.69 -38.21 -19.87
C ASP PA 44 -64.33 -38.91 -18.67
N GLU PA 45 -64.34 -38.23 -17.52
CA GLU PA 45 -64.86 -38.82 -16.30
C GLU PA 45 -65.98 -38.02 -15.66
N ILE PA 46 -66.00 -36.69 -15.81
CA ILE PA 46 -67.12 -35.91 -15.28
C ILE PA 46 -68.41 -36.28 -15.99
N GLU PA 47 -68.35 -36.42 -17.31
CA GLU PA 47 -69.46 -36.94 -18.11
C GLU PA 47 -69.02 -38.24 -18.75
N VAL PA 48 -69.70 -39.34 -18.42
CA VAL PA 48 -69.33 -40.67 -18.88
C VAL PA 48 -70.52 -41.31 -19.59
N LYS PA 49 -70.24 -41.96 -20.71
CA LYS PA 49 -71.26 -42.75 -21.37
C LYS PA 49 -71.56 -43.99 -20.53
N PRO PA 50 -72.82 -44.25 -20.20
CA PRO PA 50 -73.14 -45.44 -19.39
C PRO PA 50 -72.63 -46.71 -20.05
N THR PA 51 -72.01 -47.57 -19.25
CA THR PA 51 -71.38 -48.78 -19.74
C THR PA 51 -71.77 -49.96 -18.86
N ILE PA 52 -72.00 -51.11 -19.48
CA ILE PA 52 -72.32 -52.35 -18.78
C ILE PA 52 -71.10 -53.27 -18.91
N TRP PA 53 -70.59 -53.73 -17.77
CA TRP PA 53 -69.39 -54.56 -17.73
C TRP PA 53 -69.74 -55.93 -17.15
N PHE PA 54 -69.31 -56.99 -17.83
CA PHE PA 54 -69.51 -58.36 -17.38
C PHE PA 54 -68.15 -59.00 -17.16
N PHE PA 55 -67.87 -59.38 -15.92
CA PHE PA 55 -66.61 -60.02 -15.54
C PHE PA 55 -66.91 -61.38 -14.93
N ARG PA 56 -66.19 -62.41 -15.39
CA ARG PA 56 -66.42 -63.76 -14.93
C ARG PA 56 -65.88 -63.96 -13.52
N LEU PA 57 -66.66 -64.61 -12.68
CA LEU PA 57 -66.31 -64.90 -11.29
C LEU PA 57 -66.49 -66.40 -11.04
N PRO PA 58 -65.74 -66.96 -10.09
CA PRO PA 58 -65.85 -68.40 -9.84
C PRO PA 58 -67.17 -68.77 -9.19
N GLY PA 59 -67.54 -70.03 -9.35
CA GLY PA 59 -68.78 -70.54 -8.79
C GLY PA 59 -69.63 -71.27 -9.80
N GLY PA 60 -69.99 -72.52 -9.48
CA GLY PA 60 -70.81 -73.32 -10.38
C GLY PA 60 -70.02 -74.45 -11.03
N ARG PA 61 -70.57 -75.65 -10.97
CA ARG PA 61 -69.92 -76.81 -11.58
C ARG PA 61 -70.25 -76.87 -13.06
N VAL PA 62 -69.80 -77.93 -13.73
CA VAL PA 62 -70.09 -78.13 -15.14
C VAL PA 62 -70.09 -79.63 -15.41
N ASP PA 63 -71.00 -80.07 -16.28
CA ASP PA 63 -71.08 -81.46 -16.69
C ASP PA 63 -71.10 -81.54 -18.21
N TRP PA 64 -70.13 -82.25 -18.78
CA TRP PA 64 -70.12 -82.44 -20.23
C TRP PA 64 -71.22 -83.37 -20.68
N ASP PA 65 -71.57 -84.36 -19.84
CA ASP PA 65 -72.58 -85.34 -20.22
C ASP PA 65 -73.96 -84.71 -20.34
N GLY PA 66 -74.31 -83.82 -19.41
CA GLY PA 66 -75.61 -83.18 -19.41
C GLY PA 66 -75.74 -82.00 -20.34
N ARG PA 67 -74.67 -81.62 -21.04
CA ARG PA 67 -74.67 -80.49 -21.96
C ARG PA 67 -75.10 -79.20 -21.25
N LYS PA 68 -74.58 -78.99 -20.04
CA LYS PA 68 -74.94 -77.84 -19.23
C LYS PA 68 -73.70 -77.14 -18.73
N ASP PA 69 -73.70 -75.81 -18.79
CA ASP PA 69 -72.62 -74.98 -18.27
C ASP PA 69 -73.22 -73.84 -17.45
N GLU PA 70 -72.50 -73.43 -16.42
CA GLU PA 70 -72.94 -72.31 -15.58
C GLU PA 70 -71.72 -71.57 -15.06
N CYS PA 71 -71.92 -70.28 -14.80
CA CYS PA 71 -70.86 -69.45 -14.26
C CYS PA 71 -71.48 -68.29 -13.51
N GLN PA 72 -70.75 -67.77 -12.52
CA GLN PA 72 -71.23 -66.66 -11.70
C GLN PA 72 -70.79 -65.32 -12.30
N LEU PA 73 -71.26 -65.07 -13.52
CA LEU PA 73 -70.94 -63.81 -14.20
C LEU PA 73 -71.60 -62.65 -13.47
N GLN PA 74 -70.83 -61.60 -13.21
CA GLN PA 74 -71.31 -60.45 -12.48
C GLN PA 74 -71.62 -59.30 -13.44
N VAL PA 75 -72.51 -58.41 -13.00
CA VAL PA 75 -72.92 -57.24 -13.77
C VAL PA 75 -72.47 -56.00 -13.01
N MET PA 76 -71.67 -55.17 -13.66
CA MET PA 76 -71.19 -53.92 -13.08
C MET PA 76 -71.53 -52.78 -14.02
N VAL PA 77 -72.27 -51.80 -13.52
CA VAL PA 77 -72.70 -50.64 -14.29
C VAL PA 77 -72.07 -49.38 -13.71
N VAL PA 78 -71.54 -48.52 -14.58
CA VAL PA 78 -70.90 -47.28 -14.17
C VAL PA 78 -71.49 -46.14 -15.00
N THR PA 79 -71.83 -45.04 -14.33
CA THR PA 79 -72.37 -43.86 -14.99
C THR PA 79 -72.19 -42.67 -14.06
N GLY PA 80 -72.63 -41.50 -14.52
CA GLY PA 80 -72.45 -40.26 -13.80
C GLY PA 80 -73.53 -39.91 -12.80
N SER PA 81 -74.53 -40.76 -12.60
CA SER PA 81 -75.61 -40.48 -11.67
C SER PA 81 -76.05 -41.75 -10.99
N ARG PA 82 -76.37 -41.65 -9.69
CA ARG PA 82 -76.84 -42.82 -8.94
C ARG PA 82 -78.18 -43.31 -9.47
N ASP PA 83 -79.10 -42.39 -9.79
CA ASP PA 83 -80.40 -42.78 -10.32
C ASP PA 83 -80.25 -43.48 -11.67
N ASP PA 84 -79.37 -42.95 -12.53
CA ASP PA 84 -79.13 -43.60 -13.82
C ASP PA 84 -78.57 -45.00 -13.64
N SER PA 85 -77.61 -45.16 -12.72
CA SER PA 85 -77.05 -46.48 -12.46
C SER PA 85 -78.11 -47.43 -11.95
N TRP PA 86 -78.98 -46.97 -11.04
CA TRP PA 86 -80.02 -47.83 -10.50
C TRP PA 86 -81.02 -48.24 -11.57
N ARG PA 87 -81.43 -47.30 -12.44
CA ARG PA 87 -82.40 -47.66 -13.47
C ARG PA 87 -81.78 -48.58 -14.51
N LEU PA 88 -80.49 -48.38 -14.85
CA LEU PA 88 -79.82 -49.30 -15.76
C LEU PA 88 -79.70 -50.70 -15.14
N MET PA 89 -79.39 -50.78 -13.85
CA MET PA 89 -79.35 -52.09 -13.20
C MET PA 89 -80.72 -52.74 -13.17
N ASP PA 90 -81.78 -51.96 -12.94
CA ASP PA 90 -83.13 -52.52 -12.99
C ASP PA 90 -83.45 -53.05 -14.38
N PHE PA 91 -83.08 -52.31 -15.43
CA PHE PA 91 -83.31 -52.78 -16.79
C PHE PA 91 -82.53 -54.06 -17.08
N VAL PA 92 -81.27 -54.12 -16.64
CA VAL PA 92 -80.47 -55.32 -16.85
C VAL PA 92 -81.08 -56.51 -16.13
N ARG PA 93 -81.53 -56.31 -14.89
CA ARG PA 93 -82.16 -57.39 -14.15
C ARG PA 93 -83.46 -57.84 -14.80
N ALA PA 94 -84.26 -56.91 -15.32
CA ALA PA 94 -85.48 -57.27 -16.02
C ALA PA 94 -85.19 -58.02 -17.32
N MET PA 95 -84.06 -57.73 -17.96
CA MET PA 95 -83.69 -58.42 -19.19
C MET PA 95 -82.91 -59.70 -18.93
N LEU PA 96 -82.50 -59.98 -17.69
CA LEU PA 96 -81.65 -61.12 -17.37
C LEU PA 96 -82.34 -62.16 -16.51
N LEU PA 97 -82.99 -61.75 -15.42
CA LEU PA 97 -83.61 -62.73 -14.52
C LEU PA 97 -84.71 -63.54 -15.18
N PRO PA 98 -85.70 -62.95 -15.91
CA PRO PA 98 -86.76 -63.74 -16.54
C PRO PA 98 -86.34 -64.37 -17.88
N MET PA 99 -85.17 -65.01 -17.89
CA MET PA 99 -84.64 -65.68 -19.06
C MET PA 99 -84.70 -67.18 -18.83
N GLN PA 100 -85.66 -67.84 -19.47
CA GLN PA 100 -85.86 -69.29 -19.34
C GLN PA 100 -85.97 -69.88 -20.73
N GLY PA 101 -84.87 -70.42 -21.24
CA GLY PA 101 -84.84 -70.99 -22.57
C GLY PA 101 -85.00 -69.96 -23.67
N ASP PA 102 -84.00 -69.07 -23.79
CA ASP PA 102 -84.05 -67.97 -24.75
C ASP PA 102 -82.86 -68.04 -25.69
N LYS PA 103 -83.10 -67.76 -26.96
CA LYS PA 103 -82.09 -67.86 -28.00
C LYS PA 103 -81.63 -66.49 -28.46
N TYR PA 104 -80.35 -66.40 -28.83
CA TYR PA 104 -79.79 -65.19 -29.40
C TYR PA 104 -78.58 -65.57 -30.24
N LYS PA 105 -78.46 -64.96 -31.42
CA LYS PA 105 -77.46 -65.35 -32.40
C LYS PA 105 -76.29 -64.37 -32.38
N MET PA 106 -75.08 -64.91 -32.47
CA MET PA 106 -73.86 -64.13 -32.53
C MET PA 106 -73.42 -63.91 -33.98
N ALA PA 107 -72.47 -62.98 -34.16
CA ALA PA 107 -71.93 -62.73 -35.48
C ALA PA 107 -71.07 -63.88 -35.98
N ASP PA 108 -70.67 -64.79 -35.10
CA ASP PA 108 -69.89 -65.95 -35.53
C ASP PA 108 -70.73 -66.89 -36.39
N GLY PA 109 -72.02 -67.01 -36.09
CA GLY PA 109 -72.91 -67.85 -36.87
C GLY PA 109 -73.84 -68.70 -36.04
N TYR PA 110 -73.39 -69.11 -34.85
CA TYR PA 110 -74.20 -69.94 -33.96
C TYR PA 110 -75.08 -69.07 -33.07
N THR PA 111 -76.25 -69.60 -32.71
CA THR PA 111 -77.17 -68.92 -31.81
C THR PA 111 -77.15 -69.62 -30.45
N ALA PA 112 -76.85 -68.87 -29.40
CA ALA PA 112 -76.72 -69.44 -28.08
C ALA PA 112 -78.08 -69.65 -27.43
N GLN PA 113 -78.09 -70.46 -26.38
CA GLN PA 113 -79.30 -70.79 -25.64
C GLN PA 113 -79.05 -70.55 -24.16
N ILE PA 114 -79.70 -69.52 -23.61
CA ILE PA 114 -79.59 -69.20 -22.19
C ILE PA 114 -80.64 -70.01 -21.44
N ARG PA 115 -80.19 -70.82 -20.47
CA ARG PA 115 -81.12 -71.68 -19.74
C ARG PA 115 -81.77 -70.94 -18.58
N CYS PA 116 -80.96 -70.44 -17.65
CA CYS PA 116 -81.49 -69.73 -16.49
C CYS PA 116 -80.41 -68.82 -15.94
N ALA PA 117 -80.76 -67.58 -15.65
CA ALA PA 117 -79.86 -66.59 -15.07
C ALA PA 117 -80.32 -66.30 -13.65
N GLY PA 118 -79.63 -66.88 -12.67
CA GLY PA 118 -79.96 -66.71 -11.28
C GLY PA 118 -79.37 -65.44 -10.70
N GLU PA 119 -79.50 -65.31 -9.39
CA GLU PA 119 -78.99 -64.16 -8.66
C GLU PA 119 -78.36 -64.63 -7.36
N VAL PA 120 -77.15 -64.16 -7.09
CA VAL PA 120 -76.39 -64.53 -5.90
C VAL PA 120 -76.33 -63.38 -4.89
N ALA PA 121 -75.79 -62.25 -5.31
CA ALA PA 121 -75.66 -61.08 -4.45
C ALA PA 121 -76.39 -59.89 -5.07
N GLY PA 122 -76.97 -59.05 -4.22
CA GLY PA 122 -77.71 -57.90 -4.68
C GLY PA 122 -76.80 -56.80 -5.16
N PRO PA 123 -77.42 -55.68 -5.54
CA PRO PA 123 -76.62 -54.54 -6.03
C PRO PA 123 -75.71 -54.01 -4.94
N GLN PA 124 -74.51 -53.59 -5.35
CA GLN PA 124 -73.49 -53.08 -4.44
C GLN PA 124 -73.10 -51.68 -4.87
N LEU PA 125 -73.52 -50.69 -4.08
CA LEU PA 125 -73.15 -49.29 -4.34
C LEU PA 125 -71.75 -49.07 -3.77
N LEU PA 126 -70.75 -49.41 -4.59
CA LEU PA 126 -69.37 -49.28 -4.15
C LEU PA 126 -69.01 -47.83 -3.87
N THR PA 127 -68.22 -47.61 -2.82
CA THR PA 127 -67.80 -46.26 -2.49
C THR PA 127 -66.88 -45.70 -3.57
N PRO PA 128 -66.96 -44.41 -3.87
CA PRO PA 128 -66.08 -43.83 -4.88
C PRO PA 128 -64.63 -43.80 -4.44
N GLY PA 129 -63.79 -44.60 -5.09
CA GLY PA 129 -62.38 -44.66 -4.75
C GLY PA 129 -61.52 -43.89 -5.73
N GLN PA 130 -60.91 -44.61 -6.67
CA GLN PA 130 -60.11 -43.96 -7.71
C GLN PA 130 -60.99 -43.03 -8.56
N ARG PA 131 -62.19 -43.46 -8.89
CA ARG PA 131 -63.16 -42.64 -9.60
C ARG PA 131 -64.18 -42.10 -8.60
N ILE PA 132 -64.34 -40.78 -8.59
CA ILE PA 132 -65.18 -40.10 -7.61
C ILE PA 132 -66.55 -39.75 -8.18
N ASP PA 133 -66.56 -39.04 -9.32
CA ASP PA 133 -67.83 -38.57 -9.88
C ASP PA 133 -68.69 -39.74 -10.35
N THR PA 134 -68.08 -40.76 -10.96
CA THR PA 134 -68.83 -41.87 -11.51
C THR PA 134 -69.46 -42.70 -10.40
N ARG PA 135 -70.69 -43.16 -10.64
CA ARG PA 135 -71.40 -44.03 -9.73
C ARG PA 135 -71.39 -45.45 -10.27
N VAL PA 136 -70.99 -46.41 -9.44
CA VAL PA 136 -70.82 -47.80 -9.86
C VAL PA 136 -71.68 -48.70 -8.97
N VAL PA 137 -72.37 -49.64 -9.59
CA VAL PA 137 -73.20 -50.62 -8.90
C VAL PA 137 -72.80 -52.01 -9.39
N THR PA 138 -72.53 -52.92 -8.45
CA THR PA 138 -72.04 -54.26 -8.75
C THR PA 138 -73.02 -55.29 -8.24
N ALA PA 139 -73.34 -56.28 -9.08
CA ALA PA 139 -74.18 -57.40 -8.70
C ALA PA 139 -73.70 -58.65 -9.43
N THR PA 140 -74.00 -59.81 -8.86
CA THR PA 140 -73.55 -61.10 -9.39
C THR PA 140 -74.76 -61.90 -9.83
N PHE PA 141 -74.67 -62.52 -11.00
CA PHE PA 141 -75.73 -63.35 -11.56
C PHE PA 141 -75.23 -64.77 -11.76
N LYS PA 142 -76.07 -65.75 -11.44
CA LYS PA 142 -75.77 -67.16 -11.67
C LYS PA 142 -76.39 -67.53 -13.01
N VAL PA 143 -75.61 -67.42 -14.08
CA VAL PA 143 -76.08 -67.64 -15.45
C VAL PA 143 -75.67 -69.03 -15.91
N SER PA 144 -76.64 -69.80 -16.38
CA SER PA 144 -76.41 -71.12 -16.93
C SER PA 144 -76.69 -71.11 -18.42
N VAL PA 145 -75.74 -71.61 -19.20
CA VAL PA 145 -75.84 -71.60 -20.66
C VAL PA 145 -75.57 -73.01 -21.18
N SER PA 146 -76.13 -73.32 -22.35
CA SER PA 146 -75.93 -74.61 -22.98
C SER PA 146 -74.62 -74.62 -23.77
N MET PA 147 -74.19 -75.83 -24.11
CA MET PA 147 -72.97 -76.03 -24.88
C MET PA 147 -73.28 -76.09 -26.37
N LYS PA 148 -72.32 -75.64 -27.17
CA LYS PA 148 -72.49 -75.67 -28.62
C LYS PA 148 -72.36 -77.09 -29.14
N SER PA 149 -71.20 -77.71 -28.95
CA SER PA 149 -70.96 -79.09 -29.36
C SER PA 149 -70.34 -79.85 -28.20
N ALA PA 150 -70.92 -81.00 -27.87
CA ALA PA 150 -70.46 -81.81 -26.74
C ALA PA 150 -69.83 -83.13 -27.18
N LYS PA 151 -69.48 -83.26 -28.46
CA LYS PA 151 -68.83 -84.48 -28.91
C LYS PA 151 -67.42 -84.57 -28.34
N ASN PA 152 -66.99 -85.79 -28.04
CA ASN PA 152 -65.71 -86.02 -27.41
C ASN PA 152 -64.60 -86.13 -28.45
N TYR PA 153 -63.41 -85.67 -28.08
CA TYR PA 153 -62.23 -85.67 -28.94
C TYR PA 153 -61.22 -86.74 -28.51
N LYS PA 154 -61.72 -87.87 -28.00
CA LYS PA 154 -60.83 -88.97 -27.65
C LYS PA 154 -60.12 -89.52 -28.88
N GLN PA 155 -60.83 -89.60 -30.00
CA GLN PA 155 -60.31 -90.29 -31.19
C GLN PA 155 -59.02 -89.63 -31.69
N LYS PA 156 -59.08 -88.34 -32.01
CA LYS PA 156 -57.93 -87.69 -32.65
C LYS PA 156 -56.72 -87.68 -31.73
N LEU PA 157 -56.93 -87.48 -30.44
CA LEU PA 157 -55.83 -87.58 -29.48
C LEU PA 157 -55.24 -88.98 -29.49
N TYR PA 158 -56.08 -90.01 -29.56
CA TYR PA 158 -55.57 -91.38 -29.59
C TYR PA 158 -54.74 -91.65 -30.84
N GLU PA 159 -55.22 -91.23 -32.02
CA GLU PA 159 -54.41 -91.49 -33.21
C GLU PA 159 -53.15 -90.65 -33.24
N LEU PA 160 -53.19 -89.42 -32.71
CA LEU PA 160 -51.97 -88.63 -32.61
C LEU PA 160 -50.95 -89.31 -31.69
N TRP PA 161 -51.41 -89.85 -30.57
CA TRP PA 161 -50.53 -90.58 -29.68
C TRP PA 161 -49.95 -91.82 -30.36
N GLN PA 162 -50.80 -92.56 -31.09
CA GLN PA 162 -50.33 -93.76 -31.77
C GLN PA 162 -49.29 -93.41 -32.84
N ALA PA 163 -49.52 -92.34 -33.59
CA ALA PA 163 -48.55 -91.92 -34.60
C ALA PA 163 -47.24 -91.47 -33.96
N LEU PA 164 -47.32 -90.74 -32.85
CA LEU PA 164 -46.11 -90.24 -32.21
C LEU PA 164 -45.33 -91.35 -31.54
N ARG PA 165 -46.01 -92.25 -30.84
CA ARG PA 165 -45.36 -93.35 -30.14
C ARG PA 165 -46.17 -94.63 -30.32
N GLY PA 166 -45.47 -95.75 -30.40
CA GLY PA 166 -46.10 -97.04 -30.58
C GLY PA 166 -45.12 -98.20 -30.55
#